data_9VVP
#
_entry.id   9VVP
#
loop_
_entity.id
_entity.type
_entity.pdbx_description
1 polymer Gp17
2 polymer Gp28
3 polymer Gp27
4 polymer Gp29
#
loop_
_entity_poly.entity_id
_entity_poly.type
_entity_poly.pdbx_seq_one_letter_code
_entity_poly.pdbx_strand_id
1 'polypeptide(L)' MCFSPKISTPKPSVQAPEPAPLSEEVASVDIGAESDVDTNETKGIKDLKVKKESAPKDKSSVSRAMRNSGVNMG S,E,F,A,G,B,C,D,c,d,e,f,g,h,i,H
2 'polypeptide(L)'
;MASNIESALANRTMGRGRAPGKTIAVNYQAASVQAPTGDSGLARALTSFVESGTGLYKQFKDEEKTRADERSNEIIRKLT
PQQRREAIQNGTLLYQDDPYAMEALRVKTGRNAAFAVDDEINVKIQNGEFRTRQDMEEYRHQRLQDAAKSYAEEAGINPT
DEFFQRGFNDNITDRNIAIYGSFNKYFSKQSEETAMLNTRIEMNSFLNDGDLMRSPESGKTFMAYLRDGLTTAAIPSDQR
AREVITQTVRDAIQKSGGSNFLQQVRGERITLNGVDATVEEIVGPDVFNAAIVEAQGTEYKLVAKYQEDLALGVQSAILQ
DDPTIGLAQIQKLKEQNNLLQPGEELTPQRQMLINAEASLLEAVKRKSAEQAKENTKLIQTQNKQLVIDQVYQRRLAGDN
VSTNYEDLPVSEATGEFKRSDMNNYASAKLQQIDQMDIPEAAKDAQKVALLRADTNNGPFRNAFQTLTQDAAGEWQAAVI
RGQYDPDKMQRFESLRRAYTQDPSSFAALYPDQAQLFSTFDQMDKIGLDPQTMIEADKQAASQSREMRMESDKAWQELKN
DSRNKDLSRLPTSLDASARKVWDSWYYRTGNADAATQQTQRWLNENTVTFQSEGSDGKSIGMVSKHQLMVGDNPESWQVG
RDIIDTARKQLIKANPWVVNSQLSVVEQNGSIFLQDATGTIRIRYDKELVGKLYREQQQKAQDAAYAQAERDANKRARIV
GTKAAGDKRRADREANIEKRGGMYNDVSLEGIAKVLIGKE
;
I,V,Y,K,a,Q,T,N
3 'polypeptide(L)'
;MCEPVSIGLGIMSVAGATMSASQQAKAEGAAIDAQNRQAQEMIKQMNYSDANLKMQERDLKEQQMAELTETTLNGIRNQG
MVRAAVAESGLEGNSMDRIERQVAGDTVKERAGITESYNRDYAAIFGNRIANIENTQSAIRGQGKIIKTSPLAHALNVAT
AGVQGYAAGKSMSGTSGSGGAAPISAAKGTPTGHS
;
J,M,P,j,U,X,Z,b
4 'polypeptide(L)'
;MATRGIRNNNPGNIRVSKDQWEGMTGDDGAFVTFDSPESGVRALGKNLLSYGRQGYDSIEKIINRWAPPNENDTKAYIDS
VVAATGIPATQSLDLSNQDTLSALAQAISFHETGSRYDPEVYQKGVARALNGISPKTPPVSANVFDALTEGLKAKPKVAL
GENLPTAAGLNIEGQAPEAPNESFGEMFYKSTGETMQEREDRSTWFGFGAATEAEVKNSMVGVAIRAGQTEDSLDVIGDV
FNPTRWNNHKWTREELDQIRNAGVLPQYYGVITGGSPQNLTELINLALENQKLDQEKAKAGTGAQLAAGVIGAGVDPLTY
VPIAGQVGKGGKLVNKMFTVAAQSGALAGVSEMARTSVAGGDAHVAEAILGGALFGGGMTAIADGLGRALGRNTNEFAGP
ATRLEARETARNVDGQDLSRLPIQEGEQTFSHQGVKFADVPNEPGSVRLEDGSILIGENPLNPKTRQVFDEVIEPERAAA
GVNLGGLTEIGLKLLRSENPEIRGVAADLVRSPTGMQSGASGKIGTTASDVFERLRAVDHRFYNDIDDAVTEALKDPYFQ
TAFWRDSGAFRQDIYQRVSMAIEDGSGNLKAELTPGELKVYDLLKNQFDAKREMMENPAMFGRPDAQSIFPGSRFKGTYV
PHVYSSQMKELYIKELGSPEALQEAIKKSWLTSYASRPEVKKRVDEALLEADPTLTPEGLAAAVDKYANDKAYGISHTEQ
FERSSVMEENINGLVGLENNSFLEARNLFDSDMSIVLPNGQTFSVNNLREWDMDKIVPAYNRRVNGDIAIMAGTGKTTKE
MKDLVETLMNKAGDDGKLKGEVSTLRDTLKILTGRARRDGADDAAFATVMRTMTDLAFFAKNAYMGVQNLTEIGGMLARG
NVRAMLHGVPMFRDLAFRNKKVGASEIKDLHNVIFGKELDDSIRPSKQDVIDRLRSYSDLGRGAATALGTAKYYTGELAV
RSPFTKVLNGTTNYLLDAGRQGFLSDIVEHSLTGSKRRFDDRWLKTAGISDEQWKGIKSLIRESVTRGPDGKYTIKDKKA
FSQDQRAMDLWRMGDTIADETLLRPHKLSNMDAKAYGPIAKTVLQFKNFVIKSINGRTMRTFYNATKNNRAMDAALSTVM
SMGLAGMYYMAQAHIKAYAMQDGRDREYLKQALNPTMIGYAALSRSSHLGGPLGVANILGGIAGYEDTKMLRSSILPRSP
TEKTEKPIAFGAASSGPVMNVVGNFLEQVPAFGYAANVGATAYNLAGYLKADTRVNERDYMTGMYNTFRELVPNDPITQK
LLLGTFEEQGIHIKD
;
L,O,R,W
#
# COMPACT_ATOMS: atom_id res chain seq x y z
N SER A 13 -46.44 -41.07 -40.74
CA SER A 13 -47.89 -41.26 -40.76
C SER A 13 -48.44 -41.20 -42.18
N VAL A 14 -48.37 -40.02 -42.78
CA VAL A 14 -48.87 -39.80 -44.14
C VAL A 14 -47.74 -40.07 -45.13
N GLN A 15 -48.07 -40.76 -46.21
CA GLN A 15 -47.09 -41.17 -47.21
C GLN A 15 -47.63 -40.91 -48.62
N ALA A 16 -48.17 -39.70 -48.81
CA ALA A 16 -48.72 -39.19 -50.06
C ALA A 16 -50.02 -39.90 -50.42
N PRO A 17 -50.87 -39.30 -51.25
CA PRO A 17 -52.14 -39.95 -51.59
C PRO A 17 -52.04 -40.87 -52.79
N GLU A 18 -53.17 -41.41 -53.21
CA GLU A 18 -53.24 -42.27 -54.39
C GLU A 18 -54.35 -41.75 -55.31
N PRO A 19 -54.01 -41.29 -56.51
CA PRO A 19 -55.03 -40.74 -57.41
C PRO A 19 -56.08 -41.79 -57.76
N ALA A 20 -57.33 -41.34 -57.87
CA ALA A 20 -58.42 -42.26 -58.17
C ALA A 20 -58.28 -42.80 -59.59
N PRO A 21 -58.51 -44.10 -59.80
CA PRO A 21 -58.37 -44.66 -61.15
C PRO A 21 -59.60 -44.42 -62.00
N LEU A 22 -59.50 -44.73 -63.29
CA LEU A 22 -60.61 -44.58 -64.22
C LEU A 22 -61.38 -45.88 -64.43
N SER A 23 -60.67 -47.01 -64.46
CA SER A 23 -61.31 -48.31 -64.59
C SER A 23 -60.44 -49.35 -63.91
N GLU A 24 -61.07 -50.44 -63.48
CA GLU A 24 -60.37 -51.56 -62.86
C GLU A 24 -60.46 -52.79 -63.74
N GLU A 25 -59.36 -53.55 -63.80
CA GLU A 25 -59.30 -54.81 -64.52
C GLU A 25 -59.31 -55.95 -63.51
N VAL A 26 -60.20 -56.92 -63.71
CA VAL A 26 -60.35 -58.03 -62.77
C VAL A 26 -60.09 -59.35 -63.48
N ALA A 27 -60.19 -60.45 -62.74
CA ALA A 27 -60.01 -61.80 -63.29
C ALA A 27 -61.17 -62.66 -62.82
N SER A 28 -61.22 -63.90 -63.31
CA SER A 28 -62.30 -64.84 -62.99
C SER A 28 -61.70 -66.24 -62.88
N VAL A 29 -62.57 -67.24 -62.87
CA VAL A 29 -62.15 -68.63 -62.78
C VAL A 29 -61.50 -69.07 -64.09
N SER B 13 -49.25 1.94 -55.62
CA SER B 13 -50.43 1.91 -56.47
C SER B 13 -50.93 3.32 -56.75
N VAL B 14 -52.02 3.41 -57.51
CA VAL B 14 -52.67 4.66 -57.95
C VAL B 14 -51.64 5.76 -58.17
N GLN B 15 -50.89 5.66 -59.27
CA GLN B 15 -49.82 6.62 -59.54
C GLN B 15 -50.37 8.03 -59.74
N ALA B 16 -51.43 8.17 -60.54
CA ALA B 16 -52.04 9.46 -60.78
C ALA B 16 -53.39 9.24 -61.44
N PRO B 17 -54.42 9.97 -61.02
CA PRO B 17 -55.72 9.90 -61.69
C PRO B 17 -55.66 10.23 -63.18
N GLU B 18 -56.81 10.08 -63.85
CA GLU B 18 -56.92 10.35 -65.28
C GLU B 18 -57.88 11.52 -65.46
N PRO B 19 -57.45 12.64 -66.06
CA PRO B 19 -58.35 13.78 -66.24
C PRO B 19 -59.58 13.40 -67.06
N ALA B 20 -60.72 13.98 -66.70
CA ALA B 20 -61.94 13.71 -67.43
C ALA B 20 -61.86 14.29 -68.85
N PRO B 21 -62.38 13.57 -69.85
CA PRO B 21 -62.26 14.06 -71.23
C PRO B 21 -63.41 14.96 -71.63
N LEU B 22 -63.15 15.91 -72.53
CA LEU B 22 -64.20 16.71 -73.13
C LEU B 22 -65.13 15.83 -73.94
N SER B 23 -64.60 15.22 -75.00
CA SER B 23 -65.33 14.27 -75.82
C SER B 23 -64.37 13.20 -76.31
N GLU B 24 -64.91 12.03 -76.61
CA GLU B 24 -64.10 10.87 -76.93
C GLU B 24 -64.43 10.32 -78.32
N GLU B 25 -63.40 9.78 -78.97
CA GLU B 25 -63.47 9.29 -80.33
C GLU B 25 -63.62 7.77 -80.35
N VAL B 26 -64.52 7.28 -81.20
CA VAL B 26 -64.72 5.85 -81.38
C VAL B 26 -64.64 5.51 -82.86
N ALA B 27 -64.89 4.24 -83.19
CA ALA B 27 -64.91 3.78 -84.57
C ALA B 27 -66.13 2.89 -84.76
N SER B 28 -66.34 2.43 -85.98
CA SER B 28 -67.45 1.53 -86.29
C SER B 28 -66.99 0.55 -87.37
N VAL B 29 -67.92 -0.26 -87.85
CA VAL B 29 -67.61 -1.25 -88.88
C VAL B 29 -67.34 -0.57 -90.21
N SER C 13 -50.20 40.46 -35.29
CA SER C 13 -49.77 41.65 -34.58
C SER C 13 -50.82 42.75 -34.66
N VAL C 14 -50.65 43.79 -33.85
CA VAL C 14 -51.53 44.96 -33.86
C VAL C 14 -50.68 46.21 -33.96
N GLN C 15 -51.30 47.29 -34.45
CA GLN C 15 -50.65 48.58 -34.56
C GLN C 15 -51.41 49.61 -33.74
N ALA C 16 -50.86 50.83 -33.69
CA ALA C 16 -51.51 51.89 -32.93
C ALA C 16 -52.83 52.29 -33.59
N PRO C 17 -53.82 52.65 -32.78
CA PRO C 17 -55.11 53.06 -33.34
C PRO C 17 -55.05 54.43 -33.99
N GLU C 18 -56.20 54.95 -34.43
CA GLU C 18 -56.24 56.25 -35.06
C GLU C 18 -57.37 57.07 -34.46
N PRO C 19 -57.10 58.31 -34.04
CA PRO C 19 -58.16 59.13 -33.43
C PRO C 19 -59.25 59.47 -34.43
N ALA C 20 -60.47 59.60 -33.92
CA ALA C 20 -61.60 59.92 -34.78
C ALA C 20 -61.48 61.33 -35.34
N PRO C 21 -61.65 61.49 -36.65
CA PRO C 21 -61.56 62.84 -37.25
C PRO C 21 -62.69 63.74 -36.83
N LEU C 22 -62.45 65.06 -36.87
CA LEU C 22 -63.49 66.04 -36.57
C LEU C 22 -64.46 66.23 -37.73
N SER C 23 -63.94 66.19 -38.96
CA SER C 23 -64.78 66.32 -40.15
C SER C 23 -64.10 65.61 -41.31
N GLU C 24 -64.90 65.25 -42.31
CA GLU C 24 -64.39 64.63 -43.53
C GLU C 24 -64.61 65.54 -44.72
N GLU C 25 -63.65 65.52 -45.64
CA GLU C 25 -63.74 66.24 -46.92
C GLU C 25 -63.93 65.22 -48.03
N VAL C 26 -64.92 65.46 -48.90
CA VAL C 26 -65.23 64.54 -49.98
C VAL C 26 -65.14 65.25 -51.32
N ALA C 27 -65.38 64.50 -52.40
CA ALA C 27 -65.36 65.05 -53.75
C ALA C 27 -66.65 64.63 -54.46
N SER C 28 -66.82 65.10 -55.69
CA SER C 28 -68.02 64.82 -56.48
C SER C 28 -67.62 64.68 -57.94
N VAL C 29 -68.61 64.70 -58.82
CA VAL C 29 -68.37 64.58 -60.26
C VAL C 29 -67.73 65.85 -60.79
N SER D 13 -46.59 57.12 7.99
CA SER D 13 -47.72 58.03 8.11
C SER D 13 -48.01 58.33 9.58
N VAL D 14 -49.06 59.15 9.80
CA VAL D 14 -49.51 59.61 11.11
C VAL D 14 -48.35 59.80 12.07
N GLN D 15 -47.57 60.87 11.87
CA GLN D 15 -46.38 61.10 12.67
C GLN D 15 -46.72 61.32 14.13
N ALA D 16 -47.72 62.17 14.41
CA ALA D 16 -48.14 62.43 15.78
C ALA D 16 -49.49 63.12 15.74
N PRO D 17 -50.41 62.72 16.62
CA PRO D 17 -51.69 63.42 16.72
C PRO D 17 -51.57 64.91 17.03
N GLU D 18 -52.71 65.60 17.04
CA GLU D 18 -52.75 67.04 17.32
C GLU D 18 -53.59 67.24 18.57
N PRO D 19 -53.02 67.78 19.66
CA PRO D 19 -53.80 67.95 20.88
C PRO D 19 -54.98 68.89 20.68
N ALA D 20 -56.08 68.61 21.37
CA ALA D 20 -57.28 69.42 21.24
C ALA D 20 -57.04 70.82 21.81
N PRO D 21 -57.59 71.86 21.17
CA PRO D 21 -57.34 73.22 21.65
C PRO D 21 -58.36 73.67 22.68
N LEU D 22 -57.95 74.58 23.57
CA LEU D 22 -58.88 75.21 24.50
C LEU D 22 -59.91 76.04 23.73
N SER D 23 -59.43 77.08 23.05
CA SER D 23 -60.27 77.91 22.19
C SER D 23 -59.42 78.39 21.02
N GLU D 24 -60.10 78.69 19.92
CA GLU D 24 -59.44 78.99 18.65
C GLU D 24 -59.78 80.39 18.16
N GLU D 25 -58.81 80.99 17.46
CA GLU D 25 -58.91 82.36 16.98
C GLU D 25 -59.24 82.38 15.50
N VAL D 26 -60.16 83.26 15.11
CA VAL D 26 -60.53 83.45 13.72
C VAL D 26 -60.47 84.93 13.37
N ALA D 27 -60.86 85.27 12.14
CA ALA D 27 -60.90 86.65 11.69
C ALA D 27 -62.23 86.87 10.96
N SER D 28 -62.47 88.11 10.53
CA SER D 28 -63.67 88.45 9.79
C SER D 28 -63.31 89.50 8.75
N VAL D 29 -64.32 90.02 8.06
CA VAL D 29 -64.11 91.03 7.02
C VAL D 29 -63.72 92.36 7.66
N SER E 13 -41.74 36.05 47.98
CA SER E 13 -42.92 36.91 47.97
C SER E 13 -43.75 36.70 49.24
N VAL E 14 -43.34 35.73 50.06
CA VAL E 14 -43.92 35.51 51.37
C VAL E 14 -42.79 35.55 52.39
N GLN E 15 -42.97 36.32 53.47
CA GLN E 15 -41.91 36.55 54.42
C GLN E 15 -42.13 35.65 55.63
N ALA E 16 -43.24 35.79 56.37
CA ALA E 16 -43.45 35.08 57.61
C ALA E 16 -44.86 35.37 58.13
N PRO E 17 -45.40 34.57 59.06
CA PRO E 17 -46.71 34.89 59.62
C PRO E 17 -46.63 35.85 60.80
N GLU E 18 -47.77 36.24 61.32
CA GLU E 18 -47.84 37.16 62.47
C GLU E 18 -48.59 36.48 63.60
N PRO E 19 -47.93 36.16 64.71
CA PRO E 19 -48.63 35.56 65.85
C PRO E 19 -49.71 36.47 66.41
N ALA E 20 -50.83 35.89 66.83
CA ALA E 20 -51.94 36.69 67.32
C ALA E 20 -51.60 37.31 68.68
N PRO E 21 -51.75 38.63 68.82
CA PRO E 21 -51.46 39.28 70.10
C PRO E 21 -52.46 38.93 71.18
N LEU E 22 -52.07 39.12 72.44
CA LEU E 22 -52.96 38.87 73.57
C LEU E 22 -53.69 40.15 73.99
N SER E 23 -52.94 41.25 74.13
CA SER E 23 -53.51 42.53 74.51
C SER E 23 -53.45 43.50 73.32
N GLU E 24 -54.07 44.66 73.49
CA GLU E 24 -54.10 45.67 72.42
C GLU E 24 -53.96 47.05 73.05
N GLU E 25 -53.07 47.88 72.49
CA GLU E 25 -52.96 49.26 72.91
C GLU E 25 -53.74 50.17 71.95
N VAL E 26 -54.34 51.22 72.52
CA VAL E 26 -55.05 52.23 71.73
C VAL E 26 -54.74 53.61 72.29
N ALA E 27 -55.35 54.64 71.71
CA ALA E 27 -55.18 56.00 72.17
C ALA E 27 -56.46 56.79 71.90
N SER E 28 -56.64 57.88 72.64
CA SER E 28 -57.83 58.71 72.52
C SER E 28 -57.48 60.17 72.27
N VAL E 29 -58.47 61.05 72.39
CA VAL E 29 -58.24 62.49 72.18
C VAL E 29 -57.48 63.07 73.36
N SER F 13 -38.94 -6.41 62.82
CA SER F 13 -39.95 -6.48 63.87
C SER F 13 -40.25 -7.94 64.22
N VAL F 14 -41.19 -8.12 65.16
CA VAL F 14 -41.64 -9.41 65.69
C VAL F 14 -40.49 -10.41 65.75
N GLN F 15 -39.58 -10.23 66.70
CA GLN F 15 -38.39 -11.07 66.78
C GLN F 15 -38.76 -12.52 67.06
N ALA F 16 -39.63 -12.75 68.03
CA ALA F 16 -40.05 -14.11 68.38
C ALA F 16 -41.30 -14.02 69.24
N PRO F 17 -42.31 -14.85 68.96
CA PRO F 17 -43.49 -14.91 69.82
C PRO F 17 -43.18 -15.23 71.28
N GLU F 18 -44.22 -15.19 72.13
CA GLU F 18 -44.08 -15.49 73.54
C GLU F 18 -44.92 -16.71 73.85
N PRO F 19 -44.33 -17.81 74.31
CA PRO F 19 -45.12 -19.01 74.61
C PRO F 19 -46.16 -18.76 75.69
N ALA F 20 -47.30 -19.41 75.54
CA ALA F 20 -48.39 -19.22 76.49
C ALA F 20 -48.01 -19.80 77.85
N PRO F 21 -48.33 -19.12 78.95
CA PRO F 21 -47.95 -19.62 80.28
C PRO F 21 -48.97 -20.59 80.84
N LEU F 22 -48.48 -21.50 81.68
CA LEU F 22 -49.36 -22.40 82.42
C LEU F 22 -50.22 -21.60 83.39
N SER F 23 -49.59 -20.96 84.37
CA SER F 23 -50.26 -20.08 85.30
C SER F 23 -49.33 -18.93 85.65
N GLU F 24 -49.91 -17.81 86.05
CA GLU F 24 -49.17 -16.57 86.24
C GLU F 24 -49.32 -16.05 87.66
N GLU F 25 -48.24 -15.42 88.14
CA GLU F 25 -48.15 -14.91 89.50
C GLU F 25 -48.46 -13.43 89.54
N VAL F 26 -49.22 -13.02 90.55
CA VAL F 26 -49.55 -11.61 90.75
C VAL F 26 -49.23 -11.21 92.18
N ALA F 27 -49.56 -9.98 92.55
CA ALA F 27 -49.38 -9.50 93.91
C ALA F 27 -50.64 -8.73 94.32
N SER F 28 -50.67 -8.30 95.58
CA SER F 28 -51.80 -7.52 96.08
C SER F 28 -51.26 -6.51 97.09
N VAL F 29 -52.16 -5.77 97.71
CA VAL F 29 -51.79 -4.74 98.68
C VAL F 29 -51.23 -5.39 99.94
N SER G 13 -38.44 -45.94 42.05
CA SER G 13 -39.38 -46.92 42.59
C SER G 13 -39.54 -48.13 41.68
N VAL G 14 -40.65 -48.85 41.86
CA VAL G 14 -41.01 -50.02 41.05
C VAL G 14 -39.99 -51.14 41.23
N GLN G 15 -40.39 -52.17 41.97
CA GLN G 15 -39.61 -53.39 42.10
C GLN G 15 -40.34 -54.51 41.36
N ALA G 16 -39.61 -55.55 41.00
CA ALA G 16 -40.21 -56.67 40.32
C ALA G 16 -41.30 -57.29 41.21
N PRO G 17 -42.45 -57.65 40.66
CA PRO G 17 -43.54 -58.17 41.48
C PRO G 17 -43.25 -59.56 42.04
N GLU G 18 -44.21 -60.15 42.74
CA GLU G 18 -44.01 -61.46 43.32
C GLU G 18 -45.18 -62.35 42.90
N PRO G 19 -44.91 -63.56 42.42
CA PRO G 19 -46.00 -64.44 42.00
C PRO G 19 -46.86 -64.87 43.17
N ALA G 20 -48.14 -65.10 42.89
CA ALA G 20 -49.08 -65.49 43.94
C ALA G 20 -48.73 -66.88 44.47
N PRO G 21 -48.59 -67.02 45.78
CA PRO G 21 -48.27 -68.33 46.35
C PRO G 21 -49.40 -69.33 46.14
N LEU G 22 -49.02 -70.60 46.05
CA LEU G 22 -49.97 -71.68 45.90
C LEU G 22 -50.68 -72.00 47.22
N SER G 23 -49.98 -71.88 48.33
CA SER G 23 -50.57 -72.11 49.64
C SER G 23 -49.78 -71.34 50.69
N GLU G 24 -50.45 -71.02 51.80
CA GLU G 24 -49.80 -70.34 52.92
C GLU G 24 -49.74 -71.27 54.13
N GLU G 25 -48.65 -71.16 54.88
CA GLU G 25 -48.47 -71.87 56.14
C GLU G 25 -48.56 -70.87 57.28
N VAL G 26 -49.35 -71.20 58.30
CA VAL G 26 -49.58 -70.30 59.42
C VAL G 26 -49.19 -70.98 60.73
N ALA G 27 -49.34 -70.26 61.84
CA ALA G 27 -49.04 -70.79 63.17
C ALA G 27 -50.22 -70.49 64.08
N SER G 28 -50.15 -70.97 65.31
CA SER G 28 -51.22 -70.79 66.29
C SER G 28 -50.59 -70.61 67.67
N VAL G 29 -51.42 -70.71 68.70
CA VAL G 29 -50.95 -70.56 70.08
C VAL G 29 -50.12 -71.77 70.49
N SER H 13 -41.55 -61.60 -0.79
CA SER H 13 -42.62 -62.60 -0.72
C SER H 13 -43.11 -62.95 -2.11
N VAL H 14 -44.09 -63.86 -2.18
CA VAL H 14 -44.72 -64.37 -3.40
C VAL H 14 -43.72 -64.47 -4.53
N GLN H 15 -42.82 -65.45 -4.46
CA GLN H 15 -41.76 -65.57 -5.45
C GLN H 15 -42.32 -65.84 -6.85
N ALA H 16 -43.26 -66.78 -6.97
CA ALA H 16 -43.86 -67.10 -8.25
C ALA H 16 -45.12 -67.91 -8.00
N PRO H 17 -46.20 -67.62 -8.70
CA PRO H 17 -47.41 -68.42 -8.60
C PRO H 17 -47.20 -69.90 -8.95
N GLU H 18 -48.26 -70.69 -8.78
CA GLU H 18 -48.21 -72.12 -9.06
C GLU H 18 -49.23 -72.42 -10.15
N PRO H 19 -48.81 -72.92 -11.31
CA PRO H 19 -49.76 -73.19 -12.40
C PRO H 19 -50.80 -74.23 -11.99
N ALA H 20 -52.00 -74.07 -12.52
CA ALA H 20 -53.09 -74.97 -12.19
C ALA H 20 -52.81 -76.37 -12.75
N PRO H 21 -53.16 -77.42 -12.02
CA PRO H 21 -52.86 -78.78 -12.49
C PRO H 21 -53.97 -79.34 -13.36
N LEU H 22 -53.59 -80.30 -14.19
CA LEU H 22 -54.55 -81.05 -14.98
C LEU H 22 -55.37 -81.98 -14.09
N SER H 23 -54.68 -82.91 -13.41
CA SER H 23 -55.33 -83.84 -12.49
C SER H 23 -54.42 -84.03 -11.27
N GLU H 24 -55.03 -84.49 -10.18
CA GLU H 24 -54.32 -84.68 -8.92
C GLU H 24 -54.24 -86.17 -8.57
N GLU H 25 -53.07 -86.58 -8.11
CA GLU H 25 -52.80 -87.98 -7.76
C GLU H 25 -52.76 -88.13 -6.25
N VAL H 26 -53.52 -89.09 -5.74
CA VAL H 26 -53.64 -89.31 -4.30
C VAL H 26 -53.36 -90.76 -3.98
N ALA H 27 -53.53 -91.13 -2.71
CA ALA H 27 -53.38 -92.50 -2.26
C ALA H 27 -54.55 -92.84 -1.36
N SER H 28 -54.58 -94.07 -0.86
CA SER H 28 -55.62 -94.51 0.06
C SER H 28 -55.02 -95.54 1.01
N VAL H 29 -55.85 -96.10 1.87
CA VAL H 29 -55.40 -97.08 2.85
C VAL H 29 -55.03 -98.38 2.15
N CYS I 2 -56.75 28.70 27.97
CA CYS I 2 -56.90 27.24 27.98
C CYS I 2 -56.78 26.68 29.39
N PHE I 3 -56.05 27.39 30.25
CA PHE I 3 -55.81 26.92 31.60
C PHE I 3 -55.61 28.11 32.52
N SER I 4 -55.82 27.88 33.82
CA SER I 4 -55.65 28.90 34.85
C SER I 4 -55.01 28.27 36.07
N PRO I 5 -53.67 28.21 36.11
CA PRO I 5 -53.00 27.56 37.24
C PRO I 5 -53.21 28.33 38.53
N LYS I 6 -53.20 27.60 39.64
CA LYS I 6 -53.37 28.18 40.97
C LYS I 6 -52.22 27.76 41.87
N ILE I 7 -51.51 28.75 42.42
CA ILE I 7 -50.37 28.51 43.30
C ILE I 7 -50.87 28.30 44.72
N SER I 8 -49.99 27.84 45.60
CA SER I 8 -50.31 27.59 47.00
C SER I 8 -49.26 28.21 47.90
N THR I 9 -49.56 28.21 49.21
CA THR I 9 -48.67 28.80 50.21
C THR I 9 -48.03 27.69 51.05
N PRO I 10 -46.72 27.50 50.97
CA PRO I 10 -46.09 26.46 51.79
C PRO I 10 -46.02 26.86 53.26
N LYS I 11 -45.97 25.85 54.13
CA LYS I 11 -45.86 26.10 55.56
C LYS I 11 -44.43 26.48 55.93
N PRO I 12 -44.23 27.59 56.63
CA PRO I 12 -42.86 27.96 57.05
C PRO I 12 -42.26 26.90 57.97
N SER I 13 -40.96 26.69 57.82
CA SER I 13 -40.22 25.72 58.62
C SER I 13 -38.97 26.37 59.18
N VAL I 14 -38.59 25.98 60.39
CA VAL I 14 -37.49 26.60 61.11
C VAL I 14 -36.46 25.53 61.48
N GLN I 15 -35.18 25.86 61.26
CA GLN I 15 -34.07 25.00 61.65
C GLN I 15 -32.91 25.82 62.21
N ALA I 16 -33.21 26.98 62.80
CA ALA I 16 -32.27 27.92 63.43
C ALA I 16 -31.35 28.55 62.39
N PRO I 17 -31.21 29.88 62.40
CA PRO I 17 -30.33 30.54 61.44
C PRO I 17 -28.86 30.22 61.69
N GLU I 18 -28.04 30.43 60.66
CA GLU I 18 -26.65 30.01 60.69
C GLU I 18 -25.85 30.82 59.69
N PRO I 19 -24.63 31.21 60.01
CA PRO I 19 -23.75 31.80 58.99
C PRO I 19 -23.21 30.74 58.05
N ALA I 20 -22.66 31.20 56.93
CA ALA I 20 -22.13 30.29 55.93
C ALA I 20 -20.91 29.55 56.45
N PRO I 21 -20.79 28.25 56.18
CA PRO I 21 -19.65 27.48 56.71
C PRO I 21 -18.34 27.86 56.04
N LEU I 22 -17.25 27.52 56.71
CA LEU I 22 -15.91 27.79 56.19
C LEU I 22 -15.58 26.83 55.06
N SER I 23 -14.41 27.06 54.45
CA SER I 23 -13.97 26.20 53.36
C SER I 23 -13.23 24.98 53.89
N GLU I 24 -12.17 25.20 54.68
CA GLU I 24 -11.41 24.06 55.20
C GLU I 24 -12.10 23.41 56.39
N GLU I 25 -12.79 24.20 57.21
CA GLU I 25 -13.51 23.70 58.38
C GLU I 25 -12.59 22.89 59.29
N VAL I 26 -11.60 23.59 59.84
CA VAL I 26 -10.65 22.97 60.76
C VAL I 26 -11.40 22.40 61.96
N ALA I 27 -11.35 21.08 62.12
CA ALA I 27 -12.04 20.39 63.20
C ALA I 27 -11.06 19.45 63.90
N SER I 28 -11.60 18.58 64.76
CA SER I 28 -10.76 17.66 65.52
C SER I 28 -10.05 16.68 64.60
N VAL I 29 -8.83 16.29 64.99
CA VAL I 29 -8.00 15.47 64.13
C VAL I 29 -8.36 13.98 64.23
N ASP I 30 -8.99 13.57 65.33
CA ASP I 30 -9.35 12.17 65.55
C ASP I 30 -10.84 11.93 65.37
N ILE I 31 -11.20 10.65 65.31
CA ILE I 31 -12.57 10.20 65.17
C ILE I 31 -12.88 9.26 66.33
N GLY I 32 -14.02 9.46 66.97
CA GLY I 32 -14.45 8.59 68.03
C GLY I 32 -14.22 9.19 69.41
N ALA I 33 -14.98 8.68 70.38
CA ALA I 33 -14.95 9.23 71.73
C ALA I 33 -13.74 8.78 72.53
N GLU I 34 -13.02 7.75 72.09
CA GLU I 34 -11.87 7.28 72.84
C GLU I 34 -10.69 8.23 72.66
N SER I 35 -10.04 8.57 73.77
CA SER I 35 -8.88 9.46 73.74
C SER I 35 -8.04 9.28 75.00
N CYS J 2 -52.54 -26.04 36.37
CA CYS J 2 -53.54 -25.97 35.32
C CYS J 2 -53.66 -27.31 34.59
N PHE J 3 -52.93 -28.30 35.09
CA PHE J 3 -52.93 -29.63 34.48
C PHE J 3 -52.59 -30.66 35.55
N SER J 4 -52.96 -31.91 35.27
CA SER J 4 -52.72 -33.01 36.20
C SER J 4 -52.20 -34.22 35.42
N PRO J 5 -50.88 -34.32 35.24
CA PRO J 5 -50.34 -35.47 34.51
C PRO J 5 -50.52 -36.77 35.27
N LYS J 6 -50.62 -37.87 34.52
CA LYS J 6 -50.80 -39.19 35.09
C LYS J 6 -49.72 -40.12 34.56
N ILE J 7 -48.93 -40.69 35.47
CA ILE J 7 -47.83 -41.58 35.12
C ILE J 7 -48.36 -43.00 34.95
N SER J 8 -47.53 -43.89 34.41
CA SER J 8 -47.90 -45.28 34.17
C SER J 8 -46.81 -46.20 34.69
N THR J 9 -47.15 -47.49 34.80
CA THR J 9 -46.22 -48.49 35.28
C THR J 9 -45.77 -49.38 34.12
N PRO J 10 -44.48 -49.37 33.76
CA PRO J 10 -44.02 -50.22 32.65
C PRO J 10 -43.93 -51.68 33.07
N LYS J 11 -44.05 -52.56 32.07
CA LYS J 11 -43.95 -53.99 32.31
C LYS J 11 -42.49 -54.39 32.50
N PRO J 12 -42.16 -55.12 33.58
CA PRO J 12 -40.79 -55.58 33.75
C PRO J 12 -40.36 -56.52 32.63
N SER J 13 -39.08 -56.43 32.25
CA SER J 13 -38.51 -57.25 31.19
C SER J 13 -37.21 -57.86 31.69
N VAL J 14 -36.94 -59.09 31.24
CA VAL J 14 -35.80 -59.86 31.71
C VAL J 14 -34.92 -60.26 30.53
N GLN J 15 -33.60 -60.09 30.69
CA GLN J 15 -32.63 -60.51 29.70
C GLN J 15 -31.39 -61.12 30.36
N ALA J 16 -31.56 -61.70 31.56
CA ALA J 16 -30.53 -62.35 32.36
C ALA J 16 -29.48 -61.35 32.86
N PRO J 17 -29.16 -61.36 34.14
CA PRO J 17 -28.16 -60.42 34.68
C PRO J 17 -26.77 -60.73 34.15
N GLU J 18 -25.88 -59.73 34.27
CA GLU J 18 -24.56 -59.81 33.66
C GLU J 18 -23.63 -58.85 34.37
N PRO J 19 -22.37 -59.21 34.60
CA PRO J 19 -21.39 -58.23 35.06
C PRO J 19 -20.96 -57.31 33.93
N ALA J 20 -20.30 -56.21 34.31
CA ALA J 20 -19.88 -55.22 33.35
C ALA J 20 -18.77 -55.79 32.45
N PRO J 21 -18.81 -55.51 31.15
CA PRO J 21 -17.82 -56.08 30.24
C PRO J 21 -16.44 -55.46 30.43
N LEU J 22 -15.42 -56.19 29.96
CA LEU J 22 -14.05 -55.72 30.05
C LEU J 22 -13.81 -54.59 29.05
N SER J 23 -12.61 -54.00 29.13
CA SER J 23 -12.26 -52.93 28.21
C SER J 23 -11.68 -53.48 26.91
N GLU J 24 -10.64 -54.30 27.01
CA GLU J 24 -10.03 -54.85 25.80
C GLU J 24 -10.82 -56.02 25.24
N GLU J 25 -11.44 -56.82 26.11
CA GLU J 25 -12.26 -57.96 25.71
C GLU J 25 -11.47 -58.91 24.79
N VAL J 26 -10.41 -59.48 25.36
CA VAL J 26 -9.56 -60.41 24.64
C VAL J 26 -10.42 -61.59 24.16
N ALA J 27 -10.54 -61.75 22.84
CA ALA J 27 -11.34 -62.82 22.27
C ALA J 27 -10.55 -63.57 21.21
N SER J 28 -11.22 -64.42 20.44
CA SER J 28 -10.54 -65.21 19.43
C SER J 28 -9.94 -64.31 18.36
N VAL J 29 -8.80 -64.76 17.80
CA VAL J 29 -8.03 -63.95 16.85
C VAL J 29 -8.53 -64.11 15.42
N ASP J 30 -9.34 -65.13 15.13
CA ASP J 30 -9.86 -65.37 13.78
C ASP J 30 -11.36 -65.17 13.73
N ILE J 31 -11.86 -65.05 12.50
CA ILE J 31 -13.28 -64.86 12.22
C ILE J 31 -13.75 -66.02 11.34
N GLY J 32 -14.88 -66.60 11.69
CA GLY J 32 -15.46 -67.65 10.88
C GLY J 32 -15.24 -69.03 11.48
N ALA J 33 -16.10 -69.96 11.08
CA ALA J 33 -16.06 -71.32 11.62
C ALA J 33 -14.95 -72.17 11.02
N GLU J 34 -14.35 -71.75 9.90
CA GLU J 34 -13.30 -72.53 9.29
C GLU J 34 -12.00 -72.39 10.07
N SER J 35 -11.37 -73.53 10.35
CA SER J 35 -10.10 -73.55 11.06
C SER J 35 -9.35 -74.85 10.79
N CYS K 2 -57.39 -8.06 -33.83
CA CYS K 2 -58.67 -8.27 -33.16
C CYS K 2 -59.73 -7.36 -33.77
N PHE K 3 -59.38 -6.71 -34.86
CA PHE K 3 -60.25 -5.71 -35.48
C PHE K 3 -59.94 -5.65 -36.97
N SER K 4 -60.54 -4.67 -37.65
CA SER K 4 -60.36 -4.46 -39.08
C SER K 4 -59.76 -3.07 -39.31
N PRO K 5 -58.43 -2.94 -39.35
CA PRO K 5 -57.84 -1.62 -39.57
C PRO K 5 -58.15 -1.10 -40.97
N LYS K 6 -58.15 0.24 -41.08
CA LYS K 6 -58.43 0.90 -42.35
C LYS K 6 -57.36 1.94 -42.62
N ILE K 7 -57.04 2.13 -43.89
CA ILE K 7 -56.06 3.10 -44.31
C ILE K 7 -56.77 4.28 -44.96
N SER K 8 -56.04 5.37 -45.17
CA SER K 8 -56.57 6.58 -45.79
C SER K 8 -55.79 6.87 -47.06
N THR K 9 -56.51 7.27 -48.10
CA THR K 9 -55.88 7.56 -49.39
C THR K 9 -55.17 8.91 -49.30
N PRO K 10 -53.87 8.97 -49.59
CA PRO K 10 -53.16 10.25 -49.49
C PRO K 10 -53.63 11.25 -50.53
N LYS K 11 -53.54 12.52 -50.18
CA LYS K 11 -53.88 13.58 -51.12
C LYS K 11 -52.80 13.69 -52.19
N PRO K 12 -53.15 13.68 -53.47
CA PRO K 12 -52.14 13.89 -54.51
C PRO K 12 -51.46 15.25 -54.37
N SER K 13 -50.17 15.28 -54.66
CA SER K 13 -49.37 16.49 -54.55
C SER K 13 -48.51 16.65 -55.78
N VAL K 14 -48.39 17.88 -56.26
CA VAL K 14 -47.63 18.20 -57.46
C VAL K 14 -46.51 19.16 -57.09
N GLN K 15 -45.28 18.83 -57.48
CA GLN K 15 -44.12 19.66 -57.16
C GLN K 15 -43.11 19.76 -58.29
N ALA K 16 -43.45 19.29 -59.50
CA ALA K 16 -42.63 19.33 -60.71
C ALA K 16 -41.41 18.41 -60.58
N PRO K 17 -41.13 17.59 -61.59
CA PRO K 17 -39.98 16.69 -61.51
C PRO K 17 -38.66 17.45 -61.52
N GLU K 18 -37.64 16.83 -60.94
CA GLU K 18 -36.31 17.38 -60.81
C GLU K 18 -35.31 16.25 -60.83
N PRO K 19 -34.14 16.44 -61.44
CA PRO K 19 -33.09 15.41 -61.35
C PRO K 19 -32.41 15.45 -59.99
N ALA K 20 -31.58 14.44 -59.75
CA ALA K 20 -30.93 14.30 -58.47
C ALA K 20 -29.95 15.45 -58.22
N PRO K 21 -29.81 15.91 -56.98
CA PRO K 21 -28.89 17.02 -56.71
C PRO K 21 -27.44 16.60 -56.81
N LEU K 22 -26.58 17.58 -57.11
CA LEU K 22 -25.15 17.33 -57.20
C LEU K 22 -24.50 17.50 -55.83
N SER K 23 -23.54 16.63 -55.53
CA SER K 23 -22.90 16.68 -54.21
C SER K 23 -21.94 17.86 -54.10
N GLU K 24 -21.21 18.18 -55.16
CA GLU K 24 -20.22 19.24 -55.08
C GLU K 24 -20.86 20.63 -55.09
N GLU K 25 -21.92 20.82 -55.88
CA GLU K 25 -22.70 22.06 -55.91
C GLU K 25 -21.81 23.28 -56.20
N VAL K 26 -21.18 23.27 -57.37
CA VAL K 26 -20.32 24.37 -57.78
C VAL K 26 -21.21 25.50 -58.28
N ALA K 27 -21.20 26.63 -57.57
CA ALA K 27 -22.04 27.77 -57.91
C ALA K 27 -21.20 29.04 -57.77
N SER K 28 -21.88 30.18 -57.78
CA SER K 28 -21.20 31.47 -57.68
C SER K 28 -20.48 31.59 -56.34
N VAL K 29 -19.35 32.30 -56.36
CA VAL K 29 -18.50 32.40 -55.18
C VAL K 29 -18.86 33.55 -54.26
N ASP K 30 -19.66 34.51 -54.71
CA ASP K 30 -20.04 35.66 -53.92
C ASP K 30 -21.55 35.73 -53.75
N ILE K 31 -21.97 36.20 -52.57
CA ILE K 31 -23.37 36.43 -52.26
C ILE K 31 -23.57 37.91 -52.00
N GLY K 32 -24.57 38.49 -52.66
CA GLY K 32 -24.82 39.92 -52.58
C GLY K 32 -25.00 40.54 -53.94
N ALA K 33 -25.99 41.44 -54.08
CA ALA K 33 -26.28 42.02 -55.38
C ALA K 33 -25.14 42.92 -55.85
N GLU K 34 -24.56 43.69 -54.94
CA GLU K 34 -23.52 44.65 -55.33
C GLU K 34 -22.23 43.91 -55.69
N SER K 35 -21.52 44.45 -56.67
CA SER K 35 -20.26 43.87 -57.11
C SER K 35 -19.36 44.93 -57.75
N CYS L 2 -51.89 -39.85 8.92
CA CYS L 2 -53.28 -40.05 9.29
C CYS L 2 -54.07 -40.69 8.15
N PHE L 3 -53.73 -41.93 7.83
CA PHE L 3 -54.37 -42.66 6.74
C PHE L 3 -54.03 -44.13 6.88
N SER L 4 -54.60 -44.93 5.97
CA SER L 4 -54.35 -46.38 5.93
C SER L 4 -53.90 -46.74 4.52
N PRO L 5 -52.61 -46.63 4.23
CA PRO L 5 -52.13 -46.85 2.87
C PRO L 5 -52.28 -48.30 2.44
N LYS L 6 -52.41 -48.48 1.13
CA LYS L 6 -52.53 -49.80 0.52
C LYS L 6 -51.46 -49.97 -0.55
N ILE L 7 -50.74 -51.09 -0.49
CA ILE L 7 -49.73 -51.40 -1.51
C ILE L 7 -50.42 -52.06 -2.70
N SER L 8 -49.71 -52.16 -3.82
CA SER L 8 -50.21 -52.80 -5.03
C SER L 8 -49.31 -53.96 -5.40
N THR L 9 -49.93 -55.07 -5.79
CA THR L 9 -49.17 -56.27 -6.15
C THR L 9 -48.53 -56.08 -7.51
N PRO L 10 -47.21 -56.22 -7.63
CA PRO L 10 -46.56 -56.03 -8.93
C PRO L 10 -46.94 -57.12 -9.92
N LYS L 11 -46.93 -56.76 -11.19
CA LYS L 11 -47.19 -57.73 -12.24
C LYS L 11 -45.98 -58.65 -12.39
N PRO L 12 -46.17 -59.97 -12.40
CA PRO L 12 -45.03 -60.87 -12.63
C PRO L 12 -44.42 -60.63 -14.00
N SER L 13 -43.09 -60.77 -14.07
CA SER L 13 -42.36 -60.54 -15.30
C SER L 13 -41.36 -61.66 -15.51
N VAL L 14 -41.22 -62.09 -16.76
CA VAL L 14 -40.33 -63.19 -17.13
C VAL L 14 -39.30 -62.68 -18.12
N GLN L 15 -38.02 -62.94 -17.85
CA GLN L 15 -36.94 -62.46 -18.70
C GLN L 15 -35.81 -63.46 -18.87
N ALA L 16 -35.97 -64.71 -18.39
CA ALA L 16 -35.00 -65.80 -18.46
C ALA L 16 -33.77 -65.50 -17.62
N PRO L 17 -33.36 -66.43 -16.76
CA PRO L 17 -32.19 -66.19 -15.90
C PRO L 17 -30.91 -66.09 -16.70
N GLU L 18 -29.97 -65.30 -16.16
CA GLU L 18 -28.66 -65.11 -16.76
C GLU L 18 -27.64 -65.01 -15.65
N PRO L 19 -26.39 -65.41 -15.88
CA PRO L 19 -25.35 -65.18 -14.89
C PRO L 19 -24.86 -63.74 -14.93
N ALA L 20 -24.03 -63.39 -13.95
CA ALA L 20 -23.54 -62.03 -13.82
C ALA L 20 -22.63 -61.67 -14.99
N PRO L 21 -22.67 -60.40 -15.43
CA PRO L 21 -21.84 -59.99 -16.56
C PRO L 21 -20.37 -59.90 -16.18
N LEU L 22 -19.52 -60.06 -17.20
CA LEU L 22 -18.07 -59.98 -17.03
C LEU L 22 -17.60 -58.55 -17.23
N SER L 23 -16.66 -58.12 -16.38
CA SER L 23 -16.19 -56.74 -16.46
C SER L 23 -15.30 -56.51 -17.68
N GLU L 24 -14.46 -57.49 -18.02
CA GLU L 24 -13.52 -57.31 -19.13
C GLU L 24 -14.21 -57.37 -20.48
N GLU L 25 -15.17 -58.29 -20.65
CA GLU L 25 -15.97 -58.40 -21.87
C GLU L 25 -15.09 -58.57 -23.11
N VAL L 26 -14.32 -59.66 -23.13
CA VAL L 26 -13.43 -59.95 -24.25
C VAL L 26 -14.28 -60.57 -25.36
N ALA L 27 -14.42 -59.84 -26.48
CA ALA L 27 -15.24 -60.28 -27.59
C ALA L 27 -14.48 -60.02 -28.89
N SER L 28 -15.19 -60.11 -30.01
CA SER L 28 -14.57 -59.91 -31.31
C SER L 28 -14.03 -58.49 -31.44
N VAL L 29 -12.93 -58.36 -32.18
CA VAL L 29 -12.24 -57.08 -32.29
C VAL L 29 -12.76 -56.20 -33.43
N ASP L 30 -13.53 -56.76 -34.36
CA ASP L 30 -14.04 -56.00 -35.50
C ASP L 30 -15.56 -56.03 -35.52
N ILE L 31 -16.16 -54.92 -35.93
CA ILE L 31 -17.60 -54.80 -36.10
C ILE L 31 -17.88 -54.57 -37.58
N GLY L 32 -18.80 -55.36 -38.14
CA GLY L 32 -19.11 -55.30 -39.54
C GLY L 32 -19.12 -56.67 -40.18
N ALA L 33 -20.10 -56.94 -41.04
CA ALA L 33 -20.23 -58.28 -41.63
C ALA L 33 -19.09 -58.58 -42.58
N GLU L 34 -18.68 -57.59 -43.37
CA GLU L 34 -17.64 -57.82 -44.37
C GLU L 34 -16.28 -58.02 -43.70
N SER L 35 -15.48 -58.88 -44.29
CA SER L 35 -14.13 -59.17 -43.78
C SER L 35 -13.23 -59.68 -44.88
N CYS M 2 -56.62 -34.67 -18.58
CA CYS M 2 -57.64 -33.65 -18.43
C CYS M 2 -57.89 -32.93 -19.75
N PHE M 3 -57.34 -33.48 -20.83
CA PHE M 3 -57.49 -32.89 -22.15
C PHE M 3 -57.28 -33.98 -23.20
N SER M 4 -57.71 -33.68 -24.42
CA SER M 4 -57.61 -34.62 -25.54
C SER M 4 -57.27 -33.86 -26.81
N PRO M 5 -55.97 -33.72 -27.11
CA PRO M 5 -55.58 -33.00 -28.33
C PRO M 5 -55.96 -33.76 -29.58
N LYS M 6 -56.18 -33.01 -30.66
CA LYS M 6 -56.55 -33.58 -31.95
C LYS M 6 -55.59 -33.10 -33.02
N ILE M 7 -54.94 -34.05 -33.69
CA ILE M 7 -53.96 -33.74 -34.74
C ILE M 7 -54.67 -33.61 -36.08
N SER M 8 -53.98 -33.07 -37.09
CA SER M 8 -54.53 -32.87 -38.41
C SER M 8 -53.55 -33.38 -39.45
N THR M 9 -54.03 -33.48 -40.69
CA THR M 9 -53.23 -33.97 -41.81
C THR M 9 -52.88 -32.82 -42.75
N PRO M 10 -51.60 -32.48 -42.91
CA PRO M 10 -51.24 -31.39 -43.83
C PRO M 10 -51.37 -31.81 -45.28
N LYS M 11 -51.56 -30.81 -46.14
CA LYS M 11 -51.67 -31.04 -47.58
C LYS M 11 -50.30 -31.30 -48.18
N PRO M 12 -50.12 -32.40 -48.92
CA PRO M 12 -48.82 -32.66 -49.56
C PRO M 12 -48.48 -31.58 -50.59
N SER M 13 -47.18 -31.32 -50.73
CA SER M 13 -46.67 -30.35 -51.68
C SER M 13 -45.52 -30.98 -52.47
N VAL M 14 -45.35 -30.55 -53.72
CA VAL M 14 -44.35 -31.10 -54.62
C VAL M 14 -43.44 -29.98 -55.10
N GLN M 15 -42.12 -30.24 -55.05
CA GLN M 15 -41.14 -29.23 -55.43
C GLN M 15 -39.96 -29.83 -56.18
N ALA M 16 -40.21 -30.74 -57.14
CA ALA M 16 -39.18 -31.27 -58.01
C ALA M 16 -38.00 -31.86 -57.25
N PRO M 17 -38.12 -33.08 -56.72
CA PRO M 17 -37.08 -33.63 -55.84
C PRO M 17 -35.68 -33.51 -56.41
N GLU M 18 -34.72 -33.38 -55.50
CA GLU M 18 -33.35 -32.98 -55.80
C GLU M 18 -32.36 -33.79 -54.99
N PRO M 19 -31.17 -34.04 -55.50
CA PRO M 19 -30.09 -34.57 -54.66
C PRO M 19 -29.47 -33.45 -53.81
N ALA M 20 -28.66 -33.87 -52.84
CA ALA M 20 -28.06 -32.91 -51.92
C ALA M 20 -27.02 -32.06 -52.64
N PRO M 21 -26.93 -30.77 -52.34
CA PRO M 21 -25.99 -29.89 -53.04
C PRO M 21 -24.55 -30.15 -52.61
N LEU M 22 -23.62 -29.64 -53.42
CA LEU M 22 -22.21 -29.77 -53.15
C LEU M 22 -21.75 -28.77 -52.10
N SER M 23 -20.57 -29.04 -51.53
CA SER M 23 -20.01 -28.12 -50.54
C SER M 23 -19.43 -26.87 -51.20
N GLU M 24 -18.74 -27.03 -52.33
CA GLU M 24 -18.08 -25.88 -52.94
C GLU M 24 -18.96 -25.23 -54.00
N GLU M 25 -19.74 -26.03 -54.73
CA GLU M 25 -20.67 -25.55 -55.75
C GLU M 25 -19.95 -24.66 -56.77
N VAL M 26 -19.03 -25.27 -57.49
CA VAL M 26 -18.28 -24.56 -58.53
C VAL M 26 -19.26 -24.09 -59.60
N ALA M 27 -19.44 -22.79 -59.71
CA ALA M 27 -20.36 -22.19 -60.66
C ALA M 27 -19.63 -21.14 -61.51
N SER M 28 -20.38 -20.37 -62.26
CA SER M 28 -19.79 -19.37 -63.16
C SER M 28 -19.04 -18.31 -62.36
N VAL M 29 -17.90 -17.88 -62.89
CA VAL M 29 -17.03 -16.95 -62.18
C VAL M 29 -17.60 -15.53 -62.17
N ASP M 30 -18.31 -15.13 -63.22
CA ASP M 30 -18.83 -13.77 -63.35
C ASP M 30 -20.27 -13.67 -62.89
N ILE M 31 -20.74 -12.42 -62.79
CA ILE M 31 -22.11 -12.10 -62.41
C ILE M 31 -22.70 -11.22 -63.50
N GLY M 32 -23.93 -11.53 -63.90
CA GLY M 32 -24.62 -10.71 -64.87
C GLY M 32 -24.57 -11.32 -66.27
N ALA M 33 -25.50 -10.86 -67.11
CA ALA M 33 -25.65 -11.42 -68.45
C ALA M 33 -24.65 -10.84 -69.45
N GLU M 34 -23.95 -9.76 -69.10
CA GLU M 34 -23.00 -9.18 -70.03
C GLU M 34 -21.71 -10.00 -70.08
N SER M 35 -21.26 -10.29 -71.28
CA SER M 35 -20.03 -11.05 -71.48
C SER M 35 -19.47 -10.81 -72.87
N CYS N 2 -59.93 20.39 -27.12
CA CYS N 2 -60.84 20.26 -25.99
C CYS N 2 -60.97 21.58 -25.24
N PHE N 3 -60.41 22.64 -25.81
CA PHE N 3 -60.46 23.96 -25.20
C PHE N 3 -60.39 25.01 -26.29
N SER N 4 -60.89 26.21 -25.96
CA SER N 4 -60.93 27.33 -26.90
C SER N 4 -60.37 28.57 -26.22
N PRO N 5 -59.06 28.75 -26.24
CA PRO N 5 -58.47 29.94 -25.60
C PRO N 5 -58.86 31.22 -26.34
N LYS N 6 -58.94 32.30 -25.59
CA LYS N 6 -59.32 33.60 -26.13
C LYS N 6 -58.27 34.64 -25.75
N ILE N 7 -57.68 35.28 -26.77
CA ILE N 7 -56.66 36.29 -26.57
C ILE N 7 -57.31 37.64 -26.28
N SER N 8 -56.51 38.62 -25.84
CA SER N 8 -56.99 39.95 -25.53
C SER N 8 -56.11 40.99 -26.20
N THR N 9 -56.59 42.23 -26.22
CA THR N 9 -55.89 43.34 -26.85
C THR N 9 -55.30 44.27 -25.80
N PRO N 10 -53.99 44.40 -25.70
CA PRO N 10 -53.40 45.30 -24.70
C PRO N 10 -53.55 46.76 -25.10
N LYS N 11 -53.56 47.63 -24.09
CA LYS N 11 -53.65 49.07 -24.33
C LYS N 11 -52.29 49.61 -24.77
N PRO N 12 -52.23 50.36 -25.86
CA PRO N 12 -50.95 50.96 -26.27
C PRO N 12 -50.44 51.95 -25.23
N SER N 13 -49.12 52.00 -25.09
CA SER N 13 -48.46 52.89 -24.15
C SER N 13 -47.33 53.63 -24.85
N VAL N 14 -47.07 54.86 -24.42
CA VAL N 14 -46.09 55.73 -25.05
C VAL N 14 -45.08 56.20 -24.02
N GLN N 15 -43.80 56.15 -24.40
CA GLN N 15 -42.72 56.65 -23.56
C GLN N 15 -41.66 57.36 -24.39
N ALA N 16 -42.07 57.95 -25.52
CA ALA N 16 -41.23 58.71 -26.46
C ALA N 16 -40.22 57.80 -27.15
N PRO N 17 -40.16 57.83 -28.49
CA PRO N 17 -39.19 56.99 -29.20
C PRO N 17 -37.77 57.41 -28.94
N GLU N 18 -36.84 56.46 -29.15
CA GLU N 18 -35.46 56.64 -28.75
C GLU N 18 -34.56 55.80 -29.66
N PRO N 19 -33.39 56.29 -30.04
CA PRO N 19 -32.41 55.44 -30.71
C PRO N 19 -31.70 54.55 -29.69
N ALA N 20 -30.99 53.55 -30.23
CA ALA N 20 -30.30 52.59 -29.37
C ALA N 20 -29.13 53.27 -28.65
N PRO N 21 -28.95 53.01 -27.36
CA PRO N 21 -27.88 53.66 -26.60
C PRO N 21 -26.50 53.17 -27.02
N LEU N 22 -25.50 53.99 -26.69
CA LEU N 22 -24.11 53.67 -26.99
C LEU N 22 -23.59 52.61 -26.05
N SER N 23 -22.40 52.10 -26.36
CA SER N 23 -21.76 51.10 -25.50
C SER N 23 -20.98 51.76 -24.37
N GLU N 24 -20.10 52.71 -24.70
CA GLU N 24 -19.29 53.33 -23.66
C GLU N 24 -20.08 54.38 -22.89
N GLU N 25 -20.97 55.10 -23.58
CA GLU N 25 -21.83 56.12 -22.97
C GLU N 25 -21.00 57.14 -22.18
N VAL N 26 -20.16 57.86 -22.92
CA VAL N 26 -19.32 58.90 -22.31
C VAL N 26 -20.24 59.96 -21.73
N ALA N 27 -20.25 60.07 -20.41
CA ALA N 27 -21.08 61.04 -19.69
C ALA N 27 -20.20 61.90 -18.79
N SER N 28 -20.84 62.69 -17.94
CA SER N 28 -20.11 63.58 -17.05
C SER N 28 -19.24 62.78 -16.08
N VAL N 29 -18.03 63.29 -15.82
CA VAL N 29 -17.06 62.56 -15.02
C VAL N 29 -17.45 62.54 -13.54
N ASP N 30 -18.04 63.61 -13.03
CA ASP N 30 -18.35 63.74 -11.61
C ASP N 30 -19.80 63.37 -11.31
N ILE N 31 -20.09 63.26 -10.01
CA ILE N 31 -21.40 62.94 -9.50
C ILE N 31 -21.82 64.06 -8.55
N GLY N 32 -23.05 64.53 -8.69
CA GLY N 32 -23.57 65.54 -7.80
C GLY N 32 -23.56 66.93 -8.40
N ALA N 33 -24.39 67.81 -7.85
CA ALA N 33 -24.56 69.15 -8.38
C ALA N 33 -23.44 70.10 -7.97
N GLU N 34 -22.63 69.74 -6.98
CA GLU N 34 -21.56 70.64 -6.54
C GLU N 34 -20.40 70.61 -7.53
N SER N 35 -19.93 71.80 -7.90
CA SER N 35 -18.81 71.93 -8.82
C SER N 35 -18.15 73.30 -8.67
N CYS O 2 -56.23 34.37 -0.04
CA CYS O 2 -57.68 34.44 -0.18
C CYS O 2 -58.33 35.01 1.09
N PHE O 3 -58.07 36.29 1.35
CA PHE O 3 -58.59 36.96 2.54
C PHE O 3 -58.43 38.45 2.36
N SER O 4 -58.89 39.21 3.36
CA SER O 4 -58.78 40.66 3.38
C SER O 4 -58.12 41.07 4.68
N PRO O 5 -56.78 41.10 4.72
CA PRO O 5 -56.09 41.38 5.98
C PRO O 5 -56.31 42.81 6.45
N LYS O 6 -56.22 42.99 7.76
CA LYS O 6 -56.38 44.29 8.40
C LYS O 6 -55.20 44.56 9.31
N ILE O 7 -54.61 45.74 9.18
CA ILE O 7 -53.50 46.15 10.04
C ILE O 7 -54.05 46.81 11.29
N SER O 8 -53.21 46.95 12.31
CA SER O 8 -53.58 47.59 13.57
C SER O 8 -52.71 48.82 13.77
N THR O 9 -53.33 49.89 14.25
CA THR O 9 -52.61 51.14 14.47
C THR O 9 -51.75 51.03 15.72
N PRO O 10 -50.44 51.28 15.63
CA PRO O 10 -49.59 51.16 16.82
C PRO O 10 -49.91 52.22 17.85
N LYS O 11 -49.68 51.87 19.11
CA LYS O 11 -49.85 52.83 20.19
C LYS O 11 -48.73 53.87 20.15
N PRO O 12 -49.04 55.16 20.19
CA PRO O 12 -47.97 56.17 20.24
C PRO O 12 -47.14 56.01 21.50
N SER O 13 -45.83 56.25 21.35
CA SER O 13 -44.89 56.10 22.45
C SER O 13 -43.96 57.31 22.49
N VAL O 14 -43.66 57.77 23.70
CA VAL O 14 -42.81 58.94 23.91
C VAL O 14 -41.59 58.51 24.72
N GLN O 15 -40.40 58.85 24.23
CA GLN O 15 -39.17 58.46 24.90
C GLN O 15 -38.10 59.54 24.87
N ALA O 16 -38.46 60.78 24.52
CA ALA O 16 -37.52 61.94 24.52
C ALA O 16 -36.46 61.95 23.42
N PRO O 17 -36.51 62.94 22.54
CA PRO O 17 -35.57 62.94 21.42
C PRO O 17 -34.15 63.01 21.91
N GLU O 18 -33.24 62.27 21.31
CA GLU O 18 -31.83 62.31 21.69
C GLU O 18 -30.92 62.18 20.49
N PRO O 19 -29.72 62.74 20.58
CA PRO O 19 -28.74 62.61 19.51
C PRO O 19 -28.15 61.22 19.45
N ALA O 20 -27.57 60.88 18.32
CA ALA O 20 -26.99 59.55 18.14
C ALA O 20 -25.83 59.17 19.08
N PRO O 21 -25.56 57.86 19.31
CA PRO O 21 -24.50 57.52 20.27
C PRO O 21 -23.12 57.60 19.66
N LEU O 22 -22.12 57.84 20.52
CA LEU O 22 -20.73 57.90 20.11
C LEU O 22 -20.08 56.53 20.21
N SER O 23 -19.26 56.18 19.22
CA SER O 23 -18.65 54.86 19.20
C SER O 23 -17.55 54.72 20.25
N GLU O 24 -16.76 55.79 20.46
CA GLU O 24 -15.64 55.69 21.39
C GLU O 24 -16.08 55.71 22.84
N GLU O 25 -17.08 56.52 23.17
CA GLU O 25 -17.67 56.57 24.51
C GLU O 25 -16.62 56.82 25.59
N VAL O 26 -15.96 57.97 25.49
CA VAL O 26 -14.93 58.35 26.45
C VAL O 26 -15.63 58.91 27.69
N ALA O 27 -15.52 58.18 28.80
CA ALA O 27 -16.19 58.56 30.05
C ALA O 27 -15.21 58.36 31.20
N SER O 28 -15.72 58.41 32.42
CA SER O 28 -14.88 58.28 33.61
C SER O 28 -14.20 56.92 33.65
N VAL O 29 -12.99 56.90 34.20
CA VAL O 29 -12.18 55.69 34.19
C VAL O 29 -12.41 54.79 35.40
N ASP O 30 -13.07 55.27 36.44
CA ASP O 30 -13.33 54.50 37.64
C ASP O 30 -14.83 54.38 37.91
N ILE O 31 -15.22 53.22 38.44
CA ILE O 31 -16.60 52.96 38.85
C ILE O 31 -16.61 52.73 40.35
N GLY O 32 -17.50 53.43 41.04
CA GLY O 32 -17.58 53.35 42.49
C GLY O 32 -17.62 54.72 43.12
N ALA O 33 -18.46 54.89 44.15
CA ALA O 33 -18.62 56.20 44.76
C ALA O 33 -17.37 56.63 45.50
N GLU O 34 -16.71 55.70 46.19
CA GLU O 34 -15.55 56.05 46.98
C GLU O 34 -14.36 56.37 46.09
N SER O 35 -13.54 57.32 46.52
CA SER O 35 -12.35 57.71 45.78
C SER O 35 -11.30 58.31 46.70
N CYS P 2 -51.17 1.93 41.51
CA CYS P 2 -52.60 2.12 41.75
C CYS P 2 -53.22 0.88 42.40
N PHE P 3 -52.81 0.61 43.65
CA PHE P 3 -53.29 -0.55 44.38
C PHE P 3 -52.92 -0.37 45.84
N SER P 4 -53.33 -1.35 46.65
CA SER P 4 -53.04 -1.36 48.09
C SER P 4 -52.39 -2.70 48.42
N PRO P 5 -51.07 -2.82 48.27
CA PRO P 5 -50.41 -4.11 48.46
C PRO P 5 -50.46 -4.57 49.91
N LYS P 6 -50.41 -5.89 50.08
CA LYS P 6 -50.41 -6.52 51.39
C LYS P 6 -49.20 -7.44 51.51
N ILE P 7 -48.48 -7.31 52.61
CA ILE P 7 -47.33 -8.18 52.89
C ILE P 7 -47.82 -9.44 53.60
N SER P 8 -46.97 -10.46 53.64
CA SER P 8 -47.28 -11.72 54.30
C SER P 8 -46.28 -11.96 55.43
N THR P 9 -46.78 -12.43 56.56
CA THR P 9 -45.93 -12.68 57.72
C THR P 9 -45.13 -13.96 57.49
N PRO P 10 -43.80 -13.91 57.58
CA PRO P 10 -43.01 -15.13 57.36
C PRO P 10 -43.22 -16.15 58.46
N LYS P 11 -43.06 -17.41 58.09
CA LYS P 11 -43.15 -18.48 59.07
C LYS P 11 -41.90 -18.48 59.94
N PRO P 12 -42.03 -18.50 61.27
CA PRO P 12 -40.85 -18.60 62.13
C PRO P 12 -40.08 -19.89 61.87
N SER P 13 -38.75 -19.80 61.93
CA SER P 13 -37.89 -20.93 61.68
C SER P 13 -36.80 -20.99 62.74
N VAL P 14 -36.47 -22.21 63.17
CA VAL P 14 -35.48 -22.44 64.21
C VAL P 14 -34.36 -23.30 63.64
N GLN P 15 -33.12 -22.85 63.82
CA GLN P 15 -31.98 -23.56 63.26
C GLN P 15 -30.77 -23.56 64.20
N ALA P 16 -30.93 -23.14 65.46
CA ALA P 16 -29.89 -23.10 66.50
C ALA P 16 -28.82 -22.06 66.18
N PRO P 17 -28.47 -21.22 67.19
CA PRO P 17 -27.52 -20.17 66.88
C PRO P 17 -26.14 -20.72 66.89
N GLU P 18 -25.26 -20.15 66.08
CA GLU P 18 -23.89 -20.59 66.03
C GLU P 18 -22.99 -19.41 65.79
N PRO P 19 -21.74 -19.51 66.19
CA PRO P 19 -20.78 -18.46 65.91
C PRO P 19 -20.44 -18.42 64.45
N ALA P 20 -19.91 -17.30 64.00
CA ALA P 20 -19.57 -17.13 62.59
C ALA P 20 -18.44 -18.03 62.12
N PRO P 21 -18.43 -18.38 60.82
CA PRO P 21 -17.43 -19.33 60.30
C PRO P 21 -16.00 -18.85 60.22
N LEU P 22 -15.02 -19.76 60.40
CA LEU P 22 -13.63 -19.38 60.27
C LEU P 22 -13.18 -19.52 58.82
N SER P 23 -12.36 -18.57 58.38
CA SER P 23 -11.94 -18.56 56.99
C SER P 23 -10.91 -19.64 56.70
N GLU P 24 -9.98 -19.88 57.64
CA GLU P 24 -8.91 -20.85 57.39
C GLU P 24 -9.41 -22.29 57.50
N GLU P 25 -10.31 -22.57 58.44
CA GLU P 25 -10.94 -23.88 58.58
C GLU P 25 -9.90 -25.01 58.70
N VAL P 26 -9.10 -24.93 59.75
CA VAL P 26 -8.07 -25.94 60.01
C VAL P 26 -8.75 -27.15 60.64
N ALA P 27 -8.74 -28.28 59.92
CA ALA P 27 -9.40 -29.49 60.39
C ALA P 27 -8.49 -30.67 60.10
N SER P 28 -9.04 -31.88 60.20
CA SER P 28 -8.26 -33.10 59.98
C SER P 28 -7.76 -33.15 58.55
N VAL P 29 -6.58 -33.76 58.37
CA VAL P 29 -5.92 -33.77 57.08
C VAL P 29 -6.32 -34.97 56.21
N ASP P 30 -6.93 -35.99 56.79
CA ASP P 30 -7.32 -37.19 56.05
C ASP P 30 -8.82 -37.41 56.14
N ILE P 31 -9.40 -37.89 55.04
CA ILE P 31 -10.81 -38.26 54.98
C ILE P 31 -10.90 -39.75 54.74
N GLY P 32 -11.70 -40.43 55.56
CA GLY P 32 -11.83 -41.88 55.50
C GLY P 32 -11.72 -42.50 56.87
N ALA P 33 -12.58 -43.49 57.15
CA ALA P 33 -12.60 -44.10 58.48
C ALA P 33 -11.32 -44.89 58.74
N GLU P 34 -10.83 -45.61 57.74
CA GLU P 34 -9.66 -46.45 57.94
C GLU P 34 -8.41 -45.60 58.09
N SER P 35 -7.49 -46.07 58.93
CA SER P 35 -6.23 -45.39 59.16
C SER P 35 -5.15 -46.35 59.63
N THR Q 66 -89.16 48.12 -47.97
CA THR Q 66 -89.20 48.05 -46.51
C THR Q 66 -88.14 48.96 -45.90
N ARG Q 67 -86.89 48.74 -46.30
CA ARG Q 67 -85.78 49.53 -45.76
C ARG Q 67 -85.90 50.98 -46.18
N ALA Q 68 -85.39 51.87 -45.33
CA ALA Q 68 -85.40 53.30 -45.62
C ALA Q 68 -84.24 53.75 -46.48
N ASP Q 69 -83.33 52.83 -46.82
CA ASP Q 69 -82.17 53.14 -47.64
C ASP Q 69 -82.41 52.91 -49.13
N GLU Q 70 -83.67 52.76 -49.53
CA GLU Q 70 -83.98 52.48 -50.93
C GLU Q 70 -83.52 53.62 -51.84
N ARG Q 71 -83.81 54.86 -51.44
CA ARG Q 71 -83.41 56.00 -52.25
C ARG Q 71 -81.92 55.98 -52.53
N SER Q 72 -81.12 55.61 -51.51
CA SER Q 72 -79.71 55.38 -51.75
C SER Q 72 -79.51 54.37 -52.87
N ASN Q 73 -80.36 53.34 -52.94
CA ASN Q 73 -80.20 52.33 -53.98
C ASN Q 73 -80.46 52.92 -55.36
N GLU Q 74 -81.55 53.69 -55.52
CA GLU Q 74 -81.80 54.24 -56.86
C GLU Q 74 -80.71 55.21 -57.30
N ILE Q 75 -80.29 56.13 -56.41
CA ILE Q 75 -79.23 57.03 -56.85
C ILE Q 75 -77.90 56.30 -57.06
N ILE Q 76 -77.62 55.25 -56.28
CA ILE Q 76 -76.40 54.48 -56.52
C ILE Q 76 -76.45 53.82 -57.90
N ARG Q 77 -77.59 53.25 -58.27
CA ARG Q 77 -77.68 52.49 -59.50
C ARG Q 77 -77.35 53.34 -60.73
N LYS Q 78 -77.63 54.64 -60.68
CA LYS Q 78 -77.39 55.52 -61.82
C LYS Q 78 -75.96 56.06 -61.76
N LEU Q 79 -75.01 55.17 -62.02
CA LEU Q 79 -73.60 55.54 -62.06
C LEU Q 79 -72.87 54.72 -63.11
N THR Q 80 -72.03 55.39 -63.87
CA THR Q 80 -71.16 54.68 -64.80
C THR Q 80 -70.15 53.85 -64.01
N PRO Q 81 -69.83 52.63 -64.46
CA PRO Q 81 -68.93 51.76 -63.67
C PRO Q 81 -67.61 52.40 -63.29
N GLN Q 82 -67.02 53.21 -64.16
CA GLN Q 82 -65.77 53.88 -63.79
C GLN Q 82 -65.97 54.85 -62.63
N GLN Q 83 -67.14 55.49 -62.56
CA GLN Q 83 -67.43 56.37 -61.44
C GLN Q 83 -67.46 55.61 -60.13
N ARG Q 84 -68.12 54.45 -60.12
CA ARG Q 84 -68.12 53.63 -58.92
C ARG Q 84 -66.71 53.13 -58.59
N ARG Q 85 -65.93 52.80 -59.62
CA ARG Q 85 -64.57 52.33 -59.38
C ARG Q 85 -63.73 53.39 -58.69
N GLU Q 86 -63.78 54.64 -59.19
CA GLU Q 86 -63.00 55.68 -58.56
C GLU Q 86 -63.54 56.06 -57.19
N ALA Q 87 -64.87 55.99 -57.00
CA ALA Q 87 -65.45 56.28 -55.70
C ALA Q 87 -64.99 55.27 -54.66
N ILE Q 88 -64.88 53.99 -55.04
CA ILE Q 88 -64.33 53.00 -54.12
C ILE Q 88 -62.83 53.25 -53.92
N GLN Q 89 -62.12 53.58 -55.00
CA GLN Q 89 -60.67 53.71 -54.91
C GLN Q 89 -60.26 54.81 -53.94
N ASN Q 90 -60.92 55.97 -54.03
CA ASN Q 90 -60.56 57.04 -53.11
C ASN Q 90 -61.05 56.78 -51.69
N GLY Q 91 -61.94 55.81 -51.51
CA GLY Q 91 -62.41 55.43 -50.19
C GLY Q 91 -63.42 56.36 -49.58
N THR Q 92 -63.85 57.39 -50.31
CA THR Q 92 -64.76 58.37 -49.73
C THR Q 92 -66.12 57.74 -49.43
N LEU Q 93 -66.69 57.04 -50.39
CA LEU Q 93 -68.05 56.54 -50.25
C LEU Q 93 -68.13 55.09 -50.74
N LEU Q 94 -69.22 54.43 -50.35
CA LEU Q 94 -69.69 53.19 -50.96
C LEU Q 94 -68.89 51.95 -50.57
N TYR Q 95 -69.57 50.80 -50.67
CA TYR Q 95 -69.05 49.43 -50.84
C TYR Q 95 -70.06 48.41 -50.31
N GLN Q 96 -70.74 48.75 -49.22
CA GLN Q 96 -71.71 47.84 -48.63
C GLN Q 96 -73.09 47.96 -49.25
N ASP Q 97 -73.32 48.97 -50.09
CA ASP Q 97 -74.63 49.21 -50.66
C ASP Q 97 -74.68 49.03 -52.16
N ASP Q 98 -73.61 48.53 -52.77
CA ASP Q 98 -73.62 48.28 -54.21
C ASP Q 98 -74.17 46.87 -54.48
N PRO Q 99 -75.32 46.75 -55.14
CA PRO Q 99 -75.99 45.46 -55.30
C PRO Q 99 -75.41 44.54 -56.37
N TYR Q 100 -74.09 44.42 -56.39
CA TYR Q 100 -73.42 43.46 -57.27
C TYR Q 100 -72.39 42.61 -56.54
N ALA Q 101 -71.66 43.19 -55.60
CA ALA Q 101 -70.61 42.45 -54.91
C ALA Q 101 -71.19 41.28 -54.13
N MET Q 102 -72.33 41.48 -53.48
CA MET Q 102 -72.94 40.40 -52.70
C MET Q 102 -73.31 39.23 -53.60
N GLU Q 103 -73.89 39.52 -54.77
CA GLU Q 103 -74.21 38.47 -55.73
C GLU Q 103 -72.95 37.74 -56.15
N ALA Q 104 -71.87 38.48 -56.39
CA ALA Q 104 -70.60 37.85 -56.74
C ALA Q 104 -70.18 36.85 -55.67
N LEU Q 105 -70.23 37.28 -54.39
CA LEU Q 105 -69.85 36.37 -53.30
C LEU Q 105 -70.72 35.12 -53.28
N ARG Q 106 -72.05 35.27 -53.33
CA ARG Q 106 -72.90 34.08 -53.24
C ARG Q 106 -72.63 33.12 -54.39
N VAL Q 107 -72.60 33.63 -55.62
CA VAL Q 107 -72.46 32.75 -56.78
C VAL Q 107 -71.11 32.02 -56.72
N LYS Q 108 -70.03 32.76 -56.46
CA LYS Q 108 -68.72 32.12 -56.48
C LYS Q 108 -68.54 31.16 -55.31
N THR Q 109 -69.12 31.47 -54.15
CA THR Q 109 -69.05 30.54 -53.02
C THR Q 109 -69.75 29.22 -53.35
N GLY Q 110 -70.96 29.31 -53.93
CA GLY Q 110 -71.66 28.09 -54.30
C GLY Q 110 -70.88 27.25 -55.29
N ARG Q 111 -70.35 27.90 -56.32
CA ARG Q 111 -69.55 27.18 -57.31
C ARG Q 111 -68.37 26.48 -56.65
N ASN Q 112 -67.63 27.20 -55.81
CA ASN Q 112 -66.44 26.63 -55.18
C ASN Q 112 -66.79 25.40 -54.35
N ALA Q 113 -67.83 25.51 -53.52
CA ALA Q 113 -68.18 24.40 -52.64
C ALA Q 113 -68.57 23.16 -53.45
N ALA Q 114 -69.49 23.33 -54.40
CA ALA Q 114 -69.96 22.18 -55.16
C ALA Q 114 -68.82 21.51 -55.93
N PHE Q 115 -67.98 22.32 -56.58
CA PHE Q 115 -66.91 21.74 -57.39
C PHE Q 115 -65.88 21.02 -56.52
N ALA Q 116 -65.56 21.57 -55.35
CA ALA Q 116 -64.61 20.90 -54.47
C ALA Q 116 -65.13 19.53 -54.06
N VAL Q 117 -66.39 19.46 -53.63
CA VAL Q 117 -66.93 18.18 -53.17
C VAL Q 117 -66.92 17.16 -54.31
N ASP Q 118 -67.40 17.57 -55.48
CA ASP Q 118 -67.52 16.61 -56.58
C ASP Q 118 -66.16 16.12 -57.05
N ASP Q 119 -65.16 17.01 -57.08
CA ASP Q 119 -63.81 16.58 -57.46
C ASP Q 119 -63.27 15.57 -56.45
N GLU Q 120 -63.49 15.80 -55.16
CA GLU Q 120 -62.99 14.86 -54.16
C GLU Q 120 -63.62 13.48 -54.37
N ILE Q 121 -64.93 13.43 -54.57
CA ILE Q 121 -65.57 12.13 -54.75
C ILE Q 121 -65.06 11.45 -56.02
N ASN Q 122 -64.88 12.20 -57.11
CA ASN Q 122 -64.42 11.59 -58.35
C ASN Q 122 -63.02 11.00 -58.21
N VAL Q 123 -62.10 11.74 -57.58
CA VAL Q 123 -60.77 11.18 -57.44
C VAL Q 123 -60.79 9.97 -56.52
N LYS Q 124 -61.62 9.99 -55.47
CA LYS Q 124 -61.71 8.83 -54.60
C LYS Q 124 -62.22 7.60 -55.35
N ILE Q 125 -63.21 7.80 -56.23
CA ILE Q 125 -63.71 6.67 -57.02
C ILE Q 125 -62.61 6.12 -57.93
N GLN Q 126 -61.84 7.01 -58.57
CA GLN Q 126 -60.77 6.49 -59.42
C GLN Q 126 -59.68 5.82 -58.60
N ASN Q 127 -59.56 6.15 -57.31
CA ASN Q 127 -58.63 5.40 -56.47
C ASN Q 127 -59.04 3.95 -56.31
N GLY Q 128 -60.30 3.61 -56.56
CA GLY Q 128 -60.75 2.25 -56.46
C GLY Q 128 -61.15 1.86 -55.04
N GLU Q 129 -62.10 2.58 -54.45
CA GLU Q 129 -62.54 2.29 -53.09
C GLU Q 129 -63.94 1.69 -53.03
N PHE Q 130 -64.88 2.27 -53.77
CA PHE Q 130 -66.27 1.83 -53.69
C PHE Q 130 -66.45 0.47 -54.36
N ARG Q 131 -67.63 -0.12 -54.12
CA ARG Q 131 -67.97 -1.41 -54.73
C ARG Q 131 -69.37 -1.47 -55.32
N THR Q 132 -70.27 -0.55 -54.96
CA THR Q 132 -71.64 -0.59 -55.44
C THR Q 132 -72.14 0.83 -55.64
N ARG Q 133 -73.14 0.97 -56.52
CA ARG Q 133 -73.68 2.31 -56.81
C ARG Q 133 -74.31 2.94 -55.58
N GLN Q 134 -75.01 2.13 -54.77
CA GLN Q 134 -75.73 2.68 -53.63
C GLN Q 134 -74.78 3.33 -52.63
N ASP Q 135 -73.64 2.69 -52.37
CA ASP Q 135 -72.66 3.27 -51.45
C ASP Q 135 -72.16 4.60 -51.97
N MET Q 136 -71.87 4.69 -53.27
CA MET Q 136 -71.40 5.95 -53.84
C MET Q 136 -72.45 7.04 -53.72
N GLU Q 137 -73.71 6.70 -53.98
CA GLU Q 137 -74.78 7.69 -53.88
C GLU Q 137 -74.94 8.19 -52.44
N GLU Q 138 -74.90 7.28 -51.47
CA GLU Q 138 -75.02 7.71 -50.08
C GLU Q 138 -73.86 8.60 -49.66
N TYR Q 139 -72.65 8.23 -50.05
CA TYR Q 139 -71.48 9.05 -49.75
C TYR Q 139 -71.62 10.45 -50.32
N ARG Q 140 -72.02 10.53 -51.60
CA ARG Q 140 -72.18 11.83 -52.25
C ARG Q 140 -73.25 12.67 -51.54
N HIS Q 141 -74.38 12.06 -51.22
CA HIS Q 141 -75.46 12.77 -50.55
C HIS Q 141 -74.99 13.38 -49.25
N GLN Q 142 -74.36 12.56 -48.40
CA GLN Q 142 -73.92 13.05 -47.09
C GLN Q 142 -72.87 14.15 -47.23
N ARG Q 143 -71.90 13.96 -48.13
CA ARG Q 143 -70.85 14.95 -48.27
C ARG Q 143 -71.41 16.29 -48.75
N LEU Q 144 -72.32 16.26 -49.73
CA LEU Q 144 -72.92 17.51 -50.20
C LEU Q 144 -73.68 18.19 -49.08
N GLN Q 145 -74.48 17.42 -48.33
CA GLN Q 145 -75.30 18.03 -47.29
C GLN Q 145 -74.44 18.69 -46.22
N ASP Q 146 -73.33 18.06 -45.85
CA ASP Q 146 -72.45 18.65 -44.85
C ASP Q 146 -71.74 19.89 -45.38
N ALA Q 147 -71.14 19.78 -46.57
CA ALA Q 147 -70.27 20.84 -47.06
C ALA Q 147 -71.05 22.10 -47.41
N ALA Q 148 -72.28 21.95 -47.92
CA ALA Q 148 -73.07 23.15 -48.21
C ALA Q 148 -73.25 24.01 -46.97
N LYS Q 149 -73.70 23.38 -45.87
CA LYS Q 149 -73.90 24.11 -44.63
C LYS Q 149 -72.59 24.71 -44.13
N SER Q 150 -71.50 23.93 -44.16
CA SER Q 150 -70.24 24.44 -43.62
C SER Q 150 -69.75 25.66 -44.39
N TYR Q 151 -69.73 25.57 -45.72
CA TYR Q 151 -69.24 26.69 -46.54
C TYR Q 151 -70.13 27.91 -46.40
N ALA Q 152 -71.46 27.72 -46.39
CA ALA Q 152 -72.35 28.86 -46.25
C ALA Q 152 -72.17 29.53 -44.89
N GLU Q 153 -72.00 28.73 -43.84
CA GLU Q 153 -71.91 29.30 -42.49
C GLU Q 153 -70.57 29.98 -42.25
N GLU Q 154 -69.51 29.52 -42.90
CA GLU Q 154 -68.19 30.10 -42.65
C GLU Q 154 -68.17 31.59 -42.99
N ALA Q 155 -68.61 31.95 -44.19
CA ALA Q 155 -68.54 33.35 -44.61
C ALA Q 155 -69.62 34.19 -43.96
N GLY Q 156 -70.66 33.58 -43.43
CA GLY Q 156 -71.71 34.29 -42.75
C GLY Q 156 -72.99 34.50 -43.53
N ILE Q 157 -73.34 33.59 -44.44
CA ILE Q 157 -74.52 33.73 -45.27
C ILE Q 157 -75.43 32.54 -45.01
N ASN Q 158 -76.70 32.82 -44.75
CA ASN Q 158 -77.69 31.78 -44.52
C ASN Q 158 -77.85 30.95 -45.78
N PRO Q 159 -77.68 29.62 -45.74
CA PRO Q 159 -77.72 28.84 -46.98
C PRO Q 159 -79.08 28.74 -47.64
N THR Q 160 -80.11 29.41 -47.12
CA THR Q 160 -81.43 29.33 -47.72
C THR Q 160 -81.77 30.53 -48.60
N ASP Q 161 -80.84 31.46 -48.81
CA ASP Q 161 -81.14 32.58 -49.68
C ASP Q 161 -81.26 32.14 -51.13
N ASN Q 169 -75.88 24.94 -58.28
CA ASN Q 169 -76.64 24.15 -59.25
C ASN Q 169 -76.36 24.65 -60.66
N ASP Q 170 -75.08 24.85 -60.98
CA ASP Q 170 -74.68 25.45 -62.25
C ASP Q 170 -74.58 24.45 -63.39
N ASN Q 171 -73.77 23.41 -63.21
CA ASN Q 171 -73.51 22.43 -64.26
C ASN Q 171 -73.83 21.02 -63.78
N ILE Q 172 -75.02 20.86 -63.20
CA ILE Q 172 -75.38 19.60 -62.55
C ILE Q 172 -75.37 18.44 -63.53
N THR Q 173 -75.62 18.71 -64.81
CA THR Q 173 -75.73 17.62 -65.77
C THR Q 173 -74.36 17.03 -66.12
N ASP Q 174 -73.34 17.88 -66.25
CA ASP Q 174 -72.08 17.43 -66.80
C ASP Q 174 -71.25 16.58 -65.85
N ARG Q 175 -71.39 16.80 -64.54
CA ARG Q 175 -70.55 16.07 -63.59
C ARG Q 175 -71.02 14.63 -63.40
N ASN Q 176 -72.32 14.39 -63.44
CA ASN Q 176 -72.84 13.03 -63.31
C ASN Q 176 -72.29 12.13 -64.41
N ILE Q 177 -72.12 12.69 -65.61
CA ILE Q 177 -71.62 11.90 -66.73
C ILE Q 177 -70.22 11.39 -66.45
N ALA Q 178 -69.35 12.27 -65.97
CA ALA Q 178 -67.98 11.86 -65.63
C ALA Q 178 -67.98 10.83 -64.51
N ILE Q 179 -68.80 11.06 -63.47
CA ILE Q 179 -68.84 10.12 -62.35
C ILE Q 179 -69.23 8.72 -62.84
N TYR Q 180 -70.30 8.64 -63.62
CA TYR Q 180 -70.79 7.34 -64.06
C TYR Q 180 -69.83 6.68 -65.04
N GLY Q 181 -69.17 7.47 -65.89
CA GLY Q 181 -68.16 6.89 -66.76
C GLY Q 181 -67.04 6.24 -65.97
N SER Q 182 -66.54 6.93 -64.94
CA SER Q 182 -65.46 6.36 -64.14
C SER Q 182 -65.91 5.07 -63.45
N PHE Q 183 -67.11 5.07 -62.89
CA PHE Q 183 -67.60 3.87 -62.22
C PHE Q 183 -67.70 2.70 -63.18
N ASN Q 184 -68.23 2.94 -64.39
CA ASN Q 184 -68.38 1.86 -65.35
C ASN Q 184 -67.02 1.29 -65.75
N LYS Q 185 -66.03 2.16 -65.98
CA LYS Q 185 -64.71 1.68 -66.35
C LYS Q 185 -64.13 0.78 -65.26
N TYR Q 186 -64.23 1.20 -64.00
CA TYR Q 186 -63.67 0.40 -62.92
C TYR Q 186 -64.35 -0.97 -62.83
N PHE Q 187 -65.69 -0.98 -62.89
CA PHE Q 187 -66.39 -2.25 -62.73
C PHE Q 187 -66.09 -3.21 -63.88
N SER Q 188 -65.99 -2.69 -65.10
CA SER Q 188 -65.57 -3.54 -66.22
C SER Q 188 -64.19 -4.14 -65.99
N LYS Q 189 -63.25 -3.34 -65.46
CA LYS Q 189 -61.92 -3.87 -65.20
C LYS Q 189 -61.98 -5.03 -64.19
N GLN Q 190 -62.78 -4.88 -63.13
CA GLN Q 190 -62.91 -5.97 -62.16
C GLN Q 190 -63.47 -7.24 -62.78
N SER Q 191 -64.48 -7.10 -63.65
CA SER Q 191 -65.04 -8.29 -64.31
C SER Q 191 -63.99 -9.01 -65.14
N GLU Q 192 -63.20 -8.25 -65.90
CA GLU Q 192 -62.14 -8.88 -66.69
C GLU Q 192 -61.15 -9.62 -65.79
N GLU Q 193 -60.79 -9.01 -64.66
CA GLU Q 193 -59.81 -9.64 -63.77
C GLU Q 193 -60.33 -10.97 -63.22
N THR Q 194 -61.59 -11.02 -62.79
CA THR Q 194 -62.08 -12.29 -62.25
C THR Q 194 -62.16 -13.35 -63.33
N ALA Q 195 -62.47 -12.97 -64.58
CA ALA Q 195 -62.42 -13.96 -65.65
C ALA Q 195 -61.02 -14.55 -65.80
N MET Q 196 -60.00 -13.69 -65.75
CA MET Q 196 -58.63 -14.19 -65.86
C MET Q 196 -58.27 -15.14 -64.73
N LEU Q 197 -58.71 -14.83 -63.51
CA LEU Q 197 -58.41 -15.72 -62.39
C LEU Q 197 -59.01 -17.09 -62.60
N ASN Q 198 -60.27 -17.15 -63.05
CA ASN Q 198 -60.90 -18.45 -63.29
C ASN Q 198 -60.14 -19.25 -64.35
N THR Q 199 -59.72 -18.57 -65.43
CA THR Q 199 -58.94 -19.25 -66.45
C THR Q 199 -57.65 -19.84 -65.86
N ARG Q 200 -56.98 -19.08 -65.01
CA ARG Q 200 -55.73 -19.57 -64.43
C ARG Q 200 -55.98 -20.80 -63.57
N ILE Q 201 -57.05 -20.79 -62.77
CA ILE Q 201 -57.33 -21.96 -61.93
C ILE Q 201 -57.55 -23.20 -62.79
N GLU Q 202 -58.34 -23.06 -63.87
CA GLU Q 202 -58.60 -24.24 -64.69
C GLU Q 202 -57.32 -24.75 -65.36
N MET Q 203 -56.49 -23.86 -65.88
CA MET Q 203 -55.24 -24.31 -66.50
C MET Q 203 -54.33 -24.99 -65.49
N ASN Q 204 -54.26 -24.46 -64.26
CA ASN Q 204 -53.43 -25.08 -63.24
C ASN Q 204 -53.94 -26.48 -62.91
N SER Q 205 -55.26 -26.64 -62.84
CA SER Q 205 -55.82 -27.98 -62.60
C SER Q 205 -55.45 -28.93 -63.73
N PHE Q 206 -55.43 -28.42 -64.97
CA PHE Q 206 -55.00 -29.26 -66.09
C PHE Q 206 -53.55 -29.69 -65.94
N LEU Q 207 -52.67 -28.77 -65.53
CA LEU Q 207 -51.23 -28.99 -65.65
C LEU Q 207 -50.66 -30.02 -64.68
N ASN Q 208 -51.43 -30.48 -63.69
CA ASN Q 208 -50.92 -31.41 -62.69
C ASN Q 208 -51.31 -32.86 -62.95
N ASP Q 209 -51.88 -33.16 -64.11
CA ASP Q 209 -52.28 -34.52 -64.43
C ASP Q 209 -51.13 -35.22 -65.15
N GLY Q 210 -50.75 -36.39 -64.67
CA GLY Q 210 -49.54 -37.05 -65.14
C GLY Q 210 -49.64 -37.77 -66.46
N ASP Q 211 -50.52 -38.76 -66.54
CA ASP Q 211 -50.59 -39.59 -67.74
C ASP Q 211 -51.15 -38.84 -68.94
N LEU Q 212 -51.71 -37.64 -68.76
CA LEU Q 212 -52.05 -36.81 -69.91
C LEU Q 212 -50.79 -36.22 -70.54
N MET Q 213 -49.88 -35.69 -69.71
CA MET Q 213 -48.62 -35.20 -70.24
C MET Q 213 -47.78 -36.33 -70.82
N ARG Q 214 -47.71 -37.46 -70.11
CA ARG Q 214 -46.95 -38.59 -70.63
C ARG Q 214 -47.58 -39.17 -71.89
N SER Q 215 -48.87 -38.94 -72.10
CA SER Q 215 -49.55 -39.45 -73.28
C SER Q 215 -49.02 -38.74 -74.53
N PRO Q 216 -49.10 -39.40 -75.69
CA PRO Q 216 -48.72 -38.75 -76.95
C PRO Q 216 -49.81 -37.86 -77.54
N GLU Q 217 -50.84 -37.50 -76.79
CA GLU Q 217 -51.94 -36.66 -77.27
C GLU Q 217 -52.14 -35.48 -76.34
N SER Q 218 -51.07 -34.76 -76.05
CA SER Q 218 -51.14 -33.62 -75.13
C SER Q 218 -51.45 -32.31 -75.83
N GLY Q 219 -50.74 -32.01 -76.93
CA GLY Q 219 -50.90 -30.72 -77.58
C GLY Q 219 -52.30 -30.50 -78.15
N LYS Q 220 -52.89 -31.57 -78.69
CA LYS Q 220 -54.19 -31.43 -79.33
C LYS Q 220 -55.26 -30.95 -78.37
N THR Q 221 -55.28 -31.50 -77.15
CA THR Q 221 -56.26 -31.09 -76.17
C THR Q 221 -56.10 -29.62 -75.79
N PHE Q 222 -54.86 -29.18 -75.61
CA PHE Q 222 -54.62 -27.79 -75.25
C PHE Q 222 -55.06 -26.84 -76.35
N MET Q 223 -54.75 -27.18 -77.60
CA MET Q 223 -55.20 -26.36 -78.72
C MET Q 223 -56.72 -26.30 -78.78
N ALA Q 224 -57.38 -27.44 -78.57
CA ALA Q 224 -58.84 -27.45 -78.61
C ALA Q 224 -59.40 -26.56 -77.50
N TYR Q 225 -58.82 -26.62 -76.31
CA TYR Q 225 -59.31 -25.79 -75.22
C TYR Q 225 -59.15 -24.31 -75.53
N LEU Q 226 -58.00 -23.92 -76.08
CA LEU Q 226 -57.79 -22.52 -76.44
C LEU Q 226 -58.79 -22.07 -77.51
N ARG Q 227 -59.02 -22.92 -78.51
CA ARG Q 227 -59.95 -22.57 -79.57
C ARG Q 227 -61.36 -22.37 -79.03
N ASP Q 228 -61.80 -23.27 -78.16
CA ASP Q 228 -63.12 -23.13 -77.55
C ASP Q 228 -63.20 -21.86 -76.72
N GLY Q 229 -62.15 -21.56 -75.95
CA GLY Q 229 -62.16 -20.35 -75.15
C GLY Q 229 -62.30 -19.09 -75.98
N LEU Q 230 -61.55 -19.01 -77.08
CA LEU Q 230 -61.68 -17.83 -77.94
C LEU Q 230 -63.06 -17.77 -78.61
N THR Q 231 -63.58 -18.91 -79.07
CA THR Q 231 -64.86 -18.86 -79.77
C THR Q 231 -66.05 -18.62 -78.84
N THR Q 232 -65.90 -18.85 -77.55
CA THR Q 232 -66.96 -18.54 -76.61
C THR Q 232 -66.80 -17.17 -75.95
N ALA Q 233 -65.78 -16.42 -76.34
CA ALA Q 233 -65.48 -15.08 -75.84
C ALA Q 233 -65.13 -15.05 -74.36
N ALA Q 234 -64.84 -16.21 -73.76
CA ALA Q 234 -64.41 -16.21 -72.36
C ALA Q 234 -63.10 -15.47 -72.19
N ILE Q 235 -62.14 -15.72 -73.07
CA ILE Q 235 -60.95 -14.88 -73.14
C ILE Q 235 -61.31 -13.61 -73.91
N PRO Q 236 -61.08 -12.42 -73.35
CA PRO Q 236 -61.63 -11.21 -73.97
C PRO Q 236 -60.85 -10.71 -75.18
N SER Q 237 -59.54 -10.86 -75.19
CA SER Q 237 -58.73 -10.18 -76.20
C SER Q 237 -57.81 -11.14 -76.94
N ASP Q 238 -56.85 -10.56 -77.68
CA ASP Q 238 -55.80 -11.32 -78.35
C ASP Q 238 -54.45 -11.17 -77.68
N GLN Q 239 -54.13 -9.97 -77.17
CA GLN Q 239 -52.90 -9.81 -76.39
C GLN Q 239 -52.92 -10.70 -75.17
N ARG Q 240 -54.08 -10.89 -74.56
CA ARG Q 240 -54.18 -11.80 -73.43
C ARG Q 240 -53.97 -13.26 -73.85
N ALA Q 241 -54.42 -13.62 -75.06
CA ALA Q 241 -54.11 -14.95 -75.57
C ALA Q 241 -52.61 -15.11 -75.74
N ARG Q 242 -51.94 -14.08 -76.24
CA ARG Q 242 -50.48 -14.15 -76.36
C ARG Q 242 -49.84 -14.32 -74.98
N GLU Q 243 -50.36 -13.60 -73.98
CA GLU Q 243 -49.82 -13.71 -72.62
C GLU Q 243 -49.95 -15.12 -72.08
N VAL Q 244 -51.13 -15.72 -72.24
CA VAL Q 244 -51.34 -17.06 -71.67
C VAL Q 244 -50.51 -18.09 -72.42
N ILE Q 245 -50.39 -17.95 -73.74
CA ILE Q 245 -49.56 -18.89 -74.50
C ILE Q 245 -48.10 -18.78 -74.08
N THR Q 246 -47.60 -17.57 -73.87
CA THR Q 246 -46.24 -17.41 -73.41
C THR Q 246 -46.04 -18.01 -72.03
N GLN Q 247 -47.02 -17.84 -71.15
CA GLN Q 247 -46.84 -18.28 -69.77
C GLN Q 247 -46.91 -19.79 -69.63
N THR Q 248 -47.72 -20.46 -70.45
CA THR Q 248 -47.85 -21.92 -70.33
C THR Q 248 -46.53 -22.63 -70.59
N VAL Q 249 -45.77 -22.16 -71.58
CA VAL Q 249 -44.47 -22.75 -71.88
C VAL Q 249 -43.54 -22.62 -70.68
N ARG Q 250 -43.51 -21.46 -70.06
CA ARG Q 250 -42.66 -21.28 -68.89
C ARG Q 250 -43.09 -22.18 -67.75
N ASP Q 251 -44.40 -22.31 -67.53
CA ASP Q 251 -44.89 -23.12 -66.43
C ASP Q 251 -44.57 -24.60 -66.62
N ALA Q 252 -44.69 -25.11 -67.84
CA ALA Q 252 -44.57 -26.55 -68.05
C ALA Q 252 -43.15 -27.08 -67.94
N ILE Q 253 -42.18 -26.26 -67.57
CA ILE Q 253 -40.80 -26.74 -67.42
C ILE Q 253 -40.68 -27.62 -66.18
N GLN Q 254 -41.30 -27.23 -65.07
CA GLN Q 254 -41.10 -27.90 -63.80
C GLN Q 254 -41.92 -29.18 -63.64
N LYS Q 255 -42.79 -29.49 -64.59
CA LYS Q 255 -43.64 -30.67 -64.47
C LYS Q 255 -42.86 -31.93 -64.81
N SER Q 256 -43.56 -33.05 -64.95
CA SER Q 256 -42.93 -34.33 -65.25
C SER Q 256 -42.80 -34.56 -66.74
N GLY Q 257 -43.92 -34.57 -67.46
CA GLY Q 257 -43.90 -34.77 -68.89
C GLY Q 257 -43.77 -33.47 -69.65
N GLY Q 258 -42.84 -32.62 -69.22
CA GLY Q 258 -42.66 -31.35 -69.90
C GLY Q 258 -42.11 -31.49 -71.31
N SER Q 259 -41.09 -32.34 -71.48
CA SER Q 259 -40.44 -32.45 -72.78
C SER Q 259 -41.40 -32.99 -73.84
N ASN Q 260 -42.21 -33.99 -73.48
CA ASN Q 260 -43.15 -34.56 -74.43
C ASN Q 260 -44.15 -33.52 -74.92
N PHE Q 261 -44.76 -32.80 -73.97
CA PHE Q 261 -45.76 -31.79 -74.34
C PHE Q 261 -45.13 -30.69 -75.17
N LEU Q 262 -43.95 -30.21 -74.76
CA LEU Q 262 -43.29 -29.13 -75.49
C LEU Q 262 -42.96 -29.57 -76.91
N GLN Q 263 -42.51 -30.81 -77.08
CA GLN Q 263 -42.12 -31.26 -78.42
C GLN Q 263 -43.35 -31.52 -79.29
N GLN Q 264 -44.49 -31.88 -78.70
CA GLN Q 264 -45.65 -32.12 -79.55
C GLN Q 264 -46.47 -30.87 -79.83
N VAL Q 265 -46.29 -29.80 -79.06
CA VAL Q 265 -47.09 -28.60 -79.31
C VAL Q 265 -46.25 -27.63 -80.15
N ARG Q 266 -45.16 -28.12 -80.72
CA ARG Q 266 -44.19 -27.24 -81.35
C ARG Q 266 -44.70 -26.70 -82.69
N GLY Q 267 -45.38 -27.52 -83.48
CA GLY Q 267 -45.62 -27.16 -84.86
C GLY Q 267 -47.05 -26.90 -85.28
N GLU Q 268 -47.81 -26.16 -84.49
CA GLU Q 268 -49.20 -25.87 -84.82
C GLU Q 268 -49.41 -24.36 -84.97
N ARG Q 269 -50.36 -24.01 -85.83
CA ARG Q 269 -50.56 -22.63 -86.26
C ARG Q 269 -51.87 -22.07 -85.73
N ILE Q 270 -51.87 -20.78 -85.41
CA ILE Q 270 -53.05 -20.08 -84.94
C ILE Q 270 -53.14 -18.76 -85.69
N THR Q 271 -54.36 -18.35 -86.03
CA THR Q 271 -54.61 -17.06 -86.68
C THR Q 271 -54.87 -16.02 -85.60
N LEU Q 272 -53.95 -15.07 -85.46
CA LEU Q 272 -54.05 -14.03 -84.44
C LEU Q 272 -53.88 -12.66 -85.08
N ASN Q 273 -54.82 -11.76 -84.79
CA ASN Q 273 -54.78 -10.38 -85.29
C ASN Q 273 -54.69 -10.35 -86.82
N GLY Q 274 -55.41 -11.25 -87.47
CA GLY Q 274 -55.48 -11.28 -88.91
C GLY Q 274 -54.32 -11.95 -89.61
N VAL Q 275 -53.34 -12.46 -88.87
CA VAL Q 275 -52.18 -13.12 -89.47
C VAL Q 275 -52.02 -14.49 -88.85
N ASP Q 276 -51.50 -15.43 -89.64
CA ASP Q 276 -51.33 -16.82 -89.22
C ASP Q 276 -49.88 -17.06 -88.83
N ALA Q 277 -49.66 -17.58 -87.62
CA ALA Q 277 -48.32 -17.85 -87.14
C ALA Q 277 -48.33 -19.14 -86.32
N THR Q 278 -47.16 -19.76 -86.23
CA THR Q 278 -46.98 -20.99 -85.48
C THR Q 278 -46.57 -20.69 -84.04
N VAL Q 279 -46.74 -21.68 -83.17
CA VAL Q 279 -46.43 -21.50 -81.76
C VAL Q 279 -44.94 -21.30 -81.55
N GLU Q 280 -44.11 -21.98 -82.34
CA GLU Q 280 -42.67 -21.75 -82.25
C GLU Q 280 -42.30 -20.33 -82.66
N GLU Q 281 -42.95 -19.82 -83.72
CA GLU Q 281 -42.60 -18.49 -84.22
C GLU Q 281 -43.05 -17.38 -83.28
N ILE Q 282 -44.13 -17.60 -82.52
CA ILE Q 282 -44.59 -16.57 -81.59
C ILE Q 282 -43.54 -16.31 -80.52
N VAL Q 283 -42.91 -17.36 -80.00
CA VAL Q 283 -41.92 -17.21 -78.95
C VAL Q 283 -40.54 -16.99 -79.57
N GLY Q 284 -40.07 -17.94 -80.38
CA GLY Q 284 -38.83 -17.77 -81.09
C GLY Q 284 -37.73 -18.72 -80.66
N ASN Q 289 -35.33 -23.74 -77.83
CA ASN Q 289 -34.03 -24.38 -77.81
C ASN Q 289 -33.30 -24.15 -76.49
N ALA Q 290 -33.68 -23.12 -75.75
CA ALA Q 290 -33.18 -22.90 -74.39
C ALA Q 290 -34.13 -23.40 -73.31
N ALA Q 291 -35.27 -23.98 -73.70
CA ALA Q 291 -36.24 -24.48 -72.74
C ALA Q 291 -36.28 -26.00 -72.65
N ILE Q 292 -35.94 -26.71 -73.73
CA ILE Q 292 -35.92 -28.17 -73.68
C ILE Q 292 -34.90 -28.67 -72.66
N VAL Q 293 -33.75 -27.99 -72.58
CA VAL Q 293 -32.64 -28.43 -71.74
C VAL Q 293 -33.05 -28.49 -70.28
N GLU Q 294 -33.96 -27.63 -69.85
CA GLU Q 294 -34.35 -27.61 -68.44
C GLU Q 294 -35.15 -28.84 -68.05
N ALA Q 295 -36.09 -29.26 -68.88
CA ALA Q 295 -36.81 -30.50 -68.61
C ALA Q 295 -35.86 -31.69 -68.61
N GLN Q 296 -34.92 -31.70 -69.56
CA GLN Q 296 -33.92 -32.76 -69.55
C GLN Q 296 -33.14 -32.76 -68.23
N GLY Q 297 -32.79 -31.58 -67.73
CA GLY Q 297 -32.10 -31.50 -66.45
C GLY Q 297 -32.94 -32.03 -65.31
N THR Q 298 -34.24 -31.77 -65.34
CA THR Q 298 -35.12 -32.31 -64.29
C THR Q 298 -35.04 -33.82 -64.25
N GLU Q 299 -35.13 -34.46 -65.41
CA GLU Q 299 -35.07 -35.92 -65.44
C GLU Q 299 -33.73 -36.43 -64.93
N TYR Q 300 -32.64 -35.75 -65.32
CA TYR Q 300 -31.32 -36.16 -64.83
C TYR Q 300 -31.26 -36.07 -63.30
N LYS Q 301 -31.83 -35.02 -62.73
CA LYS Q 301 -31.84 -34.87 -61.28
C LYS Q 301 -32.56 -36.03 -60.62
N LEU Q 302 -33.70 -36.44 -61.18
CA LEU Q 302 -34.45 -37.56 -60.60
C LEU Q 302 -33.60 -38.82 -60.59
N VAL Q 303 -32.93 -39.11 -61.71
CA VAL Q 303 -32.12 -40.33 -61.78
C VAL Q 303 -30.98 -40.29 -60.76
N ALA Q 304 -30.32 -39.13 -60.63
CA ALA Q 304 -29.22 -39.03 -59.67
C ALA Q 304 -29.71 -39.27 -58.23
N LYS Q 305 -30.88 -38.73 -57.89
CA LYS Q 305 -31.41 -38.94 -56.55
C LYS Q 305 -31.68 -40.42 -56.30
N TYR Q 306 -32.25 -41.12 -57.28
CA TYR Q 306 -32.49 -42.55 -57.10
C TYR Q 306 -31.18 -43.30 -56.84
N GLN Q 307 -30.14 -42.98 -57.61
CA GLN Q 307 -28.86 -43.68 -57.43
C GLN Q 307 -28.28 -43.43 -56.04
N GLU Q 308 -28.33 -42.18 -55.58
CA GLU Q 308 -27.81 -41.89 -54.24
C GLU Q 308 -28.58 -42.65 -53.17
N ASP Q 309 -29.90 -42.73 -53.31
CA ASP Q 309 -30.70 -43.46 -52.33
C ASP Q 309 -30.29 -44.94 -52.28
N LEU Q 310 -30.08 -45.55 -53.46
CA LEU Q 310 -29.67 -46.95 -53.48
C LEU Q 310 -28.33 -47.15 -52.76
N ALA Q 311 -27.37 -46.26 -53.01
CA ALA Q 311 -26.09 -46.39 -52.34
C ALA Q 311 -26.23 -46.31 -50.83
N LEU Q 312 -27.04 -45.36 -50.34
CA LEU Q 312 -27.26 -45.25 -48.90
C LEU Q 312 -27.87 -46.51 -48.33
N GLY Q 313 -28.88 -47.06 -49.01
CA GLY Q 313 -29.53 -48.25 -48.49
C GLY Q 313 -28.59 -49.42 -48.34
N VAL Q 314 -27.78 -49.67 -49.38
CA VAL Q 314 -26.84 -50.79 -49.29
C VAL Q 314 -25.82 -50.57 -48.18
N GLN Q 315 -25.26 -49.35 -48.12
CA GLN Q 315 -24.22 -49.09 -47.12
C GLN Q 315 -24.77 -49.25 -45.71
N SER Q 316 -26.03 -48.86 -45.49
CA SER Q 316 -26.63 -49.07 -44.17
C SER Q 316 -26.84 -50.55 -43.90
N ALA Q 317 -27.30 -51.30 -44.89
CA ALA Q 317 -27.63 -52.71 -44.64
C ALA Q 317 -26.39 -53.55 -44.36
N ILE Q 318 -25.21 -53.14 -44.84
CA ILE Q 318 -24.05 -54.00 -44.65
C ILE Q 318 -23.52 -53.97 -43.21
N LEU Q 319 -23.87 -52.96 -42.42
CA LEU Q 319 -23.35 -52.82 -41.06
C LEU Q 319 -24.33 -53.22 -39.98
N GLN Q 320 -25.40 -53.93 -40.31
CA GLN Q 320 -26.35 -54.32 -39.28
C GLN Q 320 -25.74 -55.37 -38.36
N ASP Q 321 -26.24 -55.41 -37.12
CA ASP Q 321 -25.65 -56.26 -36.10
C ASP Q 321 -26.04 -57.72 -36.26
N ASP Q 322 -27.28 -57.99 -36.66
CA ASP Q 322 -27.76 -59.36 -36.81
C ASP Q 322 -27.84 -59.67 -38.30
N PRO Q 323 -26.94 -60.49 -38.84
CA PRO Q 323 -26.89 -60.68 -40.30
C PRO Q 323 -28.15 -61.29 -40.90
N THR Q 324 -28.96 -61.98 -40.10
CA THR Q 324 -30.19 -62.59 -40.60
C THR Q 324 -31.19 -61.55 -41.11
N ILE Q 325 -31.02 -60.29 -40.73
CA ILE Q 325 -31.87 -59.22 -41.22
C ILE Q 325 -31.24 -58.50 -42.41
N GLY Q 326 -29.93 -58.28 -42.36
CA GLY Q 326 -29.25 -57.69 -43.49
C GLY Q 326 -29.41 -58.53 -44.75
N LEU Q 327 -29.40 -59.86 -44.60
CA LEU Q 327 -29.61 -60.71 -45.76
C LEU Q 327 -30.96 -60.45 -46.41
N ALA Q 328 -32.01 -60.34 -45.59
CA ALA Q 328 -33.34 -60.10 -46.14
C ALA Q 328 -33.42 -58.75 -46.83
N GLN Q 329 -32.82 -57.71 -46.22
CA GLN Q 329 -32.87 -56.40 -46.84
C GLN Q 329 -32.15 -56.38 -48.18
N ILE Q 330 -30.97 -56.99 -48.26
CA ILE Q 330 -30.24 -57.02 -49.52
C ILE Q 330 -31.00 -57.81 -50.58
N GLN Q 331 -31.64 -58.92 -50.18
CA GLN Q 331 -32.41 -59.68 -51.15
C GLN Q 331 -33.56 -58.84 -51.71
N LYS Q 332 -34.25 -58.09 -50.85
CA LYS Q 332 -35.34 -57.24 -51.33
C LYS Q 332 -34.83 -56.16 -52.28
N LEU Q 333 -33.71 -55.52 -51.93
CA LEU Q 333 -33.18 -54.47 -52.80
C LEU Q 333 -32.77 -55.03 -54.16
N LYS Q 334 -32.13 -56.21 -54.17
CA LYS Q 334 -31.73 -56.81 -55.44
C LYS Q 334 -32.94 -57.16 -56.30
N GLU Q 335 -33.98 -57.72 -55.70
CA GLU Q 335 -35.19 -58.02 -56.47
C GLU Q 335 -35.79 -56.75 -57.05
N GLN Q 336 -35.90 -55.70 -56.25
CA GLN Q 336 -36.48 -54.45 -56.75
C GLN Q 336 -35.66 -53.87 -57.89
N ASN Q 337 -34.33 -53.91 -57.77
CA ASN Q 337 -33.49 -53.41 -58.85
C ASN Q 337 -33.69 -54.22 -60.13
N ASN Q 338 -33.76 -55.55 -60.01
CA ASN Q 338 -33.96 -56.35 -61.21
C ASN Q 338 -35.34 -56.12 -61.82
N LEU Q 339 -36.31 -55.66 -61.03
CA LEU Q 339 -37.63 -55.40 -61.60
C LEU Q 339 -37.59 -54.26 -62.61
N LEU Q 340 -36.79 -53.22 -62.36
CA LEU Q 340 -36.81 -52.04 -63.20
C LEU Q 340 -36.31 -52.31 -64.61
N GLN Q 341 -35.31 -53.18 -64.76
CA GLN Q 341 -34.60 -53.39 -66.01
C GLN Q 341 -34.06 -52.05 -66.50
N PRO Q 342 -33.08 -51.47 -65.82
CA PRO Q 342 -32.53 -50.18 -66.27
C PRO Q 342 -31.64 -50.36 -67.47
N GLY Q 343 -31.31 -49.23 -68.11
CA GLY Q 343 -30.45 -49.24 -69.27
C GLY Q 343 -28.99 -49.34 -68.89
N GLU Q 344 -28.16 -48.72 -69.73
CA GLU Q 344 -26.72 -48.68 -69.49
C GLU Q 344 -26.42 -47.56 -68.50
N GLU Q 345 -25.14 -47.23 -68.34
CA GLU Q 345 -24.68 -46.15 -67.47
C GLU Q 345 -25.06 -46.37 -66.01
N LEU Q 346 -25.48 -47.58 -65.65
CA LEU Q 346 -25.74 -47.95 -64.27
C LEU Q 346 -25.03 -49.24 -63.88
N THR Q 347 -24.06 -49.68 -64.69
CA THR Q 347 -23.35 -50.93 -64.39
C THR Q 347 -22.67 -50.97 -63.02
N PRO Q 348 -22.06 -49.90 -62.50
CA PRO Q 348 -21.37 -50.03 -61.20
C PRO Q 348 -22.27 -50.48 -60.06
N GLN Q 349 -23.59 -50.25 -60.14
CA GLN Q 349 -24.48 -50.67 -59.05
C GLN Q 349 -24.55 -52.19 -58.94
N ARG Q 350 -24.64 -52.88 -60.08
CA ARG Q 350 -24.85 -54.32 -60.05
C ARG Q 350 -23.69 -55.04 -59.37
N GLN Q 351 -22.46 -54.59 -59.63
CA GLN Q 351 -21.30 -55.24 -59.02
C GLN Q 351 -21.34 -55.09 -57.49
N MET Q 352 -21.66 -53.90 -57.00
CA MET Q 352 -21.70 -53.70 -55.56
C MET Q 352 -22.81 -54.52 -54.93
N LEU Q 353 -23.96 -54.63 -55.61
CA LEU Q 353 -25.04 -55.44 -55.08
C LEU Q 353 -24.63 -56.91 -54.98
N ILE Q 354 -23.99 -57.42 -56.02
CA ILE Q 354 -23.56 -58.83 -56.03
C ILE Q 354 -22.56 -59.09 -54.91
N ASN Q 355 -21.57 -58.19 -54.79
CA ASN Q 355 -20.55 -58.38 -53.75
C ASN Q 355 -21.17 -58.33 -52.36
N ALA Q 356 -22.10 -57.41 -52.14
CA ALA Q 356 -22.75 -57.33 -50.83
C ALA Q 356 -23.49 -58.60 -50.50
N GLU Q 357 -24.24 -59.15 -51.46
CA GLU Q 357 -24.98 -60.37 -51.18
C GLU Q 357 -24.03 -61.52 -50.84
N ALA Q 358 -22.95 -61.66 -51.60
CA ALA Q 358 -22.01 -62.75 -51.33
C ALA Q 358 -21.42 -62.63 -49.93
N SER Q 359 -21.00 -61.41 -49.56
CA SER Q 359 -20.38 -61.22 -48.24
C SER Q 359 -21.37 -61.52 -47.12
N LEU Q 360 -22.61 -61.06 -47.25
CA LEU Q 360 -23.58 -61.31 -46.18
C LEU Q 360 -23.87 -62.80 -46.04
N LEU Q 361 -23.99 -63.51 -47.16
CA LEU Q 361 -24.22 -64.96 -47.08
C LEU Q 361 -23.08 -65.65 -46.36
N GLU Q 362 -21.83 -65.26 -46.67
CA GLU Q 362 -20.69 -65.87 -45.99
C GLU Q 362 -20.72 -65.59 -44.49
N ALA Q 363 -21.06 -64.37 -44.08
CA ALA Q 363 -21.10 -64.06 -42.66
C ALA Q 363 -22.16 -64.89 -41.93
N VAL Q 364 -23.34 -65.01 -42.53
CA VAL Q 364 -24.38 -65.83 -41.91
C VAL Q 364 -23.91 -67.27 -41.78
N LYS Q 365 -23.20 -67.77 -42.78
CA LYS Q 365 -22.66 -69.13 -42.68
C LYS Q 365 -21.68 -69.25 -41.53
N ARG Q 366 -20.81 -68.24 -41.36
CA ARG Q 366 -19.69 -68.36 -40.43
C ARG Q 366 -20.05 -68.06 -38.97
N LYS Q 367 -21.23 -67.49 -38.71
CA LYS Q 367 -21.60 -67.13 -37.33
C LYS Q 367 -21.57 -68.33 -36.37
N SER Q 368 -21.88 -69.53 -36.86
CA SER Q 368 -22.25 -70.64 -35.97
C SER Q 368 -21.08 -71.10 -35.09
N ALA Q 369 -19.88 -71.21 -35.67
CA ALA Q 369 -18.75 -71.73 -34.89
C ALA Q 369 -18.42 -70.79 -33.73
N GLU Q 370 -18.40 -69.49 -33.98
CA GLU Q 370 -18.14 -68.55 -32.90
C GLU Q 370 -19.25 -68.58 -31.87
N GLN Q 371 -20.50 -68.77 -32.30
CA GLN Q 371 -21.57 -68.92 -31.32
C GLN Q 371 -21.33 -70.13 -30.42
N ALA Q 372 -20.90 -71.25 -31.00
CA ALA Q 372 -20.65 -72.44 -30.19
C ALA Q 372 -19.49 -72.22 -29.21
N LYS Q 373 -18.43 -71.54 -29.66
CA LYS Q 373 -17.32 -71.25 -28.75
C LYS Q 373 -17.76 -70.39 -27.58
N GLU Q 374 -18.58 -69.37 -27.87
CA GLU Q 374 -19.11 -68.54 -26.80
C GLU Q 374 -20.00 -69.34 -25.86
N ASN Q 375 -20.73 -70.32 -26.39
CA ASN Q 375 -21.51 -71.20 -25.53
C ASN Q 375 -20.60 -71.99 -24.58
N THR Q 376 -19.48 -72.50 -25.10
CA THR Q 376 -18.64 -73.37 -24.28
C THR Q 376 -17.90 -72.59 -23.19
N LYS Q 377 -17.54 -71.33 -23.45
CA LYS Q 377 -16.73 -70.59 -22.49
C LYS Q 377 -17.39 -70.42 -21.13
N LEU Q 378 -18.72 -70.51 -21.06
CA LEU Q 378 -19.45 -70.20 -19.83
C LEU Q 378 -19.08 -71.16 -18.70
N ILE Q 379 -18.99 -72.45 -19.00
CA ILE Q 379 -18.63 -73.42 -17.97
C ILE Q 379 -17.18 -73.26 -17.56
N GLN Q 380 -16.31 -72.96 -18.53
CA GLN Q 380 -14.89 -72.89 -18.25
C GLN Q 380 -14.56 -71.76 -17.29
N THR Q 381 -15.21 -70.60 -17.43
CA THR Q 381 -14.86 -69.51 -16.51
C THR Q 381 -15.20 -69.88 -15.06
N GLN Q 382 -16.37 -70.49 -14.85
CA GLN Q 382 -16.76 -70.86 -13.49
C GLN Q 382 -15.83 -71.92 -12.93
N ASN Q 383 -15.49 -72.94 -13.72
CA ASN Q 383 -14.58 -73.96 -13.24
C ASN Q 383 -13.15 -73.45 -13.13
N LYS Q 384 -12.86 -72.29 -13.71
CA LYS Q 384 -11.51 -71.73 -13.65
C LYS Q 384 -11.30 -70.86 -12.41
N GLN Q 385 -12.35 -70.21 -11.92
CA GLN Q 385 -12.17 -69.29 -10.79
C GLN Q 385 -11.72 -70.01 -9.51
N LEU Q 386 -11.97 -71.31 -9.39
CA LEU Q 386 -11.78 -71.99 -8.12
C LEU Q 386 -10.31 -72.17 -7.76
N VAL Q 387 -9.44 -72.38 -8.74
CA VAL Q 387 -8.01 -72.51 -8.46
C VAL Q 387 -7.46 -71.21 -7.84
N ILE Q 388 -7.82 -70.09 -8.46
CA ILE Q 388 -7.40 -68.79 -7.94
C ILE Q 388 -7.99 -68.57 -6.55
N ASP Q 389 -9.21 -69.06 -6.31
CA ASP Q 389 -9.76 -68.96 -4.96
C ASP Q 389 -8.90 -69.73 -3.95
N GLN Q 390 -8.52 -70.96 -4.29
CA GLN Q 390 -7.77 -71.79 -3.35
C GLN Q 390 -6.43 -71.16 -3.02
N VAL Q 391 -5.78 -70.56 -4.02
CA VAL Q 391 -4.45 -69.97 -3.74
C VAL Q 391 -4.53 -68.93 -2.64
N TYR Q 392 -5.51 -68.03 -2.71
CA TYR Q 392 -5.63 -67.01 -1.68
C TYR Q 392 -6.16 -67.55 -0.36
N GLN Q 393 -7.03 -68.55 -0.41
CA GLN Q 393 -7.52 -69.17 0.82
C GLN Q 393 -6.36 -69.77 1.60
N ARG Q 394 -5.35 -70.28 0.89
CA ARG Q 394 -4.12 -70.71 1.55
C ARG Q 394 -3.22 -69.55 1.95
N ARG Q 395 -3.19 -68.46 1.19
CA ARG Q 395 -2.33 -67.34 1.55
C ARG Q 395 -2.74 -66.69 2.87
N LEU Q 396 -4.04 -66.50 3.10
CA LEU Q 396 -4.37 -65.64 4.25
C LEU Q 396 -4.33 -66.44 5.55
N ALA Q 397 -3.57 -67.52 5.58
CA ALA Q 397 -3.36 -68.26 6.82
C ALA Q 397 -1.88 -68.54 7.03
N GLY Q 398 -1.02 -67.60 6.62
CA GLY Q 398 0.40 -67.70 6.85
C GLY Q 398 1.15 -68.64 5.94
N ASP Q 399 1.20 -68.31 4.65
CA ASP Q 399 1.93 -69.12 3.67
C ASP Q 399 2.37 -68.28 2.48
N ASN Q 400 3.42 -68.72 1.79
CA ASN Q 400 3.87 -68.08 0.55
C ASN Q 400 3.56 -69.03 -0.60
N VAL Q 401 2.75 -68.57 -1.55
CA VAL Q 401 2.29 -69.40 -2.65
C VAL Q 401 2.69 -68.81 -4.01
N SER Q 402 3.31 -67.62 -4.02
CA SER Q 402 3.88 -67.06 -5.24
C SER Q 402 2.84 -66.88 -6.34
N THR Q 403 1.92 -65.93 -6.15
CA THR Q 403 0.77 -65.75 -7.00
C THR Q 403 1.11 -65.17 -8.38
N ASN Q 404 1.94 -65.87 -9.15
CA ASN Q 404 2.03 -65.58 -10.57
C ASN Q 404 0.83 -66.18 -11.29
N TYR Q 405 0.61 -65.75 -12.53
CA TYR Q 405 -0.47 -66.33 -13.32
C TYR Q 405 0.02 -67.27 -14.40
N GLU Q 406 1.33 -67.45 -14.54
CA GLU Q 406 1.89 -68.50 -15.38
C GLU Q 406 2.33 -69.71 -14.57
N ASP Q 407 2.06 -69.72 -13.27
CA ASP Q 407 2.45 -70.80 -12.37
C ASP Q 407 1.23 -71.45 -11.75
N LEU Q 408 0.21 -71.68 -12.55
CA LEU Q 408 -1.02 -72.29 -12.05
C LEU Q 408 -1.20 -73.67 -12.66
N PRO Q 409 -1.88 -74.58 -11.95
CA PRO Q 409 -2.05 -75.95 -12.47
C PRO Q 409 -3.00 -75.97 -13.66
N VAL Q 410 -2.54 -76.51 -14.78
CA VAL Q 410 -3.33 -76.57 -15.99
C VAL Q 410 -4.05 -77.91 -16.06
N SER Q 411 -5.13 -77.95 -16.84
CA SER Q 411 -5.96 -79.13 -16.98
C SER Q 411 -6.77 -78.99 -18.25
N GLU Q 412 -7.75 -79.88 -18.43
CA GLU Q 412 -8.63 -79.84 -19.59
C GLU Q 412 -9.99 -79.22 -19.28
N ALA Q 413 -10.33 -79.04 -18.00
CA ALA Q 413 -11.56 -78.36 -17.63
C ALA Q 413 -11.37 -76.87 -17.42
N THR Q 414 -10.14 -76.36 -17.56
CA THR Q 414 -9.87 -74.94 -17.41
C THR Q 414 -9.34 -74.32 -18.69
N GLY Q 415 -8.22 -74.81 -19.23
CA GLY Q 415 -7.63 -74.21 -20.40
C GLY Q 415 -6.31 -73.50 -20.15
N GLU Q 416 -6.22 -72.23 -20.52
CA GLU Q 416 -5.02 -71.43 -20.34
C GLU Q 416 -5.35 -70.16 -19.57
N PHE Q 417 -4.32 -69.53 -19.01
CA PHE Q 417 -4.48 -68.37 -18.14
C PHE Q 417 -3.81 -67.15 -18.76
N LYS Q 418 -4.53 -66.04 -18.79
CA LYS Q 418 -4.02 -64.76 -19.24
C LYS Q 418 -4.12 -63.75 -18.10
N ARG Q 419 -3.72 -62.51 -18.37
CA ARG Q 419 -3.67 -61.51 -17.30
C ARG Q 419 -5.06 -61.10 -16.85
N SER Q 420 -6.03 -61.04 -17.77
CA SER Q 420 -7.37 -60.57 -17.41
C SER Q 420 -8.09 -61.52 -16.47
N ASP Q 421 -7.69 -62.80 -16.47
CA ASP Q 421 -8.28 -63.75 -15.53
C ASP Q 421 -7.91 -63.41 -14.09
N MET Q 422 -6.77 -62.76 -13.89
CA MET Q 422 -6.35 -62.28 -12.59
C MET Q 422 -6.95 -60.92 -12.25
N ASN Q 423 -7.74 -60.33 -13.15
CA ASN Q 423 -8.39 -59.06 -12.91
C ASN Q 423 -9.89 -59.17 -12.75
N ASN Q 424 -10.53 -60.14 -13.40
CA ASN Q 424 -11.94 -60.38 -13.17
C ASN Q 424 -12.21 -61.06 -11.83
N TYR Q 425 -11.24 -61.81 -11.31
CA TYR Q 425 -11.44 -62.51 -10.05
C TYR Q 425 -11.67 -61.55 -8.90
N ALA Q 426 -10.93 -60.44 -8.87
CA ALA Q 426 -11.09 -59.48 -7.78
C ALA Q 426 -12.48 -58.88 -7.77
N SER Q 427 -12.99 -58.48 -8.94
CA SER Q 427 -14.34 -57.96 -9.02
C SER Q 427 -15.37 -59.00 -8.63
N ALA Q 428 -15.18 -60.24 -9.07
CA ALA Q 428 -16.11 -61.30 -8.70
C ALA Q 428 -16.15 -61.52 -7.20
N LYS Q 429 -14.98 -61.53 -6.55
CA LYS Q 429 -14.94 -61.73 -5.11
C LYS Q 429 -15.57 -60.56 -4.36
N LEU Q 430 -15.26 -59.33 -4.77
CA LEU Q 430 -15.82 -58.17 -4.09
C LEU Q 430 -17.32 -58.09 -4.26
N GLN Q 431 -17.84 -58.58 -5.38
CA GLN Q 431 -19.29 -58.64 -5.53
C GLN Q 431 -19.90 -59.80 -4.74
N GLN Q 432 -19.18 -60.90 -4.60
CA GLN Q 432 -19.71 -62.03 -3.84
C GLN Q 432 -19.82 -61.67 -2.35
N ILE Q 433 -18.83 -60.97 -1.81
CA ILE Q 433 -18.82 -60.69 -0.37
C ILE Q 433 -20.04 -59.88 0.02
N ASP Q 434 -20.41 -58.89 -0.79
CA ASP Q 434 -21.57 -58.05 -0.45
C ASP Q 434 -22.90 -58.76 -0.66
N GLN Q 435 -22.93 -60.07 -0.87
CA GLN Q 435 -24.17 -60.81 -1.00
C GLN Q 435 -24.40 -61.80 0.13
N MET Q 436 -23.49 -61.86 1.11
CA MET Q 436 -23.58 -62.84 2.17
C MET Q 436 -24.66 -62.44 3.18
N ASP Q 437 -24.76 -63.19 4.27
CA ASP Q 437 -25.83 -62.97 5.25
C ASP Q 437 -25.25 -62.66 6.63
N ILE Q 438 -24.29 -61.74 6.68
CA ILE Q 438 -23.61 -61.40 7.93
C ILE Q 438 -23.65 -59.89 8.10
N PRO Q 439 -23.51 -59.40 9.33
CA PRO Q 439 -23.54 -57.95 9.56
C PRO Q 439 -22.40 -57.22 8.84
N GLU Q 440 -22.49 -55.89 8.85
CA GLU Q 440 -21.57 -55.06 8.08
C GLU Q 440 -20.15 -55.10 8.62
N ALA Q 441 -19.99 -55.24 9.95
CA ALA Q 441 -18.66 -55.27 10.52
C ALA Q 441 -17.85 -56.43 9.97
N ALA Q 442 -18.48 -57.60 9.84
CA ALA Q 442 -17.80 -58.75 9.27
C ALA Q 442 -17.40 -58.50 7.82
N LYS Q 443 -18.29 -57.86 7.05
CA LYS Q 443 -17.98 -57.58 5.65
C LYS Q 443 -16.76 -56.68 5.54
N ASP Q 444 -16.73 -55.59 6.31
CA ASP Q 444 -15.58 -54.69 6.25
C ASP Q 444 -14.31 -55.37 6.70
N ALA Q 445 -14.38 -56.15 7.78
CA ALA Q 445 -13.20 -56.84 8.26
C ALA Q 445 -12.66 -57.80 7.20
N GLN Q 446 -13.56 -58.54 6.53
CA GLN Q 446 -13.11 -59.49 5.52
C GLN Q 446 -12.50 -58.80 4.32
N LYS Q 447 -13.10 -57.69 3.87
CA LYS Q 447 -12.53 -56.96 2.73
C LYS Q 447 -11.14 -56.45 3.03
N VAL Q 448 -10.96 -55.83 4.20
CA VAL Q 448 -9.64 -55.32 4.54
C VAL Q 448 -8.64 -56.45 4.73
N ALA Q 449 -9.09 -57.57 5.30
CA ALA Q 449 -8.21 -58.72 5.46
C ALA Q 449 -7.73 -59.24 4.11
N LEU Q 450 -8.63 -59.30 3.13
CA LEU Q 450 -8.24 -59.73 1.79
C LEU Q 450 -7.24 -58.76 1.18
N LEU Q 451 -7.44 -57.46 1.39
CA LEU Q 451 -6.45 -56.49 0.89
C LEU Q 451 -5.09 -56.70 1.55
N ARG Q 452 -5.07 -56.98 2.85
CA ARG Q 452 -3.82 -57.01 3.61
C ARG Q 452 -2.95 -58.22 3.28
N ALA Q 453 -3.50 -59.25 2.68
CA ALA Q 453 -2.75 -60.47 2.38
C ALA Q 453 -2.13 -60.46 0.99
N ASP Q 454 -2.44 -59.45 0.18
CA ASP Q 454 -1.98 -59.41 -1.21
C ASP Q 454 -0.51 -59.03 -1.27
N THR Q 455 0.12 -59.43 -2.37
CA THR Q 455 1.48 -58.99 -2.68
C THR Q 455 1.40 -57.66 -3.42
N ASN Q 456 2.52 -57.21 -3.97
CA ASN Q 456 2.55 -55.91 -4.64
C ASN Q 456 2.03 -55.95 -6.07
N ASN Q 457 1.70 -57.12 -6.60
CA ASN Q 457 1.25 -57.25 -7.98
C ASN Q 457 -0.19 -57.75 -8.10
N GLY Q 458 -0.93 -57.80 -7.01
CA GLY Q 458 -2.27 -58.32 -7.05
C GLY Q 458 -3.25 -57.32 -7.61
N PRO Q 459 -4.48 -57.80 -7.84
CA PRO Q 459 -5.52 -56.89 -8.35
C PRO Q 459 -6.21 -56.06 -7.28
N PHE Q 460 -6.20 -56.50 -6.01
CA PHE Q 460 -6.91 -55.78 -4.98
C PHE Q 460 -6.35 -54.38 -4.78
N ARG Q 461 -5.03 -54.24 -4.86
CA ARG Q 461 -4.43 -52.92 -4.70
C ARG Q 461 -4.89 -51.97 -5.80
N ASN Q 462 -4.96 -52.45 -7.04
CA ASN Q 462 -5.45 -51.61 -8.12
C ASN Q 462 -6.90 -51.22 -7.89
N ALA Q 463 -7.74 -52.17 -7.46
CA ALA Q 463 -9.14 -51.85 -7.24
C ALA Q 463 -9.28 -50.75 -6.19
N PHE Q 464 -8.53 -50.87 -5.09
CA PHE Q 464 -8.65 -49.86 -4.05
C PHE Q 464 -8.05 -48.53 -4.47
N GLN Q 465 -7.02 -48.55 -5.33
CA GLN Q 465 -6.49 -47.30 -5.87
C GLN Q 465 -7.55 -46.56 -6.66
N THR Q 466 -8.24 -47.27 -7.54
CA THR Q 466 -9.30 -46.65 -8.33
C THR Q 466 -10.40 -46.09 -7.43
N LEU Q 467 -10.82 -46.87 -6.44
CA LEU Q 467 -11.86 -46.41 -5.53
C LEU Q 467 -11.44 -45.14 -4.81
N THR Q 468 -10.19 -45.10 -4.34
CA THR Q 468 -9.71 -43.96 -3.57
C THR Q 468 -9.72 -42.69 -4.43
N GLN Q 469 -9.24 -42.80 -5.67
CA GLN Q 469 -9.22 -41.63 -6.54
C GLN Q 469 -10.62 -41.14 -6.85
N ASP Q 470 -11.56 -42.06 -7.09
CA ASP Q 470 -12.94 -41.65 -7.34
C ASP Q 470 -13.52 -40.89 -6.15
N ALA Q 471 -13.26 -41.38 -4.93
CA ALA Q 471 -13.79 -40.71 -3.75
C ALA Q 471 -13.25 -39.29 -3.62
N ALA Q 472 -11.94 -39.13 -3.86
CA ALA Q 472 -11.36 -37.78 -3.78
C ALA Q 472 -12.00 -36.84 -4.78
N GLY Q 473 -12.19 -37.31 -6.02
CA GLY Q 473 -12.82 -36.48 -7.03
C GLY Q 473 -14.23 -36.05 -6.64
N GLU Q 474 -15.00 -37.00 -6.08
CA GLU Q 474 -16.37 -36.67 -5.69
C GLU Q 474 -16.39 -35.61 -4.60
N TRP Q 475 -15.47 -35.70 -3.64
CA TRP Q 475 -15.43 -34.68 -2.58
C TRP Q 475 -15.11 -33.30 -3.16
N GLN Q 476 -14.15 -33.24 -4.10
CA GLN Q 476 -13.80 -31.94 -4.67
C GLN Q 476 -14.98 -31.32 -5.42
N ALA Q 477 -15.70 -32.14 -6.20
CA ALA Q 477 -16.86 -31.62 -6.90
C ALA Q 477 -17.92 -31.13 -5.92
N ALA Q 478 -18.10 -31.84 -4.80
CA ALA Q 478 -19.06 -31.41 -3.79
C ALA Q 478 -18.68 -30.06 -3.20
N VAL Q 479 -17.38 -29.83 -2.98
CA VAL Q 479 -16.96 -28.52 -2.49
C VAL Q 479 -17.31 -27.44 -3.51
N ILE Q 480 -16.99 -27.69 -4.80
CA ILE Q 480 -17.21 -26.67 -5.81
C ILE Q 480 -18.68 -26.33 -5.95
N ARG Q 481 -19.54 -27.35 -5.95
CA ARG Q 481 -20.98 -27.08 -6.10
C ARG Q 481 -21.52 -26.26 -4.95
N GLY Q 482 -21.09 -26.54 -3.73
CA GLY Q 482 -21.51 -25.78 -2.57
C GLY Q 482 -22.63 -26.40 -1.75
N GLN Q 483 -23.09 -27.60 -2.10
CA GLN Q 483 -24.18 -28.25 -1.40
C GLN Q 483 -23.88 -29.74 -1.28
N TYR Q 484 -24.48 -30.38 -0.27
CA TYR Q 484 -24.28 -31.79 -0.01
C TYR Q 484 -25.51 -32.56 -0.48
N ASP Q 485 -25.34 -33.35 -1.54
CA ASP Q 485 -26.43 -34.11 -2.13
C ASP Q 485 -26.26 -35.59 -1.83
N PRO Q 486 -27.17 -36.23 -1.10
CA PRO Q 486 -26.96 -37.60 -0.65
C PRO Q 486 -27.10 -38.67 -1.73
N ASP Q 487 -27.51 -38.30 -2.94
CA ASP Q 487 -27.70 -39.29 -4.01
C ASP Q 487 -26.57 -39.31 -5.03
N LYS Q 488 -25.66 -38.34 -4.97
CA LYS Q 488 -24.50 -38.35 -5.85
C LYS Q 488 -23.21 -38.67 -5.12
N MET Q 489 -23.21 -38.59 -3.78
CA MET Q 489 -22.05 -38.93 -2.97
C MET Q 489 -22.22 -40.40 -2.59
N GLN Q 490 -21.80 -41.30 -3.47
CA GLN Q 490 -21.97 -42.72 -3.24
C GLN Q 490 -20.68 -43.52 -3.15
N ARG Q 491 -19.61 -43.07 -3.81
CA ARG Q 491 -18.31 -43.70 -3.64
C ARG Q 491 -17.51 -43.08 -2.51
N PHE Q 492 -18.01 -41.98 -1.93
CA PHE Q 492 -17.40 -41.37 -0.76
C PHE Q 492 -17.79 -42.07 0.53
N GLU Q 493 -18.77 -42.96 0.48
CA GLU Q 493 -19.29 -43.61 1.67
C GLU Q 493 -18.76 -45.04 1.85
N SER Q 494 -18.59 -45.79 0.76
CA SER Q 494 -18.08 -47.15 0.89
C SER Q 494 -16.65 -47.16 1.42
N LEU Q 495 -15.81 -46.26 0.92
CA LEU Q 495 -14.45 -46.17 1.41
C LEU Q 495 -14.43 -45.75 2.87
N ARG Q 496 -15.32 -44.83 3.25
CA ARG Q 496 -15.40 -44.42 4.65
C ARG Q 496 -15.80 -45.58 5.54
N ARG Q 497 -16.74 -46.40 5.07
CA ARG Q 497 -17.15 -47.57 5.84
C ARG Q 497 -16.01 -48.57 5.99
N ALA Q 498 -15.23 -48.77 4.94
CA ALA Q 498 -14.13 -49.72 5.02
C ALA Q 498 -12.89 -49.15 5.68
N TYR Q 499 -12.86 -47.85 5.97
CA TYR Q 499 -11.68 -47.22 6.56
C TYR Q 499 -11.66 -47.29 8.08
N THR Q 500 -12.81 -47.46 8.73
CA THR Q 500 -12.85 -47.45 10.19
C THR Q 500 -12.07 -48.62 10.78
N GLN Q 501 -12.17 -49.80 10.16
CA GLN Q 501 -11.62 -51.00 10.77
C GLN Q 501 -10.10 -51.02 10.80
N ASP Q 502 -9.41 -50.24 9.96
CA ASP Q 502 -7.96 -50.16 9.99
C ASP Q 502 -7.51 -48.83 9.40
N PRO Q 503 -7.22 -47.85 10.24
CA PRO Q 503 -6.82 -46.52 9.74
C PRO Q 503 -5.32 -46.27 9.65
N SER Q 504 -4.48 -47.28 9.81
CA SER Q 504 -3.03 -47.10 9.66
C SER Q 504 -2.46 -47.75 8.42
N SER Q 505 -2.97 -48.90 8.01
CA SER Q 505 -2.51 -49.50 6.76
C SER Q 505 -2.87 -48.62 5.58
N PHE Q 506 -4.05 -47.99 5.62
CA PHE Q 506 -4.42 -47.06 4.56
C PHE Q 506 -3.43 -45.91 4.46
N ALA Q 507 -3.01 -45.37 5.60
CA ALA Q 507 -2.07 -44.26 5.61
C ALA Q 507 -0.64 -44.68 5.33
N ALA Q 508 -0.33 -45.98 5.41
CA ALA Q 508 0.98 -46.45 5.05
C ALA Q 508 1.07 -46.93 3.61
N LEU Q 509 -0.07 -47.22 2.96
CA LEU Q 509 -0.05 -47.76 1.61
C LEU Q 509 -0.27 -46.69 0.54
N TYR Q 510 -1.08 -45.68 0.83
CA TYR Q 510 -1.41 -44.61 -0.11
C TYR Q 510 -1.08 -43.27 0.56
N PRO Q 511 0.20 -42.91 0.60
CA PRO Q 511 0.58 -41.68 1.31
C PRO Q 511 0.33 -40.41 0.54
N ASP Q 512 -0.08 -40.49 -0.71
CA ASP Q 512 -0.24 -39.31 -1.56
C ASP Q 512 -1.62 -38.67 -1.42
N GLN Q 513 -2.52 -39.26 -0.64
CA GLN Q 513 -3.87 -38.72 -0.49
C GLN Q 513 -4.28 -38.71 0.97
N ALA Q 514 -3.41 -38.16 1.82
CA ALA Q 514 -3.71 -38.03 3.25
C ALA Q 514 -4.73 -36.96 3.55
N GLN Q 515 -5.16 -36.17 2.56
CA GLN Q 515 -6.14 -35.13 2.81
C GLN Q 515 -7.51 -35.72 3.17
N LEU Q 516 -7.93 -36.76 2.47
CA LEU Q 516 -9.24 -37.36 2.72
C LEU Q 516 -9.34 -37.96 4.11
N PHE Q 517 -8.25 -38.53 4.61
CA PHE Q 517 -8.28 -39.16 5.92
C PHE Q 517 -8.50 -38.13 7.02
N SER Q 518 -8.05 -36.89 6.81
CA SER Q 518 -8.35 -35.82 7.76
C SER Q 518 -9.85 -35.57 7.84
N THR Q 519 -10.52 -35.52 6.68
CA THR Q 519 -11.97 -35.34 6.66
C THR Q 519 -12.67 -36.49 7.37
N PHE Q 520 -12.21 -37.72 7.10
CA PHE Q 520 -12.81 -38.89 7.74
C PHE Q 520 -12.66 -38.82 9.25
N ASP Q 521 -11.47 -38.46 9.74
CA ASP Q 521 -11.25 -38.36 11.18
C ASP Q 521 -12.13 -37.28 11.79
N GLN Q 522 -12.24 -36.12 11.14
CA GLN Q 522 -13.06 -35.05 11.70
C GLN Q 522 -14.53 -35.43 11.72
N MET Q 523 -14.98 -36.25 10.77
CA MET Q 523 -16.37 -36.69 10.80
C MET Q 523 -16.62 -37.77 11.84
N ASP Q 524 -15.66 -38.66 12.07
CA ASP Q 524 -15.91 -39.77 13.00
C ASP Q 524 -15.59 -39.40 14.45
N LYS Q 525 -14.35 -38.99 14.73
CA LYS Q 525 -13.91 -38.86 16.12
C LYS Q 525 -14.49 -37.61 16.79
N ILE Q 526 -14.36 -36.45 16.15
CA ILE Q 526 -14.77 -35.20 16.79
C ILE Q 526 -16.29 -35.09 16.82
N GLY Q 527 -16.92 -35.06 15.66
CA GLY Q 527 -18.37 -35.09 15.60
C GLY Q 527 -19.04 -34.06 14.73
N LEU Q 528 -18.29 -33.39 13.84
CA LEU Q 528 -18.89 -32.38 12.99
C LEU Q 528 -19.81 -33.01 11.95
N ASP Q 529 -20.84 -32.26 11.58
CA ASP Q 529 -21.70 -32.65 10.48
C ASP Q 529 -21.03 -32.39 9.14
N PRO Q 530 -21.38 -33.13 8.10
CA PRO Q 530 -20.70 -32.96 6.81
C PRO Q 530 -21.20 -31.78 5.99
N GLN Q 531 -22.02 -30.89 6.55
CA GLN Q 531 -22.46 -29.70 5.85
C GLN Q 531 -21.77 -28.43 6.32
N THR Q 532 -21.32 -28.37 7.57
CA THR Q 532 -20.62 -27.20 8.08
C THR Q 532 -19.16 -27.14 7.64
N MET Q 533 -18.67 -28.18 6.97
CA MET Q 533 -17.30 -28.19 6.47
C MET Q 533 -17.20 -27.59 5.07
N ILE Q 534 -18.23 -27.79 4.25
CA ILE Q 534 -18.21 -27.26 2.89
C ILE Q 534 -18.14 -25.74 2.90
N GLU Q 535 -18.93 -25.11 3.77
CA GLU Q 535 -18.94 -23.66 3.84
C GLU Q 535 -17.59 -23.13 4.32
N ALA Q 536 -16.98 -23.78 5.31
CA ALA Q 536 -15.67 -23.35 5.78
C ALA Q 536 -14.62 -23.49 4.69
N ASP Q 537 -14.65 -24.61 3.96
CA ASP Q 537 -13.71 -24.80 2.85
C ASP Q 537 -13.89 -23.74 1.78
N LYS Q 538 -15.14 -23.40 1.46
CA LYS Q 538 -15.40 -22.38 0.46
C LYS Q 538 -14.88 -21.02 0.91
N GLN Q 539 -15.15 -20.65 2.16
CA GLN Q 539 -14.73 -19.35 2.66
C GLN Q 539 -13.23 -19.26 2.88
N ALA Q 540 -12.54 -20.39 3.02
CA ALA Q 540 -11.09 -20.35 3.19
C ALA Q 540 -10.36 -20.02 1.91
N ALA Q 541 -10.99 -20.24 0.75
CA ALA Q 541 -10.29 -20.03 -0.52
C ALA Q 541 -10.04 -18.56 -0.82
N SER Q 542 -10.93 -17.68 -0.37
CA SER Q 542 -10.79 -16.25 -0.66
C SER Q 542 -9.49 -15.70 -0.06
N GLN Q 543 -9.38 -15.74 1.26
CA GLN Q 543 -8.17 -15.25 1.94
C GLN Q 543 -7.14 -16.37 1.92
N SER Q 544 -6.31 -16.42 0.89
CA SER Q 544 -5.26 -17.41 0.83
C SER Q 544 -4.23 -17.12 1.91
N ARG Q 545 -3.90 -18.15 2.70
CA ARG Q 545 -2.99 -17.94 3.82
C ARG Q 545 -1.63 -17.49 3.35
N GLU Q 546 -0.88 -18.41 2.73
CA GLU Q 546 0.42 -18.09 2.14
C GLU Q 546 1.34 -17.31 3.07
N MET Q 547 1.49 -17.76 4.32
CA MET Q 547 2.49 -17.17 5.20
C MET Q 547 3.84 -17.89 5.13
N ARG Q 548 4.19 -18.43 3.96
CA ARG Q 548 5.48 -19.10 3.73
C ARG Q 548 5.55 -20.31 4.67
N MET Q 549 6.73 -20.62 5.20
CA MET Q 549 7.06 -21.72 6.10
C MET Q 549 6.70 -23.10 5.56
N GLU Q 550 6.42 -23.22 4.26
CA GLU Q 550 6.36 -24.52 3.58
C GLU Q 550 7.48 -24.56 2.55
N SER Q 551 8.68 -24.94 3.00
CA SER Q 551 9.83 -24.99 2.11
C SER Q 551 10.73 -26.20 2.36
N ASP Q 552 10.28 -27.18 3.15
CA ASP Q 552 11.01 -28.40 3.46
C ASP Q 552 12.20 -28.12 4.39
N LYS Q 553 12.50 -26.84 4.62
CA LYS Q 553 13.47 -26.50 5.64
C LYS Q 553 12.78 -26.37 7.00
N ALA Q 554 11.56 -25.84 7.01
CA ALA Q 554 10.83 -25.65 8.27
C ALA Q 554 10.44 -26.97 8.91
N TRP Q 555 10.34 -28.05 8.13
CA TRP Q 555 9.91 -29.33 8.71
C TRP Q 555 11.03 -29.93 9.55
N GLN Q 556 12.27 -29.85 9.07
CA GLN Q 556 13.39 -30.30 9.89
C GLN Q 556 13.50 -29.48 11.17
N GLU Q 557 13.28 -28.17 11.07
CA GLU Q 557 13.21 -27.35 12.27
C GLU Q 557 12.05 -27.78 13.16
N LEU Q 558 10.89 -28.03 12.57
CA LEU Q 558 9.71 -28.38 13.34
C LEU Q 558 9.87 -29.71 14.07
N LYS Q 559 10.70 -30.61 13.56
CA LYS Q 559 10.92 -31.88 14.25
C LYS Q 559 12.07 -31.82 15.26
N ASN Q 560 12.96 -30.87 15.13
CA ASN Q 560 14.08 -30.86 16.04
C ASN Q 560 13.82 -30.06 17.29
N ASP Q 561 12.70 -29.37 17.37
CA ASP Q 561 12.45 -28.51 18.52
C ASP Q 561 12.39 -29.21 19.85
N SER Q 562 12.92 -28.56 20.87
CA SER Q 562 12.93 -29.11 22.21
C SER Q 562 11.55 -29.30 22.80
N ARG Q 563 10.69 -28.35 22.54
CA ARG Q 563 9.34 -28.42 23.06
C ARG Q 563 8.52 -29.58 22.53
N ASN Q 564 8.63 -29.88 21.25
CA ASN Q 564 7.90 -30.99 20.66
C ASN Q 564 8.57 -32.33 20.96
N LYS Q 565 7.98 -33.14 21.83
CA LYS Q 565 8.59 -34.40 22.23
C LYS Q 565 8.04 -35.60 21.48
N ASP Q 566 6.76 -35.57 21.09
CA ASP Q 566 6.19 -36.68 20.35
C ASP Q 566 6.66 -36.70 18.90
N LEU Q 567 7.01 -35.55 18.35
CA LEU Q 567 7.43 -35.45 16.96
C LEU Q 567 8.90 -35.83 16.75
N SER Q 568 9.69 -35.90 17.80
CA SER Q 568 11.08 -36.33 17.64
C SER Q 568 11.22 -37.82 17.45
N ARG Q 569 10.34 -38.61 18.09
CA ARG Q 569 10.34 -40.06 17.96
C ARG Q 569 9.27 -40.45 16.95
N LEU Q 570 9.67 -40.66 15.70
CA LEU Q 570 8.73 -40.89 14.62
C LEU Q 570 9.19 -42.05 13.76
N PRO Q 571 8.33 -43.03 13.46
CA PRO Q 571 8.71 -44.09 12.53
C PRO Q 571 8.85 -43.54 11.12
N THR Q 572 9.77 -44.14 10.36
CA THR Q 572 10.01 -43.67 9.01
C THR Q 572 8.88 -44.02 8.05
N SER Q 573 8.04 -44.99 8.41
CA SER Q 573 6.94 -45.38 7.53
C SER Q 573 5.87 -44.31 7.48
N LEU Q 574 5.47 -43.78 8.65
CA LEU Q 574 4.43 -42.76 8.72
C LEU Q 574 4.98 -41.35 8.56
N ASP Q 575 6.17 -41.20 7.99
CA ASP Q 575 6.80 -39.90 7.90
C ASP Q 575 6.23 -39.02 6.79
N ALA Q 576 5.57 -39.61 5.80
CA ALA Q 576 5.08 -38.85 4.65
C ALA Q 576 3.62 -38.46 4.76
N SER Q 577 2.93 -38.81 5.85
CA SER Q 577 1.57 -38.37 6.08
C SER Q 577 1.48 -37.21 7.05
N ALA Q 578 2.46 -37.06 7.94
CA ALA Q 578 2.50 -35.92 8.83
C ALA Q 578 2.53 -34.62 8.04
N ARG Q 579 3.29 -34.58 6.95
CA ARG Q 579 3.38 -33.39 6.13
C ARG Q 579 2.00 -32.97 5.62
N LYS Q 580 1.28 -33.90 5.00
CA LYS Q 580 -0.01 -33.54 4.42
C LYS Q 580 -1.03 -33.18 5.49
N VAL Q 581 -1.01 -33.89 6.62
CA VAL Q 581 -1.96 -33.54 7.68
C VAL Q 581 -1.68 -32.14 8.22
N TRP Q 582 -0.41 -31.82 8.48
CA TRP Q 582 -0.08 -30.49 8.95
C TRP Q 582 -0.48 -29.42 7.94
N ASP Q 583 -0.21 -29.67 6.65
CA ASP Q 583 -0.55 -28.70 5.64
C ASP Q 583 -2.05 -28.48 5.56
N SER Q 584 -2.84 -29.55 5.63
CA SER Q 584 -4.29 -29.40 5.56
C SER Q 584 -4.81 -28.61 6.76
N TRP Q 585 -4.31 -28.90 7.96
CA TRP Q 585 -4.76 -28.17 9.14
C TRP Q 585 -4.41 -26.70 9.03
N TYR Q 586 -3.19 -26.41 8.61
CA TYR Q 586 -2.76 -25.02 8.46
C TYR Q 586 -3.63 -24.29 7.44
N TYR Q 587 -3.88 -24.93 6.30
CA TYR Q 587 -4.70 -24.29 5.27
C TYR Q 587 -6.11 -24.02 5.77
N ARG Q 588 -6.71 -24.98 6.48
CA ARG Q 588 -8.11 -24.83 6.86
C ARG Q 588 -8.29 -23.81 7.98
N THR Q 589 -7.43 -23.84 8.99
CA THR Q 589 -7.69 -23.03 10.18
C THR Q 589 -6.99 -21.68 10.18
N GLY Q 590 -5.87 -21.53 9.48
CA GLY Q 590 -5.17 -20.27 9.46
C GLY Q 590 -4.04 -20.18 10.47
N ASN Q 591 -4.27 -20.66 11.69
CA ASN Q 591 -3.25 -20.60 12.72
C ASN Q 591 -2.08 -21.51 12.37
N ALA Q 592 -0.90 -21.16 12.88
CA ALA Q 592 0.29 -21.98 12.74
C ALA Q 592 0.62 -22.73 14.02
N ASP Q 593 -0.29 -22.76 14.97
CA ASP Q 593 -0.04 -23.42 16.24
C ASP Q 593 -1.02 -24.55 16.56
N ALA Q 594 -2.26 -24.49 16.06
CA ALA Q 594 -3.17 -25.60 16.24
C ALA Q 594 -2.80 -26.79 15.36
N ALA Q 595 -2.06 -26.56 14.26
CA ALA Q 595 -1.64 -27.65 13.42
C ALA Q 595 -0.72 -28.61 14.17
N THR Q 596 0.28 -28.06 14.86
CA THR Q 596 1.21 -28.88 15.60
C THR Q 596 0.59 -29.48 16.85
N GLN Q 597 -0.63 -29.10 17.18
CA GLN Q 597 -1.38 -29.72 18.27
C GLN Q 597 -2.28 -30.84 17.79
N GLN Q 598 -2.86 -30.72 16.61
CA GLN Q 598 -3.69 -31.79 16.05
C GLN Q 598 -2.85 -32.93 15.50
N THR Q 599 -1.69 -32.62 14.92
CA THR Q 599 -0.84 -33.67 14.37
C THR Q 599 -0.36 -34.61 15.48
N GLN Q 600 -0.01 -34.07 16.64
CA GLN Q 600 0.44 -34.92 17.75
C GLN Q 600 -0.66 -35.87 18.20
N ARG Q 601 -1.91 -35.39 18.25
CA ARG Q 601 -3.01 -36.26 18.62
C ARG Q 601 -3.19 -37.39 17.63
N TRP Q 602 -3.15 -37.08 16.34
CA TRP Q 602 -3.27 -38.12 15.32
C TRP Q 602 -2.18 -39.16 15.47
N LEU Q 603 -0.93 -38.70 15.54
CA LEU Q 603 0.19 -39.63 15.65
C LEU Q 603 0.11 -40.48 16.91
N ASN Q 604 -0.24 -39.86 18.04
CA ASN Q 604 -0.32 -40.60 19.29
C ASN Q 604 -1.44 -41.62 19.27
N GLU Q 605 -2.51 -41.36 18.52
CA GLU Q 605 -3.56 -42.35 18.42
C GLU Q 605 -3.15 -43.51 17.53
N ASN Q 606 -2.27 -43.28 16.56
CA ASN Q 606 -1.97 -44.32 15.57
C ASN Q 606 -0.69 -45.12 15.85
N THR Q 607 -0.14 -45.09 17.07
CA THR Q 607 1.10 -45.82 17.34
C THR Q 607 1.02 -46.49 18.71
N VAL Q 608 2.14 -47.12 19.10
CA VAL Q 608 2.28 -47.84 20.36
C VAL Q 608 3.66 -47.54 20.94
N THR Q 609 3.72 -47.26 22.24
CA THR Q 609 4.95 -46.85 22.90
C THR Q 609 5.35 -47.87 23.95
N PHE Q 610 6.65 -48.13 24.07
CA PHE Q 610 7.20 -49.05 25.05
C PHE Q 610 8.00 -48.28 26.09
N GLN Q 611 7.88 -48.68 27.35
CA GLN Q 611 8.50 -47.98 28.46
C GLN Q 611 9.59 -48.84 29.10
N SER Q 612 10.46 -48.19 29.86
CA SER Q 612 11.52 -48.87 30.57
C SER Q 612 10.99 -49.33 31.93
N GLU Q 613 11.86 -49.90 32.76
CA GLU Q 613 11.46 -50.49 34.04
C GLU Q 613 11.80 -49.61 35.24
N GLY Q 614 12.50 -48.50 35.04
CA GLY Q 614 12.94 -47.69 36.17
C GLY Q 614 11.82 -46.89 36.79
N SER Q 615 12.16 -46.23 37.91
CA SER Q 615 11.20 -45.36 38.58
C SER Q 615 10.82 -44.19 37.69
N ASP Q 616 11.79 -43.60 37.00
CA ASP Q 616 11.54 -42.53 36.02
C ASP Q 616 11.37 -43.18 34.66
N GLY Q 617 10.12 -43.40 34.27
CA GLY Q 617 9.82 -44.04 33.01
C GLY Q 617 10.27 -43.25 31.80
N LYS Q 618 11.11 -43.87 30.97
CA LYS Q 618 11.58 -43.27 29.73
C LYS Q 618 11.17 -44.14 28.55
N SER Q 619 10.89 -43.49 27.42
CA SER Q 619 10.51 -44.18 26.20
C SER Q 619 11.75 -44.74 25.51
N ILE Q 620 11.61 -45.94 24.95
CA ILE Q 620 12.71 -46.62 24.28
C ILE Q 620 12.41 -46.97 22.83
N GLY Q 621 11.18 -46.79 22.35
CA GLY Q 621 10.87 -47.07 20.97
C GLY Q 621 9.42 -46.88 20.60
N MET Q 622 9.17 -46.44 19.38
CA MET Q 622 7.82 -46.29 18.84
C MET Q 622 7.67 -47.17 17.61
N VAL Q 623 6.57 -47.90 17.53
CA VAL Q 623 6.27 -48.75 16.38
C VAL Q 623 4.84 -48.48 15.93
N SER Q 624 4.56 -48.84 14.69
CA SER Q 624 3.23 -48.63 14.15
C SER Q 624 2.29 -49.72 14.65
N LYS Q 625 1.00 -49.55 14.35
CA LYS Q 625 -0.02 -50.46 14.88
C LYS Q 625 -0.30 -51.64 13.98
N HIS Q 626 -0.05 -51.55 12.68
CA HIS Q 626 -0.34 -52.69 11.81
C HIS Q 626 0.83 -53.64 11.69
N GLN Q 627 1.93 -53.36 12.38
CA GLN Q 627 3.05 -54.29 12.45
C GLN Q 627 2.91 -55.27 13.61
N LEU Q 628 1.81 -55.20 14.36
CA LEU Q 628 1.59 -56.08 15.48
C LEU Q 628 0.36 -56.95 15.31
N MET Q 629 -0.43 -56.76 14.26
CA MET Q 629 -1.62 -57.57 14.06
C MET Q 629 -1.25 -59.02 13.75
N VAL Q 630 -1.99 -59.94 14.36
CA VAL Q 630 -1.74 -61.37 14.21
C VAL Q 630 -2.80 -62.02 13.33
N GLY Q 631 -4.08 -61.77 13.62
CA GLY Q 631 -5.14 -62.35 12.83
C GLY Q 631 -5.89 -61.30 12.03
N ASP Q 632 -7.18 -61.52 11.79
CA ASP Q 632 -8.00 -60.57 11.05
C ASP Q 632 -8.95 -59.80 11.97
N ASN Q 633 -8.91 -60.06 13.26
CA ASN Q 633 -9.76 -59.30 14.17
C ASN Q 633 -9.25 -57.86 14.24
N PRO Q 634 -10.13 -56.86 14.02
CA PRO Q 634 -9.67 -55.47 14.01
C PRO Q 634 -9.09 -54.98 15.33
N GLU Q 635 -9.07 -55.80 16.37
CA GLU Q 635 -8.47 -55.39 17.63
C GLU Q 635 -7.50 -56.45 18.14
N SER Q 636 -6.67 -56.98 17.24
CA SER Q 636 -5.74 -58.04 17.59
C SER Q 636 -4.31 -57.54 17.78
N TRP Q 637 -4.10 -56.23 17.86
CA TRP Q 637 -2.77 -55.70 18.14
C TRP Q 637 -2.39 -55.78 19.61
N GLN Q 638 -3.19 -56.47 20.42
CA GLN Q 638 -2.95 -56.59 21.84
C GLN Q 638 -2.27 -57.89 22.22
N VAL Q 639 -1.76 -58.64 21.25
CA VAL Q 639 -1.03 -59.87 21.52
C VAL Q 639 0.45 -59.72 21.20
N GLY Q 640 0.78 -59.06 20.09
CA GLY Q 640 2.17 -58.79 19.80
C GLY Q 640 2.83 -57.95 20.86
N ARG Q 641 2.08 -57.01 21.44
CA ARG Q 641 2.60 -56.18 22.52
C ARG Q 641 3.05 -57.03 23.70
N ASP Q 642 2.19 -57.96 24.12
CA ASP Q 642 2.52 -58.83 25.24
C ASP Q 642 3.69 -59.74 24.89
N ILE Q 643 3.73 -60.26 23.67
CA ILE Q 643 4.83 -61.13 23.28
C ILE Q 643 6.16 -60.38 23.33
N ILE Q 644 6.18 -59.15 22.82
CA ILE Q 644 7.40 -58.36 22.80
C ILE Q 644 7.86 -58.04 24.22
N ASP Q 645 6.92 -57.63 25.07
CA ASP Q 645 7.29 -57.33 26.46
C ASP Q 645 7.86 -58.55 27.17
N THR Q 646 7.22 -59.71 27.00
CA THR Q 646 7.71 -60.92 27.64
C THR Q 646 9.09 -61.28 27.13
N ALA Q 647 9.31 -61.17 25.82
CA ALA Q 647 10.62 -61.49 25.26
C ALA Q 647 11.70 -60.58 25.82
N ARG Q 648 11.40 -59.27 25.92
CA ARG Q 648 12.39 -58.35 26.45
C ARG Q 648 12.73 -58.68 27.90
N LYS Q 649 11.70 -58.96 28.72
CA LYS Q 649 11.95 -59.29 30.12
C LYS Q 649 12.81 -60.53 30.24
N GLN Q 650 12.50 -61.56 29.45
CA GLN Q 650 13.29 -62.79 29.52
C GLN Q 650 14.73 -62.55 29.09
N LEU Q 651 14.92 -61.75 28.03
CA LEU Q 651 16.28 -61.50 27.55
C LEU Q 651 17.10 -60.76 28.60
N ILE Q 652 16.50 -59.78 29.28
CA ILE Q 652 17.22 -59.10 30.35
C ILE Q 652 17.53 -60.08 31.49
N LYS Q 653 16.57 -60.92 31.85
CA LYS Q 653 16.76 -61.79 33.01
C LYS Q 653 17.85 -62.82 32.77
N ALA Q 654 17.90 -63.41 31.58
CA ALA Q 654 18.76 -64.57 31.39
C ALA Q 654 20.21 -64.24 31.08
N ASN Q 655 20.54 -62.98 30.80
CA ASN Q 655 21.88 -62.61 30.34
C ASN Q 655 22.43 -61.50 31.22
N PRO Q 656 23.45 -61.79 32.06
CA PRO Q 656 23.88 -60.85 33.10
C PRO Q 656 24.98 -59.87 32.67
N TRP Q 657 24.83 -59.27 31.48
CA TRP Q 657 25.66 -58.12 31.16
C TRP Q 657 24.91 -57.07 30.35
N VAL Q 658 23.59 -57.19 30.22
CA VAL Q 658 22.80 -56.22 29.46
C VAL Q 658 22.39 -55.04 30.31
N VAL Q 659 22.57 -55.12 31.63
CA VAL Q 659 22.07 -54.09 32.53
C VAL Q 659 22.70 -52.74 32.21
N ASN Q 660 24.02 -52.72 32.01
CA ASN Q 660 24.70 -51.47 31.67
C ASN Q 660 24.36 -50.98 30.27
N SER Q 661 23.79 -51.84 29.42
CA SER Q 661 23.42 -51.44 28.08
C SER Q 661 21.99 -50.90 28.05
N GLN Q 662 21.52 -50.54 26.86
CA GLN Q 662 20.20 -49.94 26.67
C GLN Q 662 19.46 -50.76 25.61
N LEU Q 663 18.72 -51.77 26.08
CA LEU Q 663 17.99 -52.65 25.17
C LEU Q 663 16.78 -51.92 24.61
N SER Q 664 16.70 -51.80 23.29
CA SER Q 664 15.67 -50.97 22.65
C SER Q 664 14.88 -51.72 21.59
N VAL Q 665 13.94 -51.02 20.93
CA VAL Q 665 13.07 -51.61 19.92
C VAL Q 665 12.99 -50.69 18.70
N VAL Q 666 13.78 -50.97 17.68
CA VAL Q 666 13.73 -50.16 16.46
C VAL Q 666 12.75 -50.77 15.47
N GLU Q 667 12.36 -49.99 14.46
CA GLU Q 667 11.50 -50.46 13.38
C GLU Q 667 12.20 -50.13 12.06
N SER Q 671 9.92 -54.66 9.44
CA SER Q 671 10.34 -55.64 10.43
C SER Q 671 10.54 -54.99 11.79
N ILE Q 672 10.75 -55.81 12.82
CA ILE Q 672 11.00 -55.34 14.17
C ILE Q 672 12.25 -56.01 14.70
N PHE Q 673 13.16 -55.24 15.26
CA PHE Q 673 14.44 -55.73 15.75
C PHE Q 673 14.61 -55.38 17.22
N LEU Q 674 15.17 -56.29 17.98
CA LEU Q 674 15.59 -56.01 19.36
C LEU Q 674 17.11 -55.85 19.36
N GLN Q 675 17.57 -54.63 19.54
CA GLN Q 675 18.98 -54.31 19.38
C GLN Q 675 19.62 -54.00 20.73
N ASP Q 676 20.94 -53.87 20.70
CA ASP Q 676 21.76 -53.57 21.86
C ASP Q 676 22.46 -52.23 21.63
N ALA Q 677 23.05 -51.70 22.71
CA ALA Q 677 23.75 -50.42 22.59
C ALA Q 677 24.94 -50.52 21.66
N THR Q 678 25.73 -51.59 21.78
CA THR Q 678 26.89 -51.79 20.93
C THR Q 678 26.57 -52.43 19.59
N GLY Q 679 25.36 -52.97 19.42
CA GLY Q 679 25.01 -53.60 18.17
C GLY Q 679 25.51 -55.01 18.00
N THR Q 680 25.57 -55.80 19.08
CA THR Q 680 25.94 -57.20 18.99
C THR Q 680 24.73 -58.13 19.05
N ILE Q 681 23.81 -57.90 19.97
CA ILE Q 681 22.59 -58.68 20.06
C ILE Q 681 21.59 -58.15 19.05
N ARG Q 682 21.06 -59.04 18.21
CA ARG Q 682 20.12 -58.63 17.17
C ARG Q 682 19.18 -59.79 16.84
N ILE Q 683 17.89 -59.57 17.05
CA ILE Q 683 16.86 -60.59 16.87
C ILE Q 683 15.80 -60.00 15.95
N ARG Q 684 15.10 -60.85 15.21
CA ARG Q 684 14.08 -60.40 14.26
C ARG Q 684 12.75 -61.08 14.53
N TYR Q 685 11.66 -60.37 14.25
CA TYR Q 685 10.31 -60.84 14.48
C TYR Q 685 9.44 -60.55 13.26
N ASP Q 686 8.37 -61.32 13.12
CA ASP Q 686 7.51 -61.25 11.94
C ASP Q 686 6.09 -61.65 12.32
N LYS Q 687 5.12 -61.29 11.46
CA LYS Q 687 3.72 -61.57 11.77
C LYS Q 687 3.40 -63.06 11.65
N GLU Q 688 3.84 -63.69 10.56
CA GLU Q 688 3.29 -64.99 10.17
C GLU Q 688 3.70 -66.08 11.15
N LEU Q 689 4.99 -66.15 11.49
CA LEU Q 689 5.42 -67.19 12.42
C LEU Q 689 4.75 -67.02 13.77
N VAL Q 690 4.64 -65.77 14.24
CA VAL Q 690 3.98 -65.50 15.51
C VAL Q 690 2.54 -66.00 15.47
N GLY Q 691 1.82 -65.67 14.40
CA GLY Q 691 0.44 -66.10 14.30
C GLY Q 691 0.29 -67.60 14.27
N LYS Q 692 1.12 -68.29 13.48
CA LYS Q 692 1.03 -69.73 13.39
C LYS Q 692 1.31 -70.39 14.72
N LEU Q 693 2.38 -69.96 15.40
CA LEU Q 693 2.73 -70.55 16.68
C LEU Q 693 1.65 -70.29 17.72
N TYR Q 694 1.08 -69.09 17.72
CA TYR Q 694 -0.01 -68.79 18.64
C TYR Q 694 -1.22 -69.68 18.38
N ARG Q 695 -1.57 -69.87 17.12
CA ARG Q 695 -2.73 -70.72 16.79
C ARG Q 695 -2.49 -72.16 17.24
N GLU Q 696 -1.28 -72.68 16.97
CA GLU Q 696 -0.98 -74.05 17.36
C GLU Q 696 -1.03 -74.22 18.87
N GLN Q 697 -0.45 -73.27 19.62
CA GLN Q 697 -0.46 -73.37 21.07
C GLN Q 697 -1.88 -73.28 21.61
N GLN Q 698 -2.73 -72.46 20.99
CA GLN Q 698 -4.13 -72.39 21.42
C GLN Q 698 -4.85 -73.71 21.17
N GLN Q 699 -4.64 -74.30 19.99
CA GLN Q 699 -5.28 -75.58 19.69
C GLN Q 699 -4.66 -76.76 20.43
N LYS Q 700 -3.53 -76.55 21.11
CA LYS Q 700 -2.91 -77.62 21.86
C LYS Q 700 -3.81 -78.10 23.00
N ALA Q 701 -4.30 -77.17 23.81
CA ALA Q 701 -5.08 -77.53 24.99
C ALA Q 701 -6.45 -78.05 24.56
N GLN Q 702 -6.66 -79.35 24.66
CA GLN Q 702 -7.89 -79.98 24.20
C GLN Q 702 -8.30 -81.06 25.20
N ASP Q 703 -9.24 -81.90 24.79
CA ASP Q 703 -9.70 -83.01 25.62
C ASP Q 703 -8.58 -84.02 25.83
N MET R 1 -55.51 27.13 20.80
CA MET R 1 -56.44 27.35 19.70
C MET R 1 -57.88 27.28 20.19
N CYS R 2 -58.09 27.59 21.46
CA CYS R 2 -59.43 27.58 22.04
C CYS R 2 -59.70 28.76 22.96
N GLU R 3 -58.74 29.66 23.16
CA GLU R 3 -58.96 30.83 24.02
C GLU R 3 -59.96 31.76 23.36
N PRO R 4 -60.88 32.36 24.11
CA PRO R 4 -61.90 33.21 23.50
C PRO R 4 -61.31 34.39 22.72
N VAL R 5 -60.21 34.93 23.21
CA VAL R 5 -59.59 36.08 22.56
C VAL R 5 -58.53 35.68 21.54
N SER R 6 -57.99 34.46 21.65
CA SER R 6 -56.99 34.02 20.70
C SER R 6 -57.59 33.54 19.39
N ILE R 7 -58.91 33.43 19.30
CA ILE R 7 -59.56 33.09 18.04
C ILE R 7 -60.16 34.36 17.45
N GLY R 8 -60.45 35.34 18.30
CA GLY R 8 -60.99 36.59 17.80
C GLY R 8 -60.02 37.31 16.89
N LEU R 9 -58.75 37.39 17.30
CA LEU R 9 -57.76 38.05 16.46
C LEU R 9 -57.56 37.30 15.15
N GLY R 10 -57.57 35.97 15.20
CA GLY R 10 -57.41 35.20 13.98
C GLY R 10 -58.57 35.41 13.02
N ILE R 11 -59.80 35.39 13.53
CA ILE R 11 -60.97 35.58 12.69
C ILE R 11 -61.05 37.01 12.15
N MET R 12 -60.57 38.00 12.90
CA MET R 12 -60.46 39.36 12.38
C MET R 12 -59.41 39.45 11.27
N SER R 13 -58.28 38.77 11.45
CA SER R 13 -57.24 38.78 10.42
C SER R 13 -57.74 38.12 9.14
N VAL R 14 -58.49 37.03 9.26
CA VAL R 14 -58.93 36.30 8.07
C VAL R 14 -60.12 37.00 7.42
N ALA R 15 -61.23 37.13 8.15
CA ALA R 15 -62.45 37.67 7.56
C ALA R 15 -62.28 39.12 7.14
N GLY R 16 -61.59 39.91 7.96
CA GLY R 16 -61.38 41.32 7.64
C GLY R 16 -62.48 42.22 8.16
N ALA R 17 -62.77 43.29 7.43
CA ALA R 17 -63.79 44.25 7.82
C ALA R 17 -65.12 44.03 7.10
N THR R 18 -65.35 42.83 6.56
CA THR R 18 -66.57 42.58 5.80
C THR R 18 -67.81 42.60 6.68
N MET R 19 -67.66 42.53 7.99
CA MET R 19 -68.79 42.57 8.91
C MET R 19 -69.04 44.00 9.39
N SER R 20 -70.04 44.15 10.26
CA SER R 20 -70.43 45.46 10.76
C SER R 20 -69.41 45.95 11.79
N ALA R 21 -69.66 47.14 12.34
CA ALA R 21 -68.68 47.79 13.21
C ALA R 21 -68.64 47.17 14.60
N SER R 22 -69.80 46.76 15.13
CA SER R 22 -69.87 46.35 16.53
C SER R 22 -69.04 45.10 16.79
N GLN R 23 -69.06 44.14 15.87
CA GLN R 23 -68.27 42.92 16.06
C GLN R 23 -66.79 43.24 16.10
N GLN R 24 -66.33 44.13 15.21
CA GLN R 24 -64.95 44.57 15.25
C GLN R 24 -64.64 45.26 16.56
N ALA R 25 -65.58 46.08 17.06
CA ALA R 25 -65.38 46.77 18.33
C ALA R 25 -65.13 45.79 19.46
N LYS R 26 -65.99 44.78 19.59
CA LYS R 26 -65.82 43.81 20.67
C LYS R 26 -64.54 43.01 20.51
N ALA R 27 -64.29 42.53 19.27
CA ALA R 27 -63.12 41.69 19.03
C ALA R 27 -61.82 42.44 19.27
N GLU R 28 -61.83 43.76 19.10
CA GLU R 28 -60.64 44.54 19.40
C GLU R 28 -60.56 44.96 20.86
N GLY R 29 -61.70 45.13 21.54
CA GLY R 29 -61.67 45.58 22.92
C GLY R 29 -61.38 44.51 23.94
N ALA R 30 -61.61 43.25 23.60
CA ALA R 30 -61.36 42.17 24.56
C ALA R 30 -59.90 42.17 25.02
N ALA R 31 -58.96 42.16 24.07
CA ALA R 31 -57.55 42.12 24.43
C ALA R 31 -57.10 43.39 25.14
N ILE R 32 -57.68 44.53 24.77
CA ILE R 32 -57.34 45.79 25.44
C ILE R 32 -57.73 45.71 26.92
N ASP R 33 -58.94 45.22 27.20
CA ASP R 33 -59.36 45.05 28.58
C ASP R 33 -58.44 44.10 29.34
N ALA R 34 -58.08 42.98 28.70
CA ALA R 34 -57.22 42.02 29.36
C ALA R 34 -55.88 42.65 29.74
N GLN R 35 -55.26 43.35 28.79
CA GLN R 35 -53.96 43.97 29.06
C GLN R 35 -54.06 45.02 30.14
N ASN R 36 -55.11 45.85 30.10
CA ASN R 36 -55.26 46.90 31.11
C ASN R 36 -55.37 46.29 32.50
N ARG R 37 -56.22 45.27 32.63
CA ARG R 37 -56.41 44.65 33.94
C ARG R 37 -55.11 44.02 34.45
N GLN R 38 -54.37 43.35 33.57
CA GLN R 38 -53.13 42.72 33.99
C GLN R 38 -52.11 43.76 34.48
N ALA R 39 -51.94 44.84 33.70
CA ALA R 39 -50.96 45.87 34.08
C ALA R 39 -51.36 46.54 35.39
N GLN R 40 -52.63 46.87 35.55
CA GLN R 40 -53.10 47.52 36.77
C GLN R 40 -52.90 46.62 37.99
N GLU R 41 -53.24 45.32 37.85
CA GLU R 41 -53.07 44.39 38.96
C GLU R 41 -51.61 44.27 39.36
N MET R 42 -50.70 44.22 38.37
CA MET R 42 -49.29 44.18 38.72
C MET R 42 -48.87 45.45 39.44
N ILE R 43 -49.31 46.61 38.95
CA ILE R 43 -48.86 47.88 39.51
C ILE R 43 -49.31 48.03 40.96
N LYS R 44 -50.49 47.53 41.29
CA LYS R 44 -51.02 47.72 42.64
C LYS R 44 -50.09 47.14 43.70
N GLN R 45 -49.52 45.95 43.47
CA GLN R 45 -48.74 45.30 44.51
C GLN R 45 -47.43 46.02 44.82
N MET R 46 -47.04 47.01 44.04
CA MET R 46 -45.73 47.63 44.14
C MET R 46 -45.68 48.65 45.28
N ASN R 47 -44.55 49.35 45.39
CA ASN R 47 -44.41 50.51 46.24
C ASN R 47 -44.55 51.78 45.41
N TYR R 48 -44.54 52.93 46.09
CA TYR R 48 -44.67 54.20 45.39
C TYR R 48 -43.32 54.81 45.03
N SER R 49 -42.51 55.12 46.03
CA SER R 49 -41.23 55.78 45.77
C SER R 49 -40.23 54.81 45.17
N ASP R 50 -39.38 55.34 44.29
CA ASP R 50 -38.37 54.55 43.61
C ASP R 50 -37.11 54.36 44.43
N ALA R 51 -37.02 54.96 45.61
CA ALA R 51 -35.86 54.82 46.46
C ALA R 51 -35.95 53.64 47.42
N ASN R 52 -37.07 52.92 47.43
CA ASN R 52 -37.27 51.80 48.34
C ASN R 52 -37.34 50.47 47.61
N LEU R 53 -37.05 50.43 46.32
CA LEU R 53 -37.24 49.24 45.51
C LEU R 53 -35.90 48.65 45.09
N LYS R 54 -35.96 47.39 44.66
CA LYS R 54 -34.78 46.68 44.17
C LYS R 54 -34.51 47.13 42.73
N MET R 55 -33.61 46.43 42.04
CA MET R 55 -33.31 46.80 40.67
C MET R 55 -34.34 46.23 39.70
N GLN R 56 -34.61 44.93 39.80
CA GLN R 56 -35.51 44.28 38.85
C GLN R 56 -36.90 44.87 38.94
N GLU R 57 -37.38 45.12 40.16
CA GLU R 57 -38.71 45.71 40.33
C GLU R 57 -38.78 47.09 39.69
N ARG R 58 -37.75 47.90 39.89
CA ARG R 58 -37.73 49.23 39.29
C ARG R 58 -37.78 49.15 37.77
N ASP R 59 -36.95 48.28 37.19
CA ASP R 59 -36.93 48.18 35.73
C ASP R 59 -38.27 47.70 35.19
N LEU R 60 -38.86 46.69 35.82
CA LEU R 60 -40.14 46.18 35.34
C LEU R 60 -41.24 47.23 35.47
N LYS R 61 -41.25 47.97 36.58
CA LYS R 61 -42.28 48.99 36.76
C LYS R 61 -42.14 50.11 35.75
N GLU R 62 -40.90 50.57 35.49
CA GLU R 62 -40.76 51.66 34.53
C GLU R 62 -41.06 51.19 33.12
N GLN R 63 -40.82 49.92 32.82
CA GLN R 63 -41.20 49.40 31.51
C GLN R 63 -42.72 49.34 31.35
N GLN R 64 -43.42 48.89 32.39
CA GLN R 64 -44.85 48.65 32.26
C GLN R 64 -45.72 49.85 32.63
N MET R 65 -45.13 50.94 33.12
CA MET R 65 -45.96 52.04 33.58
C MET R 65 -46.56 52.80 32.41
N ALA R 66 -45.82 52.95 31.31
CA ALA R 66 -46.20 53.82 30.20
C ALA R 66 -47.43 53.33 29.45
N GLU R 67 -47.94 52.15 29.76
CA GLU R 67 -49.10 51.63 29.04
C GLU R 67 -50.36 52.42 29.34
N LEU R 68 -50.36 53.20 30.43
CA LEU R 68 -51.51 53.98 30.84
C LEU R 68 -51.47 55.43 30.39
N THR R 69 -50.49 55.83 29.58
CA THR R 69 -50.33 57.23 29.23
C THR R 69 -51.41 57.69 28.24
N GLU R 70 -51.80 58.96 28.39
CA GLU R 70 -52.78 59.61 27.52
C GLU R 70 -52.27 60.99 27.16
N THR R 71 -52.61 61.46 25.95
CA THR R 71 -51.97 62.68 25.44
C THR R 71 -52.96 63.74 24.95
N THR R 72 -54.05 63.32 24.32
CA THR R 72 -54.83 64.26 23.52
C THR R 72 -55.75 65.15 24.36
N LEU R 73 -56.30 64.66 25.47
CA LEU R 73 -57.28 65.41 26.25
C LEU R 73 -56.77 65.81 27.63
N ASN R 74 -55.51 66.25 27.71
CA ASN R 74 -54.98 66.67 29.00
C ASN R 74 -55.58 68.01 29.45
N GLY R 75 -55.90 68.89 28.49
CA GLY R 75 -56.45 70.18 28.86
C GLY R 75 -57.78 70.06 29.58
N ILE R 76 -58.65 69.17 29.10
CA ILE R 76 -59.92 68.93 29.77
C ILE R 76 -59.69 68.35 31.17
N ARG R 77 -58.66 67.52 31.32
CA ARG R 77 -58.31 67.00 32.62
C ARG R 77 -57.96 68.14 33.58
N ASN R 78 -57.02 68.99 33.17
CA ASN R 78 -56.42 69.96 34.08
C ASN R 78 -57.21 71.25 34.20
N GLN R 79 -58.29 71.41 33.43
CA GLN R 79 -59.09 72.63 33.52
C GLN R 79 -59.66 72.84 34.91
N GLY R 80 -59.98 71.75 35.62
CA GLY R 80 -60.64 71.89 36.91
C GLY R 80 -59.76 72.52 37.98
N MET R 81 -58.48 72.16 38.01
CA MET R 81 -57.62 72.59 39.11
C MET R 81 -57.17 74.04 39.00
N VAL R 82 -56.95 74.54 37.78
CA VAL R 82 -56.36 75.86 37.62
C VAL R 82 -57.32 76.95 38.09
N ARG R 83 -58.61 76.78 37.85
CA ARG R 83 -59.57 77.80 38.29
C ARG R 83 -59.58 77.93 39.81
N ALA R 84 -59.53 76.79 40.52
CA ALA R 84 -59.48 76.85 41.97
C ALA R 84 -58.14 77.35 42.48
N ALA R 85 -57.06 77.07 41.75
CA ALA R 85 -55.74 77.52 42.19
C ALA R 85 -55.55 79.02 41.96
N VAL R 86 -56.23 79.60 40.97
CA VAL R 86 -56.04 80.99 40.61
C VAL R 86 -57.08 81.89 41.24
N ALA R 87 -58.36 81.48 41.24
CA ALA R 87 -59.42 82.35 41.73
C ALA R 87 -59.21 82.71 43.19
N GLU R 88 -58.82 81.75 44.02
CA GLU R 88 -58.56 82.00 45.43
C GLU R 88 -57.08 82.28 45.65
N ASP R 106 -74.70 75.59 30.96
CA ASP R 106 -73.99 75.34 29.72
C ASP R 106 -74.59 74.14 28.98
N THR R 107 -75.53 74.41 28.09
CA THR R 107 -76.15 73.35 27.30
C THR R 107 -75.94 73.61 25.81
N VAL R 108 -74.70 73.96 25.44
CA VAL R 108 -74.28 74.19 24.05
C VAL R 108 -74.90 75.47 23.51
N LYS R 109 -76.19 75.70 23.77
CA LYS R 109 -76.85 76.89 23.25
C LYS R 109 -76.20 78.17 23.78
N GLU R 110 -75.86 78.19 25.07
CA GLU R 110 -75.23 79.38 25.63
C GLU R 110 -73.82 79.61 25.09
N ARG R 111 -73.22 78.62 24.45
CA ARG R 111 -71.92 78.79 23.85
C ARG R 111 -72.02 79.60 22.56
N ALA R 112 -70.91 80.22 22.18
CA ALA R 112 -70.84 81.09 21.02
C ALA R 112 -70.07 80.38 19.91
N GLY R 113 -70.66 80.36 18.71
CA GLY R 113 -70.05 79.72 17.57
C GLY R 113 -70.37 78.25 17.38
N ILE R 114 -71.25 77.68 18.21
CA ILE R 114 -71.61 76.27 18.13
C ILE R 114 -73.13 76.17 18.05
N THR R 115 -73.63 75.37 17.12
CA THR R 115 -75.05 75.14 16.99
C THR R 115 -75.48 74.00 17.90
N GLU R 116 -76.79 73.70 17.88
CA GLU R 116 -77.31 72.62 18.73
C GLU R 116 -76.81 71.25 18.28
N SER R 117 -76.59 71.07 16.98
CA SER R 117 -76.10 69.80 16.45
C SER R 117 -74.57 69.75 16.40
N TYR R 118 -73.89 70.53 17.24
CA TYR R 118 -72.43 70.55 17.32
C TYR R 118 -71.80 70.90 15.97
N ASN R 119 -72.46 71.78 15.21
CA ASN R 119 -71.93 72.29 13.96
C ASN R 119 -71.67 73.78 14.08
N ARG R 120 -70.84 74.30 13.18
CA ARG R 120 -70.49 75.71 13.22
C ARG R 120 -71.69 76.57 12.82
N ASP R 121 -71.82 77.73 13.47
CA ASP R 121 -72.86 78.70 13.16
C ASP R 121 -72.23 79.84 12.38
N TYR R 122 -72.63 79.99 11.12
CA TYR R 122 -72.01 80.98 10.25
C TYR R 122 -72.67 82.34 10.35
N ALA R 123 -73.95 82.39 10.75
CA ALA R 123 -74.65 83.66 10.84
C ALA R 123 -73.94 84.61 11.79
N ALA R 124 -73.66 84.14 13.01
CA ALA R 124 -73.02 85.00 14.00
C ALA R 124 -71.59 85.33 13.60
N ILE R 125 -70.81 84.32 13.18
CA ILE R 125 -69.40 84.54 12.91
C ILE R 125 -69.21 85.43 11.68
N PHE R 126 -70.22 85.55 10.82
CA PHE R 126 -70.12 86.40 9.65
C PHE R 126 -70.81 87.76 9.84
N GLY R 127 -71.76 87.88 10.76
CA GLY R 127 -72.42 89.16 10.97
C GLY R 127 -71.91 89.95 12.16
N ASN R 128 -71.80 89.30 13.31
CA ASN R 128 -71.49 89.99 14.56
C ASN R 128 -70.00 90.12 14.83
N ARG R 129 -69.14 89.57 13.96
CA ARG R 129 -67.70 89.63 14.12
C ARG R 129 -67.25 89.01 15.45
N ILE R 130 -67.56 87.72 15.59
CA ILE R 130 -67.20 87.01 16.81
C ILE R 130 -65.69 86.83 16.87
N ALA R 131 -65.10 87.16 18.02
CA ALA R 131 -63.65 87.12 18.14
C ALA R 131 -63.12 85.69 18.11
N ASN R 132 -63.57 84.87 19.06
CA ASN R 132 -63.09 83.49 19.17
C ASN R 132 -64.27 82.58 19.48
N ILE R 133 -63.99 81.27 19.46
CA ILE R 133 -65.01 80.25 19.64
C ILE R 133 -64.83 79.63 21.02
N GLU R 134 -65.93 79.55 21.78
CA GLU R 134 -65.90 78.97 23.13
C GLU R 134 -66.05 77.46 23.02
N ASN R 135 -64.97 76.80 22.62
CA ASN R 135 -64.98 75.35 22.51
C ASN R 135 -65.25 74.70 23.86
N THR R 136 -64.58 75.19 24.90
CA THR R 136 -64.72 74.65 26.25
C THR R 136 -65.09 75.79 27.20
N GLN R 137 -65.31 75.42 28.46
CA GLN R 137 -65.53 76.41 29.50
C GLN R 137 -64.27 77.22 29.72
N SER R 138 -64.32 78.21 30.61
CA SER R 138 -63.19 79.10 30.90
C SER R 138 -62.93 80.03 29.72
N ALA R 139 -63.64 79.83 28.61
CA ALA R 139 -63.59 80.81 27.52
C ALA R 139 -64.40 82.04 27.86
N ILE R 140 -65.50 81.87 28.60
CA ILE R 140 -66.18 83.01 29.20
C ILE R 140 -65.21 83.68 30.15
N ARG R 141 -65.24 85.03 30.17
CA ARG R 141 -64.27 85.85 30.87
C ARG R 141 -62.86 85.29 30.72
N GLY R 142 -62.16 85.04 31.83
CA GLY R 142 -60.89 84.35 31.76
C GLY R 142 -59.71 85.15 32.26
N GLN R 143 -59.06 84.68 33.32
CA GLN R 143 -57.84 85.27 33.83
C GLN R 143 -56.72 84.25 33.97
N GLY R 144 -56.92 83.02 33.50
CA GLY R 144 -55.94 81.96 33.57
C GLY R 144 -54.87 81.97 32.50
N LYS R 145 -54.95 82.92 31.56
CA LYS R 145 -53.93 83.06 30.53
C LYS R 145 -53.75 81.77 29.73
N ILE R 146 -52.69 81.03 30.05
CA ILE R 146 -52.31 79.82 29.34
C ILE R 146 -52.05 80.18 27.88
N ILE R 147 -50.87 80.72 27.61
CA ILE R 147 -50.48 81.14 26.27
C ILE R 147 -49.73 80.01 25.59
N LYS R 148 -50.14 79.66 24.37
CA LYS R 148 -49.53 78.55 23.67
C LYS R 148 -48.09 78.85 23.31
N THR R 149 -47.23 77.84 23.41
CA THR R 149 -45.81 77.99 23.17
C THR R 149 -45.33 76.90 22.24
N SER R 150 -44.02 76.90 21.97
CA SER R 150 -43.39 75.90 21.12
C SER R 150 -42.16 75.34 21.83
N PRO R 151 -41.97 74.02 21.84
CA PRO R 151 -40.84 73.46 22.59
C PRO R 151 -39.49 73.95 22.12
N LEU R 152 -39.30 74.12 20.82
CA LEU R 152 -37.97 74.44 20.30
C LEU R 152 -37.55 75.86 20.63
N ALA R 153 -38.49 76.81 20.61
CA ALA R 153 -38.17 78.17 21.03
C ALA R 153 -37.71 78.19 22.48
N HIS R 154 -38.41 77.47 23.36
CA HIS R 154 -38.02 77.40 24.76
C HIS R 154 -36.65 76.76 24.91
N ALA R 155 -36.39 75.69 24.16
CA ALA R 155 -35.09 75.02 24.26
C ALA R 155 -33.96 75.95 23.84
N LEU R 156 -34.14 76.69 22.75
CA LEU R 156 -33.14 77.69 22.37
C LEU R 156 -33.00 78.78 23.42
N ASN R 157 -34.11 79.17 24.04
CA ASN R 157 -34.06 80.24 25.04
C ASN R 157 -33.22 79.83 26.23
N VAL R 158 -33.42 78.61 26.73
CA VAL R 158 -32.66 78.16 27.90
C VAL R 158 -31.18 78.02 27.56
N ALA R 159 -30.87 77.40 26.42
CA ALA R 159 -29.48 77.21 26.02
C ALA R 159 -29.00 78.36 25.14
N GLU S 38 45.48 14.46 64.25
CA GLU S 38 44.46 13.52 64.69
C GLU S 38 43.76 14.02 65.95
N SER S 39 44.32 13.70 67.10
CA SER S 39 43.83 14.17 68.41
C SER S 39 42.37 13.80 68.63
N GLY S 40 41.96 12.63 68.16
CA GLY S 40 40.59 12.17 68.35
C GLY S 40 40.43 10.77 67.81
N VAL S 41 39.32 10.15 68.20
CA VAL S 41 38.97 8.80 67.75
C VAL S 41 40.12 7.85 68.09
N ARG S 42 40.91 7.51 67.08
CA ARG S 42 42.12 6.69 67.23
C ARG S 42 41.82 5.30 67.80
N ALA S 43 40.54 4.95 67.91
CA ALA S 43 40.13 3.60 68.28
C ALA S 43 39.28 2.95 67.20
N LEU S 44 38.29 3.67 66.67
CA LEU S 44 37.55 3.16 65.53
C LEU S 44 38.45 2.98 64.32
N GLY S 45 39.52 3.77 64.20
CA GLY S 45 40.46 3.56 63.12
C GLY S 45 41.12 2.20 63.19
N LYS S 46 41.60 1.82 64.37
CA LYS S 46 42.21 0.50 64.52
C LYS S 46 41.17 -0.61 64.37
N ASN S 47 39.96 -0.39 64.89
CA ASN S 47 38.91 -1.40 64.74
C ASN S 47 38.60 -1.64 63.28
N LEU S 48 38.48 -0.58 62.49
CA LEU S 48 38.23 -0.73 61.06
C LEU S 48 39.43 -1.31 60.33
N LEU S 49 40.64 -1.04 60.81
CA LEU S 49 41.82 -1.68 60.22
C LEU S 49 41.74 -3.20 60.38
N SER S 50 41.43 -3.67 61.59
CA SER S 50 41.29 -5.10 61.81
C SER S 50 40.14 -5.67 60.98
N TYR S 51 39.01 -4.96 60.95
CA TYR S 51 37.86 -5.44 60.18
C TYR S 51 38.21 -5.58 58.71
N GLY S 52 38.92 -4.59 58.15
CA GLY S 52 39.31 -4.68 56.75
C GLY S 52 40.38 -5.70 56.50
N ARG S 53 41.17 -6.03 57.52
CA ARG S 53 42.14 -7.12 57.37
C ARG S 53 41.46 -8.47 57.33
N GLN S 54 40.36 -8.63 58.09
CA GLN S 54 39.64 -9.89 58.07
C GLN S 54 38.86 -10.12 56.78
N GLY S 55 38.56 -9.05 56.03
CA GLY S 55 37.93 -9.21 54.74
C GLY S 55 36.47 -8.82 54.62
N TYR S 56 36.06 -7.71 55.23
CA TYR S 56 34.70 -7.22 55.12
C TYR S 56 34.62 -6.17 54.01
N ASP S 57 33.64 -6.33 53.12
CA ASP S 57 33.51 -5.46 51.94
C ASP S 57 32.76 -4.18 52.23
N SER S 58 31.47 -4.28 52.57
CA SER S 58 30.54 -3.17 52.40
C SER S 58 30.10 -2.60 53.74
N ILE S 59 29.23 -1.60 53.65
CA ILE S 59 28.66 -0.98 54.83
C ILE S 59 27.73 -1.93 55.55
N GLU S 60 26.94 -2.71 54.80
CA GLU S 60 25.94 -3.56 55.40
C GLU S 60 26.57 -4.59 56.34
N LYS S 61 27.65 -5.23 55.92
CA LYS S 61 28.25 -6.27 56.73
C LYS S 61 28.82 -5.68 58.03
N ILE S 62 29.55 -4.57 57.92
CA ILE S 62 30.16 -3.96 59.10
C ILE S 62 29.08 -3.53 60.08
N ILE S 63 28.03 -2.88 59.58
CA ILE S 63 26.99 -2.39 60.47
C ILE S 63 26.23 -3.55 61.11
N ASN S 64 25.93 -4.60 60.33
CA ASN S 64 25.21 -5.73 60.89
C ASN S 64 26.02 -6.46 61.95
N ARG S 65 27.34 -6.53 61.78
CA ARG S 65 28.16 -7.07 62.86
C ARG S 65 28.19 -6.14 64.06
N TRP S 66 28.21 -4.82 63.80
CA TRP S 66 28.27 -3.84 64.88
C TRP S 66 27.00 -3.84 65.71
N ALA S 67 25.85 -3.93 65.07
CA ALA S 67 24.57 -3.92 65.76
C ALA S 67 23.63 -4.96 65.15
N PRO S 68 23.38 -6.06 65.85
CA PRO S 68 22.58 -7.15 65.27
C PRO S 68 21.21 -6.66 64.81
N PRO S 69 20.71 -7.20 63.69
CA PRO S 69 19.42 -6.72 63.16
C PRO S 69 18.22 -7.16 64.01
N ASN S 70 18.37 -8.17 64.85
CA ASN S 70 17.24 -8.70 65.61
C ASN S 70 16.97 -7.93 66.90
N GLU S 71 17.76 -6.90 67.21
CA GLU S 71 17.60 -6.16 68.45
C GLU S 71 17.16 -4.72 68.25
N ASN S 72 17.76 -4.00 67.30
CA ASN S 72 17.52 -2.55 67.23
C ASN S 72 17.69 -2.07 65.79
N ASP S 73 16.56 -1.97 65.07
CA ASP S 73 16.47 -1.26 63.80
C ASP S 73 17.53 -1.70 62.78
N THR S 74 18.62 -0.93 62.70
CA THR S 74 19.65 -1.08 61.67
C THR S 74 19.06 -0.92 60.27
N LYS S 75 18.06 -0.06 60.14
CA LYS S 75 17.54 0.35 58.84
C LYS S 75 17.69 1.84 58.62
N ALA S 76 17.30 2.66 59.59
CA ALA S 76 17.57 4.09 59.53
C ALA S 76 18.98 4.43 59.98
N TYR S 77 19.72 3.47 60.53
CA TYR S 77 21.12 3.61 60.86
C TYR S 77 22.04 3.35 59.67
N ILE S 78 21.50 2.84 58.57
CA ILE S 78 22.30 2.67 57.35
C ILE S 78 22.18 3.88 56.45
N ASP S 79 20.97 4.45 56.34
CA ASP S 79 20.77 5.62 55.50
C ASP S 79 21.56 6.81 56.04
N SER S 80 21.62 6.96 57.36
CA SER S 80 22.35 8.08 57.92
C SER S 80 23.84 8.01 57.66
N VAL S 81 24.35 6.85 57.23
CA VAL S 81 25.77 6.71 56.93
C VAL S 81 25.97 6.80 55.42
N VAL S 82 25.02 6.27 54.64
CA VAL S 82 25.16 6.39 53.20
C VAL S 82 25.03 7.84 52.76
N ALA S 83 24.17 8.62 53.42
CA ALA S 83 23.96 10.00 53.01
C ALA S 83 25.13 10.90 53.35
N ALA S 84 25.82 10.63 54.46
CA ALA S 84 26.89 11.48 54.93
C ALA S 84 28.27 11.05 54.47
N THR S 85 28.36 10.03 53.62
CA THR S 85 29.67 9.60 53.14
C THR S 85 29.77 9.53 51.62
N GLY S 86 28.72 9.07 50.93
CA GLY S 86 28.68 9.02 49.47
C GLY S 86 28.55 7.62 48.91
N ILE S 87 29.18 6.63 49.54
CA ILE S 87 29.20 5.27 49.03
C ILE S 87 27.84 4.61 49.22
N PRO S 88 27.18 4.12 48.17
CA PRO S 88 25.94 3.36 48.36
C PRO S 88 26.17 2.08 49.15
N ALA S 89 25.06 1.48 49.57
CA ALA S 89 25.13 0.38 50.54
C ALA S 89 25.77 -0.86 49.94
N THR S 90 25.33 -1.29 48.76
CA THR S 90 25.77 -2.55 48.18
C THR S 90 27.17 -2.46 47.59
N GLN S 91 27.57 -1.29 47.11
CA GLN S 91 28.85 -1.11 46.43
C GLN S 91 30.01 -1.54 47.32
N SER S 92 31.10 -1.96 46.68
CA SER S 92 32.28 -2.45 47.38
C SER S 92 33.10 -1.29 47.93
N LEU S 93 33.99 -1.62 48.86
CA LEU S 93 34.88 -0.66 49.49
C LEU S 93 36.33 -1.06 49.29
N ASP S 94 37.22 -0.19 49.74
CA ASP S 94 38.67 -0.43 49.75
C ASP S 94 39.19 0.30 50.99
N LEU S 95 39.38 -0.44 52.08
CA LEU S 95 39.73 0.18 53.36
C LEU S 95 41.24 0.41 53.47
N SER S 96 41.94 0.43 52.33
CA SER S 96 43.34 0.78 52.28
C SER S 96 43.57 2.19 51.78
N ASN S 97 42.52 3.00 51.66
CA ASN S 97 42.62 4.39 51.25
C ASN S 97 42.19 5.30 52.38
N GLN S 98 42.96 6.36 52.62
CA GLN S 98 42.65 7.26 53.72
C GLN S 98 41.34 8.01 53.48
N ASP S 99 41.06 8.36 52.22
CA ASP S 99 39.82 9.05 51.90
C ASP S 99 38.59 8.23 52.24
N THR S 100 38.67 6.91 52.15
CA THR S 100 37.58 6.03 52.51
C THR S 100 37.70 5.48 53.92
N LEU S 101 38.76 5.84 54.65
CA LEU S 101 38.92 5.39 56.03
C LEU S 101 38.56 6.48 57.03
N SER S 102 39.22 7.64 56.96
CA SER S 102 38.93 8.71 57.91
C SER S 102 37.54 9.26 57.72
N ALA S 103 37.02 9.20 56.49
CA ALA S 103 35.65 9.66 56.25
C ALA S 103 34.64 8.78 56.99
N LEU S 104 34.85 7.46 56.99
CA LEU S 104 33.89 6.55 57.59
C LEU S 104 33.99 6.53 59.11
N ALA S 105 35.18 6.76 59.67
CA ALA S 105 35.33 6.79 61.11
C ALA S 105 34.59 7.98 61.72
N GLN S 106 34.57 9.11 61.02
CA GLN S 106 33.96 10.31 61.57
C GLN S 106 32.44 10.25 61.54
N ALA S 107 31.89 9.51 60.59
CA ALA S 107 30.44 9.41 60.44
C ALA S 107 29.81 8.38 61.36
N ILE S 108 30.59 7.69 62.18
CA ILE S 108 30.07 6.73 63.14
C ILE S 108 30.08 7.29 64.55
N SER S 109 31.17 7.95 64.94
CA SER S 109 31.30 8.45 66.31
C SER S 109 30.23 9.49 66.61
N PHE S 110 29.81 10.24 65.59
CA PHE S 110 28.73 11.21 65.79
C PHE S 110 27.44 10.54 66.23
N HIS S 111 27.09 9.44 65.57
CA HIS S 111 25.80 8.82 65.85
C HIS S 111 25.78 8.18 67.23
N GLU S 112 26.94 7.69 67.68
CA GLU S 112 27.03 7.14 69.04
C GLU S 112 26.78 8.24 70.08
N THR S 113 27.38 9.40 69.89
CA THR S 113 27.26 10.48 70.86
C THR S 113 26.56 11.68 70.24
N ILE S 133 26.96 27.35 75.35
CA ILE S 133 26.06 26.21 75.31
C ILE S 133 25.85 25.74 73.88
N SER S 134 25.20 24.59 73.71
CA SER S 134 24.94 24.02 72.41
C SER S 134 23.47 24.23 72.05
N PRO S 135 23.14 25.17 71.16
CA PRO S 135 21.72 25.44 70.87
C PRO S 135 21.01 24.27 70.24
N LYS S 136 21.49 23.80 69.08
CA LYS S 136 20.95 22.61 68.43
C LYS S 136 22.15 21.79 67.94
N THR S 137 22.74 21.00 68.86
CA THR S 137 23.82 20.04 68.63
C THR S 137 24.73 20.50 67.49
N PRO S 138 25.42 21.63 67.64
CA PRO S 138 26.15 22.20 66.51
C PRO S 138 27.38 21.38 66.18
N PRO S 139 27.51 20.93 64.94
CA PRO S 139 28.73 20.24 64.54
C PRO S 139 29.89 21.18 64.27
N VAL S 140 29.61 22.36 63.73
CA VAL S 140 30.65 23.31 63.35
C VAL S 140 31.09 24.12 64.57
N SER S 141 32.21 24.81 64.44
CA SER S 141 32.78 25.63 65.50
C SER S 141 32.61 27.11 65.17
N ALA S 142 33.22 27.97 65.99
CA ALA S 142 33.11 29.42 65.81
C ALA S 142 34.16 29.98 64.86
N ASN S 143 35.37 29.41 64.87
CA ASN S 143 36.44 29.93 64.02
C ASN S 143 36.10 29.83 62.54
N VAL S 144 35.50 28.71 62.13
CA VAL S 144 35.16 28.52 60.73
C VAL S 144 34.13 29.57 60.31
N VAL S 216 6.52 33.11 73.91
CA VAL S 216 5.26 32.43 73.61
C VAL S 216 5.52 31.13 72.87
N LYS S 217 4.89 30.05 73.33
CA LYS S 217 5.05 28.74 72.73
C LYS S 217 3.74 28.05 72.39
N ASN S 218 2.59 28.62 72.78
CA ASN S 218 1.34 27.87 72.71
C ASN S 218 0.91 27.62 71.28
N SER S 219 0.98 28.64 70.42
CA SER S 219 0.32 28.56 69.12
C SER S 219 0.88 27.44 68.25
N MET S 220 2.11 27.58 67.78
CA MET S 220 2.79 26.53 67.03
C MET S 220 4.26 26.39 67.37
N VAL S 221 4.84 27.35 68.09
CA VAL S 221 6.28 27.40 68.28
C VAL S 221 6.80 26.19 69.03
N GLY S 222 6.10 25.78 70.08
CA GLY S 222 6.53 24.62 70.85
C GLY S 222 6.59 23.37 70.00
N VAL S 223 5.53 23.12 69.22
CA VAL S 223 5.53 21.94 68.35
C VAL S 223 6.60 22.06 67.28
N ALA S 224 6.79 23.26 66.74
CA ALA S 224 7.72 23.43 65.62
C ALA S 224 9.15 23.12 66.05
N ILE S 225 9.63 23.77 67.12
CA ILE S 225 10.99 23.50 67.56
C ILE S 225 11.11 22.11 68.19
N ARG S 226 10.13 21.70 68.98
CA ARG S 226 10.32 20.46 69.73
C ARG S 226 10.27 19.21 68.85
N ALA S 227 9.91 19.33 67.58
CA ALA S 227 9.76 18.15 66.73
C ALA S 227 10.93 17.89 65.80
N GLY S 228 11.72 18.90 65.46
CA GLY S 228 12.85 18.69 64.57
C GLY S 228 13.96 17.91 65.22
N GLN S 229 14.69 17.15 64.40
CA GLN S 229 15.85 16.39 64.85
C GLN S 229 17.04 16.71 63.94
N THR S 230 18.22 16.74 64.54
CA THR S 230 19.43 17.06 63.80
C THR S 230 19.99 15.82 63.11
N GLU S 231 20.57 16.02 61.94
CA GLU S 231 21.20 14.96 61.15
C GLU S 231 22.55 15.45 60.67
N ASP S 232 23.37 14.51 60.18
CA ASP S 232 24.70 14.87 59.71
C ASP S 232 24.64 15.56 58.35
N SER S 233 25.66 16.36 58.08
CA SER S 233 25.69 17.17 56.86
C SER S 233 25.93 16.31 55.63
N LEU S 234 25.50 16.81 54.48
CA LEU S 234 25.61 16.11 53.21
C LEU S 234 27.03 16.18 52.67
N ASP S 235 27.31 15.35 51.67
CA ASP S 235 28.58 15.38 50.92
C ASP S 235 28.23 15.55 49.44
N VAL S 236 28.42 16.76 48.93
CA VAL S 236 27.91 17.11 47.60
C VAL S 236 28.69 16.39 46.50
N ILE S 237 30.02 16.32 46.63
CA ILE S 237 30.83 15.77 45.54
C ILE S 237 30.51 14.30 45.31
N GLY S 238 30.43 13.52 46.38
CA GLY S 238 30.15 12.11 46.24
C GLY S 238 28.77 11.81 45.70
N ASP S 239 27.78 12.63 46.06
CA ASP S 239 26.41 12.35 45.67
C ASP S 239 26.21 12.49 44.17
N VAL S 240 26.87 13.46 43.54
CA VAL S 240 26.63 13.76 42.13
C VAL S 240 27.51 12.91 41.23
N PHE S 241 28.81 12.87 41.48
CA PHE S 241 29.73 12.21 40.56
C PHE S 241 29.98 10.75 40.90
N ASN S 242 30.12 10.43 42.19
CA ASN S 242 30.42 9.07 42.66
C ASN S 242 31.74 8.59 42.07
N PRO S 243 32.88 9.11 42.52
CA PRO S 243 34.17 8.79 41.90
C PRO S 243 34.91 7.60 42.49
N THR S 244 34.31 6.80 43.35
CA THR S 244 34.99 5.61 43.88
C THR S 244 34.73 4.37 43.07
N ARG S 245 33.86 4.43 42.06
CA ARG S 245 33.59 3.30 41.18
C ARG S 245 34.46 3.30 39.94
N TRP S 246 35.35 4.29 39.79
CA TRP S 246 36.16 4.39 38.58
C TRP S 246 37.33 3.43 38.64
N ASN S 247 37.45 2.59 37.62
CA ASN S 247 38.53 1.63 37.50
C ASN S 247 39.77 2.29 36.91
N ASN S 248 40.91 1.65 37.10
CA ASN S 248 42.20 2.18 36.68
C ASN S 248 42.86 1.20 35.71
N HIS S 249 42.51 1.29 34.44
CA HIS S 249 43.04 0.41 33.41
C HIS S 249 43.63 1.24 32.29
N LYS S 250 44.81 0.84 31.81
CA LYS S 250 45.52 1.53 30.74
C LYS S 250 45.21 0.84 29.42
N TRP S 251 44.43 1.50 28.56
CA TRP S 251 44.01 0.88 27.31
C TRP S 251 45.20 0.65 26.39
N THR S 252 45.10 -0.42 25.59
CA THR S 252 46.16 -0.79 24.66
C THR S 252 45.88 -0.17 23.29
N ARG S 253 46.72 -0.53 22.30
CA ARG S 253 46.59 0.09 20.99
C ARG S 253 45.34 -0.39 20.26
N GLU S 254 45.08 -1.70 20.26
CA GLU S 254 43.90 -2.21 19.55
C GLU S 254 42.62 -1.68 20.17
N GLU S 255 42.58 -1.57 21.49
CA GLU S 255 41.39 -1.06 22.15
C GLU S 255 41.17 0.43 21.90
N LEU S 256 42.16 1.15 21.39
CA LEU S 256 41.94 2.51 20.95
C LEU S 256 41.60 2.59 19.47
N ASP S 257 42.21 1.72 18.66
CA ASP S 257 41.87 1.66 17.25
C ASP S 257 40.43 1.25 17.03
N GLN S 258 39.90 0.38 17.89
CA GLN S 258 38.49 0.01 17.79
C GLN S 258 37.59 1.22 17.98
N ILE S 259 37.88 2.03 19.01
CA ILE S 259 37.11 3.24 19.25
C ILE S 259 37.22 4.21 18.08
N ARG S 260 38.43 4.39 17.56
CA ARG S 260 38.62 5.31 16.45
C ARG S 260 37.89 4.85 15.20
N ASN S 261 37.88 3.53 14.94
CA ASN S 261 37.22 3.01 13.75
C ASN S 261 35.70 3.03 13.89
N ALA S 262 35.19 2.99 15.13
CA ALA S 262 33.74 2.99 15.31
C ALA S 262 33.11 4.26 14.75
N GLY S 263 33.71 5.42 15.02
CA GLY S 263 33.21 6.67 14.48
C GLY S 263 32.42 7.52 15.46
N VAL S 264 32.91 7.66 16.68
CA VAL S 264 32.23 8.48 17.69
C VAL S 264 32.85 9.87 17.71
N LEU S 265 32.02 10.87 17.92
CA LEU S 265 32.47 12.26 17.93
C LEU S 265 33.11 12.61 19.26
N PRO S 266 33.97 13.63 19.30
CA PRO S 266 34.75 13.91 20.51
C PRO S 266 33.93 14.24 21.74
N GLN S 267 32.68 14.64 21.59
CA GLN S 267 31.88 15.05 22.73
C GLN S 267 31.17 13.90 23.42
N TYR S 268 31.40 12.65 23.00
CA TYR S 268 30.72 11.51 23.59
C TYR S 268 31.68 10.54 24.26
N TYR S 269 32.88 11.00 24.62
CA TYR S 269 33.84 10.16 25.33
C TYR S 269 33.55 10.08 26.82
N GLY S 270 32.56 10.83 27.32
CA GLY S 270 32.28 10.80 28.74
C GLY S 270 31.78 9.46 29.23
N VAL S 271 31.02 8.76 28.40
CA VAL S 271 30.48 7.47 28.80
C VAL S 271 31.60 6.44 28.94
N ILE S 272 32.56 6.46 28.03
CA ILE S 272 33.57 5.41 27.96
C ILE S 272 34.55 5.47 29.12
N THR S 273 34.96 6.66 29.54
CA THR S 273 36.04 6.79 30.50
C THR S 273 35.66 6.20 31.86
N GLY S 274 36.62 5.54 32.50
CA GLY S 274 36.41 4.92 33.78
C GLY S 274 35.93 3.49 33.74
N GLY S 275 35.58 2.97 32.57
CA GLY S 275 35.06 1.62 32.48
C GLY S 275 36.14 0.56 32.56
N SER S 276 35.68 -0.70 32.60
CA SER S 276 36.43 -1.94 32.72
C SER S 276 36.61 -2.61 31.37
N PRO S 277 37.66 -3.41 31.19
CA PRO S 277 37.94 -3.99 29.87
C PRO S 277 36.85 -4.92 29.36
N GLN S 278 35.99 -5.42 30.24
CA GLN S 278 35.01 -6.43 29.88
C GLN S 278 33.81 -5.87 29.15
N ASN S 279 33.54 -4.56 29.28
CA ASN S 279 32.28 -3.97 28.87
C ASN S 279 32.47 -2.89 27.82
N LEU S 280 33.44 -3.05 26.92
CA LEU S 280 33.71 -2.00 25.94
C LEU S 280 32.59 -1.88 24.92
N THR S 281 32.10 -3.00 24.40
CA THR S 281 31.17 -2.97 23.28
C THR S 281 29.84 -2.33 23.66
N GLU S 282 29.35 -2.61 24.87
CA GLU S 282 28.08 -2.00 25.29
C GLU S 282 28.21 -0.48 25.38
N LEU S 283 29.34 0.00 25.91
CA LEU S 283 29.53 1.45 26.00
C LEU S 283 29.62 2.09 24.62
N ILE S 284 30.31 1.44 23.68
CA ILE S 284 30.35 1.96 22.32
C ILE S 284 28.95 2.03 21.73
N ASN S 285 28.14 0.98 21.96
CA ASN S 285 26.78 0.98 21.45
C ASN S 285 25.96 2.12 22.05
N LEU S 286 26.12 2.38 23.35
CA LEU S 286 25.40 3.46 24.00
C LEU S 286 25.76 4.81 23.38
N ALA S 287 27.05 5.04 23.16
CA ALA S 287 27.46 6.31 22.56
C ALA S 287 26.88 6.47 21.16
N LEU S 288 26.89 5.40 20.37
CA LEU S 288 26.34 5.48 19.02
C LEU S 288 24.85 5.79 19.05
N GLU S 289 24.11 5.16 19.98
CA GLU S 289 22.68 5.42 20.06
C GLU S 289 22.39 6.87 20.42
N ASN S 290 23.14 7.42 21.37
CA ASN S 290 22.95 8.84 21.71
C ASN S 290 23.24 9.73 20.52
N GLN S 291 24.30 9.42 19.77
CA GLN S 291 24.63 10.20 18.59
C GLN S 291 23.51 10.18 17.57
N LYS S 292 22.93 9.01 17.32
CA LYS S 292 21.84 8.90 16.35
C LYS S 292 20.63 9.72 16.77
N LEU S 293 20.27 9.65 18.05
CA LEU S 293 19.12 10.42 18.53
C LEU S 293 19.35 11.92 18.35
N ASP S 294 20.55 12.39 18.67
CA ASP S 294 20.84 13.81 18.50
C ASP S 294 20.79 14.21 17.03
N GLN S 295 21.27 13.34 16.13
CA GLN S 295 21.22 13.65 14.71
C GLN S 295 19.79 13.82 14.24
N GLU S 296 18.89 12.92 14.65
CA GLU S 296 17.48 13.05 14.25
C GLU S 296 16.89 14.36 14.78
N LYS S 297 17.16 14.67 16.05
CA LYS S 297 16.61 15.90 16.63
C LYS S 297 17.09 17.13 15.87
N ALA S 298 18.37 17.15 15.47
CA ALA S 298 18.89 18.28 14.71
C ALA S 298 18.25 18.35 13.32
N LYS S 299 17.99 17.20 12.70
CA LYS S 299 17.29 17.22 11.41
C LYS S 299 15.89 17.82 11.55
N ALA S 300 15.23 17.59 12.69
CA ALA S 300 13.90 18.13 12.88
C ALA S 300 13.86 19.65 12.85
N GLY S 301 15.00 20.32 13.07
CA GLY S 301 15.06 21.76 13.03
C GLY S 301 14.78 22.39 14.38
N THR S 302 15.40 21.84 15.43
CA THR S 302 15.05 22.22 16.79
C THR S 302 15.86 23.41 17.29
N GLY S 303 17.17 23.40 17.08
CA GLY S 303 18.02 24.45 17.63
C GLY S 303 18.46 25.50 16.63
N ALA S 304 17.55 25.90 15.75
CA ALA S 304 17.86 26.87 14.71
C ALA S 304 17.16 28.20 14.91
N GLN S 305 16.59 28.45 16.08
CA GLN S 305 15.90 29.71 16.32
C GLN S 305 16.83 30.81 16.81
N LEU S 306 18.11 30.52 16.98
CA LEU S 306 19.06 31.54 17.42
C LEU S 306 19.57 32.41 16.28
N ALA S 307 19.31 32.05 15.03
CA ALA S 307 19.79 32.85 13.91
C ALA S 307 18.96 34.10 13.71
N ALA S 308 17.74 34.14 14.25
CA ALA S 308 16.86 35.29 14.06
C ALA S 308 17.05 36.39 15.10
N GLY S 309 17.90 36.17 16.09
CA GLY S 309 18.19 37.19 17.09
C GLY S 309 17.34 37.04 18.34
N VAL S 310 17.59 37.93 19.29
CA VAL S 310 16.94 37.91 20.60
C VAL S 310 16.11 39.17 20.82
N ILE S 311 16.67 40.34 20.50
CA ILE S 311 15.94 41.59 20.68
C ILE S 311 14.76 41.64 19.71
N GLY S 312 13.61 42.09 20.22
CA GLY S 312 12.41 42.17 19.40
C GLY S 312 11.54 40.95 19.53
N ALA S 313 11.63 40.06 18.55
CA ALA S 313 10.91 38.79 18.57
C ALA S 313 11.89 37.66 18.32
N GLY S 314 11.84 36.63 19.15
CA GLY S 314 12.74 35.52 19.00
C GLY S 314 12.62 34.49 20.11
N VAL S 315 13.76 33.94 20.55
CA VAL S 315 13.77 32.94 21.60
C VAL S 315 13.59 33.62 22.95
N ASP S 316 13.33 32.82 23.98
CA ASP S 316 13.38 33.30 25.35
C ASP S 316 14.77 33.00 25.92
N PRO S 317 15.57 34.00 26.26
CA PRO S 317 16.98 33.74 26.59
C PRO S 317 17.19 32.78 27.73
N LEU S 318 16.33 32.79 28.75
CA LEU S 318 16.53 31.96 29.92
C LEU S 318 15.85 30.60 29.82
N THR S 319 15.23 30.29 28.68
CA THR S 319 14.50 29.05 28.47
C THR S 319 14.88 28.45 27.11
N TYR S 320 16.18 28.36 26.86
CA TYR S 320 16.69 27.85 25.59
C TYR S 320 17.84 26.90 25.88
N VAL S 321 17.75 25.68 25.37
CA VAL S 321 18.74 24.64 25.61
C VAL S 321 19.32 24.21 24.27
N PRO S 322 20.62 24.40 24.03
CA PRO S 322 21.20 24.07 22.73
C PRO S 322 21.47 22.58 22.58
N ILE S 323 21.81 22.19 21.35
CA ILE S 323 22.11 20.82 20.99
C ILE S 323 23.56 20.73 20.53
N ALA S 324 24.25 19.67 20.96
CA ALA S 324 25.67 19.51 20.64
C ALA S 324 25.85 18.78 19.32
N GLY S 325 26.86 19.18 18.55
CA GLY S 325 27.23 18.51 17.32
C GLY S 325 27.10 19.33 16.07
N GLN S 326 26.52 20.54 16.12
CA GLN S 326 26.31 21.37 14.94
C GLN S 326 27.39 22.43 14.80
N VAL S 327 28.63 22.11 15.16
CA VAL S 327 29.68 23.12 15.22
C VAL S 327 30.05 23.62 13.82
N GLY S 328 30.23 22.69 12.87
CA GLY S 328 30.70 23.05 11.55
C GLY S 328 29.65 23.21 10.48
N LYS S 329 28.37 23.30 10.85
CA LYS S 329 27.32 23.38 9.83
C LYS S 329 27.39 24.71 9.07
N GLY S 330 27.65 25.80 9.78
CA GLY S 330 27.81 27.10 9.13
C GLY S 330 26.58 27.98 9.22
N GLY S 331 26.57 28.91 10.17
CA GLY S 331 25.45 29.80 10.39
C GLY S 331 25.93 31.22 10.61
N LYS S 332 24.96 32.13 10.70
CA LYS S 332 25.26 33.55 10.84
C LYS S 332 24.04 34.23 11.42
N LEU S 333 24.22 35.48 11.83
CA LEU S 333 23.17 36.26 12.48
C LEU S 333 22.60 37.28 11.50
N VAL S 334 21.28 37.27 11.35
CA VAL S 334 20.57 38.25 10.52
C VAL S 334 19.25 38.56 11.19
N ASN S 335 19.06 39.81 11.63
CA ASN S 335 17.88 40.21 12.36
C ASN S 335 16.95 40.99 11.44
N LYS S 336 15.67 40.63 11.43
CA LYS S 336 14.70 41.19 10.50
C LYS S 336 14.22 42.58 10.90
N MET S 337 14.59 43.07 12.08
CA MET S 337 14.09 44.36 12.53
C MET S 337 14.90 45.54 12.00
N PHE S 338 16.07 45.29 11.41
CA PHE S 338 16.95 46.36 10.96
C PHE S 338 17.22 46.32 9.45
N THR S 339 16.37 45.63 8.68
CA THR S 339 16.58 45.51 7.25
C THR S 339 15.25 45.63 6.53
N VAL S 340 15.34 45.95 5.24
CA VAL S 340 14.18 45.94 4.34
C VAL S 340 14.14 44.61 3.62
N ALA S 341 12.95 44.03 3.51
CA ALA S 341 12.81 42.68 2.98
C ALA S 341 13.34 42.54 1.56
N ALA S 342 13.43 43.64 0.81
CA ALA S 342 14.01 43.56 -0.53
C ALA S 342 15.52 43.38 -0.48
N GLN S 343 16.19 43.97 0.52
CA GLN S 343 17.64 43.86 0.63
C GLN S 343 18.06 42.43 0.93
N SER S 344 17.42 41.80 1.92
CA SER S 344 17.66 40.41 2.27
C SER S 344 16.44 39.62 1.80
N GLY S 345 16.54 39.07 0.59
CA GLY S 345 15.40 38.44 -0.06
C GLY S 345 14.78 37.30 0.72
N ALA S 346 15.50 36.19 0.86
CA ALA S 346 14.98 35.01 1.53
C ALA S 346 16.15 34.12 1.91
N LEU S 347 15.84 32.89 2.31
CA LEU S 347 16.84 31.90 2.68
C LEU S 347 16.97 30.86 1.58
N ALA S 348 18.20 30.46 1.28
CA ALA S 348 18.45 29.45 0.27
C ALA S 348 18.22 28.06 0.85
N GLY S 349 17.06 27.85 1.47
CA GLY S 349 16.76 26.58 2.11
C GLY S 349 17.63 26.35 3.32
N VAL S 350 17.86 25.07 3.61
CA VAL S 350 18.73 24.65 4.71
C VAL S 350 19.69 23.59 4.19
N SER S 351 20.75 23.37 4.97
CA SER S 351 21.78 22.43 4.56
C SER S 351 21.21 21.02 4.45
N GLU S 352 21.82 20.22 3.56
CA GLU S 352 21.49 18.81 3.47
C GLU S 352 21.91 18.04 4.71
N MET S 353 22.75 18.64 5.56
CA MET S 353 23.18 18.09 6.83
C MET S 353 23.96 16.79 6.67
N ALA S 354 24.58 16.57 5.51
CA ALA S 354 25.41 15.40 5.28
C ALA S 354 26.68 15.72 4.48
N ARG S 355 26.94 16.99 4.20
CA ARG S 355 28.01 17.38 3.30
C ARG S 355 28.87 18.53 3.85
N THR S 356 28.34 19.34 4.74
CA THR S 356 28.93 20.63 5.06
C THR S 356 30.27 20.51 5.77
N SER S 357 31.10 21.54 5.60
CA SER S 357 32.39 21.64 6.27
C SER S 357 32.74 23.11 6.37
N VAL S 358 33.69 23.42 7.27
CA VAL S 358 34.10 24.80 7.52
C VAL S 358 35.62 24.86 7.59
N ALA S 359 36.15 26.06 7.36
CA ALA S 359 37.58 26.32 7.40
C ALA S 359 37.97 26.80 8.80
N GLY S 360 39.19 27.32 8.94
CA GLY S 360 39.74 27.70 10.22
C GLY S 360 39.11 28.89 10.90
N GLY S 361 39.26 30.09 10.32
CA GLY S 361 38.86 31.31 11.02
C GLY S 361 37.92 32.23 10.28
N ASP S 362 37.67 31.95 9.00
CA ASP S 362 36.79 32.82 8.23
C ASP S 362 35.32 32.58 8.56
N ALA S 363 34.98 31.37 9.01
CA ALA S 363 33.59 31.01 9.30
C ALA S 363 33.40 30.57 10.74
N HIS S 364 34.28 31.00 11.65
CA HIS S 364 34.13 30.72 13.07
C HIS S 364 33.82 31.97 13.88
N VAL S 365 34.23 33.14 13.37
CA VAL S 365 33.88 34.40 14.01
C VAL S 365 32.36 34.59 14.02
N ALA S 366 31.71 34.20 12.93
CA ALA S 366 30.27 34.36 12.79
C ALA S 366 29.48 33.50 13.76
N GLU S 367 30.11 32.53 14.42
CA GLU S 367 29.45 31.75 15.46
C GLU S 367 29.89 32.13 16.86
N ALA S 368 31.14 32.56 17.02
CA ALA S 368 31.53 33.17 18.28
C ALA S 368 30.60 34.34 18.62
N ILE S 369 30.29 35.16 17.62
CA ILE S 369 29.39 36.29 17.88
C ILE S 369 27.97 35.79 18.21
N LEU S 370 27.56 34.67 17.63
CA LEU S 370 26.26 34.08 17.99
C LEU S 370 26.21 33.74 19.47
N GLY S 371 27.29 33.19 20.01
CA GLY S 371 27.34 32.95 21.45
C GLY S 371 27.27 34.23 22.27
N GLY S 372 28.02 35.24 21.85
CA GLY S 372 28.02 36.51 22.57
C GLY S 372 26.63 37.12 22.66
N ALA S 373 25.85 37.01 21.58
CA ALA S 373 24.50 37.57 21.58
C ALA S 373 23.63 36.93 22.66
N LEU S 374 23.69 35.61 22.79
CA LEU S 374 22.93 34.92 23.81
C LEU S 374 23.31 35.40 25.20
N PHE S 375 24.62 35.53 25.46
CA PHE S 375 25.03 35.97 26.78
C PHE S 375 24.48 37.37 27.10
N GLY S 376 24.57 38.29 26.14
CA GLY S 376 24.09 39.64 26.39
C GLY S 376 22.59 39.69 26.67
N GLY S 377 21.81 38.95 25.88
CA GLY S 377 20.37 38.93 26.11
C GLY S 377 20.02 38.39 27.48
N GLY S 378 20.69 37.32 27.91
CA GLY S 378 20.42 36.77 29.22
C GLY S 378 20.72 37.76 30.34
N MET S 379 21.86 38.45 30.25
CA MET S 379 22.20 39.41 31.30
C MET S 379 21.18 40.53 31.38
N THR S 380 20.73 41.04 30.23
CA THR S 380 19.70 42.08 30.24
C THR S 380 18.42 41.57 30.90
N ALA S 381 18.04 40.33 30.60
CA ALA S 381 16.81 39.78 31.17
C ALA S 381 16.90 39.67 32.68
N ILE S 382 18.05 39.28 33.22
CA ILE S 382 18.19 39.18 34.67
C ILE S 382 18.13 40.56 35.33
N ALA S 383 18.87 41.52 34.76
CA ALA S 383 18.96 42.84 35.37
C ALA S 383 17.60 43.53 35.41
N ASP S 384 16.82 43.40 34.33
CA ASP S 384 15.51 44.04 34.30
C ASP S 384 14.62 43.52 35.41
N GLY S 385 14.59 42.21 35.60
CA GLY S 385 13.74 41.63 36.64
C GLY S 385 14.15 42.09 38.02
N LEU S 386 15.45 42.08 38.31
CA LEU S 386 15.91 42.55 39.61
C LEU S 386 15.49 44.00 39.84
N GLY S 387 15.72 44.85 38.84
CA GLY S 387 15.40 46.26 38.99
C GLY S 387 13.93 46.51 39.21
N ARG S 388 13.08 45.87 38.41
CA ARG S 388 11.65 46.05 38.55
C ARG S 388 11.13 45.52 39.88
N ALA S 389 11.69 44.43 40.40
CA ALA S 389 11.28 43.94 41.70
C ALA S 389 11.70 44.88 42.83
N LEU S 390 12.92 45.43 42.78
CA LEU S 390 13.37 46.25 43.89
C LEU S 390 12.74 47.63 43.87
N GLY S 391 12.43 48.18 42.70
CA GLY S 391 11.75 49.46 42.58
C GLY S 391 12.52 50.56 41.89
N ARG S 392 13.58 50.24 41.17
CA ARG S 392 14.44 51.23 40.52
C ARG S 392 14.42 51.04 39.01
N PHE S 397 23.10 46.69 30.98
CA PHE S 397 23.31 45.75 29.89
C PHE S 397 22.28 45.92 28.77
N ALA S 398 21.81 47.15 28.53
CA ALA S 398 20.78 47.37 27.54
C ALA S 398 21.24 48.14 26.31
N GLY S 399 22.38 48.81 26.37
CA GLY S 399 22.91 49.51 25.22
C GLY S 399 23.79 48.64 24.35
N PRO S 400 24.83 48.03 24.93
CA PRO S 400 25.76 47.24 24.13
C PRO S 400 25.11 46.10 23.35
N ALA S 401 24.11 45.43 23.92
CA ALA S 401 23.48 44.32 23.20
C ALA S 401 22.81 44.81 21.92
N THR S 402 22.04 45.89 22.02
CA THR S 402 21.39 46.45 20.84
C THR S 402 22.40 46.92 19.82
N ARG S 403 23.46 47.59 20.26
CA ARG S 403 24.46 48.06 19.32
C ARG S 403 25.13 46.90 18.60
N LEU S 404 25.45 45.83 19.33
CA LEU S 404 26.11 44.68 18.72
C LEU S 404 25.22 44.02 17.68
N GLU S 405 23.94 43.82 17.99
CA GLU S 405 23.08 43.17 17.02
C GLU S 405 22.89 44.03 15.77
N ALA S 406 22.77 45.35 15.96
CA ALA S 406 22.66 46.23 14.79
C ALA S 406 23.90 46.14 13.90
N ARG S 407 25.08 46.15 14.52
CA ARG S 407 26.32 46.07 13.74
C ARG S 407 26.40 44.76 12.96
N GLU S 408 26.09 43.64 13.60
CA GLU S 408 26.23 42.36 12.90
C GLU S 408 25.22 42.25 11.76
N THR S 409 23.97 42.66 11.99
CA THR S 409 22.99 42.60 10.91
C THR S 409 23.40 43.48 9.73
N ALA S 410 23.93 44.68 10.02
CA ALA S 410 24.38 45.54 8.94
C ALA S 410 25.59 44.97 8.22
N ARG S 411 26.43 44.20 8.92
CA ARG S 411 27.62 43.64 8.28
C ARG S 411 27.28 42.48 7.37
N ASN S 412 26.29 41.66 7.75
CA ASN S 412 26.07 40.40 7.04
C ASN S 412 25.40 40.60 5.68
N VAL S 413 24.58 41.63 5.51
CA VAL S 413 23.79 41.80 4.30
C VAL S 413 24.16 43.06 3.53
N ASP S 414 25.23 43.76 3.91
CA ASP S 414 25.69 44.96 3.23
C ASP S 414 24.58 46.01 3.15
N GLY S 415 24.21 46.50 4.32
CA GLY S 415 23.18 47.51 4.43
C GLY S 415 23.62 48.72 5.23
N GLN S 416 22.67 49.51 5.70
CA GLN S 416 22.98 50.66 6.53
C GLN S 416 23.41 50.22 7.91
N ASP S 417 24.38 50.95 8.49
CA ASP S 417 24.74 50.78 9.89
C ASP S 417 23.94 51.79 10.70
N LEU S 418 22.98 51.30 11.48
CA LEU S 418 22.10 52.16 12.25
C LEU S 418 22.63 52.47 13.65
N SER S 419 23.85 52.04 13.97
CA SER S 419 24.41 52.17 15.31
C SER S 419 25.54 53.20 15.38
N ARG S 420 25.36 54.33 14.72
CA ARG S 420 26.38 55.37 14.66
C ARG S 420 25.80 56.70 15.13
N LEU S 421 26.66 57.52 15.72
CA LEU S 421 26.29 58.85 16.21
C LEU S 421 27.38 59.83 15.82
N PRO S 422 27.18 60.60 14.75
CA PRO S 422 28.26 61.46 14.24
C PRO S 422 28.49 62.65 15.14
N ILE S 423 29.65 63.28 14.95
CA ILE S 423 30.02 64.47 15.71
C ILE S 423 29.41 65.69 15.03
N GLN S 424 28.68 66.50 15.80
CA GLN S 424 28.10 67.72 15.26
C GLN S 424 29.14 68.82 15.17
N GLU S 425 28.70 70.06 14.97
CA GLU S 425 29.60 71.21 14.93
C GLU S 425 29.39 72.08 16.16
N GLY S 426 30.49 72.62 16.68
CA GLY S 426 30.46 73.40 17.89
C GLY S 426 30.57 72.60 19.17
N GLU S 427 31.08 71.38 19.11
CA GLU S 427 31.20 70.50 20.25
C GLU S 427 32.67 70.23 20.55
N GLN S 428 32.99 70.13 21.84
CA GLN S 428 34.38 70.03 22.28
C GLN S 428 35.00 68.70 21.92
N THR S 429 36.28 68.72 21.54
CA THR S 429 37.01 67.52 21.14
C THR S 429 38.41 67.52 21.77
N PHE S 430 38.98 66.32 21.90
CA PHE S 430 40.32 66.15 22.45
C PHE S 430 41.17 65.27 21.53
N SER S 431 42.36 64.90 21.99
CA SER S 431 43.21 64.00 21.22
C SER S 431 44.30 63.41 22.12
N HIS S 432 44.65 62.16 21.86
CA HIS S 432 45.73 61.49 22.59
C HIS S 432 46.47 60.57 21.62
N GLN S 433 47.77 60.80 21.46
CA GLN S 433 48.62 60.02 20.56
C GLN S 433 48.10 60.06 19.13
N GLY S 434 47.67 61.24 18.69
CA GLY S 434 47.24 61.42 17.32
C GLY S 434 45.86 60.90 16.98
N VAL S 435 45.08 60.49 17.98
CA VAL S 435 43.73 59.97 17.76
C VAL S 435 42.75 60.93 18.41
N LYS S 436 41.74 61.35 17.66
CA LYS S 436 40.73 62.27 18.15
C LYS S 436 39.54 61.54 18.72
N PHE S 437 38.82 62.21 19.63
CA PHE S 437 37.61 61.64 20.20
C PHE S 437 36.81 62.76 20.87
N ALA S 438 35.56 62.46 21.19
CA ALA S 438 34.68 63.37 21.91
C ALA S 438 33.78 62.55 22.83
N ASP S 439 33.26 63.21 23.87
CA ASP S 439 32.47 62.53 24.87
C ASP S 439 31.10 62.14 24.31
N VAL S 440 30.38 61.32 25.06
CA VAL S 440 29.04 60.88 24.70
C VAL S 440 28.10 61.29 25.83
N PRO S 441 26.92 61.83 25.52
CA PRO S 441 25.98 62.22 26.58
C PRO S 441 25.22 61.02 27.13
N ASN S 442 24.87 61.13 28.41
CA ASN S 442 24.01 60.20 29.15
C ASN S 442 24.71 58.88 29.47
N GLU S 443 25.96 58.69 29.06
CA GLU S 443 26.70 57.46 29.35
C GLU S 443 28.14 57.79 29.69
N PRO S 444 28.44 58.04 30.96
CA PRO S 444 29.82 58.37 31.33
C PRO S 444 30.76 57.18 31.15
N GLY S 445 32.00 57.51 30.80
CA GLY S 445 33.04 56.51 30.62
C GLY S 445 33.25 56.06 29.19
N SER S 446 32.26 56.25 28.32
CA SER S 446 32.38 55.87 26.92
C SER S 446 33.00 57.01 26.11
N VAL S 447 33.10 56.82 24.80
CA VAL S 447 33.75 57.79 23.94
C VAL S 447 33.31 57.52 22.51
N ARG S 448 33.43 58.54 21.65
CA ARG S 448 33.04 58.43 20.25
C ARG S 448 34.25 58.66 19.37
N LEU S 449 34.41 57.83 18.34
CA LEU S 449 35.48 58.02 17.38
C LEU S 449 35.05 59.04 16.33
N GLU S 450 35.86 59.20 15.30
CA GLU S 450 35.60 60.24 14.31
C GLU S 450 34.35 59.94 13.48
N ASP S 451 34.07 58.67 13.20
CA ASP S 451 32.95 58.31 12.34
C ASP S 451 31.72 57.87 13.12
N GLY S 452 31.68 58.10 14.43
CA GLY S 452 30.49 57.80 15.21
C GLY S 452 30.38 56.40 15.72
N SER S 453 31.49 55.72 15.99
CA SER S 453 31.49 54.39 16.59
C SER S 453 31.75 54.53 18.08
N ILE S 454 30.89 53.92 18.90
CA ILE S 454 30.94 54.07 20.35
C ILE S 454 31.59 52.82 20.95
N LEU S 455 32.50 53.04 21.90
CA LEU S 455 33.15 51.96 22.62
C LEU S 455 32.93 52.14 24.11
N ILE S 456 32.59 51.05 24.80
CA ILE S 456 32.37 51.11 26.24
C ILE S 456 33.69 51.34 26.95
N GLY S 457 33.65 51.67 28.24
CA GLY S 457 34.83 52.10 28.95
C GLY S 457 35.80 51.00 29.32
N GLU S 458 35.43 49.75 29.07
CA GLU S 458 36.22 48.60 29.47
C GLU S 458 36.96 47.97 28.31
N ASN S 459 36.86 48.54 27.12
CA ASN S 459 37.50 47.99 25.95
C ASN S 459 39.02 48.16 26.06
N PRO S 460 39.80 47.23 25.49
CA PRO S 460 41.26 47.40 25.51
C PRO S 460 41.77 48.49 24.59
N LEU S 461 40.94 49.04 23.72
CA LEU S 461 41.36 50.03 22.73
C LEU S 461 40.83 51.42 23.01
N ASN S 462 40.32 51.67 24.21
CA ASN S 462 39.70 52.95 24.53
C ASN S 462 40.76 54.01 24.72
N PRO S 463 40.75 55.11 23.95
CA PRO S 463 41.82 56.11 24.06
C PRO S 463 41.82 56.91 25.35
N LYS S 464 40.69 56.97 26.05
CA LYS S 464 40.62 57.79 27.26
C LYS S 464 41.11 57.06 28.50
N THR S 465 40.84 55.76 28.60
CA THR S 465 41.26 55.00 29.77
C THR S 465 42.78 54.88 29.84
N ARG S 466 43.44 54.66 28.71
CA ARG S 466 44.89 54.64 28.71
C ARG S 466 45.45 56.01 29.07
N GLN S 467 44.80 57.07 28.62
CA GLN S 467 45.24 58.41 28.99
C GLN S 467 45.17 58.62 30.49
N VAL S 468 44.04 58.24 31.11
CA VAL S 468 43.90 58.47 32.55
C VAL S 468 44.85 57.59 33.34
N PHE S 469 45.07 56.34 32.90
CA PHE S 469 46.09 55.52 33.51
C PHE S 469 47.44 56.22 33.50
N ASP S 470 47.97 56.46 32.29
CA ASP S 470 49.32 57.00 32.15
C ASP S 470 49.45 58.37 32.81
N GLU S 471 48.36 59.10 32.95
CA GLU S 471 48.43 60.43 33.55
C GLU S 471 48.47 60.34 35.07
N VAL S 472 47.48 59.71 35.69
CA VAL S 472 47.28 59.83 37.12
C VAL S 472 47.54 58.53 37.88
N ILE S 473 47.21 57.38 37.33
CA ILE S 473 47.17 56.17 38.17
C ILE S 473 48.52 55.47 38.21
N GLU S 474 49.10 55.16 37.04
CA GLU S 474 50.35 54.42 36.97
C GLU S 474 51.35 55.23 36.16
N PRO S 475 51.93 56.27 36.74
CA PRO S 475 52.94 57.04 36.01
C PRO S 475 54.28 56.33 35.87
N GLU S 476 54.60 55.41 36.77
CA GLU S 476 55.89 54.73 36.71
C GLU S 476 56.00 53.85 35.46
N ARG S 477 54.92 53.17 35.09
CA ARG S 477 54.86 52.48 33.81
C ARG S 477 54.28 53.40 32.74
N ALA S 478 54.95 54.54 32.56
CA ALA S 478 54.49 55.53 31.61
C ALA S 478 54.65 55.01 30.18
N ALA S 479 54.03 55.73 29.24
CA ALA S 479 54.14 55.36 27.83
C ALA S 479 55.57 55.38 27.35
N ALA S 480 56.40 56.25 27.94
CA ALA S 480 57.82 56.25 27.61
C ALA S 480 58.49 54.95 28.02
N GLY S 481 58.07 54.37 29.16
CA GLY S 481 58.62 53.10 29.60
C GLY S 481 58.22 51.92 28.76
N VAL S 482 57.16 52.05 27.95
CA VAL S 482 56.67 50.99 27.10
C VAL S 482 56.67 51.38 25.62
N ASN S 483 57.55 52.30 25.23
CA ASN S 483 57.57 52.75 23.85
C ASN S 483 58.70 52.09 23.07
N LEU S 484 58.38 51.63 21.86
CA LEU S 484 59.37 51.14 20.91
C LEU S 484 59.18 51.87 19.60
N GLY S 485 60.25 52.47 19.09
CA GLY S 485 60.18 53.23 17.86
C GLY S 485 60.60 52.45 16.63
N GLY S 486 61.42 51.42 16.83
CA GLY S 486 61.91 50.62 15.74
C GLY S 486 63.24 51.12 15.21
N LEU S 487 63.75 50.42 14.21
CA LEU S 487 65.04 50.75 13.62
C LEU S 487 65.01 52.07 12.86
N THR S 488 63.84 52.57 12.51
CA THR S 488 63.75 53.72 11.60
C THR S 488 64.35 54.98 12.23
N GLU S 489 63.78 55.43 13.35
CA GLU S 489 64.22 56.69 13.95
C GLU S 489 65.68 56.63 14.39
N ILE S 490 66.10 55.48 14.92
CA ILE S 490 67.49 55.30 15.29
C ILE S 490 68.39 55.42 14.06
N GLY S 491 67.98 54.84 12.94
CA GLY S 491 68.77 54.96 11.74
C GLY S 491 68.88 56.39 11.26
N LEU S 492 67.75 57.11 11.24
CA LEU S 492 67.80 58.52 10.83
C LEU S 492 68.70 59.33 11.74
N LYS S 493 68.64 59.10 13.05
CA LYS S 493 69.50 59.87 13.94
C LYS S 493 70.97 59.51 13.73
N LEU S 494 71.26 58.23 13.49
CA LEU S 494 72.64 57.80 13.30
C LEU S 494 73.24 58.37 12.04
N LEU S 495 72.47 58.43 10.96
CA LEU S 495 73.03 58.86 9.68
C LEU S 495 73.44 60.33 9.68
N ARG S 496 73.00 61.10 10.66
CA ARG S 496 73.37 62.52 10.74
C ARG S 496 74.60 62.69 11.64
N SER S 497 75.74 62.28 11.10
CA SER S 497 77.00 62.34 11.83
C SER S 497 78.05 63.04 10.97
N GLU S 498 79.20 63.29 11.60
CA GLU S 498 80.32 63.92 10.91
C GLU S 498 81.59 63.07 10.90
N ASN S 499 81.70 62.09 11.78
CA ASN S 499 82.91 61.28 11.87
C ASN S 499 82.94 60.27 10.74
N PRO S 500 83.93 60.31 9.85
CA PRO S 500 83.96 59.36 8.72
C PRO S 500 84.01 57.91 9.14
N GLU S 501 84.71 57.59 10.23
CA GLU S 501 84.80 56.19 10.66
C GLU S 501 83.44 55.63 11.02
N ILE S 502 82.62 56.42 11.71
CA ILE S 502 81.27 55.98 12.05
C ILE S 502 80.40 55.88 10.81
N ARG S 503 80.49 56.87 9.92
CA ARG S 503 79.67 56.87 8.71
C ARG S 503 79.99 55.68 7.81
N GLY S 504 81.25 55.23 7.81
CA GLY S 504 81.63 54.12 6.97
C GLY S 504 80.85 52.85 7.26
N VAL S 505 80.54 52.61 8.53
CA VAL S 505 79.72 51.47 8.88
C VAL S 505 78.24 51.83 8.92
N ALA S 506 77.91 53.10 9.18
CA ALA S 506 76.52 53.50 9.21
C ALA S 506 75.87 53.33 7.86
N ALA S 507 76.61 53.65 6.78
CA ALA S 507 76.06 53.52 5.43
C ALA S 507 75.67 52.09 5.11
N ASP S 508 76.26 51.11 5.78
CA ASP S 508 75.94 49.71 5.55
C ASP S 508 74.93 49.15 6.53
N LEU S 509 74.89 49.67 7.77
CA LEU S 509 73.98 49.12 8.76
C LEU S 509 72.53 49.46 8.44
N VAL S 510 72.25 50.71 8.08
CA VAL S 510 70.88 51.20 7.96
C VAL S 510 70.61 51.65 6.54
N ARG S 511 69.32 51.73 6.20
CA ARG S 511 68.84 52.08 4.88
C ARG S 511 68.29 53.50 4.91
N SER S 512 69.00 54.42 4.28
CA SER S 512 68.60 55.82 4.31
C SER S 512 67.31 56.04 3.52
N PRO S 513 66.50 57.01 3.91
CA PRO S 513 65.26 57.30 3.18
C PRO S 513 65.46 58.20 1.97
N THR S 514 66.70 58.59 1.66
CA THR S 514 66.98 59.48 0.54
C THR S 514 66.90 58.78 -0.80
N GLY S 515 66.31 57.59 -0.85
CA GLY S 515 66.19 56.85 -2.08
C GLY S 515 64.90 57.14 -2.83
N MET S 516 64.07 56.11 -2.97
CA MET S 516 62.83 56.19 -3.74
C MET S 516 63.12 56.71 -5.15
N GLN S 517 63.93 55.95 -5.87
CA GLN S 517 64.39 56.23 -7.23
C GLN S 517 65.37 57.41 -7.28
N SER S 518 65.78 57.95 -6.13
CA SER S 518 66.71 59.07 -6.09
C SER S 518 67.91 58.81 -5.19
N GLY S 519 68.07 57.57 -4.72
CA GLY S 519 69.17 57.23 -3.84
C GLY S 519 70.55 57.38 -4.44
N ALA S 520 71.42 58.12 -3.75
CA ALA S 520 72.79 58.30 -4.24
C ALA S 520 73.54 56.97 -4.27
N SER S 521 73.37 56.15 -3.24
CA SER S 521 74.10 54.90 -3.13
C SER S 521 73.22 53.88 -2.40
N GLY S 522 73.83 52.78 -1.97
CA GLY S 522 73.10 51.70 -1.33
C GLY S 522 72.57 50.65 -2.27
N LYS S 523 73.10 50.57 -3.49
CA LYS S 523 72.59 49.66 -4.50
C LYS S 523 73.19 48.26 -4.41
N ILE S 524 74.22 48.07 -3.60
CA ILE S 524 75.00 46.83 -3.63
C ILE S 524 74.10 45.62 -3.40
N GLY S 525 73.20 45.70 -2.43
CA GLY S 525 72.36 44.57 -2.11
C GLY S 525 71.73 44.77 -0.75
N THR S 526 71.36 43.65 -0.14
CA THR S 526 70.70 43.70 1.16
C THR S 526 71.65 44.23 2.23
N THR S 527 71.12 45.09 3.09
CA THR S 527 71.78 45.52 4.31
C THR S 527 71.18 44.74 5.48
N ALA S 528 71.56 45.09 6.70
CA ALA S 528 71.06 44.36 7.86
C ALA S 528 69.56 44.56 8.03
N SER S 529 69.05 45.76 7.73
CA SER S 529 67.65 46.05 7.98
C SER S 529 66.74 45.15 7.16
N ASP S 530 67.07 44.92 5.89
CA ASP S 530 66.19 44.16 5.01
C ASP S 530 66.06 42.72 5.46
N VAL S 531 67.19 42.07 5.75
CA VAL S 531 67.13 40.68 6.18
C VAL S 531 66.45 40.55 7.54
N PHE S 532 66.71 41.50 8.44
CA PHE S 532 66.04 41.48 9.75
C PHE S 532 64.53 41.56 9.58
N GLU S 533 64.05 42.49 8.75
CA GLU S 533 62.62 42.65 8.55
C GLU S 533 61.99 41.42 7.89
N ARG S 534 62.66 40.85 6.88
CA ARG S 534 62.11 39.67 6.22
C ARG S 534 61.93 38.52 7.21
N LEU S 535 62.99 38.19 7.96
CA LEU S 535 62.92 37.05 8.86
C LEU S 535 61.90 37.30 9.98
N ARG S 536 61.91 38.51 10.55
CA ARG S 536 60.95 38.82 11.59
C ARG S 536 59.52 38.79 11.06
N ALA S 537 59.34 39.03 9.76
CA ALA S 537 58.00 38.98 9.18
C ALA S 537 57.51 37.55 8.99
N VAL S 538 58.40 36.62 8.67
CA VAL S 538 57.92 35.24 8.47
C VAL S 538 57.74 34.50 9.80
N ASP S 539 58.54 34.82 10.82
CA ASP S 539 58.50 34.03 12.06
C ASP S 539 57.14 34.09 12.74
N HIS S 540 56.51 35.27 12.78
CA HIS S 540 55.25 35.40 13.49
C HIS S 540 54.13 34.60 12.83
N ARG S 541 54.14 34.51 11.50
CA ARG S 541 53.23 33.60 10.83
C ARG S 541 53.50 32.16 11.25
N PHE S 542 54.78 31.79 11.38
CA PHE S 542 55.07 30.43 11.83
C PHE S 542 54.44 30.15 13.18
N TYR S 543 54.58 31.09 14.13
CA TYR S 543 54.00 30.89 15.46
C TYR S 543 52.49 30.77 15.39
N ASN S 544 51.85 31.65 14.61
CA ASN S 544 50.41 31.62 14.47
C ASN S 544 49.92 30.30 13.90
N ASP S 545 50.76 29.61 13.13
CA ASP S 545 50.35 28.30 12.64
C ASP S 545 50.62 27.16 13.62
N ILE S 546 51.74 27.22 14.33
CA ILE S 546 52.06 26.13 15.28
C ILE S 546 51.05 26.10 16.41
N ASP S 547 50.51 27.26 16.81
CA ASP S 547 49.49 27.28 17.85
C ASP S 547 48.27 26.47 17.46
N ASP S 548 47.74 26.73 16.26
CA ASP S 548 46.56 26.01 15.79
C ASP S 548 46.87 24.55 15.52
N ALA S 549 48.10 24.23 15.11
CA ALA S 549 48.44 22.83 14.92
C ALA S 549 48.41 22.07 16.24
N VAL S 550 49.02 22.64 17.28
CA VAL S 550 49.10 21.93 18.56
C VAL S 550 47.74 21.83 19.24
N THR S 551 46.97 22.92 19.22
CA THR S 551 45.70 22.92 19.96
C THR S 551 44.77 21.81 19.48
N GLU S 552 44.85 21.46 18.20
CA GLU S 552 43.99 20.44 17.63
C GLU S 552 44.34 19.03 18.06
N ALA S 553 45.58 18.79 18.50
CA ALA S 553 46.03 17.43 18.77
C ALA S 553 45.49 16.87 20.08
N LEU S 554 45.01 17.72 20.98
CA LEU S 554 44.63 17.31 22.32
C LEU S 554 43.21 16.80 22.41
N LYS S 555 42.61 16.37 21.31
CA LYS S 555 41.27 15.78 21.35
C LYS S 555 41.25 14.34 20.88
N ASP S 556 42.42 13.70 20.79
CA ASP S 556 42.47 12.27 20.53
C ASP S 556 42.00 11.51 21.76
N PRO S 557 41.40 10.33 21.60
CA PRO S 557 40.94 9.57 22.78
C PRO S 557 42.05 9.20 23.73
N TYR S 558 43.31 9.29 23.32
CA TYR S 558 44.41 8.95 24.22
C TYR S 558 44.47 9.90 25.41
N PHE S 559 44.23 11.20 25.19
CA PHE S 559 44.38 12.19 26.24
C PHE S 559 43.10 12.45 27.01
N GLN S 560 41.94 12.32 26.37
CA GLN S 560 40.69 12.68 27.04
C GLN S 560 40.26 11.65 28.08
N THR S 561 40.71 10.41 27.95
CA THR S 561 40.26 9.32 28.80
C THR S 561 41.22 8.98 29.93
N ALA S 562 42.30 9.73 30.10
CA ALA S 562 43.30 9.45 31.14
C ALA S 562 43.07 10.42 32.30
N PHE S 563 42.48 9.92 33.37
CA PHE S 563 42.16 10.75 34.54
C PHE S 563 43.16 10.58 35.67
N TRP S 564 44.26 9.86 35.46
CA TRP S 564 45.26 9.66 36.50
C TRP S 564 46.49 10.53 36.30
N ARG S 565 46.36 11.62 35.54
CA ARG S 565 47.47 12.52 35.29
C ARG S 565 46.96 13.96 35.25
N ASP S 566 47.82 14.89 35.63
CA ASP S 566 47.44 16.29 35.63
C ASP S 566 47.18 16.76 34.20
N SER S 567 46.28 17.72 34.07
CA SER S 567 45.89 18.23 32.76
C SER S 567 46.81 19.33 32.26
N GLY S 568 47.86 19.68 32.99
CA GLY S 568 48.80 20.69 32.54
C GLY S 568 50.04 20.18 31.84
N ALA S 569 50.31 18.88 31.90
CA ALA S 569 51.54 18.33 31.35
C ALA S 569 51.37 17.76 29.95
N PHE S 570 50.17 17.90 29.35
CA PHE S 570 49.93 17.33 28.04
C PHE S 570 50.82 17.96 26.97
N ARG S 571 51.00 19.29 27.03
CA ARG S 571 51.84 19.95 26.03
C ARG S 571 53.28 19.51 26.13
N GLN S 572 53.82 19.40 27.35
CA GLN S 572 55.19 18.90 27.50
C GLN S 572 55.30 17.46 27.02
N ASP S 573 54.27 16.64 27.25
CA ASP S 573 54.27 15.28 26.73
C ASP S 573 54.40 15.29 25.21
N ILE S 574 53.59 16.11 24.53
CA ILE S 574 53.59 16.15 23.07
C ILE S 574 54.97 16.58 22.56
N TYR S 575 55.50 17.65 23.14
CA TYR S 575 56.79 18.16 22.66
C TYR S 575 57.91 17.16 22.87
N GLN S 576 57.92 16.49 24.03
CA GLN S 576 58.95 15.49 24.29
C GLN S 576 58.87 14.33 23.31
N ARG S 577 57.68 13.80 23.09
CA ARG S 577 57.56 12.66 22.19
C ARG S 577 57.98 13.02 20.77
N VAL S 578 57.53 14.17 20.27
CA VAL S 578 57.88 14.55 18.90
C VAL S 578 59.38 14.80 18.77
N SER S 579 59.97 15.52 19.73
CA SER S 579 61.40 15.82 19.64
C SER S 579 62.23 14.54 19.70
N MET S 580 61.83 13.58 20.52
CA MET S 580 62.54 12.31 20.55
C MET S 580 62.40 11.57 19.22
N ALA S 581 61.21 11.65 18.60
CA ALA S 581 61.02 10.95 17.34
C ALA S 581 61.83 11.58 16.20
N ILE S 582 62.09 12.88 16.26
CA ILE S 582 62.83 13.54 15.18
C ILE S 582 64.26 13.04 15.11
N GLU S 583 64.93 12.96 16.25
CA GLU S 583 66.35 12.62 16.29
C GLU S 583 66.62 11.13 16.04
N ASP S 584 65.59 10.30 16.10
CA ASP S 584 65.75 8.88 15.83
C ASP S 584 66.00 8.63 14.35
N GLY S 585 66.85 7.65 14.05
CA GLY S 585 67.15 7.33 12.67
C GLY S 585 66.49 6.06 12.16
N SER S 586 66.18 5.12 13.06
CA SER S 586 65.62 3.85 12.65
C SER S 586 64.25 4.03 12.02
N GLY S 587 63.34 4.70 12.72
CA GLY S 587 61.99 4.93 12.23
C GLY S 587 60.91 4.23 12.99
N ASN S 588 61.22 3.31 13.92
CA ASN S 588 60.16 2.63 14.64
C ASN S 588 59.42 3.57 15.58
N LEU S 589 60.08 4.59 16.11
CA LEU S 589 59.41 5.54 16.99
C LEU S 589 58.41 6.39 16.22
N LYS S 590 58.69 6.71 14.95
CA LYS S 590 57.75 7.50 14.17
C LYS S 590 56.44 6.76 13.95
N ALA S 591 56.48 5.43 13.92
CA ALA S 591 55.29 4.65 13.69
C ALA S 591 54.33 4.63 14.87
N GLU S 592 54.74 5.17 16.02
CA GLU S 592 53.93 5.14 17.22
C GLU S 592 53.06 6.37 17.40
N LEU S 593 53.36 7.47 16.72
CA LEU S 593 52.65 8.72 16.94
C LEU S 593 51.21 8.63 16.44
N THR S 594 50.31 9.32 17.13
CA THR S 594 48.91 9.33 16.77
C THR S 594 48.69 10.15 15.50
N PRO S 595 47.54 9.97 14.84
CA PRO S 595 47.30 10.71 13.57
C PRO S 595 47.27 12.22 13.72
N GLY S 596 47.35 12.78 14.93
CA GLY S 596 47.32 14.20 15.12
C GLY S 596 48.64 14.88 15.39
N GLU S 597 49.75 14.12 15.43
CA GLU S 597 51.06 14.69 15.71
C GLU S 597 51.96 14.76 14.49
N LEU S 598 51.55 14.16 13.38
CA LEU S 598 52.39 14.16 12.19
C LEU S 598 52.56 15.57 11.61
N LYS S 599 51.52 16.41 11.72
CA LYS S 599 51.62 17.77 11.21
C LYS S 599 52.62 18.61 12.01
N VAL S 600 52.60 18.47 13.33
CA VAL S 600 53.59 19.13 14.17
C VAL S 600 54.99 18.63 13.79
N TYR S 601 55.12 17.32 13.57
CA TYR S 601 56.39 16.76 13.13
C TYR S 601 56.90 17.45 11.87
N ASP S 602 56.03 17.58 10.86
CA ASP S 602 56.43 18.17 9.59
C ASP S 602 56.86 19.62 9.75
N LEU S 603 56.05 20.42 10.46
CA LEU S 603 56.38 21.83 10.63
C LEU S 603 57.74 22.01 11.30
N LEU S 604 57.94 21.36 12.44
CA LEU S 604 59.17 21.57 13.20
C LEU S 604 60.38 21.11 12.41
N LYS S 605 60.28 19.95 11.74
CA LYS S 605 61.41 19.46 10.97
C LYS S 605 61.80 20.44 9.87
N ASN S 606 60.81 20.95 9.13
CA ASN S 606 61.11 21.83 8.01
C ASN S 606 61.80 23.10 8.47
N GLN S 607 61.28 23.75 9.51
CA GLN S 607 61.92 25.00 9.94
C GLN S 607 63.32 24.76 10.50
N PHE S 608 63.50 23.69 11.30
CA PHE S 608 64.80 23.46 11.88
C PHE S 608 65.84 23.16 10.81
N ASP S 609 65.44 22.59 9.68
CA ASP S 609 66.39 22.42 8.57
C ASP S 609 66.67 23.74 7.86
N ALA S 610 65.64 24.57 7.65
CA ALA S 610 65.84 25.81 6.91
C ALA S 610 66.82 26.75 7.62
N LYS S 611 66.72 26.84 8.96
CA LYS S 611 67.57 27.78 9.68
C LYS S 611 69.06 27.42 9.53
N ARG S 612 69.39 26.13 9.67
CA ARG S 612 70.77 25.72 9.49
C ARG S 612 71.22 25.95 8.05
N GLU S 613 70.35 25.66 7.08
CA GLU S 613 70.74 25.89 5.69
C GLU S 613 71.10 27.36 5.46
N MET S 614 70.36 28.29 6.07
CA MET S 614 70.75 29.70 5.98
C MET S 614 72.07 29.96 6.68
N MET S 615 72.29 29.37 7.86
CA MET S 615 73.51 29.72 8.59
C MET S 615 74.77 29.18 7.93
N GLU S 616 74.67 28.14 7.10
CA GLU S 616 75.87 27.59 6.48
C GLU S 616 76.39 28.43 5.32
N ASN S 617 75.51 29.11 4.57
CA ASN S 617 75.90 29.93 3.41
C ASN S 617 75.24 31.30 3.46
N PRO S 618 75.83 32.27 4.17
CA PRO S 618 75.23 33.60 4.26
C PRO S 618 75.44 34.48 3.03
N ALA S 619 75.87 33.93 1.91
CA ALA S 619 75.99 34.69 0.67
C ALA S 619 74.76 34.58 -0.21
N MET S 620 73.69 33.97 0.29
CA MET S 620 72.45 33.88 -0.47
C MET S 620 71.74 35.22 -0.59
N PHE S 621 72.14 36.21 0.19
CA PHE S 621 71.39 37.46 0.27
C PHE S 621 71.96 38.56 -0.61
N GLY S 622 73.22 38.48 -1.01
CA GLY S 622 73.72 39.45 -1.97
C GLY S 622 75.16 39.89 -1.81
N ARG S 623 75.82 39.52 -0.72
CA ARG S 623 77.21 39.90 -0.52
C ARG S 623 78.12 38.70 -0.71
N PRO S 624 79.02 38.71 -1.70
CA PRO S 624 79.79 37.51 -2.05
C PRO S 624 81.09 37.33 -1.29
N ASP S 625 81.33 38.04 -0.19
CA ASP S 625 82.55 37.84 0.61
C ASP S 625 82.21 37.57 2.08
N ALA S 626 81.20 36.73 2.32
CA ALA S 626 80.79 36.36 3.67
C ALA S 626 81.06 34.89 3.90
N GLN S 627 81.66 34.58 5.06
CA GLN S 627 82.01 33.21 5.43
C GLN S 627 80.87 32.57 6.20
N SER S 628 81.13 31.39 6.76
CA SER S 628 80.13 30.63 7.50
C SER S 628 80.40 30.68 9.00
N ILE S 629 79.32 30.54 9.78
CA ILE S 629 79.39 30.65 11.22
C ILE S 629 78.97 29.38 11.95
N PHE S 630 78.50 28.37 11.22
CA PHE S 630 78.07 27.12 11.84
C PHE S 630 79.29 26.30 12.23
N PRO S 631 79.46 25.95 13.51
CA PRO S 631 80.65 25.21 13.95
C PRO S 631 80.49 23.72 13.72
N GLY S 632 81.17 23.20 12.70
CA GLY S 632 81.09 21.80 12.35
C GLY S 632 80.03 21.56 11.29
N SER S 633 80.44 21.38 10.03
CA SER S 633 79.50 21.36 8.93
C SER S 633 79.79 20.27 7.91
N ARG S 634 80.58 19.26 8.26
CA ARG S 634 80.91 18.23 7.28
C ARG S 634 79.74 17.28 7.05
N PHE S 635 79.08 16.86 8.12
CA PHE S 635 78.06 15.83 7.99
C PHE S 635 76.66 16.43 7.99
N LYS S 636 75.65 15.57 8.02
CA LYS S 636 74.27 15.96 7.89
C LYS S 636 73.46 15.48 9.08
N GLY S 637 72.39 16.21 9.38
CA GLY S 637 71.51 15.87 10.47
C GLY S 637 70.57 17.01 10.77
N THR S 638 69.76 16.81 11.81
CA THR S 638 68.84 17.83 12.30
C THR S 638 69.24 18.22 13.71
N TYR S 639 69.36 19.52 13.96
CA TYR S 639 69.81 20.03 15.24
C TYR S 639 68.64 20.56 16.04
N VAL S 640 68.53 20.13 17.30
CA VAL S 640 67.51 20.60 18.22
C VAL S 640 68.22 21.16 19.45
N PRO S 641 67.89 22.36 19.91
CA PRO S 641 68.70 23.01 20.97
C PRO S 641 68.71 22.22 22.27
N HIS S 642 69.85 22.30 22.95
CA HIS S 642 70.08 21.61 24.23
C HIS S 642 70.16 22.62 25.36
N VAL S 643 69.28 22.48 26.35
CA VAL S 643 69.28 23.33 27.53
C VAL S 643 69.14 22.43 28.75
N TYR S 644 70.08 22.53 29.69
CA TYR S 644 70.12 21.62 30.82
C TYR S 644 69.53 22.27 32.07
N SER S 645 68.97 21.43 32.93
CA SER S 645 68.33 21.88 34.16
C SER S 645 69.36 21.90 35.30
N SER S 646 68.94 22.42 36.45
CA SER S 646 69.80 22.55 37.61
C SER S 646 69.29 21.83 38.84
N GLN S 647 67.98 21.82 39.07
CA GLN S 647 67.44 21.09 40.22
C GLN S 647 67.72 19.60 40.11
N MET S 648 67.59 19.03 38.91
CA MET S 648 67.91 17.62 38.74
C MET S 648 69.38 17.36 39.00
N LYS S 649 70.24 18.29 38.59
CA LYS S 649 71.66 18.16 38.89
C LYS S 649 71.89 18.12 40.39
N GLU S 650 71.22 19.00 41.13
CA GLU S 650 71.38 19.02 42.58
C GLU S 650 70.89 17.72 43.23
N LEU S 651 69.75 17.20 42.76
CA LEU S 651 69.22 15.96 43.32
C LEU S 651 70.17 14.79 43.07
N TYR S 652 70.68 14.67 41.84
CA TYR S 652 71.58 13.57 41.54
C TYR S 652 72.90 13.72 42.31
N ILE S 653 73.39 14.94 42.46
CA ILE S 653 74.61 15.14 43.23
C ILE S 653 74.39 14.72 44.68
N LYS S 654 73.23 15.04 45.24
CA LYS S 654 72.94 14.61 46.61
C LYS S 654 72.91 13.10 46.72
N GLU S 655 72.30 12.42 45.74
CA GLU S 655 72.16 10.97 45.86
C GLU S 655 73.48 10.25 45.66
N LEU S 656 74.32 10.71 44.72
CA LEU S 656 75.57 10.01 44.46
C LEU S 656 76.71 10.47 45.36
N GLY S 657 76.58 11.61 46.02
CA GLY S 657 77.52 12.02 47.04
C GLY S 657 78.66 12.90 46.60
N SER S 658 78.98 12.93 45.30
CA SER S 658 80.10 13.73 44.84
C SER S 658 79.78 14.31 43.48
N PRO S 659 80.38 15.44 43.12
CA PRO S 659 80.25 15.94 41.74
C PRO S 659 81.00 15.10 40.72
N GLU S 660 81.93 14.25 41.14
CA GLU S 660 82.68 13.44 40.17
C GLU S 660 81.83 12.30 39.63
N ALA S 661 81.08 11.61 40.49
CA ALA S 661 80.29 10.47 40.06
C ALA S 661 79.39 10.83 38.89
N LEU S 662 78.84 12.05 38.89
CA LEU S 662 78.06 12.50 37.75
C LEU S 662 78.91 12.57 36.50
N GLN S 663 80.15 13.03 36.62
CA GLN S 663 81.02 13.14 35.46
C GLN S 663 81.29 11.77 34.84
N GLU S 664 81.64 10.78 35.66
CA GLU S 664 81.86 9.45 35.09
C GLU S 664 80.60 8.81 34.56
N ALA S 665 79.44 9.04 35.20
CA ALA S 665 78.21 8.49 34.65
C ALA S 665 77.93 9.06 33.27
N ILE S 666 78.10 10.37 33.11
CA ILE S 666 77.89 11.00 31.81
C ILE S 666 78.88 10.44 30.79
N LYS S 667 80.14 10.31 31.19
CA LYS S 667 81.16 9.84 30.25
C LYS S 667 80.85 8.46 29.73
N LYS S 668 80.46 7.53 30.62
CA LYS S 668 80.18 6.18 30.15
C LYS S 668 78.92 6.12 29.30
N SER S 669 77.89 6.88 29.69
CA SER S 669 76.68 6.90 28.88
C SER S 669 76.94 7.48 27.50
N TRP S 670 77.95 8.34 27.36
CA TRP S 670 78.36 8.78 26.03
C TRP S 670 79.14 7.70 25.29
N LEU S 671 80.06 7.03 25.99
CA LEU S 671 80.94 6.08 25.33
C LEU S 671 80.20 4.88 24.76
N THR S 672 79.07 4.50 25.36
CA THR S 672 78.39 3.30 24.88
C THR S 672 77.93 3.43 23.42
N SER S 673 77.49 4.63 23.02
CA SER S 673 76.96 4.82 21.66
C SER S 673 78.03 4.66 20.60
N TYR S 674 79.26 5.07 20.89
CA TYR S 674 80.38 4.82 19.98
C TYR S 674 80.48 3.35 19.61
N ALA S 675 80.49 2.48 20.62
CA ALA S 675 80.63 1.05 20.36
C ALA S 675 79.40 0.49 19.66
N SER S 676 78.21 0.93 20.05
CA SER S 676 77.01 0.31 19.51
C SER S 676 76.80 0.65 18.02
N ARG S 677 76.90 2.01 17.64
CA ARG S 677 76.51 2.41 16.29
C ARG S 677 77.72 2.57 15.38
N PRO S 678 77.55 2.31 14.07
CA PRO S 678 78.68 2.47 13.14
C PRO S 678 78.90 3.91 12.70
N GLU S 679 77.81 4.65 12.49
CA GLU S 679 77.91 5.99 11.95
C GLU S 679 78.59 6.94 12.95
N VAL S 680 78.31 6.77 14.24
CA VAL S 680 79.00 7.55 15.26
C VAL S 680 80.49 7.28 15.21
N LYS S 681 80.85 6.01 15.04
CA LYS S 681 82.26 5.63 14.92
C LYS S 681 82.90 6.33 13.72
N LYS S 682 82.22 6.33 12.58
CA LYS S 682 82.77 6.97 11.40
C LYS S 682 82.97 8.47 11.61
N ARG S 683 81.96 9.13 12.15
CA ARG S 683 82.05 10.58 12.36
C ARG S 683 83.20 10.92 13.30
N VAL S 684 83.27 10.23 14.44
CA VAL S 684 84.31 10.54 15.42
C VAL S 684 85.68 10.26 14.83
N ASP S 685 85.85 9.12 14.15
CA ASP S 685 87.15 8.76 13.62
C ASP S 685 87.62 9.75 12.55
N GLU S 686 86.72 10.11 11.64
CA GLU S 686 87.10 11.04 10.59
C GLU S 686 87.47 12.41 11.16
N ALA S 687 86.66 12.91 12.10
CA ALA S 687 86.97 14.21 12.70
C ALA S 687 88.27 14.17 13.48
N LEU S 688 88.53 13.07 14.19
CA LEU S 688 89.75 12.97 14.97
C LEU S 688 90.97 12.91 14.07
N LEU S 689 90.93 12.10 13.01
CA LEU S 689 92.08 12.00 12.13
C LEU S 689 92.33 13.30 11.39
N GLU S 690 91.26 14.02 11.03
CA GLU S 690 91.45 15.34 10.44
C GLU S 690 92.07 16.31 11.44
N ALA S 691 91.66 16.21 12.71
CA ALA S 691 92.18 17.13 13.72
C ALA S 691 93.65 16.88 14.01
N ASP S 692 94.05 15.62 14.13
CA ASP S 692 95.42 15.27 14.49
C ASP S 692 96.16 14.69 13.30
N PRO S 693 97.20 15.36 12.80
CA PRO S 693 97.94 14.81 11.65
C PRO S 693 98.55 13.45 11.92
N THR S 694 99.01 13.19 13.14
CA THR S 694 99.58 11.90 13.47
C THR S 694 98.50 10.82 13.47
N LEU S 695 98.83 9.67 12.89
CA LEU S 695 97.90 8.55 12.77
C LEU S 695 98.50 7.36 13.49
N THR S 696 97.74 6.78 14.43
CA THR S 696 98.17 5.58 15.13
C THR S 696 96.96 4.68 15.30
N PRO S 697 97.04 3.42 14.90
CA PRO S 697 95.96 2.47 15.20
C PRO S 697 95.74 2.27 16.69
N GLU S 698 96.77 2.47 17.52
CA GLU S 698 96.64 2.36 18.96
C GLU S 698 96.13 3.64 19.61
N GLY S 699 96.16 4.76 18.90
CA GLY S 699 95.85 6.03 19.53
C GLY S 699 94.38 6.31 19.74
N LEU S 700 93.50 5.53 19.12
CA LEU S 700 92.06 5.80 19.24
C LEU S 700 91.57 5.58 20.66
N ALA S 701 92.04 4.52 21.32
CA ALA S 701 91.57 4.22 22.67
C ALA S 701 91.96 5.29 23.67
N ALA S 702 92.90 6.17 23.31
CA ALA S 702 93.23 7.33 24.13
C ALA S 702 92.56 8.60 23.65
N ALA S 703 92.46 8.77 22.33
CA ALA S 703 91.86 9.99 21.78
C ALA S 703 90.39 10.09 22.14
N VAL S 704 89.65 8.99 22.03
CA VAL S 704 88.21 9.04 22.32
C VAL S 704 87.97 9.47 23.77
N ASP S 705 88.72 8.88 24.70
CA ASP S 705 88.53 9.19 26.10
C ASP S 705 88.99 10.60 26.44
N LYS S 706 90.13 11.02 25.90
CA LYS S 706 90.58 12.38 26.18
C LYS S 706 89.76 13.43 25.46
N TYR S 707 88.90 13.03 24.52
CA TYR S 707 87.93 13.98 23.99
C TYR S 707 86.64 13.99 24.82
N ALA S 708 86.23 12.84 25.34
CA ALA S 708 84.98 12.79 26.09
C ALA S 708 85.12 13.37 27.50
N ASN S 709 86.31 13.28 28.09
CA ASN S 709 86.47 13.66 29.49
C ASN S 709 86.17 15.14 29.72
N ASP S 710 86.77 16.01 28.90
CA ASP S 710 86.59 17.44 29.10
C ASP S 710 85.17 17.88 28.78
N LYS S 711 84.53 17.23 27.80
CA LYS S 711 83.12 17.53 27.53
C LYS S 711 82.24 17.18 28.73
N ALA S 712 82.51 16.05 29.38
CA ALA S 712 81.76 15.73 30.60
C ALA S 712 82.04 16.74 31.71
N TYR S 713 83.30 17.13 31.86
CA TYR S 713 83.66 18.10 32.89
C TYR S 713 82.99 19.44 32.66
N GLY S 714 82.72 19.78 31.40
CA GLY S 714 82.07 21.05 31.10
C GLY S 714 80.62 21.12 31.54
N ILE S 715 80.01 19.98 31.84
CA ILE S 715 78.66 19.96 32.37
C ILE S 715 78.63 19.65 33.87
N SER S 716 79.58 18.87 34.37
CA SER S 716 79.46 18.42 35.76
C SER S 716 80.06 19.39 36.76
N HIS S 717 80.77 20.43 36.31
CA HIS S 717 81.53 21.27 37.24
C HIS S 717 81.38 22.77 36.96
N THR S 718 80.33 23.19 36.27
CA THR S 718 80.10 24.62 36.04
C THR S 718 78.62 24.85 35.75
N GLU S 719 78.28 26.06 35.32
CA GLU S 719 76.89 26.42 35.09
C GLU S 719 76.71 27.25 33.82
N GLN S 720 77.55 27.02 32.82
CA GLN S 720 77.46 27.81 31.60
C GLN S 720 76.26 27.42 30.74
N PHE S 721 75.90 26.15 30.72
CA PHE S 721 74.82 25.66 29.87
C PHE S 721 73.48 25.56 30.57
N GLU S 722 73.39 25.99 31.83
CA GLU S 722 72.12 25.89 32.54
C GLU S 722 71.11 26.87 31.95
N ARG S 723 69.85 26.68 32.32
CA ARG S 723 68.80 27.54 31.80
C ARG S 723 68.91 28.97 32.32
N SER S 724 69.43 29.14 33.54
CA SER S 724 69.46 30.48 34.15
C SER S 724 70.34 31.43 33.35
N SER S 725 71.54 31.01 32.99
CA SER S 725 72.45 31.91 32.29
C SER S 725 72.06 32.12 30.83
N VAL S 726 71.67 31.04 30.14
CA VAL S 726 71.37 31.12 28.72
C VAL S 726 70.16 32.01 28.48
N MET S 727 69.14 31.89 29.31
CA MET S 727 67.87 32.56 29.12
C MET S 727 67.62 33.64 30.17
N GLU S 728 68.68 34.30 30.63
CA GLU S 728 68.53 35.29 31.68
C GLU S 728 67.83 36.54 31.15
N GLU S 729 67.02 37.15 31.99
CA GLU S 729 66.02 38.12 31.57
C GLU S 729 66.61 39.40 31.01
N ASN S 730 67.34 40.15 31.84
CA ASN S 730 67.80 41.48 31.47
C ASN S 730 69.29 41.63 31.74
N ILE S 731 69.96 42.38 30.87
CA ILE S 731 71.37 42.67 31.00
C ILE S 731 71.56 44.18 30.91
N ASN S 732 72.52 44.69 31.68
CA ASN S 732 72.86 46.11 31.66
C ASN S 732 74.08 46.28 30.77
N GLY S 733 73.84 46.45 29.48
CA GLY S 733 74.90 46.62 28.51
C GLY S 733 75.17 45.36 27.72
N LEU S 734 76.32 45.34 27.06
CA LEU S 734 76.77 44.19 26.27
C LEU S 734 77.75 43.40 27.13
N VAL S 735 77.33 42.22 27.58
CA VAL S 735 78.15 41.44 28.50
C VAL S 735 78.38 40.04 27.95
N GLY S 736 77.46 39.54 27.13
CA GLY S 736 77.54 38.15 26.71
C GLY S 736 77.68 37.93 25.22
N LEU S 737 77.96 38.98 24.46
CA LEU S 737 78.03 38.86 23.01
C LEU S 737 79.30 38.15 22.54
N GLU S 738 80.25 37.89 23.42
CA GLU S 738 81.48 37.22 23.00
C GLU S 738 81.20 35.81 22.49
N ASN S 739 80.35 35.06 23.19
CA ASN S 739 80.13 33.66 22.88
C ASN S 739 78.65 33.36 22.81
N ASN S 740 78.27 32.49 21.87
CA ASN S 740 76.87 32.14 21.61
C ASN S 740 76.57 30.81 22.29
N SER S 741 76.02 30.87 23.50
CA SER S 741 75.87 29.68 24.32
C SER S 741 74.91 28.65 23.74
N PHE S 742 74.13 29.01 22.73
CA PHE S 742 73.18 28.05 22.16
C PHE S 742 73.86 27.00 21.28
N LEU S 743 75.10 27.24 20.83
CA LEU S 743 75.69 26.43 19.77
C LEU S 743 76.91 25.60 20.20
N GLU S 744 77.41 25.76 21.42
CA GLU S 744 78.43 24.85 21.92
C GLU S 744 77.85 23.69 22.70
N ALA S 745 76.54 23.54 22.71
CA ALA S 745 75.92 22.33 23.25
C ALA S 745 75.97 21.18 22.26
N ARG S 746 76.45 21.41 21.04
CA ARG S 746 76.50 20.36 20.03
C ARG S 746 77.66 19.41 20.28
N ASN S 747 77.43 18.13 19.97
CA ASN S 747 78.41 17.08 20.21
C ASN S 747 78.42 16.12 19.03
N LEU S 748 79.47 15.31 18.99
CA LEU S 748 79.57 14.25 17.99
C LEU S 748 78.85 12.99 18.42
N PHE S 749 78.67 12.78 19.72
CA PHE S 749 78.11 11.55 20.25
C PHE S 749 76.60 11.54 20.11
N ASP S 750 75.96 10.54 20.71
CA ASP S 750 74.52 10.37 20.67
C ASP S 750 74.05 10.00 22.08
N SER S 764 70.53 8.11 31.81
CA SER S 764 70.99 8.50 30.50
C SER S 764 71.08 10.01 30.56
N VAL S 765 71.78 10.64 29.65
CA VAL S 765 71.94 12.09 29.60
C VAL S 765 70.61 12.80 29.32
N ASN S 766 69.69 12.15 28.62
CA ASN S 766 68.38 12.75 28.36
C ASN S 766 67.57 13.02 29.62
N ASN S 767 68.07 12.62 30.79
CA ASN S 767 67.37 12.90 32.04
C ASN S 767 67.62 14.30 32.56
N LEU S 768 68.57 15.04 31.98
CA LEU S 768 68.93 16.37 32.44
C LEU S 768 68.52 17.46 31.46
N ARG S 769 67.60 17.18 30.54
CA ARG S 769 67.21 18.12 29.52
C ARG S 769 65.82 18.68 29.79
N GLU S 770 65.43 19.66 28.98
CA GLU S 770 64.16 20.35 29.13
C GLU S 770 63.37 20.29 27.83
N TRP S 771 62.08 20.02 27.94
CA TRP S 771 61.24 19.83 26.77
C TRP S 771 60.08 20.81 26.71
N ASP S 772 60.35 22.10 26.94
CA ASP S 772 59.31 23.14 26.90
C ASP S 772 59.63 24.09 25.76
N MET S 773 59.06 23.82 24.58
CA MET S 773 59.42 24.58 23.39
C MET S 773 58.77 25.96 23.36
N ASP S 774 57.61 26.13 23.99
CA ASP S 774 56.88 27.40 23.92
C ASP S 774 57.69 28.56 24.45
N LYS S 775 58.70 28.31 25.28
CA LYS S 775 59.59 29.38 25.72
C LYS S 775 60.97 29.31 25.11
N ILE S 776 61.36 28.17 24.53
CA ILE S 776 62.72 28.00 24.04
C ILE S 776 62.86 28.39 22.57
N VAL S 777 61.84 28.15 21.75
CA VAL S 777 61.97 28.44 20.31
C VAL S 777 62.19 29.94 20.04
N PRO S 778 61.37 30.86 20.59
CA PRO S 778 61.56 32.28 20.22
C PRO S 778 62.93 32.86 20.56
N ALA S 779 63.51 32.54 21.71
CA ALA S 779 64.80 33.13 22.08
C ALA S 779 65.91 32.68 21.13
N TYR S 780 65.93 31.38 20.82
CA TYR S 780 66.82 30.85 19.81
C TYR S 780 66.66 31.60 18.50
N ASN S 781 65.40 31.80 18.08
CA ASN S 781 65.16 32.48 16.82
C ASN S 781 65.71 33.89 16.83
N ARG S 782 65.51 34.63 17.91
CA ARG S 782 65.98 36.01 17.97
C ARG S 782 67.49 36.09 17.88
N ARG S 783 68.19 35.27 18.66
CA ARG S 783 69.65 35.32 18.63
C ARG S 783 70.19 34.96 17.24
N VAL S 784 69.65 33.89 16.65
CA VAL S 784 70.16 33.45 15.35
C VAL S 784 69.89 34.50 14.27
N ASN S 785 68.70 35.10 14.27
CA ASN S 785 68.39 36.12 13.28
C ASN S 785 69.36 37.28 13.39
N GLY S 786 69.66 37.71 14.61
CA GLY S 786 70.62 38.80 14.78
C GLY S 786 71.97 38.47 14.20
N ASP S 787 72.48 37.27 14.49
CA ASP S 787 73.80 36.88 13.98
C ASP S 787 73.83 36.85 12.46
N ILE S 788 72.79 36.25 11.86
CA ILE S 788 72.74 36.14 10.40
C ILE S 788 72.70 37.54 9.77
N ALA S 789 71.89 38.44 10.32
CA ALA S 789 71.78 39.77 9.75
C ALA S 789 73.12 40.51 9.81
N ILE S 790 73.79 40.49 10.96
CA ILE S 790 75.06 41.19 11.07
C ILE S 790 76.07 40.63 10.06
N MET S 791 76.17 39.29 10.00
CA MET S 791 77.19 38.70 9.13
C MET S 791 76.89 38.93 7.65
N ALA S 792 75.64 38.82 7.24
CA ALA S 792 75.30 38.98 5.83
C ALA S 792 75.26 40.43 5.40
N GLY S 793 75.20 41.37 6.35
CA GLY S 793 75.24 42.76 5.96
C GLY S 793 76.63 43.34 5.95
N THR S 794 77.40 43.12 7.02
CA THR S 794 78.68 43.80 7.14
C THR S 794 79.87 42.95 6.69
N GLY S 795 79.84 41.65 6.94
CA GLY S 795 81.00 40.83 6.70
C GLY S 795 81.89 40.60 7.89
N LYS S 796 81.44 40.95 9.09
CA LYS S 796 82.21 40.76 10.30
C LYS S 796 81.38 39.98 11.31
N THR S 797 82.05 39.17 12.12
CA THR S 797 81.38 38.44 13.18
C THR S 797 80.95 39.38 14.30
N THR S 798 80.03 38.90 15.13
CA THR S 798 79.46 39.75 16.17
C THR S 798 80.53 40.17 17.17
N LYS S 799 81.55 39.34 17.39
CA LYS S 799 82.64 39.73 18.28
C LYS S 799 83.38 40.96 17.77
N GLU S 800 83.60 41.02 16.44
CA GLU S 800 84.29 42.18 15.88
C GLU S 800 83.45 43.45 16.00
N MET S 801 82.17 43.35 15.66
CA MET S 801 81.28 44.50 15.81
C MET S 801 81.15 44.90 17.26
N LYS S 802 81.37 43.96 18.19
CA LYS S 802 81.35 44.31 19.61
C LYS S 802 82.62 45.09 20.00
N ASP S 803 83.79 44.50 19.75
CA ASP S 803 84.99 45.16 20.25
C ASP S 803 85.29 46.46 19.50
N LEU S 804 84.67 46.69 18.34
CA LEU S 804 84.82 47.98 17.69
C LEU S 804 84.33 49.12 18.58
N VAL S 805 83.31 48.87 19.39
CA VAL S 805 82.75 49.92 20.25
C VAL S 805 83.80 50.39 21.27
N GLU S 806 84.45 49.43 21.95
CA GLU S 806 85.48 49.80 22.91
C GLU S 806 86.71 50.37 22.21
N THR S 807 87.03 49.87 21.01
CA THR S 807 88.15 50.43 20.27
C THR S 807 87.91 51.90 19.95
N LEU S 808 86.67 52.25 19.60
CA LEU S 808 86.33 53.66 19.38
C LEU S 808 86.31 54.45 20.68
N MET S 809 85.76 53.86 21.75
CA MET S 809 85.64 54.57 23.02
C MET S 809 86.97 54.75 23.73
N ASN S 810 88.01 54.02 23.34
CA ASN S 810 89.33 54.23 23.92
C ASN S 810 89.90 55.59 23.55
N LYS S 811 89.44 56.20 22.47
CA LYS S 811 89.84 57.54 22.07
C LYS S 811 88.82 58.61 22.47
N ALA S 812 87.79 58.24 23.23
CA ALA S 812 86.74 59.15 23.64
C ALA S 812 87.00 59.80 24.99
N GLY S 813 88.26 59.83 25.43
CA GLY S 813 88.57 60.51 26.68
C GLY S 813 88.29 62.00 26.60
N ASP S 814 88.62 62.62 25.48
CA ASP S 814 88.36 64.04 25.29
C ASP S 814 86.86 64.29 25.18
N ASP S 815 86.42 65.45 25.68
CA ASP S 815 85.01 65.81 25.67
C ASP S 815 84.64 66.41 24.31
N GLY S 816 84.66 65.54 23.30
CA GLY S 816 84.26 65.93 21.97
C GLY S 816 82.77 65.75 21.76
N LYS S 817 82.41 65.05 20.67
CA LYS S 817 81.01 64.74 20.41
C LYS S 817 80.75 63.24 20.35
N THR S 824 75.43 56.14 19.76
CA THR S 824 74.22 55.38 19.42
C THR S 824 74.52 54.08 18.67
N LEU S 825 75.78 53.84 18.28
CA LEU S 825 76.17 52.54 17.76
C LEU S 825 75.83 51.44 18.74
N ARG S 826 76.04 51.71 20.03
CA ARG S 826 75.74 50.72 21.07
C ARG S 826 74.26 50.36 21.06
N ASP S 827 73.38 51.38 21.01
CA ASP S 827 71.95 51.12 21.02
C ASP S 827 71.51 50.39 19.75
N THR S 828 72.09 50.76 18.60
CA THR S 828 71.74 50.07 17.36
C THR S 828 72.09 48.59 17.43
N LEU S 829 73.30 48.28 17.91
CA LEU S 829 73.70 46.88 18.04
C LEU S 829 72.80 46.15 19.04
N LYS S 830 72.47 46.79 20.16
CA LYS S 830 71.63 46.16 21.16
C LYS S 830 70.24 45.84 20.60
N ILE S 831 69.63 46.79 19.88
CA ILE S 831 68.30 46.54 19.34
C ILE S 831 68.35 45.52 18.20
N LEU S 832 69.44 45.47 17.46
CA LEU S 832 69.52 44.52 16.35
C LEU S 832 69.73 43.10 16.84
N THR S 833 70.52 42.92 17.90
CA THR S 833 70.81 41.56 18.38
C THR S 833 69.56 40.91 18.97
N GLY S 834 68.73 41.68 19.65
CA GLY S 834 67.54 41.12 20.27
C GLY S 834 67.66 41.09 21.78
N ARG S 835 68.27 42.12 22.35
CA ARG S 835 68.55 42.20 23.77
C ARG S 835 67.86 43.36 24.46
N ALA S 836 67.00 44.10 23.77
CA ALA S 836 66.31 45.21 24.40
C ALA S 836 65.27 44.69 25.38
N ARG S 837 65.02 45.48 26.42
CA ARG S 837 64.05 45.10 27.43
C ARG S 837 62.67 44.92 26.81
N ARG S 838 62.01 43.82 27.15
CA ARG S 838 60.72 43.48 26.57
C ARG S 838 59.71 43.21 27.67
N ASP S 839 59.76 43.99 28.74
CA ASP S 839 58.78 43.90 29.80
C ASP S 839 57.54 44.70 29.42
N GLY S 840 56.37 44.10 29.56
CA GLY S 840 55.14 44.77 29.21
C GLY S 840 54.97 45.07 27.73
N ALA S 841 55.25 44.09 26.87
CA ALA S 841 55.08 44.29 25.44
C ALA S 841 53.63 44.17 24.98
N ASP S 842 52.75 43.62 25.81
CA ASP S 842 51.35 43.48 25.44
C ASP S 842 50.69 44.86 25.29
N ASP S 843 51.07 45.80 26.15
CA ASP S 843 50.53 47.15 26.04
C ASP S 843 50.92 47.77 24.71
N ALA S 844 52.18 47.62 24.30
CA ALA S 844 52.60 48.12 22.99
C ALA S 844 51.86 47.41 21.86
N ALA S 845 51.62 46.11 22.02
CA ALA S 845 50.91 45.36 21.00
C ALA S 845 49.51 45.91 20.79
N PHE S 846 48.81 46.24 21.87
CA PHE S 846 47.49 46.85 21.69
C PHE S 846 47.57 48.29 21.22
N ALA S 847 48.61 49.02 21.61
CA ALA S 847 48.76 50.40 21.16
C ALA S 847 48.92 50.48 19.64
N THR S 848 49.64 49.51 19.07
CA THR S 848 49.82 49.49 17.62
C THR S 848 48.48 49.41 16.88
N VAL S 849 47.60 48.50 17.30
CA VAL S 849 46.31 48.37 16.65
C VAL S 849 45.48 49.62 16.88
N MET S 850 45.51 50.16 18.09
CA MET S 850 44.76 51.39 18.38
C MET S 850 45.19 52.52 17.47
N ARG S 851 46.49 52.61 17.17
CA ARG S 851 46.98 53.70 16.34
C ARG S 851 46.70 53.49 14.86
N THR S 852 46.72 52.26 14.37
CA THR S 852 46.54 52.03 12.93
C THR S 852 45.14 51.55 12.55
N MET S 853 44.17 51.63 13.45
CA MET S 853 42.83 51.13 13.13
C MET S 853 42.19 51.84 11.94
N THR S 854 42.45 53.15 11.78
CA THR S 854 41.73 53.93 10.77
C THR S 854 42.08 53.46 9.35
N ASP S 855 43.36 53.19 9.08
CA ASP S 855 43.74 52.76 7.74
C ASP S 855 43.08 51.43 7.38
N LEU S 856 43.04 50.50 8.34
CA LEU S 856 42.30 49.26 8.14
C LEU S 856 40.85 49.54 7.79
N ALA S 857 40.24 50.47 8.53
CA ALA S 857 38.88 50.85 8.19
C ALA S 857 38.77 51.42 6.79
N PHE S 858 39.87 51.99 6.28
CA PHE S 858 39.85 52.59 4.94
C PHE S 858 39.93 51.54 3.84
N PHE S 859 40.90 50.63 3.90
CA PHE S 859 41.12 49.71 2.78
C PHE S 859 40.48 48.34 2.98
N ALA S 860 39.72 48.12 4.04
CA ALA S 860 38.95 46.89 4.20
C ALA S 860 37.78 47.16 5.14
N LYS S 861 36.72 46.39 5.00
CA LYS S 861 35.52 46.65 5.79
C LYS S 861 35.14 45.53 6.75
N ASN S 862 35.13 44.28 6.29
CA ASN S 862 34.67 43.19 7.16
C ASN S 862 35.57 43.04 8.38
N ALA S 863 36.89 43.18 8.20
CA ALA S 863 37.80 43.05 9.32
C ALA S 863 37.50 44.08 10.40
N TYR S 864 37.14 45.30 9.98
CA TYR S 864 36.85 46.36 10.93
C TYR S 864 35.75 45.95 11.90
N MET S 865 34.61 45.52 11.37
CA MET S 865 33.48 45.19 12.22
C MET S 865 33.73 43.91 13.02
N GLY S 866 34.44 42.95 12.43
CA GLY S 866 34.78 41.76 13.19
C GLY S 866 35.60 42.09 14.43
N VAL S 867 36.62 42.93 14.26
CA VAL S 867 37.48 43.31 15.38
C VAL S 867 36.66 44.02 16.45
N GLN S 868 35.81 44.96 16.02
CA GLN S 868 35.00 45.70 16.99
C GLN S 868 34.14 44.75 17.82
N ASN S 869 33.45 43.81 17.17
CA ASN S 869 32.54 42.94 17.89
C ASN S 869 33.28 42.04 18.87
N LEU S 870 34.45 41.52 18.48
CA LEU S 870 35.20 40.66 19.40
C LEU S 870 35.58 41.43 20.67
N THR S 871 36.14 42.63 20.51
CA THR S 871 36.59 43.36 21.69
C THR S 871 35.41 43.72 22.59
N GLU S 872 34.27 44.11 21.99
CA GLU S 872 33.12 44.47 22.83
C GLU S 872 32.61 43.28 23.62
N ILE S 873 32.58 42.09 23.03
CA ILE S 873 32.13 40.92 23.78
C ILE S 873 33.05 40.68 24.97
N GLY S 874 34.36 40.81 24.77
CA GLY S 874 35.28 40.65 25.90
C GLY S 874 35.00 41.61 27.03
N GLY S 875 34.81 42.90 26.69
CA GLY S 875 34.51 43.88 27.73
C GLY S 875 33.24 43.59 28.50
N MET S 876 32.19 43.16 27.78
CA MET S 876 30.94 42.83 28.45
C MET S 876 31.11 41.69 29.44
N LEU S 877 31.87 40.66 29.05
CA LEU S 877 32.11 39.56 29.98
C LEU S 877 32.81 40.02 31.24
N ALA S 878 33.83 40.87 31.10
CA ALA S 878 34.53 41.37 32.29
C ALA S 878 33.58 42.13 33.22
N ARG S 879 32.74 42.98 32.64
CA ARG S 879 31.81 43.76 33.48
C ARG S 879 30.86 42.85 34.25
N GLY S 880 30.29 41.86 33.57
CA GLY S 880 29.37 40.95 34.26
C GLY S 880 30.05 40.22 35.40
N ASN S 881 31.29 39.77 35.18
CA ASN S 881 31.99 39.05 36.24
C ASN S 881 32.21 39.92 37.47
N VAL S 882 32.65 41.18 37.28
CA VAL S 882 32.87 42.05 38.44
C VAL S 882 31.57 42.29 39.18
N ARG S 883 30.47 42.50 38.45
CA ARG S 883 29.20 42.74 39.12
C ARG S 883 28.81 41.56 40.00
N ALA S 884 28.99 40.33 39.51
CA ALA S 884 28.66 39.17 40.35
C ALA S 884 29.59 39.07 41.56
N MET S 885 30.89 39.29 41.36
CA MET S 885 31.83 39.09 42.45
C MET S 885 31.65 40.11 43.56
N LEU S 886 31.16 41.31 43.25
CA LEU S 886 30.93 42.28 44.33
C LEU S 886 29.91 41.76 45.33
N HIS S 887 28.81 41.19 44.83
CA HIS S 887 27.77 40.67 45.72
C HIS S 887 28.20 39.38 46.39
N GLY S 888 29.05 38.58 45.74
CA GLY S 888 29.45 37.32 46.32
C GLY S 888 30.36 37.33 47.53
N VAL S 889 31.60 37.76 47.35
CA VAL S 889 32.70 37.48 48.28
C VAL S 889 32.89 38.70 49.20
N PRO S 890 32.84 38.52 50.52
CA PRO S 890 32.95 39.67 51.44
C PRO S 890 34.26 40.44 51.40
N MET S 891 35.41 39.80 51.16
CA MET S 891 36.67 40.55 51.15
C MET S 891 36.72 41.52 49.96
N PHE S 892 36.21 41.08 48.82
CA PHE S 892 36.08 41.95 47.65
C PHE S 892 35.28 43.21 48.02
N ARG S 893 34.13 43.01 48.66
CA ARG S 893 33.29 44.14 49.06
C ARG S 893 34.00 45.03 50.05
N ASP S 894 34.75 44.45 50.99
CA ASP S 894 35.44 45.25 51.98
C ASP S 894 36.49 46.14 51.32
N LEU S 895 37.26 45.59 50.39
CA LEU S 895 38.32 46.40 49.79
C LEU S 895 37.79 47.40 48.78
N ALA S 896 36.63 47.15 48.16
CA ALA S 896 36.16 48.00 47.09
C ALA S 896 35.30 49.17 47.56
N PHE S 897 35.01 49.29 48.84
CA PHE S 897 34.10 50.34 49.33
C PHE S 897 34.74 51.23 50.38
N ARG S 898 35.95 51.70 50.14
CA ARG S 898 36.65 52.58 51.07
C ARG S 898 36.55 54.03 50.64
N ASN S 899 36.84 54.93 51.58
CA ASN S 899 36.78 56.36 51.33
C ASN S 899 38.05 57.13 51.70
N LYS S 900 38.90 56.59 52.57
CA LYS S 900 40.07 57.34 53.02
C LYS S 900 41.23 56.38 53.24
N LYS S 901 42.34 56.93 53.69
CA LYS S 901 43.56 56.16 53.88
C LYS S 901 43.43 55.22 55.08
N VAL S 902 43.80 53.96 54.88
CA VAL S 902 43.81 52.98 55.97
C VAL S 902 45.05 53.21 56.83
N GLY S 903 44.95 52.86 58.11
CA GLY S 903 45.97 53.23 59.07
C GLY S 903 46.48 52.06 59.88
N ALA S 904 47.75 52.17 60.28
CA ALA S 904 48.38 51.29 61.25
C ALA S 904 48.53 49.86 60.76
N SER S 905 47.65 48.97 61.22
CA SER S 905 47.91 47.54 61.15
C SER S 905 47.88 47.03 59.71
N GLU S 906 46.84 47.37 58.96
CA GLU S 906 46.50 46.59 57.77
C GLU S 906 47.54 46.67 56.66
N ILE S 907 48.42 47.69 56.68
CA ILE S 907 49.42 47.79 55.62
C ILE S 907 50.38 46.62 55.66
N LYS S 908 50.67 46.08 56.85
CA LYS S 908 51.57 44.93 56.92
C LYS S 908 51.00 43.72 56.20
N ASP S 909 49.72 43.43 56.42
CA ASP S 909 49.07 42.35 55.68
C ASP S 909 49.03 42.65 54.20
N LEU S 910 48.69 43.89 53.84
CA LEU S 910 48.63 44.26 52.44
C LEU S 910 49.98 44.13 51.75
N HIS S 911 51.09 44.24 52.48
CA HIS S 911 52.37 44.08 51.81
C HIS S 911 52.87 42.64 51.84
N ASN S 912 52.49 41.85 52.85
CA ASN S 912 52.75 40.42 52.77
C ASN S 912 52.06 39.82 51.56
N VAL S 913 50.85 40.30 51.25
CA VAL S 913 50.13 39.81 50.08
C VAL S 913 50.97 40.02 48.82
N ILE S 914 51.62 41.17 48.69
CA ILE S 914 52.44 41.43 47.51
C ILE S 914 53.69 40.58 47.51
N PHE S 915 54.37 40.49 48.65
CA PHE S 915 55.67 39.79 48.67
C PHE S 915 55.52 38.30 48.40
N GLY S 916 54.38 37.72 48.75
CA GLY S 916 54.18 36.29 48.51
C GLY S 916 54.31 35.90 47.05
N LYS S 917 53.72 36.70 46.15
CA LYS S 917 53.76 36.40 44.73
C LYS S 917 55.20 36.37 44.20
N GLU S 918 55.98 37.39 44.55
CA GLU S 918 57.35 37.44 44.06
C GLU S 918 58.18 36.29 44.61
N LEU S 919 58.01 35.97 45.91
CA LEU S 919 58.78 34.87 46.48
C LEU S 919 58.44 33.56 45.79
N ASP S 920 57.15 33.33 45.50
CA ASP S 920 56.76 32.11 44.81
C ASP S 920 57.28 32.07 43.39
N ASP S 921 57.24 33.21 42.68
CA ASP S 921 57.63 33.20 41.29
C ASP S 921 59.13 33.00 41.10
N SER S 922 59.94 33.48 42.05
CA SER S 922 61.38 33.40 41.85
C SER S 922 61.95 32.00 42.05
N ILE S 923 61.19 31.06 42.60
CA ILE S 923 61.73 29.77 43.05
C ILE S 923 61.05 28.57 42.40
N ARG S 924 59.86 28.72 41.85
CA ARG S 924 59.10 27.57 41.40
C ARG S 924 59.86 26.78 40.33
N PRO S 925 59.87 25.45 40.41
CA PRO S 925 60.62 24.65 39.43
C PRO S 925 60.06 24.79 38.02
N SER S 926 60.94 24.61 37.05
CA SER S 926 60.59 24.77 35.64
C SER S 926 60.45 23.44 34.90
N LYS S 927 60.38 22.32 35.62
CA LYS S 927 60.28 21.01 35.03
C LYS S 927 59.19 20.21 35.74
N GLN S 928 58.71 19.17 35.09
CA GLN S 928 57.62 18.38 35.66
C GLN S 928 58.13 17.28 36.58
N ASP S 929 59.27 16.67 36.23
CA ASP S 929 59.77 15.55 37.02
C ASP S 929 60.19 16.00 38.41
N VAL S 930 60.77 17.20 38.52
CA VAL S 930 61.13 17.73 39.83
C VAL S 930 59.90 17.91 40.70
N ILE S 931 58.82 18.44 40.12
CA ILE S 931 57.58 18.59 40.87
C ILE S 931 57.05 17.24 41.32
N ASP S 932 57.11 16.24 40.45
CA ASP S 932 56.64 14.90 40.83
C ASP S 932 57.45 14.34 41.99
N ARG S 933 58.77 14.45 41.93
CA ARG S 933 59.59 13.89 43.03
C ARG S 933 59.38 14.65 44.33
N LEU S 934 59.25 15.98 44.26
CA LEU S 934 59.03 16.75 45.48
C LEU S 934 57.67 16.48 46.08
N ARG S 935 56.64 16.22 45.26
CA ARG S 935 55.36 15.79 45.81
C ARG S 935 55.40 14.34 46.27
N SER S 936 56.33 13.54 45.76
CA SER S 936 56.44 12.14 46.17
C SER S 936 57.09 11.97 47.53
N TYR S 937 58.11 12.76 47.85
CA TYR S 937 58.77 12.59 49.15
C TYR S 937 57.81 12.78 50.31
N SER S 938 56.91 13.76 50.23
CA SER S 938 56.05 14.04 51.37
C SER S 938 55.12 12.89 51.70
N ASP S 939 54.68 12.13 50.70
CA ASP S 939 53.88 10.94 50.98
C ASP S 939 54.69 9.90 51.74
N LEU S 940 55.94 9.68 51.33
CA LEU S 940 56.81 8.78 52.06
C LEU S 940 57.25 9.34 53.41
N GLY S 941 57.04 10.65 53.63
CA GLY S 941 57.37 11.23 54.92
C GLY S 941 56.37 10.88 56.00
N ARG S 942 55.18 10.43 55.62
CA ARG S 942 54.17 10.05 56.61
C ARG S 942 53.98 8.55 56.72
N GLY S 943 53.63 7.90 55.61
CA GLY S 943 53.34 6.48 55.67
C GLY S 943 53.20 5.77 54.34
N ALA S 944 53.87 4.63 54.22
CA ALA S 944 53.79 3.78 53.04
C ALA S 944 54.32 2.40 53.43
N ALA S 945 54.22 1.46 52.50
CA ALA S 945 54.65 0.09 52.73
C ALA S 945 55.55 -0.38 51.60
N THR S 946 56.10 -1.58 51.74
CA THR S 946 56.94 -2.15 50.71
C THR S 946 56.16 -2.46 49.44
N ALA S 947 54.93 -2.95 49.59
CA ALA S 947 54.10 -3.25 48.42
C ALA S 947 53.78 -1.99 47.62
N LEU S 948 53.71 -0.83 48.29
CA LEU S 948 53.48 0.41 47.57
C LEU S 948 54.67 0.75 46.67
N GLY S 949 55.90 0.52 47.14
CA GLY S 949 57.06 0.78 46.32
C GLY S 949 57.09 -0.07 45.06
N THR S 950 56.76 -1.34 45.20
CA THR S 950 56.68 -2.25 44.06
C THR S 950 55.32 -2.08 43.38
N ALA S 951 54.97 -3.01 42.49
CA ALA S 951 53.67 -3.02 41.80
C ALA S 951 53.51 -1.78 40.93
N LYS S 952 52.28 -1.25 40.85
CA LYS S 952 52.01 -0.14 39.94
C LYS S 952 52.43 1.20 40.53
N TYR S 953 51.77 1.63 41.62
CA TYR S 953 51.90 2.96 42.22
C TYR S 953 52.26 4.04 41.21
N TYR S 954 53.54 4.11 40.86
CA TYR S 954 54.10 5.04 39.87
C TYR S 954 54.08 6.48 40.37
N THR S 955 55.05 7.28 39.92
CA THR S 955 55.15 8.66 40.38
C THR S 955 54.00 9.51 39.84
N GLY S 956 53.44 9.17 38.68
CA GLY S 956 52.25 9.82 38.19
C GLY S 956 51.09 9.65 39.16
N GLU S 957 50.56 10.76 39.66
CA GLU S 957 49.67 10.70 40.82
C GLU S 957 48.62 11.79 40.73
N LEU S 958 47.38 11.39 40.45
CA LEU S 958 46.23 12.26 40.65
C LEU S 958 45.06 11.56 41.34
N ALA S 959 44.96 10.23 41.27
CA ALA S 959 43.89 9.52 41.95
C ALA S 959 44.12 9.43 43.45
N VAL S 960 45.40 9.38 43.87
CA VAL S 960 45.70 9.33 45.30
C VAL S 960 45.17 10.56 46.01
N ARG S 961 45.04 11.67 45.28
CA ARG S 961 44.49 12.89 45.84
C ARG S 961 42.99 12.72 46.10
N SER S 962 42.37 13.78 46.61
CA SER S 962 40.95 13.75 46.88
C SER S 962 40.16 13.68 45.58
N PRO S 963 38.90 13.26 45.63
CA PRO S 963 38.06 13.25 44.42
C PRO S 963 37.89 14.63 43.82
N PHE S 964 38.11 15.69 44.60
CA PHE S 964 37.93 17.04 44.10
C PHE S 964 38.89 17.32 42.94
N THR S 965 40.12 16.79 43.02
CA THR S 965 41.06 16.95 41.93
C THR S 965 40.66 16.12 40.71
N LYS S 966 40.16 14.90 40.93
CA LYS S 966 39.78 14.06 39.81
C LYS S 966 38.66 14.70 39.01
N VAL S 967 37.57 15.08 39.68
CA VAL S 967 36.37 15.49 38.94
C VAL S 967 36.58 16.84 38.25
N LEU S 968 37.17 17.82 38.96
CA LEU S 968 37.40 19.16 38.43
C LEU S 968 38.88 19.46 38.65
N ASN S 969 39.69 19.25 37.63
CA ASN S 969 41.13 19.34 37.77
C ASN S 969 41.64 20.73 37.42
N GLY S 970 41.12 21.33 36.35
CA GLY S 970 41.62 22.63 35.93
C GLY S 970 41.39 23.72 36.96
N THR S 971 40.26 23.66 37.67
CA THR S 971 39.91 24.72 38.60
C THR S 971 40.77 24.69 39.86
N THR S 972 41.34 23.53 40.21
CA THR S 972 42.01 23.38 41.49
C THR S 972 43.38 24.05 41.52
N ASN S 973 44.04 24.18 40.38
CA ASN S 973 45.40 24.70 40.36
C ASN S 973 45.46 26.15 40.84
N TYR S 974 44.46 26.96 40.47
CA TYR S 974 44.45 28.35 40.90
C TYR S 974 44.37 28.46 42.42
N LEU S 975 43.47 27.70 43.03
CA LEU S 975 43.33 27.75 44.48
C LEU S 975 44.60 27.26 45.17
N LEU S 976 45.19 26.18 44.64
CA LEU S 976 46.41 25.66 45.26
C LEU S 976 47.55 26.67 45.17
N ASP S 977 47.68 27.33 44.02
CA ASP S 977 48.74 28.31 43.83
C ASP S 977 48.49 29.57 44.63
N ALA S 978 47.25 29.87 45.00
CA ALA S 978 47.02 30.95 45.95
C ALA S 978 47.45 30.55 47.36
N GLY S 979 47.07 29.33 47.79
CA GLY S 979 47.38 28.92 49.15
C GLY S 979 48.88 28.80 49.41
N ARG S 980 49.63 28.32 48.43
CA ARG S 980 51.07 28.17 48.61
C ARG S 980 51.73 29.52 48.91
N GLN S 981 51.42 30.52 48.09
CA GLN S 981 51.90 31.86 48.33
C GLN S 981 51.42 32.39 49.66
N GLY S 982 50.21 31.99 50.07
CA GLY S 982 49.72 32.40 51.38
C GLY S 982 50.61 31.94 52.51
N PHE S 983 51.01 30.67 52.50
CA PHE S 983 51.74 30.14 53.65
C PHE S 983 53.23 30.50 53.65
N LEU S 984 53.81 30.75 52.47
CA LEU S 984 55.24 31.06 52.43
C LEU S 984 55.57 32.32 53.23
N SER S 985 54.76 33.36 53.11
CA SER S 985 55.02 34.61 53.82
C SER S 985 54.90 34.45 55.32
N ASP S 986 53.95 33.64 55.80
CA ASP S 986 53.86 33.37 57.22
C ASP S 986 55.11 32.68 57.74
N ILE S 987 55.62 31.72 56.98
CA ILE S 987 56.87 31.06 57.41
C ILE S 987 57.99 32.07 57.52
N VAL S 988 58.13 32.95 56.52
CA VAL S 988 59.21 33.93 56.53
C VAL S 988 59.07 34.87 57.73
N GLU S 989 57.84 35.34 57.99
CA GLU S 989 57.63 36.29 59.08
C GLU S 989 57.95 35.66 60.43
N HIS S 990 57.55 34.41 60.65
CA HIS S 990 57.92 33.74 61.89
C HIS S 990 59.42 33.58 62.00
N SER S 991 60.08 33.29 60.89
CA SER S 991 61.53 33.12 60.92
C SER S 991 62.24 34.41 61.33
N LEU S 992 61.74 35.55 60.86
CA LEU S 992 62.39 36.81 61.21
C LEU S 992 62.01 37.29 62.61
N THR S 993 60.73 37.58 62.83
CA THR S 993 60.34 38.32 64.03
C THR S 993 60.18 37.45 65.27
N GLY S 994 60.13 36.13 65.12
CA GLY S 994 59.94 35.28 66.27
C GLY S 994 58.55 35.26 66.85
N SER S 995 57.54 35.64 66.06
CA SER S 995 56.17 35.64 66.53
C SER S 995 55.64 34.21 66.70
N LYS S 996 54.44 34.12 67.28
CA LYS S 996 53.77 32.84 67.45
C LYS S 996 52.28 32.93 67.18
N ARG S 997 51.78 34.05 66.66
CA ARG S 997 50.34 34.21 66.47
C ARG S 997 49.80 33.38 65.31
N ARG S 998 50.65 32.97 64.38
CA ARG S 998 50.23 32.17 63.24
C ARG S 998 50.89 30.81 63.17
N PHE S 999 52.15 30.71 63.58
CA PHE S 999 52.87 29.45 63.46
C PHE S 999 52.33 28.40 64.43
N ASP S 1000 52.45 27.14 64.03
CA ASP S 1000 52.02 26.01 64.84
C ASP S 1000 53.03 24.90 64.70
N ASP S 1001 53.29 24.18 65.79
CA ASP S 1001 54.33 23.16 65.82
C ASP S 1001 53.85 21.80 65.33
N ARG S 1002 52.56 21.65 65.03
CA ARG S 1002 52.11 20.43 64.37
C ARG S 1002 52.45 20.43 62.89
N TRP S 1003 52.81 21.59 62.34
CA TRP S 1003 53.11 21.68 60.92
C TRP S 1003 54.33 20.84 60.57
N LEU S 1004 55.35 20.85 61.43
CA LEU S 1004 56.55 20.07 61.15
C LEU S 1004 56.22 18.58 61.02
N LYS S 1005 55.35 18.07 61.89
CA LYS S 1005 55.00 16.66 61.84
C LYS S 1005 54.07 16.34 60.69
N THR S 1006 53.16 17.27 60.35
CA THR S 1006 52.25 17.03 59.23
C THR S 1006 53.00 17.02 57.90
N ALA S 1007 53.93 17.97 57.71
CA ALA S 1007 54.64 18.05 56.44
C ALA S 1007 55.65 16.92 56.28
N GLY S 1008 56.42 16.62 57.33
CA GLY S 1008 57.43 15.60 57.23
C GLY S 1008 58.83 16.16 57.25
N ILE S 1009 59.05 17.21 58.05
CA ILE S 1009 60.33 17.88 58.15
C ILE S 1009 61.00 17.45 59.45
N SER S 1010 62.26 17.02 59.36
CA SER S 1010 63.04 16.68 60.54
C SER S 1010 63.72 17.95 61.05
N ASP S 1011 64.65 17.79 62.01
CA ASP S 1011 65.25 18.96 62.66
C ASP S 1011 66.23 19.67 61.73
N GLU S 1012 67.09 18.91 61.05
CA GLU S 1012 68.18 19.52 60.29
C GLU S 1012 67.65 20.38 59.15
N GLN S 1013 66.63 19.91 58.46
CA GLN S 1013 66.05 20.70 57.38
C GLN S 1013 65.47 22.01 57.89
N TRP S 1014 64.78 21.97 59.03
CA TRP S 1014 64.21 23.17 59.61
C TRP S 1014 65.31 24.15 60.01
N LYS S 1015 66.39 23.65 60.62
CA LYS S 1015 67.49 24.53 61.00
C LYS S 1015 68.12 25.18 59.78
N GLY S 1016 68.32 24.41 58.71
CA GLY S 1016 68.88 24.97 57.49
C GLY S 1016 68.00 26.04 56.88
N ILE S 1017 66.69 25.77 56.82
CA ILE S 1017 65.76 26.74 56.25
C ILE S 1017 65.80 28.03 57.05
N LYS S 1018 65.76 27.91 58.38
CA LYS S 1018 65.78 29.08 59.24
C LYS S 1018 67.06 29.88 59.04
N SER S 1019 68.20 29.20 58.97
CA SER S 1019 69.47 29.90 58.78
C SER S 1019 69.50 30.65 57.46
N LEU S 1020 69.06 30.00 56.38
CA LEU S 1020 69.09 30.65 55.07
C LEU S 1020 68.19 31.88 55.05
N ILE S 1021 66.98 31.77 55.57
CA ILE S 1021 66.08 32.91 55.57
C ILE S 1021 66.64 34.04 56.39
N ARG S 1022 67.20 33.73 57.57
CA ARG S 1022 67.81 34.78 58.38
C ARG S 1022 68.99 35.42 57.67
N GLU S 1023 69.70 34.66 56.83
CA GLU S 1023 70.87 35.19 56.15
C GLU S 1023 70.51 36.13 55.02
N SER S 1024 69.49 35.80 54.21
CA SER S 1024 69.36 36.44 52.91
C SER S 1024 68.27 37.50 52.79
N VAL S 1025 67.45 37.71 53.82
CA VAL S 1025 66.28 38.60 53.71
C VAL S 1025 66.25 39.55 54.90
N THR S 1026 65.89 40.81 54.64
CA THR S 1026 65.73 41.82 55.69
C THR S 1026 64.35 42.45 55.59
N ARG S 1027 63.83 42.88 56.74
CA ARG S 1027 62.54 43.56 56.84
C ARG S 1027 62.73 44.92 57.50
N GLY S 1028 62.06 45.93 56.95
CA GLY S 1028 62.26 47.29 57.38
C GLY S 1028 61.19 47.81 58.32
N PRO S 1029 61.49 48.91 59.03
CA PRO S 1029 60.47 49.54 59.87
C PRO S 1029 59.27 50.04 59.08
N ASP S 1030 59.45 50.35 57.80
CA ASP S 1030 58.33 50.75 56.97
C ASP S 1030 57.32 49.62 56.83
N GLY S 1031 57.79 48.41 56.64
CA GLY S 1031 56.92 47.27 56.45
C GLY S 1031 57.06 46.65 55.07
N LYS S 1032 58.23 46.82 54.46
CA LYS S 1032 58.49 46.30 53.12
C LYS S 1032 59.66 45.31 53.17
N TYR S 1033 59.48 44.17 52.52
CA TYR S 1033 60.51 43.14 52.45
C TYR S 1033 61.40 43.37 51.24
N THR S 1034 62.70 43.16 51.43
CA THR S 1034 63.70 43.27 50.36
C THR S 1034 64.62 42.06 50.41
N ILE S 1035 65.07 41.61 49.24
CA ILE S 1035 66.00 40.48 49.13
C ILE S 1035 67.30 40.99 48.52
N LYS S 1036 68.41 40.70 49.20
CA LYS S 1036 69.69 41.29 48.80
C LYS S 1036 70.18 40.71 47.46
N ASP S 1037 70.17 39.40 47.32
CA ASP S 1037 70.64 38.73 46.12
C ASP S 1037 69.56 37.82 45.55
N LYS S 1038 69.40 37.85 44.24
CA LYS S 1038 68.34 37.09 43.57
C LYS S 1038 68.85 35.91 42.76
N LYS S 1039 69.96 36.06 42.03
CA LYS S 1039 70.46 34.95 41.22
C LYS S 1039 71.03 33.85 42.09
N ALA S 1040 71.78 34.20 43.13
CA ALA S 1040 72.38 33.19 44.00
C ALA S 1040 71.37 32.58 44.96
N PHE S 1041 70.34 33.34 45.35
CA PHE S 1041 69.37 32.84 46.31
C PHE S 1041 68.62 31.62 45.76
N SER S 1042 68.24 31.67 44.49
CA SER S 1042 67.48 30.58 43.88
C SER S 1042 68.35 29.46 43.37
N GLN S 1043 69.59 29.36 43.85
CA GLN S 1043 70.47 28.27 43.41
C GLN S 1043 71.08 27.55 44.61
N ASP S 1044 70.24 27.15 45.56
CA ASP S 1044 70.70 26.40 46.71
C ASP S 1044 69.72 25.25 46.96
N GLN S 1045 70.18 24.24 47.70
CA GLN S 1045 69.35 23.08 47.97
C GLN S 1045 68.16 23.43 48.86
N ARG S 1046 68.33 24.41 49.75
CA ARG S 1046 67.30 24.70 50.75
C ARG S 1046 66.04 25.32 50.16
N ALA S 1047 66.14 25.97 48.98
CA ALA S 1047 64.95 26.55 48.37
C ALA S 1047 63.92 25.49 48.05
N MET S 1048 64.38 24.31 47.60
CA MET S 1048 63.47 23.21 47.33
C MET S 1048 62.79 22.73 48.61
N ASP S 1049 63.53 22.66 49.72
CA ASP S 1049 62.91 22.29 51.00
C ASP S 1049 61.82 23.28 51.38
N LEU S 1050 62.12 24.57 51.27
CA LEU S 1050 61.14 25.59 51.64
C LEU S 1050 59.89 25.49 50.78
N TRP S 1051 60.07 25.37 49.46
CA TRP S 1051 58.93 25.28 48.56
C TRP S 1051 58.10 24.04 48.84
N ARG S 1052 58.76 22.90 49.09
CA ARG S 1052 58.04 21.67 49.38
C ARG S 1052 57.22 21.78 50.65
N MET S 1053 57.80 22.37 51.69
CA MET S 1053 57.07 22.57 52.94
C MET S 1053 55.82 23.41 52.72
N GLY S 1054 55.98 24.56 52.07
CA GLY S 1054 54.83 25.42 51.83
C GLY S 1054 53.73 24.71 51.06
N ASP S 1055 54.11 24.02 49.98
CA ASP S 1055 53.12 23.36 49.14
C ASP S 1055 52.37 22.27 49.92
N THR S 1056 53.09 21.39 50.62
CA THR S 1056 52.42 20.30 51.28
C THR S 1056 51.51 20.79 52.41
N ILE S 1057 51.96 21.79 53.18
CA ILE S 1057 51.13 22.30 54.26
C ILE S 1057 49.85 22.91 53.69
N ALA S 1058 49.98 23.74 52.64
CA ALA S 1058 48.80 24.37 52.07
C ALA S 1058 47.82 23.34 51.55
N ASP S 1059 48.32 22.38 50.77
CA ASP S 1059 47.43 21.39 50.18
C ASP S 1059 46.70 20.60 51.27
N GLU S 1060 47.45 20.05 52.23
CA GLU S 1060 46.84 19.19 53.23
C GLU S 1060 45.84 19.95 54.09
N THR S 1061 46.16 21.19 54.46
CA THR S 1061 45.28 21.91 55.37
C THR S 1061 44.03 22.45 54.69
N LEU S 1062 44.14 22.93 53.45
CA LEU S 1062 43.01 23.64 52.86
C LEU S 1062 42.21 22.81 51.86
N LEU S 1063 42.81 21.89 51.12
CA LEU S 1063 42.09 21.25 50.03
C LEU S 1063 41.55 19.87 50.39
N ARG S 1064 42.22 19.15 51.30
CA ARG S 1064 41.80 17.78 51.60
C ARG S 1064 40.44 17.71 52.28
N PRO S 1065 40.24 18.27 53.48
CA PRO S 1065 39.04 17.93 54.25
C PRO S 1065 37.76 18.45 53.63
N HIS S 1066 36.92 17.55 53.13
CA HIS S 1066 35.62 17.96 52.62
C HIS S 1066 34.67 18.26 53.79
N LYS S 1067 33.58 18.94 53.45
CA LYS S 1067 32.52 19.32 54.40
C LYS S 1067 33.02 20.41 55.34
N LEU S 1068 32.13 21.34 55.69
CA LEU S 1068 32.53 22.51 56.48
C LEU S 1068 32.69 22.20 57.96
N SER S 1069 32.18 21.07 58.42
CA SER S 1069 32.29 20.70 59.83
C SER S 1069 33.54 19.90 60.14
N ASN S 1070 34.41 19.68 59.16
CA ASN S 1070 35.62 18.89 59.36
C ASN S 1070 36.88 19.74 59.44
N MET S 1071 36.75 21.06 59.50
CA MET S 1071 37.91 21.95 59.46
C MET S 1071 38.27 22.41 60.87
N ASP S 1072 39.49 22.14 61.28
CA ASP S 1072 40.03 22.61 62.56
C ASP S 1072 41.29 23.41 62.29
N ALA S 1073 41.37 24.61 62.85
CA ALA S 1073 42.52 25.47 62.63
C ALA S 1073 42.61 26.49 63.75
N LYS S 1074 43.85 26.86 64.09
CA LYS S 1074 44.08 27.83 65.16
C LYS S 1074 43.60 29.22 64.76
N ALA S 1075 43.99 29.69 63.57
CA ALA S 1075 43.61 31.00 63.09
C ALA S 1075 43.77 31.03 61.58
N TYR S 1076 43.13 32.02 60.95
CA TYR S 1076 43.11 32.15 59.50
C TYR S 1076 43.65 33.51 59.10
N GLY S 1077 44.38 33.54 57.98
CA GLY S 1077 45.01 34.74 57.49
C GLY S 1077 44.23 35.45 56.41
N PRO S 1078 44.89 36.38 55.71
CA PRO S 1078 44.19 37.18 54.70
C PRO S 1078 43.86 36.45 53.41
N ILE S 1079 44.53 35.34 53.13
CA ILE S 1079 44.34 34.63 51.86
C ILE S 1079 43.53 33.37 52.11
N ALA S 1080 43.61 32.84 53.33
CA ALA S 1080 42.81 31.67 53.68
C ALA S 1080 41.33 31.98 53.59
N LYS S 1081 40.91 33.17 54.04
CA LYS S 1081 39.51 33.55 53.94
C LYS S 1081 39.06 33.63 52.49
N THR S 1082 39.90 34.21 51.63
CA THR S 1082 39.54 34.34 50.21
C THR S 1082 39.40 32.96 49.56
N VAL S 1083 40.34 32.07 49.85
CA VAL S 1083 40.26 30.72 49.29
C VAL S 1083 39.01 30.01 49.77
N LEU S 1084 38.70 30.12 51.07
CA LEU S 1084 37.52 29.46 51.61
C LEU S 1084 36.26 30.00 50.95
N GLN S 1085 36.17 31.31 50.75
CA GLN S 1085 34.95 31.87 50.18
C GLN S 1085 34.79 31.49 48.71
N PHE S 1086 35.89 31.45 47.96
CA PHE S 1086 35.81 30.96 46.57
C PHE S 1086 35.36 29.50 46.53
N LYS S 1087 35.91 28.67 47.41
CA LYS S 1087 35.50 27.27 47.45
C LYS S 1087 34.01 27.15 47.79
N ASN S 1088 33.53 27.99 48.69
CA ASN S 1088 32.11 27.99 49.05
C ASN S 1088 31.26 28.35 47.84
N PHE S 1089 31.70 29.34 47.06
CA PHE S 1089 30.98 29.70 45.83
C PHE S 1089 30.89 28.51 44.89
N VAL S 1090 32.00 27.78 44.71
CA VAL S 1090 31.99 26.62 43.82
C VAL S 1090 31.00 25.58 44.32
N ILE S 1091 31.05 25.27 45.61
CA ILE S 1091 30.19 24.22 46.16
C ILE S 1091 28.72 24.60 46.02
N LYS S 1092 28.40 25.88 46.20
CA LYS S 1092 27.04 26.32 45.93
C LYS S 1092 26.67 26.12 44.47
N SER S 1093 27.62 26.39 43.56
CA SER S 1093 27.32 26.29 42.13
C SER S 1093 27.02 24.85 41.72
N ILE S 1094 27.79 23.89 42.23
CA ILE S 1094 27.62 22.50 41.77
C ILE S 1094 26.26 21.95 42.18
N ASN S 1095 25.84 22.22 43.41
CA ASN S 1095 24.61 21.67 43.96
C ASN S 1095 23.34 22.23 43.32
N GLY S 1096 23.44 23.04 42.28
CA GLY S 1096 22.29 23.66 41.68
C GLY S 1096 21.40 22.68 40.96
N ARG S 1097 20.50 23.22 40.16
CA ARG S 1097 19.63 22.39 39.34
C ARG S 1097 20.17 22.24 37.92
N THR S 1098 20.69 23.34 37.35
CA THR S 1098 21.14 23.32 35.96
C THR S 1098 22.28 22.34 35.77
N MET S 1099 23.27 22.37 36.66
CA MET S 1099 24.41 21.48 36.52
C MET S 1099 24.00 20.03 36.67
N ARG S 1100 23.11 19.74 37.62
CA ARG S 1100 22.66 18.36 37.80
C ARG S 1100 21.91 17.84 36.58
N THR S 1101 21.01 18.66 36.02
CA THR S 1101 20.28 18.22 34.84
C THR S 1101 21.21 18.04 33.65
N PHE S 1102 22.18 18.94 33.47
CA PHE S 1102 23.12 18.79 32.37
C PHE S 1102 23.94 17.52 32.52
N TYR S 1103 24.41 17.22 33.73
CA TYR S 1103 25.21 16.01 33.90
C TYR S 1103 24.37 14.75 33.69
N ASN S 1104 23.12 14.77 34.15
CA ASN S 1104 22.26 13.60 33.94
C ASN S 1104 22.00 13.37 32.46
N ALA S 1105 21.74 14.43 31.70
CA ALA S 1105 21.44 14.26 30.29
C ALA S 1105 22.63 13.66 29.52
N THR S 1106 23.80 14.26 29.66
CA THR S 1106 25.02 13.79 29.02
C THR S 1106 26.14 13.76 30.04
N LYS S 1107 26.85 12.63 30.11
CA LYS S 1107 27.85 12.44 31.16
C LYS S 1107 29.18 13.11 30.77
N ASN S 1108 29.11 14.41 30.53
CA ASN S 1108 30.25 15.20 30.06
C ASN S 1108 30.69 16.14 31.18
N ASN S 1109 31.77 15.78 31.87
CA ASN S 1109 32.29 16.58 32.96
C ASN S 1109 33.41 17.52 32.54
N ARG S 1110 33.75 17.55 31.25
CA ARG S 1110 34.84 18.42 30.81
C ARG S 1110 34.39 19.85 30.63
N ALA S 1111 33.10 20.07 30.40
CA ALA S 1111 32.61 21.43 30.17
C ALA S 1111 32.53 22.23 31.47
N MET S 1112 32.18 21.59 32.58
CA MET S 1112 32.00 22.31 33.83
C MET S 1112 33.30 22.93 34.30
N ASP S 1113 34.41 22.19 34.20
CA ASP S 1113 35.70 22.73 34.62
C ASP S 1113 36.09 23.94 33.78
N ALA S 1114 35.92 23.86 32.47
CA ALA S 1114 36.24 24.98 31.60
C ALA S 1114 35.37 26.18 31.92
N ALA S 1115 34.08 25.96 32.18
CA ALA S 1115 33.19 27.06 32.50
C ALA S 1115 33.57 27.74 33.81
N LEU S 1116 33.98 26.94 34.81
CA LEU S 1116 34.22 27.49 36.14
C LEU S 1116 35.65 27.97 36.35
N SER S 1117 36.57 27.76 35.42
CA SER S 1117 37.92 28.29 35.63
C SER S 1117 38.02 29.80 35.43
N THR S 1118 37.19 30.37 34.55
CA THR S 1118 37.34 31.78 34.19
C THR S 1118 37.08 32.71 35.37
N VAL S 1119 36.08 32.39 36.21
CA VAL S 1119 35.72 33.28 37.30
C VAL S 1119 36.86 33.38 38.32
N MET S 1120 37.52 32.26 38.60
CA MET S 1120 38.73 32.31 39.43
C MET S 1120 39.80 33.15 38.75
N SER S 1121 40.03 32.88 37.46
CA SER S 1121 41.10 33.57 36.74
C SER S 1121 40.93 35.08 36.78
N MET S 1122 39.69 35.56 36.83
CA MET S 1122 39.46 37.01 36.83
C MET S 1122 39.42 37.60 38.24
N GLY S 1123 38.74 36.95 39.19
CA GLY S 1123 38.68 37.51 40.54
C GLY S 1123 40.05 37.61 41.18
N LEU S 1124 40.86 36.56 41.04
CA LEU S 1124 42.20 36.64 41.60
C LEU S 1124 43.00 37.78 40.97
N ALA S 1125 42.79 38.02 39.68
CA ALA S 1125 43.47 39.13 39.01
C ALA S 1125 43.06 40.47 39.59
N GLY S 1126 41.77 40.64 39.90
CA GLY S 1126 41.33 41.91 40.46
C GLY S 1126 41.88 42.20 41.85
N MET S 1127 42.03 41.15 42.66
CA MET S 1127 42.40 41.36 44.07
C MET S 1127 43.74 42.08 44.21
N TYR S 1128 44.76 41.68 43.43
CA TYR S 1128 46.07 42.30 43.60
C TYR S 1128 46.08 43.74 43.12
N TYR S 1129 45.30 44.08 42.11
CA TYR S 1129 45.20 45.48 41.70
C TYR S 1129 44.66 46.32 42.85
N MET S 1130 43.60 45.85 43.50
CA MET S 1130 43.05 46.61 44.63
C MET S 1130 44.09 46.78 45.73
N ALA S 1131 44.80 45.70 46.07
CA ALA S 1131 45.80 45.79 47.13
C ALA S 1131 46.92 46.76 46.78
N GLN S 1132 47.38 46.74 45.52
CA GLN S 1132 48.45 47.64 45.10
C GLN S 1132 48.00 49.10 45.18
N ALA S 1133 46.77 49.39 44.77
CA ALA S 1133 46.27 50.76 44.87
C ALA S 1133 46.25 51.22 46.31
N HIS S 1134 45.77 50.37 47.23
CA HIS S 1134 45.74 50.77 48.64
C HIS S 1134 47.13 51.01 49.19
N ILE S 1135 48.10 50.18 48.80
CA ILE S 1135 49.47 50.41 49.26
C ILE S 1135 49.99 51.75 48.75
N LYS S 1136 49.72 52.07 47.49
CA LYS S 1136 50.27 53.29 46.91
C LYS S 1136 49.64 54.55 47.51
N ALA S 1137 48.34 54.50 47.82
CA ALA S 1137 47.67 55.70 48.31
C ALA S 1137 48.05 56.05 49.75
N TYR S 1138 48.85 55.25 50.42
CA TYR S 1138 49.18 55.49 51.82
C TYR S 1138 50.15 56.64 51.99
N ALA S 1139 50.99 56.90 50.98
CA ALA S 1139 52.11 57.81 51.14
C ALA S 1139 51.77 59.27 50.87
N MET S 1140 50.55 59.57 50.41
CA MET S 1140 50.17 60.96 50.15
C MET S 1140 49.88 61.66 51.47
N GLN S 1141 50.68 62.69 51.79
CA GLN S 1141 50.58 63.31 53.10
C GLN S 1141 49.33 64.18 53.22
N ASP S 1142 49.00 64.94 52.18
CA ASP S 1142 47.89 65.87 52.24
C ASP S 1142 46.57 65.11 52.06
N GLY S 1143 45.49 65.84 51.82
CA GLY S 1143 44.19 65.25 51.56
C GLY S 1143 43.98 64.78 50.15
N ARG S 1144 45.04 64.70 49.35
CA ARG S 1144 44.92 64.25 47.97
C ARG S 1144 44.53 62.80 47.85
N ASP S 1145 44.66 62.02 48.93
CA ASP S 1145 44.33 60.61 48.87
C ASP S 1145 42.85 60.40 48.57
N ARG S 1146 41.99 61.31 49.01
CA ARG S 1146 40.56 61.18 48.73
C ARG S 1146 40.29 61.26 47.23
N GLU S 1147 40.86 62.25 46.56
CA GLU S 1147 40.68 62.36 45.12
C GLU S 1147 41.32 61.19 44.39
N TYR S 1148 42.50 60.76 44.83
CA TYR S 1148 43.17 59.64 44.19
C TYR S 1148 42.33 58.37 44.29
N LEU S 1149 41.77 58.11 45.47
CA LEU S 1149 40.95 56.93 45.64
C LEU S 1149 39.64 57.04 44.90
N LYS S 1150 39.10 58.26 44.76
CA LYS S 1150 37.89 58.43 43.96
C LYS S 1150 38.15 58.10 42.51
N GLN S 1151 39.33 58.46 42.00
CA GLN S 1151 39.64 58.17 40.61
C GLN S 1151 40.00 56.70 40.39
N ALA S 1152 40.74 56.10 41.32
CA ALA S 1152 41.31 54.78 41.08
C ALA S 1152 40.30 53.65 41.27
N LEU S 1153 39.32 53.80 42.16
CA LEU S 1153 38.48 52.69 42.56
C LEU S 1153 37.09 52.73 41.93
N ASN S 1154 36.99 53.20 40.70
CA ASN S 1154 35.73 53.06 39.98
C ASN S 1154 35.61 51.64 39.43
N PRO S 1155 34.40 51.07 39.40
CA PRO S 1155 34.27 49.68 38.92
C PRO S 1155 34.72 49.46 37.49
N THR S 1156 34.59 50.45 36.60
CA THR S 1156 35.04 50.26 35.23
C THR S 1156 36.56 50.11 35.15
N MET S 1157 37.29 50.86 35.97
CA MET S 1157 38.74 50.69 36.02
C MET S 1157 39.12 49.31 36.52
N ILE S 1158 38.40 48.80 37.51
CA ILE S 1158 38.62 47.45 38.00
C ILE S 1158 38.40 46.43 36.89
N GLY S 1159 37.31 46.60 36.13
CA GLY S 1159 37.05 45.68 35.03
C GLY S 1159 38.13 45.73 33.96
N TYR S 1160 38.58 46.93 33.60
CA TYR S 1160 39.65 47.05 32.61
C TYR S 1160 40.92 46.36 33.08
N ALA S 1161 41.34 46.64 34.32
CA ALA S 1161 42.57 46.02 34.82
C ALA S 1161 42.43 44.53 35.02
N ALA S 1162 41.22 44.02 35.24
CA ALA S 1162 41.03 42.58 35.35
C ALA S 1162 41.10 41.90 34.00
N LEU S 1163 40.54 42.53 32.96
CA LEU S 1163 40.58 41.91 31.64
C LEU S 1163 41.97 41.99 31.01
N SER S 1164 42.63 43.16 31.10
CA SER S 1164 43.94 43.30 30.50
C SER S 1164 44.95 42.36 31.14
N ARG S 1165 44.88 42.23 32.46
CA ARG S 1165 45.73 41.29 33.19
C ARG S 1165 45.17 39.88 33.06
N SER S 1166 45.59 38.98 33.95
CA SER S 1166 45.15 37.59 33.97
C SER S 1166 45.82 36.82 32.84
N SER S 1167 45.34 35.61 32.58
CA SER S 1167 45.99 34.70 31.65
C SER S 1167 45.09 34.31 30.48
N HIS S 1168 44.43 35.29 29.86
CA HIS S 1168 43.80 34.99 28.58
C HIS S 1168 44.85 35.02 27.47
N LEU S 1169 45.68 36.08 27.47
CA LEU S 1169 46.81 36.24 26.57
C LEU S 1169 46.55 35.62 25.21
N GLY S 1170 47.37 34.65 24.84
CA GLY S 1170 47.06 33.79 23.71
C GLY S 1170 47.30 32.37 24.13
N GLY S 1171 47.52 32.18 25.42
CA GLY S 1171 47.93 30.90 25.95
C GLY S 1171 49.36 31.00 26.44
N PRO S 1172 50.09 29.89 26.40
CA PRO S 1172 51.50 29.92 26.80
C PRO S 1172 52.38 30.79 25.93
N LEU S 1173 51.98 31.06 24.67
CA LEU S 1173 52.84 31.83 23.77
C LEU S 1173 52.87 33.29 24.16
N GLY S 1174 51.73 33.97 24.10
CA GLY S 1174 51.66 35.35 24.54
C GLY S 1174 51.19 36.35 23.50
N VAL S 1175 50.61 37.46 23.96
CA VAL S 1175 50.18 38.51 23.05
C VAL S 1175 51.37 39.17 22.37
N ALA S 1176 52.50 39.29 23.07
CA ALA S 1176 53.68 39.90 22.46
C ALA S 1176 54.13 39.13 21.23
N ASN S 1177 53.81 37.85 21.13
CA ASN S 1177 54.18 37.00 20.01
C ASN S 1177 53.06 36.83 18.99
N ILE S 1178 51.82 36.68 19.44
CA ILE S 1178 50.72 36.45 18.50
C ILE S 1178 50.39 37.72 17.71
N LEU S 1179 50.31 38.86 18.40
CA LEU S 1179 49.95 40.13 17.76
C LEU S 1179 51.13 41.05 17.53
N GLY S 1180 52.34 40.54 17.54
CA GLY S 1180 53.50 41.38 17.40
C GLY S 1180 53.96 41.60 15.97
N GLY S 1181 53.18 41.18 14.99
CA GLY S 1181 53.59 41.28 13.60
C GLY S 1181 53.14 42.50 12.85
N ILE S 1182 52.32 43.36 13.46
CA ILE S 1182 51.80 44.54 12.78
C ILE S 1182 52.72 45.75 12.91
N ALA S 1183 53.86 45.61 13.59
CA ALA S 1183 54.80 46.71 13.66
C ALA S 1183 55.42 47.04 12.29
N GLY S 1184 55.37 46.10 11.35
CA GLY S 1184 55.97 46.35 10.04
C GLY S 1184 55.27 47.46 9.28
N TYR S 1185 53.94 47.55 9.43
CA TYR S 1185 53.19 48.60 8.76
C TYR S 1185 53.62 49.97 9.23
N GLU S 1186 53.72 50.16 10.55
CA GLU S 1186 54.21 51.44 11.07
C GLU S 1186 55.65 51.69 10.65
N ASP S 1187 56.48 50.65 10.65
CA ASP S 1187 57.88 50.84 10.28
C ASP S 1187 58.01 51.29 8.83
N THR S 1188 57.13 50.79 7.95
CA THR S 1188 57.22 51.18 6.55
C THR S 1188 56.52 52.50 6.24
N LYS S 1189 55.54 52.91 7.06
CA LYS S 1189 54.92 54.22 6.84
C LYS S 1189 55.92 55.34 7.12
N MET S 1190 56.61 55.29 8.26
CA MET S 1190 57.42 56.41 8.70
C MET S 1190 58.67 56.61 7.85
N LEU S 1191 59.08 55.60 7.08
CA LEU S 1191 60.29 55.72 6.29
C LEU S 1191 60.16 56.82 5.23
N ARG S 1192 59.10 56.76 4.43
CA ARG S 1192 58.96 57.68 3.31
C ARG S 1192 58.44 59.05 3.74
N SER S 1193 57.59 59.10 4.77
CA SER S 1193 56.94 60.36 5.13
C SER S 1193 57.94 61.39 5.63
N SER S 1194 58.82 61.00 6.54
CA SER S 1194 59.76 61.94 7.15
C SER S 1194 60.82 62.40 6.17
N VAL S 1222 55.67 60.13 -3.56
CA VAL S 1222 54.80 58.96 -3.69
C VAL S 1222 55.43 57.92 -4.61
N GLY S 1223 54.68 56.86 -4.89
CA GLY S 1223 55.18 55.78 -5.72
C GLY S 1223 54.70 54.43 -5.23
N ASN S 1224 55.65 53.55 -4.95
CA ASN S 1224 55.37 52.19 -4.46
C ASN S 1224 54.42 51.47 -5.42
N PHE S 1225 54.67 51.67 -6.71
CA PHE S 1225 53.92 50.98 -7.74
C PHE S 1225 54.05 49.47 -7.61
N LEU S 1226 55.18 48.99 -7.07
CA LEU S 1226 55.38 47.60 -6.71
C LEU S 1226 55.54 46.70 -7.94
N GLU S 1227 56.53 45.81 -7.90
CA GLU S 1227 56.64 44.83 -8.96
C GLU S 1227 55.41 43.94 -8.96
N GLN S 1228 55.08 43.42 -10.13
CA GLN S 1228 53.98 42.45 -10.20
C GLN S 1228 54.32 41.23 -9.36
N VAL S 1229 53.38 40.80 -8.53
CA VAL S 1229 53.57 39.65 -7.67
C VAL S 1229 53.86 38.46 -8.57
N PRO S 1230 54.84 37.60 -8.24
CA PRO S 1230 55.09 36.43 -9.09
C PRO S 1230 53.84 35.59 -9.25
N ALA S 1231 53.63 35.05 -10.44
CA ALA S 1231 52.40 34.37 -10.82
C ALA S 1231 51.86 33.50 -9.69
N PHE S 1232 52.73 32.77 -9.02
CA PHE S 1232 52.34 32.01 -7.84
C PHE S 1232 52.06 32.98 -6.69
N GLY S 1233 50.80 33.34 -6.51
CA GLY S 1233 50.44 34.32 -5.50
C GLY S 1233 50.61 33.77 -4.09
N TYR S 1234 50.53 34.68 -3.12
CA TYR S 1234 50.64 34.29 -1.73
C TYR S 1234 49.34 33.74 -1.16
N ALA S 1235 48.22 33.93 -1.86
CA ALA S 1235 46.97 33.32 -1.41
C ALA S 1235 47.06 31.81 -1.45
N ALA S 1236 47.70 31.27 -2.49
CA ALA S 1236 47.86 29.83 -2.66
C ALA S 1236 49.27 29.43 -2.21
N ASN S 1237 49.37 28.83 -1.03
CA ASN S 1237 50.61 28.23 -0.55
C ASN S 1237 50.25 27.06 0.35
N VAL S 1238 50.66 25.85 -0.04
CA VAL S 1238 50.33 24.67 0.75
C VAL S 1238 51.07 24.72 2.07
N GLY S 1239 50.37 24.37 3.14
CA GLY S 1239 50.96 24.43 4.47
C GLY S 1239 52.08 23.42 4.65
N ALA S 1240 52.95 23.72 5.62
CA ALA S 1240 54.07 22.88 6.00
C ALA S 1240 55.15 22.83 4.93
N THR S 1241 54.88 23.40 3.76
CA THR S 1241 55.87 23.53 2.71
C THR S 1241 56.16 24.99 2.38
N ALA S 1242 55.54 25.91 3.12
CA ALA S 1242 55.85 27.33 3.02
C ALA S 1242 56.94 27.76 3.98
N TYR S 1243 57.53 26.83 4.73
CA TYR S 1243 58.51 27.17 5.76
C TYR S 1243 59.89 26.59 5.54
N ASN S 1244 60.10 25.78 4.50
CA ASN S 1244 61.43 25.27 4.22
C ASN S 1244 62.26 26.39 3.60
N LEU S 1245 63.44 26.05 3.08
CA LEU S 1245 64.33 27.10 2.58
C LEU S 1245 63.71 27.86 1.42
N ALA S 1246 63.01 27.17 0.53
CA ALA S 1246 62.42 27.83 -0.62
C ALA S 1246 61.32 28.80 -0.23
N GLY S 1247 60.56 28.49 0.83
CA GLY S 1247 59.46 29.35 1.21
C GLY S 1247 59.88 30.63 1.88
N TYR S 1248 61.08 30.67 2.44
CA TYR S 1248 61.56 31.89 3.08
C TYR S 1248 62.04 32.92 2.06
N LEU S 1249 62.68 32.48 1.00
CA LEU S 1249 63.38 33.39 0.10
C LEU S 1249 62.49 34.04 -0.95
N LYS S 1250 61.28 33.52 -1.17
CA LYS S 1250 60.42 33.99 -2.25
C LYS S 1250 58.99 34.18 -1.77
N ALA S 1251 58.83 34.86 -0.64
CA ALA S 1251 57.52 35.09 -0.06
C ALA S 1251 57.17 36.58 -0.15
N ASP S 1252 55.94 36.90 0.26
CA ASP S 1252 55.43 38.27 0.29
C ASP S 1252 55.37 38.73 1.74
N THR S 1253 55.95 39.90 2.02
CA THR S 1253 56.13 40.38 3.39
C THR S 1253 55.40 41.68 3.66
N ARG S 1254 54.15 41.79 3.22
CA ARG S 1254 53.29 42.91 3.56
C ARG S 1254 52.07 42.42 4.33
N VAL S 1255 51.34 43.36 4.91
CA VAL S 1255 50.23 43.07 5.80
C VAL S 1255 48.93 43.12 5.02
N ASN S 1256 48.08 42.12 5.21
CA ASN S 1256 46.73 42.09 4.66
C ASN S 1256 45.74 41.78 5.77
N GLU S 1257 44.45 41.80 5.44
CA GLU S 1257 43.40 41.65 6.43
C GLU S 1257 43.44 40.30 7.14
N ARG S 1258 44.01 39.28 6.50
CA ARG S 1258 44.03 37.95 7.10
C ARG S 1258 44.82 37.94 8.39
N ASP S 1259 45.93 38.69 8.43
CA ASP S 1259 46.73 38.76 9.66
C ASP S 1259 45.92 39.36 10.80
N TYR S 1260 45.20 40.46 10.52
CA TYR S 1260 44.36 41.07 11.55
C TYR S 1260 43.36 40.08 12.08
N MET S 1261 42.60 39.44 11.19
CA MET S 1261 41.54 38.54 11.63
C MET S 1261 42.08 37.36 12.41
N THR S 1262 43.16 36.73 11.91
CA THR S 1262 43.70 35.56 12.57
C THR S 1262 44.28 35.89 13.94
N GLY S 1263 45.07 36.96 14.04
CA GLY S 1263 45.62 37.32 15.33
C GLY S 1263 44.55 37.68 16.35
N MET S 1264 43.56 38.47 15.94
CA MET S 1264 42.49 38.84 16.86
C MET S 1264 41.69 37.62 17.31
N TYR S 1265 41.43 36.66 16.42
CA TYR S 1265 40.72 35.48 16.87
C TYR S 1265 41.56 34.63 17.81
N ASN S 1266 42.86 34.50 17.54
CA ASN S 1266 43.69 33.68 18.40
C ASN S 1266 43.82 34.27 19.80
N THR S 1267 43.86 35.60 19.91
CA THR S 1267 44.05 36.22 21.23
C THR S 1267 42.87 35.95 22.17
N PHE S 1268 41.66 35.82 21.65
CA PHE S 1268 40.44 35.69 22.44
C PHE S 1268 39.81 34.32 22.27
N ARG S 1269 40.60 33.25 22.30
CA ARG S 1269 40.09 31.94 21.93
C ARG S 1269 39.29 31.29 23.05
N GLU S 1270 39.91 31.11 24.22
CA GLU S 1270 39.27 30.37 25.30
C GLU S 1270 38.17 31.17 25.99
N LEU S 1271 38.19 32.49 25.89
CA LEU S 1271 37.12 33.28 26.50
C LEU S 1271 35.83 33.19 25.70
N VAL S 1272 35.93 33.21 24.37
CA VAL S 1272 34.75 33.22 23.51
C VAL S 1272 34.88 32.06 22.53
N PRO S 1273 34.49 30.85 22.92
CA PRO S 1273 34.58 29.70 22.02
C PRO S 1273 33.47 29.75 20.98
N ASN S 1274 33.46 28.75 20.10
CA ASN S 1274 32.44 28.67 19.06
C ASN S 1274 31.35 27.66 19.38
N ASP S 1275 31.06 27.46 20.66
CA ASP S 1275 29.95 26.63 21.11
C ASP S 1275 29.21 27.35 22.23
N PRO S 1276 27.89 27.15 22.35
CA PRO S 1276 27.08 27.93 23.29
C PRO S 1276 26.83 27.31 24.65
N ILE S 1277 27.39 26.14 24.98
CA ILE S 1277 27.02 25.48 26.24
C ILE S 1277 27.60 26.24 27.44
N THR S 1278 28.84 26.71 27.32
CA THR S 1278 29.49 27.38 28.44
C THR S 1278 28.73 28.64 28.84
N GLN S 1279 28.28 29.41 27.85
CA GLN S 1279 27.51 30.62 28.13
C GLN S 1279 26.21 30.28 28.84
N LYS S 1280 25.56 29.19 28.43
CA LYS S 1280 24.32 28.79 29.10
C LYS S 1280 24.57 28.40 30.56
N LEU S 1281 25.66 27.69 30.82
CA LEU S 1281 25.95 27.31 32.20
C LEU S 1281 26.21 28.54 33.07
N LEU S 1282 27.01 29.48 32.58
CA LEU S 1282 27.26 30.71 33.33
C LEU S 1282 25.97 31.49 33.56
N LEU S 1283 25.11 31.56 32.54
CA LEU S 1283 23.87 32.30 32.66
C LEU S 1283 22.96 31.69 33.72
N GLY S 1284 22.87 30.35 33.74
CA GLY S 1284 22.05 29.71 34.77
C GLY S 1284 22.57 29.95 36.17
N THR S 1285 23.89 29.86 36.35
CA THR S 1285 24.46 30.11 37.68
C THR S 1285 24.16 31.54 38.14
N PHE S 1286 24.39 32.52 37.26
CA PHE S 1286 24.15 33.90 37.66
C PHE S 1286 22.67 34.18 37.89
N GLU S 1287 21.78 33.48 37.18
CA GLU S 1287 20.36 33.60 37.49
C GLU S 1287 20.06 33.12 38.91
N GLU S 1288 20.61 31.95 39.27
CA GLU S 1288 20.25 31.36 40.55
C GLU S 1288 20.84 32.12 41.73
N GLN S 1289 22.01 32.73 41.57
CA GLN S 1289 22.66 33.35 42.71
C GLN S 1289 22.46 34.85 42.82
N GLY S 1290 22.29 35.57 41.71
CA GLY S 1290 22.00 36.98 41.75
C GLY S 1290 23.25 37.85 41.70
N ILE S 1291 23.06 39.10 41.24
CA ILE S 1291 24.15 40.04 41.03
C ILE S 1291 23.83 41.35 41.73
N HIS S 1292 24.86 42.16 41.93
CA HIS S 1292 24.69 43.45 42.58
C HIS S 1292 24.14 44.47 41.61
N ILE S 1293 23.09 45.19 42.03
CA ILE S 1293 22.32 46.04 41.13
C ILE S 1293 22.79 47.49 41.17
N LYS S 1294 23.70 47.82 42.08
CA LYS S 1294 24.20 49.19 42.27
C LYS S 1294 22.98 50.06 42.65
N ASP S 1295 23.02 51.35 42.32
CA ASP S 1295 21.91 52.27 42.58
C ASP S 1295 21.48 52.25 44.05
N MET T 1 -52.14 -36.02 15.21
CA MET T 1 -52.99 -35.81 16.38
C MET T 1 -54.45 -36.11 16.05
N CYS T 2 -54.79 -36.03 14.76
CA CYS T 2 -56.16 -36.30 14.35
C CYS T 2 -56.54 -37.76 14.50
N GLU T 3 -55.54 -38.64 14.67
CA GLU T 3 -55.78 -40.08 14.75
C GLU T 3 -56.69 -40.41 15.92
N PRO T 4 -57.66 -41.32 15.74
CA PRO T 4 -58.63 -41.58 16.82
C PRO T 4 -58.01 -42.05 18.12
N VAL T 5 -56.94 -42.84 18.06
CA VAL T 5 -56.30 -43.35 19.27
C VAL T 5 -55.14 -42.49 19.73
N SER T 6 -54.83 -41.41 19.01
CA SER T 6 -53.75 -40.51 19.42
C SER T 6 -54.27 -39.36 20.26
N ILE T 7 -55.49 -38.90 19.98
CA ILE T 7 -56.05 -37.78 20.74
C ILE T 7 -56.32 -38.20 22.19
N GLY T 8 -56.70 -39.47 22.38
CA GLY T 8 -56.86 -40.00 23.72
C GLY T 8 -55.57 -39.97 24.50
N LEU T 9 -54.44 -40.04 23.79
CA LEU T 9 -53.15 -39.86 24.44
C LEU T 9 -52.95 -38.41 24.87
N GLY T 10 -53.49 -37.46 24.11
CA GLY T 10 -53.37 -36.07 24.50
C GLY T 10 -54.24 -35.72 25.69
N ILE T 11 -55.44 -36.30 25.76
CA ILE T 11 -56.40 -35.86 26.77
C ILE T 11 -55.95 -36.29 28.16
N MET T 12 -55.24 -37.41 28.27
CA MET T 12 -54.67 -37.80 29.55
C MET T 12 -53.56 -36.85 29.98
N SER T 13 -52.78 -36.35 29.03
CA SER T 13 -51.77 -35.35 29.35
C SER T 13 -52.41 -34.06 29.83
N VAL T 14 -53.47 -33.61 29.15
CA VAL T 14 -54.07 -32.32 29.48
C VAL T 14 -54.84 -32.41 30.79
N ALA T 15 -55.80 -33.35 30.87
CA ALA T 15 -56.61 -33.51 32.07
C ALA T 15 -56.62 -34.97 32.51
N GLY T 16 -57.52 -35.32 33.42
CA GLY T 16 -57.58 -36.68 33.92
C GLY T 16 -57.84 -36.72 35.41
N ALA T 17 -56.93 -37.36 36.15
CA ALA T 17 -56.97 -37.49 37.60
C ALA T 17 -58.40 -37.62 38.15
N THR T 18 -59.16 -36.53 38.12
CA THR T 18 -60.53 -36.58 38.61
C THR T 18 -61.39 -37.51 37.76
N MET T 19 -61.02 -37.69 36.48
CA MET T 19 -61.81 -38.48 35.55
C MET T 19 -61.97 -39.91 36.04
N SER T 20 -63.20 -40.42 35.96
CA SER T 20 -63.54 -41.69 36.58
C SER T 20 -62.85 -42.85 35.86
N ALA T 21 -62.79 -43.99 36.55
CA ALA T 21 -61.98 -45.12 36.10
C ALA T 21 -62.48 -45.69 34.78
N SER T 22 -63.78 -45.56 34.51
CA SER T 22 -64.33 -46.10 33.27
C SER T 22 -63.69 -45.43 32.05
N GLN T 23 -63.56 -44.11 32.09
CA GLN T 23 -62.94 -43.41 30.98
C GLN T 23 -61.43 -43.61 30.97
N GLN T 24 -60.81 -43.75 32.14
CA GLN T 24 -59.40 -44.13 32.17
C GLN T 24 -59.15 -45.49 31.56
N ALA T 25 -60.15 -46.37 31.53
CA ALA T 25 -60.01 -47.66 30.85
C ALA T 25 -60.30 -47.54 29.36
N LYS T 26 -61.37 -46.81 29.01
CA LYS T 26 -61.70 -46.56 27.60
C LYS T 26 -60.62 -45.85 26.85
N ALA T 27 -59.84 -44.97 27.47
CA ALA T 27 -58.84 -44.22 26.73
C ALA T 27 -57.49 -44.92 26.76
N GLU T 28 -57.36 -45.95 27.57
CA GLU T 28 -56.08 -46.61 27.76
C GLU T 28 -56.01 -48.01 27.17
N GLY T 29 -57.14 -48.68 26.99
CA GLY T 29 -57.12 -50.01 26.40
C GLY T 29 -56.71 -50.04 24.95
N ALA T 30 -56.96 -48.94 24.23
CA ALA T 30 -56.82 -48.90 22.78
C ALA T 30 -55.39 -49.15 22.31
N ALA T 31 -54.42 -48.47 22.92
CA ALA T 31 -53.04 -48.62 22.48
C ALA T 31 -52.54 -50.04 22.70
N ILE T 32 -52.85 -50.62 23.86
CA ILE T 32 -52.42 -51.97 24.15
C ILE T 32 -53.06 -52.97 23.20
N ASP T 33 -54.36 -52.80 22.93
CA ASP T 33 -55.03 -53.70 22.00
C ASP T 33 -54.42 -53.62 20.61
N ALA T 34 -54.15 -52.39 20.13
CA ALA T 34 -53.57 -52.24 18.81
C ALA T 34 -52.18 -52.89 18.73
N GLN T 35 -51.36 -52.66 19.76
CA GLN T 35 -50.02 -53.26 19.76
C GLN T 35 -50.10 -54.78 19.78
N ASN T 36 -51.00 -55.34 20.58
CA ASN T 36 -51.13 -56.78 20.65
C ASN T 36 -51.59 -57.37 19.32
N ARG T 37 -52.56 -56.73 18.68
CA ARG T 37 -53.06 -57.23 17.40
C ARG T 37 -51.97 -57.18 16.33
N GLN T 38 -51.23 -56.07 16.28
CA GLN T 38 -50.14 -55.97 15.31
C GLN T 38 -49.08 -57.04 15.54
N ALA T 39 -48.72 -57.26 16.82
CA ALA T 39 -47.72 -58.27 17.13
C ALA T 39 -48.19 -59.65 16.69
N GLN T 40 -49.45 -59.98 16.97
CA GLN T 40 -49.98 -61.28 16.58
C GLN T 40 -49.91 -61.49 15.07
N GLU T 41 -50.46 -60.53 14.31
CA GLU T 41 -50.52 -60.74 12.88
C GLU T 41 -49.16 -60.67 12.22
N MET T 42 -48.18 -60.03 12.86
CA MET T 42 -46.84 -59.97 12.30
C MET T 42 -46.00 -61.18 12.67
N ILE T 43 -46.32 -61.86 13.78
CA ILE T 43 -45.56 -63.05 14.14
C ILE T 43 -46.18 -64.32 13.56
N LYS T 44 -47.46 -64.28 13.15
CA LYS T 44 -48.10 -65.47 12.60
C LYS T 44 -47.56 -65.88 11.24
N GLN T 45 -46.71 -65.07 10.60
CA GLN T 45 -46.31 -65.32 9.22
C GLN T 45 -45.06 -66.19 9.11
N MET T 46 -44.08 -66.01 9.99
CA MET T 46 -42.78 -66.66 9.84
C MET T 46 -42.89 -68.14 10.19
N ASN T 47 -41.75 -68.84 10.16
CA ASN T 47 -41.68 -70.25 10.50
C ASN T 47 -41.52 -70.41 12.01
N TYR T 48 -41.29 -71.64 12.47
CA TYR T 48 -41.15 -71.91 13.91
C TYR T 48 -39.69 -72.06 14.31
N SER T 49 -38.98 -73.01 13.71
CA SER T 49 -37.61 -73.29 14.12
C SER T 49 -36.67 -72.18 13.66
N ASP T 50 -35.85 -71.68 14.57
CA ASP T 50 -34.99 -70.54 14.28
C ASP T 50 -33.76 -70.89 13.48
N ALA T 51 -33.59 -72.15 13.09
CA ALA T 51 -32.53 -72.54 12.18
C ALA T 51 -32.97 -72.47 10.71
N ASN T 52 -34.21 -72.09 10.44
CA ASN T 52 -34.75 -72.06 9.09
C ASN T 52 -35.11 -70.66 8.63
N LEU T 53 -34.66 -69.63 9.35
CA LEU T 53 -34.98 -68.25 9.00
C LEU T 53 -33.71 -67.47 8.65
N LYS T 54 -33.91 -66.33 8.01
CA LYS T 54 -32.82 -65.45 7.65
C LYS T 54 -32.34 -64.66 8.87
N MET T 55 -31.36 -63.80 8.67
CA MET T 55 -30.76 -63.07 9.79
C MET T 55 -31.71 -62.03 10.35
N GLN T 56 -32.34 -61.24 9.49
CA GLN T 56 -33.17 -60.13 9.96
C GLN T 56 -34.38 -60.63 10.72
N GLU T 57 -35.02 -61.70 10.23
CA GLU T 57 -36.22 -62.20 10.87
C GLU T 57 -35.95 -62.71 12.28
N ARG T 58 -34.76 -63.26 12.53
CA ARG T 58 -34.42 -63.71 13.87
C ARG T 58 -34.46 -62.56 14.87
N ASP T 59 -33.74 -61.47 14.55
CA ASP T 59 -33.73 -60.32 15.45
C ASP T 59 -35.11 -59.69 15.55
N LEU T 60 -35.84 -59.62 14.45
CA LEU T 60 -37.18 -59.05 14.47
C LEU T 60 -38.09 -59.83 15.41
N LYS T 61 -38.06 -61.17 15.30
CA LYS T 61 -38.90 -62.00 16.17
C LYS T 61 -38.46 -61.89 17.63
N GLU T 62 -37.15 -61.88 17.87
CA GLU T 62 -36.67 -61.77 19.24
C GLU T 62 -37.13 -60.46 19.88
N GLN T 63 -37.04 -59.36 19.15
CA GLN T 63 -37.48 -58.08 19.71
C GLN T 63 -38.98 -58.04 19.88
N GLN T 64 -39.72 -58.62 18.93
CA GLN T 64 -41.18 -58.48 18.92
C GLN T 64 -41.86 -59.44 19.88
N MET T 65 -41.18 -60.51 20.32
CA MET T 65 -41.86 -61.54 21.09
C MET T 65 -42.19 -61.06 22.50
N ALA T 66 -41.35 -60.19 23.07
CA ALA T 66 -41.45 -59.86 24.49
C ALA T 66 -42.79 -59.22 24.86
N GLU T 67 -43.53 -58.70 23.89
CA GLU T 67 -44.79 -58.04 24.17
C GLU T 67 -45.87 -58.99 24.66
N LEU T 68 -45.63 -60.31 24.56
CA LEU T 68 -46.64 -61.30 24.91
C LEU T 68 -46.29 -62.11 26.15
N THR T 69 -45.24 -61.73 26.87
CA THR T 69 -44.80 -62.51 28.01
C THR T 69 -45.75 -62.35 29.19
N GLU T 70 -45.81 -63.39 30.03
CA GLU T 70 -46.59 -63.39 31.26
C GLU T 70 -45.71 -63.91 32.39
N THR T 71 -45.78 -63.26 33.55
CA THR T 71 -44.85 -63.53 34.63
C THR T 71 -45.47 -63.87 35.97
N THR T 72 -46.73 -63.49 36.23
CA THR T 72 -47.25 -63.61 37.58
C THR T 72 -48.00 -64.92 37.79
N LEU T 73 -49.00 -65.20 36.96
CA LEU T 73 -49.94 -66.30 37.22
C LEU T 73 -49.59 -67.57 36.48
N ASN T 74 -48.30 -67.88 36.32
CA ASN T 74 -47.93 -69.07 35.57
C ASN T 74 -48.35 -70.34 36.29
N GLY T 75 -48.30 -70.34 37.62
CA GLY T 75 -48.60 -71.55 38.36
C GLY T 75 -50.01 -72.05 38.13
N ILE T 76 -50.98 -71.13 38.10
CA ILE T 76 -52.37 -71.52 37.88
C ILE T 76 -52.53 -72.15 36.51
N ARG T 77 -51.87 -71.59 35.50
CA ARG T 77 -51.94 -72.17 34.15
C ARG T 77 -51.34 -73.56 34.12
N ASN T 78 -50.12 -73.70 34.65
CA ASN T 78 -49.39 -74.96 34.53
C ASN T 78 -49.92 -76.05 35.46
N GLN T 79 -50.80 -75.70 36.41
CA GLN T 79 -51.34 -76.70 37.33
C GLN T 79 -52.03 -77.85 36.61
N GLY T 80 -52.62 -77.60 35.45
CA GLY T 80 -53.39 -78.64 34.79
C GLY T 80 -52.56 -79.80 34.29
N MET T 81 -51.42 -79.51 33.67
CA MET T 81 -50.63 -80.56 33.03
C MET T 81 -49.95 -81.48 34.04
N VAL T 82 -49.51 -80.93 35.18
CA VAL T 82 -48.83 -81.73 36.18
C VAL T 82 -49.76 -82.80 36.74
N ARG T 83 -51.05 -82.51 36.81
CA ARG T 83 -52.02 -83.49 37.30
C ARG T 83 -51.97 -84.77 36.47
N ALA T 84 -52.07 -84.64 35.14
CA ALA T 84 -51.98 -85.81 34.28
C ALA T 84 -50.58 -86.39 34.25
N ALA T 85 -49.56 -85.56 34.40
CA ALA T 85 -48.19 -86.06 34.40
C ALA T 85 -47.96 -87.01 35.58
N VAL T 86 -48.49 -86.66 36.75
CA VAL T 86 -48.28 -87.46 37.95
C VAL T 86 -49.26 -88.62 38.04
N ALA T 87 -50.54 -88.39 37.70
CA ALA T 87 -51.56 -89.42 37.87
C ALA T 87 -51.27 -90.63 36.99
N GLU T 88 -50.85 -90.42 35.75
CA GLU T 88 -50.61 -91.52 34.83
C GLU T 88 -49.11 -91.76 34.64
N ASP T 106 -64.93 -76.29 43.12
CA ASP T 106 -65.67 -75.91 44.31
C ASP T 106 -66.32 -74.54 44.15
N THR T 107 -66.91 -74.03 45.23
CA THR T 107 -67.59 -72.73 45.19
C THR T 107 -67.21 -71.90 46.40
N VAL T 108 -65.90 -71.84 46.68
CA VAL T 108 -65.32 -70.98 47.71
C VAL T 108 -65.76 -71.41 49.11
N LYS T 109 -67.06 -71.67 49.28
CA LYS T 109 -67.56 -72.10 50.59
C LYS T 109 -66.91 -73.40 51.03
N GLU T 110 -66.67 -74.31 50.08
CA GLU T 110 -66.02 -75.57 50.42
C GLU T 110 -64.59 -75.40 50.88
N ARG T 111 -63.97 -74.24 50.59
CA ARG T 111 -62.63 -73.95 51.05
C ARG T 111 -62.65 -73.58 52.54
N ALA T 112 -61.49 -73.74 53.18
CA ALA T 112 -61.33 -73.45 54.59
C ALA T 112 -60.45 -72.23 54.78
N GLY T 113 -60.85 -71.36 55.70
CA GLY T 113 -60.12 -70.13 55.96
C GLY T 113 -60.57 -68.92 55.16
N ILE T 114 -61.52 -69.09 54.24
CA ILE T 114 -62.00 -68.00 53.40
C ILE T 114 -63.52 -67.97 53.50
N THR T 115 -64.08 -66.79 53.76
CA THR T 115 -65.52 -66.63 53.83
C THR T 115 -66.10 -66.48 52.42
N GLU T 116 -67.42 -66.39 52.33
CA GLU T 116 -68.06 -66.19 51.04
C GLU T 116 -67.71 -64.83 50.44
N SER T 117 -67.36 -63.86 51.28
CA SER T 117 -66.96 -62.54 50.82
C SER T 117 -65.49 -62.46 50.47
N TYR T 118 -64.84 -63.61 50.24
CA TYR T 118 -63.43 -63.67 49.85
C TYR T 118 -62.53 -63.01 50.88
N ASN T 119 -62.87 -63.13 52.16
CA ASN T 119 -62.05 -62.59 53.24
C ASN T 119 -61.71 -63.70 54.23
N ARG T 120 -60.61 -63.52 54.94
CA ARG T 120 -60.12 -64.55 55.84
C ARG T 120 -61.07 -64.77 57.01
N ASP T 121 -61.16 -66.02 57.45
CA ASP T 121 -62.04 -66.44 58.54
C ASP T 121 -61.18 -66.73 59.77
N TYR T 122 -61.01 -65.71 60.62
CA TYR T 122 -60.13 -65.86 61.78
C TYR T 122 -60.66 -66.88 62.77
N ALA T 123 -61.99 -67.07 62.83
CA ALA T 123 -62.55 -67.99 63.81
C ALA T 123 -62.05 -69.41 63.59
N ALA T 124 -62.17 -69.91 62.37
CA ALA T 124 -61.68 -71.25 62.05
C ALA T 124 -60.16 -71.32 62.20
N ILE T 125 -59.46 -70.29 61.76
CA ILE T 125 -58.01 -70.28 61.81
C ILE T 125 -57.52 -70.43 63.25
N PHE T 126 -58.14 -69.73 64.18
CA PHE T 126 -57.68 -69.72 65.56
C PHE T 126 -58.28 -70.84 66.41
N GLY T 127 -59.43 -71.38 66.03
CA GLY T 127 -60.03 -72.45 66.80
C GLY T 127 -59.72 -73.85 66.31
N ASN T 128 -59.93 -74.09 65.01
CA ASN T 128 -59.76 -75.42 64.45
C ASN T 128 -58.30 -75.74 64.13
N ARG T 129 -57.39 -74.78 64.30
CA ARG T 129 -55.96 -74.99 64.09
C ARG T 129 -55.69 -75.46 62.65
N ILE T 130 -56.02 -74.60 61.70
CA ILE T 130 -55.87 -74.90 60.28
C ILE T 130 -54.43 -74.66 59.89
N ALA T 131 -53.78 -75.71 59.37
CA ALA T 131 -52.35 -75.61 59.06
C ALA T 131 -52.10 -74.75 57.83
N ASN T 132 -52.90 -74.94 56.77
CA ASN T 132 -52.66 -74.27 55.50
C ASN T 132 -53.95 -73.66 54.97
N ILE T 133 -53.82 -72.51 54.33
CA ILE T 133 -54.95 -71.83 53.71
C ILE T 133 -55.00 -72.19 52.24
N GLU T 134 -56.18 -72.55 51.75
CA GLU T 134 -56.37 -73.12 50.42
C GLU T 134 -56.56 -72.00 49.41
N ASN T 135 -55.47 -71.64 48.72
CA ASN T 135 -55.57 -70.71 47.61
C ASN T 135 -56.20 -71.37 46.39
N THR T 136 -55.56 -72.41 45.88
CA THR T 136 -55.93 -73.04 44.62
C THR T 136 -56.33 -74.49 44.87
N GLN T 137 -56.65 -75.18 43.79
CA GLN T 137 -56.85 -76.62 43.87
C GLN T 137 -55.52 -77.31 44.13
N SER T 138 -55.60 -78.58 44.53
CA SER T 138 -54.49 -79.41 44.96
C SER T 138 -53.94 -79.01 46.32
N ALA T 139 -54.46 -77.93 46.92
CA ALA T 139 -54.18 -77.67 48.32
C ALA T 139 -54.76 -78.78 49.19
N ILE T 140 -55.95 -79.27 48.83
CA ILE T 140 -56.45 -80.50 49.42
C ILE T 140 -55.57 -81.65 48.97
N ARG T 141 -55.10 -82.45 49.94
CA ARG T 141 -54.13 -83.52 49.73
C ARG T 141 -53.03 -83.09 48.78
N GLY T 142 -52.55 -84.01 47.93
CA GLY T 142 -51.56 -83.66 46.94
C GLY T 142 -50.13 -83.95 47.37
N GLN T 143 -49.51 -84.94 46.75
CA GLN T 143 -48.13 -85.33 47.05
C GLN T 143 -47.14 -84.79 46.03
N GLY T 144 -47.56 -83.88 45.15
CA GLY T 144 -46.67 -83.34 44.13
C GLY T 144 -45.62 -82.40 44.66
N LYS T 145 -45.83 -81.84 45.85
CA LYS T 145 -44.88 -80.93 46.50
C LYS T 145 -44.72 -79.64 45.71
N ILE T 146 -43.64 -79.55 44.93
CA ILE T 146 -43.24 -78.30 44.27
C ILE T 146 -43.02 -77.26 45.36
N ILE T 147 -41.91 -77.36 46.07
CA ILE T 147 -41.60 -76.50 47.20
C ILE T 147 -40.72 -75.36 46.74
N LYS T 148 -40.99 -74.17 47.28
CA LYS T 148 -40.29 -72.97 46.84
C LYS T 148 -38.81 -73.05 47.19
N THR T 149 -37.96 -72.59 46.25
CA THR T 149 -36.52 -72.54 46.44
C THR T 149 -36.03 -71.13 46.08
N SER T 150 -34.73 -70.92 46.24
CA SER T 150 -34.13 -69.62 46.01
C SER T 150 -33.16 -69.67 44.84
N PRO T 151 -33.28 -68.77 43.87
CA PRO T 151 -32.40 -68.82 42.69
C PRO T 151 -30.92 -68.70 43.02
N LEU T 152 -30.54 -67.89 44.00
CA LEU T 152 -29.12 -67.62 44.24
C LEU T 152 -28.43 -68.83 44.86
N ALA T 153 -29.08 -69.48 45.82
CA ALA T 153 -28.49 -70.70 46.40
C ALA T 153 -28.41 -71.80 45.34
N HIS T 154 -29.43 -71.91 44.50
CA HIS T 154 -29.39 -72.89 43.42
C HIS T 154 -28.23 -72.64 42.49
N ALA T 155 -28.01 -71.38 42.12
CA ALA T 155 -26.87 -71.05 41.26
C ALA T 155 -25.55 -71.36 41.94
N LEU T 156 -25.46 -71.08 43.25
CA LEU T 156 -24.23 -71.39 43.97
C LEU T 156 -23.99 -72.89 44.08
N ASN T 157 -25.05 -73.71 44.02
CA ASN T 157 -24.87 -75.16 44.11
C ASN T 157 -24.05 -75.70 42.94
N VAL T 158 -24.41 -75.30 41.72
CA VAL T 158 -23.78 -75.90 40.54
C VAL T 158 -22.33 -75.45 40.39
N ALA T 159 -22.05 -74.19 40.66
CA ALA T 159 -20.72 -73.65 40.44
C ALA T 159 -19.70 -74.24 41.41
N GLU U 38 35.42 -10.72 -71.14
CA GLU U 38 34.25 -9.89 -71.39
C GLU U 38 33.40 -10.48 -72.51
N SER U 39 33.73 -10.11 -73.75
CA SER U 39 33.08 -10.64 -74.95
C SER U 39 31.57 -10.41 -74.93
N GLY U 40 31.14 -9.27 -74.40
CA GLY U 40 29.73 -8.95 -74.39
C GLY U 40 29.52 -7.57 -73.80
N VAL U 41 28.30 -7.06 -73.98
CA VAL U 41 27.90 -5.75 -73.48
C VAL U 41 28.88 -4.70 -73.98
N ARG U 42 29.80 -4.27 -73.11
CA ARG U 42 30.87 -3.34 -73.46
C ARG U 42 30.36 -2.00 -73.96
N ALA U 43 29.05 -1.77 -73.86
CA ALA U 43 28.45 -0.47 -74.13
C ALA U 43 27.73 0.10 -72.93
N LEU U 44 26.91 -0.71 -72.25
CA LEU U 44 26.33 -0.26 -71.00
C LEU U 44 27.40 0.02 -69.95
N GLY U 45 28.53 -0.67 -70.02
CA GLY U 45 29.63 -0.36 -69.11
C GLY U 45 30.13 1.06 -69.27
N LYS U 46 30.37 1.48 -70.52
CA LYS U 46 30.81 2.85 -70.75
C LYS U 46 29.72 3.85 -70.42
N ASN U 47 28.46 3.51 -70.74
CA ASN U 47 27.36 4.41 -70.41
C ASN U 47 27.27 4.64 -68.91
N LEU U 48 27.39 3.57 -68.12
CA LEU U 48 27.35 3.72 -66.67
C LEU U 48 28.61 4.41 -66.14
N LEU U 49 29.75 4.26 -66.82
CA LEU U 49 30.93 5.01 -66.43
C LEU U 49 30.68 6.52 -66.56
N SER U 50 30.14 6.94 -67.70
CA SER U 50 29.82 8.36 -67.88
C SER U 50 28.78 8.83 -66.88
N TYR U 51 27.74 8.01 -66.66
CA TYR U 51 26.70 8.38 -65.71
C TYR U 51 27.27 8.56 -64.30
N GLY U 52 28.15 7.65 -63.88
CA GLY U 52 28.75 7.78 -62.57
C GLY U 52 29.74 8.92 -62.49
N ARG U 53 30.33 9.30 -63.62
CA ARG U 53 31.21 10.48 -63.63
C ARG U 53 30.41 11.76 -63.46
N GLN U 54 29.20 11.82 -64.04
CA GLN U 54 28.37 13.01 -63.90
C GLN U 54 27.80 13.15 -62.49
N GLY U 55 27.73 12.08 -61.71
CA GLY U 55 27.31 12.19 -60.33
C GLY U 55 25.93 11.65 -59.97
N TYR U 56 25.55 10.51 -60.53
CA TYR U 56 24.27 9.88 -60.21
C TYR U 56 24.46 8.84 -59.11
N ASP U 57 23.63 8.93 -58.07
CA ASP U 57 23.78 8.09 -56.88
C ASP U 57 23.12 6.72 -57.04
N SER U 58 21.80 6.68 -57.17
CA SER U 58 21.03 5.49 -56.86
C SER U 58 20.43 4.86 -58.11
N ILE U 59 19.68 3.78 -57.87
CA ILE U 59 18.98 3.09 -58.95
C ILE U 59 17.85 3.96 -59.50
N GLU U 60 17.14 4.65 -58.62
CA GLU U 60 15.96 5.40 -59.04
C GLU U 60 16.33 6.47 -60.06
N LYS U 61 17.40 7.22 -59.82
CA LYS U 61 17.75 8.30 -60.73
C LYS U 61 18.16 7.77 -62.09
N ILE U 62 19.00 6.73 -62.11
CA ILE U 62 19.45 6.18 -63.38
C ILE U 62 18.28 5.63 -64.18
N ILE U 63 17.39 4.89 -63.51
CA ILE U 63 16.27 4.29 -64.22
C ILE U 63 15.31 5.37 -64.72
N ASN U 64 15.04 6.38 -63.89
CA ASN U 64 14.13 7.45 -64.31
C ASN U 64 14.69 8.23 -65.49
N ARG U 65 16.00 8.43 -65.54
CA ARG U 65 16.57 9.05 -66.74
C ARG U 65 16.50 8.11 -67.93
N TRP U 66 16.68 6.80 -67.69
CA TRP U 66 16.67 5.82 -68.78
C TRP U 66 15.29 5.69 -69.40
N ALA U 67 14.24 5.72 -68.58
CA ALA U 67 12.87 5.58 -69.06
C ALA U 67 11.96 6.51 -68.27
N PRO U 68 11.45 7.57 -68.89
CA PRO U 68 10.65 8.56 -68.15
C PRO U 68 9.45 7.92 -67.47
N PRO U 69 9.11 8.36 -66.25
CA PRO U 69 7.99 7.74 -65.53
C PRO U 69 6.64 7.91 -66.20
N ASN U 70 6.43 9.02 -66.92
CA ASN U 70 5.12 9.30 -67.47
C ASN U 70 4.76 8.36 -68.62
N GLU U 71 5.76 7.98 -69.43
CA GLU U 71 5.47 7.21 -70.63
C GLU U 71 5.15 5.76 -70.33
N ASN U 72 5.90 5.11 -69.43
CA ASN U 72 5.80 3.66 -69.30
C ASN U 72 6.26 3.22 -67.90
N ASP U 73 5.29 2.95 -67.02
CA ASP U 73 5.50 2.22 -65.76
C ASP U 73 6.67 2.75 -64.93
N THR U 74 7.82 2.07 -65.04
CA THR U 74 8.97 2.30 -64.18
C THR U 74 8.63 2.09 -62.70
N LYS U 75 7.76 1.14 -62.43
CA LYS U 75 7.48 0.69 -61.07
C LYS U 75 7.80 -0.78 -60.87
N ALA U 76 7.38 -1.63 -61.80
CA ALA U 76 7.81 -3.03 -61.80
C ALA U 76 9.16 -3.22 -62.49
N TYR U 77 9.68 -2.19 -63.15
CA TYR U 77 11.02 -2.20 -63.72
C TYR U 77 12.09 -1.88 -62.69
N ILE U 78 11.71 -1.43 -61.51
CA ILE U 78 12.67 -1.18 -60.44
C ILE U 78 12.81 -2.39 -59.53
N ASP U 79 11.71 -3.07 -59.22
CA ASP U 79 11.76 -4.24 -58.37
C ASP U 79 12.56 -5.35 -59.03
N SER U 80 12.42 -5.51 -60.34
CA SER U 80 13.14 -6.57 -61.04
C SER U 80 14.65 -6.34 -61.01
N VAL U 81 15.10 -5.14 -60.67
CA VAL U 81 16.53 -4.85 -60.60
C VAL U 81 16.99 -4.91 -59.15
N VAL U 82 16.13 -4.47 -58.22
CA VAL U 82 16.52 -4.56 -56.82
C VAL U 82 16.60 -6.01 -56.37
N ALA U 83 15.73 -6.88 -56.89
CA ALA U 83 15.73 -8.27 -56.46
C ALA U 83 16.89 -9.06 -57.01
N ALA U 84 17.37 -8.72 -58.21
CA ALA U 84 18.43 -9.47 -58.86
C ALA U 84 19.82 -8.91 -58.62
N THR U 85 19.95 -7.89 -57.78
CA THR U 85 21.27 -7.32 -57.53
C THR U 85 21.61 -7.23 -56.05
N GLY U 86 20.66 -6.87 -55.19
CA GLY U 86 20.84 -6.82 -53.75
C GLY U 86 20.68 -5.43 -53.15
N ILE U 87 21.10 -4.40 -53.87
CA ILE U 87 21.08 -3.02 -53.35
C ILE U 87 19.64 -2.51 -53.31
N PRO U 88 19.13 -2.08 -52.16
CA PRO U 88 17.81 -1.45 -52.13
C PRO U 88 17.78 -0.17 -52.96
N ALA U 89 16.56 0.34 -53.18
CA ALA U 89 16.36 1.41 -54.14
C ALA U 89 16.98 2.72 -53.66
N THR U 90 16.72 3.11 -52.42
CA THR U 90 17.14 4.43 -51.92
C THR U 90 18.63 4.47 -51.58
N GLN U 91 19.19 3.35 -51.11
CA GLN U 91 20.56 3.31 -50.64
C GLN U 91 21.55 3.74 -51.73
N SER U 92 22.60 4.42 -51.30
CA SER U 92 23.60 4.99 -52.21
C SER U 92 24.44 3.91 -52.87
N LEU U 93 25.09 4.28 -53.96
CA LEU U 93 25.95 3.40 -54.73
C LEU U 93 27.38 3.94 -54.76
N ASP U 94 28.26 3.16 -55.38
CA ASP U 94 29.65 3.53 -55.62
C ASP U 94 30.06 2.85 -56.92
N LEU U 95 29.94 3.59 -58.03
CA LEU U 95 30.20 3.00 -59.35
C LEU U 95 31.67 2.90 -59.68
N SER U 96 32.56 3.01 -58.69
CA SER U 96 33.99 2.78 -58.88
C SER U 96 34.42 1.39 -58.43
N ASN U 97 33.48 0.50 -58.14
CA ASN U 97 33.78 -0.87 -57.74
C ASN U 97 33.23 -1.83 -58.80
N GLN U 98 34.06 -2.81 -59.18
CA GLN U 98 33.66 -3.75 -60.22
C GLN U 98 32.51 -4.63 -59.76
N ASP U 99 32.49 -4.98 -58.46
CA ASP U 99 31.39 -5.78 -57.93
C ASP U 99 30.05 -5.06 -58.05
N THR U 100 30.04 -3.74 -58.06
CA THR U 100 28.83 -2.96 -58.19
C THR U 100 28.59 -2.50 -59.64
N LEU U 101 29.61 -2.60 -60.50
CA LEU U 101 29.47 -2.18 -61.89
C LEU U 101 29.05 -3.33 -62.79
N SER U 102 29.85 -4.40 -62.84
CA SER U 102 29.54 -5.51 -63.74
C SER U 102 28.26 -6.22 -63.32
N ALA U 103 27.94 -6.19 -62.03
CA ALA U 103 26.69 -6.79 -61.56
C ALA U 103 25.48 -6.06 -62.13
N LEU U 104 25.54 -4.72 -62.17
CA LEU U 104 24.39 -3.94 -62.61
C LEU U 104 24.23 -3.93 -64.13
N ALA U 105 25.32 -4.10 -64.88
CA ALA U 105 25.22 -4.10 -66.33
C ALA U 105 24.45 -5.32 -66.83
N GLN U 106 24.66 -6.47 -66.20
CA GLN U 106 24.04 -7.71 -66.67
C GLN U 106 22.57 -7.78 -66.31
N ALA U 107 22.16 -7.06 -65.26
CA ALA U 107 20.77 -7.08 -64.83
C ALA U 107 19.89 -6.12 -65.63
N ILE U 108 20.47 -5.39 -66.56
CA ILE U 108 19.72 -4.48 -67.43
C ILE U 108 19.57 -5.05 -68.83
N SER U 109 20.67 -5.57 -69.39
CA SER U 109 20.64 -6.05 -70.77
C SER U 109 19.67 -7.22 -70.93
N PHE U 110 19.51 -8.01 -69.87
CA PHE U 110 18.55 -9.12 -69.92
C PHE U 110 17.13 -8.61 -70.14
N HIS U 111 16.76 -7.54 -69.46
CA HIS U 111 15.37 -7.08 -69.52
C HIS U 111 15.10 -6.37 -70.84
N GLU U 112 16.12 -5.79 -71.47
CA GLU U 112 15.94 -5.23 -72.80
C GLU U 112 15.60 -6.31 -73.81
N THR U 113 16.30 -7.44 -73.73
CA THR U 113 16.08 -8.54 -74.68
C THR U 113 15.61 -9.79 -73.95
N VAL U 216 -2.60 -33.03 -74.39
CA VAL U 216 -3.87 -32.50 -73.88
C VAL U 216 -3.65 -31.18 -73.18
N LYS U 217 -4.48 -30.20 -73.49
CA LYS U 217 -4.37 -28.86 -72.92
C LYS U 217 -5.70 -28.31 -72.40
N ASN U 218 -6.81 -29.03 -72.61
CA ASN U 218 -8.12 -28.46 -72.34
C ASN U 218 -8.35 -28.22 -70.87
N SER U 219 -8.01 -29.20 -70.02
CA SER U 219 -8.42 -29.14 -68.62
C SER U 219 -7.83 -27.95 -67.87
N MET U 220 -6.52 -27.97 -67.62
CA MET U 220 -5.84 -26.85 -66.97
C MET U 220 -4.47 -26.58 -67.55
N VAL U 221 -3.92 -27.47 -68.36
CA VAL U 221 -2.52 -27.40 -68.76
C VAL U 221 -2.24 -26.15 -69.57
N GLY U 222 -3.14 -25.81 -70.51
CA GLY U 222 -2.94 -24.62 -71.31
C GLY U 222 -2.87 -23.36 -70.46
N VAL U 223 -3.80 -23.22 -69.51
CA VAL U 223 -3.79 -22.06 -68.64
C VAL U 223 -2.55 -22.05 -67.76
N ALA U 224 -2.15 -23.23 -67.27
CA ALA U 224 -1.04 -23.30 -66.32
C ALA U 224 0.27 -22.86 -66.98
N ILE U 225 0.61 -23.47 -68.11
CA ILE U 225 1.86 -23.07 -68.77
C ILE U 225 1.75 -21.68 -69.40
N ARG U 226 0.62 -21.37 -70.03
CA ARG U 226 0.57 -20.12 -70.78
C ARG U 226 0.54 -18.88 -69.91
N ALA U 227 0.39 -19.02 -68.59
CA ALA U 227 0.26 -17.86 -67.71
C ALA U 227 1.55 -17.49 -66.97
N GLY U 228 2.48 -18.43 -66.81
CA GLY U 228 3.71 -18.11 -66.11
C GLY U 228 4.63 -17.21 -66.93
N GLN U 229 5.40 -16.40 -66.22
CA GLN U 229 6.38 -15.52 -66.83
C GLN U 229 7.73 -15.72 -66.18
N THR U 230 8.79 -15.48 -66.93
CA THR U 230 10.14 -15.68 -66.44
C THR U 230 10.68 -14.40 -65.82
N GLU U 231 11.44 -14.56 -64.73
CA GLU U 231 12.10 -13.46 -64.05
C GLU U 231 13.56 -13.85 -63.80
N ASP U 232 14.37 -12.85 -63.46
CA ASP U 232 15.79 -13.08 -63.23
C ASP U 232 16.02 -13.76 -61.88
N SER U 233 17.14 -14.48 -61.79
CA SER U 233 17.46 -15.26 -60.61
C SER U 233 17.83 -14.36 -59.43
N LEU U 234 17.62 -14.89 -58.23
CA LEU U 234 17.88 -14.19 -56.98
C LEU U 234 19.38 -14.13 -56.68
N ASP U 235 19.73 -13.26 -55.74
CA ASP U 235 21.10 -13.17 -55.20
C ASP U 235 21.03 -13.36 -53.70
N VAL U 236 21.42 -14.54 -53.23
CA VAL U 236 21.18 -14.93 -51.84
C VAL U 236 22.05 -14.12 -50.89
N ILE U 237 23.32 -13.93 -51.22
CA ILE U 237 24.25 -13.30 -50.29
C ILE U 237 23.82 -11.86 -49.98
N GLY U 238 23.50 -11.10 -51.02
CA GLY U 238 23.12 -9.72 -50.82
C GLY U 238 21.82 -9.56 -50.06
N ASP U 239 20.87 -10.47 -50.26
CA ASP U 239 19.56 -10.32 -49.64
C ASP U 239 19.63 -10.46 -48.13
N VAL U 240 20.47 -11.36 -47.63
CA VAL U 240 20.49 -11.66 -46.20
C VAL U 240 21.42 -10.72 -45.44
N PHE U 241 22.67 -10.59 -45.90
CA PHE U 241 23.66 -9.83 -45.15
C PHE U 241 23.70 -8.36 -45.54
N ASN U 242 23.59 -8.04 -46.83
CA ASN U 242 23.67 -6.68 -47.35
C ASN U 242 25.00 -6.04 -46.98
N PRO U 243 26.10 -6.45 -47.60
CA PRO U 243 27.43 -5.99 -47.17
C PRO U 243 27.96 -4.74 -47.86
N THR U 244 27.14 -4.01 -48.63
CA THR U 244 27.62 -2.77 -49.25
C THR U 244 27.39 -1.55 -48.39
N ARG U 245 26.70 -1.68 -47.26
CA ARG U 245 26.47 -0.58 -46.34
C ARG U 245 27.55 -0.49 -45.25
N TRP U 246 28.53 -1.38 -45.26
CA TRP U 246 29.53 -1.40 -44.20
C TRP U 246 30.58 -0.33 -44.44
N ASN U 247 30.79 0.52 -43.45
CA ASN U 247 31.78 1.59 -43.51
C ASN U 247 33.15 1.05 -43.14
N ASN U 248 34.18 1.80 -43.51
CA ASN U 248 35.57 1.40 -43.31
C ASN U 248 36.29 2.45 -42.46
N HIS U 249 36.15 2.33 -41.14
CA HIS U 249 36.76 3.26 -40.21
C HIS U 249 37.60 2.51 -39.21
N LYS U 250 38.79 3.03 -38.93
CA LYS U 250 39.73 2.41 -37.99
C LYS U 250 39.58 3.07 -36.63
N TRP U 251 39.02 2.35 -35.67
CA TRP U 251 38.76 2.92 -34.36
C TRP U 251 40.06 3.26 -33.64
N THR U 252 40.00 4.29 -32.81
CA THR U 252 41.17 4.76 -32.08
C THR U 252 41.19 4.15 -30.67
N ARG U 253 42.19 4.54 -29.88
CA ARG U 253 42.34 3.97 -28.55
C ARG U 253 41.20 4.36 -27.63
N GLU U 254 40.82 5.64 -27.64
CA GLU U 254 39.77 6.12 -26.75
C GLU U 254 38.43 5.46 -27.07
N GLU U 255 38.13 5.30 -28.36
CA GLU U 255 36.88 4.70 -28.77
C GLU U 255 36.83 3.19 -28.53
N LEU U 256 37.96 2.57 -28.22
CA LEU U 256 37.95 1.18 -27.77
C LEU U 256 37.88 1.09 -26.25
N ASP U 257 38.54 2.02 -25.55
CA ASP U 257 38.44 2.06 -24.10
C ASP U 257 37.02 2.34 -23.65
N GLN U 258 36.27 3.15 -24.40
CA GLN U 258 34.87 3.38 -24.07
C GLN U 258 34.07 2.08 -24.12
N ILE U 259 34.27 1.29 -25.18
CA ILE U 259 33.56 0.01 -25.30
C ILE U 259 33.97 -0.92 -24.17
N ARG U 260 35.26 -0.98 -23.86
CA ARG U 260 35.70 -1.89 -22.80
C ARG U 260 35.15 -1.48 -21.45
N ASN U 261 35.06 -0.17 -21.18
CA ASN U 261 34.55 0.29 -19.90
C ASN U 261 33.04 0.14 -19.80
N ALA U 262 32.35 0.10 -20.94
CA ALA U 262 30.89 -0.06 -20.89
C ALA U 262 30.49 -1.37 -20.22
N GLY U 263 31.15 -2.47 -20.58
CA GLY U 263 30.88 -3.75 -19.95
C GLY U 263 30.01 -4.69 -20.77
N VAL U 264 30.29 -4.82 -22.06
CA VAL U 264 29.56 -5.73 -22.92
C VAL U 264 30.33 -7.03 -23.07
N LEU U 265 29.62 -8.14 -23.13
CA LEU U 265 30.23 -9.45 -23.25
C LEU U 265 30.56 -9.77 -24.71
N PRO U 266 31.50 -10.68 -24.94
CA PRO U 266 32.05 -10.85 -26.30
C PRO U 266 31.03 -11.26 -27.36
N GLN U 267 29.89 -11.82 -26.97
CA GLN U 267 28.94 -12.32 -27.96
C GLN U 267 28.02 -11.23 -28.51
N TYR U 268 28.22 -9.97 -28.13
CA TYR U 268 27.35 -8.89 -28.58
C TYR U 268 28.10 -7.84 -29.39
N TYR U 269 29.26 -8.18 -29.94
CA TYR U 269 30.00 -7.26 -30.79
C TYR U 269 29.47 -7.22 -32.22
N GLY U 270 28.49 -8.07 -32.55
CA GLY U 270 27.98 -8.07 -33.91
C GLY U 270 27.28 -6.79 -34.30
N VAL U 271 26.60 -6.16 -33.35
CA VAL U 271 25.88 -4.92 -33.63
C VAL U 271 26.85 -3.79 -33.96
N ILE U 272 27.96 -3.72 -33.22
CA ILE U 272 28.85 -2.57 -33.30
C ILE U 272 29.63 -2.54 -34.61
N THR U 273 30.07 -3.69 -35.10
CA THR U 273 30.98 -3.70 -36.24
C THR U 273 30.32 -3.16 -37.50
N GLY U 274 31.10 -2.43 -38.28
CA GLY U 274 30.62 -1.82 -39.51
C GLY U 274 29.99 -0.45 -39.36
N GLY U 275 29.83 0.05 -38.14
CA GLY U 275 29.18 1.31 -37.94
C GLY U 275 30.09 2.50 -38.23
N SER U 276 29.49 3.70 -38.14
CA SER U 276 30.05 5.02 -38.42
C SER U 276 30.34 5.77 -37.13
N PRO U 277 31.31 6.68 -37.14
CA PRO U 277 31.72 7.34 -35.89
C PRO U 277 30.63 8.12 -35.18
N GLN U 278 29.69 8.71 -35.90
CA GLN U 278 28.68 9.55 -35.26
C GLN U 278 27.70 8.73 -34.43
N ASN U 279 27.64 7.42 -34.62
CA ASN U 279 26.57 6.61 -34.04
C ASN U 279 27.11 5.54 -33.11
N LEU U 280 28.01 5.89 -32.20
CA LEU U 280 28.56 4.87 -31.29
C LEU U 280 27.65 4.62 -30.10
N THR U 281 27.15 5.70 -29.48
CA THR U 281 26.44 5.57 -28.22
C THR U 281 25.13 4.80 -28.39
N GLU U 282 24.42 5.02 -29.49
CA GLU U 282 23.17 4.29 -29.71
C GLU U 282 23.43 2.79 -29.84
N LEU U 283 24.49 2.42 -30.55
CA LEU U 283 24.81 1.00 -30.68
C LEU U 283 25.18 0.39 -29.33
N ILE U 284 25.96 1.10 -28.52
CA ILE U 284 26.28 0.59 -27.19
C ILE U 284 25.01 0.40 -26.38
N ASN U 285 24.08 1.35 -26.45
CA ASN U 285 22.82 1.21 -25.73
C ASN U 285 22.03 0.00 -26.20
N LEU U 286 22.00 -0.23 -27.52
CA LEU U 286 21.29 -1.38 -28.05
C LEU U 286 21.87 -2.69 -27.51
N ALA U 287 23.20 -2.80 -27.51
CA ALA U 287 23.82 -4.02 -26.99
C ALA U 287 23.49 -4.22 -25.51
N LEU U 288 23.54 -3.15 -24.72
CA LEU U 288 23.23 -3.28 -23.30
C LEU U 288 21.78 -3.72 -23.08
N GLU U 289 20.85 -3.18 -23.87
CA GLU U 289 19.45 -3.58 -23.72
C GLU U 289 19.26 -5.06 -24.04
N ASN U 290 19.89 -5.54 -25.11
CA ASN U 290 19.79 -6.96 -25.42
C ASN U 290 20.36 -7.82 -24.29
N GLN U 291 21.49 -7.40 -23.73
CA GLN U 291 22.09 -8.14 -22.63
C GLN U 291 21.13 -8.22 -21.44
N LYS U 292 20.50 -7.10 -21.09
CA LYS U 292 19.59 -7.09 -19.96
C LYS U 292 18.40 -8.02 -20.18
N LEU U 293 17.83 -8.00 -21.39
CA LEU U 293 16.70 -8.88 -21.67
C LEU U 293 17.09 -10.35 -21.53
N ASP U 294 18.26 -10.72 -22.06
CA ASP U 294 18.70 -12.11 -21.95
C ASP U 294 18.95 -12.49 -20.49
N GLN U 295 19.49 -11.57 -19.68
CA GLN U 295 19.71 -11.86 -18.27
C GLN U 295 18.39 -12.16 -17.57
N GLU U 296 17.36 -11.36 -17.83
CA GLU U 296 16.06 -11.63 -17.20
C GLU U 296 15.52 -12.98 -17.63
N LYS U 297 15.60 -13.28 -18.93
CA LYS U 297 15.08 -14.55 -19.41
C LYS U 297 15.80 -15.74 -18.75
N ALA U 298 17.11 -15.62 -18.57
CA ALA U 298 17.86 -16.69 -17.91
C ALA U 298 17.49 -16.81 -16.44
N LYS U 299 17.21 -15.69 -15.77
CA LYS U 299 16.73 -15.76 -14.39
C LYS U 299 15.41 -16.50 -14.30
N ALA U 300 14.55 -16.34 -15.30
CA ALA U 300 13.24 -17.01 -15.28
C ALA U 300 13.38 -18.53 -15.26
N GLY U 301 14.52 -19.07 -15.66
CA GLY U 301 14.73 -20.51 -15.66
C GLY U 301 14.29 -21.17 -16.95
N THR U 302 14.70 -20.61 -18.08
CA THR U 302 14.16 -21.04 -19.37
C THR U 302 15.00 -22.15 -20.00
N GLY U 303 16.33 -22.00 -20.01
CA GLY U 303 17.16 -22.97 -20.70
C GLY U 303 17.83 -23.97 -19.78
N ALA U 304 17.11 -24.42 -18.75
CA ALA U 304 17.66 -25.34 -17.77
C ALA U 304 17.08 -26.74 -17.87
N GLN U 305 16.37 -27.05 -18.95
CA GLN U 305 15.77 -28.37 -19.08
C GLN U 305 16.71 -29.37 -19.75
N LEU U 306 17.91 -28.96 -20.12
CA LEU U 306 18.87 -29.89 -20.72
C LEU U 306 19.63 -30.71 -19.69
N ALA U 307 19.55 -30.36 -18.41
CA ALA U 307 20.27 -31.11 -17.39
C ALA U 307 19.61 -32.44 -17.09
N ALA U 308 18.32 -32.60 -17.39
CA ALA U 308 17.61 -33.81 -17.06
C ALA U 308 17.73 -34.89 -18.14
N GLY U 309 18.38 -34.61 -19.26
CA GLY U 309 18.59 -35.60 -20.30
C GLY U 309 17.53 -35.55 -21.38
N VAL U 310 17.73 -36.40 -22.38
CA VAL U 310 16.87 -36.46 -23.55
C VAL U 310 16.14 -37.80 -23.65
N ILE U 311 16.85 -38.90 -23.44
CA ILE U 311 16.24 -40.22 -23.50
C ILE U 311 15.24 -40.38 -22.35
N GLY U 312 14.07 -40.92 -22.66
CA GLY U 312 13.05 -41.12 -21.66
C GLY U 312 12.04 -39.99 -21.62
N ALA U 313 12.18 -39.09 -20.65
CA ALA U 313 11.35 -37.90 -20.54
C ALA U 313 12.25 -36.69 -20.45
N GLY U 314 11.95 -35.68 -21.25
CA GLY U 314 12.77 -34.48 -21.25
C GLY U 314 12.37 -33.48 -22.32
N VAL U 315 13.35 -32.83 -22.93
CA VAL U 315 13.09 -31.85 -23.97
C VAL U 315 12.77 -32.56 -25.27
N ASP U 316 12.27 -31.81 -26.25
CA ASP U 316 12.13 -32.30 -27.61
C ASP U 316 13.34 -31.82 -28.40
N PRO U 317 14.21 -32.72 -28.88
CA PRO U 317 15.50 -32.27 -29.43
C PRO U 317 15.39 -31.34 -30.61
N LEU U 318 14.38 -31.48 -31.44
CA LEU U 318 14.32 -30.74 -32.70
C LEU U 318 13.64 -29.38 -32.57
N THR U 319 13.17 -29.01 -31.38
CA THR U 319 12.50 -27.72 -31.19
C THR U 319 12.95 -27.06 -29.91
N TYR U 320 14.23 -27.19 -29.58
CA TYR U 320 14.83 -26.59 -28.40
C TYR U 320 15.83 -25.53 -28.82
N VAL U 321 15.67 -24.32 -28.31
CA VAL U 321 16.49 -23.17 -28.68
C VAL U 321 17.25 -22.69 -27.45
N PRO U 322 18.58 -22.72 -27.44
CA PRO U 322 19.33 -22.32 -26.26
C PRO U 322 19.48 -20.81 -26.15
N ILE U 323 19.98 -20.39 -24.99
CA ILE U 323 20.21 -18.97 -24.67
C ILE U 323 21.69 -18.76 -24.47
N ALA U 324 22.21 -17.65 -24.99
CA ALA U 324 23.63 -17.34 -24.90
C ALA U 324 23.96 -16.58 -23.63
N GLY U 325 25.11 -16.88 -23.05
CA GLY U 325 25.62 -16.15 -21.89
C GLY U 325 25.78 -16.97 -20.63
N GLN U 326 25.33 -18.23 -20.59
CA GLN U 326 25.41 -19.06 -19.40
C GLN U 326 26.59 -20.00 -19.44
N VAL U 327 27.72 -19.55 -19.99
CA VAL U 327 28.85 -20.44 -20.24
C VAL U 327 29.48 -20.90 -18.93
N GLY U 328 29.73 -19.97 -18.02
CA GLY U 328 30.44 -20.27 -16.79
C GLY U 328 29.60 -20.52 -15.56
N LYS U 329 28.30 -20.74 -15.71
CA LYS U 329 27.45 -20.92 -14.54
C LYS U 329 27.75 -22.23 -13.81
N GLY U 330 28.02 -23.30 -14.56
CA GLY U 330 28.39 -24.57 -13.96
C GLY U 330 27.26 -25.56 -13.85
N GLY U 331 27.19 -26.50 -14.80
CA GLY U 331 26.14 -27.49 -14.83
C GLY U 331 26.70 -28.87 -15.13
N LYS U 332 25.82 -29.86 -15.08
CA LYS U 332 26.22 -31.25 -15.27
C LYS U 332 24.99 -32.05 -15.65
N LEU U 333 25.23 -33.29 -16.10
CA LEU U 333 24.16 -34.16 -16.57
C LEU U 333 23.86 -35.23 -15.52
N VAL U 334 22.59 -35.33 -15.14
CA VAL U 334 22.14 -36.38 -14.23
C VAL U 334 20.75 -36.81 -14.66
N ASN U 335 20.62 -38.07 -15.09
CA ASN U 335 19.37 -38.60 -15.61
C ASN U 335 18.69 -39.45 -14.55
N LYS U 336 17.39 -39.21 -14.34
CA LYS U 336 16.66 -39.86 -13.26
C LYS U 336 16.25 -41.29 -13.57
N MET U 337 16.45 -41.75 -14.80
CA MET U 337 16.01 -43.08 -15.19
C MET U 337 17.00 -44.17 -14.81
N PHE U 338 18.23 -43.82 -14.43
CA PHE U 338 19.27 -44.81 -14.13
C PHE U 338 19.77 -44.72 -12.69
N THR U 339 19.02 -44.10 -11.79
CA THR U 339 19.44 -43.94 -10.41
C THR U 339 18.27 -44.21 -9.48
N VAL U 340 18.60 -44.47 -8.21
CA VAL U 340 17.61 -44.59 -7.15
C VAL U 340 17.58 -43.26 -6.40
N ALA U 341 16.36 -42.80 -6.09
CA ALA U 341 16.19 -41.46 -5.54
C ALA U 341 16.93 -41.27 -4.22
N ALA U 342 17.24 -42.34 -3.49
CA ALA U 342 18.03 -42.20 -2.28
C ALA U 342 19.49 -41.88 -2.58
N GLN U 343 20.03 -42.42 -3.67
CA GLN U 343 21.42 -42.18 -4.02
C GLN U 343 21.66 -40.71 -4.38
N SER U 344 20.79 -40.15 -5.21
CA SER U 344 20.84 -38.74 -5.59
C SER U 344 19.64 -38.07 -4.93
N GLY U 345 19.85 -37.51 -3.75
CA GLY U 345 18.78 -36.98 -2.93
C GLY U 345 17.94 -35.91 -3.59
N ALA U 346 18.52 -34.75 -3.83
CA ALA U 346 17.80 -33.63 -4.41
C ALA U 346 18.81 -32.63 -4.97
N LEU U 347 18.33 -31.44 -5.31
CA LEU U 347 19.17 -30.37 -5.84
C LEU U 347 19.41 -29.33 -4.75
N ALA U 348 20.64 -28.83 -4.69
CA ALA U 348 20.99 -27.80 -3.72
C ALA U 348 20.54 -26.42 -4.19
N GLY U 349 19.27 -26.31 -4.57
CA GLY U 349 18.75 -25.06 -5.08
C GLY U 349 19.33 -24.73 -6.45
N VAL U 350 19.40 -23.43 -6.74
CA VAL U 350 19.98 -22.93 -7.98
C VAL U 350 20.95 -21.81 -7.64
N SER U 351 21.79 -21.49 -8.61
CA SER U 351 22.79 -20.45 -8.42
C SER U 351 22.12 -19.10 -8.19
N GLU U 352 22.78 -18.25 -7.41
CA GLU U 352 22.33 -16.87 -7.26
C GLU U 352 22.47 -16.07 -8.54
N MET U 353 23.21 -16.60 -9.53
CA MET U 353 23.36 -16.02 -10.85
C MET U 353 24.05 -14.66 -10.82
N ALA U 354 24.83 -14.38 -9.77
CA ALA U 354 25.58 -13.14 -9.69
C ALA U 354 26.97 -13.32 -9.12
N ARG U 355 27.41 -14.55 -8.88
CA ARG U 355 28.66 -14.82 -8.17
C ARG U 355 29.54 -15.88 -8.84
N THR U 356 28.96 -16.78 -9.64
CA THR U 356 29.64 -18.01 -10.03
C THR U 356 30.82 -17.74 -10.97
N SER U 357 31.76 -18.69 -10.96
CA SER U 357 32.92 -18.68 -11.85
C SER U 357 33.38 -20.12 -12.04
N VAL U 358 34.17 -20.34 -13.09
CA VAL U 358 34.66 -21.67 -13.43
C VAL U 358 36.15 -21.62 -13.75
N ALA U 359 36.78 -22.78 -13.66
CA ALA U 359 38.19 -22.94 -13.96
C ALA U 359 38.36 -23.27 -15.45
N GLY U 360 39.55 -23.71 -15.86
CA GLY U 360 39.84 -23.94 -17.25
C GLY U 360 39.32 -25.23 -17.84
N GLY U 361 39.71 -26.37 -17.29
CA GLY U 361 39.39 -27.65 -17.90
C GLY U 361 38.69 -28.66 -17.02
N ASP U 362 38.69 -28.42 -15.70
CA ASP U 362 38.08 -29.35 -14.77
C ASP U 362 36.56 -29.30 -14.76
N ALA U 363 35.97 -28.17 -15.17
CA ALA U 363 34.52 -27.98 -15.14
C ALA U 363 33.98 -27.57 -16.50
N HIS U 364 34.73 -27.82 -17.58
CA HIS U 364 34.26 -27.59 -18.92
C HIS U 364 33.96 -28.88 -19.69
N VAL U 365 34.56 -30.00 -19.26
CA VAL U 365 34.23 -31.29 -19.85
C VAL U 365 32.76 -31.62 -19.60
N ALA U 366 32.26 -31.29 -18.41
CA ALA U 366 30.89 -31.58 -18.04
C ALA U 366 29.87 -30.81 -18.87
N GLU U 367 30.29 -29.78 -19.61
CA GLU U 367 29.41 -29.07 -20.52
C GLU U 367 29.62 -29.43 -21.98
N ALA U 368 30.86 -29.75 -22.35
CA ALA U 368 31.09 -30.33 -23.66
C ALA U 368 30.24 -31.58 -23.85
N ILE U 369 30.18 -32.43 -22.82
CA ILE U 369 29.36 -33.63 -22.92
C ILE U 369 27.88 -33.28 -23.01
N LEU U 370 27.45 -32.18 -22.36
CA LEU U 370 26.07 -31.74 -22.49
C LEU U 370 25.73 -31.41 -23.93
N GLY U 371 26.65 -30.77 -24.65
CA GLY U 371 26.43 -30.53 -26.08
C GLY U 371 26.36 -31.82 -26.88
N GLY U 372 27.26 -32.75 -26.60
CA GLY U 372 27.25 -34.02 -27.32
C GLY U 372 25.94 -34.76 -27.19
N ALA U 373 25.33 -34.72 -26.00
CA ALA U 373 24.07 -35.41 -25.77
C ALA U 373 22.96 -34.88 -26.69
N LEU U 374 22.88 -33.55 -26.82
CA LEU U 374 21.89 -32.95 -27.69
C LEU U 374 22.09 -33.39 -29.13
N PHE U 375 23.34 -33.40 -29.60
CA PHE U 375 23.57 -33.83 -30.98
C PHE U 375 23.11 -35.26 -31.21
N GLY U 376 23.45 -36.16 -30.28
CA GLY U 376 23.06 -37.55 -30.45
C GLY U 376 21.56 -37.74 -30.49
N GLY U 377 20.84 -37.09 -29.58
CA GLY U 377 19.39 -37.21 -29.58
C GLY U 377 18.76 -36.72 -30.87
N GLY U 378 19.23 -35.59 -31.38
CA GLY U 378 18.70 -35.09 -32.64
C GLY U 378 18.90 -36.07 -33.79
N MET U 379 20.12 -36.63 -33.89
CA MET U 379 20.38 -37.55 -34.99
C MET U 379 19.49 -38.79 -34.89
N THR U 380 19.28 -39.30 -33.67
CA THR U 380 18.41 -40.44 -33.51
C THR U 380 16.99 -40.14 -33.98
N ALA U 381 16.48 -38.95 -33.62
CA ALA U 381 15.12 -38.61 -34.05
C ALA U 381 15.01 -38.53 -35.56
N ILE U 382 15.99 -37.90 -36.22
CA ILE U 382 15.92 -37.77 -37.68
C ILE U 382 15.93 -39.13 -38.35
N ALA U 383 16.83 -40.02 -37.91
CA ALA U 383 16.92 -41.34 -38.53
C ALA U 383 15.64 -42.13 -38.32
N ASP U 384 15.06 -42.06 -37.12
CA ASP U 384 13.81 -42.78 -36.87
C ASP U 384 12.69 -42.29 -37.79
N GLY U 385 12.58 -40.96 -37.94
CA GLY U 385 11.53 -40.43 -38.82
C GLY U 385 11.68 -40.92 -40.25
N LEU U 386 12.90 -40.85 -40.79
CA LEU U 386 13.12 -41.32 -42.16
C LEU U 386 12.79 -42.79 -42.28
N GLY U 387 13.26 -43.60 -41.33
CA GLY U 387 13.04 -45.03 -41.42
C GLY U 387 11.56 -45.41 -41.37
N ARG U 388 10.81 -44.79 -40.47
CA ARG U 388 9.39 -45.06 -40.40
C ARG U 388 8.69 -44.64 -41.68
N ALA U 389 9.08 -43.49 -42.24
CA ALA U 389 8.46 -43.03 -43.47
C ALA U 389 8.71 -44.00 -44.62
N LEU U 390 9.95 -44.48 -44.77
CA LEU U 390 10.26 -45.28 -45.95
C LEU U 390 9.73 -46.71 -45.83
N GLY U 391 9.74 -47.29 -44.63
CA GLY U 391 9.18 -48.61 -44.42
C GLY U 391 10.16 -49.66 -43.93
N ARG U 392 11.28 -49.24 -43.36
CA ARG U 392 12.33 -50.14 -42.91
C ARG U 392 12.58 -49.96 -41.41
N PHE U 397 22.04 -44.70 -34.88
CA PHE U 397 22.33 -43.73 -33.83
C PHE U 397 21.52 -43.99 -32.56
N ALA U 398 21.23 -45.25 -32.25
CA ALA U 398 20.39 -45.57 -31.11
C ALA U 398 21.12 -46.27 -29.98
N GLY U 399 22.29 -46.84 -30.23
CA GLY U 399 23.07 -47.47 -29.19
C GLY U 399 24.00 -46.52 -28.46
N PRO U 400 24.86 -45.82 -29.21
CA PRO U 400 25.84 -44.93 -28.56
C PRO U 400 25.23 -43.86 -27.69
N ALA U 401 24.08 -43.28 -28.07
CA ALA U 401 23.47 -42.24 -27.25
C ALA U 401 23.07 -42.77 -25.88
N THR U 402 22.41 -43.93 -25.85
CA THR U 402 22.01 -44.53 -24.60
C THR U 402 23.22 -44.88 -23.75
N ARG U 403 24.25 -45.46 -24.38
CA ARG U 403 25.44 -45.82 -23.61
C ARG U 403 26.10 -44.59 -23.00
N LEU U 404 26.19 -43.51 -23.77
CA LEU U 404 26.81 -42.30 -23.27
C LEU U 404 26.06 -41.71 -22.09
N GLU U 405 24.73 -41.64 -22.19
CA GLU U 405 23.97 -41.08 -21.08
C GLU U 405 24.08 -41.94 -19.82
N ALA U 406 24.06 -43.26 -19.99
CA ALA U 406 24.24 -44.13 -18.83
C ALA U 406 25.59 -43.91 -18.17
N ARG U 407 26.65 -43.80 -18.96
CA ARG U 407 27.99 -43.59 -18.40
C ARG U 407 28.07 -42.29 -17.63
N GLU U 408 27.56 -41.20 -18.21
CA GLU U 408 27.68 -39.91 -17.52
C GLU U 408 26.86 -39.88 -16.23
N THR U 409 25.64 -40.41 -16.26
CA THR U 409 24.84 -40.43 -15.04
C THR U 409 25.50 -41.26 -13.96
N ALA U 410 26.09 -42.40 -14.33
CA ALA U 410 26.81 -43.20 -13.34
C ALA U 410 28.06 -42.49 -12.83
N ARG U 411 28.67 -41.64 -13.65
CA ARG U 411 29.90 -40.97 -13.23
C ARG U 411 29.63 -39.85 -12.24
N ASN U 412 28.56 -39.08 -12.44
CA ASN U 412 28.37 -37.89 -11.59
C ASN U 412 27.95 -38.23 -10.17
N VAL U 413 27.20 -39.31 -9.95
CA VAL U 413 26.62 -39.58 -8.64
C VAL U 413 27.23 -40.80 -7.96
N ASP U 414 28.30 -41.36 -8.52
CA ASP U 414 29.00 -42.49 -7.94
C ASP U 414 28.04 -43.66 -7.68
N GLY U 415 27.52 -44.19 -8.78
CA GLY U 415 26.58 -45.29 -8.72
C GLY U 415 26.99 -46.46 -9.59
N GLN U 416 26.04 -47.32 -9.91
CA GLN U 416 26.30 -48.45 -10.78
C GLN U 416 26.47 -47.99 -12.21
N ASP U 417 27.38 -48.63 -12.94
CA ASP U 417 27.51 -48.44 -14.37
C ASP U 417 26.69 -49.53 -15.06
N LEU U 418 25.59 -49.14 -15.68
CA LEU U 418 24.68 -50.08 -16.31
C LEU U 418 25.01 -50.35 -17.78
N SER U 419 26.11 -49.82 -18.28
CA SER U 419 26.45 -49.90 -19.70
C SER U 419 27.64 -50.81 -19.95
N ARG U 420 27.69 -51.96 -19.27
CA ARG U 420 28.79 -52.89 -19.41
C ARG U 420 28.27 -54.27 -19.78
N LEU U 421 29.09 -55.02 -20.53
CA LEU U 421 28.76 -56.37 -20.94
C LEU U 421 30.00 -57.25 -20.74
N PRO U 422 30.06 -58.01 -19.66
CA PRO U 422 31.28 -58.75 -19.35
C PRO U 422 31.48 -59.93 -20.28
N ILE U 423 32.73 -60.40 -20.32
CA ILE U 423 33.09 -61.56 -21.14
C ILE U 423 32.70 -62.81 -20.38
N GLN U 424 31.90 -63.68 -21.01
CA GLN U 424 31.50 -64.92 -20.39
C GLN U 424 32.61 -65.95 -20.52
N GLU U 425 32.30 -67.21 -20.25
CA GLU U 425 33.27 -68.30 -20.39
C GLU U 425 32.93 -69.16 -21.60
N GLY U 426 33.96 -69.56 -22.34
CA GLY U 426 33.78 -70.31 -23.56
C GLY U 426 33.80 -69.48 -24.81
N GLU U 427 34.03 -68.17 -24.71
CA GLU U 427 34.09 -67.31 -25.88
C GLU U 427 35.48 -67.35 -26.50
N GLN U 428 35.61 -66.73 -27.67
CA GLN U 428 36.86 -66.66 -28.40
C GLN U 428 37.47 -65.27 -28.24
N THR U 429 38.76 -65.22 -27.93
CA THR U 429 39.44 -63.96 -27.64
C THR U 429 40.70 -63.84 -28.49
N PHE U 430 41.13 -62.60 -28.71
CA PHE U 430 42.32 -62.31 -29.49
C PHE U 430 43.24 -61.35 -28.73
N SER U 431 44.29 -60.86 -29.37
CA SER U 431 45.17 -59.89 -28.74
C SER U 431 46.00 -59.18 -29.82
N HIS U 432 46.26 -57.89 -29.61
CA HIS U 432 47.12 -57.12 -30.50
C HIS U 432 47.91 -56.12 -29.67
N GLN U 433 49.24 -56.23 -29.71
CA GLN U 433 50.14 -55.38 -28.93
C GLN U 433 49.85 -55.47 -27.44
N GLY U 434 49.60 -56.68 -26.96
CA GLY U 434 49.41 -56.91 -25.54
C GLY U 434 48.07 -56.53 -24.98
N VAL U 435 47.10 -56.20 -25.82
CA VAL U 435 45.76 -55.83 -25.38
C VAL U 435 44.77 -56.88 -25.87
N LYS U 436 43.95 -57.38 -24.96
CA LYS U 436 42.97 -58.41 -25.28
C LYS U 436 41.62 -57.79 -25.64
N PHE U 437 40.84 -58.54 -26.41
CA PHE U 437 39.49 -58.10 -26.77
C PHE U 437 38.71 -59.29 -27.31
N ALA U 438 37.40 -59.11 -27.41
CA ALA U 438 36.51 -60.10 -27.99
C ALA U 438 35.39 -59.39 -28.74
N ASP U 439 34.78 -60.11 -29.68
CA ASP U 439 33.76 -59.52 -30.53
C ASP U 439 32.48 -59.25 -29.75
N VAL U 440 31.57 -58.52 -30.37
CA VAL U 440 30.27 -58.21 -29.80
C VAL U 440 29.19 -58.71 -30.76
N PRO U 441 28.13 -59.35 -30.26
CA PRO U 441 27.08 -59.83 -31.16
C PRO U 441 26.12 -58.71 -31.54
N ASN U 442 25.55 -58.85 -32.74
CA ASN U 442 24.51 -58.01 -33.31
C ASN U 442 25.02 -56.62 -33.73
N GLU U 443 26.30 -56.32 -33.55
CA GLU U 443 26.86 -55.02 -33.94
C GLU U 443 28.26 -55.23 -34.51
N PRO U 444 28.37 -55.46 -35.81
CA PRO U 444 29.69 -55.67 -36.41
C PRO U 444 30.53 -54.41 -36.40
N GLY U 445 31.83 -54.59 -36.25
CA GLY U 445 32.78 -53.50 -36.25
C GLY U 445 33.20 -53.02 -34.87
N SER U 446 32.39 -53.30 -33.84
CA SER U 446 32.70 -52.90 -32.48
C SER U 446 33.55 -53.97 -31.80
N VAL U 447 33.86 -53.76 -30.52
CA VAL U 447 34.73 -54.67 -29.79
C VAL U 447 34.51 -54.43 -28.30
N ARG U 448 34.86 -55.41 -27.48
CA ARG U 448 34.70 -55.34 -26.05
C ARG U 448 36.07 -55.45 -25.37
N LEU U 449 36.31 -54.60 -24.38
CA LEU U 449 37.52 -54.68 -23.60
C LEU U 449 37.36 -55.73 -22.51
N GLU U 450 38.35 -55.81 -21.61
CA GLU U 450 38.33 -56.87 -20.61
C GLU U 450 37.21 -56.68 -19.59
N ASP U 451 36.88 -55.43 -19.27
CA ASP U 451 35.88 -55.16 -18.23
C ASP U 451 34.52 -54.83 -18.80
N GLY U 452 34.27 -55.10 -20.08
CA GLY U 452 32.95 -54.92 -20.63
C GLY U 452 32.62 -53.52 -21.13
N SER U 453 33.61 -52.76 -21.56
CA SER U 453 33.39 -51.45 -22.16
C SER U 453 33.42 -51.58 -23.67
N ILE U 454 32.40 -51.03 -24.33
CA ILE U 454 32.23 -51.18 -25.77
C ILE U 454 32.63 -49.90 -26.49
N LEU U 455 33.37 -50.04 -27.59
CA LEU U 455 33.81 -48.91 -28.39
C LEU U 455 33.36 -49.11 -29.83
N ILE U 456 32.83 -48.06 -30.44
CA ILE U 456 32.37 -48.12 -31.82
C ILE U 456 33.57 -48.18 -32.76
N GLY U 457 33.33 -48.48 -34.03
CA GLY U 457 34.39 -48.81 -34.96
C GLY U 457 35.22 -47.65 -35.45
N GLU U 458 34.80 -46.41 -35.19
CA GLU U 458 35.52 -45.23 -35.66
C GLU U 458 36.25 -44.49 -34.54
N ASN U 459 36.19 -45.02 -33.32
CA ASN U 459 36.97 -44.46 -32.23
C ASN U 459 38.45 -44.67 -32.52
N PRO U 460 39.31 -43.66 -32.33
CA PRO U 460 40.72 -43.82 -32.67
C PRO U 460 41.55 -44.64 -31.69
N LEU U 461 40.89 -45.32 -30.75
CA LEU U 461 41.58 -46.21 -29.81
C LEU U 461 41.18 -47.66 -30.01
N ASN U 462 40.55 -47.98 -31.14
CA ASN U 462 40.04 -49.32 -31.38
C ASN U 462 41.16 -50.25 -31.85
N PRO U 463 41.42 -51.35 -31.16
CA PRO U 463 42.56 -52.22 -31.57
C PRO U 463 42.33 -52.98 -32.86
N LYS U 464 41.09 -53.39 -33.13
CA LYS U 464 40.84 -54.21 -34.32
C LYS U 464 41.09 -53.42 -35.61
N THR U 465 40.68 -52.15 -35.65
CA THR U 465 40.90 -51.34 -36.85
C THR U 465 42.37 -51.08 -37.09
N ARG U 466 43.14 -50.83 -36.03
CA ARG U 466 44.58 -50.69 -36.20
C ARG U 466 45.19 -51.98 -36.72
N GLN U 467 44.73 -53.13 -36.20
CA GLN U 467 45.22 -54.41 -36.69
C GLN U 467 44.95 -54.56 -38.18
N VAL U 468 43.73 -54.28 -38.62
CA VAL U 468 43.38 -54.51 -40.02
C VAL U 468 44.12 -53.53 -40.92
N PHE U 469 44.21 -52.26 -40.53
CA PHE U 469 45.06 -51.32 -41.27
C PHE U 469 46.45 -51.89 -41.45
N ASP U 470 47.14 -52.14 -40.34
CA ASP U 470 48.55 -52.50 -40.39
C ASP U 470 48.79 -53.81 -41.14
N GLU U 471 47.83 -54.72 -41.14
CA GLU U 471 48.14 -55.98 -41.83
C GLU U 471 47.72 -56.01 -43.29
N VAL U 472 46.60 -55.39 -43.69
CA VAL U 472 46.11 -55.53 -45.05
C VAL U 472 46.11 -54.20 -45.81
N ILE U 473 45.72 -53.09 -45.18
CA ILE U 473 45.40 -51.91 -45.96
C ILE U 473 46.65 -51.09 -46.29
N GLU U 474 47.42 -50.68 -45.28
CA GLU U 474 48.61 -49.87 -45.50
C GLU U 474 49.81 -50.55 -44.84
N PRO U 475 50.34 -51.59 -45.47
CA PRO U 475 51.53 -52.24 -44.91
C PRO U 475 52.77 -51.37 -44.96
N GLU U 476 52.84 -50.40 -45.88
CA GLU U 476 54.02 -49.55 -45.98
C GLU U 476 54.20 -48.69 -44.73
N ARG U 477 53.11 -48.11 -44.24
CA ARG U 477 53.12 -47.37 -42.97
C ARG U 477 52.92 -48.30 -41.79
N ALA U 478 53.73 -49.36 -41.74
CA ALA U 478 53.56 -50.39 -40.73
C ALA U 478 53.92 -49.85 -39.35
N ALA U 479 53.54 -50.62 -38.33
CA ALA U 479 53.86 -50.23 -36.96
C ALA U 479 55.36 -50.13 -36.74
N ALA U 480 56.14 -50.94 -37.47
CA ALA U 480 57.59 -50.82 -37.38
C ALA U 480 58.07 -49.47 -37.91
N GLY U 481 57.40 -48.93 -38.93
CA GLY U 481 57.76 -47.64 -39.46
C GLY U 481 57.38 -46.48 -38.56
N VAL U 482 56.52 -46.71 -37.58
CA VAL U 482 56.06 -45.68 -36.63
C VAL U 482 56.33 -46.08 -35.19
N ASN U 483 57.34 -46.90 -34.95
CA ASN U 483 57.64 -47.35 -33.59
C ASN U 483 58.82 -46.58 -33.01
N LEU U 484 58.66 -46.15 -31.76
CA LEU U 484 59.75 -45.55 -30.99
C LEU U 484 59.85 -46.30 -29.67
N GLY U 485 61.03 -46.81 -29.36
CA GLY U 485 61.24 -47.58 -28.15
C GLY U 485 61.75 -46.76 -26.98
N GLY U 486 62.48 -45.69 -27.29
CA GLY U 486 63.06 -44.83 -26.26
C GLY U 486 64.49 -45.21 -25.95
N LEU U 487 65.08 -44.43 -25.05
CA LEU U 487 66.47 -44.62 -24.68
C LEU U 487 66.71 -45.92 -23.93
N THR U 488 65.66 -46.53 -23.38
CA THR U 488 65.84 -47.68 -22.49
C THR U 488 66.43 -48.88 -23.24
N GLU U 489 65.76 -49.33 -24.30
CA GLU U 489 66.21 -50.54 -25.00
C GLU U 489 67.57 -50.31 -25.67
N ILE U 490 67.78 -49.11 -26.23
CA ILE U 490 69.07 -48.80 -26.84
C ILE U 490 70.17 -48.85 -25.80
N GLY U 491 69.93 -48.28 -24.61
CA GLY U 491 70.93 -48.36 -23.56
C GLY U 491 71.20 -49.77 -23.12
N LEU U 492 70.15 -50.58 -22.98
CA LEU U 492 70.33 -51.97 -22.58
C LEU U 492 71.18 -52.73 -23.58
N LYS U 493 70.92 -52.52 -24.88
CA LYS U 493 71.72 -53.20 -25.89
C LYS U 493 73.16 -52.69 -25.88
N LEU U 494 73.36 -51.38 -25.69
CA LEU U 494 74.70 -50.82 -25.72
C LEU U 494 75.56 -51.32 -24.56
N LEU U 495 74.97 -51.45 -23.37
CA LEU U 495 75.77 -51.81 -22.21
C LEU U 495 76.30 -53.24 -22.30
N ARG U 496 75.77 -54.06 -23.20
CA ARG U 496 76.24 -55.44 -23.36
C ARG U 496 77.31 -55.49 -24.45
N SER U 497 78.48 -54.96 -24.12
CA SER U 497 79.60 -54.89 -25.04
C SER U 497 80.85 -55.45 -24.36
N GLU U 498 81.88 -55.69 -25.18
CA GLU U 498 83.15 -56.19 -24.68
C GLU U 498 84.31 -55.22 -24.87
N ASN U 499 84.17 -54.23 -25.76
CA ASN U 499 85.26 -53.32 -26.05
C ASN U 499 85.40 -52.30 -24.93
N PRO U 500 86.53 -52.25 -24.24
CA PRO U 500 86.67 -51.30 -23.12
C PRO U 500 86.52 -49.84 -23.53
N GLU U 501 87.00 -49.46 -24.72
CA GLU U 501 86.89 -48.07 -25.14
C GLU U 501 85.45 -47.63 -25.25
N ILE U 502 84.59 -48.49 -25.81
CA ILE U 502 83.18 -48.18 -25.93
C ILE U 502 82.51 -48.18 -24.56
N ARG U 503 82.86 -49.15 -23.71
CA ARG U 503 82.25 -49.22 -22.39
C ARG U 503 82.60 -48.00 -21.54
N GLY U 504 83.78 -47.43 -21.74
CA GLY U 504 84.19 -46.27 -20.96
C GLY U 504 83.24 -45.10 -21.10
N VAL U 505 82.70 -44.90 -22.30
CA VAL U 505 81.72 -43.84 -22.49
C VAL U 505 80.29 -44.35 -22.28
N ALA U 506 80.05 -45.65 -22.51
CA ALA U 506 78.72 -46.19 -22.32
C ALA U 506 78.30 -46.08 -20.86
N ALA U 507 79.24 -46.33 -19.94
CA ALA U 507 78.91 -46.26 -18.51
C ALA U 507 78.44 -44.88 -18.09
N ASP U 508 78.80 -43.84 -18.84
CA ASP U 508 78.40 -42.48 -18.50
C ASP U 508 77.23 -41.97 -19.34
N LEU U 509 77.00 -42.54 -20.53
CA LEU U 509 75.91 -42.06 -21.36
C LEU U 509 74.56 -42.52 -20.84
N VAL U 510 74.45 -43.79 -20.40
CA VAL U 510 73.16 -44.38 -20.07
C VAL U 510 73.17 -44.87 -18.63
N ARG U 511 71.95 -45.06 -18.10
CA ARG U 511 71.73 -45.45 -16.71
C ARG U 511 71.33 -46.92 -16.69
N SER U 512 72.22 -47.77 -16.18
CA SER U 512 71.96 -49.20 -16.18
C SER U 512 70.85 -49.55 -15.20
N PRO U 513 70.09 -50.61 -15.48
CA PRO U 513 69.03 -51.03 -14.55
C PRO U 513 69.53 -51.87 -13.39
N THR U 514 70.85 -51.98 -13.20
CA THR U 514 71.42 -52.81 -12.14
C THR U 514 71.41 -52.11 -10.80
N GLY U 515 70.56 -51.10 -10.63
CA GLY U 515 70.48 -50.36 -9.39
C GLY U 515 69.49 -50.99 -8.43
N MET U 516 68.41 -50.28 -8.12
CA MET U 516 67.42 -50.73 -7.15
C MET U 516 68.08 -51.00 -5.80
N GLN U 517 68.89 -50.04 -5.37
CA GLN U 517 69.70 -50.08 -4.16
C GLN U 517 70.86 -51.07 -4.26
N SER U 518 71.11 -51.64 -5.44
CA SER U 518 72.18 -52.60 -5.64
C SER U 518 73.16 -52.17 -6.74
N GLY U 519 73.07 -50.92 -7.21
CA GLY U 519 73.93 -50.44 -8.26
C GLY U 519 75.40 -50.45 -7.91
N ALA U 520 76.21 -51.11 -8.73
CA ALA U 520 77.64 -51.17 -8.47
C ALA U 520 78.27 -49.79 -8.55
N SER U 521 77.88 -48.99 -9.54
CA SER U 521 78.48 -47.68 -9.76
C SER U 521 77.42 -46.75 -10.32
N GLY U 522 77.86 -45.60 -10.84
CA GLY U 522 76.95 -44.60 -11.34
C GLY U 522 76.48 -43.59 -10.31
N LYS U 523 77.19 -43.46 -9.19
CA LYS U 523 76.77 -42.60 -8.10
C LYS U 523 77.23 -41.15 -8.27
N ILE U 524 78.09 -40.86 -9.25
CA ILE U 524 78.73 -39.55 -9.33
C ILE U 524 77.67 -38.45 -9.39
N GLY U 525 76.64 -38.63 -10.20
CA GLY U 525 75.63 -37.61 -10.36
C GLY U 525 74.83 -37.87 -11.62
N THR U 526 74.26 -36.79 -12.15
CA THR U 526 73.41 -36.92 -13.32
C THR U 526 74.22 -37.37 -14.53
N THR U 527 73.64 -38.28 -15.30
CA THR U 527 74.13 -38.64 -16.62
C THR U 527 73.26 -37.94 -17.66
N ALA U 528 73.47 -38.27 -18.94
CA ALA U 528 72.71 -37.59 -19.99
C ALA U 528 71.23 -37.93 -19.91
N SER U 529 70.91 -39.18 -19.55
CA SER U 529 69.51 -39.60 -19.55
C SER U 529 68.66 -38.77 -18.60
N ASP U 530 69.19 -38.52 -17.39
CA ASP U 530 68.39 -37.83 -16.37
C ASP U 530 68.05 -36.41 -16.79
N VAL U 531 69.05 -35.66 -17.26
CA VAL U 531 68.80 -34.28 -17.66
C VAL U 531 67.88 -34.24 -18.87
N PHE U 532 68.08 -35.17 -19.82
CA PHE U 532 67.21 -35.22 -20.99
C PHE U 532 65.76 -35.44 -20.58
N GLU U 533 65.52 -36.41 -19.69
CA GLU U 533 64.15 -36.69 -19.26
C GLU U 533 63.53 -35.53 -18.48
N ARG U 534 64.30 -34.89 -17.60
CA ARG U 534 63.76 -33.76 -16.85
C ARG U 534 63.31 -32.63 -17.78
N LEU U 535 64.21 -32.22 -18.69
CA LEU U 535 63.88 -31.10 -19.57
C LEU U 535 62.73 -31.44 -20.49
N ARG U 536 62.74 -32.65 -21.07
CA ARG U 536 61.65 -33.06 -21.94
C ARG U 536 60.33 -33.16 -21.17
N ALA U 537 60.39 -33.39 -19.87
CA ALA U 537 59.17 -33.47 -19.08
C ALA U 537 58.58 -32.09 -18.80
N VAL U 538 59.43 -31.08 -18.61
CA VAL U 538 58.86 -29.76 -18.32
C VAL U 538 58.40 -29.03 -19.60
N ASP U 539 59.08 -29.28 -20.73
CA ASP U 539 58.76 -28.53 -21.95
C ASP U 539 57.31 -28.76 -22.40
N HIS U 540 56.83 -30.00 -22.32
CA HIS U 540 55.49 -30.29 -22.82
C HIS U 540 54.41 -29.60 -21.98
N ARG U 541 54.65 -29.45 -20.68
CA ARG U 541 53.74 -28.64 -19.88
C ARG U 541 53.75 -27.19 -20.34
N PHE U 542 54.95 -26.66 -20.66
CA PHE U 542 54.99 -25.29 -21.17
C PHE U 542 54.14 -25.15 -22.43
N TYR U 543 54.28 -26.10 -23.36
CA TYR U 543 53.50 -26.04 -24.60
C TYR U 543 52.01 -26.11 -24.31
N ASN U 544 51.61 -26.97 -23.36
CA ASN U 544 50.20 -27.08 -23.02
C ASN U 544 49.66 -25.79 -22.43
N ASP U 545 50.51 -24.98 -21.80
CA ASP U 545 50.01 -23.73 -21.23
C ASP U 545 49.98 -22.58 -22.23
N ILE U 546 50.94 -22.53 -23.17
CA ILE U 546 50.98 -21.39 -24.10
C ILE U 546 49.74 -21.36 -24.98
N ASP U 547 49.16 -22.52 -25.30
CA ASP U 547 47.96 -22.55 -26.13
C ASP U 547 46.78 -21.90 -25.41
N ASP U 548 46.55 -22.28 -24.16
CA ASP U 548 45.45 -21.68 -23.41
C ASP U 548 45.69 -20.21 -23.16
N ALA U 549 46.95 -19.80 -23.04
CA ALA U 549 47.22 -18.37 -22.91
C ALA U 549 46.86 -17.61 -24.18
N VAL U 550 47.28 -18.11 -25.34
CA VAL U 550 47.10 -17.38 -26.59
C VAL U 550 45.64 -17.36 -27.01
N THR U 551 44.93 -18.49 -26.86
CA THR U 551 43.57 -18.57 -27.40
C THR U 551 42.66 -17.50 -26.82
N GLU U 552 42.80 -17.19 -25.54
CA GLU U 552 41.94 -16.18 -24.92
C GLU U 552 42.24 -14.77 -25.40
N ALA U 553 43.40 -14.55 -26.04
CA ALA U 553 43.78 -13.21 -26.43
C ALA U 553 42.99 -12.72 -27.63
N LEU U 554 42.44 -13.62 -28.43
CA LEU U 554 41.77 -13.27 -29.67
C LEU U 554 40.31 -12.93 -29.51
N LYS U 555 39.88 -12.56 -28.30
CA LYS U 555 38.50 -12.13 -28.08
C LYS U 555 38.42 -10.68 -27.65
N ASP U 556 39.50 -9.92 -27.76
CA ASP U 556 39.45 -8.50 -27.50
C ASP U 556 38.72 -7.79 -28.65
N PRO U 557 38.04 -6.67 -28.38
CA PRO U 557 37.34 -5.97 -29.46
C PRO U 557 38.22 -5.49 -30.58
N TYR U 558 39.55 -5.46 -30.38
CA TYR U 558 40.45 -5.03 -31.43
C TYR U 558 40.40 -5.98 -32.63
N PHE U 559 40.33 -7.28 -32.37
CA PHE U 559 40.40 -8.27 -33.45
C PHE U 559 39.04 -8.67 -34.00
N GLN U 560 37.99 -8.64 -33.18
CA GLN U 560 36.69 -9.12 -33.63
C GLN U 560 35.99 -8.14 -34.56
N THR U 561 36.35 -6.86 -34.53
CA THR U 561 35.65 -5.83 -35.29
C THR U 561 36.38 -5.41 -36.55
N ALA U 562 37.48 -6.06 -36.90
CA ALA U 562 38.26 -5.70 -38.09
C ALA U 562 37.94 -6.69 -39.19
N PHE U 563 37.13 -6.26 -40.16
CA PHE U 563 36.71 -7.11 -41.26
C PHE U 563 37.48 -6.86 -42.56
N TRP U 564 38.53 -6.04 -42.51
CA TRP U 564 39.32 -5.75 -43.70
C TRP U 564 40.64 -6.51 -43.72
N ARG U 565 40.76 -7.57 -42.92
CA ARG U 565 41.98 -8.36 -42.88
C ARG U 565 41.62 -9.83 -42.78
N ASP U 566 42.49 -10.69 -43.30
CA ASP U 566 42.25 -12.11 -43.25
C ASP U 566 42.26 -12.61 -41.80
N SER U 567 41.51 -13.66 -41.55
CA SER U 567 41.39 -14.20 -40.20
C SER U 567 42.48 -15.20 -39.85
N GLY U 568 43.43 -15.45 -40.75
CA GLY U 568 44.52 -16.36 -40.46
C GLY U 568 45.80 -15.73 -39.98
N ALA U 569 45.93 -14.41 -40.07
CA ALA U 569 47.16 -13.74 -39.72
C ALA U 569 47.17 -13.17 -38.31
N PHE U 570 46.13 -13.43 -37.53
CA PHE U 570 46.05 -12.86 -36.18
C PHE U 570 47.15 -13.41 -35.28
N ARG U 571 47.44 -14.71 -35.38
CA ARG U 571 48.50 -15.29 -34.54
C ARG U 571 49.87 -14.71 -34.87
N GLN U 572 50.17 -14.55 -36.16
CA GLN U 572 51.44 -13.92 -36.54
C GLN U 572 51.50 -12.48 -36.06
N ASP U 573 50.36 -11.77 -36.11
CA ASP U 573 50.33 -10.40 -35.59
C ASP U 573 50.69 -10.38 -34.12
N ILE U 574 50.09 -11.28 -33.32
CA ILE U 574 50.35 -11.31 -31.88
C ILE U 574 51.82 -11.60 -31.62
N TYR U 575 52.35 -12.62 -32.28
CA TYR U 575 53.74 -13.00 -32.02
C TYR U 575 54.71 -11.89 -32.40
N GLN U 576 54.46 -11.24 -33.54
CA GLN U 576 55.34 -10.15 -33.96
C GLN U 576 55.31 -8.99 -32.98
N ARG U 577 54.12 -8.57 -32.55
CA ARG U 577 54.04 -7.44 -31.63
C ARG U 577 54.73 -7.75 -30.31
N VAL U 578 54.48 -8.94 -29.76
CA VAL U 578 55.09 -9.26 -28.47
C VAL U 578 56.60 -9.38 -28.59
N SER U 579 57.10 -10.04 -29.63
CA SER U 579 58.54 -10.20 -29.79
C SER U 579 59.22 -8.86 -29.97
N MET U 580 58.61 -7.94 -30.71
CA MET U 580 59.17 -6.60 -30.84
C MET U 580 59.18 -5.87 -29.50
N ALA U 581 58.13 -6.05 -28.70
CA ALA U 581 58.08 -5.37 -27.41
C ALA U 581 59.11 -5.91 -26.43
N ILE U 582 59.49 -7.18 -26.54
CA ILE U 582 60.46 -7.75 -25.60
C ILE U 582 61.83 -7.12 -25.77
N GLU U 583 62.29 -6.98 -27.01
CA GLU U 583 63.64 -6.51 -27.27
C GLU U 583 63.80 -5.01 -27.08
N ASP U 584 62.70 -4.28 -26.92
CA ASP U 584 62.77 -2.83 -26.68
C ASP U 584 63.30 -2.54 -25.28
N GLY U 585 64.09 -1.48 -25.17
CA GLY U 585 64.64 -1.10 -23.88
C GLY U 585 63.95 0.08 -23.23
N SER U 586 63.32 0.94 -24.03
CA SER U 586 62.72 2.15 -23.49
C SER U 586 61.51 1.82 -22.62
N GLY U 587 60.47 1.26 -23.23
CA GLY U 587 59.26 0.89 -22.51
C GLY U 587 57.97 1.45 -23.09
N ASN U 588 58.03 2.36 -24.06
CA ASN U 588 56.79 2.90 -24.61
C ASN U 588 56.02 1.86 -25.41
N LEU U 589 56.72 0.90 -26.03
CA LEU U 589 56.02 -0.15 -26.77
C LEU U 589 55.25 -1.08 -25.85
N LYS U 590 55.78 -1.35 -24.66
CA LYS U 590 55.06 -2.22 -23.73
C LYS U 590 53.74 -1.61 -23.28
N ALA U 591 53.66 -0.28 -23.25
CA ALA U 591 52.45 0.38 -22.81
C ALA U 591 51.31 0.30 -23.83
N GLU U 592 51.58 -0.21 -25.03
CA GLU U 592 50.58 -0.26 -26.08
C GLU U 592 49.81 -1.58 -26.12
N LEU U 593 50.33 -2.63 -25.51
CA LEU U 593 49.71 -3.95 -25.62
C LEU U 593 48.38 -3.99 -24.88
N THR U 594 47.45 -4.77 -25.42
CA THR U 594 46.13 -4.91 -24.84
C THR U 594 46.21 -5.74 -23.55
N PRO U 595 45.17 -5.67 -22.71
CA PRO U 595 45.21 -6.43 -21.44
C PRO U 595 45.30 -7.94 -21.58
N GLY U 596 45.24 -8.48 -22.79
CA GLY U 596 45.31 -9.91 -22.99
C GLY U 596 46.63 -10.46 -23.47
N GLU U 597 47.64 -9.60 -23.69
CA GLU U 597 48.93 -10.04 -24.19
C GLU U 597 50.02 -10.01 -23.14
N LEU U 598 49.75 -9.45 -21.97
CA LEU U 598 50.77 -9.35 -20.93
C LEU U 598 51.16 -10.73 -20.40
N LYS U 599 50.22 -11.68 -20.34
CA LYS U 599 50.53 -13.01 -19.87
C LYS U 599 51.45 -13.75 -20.83
N VAL U 600 51.20 -13.64 -22.13
CA VAL U 600 52.11 -14.20 -23.13
C VAL U 600 53.48 -13.57 -22.98
N TYR U 601 53.53 -12.25 -22.78
CA TYR U 601 54.79 -11.56 -22.53
C TYR U 601 55.56 -12.20 -21.39
N ASP U 602 54.89 -12.41 -20.26
CA ASP U 602 55.55 -12.95 -19.07
C ASP U 602 56.09 -14.35 -19.32
N LEU U 603 55.25 -15.22 -19.89
CA LEU U 603 55.68 -16.60 -20.12
C LEU U 603 56.92 -16.65 -21.01
N LEU U 604 56.86 -15.99 -22.16
CA LEU U 604 57.97 -16.07 -23.11
C LEU U 604 59.24 -15.50 -22.52
N LYS U 605 59.14 -14.36 -21.84
CA LYS U 605 60.34 -13.75 -21.26
C LYS U 605 60.99 -14.68 -20.25
N ASN U 606 60.18 -15.28 -19.37
CA ASN U 606 60.75 -16.13 -18.31
C ASN U 606 61.47 -17.33 -18.89
N GLN U 607 60.85 -18.03 -19.84
CA GLN U 607 61.54 -19.21 -20.37
C GLN U 607 62.79 -18.83 -21.15
N PHE U 608 62.73 -17.75 -21.95
CA PHE U 608 63.91 -17.40 -22.74
C PHE U 608 65.08 -16.99 -21.85
N ASP U 609 64.80 -16.45 -20.67
CA ASP U 609 65.90 -16.19 -19.73
C ASP U 609 66.42 -17.47 -19.09
N ALA U 610 65.52 -18.37 -18.72
CA ALA U 610 65.95 -19.60 -18.03
C ALA U 610 66.88 -20.44 -18.90
N LYS U 611 66.56 -20.56 -20.19
CA LYS U 611 67.39 -21.41 -21.06
C LYS U 611 68.82 -20.91 -21.15
N ARG U 612 69.00 -19.60 -21.32
CA ARG U 612 70.35 -19.05 -21.38
C ARG U 612 71.07 -19.22 -20.05
N GLU U 613 70.36 -19.00 -18.93
CA GLU U 613 71.00 -19.18 -17.64
C GLU U 613 71.51 -20.61 -17.48
N MET U 614 70.75 -21.60 -17.96
CA MET U 614 71.23 -22.98 -17.94
C MET U 614 72.44 -23.16 -18.85
N MET U 615 72.42 -22.56 -20.04
CA MET U 615 73.51 -22.79 -20.98
C MET U 615 74.82 -22.15 -20.54
N GLU U 616 74.78 -21.13 -19.69
CA GLU U 616 76.02 -20.47 -19.29
C GLU U 616 76.83 -21.25 -18.26
N ASN U 617 76.16 -21.98 -17.36
CA ASN U 617 76.82 -22.74 -16.30
C ASN U 617 76.30 -24.17 -16.24
N PRO U 618 76.87 -25.07 -17.03
CA PRO U 618 76.37 -26.45 -17.05
C PRO U 618 76.92 -27.31 -15.93
N ALA U 619 77.53 -26.70 -14.92
CA ALA U 619 78.00 -27.42 -13.74
C ALA U 619 76.99 -27.40 -12.61
N MET U 620 75.79 -26.89 -12.85
CA MET U 620 74.75 -26.87 -11.84
C MET U 620 73.98 -28.17 -11.76
N PHE U 621 74.32 -29.18 -12.58
CA PHE U 621 73.64 -30.45 -12.55
C PHE U 621 74.39 -31.52 -11.77
N GLY U 622 75.69 -31.38 -11.56
CA GLY U 622 76.40 -32.35 -10.75
C GLY U 622 77.83 -32.67 -11.13
N ARG U 623 78.30 -32.22 -12.29
CA ARG U 623 79.67 -32.48 -12.70
C ARG U 623 80.49 -31.20 -12.65
N PRO U 624 81.53 -31.12 -11.82
CA PRO U 624 82.25 -29.85 -11.60
C PRO U 624 83.39 -29.55 -12.57
N ASP U 625 83.51 -30.25 -13.70
CA ASP U 625 84.55 -29.92 -14.68
C ASP U 625 83.95 -29.70 -16.07
N ALA U 626 82.85 -28.97 -16.14
CA ALA U 626 82.18 -28.66 -17.40
C ALA U 626 82.26 -27.16 -17.67
N GLN U 627 82.62 -26.81 -18.90
CA GLN U 627 82.78 -25.43 -19.32
C GLN U 627 81.47 -24.90 -19.89
N SER U 628 81.51 -23.70 -20.46
CA SER U 628 80.34 -23.03 -21.02
C SER U 628 80.36 -23.08 -22.54
N ILE U 629 79.17 -23.07 -23.13
CA ILE U 629 79.01 -23.18 -24.58
C ILE U 629 78.36 -21.95 -25.20
N PHE U 630 77.93 -20.98 -24.40
CA PHE U 630 77.28 -19.79 -24.93
C PHE U 630 78.34 -18.85 -25.52
N PRO U 631 78.25 -18.50 -26.81
CA PRO U 631 79.28 -17.66 -27.42
C PRO U 631 79.01 -16.18 -27.16
N GLY U 632 79.80 -15.60 -26.26
CA GLY U 632 79.64 -14.20 -25.89
C GLY U 632 78.75 -14.06 -24.67
N SER U 633 79.35 -13.82 -23.50
CA SER U 633 78.61 -13.90 -22.25
C SER U 633 78.95 -12.77 -21.28
N ARG U 634 79.59 -11.70 -21.74
CA ARG U 634 79.97 -10.63 -20.83
C ARG U 634 78.77 -9.79 -20.41
N PHE U 635 77.91 -9.44 -21.36
CA PHE U 635 76.83 -8.51 -21.06
C PHE U 635 75.50 -9.25 -20.87
N LYS U 636 74.44 -8.48 -20.69
CA LYS U 636 73.14 -9.01 -20.33
C LYS U 636 72.09 -8.62 -21.36
N GLY U 637 71.06 -9.47 -21.48
CA GLY U 637 69.98 -9.21 -22.41
C GLY U 637 69.12 -10.45 -22.56
N THR U 638 68.14 -10.33 -23.44
CA THR U 638 67.24 -11.42 -23.79
C THR U 638 67.44 -11.79 -25.25
N TYR U 639 67.64 -13.07 -25.53
CA TYR U 639 67.93 -13.54 -26.87
C TYR U 639 66.69 -14.19 -27.47
N VAL U 640 66.34 -13.79 -28.69
CA VAL U 640 65.23 -14.36 -29.43
C VAL U 640 65.78 -14.86 -30.77
N PRO U 641 65.49 -16.09 -31.18
CA PRO U 641 66.16 -16.67 -32.35
C PRO U 641 65.90 -15.90 -33.64
N HIS U 642 66.91 -15.87 -34.51
CA HIS U 642 66.86 -15.16 -35.79
C HIS U 642 66.84 -16.18 -36.92
N VAL U 643 65.81 -16.12 -37.75
CA VAL U 643 65.69 -16.98 -38.93
C VAL U 643 65.26 -16.12 -40.11
N TYR U 644 66.05 -16.12 -41.17
CA TYR U 644 65.81 -15.23 -42.30
C TYR U 644 65.07 -15.94 -43.43
N SER U 645 64.32 -15.16 -44.20
CA SER U 645 63.54 -15.66 -45.32
C SER U 645 64.35 -15.59 -46.60
N SER U 646 63.82 -16.20 -47.66
CA SER U 646 64.49 -16.24 -48.95
C SER U 646 63.70 -15.58 -50.07
N GLN U 647 62.37 -15.73 -50.08
CA GLN U 647 61.56 -15.06 -51.09
C GLN U 647 61.71 -13.55 -51.00
N MET U 648 61.72 -13.00 -49.77
CA MET U 648 61.91 -11.56 -49.64
C MET U 648 63.28 -11.15 -50.16
N LYS U 649 64.29 -11.98 -49.94
CA LYS U 649 65.61 -11.69 -50.49
C LYS U 649 65.57 -11.62 -52.00
N GLU U 650 64.87 -12.56 -52.65
CA GLU U 650 64.77 -12.55 -54.10
C GLU U 650 64.03 -11.33 -54.62
N LEU U 651 62.91 -10.97 -53.97
CA LEU U 651 62.16 -9.79 -54.41
C LEU U 651 62.98 -8.52 -54.25
N TYR U 652 63.76 -8.40 -53.18
CA TYR U 652 64.57 -7.19 -53.04
C TYR U 652 65.72 -7.17 -54.03
N ILE U 653 66.32 -8.33 -54.30
CA ILE U 653 67.41 -8.38 -55.27
C ILE U 653 66.91 -7.97 -56.65
N LYS U 654 65.68 -8.36 -56.99
CA LYS U 654 65.14 -8.00 -58.30
C LYS U 654 65.05 -6.49 -58.47
N GLU U 655 64.59 -5.77 -57.44
CA GLU U 655 64.43 -4.33 -57.56
C GLU U 655 65.76 -3.59 -57.48
N LEU U 656 66.64 -3.99 -56.56
CA LEU U 656 67.89 -3.26 -56.41
C LEU U 656 68.92 -3.60 -57.47
N GLY U 657 68.78 -4.75 -58.13
CA GLY U 657 69.60 -5.08 -59.28
C GLY U 657 70.86 -5.86 -59.00
N SER U 658 71.31 -5.95 -57.75
CA SER U 658 72.56 -6.63 -57.45
C SER U 658 72.56 -7.03 -55.99
N PRO U 659 73.28 -8.10 -55.63
CA PRO U 659 73.47 -8.40 -54.20
C PRO U 659 74.27 -7.35 -53.45
N GLU U 660 75.12 -6.59 -54.15
CA GLU U 660 75.94 -5.59 -53.48
C GLU U 660 75.08 -4.48 -52.89
N ALA U 661 73.99 -4.11 -53.57
CA ALA U 661 73.09 -3.12 -53.03
C ALA U 661 72.49 -3.59 -51.71
N LEU U 662 72.08 -4.87 -51.65
CA LEU U 662 71.56 -5.40 -50.40
C LEU U 662 72.61 -5.38 -49.31
N GLN U 663 73.86 -5.73 -49.66
CA GLN U 663 74.91 -5.71 -48.65
C GLN U 663 75.10 -4.31 -48.08
N GLU U 664 75.13 -3.29 -48.95
CA GLU U 664 75.32 -1.93 -48.46
C GLU U 664 74.14 -1.46 -47.61
N ALA U 665 72.92 -1.81 -48.01
CA ALA U 665 71.76 -1.42 -47.23
C ALA U 665 71.83 -2.01 -45.83
N ILE U 666 72.17 -3.31 -45.74
CA ILE U 666 72.28 -3.94 -44.42
C ILE U 666 73.36 -3.25 -43.60
N LYS U 667 74.51 -2.99 -44.21
CA LYS U 667 75.62 -2.42 -43.45
C LYS U 667 75.25 -1.06 -42.87
N LYS U 668 74.63 -0.19 -43.66
CA LYS U 668 74.31 1.14 -43.16
C LYS U 668 73.20 1.08 -42.11
N SER U 669 72.19 0.23 -42.32
CA SER U 669 71.16 0.09 -41.31
C SER U 669 71.69 -0.47 -40.00
N TRP U 670 72.84 -1.16 -40.05
CA TRP U 670 73.48 -1.55 -38.80
C TRP U 670 74.27 -0.41 -38.17
N LEU U 671 75.00 0.35 -38.99
CA LEU U 671 75.87 1.40 -38.45
C LEU U 671 75.08 2.51 -37.77
N THR U 672 73.85 2.76 -38.22
CA THR U 672 73.08 3.85 -37.63
C THR U 672 72.84 3.64 -36.13
N SER U 673 72.64 2.40 -35.71
CA SER U 673 72.39 2.13 -34.29
C SER U 673 73.62 2.37 -33.45
N TYR U 674 74.79 1.98 -33.94
CA TYR U 674 76.03 2.39 -33.29
C TYR U 674 76.13 3.89 -33.16
N ALA U 675 75.76 4.62 -34.21
CA ALA U 675 75.84 6.08 -34.15
C ALA U 675 74.94 6.65 -33.05
N SER U 676 73.72 6.14 -32.93
CA SER U 676 72.76 6.78 -32.03
C SER U 676 72.94 6.34 -30.57
N ARG U 677 72.75 5.03 -30.28
CA ARG U 677 72.65 4.57 -28.90
C ARG U 677 74.00 4.53 -28.21
N PRO U 678 74.04 4.80 -26.89
CA PRO U 678 75.32 4.76 -26.16
C PRO U 678 75.74 3.36 -25.75
N GLU U 679 74.77 2.53 -25.36
CA GLU U 679 75.09 1.19 -24.86
C GLU U 679 75.69 0.32 -25.94
N VAL U 680 75.19 0.45 -27.17
CA VAL U 680 75.78 -0.26 -28.30
C VAL U 680 77.22 0.16 -28.49
N LYS U 681 77.48 1.46 -28.35
CA LYS U 681 78.85 1.96 -28.44
C LYS U 681 79.74 1.30 -27.39
N LYS U 682 79.26 1.23 -26.14
CA LYS U 682 80.05 0.65 -25.07
C LYS U 682 80.34 -0.83 -25.33
N ARG U 683 79.32 -1.59 -25.74
CA ARG U 683 79.50 -3.01 -25.97
C ARG U 683 80.51 -3.26 -27.09
N VAL U 684 80.34 -2.56 -28.21
CA VAL U 684 81.24 -2.76 -29.34
C VAL U 684 82.66 -2.36 -28.96
N ASP U 685 82.82 -1.23 -28.26
CA ASP U 685 84.15 -0.75 -27.91
C ASP U 685 84.86 -1.72 -26.97
N GLU U 686 84.15 -2.22 -25.95
CA GLU U 686 84.77 -3.16 -25.02
C GLU U 686 85.19 -4.44 -25.75
N ALA U 687 84.29 -4.98 -26.58
CA ALA U 687 84.63 -6.22 -27.28
C ALA U 687 85.79 -6.02 -28.24
N LEU U 688 85.82 -4.89 -28.93
CA LEU U 688 86.90 -4.63 -29.88
C LEU U 688 88.23 -4.46 -29.15
N LEU U 689 88.25 -3.72 -28.05
CA LEU U 689 89.50 -3.50 -27.34
C LEU U 689 90.03 -4.78 -26.72
N GLU U 690 89.15 -5.61 -26.16
CA GLU U 690 89.64 -6.88 -25.62
C GLU U 690 90.02 -7.85 -26.73
N ALA U 691 89.46 -7.67 -27.94
CA ALA U 691 89.85 -8.54 -29.06
C ALA U 691 91.22 -8.19 -29.59
N ASP U 692 91.52 -6.90 -29.73
CA ASP U 692 92.77 -6.44 -30.33
C ASP U 692 93.64 -5.77 -29.28
N PRO U 693 94.83 -6.30 -28.97
CA PRO U 693 95.67 -5.66 -27.96
C PRO U 693 96.07 -4.22 -28.31
N THR U 694 96.28 -3.93 -29.60
CA THR U 694 96.65 -2.59 -29.99
C THR U 694 95.50 -1.63 -29.78
N LEU U 695 95.81 -0.45 -29.26
CA LEU U 695 94.82 0.58 -28.96
C LEU U 695 95.17 1.83 -29.75
N THR U 696 94.24 2.30 -30.57
CA THR U 696 94.43 3.53 -31.33
C THR U 696 93.11 4.31 -31.30
N PRO U 697 93.13 5.57 -30.88
CA PRO U 697 91.91 6.40 -31.00
C PRO U 697 91.46 6.59 -32.43
N GLU U 698 92.37 6.49 -33.41
CA GLU U 698 92.02 6.58 -34.82
C GLU U 698 91.43 5.28 -35.37
N GLY U 699 91.74 4.15 -34.75
CA GLY U 699 91.41 2.86 -35.34
C GLY U 699 89.96 2.44 -35.25
N LEU U 700 89.13 3.14 -34.47
CA LEU U 700 87.73 2.74 -34.34
C LEU U 700 86.98 2.89 -35.66
N ALA U 701 87.21 3.99 -36.37
CA ALA U 701 86.50 4.25 -37.61
C ALA U 701 86.82 3.21 -38.68
N ALA U 702 87.87 2.44 -38.49
CA ALA U 702 88.17 1.32 -39.38
C ALA U 702 87.70 -0.01 -38.81
N ALA U 703 87.86 -0.21 -37.50
CA ALA U 703 87.48 -1.47 -36.88
C ALA U 703 85.99 -1.72 -36.99
N VAL U 704 85.18 -0.69 -36.74
CA VAL U 704 83.73 -0.87 -36.79
C VAL U 704 83.30 -1.34 -38.18
N ASP U 705 83.83 -0.69 -39.22
CA ASP U 705 83.40 -1.00 -40.58
C ASP U 705 83.92 -2.36 -41.03
N LYS U 706 85.19 -2.65 -40.75
CA LYS U 706 85.70 -3.95 -41.16
C LYS U 706 85.18 -5.09 -40.30
N TYR U 707 84.50 -4.79 -39.19
CA TYR U 707 83.73 -5.84 -38.53
C TYR U 707 82.33 -6.00 -39.11
N ALA U 708 81.66 -4.89 -39.44
CA ALA U 708 80.28 -5.00 -39.92
C ALA U 708 80.22 -5.55 -41.35
N ASN U 709 81.25 -5.32 -42.15
CA ASN U 709 81.22 -5.76 -43.54
C ASN U 709 81.12 -7.27 -43.64
N ASP U 710 81.86 -7.98 -42.79
CA ASP U 710 81.85 -9.44 -42.83
C ASP U 710 80.48 -10.00 -42.49
N LYS U 711 79.83 -9.44 -41.47
CA LYS U 711 78.51 -9.90 -41.09
C LYS U 711 77.49 -9.61 -42.19
N ALA U 712 77.61 -8.46 -42.86
CA ALA U 712 76.70 -8.18 -43.97
C ALA U 712 76.89 -9.18 -45.11
N TYR U 713 78.16 -9.46 -45.45
CA TYR U 713 78.43 -10.41 -46.52
C TYR U 713 77.95 -11.81 -46.16
N GLY U 714 77.92 -12.13 -44.87
CA GLY U 714 77.45 -13.44 -44.45
C GLY U 714 75.97 -13.68 -44.69
N ILE U 715 75.20 -12.61 -44.89
CA ILE U 715 73.78 -12.75 -45.21
C ILE U 715 73.48 -12.46 -46.67
N SER U 716 74.25 -11.59 -47.33
CA SER U 716 73.87 -11.18 -48.67
C SER U 716 74.39 -12.10 -49.77
N HIS U 717 75.26 -13.06 -49.46
CA HIS U 717 75.93 -13.84 -50.51
C HIS U 717 75.97 -15.34 -50.23
N THR U 718 75.11 -15.85 -49.36
CA THR U 718 75.06 -17.29 -49.11
C THR U 718 73.67 -17.65 -48.58
N GLU U 719 73.53 -18.89 -48.10
CA GLU U 719 72.22 -19.39 -47.68
C GLU U 719 72.33 -20.23 -46.40
N GLN U 720 73.29 -19.91 -45.53
CA GLN U 720 73.48 -20.69 -44.32
C GLN U 720 72.40 -20.41 -43.28
N PHE U 721 71.92 -19.17 -43.18
CA PHE U 721 70.97 -18.78 -42.16
C PHE U 721 69.53 -18.81 -42.64
N GLU U 722 69.27 -19.26 -43.86
CA GLU U 722 67.90 -19.30 -44.36
C GLU U 722 67.10 -20.36 -43.61
N ARG U 723 65.78 -20.29 -43.77
CA ARG U 723 64.92 -21.25 -43.08
C ARG U 723 65.08 -22.65 -43.62
N SER U 724 65.41 -22.79 -44.92
CA SER U 724 65.47 -24.12 -45.53
C SER U 724 66.57 -24.98 -44.90
N SER U 725 67.77 -24.43 -44.74
CA SER U 725 68.87 -25.24 -44.23
C SER U 725 68.75 -25.47 -42.73
N VAL U 726 68.38 -24.44 -41.97
CA VAL U 726 68.34 -24.55 -40.52
C VAL U 726 67.30 -25.57 -40.08
N MET U 727 66.13 -25.55 -40.71
CA MET U 727 64.99 -26.36 -40.30
C MET U 727 64.65 -27.43 -41.32
N GLU U 728 65.66 -28.01 -41.96
CA GLU U 728 65.39 -28.97 -43.02
C GLU U 728 64.92 -30.29 -42.42
N GLU U 729 63.98 -30.94 -43.12
CA GLU U 729 63.19 -32.02 -42.56
C GLU U 729 64.01 -33.22 -42.10
N ASN U 730 64.67 -33.90 -43.04
CA ASN U 730 65.32 -35.16 -42.75
C ASN U 730 66.76 -35.18 -43.25
N ILE U 731 67.62 -35.87 -42.51
CA ILE U 731 69.02 -36.01 -42.86
C ILE U 731 69.35 -37.50 -42.88
N ASN U 732 70.29 -37.87 -43.75
CA ASN U 732 70.76 -39.24 -43.84
C ASN U 732 72.11 -39.32 -43.13
N GLY U 733 72.06 -39.49 -41.82
CA GLY U 733 73.25 -39.57 -41.01
C GLY U 733 73.54 -38.28 -40.25
N LEU U 734 74.78 -38.16 -39.81
CA LEU U 734 75.25 -36.97 -39.08
C LEU U 734 76.01 -36.09 -40.08
N VAL U 735 75.40 -34.97 -40.44
CA VAL U 735 76.00 -34.10 -41.46
C VAL U 735 76.14 -32.68 -40.93
N GLY U 736 75.31 -32.30 -39.97
CA GLY U 736 75.28 -30.91 -39.55
C GLY U 736 75.71 -30.65 -38.12
N LEU U 737 76.19 -31.69 -37.43
CA LEU U 737 76.52 -31.55 -36.02
C LEU U 737 77.77 -30.74 -35.76
N GLU U 738 78.54 -30.39 -36.80
CA GLU U 738 79.75 -29.60 -36.59
C GLU U 738 79.43 -28.22 -36.03
N ASN U 739 78.41 -27.56 -36.58
CA ASN U 739 78.12 -26.18 -36.24
C ASN U 739 76.63 -26.02 -35.92
N ASN U 740 76.34 -25.21 -34.90
CA ASN U 740 74.98 -25.00 -34.41
C ASN U 740 74.45 -23.70 -35.03
N SER U 741 73.70 -23.83 -36.13
CA SER U 741 73.31 -22.66 -36.90
C SER U 741 72.37 -21.72 -36.16
N PHE U 742 71.80 -22.14 -35.03
CA PHE U 742 70.89 -21.27 -34.30
C PHE U 742 71.59 -20.15 -33.56
N LEU U 743 72.90 -20.26 -33.31
CA LEU U 743 73.58 -19.38 -32.37
C LEU U 743 74.61 -18.44 -32.99
N GLU U 744 74.93 -18.57 -34.27
CA GLU U 744 75.76 -17.56 -34.92
C GLU U 744 74.96 -16.46 -35.59
N ALA U 745 73.65 -16.45 -35.38
CA ALA U 745 72.83 -15.32 -35.80
C ALA U 745 72.93 -14.16 -34.82
N ARG U 746 73.61 -14.33 -33.70
CA ARG U 746 73.74 -13.28 -32.70
C ARG U 746 74.73 -12.22 -33.13
N ASN U 747 74.43 -10.97 -32.78
CA ASN U 747 75.25 -9.83 -33.16
C ASN U 747 75.37 -8.86 -32.00
N LEU U 748 76.32 -7.94 -32.12
CA LEU U 748 76.48 -6.88 -31.15
C LEU U 748 75.57 -5.69 -31.44
N PHE U 749 75.17 -5.51 -32.70
CA PHE U 749 74.42 -4.34 -33.11
C PHE U 749 72.95 -4.48 -32.72
N ASP U 750 72.13 -3.55 -33.21
CA ASP U 750 70.70 -3.52 -32.93
C ASP U 750 69.97 -3.21 -34.24
N SER U 764 64.76 -1.75 -43.23
CA SER U 764 65.46 -2.10 -42.01
C SER U 764 65.67 -3.60 -42.09
N VAL U 765 66.59 -4.15 -41.33
CA VAL U 765 66.89 -5.58 -41.31
C VAL U 765 65.70 -6.40 -40.83
N ASN U 766 64.84 -5.84 -39.98
CA ASN U 766 63.66 -6.54 -39.51
C ASN U 766 62.69 -6.89 -40.63
N ASN U 767 62.94 -6.46 -41.86
CA ASN U 767 62.07 -6.82 -42.97
C ASN U 767 62.38 -8.19 -43.54
N LEU U 768 63.47 -8.83 -43.13
CA LEU U 768 63.87 -10.13 -43.65
C LEU U 768 63.74 -11.24 -42.63
N ARG U 769 62.96 -11.04 -41.57
CA ARG U 769 62.83 -12.02 -40.49
C ARG U 769 61.48 -12.71 -40.55
N GLU U 770 61.32 -13.71 -39.69
CA GLU U 770 60.12 -14.52 -39.64
C GLU U 770 59.55 -14.53 -38.22
N TRP U 771 58.24 -14.38 -38.11
CA TRP U 771 57.59 -14.26 -36.82
C TRP U 771 56.56 -15.35 -36.58
N ASP U 772 56.89 -16.61 -36.87
CA ASP U 772 55.99 -17.73 -36.67
C ASP U 772 56.59 -18.65 -35.60
N MET U 773 56.19 -18.43 -34.34
CA MET U 773 56.81 -19.15 -33.24
C MET U 773 56.31 -20.58 -33.11
N ASP U 774 55.08 -20.87 -33.54
CA ASP U 774 54.49 -22.19 -33.35
C ASP U 774 55.32 -23.29 -34.01
N LYS U 775 56.13 -22.95 -35.01
CA LYS U 775 57.02 -23.93 -35.60
C LYS U 775 58.47 -23.73 -35.22
N ILE U 776 58.82 -22.56 -34.68
CA ILE U 776 60.22 -22.24 -34.43
C ILE U 776 60.67 -22.59 -33.01
N VAL U 777 59.79 -22.44 -32.02
CA VAL U 777 60.20 -22.72 -30.63
C VAL U 777 60.60 -24.18 -30.42
N PRO U 778 59.80 -25.18 -30.83
CA PRO U 778 60.20 -26.58 -30.52
C PRO U 778 61.54 -27.02 -31.09
N ALA U 779 61.89 -26.64 -32.32
CA ALA U 779 63.15 -27.11 -32.90
C ALA U 779 64.35 -26.54 -32.14
N TYR U 780 64.29 -25.25 -31.84
CA TYR U 780 65.29 -24.62 -30.97
C TYR U 780 65.41 -25.38 -29.66
N ASN U 781 64.27 -25.70 -29.04
CA ASN U 781 64.30 -26.38 -27.76
C ASN U 781 64.99 -27.74 -27.88
N ARG U 782 64.66 -28.50 -28.91
CA ARG U 782 65.25 -29.84 -29.05
C ARG U 782 66.76 -29.77 -29.22
N ARG U 783 67.24 -28.90 -30.10
CA ARG U 783 68.68 -28.81 -30.31
C ARG U 783 69.40 -28.38 -29.03
N VAL U 784 68.88 -27.37 -28.35
CA VAL U 784 69.54 -26.87 -27.15
C VAL U 784 69.56 -27.92 -26.05
N ASN U 785 68.44 -28.64 -25.86
CA ASN U 785 68.41 -29.67 -24.83
C ASN U 785 69.45 -30.75 -25.11
N GLY U 786 69.59 -31.15 -26.38
CA GLY U 786 70.59 -32.15 -26.69
C GLY U 786 72.00 -31.69 -26.34
N ASP U 787 72.33 -30.44 -26.71
CA ASP U 787 73.67 -29.93 -26.43
C ASP U 787 73.94 -29.88 -24.93
N ILE U 788 72.97 -29.38 -24.15
CA ILE U 788 73.16 -29.27 -22.71
C ILE U 788 73.35 -30.64 -22.10
N ALA U 789 72.55 -31.63 -22.51
CA ALA U 789 72.67 -32.97 -21.93
C ALA U 789 74.04 -33.57 -22.22
N ILE U 790 74.50 -33.49 -23.47
CA ILE U 790 75.80 -34.06 -23.80
C ILE U 790 76.90 -33.41 -22.97
N MET U 791 76.89 -32.07 -22.90
CA MET U 791 77.97 -31.38 -22.21
C MET U 791 77.95 -31.62 -20.71
N ALA U 792 76.76 -31.61 -20.09
CA ALA U 792 76.68 -31.80 -18.64
C ALA U 792 76.88 -33.25 -18.23
N GLY U 793 76.73 -34.19 -19.16
CA GLY U 793 76.97 -35.58 -18.80
C GLY U 793 78.40 -36.01 -19.02
N THR U 794 78.94 -35.75 -20.20
CA THR U 794 80.25 -36.30 -20.55
C THR U 794 81.41 -35.34 -20.30
N GLY U 795 81.21 -34.05 -20.52
CA GLY U 795 82.31 -33.11 -20.45
C GLY U 795 82.98 -32.81 -21.77
N LYS U 796 82.36 -33.19 -22.88
CA LYS U 796 82.90 -32.95 -24.21
C LYS U 796 81.86 -32.25 -25.08
N THR U 797 82.33 -31.39 -25.97
CA THR U 797 81.44 -30.73 -26.91
C THR U 797 80.92 -31.72 -27.94
N THR U 798 79.82 -31.35 -28.60
CA THR U 798 79.17 -32.25 -29.54
C THR U 798 80.08 -32.58 -30.71
N LYS U 799 80.98 -31.66 -31.07
CA LYS U 799 81.93 -31.95 -32.15
C LYS U 799 82.87 -33.09 -31.78
N GLU U 800 83.32 -33.13 -30.52
CA GLU U 800 84.19 -34.23 -30.09
C GLU U 800 83.45 -35.56 -30.05
N MET U 801 82.24 -35.56 -29.49
CA MET U 801 81.44 -36.78 -29.50
C MET U 801 81.10 -37.21 -30.92
N LYS U 802 81.11 -36.28 -31.88
CA LYS U 802 80.92 -36.66 -33.27
C LYS U 802 82.17 -37.31 -33.84
N ASP U 803 83.30 -36.60 -33.83
CA ASP U 803 84.48 -37.13 -34.51
C ASP U 803 85.04 -38.37 -33.83
N LEU U 804 84.64 -38.64 -32.58
CA LEU U 804 85.02 -39.91 -31.97
C LEU U 804 84.49 -41.10 -32.77
N VAL U 805 83.32 -40.95 -33.40
CA VAL U 805 82.74 -42.06 -34.15
C VAL U 805 83.61 -42.42 -35.34
N GLU U 806 84.04 -41.43 -36.11
CA GLU U 806 84.93 -41.72 -37.23
C GLU U 806 86.31 -42.16 -36.76
N THR U 807 86.77 -41.63 -35.63
CA THR U 807 88.06 -42.08 -35.09
C THR U 807 87.99 -43.57 -34.76
N LEU U 808 86.87 -44.03 -34.22
CA LEU U 808 86.70 -45.46 -33.95
C LEU U 808 86.53 -46.26 -35.25
N MET U 809 85.74 -45.73 -36.19
CA MET U 809 85.47 -46.46 -37.43
C MET U 809 86.68 -46.52 -38.35
N ASN U 810 87.70 -45.69 -38.12
CA ASN U 810 88.92 -45.79 -38.92
C ASN U 810 89.67 -47.09 -38.67
N LYS U 811 89.47 -47.72 -37.50
CA LYS U 811 90.07 -49.00 -37.20
C LYS U 811 89.12 -50.17 -37.44
N ALA U 812 87.92 -49.89 -37.96
CA ALA U 812 86.92 -50.93 -38.20
C ALA U 812 87.01 -51.53 -39.58
N GLY U 813 88.17 -51.43 -40.24
CA GLY U 813 88.33 -52.07 -41.53
C GLY U 813 88.21 -53.58 -41.44
N ASP U 814 88.79 -54.18 -40.41
CA ASP U 814 88.70 -55.62 -40.22
C ASP U 814 87.27 -56.01 -39.86
N ASP U 815 86.88 -57.21 -40.31
CA ASP U 815 85.53 -57.71 -40.06
C ASP U 815 85.47 -58.35 -38.66
N GLY U 816 85.54 -57.48 -37.66
CA GLY U 816 85.43 -57.91 -36.28
C GLY U 816 83.99 -57.89 -35.81
N LYS U 817 83.72 -57.17 -34.73
CA LYS U 817 82.37 -57.02 -34.22
C LYS U 817 81.94 -55.56 -34.11
N THR U 824 76.13 -48.91 -32.55
CA THR U 824 74.94 -48.29 -31.97
C THR U 824 75.24 -46.96 -31.29
N LEU U 825 76.51 -46.61 -31.10
CA LEU U 825 76.86 -45.28 -30.62
C LEU U 825 76.26 -44.20 -31.50
N ARG U 826 76.26 -44.43 -32.82
CA ARG U 826 75.70 -43.47 -33.75
C ARG U 826 74.21 -43.26 -33.50
N ASP U 827 73.47 -44.36 -33.32
CA ASP U 827 72.03 -44.24 -33.08
C ASP U 827 71.75 -43.55 -31.75
N THR U 828 72.54 -43.84 -30.72
CA THR U 828 72.34 -43.18 -29.44
C THR U 828 72.56 -41.68 -29.56
N LEU U 829 73.63 -41.27 -30.25
CA LEU U 829 73.87 -39.83 -30.43
C LEU U 829 72.74 -39.20 -31.25
N LYS U 830 72.28 -39.89 -32.29
CA LYS U 830 71.22 -39.35 -33.12
C LYS U 830 69.93 -39.16 -32.33
N ILE U 831 69.58 -40.12 -31.48
CA ILE U 831 68.34 -39.98 -30.70
C ILE U 831 68.49 -38.94 -29.61
N LEU U 832 69.68 -38.79 -29.03
CA LEU U 832 69.87 -37.74 -28.03
C LEU U 832 69.76 -36.36 -28.65
N THR U 833 70.36 -36.15 -29.82
CA THR U 833 70.41 -34.81 -30.39
C THR U 833 69.02 -34.31 -30.79
N GLY U 834 68.15 -35.21 -31.24
CA GLY U 834 66.83 -34.79 -31.68
C GLY U 834 66.73 -34.76 -33.18
N ARG U 835 67.32 -35.77 -33.82
CA ARG U 835 67.42 -35.86 -35.27
C ARG U 835 66.73 -37.08 -35.85
N ALA U 836 66.09 -37.90 -35.04
CA ALA U 836 65.39 -39.07 -35.55
C ALA U 836 64.16 -38.64 -36.34
N ARG U 837 63.82 -39.45 -37.34
CA ARG U 837 62.65 -39.16 -38.17
C ARG U 837 61.39 -39.12 -37.32
N ARG U 838 60.59 -38.08 -37.53
CA ARG U 838 59.38 -37.87 -36.75
C ARG U 838 58.18 -37.70 -37.66
N ASP U 839 58.13 -38.48 -38.73
CA ASP U 839 56.97 -38.49 -39.60
C ASP U 839 55.90 -39.41 -39.02
N GLY U 840 54.67 -38.91 -38.97
CA GLY U 840 53.57 -39.69 -38.41
C GLY U 840 53.70 -39.99 -36.94
N ALA U 841 54.02 -39.00 -36.13
CA ALA U 841 54.11 -39.20 -34.68
C ALA U 841 52.75 -39.22 -34.00
N ASP U 842 51.70 -38.75 -34.67
CA ASP U 842 50.38 -38.75 -34.07
C ASP U 842 49.88 -40.18 -33.82
N ASP U 843 50.20 -41.09 -34.74
CA ASP U 843 49.83 -42.48 -34.56
C ASP U 843 50.49 -43.06 -33.31
N ALA U 844 51.77 -42.77 -33.12
CA ALA U 844 52.45 -43.21 -31.90
C ALA U 844 51.84 -42.57 -30.66
N ALA U 845 51.46 -41.30 -30.77
CA ALA U 845 50.86 -40.62 -29.63
C ALA U 845 49.57 -41.30 -29.19
N PHE U 846 48.73 -41.71 -30.14
CA PHE U 846 47.52 -42.44 -29.76
C PHE U 846 47.81 -43.87 -29.32
N ALA U 847 48.84 -44.50 -29.90
CA ALA U 847 49.17 -45.86 -29.50
C ALA U 847 49.60 -45.93 -28.04
N THR U 848 50.33 -44.91 -27.57
CA THR U 848 50.77 -44.90 -26.18
C THR U 848 49.58 -44.92 -25.22
N VAL U 849 48.59 -44.07 -25.46
CA VAL U 849 47.41 -44.03 -24.61
C VAL U 849 46.65 -45.35 -24.69
N MET U 850 46.53 -45.90 -25.91
CA MET U 850 45.84 -47.17 -26.07
C MET U 850 46.52 -48.26 -25.25
N ARG U 851 47.85 -48.25 -25.18
CA ARG U 851 48.56 -49.28 -24.45
C ARG U 851 48.51 -49.09 -22.94
N THR U 852 48.50 -47.86 -22.44
CA THR U 852 48.53 -47.64 -20.99
C THR U 852 47.18 -47.26 -20.39
N MET U 853 46.08 -47.46 -21.13
CA MET U 853 44.77 -47.08 -20.58
C MET U 853 44.42 -47.84 -19.30
N THR U 854 44.80 -49.11 -19.21
CA THR U 854 44.34 -49.94 -18.09
C THR U 854 44.88 -49.44 -16.75
N ASP U 855 46.15 -49.04 -16.70
CA ASP U 855 46.72 -48.56 -15.44
C ASP U 855 46.00 -47.31 -14.97
N LEU U 856 45.71 -46.39 -15.89
CA LEU U 856 44.91 -45.22 -15.57
C LEU U 856 43.57 -45.65 -14.97
N ALA U 857 42.93 -46.63 -15.61
CA ALA U 857 41.68 -47.14 -15.05
C ALA U 857 41.87 -47.70 -13.66
N PHE U 858 43.09 -48.17 -13.35
CA PHE U 858 43.34 -48.76 -12.03
C PHE U 858 43.50 -47.70 -10.95
N PHE U 859 44.37 -46.70 -11.16
CA PHE U 859 44.68 -45.75 -10.09
C PHE U 859 43.88 -44.44 -10.15
N ALA U 860 42.94 -44.32 -11.08
CA ALA U 860 42.04 -43.16 -11.10
C ALA U 860 40.77 -43.56 -11.83
N LYS U 861 39.67 -42.88 -11.51
CA LYS U 861 38.39 -43.27 -12.08
C LYS U 861 37.75 -42.20 -12.96
N ASN U 862 37.70 -40.94 -12.50
CA ASN U 862 37.00 -39.92 -13.28
C ASN U 862 37.67 -39.69 -14.63
N ALA U 863 39.00 -39.70 -14.67
CA ALA U 863 39.70 -39.48 -15.93
C ALA U 863 39.32 -40.56 -16.94
N TYR U 864 39.16 -41.81 -16.48
CA TYR U 864 38.81 -42.90 -17.38
C TYR U 864 37.53 -42.60 -18.15
N MET U 865 36.45 -42.27 -17.43
CA MET U 865 35.17 -42.05 -18.09
C MET U 865 35.17 -40.77 -18.90
N GLY U 866 35.87 -39.73 -18.43
CA GLY U 866 35.97 -38.53 -19.24
C GLY U 866 36.60 -38.79 -20.59
N VAL U 867 37.71 -39.52 -20.60
CA VAL U 867 38.41 -39.82 -21.85
C VAL U 867 37.49 -40.62 -22.78
N GLN U 868 36.81 -41.63 -22.22
CA GLN U 868 35.93 -42.45 -23.04
C GLN U 868 34.86 -41.61 -23.71
N ASN U 869 34.21 -40.73 -22.95
CA ASN U 869 33.11 -39.95 -23.51
C ASN U 869 33.59 -39.00 -24.59
N LEU U 870 34.75 -38.35 -24.38
CA LEU U 870 35.25 -37.45 -25.41
C LEU U 870 35.49 -38.17 -26.73
N THR U 871 36.18 -39.31 -26.67
CA THR U 871 36.49 -40.00 -27.92
C THR U 871 35.22 -40.50 -28.61
N GLU U 872 34.24 -40.99 -27.84
CA GLU U 872 33.01 -41.46 -28.47
C GLU U 872 32.27 -40.33 -29.16
N ILE U 873 32.22 -39.14 -28.56
CA ILE U 873 31.54 -38.04 -29.22
C ILE U 873 32.22 -37.71 -30.55
N GLY U 874 33.56 -37.71 -30.56
CA GLY U 874 34.25 -37.47 -31.83
C GLY U 874 33.88 -38.47 -32.91
N GLY U 875 33.87 -39.76 -32.55
CA GLY U 875 33.51 -40.78 -33.53
C GLY U 875 32.10 -40.61 -34.08
N MET U 876 31.15 -40.29 -33.20
CA MET U 876 29.78 -40.09 -33.63
C MET U 876 29.67 -38.94 -34.63
N LEU U 877 30.39 -37.84 -34.37
CA LEU U 877 30.36 -36.72 -35.32
C LEU U 877 30.89 -37.13 -36.68
N ALA U 878 32.00 -37.87 -36.71
CA ALA U 878 32.53 -38.31 -38.01
C ALA U 878 31.53 -39.16 -38.77
N ARG U 879 30.87 -40.09 -38.08
CA ARG U 879 29.90 -40.96 -38.74
C ARG U 879 28.75 -40.16 -39.34
N GLY U 880 28.19 -39.23 -38.56
CA GLY U 880 27.11 -38.41 -39.08
C GLY U 880 27.51 -37.63 -40.32
N ASN U 881 28.72 -37.06 -40.31
CA ASN U 881 29.16 -36.27 -41.45
C ASN U 881 29.27 -37.12 -42.71
N VAL U 882 29.86 -38.31 -42.60
CA VAL U 882 30.01 -39.10 -43.82
C VAL U 882 28.65 -39.57 -44.34
N ARG U 883 27.71 -39.88 -43.44
CA ARG U 883 26.37 -40.26 -43.88
C ARG U 883 25.73 -39.14 -44.68
N ALA U 884 25.84 -37.90 -44.21
CA ALA U 884 25.25 -36.80 -44.98
C ALA U 884 25.94 -36.59 -46.32
N MET U 885 27.28 -36.68 -46.32
CA MET U 885 28.02 -36.38 -47.55
C MET U 885 27.75 -37.41 -48.64
N LEU U 886 27.47 -38.67 -48.27
CA LEU U 886 27.14 -39.66 -49.30
C LEU U 886 25.92 -39.23 -50.11
N HIS U 887 24.86 -38.83 -49.42
CA HIS U 887 23.62 -38.46 -50.09
C HIS U 887 23.72 -37.09 -50.74
N GLY U 888 24.68 -36.25 -50.34
CA GLY U 888 24.81 -34.94 -50.95
C GLY U 888 25.50 -34.85 -52.30
N VAL U 889 26.78 -35.21 -52.37
CA VAL U 889 27.66 -34.82 -53.47
C VAL U 889 27.83 -35.99 -54.43
N PRO U 890 27.55 -35.84 -55.72
CA PRO U 890 27.63 -36.97 -56.65
C PRO U 890 29.00 -37.62 -56.82
N MET U 891 30.10 -36.86 -56.79
CA MET U 891 31.42 -37.49 -56.98
C MET U 891 31.74 -38.44 -55.82
N PHE U 892 31.34 -38.06 -54.61
CA PHE U 892 31.50 -38.92 -53.45
C PHE U 892 30.80 -40.26 -53.69
N ARG U 893 29.55 -40.20 -54.17
CA ARG U 893 28.81 -41.43 -54.48
C ARG U 893 29.51 -42.24 -55.55
N ASP U 894 30.00 -41.58 -56.61
CA ASP U 894 30.60 -42.33 -57.70
C ASP U 894 31.85 -43.06 -57.25
N LEU U 895 32.68 -42.43 -56.42
CA LEU U 895 33.89 -43.10 -55.98
C LEU U 895 33.62 -44.15 -54.90
N ALA U 896 32.55 -43.99 -54.12
CA ALA U 896 32.33 -44.87 -52.97
C ALA U 896 31.51 -46.12 -53.29
N PHE U 897 31.05 -46.30 -54.52
CA PHE U 897 30.18 -47.42 -54.84
C PHE U 897 30.70 -48.25 -56.00
N ARG U 898 31.97 -48.64 -55.95
CA ARG U 898 32.58 -49.44 -57.01
C ARG U 898 32.72 -50.88 -56.57
N ASN U 899 32.90 -51.77 -57.56
CA ASN U 899 33.03 -53.20 -57.31
C ASN U 899 34.29 -53.84 -57.89
N LYS U 900 34.94 -53.21 -58.86
CA LYS U 900 36.09 -53.85 -59.51
C LYS U 900 37.10 -52.77 -59.90
N LYS U 901 38.17 -53.21 -60.54
CA LYS U 901 39.26 -52.33 -60.92
C LYS U 901 38.84 -51.43 -62.07
N VAL U 902 39.13 -50.13 -61.93
CA VAL U 902 38.85 -49.16 -63.00
C VAL U 902 39.93 -49.29 -64.06
N GLY U 903 39.58 -48.95 -65.30
CA GLY U 903 40.43 -49.23 -66.42
C GLY U 903 40.69 -48.02 -67.30
N ALA U 904 41.86 -48.04 -67.94
CA ALA U 904 42.24 -47.11 -69.00
C ALA U 904 42.36 -45.68 -68.54
N SER U 905 41.34 -44.87 -68.80
CA SER U 905 41.49 -43.42 -68.75
C SER U 905 41.65 -42.90 -67.34
N GLU U 906 40.80 -43.34 -66.42
CA GLU U 906 40.58 -42.58 -65.19
C GLU U 906 41.79 -42.55 -64.27
N ILE U 907 42.75 -43.47 -64.43
CA ILE U 907 43.91 -43.46 -63.55
C ILE U 907 44.73 -42.20 -63.73
N LYS U 908 44.78 -41.65 -64.95
CA LYS U 908 45.54 -40.43 -65.16
C LYS U 908 44.97 -39.27 -64.35
N ASP U 909 43.65 -39.12 -64.35
CA ASP U 909 43.03 -38.09 -63.53
C ASP U 909 43.26 -38.38 -62.04
N LEU U 910 43.12 -39.65 -61.64
CA LEU U 910 43.31 -40.00 -60.25
C LEU U 910 44.73 -39.73 -59.79
N HIS U 911 45.71 -39.74 -60.68
CA HIS U 911 47.06 -39.47 -60.23
C HIS U 911 47.43 -38.00 -60.34
N ASN U 912 46.82 -37.25 -61.26
CA ASN U 912 46.95 -35.80 -61.22
C ASN U 912 46.40 -35.25 -59.92
N VAL U 913 45.31 -35.85 -59.42
CA VAL U 913 44.75 -35.43 -58.13
C VAL U 913 45.80 -35.54 -57.03
N ILE U 914 46.58 -36.63 -57.05
CA ILE U 914 47.60 -36.82 -56.02
C ILE U 914 48.75 -35.84 -56.20
N PHE U 915 49.22 -35.67 -57.44
CA PHE U 915 50.42 -34.85 -57.65
C PHE U 915 50.18 -33.38 -57.35
N GLY U 916 48.95 -32.90 -57.54
CA GLY U 916 48.67 -31.50 -57.28
C GLY U 916 48.98 -31.08 -55.85
N LYS U 917 48.59 -31.90 -54.87
CA LYS U 917 48.80 -31.55 -53.47
C LYS U 917 50.28 -31.42 -53.15
N GLU U 918 51.10 -32.37 -53.61
CA GLU U 918 52.52 -32.30 -53.34
C GLU U 918 53.15 -31.09 -54.00
N LEU U 919 52.78 -30.81 -55.24
CA LEU U 919 53.35 -29.65 -55.92
C LEU U 919 53.00 -28.36 -55.18
N ASP U 920 51.76 -28.23 -54.72
CA ASP U 920 51.37 -27.05 -53.97
C ASP U 920 52.10 -26.96 -52.63
N ASP U 921 52.28 -28.09 -51.94
CA ASP U 921 52.90 -28.05 -50.64
C ASP U 921 54.37 -27.69 -50.71
N SER U 922 55.07 -28.11 -51.76
CA SER U 922 56.51 -27.88 -51.80
C SER U 922 56.90 -26.43 -52.07
N ILE U 923 55.97 -25.58 -52.53
CA ILE U 923 56.34 -24.25 -53.02
C ILE U 923 55.64 -23.12 -52.28
N ARG U 924 54.59 -23.37 -51.51
CA ARG U 924 53.81 -22.29 -50.94
C ARG U 924 54.67 -21.43 -50.02
N PRO U 925 54.53 -20.10 -50.07
CA PRO U 925 55.35 -19.23 -49.23
C PRO U 925 55.05 -19.41 -47.75
N SER U 926 56.06 -19.13 -46.94
CA SER U 926 55.99 -19.31 -45.49
C SER U 926 55.88 -17.99 -44.73
N LYS U 927 55.49 -16.91 -45.41
CA LYS U 927 55.37 -15.61 -44.80
C LYS U 927 54.09 -14.95 -45.29
N GLN U 928 53.68 -13.87 -44.63
CA GLN U 928 52.45 -13.19 -44.99
C GLN U 928 52.69 -12.04 -45.97
N ASP U 929 53.80 -11.32 -45.81
CA ASP U 929 54.06 -10.17 -46.67
C ASP U 929 54.30 -10.60 -48.12
N VAL U 930 54.94 -11.76 -48.32
CA VAL U 930 55.14 -12.28 -49.66
C VAL U 930 53.80 -12.58 -50.32
N ILE U 931 52.89 -13.19 -49.57
CA ILE U 931 51.56 -13.46 -50.11
C ILE U 931 50.83 -12.17 -50.46
N ASP U 932 50.95 -11.15 -49.60
CA ASP U 932 50.30 -9.88 -49.90
C ASP U 932 50.85 -9.25 -51.17
N ARG U 933 52.18 -9.25 -51.34
CA ARG U 933 52.74 -8.64 -52.54
C ARG U 933 52.39 -9.43 -53.80
N LEU U 934 52.38 -10.77 -53.70
CA LEU U 934 52.04 -11.56 -54.87
C LEU U 934 50.58 -11.41 -55.25
N ARG U 935 49.69 -11.24 -54.26
CA ARG U 935 48.30 -10.94 -54.59
C ARG U 935 48.11 -9.51 -55.06
N SER U 936 49.01 -8.59 -54.69
CA SER U 936 48.91 -7.21 -55.12
C SER U 936 49.34 -7.03 -56.57
N TYR U 937 50.38 -7.75 -57.01
CA TYR U 937 50.86 -7.58 -58.38
C TYR U 937 49.77 -7.85 -59.41
N SER U 938 48.99 -8.93 -59.21
CA SER U 938 47.99 -9.31 -60.21
C SER U 938 46.89 -8.27 -60.32
N ASP U 939 46.57 -7.56 -59.23
CA ASP U 939 45.59 -6.50 -59.32
C ASP U 939 46.09 -5.36 -60.20
N LEU U 940 47.37 -5.00 -60.06
CA LEU U 940 47.95 -3.98 -60.94
C LEU U 940 48.20 -4.51 -62.34
N GLY U 941 48.10 -5.82 -62.56
CA GLY U 941 48.25 -6.37 -63.89
C GLY U 941 47.04 -6.14 -64.78
N ARG U 942 45.88 -5.84 -64.18
CA ARG U 942 44.67 -5.58 -64.97
C ARG U 942 44.38 -4.09 -65.08
N GLY U 943 44.18 -3.42 -63.95
CA GLY U 943 43.84 -2.02 -63.99
C GLY U 943 43.78 -1.31 -62.65
N ALA U 944 44.35 -0.11 -62.60
CA ALA U 944 44.33 0.75 -61.42
C ALA U 944 44.63 2.16 -61.87
N ALA U 945 44.69 3.08 -60.91
CA ALA U 945 44.94 4.48 -61.20
C ALA U 945 45.97 5.04 -60.22
N THR U 946 46.36 6.29 -60.45
CA THR U 946 47.32 6.96 -59.57
C THR U 946 46.72 7.21 -58.19
N ALA U 947 45.44 7.58 -58.14
CA ALA U 947 44.79 7.83 -56.86
C ALA U 947 44.71 6.56 -56.01
N LEU U 948 44.66 5.40 -56.66
CA LEU U 948 44.68 4.14 -55.91
C LEU U 948 46.00 3.93 -55.20
N GLY U 949 47.12 4.26 -55.86
CA GLY U 949 48.41 4.11 -55.22
C GLY U 949 48.57 4.97 -53.99
N THR U 950 48.13 6.22 -54.07
CA THR U 950 48.14 7.11 -52.92
C THR U 950 46.90 6.85 -52.06
N ALA U 951 46.63 7.76 -51.13
CA ALA U 951 45.43 7.72 -50.27
C ALA U 951 45.53 6.47 -49.39
N LYS U 952 44.41 5.80 -49.09
CA LYS U 952 44.43 4.68 -48.15
C LYS U 952 44.90 3.38 -48.81
N TYR U 953 44.10 2.87 -49.77
CA TYR U 953 44.26 1.55 -50.37
C TYR U 953 44.88 0.53 -49.43
N TYR U 954 46.21 0.59 -49.29
CA TYR U 954 47.01 -0.28 -48.43
C TYR U 954 47.01 -1.72 -48.91
N THR U 955 48.10 -2.44 -48.64
CA THR U 955 48.24 -3.80 -49.12
C THR U 955 47.36 -4.79 -48.35
N GLY U 956 46.82 -4.38 -47.20
CA GLY U 956 45.84 -5.18 -46.50
C GLY U 956 44.53 -5.19 -47.25
N GLU U 957 44.16 -6.35 -47.81
CA GLU U 957 43.09 -6.43 -48.80
C GLU U 957 42.18 -7.60 -48.49
N LEU U 958 40.98 -7.29 -48.00
CA LEU U 958 39.88 -8.27 -47.99
C LEU U 958 38.57 -7.70 -48.48
N ALA U 959 38.35 -6.38 -48.39
CA ALA U 959 37.12 -5.78 -48.86
C ALA U 959 37.07 -5.68 -50.38
N VAL U 960 38.24 -5.53 -51.03
CA VAL U 960 38.29 -5.46 -52.48
C VAL U 960 37.74 -6.74 -53.09
N ARG U 961 37.86 -7.85 -52.38
CA ARG U 961 37.33 -9.12 -52.85
C ARG U 961 35.80 -9.09 -52.85
N SER U 962 35.20 -10.21 -53.23
CA SER U 962 33.75 -10.32 -53.27
C SER U 962 33.20 -10.32 -51.85
N PRO U 963 31.91 -10.01 -51.70
CA PRO U 963 31.29 -10.07 -50.35
C PRO U 963 31.35 -11.46 -49.74
N PHE U 964 31.53 -12.49 -50.55
CA PHE U 964 31.58 -13.85 -50.05
C PHE U 964 32.73 -14.02 -49.06
N THR U 965 33.88 -13.40 -49.34
CA THR U 965 35.00 -13.47 -48.40
C THR U 965 34.73 -12.67 -47.15
N LYS U 966 34.09 -11.50 -47.27
CA LYS U 966 33.82 -10.68 -46.09
C LYS U 966 32.91 -11.41 -45.12
N VAL U 967 31.78 -11.90 -45.60
CA VAL U 967 30.75 -12.42 -44.69
C VAL U 967 31.20 -13.74 -44.06
N LEU U 968 31.75 -14.66 -44.85
CA LEU U 968 32.21 -15.96 -44.38
C LEU U 968 33.64 -16.13 -44.85
N ASN U 969 34.60 -15.85 -43.96
CA ASN U 969 36.00 -15.81 -44.34
C ASN U 969 36.69 -17.13 -44.08
N GLY U 970 36.41 -17.77 -42.95
CA GLY U 970 37.10 -19.01 -42.63
C GLY U 970 36.80 -20.13 -43.61
N THR U 971 35.58 -20.17 -44.13
CA THR U 971 35.16 -21.27 -45.00
C THR U 971 35.80 -21.16 -46.39
N THR U 972 36.20 -19.97 -46.81
CA THR U 972 36.62 -19.76 -48.19
C THR U 972 38.01 -20.30 -48.45
N ASN U 973 38.88 -20.36 -47.44
CA ASN U 973 40.26 -20.74 -47.65
C ASN U 973 40.38 -22.17 -48.14
N TYR U 974 39.54 -23.07 -47.62
CA TYR U 974 39.60 -24.47 -48.05
C TYR U 974 39.28 -24.60 -49.54
N LEU U 975 38.21 -23.93 -49.99
CA LEU U 975 37.85 -24.00 -51.40
C LEU U 975 38.93 -23.39 -52.27
N LEU U 976 39.50 -22.26 -51.85
CA LEU U 976 40.54 -21.63 -52.65
C LEU U 976 41.77 -22.53 -52.77
N ASP U 977 42.17 -23.16 -51.65
CA ASP U 977 43.31 -24.04 -51.65
C ASP U 977 43.06 -25.33 -52.41
N ALA U 978 41.80 -25.75 -52.57
CA ALA U 978 41.53 -26.86 -53.48
C ALA U 978 41.68 -26.42 -54.93
N GLY U 979 41.12 -25.26 -55.29
CA GLY U 979 41.16 -24.83 -56.68
C GLY U 979 42.57 -24.56 -57.18
N ARG U 980 43.43 -24.00 -56.34
CA ARG U 980 44.80 -23.72 -56.76
C ARG U 980 45.52 -25.00 -57.16
N GLN U 981 45.44 -26.02 -56.31
CA GLN U 981 46.02 -27.31 -56.64
C GLN U 981 45.36 -27.90 -57.87
N GLY U 982 44.09 -27.60 -58.09
CA GLY U 982 43.43 -28.08 -59.29
C GLY U 982 44.07 -27.55 -60.56
N PHE U 983 44.34 -26.24 -60.59
CA PHE U 983 44.81 -25.65 -61.86
C PHE U 983 46.31 -25.87 -62.10
N LEU U 984 47.09 -26.06 -61.03
CA LEU U 984 48.54 -26.23 -61.23
C LEU U 984 48.86 -27.46 -62.09
N SER U 985 48.17 -28.57 -61.83
CA SER U 985 48.44 -29.80 -62.58
C SER U 985 48.07 -29.65 -64.05
N ASP U 986 46.97 -28.95 -64.35
CA ASP U 986 46.61 -28.70 -65.74
C ASP U 986 47.69 -27.90 -66.45
N ILE U 987 48.23 -26.88 -65.78
CA ILE U 987 49.32 -26.11 -66.40
C ILE U 987 50.50 -27.01 -66.70
N VAL U 988 50.88 -27.86 -65.74
CA VAL U 988 52.03 -28.74 -65.95
C VAL U 988 51.79 -29.69 -67.11
N GLU U 989 50.60 -30.28 -67.17
CA GLU U 989 50.29 -31.25 -68.22
C GLU U 989 50.33 -30.61 -69.60
N HIS U 990 49.77 -29.40 -69.74
CA HIS U 990 49.86 -28.71 -71.02
C HIS U 990 51.30 -28.41 -71.37
N SER U 991 52.11 -28.04 -70.38
CA SER U 991 53.51 -27.73 -70.66
C SER U 991 54.26 -28.96 -71.19
N LEU U 992 53.96 -30.14 -70.65
CA LEU U 992 54.67 -31.33 -71.11
C LEU U 992 54.12 -31.86 -72.43
N THR U 993 52.84 -32.27 -72.45
CA THR U 993 52.33 -33.05 -73.57
C THR U 993 51.88 -32.22 -74.76
N GLY U 994 51.73 -30.91 -74.59
CA GLY U 994 51.28 -30.08 -75.69
C GLY U 994 49.81 -30.20 -76.03
N SER U 995 48.98 -30.67 -75.09
CA SER U 995 47.57 -30.81 -75.32
C SER U 995 46.88 -29.45 -75.38
N LYS U 996 45.59 -29.47 -75.77
CA LYS U 996 44.79 -28.25 -75.82
C LYS U 996 43.38 -28.48 -75.30
N ARG U 997 43.08 -29.64 -74.72
CA ARG U 997 41.71 -29.95 -74.29
C ARG U 997 41.30 -29.17 -73.06
N ARG U 998 42.24 -28.66 -72.28
CA ARG U 998 41.94 -27.89 -71.07
C ARG U 998 42.47 -26.47 -71.11
N PHE U 999 43.64 -26.26 -71.70
CA PHE U 999 44.25 -24.94 -71.70
C PHE U 999 43.45 -23.96 -72.56
N ASP U 1000 43.49 -22.69 -72.17
CA ASP U 1000 42.83 -21.62 -72.88
C ASP U 1000 43.76 -20.41 -72.91
N ASP U 1001 43.74 -19.67 -74.01
CA ASP U 1001 44.66 -18.56 -74.21
C ASP U 1001 44.14 -17.24 -73.65
N ARG U 1002 42.92 -17.20 -73.13
CA ARG U 1002 42.46 -16.04 -72.39
C ARG U 1002 43.04 -15.98 -70.98
N TRP U 1003 43.60 -17.10 -70.51
CA TRP U 1003 44.15 -17.15 -69.17
C TRP U 1003 45.32 -16.20 -69.01
N LEU U 1004 46.18 -16.11 -70.03
CA LEU U 1004 47.33 -15.22 -69.95
C LEU U 1004 46.88 -13.77 -69.75
N LYS U 1005 45.83 -13.36 -70.46
CA LYS U 1005 45.36 -11.99 -70.34
C LYS U 1005 44.59 -11.75 -69.04
N THR U 1006 43.87 -12.76 -68.56
CA THR U 1006 43.14 -12.61 -67.31
C THR U 1006 44.08 -12.52 -66.12
N ALA U 1007 45.11 -13.37 -66.08
CA ALA U 1007 46.03 -13.36 -64.94
C ALA U 1007 46.93 -12.14 -64.95
N GLY U 1008 47.47 -11.78 -66.11
CA GLY U 1008 48.40 -10.66 -66.18
C GLY U 1008 49.82 -11.09 -66.45
N ILE U 1009 49.99 -12.12 -67.27
CA ILE U 1009 51.31 -12.66 -67.59
C ILE U 1009 51.70 -12.18 -68.98
N SER U 1010 52.90 -11.63 -69.09
CA SER U 1010 53.45 -11.23 -70.38
C SER U 1010 54.15 -12.43 -71.03
N ASP U 1011 54.89 -12.19 -72.11
CA ASP U 1011 55.49 -13.29 -72.85
C ASP U 1011 56.70 -13.87 -72.10
N GLU U 1012 57.55 -13.01 -71.55
CA GLU U 1012 58.80 -13.47 -70.96
C GLU U 1012 58.55 -14.41 -69.78
N GLN U 1013 57.60 -14.06 -68.92
CA GLN U 1013 57.31 -14.91 -67.78
C GLN U 1013 56.80 -16.27 -68.22
N TRP U 1014 55.92 -16.29 -69.23
CA TRP U 1014 55.40 -17.56 -69.73
C TRP U 1014 56.50 -18.42 -70.32
N LYS U 1015 57.41 -17.82 -71.08
CA LYS U 1015 58.51 -18.59 -71.64
C LYS U 1015 59.40 -19.16 -70.54
N GLY U 1016 59.69 -18.36 -69.52
CA GLY U 1016 60.50 -18.86 -68.41
C GLY U 1016 59.84 -20.02 -67.68
N ILE U 1017 58.54 -19.88 -67.40
CA ILE U 1017 57.81 -20.94 -66.70
C ILE U 1017 57.85 -22.22 -67.51
N LYS U 1018 57.57 -22.11 -68.81
CA LYS U 1018 57.57 -23.29 -69.68
C LYS U 1018 58.93 -23.95 -69.70
N SER U 1019 60.00 -23.16 -69.81
CA SER U 1019 61.34 -23.71 -69.84
C SER U 1019 61.67 -24.46 -68.55
N LEU U 1020 61.35 -23.85 -67.40
CA LEU U 1020 61.67 -24.50 -66.13
C LEU U 1020 60.91 -25.81 -65.97
N ILE U 1021 59.61 -25.81 -66.28
CA ILE U 1021 58.84 -27.04 -66.13
C ILE U 1021 59.37 -28.12 -67.06
N ARG U 1022 59.68 -27.76 -68.31
CA ARG U 1022 60.24 -28.75 -69.21
C ARG U 1022 61.58 -29.27 -68.72
N GLU U 1023 62.34 -28.43 -68.01
CA GLU U 1023 63.66 -28.85 -67.55
C GLU U 1023 63.59 -29.82 -66.38
N SER U 1024 62.71 -29.58 -65.40
CA SER U 1024 62.87 -30.23 -64.10
C SER U 1024 61.91 -31.38 -63.81
N VAL U 1025 60.94 -31.67 -64.68
CA VAL U 1025 59.91 -32.66 -64.39
C VAL U 1025 59.78 -33.62 -65.57
N THR U 1026 59.57 -34.91 -65.26
CA THR U 1026 59.34 -35.93 -66.27
C THR U 1026 58.07 -36.71 -65.95
N ARG U 1027 57.41 -37.19 -67.00
CA ARG U 1027 56.19 -37.98 -66.89
C ARG U 1027 56.40 -39.33 -67.57
N GLY U 1028 55.92 -40.39 -66.93
CA GLY U 1028 56.18 -41.74 -67.40
C GLY U 1028 55.02 -42.36 -68.16
N PRO U 1029 55.31 -43.42 -68.91
CA PRO U 1029 54.23 -44.17 -69.58
C PRO U 1029 53.23 -44.77 -68.61
N ASP U 1030 53.65 -45.07 -67.39
CA ASP U 1030 52.71 -45.57 -66.38
C ASP U 1030 51.65 -44.54 -66.07
N GLY U 1031 52.03 -43.28 -65.94
CA GLY U 1031 51.09 -42.23 -65.60
C GLY U 1031 51.40 -41.59 -64.27
N LYS U 1032 52.66 -41.63 -63.85
CA LYS U 1032 53.10 -41.08 -62.58
C LYS U 1032 54.13 -39.98 -62.81
N TYR U 1033 53.95 -38.86 -62.12
CA TYR U 1033 54.87 -37.73 -62.20
C TYR U 1033 55.98 -37.86 -61.16
N THR U 1034 57.21 -37.54 -61.57
CA THR U 1034 58.35 -37.54 -60.68
C THR U 1034 59.14 -36.25 -60.87
N ILE U 1035 59.73 -35.75 -59.79
CA ILE U 1035 60.55 -34.54 -59.82
C ILE U 1035 61.98 -34.92 -59.44
N LYS U 1036 62.93 -34.53 -60.29
CA LYS U 1036 64.32 -34.98 -60.12
C LYS U 1036 64.95 -34.36 -58.87
N ASP U 1037 64.84 -33.04 -58.72
CA ASP U 1037 65.44 -32.32 -57.61
C ASP U 1037 64.38 -31.52 -56.86
N LYS U 1038 64.45 -31.55 -55.53
CA LYS U 1038 63.44 -30.89 -54.69
C LYS U 1038 63.97 -29.67 -53.98
N LYS U 1039 65.19 -29.70 -53.44
CA LYS U 1039 65.71 -28.55 -52.72
C LYS U 1039 66.01 -27.39 -53.66
N ALA U 1040 66.61 -27.68 -54.81
CA ALA U 1040 66.97 -26.63 -55.76
C ALA U 1040 65.75 -26.12 -56.53
N PHE U 1041 64.75 -26.98 -56.75
CA PHE U 1041 63.59 -26.58 -57.53
C PHE U 1041 62.83 -25.44 -56.86
N SER U 1042 62.66 -25.51 -55.55
CA SER U 1042 61.91 -24.50 -54.81
C SER U 1042 62.76 -23.29 -54.44
N GLN U 1043 63.89 -23.08 -55.10
CA GLN U 1043 64.73 -21.92 -54.82
C GLN U 1043 65.05 -21.15 -56.09
N ASP U 1044 64.03 -20.84 -56.90
CA ASP U 1044 64.21 -20.05 -58.10
C ASP U 1044 63.09 -19.02 -58.17
N GLN U 1045 63.33 -17.97 -58.97
CA GLN U 1045 62.35 -16.90 -59.09
C GLN U 1045 61.08 -17.38 -59.79
N ARG U 1046 61.19 -18.37 -60.69
CA ARG U 1046 60.06 -18.73 -61.52
C ARG U 1046 58.97 -19.48 -60.74
N ALA U 1047 59.33 -20.09 -59.61
CA ALA U 1047 58.32 -20.79 -58.83
C ALA U 1047 57.25 -19.83 -58.32
N MET U 1048 57.66 -18.62 -57.95
CA MET U 1048 56.70 -17.61 -57.51
C MET U 1048 55.78 -17.19 -58.65
N ASP U 1049 56.32 -17.05 -59.86
CA ASP U 1049 55.47 -16.75 -61.02
C ASP U 1049 54.43 -17.85 -61.23
N LEU U 1050 54.87 -19.11 -61.18
CA LEU U 1050 53.94 -20.21 -61.38
C LEU U 1050 52.84 -20.21 -60.33
N TRP U 1051 53.22 -20.07 -59.06
CA TRP U 1051 52.25 -20.07 -57.97
C TRP U 1051 51.27 -18.91 -58.11
N ARG U 1052 51.76 -17.73 -58.46
CA ARG U 1052 50.89 -16.57 -58.62
C ARG U 1052 49.89 -16.77 -59.75
N MET U 1053 50.36 -17.33 -60.88
CA MET U 1053 49.44 -17.60 -61.99
C MET U 1053 48.34 -18.55 -61.57
N GLY U 1054 48.71 -19.67 -60.94
CA GLY U 1054 47.70 -20.63 -60.52
C GLY U 1054 46.68 -20.02 -59.58
N ASP U 1055 47.15 -19.29 -58.57
CA ASP U 1055 46.24 -18.70 -57.59
C ASP U 1055 45.30 -17.70 -58.24
N THR U 1056 45.83 -16.80 -59.07
CA THR U 1056 44.99 -15.77 -59.66
C THR U 1056 43.92 -16.38 -60.55
N ILE U 1057 44.32 -17.33 -61.40
CA ILE U 1057 43.35 -17.95 -62.32
C ILE U 1057 42.25 -18.65 -61.52
N ALA U 1058 42.64 -19.44 -60.52
CA ALA U 1058 41.65 -20.18 -59.75
C ALA U 1058 40.66 -19.24 -59.07
N ASP U 1059 41.19 -18.23 -58.37
CA ASP U 1059 40.33 -17.30 -57.66
C ASP U 1059 39.36 -16.62 -58.61
N GLU U 1060 39.88 -16.01 -59.67
CA GLU U 1060 39.04 -15.22 -60.56
C GLU U 1060 37.98 -16.07 -61.24
N THR U 1061 38.34 -17.28 -61.67
CA THR U 1061 37.39 -18.09 -62.43
C THR U 1061 36.33 -18.73 -61.54
N LEU U 1062 36.70 -19.20 -60.35
CA LEU U 1062 35.77 -20.00 -59.57
C LEU U 1062 35.05 -19.24 -58.46
N LEU U 1063 35.71 -18.29 -57.80
CA LEU U 1063 35.11 -17.70 -56.61
C LEU U 1063 34.39 -16.39 -56.85
N ARG U 1064 34.81 -15.62 -57.86
CA ARG U 1064 34.24 -14.28 -58.04
C ARG U 1064 32.79 -14.33 -58.49
N PRO U 1065 32.45 -14.91 -59.65
CA PRO U 1065 31.11 -14.69 -60.21
C PRO U 1065 30.01 -15.35 -59.40
N HIS U 1066 29.18 -14.53 -58.75
CA HIS U 1066 28.03 -15.06 -58.05
C HIS U 1066 26.93 -15.45 -59.04
N LYS U 1067 25.96 -16.22 -58.54
CA LYS U 1067 24.82 -16.72 -59.30
C LYS U 1067 25.25 -17.75 -60.34
N LEU U 1068 24.39 -18.74 -60.59
CA LEU U 1068 24.75 -19.84 -61.48
C LEU U 1068 24.61 -19.47 -62.95
N SER U 1069 23.98 -18.34 -63.26
CA SER U 1069 23.80 -17.92 -64.65
C SER U 1069 24.97 -17.11 -65.17
N ASN U 1070 25.97 -16.82 -64.34
CA ASN U 1070 27.08 -15.97 -64.73
C ASN U 1070 28.36 -16.74 -65.03
N MET U 1071 28.32 -18.07 -65.01
CA MET U 1071 29.51 -18.89 -65.18
C MET U 1071 29.66 -19.32 -66.63
N ASP U 1072 30.76 -18.94 -67.25
CA ASP U 1072 31.11 -19.36 -68.60
C ASP U 1072 32.48 -20.02 -68.56
N LYS U 1074 35.08 -23.19 -70.76
CA LYS U 1074 35.26 -24.14 -71.86
C LYS U 1074 34.97 -25.57 -71.42
N ALA U 1075 35.57 -26.00 -70.32
CA ALA U 1075 35.38 -27.36 -69.80
C ALA U 1075 35.78 -27.37 -68.34
N TYR U 1076 35.34 -28.41 -67.64
CA TYR U 1076 35.56 -28.54 -66.21
C TYR U 1076 36.29 -29.84 -65.90
N GLY U 1077 37.20 -29.79 -64.92
CA GLY U 1077 38.01 -30.92 -64.56
C GLY U 1077 37.49 -31.70 -63.36
N PRO U 1078 38.36 -32.54 -62.78
CA PRO U 1078 37.91 -33.40 -61.68
C PRO U 1078 37.72 -32.68 -60.36
N ILE U 1079 38.33 -31.51 -60.17
CA ILE U 1079 38.29 -30.82 -58.89
C ILE U 1079 37.32 -29.65 -59.00
N ALA U 1080 37.15 -29.12 -60.21
CA ALA U 1080 36.20 -28.04 -60.42
C ALA U 1080 34.78 -28.48 -60.08
N LYS U 1081 34.41 -29.70 -60.46
CA LYS U 1081 33.09 -30.22 -60.14
C LYS U 1081 32.90 -30.34 -58.63
N THR U 1082 33.92 -30.83 -57.92
CA THR U 1082 33.80 -30.97 -56.47
C THR U 1082 33.64 -29.61 -55.80
N VAL U 1083 34.43 -28.63 -56.22
CA VAL U 1083 34.33 -27.30 -55.64
C VAL U 1083 32.94 -26.71 -55.91
N LEU U 1084 32.44 -26.88 -57.14
CA LEU U 1084 31.14 -26.34 -57.47
C LEU U 1084 30.04 -26.98 -56.62
N GLN U 1085 30.11 -28.28 -56.43
CA GLN U 1085 29.06 -28.96 -55.66
C GLN U 1085 29.11 -28.58 -54.18
N PHE U 1086 30.31 -28.43 -53.62
CA PHE U 1086 30.40 -27.95 -52.24
C PHE U 1086 29.83 -26.54 -52.10
N LYS U 1087 30.14 -25.66 -53.06
CA LYS U 1087 29.59 -24.31 -53.02
C LYS U 1087 28.07 -24.33 -53.11
N ASN U 1088 27.53 -25.23 -53.93
CA ASN U 1088 26.08 -25.36 -54.04
C ASN U 1088 25.47 -25.80 -52.72
N PHE U 1089 26.13 -26.75 -52.03
CA PHE U 1089 25.67 -27.16 -50.70
C PHE U 1089 25.61 -25.97 -49.75
N VAL U 1090 26.66 -25.14 -49.75
CA VAL U 1090 26.67 -23.98 -48.86
C VAL U 1090 25.52 -23.03 -49.19
N ILE U 1091 25.33 -22.74 -50.48
CA ILE U 1091 24.29 -21.79 -50.88
C ILE U 1091 22.91 -22.29 -50.47
N LYS U 1092 22.67 -23.60 -50.60
CA LYS U 1092 21.42 -24.14 -50.08
C LYS U 1092 21.32 -23.97 -48.57
N SER U 1093 22.44 -24.15 -47.87
CA SER U 1093 22.39 -24.08 -46.40
C SER U 1093 22.03 -22.69 -45.91
N ILE U 1094 22.56 -21.65 -46.55
CA ILE U 1094 22.34 -20.28 -46.04
C ILE U 1094 20.88 -19.87 -46.20
N ASN U 1095 20.24 -20.26 -47.31
CA ASN U 1095 18.91 -19.78 -47.64
C ASN U 1095 17.81 -20.35 -46.75
N GLY U 1096 18.11 -21.31 -45.90
CA GLY U 1096 17.09 -21.96 -45.09
C GLY U 1096 16.44 -21.02 -44.11
N ARG U 1097 15.46 -21.54 -43.38
CA ARG U 1097 14.77 -20.73 -42.40
C ARG U 1097 15.55 -20.61 -41.09
N THR U 1098 16.31 -21.65 -40.71
CA THR U 1098 16.98 -21.64 -39.42
C THR U 1098 18.06 -20.56 -39.36
N MET U 1099 18.92 -20.50 -40.38
CA MET U 1099 19.98 -19.50 -40.37
C MET U 1099 19.42 -18.09 -40.45
N ARG U 1100 18.36 -17.90 -41.22
CA ARG U 1100 17.74 -16.57 -41.32
C ARG U 1100 17.16 -16.13 -40.00
N THR U 1101 16.45 -17.03 -39.30
CA THR U 1101 15.88 -16.66 -38.00
C THR U 1101 16.99 -16.38 -36.99
N PHE U 1102 18.05 -17.18 -37.00
CA PHE U 1102 19.14 -16.95 -36.06
C PHE U 1102 19.81 -15.61 -36.32
N TYR U 1103 20.04 -15.26 -37.58
CA TYR U 1103 20.68 -13.98 -37.88
C TYR U 1103 19.77 -12.81 -37.52
N ASN U 1104 18.46 -12.94 -37.76
CA ASN U 1104 17.55 -11.86 -37.40
C ASN U 1104 17.50 -11.64 -35.89
N ALA U 1105 17.50 -12.72 -35.12
CA ALA U 1105 17.41 -12.57 -33.66
C ALA U 1105 18.64 -11.86 -33.10
N THR U 1106 19.83 -12.35 -33.44
CA THR U 1106 21.09 -11.76 -32.99
C THR U 1106 22.01 -11.62 -34.19
N LYS U 1107 22.58 -10.44 -34.38
CA LYS U 1107 23.39 -10.15 -35.57
C LYS U 1107 24.81 -10.68 -35.42
N ASN U 1108 24.91 -11.98 -35.18
CA ASN U 1108 26.18 -12.65 -34.91
C ASN U 1108 26.52 -13.56 -36.08
N ASN U 1109 27.42 -13.11 -36.94
CA ASN U 1109 27.83 -13.87 -38.12
C ASN U 1109 29.10 -14.69 -37.89
N ARG U 1110 29.67 -14.66 -36.69
CA ARG U 1110 30.89 -15.41 -36.43
C ARG U 1110 30.61 -16.88 -36.22
N ALA U 1111 29.40 -17.23 -35.78
CA ALA U 1111 29.10 -18.62 -35.47
C ALA U 1111 28.88 -19.45 -36.74
N MET U 1112 28.29 -18.84 -37.77
CA MET U 1112 27.98 -19.60 -38.98
C MET U 1112 29.24 -20.10 -39.67
N ASP U 1113 30.27 -19.26 -39.74
CA ASP U 1113 31.51 -19.67 -40.37
C ASP U 1113 32.17 -20.84 -39.62
N ALA U 1114 32.19 -20.75 -38.29
CA ALA U 1114 32.77 -21.83 -37.49
C ALA U 1114 31.98 -23.12 -37.67
N ALA U 1115 30.64 -23.02 -37.72
CA ALA U 1115 29.82 -24.21 -37.90
C ALA U 1115 30.05 -24.85 -39.25
N LEU U 1116 30.21 -24.04 -40.30
CA LEU U 1116 30.29 -24.58 -41.65
C LEU U 1116 31.70 -24.92 -42.11
N SER U 1117 32.74 -24.62 -41.33
CA SER U 1117 34.08 -25.01 -41.76
C SER U 1117 34.35 -26.51 -41.62
N THR U 1118 33.72 -27.16 -40.63
CA THR U 1118 34.06 -28.56 -40.32
C THR U 1118 33.71 -29.51 -41.46
N VAL U 1119 32.57 -29.28 -42.13
CA VAL U 1119 32.13 -30.20 -43.17
C VAL U 1119 33.11 -30.21 -44.33
N MET U 1120 33.63 -29.03 -44.72
CA MET U 1120 34.70 -28.99 -45.70
C MET U 1120 35.92 -29.71 -45.19
N SER U 1121 36.31 -29.42 -43.95
CA SER U 1121 37.54 -29.99 -43.40
C SER U 1121 37.52 -31.52 -43.44
N MET U 1122 36.34 -32.13 -43.29
CA MET U 1122 36.28 -33.58 -43.30
C MET U 1122 36.09 -34.18 -44.69
N GLY U 1123 35.17 -33.61 -45.48
CA GLY U 1123 34.93 -34.16 -46.80
C GLY U 1123 36.16 -34.15 -47.68
N LEU U 1124 36.95 -33.08 -47.61
CA LEU U 1124 38.13 -33.00 -48.46
C LEU U 1124 39.11 -34.13 -48.15
N ALA U 1125 39.30 -34.46 -46.87
CA ALA U 1125 40.19 -35.57 -46.51
C ALA U 1125 39.63 -36.91 -46.99
N GLY U 1126 38.32 -37.09 -46.87
CA GLY U 1126 37.72 -38.32 -47.36
C GLY U 1126 38.01 -38.56 -48.84
N MET U 1127 37.93 -37.49 -49.64
CA MET U 1127 38.17 -37.65 -51.08
C MET U 1127 39.57 -38.18 -51.38
N TYR U 1128 40.59 -37.63 -50.72
CA TYR U 1128 41.95 -38.09 -50.99
C TYR U 1128 42.16 -39.53 -50.51
N TYR U 1129 41.54 -39.91 -49.39
CA TYR U 1129 41.67 -41.31 -48.99
C TYR U 1129 41.12 -42.24 -50.07
N MET U 1130 39.94 -41.93 -50.60
CA MET U 1130 39.33 -42.79 -51.61
C MET U 1130 40.21 -42.86 -52.87
N ALA U 1131 40.74 -41.71 -53.31
CA ALA U 1131 41.57 -41.71 -54.51
C ALA U 1131 42.82 -42.55 -54.32
N GLN U 1132 43.44 -42.47 -53.15
CA GLN U 1132 44.64 -43.27 -52.89
C GLN U 1132 44.30 -44.76 -52.91
N ALA U 1133 43.18 -45.15 -52.32
CA ALA U 1133 42.80 -46.56 -52.35
C ALA U 1133 42.62 -47.06 -53.79
N HIS U 1134 41.91 -46.29 -54.61
CA HIS U 1134 41.70 -46.71 -56.00
C HIS U 1134 43.01 -46.81 -56.77
N ILE U 1135 43.91 -45.84 -56.60
CA ILE U 1135 45.15 -45.91 -57.36
C ILE U 1135 46.01 -47.08 -56.87
N LYS U 1136 45.91 -47.46 -55.61
CA LYS U 1136 46.71 -48.59 -55.12
C LYS U 1136 46.14 -49.92 -55.61
N ALA U 1137 44.82 -50.04 -55.70
CA ALA U 1137 44.22 -51.33 -56.05
C ALA U 1137 44.35 -51.68 -57.53
N TYR U 1138 45.02 -50.85 -58.34
CA TYR U 1138 45.09 -51.09 -59.78
C TYR U 1138 46.10 -52.17 -60.13
N ALA U 1139 47.13 -52.35 -59.31
CA ALA U 1139 48.28 -53.17 -59.67
C ALA U 1139 48.10 -54.65 -59.36
N MET U 1140 47.03 -55.04 -58.68
CA MET U 1140 46.82 -56.45 -58.38
C MET U 1140 46.37 -57.20 -59.63
N GLN U 1141 47.20 -58.13 -60.09
CA GLN U 1141 46.95 -58.78 -61.37
C GLN U 1141 45.79 -59.77 -61.30
N ASP U 1142 45.70 -60.53 -60.22
CA ASP U 1142 44.70 -61.57 -60.10
C ASP U 1142 43.36 -60.95 -59.71
N GLY U 1143 42.42 -61.78 -59.29
CA GLY U 1143 41.13 -61.31 -58.83
C GLY U 1143 41.09 -60.85 -57.39
N ARG U 1144 42.26 -60.66 -56.77
CA ARG U 1144 42.32 -60.22 -55.38
C ARG U 1144 41.82 -58.80 -55.20
N ASP U 1145 41.69 -58.02 -56.28
CA ASP U 1145 41.23 -56.66 -56.16
C ASP U 1145 39.82 -56.58 -55.60
N ARG U 1146 38.98 -57.58 -55.90
CA ARG U 1146 37.62 -57.58 -55.38
C ARG U 1146 37.61 -57.67 -53.86
N GLU U 1147 38.38 -58.60 -53.31
CA GLU U 1147 38.46 -58.71 -51.85
C GLU U 1147 39.10 -57.47 -51.23
N TYR U 1148 40.15 -56.95 -51.87
CA TYR U 1148 40.80 -55.76 -51.33
C TYR U 1148 39.83 -54.58 -51.29
N LEU U 1149 39.06 -54.38 -52.36
CA LEU U 1149 38.11 -53.27 -52.38
C LEU U 1149 36.96 -53.52 -51.42
N LYS U 1150 36.57 -54.76 -51.21
CA LYS U 1150 35.53 -55.05 -50.23
C LYS U 1150 36.00 -54.69 -48.83
N GLN U 1151 37.29 -54.94 -48.53
CA GLN U 1151 37.79 -54.62 -47.20
C GLN U 1151 38.06 -53.13 -47.03
N ALA U 1152 38.51 -52.45 -48.08
CA ALA U 1152 39.01 -51.08 -47.91
C ALA U 1152 37.92 -50.02 -47.97
N LEU U 1153 36.78 -50.30 -48.61
CA LEU U 1153 35.78 -49.29 -48.88
C LEU U 1153 34.53 -49.44 -48.03
N ASN U 1154 34.67 -49.87 -46.79
CA ASN U 1154 33.53 -49.86 -45.88
C ASN U 1154 33.35 -48.46 -45.30
N PRO U 1155 32.10 -48.02 -45.08
CA PRO U 1155 31.90 -46.66 -44.58
C PRO U 1155 32.54 -46.37 -43.24
N THR U 1156 32.61 -47.34 -42.33
CA THR U 1156 33.27 -47.09 -41.05
C THR U 1156 34.76 -46.84 -41.23
N MET U 1157 35.38 -47.54 -42.19
CA MET U 1157 36.78 -47.32 -42.49
C MET U 1157 37.00 -45.89 -42.99
N ILE U 1158 36.10 -45.41 -43.85
CA ILE U 1158 36.17 -44.04 -44.36
C ILE U 1158 36.03 -43.05 -43.22
N GLY U 1159 35.10 -43.30 -42.30
CA GLY U 1159 34.94 -42.41 -41.16
C GLY U 1159 36.18 -42.34 -40.29
N TYR U 1160 36.79 -43.49 -40.00
CA TYR U 1160 38.03 -43.50 -39.24
C TYR U 1160 39.12 -42.71 -39.93
N ALA U 1161 39.33 -42.96 -41.21
CA ALA U 1161 40.40 -42.26 -41.93
C ALA U 1161 40.12 -40.78 -42.07
N ALA U 1162 38.85 -40.37 -42.07
CA ALA U 1162 38.53 -38.95 -42.15
C ALA U 1162 38.75 -38.25 -40.81
N LEU U 1163 38.43 -38.92 -39.71
CA LEU U 1163 38.62 -38.29 -38.40
C LEU U 1163 40.10 -38.24 -38.01
N SER U 1164 40.83 -39.33 -38.22
CA SER U 1164 42.24 -39.35 -37.83
C SER U 1164 43.03 -38.31 -38.62
N ARG U 1165 42.74 -38.19 -39.91
CA ARG U 1165 43.35 -37.17 -40.76
C ARG U 1165 42.69 -35.84 -40.52
N SER U 1166 42.88 -34.90 -41.45
CA SER U 1166 42.31 -33.56 -41.39
C SER U 1166 43.09 -32.71 -40.39
N SER U 1167 42.55 -31.55 -40.05
CA SER U 1167 43.26 -30.56 -39.25
C SER U 1167 42.53 -30.25 -37.95
N HIS U 1168 42.08 -31.28 -37.23
CA HIS U 1168 41.65 -31.03 -35.86
C HIS U 1168 42.86 -30.96 -34.94
N LEU U 1169 43.77 -31.93 -35.08
CA LEU U 1169 45.05 -32.00 -34.37
C LEU U 1169 44.94 -31.40 -32.98
N GLY U 1170 45.72 -30.35 -32.73
CA GLY U 1170 45.52 -29.53 -31.57
C GLY U 1170 45.53 -28.08 -32.01
N GLY U 1171 45.53 -27.88 -33.31
CA GLY U 1171 45.73 -26.57 -33.89
C GLY U 1171 47.05 -26.53 -34.61
N PRO U 1172 47.66 -25.35 -34.68
CA PRO U 1172 48.99 -25.25 -35.31
C PRO U 1172 50.09 -26.03 -34.60
N LEU U 1173 49.93 -26.32 -33.31
CA LEU U 1173 50.99 -26.98 -32.56
C LEU U 1173 51.11 -28.45 -32.96
N GLY U 1174 50.07 -29.23 -32.73
CA GLY U 1174 50.07 -30.62 -33.16
C GLY U 1174 49.87 -31.64 -32.06
N VAL U 1175 49.33 -32.81 -32.43
CA VAL U 1175 49.15 -33.88 -31.47
C VAL U 1175 50.49 -34.42 -31.00
N ALA U 1176 51.49 -34.44 -31.87
CA ALA U 1176 52.81 -34.93 -31.47
C ALA U 1176 53.40 -34.12 -30.33
N ASN U 1177 52.96 -32.87 -30.18
CA ASN U 1177 53.44 -31.99 -29.12
C ASN U 1177 52.49 -31.91 -27.93
N ILE U 1178 51.19 -31.89 -28.17
CA ILE U 1178 50.24 -31.76 -27.06
C ILE U 1178 50.18 -33.04 -26.23
N LEU U 1179 50.10 -34.20 -26.91
CA LEU U 1179 49.97 -35.48 -26.23
C LEU U 1179 51.25 -36.30 -26.19
N GLY U 1180 52.39 -35.65 -26.41
CA GLY U 1180 53.64 -36.39 -26.46
C GLY U 1180 54.35 -36.58 -25.14
N GLY U 1181 53.71 -36.24 -24.02
CA GLY U 1181 54.37 -36.29 -22.74
C GLY U 1181 54.11 -37.53 -21.91
N ILE U 1182 53.33 -38.47 -22.41
CA ILE U 1182 52.96 -39.66 -21.63
C ILE U 1182 53.97 -40.77 -21.90
N ALA U 1183 54.96 -40.49 -22.74
CA ALA U 1183 56.01 -41.48 -22.99
C ALA U 1183 56.87 -41.73 -21.76
N GLY U 1184 56.90 -40.80 -20.80
CA GLY U 1184 57.72 -40.99 -19.62
C GLY U 1184 57.27 -42.17 -18.77
N TYR U 1185 55.95 -42.37 -18.67
CA TYR U 1185 55.43 -43.50 -17.91
C TYR U 1185 55.92 -44.82 -18.49
N GLU U 1186 55.81 -44.98 -19.81
CA GLU U 1186 56.28 -46.20 -20.44
C GLU U 1186 57.79 -46.35 -20.29
N ASP U 1187 58.53 -45.25 -20.40
CA ASP U 1187 59.97 -45.32 -20.27
C ASP U 1187 60.39 -45.74 -18.88
N THR U 1188 59.63 -45.34 -17.85
CA THR U 1188 59.99 -45.70 -16.49
C THR U 1188 59.47 -47.07 -16.07
N LYS U 1189 58.42 -47.58 -16.72
CA LYS U 1189 57.99 -48.94 -16.41
C LYS U 1189 59.03 -49.97 -16.85
N MET U 1190 59.50 -49.86 -18.08
CA MET U 1190 60.35 -50.90 -18.66
C MET U 1190 61.73 -50.96 -18.03
N LEU U 1191 62.16 -49.92 -17.33
CA LEU U 1191 63.49 -49.92 -16.76
C LEU U 1191 63.64 -51.01 -15.70
N ARG U 1192 62.73 -51.05 -14.73
CA ARG U 1192 62.88 -51.97 -13.61
C ARG U 1192 62.42 -53.39 -13.96
N SER U 1193 61.43 -53.53 -14.84
CA SER U 1193 60.85 -54.86 -15.09
C SER U 1193 61.84 -55.78 -15.77
N SER U 1194 62.52 -55.31 -16.80
CA SER U 1194 63.43 -56.17 -17.57
C SER U 1194 64.68 -56.52 -16.78
N VAL U 1222 62.37 -53.05 0.74
CA VAL U 1222 63.58 -52.78 -0.05
C VAL U 1222 63.20 -52.48 -1.49
N GLY U 1223 61.96 -52.04 -1.70
CA GLY U 1223 61.47 -51.75 -3.03
C GLY U 1223 61.42 -50.27 -3.36
N ASN U 1224 62.45 -49.80 -4.07
CA ASN U 1224 62.51 -48.47 -4.67
C ASN U 1224 62.71 -47.34 -3.66
N PHE U 1225 62.61 -47.65 -2.36
CA PHE U 1225 62.79 -46.67 -1.29
C PHE U 1225 62.05 -45.37 -1.58
N LEU U 1226 60.72 -45.48 -1.64
CA LEU U 1226 59.90 -44.43 -2.23
C LEU U 1226 60.15 -43.07 -1.58
N GLU U 1227 60.28 -42.04 -2.42
CA GLU U 1227 60.62 -40.70 -1.96
C GLU U 1227 59.37 -39.88 -1.72
N GLN U 1228 59.44 -38.99 -0.72
CA GLN U 1228 58.35 -38.07 -0.46
C GLN U 1228 58.51 -36.79 -1.26
N VAL U 1229 57.39 -36.13 -1.55
CA VAL U 1229 57.40 -34.86 -2.26
C VAL U 1229 57.99 -33.80 -1.34
N PRO U 1230 58.50 -32.69 -1.87
CA PRO U 1230 58.96 -31.60 -1.00
C PRO U 1230 57.82 -31.01 -0.20
N ALA U 1231 58.17 -30.06 0.68
CA ALA U 1231 57.16 -29.46 1.54
C ALA U 1231 56.07 -28.79 0.74
N PHE U 1232 56.40 -28.21 -0.41
CA PHE U 1232 55.42 -27.60 -1.28
C PHE U 1232 54.89 -28.68 -2.24
N GLY U 1233 53.58 -28.93 -2.18
CA GLY U 1233 53.01 -30.15 -2.76
C GLY U 1233 52.90 -30.15 -4.27
N TYR U 1234 53.35 -29.08 -4.95
CA TYR U 1234 53.31 -28.95 -6.40
C TYR U 1234 51.88 -28.76 -6.91
N ALA U 1235 50.89 -28.92 -6.04
CA ALA U 1235 49.54 -28.51 -6.40
C ALA U 1235 49.43 -27.00 -6.43
N ALA U 1236 50.31 -26.31 -5.72
CA ALA U 1236 50.35 -24.85 -5.69
C ALA U 1236 51.52 -24.39 -6.54
N ASN U 1237 51.22 -23.80 -7.70
CA ASN U 1237 52.22 -23.18 -8.57
C ASN U 1237 51.56 -21.98 -9.23
N VAL U 1238 52.01 -20.78 -8.85
CA VAL U 1238 51.51 -19.58 -9.50
C VAL U 1238 52.04 -19.56 -10.94
N GLY U 1239 51.14 -19.28 -11.89
CA GLY U 1239 51.52 -19.36 -13.28
C GLY U 1239 52.59 -18.34 -13.64
N ALA U 1240 53.35 -18.66 -14.68
CA ALA U 1240 54.38 -17.80 -15.25
C ALA U 1240 55.58 -17.67 -14.33
N THR U 1241 55.50 -18.22 -13.12
CA THR U 1241 56.63 -18.28 -12.21
C THR U 1241 57.10 -19.69 -11.97
N ALA U 1242 56.47 -20.68 -12.60
CA ALA U 1242 56.91 -22.06 -12.56
C ALA U 1242 57.87 -22.39 -13.69
N TYR U 1243 58.21 -21.42 -14.55
CA TYR U 1243 59.05 -21.67 -15.71
C TYR U 1243 60.38 -20.94 -15.70
N ASN U 1244 60.66 -20.13 -14.68
CA ASN U 1244 61.95 -19.45 -14.60
C ASN U 1244 63.00 -20.48 -14.17
N LEU U 1245 64.20 -20.02 -13.83
CA LEU U 1245 65.27 -20.96 -13.52
C LEU U 1245 64.94 -21.80 -12.30
N ALA U 1246 64.34 -21.19 -11.28
CA ALA U 1246 64.04 -21.93 -10.06
C ALA U 1246 62.98 -23.00 -10.31
N GLY U 1247 62.05 -22.77 -11.24
CA GLY U 1247 60.98 -23.72 -11.47
C GLY U 1247 61.44 -24.98 -12.18
N TYR U 1248 62.52 -24.90 -12.95
CA TYR U 1248 63.00 -26.08 -13.65
C TYR U 1248 63.73 -27.04 -12.72
N LEU U 1249 64.52 -26.50 -11.80
CA LEU U 1249 65.44 -27.33 -11.03
C LEU U 1249 64.79 -28.06 -9.84
N LYS U 1250 63.60 -27.65 -9.42
CA LYS U 1250 62.98 -28.20 -8.22
C LYS U 1250 61.51 -28.52 -8.45
N ALA U 1251 61.21 -29.23 -9.54
CA ALA U 1251 59.85 -29.59 -9.88
C ALA U 1251 59.66 -31.11 -9.74
N ASP U 1252 58.43 -31.54 -9.94
CA ASP U 1252 58.06 -32.94 -9.90
C ASP U 1252 57.80 -33.43 -11.32
N THR U 1253 58.42 -34.55 -11.70
CA THR U 1253 58.42 -35.02 -13.08
C THR U 1253 57.79 -36.39 -13.22
N ARG U 1254 56.63 -36.60 -12.60
CA ARG U 1254 55.84 -37.80 -12.78
C ARG U 1254 54.46 -37.45 -13.32
N VAL U 1255 53.76 -38.46 -13.80
CA VAL U 1255 52.49 -38.27 -14.50
C VAL U 1255 51.34 -38.45 -13.51
N ASN U 1256 50.38 -37.54 -13.55
CA ASN U 1256 49.15 -37.63 -12.79
C ASN U 1256 47.96 -37.44 -13.73
N GLU U 1257 46.75 -37.57 -13.18
CA GLU U 1257 45.54 -37.54 -13.99
C GLU U 1257 45.34 -36.19 -14.69
N ARG U 1258 45.89 -35.12 -14.14
CA ARG U 1258 45.68 -33.80 -14.72
C ARG U 1258 46.25 -33.72 -16.13
N ASP U 1259 47.41 -34.35 -16.35
CA ASP U 1259 47.99 -34.36 -17.69
C ASP U 1259 47.07 -35.04 -18.69
N TYR U 1260 46.52 -36.20 -18.31
CA TYR U 1260 45.59 -36.90 -19.18
C TYR U 1260 44.41 -36.01 -19.55
N MET U 1261 43.75 -35.44 -18.53
CA MET U 1261 42.55 -34.66 -18.79
C MET U 1261 42.84 -33.43 -19.64
N THR U 1262 43.92 -32.71 -19.32
CA THR U 1262 44.24 -31.49 -20.05
C THR U 1262 44.62 -31.78 -21.49
N GLY U 1263 45.47 -32.77 -21.74
CA GLY U 1263 45.83 -33.08 -23.10
C GLY U 1263 44.65 -33.55 -23.93
N MET U 1264 43.81 -34.42 -23.36
CA MET U 1264 42.65 -34.90 -24.10
C MET U 1264 41.68 -33.77 -24.41
N TYR U 1265 41.48 -32.84 -23.48
CA TYR U 1265 40.58 -31.73 -23.79
C TYR U 1265 41.17 -30.81 -24.85
N ASN U 1266 42.48 -30.55 -24.80
CA ASN U 1266 43.08 -29.66 -25.78
C ASN U 1266 43.03 -30.25 -27.19
N THR U 1267 43.17 -31.58 -27.31
CA THR U 1267 43.20 -32.17 -28.65
C THR U 1267 41.87 -32.04 -29.38
N PHE U 1268 40.75 -32.01 -28.66
CA PHE U 1268 39.41 -32.01 -29.24
C PHE U 1268 38.68 -30.70 -28.96
N ARG U 1269 39.36 -29.58 -29.11
CA ARG U 1269 38.79 -28.32 -28.65
C ARG U 1269 37.76 -27.75 -29.64
N GLU U 1270 38.16 -27.53 -30.89
CA GLU U 1270 37.28 -26.86 -31.83
C GLU U 1270 36.15 -27.75 -32.33
N LEU U 1271 36.32 -29.07 -32.26
CA LEU U 1271 35.25 -29.96 -32.68
C LEU U 1271 34.11 -30.00 -31.68
N VAL U 1272 34.44 -30.00 -30.38
CA VAL U 1272 33.42 -30.11 -29.34
C VAL U 1272 33.60 -28.93 -28.39
N PRO U 1273 33.03 -27.77 -28.69
CA PRO U 1273 33.16 -26.61 -27.81
C PRO U 1273 32.23 -26.76 -26.60
N ASN U 1274 32.27 -25.76 -25.73
CA ASN U 1274 31.44 -25.77 -24.53
C ASN U 1274 30.21 -24.87 -24.66
N ASP U 1275 29.71 -24.70 -25.88
CA ASP U 1275 28.46 -24.00 -26.13
C ASP U 1275 27.61 -24.78 -27.12
N PRO U 1276 26.29 -24.72 -27.01
CA PRO U 1276 25.42 -25.58 -27.81
C PRO U 1276 24.89 -25.00 -29.11
N ILE U 1277 25.27 -23.78 -29.51
CA ILE U 1277 24.64 -23.17 -30.69
C ILE U 1277 25.07 -23.88 -31.97
N THR U 1278 26.36 -24.23 -32.07
CA THR U 1278 26.87 -24.84 -33.29
C THR U 1278 26.19 -26.17 -33.56
N GLN U 1279 25.98 -26.97 -32.52
CA GLN U 1279 25.30 -28.25 -32.67
C GLN U 1279 23.87 -28.05 -33.16
N LYS U 1280 23.19 -27.02 -32.64
CA LYS U 1280 21.83 -26.75 -33.09
C LYS U 1280 21.79 -26.35 -34.56
N LEU U 1281 22.75 -25.53 -35.00
CA LEU U 1281 22.78 -25.15 -36.41
C LEU U 1281 23.00 -26.35 -37.32
N LEU U 1282 23.96 -27.21 -36.97
CA LEU U 1282 24.20 -28.41 -37.76
C LEU U 1282 22.96 -29.31 -37.78
N LEU U 1283 22.30 -29.46 -36.63
CA LEU U 1283 21.14 -30.32 -36.55
C LEU U 1283 20.01 -29.81 -37.44
N GLY U 1284 19.79 -28.49 -37.44
CA GLY U 1284 18.76 -27.93 -38.30
C GLY U 1284 19.05 -28.13 -39.78
N THR U 1285 20.31 -27.91 -40.18
CA THR U 1285 20.67 -28.11 -41.58
C THR U 1285 20.44 -29.56 -42.01
N PHE U 1286 20.91 -30.51 -41.19
CA PHE U 1286 20.75 -31.91 -41.55
C PHE U 1286 19.29 -32.35 -41.54
N GLU U 1287 18.46 -31.73 -40.69
CA GLU U 1287 17.03 -31.99 -40.76
C GLU U 1287 16.47 -31.55 -42.10
N GLU U 1288 16.81 -30.33 -42.53
CA GLU U 1288 16.18 -29.80 -43.73
C GLU U 1288 16.64 -30.50 -44.99
N GLN U 1289 17.89 -31.00 -45.03
CA GLN U 1289 18.40 -31.56 -46.28
C GLN U 1289 18.32 -33.09 -46.36
N GLY U 1290 18.41 -33.80 -45.25
CA GLY U 1290 18.26 -35.24 -45.25
C GLY U 1290 19.58 -35.99 -45.41
N ILE U 1291 19.57 -37.24 -44.95
CA ILE U 1291 20.75 -38.08 -44.93
C ILE U 1291 20.44 -39.41 -45.60
N HIS U 1292 21.50 -40.17 -45.88
CA HIS U 1292 21.35 -41.46 -46.55
C HIS U 1292 21.09 -42.54 -45.52
N ILE U 1293 20.01 -43.30 -45.73
CA ILE U 1293 19.52 -44.23 -44.71
C ILE U 1293 20.10 -45.63 -44.88
N LYS U 1294 20.89 -45.87 -45.92
CA LYS U 1294 21.47 -47.19 -46.20
C LYS U 1294 20.31 -48.17 -46.43
N ASP U 1295 20.50 -49.43 -46.09
CA ASP U 1295 19.47 -50.46 -46.19
C ASP U 1295 18.85 -50.52 -47.58
N MET V 1 -56.87 -13.38 -28.80
CA MET V 1 -57.62 -14.57 -28.41
C MET V 1 -59.11 -14.27 -28.54
N CYS V 2 -59.46 -12.98 -28.51
CA CYS V 2 -60.87 -12.59 -28.59
C CYS V 2 -61.38 -12.72 -30.02
N GLU V 3 -60.50 -12.93 -30.99
CA GLU V 3 -60.91 -13.04 -32.38
C GLU V 3 -61.85 -14.22 -32.55
N PRO V 4 -62.99 -14.04 -33.24
CA PRO V 4 -63.99 -15.11 -33.32
C PRO V 4 -63.47 -16.42 -33.89
N VAL V 5 -62.61 -16.33 -34.91
CA VAL V 5 -62.06 -17.52 -35.53
C VAL V 5 -60.86 -18.08 -34.77
N SER V 6 -60.34 -17.36 -33.78
CA SER V 6 -59.20 -17.85 -33.02
C SER V 6 -59.65 -18.74 -31.87
N ILE V 7 -60.84 -18.50 -31.32
CA ILE V 7 -61.32 -19.30 -30.20
C ILE V 7 -61.58 -20.75 -30.64
N GLY V 8 -61.82 -20.96 -31.93
CA GLY V 8 -62.05 -22.31 -32.42
C GLY V 8 -60.87 -23.22 -32.17
N LEU V 9 -59.66 -22.70 -32.36
CA LEU V 9 -58.47 -23.49 -32.06
C LEU V 9 -58.41 -23.88 -30.60
N GLY V 10 -58.75 -22.94 -29.71
CA GLY V 10 -58.74 -23.24 -28.30
C GLY V 10 -59.75 -24.30 -27.91
N ILE V 11 -60.97 -24.21 -28.47
CA ILE V 11 -61.96 -25.22 -28.13
C ILE V 11 -61.60 -26.58 -28.72
N MET V 12 -60.93 -26.60 -29.88
CA MET V 12 -60.36 -27.86 -30.36
C MET V 12 -59.32 -28.41 -29.40
N SER V 13 -58.46 -27.54 -28.88
CA SER V 13 -57.40 -27.99 -27.98
C SER V 13 -57.96 -28.56 -26.70
N VAL V 14 -59.02 -27.94 -26.16
CA VAL V 14 -59.53 -28.34 -24.84
C VAL V 14 -60.57 -29.45 -24.98
N ALA V 15 -61.68 -29.17 -25.68
CA ALA V 15 -62.79 -30.11 -25.73
C ALA V 15 -62.40 -31.40 -26.43
N GLY V 16 -61.73 -31.29 -27.58
CA GLY V 16 -61.15 -32.46 -28.20
C GLY V 16 -62.16 -33.38 -28.87
N ALA V 17 -61.80 -34.66 -28.96
CA ALA V 17 -62.51 -35.64 -29.77
C ALA V 17 -63.85 -36.05 -29.19
N THR V 18 -64.16 -35.67 -27.94
CA THR V 18 -65.47 -36.01 -27.39
C THR V 18 -66.60 -35.33 -28.13
N MET V 19 -66.29 -34.32 -28.94
CA MET V 19 -67.31 -33.56 -29.65
C MET V 19 -67.72 -34.26 -30.94
N SER V 20 -68.94 -33.98 -31.39
CA SER V 20 -69.49 -34.60 -32.58
C SER V 20 -68.90 -33.99 -33.84
N ALA V 21 -69.35 -34.48 -35.00
CA ALA V 21 -68.71 -34.14 -36.26
C ALA V 21 -69.01 -32.71 -36.71
N SER V 22 -70.24 -32.25 -36.50
CA SER V 22 -70.66 -30.98 -37.10
C SER V 22 -69.85 -29.80 -36.56
N GLN V 23 -69.63 -29.75 -35.25
CA GLN V 23 -68.93 -28.61 -34.68
C GLN V 23 -67.45 -28.65 -35.04
N GLN V 24 -66.86 -29.84 -35.14
CA GLN V 24 -65.52 -29.96 -35.68
C GLN V 24 -65.47 -29.42 -37.10
N ALA V 25 -66.49 -29.73 -37.90
CA ALA V 25 -66.54 -29.24 -39.28
C ALA V 25 -66.54 -27.71 -39.31
N LYS V 26 -67.39 -27.09 -38.49
CA LYS V 26 -67.43 -25.63 -38.48
C LYS V 26 -66.10 -25.04 -38.05
N ALA V 27 -65.58 -25.49 -36.90
CA ALA V 27 -64.38 -24.90 -36.33
C ALA V 27 -63.14 -25.14 -37.19
N GLU V 28 -63.15 -26.19 -38.02
CA GLU V 28 -62.03 -26.41 -38.92
C GLU V 28 -62.22 -25.75 -40.28
N GLY V 29 -63.46 -25.51 -40.70
CA GLY V 29 -63.67 -24.89 -41.99
C GLY V 29 -63.57 -23.38 -41.99
N ALA V 30 -63.78 -22.75 -40.83
CA ALA V 30 -63.69 -21.29 -40.77
C ALA V 30 -62.32 -20.79 -41.24
N ALA V 31 -61.24 -21.34 -40.69
CA ALA V 31 -59.90 -20.88 -41.04
C ALA V 31 -59.58 -21.13 -42.50
N ILE V 32 -59.96 -22.30 -43.02
CA ILE V 32 -59.67 -22.63 -44.41
C ILE V 32 -60.40 -21.68 -45.35
N ASP V 33 -61.67 -21.38 -45.05
CA ASP V 33 -62.41 -20.44 -45.88
C ASP V 33 -61.77 -19.06 -45.87
N ALA V 34 -61.35 -18.60 -44.69
CA ALA V 34 -60.71 -17.28 -44.61
C ALA V 34 -59.42 -17.25 -45.43
N GLN V 35 -58.60 -18.30 -45.31
CA GLN V 35 -57.34 -18.34 -46.05
C GLN V 35 -57.59 -18.36 -47.55
N ASN V 36 -58.57 -19.14 -48.00
CA ASN V 36 -58.87 -19.20 -49.44
C ASN V 36 -59.35 -17.86 -49.95
N ARG V 37 -60.22 -17.18 -49.20
CA ARG V 37 -60.71 -15.87 -49.63
C ARG V 37 -59.58 -14.87 -49.76
N GLN V 38 -58.69 -14.84 -48.75
CA GLN V 38 -57.54 -13.94 -48.82
C GLN V 38 -56.66 -14.25 -50.01
N ALA V 39 -56.44 -15.54 -50.29
CA ALA V 39 -55.58 -15.92 -51.41
C ALA V 39 -56.16 -15.45 -52.74
N GLN V 40 -57.46 -15.67 -52.97
CA GLN V 40 -58.05 -15.22 -54.22
C GLN V 40 -57.99 -13.71 -54.35
N GLU V 41 -58.33 -12.99 -53.28
CA GLU V 41 -58.32 -11.53 -53.35
C GLU V 41 -56.93 -11.01 -53.68
N MET V 42 -55.90 -11.64 -53.12
CA MET V 42 -54.54 -11.16 -53.37
C MET V 42 -54.03 -11.54 -54.76
N ILE V 43 -54.43 -12.70 -55.29
CA ILE V 43 -53.99 -13.07 -56.63
C ILE V 43 -54.69 -12.23 -57.70
N LYS V 44 -55.94 -11.87 -57.46
CA LYS V 44 -56.75 -11.24 -58.52
C LYS V 44 -56.21 -9.87 -58.93
N GLN V 45 -55.30 -9.28 -58.16
CA GLN V 45 -54.87 -7.92 -58.43
C GLN V 45 -53.77 -7.84 -59.48
N MET V 46 -52.87 -8.82 -59.51
CA MET V 46 -51.63 -8.73 -60.27
C MET V 46 -51.89 -9.00 -61.75
N ASN V 47 -50.81 -9.13 -62.52
CA ASN V 47 -50.88 -9.44 -63.95
C ASN V 47 -50.80 -10.95 -64.15
N TYR V 48 -50.74 -11.39 -65.40
CA TYR V 48 -50.69 -12.82 -65.72
C TYR V 48 -49.28 -13.27 -66.09
N SER V 49 -48.69 -12.68 -67.12
CA SER V 49 -47.39 -13.12 -67.59
C SER V 49 -46.30 -12.67 -66.61
N ASP V 50 -45.41 -13.59 -66.25
CA ASP V 50 -44.41 -13.35 -65.22
C ASP V 50 -43.21 -12.58 -65.73
N ALA V 51 -43.22 -12.10 -66.97
CA ALA V 51 -42.18 -11.23 -67.48
C ALA V 51 -42.51 -9.75 -67.31
N ASN V 52 -43.69 -9.43 -66.77
CA ASN V 52 -44.13 -8.05 -66.62
C ASN V 52 -44.24 -7.62 -65.16
N LEU V 53 -43.67 -8.38 -64.23
CA LEU V 53 -43.79 -8.09 -62.81
C LEU V 53 -42.42 -7.81 -62.21
N LYS V 54 -42.44 -7.18 -61.02
CA LYS V 54 -41.24 -6.94 -60.26
C LYS V 54 -40.85 -8.19 -59.49
N MET V 55 -39.63 -8.21 -58.95
CA MET V 55 -39.11 -9.44 -58.37
C MET V 55 -39.88 -9.83 -57.12
N GLN V 56 -40.27 -8.85 -56.30
CA GLN V 56 -41.04 -9.15 -55.10
C GLN V 56 -42.36 -9.82 -55.45
N GLU V 57 -43.06 -9.32 -56.47
CA GLU V 57 -44.36 -9.87 -56.83
C GLU V 57 -44.23 -11.30 -57.34
N ARG V 58 -43.15 -11.61 -58.07
CA ARG V 58 -42.95 -12.97 -58.55
C ARG V 58 -42.86 -13.96 -57.39
N ASP V 59 -42.00 -13.67 -56.41
CA ASP V 59 -41.85 -14.55 -55.27
C ASP V 59 -43.13 -14.62 -54.46
N LEU V 60 -43.82 -13.50 -54.30
CA LEU V 60 -45.06 -13.48 -53.55
C LEU V 60 -46.11 -14.38 -54.20
N LYS V 61 -46.25 -14.26 -55.53
CA LYS V 61 -47.21 -15.08 -56.25
C LYS V 61 -46.82 -16.56 -56.19
N GLU V 62 -45.53 -16.86 -56.35
CA GLU V 62 -45.10 -18.26 -56.28
C GLU V 62 -45.42 -18.87 -54.93
N GLN V 63 -45.15 -18.14 -53.85
CA GLN V 63 -45.44 -18.68 -52.53
C GLN V 63 -46.94 -18.81 -52.30
N GLN V 64 -47.72 -17.85 -52.76
CA GLN V 64 -49.14 -17.81 -52.47
C GLN V 64 -49.95 -18.76 -53.34
N MET V 65 -49.40 -19.21 -54.47
CA MET V 65 -50.19 -19.99 -55.43
C MET V 65 -50.50 -21.38 -54.89
N ALA V 66 -49.59 -21.96 -54.10
CA ALA V 66 -49.70 -23.37 -53.73
C ALA V 66 -50.96 -23.70 -52.94
N GLU V 67 -51.62 -22.70 -52.36
CA GLU V 67 -52.80 -22.95 -51.54
C GLU V 67 -54.02 -23.38 -52.36
N LEU V 68 -53.96 -23.31 -53.68
CA LEU V 68 -55.13 -23.57 -54.50
C LEU V 68 -55.03 -24.85 -55.33
N THR V 69 -53.90 -25.56 -55.29
CA THR V 69 -53.74 -26.73 -56.14
C THR V 69 -54.55 -27.92 -55.61
N GLU V 70 -54.94 -28.80 -56.53
CA GLU V 70 -55.53 -30.09 -56.19
C GLU V 70 -54.82 -31.17 -56.98
N THR V 71 -54.77 -32.38 -56.40
CA THR V 71 -53.94 -33.44 -56.94
C THR V 71 -54.67 -34.74 -57.22
N THR V 72 -55.85 -34.95 -56.62
CA THR V 72 -56.46 -36.27 -56.68
C THR V 72 -57.40 -36.43 -57.89
N LEU V 73 -58.39 -35.55 -58.02
CA LEU V 73 -59.48 -35.76 -58.97
C LEU V 73 -59.29 -35.04 -60.30
N ASN V 74 -58.06 -34.94 -60.79
CA ASN V 74 -57.81 -34.21 -62.02
C ASN V 74 -58.45 -34.90 -63.23
N GLY V 75 -58.41 -36.23 -63.26
CA GLY V 75 -58.90 -36.95 -64.42
C GLY V 75 -60.36 -36.68 -64.71
N ILE V 76 -61.18 -36.61 -63.66
CA ILE V 76 -62.60 -36.36 -63.84
C ILE V 76 -62.84 -35.01 -64.51
N ARG V 77 -62.06 -33.99 -64.12
CA ARG V 77 -62.17 -32.69 -64.77
C ARG V 77 -61.72 -32.75 -66.22
N ASN V 78 -60.53 -33.30 -66.46
CA ASN V 78 -59.95 -33.25 -67.80
C ASN V 78 -60.66 -34.16 -68.79
N GLN V 79 -61.54 -35.04 -68.31
CA GLN V 79 -62.24 -35.97 -69.20
C GLN V 79 -63.01 -35.24 -70.29
N GLY V 80 -63.71 -34.16 -69.95
CA GLY V 80 -64.49 -33.45 -70.95
C GLY V 80 -63.63 -32.83 -72.04
N MET V 81 -62.52 -32.20 -71.64
CA MET V 81 -61.62 -31.61 -72.62
C MET V 81 -61.03 -32.67 -73.54
N VAL V 82 -60.63 -33.82 -72.98
CA VAL V 82 -60.07 -34.87 -73.82
C VAL V 82 -61.13 -35.40 -74.78
N ARG V 83 -62.37 -35.55 -74.30
CA ARG V 83 -63.45 -36.00 -75.16
C ARG V 83 -63.69 -35.04 -76.32
N ALA V 84 -63.71 -33.75 -76.02
CA ALA V 84 -63.93 -32.76 -77.08
C ALA V 84 -62.79 -32.78 -78.09
N ALA V 85 -61.55 -32.92 -77.60
CA ALA V 85 -60.41 -32.95 -78.52
C ALA V 85 -60.45 -34.18 -79.42
N VAL V 86 -60.78 -35.34 -78.85
CA VAL V 86 -60.76 -36.58 -79.62
C VAL V 86 -61.90 -36.60 -80.62
N ALA V 87 -63.09 -36.12 -80.22
CA ALA V 87 -64.26 -36.24 -81.08
C ALA V 87 -64.07 -35.52 -82.41
N GLU V 88 -63.49 -34.32 -82.38
CA GLU V 88 -63.30 -33.54 -83.60
C GLU V 88 -61.85 -33.54 -84.05
N ASP V 106 -75.80 -41.17 -66.82
CA ASP V 106 -76.53 -42.34 -66.33
C ASP V 106 -76.97 -42.15 -64.89
N THR V 107 -77.53 -43.19 -64.31
CA THR V 107 -78.04 -43.13 -62.93
C THR V 107 -77.59 -44.35 -62.15
N VAL V 108 -76.29 -44.67 -62.24
CA VAL V 108 -75.64 -45.73 -61.47
C VAL V 108 -76.19 -47.10 -61.83
N LYS V 109 -77.52 -47.24 -61.92
CA LYS V 109 -78.11 -48.52 -62.26
C LYS V 109 -77.65 -49.00 -63.63
N GLU V 110 -77.50 -48.07 -64.58
CA GLU V 110 -77.04 -48.42 -65.91
C GLU V 110 -75.60 -48.94 -65.91
N ARG V 111 -74.83 -48.66 -64.86
CA ARG V 111 -73.48 -49.18 -64.75
C ARG V 111 -73.50 -50.66 -64.36
N ALA V 112 -72.40 -51.34 -64.67
CA ALA V 112 -72.25 -52.76 -64.38
C ALA V 112 -71.22 -52.97 -63.28
N GLY V 113 -71.54 -53.87 -62.36
CA GLY V 113 -70.67 -54.16 -61.24
C GLY V 113 -70.93 -53.34 -59.99
N ILE V 114 -71.86 -52.38 -60.04
CA ILE V 114 -72.18 -51.53 -58.91
C ILE V 114 -73.68 -51.57 -58.68
N THR V 115 -74.09 -51.80 -57.44
CA THR V 115 -75.51 -51.80 -57.10
C THR V 115 -76.00 -50.38 -56.87
N GLU V 116 -77.30 -50.23 -56.61
CA GLU V 116 -77.85 -48.92 -56.32
C GLU V 116 -77.29 -48.34 -55.04
N SER V 117 -76.88 -49.20 -54.10
CA SER V 117 -76.29 -48.77 -52.84
C SER V 117 -74.81 -48.45 -52.95
N TYR V 118 -74.31 -48.25 -54.18
CA TYR V 118 -72.91 -47.92 -54.43
C TYR V 118 -71.96 -48.97 -53.87
N ASN V 119 -72.36 -50.24 -53.94
CA ASN V 119 -71.51 -51.34 -53.52
C ASN V 119 -71.37 -52.35 -54.65
N ARG V 120 -70.27 -53.09 -54.61
CA ARG V 120 -69.94 -54.00 -55.71
C ARG V 120 -70.94 -55.15 -55.79
N ASP V 121 -71.21 -55.60 -57.00
CA ASP V 121 -72.16 -56.67 -57.28
C ASP V 121 -71.38 -57.92 -57.68
N TYR V 122 -71.10 -58.77 -56.70
CA TYR V 122 -70.28 -59.96 -56.96
C TYR V 122 -70.98 -60.94 -57.89
N ALA V 123 -72.32 -60.96 -57.88
CA ALA V 123 -73.04 -61.91 -58.72
C ALA V 123 -72.73 -61.70 -60.20
N ALA V 124 -72.86 -60.46 -60.67
CA ALA V 124 -72.54 -60.16 -62.06
C ALA V 124 -71.07 -60.37 -62.34
N ILE V 125 -70.20 -59.96 -61.41
CA ILE V 125 -68.76 -60.08 -61.61
C ILE V 125 -68.38 -61.54 -61.84
N PHE V 126 -68.93 -62.45 -61.04
CA PHE V 126 -68.53 -63.84 -61.10
C PHE V 126 -69.31 -64.66 -62.12
N GLY V 127 -70.51 -64.24 -62.50
CA GLY V 127 -71.28 -64.98 -63.48
C GLY V 127 -71.13 -64.48 -64.91
N ASN V 128 -71.32 -63.18 -65.12
CA ASN V 128 -71.30 -62.63 -66.46
C ASN V 128 -69.90 -62.37 -66.98
N ARG V 129 -68.88 -62.57 -66.14
CA ARG V 129 -67.47 -62.40 -66.54
C ARG V 129 -67.22 -60.99 -67.06
N ILE V 130 -67.41 -60.03 -66.16
CA ILE V 130 -67.25 -58.61 -66.50
C ILE V 130 -65.78 -58.26 -66.46
N ALA V 131 -65.25 -57.77 -67.57
CA ALA V 131 -63.82 -57.51 -67.67
C ALA V 131 -63.42 -56.28 -66.85
N ASN V 132 -64.19 -55.20 -66.93
CA ASN V 132 -63.82 -53.94 -66.30
C ASN V 132 -64.99 -53.36 -65.53
N ILE V 133 -64.67 -52.69 -64.43
CA ILE V 133 -65.67 -52.02 -63.61
C ILE V 133 -65.69 -50.54 -63.96
N GLU V 134 -66.91 -50.00 -64.13
CA GLU V 134 -67.11 -48.66 -64.71
C GLU V 134 -67.14 -47.62 -63.59
N ASN V 135 -65.95 -47.11 -63.26
CA ASN V 135 -65.90 -46.00 -62.31
C ASN V 135 -66.50 -44.72 -62.89
N THR V 136 -66.07 -44.35 -64.09
CA THR V 136 -66.42 -43.07 -64.68
C THR V 136 -67.07 -43.28 -66.04
N GLN V 137 -67.41 -42.16 -66.67
CA GLN V 137 -67.85 -42.19 -68.05
C GLN V 137 -66.68 -42.52 -68.96
N SER V 138 -66.98 -42.90 -70.19
CA SER V 138 -66.04 -43.37 -71.21
C SER V 138 -65.47 -44.73 -70.89
N ALA V 139 -65.82 -45.34 -69.75
CA ALA V 139 -65.52 -46.76 -69.56
C ALA V 139 -66.27 -47.61 -70.57
N ILE V 140 -67.49 -47.20 -70.92
CA ILE V 140 -68.17 -47.78 -72.06
C ILE V 140 -67.44 -47.37 -73.33
N ARG V 141 -67.10 -48.36 -74.17
CA ARG V 141 -66.28 -48.19 -75.37
C ARG V 141 -65.09 -47.25 -75.11
N GLY V 142 -64.73 -46.43 -76.09
CA GLY V 142 -63.68 -45.46 -75.91
C GLY V 142 -62.32 -45.94 -76.36
N GLN V 143 -61.80 -45.35 -77.43
CA GLN V 143 -60.51 -45.70 -78.00
C GLN V 143 -59.41 -44.72 -77.60
N GLY V 144 -59.68 -43.81 -76.67
CA GLY V 144 -58.69 -42.82 -76.27
C GLY V 144 -57.54 -43.38 -75.46
N LYS V 145 -57.75 -44.54 -74.82
CA LYS V 145 -56.73 -45.20 -74.01
C LYS V 145 -56.37 -44.39 -72.77
N ILE V 146 -55.24 -43.68 -72.82
CA ILE V 146 -54.62 -43.06 -71.65
C ILE V 146 -54.32 -44.18 -70.66
N ILE V 147 -53.22 -44.88 -70.89
CA ILE V 147 -52.85 -46.02 -70.06
C ILE V 147 -51.80 -45.60 -69.04
N LYS V 148 -51.91 -46.13 -67.83
CA LYS V 148 -51.05 -45.71 -66.74
C LYS V 148 -49.60 -46.09 -67.02
N THR V 149 -48.69 -45.18 -66.65
CA THR V 149 -47.26 -45.39 -66.79
C THR V 149 -46.58 -45.12 -65.45
N SER V 150 -45.27 -45.31 -65.41
CA SER V 150 -44.50 -45.12 -64.20
C SER V 150 -43.50 -43.98 -64.37
N PRO V 151 -43.46 -43.01 -63.46
CA PRO V 151 -42.56 -41.86 -63.64
C PRO V 151 -41.09 -42.23 -63.74
N LEU V 152 -40.62 -43.21 -62.97
CA LEU V 152 -39.18 -43.47 -62.92
C LEU V 152 -38.69 -44.13 -64.18
N ALA V 153 -39.45 -45.09 -64.73
CA ALA V 153 -39.06 -45.69 -66.00
C ALA V 153 -39.10 -44.66 -67.11
N HIS V 154 -40.09 -43.77 -67.10
CA HIS V 154 -40.16 -42.71 -68.09
C HIS V 154 -38.93 -41.81 -68.00
N ALA V 155 -38.52 -41.44 -66.78
CA ALA V 155 -37.33 -40.61 -66.62
C ALA V 155 -36.08 -41.35 -67.10
N LEU V 156 -35.99 -42.65 -66.83
CA LEU V 156 -34.85 -43.42 -67.30
C LEU V 156 -34.81 -43.54 -68.82
N ASN V 157 -35.96 -43.48 -69.48
CA ASN V 157 -35.99 -43.57 -70.94
C ASN V 157 -35.23 -42.43 -71.59
N VAL V 158 -35.47 -41.19 -71.15
CA VAL V 158 -34.90 -40.03 -71.84
C VAL V 158 -33.40 -39.93 -71.60
N ALA V 159 -32.96 -40.21 -70.37
CA ALA V 159 -31.56 -40.03 -70.02
C ALA V 159 -30.66 -41.04 -70.72
N GLU W 38 36.14 69.65 -15.74
CA GLU W 38 35.10 69.95 -14.75
C GLU W 38 34.23 71.11 -15.23
N SER W 39 34.65 72.34 -14.92
CA SER W 39 33.97 73.56 -15.36
C SER W 39 32.51 73.60 -14.94
N GLY W 40 32.20 73.07 -13.76
CA GLY W 40 30.85 73.09 -13.25
C GLY W 40 30.79 72.53 -11.85
N VAL W 41 29.66 72.75 -11.20
CA VAL W 41 29.40 72.26 -9.85
C VAL W 41 30.51 72.73 -8.92
N ARG W 42 31.44 71.83 -8.60
CA ARG W 42 32.64 72.15 -7.82
C ARG W 42 32.32 72.66 -6.41
N ALA W 43 31.05 72.61 -6.02
CA ALA W 43 30.65 72.92 -4.65
C ALA W 43 29.96 71.76 -3.97
N LEU W 44 29.03 71.10 -4.67
CA LEU W 44 28.48 69.85 -4.16
C LEU W 44 29.56 68.80 -4.01
N GLY W 45 30.62 68.88 -4.82
CA GLY W 45 31.72 67.94 -4.68
C GLY W 45 32.39 68.03 -3.32
N LYS W 46 32.75 69.25 -2.91
CA LYS W 46 33.37 69.39 -1.59
C LYS W 46 32.36 69.11 -0.48
N ASN W 47 31.09 69.50 -0.69
CA ASN W 47 30.06 69.20 0.30
C ASN W 47 29.98 67.71 0.56
N LEU W 48 29.93 66.90 -0.51
CA LEU W 48 29.88 65.46 -0.34
C LEU W 48 31.20 64.91 0.20
N LEU W 49 32.33 65.58 -0.10
CA LEU W 49 33.58 65.15 0.51
C LEU W 49 33.54 65.28 2.03
N SER W 50 33.10 66.43 2.51
CA SER W 50 32.97 66.62 3.97
C SER W 50 31.95 65.65 4.56
N TYR W 51 30.81 65.47 3.88
CA TYR W 51 29.80 64.55 4.37
C TYR W 51 30.33 63.14 4.50
N GLY W 52 31.09 62.68 3.50
CA GLY W 52 31.68 61.36 3.56
C GLY W 52 32.81 61.25 4.55
N ARG W 53 33.48 62.36 4.86
CA ARG W 53 34.50 62.33 5.90
C ARG W 53 33.87 62.21 7.28
N GLN W 54 32.70 62.82 7.48
CA GLN W 54 32.03 62.72 8.78
C GLN W 54 31.43 61.33 9.02
N GLY W 55 31.19 60.54 7.97
CA GLY W 55 30.75 59.18 8.15
C GLY W 55 29.31 58.85 7.79
N TYR W 56 28.79 59.43 6.72
CA TYR W 56 27.44 59.13 6.25
C TYR W 56 27.48 58.01 5.21
N ASP W 57 26.66 56.99 5.42
CA ASP W 57 26.69 55.82 4.55
C ASP W 57 25.84 56.00 3.30
N SER W 58 24.53 56.11 3.47
CA SER W 58 23.58 55.82 2.41
C SER W 58 22.94 57.09 1.87
N ILE W 59 22.02 56.88 0.91
CA ILE W 59 21.31 58.00 0.29
C ILE W 59 20.33 58.62 1.27
N GLU W 60 19.63 57.79 2.05
CA GLU W 60 18.58 58.30 2.92
C GLU W 60 19.12 59.31 3.91
N LYS W 61 20.26 59.02 4.52
CA LYS W 61 20.78 59.92 5.54
C LYS W 61 21.17 61.27 4.94
N ILE W 62 21.86 61.26 3.80
CA ILE W 62 22.28 62.51 3.17
C ILE W 62 21.07 63.33 2.77
N ILE W 63 20.08 62.69 2.16
CA ILE W 63 18.91 63.43 1.69
C ILE W 63 18.10 63.97 2.87
N ASN W 64 17.95 63.17 3.93
CA ASN W 64 17.20 63.63 5.09
C ASN W 64 17.89 64.80 5.78
N ARG W 65 19.23 64.79 5.85
CA ARG W 65 19.91 65.96 6.38
C ARG W 65 19.75 67.16 5.44
N TRP W 66 19.76 66.91 4.12
CA TRP W 66 19.66 67.98 3.14
C TRP W 66 18.30 68.67 3.19
N ALA W 67 17.23 67.88 3.36
CA ALA W 67 15.87 68.41 3.39
C ALA W 67 15.05 67.66 4.44
N PRO W 68 14.71 68.29 5.56
CA PRO W 68 14.02 67.59 6.65
C PRO W 68 12.73 66.95 6.17
N PRO W 69 12.42 65.75 6.66
CA PRO W 69 11.20 65.06 6.19
C PRO W 69 9.90 65.78 6.54
N ASN W 70 9.87 66.51 7.66
CA ASN W 70 8.61 67.11 8.11
C ASN W 70 8.19 68.26 7.21
N GLU W 71 9.15 69.04 6.71
CA GLU W 71 8.80 70.25 5.97
C GLU W 71 8.28 69.95 4.56
N ASN W 72 8.91 69.02 3.84
CA ASN W 72 8.61 68.88 2.42
C ASN W 72 8.97 67.47 1.93
N ASP W 73 7.94 66.62 1.80
CA ASP W 73 8.01 65.36 1.06
C ASP W 73 9.22 64.49 1.42
N THR W 74 10.26 64.56 0.60
CA THR W 74 11.42 63.66 0.69
C THR W 74 11.01 62.20 0.55
N LYS W 75 9.99 61.94 -0.26
CA LYS W 75 9.64 60.59 -0.65
C LYS W 75 9.73 60.38 -2.16
N ALA W 76 9.19 61.30 -2.94
CA ALA W 76 9.38 61.27 -4.39
C ALA W 76 10.69 61.91 -4.81
N TYR W 77 11.39 62.58 -3.88
CA TYR W 77 12.71 63.13 -4.12
C TYR W 77 13.82 62.12 -3.90
N ILE W 78 13.50 60.94 -3.38
CA ILE W 78 14.47 59.86 -3.25
C ILE W 78 14.44 58.94 -4.46
N ASP W 79 13.24 58.64 -4.97
CA ASP W 79 13.12 57.77 -6.14
C ASP W 79 13.79 58.39 -7.36
N SER W 80 13.67 59.71 -7.51
CA SER W 80 14.28 60.37 -8.66
C SER W 80 15.81 60.28 -8.62
N VAL W 81 16.39 59.95 -7.47
CA VAL W 81 17.84 59.82 -7.37
C VAL W 81 18.23 58.36 -7.47
N VAL W 82 17.40 57.47 -6.92
CA VAL W 82 17.73 56.04 -7.04
C VAL W 82 17.60 55.58 -8.49
N ALA W 83 16.65 56.13 -9.24
CA ALA W 83 16.45 55.68 -10.62
C ALA W 83 17.54 56.19 -11.56
N ALA W 84 18.09 57.38 -11.30
CA ALA W 84 19.06 58.00 -12.19
C ALA W 84 20.50 57.70 -11.81
N THR W 85 20.72 56.86 -10.81
CA THR W 85 22.10 56.56 -10.42
C THR W 85 22.40 55.07 -10.37
N GLY W 86 21.47 54.25 -9.86
CA GLY W 86 21.62 52.80 -9.82
C GLY W 86 21.60 52.21 -8.42
N ILE W 87 22.18 52.91 -7.46
CA ILE W 87 22.32 52.40 -6.09
C ILE W 87 20.96 52.41 -5.39
N PRO W 88 20.47 51.28 -4.89
CA PRO W 88 19.24 51.29 -4.10
C PRO W 88 19.38 52.12 -2.83
N ALA W 89 18.25 52.37 -2.18
CA ALA W 89 18.20 53.34 -1.09
C ALA W 89 18.99 52.88 0.12
N THR W 90 18.81 51.63 0.54
CA THR W 90 19.38 51.14 1.79
C THR W 90 20.84 50.68 1.65
N GLN W 91 21.26 50.28 0.46
CA GLN W 91 22.60 49.77 0.23
C GLN W 91 23.65 50.82 0.58
N SER W 92 24.80 50.34 1.06
CA SER W 92 25.89 51.20 1.50
C SER W 92 26.61 51.85 0.32
N LEU W 93 27.37 52.90 0.62
CA LEU W 93 28.12 53.65 -0.36
C LEU W 93 29.60 53.67 -0.01
N ASP W 94 30.40 54.15 -0.95
CA ASP W 94 31.84 54.36 -0.77
C ASP W 94 32.18 55.65 -1.51
N LEU W 95 32.18 56.78 -0.80
CA LEU W 95 32.39 58.08 -1.42
C LEU W 95 33.84 58.34 -1.79
N SER W 96 34.76 57.41 -1.51
CA SER W 96 36.14 57.56 -1.95
C SER W 96 36.31 57.27 -3.43
N ASN W 97 35.35 56.59 -4.07
CA ASN W 97 35.44 56.29 -5.49
C ASN W 97 34.82 57.40 -6.32
N GLN W 98 35.50 57.77 -7.41
CA GLN W 98 35.03 58.88 -8.24
C GLN W 98 33.80 58.47 -9.05
N ASP W 99 33.67 57.18 -9.37
CA ASP W 99 32.48 56.71 -10.08
C ASP W 99 31.22 56.91 -9.26
N THR W 100 31.31 56.77 -7.93
CA THR W 100 30.16 56.97 -7.06
C THR W 100 30.05 58.41 -6.58
N LEU W 101 31.06 59.25 -6.85
CA LEU W 101 31.03 60.65 -6.43
C LEU W 101 30.48 61.56 -7.53
N SER W 102 31.09 61.57 -8.71
CA SER W 102 30.63 62.45 -9.77
C SER W 102 29.23 62.09 -10.24
N ALA W 103 28.84 60.82 -10.06
CA ALA W 103 27.49 60.41 -10.42
C ALA W 103 26.45 61.10 -9.54
N LEU W 104 26.72 61.23 -8.25
CA LEU W 104 25.76 61.82 -7.33
C LEU W 104 25.67 63.33 -7.45
N ALA W 105 26.79 64.00 -7.74
CA ALA W 105 26.77 65.44 -7.86
C ALA W 105 25.91 65.90 -9.03
N GLN W 106 25.93 65.14 -10.12
CA GLN W 106 25.20 65.54 -11.31
C GLN W 106 23.69 65.30 -11.15
N ALA W 107 23.33 64.29 -10.36
CA ALA W 107 21.92 63.92 -10.19
C ALA W 107 21.20 64.76 -9.15
N ILE W 108 21.90 65.68 -8.48
CA ILE W 108 21.28 66.58 -7.50
C ILE W 108 21.12 67.98 -8.07
N SER W 109 22.14 68.49 -8.76
CA SER W 109 22.10 69.85 -9.28
C SER W 109 20.96 70.03 -10.26
N PHE W 110 20.68 69.00 -11.06
CA PHE W 110 19.54 69.06 -11.97
C PHE W 110 18.23 69.24 -11.22
N HIS W 111 18.08 68.52 -10.10
CA HIS W 111 16.81 68.56 -9.38
C HIS W 111 16.61 69.91 -8.70
N GLU W 112 17.70 70.57 -8.28
CA GLU W 112 17.58 71.91 -7.72
C GLU W 112 17.09 72.90 -8.78
N THR W 113 17.65 72.82 -9.99
CA THR W 113 17.30 73.76 -11.04
C THR W 113 16.62 73.05 -12.20
N ILE W 133 13.26 80.04 -27.06
CA ILE W 133 14.69 79.72 -27.05
C ILE W 133 14.89 78.21 -27.03
N SER W 134 14.57 77.58 -25.89
CA SER W 134 14.71 76.13 -25.75
C SER W 134 13.75 75.65 -24.66
N PRO W 135 12.51 75.33 -25.03
CA PRO W 135 11.56 74.83 -24.04
C PRO W 135 11.72 73.34 -23.79
N LYS W 136 10.81 72.75 -23.01
CA LYS W 136 10.74 71.34 -22.66
C LYS W 136 11.87 70.89 -21.75
N THR W 137 12.78 71.80 -21.36
CA THR W 137 13.91 71.52 -20.47
C THR W 137 14.66 70.29 -20.95
N PRO W 138 15.38 70.37 -22.07
CA PRO W 138 16.05 69.19 -22.60
C PRO W 138 17.33 68.91 -21.85
N PRO W 139 17.60 67.65 -21.51
CA PRO W 139 18.88 67.33 -20.85
C PRO W 139 20.09 67.60 -21.73
N VAL W 140 20.11 67.05 -22.94
CA VAL W 140 21.27 67.18 -23.82
C VAL W 140 20.80 67.63 -25.20
N SER W 141 21.68 68.33 -25.91
CA SER W 141 21.39 68.81 -27.25
C SER W 141 22.70 69.18 -27.94
N ALA W 142 22.58 69.87 -29.07
CA ALA W 142 23.69 70.39 -29.87
C ALA W 142 24.49 69.30 -30.58
N ASN W 143 25.73 69.07 -30.13
CA ASN W 143 26.66 68.26 -30.90
C ASN W 143 26.36 66.77 -30.85
N VAL W 144 25.76 66.28 -29.76
CA VAL W 144 25.54 64.85 -29.63
C VAL W 144 24.55 64.35 -30.69
N VAL W 216 -4.34 74.20 -32.87
CA VAL W 216 -5.55 73.74 -32.18
C VAL W 216 -5.17 73.03 -30.89
N LYS W 217 -5.85 73.38 -29.80
CA LYS W 217 -5.59 72.81 -28.50
C LYS W 217 -6.84 72.33 -27.78
N ASN W 218 -8.02 72.57 -28.34
CA ASN W 218 -9.26 72.36 -27.60
C ASN W 218 -9.50 70.88 -27.33
N SER W 219 -9.32 70.03 -28.34
CA SER W 219 -9.78 68.65 -28.23
C SER W 219 -9.08 67.87 -27.12
N MET W 220 -7.79 67.57 -27.32
CA MET W 220 -6.99 66.90 -26.29
C MET W 220 -5.57 67.43 -26.20
N VAL W 221 -5.12 68.22 -27.17
CA VAL W 221 -3.71 68.57 -27.28
C VAL W 221 -3.24 69.39 -26.08
N GLY W 222 -4.05 70.34 -25.63
CA GLY W 222 -3.67 71.14 -24.48
C GLY W 222 -3.47 70.29 -23.24
N VAL W 223 -4.40 69.37 -22.97
CA VAL W 223 -4.28 68.50 -21.82
C VAL W 223 -3.07 67.58 -21.98
N ALA W 224 -2.85 67.07 -23.19
CA ALA W 224 -1.79 66.09 -23.39
C ALA W 224 -0.42 66.70 -23.14
N ILE W 225 -0.11 67.83 -23.79
CA ILE W 225 1.21 68.44 -23.57
C ILE W 225 1.30 69.07 -22.18
N ARG W 226 0.24 69.74 -21.73
CA ARG W 226 0.38 70.50 -20.49
C ARG W 226 0.48 69.62 -19.25
N ALA W 227 0.27 68.31 -19.36
CA ALA W 227 0.27 67.45 -18.18
C ALA W 227 1.56 66.67 -17.98
N GLY W 228 2.38 66.52 -19.01
CA GLY W 228 3.62 65.76 -18.84
C GLY W 228 4.67 66.55 -18.08
N GLN W 229 5.53 65.81 -17.38
CA GLN W 229 6.65 66.39 -16.64
C GLN W 229 7.93 65.66 -17.01
N THR W 230 9.02 66.39 -17.07
CA THR W 230 10.30 65.81 -17.44
C THR W 230 10.99 65.20 -16.23
N GLU W 231 11.71 64.11 -16.47
CA GLU W 231 12.47 63.40 -15.44
C GLU W 231 13.86 63.10 -15.98
N ASP W 232 14.77 62.74 -15.07
CA ASP W 232 16.14 62.44 -15.47
C ASP W 232 16.22 61.09 -16.16
N SER W 233 17.24 60.94 -17.01
CA SER W 233 17.39 59.74 -17.82
C SER W 233 17.83 58.55 -16.97
N LEU W 234 17.52 57.35 -17.47
CA LEU W 234 17.83 56.11 -16.77
C LEU W 234 19.32 55.76 -16.90
N ASP W 235 19.75 54.81 -16.09
CA ASP W 235 21.10 54.23 -16.17
C ASP W 235 20.95 52.72 -16.34
N VAL W 236 21.17 52.24 -17.56
CA VAL W 236 20.83 50.86 -17.90
C VAL W 236 21.75 49.87 -17.22
N ILE W 237 23.05 50.17 -17.17
CA ILE W 237 24.02 49.20 -16.67
C ILE W 237 23.78 48.93 -15.19
N GLY W 238 23.59 49.98 -14.41
CA GLY W 238 23.39 49.79 -12.98
C GLY W 238 22.09 49.07 -12.64
N ASP W 239 21.04 49.31 -13.42
CA ASP W 239 19.74 48.74 -13.10
C ASP W 239 19.74 47.23 -13.25
N VAL W 240 20.44 46.70 -14.24
CA VAL W 240 20.37 45.27 -14.55
C VAL W 240 21.39 44.48 -13.73
N PHE W 241 22.66 44.90 -13.74
CA PHE W 241 23.71 44.10 -13.12
C PHE W 241 23.97 44.48 -11.66
N ASN W 242 23.94 45.77 -11.33
CA ASN W 242 24.24 46.28 -9.99
C ASN W 242 25.63 45.86 -9.55
N PRO W 243 26.68 46.46 -10.11
CA PRO W 243 28.05 46.01 -9.84
C PRO W 243 28.76 46.69 -8.67
N THR W 244 28.07 47.46 -7.84
CA THR W 244 28.72 48.08 -6.68
C THR W 244 28.61 47.23 -5.43
N ARG W 245 27.88 46.12 -5.47
CA ARG W 245 27.77 45.21 -4.34
C ARG W 245 28.79 44.09 -4.38
N TRP W 246 29.65 44.06 -5.39
CA TRP W 246 30.61 42.97 -5.53
C TRP W 246 31.80 43.18 -4.61
N ASN W 247 32.07 42.18 -3.77
CA ASN W 247 33.19 42.21 -2.85
C ASN W 247 34.47 41.79 -3.57
N ASN W 248 35.61 42.12 -2.96
CA ASN W 248 36.93 41.88 -3.54
C ASN W 248 37.74 41.00 -2.60
N HIS W 249 37.54 39.70 -2.69
CA HIS W 249 38.25 38.74 -1.83
C HIS W 249 38.95 37.71 -2.68
N LYS W 250 40.19 37.38 -2.32
CA LYS W 250 41.00 36.42 -3.05
C LYS W 250 40.89 35.07 -2.37
N TRP W 251 40.20 34.12 -3.00
CA TRP W 251 39.97 32.83 -2.38
C TRP W 251 41.27 32.07 -2.19
N THR W 252 41.33 31.26 -1.13
CA THR W 252 42.51 30.47 -0.80
C THR W 252 42.40 29.08 -1.42
N ARG W 253 43.40 28.24 -1.14
CA ARG W 253 43.43 26.92 -1.77
C ARG W 253 42.34 26.01 -1.23
N GLU W 254 42.12 25.98 0.08
CA GLU W 254 41.08 25.12 0.63
C GLU W 254 39.69 25.55 0.17
N GLU W 255 39.45 26.85 0.08
CA GLU W 255 38.15 27.33 -0.37
C GLU W 255 37.89 27.09 -1.84
N LEU W 256 38.92 26.72 -2.61
CA LEU W 256 38.71 26.26 -3.98
C LEU W 256 38.59 24.75 -4.05
N ASP W 257 39.33 24.03 -3.20
CA ASP W 257 39.19 22.58 -3.15
C ASP W 257 37.80 22.17 -2.69
N GLN W 258 37.20 22.95 -1.79
CA GLN W 258 35.82 22.65 -1.38
C GLN W 258 34.85 22.74 -2.55
N ILE W 259 34.98 23.79 -3.37
CA ILE W 259 34.13 23.94 -4.55
C ILE W 259 34.36 22.79 -5.52
N ARG W 260 35.62 22.43 -5.75
CA ARG W 260 35.93 21.36 -6.69
C ARG W 260 35.38 20.03 -6.21
N ASN W 261 35.45 19.77 -4.89
CA ASN W 261 34.97 18.51 -4.36
C ASN W 261 33.45 18.45 -4.31
N ALA W 262 32.78 19.60 -4.26
CA ALA W 262 31.32 19.60 -4.22
C ALA W 262 30.73 18.95 -5.47
N GLY W 263 31.25 19.30 -6.64
CA GLY W 263 30.80 18.69 -7.87
C GLY W 263 29.84 19.53 -8.70
N VAL W 264 30.15 20.81 -8.87
CA VAL W 264 29.32 21.71 -9.68
C VAL W 264 29.93 21.83 -11.07
N LEU W 265 29.07 21.88 -12.07
CA LEU W 265 29.51 21.98 -13.46
C LEU W 265 29.84 23.41 -13.82
N PRO W 266 30.67 23.63 -14.85
CA PRO W 266 31.23 24.97 -15.10
C PRO W 266 30.20 26.05 -15.37
N GLN W 267 28.99 25.71 -15.80
CA GLN W 267 28.03 26.73 -16.16
C GLN W 267 27.27 27.31 -14.98
N TYR W 268 27.63 26.93 -13.75
CA TYR W 268 26.93 27.42 -12.57
C TYR W 268 27.84 28.20 -11.62
N TYR W 269 28.96 28.71 -12.12
CA TYR W 269 29.84 29.54 -11.31
C TYR W 269 29.37 30.99 -11.21
N GLY W 270 28.31 31.35 -11.93
CA GLY W 270 27.84 32.73 -11.88
C GLY W 270 27.32 33.14 -10.52
N VAL W 271 26.71 32.21 -9.79
CA VAL W 271 26.16 32.54 -8.48
C VAL W 271 27.28 32.82 -7.49
N ILE W 272 28.37 32.05 -7.55
CA ILE W 272 29.40 32.10 -6.53
C ILE W 272 30.22 33.38 -6.62
N THR W 273 30.53 33.85 -7.82
CA THR W 273 31.47 34.94 -7.97
C THR W 273 30.93 36.24 -7.36
N GLY W 274 31.82 37.00 -6.74
CA GLY W 274 31.47 38.24 -6.10
C GLY W 274 31.05 38.13 -4.65
N GLY W 275 30.88 36.93 -4.12
CA GLY W 275 30.42 36.78 -2.77
C GLY W 275 31.52 36.99 -1.74
N SER W 276 31.10 36.97 -0.47
CA SER W 276 31.85 37.19 0.75
C SER W 276 32.24 35.87 1.40
N PRO W 277 33.34 35.84 2.16
CA PRO W 277 33.80 34.55 2.73
C PRO W 277 32.83 33.91 3.68
N GLN W 278 31.89 34.68 4.23
CA GLN W 278 31.01 34.19 5.28
C GLN W 278 29.89 33.31 4.74
N ASN W 279 29.57 33.42 3.45
CA ASN W 279 28.37 32.84 2.88
C ASN W 279 28.65 31.84 1.78
N LEU W 280 29.71 31.03 1.93
CA LEU W 280 30.07 30.10 0.86
C LEU W 280 29.08 28.95 0.76
N THR W 281 28.69 28.37 1.90
CA THR W 281 27.93 27.14 1.89
C THR W 281 26.53 27.34 1.30
N GLU W 282 25.89 28.47 1.61
CA GLU W 282 24.56 28.72 1.05
C GLU W 282 24.62 28.84 -0.46
N LEU W 283 25.65 29.50 -0.98
CA LEU W 283 25.80 29.64 -2.44
C LEU W 283 26.03 28.28 -3.09
N ILE W 284 26.85 27.44 -2.47
CA ILE W 284 27.06 26.10 -3.01
C ILE W 284 25.75 25.33 -3.03
N ASN W 285 24.95 25.44 -1.96
CA ASN W 285 23.66 24.76 -1.93
C ASN W 285 22.73 25.26 -3.03
N LEU W 286 22.72 26.57 -3.27
CA LEU W 286 21.87 27.12 -4.32
C LEU W 286 22.27 26.56 -5.69
N ALA W 287 23.57 26.51 -5.97
CA ALA W 287 24.02 25.97 -7.26
C ALA W 287 23.62 24.52 -7.41
N LEU W 288 23.78 23.72 -6.35
CA LEU W 288 23.41 22.31 -6.43
C LEU W 288 21.91 22.14 -6.68
N GLU W 289 21.08 22.96 -6.02
CA GLU W 289 19.64 22.85 -6.23
C GLU W 289 19.26 23.17 -7.67
N ASN W 290 19.86 24.22 -8.24
CA ASN W 290 19.59 24.54 -9.65
C ASN W 290 20.00 23.39 -10.56
N GLN W 291 21.16 22.80 -10.29
CA GLN W 291 21.62 21.67 -11.09
C GLN W 291 20.63 20.52 -11.04
N LYS W 292 20.14 20.19 -9.85
CA LYS W 292 19.20 19.08 -9.72
C LYS W 292 17.91 19.35 -10.49
N LEU W 293 17.38 20.58 -10.40
CA LEU W 293 16.16 20.89 -11.12
C LEU W 293 16.36 20.74 -12.63
N ASP W 294 17.48 21.23 -13.16
CA ASP W 294 17.72 21.10 -14.59
C ASP W 294 17.88 19.64 -15.00
N GLN W 295 18.52 18.83 -14.16
CA GLN W 295 18.65 17.40 -14.47
C GLN W 295 17.28 16.75 -14.59
N GLU W 296 16.38 17.05 -13.65
CA GLU W 296 15.04 16.48 -13.70
C GLU W 296 14.32 16.90 -14.98
N LYS W 297 14.40 18.19 -15.32
CA LYS W 297 13.72 18.68 -16.52
C LYS W 297 14.25 17.98 -17.77
N ALA W 298 15.57 17.79 -17.85
CA ALA W 298 16.14 17.09 -18.99
C ALA W 298 15.73 15.63 -19.05
N LYS W 299 15.58 14.97 -17.89
CA LYS W 299 15.06 13.61 -17.89
C LYS W 299 13.65 13.56 -18.43
N ALA W 300 12.85 14.59 -18.16
CA ALA W 300 11.47 14.60 -18.66
C ALA W 300 11.38 14.57 -20.18
N GLY W 301 12.46 14.93 -20.87
CA GLY W 301 12.46 14.91 -22.32
C GLY W 301 11.99 16.21 -22.94
N THR W 302 12.50 17.33 -22.44
CA THR W 302 11.95 18.64 -22.82
C THR W 302 12.66 19.22 -24.03
N GLY W 303 13.98 19.21 -24.06
CA GLY W 303 14.70 19.86 -25.13
C GLY W 303 15.21 18.92 -26.20
N ALA W 304 14.41 17.91 -26.55
CA ALA W 304 14.80 16.91 -27.53
C ALA W 304 14.05 17.04 -28.84
N GLN W 305 13.33 18.13 -29.06
CA GLN W 305 12.57 18.29 -30.29
C GLN W 305 13.38 18.91 -31.41
N LEU W 306 14.65 19.25 -31.18
CA LEU W 306 15.50 19.81 -32.22
C LEU W 306 16.11 18.75 -33.12
N ALA W 307 16.03 17.48 -32.76
CA ALA W 307 16.62 16.43 -33.59
C ALA W 307 15.77 16.15 -34.82
N ALA W 308 14.49 16.49 -34.80
CA ALA W 308 13.60 16.18 -35.91
C ALA W 308 13.63 17.24 -37.01
N GLY W 309 14.33 18.36 -36.81
CA GLY W 309 14.45 19.38 -37.83
C GLY W 309 13.45 20.51 -37.65
N VAL W 310 13.58 21.49 -38.54
CA VAL W 310 12.76 22.70 -38.50
C VAL W 310 11.86 22.81 -39.72
N ILE W 311 12.41 22.58 -40.92
CA ILE W 311 11.63 22.66 -42.14
C ILE W 311 10.59 21.54 -42.16
N GLY W 312 9.37 21.89 -42.54
CA GLY W 312 8.29 20.92 -42.59
C GLY W 312 7.44 20.94 -41.34
N ALA W 313 7.66 19.95 -40.47
CA ALA W 313 6.99 19.87 -39.18
C ALA W 313 8.03 19.76 -38.09
N GLY W 314 7.91 20.57 -37.05
CA GLY W 314 8.87 20.54 -35.96
C GLY W 314 8.64 21.62 -34.93
N VAL W 315 9.73 22.20 -34.42
CA VAL W 315 9.63 23.25 -33.42
C VAL W 315 9.25 24.56 -34.08
N ASP W 316 8.90 25.55 -33.26
CA ASP W 316 8.74 26.92 -33.73
C ASP W 316 10.03 27.67 -33.43
N PRO W 317 10.79 28.10 -34.44
CA PRO W 317 12.13 28.64 -34.15
C PRO W 317 12.13 29.86 -33.26
N LEU W 318 11.10 30.70 -33.33
CA LEU W 318 11.12 31.95 -32.59
C LEU W 318 10.71 31.81 -31.13
N THR W 319 10.13 30.68 -30.75
CA THR W 319 9.81 30.39 -29.35
C THR W 319 10.33 28.99 -29.00
N TYR W 320 11.59 28.94 -28.58
CA TYR W 320 12.25 27.70 -28.21
C TYR W 320 13.47 28.06 -27.36
N VAL W 321 13.43 27.70 -26.07
CA VAL W 321 14.52 28.00 -25.14
C VAL W 321 15.21 26.68 -24.80
N PRO W 322 16.52 26.56 -25.00
CA PRO W 322 17.21 25.30 -24.71
C PRO W 322 17.57 25.18 -23.24
N ILE W 323 18.06 23.99 -22.88
CA ILE W 323 18.46 23.66 -21.52
C ILE W 323 19.96 23.42 -21.50
N ALA W 324 20.63 23.94 -20.48
CA ALA W 324 22.07 23.80 -20.35
C ALA W 324 22.44 22.50 -19.66
N GLY W 325 23.54 21.90 -20.09
CA GLY W 325 24.09 20.72 -19.45
C GLY W 325 24.07 19.46 -20.29
N GLN W 326 23.44 19.45 -21.46
CA GLN W 326 23.35 18.28 -22.32
C GLN W 326 24.41 18.29 -23.41
N VAL W 327 25.60 18.80 -23.12
CA VAL W 327 26.61 19.01 -24.15
C VAL W 327 27.12 17.68 -24.68
N GLY W 328 27.46 16.75 -23.80
CA GLY W 328 28.09 15.51 -24.17
C GLY W 328 27.19 14.31 -24.31
N LYS W 329 25.87 14.50 -24.36
CA LYS W 329 24.97 13.35 -24.41
C LYS W 329 25.07 12.61 -25.74
N GLY W 330 25.21 13.35 -26.84
CA GLY W 330 25.40 12.73 -28.14
C GLY W 330 24.13 12.67 -28.99
N GLY W 331 23.98 13.61 -29.91
CA GLY W 331 22.80 13.68 -30.75
C GLY W 331 23.20 13.96 -32.19
N LYS W 332 22.20 13.93 -33.06
CA LYS W 332 22.42 14.11 -34.49
C LYS W 332 21.10 14.53 -35.13
N LEU W 333 21.20 14.97 -36.38
CA LEU W 333 20.04 15.47 -37.13
C LEU W 333 19.57 14.43 -38.13
N VAL W 334 18.28 14.10 -38.07
CA VAL W 334 17.66 13.19 -39.03
C VAL W 334 16.23 13.67 -39.30
N ASN W 335 15.97 14.11 -40.52
CA ASN W 335 14.68 14.68 -40.89
C ASN W 335 13.86 13.64 -41.63
N LYS W 336 12.61 13.46 -41.22
CA LYS W 336 11.76 12.40 -41.75
C LYS W 336 11.18 12.73 -43.13
N MET W 337 11.34 13.95 -43.61
CA MET W 337 10.74 14.34 -44.88
C MET W 337 11.58 13.92 -46.09
N PHE W 338 12.83 13.51 -45.90
CA PHE W 338 13.72 13.17 -47.01
C PHE W 338 14.17 11.71 -46.99
N THR W 339 13.48 10.85 -46.26
CA THR W 339 13.87 9.45 -46.15
C THR W 339 12.65 8.56 -46.25
N VAL W 340 12.89 7.29 -46.55
CA VAL W 340 11.86 6.26 -46.52
C VAL W 340 11.97 5.51 -45.21
N ALA W 341 10.82 5.24 -44.58
CA ALA W 341 10.81 4.69 -43.23
C ALA W 341 11.52 3.35 -43.13
N ALA W 342 11.67 2.62 -44.23
CA ALA W 342 12.42 1.38 -44.18
C ALA W 342 13.92 1.64 -44.06
N GLN W 343 14.42 2.70 -44.68
CA GLN W 343 15.86 3.00 -44.62
C GLN W 343 16.29 3.36 -43.20
N SER W 344 15.52 4.21 -42.54
CA SER W 344 15.78 4.59 -41.15
C SER W 344 14.65 3.98 -40.32
N GLY W 345 14.90 2.79 -39.78
CA GLY W 345 13.88 2.01 -39.10
C GLY W 345 13.21 2.71 -37.94
N ALA W 346 13.95 2.93 -36.86
CA ALA W 346 13.39 3.54 -35.66
C ALA W 346 14.54 4.06 -34.82
N LEU W 347 14.24 4.42 -33.58
CA LEU W 347 15.21 4.93 -32.62
C LEU W 347 15.54 3.84 -31.61
N ALA W 348 16.83 3.73 -31.27
CA ALA W 348 17.27 2.75 -30.29
C ALA W 348 17.04 3.26 -28.87
N GLY W 349 15.81 3.70 -28.59
CA GLY W 349 15.49 4.25 -27.29
C GLY W 349 16.17 5.59 -27.05
N VAL W 350 16.42 5.88 -25.78
CA VAL W 350 17.11 7.09 -25.37
C VAL W 350 18.22 6.71 -24.39
N SER W 351 19.14 7.65 -24.20
CA SER W 351 20.25 7.42 -23.29
C SER W 351 19.75 7.22 -21.87
N GLU W 352 20.49 6.41 -21.11
CA GLU W 352 20.21 6.27 -19.68
C GLU W 352 20.48 7.55 -18.92
N MET W 353 21.19 8.51 -19.53
CA MET W 353 21.46 9.84 -18.98
C MET W 353 22.29 9.78 -17.70
N ALA W 354 23.06 8.70 -17.52
CA ALA W 354 23.96 8.60 -16.37
C ALA W 354 25.29 7.97 -16.74
N ARG W 355 25.55 7.73 -18.01
CA ARG W 355 26.72 6.98 -18.46
C ARG W 355 27.45 7.62 -19.63
N THR W 356 26.78 8.46 -20.42
CA THR W 356 27.27 8.83 -21.73
C THR W 356 28.52 9.71 -21.65
N SER W 357 29.31 9.65 -22.71
CA SER W 357 30.51 10.48 -22.85
C SER W 357 30.80 10.64 -24.35
N VAL W 358 31.60 11.65 -24.68
CA VAL W 358 31.94 11.95 -26.06
C VAL W 358 33.43 12.22 -26.18
N ALA W 359 33.93 12.06 -27.39
CA ALA W 359 35.34 12.29 -27.72
C ALA W 359 35.53 13.73 -28.19
N GLY W 360 36.70 14.02 -28.76
CA GLY W 360 37.06 15.37 -29.15
C GLY W 360 36.30 15.98 -30.31
N GLY W 361 36.48 15.43 -31.52
CA GLY W 361 35.95 16.08 -32.70
C GLY W 361 35.09 15.22 -33.61
N ASP W 362 35.01 13.91 -33.33
CA ASP W 362 34.21 13.03 -34.17
C ASP W 362 32.72 13.17 -33.88
N ALA W 363 32.35 13.56 -32.66
CA ALA W 363 30.97 13.66 -32.25
C ALA W 363 30.60 15.06 -31.80
N HIS W 364 31.33 16.08 -32.25
CA HIS W 364 31.01 17.47 -31.96
C HIS W 364 30.56 18.24 -33.19
N VAL W 365 30.98 17.80 -34.38
CA VAL W 365 30.51 18.39 -35.62
C VAL W 365 29.00 18.20 -35.74
N ALA W 366 28.51 17.03 -35.34
CA ALA W 366 27.10 16.71 -35.45
C ALA W 366 26.22 17.56 -34.54
N GLU W 367 26.79 18.30 -33.59
CA GLU W 367 26.04 19.23 -32.77
C GLU W 367 26.26 20.69 -33.18
N ALA W 368 27.47 21.02 -33.66
CA ALA W 368 27.67 22.32 -34.28
C ALA W 368 26.66 22.53 -35.41
N ILE W 369 26.45 21.51 -36.23
CA ILE W 369 25.49 21.64 -37.32
C ILE W 369 24.06 21.77 -36.77
N LEU W 370 23.76 21.14 -35.63
CA LEU W 370 22.46 21.32 -35.01
C LEU W 370 22.22 22.78 -34.65
N GLY W 371 23.23 23.46 -34.14
CA GLY W 371 23.09 24.90 -33.88
C GLY W 371 22.88 25.70 -35.16
N GLY W 372 23.64 25.39 -36.20
CA GLY W 372 23.49 26.11 -37.46
C GLY W 372 22.09 26.01 -38.02
N ALA W 373 21.46 24.85 -37.89
CA ALA W 373 20.10 24.67 -38.41
C ALA W 373 19.12 25.62 -37.73
N LEU W 374 19.21 25.75 -36.41
CA LEU W 374 18.34 26.67 -35.69
C LEU W 374 18.52 28.09 -36.18
N PHE W 375 19.78 28.52 -36.34
CA PHE W 375 20.00 29.89 -36.81
C PHE W 375 19.36 30.13 -38.17
N GLY W 376 19.55 29.18 -39.09
CA GLY W 376 18.99 29.36 -40.43
C GLY W 376 17.47 29.46 -40.42
N GLY W 377 16.82 28.57 -39.67
CA GLY W 377 15.36 28.63 -39.61
C GLY W 377 14.84 29.94 -39.05
N GLY W 378 15.48 30.44 -37.99
CA GLY W 378 15.06 31.72 -37.43
C GLY W 378 15.18 32.85 -38.44
N MET W 379 16.31 32.91 -39.15
CA MET W 379 16.49 33.99 -40.12
C MET W 379 15.43 33.92 -41.21
N THR W 380 15.12 32.72 -41.69
CA THR W 380 14.10 32.59 -42.71
C THR W 380 12.75 33.11 -42.22
N ALA W 381 12.39 32.77 -40.98
CA ALA W 381 11.10 33.24 -40.46
C ALA W 381 11.05 34.76 -40.38
N ILE W 382 12.13 35.38 -39.89
CA ILE W 382 12.13 36.84 -39.76
C ILE W 382 11.98 37.51 -41.12
N ALA W 383 12.75 37.03 -42.11
CA ALA W 383 12.69 37.64 -43.43
C ALA W 383 11.31 37.48 -44.05
N ASP W 384 10.69 36.30 -43.90
CA ASP W 384 9.36 36.11 -44.45
C ASP W 384 8.35 37.05 -43.82
N GLY W 385 8.42 37.22 -42.50
CA GLY W 385 7.48 38.12 -41.84
C GLY W 385 7.60 39.54 -42.36
N LEU W 386 8.84 40.05 -42.44
CA LEU W 386 9.04 41.41 -42.94
C LEU W 386 8.53 41.55 -44.37
N GLY W 387 8.85 40.56 -45.21
CA GLY W 387 8.46 40.66 -46.62
C GLY W 387 6.96 40.67 -46.80
N ARG W 388 6.25 39.78 -46.09
CA ARG W 388 4.80 39.76 -46.18
C ARG W 388 4.21 41.07 -45.67
N ALA W 389 4.77 41.61 -44.58
CA ALA W 389 4.24 42.87 -44.05
C ALA W 389 4.41 44.01 -45.05
N LEU W 390 5.58 44.12 -45.69
CA LEU W 390 5.82 45.28 -46.53
C LEU W 390 5.10 45.18 -47.87
N GLY W 391 5.01 43.98 -48.45
CA GLY W 391 4.27 43.79 -49.69
C GLY W 391 5.09 43.27 -50.86
N ARG W 392 6.23 42.66 -50.58
CA ARG W 392 7.15 42.17 -51.59
C ARG W 392 7.37 40.67 -51.43
N PHE W 397 17.19 33.81 -47.42
CA PHE W 397 17.56 32.75 -46.49
C PHE W 397 16.69 31.52 -46.62
N ALA W 398 16.22 31.21 -47.84
CA ALA W 398 15.31 30.10 -48.04
C ALA W 398 15.91 28.95 -48.82
N GLY W 399 17.00 29.15 -49.54
CA GLY W 399 17.66 28.08 -50.26
C GLY W 399 18.68 27.33 -49.43
N PRO W 400 19.64 28.05 -48.85
CA PRO W 400 20.70 27.37 -48.09
C PRO W 400 20.21 26.51 -46.94
N ALA W 401 19.16 26.94 -46.23
CA ALA W 401 18.66 26.15 -45.11
C ALA W 401 18.15 24.79 -45.58
N THR W 402 17.33 24.79 -46.63
CA THR W 402 16.83 23.53 -47.18
C THR W 402 17.95 22.65 -47.67
N ARG W 403 18.92 23.24 -48.39
CA ARG W 403 20.02 22.43 -48.90
C ARG W 403 20.82 21.80 -47.76
N LEU W 404 21.07 22.57 -46.70
CA LEU W 404 21.84 22.06 -45.58
C LEU W 404 21.12 20.89 -44.89
N GLU W 405 19.82 21.04 -44.65
CA GLU W 405 19.10 19.96 -43.98
C GLU W 405 19.05 18.70 -44.84
N ALA W 406 18.88 18.87 -46.15
CA ALA W 406 18.89 17.69 -47.04
C ALA W 406 20.23 16.98 -46.99
N ARG W 407 21.33 17.75 -47.02
CA ARG W 407 22.66 17.14 -46.98
C ARG W 407 22.88 16.37 -45.69
N GLU W 408 22.55 16.97 -44.55
CA GLU W 408 22.81 16.28 -43.29
C GLU W 408 21.96 15.02 -43.14
N THR W 409 20.68 15.09 -43.50
CA THR W 409 19.84 13.91 -43.41
C THR W 409 20.35 12.79 -44.31
N ALA W 410 20.79 13.14 -45.53
CA ALA W 410 21.37 12.12 -46.40
C ALA W 410 22.68 11.57 -45.86
N ARG W 411 23.43 12.38 -45.10
CA ARG W 411 24.72 11.92 -44.59
C ARG W 411 24.57 10.94 -43.44
N ASN W 412 23.61 11.17 -42.54
CA ASN W 412 23.56 10.33 -41.33
C ASN W 412 23.04 8.93 -41.60
N VAL W 413 22.15 8.73 -42.58
CA VAL W 413 21.50 7.45 -42.76
C VAL W 413 21.92 6.74 -44.04
N ASP W 414 22.92 7.27 -44.74
CA ASP W 414 23.44 6.65 -45.97
C ASP W 414 22.32 6.43 -46.98
N GLY W 415 21.78 7.55 -47.46
CA GLY W 415 20.71 7.52 -48.43
C GLY W 415 20.99 8.38 -49.64
N GLN W 416 19.94 8.73 -50.38
CA GLN W 416 20.09 9.59 -51.54
C GLN W 416 20.38 11.02 -51.11
N ASP W 417 21.22 11.70 -51.87
CA ASP W 417 21.42 13.14 -51.71
C ASP W 417 20.49 13.85 -52.69
N LEU W 418 19.46 14.51 -52.15
CA LEU W 418 18.46 15.16 -52.98
C LEU W 418 18.79 16.61 -53.29
N SER W 419 19.97 17.08 -52.90
CA SER W 419 20.34 18.48 -53.04
C SER W 419 21.42 18.69 -54.10
N ARG W 420 21.27 18.01 -55.24
CA ARG W 420 22.26 18.09 -56.30
C ARG W 420 21.59 18.48 -57.61
N LEU W 421 22.33 19.19 -58.46
CA LEU W 421 21.85 19.62 -59.78
C LEU W 421 22.96 19.37 -60.80
N PRO W 422 22.86 18.30 -61.56
CA PRO W 422 23.97 17.93 -62.46
C PRO W 422 24.06 18.87 -63.66
N ILE W 423 25.21 18.82 -64.33
CA ILE W 423 25.43 19.63 -65.53
C ILE W 423 24.89 18.86 -66.73
N GLN W 424 24.04 19.53 -67.51
CA GLN W 424 23.48 18.92 -68.72
C GLN W 424 24.49 19.00 -69.85
N GLU W 425 24.05 18.74 -71.07
CA GLU W 425 24.89 18.82 -72.25
C GLU W 425 24.49 20.00 -73.12
N GLY W 426 25.48 20.68 -73.69
CA GLY W 426 25.25 21.88 -74.46
C GLY W 426 25.23 23.16 -73.65
N GLU W 427 25.80 23.16 -72.45
CA GLU W 427 25.79 24.31 -71.56
C GLU W 427 27.22 24.80 -71.34
N GLN W 428 27.37 26.11 -71.23
CA GLN W 428 28.68 26.74 -71.20
C GLN W 428 29.40 26.46 -69.87
N THR W 429 30.71 26.25 -69.94
CA THR W 429 31.53 25.95 -68.78
C THR W 429 32.83 26.75 -68.82
N PHE W 430 33.42 26.96 -67.65
CA PHE W 430 34.68 27.67 -67.51
C PHE W 430 35.68 26.88 -66.67
N SER W 431 36.82 27.47 -66.34
CA SER W 431 37.79 26.82 -65.46
C SER W 431 38.77 27.85 -64.91
N HIS W 432 39.19 27.64 -63.68
CA HIS W 432 40.19 28.49 -63.03
C HIS W 432 41.08 27.63 -62.15
N GLN W 433 42.38 27.65 -62.42
CA GLN W 433 43.37 26.86 -61.68
C GLN W 433 43.04 25.36 -61.72
N GLY W 434 42.63 24.89 -62.88
CA GLY W 434 42.37 23.48 -63.06
C GLY W 434 41.08 22.96 -62.49
N VAL W 435 40.19 23.84 -62.04
CA VAL W 435 38.90 23.45 -61.48
C VAL W 435 37.80 23.98 -62.39
N LYS W 436 36.88 23.10 -62.78
CA LYS W 436 35.79 23.45 -63.68
C LYS W 436 34.55 23.86 -62.90
N PHE W 437 33.71 24.68 -63.55
CA PHE W 437 32.44 25.07 -62.96
C PHE W 437 31.53 25.64 -64.04
N ALA W 438 30.25 25.73 -63.72
CA ALA W 438 29.25 26.36 -64.58
C ALA W 438 28.28 27.14 -63.71
N ASP W 439 27.70 28.19 -64.30
CA ASP W 439 26.82 29.06 -63.55
C ASP W 439 25.49 28.39 -63.26
N VAL W 440 24.77 28.95 -62.28
CA VAL W 440 23.47 28.43 -61.86
C VAL W 440 22.38 29.43 -62.23
N PRO W 441 21.25 28.99 -62.78
CA PRO W 441 20.17 29.93 -63.11
C PRO W 441 19.38 30.35 -61.88
N ASN W 442 18.83 31.56 -61.96
CA ASN W 442 17.91 32.16 -61.00
C ASN W 442 18.59 32.57 -59.69
N GLU W 443 19.89 32.32 -59.53
CA GLU W 443 20.61 32.70 -58.31
C GLU W 443 21.99 33.22 -58.68
N PRO W 444 22.12 34.52 -58.94
CA PRO W 444 23.41 35.07 -59.32
C PRO W 444 24.41 35.02 -58.16
N GLY W 445 25.67 34.83 -58.51
CA GLY W 445 26.75 34.79 -57.54
C GLY W 445 27.16 33.39 -57.12
N SER W 446 26.29 32.40 -57.29
CA SER W 446 26.60 31.03 -56.91
C SER W 446 27.27 30.31 -58.09
N VAL W 447 27.55 29.03 -57.91
CA VAL W 447 28.27 28.25 -58.93
C VAL W 447 28.03 26.78 -58.65
N ARG W 448 28.22 25.94 -59.67
CA ARG W 448 28.02 24.51 -59.57
C ARG W 448 29.34 23.80 -59.84
N LEU W 449 29.66 22.81 -59.03
CA LEU W 449 30.83 21.98 -59.25
C LEU W 449 30.51 20.90 -60.27
N GLU W 450 31.45 19.96 -60.44
CA GLU W 450 31.28 18.96 -61.49
C GLU W 450 30.16 17.97 -61.15
N ASP W 451 29.96 17.66 -59.88
CA ASP W 451 28.97 16.66 -59.48
C ASP W 451 27.67 17.28 -58.98
N GLY W 452 27.45 18.56 -59.23
CA GLY W 452 26.18 19.17 -58.89
C GLY W 452 26.05 19.68 -57.47
N SER W 453 27.15 20.07 -56.83
CA SER W 453 27.11 20.67 -55.51
C SER W 453 27.17 22.18 -55.63
N ILE W 454 26.24 22.87 -54.99
CA ILE W 454 26.09 24.33 -55.12
C ILE W 454 26.69 25.01 -53.90
N LEU W 455 27.46 26.07 -54.14
CA LEU W 455 28.06 26.86 -53.08
C LEU W 455 27.63 28.31 -53.24
N ILE W 456 27.24 28.95 -52.14
CA ILE W 456 26.84 30.35 -52.18
C ILE W 456 28.05 31.22 -52.45
N GLY W 457 27.82 32.50 -52.77
CA GLY W 457 28.89 33.36 -53.23
C GLY W 457 29.82 33.85 -52.17
N GLU W 458 29.54 33.54 -50.91
CA GLU W 458 30.31 34.04 -49.78
C GLU W 458 31.21 32.98 -49.17
N ASN W 459 31.27 31.80 -49.76
CA ASN W 459 32.09 30.73 -49.24
C ASN W 459 33.56 31.03 -49.46
N PRO W 460 34.45 30.57 -48.57
CA PRO W 460 35.89 30.77 -48.79
C PRO W 460 36.48 29.92 -49.90
N LEU W 461 35.72 28.97 -50.46
CA LEU W 461 36.23 28.04 -51.46
C LEU W 461 35.58 28.23 -52.83
N ASN W 462 35.09 29.44 -53.12
CA ASN W 462 34.34 29.67 -54.34
C ASN W 462 35.28 30.11 -55.46
N PRO W 463 35.44 29.33 -56.54
CA PRO W 463 36.44 29.69 -57.56
C PRO W 463 36.14 31.01 -58.27
N LYS W 464 34.87 31.33 -58.50
CA LYS W 464 34.55 32.54 -59.26
C LYS W 464 34.93 33.81 -58.51
N THR W 465 34.72 33.83 -57.20
CA THR W 465 35.06 35.01 -56.41
C THR W 465 36.57 35.22 -56.34
N ARG W 466 37.33 34.14 -56.19
CA ARG W 466 38.79 34.25 -56.23
C ARG W 466 39.23 34.77 -57.59
N GLN W 467 38.59 34.30 -58.66
CA GLN W 467 38.93 34.77 -59.99
C GLN W 467 38.67 36.26 -60.14
N VAL W 468 37.52 36.74 -59.65
CA VAL W 468 37.17 38.15 -59.86
C VAL W 468 38.07 39.04 -59.02
N PHE W 469 38.39 38.65 -57.77
CA PHE W 469 39.41 39.36 -57.02
C PHE W 469 40.71 39.46 -57.81
N ASP W 470 41.33 38.31 -58.08
CA ASP W 470 42.67 38.32 -58.67
C ASP W 470 42.69 39.02 -60.02
N GLU W 471 41.57 39.04 -60.73
CA GLU W 471 41.54 39.70 -62.03
C GLU W 471 41.39 41.21 -61.88
N VAL W 472 40.31 41.67 -61.25
CA VAL W 472 39.93 43.07 -61.34
C VAL W 472 40.09 43.85 -60.04
N ILE W 473 39.88 43.23 -58.88
CA ILE W 473 39.73 44.02 -57.66
C ILE W 473 41.07 44.29 -56.99
N GLU W 474 41.86 43.24 -56.75
CA GLU W 474 43.12 43.35 -56.03
C GLU W 474 44.23 42.75 -56.87
N PRO W 475 44.64 43.43 -57.94
CA PRO W 475 45.70 42.87 -58.78
C PRO W 475 47.07 42.88 -58.11
N GLU W 476 47.33 43.81 -57.19
CA GLU W 476 48.64 43.86 -56.53
C GLU W 476 48.87 42.61 -55.69
N ARG W 477 47.85 42.18 -54.95
CA ARG W 477 47.93 40.93 -54.19
C ARG W 477 47.56 39.74 -55.06
N ALA W 478 48.22 39.65 -56.21
CA ALA W 478 47.89 38.63 -57.19
C ALA W 478 48.26 37.24 -56.68
N ALA W 479 47.74 36.22 -57.38
CA ALA W 479 48.06 34.85 -57.02
C ALA W 479 49.55 34.57 -57.12
N ALA W 480 50.23 35.22 -58.06
CA ALA W 480 51.69 35.07 -58.14
C ALA W 480 52.37 35.61 -56.89
N GLY W 481 51.79 36.63 -56.25
CA GLY W 481 52.35 37.16 -55.03
C GLY W 481 52.10 36.29 -53.81
N VAL W 482 51.22 35.30 -53.92
CA VAL W 482 50.89 34.40 -52.83
C VAL W 482 51.07 32.93 -53.22
N ASN W 483 51.86 32.65 -54.25
CA ASN W 483 52.05 31.28 -54.70
C ASN W 483 53.30 30.66 -54.08
N LEU W 484 53.16 29.41 -53.63
CA LEU W 484 54.28 28.61 -53.18
C LEU W 484 54.24 27.28 -53.92
N GLY W 485 55.35 26.93 -54.58
CA GLY W 485 55.41 25.71 -55.37
C GLY W 485 56.01 24.54 -54.62
N GLY W 486 56.82 24.81 -53.62
CA GLY W 486 57.47 23.77 -52.85
C GLY W 486 58.84 23.43 -53.40
N LEU W 487 59.49 22.49 -52.71
CA LEU W 487 60.84 22.09 -53.09
C LEU W 487 60.89 21.33 -54.41
N THR W 488 59.75 20.81 -54.88
CA THR W 488 59.76 19.91 -56.03
C THR W 488 60.21 20.62 -57.31
N GLU W 489 59.51 21.71 -57.68
CA GLU W 489 59.85 22.40 -58.93
C GLU W 489 61.24 23.01 -58.88
N ILE W 490 61.62 23.58 -57.73
CA ILE W 490 62.96 24.14 -57.59
C ILE W 490 64.01 23.05 -57.77
N GLY W 491 63.80 21.89 -57.17
CA GLY W 491 64.75 20.80 -57.36
C GLY W 491 64.83 20.35 -58.80
N LEU W 492 63.67 20.24 -59.46
CA LEU W 492 63.66 19.83 -60.85
C LEU W 492 64.44 20.81 -61.72
N LYS W 493 64.25 22.11 -61.50
CA LYS W 493 65.00 23.10 -62.27
C LYS W 493 66.49 23.03 -61.95
N LEU W 494 66.84 22.82 -60.68
CA LEU W 494 68.25 22.80 -60.29
C LEU W 494 68.99 21.62 -60.90
N LEU W 495 68.35 20.45 -60.94
CA LEU W 495 69.04 19.26 -61.41
C LEU W 495 69.40 19.33 -62.89
N ARG W 496 68.83 20.26 -63.64
CA ARG W 496 69.12 20.39 -65.07
C ARG W 496 70.21 21.45 -65.27
N SER W 497 71.43 21.07 -64.88
CA SER W 497 72.58 21.95 -64.98
C SER W 497 73.73 21.23 -65.67
N GLU W 498 74.74 22.01 -66.07
CA GLU W 498 75.92 21.47 -66.73
C GLU W 498 77.18 21.62 -65.91
N ASN W 499 77.21 22.51 -64.93
CA ASN W 499 78.42 22.76 -64.16
C ASN W 499 78.63 21.65 -63.14
N PRO W 500 79.73 20.90 -63.22
CA PRO W 500 79.93 19.79 -62.27
C PRO W 500 79.98 20.23 -60.81
N GLU W 501 80.54 21.40 -60.52
CA GLU W 501 80.63 21.84 -59.14
C GLU W 501 79.25 22.02 -58.52
N ILE W 502 78.32 22.61 -59.26
CA ILE W 502 76.95 22.75 -58.78
C ILE W 502 76.28 21.39 -58.66
N ARG W 503 76.46 20.52 -59.65
CA ARG W 503 75.83 19.21 -59.62
C ARG W 503 76.31 18.37 -58.44
N GLY W 504 77.55 18.59 -58.00
CA GLY W 504 78.07 17.82 -56.89
C GLY W 504 77.24 17.96 -55.63
N VAL W 505 76.78 19.16 -55.34
CA VAL W 505 75.90 19.34 -54.19
C VAL W 505 74.43 19.19 -54.57
N ALA W 506 74.09 19.41 -55.84
CA ALA W 506 72.71 19.24 -56.26
C ALA W 506 72.25 17.81 -56.07
N ALA W 507 73.12 16.85 -56.39
CA ALA W 507 72.76 15.44 -56.25
C ALA W 507 72.46 15.05 -54.81
N ASP W 508 72.94 15.83 -53.84
CA ASP W 508 72.73 15.54 -52.43
C ASP W 508 71.61 16.36 -51.82
N LEU W 509 71.38 17.57 -52.30
CA LEU W 509 70.37 18.42 -51.69
C LEU W 509 68.96 17.93 -52.01
N VAL W 510 68.69 17.56 -53.25
CA VAL W 510 67.34 17.26 -53.71
C VAL W 510 67.24 15.81 -54.16
N ARG W 511 66.00 15.31 -54.20
CA ARG W 511 65.68 13.93 -54.54
C ARG W 511 65.09 13.90 -55.95
N SER W 512 65.85 13.37 -56.90
CA SER W 512 65.41 13.37 -58.29
C SER W 512 64.23 12.43 -58.47
N PRO W 513 63.35 12.72 -59.43
CA PRO W 513 62.22 11.81 -59.70
C PRO W 513 62.58 10.64 -60.60
N THR W 514 63.86 10.43 -60.89
CA THR W 514 64.30 9.34 -61.76
C THR W 514 64.32 8.00 -61.06
N GLY W 515 63.62 7.88 -59.95
CA GLY W 515 63.58 6.64 -59.20
C GLY W 515 62.49 5.72 -59.69
N MET W 516 61.50 5.46 -58.83
CA MET W 516 60.41 4.52 -59.12
C MET W 516 60.98 3.15 -59.48
N GLN W 517 61.90 2.68 -58.63
CA GLN W 517 62.66 1.44 -58.76
C GLN W 517 63.67 1.51 -59.90
N SER W 518 63.88 2.67 -60.52
CA SER W 518 64.84 2.83 -61.60
C SER W 518 65.89 3.89 -61.31
N GLY W 519 65.98 4.37 -60.08
CA GLY W 519 66.94 5.39 -59.71
C GLY W 519 68.38 4.98 -59.91
N ALA W 520 69.13 5.77 -60.68
CA ALA W 520 70.54 5.47 -60.92
C ALA W 520 71.34 5.53 -59.64
N SER W 521 71.09 6.53 -58.80
CA SER W 521 71.86 6.73 -57.58
C SER W 521 70.94 7.33 -56.52
N GLY W 522 71.55 7.84 -55.44
CA GLY W 522 70.79 8.37 -54.33
C GLY W 522 70.43 7.36 -53.27
N LYS W 523 71.11 6.23 -53.22
CA LYS W 523 70.77 5.15 -52.30
C LYS W 523 71.41 5.31 -50.93
N ILE W 524 72.34 6.26 -50.76
CA ILE W 524 73.14 6.32 -49.54
C ILE W 524 72.26 6.40 -48.31
N GLY W 525 71.25 7.25 -48.35
CA GLY W 525 70.39 7.45 -47.20
C GLY W 525 69.58 8.72 -47.37
N THR W 526 69.18 9.28 -46.23
CA THR W 526 68.36 10.48 -46.26
C THR W 526 69.14 11.67 -46.81
N THR W 527 68.47 12.45 -47.65
CA THR W 527 68.94 13.75 -48.10
C THR W 527 68.24 14.83 -47.28
N ALA W 528 68.43 16.09 -47.65
CA ALA W 528 67.81 17.18 -46.90
C ALA W 528 66.30 17.15 -47.03
N SER W 529 65.79 16.79 -48.22
CA SER W 529 64.36 16.85 -48.46
C SER W 529 63.59 15.93 -47.53
N ASP W 530 64.10 14.71 -47.33
CA ASP W 530 63.36 13.72 -46.54
C ASP W 530 63.23 14.14 -45.09
N VAL W 531 64.32 14.58 -44.48
CA VAL W 531 64.28 15.00 -43.08
C VAL W 531 63.42 16.25 -42.93
N PHE W 532 63.52 17.18 -43.87
CA PHE W 532 62.71 18.38 -43.82
C PHE W 532 61.21 18.02 -43.85
N GLU W 533 60.83 17.14 -44.77
CA GLU W 533 59.42 16.77 -44.88
C GLU W 533 58.93 16.02 -43.65
N ARG W 534 59.73 15.10 -43.10
CA ARG W 534 59.31 14.37 -41.90
C ARG W 534 59.05 15.33 -40.74
N LEU W 535 60.02 16.20 -40.45
CA LEU W 535 59.87 17.09 -39.30
C LEU W 535 58.71 18.07 -39.50
N ARG W 536 58.60 18.65 -40.70
CA ARG W 536 57.49 19.54 -40.97
C ARG W 536 56.16 18.83 -40.90
N ALA W 537 56.14 17.51 -41.14
CA ALA W 537 54.90 16.77 -41.05
C ALA W 537 54.48 16.51 -39.61
N VAL W 538 55.44 16.31 -38.71
CA VAL W 538 55.03 16.05 -37.31
C VAL W 538 54.69 17.34 -36.55
N ASP W 539 55.35 18.46 -36.89
CA ASP W 539 55.18 19.67 -36.10
C ASP W 539 53.73 20.17 -36.11
N HIS W 540 53.07 20.13 -37.27
CA HIS W 540 51.72 20.67 -37.36
C HIS W 540 50.73 19.87 -36.52
N ARG W 541 50.91 18.56 -36.45
CA ARG W 541 50.13 17.76 -35.51
C ARG W 541 50.39 18.21 -34.08
N PHE W 542 51.64 18.50 -33.75
CA PHE W 542 51.92 18.98 -32.39
C PHE W 542 51.13 20.24 -32.08
N TYR W 543 51.11 21.20 -33.01
CA TYR W 543 50.38 22.44 -32.78
C TYR W 543 48.89 22.17 -32.62
N ASN W 544 48.33 21.33 -33.49
CA ASN W 544 46.92 21.00 -33.41
C ASN W 544 46.56 20.37 -32.08
N ASP W 545 47.51 19.70 -31.42
CA ASP W 545 47.20 19.16 -30.09
C ASP W 545 47.38 20.17 -28.97
N ILE W 546 48.41 21.02 -29.05
CA ILE W 546 48.63 21.98 -27.98
C ILE W 546 47.47 22.98 -27.91
N ASP W 547 46.86 23.31 -29.04
CA ASP W 547 45.72 24.21 -29.00
C ASP W 547 44.59 23.65 -28.14
N ASP W 548 44.21 22.40 -28.40
CA ASP W 548 43.13 21.78 -27.65
C ASP W 548 43.52 21.54 -26.20
N ALA W 549 44.80 21.27 -25.93
CA ALA W 549 45.22 21.12 -24.55
C ALA W 549 45.05 22.42 -23.76
N VAL W 550 45.47 23.54 -24.35
CA VAL W 550 45.40 24.81 -23.63
C VAL W 550 43.97 25.28 -23.47
N THR W 551 43.14 25.13 -24.50
CA THR W 551 41.80 25.71 -24.47
C THR W 551 40.99 25.18 -23.29
N GLU W 552 41.16 23.90 -22.94
CA GLU W 552 40.38 23.31 -21.86
C GLU W 552 40.83 23.75 -20.48
N ALA W 553 42.02 24.33 -20.36
CA ALA W 553 42.55 24.68 -19.04
C ALA W 553 41.88 25.91 -18.45
N LEU W 554 41.22 26.73 -19.26
CA LEU W 554 40.68 28.00 -18.81
C LEU W 554 39.26 27.88 -18.27
N LYS W 555 38.85 26.70 -17.83
CA LYS W 555 37.53 26.51 -17.23
C LYS W 555 37.63 26.09 -15.77
N ASP W 556 38.80 26.17 -15.16
CA ASP W 556 38.94 25.91 -13.74
C ASP W 556 38.34 27.08 -12.97
N PRO W 557 37.81 26.85 -11.76
CA PRO W 557 37.23 27.95 -10.99
C PRO W 557 38.22 29.04 -10.63
N TYR W 558 39.53 28.80 -10.78
CA TYR W 558 40.51 29.83 -10.48
C TYR W 558 40.37 31.02 -11.42
N PHE W 559 40.13 30.78 -12.71
CA PHE W 559 40.10 31.84 -13.71
C PHE W 559 38.72 32.44 -13.92
N GLN W 560 37.66 31.64 -13.74
CA GLN W 560 36.32 32.15 -14.06
C GLN W 560 35.80 33.11 -13.00
N THR W 561 36.31 33.04 -11.78
CA THR W 561 35.78 33.82 -10.67
C THR W 561 36.60 35.07 -10.35
N ALA W 562 37.63 35.38 -11.14
CA ALA W 562 38.48 36.54 -10.89
C ALA W 562 38.08 37.66 -11.84
N PHE W 563 37.36 38.65 -11.32
CA PHE W 563 36.87 39.76 -12.12
C PHE W 563 37.71 41.03 -11.98
N TRP W 564 38.86 40.95 -11.30
CA TRP W 564 39.72 42.11 -11.13
C TRP W 564 40.93 42.08 -12.05
N ARG W 565 40.88 41.29 -13.11
CA ARG W 565 41.98 41.20 -14.06
C ARG W 565 41.42 41.10 -15.47
N ASP W 566 42.19 41.59 -16.43
CA ASP W 566 41.77 41.54 -17.82
C ASP W 566 41.68 40.10 -18.29
N SER W 567 40.76 39.85 -19.23
CA SER W 567 40.53 38.51 -19.73
C SER W 567 41.46 38.13 -20.87
N GLY W 568 42.40 38.99 -21.24
CA GLY W 568 43.34 38.67 -22.29
C GLY W 568 44.68 38.15 -21.83
N ALA W 569 45.00 38.24 -20.55
CA ALA W 569 46.29 37.85 -20.04
C ALA W 569 46.33 36.43 -19.47
N PHE W 570 45.23 35.68 -19.59
CA PHE W 570 45.18 34.35 -19.01
C PHE W 570 46.18 33.41 -19.68
N ARG W 571 46.30 33.50 -21.01
CA ARG W 571 47.23 32.62 -21.71
C ARG W 571 48.68 32.90 -21.32
N GLN W 572 49.05 34.18 -21.22
CA GLN W 572 50.39 34.51 -20.76
C GLN W 572 50.63 34.05 -19.34
N ASP W 573 49.60 34.13 -18.48
CA ASP W 573 49.73 33.61 -17.13
C ASP W 573 50.04 32.12 -17.14
N ILE W 574 49.30 31.35 -17.94
CA ILE W 574 49.50 29.91 -17.99
C ILE W 574 50.90 29.58 -18.47
N TYR W 575 51.34 30.23 -19.55
CA TYR W 575 52.65 29.92 -20.11
C TYR W 575 53.76 30.28 -19.14
N GLN W 576 53.65 31.42 -18.46
CA GLN W 576 54.67 31.81 -17.49
C GLN W 576 54.75 30.82 -16.34
N ARG W 577 53.61 30.44 -15.77
CA ARG W 577 53.64 29.52 -14.64
C ARG W 577 54.26 28.18 -15.05
N VAL W 578 53.84 27.63 -16.18
CA VAL W 578 54.36 26.32 -16.59
C VAL W 578 55.85 26.40 -16.87
N SER W 579 56.29 27.44 -17.59
CA SER W 579 57.70 27.55 -17.94
C SER W 579 58.57 27.70 -16.69
N MET W 580 58.11 28.48 -15.71
CA MET W 580 58.86 28.56 -14.46
C MET W 580 58.90 27.23 -13.73
N ALA W 581 57.81 26.47 -13.78
CA ALA W 581 57.79 25.17 -13.10
C ALA W 581 58.71 24.16 -13.75
N ILE W 582 58.93 24.26 -15.06
CA ILE W 582 59.79 23.28 -15.75
C ILE W 582 61.22 23.40 -15.29
N GLU W 583 61.75 24.62 -15.24
CA GLU W 583 63.16 24.85 -14.95
C GLU W 583 63.51 24.63 -13.47
N ASP W 584 62.51 24.55 -12.60
CA ASP W 584 62.75 24.30 -11.19
C ASP W 584 63.21 22.87 -10.96
N GLY W 585 64.11 22.68 -10.01
CA GLY W 585 64.60 21.36 -9.71
C GLY W 585 64.07 20.76 -8.42
N SER W 586 63.67 21.61 -7.47
CA SER W 586 63.21 21.12 -6.18
C SER W 586 61.93 20.31 -6.32
N GLY W 587 60.92 20.89 -6.95
CA GLY W 587 59.64 20.24 -7.15
C GLY W 587 58.47 20.84 -6.39
N ASN W 588 58.70 21.79 -5.49
CA ASN W 588 57.57 22.37 -4.76
C ASN W 588 56.68 23.20 -5.67
N LEU W 589 57.25 23.84 -6.70
CA LEU W 589 56.43 24.61 -7.63
C LEU W 589 55.50 23.73 -8.45
N LYS W 590 55.94 22.51 -8.78
CA LYS W 590 55.09 21.61 -9.55
C LYS W 590 53.85 21.22 -8.76
N ALA W 591 53.94 21.19 -7.44
CA ALA W 591 52.81 20.79 -6.61
C ALA W 591 51.71 21.85 -6.56
N GLU W 592 51.95 23.04 -7.10
CA GLU W 592 50.99 24.13 -7.04
C GLU W 592 50.06 24.19 -8.24
N LEU W 593 50.41 23.56 -9.35
CA LEU W 593 49.63 23.69 -10.57
C LEU W 593 48.28 22.99 -10.43
N THR W 594 47.27 23.57 -11.09
CA THR W 594 45.92 23.02 -11.06
C THR W 594 45.85 21.74 -11.87
N PRO W 595 44.80 20.93 -11.66
CA PRO W 595 44.70 19.66 -12.41
C PRO W 595 44.60 19.80 -13.91
N GLY W 596 44.50 21.02 -14.45
CA GLY W 596 44.39 21.21 -15.88
C GLY W 596 45.65 21.63 -16.60
N GLU W 597 46.76 21.83 -15.88
CA GLU W 597 48.01 22.28 -16.49
C GLU W 597 49.06 21.19 -16.61
N LEU W 598 48.82 20.02 -16.00
CA LEU W 598 49.80 18.96 -16.04
C LEU W 598 49.99 18.41 -17.45
N LYS W 599 48.92 18.38 -18.26
CA LYS W 599 49.04 17.89 -19.62
C LYS W 599 49.90 18.82 -20.49
N VAL W 600 49.71 20.13 -20.34
CA VAL W 600 50.57 21.10 -21.02
C VAL W 600 52.01 20.89 -20.58
N TYR W 601 52.22 20.69 -19.28
CA TYR W 601 53.55 20.42 -18.77
C TYR W 601 54.20 19.24 -19.49
N ASP W 602 53.47 18.13 -19.60
CA ASP W 602 54.02 16.92 -20.21
C ASP W 602 54.36 17.15 -21.67
N LEU W 603 53.45 17.74 -22.44
CA LEU W 603 53.70 17.97 -23.85
C LEU W 603 54.95 18.80 -24.08
N LEU W 604 55.03 19.96 -23.41
CA LEU W 604 56.14 20.86 -23.65
C LEU W 604 57.46 20.23 -23.24
N LYS W 605 57.48 19.54 -22.10
CA LYS W 605 58.72 18.92 -21.64
C LYS W 605 59.21 17.89 -22.65
N ASN W 606 58.31 17.04 -23.14
CA ASN W 606 58.72 15.96 -24.05
C ASN W 606 59.30 16.52 -25.33
N GLN W 607 58.62 17.49 -25.96
CA GLN W 607 59.18 18.00 -27.21
C GLN W 607 60.49 18.73 -27.01
N PHE W 608 60.60 19.54 -25.94
CA PHE W 608 61.84 20.29 -25.75
C PHE W 608 63.01 19.36 -25.48
N ASP W 609 62.78 18.18 -24.91
CA ASP W 609 63.87 17.22 -24.78
C ASP W 609 64.20 16.56 -26.12
N ALA W 610 63.18 16.22 -26.91
CA ALA W 610 63.44 15.52 -28.17
C ALA W 610 64.28 16.37 -29.12
N LYS W 611 64.00 17.67 -29.20
CA LYS W 611 64.73 18.50 -30.17
C LYS W 611 66.22 18.55 -29.85
N ARG W 612 66.57 18.72 -28.58
CA ARG W 612 67.98 18.73 -28.20
C ARG W 612 68.63 17.37 -28.46
N GLU W 613 67.91 16.29 -28.14
CA GLU W 613 68.47 14.97 -28.41
C GLU W 613 68.78 14.81 -29.89
N MET W 614 67.94 15.36 -30.77
CA MET W 614 68.23 15.32 -32.20
C MET W 614 69.44 16.17 -32.56
N MET W 615 69.57 17.37 -32.00
CA MET W 615 70.70 18.21 -32.39
C MET W 615 72.03 17.68 -31.86
N GLU W 616 72.04 16.85 -30.83
CA GLU W 616 73.32 16.40 -30.31
C GLU W 616 73.98 15.31 -31.17
N ASN W 617 73.19 14.45 -31.82
CA ASN W 617 73.69 13.36 -32.66
C ASN W 617 72.98 13.33 -34.01
N PRO W 618 73.44 14.11 -34.99
CA PRO W 618 72.79 14.13 -36.30
C PRO W 618 73.13 12.95 -37.20
N ALA W 619 73.72 11.89 -36.67
CA ALA W 619 73.98 10.67 -37.43
C ALA W 619 72.87 9.64 -37.28
N MET W 620 71.77 10.00 -36.63
CA MET W 620 70.64 9.09 -36.50
C MET W 620 69.91 8.88 -37.81
N PHE W 621 70.17 9.70 -38.82
CA PHE W 621 69.38 9.69 -40.04
C PHE W 621 70.01 8.89 -41.17
N GLY W 622 71.32 8.65 -41.15
CA GLY W 622 71.91 7.79 -42.15
C GLY W 622 73.29 8.14 -42.64
N ARG W 623 73.82 9.30 -42.27
CA ARG W 623 75.17 9.67 -42.70
C ARG W 623 76.13 9.59 -41.53
N PRO W 624 77.14 8.73 -41.58
CA PRO W 624 78.00 8.49 -40.41
C PRO W 624 79.19 9.42 -40.26
N ASP W 625 79.27 10.53 -40.98
CA ASP W 625 80.37 11.48 -40.81
C ASP W 625 79.86 12.89 -40.53
N ALA W 626 78.88 13.01 -39.65
CA ALA W 626 78.30 14.29 -39.27
C ALA W 626 78.60 14.56 -37.79
N GLN W 627 79.04 15.78 -37.50
CA GLN W 627 79.39 16.20 -36.16
C GLN W 627 78.18 16.80 -35.46
N SER W 628 78.40 17.39 -34.29
CA SER W 628 77.33 17.98 -33.48
C SER W 628 77.39 19.50 -33.54
N ILE W 629 76.23 20.13 -33.35
CA ILE W 629 76.11 21.57 -33.45
C ILE W 629 75.64 22.22 -32.16
N PHE W 630 75.31 21.44 -31.14
CA PHE W 630 74.84 22.00 -29.88
C PHE W 630 76.04 22.55 -29.09
N PRO W 631 76.04 23.84 -28.74
CA PRO W 631 77.19 24.43 -28.03
C PRO W 631 77.11 24.17 -26.54
N GLY W 632 77.93 23.25 -26.06
CA GLY W 632 77.95 22.89 -24.66
C GLY W 632 77.04 21.70 -24.39
N SER W 633 77.63 20.51 -24.23
CA SER W 633 76.84 19.29 -24.19
C SER W 633 77.29 18.31 -23.11
N ARG W 634 78.08 18.75 -22.14
CA ARG W 634 78.57 17.83 -21.12
C ARG W 634 77.47 17.45 -20.13
N PHE W 635 76.70 18.43 -19.68
CA PHE W 635 75.74 18.18 -18.62
C PHE W 635 74.32 18.02 -19.17
N LYS W 636 73.36 17.89 -18.27
CA LYS W 636 71.99 17.57 -18.62
C LYS W 636 71.04 18.64 -18.10
N GLY W 637 69.92 18.79 -18.81
CA GLY W 637 68.91 19.76 -18.42
C GLY W 637 67.90 19.94 -19.53
N THR W 638 66.97 20.86 -19.29
CA THR W 638 65.95 21.23 -20.26
C THR W 638 66.16 22.68 -20.66
N TYR W 639 66.20 22.95 -21.96
CA TYR W 639 66.46 24.28 -22.48
C TYR W 639 65.17 24.92 -22.96
N VAL W 640 64.92 26.15 -22.52
CA VAL W 640 63.77 26.93 -22.95
C VAL W 640 64.29 28.24 -23.53
N PRO W 641 63.86 28.66 -24.71
CA PRO W 641 64.50 29.81 -25.38
C PRO W 641 64.38 31.10 -24.59
N HIS W 642 65.41 31.93 -24.70
CA HIS W 642 65.50 33.23 -24.00
C HIS W 642 65.39 34.36 -25.01
N VAL W 643 64.40 35.22 -24.83
CA VAL W 643 64.21 36.40 -25.68
C VAL W 643 63.95 37.59 -24.77
N TYR W 644 64.75 38.64 -24.89
CA TYR W 644 64.67 39.78 -23.97
C TYR W 644 63.90 40.93 -24.60
N SER W 645 63.26 41.71 -23.73
CA SER W 645 62.47 42.86 -24.15
C SER W 645 63.33 44.11 -24.19
N SER W 646 62.74 45.20 -24.70
CA SER W 646 63.45 46.47 -24.85
C SER W 646 62.79 47.62 -24.10
N GLN W 647 61.46 47.67 -24.06
CA GLN W 647 60.79 48.72 -23.31
C GLN W 647 61.12 48.65 -21.83
N MET W 648 61.17 47.43 -21.27
CA MET W 648 61.55 47.30 -19.87
C MET W 648 63.00 47.75 -19.65
N LYS W 649 63.86 47.47 -20.61
CA LYS W 649 65.23 47.95 -20.51
C LYS W 649 65.28 49.48 -20.46
N GLU W 650 64.49 50.14 -21.31
CA GLU W 650 64.46 51.60 -21.31
C GLU W 650 63.91 52.15 -20.00
N LEU W 651 62.85 51.53 -19.47
CA LEU W 651 62.29 51.99 -18.20
C LEU W 651 63.28 51.85 -17.05
N TYR W 652 63.97 50.72 -16.97
CA TYR W 652 64.93 50.54 -15.90
C TYR W 652 66.12 51.48 -16.06
N ILE W 653 66.55 51.72 -17.29
CA ILE W 653 67.64 52.67 -17.51
C ILE W 653 67.23 54.06 -17.04
N LYS W 654 65.98 54.45 -17.32
CA LYS W 654 65.50 55.74 -16.83
C LYS W 654 65.49 55.80 -15.30
N GLU W 655 65.03 54.73 -14.65
CA GLU W 655 64.94 54.75 -13.19
C GLU W 655 66.32 54.78 -12.53
N LEU W 656 67.29 54.07 -13.11
CA LEU W 656 68.60 53.97 -12.46
C LEU W 656 69.60 55.01 -12.94
N GLY W 657 69.47 55.51 -14.15
CA GLY W 657 70.25 56.64 -14.61
C GLY W 657 71.41 56.31 -15.53
N SER W 658 71.84 55.05 -15.59
CA SER W 658 72.98 54.70 -16.41
C SER W 658 72.88 53.24 -16.82
N PRO W 659 73.46 52.85 -17.96
CA PRO W 659 73.55 51.42 -18.27
C PRO W 659 74.46 50.65 -17.33
N GLU W 660 75.43 51.32 -16.70
CA GLU W 660 76.35 50.62 -15.80
C GLU W 660 75.62 50.06 -14.59
N ALA W 661 74.61 50.78 -14.09
CA ALA W 661 73.82 50.26 -12.98
C ALA W 661 73.12 48.96 -13.37
N LEU W 662 72.55 48.92 -14.59
CA LEU W 662 71.92 47.69 -15.04
C LEU W 662 72.93 46.56 -15.15
N GLN W 663 74.13 46.86 -15.66
CA GLN W 663 75.16 45.82 -15.77
C GLN W 663 75.51 45.25 -14.41
N GLU W 664 75.70 46.12 -13.41
CA GLU W 664 76.05 45.62 -12.08
C GLU W 664 74.91 44.82 -11.45
N ALA W 665 73.67 45.26 -11.64
CA ALA W 665 72.55 44.52 -11.09
C ALA W 665 72.47 43.12 -11.68
N ILE W 666 72.65 43.01 -13.01
CA ILE W 666 72.63 41.69 -13.64
C ILE W 666 73.76 40.83 -13.10
N LYS W 667 74.96 41.40 -12.99
CA LYS W 667 76.11 40.61 -12.57
C LYS W 667 75.90 40.04 -11.17
N LYS W 668 75.43 40.86 -10.23
CA LYS W 668 75.26 40.37 -8.86
C LYS W 668 74.13 39.36 -8.77
N SER W 669 73.02 39.60 -9.49
CA SER W 669 71.94 38.63 -9.48
C SER W 669 72.36 37.30 -10.10
N TRP W 670 73.40 37.31 -10.94
CA TRP W 670 73.95 36.03 -11.40
C TRP W 670 74.86 35.38 -10.37
N LEU W 671 75.71 36.17 -9.71
CA LEU W 671 76.69 35.61 -8.79
C LEU W 671 76.03 34.96 -7.57
N THR W 672 74.85 35.45 -7.17
CA THR W 672 74.21 34.90 -5.98
C THR W 672 73.90 33.40 -6.15
N SER W 673 73.52 32.98 -7.35
CA SER W 673 73.19 31.57 -7.58
C SER W 673 74.41 30.69 -7.49
N TYR W 674 75.54 31.14 -8.03
CA TYR W 674 76.80 30.45 -7.78
C TYR W 674 77.09 30.32 -6.30
N ALA W 675 76.85 31.38 -5.54
CA ALA W 675 77.12 31.32 -4.11
C ALA W 675 76.27 30.26 -3.42
N SER W 676 74.99 30.18 -3.76
CA SER W 676 74.09 29.32 -3.00
C SER W 676 74.16 27.85 -3.45
N ARG W 677 73.79 27.56 -4.72
CA ARG W 677 73.58 26.19 -5.15
C ARG W 677 74.90 25.45 -5.36
N PRO W 678 74.93 24.13 -5.09
CA PRO W 678 76.16 23.35 -5.29
C PRO W 678 76.38 22.92 -6.73
N GLU W 679 75.30 22.57 -7.43
CA GLU W 679 75.42 22.05 -8.79
C GLU W 679 75.94 23.12 -9.75
N VAL W 680 75.50 24.36 -9.56
CA VAL W 680 76.03 25.47 -10.36
C VAL W 680 77.53 25.60 -10.12
N LYS W 681 77.96 25.46 -8.86
CA LYS W 681 79.38 25.50 -8.55
C LYS W 681 80.13 24.42 -9.31
N LYS W 682 79.60 23.20 -9.30
CA LYS W 682 80.27 22.09 -9.99
C LYS W 682 80.37 22.35 -11.48
N ARG W 683 79.27 22.78 -12.10
CA ARG W 683 79.28 23.01 -13.55
C ARG W 683 80.28 24.08 -13.92
N VAL W 684 80.25 25.22 -13.21
CA VAL W 684 81.15 26.31 -13.54
C VAL W 684 82.60 25.88 -13.32
N ASP W 685 82.87 25.18 -12.22
CA ASP W 685 84.25 24.78 -11.93
C ASP W 685 84.78 23.83 -12.97
N GLU W 686 83.99 22.83 -13.36
CA GLU W 686 84.44 21.88 -14.38
C GLU W 686 84.72 22.59 -15.70
N ALA W 687 83.80 23.46 -16.12
CA ALA W 687 83.98 24.15 -17.40
C ALA W 687 85.20 25.05 -17.36
N LEU W 688 85.41 25.75 -16.24
CA LEU W 688 86.55 26.65 -16.14
C LEU W 688 87.87 25.87 -16.15
N LEU W 689 87.92 24.77 -15.41
CA LEU W 689 89.17 24.01 -15.34
C LEU W 689 89.50 23.37 -16.68
N GLU W 690 88.50 22.84 -17.39
CA GLU W 690 88.80 22.29 -18.70
C GLU W 690 89.09 23.38 -19.73
N ALA W 691 88.61 24.61 -19.48
CA ALA W 691 88.91 25.71 -20.40
C ALA W 691 90.34 26.20 -20.23
N ASP W 692 90.81 26.33 -18.99
CA ASP W 692 92.13 26.88 -18.71
C ASP W 692 93.04 25.80 -18.15
N PRO W 693 94.13 25.46 -18.83
CA PRO W 693 95.03 24.42 -18.29
C PRO W 693 95.61 24.76 -16.93
N THR W 694 95.90 26.03 -16.68
CA THR W 694 96.46 26.43 -15.39
C THR W 694 95.43 26.26 -14.28
N LEU W 695 95.88 25.72 -13.16
CA LEU W 695 95.02 25.46 -12.01
C LEU W 695 95.57 26.24 -10.82
N THR W 696 94.73 27.10 -10.23
CA THR W 696 95.10 27.84 -9.04
C THR W 696 93.90 27.86 -8.11
N PRO W 697 94.07 27.45 -6.85
CA PRO W 697 92.98 27.60 -5.87
C PRO W 697 92.60 29.06 -5.64
N GLU W 698 93.53 29.99 -5.84
CA GLU W 698 93.23 31.41 -5.71
C GLU W 698 92.49 31.97 -6.93
N GLY W 699 92.65 31.37 -8.09
CA GLY W 699 92.18 31.98 -9.32
C GLY W 699 90.69 31.94 -9.55
N LEU W 700 89.93 31.15 -8.78
CA LEU W 700 88.49 31.05 -9.01
C LEU W 700 87.79 32.37 -8.71
N ALA W 701 88.16 33.03 -7.61
CA ALA W 701 87.52 34.27 -7.23
C ALA W 701 87.72 35.37 -8.26
N ALA W 702 88.69 35.22 -9.16
CA ALA W 702 88.85 36.13 -10.27
C ALA W 702 88.21 35.62 -11.54
N ALA W 703 88.33 34.32 -11.82
CA ALA W 703 87.82 33.75 -13.07
C ALA W 703 86.31 33.85 -13.16
N VAL W 704 85.61 33.61 -12.04
CA VAL W 704 84.16 33.68 -12.07
C VAL W 704 83.71 35.08 -12.50
N ASP W 705 84.34 36.11 -11.92
CA ASP W 705 83.94 37.47 -12.23
C ASP W 705 84.33 37.87 -13.65
N LYS W 706 85.53 37.51 -14.10
CA LYS W 706 85.86 37.90 -15.48
C LYS W 706 85.07 37.10 -16.50
N TYR W 707 84.44 36.00 -16.10
CA TYR W 707 83.51 35.35 -17.01
C TYR W 707 82.13 36.01 -16.98
N ALA W 708 81.63 36.37 -15.78
CA ALA W 708 80.28 36.92 -15.71
C ALA W 708 80.18 38.33 -16.25
N ASN W 709 81.27 39.11 -16.16
CA ASN W 709 81.22 40.50 -16.61
C ASN W 709 80.93 40.59 -18.10
N ASP W 710 81.54 39.72 -18.89
CA ASP W 710 81.34 39.76 -20.34
C ASP W 710 79.90 39.47 -20.71
N LYS W 711 79.30 38.47 -20.06
CA LYS W 711 77.91 38.13 -20.35
C LYS W 711 76.99 39.27 -19.94
N ALA W 712 77.27 39.93 -18.82
CA ALA W 712 76.43 41.07 -18.43
C ALA W 712 76.54 42.21 -19.45
N TYR W 713 77.77 42.50 -19.90
CA TYR W 713 77.95 43.56 -20.89
C TYR W 713 77.28 43.21 -22.20
N GLY W 714 77.17 41.92 -22.51
CA GLY W 714 76.51 41.51 -23.74
C GLY W 714 75.02 41.81 -23.79
N ILE W 715 74.40 42.05 -22.63
CA ILE W 715 73.00 42.41 -22.58
C ILE W 715 72.78 43.88 -22.26
N SER W 716 73.68 44.51 -21.51
CA SER W 716 73.41 45.86 -21.06
C SER W 716 73.86 46.94 -22.05
N HIS W 717 74.55 46.60 -23.13
CA HIS W 717 75.15 47.61 -23.98
C HIS W 717 74.99 47.33 -25.47
N THR W 718 74.03 46.50 -25.87
CA THR W 718 73.78 46.24 -27.29
C THR W 718 72.35 45.77 -27.46
N GLU W 719 72.03 45.30 -28.66
CA GLU W 719 70.66 44.90 -28.99
C GLU W 719 70.62 43.62 -29.80
N GLN W 720 71.58 42.73 -29.62
CA GLN W 720 71.62 41.50 -30.40
C GLN W 720 70.55 40.50 -29.98
N PHE W 721 70.25 40.42 -28.69
CA PHE W 721 69.31 39.44 -28.17
C PHE W 721 67.90 39.98 -28.02
N GLU W 722 67.63 41.20 -28.44
CA GLU W 722 66.29 41.75 -28.30
C GLU W 722 65.33 41.02 -29.24
N ARG W 723 64.03 41.23 -29.01
CA ARG W 723 63.03 40.58 -29.83
C ARG W 723 63.03 41.09 -31.26
N SER W 724 63.36 42.37 -31.45
CA SER W 724 63.26 42.96 -32.78
C SER W 724 64.20 42.30 -33.78
N SER W 725 65.46 42.08 -33.38
CA SER W 725 66.43 41.50 -34.31
C SER W 725 66.21 40.01 -34.52
N VAL W 726 65.94 39.28 -33.43
CA VAL W 726 65.83 37.82 -33.52
C VAL W 726 64.65 37.42 -34.39
N MET W 727 63.51 38.09 -34.23
CA MET W 727 62.27 37.74 -34.91
C MET W 727 61.85 38.81 -35.90
N GLU W 728 62.82 39.38 -36.64
CA GLU W 728 62.50 40.44 -37.57
C GLU W 728 61.79 39.85 -38.80
N GLU W 729 60.84 40.62 -39.32
CA GLU W 729 59.87 40.11 -40.29
C GLU W 729 60.51 39.60 -41.58
N ASN W 730 61.13 40.48 -42.35
CA ASN W 730 61.60 40.15 -43.68
C ASN W 730 63.05 40.59 -43.86
N ILE W 731 63.79 39.81 -44.65
CA ILE W 731 65.17 40.11 -45.01
C ILE W 731 65.31 39.97 -46.51
N ASN W 732 66.00 40.93 -47.12
CA ASN W 732 66.26 40.91 -48.56
C ASN W 732 67.63 40.27 -48.77
N GLY W 733 67.63 38.95 -48.94
CA GLY W 733 68.85 38.19 -49.12
C GLY W 733 69.23 37.37 -47.90
N LEU W 734 70.51 36.98 -47.88
CA LEU W 734 71.08 36.23 -46.77
C LEU W 734 71.97 37.18 -45.98
N VAL W 735 71.53 37.58 -44.80
CA VAL W 735 72.27 38.57 -44.02
C VAL W 735 72.58 38.04 -42.63
N GLY W 736 71.76 37.12 -42.14
CA GLY W 736 71.88 36.64 -40.78
C GLY W 736 72.26 35.19 -40.59
N LEU W 737 72.67 34.48 -41.63
CA LEU W 737 72.93 33.06 -41.52
C LEU W 737 74.27 32.76 -40.87
N GLU W 738 75.10 33.78 -40.63
CA GLU W 738 76.40 33.53 -40.01
C GLU W 738 76.24 32.98 -38.59
N ASN W 739 75.34 33.57 -37.80
CA ASN W 739 75.21 33.25 -36.39
C ASN W 739 73.76 32.98 -36.04
N ASN W 740 73.55 31.97 -35.19
CA ASN W 740 72.20 31.54 -34.80
C ASN W 740 71.87 32.17 -33.45
N SER W 741 71.15 33.30 -33.48
CA SER W 741 70.94 34.10 -32.29
C SER W 741 70.11 33.39 -31.23
N PHE W 742 69.45 32.28 -31.56
CA PHE W 742 68.63 31.59 -30.57
C PHE W 742 69.44 30.82 -29.55
N LEU W 743 70.72 30.53 -29.83
CA LEU W 743 71.48 29.57 -29.05
C LEU W 743 72.64 30.15 -28.26
N GLU W 744 72.98 31.42 -28.43
CA GLU W 744 73.97 32.04 -27.55
C GLU W 744 73.33 32.74 -26.36
N ALA W 745 72.03 32.58 -26.17
CA ALA W 745 71.40 33.03 -24.94
C ALA W 745 71.61 32.05 -23.80
N ARG W 746 72.23 30.90 -24.05
CA ARG W 746 72.45 29.90 -23.02
C ARG W 746 73.59 30.30 -22.09
N ASN W 747 73.45 29.96 -20.81
CA ASN W 747 74.42 30.32 -19.80
C ASN W 747 74.62 29.16 -18.84
N LEU W 748 75.69 29.25 -18.05
CA LEU W 748 75.95 28.27 -17.02
C LEU W 748 75.22 28.59 -15.72
N PHE W 749 74.89 29.86 -15.50
CA PHE W 749 74.30 30.31 -14.24
C PHE W 749 72.81 29.97 -14.18
N ASP W 750 72.15 30.49 -13.17
CA ASP W 750 70.73 30.27 -12.94
C ASP W 750 70.09 31.59 -12.55
N SER W 764 65.44 40.86 -10.51
CA SER W 764 66.06 39.64 -10.97
C SER W 764 66.03 39.65 -12.49
N VAL W 765 66.87 38.79 -13.10
CA VAL W 765 66.97 38.77 -14.54
C VAL W 765 65.67 38.31 -15.21
N ASN W 766 64.86 37.50 -14.52
CA ASN W 766 63.58 37.08 -15.06
C ASN W 766 62.61 38.22 -15.29
N ASN W 767 62.96 39.45 -14.91
CA ASN W 767 62.09 40.59 -15.16
C ASN W 767 62.24 41.14 -16.56
N LEU W 768 63.22 40.70 -17.33
CA LEU W 768 63.46 41.20 -18.67
C LEU W 768 63.15 40.18 -19.75
N ARG W 769 62.37 39.15 -19.46
CA ARG W 769 62.08 38.08 -20.39
C ARG W 769 60.65 38.18 -20.90
N GLU W 770 60.33 37.32 -21.87
CA GLU W 770 59.03 37.31 -22.51
C GLU W 770 58.42 35.91 -22.43
N TRP W 771 57.14 35.85 -22.12
CA TRP W 771 56.46 34.58 -21.90
C TRP W 771 55.29 34.38 -22.85
N ASP W 772 55.47 34.65 -24.14
CA ASP W 772 54.42 34.47 -25.15
C ASP W 772 54.85 33.39 -26.12
N MET W 773 54.45 32.15 -25.84
CA MET W 773 54.93 31.02 -26.63
C MET W 773 54.25 30.90 -27.98
N ASP W 774 53.01 31.38 -28.11
CA ASP W 774 52.27 31.23 -29.36
C ASP W 774 52.97 31.87 -30.55
N LYS W 775 53.87 32.81 -30.32
CA LYS W 775 54.66 33.39 -31.39
C LYS W 775 56.11 32.97 -31.37
N ILE W 776 56.60 32.39 -30.28
CA ILE W 776 58.02 32.08 -30.15
C ILE W 776 58.34 30.64 -30.53
N VAL W 777 57.44 29.69 -30.26
CA VAL W 777 57.74 28.30 -30.58
C VAL W 777 57.93 28.06 -32.09
N PRO W 778 57.02 28.48 -32.98
CA PRO W 778 57.22 28.16 -34.41
C PRO W 778 58.50 28.68 -35.03
N ALA W 779 58.94 29.90 -34.72
CA ALA W 779 60.15 30.43 -35.35
C ALA W 779 61.38 29.64 -34.94
N TYR W 780 61.49 29.34 -33.65
CA TYR W 780 62.52 28.45 -33.15
C TYR W 780 62.51 27.13 -33.90
N ASN W 781 61.32 26.55 -34.06
CA ASN W 781 61.21 25.25 -34.74
C ASN W 781 61.71 25.35 -36.18
N ARG W 782 61.34 26.40 -36.89
CA ARG W 782 61.75 26.52 -38.30
C ARG W 782 63.26 26.62 -38.43
N ARG W 783 63.87 27.49 -37.63
CA ARG W 783 65.33 27.65 -37.74
C ARG W 783 66.05 26.35 -37.40
N VAL W 784 65.64 25.68 -36.32
CA VAL W 784 66.33 24.47 -35.91
C VAL W 784 66.16 23.36 -36.95
N ASN W 785 64.96 23.21 -37.50
CA ASN W 785 64.75 22.19 -38.52
C ASN W 785 65.65 22.43 -39.72
N GLY W 786 65.78 23.68 -40.15
CA GLY W 786 66.67 23.96 -41.26
C GLY W 786 68.10 23.56 -40.98
N ASP W 787 68.60 23.92 -39.81
CA ASP W 787 69.99 23.59 -39.47
C ASP W 787 70.21 22.09 -39.45
N ILE W 788 69.29 21.35 -38.81
CA ILE W 788 69.44 19.90 -38.72
C ILE W 788 69.43 19.28 -40.11
N ALA W 789 68.52 19.72 -40.98
CA ALA W 789 68.44 19.14 -42.32
C ALA W 789 69.72 19.37 -43.10
N ILE W 790 70.23 20.61 -43.09
CA ILE W 790 71.46 20.88 -43.83
C ILE W 790 72.60 20.01 -43.32
N MET W 791 72.78 19.95 -41.99
CA MET W 791 73.91 19.22 -41.44
C MET W 791 73.80 17.72 -41.67
N ALA W 792 72.60 17.14 -41.50
CA ALA W 792 72.46 15.71 -41.67
C ALA W 792 72.45 15.29 -43.12
N GLY W 793 72.22 16.21 -44.04
CA GLY W 793 72.25 15.85 -45.44
C GLY W 793 73.61 16.01 -46.06
N THR W 794 74.26 17.15 -45.87
CA THR W 794 75.49 17.44 -46.58
C THR W 794 76.75 17.16 -45.77
N GLY W 795 76.73 17.43 -44.47
CA GLY W 795 77.93 17.32 -43.67
C GLY W 795 78.68 18.62 -43.48
N LYS W 796 78.06 19.75 -43.81
CA LYS W 796 78.66 21.06 -43.65
C LYS W 796 77.74 21.95 -42.83
N THR W 797 78.35 22.84 -42.05
CA THR W 797 77.57 23.80 -41.28
C THR W 797 76.96 24.86 -42.20
N THR W 798 75.95 25.55 -41.69
CA THR W 798 75.22 26.51 -42.51
C THR W 798 76.12 27.66 -42.96
N LYS W 799 77.15 27.98 -42.17
CA LYS W 799 78.10 29.01 -42.59
C LYS W 799 78.84 28.60 -43.85
N GLU W 800 79.22 27.32 -43.95
CA GLU W 800 79.94 26.85 -45.14
C GLU W 800 79.05 26.89 -46.37
N MET W 801 77.82 26.38 -46.25
CA MET W 801 76.88 26.46 -47.35
C MET W 801 76.55 27.90 -47.70
N LYS W 802 76.69 28.83 -46.76
CA LYS W 802 76.51 30.23 -47.09
C LYS W 802 77.67 30.76 -47.92
N ASP W 803 78.89 30.67 -47.39
CA ASP W 803 80.01 31.30 -48.09
C ASP W 803 80.33 30.61 -49.39
N LEU W 804 79.84 29.38 -49.62
CA LEU W 804 80.04 28.74 -50.92
C LEU W 804 79.40 29.56 -52.04
N VAL W 805 78.29 30.24 -51.75
CA VAL W 805 77.60 31.01 -52.77
C VAL W 805 78.48 32.16 -53.26
N GLU W 806 79.05 32.92 -52.33
CA GLU W 806 79.95 34.01 -52.73
C GLU W 806 81.24 33.47 -53.34
N THR W 807 81.72 32.32 -52.86
CA THR W 807 82.91 31.73 -53.47
C THR W 807 82.66 31.39 -54.94
N LEU W 808 81.47 30.90 -55.25
CA LEU W 808 81.12 30.62 -56.63
C LEU W 808 80.90 31.91 -57.42
N MET W 809 80.23 32.90 -56.81
CA MET W 809 79.92 34.14 -57.52
C MET W 809 81.14 35.02 -57.73
N ASN W 810 82.25 34.76 -57.03
CA ASN W 810 83.47 35.51 -57.28
C ASN W 810 84.03 35.24 -58.67
N LYS W 811 83.74 34.07 -59.23
CA LYS W 811 84.14 33.72 -60.59
C LYS W 811 83.05 33.98 -61.61
N ALA W 812 81.91 34.53 -61.20
CA ALA W 812 80.80 34.80 -62.11
C ALA W 812 80.85 36.19 -62.71
N GLY W 813 82.04 36.80 -62.79
CA GLY W 813 82.15 38.09 -63.45
C GLY W 813 81.82 38.01 -64.93
N ASP W 814 82.27 36.95 -65.60
CA ASP W 814 81.96 36.76 -67.00
C ASP W 814 80.49 36.45 -67.20
N ASP W 815 79.94 36.91 -68.32
CA ASP W 815 78.53 36.70 -68.64
C ASP W 815 78.33 35.31 -69.24
N GLY W 816 78.52 34.30 -68.40
CA GLY W 816 78.29 32.93 -68.80
C GLY W 816 76.87 32.52 -68.55
N LYS W 817 76.67 31.39 -67.87
CA LYS W 817 75.33 30.95 -67.51
C LYS W 817 75.14 30.84 -66.01
N THR W 824 70.16 29.56 -58.73
CA THR W 824 69.05 29.08 -57.91
C THR W 824 69.50 28.38 -56.64
N LEU W 825 70.80 28.18 -56.45
CA LEU W 825 71.30 27.69 -55.18
C LEU W 825 70.88 28.59 -54.04
N ARG W 826 70.92 29.90 -54.27
CA ARG W 826 70.52 30.86 -53.24
C ARG W 826 69.05 30.67 -52.87
N ASP W 827 68.18 30.52 -53.86
CA ASP W 827 66.77 30.35 -53.58
C ASP W 827 66.50 29.03 -52.85
N THR W 828 67.20 27.96 -53.23
CA THR W 828 67.03 26.69 -52.54
C THR W 828 67.44 26.81 -51.08
N LEU W 829 68.58 27.44 -50.80
CA LEU W 829 69.00 27.61 -49.42
C LEU W 829 68.01 28.48 -48.64
N LYS W 830 67.52 29.54 -49.27
CA LYS W 830 66.57 30.42 -48.59
C LYS W 830 65.28 29.69 -48.24
N ILE W 831 64.74 28.90 -49.17
CA ILE W 831 63.51 28.18 -48.88
C ILE W 831 63.74 27.06 -47.87
N LEU W 832 64.93 26.46 -47.86
CA LEU W 832 65.18 25.36 -46.93
C LEU W 832 65.38 25.87 -45.52
N THR W 833 66.05 27.02 -45.35
CA THR W 833 66.31 27.54 -44.00
C THR W 833 65.02 27.96 -43.31
N GLY W 834 64.06 28.50 -44.06
CA GLY W 834 62.83 28.97 -43.46
C GLY W 834 62.79 30.48 -43.39
N ARG W 835 63.38 31.13 -44.38
CA ARG W 835 63.49 32.57 -44.44
C ARG W 835 62.64 33.20 -45.53
N ALA W 836 61.87 32.40 -46.27
CA ALA W 836 61.07 32.95 -47.35
C ALA W 836 59.92 33.78 -46.80
N ARG W 837 59.48 34.75 -47.60
CA ARG W 837 58.37 35.61 -47.20
C ARG W 837 57.10 34.80 -46.99
N ARG W 838 56.40 35.08 -45.90
CA ARG W 838 55.21 34.35 -45.54
C ARG W 838 54.06 35.29 -45.23
N ASP W 839 53.94 36.35 -46.02
CA ASP W 839 52.83 37.27 -45.89
C ASP W 839 51.61 36.73 -46.65
N GLY W 840 50.46 36.75 -46.00
CA GLY W 840 49.25 36.25 -46.62
C GLY W 840 49.26 34.77 -46.92
N ALA W 841 49.68 33.95 -45.96
CA ALA W 841 49.69 32.51 -46.15
C ALA W 841 48.32 31.87 -45.99
N ASP W 842 47.35 32.58 -45.40
CA ASP W 842 46.01 32.02 -45.23
C ASP W 842 45.34 31.79 -46.58
N ASP W 843 45.56 32.70 -47.52
CA ASP W 843 45.00 32.52 -48.86
C ASP W 843 45.53 31.24 -49.50
N ALA W 844 46.84 31.00 -49.39
CA ALA W 844 47.41 29.76 -49.92
C ALA W 844 46.86 28.55 -49.18
N ALA W 845 46.65 28.68 -47.87
CA ALA W 845 46.10 27.57 -47.10
C ALA W 845 44.72 27.17 -47.61
N PHE W 846 43.87 28.15 -47.92
CA PHE W 846 42.57 27.80 -48.48
C PHE W 846 42.66 27.34 -49.93
N ALA W 847 43.62 27.87 -50.69
CA ALA W 847 43.77 27.44 -52.08
C ALA W 847 44.13 25.97 -52.17
N THR W 848 44.95 25.49 -51.23
CA THR W 848 45.32 24.07 -51.21
C THR W 848 44.09 23.17 -51.11
N VAL W 849 43.20 23.47 -50.16
CA VAL W 849 42.01 22.66 -49.99
C VAL W 849 41.11 22.77 -51.21
N MET W 850 40.98 23.99 -51.75
CA MET W 850 40.15 24.17 -52.94
C MET W 850 40.65 23.31 -54.10
N ARG W 851 41.97 23.20 -54.25
CA ARG W 851 42.52 22.42 -55.35
C ARG W 851 42.44 20.92 -55.13
N THR W 852 42.58 20.44 -53.89
CA THR W 852 42.59 19.00 -53.66
C THR W 852 41.27 18.45 -53.12
N MET W 853 40.18 19.21 -53.18
CA MET W 853 38.92 18.72 -52.65
C MET W 853 38.42 17.45 -53.34
N THR W 854 38.64 17.35 -54.66
CA THR W 854 38.03 16.24 -55.41
C THR W 854 38.59 14.89 -54.97
N ASP W 855 39.90 14.78 -54.74
CA ASP W 855 40.47 13.51 -54.33
C ASP W 855 39.91 13.06 -52.98
N LEU W 856 39.77 14.01 -52.05
CA LEU W 856 39.11 13.71 -50.79
C LEU W 856 37.71 13.17 -51.03
N ALA W 857 36.97 13.82 -51.93
CA ALA W 857 35.66 13.30 -52.26
C ALA W 857 35.72 11.90 -52.84
N PHE W 858 36.85 11.54 -53.45
CA PHE W 858 36.99 10.22 -54.07
C PHE W 858 37.24 9.13 -53.02
N PHE W 859 38.24 9.32 -52.15
CA PHE W 859 38.63 8.24 -51.25
C PHE W 859 38.01 8.34 -49.85
N ALA W 860 37.13 9.29 -49.60
CA ALA W 860 36.38 9.35 -48.34
C ALA W 860 35.10 10.13 -48.57
N LYS W 861 34.09 9.85 -47.76
CA LYS W 861 32.78 10.47 -47.97
C LYS W 861 32.33 11.37 -46.83
N ASN W 862 32.42 10.91 -45.58
CA ASN W 862 31.89 11.71 -44.48
C ASN W 862 32.63 13.05 -44.35
N ALA W 863 33.95 13.03 -44.53
CA ALA W 863 34.71 14.26 -44.43
C ALA W 863 34.24 15.29 -45.45
N TYR W 864 33.90 14.85 -46.65
CA TYR W 864 33.44 15.74 -47.71
C TYR W 864 32.24 16.56 -47.24
N MET W 865 31.19 15.88 -46.77
CA MET W 865 29.97 16.57 -46.38
C MET W 865 30.17 17.40 -45.12
N GLY W 866 30.98 16.91 -44.18
CA GLY W 866 31.26 17.72 -43.00
C GLY W 866 31.90 19.05 -43.35
N VAL W 867 32.90 19.02 -44.23
CA VAL W 867 33.59 20.23 -44.63
C VAL W 867 32.62 21.19 -45.31
N GLN W 868 31.79 20.66 -46.22
CA GLN W 868 30.84 21.51 -46.92
C GLN W 868 29.91 22.22 -45.94
N ASN W 869 29.36 21.47 -44.99
CA ASN W 869 28.39 22.07 -44.07
C ASN W 869 29.02 23.14 -43.20
N LEU W 870 30.25 22.90 -42.71
CA LEU W 870 30.90 23.91 -41.88
C LEU W 870 31.09 25.22 -42.65
N THR W 871 31.62 25.14 -43.86
CA THR W 871 31.88 26.37 -44.61
C THR W 871 30.58 27.11 -44.93
N GLU W 872 29.53 26.37 -45.28
CA GLU W 872 28.27 27.04 -45.59
C GLU W 872 27.69 27.77 -44.38
N ILE W 873 27.78 27.16 -43.20
CA ILE W 873 27.29 27.85 -42.01
C ILE W 873 28.04 29.16 -41.79
N GLY W 874 29.37 29.13 -41.96
CA GLY W 874 30.13 30.36 -41.82
C GLY W 874 29.68 31.46 -42.77
N GLY W 875 29.48 31.10 -44.05
CA GLY W 875 29.03 32.09 -45.02
C GLY W 875 27.67 32.67 -44.67
N MET W 876 26.75 31.83 -44.22
CA MET W 876 25.42 32.33 -43.85
C MET W 876 25.50 33.33 -42.70
N LEU W 877 26.35 33.04 -41.71
CA LEU W 877 26.49 33.98 -40.60
C LEU W 877 27.02 35.33 -41.08
N ALA W 878 28.02 35.32 -41.97
CA ALA W 878 28.53 36.60 -42.48
C ALA W 878 27.45 37.40 -43.20
N ARG W 879 26.65 36.73 -44.03
CA ARG W 879 25.60 37.43 -44.76
C ARG W 879 24.59 38.07 -43.82
N GLY W 880 24.14 37.32 -42.82
CA GLY W 880 23.18 37.88 -41.87
C GLY W 880 23.73 39.09 -41.16
N ASN W 881 25.00 39.04 -40.76
CA ASN W 881 25.58 40.18 -40.05
C ASN W 881 25.61 41.43 -40.92
N VAL W 882 26.03 41.29 -42.19
CA VAL W 882 26.06 42.47 -43.05
C VAL W 882 24.67 43.04 -43.26
N ARG W 883 23.67 42.17 -43.43
CA ARG W 883 22.30 42.66 -43.62
C ARG W 883 21.85 43.49 -42.43
N ALA W 884 22.14 43.03 -41.21
CA ALA W 884 21.74 43.81 -40.04
C ALA W 884 22.51 45.13 -39.95
N MET W 885 23.82 45.10 -40.21
CA MET W 885 24.62 46.30 -40.02
C MET W 885 24.26 47.39 -41.02
N LEU W 886 23.80 47.03 -42.22
CA LEU W 886 23.38 48.06 -43.16
C LEU W 886 22.26 48.92 -42.59
N HIS W 887 21.22 48.27 -42.07
CA HIS W 887 20.07 48.97 -41.52
C HIS W 887 20.38 49.64 -40.18
N GLY W 888 21.43 49.20 -39.48
CA GLY W 888 21.77 49.81 -38.21
C GLY W 888 22.51 51.13 -38.21
N VAL W 889 23.72 51.16 -38.75
CA VAL W 889 24.69 52.23 -38.49
C VAL W 889 24.74 53.17 -39.69
N PRO W 890 24.55 54.48 -39.50
CA PRO W 890 24.51 55.40 -40.65
C PRO W 890 25.78 55.52 -41.48
N MET W 891 26.97 55.44 -40.87
CA MET W 891 28.19 55.58 -41.66
C MET W 891 28.36 54.42 -42.63
N PHE W 892 27.96 53.23 -42.20
CA PHE W 892 27.95 52.05 -43.07
C PHE W 892 27.09 52.30 -44.30
N ARG W 893 25.88 52.84 -44.09
CA ARG W 893 25.00 53.18 -45.19
C ARG W 893 25.63 54.23 -46.10
N ASP W 894 26.25 55.25 -45.52
CA ASP W 894 26.80 56.32 -46.35
C ASP W 894 27.90 55.79 -47.25
N LEU W 895 28.77 54.94 -46.72
CA LEU W 895 29.87 54.45 -47.55
C LEU W 895 29.41 53.39 -48.55
N ALA W 896 28.35 52.64 -48.24
CA ALA W 896 27.96 51.51 -49.07
C ALA W 896 27.00 51.85 -50.20
N PHE W 897 26.57 53.11 -50.33
CA PHE W 897 25.57 53.47 -51.32
C PHE W 897 26.03 54.61 -52.22
N ARG W 898 27.24 54.51 -52.77
CA ARG W 898 27.78 55.53 -53.65
C ARG W 898 27.70 55.09 -55.11
N ASN W 899 27.80 56.08 -56.01
CA ASN W 899 27.74 55.83 -57.44
C ASN W 899 28.91 56.36 -58.23
N LYS W 900 29.68 57.30 -57.71
CA LYS W 900 30.75 57.91 -58.49
C LYS W 900 31.90 58.28 -57.56
N LYS W 901 32.93 58.88 -58.15
CA LYS W 901 34.13 59.23 -57.41
C LYS W 901 33.89 60.40 -56.47
N VAL W 902 34.33 60.26 -55.23
CA VAL W 902 34.22 61.33 -54.25
C VAL W 902 35.32 62.35 -54.50
N GLY W 903 35.07 63.60 -54.14
CA GLY W 903 35.94 64.68 -54.54
C GLY W 903 36.38 65.55 -53.38
N ALA W 904 37.58 66.13 -53.53
CA ALA W 904 38.11 67.17 -52.67
C ALA W 904 38.39 66.70 -51.25
N SER W 905 37.48 67.04 -50.33
CA SER W 905 37.82 66.99 -48.91
C SER W 905 37.99 65.57 -48.40
N GLU W 906 37.04 64.69 -48.71
CA GLU W 906 36.88 63.47 -47.93
C GLU W 906 38.06 62.51 -48.07
N ILE W 907 38.88 62.64 -49.11
CA ILE W 907 40.02 61.73 -49.25
C ILE W 907 41.01 61.90 -48.11
N LYS W 908 41.14 63.10 -47.56
CA LYS W 908 42.06 63.30 -46.45
C LYS W 908 41.62 62.51 -45.21
N ASP W 909 40.33 62.53 -44.90
CA ASP W 909 39.83 61.71 -43.80
C ASP W 909 40.00 60.23 -44.12
N LEU W 910 39.69 59.84 -45.36
CA LEU W 910 39.84 58.44 -45.74
C LEU W 910 41.28 57.97 -45.66
N HIS W 911 42.24 58.88 -45.77
CA HIS W 911 43.63 58.46 -45.62
C HIS W 911 44.12 58.48 -44.18
N ASN W 912 43.61 59.41 -43.36
CA ASN W 912 43.91 59.33 -41.93
C ASN W 912 43.40 58.02 -41.34
N VAL W 913 42.24 57.57 -41.81
CA VAL W 913 41.70 56.29 -41.33
C VAL W 913 42.68 55.15 -41.59
N ILE W 914 43.32 55.15 -42.76
CA ILE W 914 44.26 54.08 -43.09
C ILE W 914 45.54 54.23 -42.27
N PHE W 915 46.07 55.45 -42.16
CA PHE W 915 47.37 55.61 -41.51
C PHE W 915 47.32 55.32 -40.02
N GLY W 916 46.16 55.55 -39.38
CA GLY W 916 46.08 55.29 -37.94
C GLY W 916 46.39 53.86 -37.57
N LYS W 917 45.86 52.90 -38.33
CA LYS W 917 46.07 51.49 -38.00
C LYS W 917 47.54 51.11 -38.07
N GLU W 918 48.24 51.55 -39.12
CA GLU W 918 49.65 51.22 -39.24
C GLU W 918 50.46 51.87 -38.12
N LEU W 919 50.16 53.14 -37.80
CA LEU W 919 50.91 53.79 -36.74
C LEU W 919 50.71 53.08 -35.41
N ASP W 920 49.48 52.64 -35.12
CA ASP W 920 49.23 51.91 -33.89
C ASP W 920 49.92 50.55 -33.88
N ASP W 921 49.92 49.86 -35.02
CA ASP W 921 50.48 48.52 -35.04
C ASP W 921 52.00 48.54 -34.90
N SER W 922 52.66 49.58 -35.39
CA SER W 922 54.12 49.56 -35.37
C SER W 922 54.72 49.83 -33.99
N ILE W 923 53.92 50.28 -33.01
CA ILE W 923 54.46 50.79 -31.76
C ILE W 923 53.93 50.07 -30.53
N ARG W 924 52.82 49.35 -30.63
CA ARG W 924 52.16 48.79 -29.46
C ARG W 924 53.10 47.85 -28.70
N PRO W 925 53.13 47.92 -27.37
CA PRO W 925 54.02 47.06 -26.60
C PRO W 925 53.64 45.58 -26.73
N SER W 926 54.65 44.73 -26.57
CA SER W 926 54.48 43.30 -26.74
C SER W 926 54.49 42.54 -25.41
N LYS W 927 54.37 43.23 -24.28
CA LYS W 927 54.40 42.63 -22.97
C LYS W 927 53.26 43.18 -22.13
N GLN W 928 52.95 42.50 -21.03
CA GLN W 928 51.83 42.93 -20.19
C GLN W 928 52.29 43.89 -19.10
N ASP W 929 53.49 43.71 -18.57
CA ASP W 929 53.97 44.57 -17.50
C ASP W 929 54.13 46.01 -17.97
N VAL W 930 54.61 46.20 -19.20
CA VAL W 930 54.76 47.54 -19.74
C VAL W 930 53.42 48.23 -19.86
N ILE W 931 52.40 47.52 -20.34
CA ILE W 931 51.07 48.09 -20.45
C ILE W 931 50.54 48.45 -19.07
N ASP W 932 50.77 47.58 -18.08
CA ASP W 932 50.31 47.88 -16.73
C ASP W 932 50.96 49.15 -16.18
N ARG W 933 52.28 49.28 -16.33
CA ARG W 933 52.95 50.48 -15.82
C ARG W 933 52.50 51.74 -16.55
N LEU W 934 52.33 51.65 -17.87
CA LEU W 934 51.91 52.82 -18.63
C LEU W 934 50.49 53.24 -18.29
N ARG W 935 49.60 52.27 -18.01
CA ARG W 935 48.27 52.64 -17.54
C ARG W 935 48.26 53.10 -16.09
N SER W 936 49.25 52.69 -15.29
CA SER W 936 49.32 53.14 -13.91
C SER W 936 49.83 54.57 -13.80
N TYR W 937 50.76 54.97 -14.67
CA TYR W 937 51.37 56.29 -14.52
C TYR W 937 50.33 57.39 -14.64
N SER W 938 49.36 57.25 -15.54
CA SER W 938 48.39 58.31 -15.78
C SER W 938 47.51 58.56 -14.56
N ASP W 939 47.18 57.50 -13.81
CA ASP W 939 46.40 57.68 -12.60
C ASP W 939 47.14 58.52 -11.57
N LEU W 940 48.44 58.27 -11.41
CA LEU W 940 49.25 59.08 -10.50
C LEU W 940 49.51 60.47 -11.05
N GLY W 941 49.24 60.71 -12.33
CA GLY W 941 49.39 62.04 -12.89
C GLY W 941 48.31 63.00 -12.48
N ARG W 942 47.17 62.49 -12.00
CA ARG W 942 46.08 63.36 -11.57
C ARG W 942 45.99 63.47 -10.05
N GLY W 943 45.77 62.35 -9.37
CA GLY W 943 45.59 62.40 -7.93
C GLY W 943 45.48 61.06 -7.24
N ALA W 944 46.21 60.93 -6.14
CA ALA W 944 46.17 59.74 -5.29
C ALA W 944 46.70 60.14 -3.91
N ALA W 945 46.75 59.17 -3.01
CA ALA W 945 47.20 59.42 -1.65
C ALA W 945 48.26 58.38 -1.27
N THR W 946 48.86 58.59 -0.09
CA THR W 946 49.86 57.66 0.41
C THR W 946 49.25 56.30 0.73
N ALA W 947 48.03 56.28 1.26
CA ALA W 947 47.37 55.02 1.57
C ALA W 947 47.10 54.21 0.31
N LEU W 948 46.92 54.87 -0.83
CA LEU W 948 46.73 54.14 -2.08
C LEU W 948 48.00 53.39 -2.48
N GLY W 949 49.17 54.00 -2.30
CA GLY W 949 50.41 53.32 -2.63
C GLY W 949 50.64 52.08 -1.79
N THR W 950 50.36 52.18 -0.50
CA THR W 950 50.46 51.04 0.40
C THR W 950 49.18 50.22 0.32
N ALA W 951 49.00 49.30 1.25
CA ALA W 951 47.79 48.46 1.36
C ALA W 951 47.71 47.57 0.11
N LYS W 952 46.52 47.30 -0.41
CA LYS W 952 46.38 46.35 -1.51
C LYS W 952 46.71 46.96 -2.87
N TYR W 953 45.90 47.93 -3.30
CA TYR W 953 45.91 48.53 -4.64
C TYR W 953 46.39 47.56 -5.72
N TYR W 954 47.73 47.43 -5.84
CA TYR W 954 48.39 46.56 -6.80
C TYR W 954 48.19 47.04 -8.24
N THR W 955 49.17 46.74 -9.10
CA THR W 955 49.10 47.21 -10.47
C THR W 955 48.00 46.52 -11.27
N GLY W 956 47.59 45.32 -10.85
CA GLY W 956 46.43 44.67 -11.44
C GLY W 956 45.18 45.50 -11.24
N GLU W 957 44.57 45.95 -12.33
CA GLU W 957 43.56 46.99 -12.26
C GLU W 957 42.49 46.74 -13.32
N LEU W 958 41.31 46.32 -12.90
CA LEU W 958 40.13 46.38 -13.74
C LEU W 958 38.90 46.91 -13.02
N ALA W 959 38.82 46.80 -11.69
CA ALA W 959 37.69 47.32 -10.94
C ALA W 959 37.73 48.84 -10.84
N VAL W 960 38.93 49.43 -10.82
CA VAL W 960 39.03 50.88 -10.75
C VAL W 960 38.37 51.52 -11.97
N ARG W 961 38.30 50.80 -13.07
CA ARG W 961 37.64 51.27 -14.27
C ARG W 961 36.12 51.34 -14.04
N SER W 962 35.40 51.75 -15.08
CA SER W 962 33.95 51.84 -15.00
C SER W 962 33.34 50.45 -14.91
N PRO W 963 32.10 50.34 -14.43
CA PRO W 963 31.43 49.04 -14.41
C PRO W 963 31.28 48.41 -15.79
N PHE W 964 31.36 49.23 -16.84
CA PHE W 964 31.20 48.71 -18.19
C PHE W 964 32.29 47.69 -18.51
N THR W 965 33.52 47.93 -18.04
CA THR W 965 34.59 46.95 -18.24
C THR W 965 34.38 45.71 -17.40
N LYS W 966 33.90 45.86 -16.17
CA LYS W 966 33.70 44.69 -15.31
C LYS W 966 32.67 43.75 -15.91
N VAL W 967 31.50 44.26 -16.25
CA VAL W 967 30.39 43.39 -16.62
C VAL W 967 30.64 42.74 -17.99
N LEU W 968 31.08 43.52 -18.97
CA LEU W 968 31.33 43.03 -20.33
C LEU W 968 32.75 43.44 -20.71
N ASN W 969 33.70 42.54 -20.50
CA ASN W 969 35.12 42.86 -20.66
C ASN W 969 35.62 42.57 -22.06
N GLY W 970 35.22 41.44 -22.65
CA GLY W 970 35.74 41.11 -23.97
C GLY W 970 35.33 42.09 -25.04
N THR W 971 34.13 42.65 -24.93
CA THR W 971 33.62 43.54 -25.97
C THR W 971 34.32 44.90 -25.96
N THR W 972 34.84 45.31 -24.82
CA THR W 972 35.35 46.67 -24.67
C THR W 972 36.67 46.89 -25.40
N ASN W 973 37.47 45.83 -25.56
CA ASN W 973 38.81 46.00 -26.12
C ASN W 973 38.75 46.48 -27.56
N TYR W 974 37.79 45.99 -28.35
CA TYR W 974 37.68 46.41 -29.74
C TYR W 974 37.39 47.90 -29.84
N LEU W 975 36.44 48.40 -29.05
CA LEU W 975 36.12 49.81 -29.08
C LEU W 975 37.30 50.65 -28.62
N LEU W 976 38.00 50.21 -27.57
CA LEU W 976 39.16 50.97 -27.11
C LEU W 976 40.24 51.04 -28.17
N ASP W 977 40.50 49.91 -28.84
CA ASP W 977 41.54 49.87 -29.86
C ASP W 977 41.14 50.63 -31.11
N ALA W 978 39.85 50.83 -31.34
CA ALA W 978 39.46 51.75 -32.41
C ALA W 978 39.72 53.20 -32.01
N GLY W 979 39.33 53.58 -30.78
CA GLY W 979 39.47 54.97 -30.37
C GLY W 979 40.92 55.43 -30.30
N ARG W 980 41.81 54.56 -29.85
CA ARG W 980 43.22 54.94 -29.74
C ARG W 980 43.79 55.32 -31.11
N GLN W 981 43.56 54.46 -32.10
CA GLN W 981 43.97 54.77 -33.46
C GLN W 981 43.30 56.02 -33.96
N GLY W 982 42.07 56.27 -33.52
CA GLY W 982 41.39 57.50 -33.91
C GLY W 982 42.14 58.75 -33.47
N PHE W 983 42.59 58.77 -32.21
CA PHE W 983 43.17 60.01 -31.70
C PHE W 983 44.63 60.21 -32.11
N LEU W 984 45.35 59.12 -32.40
CA LEU W 984 46.77 59.27 -32.75
C LEU W 984 46.95 60.11 -34.02
N SER W 985 46.12 59.88 -35.02
CA SER W 985 46.25 60.61 -36.28
C SER W 985 45.94 62.10 -36.10
N ASP W 986 44.96 62.43 -35.26
CA ASP W 986 44.68 63.83 -34.98
C ASP W 986 45.89 64.51 -34.34
N ILE W 987 46.53 63.82 -33.39
CA ILE W 987 47.72 64.41 -32.77
C ILE W 987 48.80 64.66 -33.82
N VAL W 988 49.03 63.69 -34.71
CA VAL W 988 50.06 63.85 -35.73
C VAL W 988 49.74 65.02 -36.65
N GLU W 989 48.48 65.12 -37.08
CA GLU W 989 48.08 66.18 -38.00
C GLU W 989 48.26 67.56 -37.38
N HIS W 990 47.87 67.72 -36.11
CA HIS W 990 48.09 68.99 -35.45
C HIS W 990 49.57 69.30 -35.34
N SER W 991 50.39 68.29 -35.08
CA SER W 991 51.82 68.52 -34.96
C SER W 991 52.42 69.01 -36.27
N LEU W 992 51.95 68.48 -37.40
CA LEU W 992 52.52 68.91 -38.69
C LEU W 992 51.94 70.25 -39.14
N THR W 993 50.62 70.32 -39.39
CA THR W 993 50.05 71.45 -40.11
C THR W 993 49.76 72.66 -39.22
N GLY W 994 49.78 72.50 -37.90
CA GLY W 994 49.47 73.61 -37.03
C GLY W 994 48.01 74.00 -36.96
N SER W 995 47.10 73.09 -37.31
CA SER W 995 45.69 73.37 -37.26
C SER W 995 45.19 73.47 -35.81
N LYS W 996 43.93 73.88 -35.67
CA LYS W 996 43.29 73.97 -34.37
C LYS W 996 41.84 73.50 -34.41
N ARG W 997 41.37 72.93 -35.52
CA ARG W 997 39.97 72.55 -35.64
C ARG W 997 39.61 71.33 -34.80
N ARG W 998 40.59 70.51 -34.41
CA ARG W 998 40.35 69.32 -33.61
C ARG W 998 41.06 69.33 -32.28
N PHE W 999 42.26 69.91 -32.21
CA PHE W 999 43.04 69.89 -30.98
C PHE W 999 42.41 70.77 -29.91
N ASP W 1000 42.62 70.39 -28.65
CA ASP W 1000 42.13 71.13 -27.51
C ASP W 1000 43.20 71.13 -26.44
N ASP W 1001 43.32 72.23 -25.70
CA ASP W 1001 44.38 72.39 -24.72
C ASP W 1001 44.02 71.85 -23.34
N ARG W 1002 42.79 71.37 -23.15
CA ARG W 1002 42.47 70.65 -21.92
C ARG W 1002 43.00 69.23 -21.94
N TRP W 1003 43.39 68.74 -23.12
CA TRP W 1003 43.88 67.36 -23.24
C TRP W 1003 45.16 67.17 -22.45
N LEU W 1004 46.06 68.17 -22.47
CA LEU W 1004 47.31 68.05 -21.74
C LEU W 1004 47.05 67.87 -20.24
N LYS W 1005 46.09 68.61 -19.70
CA LYS W 1005 45.80 68.51 -18.27
C LYS W 1005 45.02 67.25 -17.94
N THR W 1006 44.16 66.79 -18.84
CA THR W 1006 43.41 65.56 -18.58
C THR W 1006 44.32 64.34 -18.60
N ALA W 1007 45.22 64.26 -19.58
CA ALA W 1007 46.09 63.10 -19.69
C ALA W 1007 47.15 63.07 -18.59
N GLY W 1008 47.77 64.22 -18.32
CA GLY W 1008 48.84 64.26 -17.33
C GLY W 1008 50.20 64.47 -17.95
N ILE W 1009 50.26 65.29 -19.00
CA ILE W 1009 51.51 65.56 -19.71
C ILE W 1009 52.01 66.94 -19.29
N SER W 1010 53.28 67.01 -18.90
CA SER W 1010 53.91 68.28 -18.58
C SER W 1010 54.48 68.89 -19.87
N ASP W 1011 55.27 69.96 -19.74
CA ASP W 1011 55.76 70.66 -20.92
C ASP W 1011 56.84 69.88 -21.64
N GLU W 1012 57.79 69.29 -20.90
CA GLU W 1012 58.94 68.66 -21.51
C GLU W 1012 58.54 67.50 -22.40
N GLN W 1013 57.62 66.66 -21.92
CA GLN W 1013 57.17 65.52 -22.72
C GLN W 1013 56.49 65.99 -24.00
N TRP W 1014 55.67 67.02 -23.92
CA TRP W 1014 54.99 67.54 -25.11
C TRP W 1014 55.99 68.08 -26.11
N LYS W 1015 56.99 68.82 -25.64
CA LYS W 1015 58.01 69.34 -26.55
C LYS W 1015 58.77 68.21 -27.23
N GLY W 1016 59.14 67.18 -26.46
CA GLY W 1016 59.83 66.04 -27.06
C GLY W 1016 59.01 65.34 -28.11
N ILE W 1017 57.73 65.10 -27.81
CA ILE W 1017 56.84 64.42 -28.75
C ILE W 1017 56.73 65.22 -30.04
N LYS W 1018 56.52 66.54 -29.90
CA LYS W 1018 56.39 67.39 -31.06
C LYS W 1018 57.66 67.37 -31.91
N SER W 1019 58.82 67.45 -31.25
CA SER W 1019 60.08 67.43 -31.99
C SER W 1019 60.26 66.13 -32.76
N LEU W 1020 59.99 64.99 -32.12
CA LEU W 1020 60.17 63.70 -32.79
C LEU W 1020 59.24 63.57 -33.99
N ILE W 1021 57.97 63.93 -33.82
CA ILE W 1021 57.03 63.80 -34.94
C ILE W 1021 57.45 64.71 -36.08
N ARG W 1022 57.85 65.94 -35.77
CA ARG W 1022 58.31 66.84 -36.83
C ARG W 1022 59.55 66.29 -37.52
N GLU W 1023 60.38 65.55 -36.79
CA GLU W 1023 61.61 65.04 -37.37
C GLU W 1023 61.38 63.88 -38.32
N SER W 1024 60.51 62.93 -37.96
CA SER W 1024 60.54 61.63 -38.61
C SER W 1024 59.42 61.38 -39.62
N VAL W 1025 58.46 62.27 -39.79
CA VAL W 1025 57.30 62.02 -40.63
C VAL W 1025 57.08 63.18 -41.58
N THR W 1026 56.70 62.88 -42.82
CA THR W 1026 56.37 63.90 -43.82
C THR W 1026 55.00 63.62 -44.41
N ARG W 1027 54.32 64.69 -44.83
CA ARG W 1027 53.00 64.62 -45.45
C ARG W 1027 53.06 65.29 -46.81
N GLY W 1028 52.42 64.67 -47.81
CA GLY W 1028 52.50 65.13 -49.16
C GLY W 1028 51.30 65.92 -49.63
N PRO W 1029 51.45 66.66 -50.73
CA PRO W 1029 50.29 67.36 -51.31
C PRO W 1029 49.20 66.42 -51.77
N ASP W 1030 49.54 65.18 -52.11
CA ASP W 1030 48.52 64.21 -52.48
C ASP W 1030 47.58 63.92 -51.31
N GLY W 1031 48.12 63.79 -50.12
CA GLY W 1031 47.32 63.47 -48.95
C GLY W 1031 47.67 62.11 -48.36
N LYS W 1032 48.91 61.67 -48.57
CA LYS W 1032 49.37 60.39 -48.08
C LYS W 1032 50.55 60.59 -47.13
N TYR W 1033 50.50 59.91 -45.98
CA TYR W 1033 51.56 59.97 -44.99
C TYR W 1033 52.61 58.90 -45.24
N THR W 1034 53.88 59.26 -45.10
CA THR W 1034 54.98 58.34 -45.24
C THR W 1034 55.95 58.50 -44.07
N ILE W 1035 56.55 57.40 -43.64
CA ILE W 1035 57.52 57.40 -42.55
C ILE W 1035 58.87 56.97 -43.11
N LYS W 1036 59.90 57.78 -42.87
CA LYS W 1036 61.21 57.55 -43.50
C LYS W 1036 61.87 56.30 -42.95
N ASP W 1037 61.94 56.16 -41.62
CA ASP W 1037 62.59 55.03 -40.98
C ASP W 1037 61.62 54.34 -40.04
N LYS W 1038 61.63 53.00 -40.06
CA LYS W 1038 60.70 52.21 -39.27
C LYS W 1038 61.36 51.47 -38.12
N LYS W 1039 62.53 50.89 -38.32
CA LYS W 1039 63.17 50.16 -37.23
C LYS W 1039 63.67 51.08 -36.14
N ALA W 1040 64.27 52.22 -36.52
CA ALA W 1040 64.79 53.15 -35.52
C ALA W 1040 63.68 53.97 -34.86
N PHE W 1041 62.58 54.22 -35.59
CA PHE W 1041 61.51 55.04 -35.04
C PHE W 1041 60.88 54.40 -33.81
N SER W 1042 60.66 53.09 -33.84
CA SER W 1042 60.03 52.39 -32.74
C SER W 1042 61.01 51.99 -31.64
N GLN W 1043 62.19 52.61 -31.59
CA GLN W 1043 63.15 52.30 -30.55
C GLN W 1043 63.61 53.57 -29.84
N ASP W 1044 62.67 54.40 -29.39
CA ASP W 1044 63.00 55.60 -28.65
C ASP W 1044 62.04 55.71 -27.48
N GLN W 1045 62.43 56.51 -26.48
CA GLN W 1045 61.60 56.66 -25.29
C GLN W 1045 60.29 57.40 -25.59
N ARG W 1046 60.31 58.30 -26.58
CA ARG W 1046 59.15 59.15 -26.82
C ARG W 1046 57.96 58.41 -27.40
N ALA W 1047 58.19 57.26 -28.05
CA ALA W 1047 57.06 56.51 -28.61
C ALA W 1047 56.12 56.04 -27.51
N MET W 1048 56.68 55.66 -26.35
CA MET W 1048 55.86 55.28 -25.21
C MET W 1048 55.03 56.45 -24.70
N ASP W 1049 55.62 57.65 -24.65
CA ASP W 1049 54.86 58.83 -24.25
C ASP W 1049 53.70 59.07 -25.19
N LEU W 1050 53.95 59.00 -26.50
CA LEU W 1050 52.90 59.25 -27.48
C LEU W 1050 51.77 58.23 -27.33
N TRP W 1051 52.13 56.94 -27.22
CA TRP W 1051 51.12 55.90 -27.08
C TRP W 1051 50.30 56.08 -25.81
N ARG W 1052 50.97 56.42 -24.70
CA ARG W 1052 50.26 56.62 -23.44
C ARG W 1052 49.28 57.78 -23.53
N MET W 1053 49.70 58.89 -24.13
CA MET W 1053 48.80 60.02 -24.30
C MET W 1053 47.57 59.64 -25.10
N GLY W 1054 47.78 59.00 -26.25
CA GLY W 1054 46.63 58.61 -27.06
C GLY W 1054 45.67 57.71 -26.33
N ASP W 1055 46.20 56.68 -25.65
CA ASP W 1055 45.33 55.74 -24.96
C ASP W 1055 44.54 56.42 -23.84
N THR W 1056 45.23 57.24 -23.03
CA THR W 1056 44.54 57.87 -21.90
C THR W 1056 43.43 58.79 -22.37
N ILE W 1057 43.72 59.62 -23.38
CA ILE W 1057 42.71 60.56 -23.87
C ILE W 1057 41.52 59.82 -24.42
N ALA W 1058 41.76 58.79 -25.24
CA ALA W 1058 40.65 58.04 -25.84
C ALA W 1058 39.79 57.41 -24.76
N ASP W 1059 40.41 56.72 -23.81
CA ASP W 1059 39.66 56.04 -22.76
C ASP W 1059 38.79 57.01 -21.99
N GLU W 1060 39.41 58.08 -21.47
CA GLU W 1060 38.66 59.00 -20.61
C GLU W 1060 37.55 59.70 -21.36
N THR W 1061 37.80 60.11 -22.60
CA THR W 1061 36.80 60.89 -23.30
C THR W 1061 35.63 60.03 -23.79
N LEU W 1062 35.90 58.82 -24.27
CA LEU W 1062 34.85 58.06 -24.95
C LEU W 1062 34.20 56.98 -24.08
N LEU W 1063 34.95 56.33 -23.20
CA LEU W 1063 34.39 55.15 -22.53
C LEU W 1063 33.87 55.43 -21.14
N ARG W 1064 34.43 56.42 -20.43
CA ARG W 1064 34.03 56.65 -19.04
C ARG W 1064 32.59 57.14 -18.91
N PRO W 1065 32.22 58.30 -19.46
CA PRO W 1065 30.94 58.92 -19.06
C PRO W 1065 29.73 58.14 -19.55
N HIS W 1066 29.01 57.51 -18.63
CA HIS W 1066 27.78 56.84 -18.99
C HIS W 1066 26.67 57.86 -19.24
N LYS W 1067 25.61 57.39 -19.89
CA LYS W 1067 24.43 58.19 -20.24
C LYS W 1067 24.76 59.20 -21.34
N LEU W 1068 23.80 59.42 -22.23
CA LEU W 1068 24.04 60.27 -23.40
C LEU W 1068 24.00 61.75 -23.06
N SER W 1069 23.52 62.11 -21.88
CA SER W 1069 23.42 63.51 -21.49
C SER W 1069 24.63 64.01 -20.73
N ASN W 1070 25.69 63.21 -20.63
CA ASN W 1070 26.89 63.57 -19.88
C ASN W 1070 28.10 63.82 -20.78
N MET W 1071 27.91 63.84 -22.10
CA MET W 1071 29.04 63.95 -23.03
C MET W 1071 29.19 65.39 -23.50
N ASP W 1072 30.37 65.97 -23.26
CA ASP W 1072 30.71 67.31 -23.74
C ASP W 1072 31.97 67.22 -24.58
N ALA W 1073 31.94 67.79 -25.78
CA ALA W 1073 33.08 67.75 -26.67
C ALA W 1073 32.97 68.84 -27.71
N LYS W 1074 34.13 69.37 -28.12
CA LYS W 1074 34.15 70.43 -29.13
C LYS W 1074 33.63 69.93 -30.47
N ALA W 1075 34.20 68.82 -30.97
CA ALA W 1075 33.82 68.28 -32.26
C ALA W 1075 34.19 66.81 -32.30
N TYR W 1076 33.61 66.09 -33.25
CA TYR W 1076 33.78 64.66 -33.39
C TYR W 1076 34.33 64.33 -34.77
N GLY W 1077 35.20 63.32 -34.83
CA GLY W 1077 35.85 62.93 -36.06
C GLY W 1077 35.19 61.76 -36.76
N PRO W 1078 35.91 61.14 -37.70
CA PRO W 1078 35.31 60.06 -38.49
C PRO W 1078 35.19 58.74 -37.74
N ILE W 1079 35.92 58.55 -36.65
CA ILE W 1079 35.92 57.27 -35.94
C ILE W 1079 35.13 57.41 -34.65
N ALA W 1080 35.07 58.64 -34.12
CA ALA W 1080 34.27 58.88 -32.93
C ALA W 1080 32.80 58.59 -33.18
N LYS W 1081 32.29 58.99 -34.35
CA LYS W 1081 30.90 58.71 -34.68
C LYS W 1081 30.65 57.20 -34.76
N THR W 1082 31.57 56.46 -35.37
CA THR W 1082 31.40 55.01 -35.49
C THR W 1082 31.38 54.35 -34.12
N VAL W 1083 32.31 54.74 -33.25
CA VAL W 1083 32.36 54.18 -31.90
C VAL W 1083 31.08 54.50 -31.15
N LEU W 1084 30.60 55.74 -31.25
CA LEU W 1084 29.38 56.12 -30.55
C LEU W 1084 28.19 55.31 -31.04
N GLN W 1085 28.09 55.11 -32.34
CA GLN W 1085 26.93 54.37 -32.87
C GLN W 1085 26.98 52.89 -32.50
N PHE W 1086 28.17 52.29 -32.48
CA PHE W 1086 28.28 50.92 -32.01
C PHE W 1086 27.90 50.79 -30.54
N LYS W 1087 28.36 51.74 -29.72
CA LYS W 1087 27.98 51.73 -28.30
C LYS W 1087 26.47 51.87 -28.14
N ASN W 1088 25.85 52.71 -28.97
CA ASN W 1088 24.40 52.88 -28.91
C ASN W 1088 23.70 51.57 -29.25
N PHE W 1089 24.21 50.85 -30.26
CA PHE W 1089 23.66 49.55 -30.60
C PHE W 1089 23.71 48.59 -29.41
N VAL W 1090 24.86 48.56 -28.72
CA VAL W 1090 25.01 47.67 -27.57
C VAL W 1090 24.00 48.02 -26.48
N ILE W 1091 23.90 49.32 -26.16
CA ILE W 1091 23.00 49.74 -25.07
C ILE W 1091 21.57 49.42 -25.41
N LYS W 1092 21.18 49.56 -26.69
CA LYS W 1092 19.85 49.13 -27.10
C LYS W 1092 19.68 47.64 -26.90
N SER W 1093 20.72 46.85 -27.20
CA SER W 1093 20.60 45.40 -27.11
C SER W 1093 20.40 44.93 -25.67
N ILE W 1094 21.11 45.54 -24.72
CA ILE W 1094 21.06 45.04 -23.35
C ILE W 1094 19.67 45.25 -22.73
N ASN W 1095 19.03 46.37 -23.03
CA ASN W 1095 17.78 46.76 -22.39
C ASN W 1095 16.59 45.89 -22.79
N GLY W 1096 16.73 45.03 -23.78
CA GLY W 1096 15.60 44.27 -24.29
C GLY W 1096 15.07 43.28 -23.28
N ARG W 1097 13.99 42.61 -23.65
CA ARG W 1097 13.37 41.64 -22.76
C ARG W 1097 14.13 40.31 -22.73
N THR W 1098 14.74 39.91 -23.85
CA THR W 1098 15.36 38.59 -23.93
C THR W 1098 16.57 38.50 -22.99
N MET W 1099 17.46 39.50 -23.06
CA MET W 1099 18.65 39.46 -22.21
C MET W 1099 18.27 39.54 -20.74
N ARG W 1100 17.27 40.36 -20.41
CA ARG W 1100 16.85 40.48 -19.02
C ARG W 1100 16.28 39.17 -18.49
N THR W 1101 15.44 38.50 -19.28
CA THR W 1101 14.89 37.22 -18.85
C THR W 1101 15.98 36.17 -18.71
N PHE W 1102 16.92 36.13 -19.64
CA PHE W 1102 18.01 35.16 -19.55
C PHE W 1102 18.86 35.40 -18.30
N TYR W 1103 19.19 36.65 -18.00
CA TYR W 1103 19.98 36.92 -16.81
C TYR W 1103 19.21 36.60 -15.54
N ASN W 1104 17.90 36.87 -15.53
CA ASN W 1104 17.10 36.57 -14.34
C ASN W 1104 17.06 35.07 -14.08
N ALA W 1105 16.88 34.26 -15.13
CA ALA W 1105 16.77 32.82 -14.94
C ALA W 1105 18.06 32.23 -14.38
N THR W 1106 19.19 32.51 -15.03
CA THR W 1106 20.50 32.01 -14.61
C THR W 1106 21.48 33.17 -14.60
N LYS W 1107 22.19 33.35 -13.50
CA LYS W 1107 23.05 34.52 -13.33
C LYS W 1107 24.39 34.32 -14.03
N ASN W 1108 24.32 34.10 -15.34
CA ASN W 1108 25.49 33.79 -16.17
C ASN W 1108 25.74 34.94 -17.12
N ASN W 1109 26.74 35.77 -16.79
CA ASN W 1109 27.09 36.92 -17.62
C ASN W 1109 28.23 36.65 -18.58
N ARG W 1110 28.73 35.41 -18.66
CA ARG W 1110 29.83 35.12 -19.55
C ARG W 1110 29.36 34.88 -20.98
N ALA W 1111 28.09 34.51 -21.16
CA ALA W 1111 27.60 34.22 -22.50
C ALA W 1111 27.33 35.49 -23.30
N MET W 1112 26.86 36.55 -22.62
CA MET W 1112 26.49 37.76 -23.34
C MET W 1112 27.70 38.40 -24.00
N ASP W 1113 28.83 38.44 -23.31
CA ASP W 1113 30.04 39.03 -23.88
C ASP W 1113 30.51 38.26 -25.11
N ALA W 1114 30.50 36.92 -25.02
CA ALA W 1114 30.90 36.10 -26.17
C ALA W 1114 29.96 36.30 -27.34
N ALA W 1115 28.65 36.40 -27.06
CA ALA W 1115 27.69 36.60 -28.14
C ALA W 1115 27.88 37.95 -28.81
N LEU W 1116 28.19 39.00 -28.04
CA LEU W 1116 28.24 40.35 -28.59
C LEU W 1116 29.60 40.75 -29.12
N SER W 1117 30.64 39.93 -28.95
CA SER W 1117 31.93 40.32 -29.52
C SER W 1117 32.00 40.16 -31.04
N THR W 1118 31.26 39.20 -31.59
CA THR W 1118 31.40 38.87 -33.02
C THR W 1118 30.97 40.02 -33.92
N VAL W 1119 29.90 40.73 -33.55
CA VAL W 1119 29.37 41.78 -34.42
C VAL W 1119 30.39 42.90 -34.56
N MET W 1120 31.06 43.28 -33.47
CA MET W 1120 32.16 44.23 -33.57
C MET W 1120 33.27 43.67 -34.44
N SER W 1121 33.65 42.41 -34.19
CA SER W 1121 34.76 41.82 -34.92
C SER W 1121 34.56 41.85 -36.42
N MET W 1122 33.31 41.75 -36.88
CA MET W 1122 33.05 41.76 -38.32
C MET W 1122 32.81 43.16 -38.89
N GLY W 1123 32.00 43.98 -38.21
CA GLY W 1123 31.74 45.31 -38.74
C GLY W 1123 32.99 46.14 -38.89
N LEU W 1124 33.92 46.04 -37.93
CA LEU W 1124 35.12 46.85 -38.01
C LEU W 1124 35.93 46.50 -39.25
N ALA W 1125 36.05 45.21 -39.59
CA ALA W 1125 36.76 44.82 -40.81
C ALA W 1125 36.06 45.32 -42.07
N GLY W 1126 34.73 45.24 -42.07
CA GLY W 1126 33.99 45.76 -43.23
C GLY W 1126 34.29 47.22 -43.51
N MET W 1127 34.39 48.03 -42.45
CA MET W 1127 34.64 49.46 -42.64
C MET W 1127 35.98 49.71 -43.36
N TYR W 1128 37.04 49.01 -42.94
CA TYR W 1128 38.33 49.24 -43.58
C TYR W 1128 38.33 48.75 -45.03
N TYR W 1129 37.63 47.65 -45.32
CA TYR W 1129 37.56 47.24 -46.72
C TYR W 1129 36.93 48.34 -47.58
N MET W 1130 35.82 48.90 -47.11
CA MET W 1130 35.14 49.93 -47.89
C MET W 1130 36.03 51.16 -48.09
N ALA W 1131 36.73 51.58 -47.03
CA ALA W 1131 37.60 52.75 -47.14
C ALA W 1131 38.72 52.52 -48.14
N GLN W 1132 39.30 51.32 -48.13
CA GLN W 1132 40.37 51.02 -49.09
C GLN W 1132 39.85 51.05 -50.52
N ALA W 1133 38.65 50.50 -50.75
CA ALA W 1133 38.09 50.53 -52.10
C ALA W 1133 37.90 51.96 -52.58
N HIS W 1134 37.31 52.82 -51.73
CA HIS W 1134 37.09 54.20 -52.14
C HIS W 1134 38.40 54.93 -52.42
N ILE W 1135 39.41 54.74 -51.58
CA ILE W 1135 40.66 55.45 -51.81
C ILE W 1135 41.36 54.94 -53.06
N LYS W 1136 41.16 53.67 -53.43
CA LYS W 1136 41.79 53.17 -54.65
C LYS W 1136 41.07 53.67 -55.89
N ALA W 1137 39.74 53.81 -55.84
CA ALA W 1137 39.00 54.18 -57.04
C ALA W 1137 39.14 55.65 -57.41
N TYR W 1138 39.94 56.43 -56.69
CA TYR W 1138 40.04 57.87 -56.94
C TYR W 1138 40.91 58.18 -58.14
N ALA W 1139 41.87 57.33 -58.46
CA ALA W 1139 42.91 57.66 -59.43
C ALA W 1139 42.54 57.34 -60.87
N MET W 1140 41.38 56.71 -61.11
CA MET W 1140 40.97 56.41 -62.48
C MET W 1140 40.45 57.69 -63.15
N GLN W 1141 41.16 58.13 -64.19
CA GLN W 1141 40.85 59.44 -64.79
C GLN W 1141 39.59 59.38 -65.64
N ASP W 1142 39.39 58.30 -66.38
CA ASP W 1142 38.25 58.19 -67.29
C ASP W 1142 37.00 57.82 -66.50
N GLY W 1143 35.95 57.44 -67.20
CA GLY W 1143 34.71 57.01 -66.57
C GLY W 1143 34.71 55.59 -66.09
N ARG W 1144 35.88 54.94 -66.05
CA ARG W 1144 35.97 53.56 -65.60
C ARG W 1144 35.65 53.38 -64.12
N ASP W 1145 35.67 54.48 -63.35
CA ASP W 1145 35.39 54.37 -61.93
C ASP W 1145 33.98 53.86 -61.67
N ARG W 1146 33.04 54.20 -62.55
CA ARG W 1146 31.67 53.73 -62.36
C ARG W 1146 31.58 52.21 -62.44
N GLU W 1147 32.20 51.63 -63.46
CA GLU W 1147 32.21 50.17 -63.57
C GLU W 1147 32.98 49.53 -62.42
N TYR W 1148 34.11 50.13 -62.05
CA TYR W 1148 34.90 49.57 -60.95
C TYR W 1148 34.09 49.57 -59.65
N LEU W 1149 33.39 50.66 -59.36
CA LEU W 1149 32.60 50.71 -58.15
C LEU W 1149 31.39 49.81 -58.23
N LYS W 1150 30.84 49.60 -59.42
CA LYS W 1150 29.74 48.66 -59.56
C LYS W 1150 30.20 47.24 -59.24
N GLN W 1151 31.41 46.90 -59.66
CA GLN W 1151 31.91 45.56 -59.38
C GLN W 1151 32.35 45.38 -57.93
N ALA W 1152 32.98 46.40 -57.34
CA ALA W 1152 33.61 46.25 -56.04
C ALA W 1152 32.63 46.29 -54.88
N LEU W 1153 31.55 47.06 -54.99
CA LEU W 1153 30.69 47.34 -53.84
C LEU W 1153 29.41 46.53 -53.84
N ASN W 1154 29.45 45.30 -54.32
CA ASN W 1154 28.30 44.42 -54.14
C ASN W 1154 28.30 43.86 -52.72
N PRO W 1155 27.12 43.67 -52.12
CA PRO W 1155 27.08 43.17 -50.74
C PRO W 1155 27.74 41.81 -50.54
N THR W 1156 27.69 40.91 -51.52
CA THR W 1156 28.34 39.62 -51.35
C THR W 1156 29.84 39.76 -51.27
N MET W 1157 30.43 40.68 -52.02
CA MET W 1157 31.86 40.92 -51.92
C MET W 1157 32.23 41.45 -50.55
N ILE W 1158 31.40 42.34 -49.99
CA ILE W 1158 31.62 42.84 -48.63
C ILE W 1158 31.58 41.71 -47.63
N GLY W 1159 30.59 40.82 -47.76
CA GLY W 1159 30.50 39.69 -46.85
C GLY W 1159 31.69 38.76 -46.93
N TYR W 1160 32.15 38.46 -48.15
CA TYR W 1160 33.31 37.59 -48.31
C TYR W 1160 34.55 38.21 -47.69
N ALA W 1161 34.79 39.49 -47.97
CA ALA W 1161 35.98 40.13 -47.42
C ALA W 1161 35.89 40.32 -45.92
N ALA W 1162 34.69 40.40 -45.36
CA ALA W 1162 34.53 40.49 -43.92
C ALA W 1162 34.79 39.15 -43.24
N LEU W 1163 34.35 38.06 -43.85
CA LEU W 1163 34.59 36.74 -43.24
C LEU W 1163 36.04 36.31 -43.38
N SER W 1164 36.63 36.49 -44.56
CA SER W 1164 38.02 36.07 -44.75
C SER W 1164 38.96 36.84 -43.84
N ARG W 1165 38.72 38.14 -43.68
CA ARG W 1165 39.50 38.97 -42.78
C ARG W 1165 39.02 38.76 -41.35
N SER W 1166 39.35 39.69 -40.46
CA SER W 1166 38.96 39.64 -39.05
C SER W 1166 39.79 38.62 -38.31
N SER W 1167 39.41 38.29 -37.09
CA SER W 1167 40.21 37.47 -36.21
C SER W 1167 39.49 36.19 -35.79
N HIS W 1168 38.88 35.48 -36.74
CA HIS W 1168 38.44 34.13 -36.44
C HIS W 1168 39.61 33.17 -36.51
N LEU W 1169 40.40 33.28 -37.60
CA LEU W 1169 41.63 32.54 -37.82
C LEU W 1169 41.56 31.15 -37.20
N GLY W 1170 42.47 30.88 -36.27
CA GLY W 1170 42.34 29.72 -35.42
C GLY W 1170 42.56 30.16 -34.00
N GLY W 1171 42.61 31.47 -33.80
CA GLY W 1171 42.99 32.04 -32.54
C GLY W 1171 44.33 32.72 -32.67
N PRO W 1172 45.11 32.77 -31.58
CA PRO W 1172 46.45 33.36 -31.65
C PRO W 1172 47.40 32.60 -32.57
N LEU W 1173 47.16 31.32 -32.82
CA LEU W 1173 48.11 30.54 -33.63
C LEU W 1173 48.05 30.93 -35.10
N GLY W 1174 46.90 30.73 -35.74
CA GLY W 1174 46.72 31.15 -37.11
C GLY W 1174 46.36 30.06 -38.09
N VAL W 1175 45.69 30.45 -39.18
CA VAL W 1175 45.34 29.50 -40.23
C VAL W 1175 46.58 28.97 -40.93
N ALA W 1176 47.60 29.82 -41.09
CA ALA W 1176 48.84 29.36 -41.73
C ALA W 1176 49.49 28.21 -40.98
N ASN W 1177 49.21 28.06 -39.69
CA ASN W 1177 49.76 26.99 -38.88
C ASN W 1177 48.79 25.83 -38.67
N ILE W 1178 47.51 26.12 -38.47
CA ILE W 1178 46.54 25.05 -38.21
C ILE W 1178 46.28 24.23 -39.47
N LEU W 1179 46.07 24.89 -40.60
CA LEU W 1179 45.75 24.22 -41.86
C LEU W 1179 46.92 24.15 -42.83
N GLY W 1180 48.13 24.33 -42.35
CA GLY W 1180 49.27 24.33 -43.24
C GLY W 1180 49.90 22.98 -43.49
N GLY W 1181 49.28 21.90 -43.05
CA GLY W 1181 49.87 20.57 -43.17
C GLY W 1181 49.47 19.77 -44.38
N ILE W 1182 48.54 20.27 -45.21
CA ILE W 1182 48.07 19.52 -46.37
C ILE W 1182 48.93 19.78 -47.61
N ALA W 1183 49.97 20.60 -47.50
CA ALA W 1183 50.86 20.80 -48.64
C ALA W 1183 51.64 19.54 -48.99
N GLY W 1184 51.75 18.59 -48.06
CA GLY W 1184 52.50 17.37 -48.34
C GLY W 1184 51.87 16.53 -49.43
N TYR W 1185 50.53 16.50 -49.47
CA TYR W 1185 49.84 15.74 -50.50
C TYR W 1185 50.16 16.26 -51.89
N GLU W 1186 50.08 17.59 -52.07
CA GLU W 1186 50.45 18.16 -53.36
C GLU W 1186 51.92 17.95 -53.66
N ASP W 1187 52.78 18.05 -52.66
CA ASP W 1187 54.21 17.87 -52.89
C ASP W 1187 54.51 16.45 -53.36
N THR W 1188 53.78 15.46 -52.84
CA THR W 1188 54.03 14.08 -53.24
C THR W 1188 53.33 13.69 -54.53
N LYS W 1189 52.24 14.37 -54.91
CA LYS W 1189 51.61 14.09 -56.20
C LYS W 1189 52.53 14.49 -57.36
N MET W 1190 53.06 15.72 -57.32
CA MET W 1190 53.77 16.26 -58.47
C MET W 1190 55.11 15.58 -58.71
N LEU W 1191 55.65 14.86 -57.71
CA LEU W 1191 56.95 14.24 -57.89
C LEU W 1191 56.92 13.18 -58.98
N ARG W 1192 55.98 12.24 -58.89
CA ARG W 1192 55.96 11.12 -59.82
C ARG W 1192 55.34 11.48 -61.16
N SER W 1193 54.36 12.39 -61.18
CA SER W 1193 53.62 12.65 -62.41
C SER W 1193 54.51 13.29 -63.47
N SER W 1194 55.28 14.30 -63.10
CA SER W 1194 56.10 15.04 -64.07
C SER W 1194 57.27 14.20 -64.58
N VAL W 1222 54.83 -3.18 -60.69
CA VAL W 1222 56.08 -2.43 -60.60
C VAL W 1222 55.79 -0.98 -60.26
N GLY W 1223 54.61 -0.73 -59.68
CA GLY W 1223 54.21 0.61 -59.32
C GLY W 1223 54.36 0.95 -57.85
N ASN W 1224 55.46 1.62 -57.51
CA ASN W 1224 55.72 2.21 -56.20
C ASN W 1224 56.03 1.19 -55.12
N PHE W 1225 55.84 -0.10 -55.41
CA PHE W 1225 56.14 -1.19 -54.47
C PHE W 1225 55.58 -0.88 -53.08
N LEU W 1226 54.26 -0.78 -53.00
CA LEU W 1226 53.60 -0.18 -51.84
C LEU W 1226 54.03 -0.84 -50.53
N GLU W 1227 54.30 -0.01 -49.52
CA GLU W 1227 54.83 -0.47 -48.25
C GLU W 1227 53.70 -0.69 -47.24
N GLN W 1228 53.87 -1.70 -46.40
CA GLN W 1228 52.93 -1.95 -45.33
C GLN W 1228 53.27 -1.10 -44.10
N VAL W 1229 52.24 -0.79 -43.32
CA VAL W 1229 52.42 -0.04 -42.08
C VAL W 1229 53.10 -0.96 -41.07
N PRO W 1230 53.77 -0.42 -40.05
CA PRO W 1230 54.34 -1.29 -39.00
C PRO W 1230 53.25 -2.05 -38.27
N ALA W 1231 53.68 -2.94 -37.38
CA ALA W 1231 52.73 -3.77 -36.65
C ALA W 1231 51.76 -2.93 -35.84
N PHE W 1232 52.21 -1.80 -35.32
CA PHE W 1232 51.34 -0.87 -34.60
C PHE W 1232 50.71 0.09 -35.61
N GLY W 1233 49.38 0.08 -35.70
CA GLY W 1233 48.69 0.67 -36.84
C GLY W 1233 48.64 2.19 -36.84
N TYR W 1234 49.23 2.85 -35.85
CA TYR W 1234 49.27 4.30 -35.72
C TYR W 1234 47.89 4.86 -35.34
N ALA W 1235 46.87 4.02 -35.36
CA ALA W 1235 45.60 4.43 -34.77
C ALA W 1235 45.71 4.45 -33.25
N ALA W 1236 46.66 3.71 -32.70
CA ALA W 1236 46.91 3.67 -31.26
C ALA W 1236 48.15 4.50 -30.96
N ASN W 1237 47.93 5.67 -30.35
CA ASN W 1237 49.02 6.52 -29.87
C ASN W 1237 48.54 7.20 -28.60
N VAL W 1238 49.12 6.80 -27.46
CA VAL W 1238 48.81 7.47 -26.21
C VAL W 1238 49.37 8.89 -26.27
N GLY W 1239 48.56 9.86 -25.88
CA GLY W 1239 48.97 11.25 -26.01
C GLY W 1239 50.17 11.56 -25.14
N ALA W 1240 50.92 12.59 -25.56
CA ALA W 1240 52.07 13.12 -24.85
C ALA W 1240 53.25 12.16 -24.87
N THR W 1241 53.06 10.96 -25.40
CA THR W 1241 54.14 10.01 -25.59
C THR W 1241 54.41 9.75 -27.07
N ALA W 1242 53.69 10.39 -27.96
CA ALA W 1242 53.95 10.35 -29.38
C ALA W 1242 54.89 11.44 -29.84
N TYR W 1243 55.39 12.28 -28.93
CA TYR W 1243 56.22 13.42 -29.29
C TYR W 1243 57.64 13.36 -28.75
N ASN W 1244 57.98 12.33 -27.97
CA ASN W 1244 59.35 12.21 -27.47
C ASN W 1244 60.24 11.74 -28.62
N LEU W 1245 61.48 11.36 -28.32
CA LEU W 1245 62.41 11.02 -29.39
C LEU W 1245 61.92 9.80 -30.16
N ALA W 1246 61.38 8.80 -29.48
CA ALA W 1246 60.93 7.59 -30.16
C ALA W 1246 59.76 7.86 -31.09
N GLY W 1247 58.90 8.82 -30.74
CA GLY W 1247 57.73 9.09 -31.55
C GLY W 1247 58.03 9.80 -32.85
N TYR W 1248 59.14 10.52 -32.92
CA TYR W 1248 59.49 11.21 -34.15
C TYR W 1248 60.07 10.27 -35.20
N LEU W 1249 60.84 9.27 -34.77
CA LEU W 1249 61.61 8.47 -35.71
C LEU W 1249 60.83 7.30 -36.32
N LYS W 1250 59.68 6.94 -35.77
CA LYS W 1250 58.96 5.75 -36.22
C LYS W 1250 57.48 6.03 -36.36
N ALA W 1251 57.14 7.13 -37.03
CA ALA W 1251 55.75 7.54 -37.23
C ALA W 1251 55.37 7.40 -38.69
N ASP W 1252 54.09 7.65 -38.97
CA ASP W 1252 53.54 7.62 -40.33
C ASP W 1252 53.28 9.05 -40.78
N THR W 1253 53.77 9.40 -41.96
CA THR W 1253 53.76 10.77 -42.43
C THR W 1253 52.96 10.94 -43.71
N ARG W 1254 51.77 10.36 -43.76
CA ARG W 1254 50.83 10.56 -44.86
C ARG W 1254 49.54 11.16 -44.32
N VAL W 1255 48.70 11.63 -45.24
CA VAL W 1255 47.50 12.38 -44.89
C VAL W 1255 46.29 11.45 -44.91
N ASN W 1256 45.47 11.53 -43.87
CA ASN W 1256 44.21 10.81 -43.81
C ASN W 1256 43.09 11.79 -43.46
N GLU W 1257 41.86 11.29 -43.43
CA GLU W 1257 40.69 12.14 -43.24
C GLU W 1257 40.69 12.84 -41.89
N ARG W 1258 41.36 12.27 -40.89
CA ARG W 1258 41.36 12.87 -39.56
C ARG W 1258 41.97 14.25 -39.57
N ASP W 1259 43.04 14.44 -40.35
CA ASP W 1259 43.66 15.76 -40.44
C ASP W 1259 42.69 16.79 -41.01
N TYR W 1260 41.98 16.42 -42.08
CA TYR W 1260 40.99 17.33 -42.66
C TYR W 1260 39.95 17.73 -41.62
N MET W 1261 39.35 16.74 -40.97
CA MET W 1261 38.27 17.04 -40.03
C MET W 1261 38.75 17.88 -38.86
N THR W 1262 39.90 17.53 -38.28
CA THR W 1262 40.40 18.25 -37.12
C THR W 1262 40.78 19.68 -37.46
N GLY W 1263 41.51 19.89 -38.56
CA GLY W 1263 41.88 21.24 -38.93
C GLY W 1263 40.67 22.11 -39.24
N MET W 1264 39.71 21.57 -40.00
CA MET W 1264 38.52 22.35 -40.32
C MET W 1264 37.72 22.69 -39.08
N TYR W 1265 37.61 21.77 -38.12
CA TYR W 1265 36.88 22.11 -36.90
C TYR W 1265 37.62 23.15 -36.08
N ASN W 1266 38.95 23.06 -36.00
CA ASN W 1266 39.69 24.02 -35.20
C ASN W 1266 39.61 25.42 -35.78
N THR W 1267 39.58 25.55 -37.12
CA THR W 1267 39.59 26.88 -37.71
C THR W 1267 38.31 27.66 -37.42
N PHE W 1268 37.18 26.98 -37.24
CA PHE W 1268 35.87 27.60 -37.07
C PHE W 1268 35.30 27.35 -35.67
N ARG W 1269 36.14 27.48 -34.65
CA ARG W 1269 35.71 27.05 -33.31
C ARG W 1269 34.81 28.06 -32.64
N GLU W 1270 35.27 29.30 -32.47
CA GLU W 1270 34.52 30.28 -31.70
C GLU W 1270 33.30 30.80 -32.45
N LEU W 1271 33.31 30.75 -33.78
CA LEU W 1271 32.14 31.20 -34.53
C LEU W 1271 30.97 30.23 -34.39
N VAL W 1272 31.25 28.94 -34.43
CA VAL W 1272 30.20 27.92 -34.39
C VAL W 1272 30.51 26.97 -33.23
N PRO W 1273 30.09 27.28 -32.02
CA PRO W 1273 30.35 26.40 -30.88
C PRO W 1273 29.37 25.22 -30.90
N ASN W 1274 29.51 24.34 -29.91
CA ASN W 1274 28.64 23.17 -29.80
C ASN W 1274 27.56 23.35 -28.75
N ASP W 1275 27.09 24.58 -28.54
CA ASP W 1275 25.96 24.88 -27.68
C ASP W 1275 25.05 25.89 -28.36
N PRO W 1276 23.75 25.83 -28.11
CA PRO W 1276 22.79 26.67 -28.85
C PRO W 1276 22.39 27.99 -28.21
N ILE W 1277 22.94 28.38 -27.05
CA ILE W 1277 22.44 29.58 -26.39
C ILE W 1277 22.82 30.84 -27.15
N THR W 1278 24.05 30.90 -27.65
CA THR W 1278 24.52 32.09 -28.34
C THR W 1278 23.68 32.39 -29.58
N GLN W 1279 23.34 31.36 -30.34
CA GLN W 1279 22.50 31.53 -31.52
C GLN W 1279 21.13 32.06 -31.13
N LYS W 1280 20.56 31.58 -30.03
CA LYS W 1280 19.27 32.08 -29.58
C LYS W 1280 19.34 33.54 -29.19
N LEU W 1281 20.41 33.96 -28.51
CA LEU W 1281 20.53 35.37 -28.14
C LEU W 1281 20.63 36.26 -29.36
N LEU W 1282 21.45 35.88 -30.34
CA LEU W 1282 21.56 36.66 -31.57
C LEU W 1282 20.22 36.72 -32.30
N LEU W 1283 19.52 35.59 -32.35
CA LEU W 1283 18.24 35.55 -33.05
C LEU W 1283 17.22 36.48 -32.40
N GLY W 1284 17.17 36.49 -31.06
CA GLY W 1284 16.25 37.39 -30.38
C GLY W 1284 16.57 38.86 -30.64
N THR W 1285 17.85 39.21 -30.58
CA THR W 1285 18.23 40.60 -30.84
C THR W 1285 17.84 41.03 -32.25
N PHE W 1286 18.15 40.20 -33.24
CA PHE W 1286 17.82 40.56 -34.61
C PHE W 1286 16.31 40.59 -34.86
N GLU W 1287 15.55 39.77 -34.13
CA GLU W 1287 14.09 39.90 -34.20
C GLU W 1287 13.64 41.25 -33.70
N GLU W 1288 14.16 41.68 -32.55
CA GLU W 1288 13.65 42.90 -31.94
C GLU W 1288 14.06 44.15 -32.71
N GLN W 1289 15.22 44.15 -33.37
CA GLN W 1289 15.69 45.38 -34.00
C GLN W 1289 15.42 45.45 -35.51
N GLY W 1290 15.36 44.33 -36.20
CA GLY W 1290 15.02 44.33 -37.61
C GLY W 1290 16.23 44.44 -38.52
N ILE W 1291 16.05 43.97 -39.77
CA ILE W 1291 17.13 43.91 -40.76
C ILE W 1291 16.66 44.57 -42.04
N HIS W 1292 17.62 44.87 -42.91
CA HIS W 1292 17.34 45.53 -44.17
C HIS W 1292 16.91 44.51 -45.20
N ILE W 1293 15.75 44.75 -45.83
CA ILE W 1293 15.12 43.73 -46.68
C ILE W 1293 15.51 43.87 -48.14
N LYS W 1294 16.29 44.89 -48.49
CA LYS W 1294 16.70 45.15 -49.88
C LYS W 1294 15.42 45.39 -50.69
N ASP W 1295 15.43 45.06 -51.98
CA ASP W 1295 14.27 45.18 -52.85
C ASP W 1295 13.69 46.58 -52.84
N MET X 1 -58.61 13.49 -25.25
CA MET X 1 -59.42 12.29 -25.43
C MET X 1 -60.90 12.62 -25.30
N CYS X 2 -61.25 13.86 -25.61
CA CYS X 2 -62.65 14.28 -25.53
C CYS X 2 -63.10 15.09 -26.74
N GLU X 3 -62.22 15.45 -27.66
CA GLU X 3 -62.59 16.22 -28.83
C GLU X 3 -63.53 15.40 -29.71
N PRO X 4 -64.59 15.99 -30.27
CA PRO X 4 -65.55 15.22 -31.07
C PRO X 4 -64.90 14.53 -32.25
N VAL X 5 -63.89 15.17 -32.85
CA VAL X 5 -63.24 14.59 -34.01
C VAL X 5 -62.04 13.73 -33.64
N SER X 6 -61.46 13.94 -32.46
CA SER X 6 -60.33 13.13 -32.03
C SER X 6 -60.74 11.75 -31.57
N ILE X 7 -62.03 11.48 -31.39
CA ILE X 7 -62.50 10.15 -31.05
C ILE X 7 -63.06 9.48 -32.30
N GLY X 8 -63.51 10.30 -33.25
CA GLY X 8 -64.05 9.75 -34.49
C GLY X 8 -63.01 8.97 -35.27
N LEU X 9 -61.81 9.53 -35.41
CA LEU X 9 -60.76 8.82 -36.14
C LEU X 9 -60.36 7.54 -35.40
N GLY X 10 -60.30 7.60 -34.08
CA GLY X 10 -59.94 6.41 -33.31
C GLY X 10 -60.96 5.30 -33.46
N ILE X 11 -62.25 5.66 -33.37
CA ILE X 11 -63.30 4.67 -33.51
C ILE X 11 -63.39 4.12 -34.93
N MET X 12 -63.08 4.93 -35.93
CA MET X 12 -63.00 4.42 -37.30
C MET X 12 -61.82 3.46 -37.46
N SER X 13 -60.68 3.78 -36.85
CA SER X 13 -59.52 2.89 -36.93
C SER X 13 -59.80 1.56 -36.26
N VAL X 14 -60.48 1.59 -35.12
CA VAL X 14 -60.73 0.36 -34.37
C VAL X 14 -61.84 -0.44 -35.04
N ALA X 15 -63.04 0.14 -35.12
CA ALA X 15 -64.19 -0.61 -35.63
C ALA X 15 -64.01 -0.98 -37.10
N GLY X 16 -63.43 -0.08 -37.89
CA GLY X 16 -63.23 -0.36 -39.30
C GLY X 16 -64.41 0.04 -40.16
N ALA X 17 -64.67 -0.73 -41.21
CA ALA X 17 -65.77 -0.46 -42.13
C ALA X 17 -66.96 -1.38 -41.90
N THR X 18 -67.10 -1.92 -40.69
CA THR X 18 -68.19 -2.85 -40.41
C THR X 18 -69.55 -2.15 -40.38
N MET X 19 -69.59 -0.83 -40.37
CA MET X 19 -70.84 -0.10 -40.34
C MET X 19 -71.23 0.33 -41.76
N SER X 20 -72.31 1.10 -41.86
CA SER X 20 -72.80 1.56 -43.14
C SER X 20 -71.94 2.70 -43.66
N ALA X 21 -72.30 3.23 -44.84
CA ALA X 21 -71.46 4.21 -45.50
C ALA X 21 -71.57 5.60 -44.87
N SER X 22 -72.77 5.97 -44.41
CA SER X 22 -73.00 7.35 -43.97
C SER X 22 -72.16 7.71 -42.76
N GLN X 23 -72.04 6.79 -41.80
CA GLN X 23 -71.25 7.06 -40.61
C GLN X 23 -69.79 7.32 -40.97
N GLN X 24 -69.24 6.48 -41.86
CA GLN X 24 -67.87 6.71 -42.32
C GLN X 24 -67.75 8.04 -43.05
N ALA X 25 -68.78 8.40 -43.83
CA ALA X 25 -68.77 9.67 -44.53
C ALA X 25 -68.65 10.84 -43.57
N LYS X 26 -69.50 10.88 -42.54
CA LYS X 26 -69.44 11.99 -41.58
C LYS X 26 -68.12 11.99 -40.82
N ALA X 27 -67.68 10.81 -40.38
CA ALA X 27 -66.45 10.71 -39.60
C ALA X 27 -65.25 11.20 -40.38
N GLU X 28 -65.22 10.92 -41.69
CA GLU X 28 -64.14 11.43 -42.51
C GLU X 28 -64.29 12.91 -42.84
N GLY X 29 -65.52 13.39 -43.01
CA GLY X 29 -65.72 14.77 -43.44
C GLY X 29 -65.50 15.81 -42.37
N ALA X 30 -65.63 15.44 -41.09
CA ALA X 30 -65.45 16.43 -40.03
C ALA X 30 -64.06 17.07 -40.08
N ALA X 31 -63.01 16.24 -40.12
CA ALA X 31 -61.66 16.78 -40.13
C ALA X 31 -61.37 17.57 -41.40
N ILE X 32 -61.92 17.15 -42.53
CA ILE X 32 -61.74 17.89 -43.78
C ILE X 32 -62.32 19.29 -43.66
N ASP X 33 -63.54 19.39 -43.11
CA ASP X 33 -64.14 20.70 -42.92
C ASP X 33 -63.28 21.58 -42.01
N ALA X 34 -62.79 20.99 -40.91
CA ALA X 34 -61.96 21.77 -40.00
C ALA X 34 -60.70 22.30 -40.69
N GLN X 35 -60.04 21.44 -41.47
CA GLN X 35 -58.82 21.86 -42.15
C GLN X 35 -59.09 22.97 -43.15
N ASN X 36 -60.17 22.83 -43.95
CA ASN X 36 -60.46 23.87 -44.93
C ASN X 36 -60.76 25.20 -44.26
N ARG X 37 -61.54 25.18 -43.17
CA ARG X 37 -61.85 26.44 -42.49
C ARG X 37 -60.59 27.09 -41.94
N GLN X 38 -59.70 26.31 -41.34
CA GLN X 38 -58.47 26.90 -40.81
C GLN X 38 -57.62 27.53 -41.92
N ALA X 39 -57.45 26.80 -43.03
CA ALA X 39 -56.59 27.30 -44.10
C ALA X 39 -57.18 28.56 -44.72
N GLN X 40 -58.49 28.56 -44.96
CA GLN X 40 -59.15 29.74 -45.53
C GLN X 40 -59.03 30.93 -44.60
N GLU X 41 -59.19 30.71 -43.29
CA GLU X 41 -59.05 31.80 -42.33
C GLU X 41 -57.65 32.39 -42.36
N MET X 42 -56.62 31.54 -42.42
CA MET X 42 -55.27 32.09 -42.47
C MET X 42 -55.06 32.87 -43.76
N ILE X 43 -55.54 32.33 -44.88
CA ILE X 43 -55.29 32.97 -46.17
C ILE X 43 -55.95 34.34 -46.24
N LYS X 44 -57.12 34.49 -45.62
CA LYS X 44 -57.85 35.76 -45.72
C LYS X 44 -57.02 36.92 -45.20
N GLN X 45 -56.34 36.75 -44.06
CA GLN X 45 -55.64 37.87 -43.45
C GLN X 45 -54.42 38.33 -44.23
N MET X 46 -54.01 37.61 -45.27
CA MET X 46 -52.76 37.86 -45.96
C MET X 46 -52.89 39.02 -46.95
N ASN X 47 -51.81 39.29 -47.66
CA ASN X 47 -51.83 40.16 -48.83
C ASN X 47 -51.89 39.30 -50.09
N TYR X 48 -52.00 39.97 -51.25
CA TYR X 48 -52.09 39.25 -52.51
C TYR X 48 -50.73 39.06 -53.17
N SER X 49 -50.07 40.17 -53.50
CA SER X 49 -48.80 40.08 -54.21
C SER X 49 -47.69 39.61 -53.27
N ASP X 50 -46.73 38.89 -53.83
CA ASP X 50 -45.61 38.36 -53.07
C ASP X 50 -44.47 39.36 -52.91
N ALA X 51 -44.58 40.55 -53.50
CA ALA X 51 -43.55 41.57 -53.39
C ALA X 51 -43.74 42.49 -52.19
N ASN X 52 -44.82 42.30 -51.42
CA ASN X 52 -45.12 43.16 -50.28
C ASN X 52 -45.05 42.42 -48.95
N LEU X 53 -44.59 41.18 -48.96
CA LEU X 53 -44.62 40.34 -47.77
C LEU X 53 -43.21 40.09 -47.23
N LYS X 54 -43.16 39.66 -45.97
CA LYS X 54 -41.91 39.31 -45.32
C LYS X 54 -41.47 37.93 -45.79
N MET X 55 -40.47 37.35 -45.12
CA MET X 55 -40.01 36.03 -45.50
C MET X 55 -40.89 34.94 -44.90
N GLN X 56 -41.13 35.01 -43.59
CA GLN X 56 -41.88 33.96 -42.91
C GLN X 56 -43.30 33.87 -43.45
N GLU X 57 -43.94 35.01 -43.70
CA GLU X 57 -45.29 35.01 -44.23
C GLU X 57 -45.33 34.37 -45.62
N ARG X 58 -44.35 34.68 -46.45
CA ARG X 58 -44.29 34.08 -47.78
C ARG X 58 -44.16 32.57 -47.69
N ASP X 59 -43.26 32.09 -46.82
CA ASP X 59 -43.08 30.65 -46.69
C ASP X 59 -44.34 29.98 -46.18
N LEU X 60 -44.99 30.56 -45.17
CA LEU X 60 -46.23 29.99 -44.66
C LEU X 60 -47.30 29.91 -45.74
N LYS X 61 -47.48 30.99 -46.50
CA LYS X 61 -48.52 31.00 -47.52
C LYS X 61 -48.22 29.98 -48.62
N GLU X 62 -46.96 29.93 -49.07
CA GLU X 62 -46.65 29.00 -50.16
C GLU X 62 -46.77 27.56 -49.70
N GLN X 63 -46.51 27.29 -48.42
CA GLN X 63 -46.65 25.92 -47.92
C GLN X 63 -48.12 25.53 -47.80
N GLN X 64 -48.95 26.42 -47.28
CA GLN X 64 -50.33 26.05 -46.94
C GLN X 64 -51.32 26.36 -48.07
N MET X 65 -50.87 26.95 -49.17
CA MET X 65 -51.80 27.29 -50.24
C MET X 65 -52.22 26.05 -51.02
N ALA X 66 -51.34 25.06 -51.15
CA ALA X 66 -51.50 23.96 -52.10
C ALA X 66 -52.65 23.02 -51.79
N GLU X 67 -53.26 23.12 -50.60
CA GLU X 67 -54.32 22.19 -50.26
C GLU X 67 -55.64 22.50 -50.96
N LEU X 68 -55.74 23.63 -51.66
CA LEU X 68 -56.92 23.97 -52.44
C LEU X 68 -56.82 23.53 -53.90
N THR X 69 -55.76 22.84 -54.29
CA THR X 69 -55.59 22.44 -55.67
C THR X 69 -56.55 21.33 -56.05
N GLU X 70 -57.04 21.38 -57.30
CA GLU X 70 -57.91 20.38 -57.87
C GLU X 70 -57.41 20.05 -59.26
N THR X 71 -57.58 18.80 -59.68
CA THR X 71 -56.91 18.36 -60.91
C THR X 71 -57.84 17.72 -61.92
N THR X 72 -58.97 17.16 -61.49
CA THR X 72 -59.74 16.29 -62.38
C THR X 72 -60.72 17.04 -63.27
N LEU X 73 -61.54 17.94 -62.72
CA LEU X 73 -62.60 18.59 -63.49
C LEU X 73 -62.27 20.03 -63.86
N ASN X 74 -61.03 20.32 -64.22
CA ASN X 74 -60.69 21.68 -64.62
C ASN X 74 -61.39 22.10 -65.90
N GLY X 75 -61.46 21.19 -66.88
CA GLY X 75 -62.00 21.56 -68.19
C GLY X 75 -63.46 21.97 -68.13
N ILE X 76 -64.25 21.26 -67.34
CA ILE X 76 -65.66 21.61 -67.19
C ILE X 76 -65.81 23.00 -66.61
N ARG X 77 -64.97 23.34 -65.63
CA ARG X 77 -65.00 24.68 -65.06
C ARG X 77 -64.63 25.72 -66.11
N ASN X 78 -63.56 25.48 -66.87
CA ASN X 78 -63.02 26.51 -67.75
C ASN X 78 -63.76 26.63 -69.07
N GLN X 79 -64.65 25.68 -69.42
CA GLN X 79 -65.32 25.79 -70.72
C GLN X 79 -66.16 27.06 -70.84
N GLY X 80 -66.58 27.63 -69.71
CA GLY X 80 -67.41 28.82 -69.77
C GLY X 80 -66.72 30.03 -70.34
N VAL X 82 -63.97 30.16 -72.41
CA VAL X 82 -63.44 30.07 -73.76
C VAL X 82 -64.48 30.42 -74.81
N ARG X 83 -65.74 30.03 -74.58
CA ARG X 83 -66.78 30.35 -75.56
C ARG X 83 -66.98 31.86 -75.68
N ALA X 84 -66.96 32.56 -74.55
CA ALA X 84 -67.08 34.02 -74.59
C ALA X 84 -65.84 34.67 -75.17
N ALA X 85 -64.66 34.08 -74.94
CA ALA X 85 -63.43 34.67 -75.45
C ALA X 85 -63.28 34.46 -76.95
N VAL X 86 -63.85 33.39 -77.49
CA VAL X 86 -63.68 33.04 -78.90
C VAL X 86 -64.84 33.54 -79.76
N ALA X 87 -66.08 33.37 -79.29
CA ALA X 87 -67.23 33.73 -80.11
C ALA X 87 -67.22 35.21 -80.47
N GLU X 88 -66.90 36.06 -79.52
CA GLU X 88 -66.82 37.50 -79.78
C GLU X 88 -65.39 37.92 -80.09
N ASP X 106 -80.74 20.98 -72.97
CA ASP X 106 -79.83 19.87 -72.73
C ASP X 106 -80.26 19.07 -71.50
N THR X 107 -81.12 18.06 -71.71
CA THR X 107 -81.56 17.21 -70.63
C THR X 107 -81.20 15.75 -70.91
N VAL X 108 -79.97 15.53 -71.36
CA VAL X 108 -79.41 14.21 -71.64
C VAL X 108 -80.06 13.58 -72.87
N LYS X 109 -81.39 13.70 -72.98
CA LYS X 109 -82.08 13.11 -74.12
C LYS X 109 -81.60 13.69 -75.44
N GLU X 110 -81.39 15.01 -75.49
CA GLU X 110 -80.90 15.63 -76.71
C GLU X 110 -79.48 15.22 -77.06
N ARG X 111 -78.74 14.66 -76.10
CA ARG X 111 -77.40 14.16 -76.39
C ARG X 111 -77.47 12.83 -77.14
N ALA X 112 -76.42 12.55 -77.90
CA ALA X 112 -76.31 11.32 -78.67
C ALA X 112 -75.23 10.45 -78.06
N GLY X 113 -75.53 9.16 -77.92
CA GLY X 113 -74.63 8.22 -77.28
C GLY X 113 -74.82 8.04 -75.80
N ILE X 114 -75.77 8.75 -75.19
CA ILE X 114 -76.05 8.66 -73.77
C ILE X 114 -77.54 8.41 -73.60
N THR X 115 -77.89 7.41 -72.79
CA THR X 115 -79.28 7.09 -72.50
C THR X 115 -79.77 7.94 -71.33
N GLU X 116 -81.06 7.79 -71.00
CA GLU X 116 -81.64 8.56 -69.91
C GLU X 116 -81.04 8.15 -68.56
N SER X 117 -80.64 6.90 -68.42
CA SER X 117 -80.05 6.39 -67.19
C SER X 117 -78.53 6.54 -67.18
N TYR X 118 -77.99 7.49 -67.94
CA TYR X 118 -76.55 7.74 -68.00
C TYR X 118 -75.77 6.49 -68.39
N ASN X 119 -76.33 5.69 -69.30
CA ASN X 119 -75.66 4.52 -69.85
C ASN X 119 -75.50 4.69 -71.35
N ARG X 120 -74.56 3.93 -71.90
CA ARG X 120 -74.28 4.01 -73.33
C ARG X 120 -75.45 3.46 -74.14
N ASP X 121 -75.71 4.09 -75.28
CA ASP X 121 -76.75 3.64 -76.21
C ASP X 121 -76.08 2.96 -77.39
N TYR X 122 -76.17 1.62 -77.42
CA TYR X 122 -75.48 0.87 -78.46
C TYR X 122 -76.20 0.92 -79.79
N ALA X 123 -77.51 1.14 -79.79
CA ALA X 123 -78.28 1.12 -81.03
C ALA X 123 -77.74 2.16 -82.02
N ALA X 124 -77.62 3.40 -81.57
CA ALA X 124 -77.17 4.46 -82.47
C ALA X 124 -75.70 4.27 -82.85
N ILE X 125 -74.84 3.96 -81.87
CA ILE X 125 -73.41 3.87 -82.15
C ILE X 125 -73.09 2.69 -83.05
N PHE X 126 -73.98 1.70 -83.13
CA PHE X 126 -73.76 0.56 -84.00
C PHE X 126 -74.51 0.67 -85.33
N GLY X 127 -75.60 1.44 -85.39
CA GLY X 127 -76.32 1.57 -86.64
C GLY X 127 -76.00 2.80 -87.45
N ASN X 128 -76.02 3.98 -86.81
CA ASN X 128 -75.91 5.24 -87.52
C ASN X 128 -74.47 5.70 -87.71
N ARG X 129 -73.49 4.96 -87.19
CA ARG X 129 -72.07 5.30 -87.30
C ARG X 129 -71.80 6.68 -86.68
N ILE X 130 -72.08 6.79 -85.39
CA ILE X 130 -71.86 8.03 -84.67
C ILE X 130 -70.36 8.29 -84.56
N ALA X 131 -69.94 9.51 -84.90
CA ALA X 131 -68.51 9.82 -84.92
C ALA X 131 -67.92 9.85 -83.52
N ASN X 132 -68.43 10.71 -82.65
CA ASN X 132 -67.90 10.87 -81.31
C ASN X 132 -69.05 11.04 -80.34
N ILE X 133 -68.72 10.98 -79.05
CA ILE X 133 -69.70 11.10 -77.97
C ILE X 133 -69.47 12.42 -77.25
N GLU X 134 -70.54 13.21 -77.12
CA GLU X 134 -70.46 14.50 -76.44
C GLU X 134 -70.72 14.29 -74.94
N ASN X 135 -69.62 14.06 -74.21
CA ASN X 135 -69.71 13.97 -72.76
C ASN X 135 -70.21 15.29 -72.17
N THR X 136 -69.69 16.40 -72.67
CA THR X 136 -70.05 17.73 -72.19
C THR X 136 -70.60 18.56 -73.34
N GLN X 137 -70.94 19.80 -73.02
CA GLN X 137 -71.39 20.75 -74.04
C GLN X 137 -70.21 21.16 -74.92
N SER X 138 -70.45 22.09 -75.84
CA SER X 138 -69.42 22.64 -76.73
C SER X 138 -68.96 21.61 -77.75
N ALA X 139 -69.40 20.36 -77.59
CA ALA X 139 -69.15 19.36 -78.63
C ALA X 139 -70.12 19.52 -79.80
N ILE X 140 -71.33 20.00 -79.52
CA ILE X 140 -72.21 20.47 -80.58
C ILE X 140 -71.48 21.58 -81.32
N ARG X 141 -71.59 21.58 -82.66
CA ARG X 141 -70.78 22.41 -83.54
C ARG X 141 -69.34 22.44 -83.04
N GLY X 142 -68.78 23.63 -82.83
CA GLY X 142 -67.49 23.73 -82.18
C GLY X 142 -66.40 24.38 -83.01
N GLN X 143 -65.83 25.45 -82.47
CA GLN X 143 -64.70 26.12 -83.10
C GLN X 143 -63.55 26.39 -82.13
N GLY X 144 -63.65 25.91 -80.89
CA GLY X 144 -62.63 26.11 -79.88
C GLY X 144 -61.46 25.14 -79.93
N LYS X 145 -61.49 24.16 -80.83
CA LYS X 145 -60.39 23.22 -81.00
C LYS X 145 -60.05 22.50 -79.72
N ILE X 146 -59.00 22.96 -79.03
CA ILE X 146 -58.47 22.32 -77.83
C ILE X 146 -58.06 20.91 -78.18
N ILE X 147 -56.87 20.77 -78.77
CA ILE X 147 -56.35 19.48 -79.21
C ILE X 147 -55.47 18.90 -78.11
N LYS X 148 -55.69 17.64 -77.78
CA LYS X 148 -54.92 17.00 -76.72
C LYS X 148 -53.44 16.94 -77.08
N THR X 149 -52.60 17.10 -76.07
CA THR X 149 -51.16 17.14 -76.24
C THR X 149 -50.50 16.24 -75.20
N SER X 150 -49.17 16.16 -75.29
CA SER X 150 -48.37 15.37 -74.36
C SER X 150 -47.22 16.23 -73.85
N PRO X 151 -46.99 16.28 -72.54
CA PRO X 151 -45.95 17.18 -72.01
C PRO X 151 -44.56 16.88 -72.55
N LEU X 152 -44.22 15.60 -72.74
CA LEU X 152 -42.86 15.25 -73.12
C LEU X 152 -42.55 15.68 -74.55
N ALA X 153 -43.52 15.55 -75.45
CA ALA X 153 -43.31 16.01 -76.82
C ALA X 153 -43.04 17.51 -76.85
N HIS X 154 -43.82 18.28 -76.08
CA HIS X 154 -43.61 19.72 -76.02
C HIS X 154 -42.24 20.06 -75.43
N ALA X 155 -41.85 19.34 -74.38
CA ALA X 155 -40.56 19.60 -73.77
C ALA X 155 -39.42 19.34 -74.75
N LEU X 156 -39.49 18.24 -75.49
CA LEU X 156 -38.48 18.00 -76.53
C LEU X 156 -38.53 19.08 -77.61
N ASN X 157 -39.73 19.53 -77.96
CA ASN X 157 -39.84 20.52 -79.03
C ASN X 157 -39.16 21.83 -78.63
N VAL X 158 -39.37 22.29 -77.40
CA VAL X 158 -38.76 23.55 -76.97
C VAL X 158 -37.25 23.40 -76.89
N ALA X 159 -36.77 22.30 -76.30
CA ALA X 159 -35.34 22.09 -76.16
C ALA X 159 -34.78 21.27 -77.32
N MET Y 1 -52.42 8.12 37.73
CA MET Y 1 -53.41 9.18 37.56
C MET Y 1 -54.80 8.67 37.93
N CYS Y 2 -54.99 7.35 37.86
CA CYS Y 2 -56.28 6.76 38.16
C CYS Y 2 -56.61 6.85 39.65
N GLU Y 3 -55.61 7.14 40.49
CA GLU Y 3 -55.80 7.19 41.93
C GLU Y 3 -56.84 8.25 42.31
N PRO Y 4 -57.75 7.92 43.23
CA PRO Y 4 -58.85 8.86 43.54
C PRO Y 4 -58.37 10.22 44.02
N VAL Y 5 -57.28 10.28 44.80
CA VAL Y 5 -56.80 11.55 45.32
C VAL Y 5 -55.74 12.18 44.42
N SER Y 6 -55.37 11.53 43.33
CA SER Y 6 -54.40 12.10 42.41
C SER Y 6 -55.07 12.89 41.29
N ILE Y 7 -56.26 12.44 40.86
CA ILE Y 7 -56.96 13.13 39.79
C ILE Y 7 -57.43 14.51 40.25
N GLY Y 8 -57.56 14.69 41.56
CA GLY Y 8 -57.92 15.99 42.11
C GLY Y 8 -56.90 17.05 41.76
N LEU Y 9 -55.62 16.69 41.82
CA LEU Y 9 -54.57 17.63 41.44
C LEU Y 9 -54.72 18.04 39.97
N GLY Y 10 -54.98 17.07 39.10
CA GLY Y 10 -55.13 17.39 37.69
C GLY Y 10 -56.31 18.28 37.40
N ILE Y 11 -57.46 17.97 37.99
CA ILE Y 11 -58.65 18.78 37.73
C ILE Y 11 -58.46 20.18 38.32
N MET Y 12 -57.76 20.28 39.44
CA MET Y 12 -57.46 21.58 40.00
C MET Y 12 -56.55 22.37 39.07
N SER Y 13 -55.56 21.70 38.49
CA SER Y 13 -54.63 22.37 37.56
C SER Y 13 -55.36 22.86 36.32
N VAL Y 14 -56.29 22.07 35.80
CA VAL Y 14 -56.94 22.43 34.53
C VAL Y 14 -58.07 23.43 34.75
N ALA Y 15 -59.05 23.08 35.57
CA ALA Y 15 -60.22 23.94 35.76
C ALA Y 15 -59.82 25.25 36.42
N GLY Y 16 -58.99 25.21 37.45
CA GLY Y 16 -58.42 26.42 38.01
C GLY Y 16 -59.41 27.22 38.84
N ALA Y 17 -59.16 28.53 38.88
CA ALA Y 17 -59.85 29.43 39.81
C ALA Y 17 -61.32 29.65 39.46
N THR Y 18 -61.79 29.22 38.30
CA THR Y 18 -63.20 29.33 37.98
C THR Y 18 -64.06 28.50 38.93
N MET Y 19 -63.46 27.55 39.64
CA MET Y 19 -64.20 26.70 40.56
C MET Y 19 -64.56 27.47 41.83
N SER Y 20 -65.65 27.04 42.47
CA SER Y 20 -66.11 27.68 43.69
C SER Y 20 -65.28 27.20 44.88
N ALA Y 21 -65.62 27.71 46.07
CA ALA Y 21 -64.77 27.49 47.25
C ALA Y 21 -64.85 26.04 47.73
N SER Y 22 -66.04 25.45 47.72
CA SER Y 22 -66.23 24.14 48.35
C SER Y 22 -65.40 23.06 47.67
N GLN Y 23 -65.40 23.05 46.33
CA GLN Y 23 -64.67 22.00 45.62
C GLN Y 23 -63.17 22.17 45.74
N GLN Y 24 -62.70 23.42 45.78
CA GLN Y 24 -61.30 23.65 46.11
C GLN Y 24 -60.98 23.12 47.48
N ALA Y 25 -61.87 23.34 48.44
CA ALA Y 25 -61.64 22.86 49.80
C ALA Y 25 -61.50 21.34 49.83
N LYS Y 26 -62.39 20.62 49.15
CA LYS Y 26 -62.30 19.17 49.11
C LYS Y 26 -61.00 18.71 48.45
N ALA Y 27 -60.75 19.21 47.25
CA ALA Y 27 -59.61 18.73 46.47
C ALA Y 27 -58.28 19.08 47.10
N GLU Y 28 -58.24 20.10 47.94
CA GLU Y 28 -57.00 20.43 48.64
C GLU Y 28 -56.91 19.79 50.01
N GLY Y 29 -58.03 19.44 50.64
CA GLY Y 29 -57.98 18.83 51.95
C GLY Y 29 -57.73 17.34 51.91
N ALA Y 30 -58.06 16.68 50.79
CA ALA Y 30 -57.84 15.24 50.71
C ALA Y 30 -56.37 14.87 50.95
N ALA Y 31 -55.47 15.51 50.22
CA ALA Y 31 -54.05 15.18 50.33
C ALA Y 31 -53.50 15.48 51.72
N ILE Y 32 -53.89 16.62 52.29
CA ILE Y 32 -53.41 16.98 53.61
C ILE Y 32 -53.87 15.98 54.65
N ASP Y 33 -55.14 15.56 54.58
CA ASP Y 33 -55.63 14.57 55.52
C ASP Y 33 -54.88 13.26 55.39
N ALA Y 34 -54.63 12.82 54.15
CA ALA Y 34 -53.89 11.57 53.96
C ALA Y 34 -52.49 11.65 54.55
N GLN Y 35 -51.79 12.76 54.28
CA GLN Y 35 -50.43 12.93 54.79
C GLN Y 35 -50.41 12.95 56.31
N ASN Y 36 -51.37 13.66 56.92
CA ASN Y 36 -51.43 13.73 58.37
C ASN Y 36 -51.67 12.36 58.98
N ARG Y 37 -52.61 11.60 58.41
CA ARG Y 37 -52.90 10.27 58.93
C ARG Y 37 -51.67 9.37 58.84
N GLN Y 38 -50.98 9.39 57.69
CA GLN Y 38 -49.79 8.58 57.54
C GLN Y 38 -48.73 8.95 58.56
N ALA Y 39 -48.49 10.25 58.75
CA ALA Y 39 -47.47 10.69 59.69
C ALA Y 39 -47.79 10.26 61.11
N GLN Y 40 -49.05 10.43 61.52
CA GLN Y 40 -49.46 10.06 62.87
C GLN Y 40 -49.26 8.57 63.11
N GLU Y 41 -49.74 7.75 62.17
CA GLU Y 41 -49.60 6.30 62.31
C GLU Y 41 -48.14 5.89 62.38
N MET Y 42 -47.29 6.53 61.58
CA MET Y 42 -45.89 6.14 61.54
C MET Y 42 -45.13 6.57 62.80
N ILE Y 43 -45.49 7.72 63.37
CA ILE Y 43 -44.88 8.13 64.64
C ILE Y 43 -45.32 7.23 65.78
N LYS Y 44 -46.57 6.78 65.76
CA LYS Y 44 -47.12 6.07 66.91
C LYS Y 44 -46.39 4.76 67.25
N GLN Y 45 -45.43 4.33 66.43
CA GLN Y 45 -44.84 3.00 66.60
C GLN Y 45 -43.58 3.02 67.47
N MET Y 46 -42.71 4.01 67.28
CA MET Y 46 -41.39 3.99 67.89
C MET Y 46 -41.48 4.32 69.38
N ASN Y 47 -40.32 4.49 70.02
CA ASN Y 47 -40.24 4.83 71.44
C ASN Y 47 -40.23 6.35 71.61
N TYR Y 48 -40.14 6.80 72.86
CA TYR Y 48 -40.15 8.24 73.16
C TYR Y 48 -38.74 8.81 73.29
N SER Y 49 -37.95 8.31 74.25
CA SER Y 49 -36.64 8.87 74.49
C SER Y 49 -35.70 8.54 73.34
N ASP Y 50 -34.95 9.54 72.88
CA ASP Y 50 -34.12 9.40 71.69
C ASP Y 50 -32.78 8.74 71.97
N ALA Y 51 -32.53 8.31 73.19
CA ALA Y 51 -31.35 7.52 73.50
C ALA Y 51 -31.60 6.02 73.42
N ASN Y 52 -32.82 5.61 73.06
CA ASN Y 52 -33.19 4.21 73.04
C ASN Y 52 -33.52 3.71 71.63
N LEU Y 53 -33.18 4.46 70.60
CA LEU Y 53 -33.47 4.09 69.22
C LEU Y 53 -32.19 3.96 68.42
N LYS Y 54 -32.32 3.30 67.27
CA LYS Y 54 -31.20 3.10 66.36
C LYS Y 54 -30.94 4.38 65.57
N MET Y 55 -29.94 4.34 64.70
CA MET Y 55 -29.53 5.54 63.96
C MET Y 55 -30.59 5.97 62.97
N GLN Y 56 -31.12 5.02 62.17
CA GLN Y 56 -32.05 5.38 61.10
C GLN Y 56 -33.33 5.97 61.66
N GLU Y 57 -33.86 5.39 62.74
CA GLU Y 57 -35.12 5.85 63.29
C GLU Y 57 -35.04 7.28 63.79
N ARG Y 58 -33.87 7.68 64.32
CA ARG Y 58 -33.72 9.06 64.77
C ARG Y 58 -33.92 10.05 63.64
N ASP Y 59 -33.21 9.85 62.53
CA ASP Y 59 -33.35 10.75 61.39
C ASP Y 59 -34.75 10.67 60.80
N LEU Y 60 -35.33 9.48 60.76
CA LEU Y 60 -36.67 9.33 60.23
C LEU Y 60 -37.69 10.11 61.05
N LYS Y 61 -37.60 10.01 62.38
CA LYS Y 61 -38.50 10.75 63.25
C LYS Y 61 -38.28 12.25 63.13
N GLU Y 62 -37.01 12.68 63.06
CA GLU Y 62 -36.73 14.10 62.93
C GLU Y 62 -37.33 14.65 61.64
N GLN Y 63 -37.21 13.92 60.55
CA GLN Y 63 -37.78 14.38 59.28
C GLN Y 63 -39.30 14.38 59.34
N GLN Y 64 -39.89 13.37 59.96
CA GLN Y 64 -41.34 13.21 59.90
C GLN Y 64 -42.07 14.08 60.92
N MET Y 65 -41.36 14.63 61.91
CA MET Y 65 -42.03 15.36 62.98
C MET Y 65 -42.54 16.71 62.47
N ALA Y 66 -41.86 17.31 61.50
CA ALA Y 66 -42.15 18.68 61.10
C ALA Y 66 -43.56 18.88 60.56
N GLU Y 67 -44.21 17.79 60.13
CA GLU Y 67 -45.54 17.91 59.55
C GLU Y 67 -46.61 18.26 60.56
N LEU Y 68 -46.31 18.18 61.86
CA LEU Y 68 -47.31 18.40 62.90
C LEU Y 68 -47.08 19.68 63.70
N THR Y 69 -46.17 20.54 63.27
CA THR Y 69 -45.86 21.74 64.04
C THR Y 69 -46.97 22.77 63.92
N GLU Y 70 -47.09 23.59 64.97
CA GLU Y 70 -48.02 24.70 65.01
C GLU Y 70 -47.28 25.95 65.49
N THR Y 71 -47.53 27.09 64.86
CA THR Y 71 -46.73 28.27 65.09
C THR Y 71 -47.51 29.53 65.47
N THR Y 72 -48.79 29.61 65.14
CA THR Y 72 -49.51 30.88 65.30
C THR Y 72 -50.24 30.98 66.64
N LEU Y 73 -51.13 30.04 66.93
CA LEU Y 73 -52.06 30.17 68.06
C LEU Y 73 -51.56 29.48 69.32
N ASN Y 74 -50.25 29.46 69.56
CA ASN Y 74 -49.73 28.78 70.74
C ASN Y 74 -50.19 29.44 72.03
N GLY Y 75 -50.32 30.76 72.04
CA GLY Y 75 -50.66 31.46 73.26
C GLY Y 75 -52.02 31.06 73.81
N ILE Y 76 -53.00 30.90 72.92
CA ILE Y 76 -54.34 30.51 73.35
C ILE Y 76 -54.31 29.12 73.97
N ARG Y 77 -53.55 28.20 73.39
CA ARG Y 77 -53.43 26.86 73.96
C ARG Y 77 -52.77 26.91 75.33
N ASN Y 78 -51.64 27.61 75.44
CA ASN Y 78 -50.86 27.58 76.66
C ASN Y 78 -51.47 28.43 77.78
N GLN Y 79 -52.46 29.26 77.47
CA GLN Y 79 -53.08 30.10 78.50
C GLN Y 79 -53.62 29.28 79.67
N GLY Y 80 -54.07 28.05 79.42
CA GLY Y 80 -54.72 27.29 80.49
C GLY Y 80 -53.78 26.90 81.61
N MET Y 81 -52.58 26.41 81.29
CA MET Y 81 -51.71 25.87 82.32
C MET Y 81 -51.13 26.97 83.21
N VAL Y 82 -50.85 28.14 82.64
CA VAL Y 82 -50.29 29.23 83.42
C VAL Y 82 -51.24 29.67 84.53
N ARG Y 83 -52.55 29.56 84.28
CA ARG Y 83 -53.54 29.92 85.29
C ARG Y 83 -53.34 29.11 86.56
N ALA Y 84 -53.25 27.78 86.44
CA ALA Y 84 -53.02 26.94 87.61
C ALA Y 84 -51.60 27.10 88.14
N ALA Y 85 -50.64 27.38 87.27
CA ALA Y 85 -49.27 27.57 87.73
C ALA Y 85 -49.17 28.77 88.66
N VAL Y 86 -49.86 29.86 88.34
CA VAL Y 86 -49.78 31.07 89.14
C VAL Y 86 -50.73 31.04 90.33
N ALA Y 87 -51.95 30.52 90.14
CA ALA Y 87 -52.94 30.56 91.21
C ALA Y 87 -52.50 29.74 92.41
N GLU Y 88 -51.92 28.57 92.17
CA GLU Y 88 -51.50 27.69 93.27
C GLU Y 88 -49.99 27.71 93.47
N ASP Y 106 -67.30 34.02 78.62
CA ASP Y 106 -68.20 35.12 78.28
C ASP Y 106 -68.86 34.87 76.92
N THR Y 107 -69.62 35.85 76.45
CA THR Y 107 -70.34 35.73 75.18
C THR Y 107 -70.15 36.98 74.34
N VAL Y 108 -68.89 37.44 74.23
CA VAL Y 108 -68.50 38.55 73.37
C VAL Y 108 -69.11 39.87 73.84
N LYS Y 109 -70.40 39.86 74.16
CA LYS Y 109 -71.05 41.08 74.64
C LYS Y 109 -70.40 41.59 75.91
N GLU Y 110 -70.01 40.68 76.81
CA GLU Y 110 -69.37 41.08 78.05
C GLU Y 110 -68.00 41.72 77.80
N ARG Y 111 -67.40 41.51 76.64
CA ARG Y 111 -66.15 42.17 76.30
C ARG Y 111 -66.39 43.64 75.94
N ALA Y 112 -65.35 44.44 76.12
CA ALA Y 112 -65.40 45.87 75.85
C ALA Y 112 -64.57 46.20 74.62
N GLY Y 113 -65.16 46.98 73.72
CA GLY Y 113 -64.50 47.36 72.49
C GLY Y 113 -64.86 46.52 71.28
N ILE Y 114 -65.72 45.52 71.43
CA ILE Y 114 -66.13 44.65 70.33
C ILE Y 114 -67.65 44.54 70.37
N THR Y 115 -68.28 44.71 69.20
CA THR Y 115 -69.72 44.56 69.10
C THR Y 115 -70.09 43.09 68.95
N GLU Y 116 -71.41 42.82 68.92
CA GLU Y 116 -71.88 41.45 68.76
C GLU Y 116 -71.50 40.90 67.39
N SER Y 117 -71.39 41.75 66.37
CA SER Y 117 -71.02 41.33 65.04
C SER Y 117 -69.51 41.16 64.86
N TYR Y 118 -68.77 41.07 65.96
CA TYR Y 118 -67.32 40.86 65.95
C TYR Y 118 -66.56 42.01 65.27
N ASN Y 119 -67.15 43.19 65.23
CA ASN Y 119 -66.48 44.38 64.71
C ASN Y 119 -66.29 45.38 65.84
N ARG Y 120 -65.11 46.00 65.87
CA ARG Y 120 -64.73 46.81 67.03
C ARG Y 120 -65.51 48.12 67.09
N ASP Y 121 -65.90 48.50 68.31
CA ASP Y 121 -66.78 49.62 68.56
C ASP Y 121 -65.96 50.87 68.84
N TYR Y 122 -66.05 51.85 67.96
CA TYR Y 122 -65.29 53.08 68.13
C TYR Y 122 -65.89 54.01 69.17
N ALA Y 123 -67.21 53.93 69.38
CA ALA Y 123 -67.86 54.83 70.32
C ALA Y 123 -67.31 54.66 71.72
N ALA Y 124 -67.22 53.41 72.19
CA ALA Y 124 -66.65 53.16 73.52
C ALA Y 124 -65.19 53.55 73.58
N ILE Y 125 -64.43 53.25 72.53
CA ILE Y 125 -63.00 53.55 72.50
C ILE Y 125 -62.78 55.05 72.67
N PHE Y 126 -63.55 55.85 71.95
CA PHE Y 126 -63.32 57.29 71.94
C PHE Y 126 -64.01 58.03 73.07
N GLY Y 127 -65.07 57.47 73.64
CA GLY Y 127 -65.77 58.15 74.73
C GLY Y 127 -65.35 57.68 76.11
N ASN Y 128 -65.36 56.38 76.34
CA ASN Y 128 -65.08 55.86 77.68
C ASN Y 128 -63.59 55.76 77.98
N ARG Y 129 -62.72 56.05 77.00
CA ARG Y 129 -61.28 56.02 77.18
C ARG Y 129 -60.80 54.65 77.66
N ILE Y 130 -61.06 53.66 76.81
CA ILE Y 130 -60.72 52.27 77.11
C ILE Y 130 -59.24 52.06 76.86
N ALA Y 131 -58.52 51.56 77.87
CA ALA Y 131 -57.07 51.44 77.75
C ALA Y 131 -56.67 50.29 76.83
N ASN Y 132 -57.33 49.13 76.98
CA ASN Y 132 -56.93 47.92 76.27
C ASN Y 132 -58.14 47.22 75.68
N ILE Y 133 -57.93 46.57 74.54
CA ILE Y 133 -58.98 45.78 73.89
C ILE Y 133 -58.80 44.32 74.26
N GLU Y 134 -59.89 43.67 74.67
CA GLU Y 134 -59.85 42.33 75.26
C GLU Y 134 -59.97 41.28 74.15
N ASN Y 135 -58.81 40.85 73.64
CA ASN Y 135 -58.81 39.75 72.68
C ASN Y 135 -59.20 38.45 73.34
N THR Y 136 -58.55 38.11 74.45
CA THR Y 136 -58.72 36.82 75.11
C THR Y 136 -59.10 37.03 76.57
N GLN Y 137 -59.17 35.92 77.30
CA GLN Y 137 -59.31 36.00 78.75
C GLN Y 137 -57.97 36.42 79.35
N SER Y 138 -58.01 36.75 80.64
CA SER Y 138 -56.92 37.32 81.42
C SER Y 138 -56.59 38.76 81.01
N ALA Y 139 -57.24 39.29 79.98
CA ALA Y 139 -57.19 40.73 79.74
C ALA Y 139 -57.87 41.48 80.88
N ILE Y 140 -58.96 40.93 81.39
CA ILE Y 140 -59.54 41.43 82.65
C ILE Y 140 -58.57 41.10 83.78
N ARG Y 141 -58.20 42.11 84.55
CA ARG Y 141 -57.18 42.04 85.59
C ARG Y 141 -55.98 41.22 85.14
N GLY Y 142 -55.38 40.44 86.03
CA GLY Y 142 -54.29 39.56 85.65
C GLY Y 142 -52.92 40.17 85.88
N GLN Y 143 -52.17 39.62 86.83
CA GLN Y 143 -50.84 40.10 87.15
C GLN Y 143 -49.74 39.22 86.58
N GLY Y 144 -50.08 38.29 85.68
CA GLY Y 144 -49.08 37.41 85.11
C GLY Y 144 -48.16 38.06 84.11
N LYS Y 145 -48.56 39.19 83.53
CA LYS Y 145 -47.77 39.95 82.57
C LYS Y 145 -47.55 39.18 81.28
N ILE Y 146 -46.37 38.57 81.13
CA ILE Y 146 -45.91 38.00 79.86
C ILE Y 146 -45.89 39.13 78.85
N ILE Y 147 -44.86 39.96 78.91
CA ILE Y 147 -44.73 41.13 78.05
C ILE Y 147 -43.83 40.79 76.86
N LYS Y 148 -44.22 41.30 75.69
CA LYS Y 148 -43.51 40.95 74.47
C LYS Y 148 -42.09 41.50 74.49
N THR Y 149 -41.14 40.69 73.99
CA THR Y 149 -39.74 41.07 73.88
C THR Y 149 -39.27 40.80 72.46
N SER Y 150 -38.00 41.09 72.20
CA SER Y 150 -37.41 40.96 70.88
C SER Y 150 -36.29 39.92 70.89
N PRO Y 151 -36.31 38.94 69.99
CA PRO Y 151 -35.27 37.89 70.01
C PRO Y 151 -33.85 38.41 69.85
N LEU Y 152 -33.65 39.44 69.02
CA LEU Y 152 -32.28 39.86 68.73
C LEU Y 152 -31.64 40.57 69.91
N ALA Y 153 -32.38 41.44 70.59
CA ALA Y 153 -31.84 42.07 71.80
C ALA Y 153 -31.58 41.04 72.88
N HIS Y 154 -32.47 40.06 73.02
CA HIS Y 154 -32.27 39.00 73.99
C HIS Y 154 -30.99 38.23 73.69
N ALA Y 155 -30.76 37.90 72.42
CA ALA Y 155 -29.54 37.20 72.05
C ALA Y 155 -28.31 38.04 72.33
N LEU Y 156 -28.39 39.35 72.04
CA LEU Y 156 -27.25 40.22 72.33
C LEU Y 156 -26.99 40.36 73.82
N ASN Y 157 -28.00 40.17 74.66
CA ASN Y 157 -27.80 40.27 76.10
C ASN Y 157 -26.83 39.20 76.62
N VAL Y 158 -27.02 37.95 76.21
CA VAL Y 158 -26.24 36.86 76.78
C VAL Y 158 -24.80 36.91 76.28
N ALA Y 159 -24.59 37.22 75.01
CA ALA Y 159 -23.26 37.17 74.42
C ALA Y 159 -22.36 38.28 74.97
N GLU Z 38 44.76 -65.93 8.84
CA GLU Z 38 43.61 -66.33 8.04
C GLU Z 38 42.94 -67.56 8.65
N SER Z 39 43.41 -68.74 8.26
CA SER Z 39 42.94 -70.02 8.81
C SER Z 39 41.44 -70.20 8.64
N GLY Z 40 40.90 -69.73 7.52
CA GLY Z 40 39.49 -69.89 7.23
C GLY Z 40 39.15 -69.34 5.87
N VAL Z 41 37.95 -69.67 5.41
CA VAL Z 41 37.44 -69.21 4.11
C VAL Z 41 38.45 -69.58 3.02
N ARG Z 42 39.23 -68.61 2.57
CA ARG Z 42 40.30 -68.82 1.61
C ARG Z 42 39.80 -69.38 0.28
N ALA Z 43 38.50 -69.45 0.10
CA ALA Z 43 37.90 -69.80 -1.18
C ALA Z 43 36.99 -68.70 -1.73
N LEU Z 44 36.13 -68.13 -0.88
CA LEU Z 44 35.38 -66.96 -1.30
C LEU Z 44 36.29 -65.79 -1.61
N GLY Z 45 37.44 -65.70 -0.96
CA GLY Z 45 38.40 -64.66 -1.30
C GLY Z 45 38.87 -64.75 -2.74
N LYS Z 46 39.25 -65.95 -3.17
CA LYS Z 46 39.68 -66.12 -4.56
C LYS Z 46 38.51 -65.94 -5.52
N ASN Z 47 37.32 -66.41 -5.14
CA ASN Z 47 36.15 -66.23 -6.00
C ASN Z 47 35.86 -64.76 -6.22
N LEU Z 48 35.92 -63.97 -5.15
CA LEU Z 48 35.69 -62.53 -5.28
C LEU Z 48 36.83 -61.85 -6.02
N LEU Z 49 38.05 -62.36 -5.91
CA LEU Z 49 39.16 -61.82 -6.70
C LEU Z 49 38.87 -61.98 -8.19
N SER Z 50 38.46 -63.18 -8.61
CA SER Z 50 38.13 -63.40 -10.00
C SER Z 50 36.94 -62.54 -10.44
N TYR Z 51 35.91 -62.45 -9.58
CA TYR Z 51 34.74 -61.65 -9.91
C TYR Z 51 35.12 -60.19 -10.10
N GLY Z 52 35.97 -59.65 -9.22
CA GLY Z 52 36.39 -58.27 -9.36
C GLY Z 52 37.33 -58.06 -10.53
N ARG Z 53 38.04 -59.10 -10.95
CA ARG Z 53 38.87 -58.99 -12.15
C ARG Z 53 38.01 -58.94 -13.40
N GLN Z 54 36.90 -59.67 -13.42
CA GLN Z 54 36.01 -59.63 -14.59
C GLN Z 54 35.27 -58.31 -14.72
N GLY Z 55 35.12 -57.54 -13.64
CA GLY Z 55 34.53 -56.22 -13.74
C GLY Z 55 33.15 -56.03 -13.15
N TYR Z 56 32.87 -56.64 -12.00
CA TYR Z 56 31.59 -56.46 -11.32
C TYR Z 56 31.70 -55.34 -10.29
N ASP Z 57 30.77 -54.40 -10.35
CA ASP Z 57 30.82 -53.22 -9.48
C ASP Z 57 30.21 -53.48 -8.12
N SER Z 58 28.90 -53.71 -8.07
CA SER Z 58 28.12 -53.50 -6.87
C SER Z 58 27.68 -54.82 -6.25
N ILE Z 59 26.94 -54.70 -5.15
CA ILE Z 59 26.45 -55.87 -4.42
C ILE Z 59 25.39 -56.60 -5.22
N GLU Z 60 24.49 -55.84 -5.87
CA GLU Z 60 23.36 -56.46 -6.56
C GLU Z 60 23.82 -57.42 -7.63
N LYS Z 61 24.81 -57.03 -8.43
CA LYS Z 61 25.24 -57.89 -9.52
C LYS Z 61 25.85 -59.18 -9.01
N ILE Z 62 26.71 -59.10 -7.99
CA ILE Z 62 27.35 -60.29 -7.45
C ILE Z 62 26.31 -61.22 -6.86
N ILE Z 63 25.37 -60.67 -6.08
CA ILE Z 63 24.37 -61.52 -5.44
C ILE Z 63 23.44 -62.15 -6.48
N ASN Z 64 23.04 -61.38 -7.49
CA ASN Z 64 22.15 -61.92 -8.52
C ASN Z 64 22.83 -63.02 -9.32
N ARG Z 65 24.13 -62.88 -9.61
CA ARG Z 65 24.82 -63.99 -10.25
C ARG Z 65 24.94 -65.19 -9.31
N TRP Z 66 25.14 -64.92 -8.02
CA TRP Z 66 25.31 -66.00 -7.03
C TRP Z 66 24.02 -66.80 -6.87
N ALA Z 67 22.88 -66.13 -6.84
CA ALA Z 67 21.59 -66.78 -6.66
C ALA Z 67 20.55 -66.13 -7.55
N PRO Z 68 20.08 -66.80 -8.60
CA PRO Z 68 19.16 -66.17 -9.56
C PRO Z 68 17.91 -65.66 -8.87
N PRO Z 69 17.40 -64.50 -9.29
CA PRO Z 69 16.21 -63.93 -8.62
C PRO Z 69 14.96 -64.77 -8.75
N ASN Z 70 14.81 -65.50 -9.86
CA ASN Z 70 13.56 -66.22 -10.10
C ASN Z 70 13.39 -67.41 -9.15
N GLU Z 71 14.50 -68.09 -8.82
CA GLU Z 71 14.39 -69.32 -8.05
C GLU Z 71 14.09 -69.06 -6.57
N ASN Z 72 14.74 -68.06 -5.95
CA ASN Z 72 14.67 -67.94 -4.50
C ASN Z 72 14.96 -66.51 -4.07
N ASP Z 73 13.90 -65.76 -3.76
CA ASP Z 73 13.97 -64.49 -3.04
C ASP Z 73 15.01 -63.51 -3.59
N THR Z 74 16.18 -63.47 -2.95
CA THR Z 74 17.22 -62.47 -3.22
C THR Z 74 16.69 -61.05 -3.00
N LYS Z 75 15.81 -60.88 -2.03
CA LYS Z 75 15.38 -59.57 -1.58
C LYS Z 75 15.71 -59.33 -0.12
N ALA Z 76 15.39 -60.30 0.75
CA ALA Z 76 15.82 -60.24 2.14
C ALA Z 76 17.24 -60.75 2.34
N TYR Z 77 17.83 -61.35 1.31
CA TYR Z 77 19.22 -61.78 1.32
C TYR Z 77 20.18 -60.66 0.92
N ILE Z 78 19.66 -59.53 0.47
CA ILE Z 78 20.49 -58.35 0.20
C ILE Z 78 20.57 -57.44 1.40
N ASP Z 79 19.45 -57.25 2.10
CA ASP Z 79 19.45 -56.39 3.28
C ASP Z 79 20.35 -56.93 4.37
N SER Z 80 20.39 -58.26 4.52
CA SER Z 80 21.25 -58.85 5.55
C SER Z 80 22.72 -58.62 5.26
N VAL Z 81 23.08 -58.23 4.04
CA VAL Z 81 24.47 -57.96 3.70
C VAL Z 81 24.73 -56.46 3.75
N VAL Z 82 23.74 -55.66 3.36
CA VAL Z 82 23.95 -54.22 3.43
C VAL Z 82 24.02 -53.76 4.88
N ALA Z 83 23.26 -54.40 5.78
CA ALA Z 83 23.25 -53.96 7.17
C ALA Z 83 24.51 -54.35 7.92
N ALA Z 84 25.13 -55.47 7.56
CA ALA Z 84 26.29 -55.99 8.26
C ALA Z 84 27.60 -55.57 7.65
N THR Z 85 27.59 -54.72 6.63
CA THR Z 85 28.84 -54.29 6.01
C THR Z 85 28.98 -52.78 5.93
N GLY Z 86 27.92 -52.05 5.60
CA GLY Z 86 27.92 -50.60 5.56
C GLY Z 86 27.62 -50.03 4.18
N ILE Z 87 28.10 -50.67 3.12
CA ILE Z 87 27.96 -50.16 1.77
C ILE Z 87 26.51 -50.31 1.30
N PRO Z 88 25.83 -49.24 0.90
CA PRO Z 88 24.49 -49.39 0.32
C PRO Z 88 24.52 -50.20 -0.97
N ALA Z 89 23.32 -50.58 -1.42
CA ALA Z 89 23.22 -51.55 -2.51
C ALA Z 89 23.74 -51.00 -3.83
N THR Z 90 23.29 -49.81 -4.22
CA THR Z 90 23.62 -49.25 -5.53
C THR Z 90 25.04 -48.73 -5.63
N GLN Z 91 25.57 -48.17 -4.54
CA GLN Z 91 26.88 -47.53 -4.54
C GLN Z 91 27.97 -48.49 -5.02
N SER Z 92 28.96 -47.92 -5.71
CA SER Z 92 30.03 -48.69 -6.31
C SER Z 92 30.99 -49.24 -5.26
N LEU Z 93 31.79 -50.22 -5.68
CA LEU Z 93 32.78 -50.87 -4.83
C LEU Z 93 34.17 -50.72 -5.42
N ASP Z 94 35.16 -51.19 -4.66
CA ASP Z 94 36.55 -51.26 -5.07
C ASP Z 94 37.15 -52.49 -4.41
N LEU Z 95 37.16 -53.61 -5.15
CA LEU Z 95 37.61 -54.88 -4.58
C LEU Z 95 39.12 -54.99 -4.48
N SER Z 96 39.88 -53.94 -4.83
CA SER Z 96 41.32 -53.95 -4.63
C SER Z 96 41.71 -53.59 -3.21
N ASN Z 97 40.77 -53.10 -2.39
CA ASN Z 97 41.07 -52.77 -1.01
C ASN Z 97 40.69 -53.92 -0.08
N GLN Z 98 41.57 -54.23 0.86
CA GLN Z 98 41.34 -55.37 1.75
C GLN Z 98 40.25 -55.06 2.78
N ASP Z 99 40.04 -53.78 3.08
CA ASP Z 99 38.95 -53.40 3.98
C ASP Z 99 37.58 -53.75 3.40
N THR Z 100 37.42 -53.65 2.08
CA THR Z 100 36.19 -54.01 1.41
C THR Z 100 36.19 -55.43 0.87
N LEU Z 101 37.28 -56.17 1.08
CA LEU Z 101 37.34 -57.57 0.64
C LEU Z 101 37.10 -58.54 1.79
N SER Z 102 37.92 -58.47 2.85
CA SER Z 102 37.75 -59.40 3.96
C SER Z 102 36.44 -59.15 4.69
N ALA Z 103 35.96 -57.90 4.68
CA ALA Z 103 34.68 -57.60 5.31
C ALA Z 103 33.54 -58.30 4.58
N LEU Z 104 33.57 -58.32 3.25
CA LEU Z 104 32.47 -58.90 2.48
C LEU Z 104 32.52 -60.41 2.46
N ALA Z 105 33.71 -61.01 2.53
CA ALA Z 105 33.81 -62.46 2.55
C ALA Z 105 33.21 -63.04 3.82
N GLN Z 106 33.35 -62.34 4.94
CA GLN Z 106 32.89 -62.88 6.22
C GLN Z 106 31.38 -62.79 6.35
N ALA Z 107 30.76 -61.84 5.67
CA ALA Z 107 29.32 -61.64 5.75
C ALA Z 107 28.52 -62.55 4.83
N ILE Z 108 29.19 -63.38 4.05
CA ILE Z 108 28.51 -64.35 3.18
C ILE Z 108 28.57 -65.75 3.75
N SER Z 109 29.73 -66.15 4.26
CA SER Z 109 29.91 -67.52 4.76
C SER Z 109 28.97 -67.80 5.93
N PHE Z 110 28.72 -66.78 6.77
CA PHE Z 110 27.77 -66.95 7.86
C PHE Z 110 26.38 -67.25 7.34
N HIS Z 111 25.96 -66.57 6.27
CA HIS Z 111 24.61 -66.76 5.76
C HIS Z 111 24.45 -68.15 5.15
N GLU Z 112 25.51 -68.69 4.54
CA GLU Z 112 25.44 -70.05 4.01
C GLU Z 112 25.24 -71.06 5.13
N THR Z 113 25.98 -70.91 6.22
CA THR Z 113 25.92 -71.86 7.32
C THR Z 113 25.37 -71.21 8.58
N VAL Z 216 8.24 -74.23 32.39
CA VAL Z 216 6.90 -73.88 31.91
C VAL Z 216 7.02 -73.16 30.57
N LYS Z 217 6.21 -73.57 29.61
CA LYS Z 217 6.23 -72.98 28.27
C LYS Z 217 4.86 -72.64 27.72
N ASN Z 218 3.78 -73.02 28.42
CA ASN Z 218 2.45 -72.92 27.81
C ASN Z 218 2.02 -71.47 27.62
N SER Z 219 2.22 -70.63 28.62
CA SER Z 219 1.61 -69.30 28.63
C SER Z 219 2.07 -68.42 27.47
N MET Z 220 3.33 -67.99 27.49
CA MET Z 220 3.90 -67.23 26.39
C MET Z 220 5.34 -67.60 26.08
N VAL Z 221 6.01 -68.35 26.96
CA VAL Z 221 7.45 -68.56 26.83
C VAL Z 221 7.78 -69.34 25.57
N GLY Z 222 7.01 -70.37 25.26
CA GLY Z 222 7.27 -71.14 24.06
C GLY Z 222 7.19 -70.29 22.80
N VAL Z 223 6.14 -69.48 22.70
CA VAL Z 223 5.99 -68.61 21.54
C VAL Z 223 7.11 -67.58 21.50
N ALA Z 224 7.47 -67.04 22.66
CA ALA Z 224 8.46 -65.96 22.69
C ALA Z 224 9.82 -66.44 22.22
N ILE Z 225 10.34 -67.53 22.79
CA ILE Z 225 11.64 -68.02 22.35
C ILE Z 225 11.57 -68.64 20.97
N ARG Z 226 10.52 -69.41 20.69
CA ARG Z 226 10.52 -70.16 19.44
C ARG Z 226 10.33 -69.29 18.20
N ALA Z 227 10.00 -68.01 18.36
CA ALA Z 227 9.71 -67.15 17.21
C ALA Z 227 10.88 -66.26 16.80
N GLY Z 228 11.82 -65.98 17.70
CA GLY Z 228 12.93 -65.13 17.34
C GLY Z 228 13.90 -65.80 16.41
N GLN Z 229 14.51 -65.01 15.53
CA GLN Z 229 15.52 -65.48 14.59
C GLN Z 229 16.78 -64.64 14.75
N THR Z 230 17.93 -65.24 14.53
CA THR Z 230 19.20 -64.56 14.72
C THR Z 230 19.63 -63.88 13.43
N GLU Z 231 20.29 -62.72 13.58
CA GLU Z 231 20.82 -61.94 12.48
C GLU Z 231 22.25 -61.54 12.79
N ASP Z 232 22.97 -61.08 11.78
CA ASP Z 232 24.35 -60.65 11.97
C ASP Z 232 24.41 -59.28 12.62
N SER Z 233 25.52 -59.02 13.31
CA SER Z 233 25.67 -57.80 14.09
C SER Z 233 25.87 -56.59 13.18
N LEU Z 234 25.53 -55.42 13.72
CA LEU Z 234 25.62 -54.16 12.99
C LEU Z 234 27.06 -53.69 12.87
N ASP Z 235 27.28 -52.70 12.00
CA ASP Z 235 28.57 -52.01 11.87
C ASP Z 235 28.32 -50.52 12.08
N VAL Z 236 28.69 -50.02 13.26
CA VAL Z 236 28.28 -48.68 13.67
C VAL Z 236 28.99 -47.60 12.85
N ILE Z 237 30.28 -47.79 12.59
CA ILE Z 237 31.06 -46.73 11.93
C ILE Z 237 30.56 -46.49 10.52
N GLY Z 238 30.34 -47.56 9.77
CA GLY Z 238 29.88 -47.40 8.39
C GLY Z 238 28.49 -46.81 8.28
N ASP Z 239 27.61 -47.14 9.23
CA ASP Z 239 26.22 -46.70 9.13
C ASP Z 239 26.10 -45.20 9.28
N VAL Z 240 26.90 -44.59 10.16
CA VAL Z 240 26.75 -43.17 10.47
C VAL Z 240 27.54 -42.30 9.50
N PHE Z 241 28.82 -42.58 9.32
CA PHE Z 241 29.68 -41.71 8.54
C PHE Z 241 29.72 -42.09 7.05
N ASN Z 242 29.77 -43.38 6.74
CA ASN Z 242 29.87 -43.88 5.37
C ASN Z 242 31.11 -43.34 4.69
N PRO Z 243 32.30 -43.81 5.05
CA PRO Z 243 33.55 -43.21 4.55
C PRO Z 243 34.11 -43.83 3.28
N THR Z 244 33.39 -44.69 2.57
CA THR Z 244 33.90 -45.23 1.32
C THR Z 244 33.51 -44.41 0.10
N ARG Z 245 32.69 -43.38 0.27
CA ARG Z 245 32.30 -42.49 -0.81
C ARG Z 245 33.22 -41.28 -0.93
N TRP Z 246 34.23 -41.17 -0.08
CA TRP Z 246 35.08 -39.98 -0.09
C TRP Z 246 36.12 -40.08 -1.19
N ASN Z 247 36.16 -39.07 -2.04
CA ASN Z 247 37.11 -39.00 -3.15
C ASN Z 247 38.44 -38.44 -2.66
N ASN Z 248 39.48 -38.67 -3.44
CA ASN Z 248 40.85 -38.30 -3.08
C ASN Z 248 41.41 -37.36 -4.15
N HIS Z 249 41.11 -36.07 -4.02
CA HIS Z 249 41.56 -35.07 -4.97
C HIS Z 249 42.29 -33.96 -4.23
N LYS Z 250 43.42 -33.53 -4.80
CA LYS Z 250 44.25 -32.47 -4.21
C LYS Z 250 43.90 -31.15 -4.86
N TRP Z 251 43.25 -30.27 -4.11
CA TRP Z 251 42.79 -29.00 -4.67
C TRP Z 251 43.98 -28.12 -5.07
N THR Z 252 43.77 -27.31 -6.09
CA THR Z 252 44.79 -26.41 -6.62
C THR Z 252 44.64 -25.03 -6.00
N ARG Z 253 45.48 -24.09 -6.44
CA ARG Z 253 45.50 -22.76 -5.82
C ARG Z 253 44.22 -21.99 -6.15
N GLU Z 254 43.78 -22.00 -7.41
CA GLU Z 254 42.58 -21.25 -7.76
C GLU Z 254 41.35 -21.81 -7.07
N GLU Z 255 41.27 -23.14 -6.95
CA GLU Z 255 40.13 -23.75 -6.28
C GLU Z 255 40.10 -23.49 -4.78
N LEU Z 256 41.20 -23.02 -4.19
CA LEU Z 256 41.18 -22.57 -2.81
C LEU Z 256 40.91 -21.07 -2.71
N ASP Z 257 41.43 -20.30 -3.67
CA ASP Z 257 41.13 -18.87 -3.69
C ASP Z 257 39.66 -18.60 -3.91
N GLN Z 258 38.99 -19.44 -4.70
CA GLN Z 258 37.54 -19.29 -4.88
C GLN Z 258 36.80 -19.46 -3.55
N ILE Z 259 37.17 -20.48 -2.78
CA ILE Z 259 36.55 -20.70 -1.47
C ILE Z 259 36.83 -19.53 -0.55
N ARG Z 260 38.07 -19.05 -0.53
CA ARG Z 260 38.41 -17.94 0.35
C ARG Z 260 37.67 -16.67 -0.02
N ASN Z 261 37.50 -16.42 -1.33
CA ASN Z 261 36.81 -15.21 -1.76
C ASN Z 261 35.30 -15.30 -1.56
N ALA Z 262 34.75 -16.52 -1.51
CA ALA Z 262 33.32 -16.65 -1.31
C ALA Z 262 32.88 -16.06 0.02
N GLY Z 263 33.61 -16.35 1.09
CA GLY Z 263 33.30 -15.79 2.39
C GLY Z 263 32.59 -16.73 3.34
N VAL Z 264 33.04 -17.97 3.43
CA VAL Z 264 32.44 -18.95 4.33
C VAL Z 264 33.25 -18.99 5.63
N LEU Z 265 32.54 -19.17 6.74
CA LEU Z 265 33.17 -19.20 8.05
C LEU Z 265 33.81 -20.55 8.32
N PRO Z 266 34.79 -20.61 9.23
CA PRO Z 266 35.56 -21.85 9.40
C PRO Z 266 34.75 -23.05 9.85
N GLN Z 267 33.56 -22.85 10.41
CA GLN Z 267 32.79 -23.97 10.93
C GLN Z 267 31.91 -24.64 9.89
N TYR Z 268 31.99 -24.22 8.62
CA TYR Z 268 31.15 -24.79 7.58
C TYR Z 268 31.95 -25.50 6.50
N TYR Z 269 33.19 -25.89 6.79
CA TYR Z 269 34.00 -26.64 5.84
C TYR Z 269 33.66 -28.12 5.82
N GLY Z 270 32.76 -28.59 6.69
CA GLY Z 270 32.42 -29.99 6.71
C GLY Z 270 31.73 -30.47 5.45
N VAL Z 271 30.91 -29.62 4.85
CA VAL Z 271 30.20 -30.00 3.64
C VAL Z 271 31.17 -30.19 2.47
N ILE Z 272 32.16 -29.31 2.36
CA ILE Z 272 33.02 -29.27 1.19
C ILE Z 272 33.96 -30.47 1.13
N THR Z 273 34.51 -30.89 2.26
CA THR Z 273 35.56 -31.90 2.25
C THR Z 273 35.06 -33.24 1.72
N GLY Z 274 35.90 -33.91 0.95
CA GLY Z 274 35.57 -35.19 0.36
C GLY Z 274 34.90 -35.14 -0.99
N GLY Z 275 34.54 -33.96 -1.47
CA GLY Z 275 33.84 -33.85 -2.73
C GLY Z 275 34.76 -33.97 -3.92
N SER Z 276 34.15 -34.00 -5.12
CA SER Z 276 34.71 -34.16 -6.44
C SER Z 276 34.86 -32.81 -7.14
N PRO Z 277 35.80 -32.68 -8.07
CA PRO Z 277 36.05 -31.37 -8.69
C PRO Z 277 34.87 -30.82 -9.47
N GLN Z 278 33.93 -31.67 -9.85
CA GLN Z 278 32.84 -31.28 -10.73
C GLN Z 278 31.75 -30.51 -10.02
N ASN Z 279 31.65 -30.63 -8.70
CA ASN Z 279 30.50 -30.16 -7.94
C ASN Z 279 30.88 -29.12 -6.89
N LEU Z 280 31.81 -28.23 -7.20
CA LEU Z 280 32.25 -27.26 -6.21
C LEU Z 280 31.20 -26.20 -5.94
N THR Z 281 30.58 -25.67 -6.98
CA THR Z 281 29.70 -24.52 -6.84
C THR Z 281 28.45 -24.85 -6.03
N GLU Z 282 27.89 -26.05 -6.22
CA GLU Z 282 26.70 -26.42 -5.45
C GLU Z 282 27.02 -26.53 -3.96
N LEU Z 283 28.18 -27.08 -3.63
CA LEU Z 283 28.57 -27.18 -2.23
C LEU Z 283 28.77 -25.80 -1.62
N ILE Z 284 29.41 -24.89 -2.35
CA ILE Z 284 29.57 -23.53 -1.85
C ILE Z 284 28.20 -22.89 -1.60
N ASN Z 285 27.27 -23.09 -2.52
CA ASN Z 285 25.93 -22.53 -2.35
C ASN Z 285 25.25 -23.11 -1.12
N LEU Z 286 25.40 -24.42 -0.88
CA LEU Z 286 24.81 -25.04 0.30
C LEU Z 286 25.36 -24.43 1.58
N ALA Z 287 26.68 -24.25 1.65
CA ALA Z 287 27.27 -23.66 2.84
C ALA Z 287 26.76 -22.24 3.08
N LEU Z 288 26.66 -21.44 2.00
CA LEU Z 288 26.17 -20.08 2.15
C LEU Z 288 24.73 -20.06 2.64
N GLU Z 289 23.89 -20.95 2.13
CA GLU Z 289 22.50 -20.99 2.57
C GLU Z 289 22.39 -21.33 4.06
N ASN Z 290 23.18 -22.32 4.51
CA ASN Z 290 23.16 -22.64 5.94
C ASN Z 290 23.61 -21.45 6.78
N GLN Z 291 24.64 -20.76 6.32
CA GLN Z 291 25.12 -19.58 7.06
C GLN Z 291 24.03 -18.53 7.18
N LYS Z 292 23.31 -18.27 6.08
CA LYS Z 292 22.25 -17.25 6.12
C LYS Z 292 21.15 -17.63 7.08
N LEU Z 293 20.73 -18.90 7.07
CA LEU Z 293 19.69 -19.34 7.98
C LEU Z 293 20.11 -19.15 9.43
N ASP Z 294 21.35 -19.52 9.77
CA ASP Z 294 21.81 -19.35 11.14
C ASP Z 294 21.88 -17.88 11.52
N GLN Z 295 22.28 -17.01 10.59
CA GLN Z 295 22.32 -15.58 10.89
C GLN Z 295 20.93 -15.06 11.25
N GLU Z 296 19.92 -15.44 10.47
CA GLU Z 296 18.55 -14.99 10.79
C GLU Z 296 18.12 -15.50 12.15
N LYS Z 297 18.39 -16.78 12.44
CA LYS Z 297 17.98 -17.33 13.73
C LYS Z 297 18.64 -16.59 14.88
N ALA Z 298 19.92 -16.24 14.74
CA ALA Z 298 20.60 -15.48 15.79
C ALA Z 298 20.04 -14.08 15.93
N LYS Z 299 19.64 -13.45 14.82
CA LYS Z 299 18.99 -12.14 14.92
C LYS Z 299 17.69 -12.22 15.70
N ALA Z 300 16.97 -13.34 15.56
CA ALA Z 300 15.71 -13.50 16.28
C ALA Z 300 15.89 -13.46 17.80
N GLY Z 301 17.09 -13.72 18.30
CA GLY Z 301 17.35 -13.67 19.73
C GLY Z 301 17.12 -15.01 20.40
N THR Z 302 17.66 -16.08 19.82
CA THR Z 302 17.34 -17.42 20.29
C THR Z 302 18.31 -17.91 21.36
N GLY Z 303 19.61 -17.79 21.13
CA GLY Z 303 20.58 -18.33 22.06
C GLY Z 303 21.13 -17.32 23.04
N ALA Z 304 20.27 -16.44 23.55
CA ALA Z 304 20.69 -15.38 24.45
C ALA Z 304 20.18 -15.55 25.87
N GLN Z 305 19.61 -16.71 26.20
CA GLN Z 305 19.09 -16.94 27.53
C GLN Z 305 20.14 -17.49 28.49
N LEU Z 306 21.37 -17.70 28.03
CA LEU Z 306 22.43 -18.17 28.90
C LEU Z 306 23.08 -17.06 29.71
N ALA Z 307 22.82 -15.79 29.37
CA ALA Z 307 23.44 -14.69 30.10
C ALA Z 307 22.79 -14.47 31.46
N ALA Z 308 21.57 -14.95 31.65
CA ALA Z 308 20.85 -14.71 32.90
C ALA Z 308 21.15 -15.77 33.97
N GLY Z 309 21.92 -16.79 33.66
CA GLY Z 309 22.32 -17.80 34.63
C GLY Z 309 21.41 -19.01 34.60
N VAL Z 310 21.76 -19.98 35.44
CA VAL Z 310 21.06 -21.26 35.54
C VAL Z 310 20.39 -21.44 36.89
N ILE Z 311 21.11 -21.15 37.98
CA ILE Z 311 20.56 -21.29 39.32
C ILE Z 311 19.44 -20.28 39.51
N GLY Z 312 18.32 -20.74 40.08
CA GLY Z 312 17.19 -19.88 40.32
C GLY Z 312 16.14 -19.98 39.23
N ALA Z 313 16.12 -18.99 38.34
CA ALA Z 313 15.24 -18.99 37.18
C ALA Z 313 16.08 -18.77 35.93
N GLY Z 314 15.86 -19.61 34.92
CA GLY Z 314 16.61 -19.49 33.70
C GLY Z 314 16.32 -20.61 32.71
N VAL Z 315 17.36 -21.08 32.01
CA VAL Z 315 17.21 -22.15 31.05
C VAL Z 315 17.09 -23.48 31.77
N ASP Z 316 16.70 -24.51 31.03
CA ASP Z 316 16.76 -25.88 31.53
C ASP Z 316 18.04 -26.50 30.99
N PRO Z 317 19.00 -26.87 31.85
CA PRO Z 317 20.33 -27.25 31.35
C PRO Z 317 20.34 -28.42 30.40
N LEU Z 318 19.45 -29.39 30.58
CA LEU Z 318 19.52 -30.64 29.82
C LEU Z 318 18.77 -30.58 28.50
N THR Z 319 18.16 -29.46 28.15
CA THR Z 319 17.41 -29.34 26.90
C THR Z 319 17.69 -28.01 26.22
N TYR Z 320 18.92 -27.52 26.32
CA TYR Z 320 19.34 -26.28 25.70
C TYR Z 320 20.36 -26.57 24.61
N VAL Z 321 20.07 -26.10 23.40
CA VAL Z 321 20.89 -26.36 22.22
C VAL Z 321 21.47 -25.03 21.72
N PRO Z 322 22.79 -24.85 21.71
CA PRO Z 322 23.36 -23.57 21.29
C PRO Z 322 23.45 -23.45 19.78
N ILE Z 323 23.77 -22.23 19.35
CA ILE Z 323 23.90 -21.88 17.93
C ILE Z 323 25.34 -21.48 17.65
N ALA Z 324 25.89 -21.95 16.54
CA ALA Z 324 27.26 -21.67 16.18
C ALA Z 324 27.39 -20.36 15.42
N GLY Z 325 28.48 -19.64 15.67
CA GLY Z 325 28.79 -18.43 14.95
C GLY Z 325 28.82 -17.15 15.77
N GLN Z 326 28.41 -17.17 17.03
CA GLN Z 326 28.36 -15.97 17.87
C GLN Z 326 29.58 -15.87 18.77
N VAL Z 327 30.75 -16.27 18.28
CA VAL Z 327 31.93 -16.36 19.14
C VAL Z 327 32.40 -14.99 19.59
N GLY Z 328 32.50 -14.04 18.66
CA GLY Z 328 33.05 -12.74 18.95
C GLY Z 328 32.06 -11.63 19.22
N LYS Z 329 30.80 -11.95 19.51
CA LYS Z 329 29.81 -10.90 19.71
C LYS Z 329 30.07 -10.14 21.01
N GLY Z 330 30.47 -10.84 22.07
CA GLY Z 330 30.80 -10.19 23.32
C GLY Z 330 29.69 -10.25 24.36
N GLY Z 331 29.78 -11.20 25.28
CA GLY Z 331 28.78 -11.37 26.32
C GLY Z 331 29.42 -11.60 27.66
N LYS Z 332 28.59 -11.66 28.69
CA LYS Z 332 29.06 -11.80 30.07
C LYS Z 332 27.91 -12.34 30.91
N LEU Z 333 28.25 -12.76 32.12
CA LEU Z 333 27.29 -13.37 33.04
C LEU Z 333 26.89 -12.37 34.11
N VAL Z 334 25.59 -12.16 34.26
CA VAL Z 334 25.04 -11.31 35.32
C VAL Z 334 23.75 -11.93 35.81
N ASN Z 335 23.72 -12.38 37.06
CA ASN Z 335 22.57 -13.05 37.64
C ASN Z 335 21.79 -12.10 38.52
N LYS Z 336 20.48 -12.04 38.32
CA LYS Z 336 19.63 -11.06 39.00
C LYS Z 336 19.32 -11.43 40.44
N MET Z 337 19.68 -12.62 40.88
CA MET Z 337 19.33 -13.07 42.23
C MET Z 337 20.31 -12.56 43.29
N PHE Z 338 21.47 -12.04 42.90
CA PHE Z 338 22.49 -11.61 43.85
C PHE Z 338 22.80 -10.12 43.76
N THR Z 339 21.91 -9.32 43.16
CA THR Z 339 22.15 -7.90 42.99
C THR Z 339 20.87 -7.13 43.31
N VAL Z 340 21.05 -5.84 43.58
CA VAL Z 340 19.94 -4.91 43.72
C VAL Z 340 19.75 -4.16 42.41
N ALA Z 341 18.49 -4.02 41.99
CA ALA Z 341 18.21 -3.48 40.67
C ALA Z 341 18.75 -2.08 40.46
N ALA Z 342 19.00 -1.33 41.53
CA ALA Z 342 19.61 -0.01 41.38
C ALA Z 342 21.10 -0.12 41.00
N GLN Z 343 21.79 -1.15 41.50
CA GLN Z 343 23.21 -1.31 41.20
C GLN Z 343 23.43 -1.64 39.73
N SER Z 344 22.68 -2.61 39.21
CA SER Z 344 22.72 -2.96 37.80
C SER Z 344 21.43 -2.45 37.17
N GLY Z 345 21.50 -1.25 36.61
CA GLY Z 345 20.32 -0.56 36.12
C GLY Z 345 19.52 -1.32 35.07
N ALA Z 346 20.10 -1.50 33.89
CA ALA Z 346 19.41 -2.16 32.80
C ALA Z 346 20.43 -2.55 31.75
N LEU Z 347 19.94 -2.98 30.59
CA LEU Z 347 20.80 -3.38 29.48
C LEU Z 347 20.83 -2.28 28.43
N ALA Z 348 22.01 -2.04 27.87
CA ALA Z 348 22.16 -1.04 26.82
C ALA Z 348 21.73 -1.60 25.47
N GLY Z 349 20.53 -2.16 25.42
CA GLY Z 349 20.03 -2.77 24.20
C GLY Z 349 20.80 -4.03 23.85
N VAL Z 350 20.85 -4.33 22.55
CA VAL Z 350 21.59 -5.47 22.02
C VAL Z 350 22.45 -4.99 20.86
N SER Z 351 23.43 -5.81 20.50
CA SER Z 351 24.35 -5.46 19.43
C SER Z 351 23.61 -5.32 18.11
N GLU Z 352 24.14 -4.45 17.25
CA GLU Z 352 23.64 -4.36 15.88
C GLU Z 352 23.93 -5.61 15.07
N MET Z 353 24.81 -6.48 15.57
CA MET Z 353 25.13 -7.77 14.98
C MET Z 353 25.76 -7.65 13.59
N ALA Z 354 26.38 -6.50 13.29
CA ALA Z 354 27.06 -6.31 12.02
C ALA Z 354 28.37 -5.55 12.15
N ARG Z 355 28.82 -5.27 13.38
CA ARG Z 355 29.96 -4.41 13.61
C ARG Z 355 30.96 -4.96 14.63
N THR Z 356 30.53 -5.83 15.54
CA THR Z 356 31.30 -6.13 16.73
C THR Z 356 32.58 -6.91 16.42
N SER Z 357 33.54 -6.79 17.34
CA SER Z 357 34.81 -7.50 17.29
C SER Z 357 35.33 -7.64 18.70
N VAL Z 358 36.28 -8.57 18.88
CA VAL Z 358 36.84 -8.85 20.19
C VAL Z 358 38.36 -8.96 20.09
N ALA Z 359 39.02 -8.80 21.24
CA ALA Z 359 40.46 -8.90 21.35
C ALA Z 359 40.83 -10.35 21.65
N GLY Z 360 42.08 -10.59 22.04
CA GLY Z 360 42.58 -11.94 22.25
C GLY Z 360 42.17 -12.61 23.55
N GLY Z 361 42.51 -12.01 24.69
CA GLY Z 361 42.30 -12.68 25.96
C GLY Z 361 41.54 -11.89 27.01
N ASP Z 362 41.35 -10.59 26.78
CA ASP Z 362 40.66 -9.75 27.74
C ASP Z 362 39.15 -9.95 27.75
N ALA Z 363 38.58 -10.40 26.63
CA ALA Z 363 37.13 -10.57 26.50
C ALA Z 363 36.76 -11.99 26.10
N HIS Z 364 37.66 -12.95 26.34
CA HIS Z 364 37.37 -14.36 26.10
C HIS Z 364 37.22 -15.15 27.39
N VAL Z 365 37.79 -14.66 28.49
CA VAL Z 365 37.59 -15.29 29.79
C VAL Z 365 36.12 -15.24 30.17
N ALA Z 366 35.45 -14.12 29.87
CA ALA Z 366 34.06 -13.93 30.22
C ALA Z 366 33.13 -14.88 29.47
N GLU Z 367 33.61 -15.57 28.43
CA GLU Z 367 32.80 -16.58 27.75
C GLU Z 367 33.24 -17.99 28.08
N ALA Z 368 34.53 -18.21 28.34
CA ALA Z 368 34.95 -19.48 28.92
C ALA Z 368 34.18 -19.78 30.19
N ILE Z 369 34.01 -18.77 31.05
CA ILE Z 369 33.26 -18.99 32.27
C ILE Z 369 31.78 -19.26 31.97
N LEU Z 370 31.24 -18.67 30.90
CA LEU Z 370 29.87 -18.98 30.50
C LEU Z 370 29.71 -20.45 30.18
N GLY Z 371 30.70 -21.04 29.50
CA GLY Z 371 30.64 -22.49 29.26
C GLY Z 371 30.73 -23.30 30.54
N GLY Z 372 31.62 -22.90 31.44
CA GLY Z 372 31.75 -23.62 32.71
C GLY Z 372 30.46 -23.66 33.50
N ALA Z 373 29.70 -22.56 33.48
CA ALA Z 373 28.45 -22.51 34.22
C ALA Z 373 27.46 -23.56 33.71
N LEU Z 374 27.35 -23.69 32.39
CA LEU Z 374 26.45 -24.69 31.81
C LEU Z 374 26.85 -26.09 32.24
N PHE Z 375 28.16 -26.39 32.20
CA PHE Z 375 28.58 -27.74 32.61
C PHE Z 375 28.20 -28.02 34.06
N GLY Z 376 28.45 -27.05 34.94
CA GLY Z 376 28.13 -27.28 36.35
C GLY Z 376 26.66 -27.52 36.60
N GLY Z 377 25.80 -26.71 35.98
CA GLY Z 377 24.37 -26.90 36.15
C GLY Z 377 23.89 -28.26 35.67
N GLY Z 378 24.39 -28.70 34.53
CA GLY Z 378 24.01 -30.02 34.03
C GLY Z 378 24.41 -31.13 34.99
N MET Z 379 25.63 -31.07 35.51
CA MET Z 379 26.07 -32.13 36.42
C MET Z 379 25.22 -32.16 37.68
N THR Z 380 24.88 -30.97 38.21
CA THR Z 380 24.02 -30.94 39.40
C THR Z 380 22.67 -31.58 39.13
N ALA Z 381 22.07 -31.30 37.97
CA ALA Z 381 20.77 -31.89 37.66
C ALA Z 381 20.86 -33.41 37.57
N ILE Z 382 21.89 -33.93 36.92
CA ILE Z 382 22.01 -35.39 36.77
C ILE Z 382 22.16 -36.05 38.14
N ALA Z 383 23.02 -35.50 38.99
CA ALA Z 383 23.24 -36.10 40.30
C ALA Z 383 21.98 -36.06 41.13
N ASP Z 384 21.23 -34.95 41.10
CA ASP Z 384 20.00 -34.87 41.85
C ASP Z 384 19.00 -35.92 41.39
N GLY Z 385 18.84 -36.09 40.08
CA GLY Z 385 17.91 -37.08 39.58
C GLY Z 385 18.26 -38.49 40.05
N LEU Z 386 19.53 -38.87 39.93
CA LEU Z 386 19.93 -40.20 40.38
C LEU Z 386 19.69 -40.38 41.87
N GLY Z 387 20.05 -39.37 42.66
CA GLY Z 387 19.90 -39.50 44.11
C GLY Z 387 18.45 -39.63 44.53
N ARG Z 388 17.57 -38.82 43.93
CA ARG Z 388 16.16 -38.93 44.26
C ARG Z 388 15.60 -40.29 43.86
N ALA Z 389 16.01 -40.80 42.71
CA ALA Z 389 15.50 -42.10 42.28
C ALA Z 389 15.95 -43.21 43.21
N LEU Z 390 17.22 -43.19 43.64
CA LEU Z 390 17.73 -44.32 44.41
C LEU Z 390 17.24 -44.28 45.86
N GLY Z 391 17.12 -43.10 46.45
CA GLY Z 391 16.59 -42.98 47.80
C GLY Z 391 17.54 -42.37 48.82
N ARG Z 392 18.55 -41.64 48.36
CA ARG Z 392 19.57 -41.06 49.22
C ARG Z 392 19.62 -39.55 49.04
N PHE Z 397 27.96 -31.82 43.51
CA PHE Z 397 28.06 -30.74 42.54
C PHE Z 397 27.11 -29.59 42.83
N ALA Z 398 26.82 -29.33 44.10
CA ALA Z 398 25.85 -28.29 44.45
C ALA Z 398 26.46 -27.09 45.14
N GLY Z 399 27.67 -27.19 45.66
CA GLY Z 399 28.33 -26.05 46.28
C GLY Z 399 29.12 -25.20 45.30
N PRO Z 400 30.04 -25.84 44.57
CA PRO Z 400 30.89 -25.06 43.65
C PRO Z 400 30.13 -24.26 42.60
N ALA Z 401 29.03 -24.80 42.06
CA ALA Z 401 28.28 -24.07 41.06
C ALA Z 401 27.73 -22.76 41.61
N THR Z 402 27.10 -22.83 42.78
CA THR Z 402 26.57 -21.62 43.42
C THR Z 402 27.67 -20.63 43.73
N ARG Z 403 28.80 -21.12 44.27
CA ARG Z 403 29.88 -20.21 44.59
C ARG Z 403 30.41 -19.51 43.34
N LEU Z 404 30.56 -20.26 42.25
CA LEU Z 404 31.09 -19.68 41.02
C LEU Z 404 30.16 -18.61 40.47
N GLU Z 405 28.85 -18.88 40.45
CA GLU Z 405 27.93 -17.87 39.92
C GLU Z 405 27.91 -16.62 40.79
N ALA Z 406 27.96 -16.79 42.10
CA ALA Z 406 28.01 -15.62 42.98
C ALA Z 406 29.25 -14.78 42.72
N ARG Z 407 30.41 -15.43 42.56
CA ARG Z 407 31.65 -14.70 42.32
C ARG Z 407 31.58 -13.92 41.01
N GLU Z 408 31.12 -14.56 39.93
CA GLU Z 408 31.10 -13.86 38.65
C GLU Z 408 30.12 -12.69 38.67
N THR Z 409 28.93 -12.88 39.23
CA THR Z 409 27.98 -11.78 39.28
C THR Z 409 28.52 -10.62 40.10
N ALA Z 410 29.19 -10.91 41.21
CA ALA Z 410 29.81 -9.84 41.99
C ALA Z 410 30.95 -9.16 41.24
N ARG Z 411 31.63 -9.90 40.37
CA ARG Z 411 32.78 -9.32 39.67
C ARG Z 411 32.34 -8.38 38.56
N ASN Z 412 31.28 -8.71 37.83
CA ASN Z 412 30.95 -7.89 36.66
C ASN Z 412 30.35 -6.52 37.03
N VAL Z 413 29.60 -6.42 38.13
CA VAL Z 413 28.86 -5.20 38.42
C VAL Z 413 29.43 -4.44 39.62
N ASP Z 414 30.59 -4.87 40.14
CA ASP Z 414 31.24 -4.19 41.26
C ASP Z 414 30.29 -4.08 42.46
N GLY Z 415 29.94 -5.23 43.00
CA GLY Z 415 29.05 -5.30 44.13
C GLY Z 415 29.61 -6.12 45.28
N GLN Z 416 28.73 -6.56 46.17
CA GLN Z 416 29.16 -7.39 47.29
C GLN Z 416 29.50 -8.79 46.80
N ASP Z 417 30.51 -9.39 47.41
CA ASP Z 417 30.82 -10.80 47.22
C ASP Z 417 30.14 -11.59 48.32
N LEU Z 418 29.10 -12.33 47.96
CA LEU Z 418 28.31 -13.08 48.93
C LEU Z 418 28.82 -14.49 49.17
N SER Z 419 29.97 -14.85 48.60
CA SER Z 419 30.49 -16.20 48.65
C SER Z 419 31.73 -16.30 49.54
N ARG Z 420 31.72 -15.64 50.69
CA ARG Z 420 32.87 -15.61 51.58
C ARG Z 420 32.45 -16.06 52.98
N LEU Z 421 33.40 -16.68 53.69
CA LEU Z 421 33.18 -17.15 55.05
C LEU Z 421 34.41 -16.80 55.89
N PRO Z 422 34.36 -15.71 56.64
CA PRO Z 422 35.56 -15.24 57.34
C PRO Z 422 35.92 -16.14 58.52
N ILE Z 423 37.17 -16.01 58.96
CA ILE Z 423 37.65 -16.78 60.11
C ILE Z 423 37.23 -16.07 61.39
N GLN Z 424 36.59 -16.80 62.29
CA GLN Z 424 36.19 -16.24 63.58
C GLN Z 424 37.38 -16.18 64.52
N GLU Z 425 37.11 -15.96 65.81
CA GLU Z 425 38.15 -15.95 66.83
C GLU Z 425 38.02 -17.17 67.73
N GLY Z 426 39.15 -17.73 68.13
CA GLY Z 426 39.16 -18.94 68.92
C GLY Z 426 39.14 -20.22 68.13
N GLU Z 427 39.50 -20.18 66.85
CA GLU Z 427 39.47 -21.34 65.98
C GLU Z 427 40.88 -21.68 65.51
N GLN Z 428 41.14 -22.98 65.38
CA GLN Z 428 42.48 -23.48 65.12
C GLN Z 428 42.94 -23.15 63.70
N THR Z 429 44.22 -22.81 63.55
CA THR Z 429 44.80 -22.45 62.27
C THR Z 429 46.16 -23.11 62.09
N PHE Z 430 46.57 -23.27 60.83
CA PHE Z 430 47.85 -23.86 60.48
C PHE Z 430 48.61 -22.98 59.50
N SER Z 431 49.74 -23.46 58.98
CA SER Z 431 50.48 -22.73 57.95
C SER Z 431 51.45 -23.67 57.25
N HIS Z 432 51.65 -23.43 55.96
CA HIS Z 432 52.60 -24.18 55.15
C HIS Z 432 53.24 -23.26 54.14
N GLN Z 433 54.58 -23.15 54.20
CA GLN Z 433 55.34 -22.27 53.31
C GLN Z 433 54.89 -20.82 53.41
N GLY Z 434 54.62 -20.37 54.63
CA GLY Z 434 54.27 -18.98 54.86
C GLY Z 434 52.85 -18.60 54.51
N VAL Z 435 51.98 -19.56 54.21
CA VAL Z 435 50.60 -19.30 53.88
C VAL Z 435 49.72 -19.92 54.96
N LYS Z 436 48.80 -19.15 55.50
CA LYS Z 436 47.91 -19.59 56.56
C LYS Z 436 46.60 -20.12 55.99
N PHE Z 437 45.97 -21.01 56.75
CA PHE Z 437 44.66 -21.54 56.36
C PHE Z 437 44.00 -22.18 57.57
N ALA Z 438 42.70 -22.42 57.44
CA ALA Z 438 41.91 -23.11 58.46
C ALA Z 438 40.89 -24.01 57.78
N ASP Z 439 40.43 -25.01 58.51
CA ASP Z 439 39.52 -25.99 57.94
C ASP Z 439 38.13 -25.39 57.72
N VAL Z 440 37.29 -26.15 57.03
CA VAL Z 440 35.91 -25.75 56.76
C VAL Z 440 34.99 -26.85 57.29
N PRO Z 441 33.90 -26.52 57.98
CA PRO Z 441 32.99 -27.56 58.47
C PRO Z 441 32.05 -28.06 57.41
N ASN Z 442 31.67 -29.32 57.53
CA ASN Z 442 30.67 -30.01 56.72
C ASN Z 442 31.16 -30.30 55.31
N GLU Z 443 32.41 -30.01 54.98
CA GLU Z 443 32.96 -30.26 53.64
C GLU Z 443 34.42 -30.65 53.78
N PRO Z 444 34.70 -31.93 54.02
CA PRO Z 444 36.10 -32.36 54.19
C PRO Z 444 36.87 -32.22 52.89
N GLY Z 445 38.16 -31.89 53.04
CA GLY Z 445 39.06 -31.75 51.92
C GLY Z 445 39.27 -30.33 51.44
N SER Z 446 38.36 -29.42 51.73
CA SER Z 446 38.48 -28.03 51.34
C SER Z 446 39.25 -27.24 52.40
N VAL Z 447 39.38 -25.94 52.19
CA VAL Z 447 40.17 -25.10 53.09
C VAL Z 447 39.76 -23.65 52.86
N ARG Z 448 40.06 -22.79 53.83
CA ARG Z 448 39.74 -21.38 53.75
C ARG Z 448 41.02 -20.56 53.84
N LEU Z 449 41.09 -19.52 53.02
CA LEU Z 449 42.21 -18.58 53.06
C LEU Z 449 41.92 -17.52 54.12
N GLU Z 450 42.75 -16.48 54.18
CA GLU Z 450 42.58 -15.49 55.24
C GLU Z 450 41.29 -14.70 55.08
N ASP Z 451 40.91 -14.37 53.84
CA ASP Z 451 39.74 -13.54 53.60
C ASP Z 451 38.50 -14.36 53.25
N GLY Z 452 38.46 -15.61 53.70
CA GLY Z 452 37.28 -16.44 53.51
C GLY Z 452 36.95 -16.81 52.08
N SER Z 453 37.96 -17.21 51.30
CA SER Z 453 37.77 -17.76 49.96
C SER Z 453 38.00 -19.25 50.02
N ILE Z 454 37.00 -20.03 49.61
CA ILE Z 454 37.03 -21.47 49.75
C ILE Z 454 37.51 -22.10 48.45
N LEU Z 455 38.35 -23.13 48.57
CA LEU Z 455 38.90 -23.85 47.42
C LEU Z 455 38.65 -25.34 47.60
N ILE Z 456 38.17 -26.00 46.55
CA ILE Z 456 37.92 -27.43 46.61
C ILE Z 456 39.22 -28.20 46.65
N GLY Z 457 39.16 -29.49 46.95
CA GLY Z 457 40.34 -30.27 47.24
C GLY Z 457 41.20 -30.66 46.06
N GLU Z 458 40.72 -30.43 44.85
CA GLU Z 458 41.45 -30.81 43.64
C GLU Z 458 42.01 -29.62 42.89
N ASN Z 459 41.95 -28.42 43.47
CA ASN Z 459 42.55 -27.26 42.85
C ASN Z 459 44.07 -27.42 42.81
N PRO Z 460 44.74 -26.90 41.79
CA PRO Z 460 46.21 -26.99 41.76
C PRO Z 460 46.90 -26.07 42.76
N LEU Z 461 46.18 -25.16 43.41
CA LEU Z 461 46.77 -24.17 44.31
C LEU Z 461 46.42 -24.42 45.77
N ASN Z 462 45.97 -25.62 46.11
CA ASN Z 462 45.46 -25.91 47.44
C ASN Z 462 46.60 -26.18 48.40
N PRO Z 463 46.79 -25.38 49.46
CA PRO Z 463 47.98 -25.54 50.31
C PRO Z 463 48.03 -26.84 51.09
N LYS Z 464 46.89 -27.50 51.33
CA LYS Z 464 46.91 -28.70 52.17
C LYS Z 464 47.30 -29.95 51.38
N THR Z 465 46.91 -30.04 50.11
CA THR Z 465 47.21 -31.23 49.33
C THR Z 465 48.70 -31.36 49.05
N ARG Z 466 49.36 -30.24 48.75
CA ARG Z 466 50.81 -30.29 48.58
C ARG Z 466 51.49 -30.70 49.88
N GLN Z 467 50.97 -30.23 51.01
CA GLN Z 467 51.52 -30.63 52.30
C GLN Z 467 51.40 -32.15 52.50
N VAL Z 468 50.22 -32.70 52.20
CA VAL Z 468 50.02 -34.13 52.45
C VAL Z 468 50.88 -34.96 51.50
N PHE Z 469 50.99 -34.55 50.23
CA PHE Z 469 51.95 -35.22 49.35
C PHE Z 469 53.35 -35.19 49.94
N ASP Z 470 53.93 -33.99 50.08
CA ASP Z 470 55.33 -33.89 50.47
C ASP Z 470 55.59 -34.54 51.82
N GLU Z 471 54.58 -34.67 52.66
CA GLU Z 471 54.77 -35.30 53.95
C GLU Z 471 54.74 -36.82 53.84
N VAL Z 472 53.65 -37.39 53.29
CA VAL Z 472 53.43 -38.81 53.50
C VAL Z 472 53.42 -39.63 52.20
N ILE Z 473 53.06 -39.01 51.07
CA ILE Z 473 52.77 -39.78 49.86
C ILE Z 473 54.00 -39.90 48.97
N GLU Z 474 54.62 -38.77 48.61
CA GLU Z 474 55.74 -38.75 47.68
C GLU Z 474 56.92 -38.03 48.34
N PRO Z 475 57.58 -38.68 49.29
CA PRO Z 475 58.72 -38.03 49.95
C PRO Z 475 59.94 -37.89 49.05
N GLU Z 476 60.13 -38.79 48.09
CA GLU Z 476 61.30 -38.72 47.22
C GLU Z 476 61.27 -37.47 46.35
N ARG Z 477 60.10 -37.13 45.83
CA ARG Z 477 59.93 -35.89 45.07
C ARG Z 477 59.60 -34.73 46.00
N ALA Z 478 60.42 -34.56 47.03
CA ALA Z 478 60.16 -33.58 48.06
C ALA Z 478 60.29 -32.16 47.52
N ALA Z 479 59.80 -31.20 48.30
CA ALA Z 479 59.91 -29.80 47.91
C ALA Z 479 61.35 -29.37 47.77
N ALA Z 480 62.26 -29.97 48.54
CA ALA Z 480 63.68 -29.68 48.38
C ALA Z 480 64.19 -30.12 47.01
N GLY Z 481 63.66 -31.22 46.49
CA GLY Z 481 64.05 -31.70 45.18
C GLY Z 481 63.51 -30.86 44.03
N VAL Z 482 62.53 -30.00 44.31
CA VAL Z 482 61.93 -29.13 43.31
C VAL Z 482 62.01 -27.66 43.69
N ASN Z 483 63.01 -27.28 44.48
CA ASN Z 483 63.13 -25.89 44.93
C ASN Z 483 64.20 -25.15 44.13
N LEU Z 484 63.87 -23.92 43.72
CA LEU Z 484 64.82 -23.01 43.10
C LEU Z 484 64.78 -21.69 43.86
N GLY Z 485 65.93 -21.22 44.30
CA GLY Z 485 66.01 -19.99 45.07
C GLY Z 485 66.36 -18.77 44.24
N GLY Z 486 67.04 -18.98 43.12
CA GLY Z 486 67.46 -17.90 42.26
C GLY Z 486 68.85 -17.41 42.60
N LEU Z 487 69.28 -16.42 41.83
CA LEU Z 487 70.63 -15.87 41.98
C LEU Z 487 70.81 -15.12 43.29
N THR Z 488 69.72 -14.72 43.95
CA THR Z 488 69.82 -13.83 45.11
C THR Z 488 70.56 -14.49 46.26
N GLU Z 489 70.06 -15.62 46.74
CA GLU Z 489 70.66 -16.27 47.90
C GLU Z 489 72.07 -16.75 47.62
N ILE Z 490 72.31 -17.28 46.40
CA ILE Z 490 73.65 -17.70 46.04
C ILE Z 490 74.61 -16.52 46.06
N GLY Z 491 74.19 -15.38 45.51
CA GLY Z 491 75.04 -14.21 45.56
C GLY Z 491 75.31 -13.74 46.98
N LEU Z 492 74.27 -13.75 47.81
CA LEU Z 492 74.46 -13.33 49.20
C LEU Z 492 75.47 -14.22 49.92
N LYS Z 493 75.37 -15.53 49.71
CA LYS Z 493 76.33 -16.43 50.34
C LYS Z 493 77.73 -16.22 49.78
N LEU Z 494 77.84 -15.99 48.46
CA LEU Z 494 79.16 -15.84 47.85
C LEU Z 494 79.87 -14.59 48.33
N LEU Z 495 79.14 -13.49 48.49
CA LEU Z 495 79.78 -12.23 48.84
C LEU Z 495 80.39 -12.25 50.23
N ARG Z 496 80.05 -13.23 51.07
CA ARG Z 496 80.60 -13.33 52.42
C ARG Z 496 81.81 -14.27 52.43
N SER Z 497 82.88 -13.82 51.78
CA SER Z 497 84.10 -14.60 51.67
C SER Z 497 85.28 -13.75 52.12
N GLU Z 498 86.38 -14.42 52.46
CA GLU Z 498 87.59 -13.75 52.92
C GLU Z 498 88.72 -13.80 51.91
N ASN Z 499 88.65 -14.68 50.92
CA ASN Z 499 89.75 -14.83 49.97
C ASN Z 499 89.69 -13.70 48.94
N PRO Z 500 90.71 -12.86 48.85
CA PRO Z 500 90.66 -11.73 47.90
C PRO Z 500 90.51 -12.16 46.46
N GLU Z 501 91.12 -13.27 46.05
CA GLU Z 501 91.03 -13.70 44.66
C GLU Z 501 89.58 -14.01 44.28
N ILE Z 502 88.85 -14.66 45.18
CA ILE Z 502 87.45 -14.97 44.91
C ILE Z 502 86.61 -13.70 44.92
N ARG Z 503 86.86 -12.80 45.89
CA ARG Z 503 86.09 -11.56 45.95
C ARG Z 503 86.31 -10.70 44.73
N GLY Z 504 87.48 -10.79 44.10
CA GLY Z 504 87.77 -9.99 42.92
C GLY Z 504 86.76 -10.20 41.81
N VAL Z 505 86.35 -11.46 41.59
CA VAL Z 505 85.31 -11.73 40.61
C VAL Z 505 83.91 -11.71 41.23
N ALA Z 506 83.80 -11.96 42.54
CA ALA Z 506 82.50 -11.92 43.17
C ALA Z 506 81.89 -10.54 43.07
N ALA Z 507 82.71 -9.50 43.24
CA ALA Z 507 82.20 -8.13 43.18
C ALA Z 507 81.61 -7.79 41.82
N ASP Z 508 82.02 -8.50 40.77
CA ASP Z 508 81.55 -8.24 39.42
C ASP Z 508 80.42 -9.18 38.99
N LEU Z 509 80.39 -10.41 39.51
CA LEU Z 509 79.38 -11.37 39.07
C LEU Z 509 78.00 -11.01 39.61
N VAL Z 510 77.92 -10.64 40.88
CA VAL Z 510 76.63 -10.47 41.55
C VAL Z 510 76.47 -9.03 42.03
N ARG Z 511 75.21 -8.66 42.28
CA ARG Z 511 74.83 -7.32 42.69
C ARG Z 511 74.46 -7.33 44.17
N SER Z 512 75.32 -6.72 44.99
CA SER Z 512 75.12 -6.76 46.43
C SER Z 512 73.89 -5.93 46.81
N PRO Z 513 73.22 -6.30 47.90
CA PRO Z 513 72.07 -5.50 48.37
C PRO Z 513 72.45 -4.29 49.19
N THR Z 514 73.74 -3.95 49.27
CA THR Z 514 74.21 -2.83 50.08
C THR Z 514 73.97 -1.49 49.40
N GLY Z 515 73.09 -1.45 48.41
CA GLY Z 515 72.82 -0.23 47.69
C GLY Z 515 71.73 0.59 48.36
N MET Z 516 70.59 0.74 47.68
CA MET Z 516 69.49 1.57 48.16
C MET Z 516 69.98 3.00 48.42
N GLN Z 517 70.69 3.54 47.44
CA GLN Z 517 71.34 4.85 47.45
C GLN Z 517 72.52 4.90 48.40
N SER Z 518 72.93 3.77 48.99
CA SER Z 518 74.06 3.72 49.90
C SER Z 518 75.15 2.76 49.42
N GLY Z 519 75.07 2.29 48.18
CA GLY Z 519 76.05 1.36 47.65
C GLY Z 519 77.46 1.91 47.61
N ALA Z 520 78.40 1.18 48.22
CA ALA Z 520 79.79 1.63 48.23
C ALA Z 520 80.37 1.64 46.82
N SER Z 521 80.06 0.62 46.03
CA SER Z 521 80.62 0.49 44.69
C SER Z 521 79.60 -0.20 43.79
N GLY Z 522 80.05 -0.62 42.62
CA GLY Z 522 79.17 -1.22 41.64
C GLY Z 522 78.57 -0.28 40.63
N LYS Z 523 79.09 0.94 40.53
CA LYS Z 523 78.53 1.97 39.66
C LYS Z 523 78.97 1.84 38.21
N ILE Z 524 79.96 1.00 37.92
CA ILE Z 524 80.57 0.98 36.60
C ILE Z 524 79.53 0.77 35.50
N GLY Z 525 78.62 -0.17 35.72
CA GLY Z 525 77.61 -0.47 34.71
C GLY Z 525 76.98 -1.82 35.00
N THR Z 526 76.45 -2.42 33.95
CA THR Z 526 75.75 -3.69 34.11
C THR Z 526 76.72 -4.79 34.52
N THR Z 527 76.28 -5.62 35.45
CA THR Z 527 76.95 -6.87 35.79
C THR Z 527 76.21 -8.01 35.10
N ALA Z 528 76.60 -9.25 35.42
CA ALA Z 528 75.97 -10.39 34.77
C ALA Z 528 74.49 -10.52 35.15
N SER Z 529 74.17 -10.20 36.41
CA SER Z 529 72.80 -10.40 36.88
C SER Z 529 71.81 -9.56 36.10
N ASP Z 530 72.16 -8.29 35.83
CA ASP Z 530 71.21 -7.38 35.18
C ASP Z 530 70.88 -7.83 33.77
N VAL Z 531 71.90 -8.17 32.98
CA VAL Z 531 71.66 -8.60 31.61
C VAL Z 531 70.91 -9.92 31.59
N PHE Z 532 71.26 -10.83 32.51
CA PHE Z 532 70.55 -12.11 32.59
C PHE Z 532 69.07 -11.89 32.85
N GLU Z 533 68.75 -11.04 33.82
CA GLU Z 533 67.35 -10.79 34.16
C GLU Z 533 66.60 -10.10 33.02
N ARG Z 534 67.22 -9.13 32.37
CA ARG Z 534 66.56 -8.45 31.25
C ARG Z 534 66.19 -9.44 30.14
N LEU Z 535 67.18 -10.21 29.69
CA LEU Z 535 66.93 -11.13 28.58
C LEU Z 535 65.92 -12.21 28.95
N ARG Z 536 66.05 -12.77 30.16
CA ARG Z 536 65.09 -13.78 30.60
C ARG Z 536 63.70 -13.18 30.75
N ALA Z 537 63.59 -11.88 30.99
CA ALA Z 537 62.28 -11.26 31.12
C ALA Z 537 61.62 -11.06 29.76
N VAL Z 538 62.39 -10.76 28.72
CA VAL Z 538 61.74 -10.55 27.43
C VAL Z 538 61.43 -11.87 26.70
N ASP Z 539 62.25 -12.91 26.93
CA ASP Z 539 62.07 -14.15 26.18
C ASP Z 539 60.71 -14.80 26.44
N HIS Z 540 60.26 -14.78 27.70
CA HIS Z 540 59.01 -15.45 28.04
C HIS Z 540 57.81 -14.76 27.39
N ARG Z 541 57.87 -13.43 27.25
CA ARG Z 541 56.83 -12.76 26.47
C ARG Z 541 56.86 -13.21 25.02
N PHE Z 542 58.06 -13.37 24.44
CA PHE Z 542 58.11 -13.87 23.07
C PHE Z 542 57.44 -15.23 22.95
N TYR Z 543 57.73 -16.13 23.89
CA TYR Z 543 57.13 -17.46 23.85
C TYR Z 543 55.62 -17.37 23.98
N ASN Z 544 55.12 -16.49 24.86
CA ASN Z 544 53.68 -16.33 25.02
C ASN Z 544 53.02 -15.81 23.75
N ASP Z 545 53.75 -15.07 22.91
CA ASP Z 545 53.14 -14.59 21.67
C ASP Z 545 53.20 -15.57 20.52
N ILE Z 546 54.27 -16.37 20.44
CA ILE Z 546 54.40 -17.29 19.30
C ILE Z 546 53.27 -18.32 19.29
N ASP Z 547 52.79 -18.72 20.47
CA ASP Z 547 51.70 -19.70 20.54
C ASP Z 547 50.42 -19.15 19.95
N ASP Z 548 50.05 -17.93 20.33
CA ASP Z 548 48.84 -17.33 19.78
C ASP Z 548 49.00 -17.04 18.30
N ALA Z 549 50.21 -16.76 17.85
CA ALA Z 549 50.41 -16.59 16.41
C ALA Z 549 50.19 -17.90 15.65
N VAL Z 550 50.78 -19.00 16.14
CA VAL Z 550 50.74 -20.25 15.40
C VAL Z 550 49.34 -20.86 15.42
N THR Z 551 48.66 -20.80 16.57
CA THR Z 551 47.39 -21.52 16.71
C THR Z 551 46.37 -21.08 15.67
N GLU Z 552 46.32 -19.78 15.37
CA GLU Z 552 45.37 -19.29 14.40
C GLU Z 552 45.68 -19.71 12.97
N ALA Z 553 46.91 -20.19 12.71
CA ALA Z 553 47.28 -20.53 11.34
C ALA Z 553 46.63 -21.82 10.87
N LEU Z 554 46.23 -22.68 11.79
CA LEU Z 554 45.72 -24.01 11.46
C LEU Z 554 44.24 -24.03 11.16
N LYS Z 555 43.64 -22.89 10.82
CA LYS Z 555 42.23 -22.84 10.45
C LYS Z 555 42.03 -22.42 9.00
N ASP Z 556 43.09 -22.40 8.20
CA ASP Z 556 42.96 -22.14 6.78
C ASP Z 556 42.36 -23.37 6.10
N PRO Z 557 41.63 -23.18 5.00
CA PRO Z 557 41.03 -24.35 4.32
C PRO Z 557 42.05 -25.34 3.80
N TYR Z 558 43.33 -24.97 3.72
CA TYR Z 558 44.35 -25.90 3.26
C TYR Z 558 44.49 -27.09 4.20
N PHE Z 559 44.44 -26.86 5.51
CA PHE Z 559 44.68 -27.91 6.49
C PHE Z 559 43.42 -28.64 6.92
N GLN Z 560 42.27 -27.96 6.94
CA GLN Z 560 41.06 -28.59 7.46
C GLN Z 560 40.47 -29.61 6.50
N THR Z 561 40.75 -29.50 5.21
CA THR Z 561 40.13 -30.34 4.20
C THR Z 561 41.00 -31.50 3.74
N ALA Z 562 42.17 -31.71 4.35
CA ALA Z 562 43.08 -32.78 3.95
C ALA Z 562 42.94 -33.93 4.95
N PHE Z 563 42.25 -34.98 4.53
CA PHE Z 563 42.00 -36.13 5.40
C PHE Z 563 42.92 -37.31 5.11
N TRP Z 564 43.94 -37.13 4.27
CA TRP Z 564 44.88 -38.20 3.94
C TRP Z 564 46.21 -38.03 4.64
N ARG Z 565 46.26 -37.27 5.73
CA ARG Z 565 47.49 -37.07 6.48
C ARG Z 565 47.16 -36.99 7.97
N ASP Z 566 48.12 -37.42 8.78
CA ASP Z 566 47.92 -37.40 10.22
C ASP Z 566 47.78 -35.97 10.72
N SER Z 567 46.99 -35.80 11.78
CA SER Z 567 46.72 -34.47 12.31
C SER Z 567 47.80 -33.98 13.27
N GLY Z 568 48.86 -34.76 13.48
CA GLY Z 568 49.93 -34.33 14.37
C GLY Z 568 51.12 -33.69 13.70
N ALA Z 569 51.22 -33.75 12.38
CA ALA Z 569 52.39 -33.26 11.67
C ALA Z 569 52.19 -31.85 11.11
N PHE Z 570 51.06 -31.21 11.40
CA PHE Z 570 50.79 -29.89 10.86
C PHE Z 570 51.77 -28.85 11.36
N ARG Z 571 52.13 -28.91 12.65
CA ARG Z 571 53.08 -27.95 13.20
C ARG Z 571 54.46 -28.10 12.58
N GLN Z 572 54.92 -29.33 12.39
CA GLN Z 572 56.20 -29.55 11.72
C GLN Z 572 56.15 -29.06 10.29
N ASP Z 573 55.01 -29.26 9.61
CA ASP Z 573 54.87 -28.74 8.26
C ASP Z 573 55.04 -27.22 8.23
N ILE Z 574 54.37 -26.52 9.15
CA ILE Z 574 54.43 -25.06 9.18
C ILE Z 574 55.87 -24.60 9.42
N TYR Z 575 56.52 -25.20 10.42
CA TYR Z 575 57.87 -24.76 10.76
C TYR Z 575 58.84 -25.01 9.62
N GLN Z 576 58.73 -26.17 8.95
CA GLN Z 576 59.61 -26.47 7.84
C GLN Z 576 59.42 -25.49 6.69
N ARG Z 577 58.17 -25.23 6.32
CA ARG Z 577 57.92 -24.32 5.19
C ARG Z 577 58.45 -22.93 5.49
N VAL Z 578 58.18 -22.40 6.69
CA VAL Z 578 58.62 -21.05 7.02
C VAL Z 578 60.14 -20.97 7.06
N SER Z 579 60.79 -21.94 7.72
CA SER Z 579 62.24 -21.91 7.81
C SER Z 579 62.90 -21.99 6.44
N MET Z 580 62.35 -22.81 5.55
CA MET Z 580 62.88 -22.86 4.18
C MET Z 580 62.69 -21.54 3.47
N ALA Z 581 61.55 -20.87 3.69
CA ALA Z 581 61.31 -19.60 3.02
C ALA Z 581 62.23 -18.49 3.52
N ILE Z 582 62.66 -18.56 4.79
CA ILE Z 582 63.51 -17.49 5.34
C ILE Z 582 64.87 -17.49 4.64
N GLU Z 583 65.49 -18.65 4.50
CA GLU Z 583 66.85 -18.74 3.98
C GLU Z 583 66.93 -18.50 2.47
N ASP Z 584 65.80 -18.52 1.78
CA ASP Z 584 65.77 -18.26 0.34
C ASP Z 584 66.05 -16.78 0.06
N GLY Z 585 66.74 -16.53 -1.05
CA GLY Z 585 67.05 -15.16 -1.42
C GLY Z 585 66.26 -14.63 -2.60
N SER Z 586 65.79 -15.52 -3.47
CA SER Z 586 65.08 -15.09 -4.67
C SER Z 586 63.77 -14.41 -4.31
N GLY Z 587 62.94 -15.07 -3.52
CA GLY Z 587 61.66 -14.54 -3.11
C GLY Z 587 60.45 -15.27 -3.67
N ASN Z 588 60.61 -16.21 -4.61
CA ASN Z 588 59.44 -16.90 -5.14
C ASN Z 588 58.80 -17.81 -4.10
N LEU Z 589 59.59 -18.36 -3.17
CA LEU Z 589 59.01 -19.21 -2.13
C LEU Z 589 58.15 -18.40 -1.17
N LYS Z 590 58.52 -17.15 -0.89
CA LYS Z 590 57.73 -16.34 0.01
C LYS Z 590 56.34 -16.06 -0.56
N ALA Z 591 56.22 -16.04 -1.89
CA ALA Z 591 54.93 -15.77 -2.51
C ALA Z 591 53.95 -16.92 -2.40
N GLU Z 592 54.39 -18.08 -1.90
CA GLU Z 592 53.53 -19.25 -1.82
C GLU Z 592 52.82 -19.40 -0.48
N LEU Z 593 53.29 -18.72 0.56
CA LEU Z 593 52.73 -18.91 1.90
C LEU Z 593 51.32 -18.36 1.99
N THR Z 594 50.49 -19.02 2.80
CA THR Z 594 49.11 -18.62 2.99
C THR Z 594 49.05 -17.34 3.82
N PRO Z 595 47.91 -16.63 3.79
CA PRO Z 595 47.81 -15.36 4.55
C PRO Z 595 47.97 -15.51 6.05
N GLY Z 596 48.09 -16.71 6.60
CA GLY Z 596 48.23 -16.90 8.02
C GLY Z 596 49.63 -17.21 8.52
N GLU Z 597 50.62 -17.30 7.62
CA GLU Z 597 51.99 -17.62 8.02
C GLU Z 597 52.93 -16.43 7.96
N LEU Z 598 52.49 -15.31 7.41
CA LEU Z 598 53.36 -14.15 7.30
C LEU Z 598 53.72 -13.58 8.66
N LYS Z 599 52.80 -13.64 9.64
CA LYS Z 599 53.10 -13.13 10.96
C LYS Z 599 54.17 -13.97 11.67
N VAL Z 600 54.09 -15.29 11.54
CA VAL Z 600 55.13 -16.17 12.06
C VAL Z 600 56.46 -15.83 11.40
N TYR Z 601 56.43 -15.62 10.08
CA TYR Z 601 57.63 -15.22 9.35
C TYR Z 601 58.26 -13.98 9.97
N ASP Z 602 57.46 -12.95 10.20
CA ASP Z 602 57.97 -11.69 10.73
C ASP Z 602 58.59 -11.86 12.11
N LEU Z 603 57.86 -12.54 13.01
CA LEU Z 603 58.37 -12.73 14.37
C LEU Z 603 59.72 -13.44 14.37
N LEU Z 604 59.79 -14.58 13.70
CA LEU Z 604 61.01 -15.39 13.75
C LEU Z 604 62.17 -14.63 13.14
N LYS Z 605 61.95 -13.96 12.00
CA LYS Z 605 63.03 -13.23 11.36
C LYS Z 605 63.58 -12.14 12.27
N ASN Z 606 62.68 -11.37 12.91
CA ASN Z 606 63.14 -10.26 13.73
C ASN Z 606 63.98 -10.74 14.91
N GLN Z 607 63.51 -11.76 15.63
CA GLN Z 607 64.31 -12.21 16.77
C GLN Z 607 65.64 -12.81 16.35
N PHE Z 608 65.64 -13.61 15.27
CA PHE Z 608 66.89 -14.24 14.87
C PHE Z 608 67.92 -13.21 14.42
N ASP Z 609 67.47 -12.06 13.91
CA ASP Z 609 68.43 -11.00 13.61
C ASP Z 609 68.91 -10.29 14.88
N ALA Z 610 68.00 -10.05 15.82
CA ALA Z 610 68.38 -9.31 17.03
C ALA Z 610 69.45 -10.06 17.83
N LYS Z 611 69.31 -11.38 17.95
CA LYS Z 611 70.27 -12.12 18.76
C LYS Z 611 71.68 -12.03 18.21
N ARG Z 612 71.84 -12.18 16.89
CA ARG Z 612 73.16 -12.06 16.30
C ARG Z 612 73.71 -10.64 16.45
N GLU Z 613 72.85 -9.64 16.26
CA GLU Z 613 73.32 -8.27 16.44
C GLU Z 613 73.85 -8.05 17.85
N MET Z 614 73.20 -8.65 18.85
CA MET Z 614 73.72 -8.57 20.21
C MET Z 614 75.05 -9.30 20.36
N MET Z 615 75.18 -10.48 19.75
CA MET Z 615 76.41 -11.24 19.95
C MET Z 615 77.62 -10.62 19.26
N GLU Z 616 77.41 -9.80 18.23
CA GLU Z 616 78.56 -9.24 17.52
C GLU Z 616 79.23 -8.10 18.28
N ASN Z 617 78.48 -7.29 19.04
CA ASN Z 617 79.02 -6.16 19.79
C ASN Z 617 78.54 -6.18 21.23
N PRO Z 618 79.22 -6.90 22.12
CA PRO Z 618 78.80 -6.98 23.52
C PRO Z 618 79.16 -5.76 24.36
N ALA Z 619 79.56 -4.65 23.75
CA ALA Z 619 79.82 -3.42 24.47
C ALA Z 619 78.62 -2.49 24.51
N MET Z 620 77.46 -2.96 24.05
CA MET Z 620 76.25 -2.15 24.11
C MET Z 620 75.73 -2.01 25.53
N PHE Z 621 76.22 -2.80 26.48
CA PHE Z 621 75.63 -2.85 27.81
C PHE Z 621 76.37 -1.99 28.83
N GLY Z 622 77.62 -1.63 28.59
CA GLY Z 622 78.28 -0.70 29.48
C GLY Z 622 79.76 -0.90 29.73
N ARG Z 623 80.34 -2.00 29.27
CA ARG Z 623 81.75 -2.24 29.47
C ARG Z 623 82.51 -2.09 28.17
N PRO Z 624 83.43 -1.13 28.05
CA PRO Z 624 84.06 -0.83 26.75
C PRO Z 624 85.30 -1.64 26.40
N ASP Z 625 85.60 -2.74 27.09
CA ASP Z 625 86.74 -3.58 26.73
C ASP Z 625 86.31 -5.03 26.53
N ALA Z 626 85.21 -5.24 25.82
CA ALA Z 626 84.70 -6.57 25.53
C ALA Z 626 84.75 -6.82 24.03
N GLN Z 627 85.25 -8.00 23.66
CA GLN Z 627 85.42 -8.38 22.26
C GLN Z 627 84.18 -9.13 21.77
N SER Z 628 84.26 -9.68 20.57
CA SER Z 628 83.15 -10.38 19.93
C SER Z 628 83.38 -11.89 19.97
N ILE Z 629 82.27 -12.64 20.00
CA ILE Z 629 82.31 -14.09 20.10
C ILE Z 629 81.70 -14.79 18.90
N PHE Z 630 81.12 -14.05 17.96
CA PHE Z 630 80.52 -14.66 16.78
C PHE Z 630 81.61 -15.11 15.81
N PRO Z 631 81.67 -16.39 15.45
CA PRO Z 631 82.74 -16.87 14.55
C PRO Z 631 82.39 -16.63 13.10
N GLY Z 632 83.03 -15.64 12.48
CA GLY Z 632 82.77 -15.29 11.11
C GLY Z 632 81.74 -14.20 11.01
N SER Z 633 82.17 -12.96 10.76
CA SER Z 633 81.28 -11.82 10.87
C SER Z 633 81.44 -10.81 9.74
N ARG Z 634 82.10 -11.18 8.64
CA ARG Z 634 82.32 -10.22 7.57
C ARG Z 634 81.05 -9.96 6.77
N PHE Z 635 80.31 -11.02 6.45
CA PHE Z 635 79.16 -10.87 5.56
C PHE Z 635 77.85 -10.86 6.34
N LYS Z 636 76.74 -10.81 5.61
CA LYS Z 636 75.42 -10.62 6.19
C LYS Z 636 74.51 -11.77 5.82
N GLY Z 637 73.54 -12.03 6.70
CA GLY Z 637 72.59 -13.10 6.48
C GLY Z 637 71.79 -13.36 7.74
N THR Z 638 70.93 -14.37 7.64
CA THR Z 638 70.13 -14.82 8.77
C THR Z 638 70.53 -16.25 9.12
N TYR Z 639 70.81 -16.49 10.40
CA TYR Z 639 71.28 -17.80 10.85
C TYR Z 639 70.16 -18.56 11.54
N VAL Z 640 69.95 -19.81 11.15
CA VAL Z 640 68.97 -20.69 11.75
C VAL Z 640 69.71 -21.94 12.22
N PRO Z 641 69.51 -22.39 13.46
CA PRO Z 641 70.35 -23.47 14.01
C PRO Z 641 70.24 -24.78 13.24
N HIS Z 642 71.36 -25.50 13.19
CA HIS Z 642 71.48 -26.76 12.47
C HIS Z 642 71.64 -27.91 13.47
N VAL Z 643 70.70 -28.86 13.45
CA VAL Z 643 70.76 -30.04 14.30
C VAL Z 643 70.46 -31.25 13.43
N TYR Z 644 71.38 -32.21 13.39
CA TYR Z 644 71.25 -33.36 12.50
C TYR Z 644 70.69 -34.57 13.23
N SER Z 645 70.05 -35.46 12.47
CA SER Z 645 69.44 -36.66 12.99
C SER Z 645 70.40 -37.84 12.89
N SER Z 646 70.02 -38.96 13.50
CA SER Z 646 70.86 -40.15 13.51
C SER Z 646 70.20 -41.36 12.87
N GLN Z 647 68.89 -41.54 13.06
CA GLN Z 647 68.19 -42.65 12.41
C GLN Z 647 68.27 -42.53 10.90
N MET Z 648 68.11 -41.33 10.36
CA MET Z 648 68.23 -41.15 8.92
C MET Z 648 69.65 -41.50 8.45
N LYS Z 649 70.65 -41.15 9.25
CA LYS Z 649 72.02 -41.52 8.91
C LYS Z 649 72.16 -43.02 8.83
N GLU Z 650 71.59 -43.75 9.80
CA GLU Z 650 71.69 -45.20 9.78
C GLU Z 650 70.98 -45.81 8.58
N LEU Z 651 69.78 -45.32 8.26
CA LEU Z 651 69.06 -45.84 7.10
C LEU Z 651 69.79 -45.58 5.80
N TYR Z 652 70.43 -44.41 5.66
CA TYR Z 652 71.17 -44.16 4.43
C TYR Z 652 72.43 -45.00 4.36
N ILE Z 653 73.10 -45.18 5.50
CA ILE Z 653 74.31 -46.00 5.51
C ILE Z 653 73.98 -47.43 5.10
N LYS Z 654 72.82 -47.94 5.53
CA LYS Z 654 72.43 -49.30 5.17
C LYS Z 654 72.32 -49.47 3.66
N GLU Z 655 71.71 -48.50 2.97
CA GLU Z 655 71.52 -48.64 1.53
C GLU Z 655 72.80 -48.41 0.75
N LEU Z 656 73.59 -47.39 1.13
CA LEU Z 656 74.81 -47.12 0.38
C LEU Z 656 75.93 -48.10 0.71
N GLY Z 657 75.94 -48.68 1.91
CA GLY Z 657 76.89 -49.73 2.23
C GLY Z 657 78.16 -49.27 2.93
N SER Z 658 78.43 -47.97 2.97
CA SER Z 658 79.67 -47.49 3.58
C SER Z 658 79.48 -46.04 3.99
N PRO Z 659 80.18 -45.58 5.03
CA PRO Z 659 80.18 -44.15 5.33
C PRO Z 659 80.84 -43.30 4.25
N GLU Z 660 81.75 -43.87 3.47
CA GLU Z 660 82.44 -43.10 2.45
C GLU Z 660 81.48 -42.62 1.37
N ALA Z 661 80.48 -43.44 1.03
CA ALA Z 661 79.48 -43.02 0.07
C ALA Z 661 78.72 -41.80 0.57
N LEU Z 662 78.35 -41.80 1.85
CA LEU Z 662 77.68 -40.64 2.42
C LEU Z 662 78.58 -39.41 2.38
N GLN Z 663 79.86 -39.59 2.67
CA GLN Z 663 80.79 -38.46 2.63
C GLN Z 663 80.85 -37.85 1.22
N GLU Z 664 80.96 -38.70 0.20
CA GLU Z 664 81.03 -38.20 -1.17
C GLU Z 664 79.74 -37.51 -1.58
N ALA Z 665 78.59 -38.08 -1.21
CA ALA Z 665 77.33 -37.45 -1.54
C ALA Z 665 77.22 -36.06 -0.95
N ILE Z 666 77.60 -35.92 0.33
CA ILE Z 666 77.55 -34.61 0.97
C ILE Z 666 78.49 -33.63 0.26
N LYS Z 667 79.70 -34.10 -0.06
CA LYS Z 667 80.68 -33.20 -0.67
C LYS Z 667 80.20 -32.67 -2.00
N LYS Z 668 79.65 -33.54 -2.85
CA LYS Z 668 79.22 -33.08 -4.17
C LYS Z 668 77.99 -32.18 -4.07
N SER Z 669 77.04 -32.53 -3.18
CA SER Z 669 75.89 -31.67 -2.99
C SER Z 669 76.27 -30.31 -2.43
N TRP Z 670 77.45 -30.20 -1.80
CA TRP Z 670 77.93 -28.87 -1.42
C TRP Z 670 78.60 -28.15 -2.58
N LEU Z 671 79.41 -28.86 -3.37
CA LEU Z 671 80.15 -28.19 -4.44
C LEU Z 671 79.24 -27.64 -5.52
N THR Z 672 78.06 -28.24 -5.72
CA THR Z 672 77.18 -27.74 -6.78
C THR Z 672 76.75 -26.29 -6.56
N SER Z 673 76.53 -25.89 -5.30
CA SER Z 673 76.10 -24.53 -5.02
C SER Z 673 77.21 -23.52 -5.31
N TYR Z 674 78.45 -23.87 -4.97
CA TYR Z 674 79.58 -23.06 -5.41
C TYR Z 674 79.61 -22.91 -6.91
N ALA Z 675 79.35 -24.00 -7.64
CA ALA Z 675 79.38 -23.92 -9.09
C ALA Z 675 78.31 -22.97 -9.62
N SER Z 676 77.10 -23.01 -9.07
CA SER Z 676 76.01 -22.24 -9.65
C SER Z 676 76.02 -20.78 -9.21
N ARG Z 677 75.83 -20.52 -7.90
CA ARG Z 677 75.57 -19.16 -7.42
C ARG Z 677 76.83 -18.30 -7.43
N PRO Z 678 76.69 -16.99 -7.69
CA PRO Z 678 77.86 -16.09 -7.69
C PRO Z 678 78.28 -15.63 -6.31
N GLU Z 679 77.30 -15.37 -5.44
CA GLU Z 679 77.59 -14.83 -4.11
C GLU Z 679 78.36 -15.84 -3.27
N VAL Z 680 78.03 -17.11 -3.39
CA VAL Z 680 78.79 -18.15 -2.70
C VAL Z 680 80.22 -18.15 -3.18
N LYS Z 681 80.42 -17.98 -4.49
CA LYS Z 681 81.76 -17.88 -5.03
C LYS Z 681 82.52 -16.73 -4.41
N LYS Z 682 81.88 -15.56 -4.31
CA LYS Z 682 82.55 -14.39 -3.75
C LYS Z 682 82.93 -14.63 -2.28
N ARG Z 683 81.99 -15.15 -1.49
CA ARG Z 683 82.26 -15.37 -0.07
C ARG Z 683 83.41 -16.34 0.13
N VAL Z 684 83.37 -17.48 -0.57
CA VAL Z 684 84.42 -18.47 -0.41
C VAL Z 684 85.76 -17.92 -0.86
N ASP Z 685 85.78 -17.20 -1.99
CA ASP Z 685 87.04 -16.68 -2.50
C ASP Z 685 87.65 -15.66 -1.55
N GLU Z 686 86.84 -14.74 -1.03
CA GLU Z 686 87.36 -13.74 -0.10
C GLU Z 686 87.92 -14.42 1.15
N ALA Z 687 87.16 -15.35 1.73
CA ALA Z 687 87.62 -16.01 2.95
C ALA Z 687 88.91 -16.80 2.70
N LEU Z 688 88.98 -17.48 1.56
CA LEU Z 688 90.17 -18.27 1.27
C LEU Z 688 91.39 -17.38 1.06
N LEU Z 689 91.22 -16.28 0.33
CA LEU Z 689 92.36 -15.41 0.06
C LEU Z 689 92.85 -14.73 1.33
N GLU Z 690 91.94 -14.29 2.20
CA GLU Z 690 92.39 -13.70 3.45
C GLU Z 690 92.95 -14.75 4.41
N ALA Z 691 92.55 -16.02 4.23
CA ALA Z 691 93.10 -17.08 5.07
C ALA Z 691 94.53 -17.43 4.67
N ASP Z 692 94.80 -17.53 3.38
CA ASP Z 692 96.11 -17.94 2.88
C ASP Z 692 96.80 -16.79 2.18
N PRO Z 693 97.95 -16.33 2.67
CA PRO Z 693 98.64 -15.21 2.00
C PRO Z 693 99.02 -15.51 0.56
N THR Z 694 99.39 -16.75 0.26
CA THR Z 694 99.77 -17.11 -1.10
C THR Z 694 98.56 -17.05 -2.02
N LEU Z 695 98.76 -16.49 -3.21
CA LEU Z 695 97.70 -16.33 -4.20
C LEU Z 695 98.11 -17.07 -5.46
N THR Z 696 97.26 -17.99 -5.92
CA THR Z 696 97.50 -18.71 -7.15
C THR Z 696 96.17 -18.85 -7.88
N PRO Z 697 96.10 -18.43 -9.16
CA PRO Z 697 94.89 -18.70 -9.95
C PRO Z 697 94.60 -20.19 -10.11
N GLU Z 698 95.62 -21.04 -10.05
CA GLU Z 698 95.42 -22.48 -10.14
C GLU Z 698 95.05 -23.11 -8.80
N GLY Z 699 95.26 -22.40 -7.69
CA GLY Z 699 95.09 -23.01 -6.38
C GLY Z 699 93.66 -23.18 -5.92
N LEU Z 700 92.71 -22.54 -6.59
CA LEU Z 700 91.32 -22.59 -6.14
C LEU Z 700 90.75 -24.00 -6.29
N ALA Z 701 91.05 -24.68 -7.40
CA ALA Z 701 90.50 -26.00 -7.64
C ALA Z 701 91.00 -27.02 -6.63
N ALA Z 702 92.04 -26.70 -5.89
CA ALA Z 702 92.50 -27.53 -4.79
C ALA Z 702 92.01 -27.04 -3.44
N ALA Z 703 91.99 -25.72 -3.24
CA ALA Z 703 91.58 -25.15 -1.95
C ALA Z 703 90.12 -25.46 -1.65
N VAL Z 704 89.24 -25.31 -2.65
CA VAL Z 704 87.82 -25.53 -2.40
C VAL Z 704 87.57 -26.96 -1.94
N ASP Z 705 88.19 -27.92 -2.63
CA ASP Z 705 87.97 -29.33 -2.30
C ASP Z 705 88.62 -29.69 -0.96
N LYS Z 706 89.84 -29.22 -0.72
CA LYS Z 706 90.48 -29.56 0.54
C LYS Z 706 89.86 -28.82 1.71
N TYR Z 707 88.99 -27.84 1.45
CA TYR Z 707 88.19 -27.28 2.53
C TYR Z 707 86.89 -28.05 2.73
N ALA Z 708 86.23 -28.45 1.64
CA ALA Z 708 84.94 -29.12 1.79
C ALA Z 708 85.07 -30.53 2.33
N ASN Z 709 86.19 -31.20 2.05
CA ASN Z 709 86.36 -32.59 2.49
C ASN Z 709 86.33 -32.69 4.01
N ASP Z 710 86.97 -31.74 4.70
CA ASP Z 710 87.02 -31.79 6.16
C ASP Z 710 85.63 -31.64 6.76
N LYS Z 711 84.84 -30.70 6.23
CA LYS Z 711 83.50 -30.50 6.75
C LYS Z 711 82.62 -31.73 6.49
N ALA Z 712 82.78 -32.38 5.33
CA ALA Z 712 82.01 -33.59 5.08
C ALA Z 712 82.40 -34.70 6.06
N TYR Z 713 83.70 -34.87 6.30
CA TYR Z 713 84.15 -35.89 7.24
C TYR Z 713 83.67 -35.60 8.65
N GLY Z 714 83.49 -34.32 8.99
CA GLY Z 714 83.00 -33.98 10.31
C GLY Z 714 81.59 -34.42 10.59
N ILE Z 715 80.80 -34.72 9.56
CA ILE Z 715 79.45 -35.22 9.74
C ILE Z 715 79.33 -36.70 9.45
N SER Z 716 80.16 -37.25 8.55
CA SER Z 716 79.93 -38.64 8.13
C SER Z 716 80.62 -39.65 9.03
N HIS Z 717 81.48 -39.23 9.95
CA HIS Z 717 82.31 -40.18 10.69
C HIS Z 717 82.37 -39.90 12.19
N THR Z 718 81.41 -39.15 12.74
CA THR Z 718 81.38 -38.92 14.18
C THR Z 718 79.96 -38.59 14.60
N GLU Z 719 79.79 -38.14 15.84
CA GLU Z 719 78.47 -37.88 16.40
C GLU Z 719 78.44 -36.60 17.24
N GLN Z 720 79.26 -35.62 16.89
CA GLN Z 720 79.31 -34.39 17.68
C GLN Z 720 78.10 -33.51 17.45
N PHE Z 721 77.58 -33.46 16.23
CA PHE Z 721 76.47 -32.57 15.88
C PHE Z 721 75.11 -33.24 15.95
N GLU Z 722 75.03 -34.49 16.41
CA GLU Z 722 73.74 -35.15 16.48
C GLU Z 722 72.89 -34.52 17.57
N ARG Z 723 71.60 -34.85 17.55
CA ARG Z 723 70.68 -34.29 18.54
C ARG Z 723 70.97 -34.81 19.94
N SER Z 724 71.45 -36.05 20.05
CA SER Z 724 71.63 -36.66 21.37
C SER Z 724 72.66 -35.89 22.21
N SER Z 725 73.81 -35.57 21.62
CA SER Z 725 74.86 -34.90 22.39
C SER Z 725 74.54 -33.43 22.64
N VAL Z 726 74.05 -32.73 21.61
CA VAL Z 726 73.81 -31.28 21.73
C VAL Z 726 72.75 -31.00 22.76
N MET Z 727 71.69 -31.79 22.78
CA MET Z 727 70.52 -31.55 23.62
C MET Z 727 70.38 -32.58 24.72
N GLU Z 728 71.50 -33.09 25.23
CA GLU Z 728 71.44 -34.13 26.25
C GLU Z 728 70.94 -33.57 27.57
N GLU Z 729 70.22 -34.43 28.31
CA GLU Z 729 69.36 -33.96 29.39
C GLU Z 729 70.16 -33.43 30.57
N ASN Z 730 70.94 -34.29 31.22
CA ASN Z 730 71.57 -33.95 32.48
C ASN Z 730 73.05 -34.30 32.47
N ILE Z 731 73.84 -33.47 33.15
CA ILE Z 731 75.27 -33.66 33.26
C ILE Z 731 75.65 -33.56 34.74
N ASN Z 732 76.67 -34.33 35.11
CA ASN Z 732 77.22 -34.30 36.47
C ASN Z 732 78.51 -33.50 36.42
N GLY Z 733 78.39 -32.19 36.58
CA GLY Z 733 79.53 -31.29 36.55
C GLY Z 733 79.55 -30.40 35.32
N LEU Z 734 80.72 -29.84 35.06
CA LEU Z 734 80.95 -28.97 33.90
C LEU Z 734 81.84 -29.71 32.91
N VAL Z 735 81.25 -30.21 31.83
CA VAL Z 735 82.03 -30.93 30.83
C VAL Z 735 81.83 -30.29 29.46
N GLY Z 736 80.68 -29.66 29.26
CA GLY Z 736 80.34 -29.13 27.96
C GLY Z 736 80.78 -27.72 27.68
N LEU Z 737 81.23 -26.98 28.70
CA LEU Z 737 81.58 -25.57 28.52
C LEU Z 737 82.85 -25.38 27.69
N GLU Z 738 83.57 -26.46 27.40
CA GLU Z 738 84.78 -26.34 26.59
C GLU Z 738 84.45 -25.93 25.16
N ASN Z 739 83.31 -26.38 24.64
CA ASN Z 739 82.97 -26.16 23.25
C ASN Z 739 81.48 -25.92 23.11
N ASN Z 740 81.09 -24.97 22.28
CA ASN Z 740 79.70 -24.60 22.07
C ASN Z 740 79.22 -25.28 20.79
N SER Z 741 78.44 -26.34 20.91
CA SER Z 741 78.11 -27.16 19.76
C SER Z 741 77.12 -26.50 18.81
N PHE Z 742 76.51 -25.38 19.20
CA PHE Z 742 75.48 -24.79 18.36
C PHE Z 742 76.08 -23.99 17.21
N LEU Z 743 77.24 -23.36 17.42
CA LEU Z 743 77.71 -22.32 16.54
C LEU Z 743 78.76 -22.77 15.53
N GLU Z 744 79.37 -23.94 15.69
CA GLU Z 744 80.28 -24.46 14.68
C GLU Z 744 79.60 -25.43 13.73
N ALA Z 745 78.28 -25.40 13.65
CA ALA Z 745 77.56 -26.03 12.56
C ALA Z 745 77.39 -25.09 11.38
N ARG Z 746 77.91 -23.86 11.46
CA ARG Z 746 77.80 -22.89 10.39
C ARG Z 746 78.77 -23.20 9.26
N ASN Z 747 78.40 -22.79 8.05
CA ASN Z 747 79.20 -23.07 6.87
C ASN Z 747 79.14 -21.88 5.93
N LEU Z 748 80.00 -21.92 4.91
CA LEU Z 748 80.01 -20.92 3.86
C LEU Z 748 79.14 -21.31 2.67
N PHE Z 749 78.86 -22.61 2.51
CA PHE Z 749 78.14 -23.10 1.35
C PHE Z 749 76.64 -22.92 1.52
N ASP Z 750 75.88 -23.51 0.61
CA ASP Z 750 74.42 -23.44 0.62
C ASP Z 750 73.86 -24.84 0.39
N SER Z 764 69.92 -34.38 -0.88
CA SER Z 764 70.39 -33.04 -0.56
C SER Z 764 70.72 -33.12 0.93
N VAL Z 765 71.55 -32.25 1.49
CA VAL Z 765 71.83 -32.25 2.93
C VAL Z 765 70.60 -31.95 3.78
N ASN Z 766 69.70 -31.11 3.33
CA ASN Z 766 68.47 -30.89 4.08
C ASN Z 766 67.64 -32.12 4.31
N ASN Z 767 68.01 -33.30 3.80
CA ASN Z 767 67.32 -34.52 4.19
C ASN Z 767 67.74 -35.03 5.56
N LEU Z 768 68.80 -34.49 6.15
CA LEU Z 768 69.31 -34.96 7.42
C LEU Z 768 69.10 -33.96 8.56
N ARG Z 769 68.18 -33.02 8.39
CA ARG Z 769 67.95 -31.97 9.38
C ARG Z 769 66.65 -32.20 10.13
N GLU Z 770 66.43 -31.37 11.14
CA GLU Z 770 65.26 -31.48 12.00
C GLU Z 770 64.51 -30.16 12.03
N TRP Z 771 63.19 -30.22 11.94
CA TRP Z 771 62.37 -29.02 11.85
C TRP Z 771 61.36 -28.92 12.98
N ASP Z 772 61.77 -29.16 14.22
CA ASP Z 772 60.89 -29.07 15.38
C ASP Z 772 61.36 -27.94 16.28
N MET Z 773 60.81 -26.75 16.08
CA MET Z 773 61.30 -25.57 16.78
C MET Z 773 60.83 -25.50 18.23
N ASP Z 774 59.68 -26.10 18.56
CA ASP Z 774 59.13 -26.00 19.90
C ASP Z 774 60.07 -26.55 20.97
N LYS Z 775 61.00 -27.41 20.59
CA LYS Z 775 62.01 -27.89 21.53
C LYS Z 775 63.40 -27.31 21.27
N ILE Z 776 63.65 -26.77 20.09
CA ILE Z 776 65.00 -26.32 19.75
C ILE Z 776 65.24 -24.86 20.09
N VAL Z 777 64.22 -24.00 19.98
CA VAL Z 777 64.45 -22.57 20.25
C VAL Z 777 64.86 -22.31 21.70
N PRO Z 778 64.16 -22.81 22.73
CA PRO Z 778 64.55 -22.46 24.11
C PRO Z 778 65.97 -22.85 24.51
N ALA Z 779 66.47 -24.02 24.11
CA ALA Z 779 67.81 -24.42 24.54
C ALA Z 779 68.87 -23.51 23.94
N TYR Z 780 68.74 -23.22 22.64
CA TYR Z 780 69.59 -22.24 21.99
C TYR Z 780 69.56 -20.92 22.75
N ASN Z 781 68.36 -20.45 23.11
CA ASN Z 781 68.25 -19.17 23.80
C ASN Z 781 68.98 -19.20 25.13
N ARG Z 782 68.84 -20.28 25.90
CA ARG Z 782 69.47 -20.34 27.21
C ARG Z 782 71.00 -20.30 27.09
N ARG Z 783 71.55 -21.12 26.20
CA ARG Z 783 73.01 -21.14 26.06
C ARG Z 783 73.54 -19.78 25.62
N VAL Z 784 72.90 -19.17 24.63
CA VAL Z 784 73.38 -17.89 24.11
C VAL Z 784 73.29 -16.80 25.18
N ASN Z 785 72.18 -16.75 25.93
CA ASN Z 785 72.06 -15.74 26.97
C ASN Z 785 73.17 -15.89 28.00
N GLY Z 786 73.48 -17.13 28.39
CA GLY Z 786 74.56 -17.31 29.35
C GLY Z 786 75.88 -16.78 28.84
N ASP Z 787 76.22 -17.10 27.58
CA ASP Z 787 77.48 -16.64 27.03
C ASP Z 787 77.56 -15.12 26.98
N ILE Z 788 76.48 -14.48 26.52
CA ILE Z 788 76.46 -13.03 26.42
C ILE Z 788 76.63 -12.38 27.79
N ALA Z 789 75.92 -12.91 28.79
CA ALA Z 789 76.02 -12.33 30.13
C ALA Z 789 77.43 -12.43 30.69
N ILE Z 790 78.05 -13.60 30.57
CA ILE Z 790 79.41 -13.77 31.11
C ILE Z 790 80.36 -12.80 30.42
N MET Z 791 80.29 -12.72 29.07
CA MET Z 791 81.24 -11.89 28.35
C MET Z 791 81.03 -10.40 28.61
N ALA Z 792 79.78 -9.95 28.65
CA ALA Z 792 79.51 -8.53 28.86
C ALA Z 792 79.70 -8.10 30.30
N GLY Z 793 79.72 -9.04 31.24
CA GLY Z 793 79.95 -8.66 32.61
C GLY Z 793 81.40 -8.69 33.00
N THR Z 794 82.10 -9.79 32.70
CA THR Z 794 83.45 -9.96 33.21
C THR Z 794 84.54 -9.56 32.22
N GLY Z 795 84.34 -9.81 30.93
CA GLY Z 795 85.38 -9.59 29.95
C GLY Z 795 86.21 -10.82 29.62
N LYS Z 796 85.76 -12.01 30.01
CA LYS Z 796 86.45 -13.25 29.74
C LYS Z 796 85.50 -14.23 29.08
N THR Z 797 86.03 -15.06 28.20
CA THR Z 797 85.25 -16.10 27.56
C THR Z 797 84.90 -17.20 28.56
N THR Z 798 83.89 -17.99 28.22
CA THR Z 798 83.40 -19.02 29.14
C THR Z 798 84.47 -20.06 29.43
N LYS Z 799 85.37 -20.30 28.48
CA LYS Z 799 86.47 -21.24 28.73
C LYS Z 799 87.38 -20.74 29.84
N GLU Z 800 87.66 -19.44 29.86
CA GLU Z 800 88.51 -18.88 30.92
C GLU Z 800 87.83 -18.98 32.28
N MET Z 801 86.56 -18.59 32.36
CA MET Z 801 85.83 -18.71 33.61
C MET Z 801 85.69 -20.17 34.04
N LYS Z 802 85.76 -21.11 33.10
CA LYS Z 802 85.75 -22.51 33.47
C LYS Z 802 87.09 -22.93 34.07
N ASP Z 803 88.18 -22.74 33.32
CA ASP Z 803 89.45 -23.26 33.82
C ASP Z 803 89.94 -22.53 35.05
N LEU Z 804 89.40 -21.34 35.35
CA LEU Z 804 89.73 -20.69 36.62
C LEU Z 804 89.37 -21.55 37.81
N VAL Z 805 88.30 -22.34 37.71
CA VAL Z 805 87.86 -23.16 38.84
C VAL Z 805 88.91 -24.21 39.16
N GLU Z 806 89.39 -24.93 38.14
CA GLU Z 806 90.44 -25.91 38.38
C GLU Z 806 91.76 -25.26 38.76
N THR Z 807 92.06 -24.08 38.22
CA THR Z 807 93.27 -23.38 38.63
C THR Z 807 93.23 -23.05 40.12
N LEU Z 808 92.07 -22.66 40.63
CA LEU Z 808 91.93 -22.42 42.06
C LEU Z 808 91.96 -23.71 42.86
N MET Z 809 91.29 -24.76 42.37
CA MET Z 809 91.21 -26.01 43.10
C MET Z 809 92.53 -26.78 43.10
N ASN Z 810 93.47 -26.42 42.23
CA ASN Z 810 94.78 -27.06 42.26
C ASN Z 810 95.54 -26.72 43.54
N LYS Z 811 95.22 -25.59 44.19
CA LYS Z 811 95.81 -25.21 45.46
C LYS Z 811 94.94 -25.58 46.65
N ALA Z 812 93.81 -26.26 46.42
CA ALA Z 812 92.89 -26.62 47.48
C ALA Z 812 93.18 -27.99 48.06
N GLY Z 813 94.41 -28.49 47.93
CA GLY Z 813 94.75 -29.76 48.56
C GLY Z 813 94.68 -29.69 50.08
N ASP Z 814 95.14 -28.59 50.65
CA ASP Z 814 95.07 -28.41 52.09
C ASP Z 814 93.63 -28.24 52.54
N ASP Z 815 93.33 -28.73 53.74
CA ASP Z 815 91.97 -28.66 54.30
C ASP Z 815 91.76 -27.29 54.93
N GLY Z 816 91.67 -26.28 54.07
CA GLY Z 816 91.39 -24.93 54.52
C GLY Z 816 89.90 -24.66 54.55
N LYS Z 817 89.47 -23.62 53.84
CA LYS Z 817 88.05 -23.31 53.74
C LYS Z 817 87.57 -23.25 52.30
N THR Z 824 81.38 -22.42 45.85
CA THR Z 824 80.10 -22.00 45.27
C THR Z 824 80.25 -21.29 43.93
N LEU Z 825 81.48 -20.92 43.55
CA LEU Z 825 81.72 -20.40 42.21
C LEU Z 825 81.20 -21.36 41.16
N ARG Z 826 81.38 -22.66 41.37
CA ARG Z 826 80.92 -23.65 40.42
C ARG Z 826 79.41 -23.59 40.25
N ASP Z 827 78.68 -23.51 41.37
CA ASP Z 827 77.23 -23.45 41.30
C ASP Z 827 76.75 -22.16 40.63
N THR Z 828 77.42 -21.04 40.91
CA THR Z 828 77.03 -19.79 40.25
C THR Z 828 77.22 -19.88 38.74
N LEU Z 829 78.35 -20.42 38.29
CA LEU Z 829 78.56 -20.58 36.85
C LEU Z 829 77.53 -21.52 36.25
N LYS Z 830 77.23 -22.62 36.95
CA LYS Z 830 76.25 -23.58 36.44
C LYS Z 830 74.88 -22.95 36.31
N ILE Z 831 74.47 -22.13 37.28
CA ILE Z 831 73.14 -21.54 37.21
C ILE Z 831 73.07 -20.43 36.16
N LEU Z 832 74.16 -19.67 35.96
CA LEU Z 832 74.14 -18.71 34.86
C LEU Z 832 74.07 -19.39 33.50
N THR Z 833 74.85 -20.45 33.30
CA THR Z 833 74.94 -21.04 31.97
C THR Z 833 73.61 -21.65 31.52
N GLY Z 834 72.83 -22.18 32.46
CA GLY Z 834 71.56 -22.77 32.10
C GLY Z 834 71.65 -24.28 32.08
N ARG Z 835 72.36 -24.84 33.06
CA ARG Z 835 72.65 -26.25 33.13
C ARG Z 835 72.07 -26.93 34.36
N ALA Z 836 71.37 -26.20 35.21
CA ALA Z 836 70.77 -26.80 36.39
C ALA Z 836 69.66 -27.76 36.00
N ARG Z 837 69.48 -28.79 36.82
CA ARG Z 837 68.42 -29.77 36.57
C ARG Z 837 67.06 -29.09 36.56
N ARG Z 838 66.25 -29.40 35.55
CA ARG Z 838 64.95 -28.77 35.39
C ARG Z 838 63.85 -29.82 35.28
N ASP Z 839 64.00 -30.93 35.98
CA ASP Z 839 62.96 -31.94 36.05
C ASP Z 839 61.87 -31.48 37.00
N GLY Z 840 60.62 -31.60 36.55
CA GLY Z 840 59.50 -31.19 37.39
C GLY Z 840 59.44 -29.71 37.69
N ALA Z 841 59.60 -28.85 36.68
CA ALA Z 841 59.52 -27.42 36.90
C ALA Z 841 58.09 -26.91 36.98
N ASP Z 842 57.10 -27.72 36.54
CA ASP Z 842 55.71 -27.29 36.60
C ASP Z 842 55.24 -27.12 38.04
N ASP Z 843 55.71 -27.99 38.93
CA ASP Z 843 55.37 -27.86 40.34
C ASP Z 843 55.87 -26.54 40.90
N ALA Z 844 57.11 -26.17 40.56
CA ALA Z 844 57.64 -24.88 40.99
C ALA Z 844 56.85 -23.73 40.39
N ALA Z 845 56.44 -23.88 39.13
CA ALA Z 845 55.67 -22.83 38.47
C ALA Z 845 54.36 -22.56 39.21
N PHE Z 846 53.67 -23.62 39.63
CA PHE Z 846 52.44 -23.40 40.41
C PHE Z 846 52.73 -22.93 41.83
N ALA Z 847 53.85 -23.37 42.42
CA ALA Z 847 54.17 -22.94 43.77
C ALA Z 847 54.40 -21.43 43.83
N THR Z 848 55.03 -20.87 42.79
CA THR Z 848 55.28 -19.43 42.78
C THR Z 848 53.98 -18.63 42.85
N VAL Z 849 53.00 -19.01 42.03
CA VAL Z 849 51.72 -18.31 42.04
C VAL Z 849 51.03 -18.50 43.38
N MET Z 850 51.08 -19.72 43.92
CA MET Z 850 50.47 -19.97 45.22
C MET Z 850 51.07 -19.08 46.29
N ARG Z 851 52.38 -18.83 46.23
CA ARG Z 851 53.02 -18.02 47.24
C ARG Z 851 52.77 -16.52 47.06
N THR Z 852 52.65 -16.03 45.84
CA THR Z 852 52.48 -14.59 45.63
C THR Z 852 51.05 -14.18 45.30
N MET Z 853 50.06 -15.04 45.52
CA MET Z 853 48.68 -14.68 45.19
C MET Z 853 48.20 -13.45 45.98
N THR Z 854 48.61 -13.31 47.24
CA THR Z 854 48.04 -12.27 48.10
C THR Z 854 48.38 -10.87 47.59
N ASP Z 855 49.61 -10.65 47.14
CA ASP Z 855 49.99 -9.33 46.65
C ASP Z 855 49.18 -8.94 45.42
N LEU Z 856 48.98 -9.90 44.51
CA LEU Z 856 48.10 -9.68 43.37
C LEU Z 856 46.71 -9.27 43.85
N ALA Z 857 46.20 -9.98 44.85
CA ALA Z 857 44.90 -9.60 45.41
C ALA Z 857 44.93 -8.19 45.97
N PHE Z 858 46.11 -7.72 46.40
CA PHE Z 858 46.21 -6.38 46.99
C PHE Z 858 46.19 -5.29 45.93
N PHE Z 859 47.04 -5.39 44.90
CA PHE Z 859 47.17 -4.28 43.95
C PHE Z 859 46.35 -4.45 42.67
N ALA Z 860 45.53 -5.48 42.57
CA ALA Z 860 44.60 -5.62 41.45
C ALA Z 860 43.45 -6.51 41.89
N LYS Z 861 42.29 -6.34 41.25
CA LYS Z 861 41.12 -7.08 41.67
C LYS Z 861 40.57 -8.03 40.61
N ASN Z 862 40.40 -7.58 39.37
CA ASN Z 862 39.77 -8.42 38.37
C ASN Z 862 40.61 -9.68 38.10
N ALA Z 863 41.93 -9.55 38.06
CA ALA Z 863 42.78 -10.70 37.83
C ALA Z 863 42.58 -11.76 38.90
N TYR Z 864 42.40 -11.33 40.15
CA TYR Z 864 42.21 -12.27 41.26
C TYR Z 864 41.04 -13.20 40.99
N MET Z 865 39.86 -12.63 40.71
CA MET Z 865 38.67 -13.45 40.52
C MET Z 865 38.73 -14.25 39.24
N GLY Z 866 39.33 -13.69 38.18
CA GLY Z 866 39.49 -14.47 36.97
C GLY Z 866 40.30 -15.73 37.20
N VAL Z 867 41.43 -15.59 37.89
CA VAL Z 867 42.29 -16.75 38.16
C VAL Z 867 41.54 -17.79 38.98
N GLN Z 868 40.83 -17.33 40.02
CA GLN Z 868 40.09 -18.26 40.87
C GLN Z 868 39.08 -19.06 40.05
N ASN Z 869 38.31 -18.39 39.21
CA ASN Z 869 37.26 -19.08 38.46
C ASN Z 869 37.84 -20.10 37.48
N LEU Z 870 38.95 -19.73 36.80
CA LEU Z 870 39.55 -20.68 35.86
C LEU Z 870 39.98 -21.96 36.58
N THR Z 871 40.70 -21.82 37.69
CA THR Z 871 41.19 -23.02 38.37
C THR Z 871 40.05 -23.87 38.90
N GLU Z 872 38.99 -23.24 39.42
CA GLU Z 872 37.88 -24.03 39.94
C GLU Z 872 37.18 -24.80 38.83
N ILE Z 873 37.01 -24.21 37.65
CA ILE Z 873 36.39 -24.95 36.56
C ILE Z 873 37.23 -26.18 36.20
N GLY Z 874 38.55 -26.02 36.15
CA GLY Z 874 39.40 -27.18 35.88
C GLY Z 874 39.22 -28.30 36.88
N GLY Z 875 39.20 -27.95 38.18
CA GLY Z 875 39.01 -28.97 39.20
C GLY Z 875 37.68 -29.70 39.08
N MET Z 876 36.62 -28.95 38.79
CA MET Z 876 35.30 -29.57 38.65
C MET Z 876 35.28 -30.56 37.49
N LEU Z 877 35.92 -30.20 36.37
CA LEU Z 877 35.97 -31.14 35.24
C LEU Z 877 36.70 -32.43 35.62
N ALA Z 878 37.83 -32.32 36.33
CA ALA Z 878 38.53 -33.53 36.73
C ALA Z 878 37.68 -34.43 37.62
N ARG Z 879 36.96 -33.82 38.58
CA ARG Z 879 36.12 -34.61 39.47
C ARG Z 879 35.04 -35.35 38.71
N GLY Z 880 34.35 -34.65 37.81
CA GLY Z 880 33.31 -35.32 37.03
C GLY Z 880 33.84 -36.48 36.22
N ASN Z 881 35.02 -36.31 35.61
CA ASN Z 881 35.58 -37.38 34.79
C ASN Z 881 35.88 -38.62 35.63
N VAL Z 882 36.50 -38.44 36.80
CA VAL Z 882 36.82 -39.64 37.58
C VAL Z 882 35.56 -40.32 38.09
N ARG Z 883 34.53 -39.55 38.43
CA ARG Z 883 33.28 -40.16 38.86
C ARG Z 883 32.70 -41.04 37.76
N ALA Z 884 32.70 -40.56 36.52
CA ALA Z 884 32.18 -41.39 35.43
C ALA Z 884 33.04 -42.63 35.20
N MET Z 885 34.36 -42.46 35.23
CA MET Z 885 35.24 -43.58 34.90
C MET Z 885 35.15 -44.69 35.94
N LEU Z 886 34.87 -44.37 37.20
CA LEU Z 886 34.71 -45.43 38.20
C LEU Z 886 33.59 -46.39 37.80
N HIS Z 887 32.43 -45.84 37.46
CA HIS Z 887 31.28 -46.67 37.09
C HIS Z 887 31.44 -47.32 35.73
N GLY Z 888 32.30 -46.78 34.87
CA GLY Z 888 32.47 -47.37 33.55
C GLY Z 888 33.32 -48.62 33.42
N VAL Z 889 34.61 -48.53 33.73
CA VAL Z 889 35.62 -49.50 33.30
C VAL Z 889 35.95 -50.42 34.47
N PRO Z 890 35.84 -51.74 34.31
CA PRO Z 890 36.08 -52.66 35.45
C PRO Z 890 37.47 -52.64 36.04
N MET Z 891 38.54 -52.47 35.25
CA MET Z 891 39.88 -52.49 35.83
C MET Z 891 40.09 -51.30 36.77
N PHE Z 892 39.51 -50.15 36.42
CA PHE Z 892 39.55 -48.98 37.28
C PHE Z 892 38.94 -49.31 38.64
N ARG Z 893 37.76 -49.94 38.63
CA ARG Z 893 37.11 -50.36 39.86
C ARG Z 893 37.97 -51.33 40.65
N ASP Z 894 38.57 -52.31 39.97
CA ASP Z 894 39.34 -53.32 40.68
C ASP Z 894 40.53 -52.70 41.38
N LEU Z 895 41.23 -51.78 40.72
CA LEU Z 895 42.40 -51.18 41.35
C LEU Z 895 42.02 -50.16 42.42
N ALA Z 896 40.86 -49.51 42.31
CA ALA Z 896 40.52 -48.41 43.19
C ALA Z 896 39.79 -48.83 44.47
N PHE Z 897 39.51 -50.12 44.66
CA PHE Z 897 38.72 -50.55 45.81
C PHE Z 897 39.42 -51.63 46.62
N ARG Z 898 40.69 -51.42 46.95
CA ARG Z 898 41.46 -52.39 47.73
C ARG Z 898 41.59 -51.95 49.18
N ASN Z 899 41.93 -52.90 50.04
CA ASN Z 899 42.08 -52.64 51.47
C ASN Z 899 43.42 -53.05 52.06
N LYS Z 900 44.18 -53.92 51.41
CA LYS Z 900 45.41 -54.42 52.00
C LYS Z 900 46.43 -54.68 50.89
N LYS Z 901 47.59 -55.17 51.28
CA LYS Z 901 48.69 -55.40 50.36
C LYS Z 901 48.39 -56.59 49.46
N VAL Z 902 48.61 -56.42 48.16
CA VAL Z 902 48.45 -57.51 47.20
C VAL Z 902 49.65 -58.43 47.28
N GLY Z 903 49.44 -59.70 46.93
CA GLY Z 903 50.45 -60.72 47.20
C GLY Z 903 50.80 -61.52 45.96
N ALA Z 904 52.06 -61.95 45.92
CA ALA Z 904 52.57 -62.94 44.98
C ALA Z 904 52.55 -62.46 43.53
N SER Z 905 51.54 -62.90 42.77
CA SER Z 905 51.63 -62.84 41.31
C SER Z 905 51.57 -61.41 40.80
N GLU Z 906 50.59 -60.62 41.26
CA GLU Z 906 50.19 -59.43 40.53
C GLU Z 906 51.28 -58.36 40.47
N ILE Z 907 52.27 -58.40 41.36
CA ILE Z 907 53.32 -57.38 41.33
C ILE Z 907 54.11 -57.45 40.04
N LYS Z 908 54.30 -58.65 39.48
CA LYS Z 908 55.04 -58.75 38.22
C LYS Z 908 54.34 -58.02 37.09
N ASP Z 909 53.02 -58.20 36.98
CA ASP Z 909 52.27 -57.45 35.97
C ASP Z 909 52.31 -55.96 36.26
N LEU Z 910 52.16 -55.59 37.54
CA LEU Z 910 52.19 -54.18 37.90
C LEU Z 910 53.53 -53.54 37.58
N HIS Z 911 54.61 -54.30 37.56
CA HIS Z 911 55.89 -53.68 37.24
C HIS Z 911 56.20 -53.73 35.74
N ASN Z 912 55.68 -54.72 35.03
CA ASN Z 912 55.76 -54.66 33.57
C ASN Z 912 55.04 -53.43 33.05
N VAL Z 913 53.92 -53.08 33.68
CA VAL Z 913 53.17 -51.89 33.28
C VAL Z 913 54.06 -50.65 33.36
N ILE Z 914 54.87 -50.55 34.41
CA ILE Z 914 55.75 -49.39 34.55
C ILE Z 914 56.89 -49.44 33.54
N PHE Z 915 57.52 -50.60 33.37
CA PHE Z 915 58.70 -50.66 32.53
C PHE Z 915 58.37 -50.40 31.06
N GLY Z 916 57.15 -50.73 30.62
CA GLY Z 916 56.79 -50.50 29.24
C GLY Z 916 56.89 -49.04 28.82
N LYS Z 917 56.42 -48.13 29.68
CA LYS Z 917 56.43 -46.71 29.36
C LYS Z 917 57.86 -46.20 29.15
N GLU Z 918 58.76 -46.56 30.06
CA GLU Z 918 60.14 -46.10 29.94
C GLU Z 918 60.79 -46.67 28.69
N LEU Z 919 60.57 -47.97 28.41
CA LEU Z 919 61.17 -48.56 27.22
C LEU Z 919 60.68 -47.86 25.96
N ASP Z 920 59.39 -47.56 25.90
CA ASP Z 920 58.85 -46.86 24.73
C ASP Z 920 59.40 -45.44 24.63
N ASP Z 921 59.54 -44.75 25.76
CA ASP Z 921 59.97 -43.36 25.70
C ASP Z 921 61.43 -43.23 25.29
N SER Z 922 62.27 -44.20 25.66
CA SER Z 922 63.70 -44.03 25.39
C SER Z 922 64.09 -44.26 23.93
N ILE Z 923 63.20 -44.80 23.09
CA ILE Z 923 63.56 -45.26 21.76
C ILE Z 923 62.77 -44.60 20.65
N ARG Z 924 61.63 -43.98 20.94
CA ARG Z 924 60.73 -43.51 19.90
C ARG Z 924 61.44 -42.49 19.01
N PRO Z 925 61.26 -42.57 17.68
CA PRO Z 925 61.94 -41.62 16.79
C PRO Z 925 61.45 -40.20 16.99
N SER Z 926 62.35 -39.25 16.69
CA SER Z 926 62.08 -37.83 16.88
C SER Z 926 61.79 -37.10 15.58
N LYS Z 927 61.53 -37.82 14.49
CA LYS Z 927 61.27 -37.23 13.20
C LYS Z 927 60.08 -37.91 12.56
N GLN Z 928 59.47 -37.23 11.58
CA GLN Z 928 58.28 -37.77 10.94
C GLN Z 928 58.61 -38.71 9.80
N ASP Z 929 59.67 -38.42 9.04
CA ASP Z 929 60.00 -39.22 7.88
C ASP Z 929 60.44 -40.63 8.27
N VAL Z 930 61.15 -40.75 9.39
CA VAL Z 930 61.54 -42.07 9.87
C VAL Z 930 60.32 -42.90 10.22
N ILE Z 931 59.33 -42.28 10.88
CA ILE Z 931 58.09 -42.99 11.19
C ILE Z 931 57.38 -43.43 9.93
N ASP Z 932 57.34 -42.55 8.92
CA ASP Z 932 56.68 -42.92 7.66
C ASP Z 932 57.38 -44.11 7.01
N ARG Z 933 58.71 -44.11 6.94
CA ARG Z 933 59.40 -45.22 6.30
C ARG Z 933 59.25 -46.52 7.09
N LEU Z 934 59.29 -46.44 8.42
CA LEU Z 934 59.14 -47.65 9.22
C LEU Z 934 57.73 -48.21 9.13
N ARG Z 935 56.71 -47.35 9.00
CA ARG Z 935 55.37 -47.85 8.74
C ARG Z 935 55.21 -48.32 7.30
N SER Z 936 56.06 -47.86 6.39
CA SER Z 936 55.95 -48.26 4.99
C SER Z 936 56.52 -49.66 4.75
N TYR Z 937 57.64 -49.99 5.41
CA TYR Z 937 58.21 -51.31 5.17
C TYR Z 937 57.25 -52.45 5.49
N SER Z 938 56.48 -52.33 6.58
CA SER Z 938 55.64 -53.44 6.99
C SER Z 938 54.57 -53.77 5.96
N ASP Z 939 54.06 -52.76 5.24
CA ASP Z 939 53.12 -53.03 4.16
C ASP Z 939 53.78 -53.81 3.04
N LEU Z 940 55.00 -53.44 2.66
CA LEU Z 940 55.72 -54.17 1.62
C LEU Z 940 56.19 -55.54 2.10
N GLY Z 941 56.17 -55.78 3.42
CA GLY Z 941 56.55 -57.09 3.92
C GLY Z 941 55.51 -58.16 3.67
N ARG Z 942 54.26 -57.77 3.40
CA ARG Z 942 53.21 -58.74 3.15
C ARG Z 942 52.87 -58.86 1.67
N GLY Z 943 52.45 -57.78 1.04
CA GLY Z 943 52.02 -57.85 -0.34
C GLY Z 943 51.69 -56.53 -1.00
N ALA Z 944 52.22 -56.34 -2.21
CA ALA Z 944 51.94 -55.17 -3.03
C ALA Z 944 52.25 -55.53 -4.47
N ALA Z 945 52.07 -54.57 -5.37
CA ALA Z 945 52.30 -54.78 -6.79
C ALA Z 945 53.19 -53.66 -7.33
N THR Z 946 53.59 -53.82 -8.60
CA THR Z 946 54.41 -52.81 -9.25
C THR Z 946 53.63 -51.51 -9.47
N ALA Z 947 52.33 -51.63 -9.76
CA ALA Z 947 51.52 -50.44 -9.95
C ALA Z 947 51.39 -49.63 -8.66
N LEU Z 948 51.46 -50.30 -7.51
CA LEU Z 948 51.43 -49.57 -6.24
C LEU Z 948 52.68 -48.71 -6.07
N GLY Z 949 53.85 -49.23 -6.45
CA GLY Z 949 55.06 -48.44 -6.35
C GLY Z 949 55.03 -47.19 -7.21
N THR Z 950 54.53 -47.32 -8.43
CA THR Z 950 54.36 -46.18 -9.32
C THR Z 950 53.05 -45.46 -8.98
N ALA Z 951 52.62 -44.56 -9.86
CA ALA Z 951 51.36 -43.83 -9.70
C ALA Z 951 51.39 -42.96 -8.46
N LYS Z 952 50.24 -42.83 -7.78
CA LYS Z 952 50.15 -41.91 -6.65
C LYS Z 952 50.73 -42.50 -5.37
N TYR Z 953 50.10 -43.57 -4.85
CA TYR Z 953 50.37 -44.17 -3.54
C TYR Z 953 50.91 -43.17 -2.53
N TYR Z 954 52.20 -42.87 -2.63
CA TYR Z 954 52.91 -41.90 -1.80
C TYR Z 954 53.06 -42.40 -0.36
N THR Z 955 54.15 -41.99 0.30
CA THR Z 955 54.42 -42.43 1.65
C THR Z 955 53.41 -41.86 2.64
N GLY Z 956 52.87 -40.67 2.37
CA GLY Z 956 51.79 -40.13 3.18
C GLY Z 956 50.58 -41.05 3.16
N GLU Z 957 50.22 -41.57 4.33
CA GLU Z 957 49.28 -42.70 4.39
C GLU Z 957 48.39 -42.57 5.61
N LEU Z 958 47.13 -42.24 5.39
CA LEU Z 958 46.10 -42.41 6.40
C LEU Z 958 44.82 -43.04 5.89
N ALA Z 959 44.53 -42.95 4.59
CA ALA Z 959 43.34 -43.57 4.04
C ALA Z 959 43.50 -45.09 3.91
N VAL Z 960 44.73 -45.57 3.70
CA VAL Z 960 44.96 -47.00 3.60
C VAL Z 960 44.57 -47.69 4.90
N ARG Z 961 44.63 -46.96 6.02
CA ARG Z 961 44.21 -47.50 7.30
C ARG Z 961 42.70 -47.71 7.33
N SER Z 962 42.21 -48.19 8.47
CA SER Z 962 40.79 -48.41 8.62
C SER Z 962 40.03 -47.09 8.64
N PRO Z 963 38.73 -47.10 8.38
CA PRO Z 963 37.94 -45.87 8.48
C PRO Z 963 37.96 -45.26 9.86
N PHE Z 964 38.29 -46.04 10.89
CA PHE Z 964 38.31 -45.53 12.25
C PHE Z 964 39.32 -44.41 12.39
N THR Z 965 40.47 -44.53 11.72
CA THR Z 965 41.46 -43.46 11.75
C THR Z 965 41.01 -42.24 10.96
N LYS Z 966 40.35 -42.45 9.82
CA LYS Z 966 39.90 -41.32 9.02
C LYS Z 966 38.89 -40.47 9.79
N VAL Z 967 37.84 -41.10 10.32
CA VAL Z 967 36.74 -40.33 10.88
C VAL Z 967 37.15 -39.64 12.19
N LEU Z 968 37.82 -40.37 13.09
CA LEU Z 968 38.25 -39.84 14.39
C LEU Z 968 39.74 -40.12 14.51
N ASN Z 969 40.56 -39.13 14.19
CA ASN Z 969 42.00 -39.31 14.10
C ASN Z 969 42.70 -38.95 15.39
N GLY Z 970 42.31 -37.87 16.05
CA GLY Z 970 42.99 -37.47 17.27
C GLY Z 970 42.87 -38.49 18.38
N THR Z 971 41.72 -39.15 18.48
CA THR Z 971 41.47 -40.09 19.57
C THR Z 971 42.29 -41.36 19.43
N THR Z 972 42.64 -41.75 18.20
CA THR Z 972 43.25 -43.05 17.96
C THR Z 972 44.69 -43.14 18.46
N ASN Z 973 45.40 -42.01 18.50
CA ASN Z 973 46.82 -42.03 18.83
C ASN Z 973 47.04 -42.50 20.26
N TYR Z 974 46.17 -42.11 21.19
CA TYR Z 974 46.33 -42.53 22.59
C TYR Z 974 46.22 -44.04 22.71
N LEU Z 975 45.20 -44.63 22.07
CA LEU Z 975 45.03 -46.07 22.16
C LEU Z 975 46.21 -46.80 21.51
N LEU Z 976 46.67 -46.30 20.36
CA LEU Z 976 47.80 -46.96 19.70
C LEU Z 976 49.06 -46.89 20.55
N ASP Z 977 49.31 -45.74 21.18
CA ASP Z 977 50.49 -45.56 22.01
C ASP Z 977 50.38 -46.30 23.33
N ALA Z 978 49.18 -46.71 23.73
CA ALA Z 978 49.08 -47.64 24.84
C ALA Z 978 49.40 -49.06 24.41
N GLY Z 979 48.85 -49.50 23.28
CA GLY Z 979 49.05 -50.87 22.85
C GLY Z 979 50.49 -51.20 22.53
N ARG Z 980 51.21 -50.24 21.93
CA ARG Z 980 52.61 -50.50 21.59
C ARG Z 980 53.43 -50.82 22.83
N GLN Z 981 53.32 -49.97 23.86
CA GLN Z 981 53.98 -50.24 25.12
C GLN Z 981 53.50 -51.53 25.72
N GLY Z 982 52.23 -51.89 25.48
CA GLY Z 982 51.75 -53.17 25.98
C GLY Z 982 52.51 -54.36 25.41
N PHE Z 983 52.77 -54.35 24.11
CA PHE Z 983 53.38 -55.54 23.50
C PHE Z 983 54.90 -55.58 23.66
N LEU Z 984 55.54 -54.43 23.83
CA LEU Z 984 57.01 -54.44 23.96
C LEU Z 984 57.48 -55.24 25.17
N SER Z 985 56.80 -55.09 26.31
CA SER Z 985 57.21 -55.79 27.51
C SER Z 985 57.03 -57.30 27.38
N ASP Z 986 55.96 -57.74 26.70
CA ASP Z 986 55.78 -59.16 26.46
C ASP Z 986 56.91 -59.72 25.63
N ILE Z 987 57.32 -58.98 24.58
CA ILE Z 987 58.45 -59.46 23.77
C ILE Z 987 59.70 -59.61 24.63
N VAL Z 988 59.98 -58.61 25.48
CA VAL Z 988 61.18 -58.66 26.31
C VAL Z 988 61.12 -59.84 27.26
N GLU Z 989 59.97 -60.06 27.89
CA GLU Z 989 59.83 -61.15 28.86
C GLU Z 989 60.03 -62.50 28.21
N HIS Z 990 59.45 -62.71 27.02
CA HIS Z 990 59.69 -63.97 26.33
C HIS Z 990 61.16 -64.13 25.97
N SER Z 991 61.82 -63.04 25.58
CA SER Z 991 63.23 -63.13 25.22
C SER Z 991 64.08 -63.56 26.42
N LEU Z 992 63.76 -63.06 27.61
CA LEU Z 992 64.56 -63.43 28.77
C LEU Z 992 64.20 -64.82 29.31
N THR Z 993 62.96 -65.00 29.77
CA THR Z 993 62.62 -66.18 30.57
C THR Z 993 62.30 -67.42 29.73
N GLY Z 994 62.08 -67.27 28.43
CA GLY Z 994 61.75 -68.42 27.61
C GLY Z 994 60.34 -68.94 27.78
N SER Z 995 59.42 -68.12 28.28
CA SER Z 995 58.05 -68.54 28.47
C SER Z 995 57.33 -68.69 27.13
N LYS Z 996 56.11 -69.23 27.20
CA LYS Z 996 55.27 -69.38 26.01
C LYS Z 996 53.81 -69.06 26.29
N ARG Z 997 53.48 -68.52 27.46
CA ARG Z 997 52.08 -68.28 27.82
C ARG Z 997 51.48 -67.11 27.06
N ARG Z 998 52.30 -66.21 26.52
CA ARG Z 998 51.82 -65.06 25.78
C ARG Z 998 52.30 -65.02 24.34
N PHE Z 999 53.52 -65.45 24.08
CA PHE Z 999 54.08 -65.37 22.74
C PHE Z 999 53.38 -66.33 21.79
N ASP Z 1000 53.31 -65.92 20.52
CA ASP Z 1000 52.72 -66.72 19.46
C ASP Z 1000 53.60 -66.62 18.23
N ASP Z 1001 53.70 -67.71 17.48
CA ASP Z 1001 54.60 -67.78 16.33
C ASP Z 1001 53.96 -67.30 15.04
N ARG Z 1002 52.68 -66.93 15.05
CA ARG Z 1002 52.09 -66.26 13.90
C ARG Z 1002 52.48 -64.79 13.85
N TRP Z 1003 53.02 -64.25 14.95
CA TRP Z 1003 53.38 -62.84 14.98
C TRP Z 1003 54.49 -62.53 13.99
N LEU Z 1004 55.47 -63.44 13.86
CA LEU Z 1004 56.56 -63.21 12.93
C LEU Z 1004 56.05 -63.07 11.50
N LYS Z 1005 55.08 -63.90 11.12
CA LYS Z 1005 54.55 -63.85 9.77
C LYS Z 1005 53.63 -62.66 9.57
N THR Z 1006 52.88 -62.28 10.61
CA THR Z 1006 51.98 -61.13 10.49
C THR Z 1006 52.76 -59.82 10.37
N ALA Z 1007 53.81 -59.65 11.18
CA ALA Z 1007 54.57 -58.41 11.16
C ALA Z 1007 55.42 -58.30 9.90
N GLY Z 1008 56.09 -59.38 9.52
CA GLY Z 1008 56.98 -59.33 8.37
C GLY Z 1008 58.44 -59.41 8.75
N ILE Z 1009 58.76 -60.19 9.77
CA ILE Z 1009 60.11 -60.35 10.27
C ILE Z 1009 60.68 -61.67 9.78
N SER Z 1010 61.86 -61.64 9.18
CA SER Z 1010 62.56 -62.84 8.76
C SER Z 1010 63.38 -63.38 9.94
N ASP Z 1011 64.24 -64.36 9.66
CA ASP Z 1011 64.98 -65.01 10.74
C ASP Z 1011 66.10 -64.11 11.28
N GLU Z 1012 66.83 -63.46 10.39
CA GLU Z 1012 68.02 -62.70 10.82
C GLU Z 1012 67.65 -61.58 11.78
N GLN Z 1013 66.59 -60.85 11.47
CA GLN Z 1013 66.16 -59.75 12.34
C GLN Z 1013 65.77 -60.27 13.72
N TRP Z 1014 65.05 -61.40 13.77
CA TRP Z 1014 64.64 -61.96 15.04
C TRP Z 1014 65.85 -62.40 15.87
N LYS Z 1015 66.82 -63.04 15.22
CA LYS Z 1015 68.03 -63.45 15.93
C LYS Z 1015 68.78 -62.24 16.49
N GLY Z 1016 68.90 -61.18 15.69
CA GLY Z 1016 69.57 -59.98 16.17
C GLY Z 1016 68.85 -59.34 17.35
N ILE Z 1017 67.52 -59.27 17.28
CA ILE Z 1017 66.74 -58.68 18.36
C ILE Z 1017 66.95 -59.46 19.64
N LYS Z 1018 66.86 -60.80 19.55
CA LYS Z 1018 67.04 -61.62 20.73
C LYS Z 1018 68.43 -61.44 21.32
N SER Z 1019 69.46 -61.40 20.46
CA SER Z 1019 70.82 -61.23 20.96
C SER Z 1019 70.98 -59.91 21.69
N LEU Z 1020 70.47 -58.82 21.12
CA LEU Z 1020 70.62 -57.51 21.75
C LEU Z 1020 69.90 -57.47 23.11
N ILE Z 1021 68.66 -57.97 23.15
CA ILE Z 1021 67.93 -57.93 24.41
C ILE Z 1021 68.63 -58.76 25.47
N ARG Z 1022 69.09 -59.96 25.10
CA ARG Z 1022 69.80 -60.79 26.06
C ARG Z 1022 71.09 -60.11 26.52
N GLU Z 1023 71.70 -59.30 25.66
CA GLU Z 1023 72.96 -58.65 26.02
C GLU Z 1023 72.76 -57.50 26.99
N SER Z 1024 71.73 -56.68 26.81
CA SER Z 1024 71.72 -55.37 27.46
C SER Z 1024 70.78 -55.23 28.65
N VAL Z 1025 69.94 -56.21 28.95
CA VAL Z 1025 68.90 -56.07 29.97
C VAL Z 1025 68.95 -57.26 30.92
N THR Z 1026 68.77 -56.99 32.22
CA THR Z 1026 68.71 -58.02 33.24
C THR Z 1026 67.43 -57.87 34.06
N ARG Z 1027 66.93 -59.00 34.56
CA ARG Z 1027 65.75 -59.06 35.40
C ARG Z 1027 66.09 -59.71 36.73
N GLY Z 1028 65.58 -59.14 37.82
CA GLY Z 1028 65.93 -59.58 39.14
C GLY Z 1028 64.90 -60.48 39.80
N PRO Z 1029 65.33 -61.19 40.85
CA PRO Z 1029 64.36 -62.01 41.62
C PRO Z 1029 63.26 -61.17 42.27
N ASP Z 1030 63.54 -59.90 42.56
CA ASP Z 1030 62.49 -59.03 43.10
C ASP Z 1030 61.35 -58.85 42.11
N GLY Z 1031 61.67 -58.67 40.83
CA GLY Z 1031 60.66 -58.46 39.84
C GLY Z 1031 60.77 -57.09 39.18
N LYS Z 1032 61.97 -56.52 39.19
CA LYS Z 1032 62.21 -55.19 38.64
C LYS Z 1032 63.23 -55.28 37.51
N TYR Z 1033 62.93 -54.63 36.39
CA TYR Z 1033 63.81 -54.60 35.23
C TYR Z 1033 64.78 -53.42 35.34
N THR Z 1034 66.04 -53.66 34.96
CA THR Z 1034 67.06 -52.62 34.93
C THR Z 1034 67.82 -52.71 33.61
N ILE Z 1035 68.24 -51.55 33.10
CA ILE Z 1035 69.02 -51.48 31.86
C ILE Z 1035 70.39 -50.92 32.19
N LYS Z 1036 71.44 -51.64 31.77
CA LYS Z 1036 72.80 -51.28 32.17
C LYS Z 1036 73.25 -49.97 31.54
N ASP Z 1037 73.07 -49.82 30.22
CA ASP Z 1037 73.49 -48.64 29.49
C ASP Z 1037 72.32 -48.04 28.74
N LYS Z 1038 72.22 -46.72 28.76
CA LYS Z 1038 71.10 -46.02 28.15
C LYS Z 1038 71.47 -45.24 26.90
N LYS Z 1039 72.59 -44.52 26.91
CA LYS Z 1039 72.96 -43.73 25.75
C LYS Z 1039 73.36 -44.63 24.57
N ALA Z 1040 74.13 -45.69 24.85
CA ALA Z 1040 74.55 -46.57 23.76
C ALA Z 1040 73.45 -47.50 23.31
N PHE Z 1041 72.51 -47.85 24.19
CA PHE Z 1041 71.45 -48.78 23.83
C PHE Z 1041 70.58 -48.23 22.70
N SER Z 1042 70.23 -46.95 22.77
CA SER Z 1042 69.36 -46.33 21.79
C SER Z 1042 70.11 -45.83 20.56
N GLN Z 1043 71.31 -46.35 20.31
CA GLN Z 1043 72.07 -45.96 19.12
C GLN Z 1043 72.52 -47.17 18.32
N ASP Z 1044 71.61 -48.08 18.04
CA ASP Z 1044 71.91 -49.26 17.24
C ASP Z 1044 70.78 -49.48 16.24
N GLN Z 1045 71.07 -50.24 15.19
CA GLN Z 1045 70.08 -50.49 14.15
C GLN Z 1045 68.92 -51.33 14.66
N ARG Z 1046 69.18 -52.22 15.62
CA ARG Z 1046 68.16 -53.18 16.05
C ARG Z 1046 67.02 -52.54 16.83
N ALA Z 1047 67.24 -51.36 17.42
CA ALA Z 1047 66.17 -50.71 18.16
C ALA Z 1047 65.00 -50.36 17.26
N MET Z 1048 65.29 -49.95 16.03
CA MET Z 1048 64.23 -49.66 15.06
C MET Z 1048 63.48 -50.91 14.67
N ASP Z 1049 64.17 -52.04 14.52
CA ASP Z 1049 63.50 -53.30 14.25
C ASP Z 1049 62.53 -53.65 15.37
N LEU Z 1050 63.00 -53.54 16.62
CA LEU Z 1050 62.15 -53.86 17.76
C LEU Z 1050 60.92 -52.97 17.80
N TRP Z 1051 61.13 -51.65 17.64
CA TRP Z 1051 60.02 -50.71 17.68
C TRP Z 1051 59.02 -50.98 16.56
N ARG Z 1052 59.51 -51.26 15.36
CA ARG Z 1052 58.63 -51.55 14.23
C ARG Z 1052 57.80 -52.79 14.47
N MET Z 1053 58.42 -53.84 15.00
CA MET Z 1053 57.67 -55.06 15.30
C MET Z 1053 56.56 -54.79 16.30
N GLY Z 1054 56.88 -54.12 17.39
CA GLY Z 1054 55.86 -53.83 18.40
C GLY Z 1054 54.70 -53.03 17.82
N ASP Z 1055 55.02 -51.97 17.08
CA ASP Z 1055 53.96 -51.12 16.53
C ASP Z 1055 53.07 -51.88 15.56
N THR Z 1056 53.68 -52.64 14.64
CA THR Z 1056 52.88 -53.34 13.63
C THR Z 1056 51.96 -54.37 14.28
N ILE Z 1057 52.50 -55.15 15.22
CA ILE Z 1057 51.69 -56.18 15.85
C ILE Z 1057 50.52 -55.55 16.61
N ALA Z 1058 50.81 -54.49 17.38
CA ALA Z 1058 49.75 -53.86 18.16
C ALA Z 1058 48.65 -53.31 17.25
N ASP Z 1059 49.05 -52.58 16.21
CA ASP Z 1059 48.06 -51.98 15.31
C ASP Z 1059 47.19 -53.04 14.68
N GLU Z 1060 47.80 -54.05 14.05
CA GLU Z 1060 47.01 -55.04 13.32
C GLU Z 1060 46.11 -55.84 14.24
N THR Z 1061 46.61 -56.22 15.43
CA THR Z 1061 45.81 -57.09 16.28
C THR Z 1061 44.67 -56.34 16.96
N LEU Z 1062 44.89 -55.10 17.39
CA LEU Z 1062 43.90 -54.44 18.24
C LEU Z 1062 43.02 -53.44 17.50
N LEU Z 1063 43.54 -52.72 16.52
CA LEU Z 1063 42.77 -51.61 15.96
C LEU Z 1063 42.06 -51.95 14.66
N ARG Z 1064 42.59 -52.88 13.87
CA ARG Z 1064 41.98 -53.15 12.56
C ARG Z 1064 40.60 -53.78 12.67
N PRO Z 1065 40.44 -54.98 13.24
CA PRO Z 1065 39.17 -55.71 13.06
C PRO Z 1065 37.99 -55.04 13.74
N HIS Z 1066 37.07 -54.50 12.96
CA HIS Z 1066 35.85 -53.95 13.52
C HIS Z 1066 34.92 -55.08 13.95
N LYS Z 1067 33.91 -54.71 14.75
CA LYS Z 1067 32.90 -55.63 15.29
C LYS Z 1067 33.50 -56.59 16.31
N LEU Z 1068 32.72 -56.95 17.31
CA LEU Z 1068 33.24 -57.76 18.42
C LEU Z 1068 33.29 -59.24 18.09
N SER Z 1069 32.64 -59.67 17.01
CA SER Z 1069 32.66 -61.07 16.63
C SER Z 1069 33.81 -61.43 15.69
N ASN Z 1070 34.68 -60.47 15.38
CA ASN Z 1070 35.78 -60.70 14.46
C ASN Z 1070 37.13 -60.82 15.16
N MET Z 1071 37.17 -60.84 16.49
CA MET Z 1071 38.41 -60.84 17.23
C MET Z 1071 38.78 -62.25 17.65
N ASP Z 1072 39.95 -62.72 17.24
CA ASP Z 1072 40.50 -64.01 17.65
C ASP Z 1072 41.87 -63.79 18.27
N ALA Z 1073 42.08 -64.36 19.45
CA ALA Z 1073 43.35 -64.20 20.15
C ALA Z 1073 43.50 -65.30 21.20
N LYS Z 1074 44.74 -65.73 21.40
CA LYS Z 1074 45.02 -66.78 22.37
C LYS Z 1074 44.73 -66.32 23.79
N ALA Z 1075 45.27 -65.17 24.18
CA ALA Z 1075 45.09 -64.65 25.53
C ALA Z 1075 45.31 -63.15 25.51
N TYR Z 1076 44.84 -62.49 26.56
CA TYR Z 1076 44.90 -61.04 26.68
C TYR Z 1076 45.64 -60.65 27.95
N GLY Z 1077 46.40 -59.55 27.87
CA GLY Z 1077 47.19 -59.09 28.98
C GLY Z 1077 46.55 -57.99 29.79
N PRO Z 1078 47.34 -57.30 30.62
CA PRO Z 1078 46.79 -56.27 31.50
C PRO Z 1078 46.41 -54.98 30.80
N ILE Z 1079 46.92 -54.73 29.59
CA ILE Z 1079 46.69 -53.46 28.90
C ILE Z 1079 45.71 -53.69 27.76
N ALA Z 1080 45.68 -54.92 27.25
CA ALA Z 1080 44.73 -55.24 26.19
C ALA Z 1080 43.29 -55.10 26.69
N LYS Z 1081 43.03 -55.52 27.92
CA LYS Z 1081 41.69 -55.37 28.49
C LYS Z 1081 41.31 -53.91 28.62
N THR Z 1082 42.24 -53.07 29.08
CA THR Z 1082 41.95 -51.64 29.24
C THR Z 1082 41.66 -50.99 27.89
N VAL Z 1083 42.46 -51.31 26.87
CA VAL Z 1083 42.22 -50.76 25.54
C VAL Z 1083 40.87 -51.20 25.01
N LEU Z 1084 40.54 -52.48 25.18
CA LEU Z 1084 39.27 -52.98 24.69
C LEU Z 1084 38.09 -52.29 25.37
N GLN Z 1085 38.19 -52.07 26.69
CA GLN Z 1085 37.08 -51.45 27.39
C GLN Z 1085 36.93 -49.98 27.03
N PHE Z 1086 38.04 -49.27 26.83
CA PHE Z 1086 37.93 -47.89 26.35
C PHE Z 1086 37.30 -47.83 24.96
N LYS Z 1087 37.69 -48.75 24.07
CA LYS Z 1087 37.08 -48.79 22.75
C LYS Z 1087 35.59 -49.08 22.84
N ASN Z 1088 35.21 -49.95 23.77
CA ASN Z 1088 33.79 -50.22 23.98
C ASN Z 1088 33.04 -48.98 24.43
N PHE Z 1089 33.64 -48.20 25.33
CA PHE Z 1089 33.02 -46.94 25.75
C PHE Z 1089 32.81 -46.01 24.57
N VAL Z 1090 33.82 -45.89 23.69
CA VAL Z 1090 33.69 -45.02 22.52
C VAL Z 1090 32.54 -45.48 21.63
N ILE Z 1091 32.51 -46.78 21.32
CA ILE Z 1091 31.50 -47.30 20.41
C ILE Z 1091 30.10 -47.11 20.98
N LYS Z 1092 29.96 -47.27 22.30
CA LYS Z 1092 28.68 -46.97 22.92
C LYS Z 1092 28.33 -45.50 22.77
N SER Z 1093 29.32 -44.61 22.90
CA SER Z 1093 29.05 -43.18 22.80
C SER Z 1093 28.57 -42.76 21.43
N ILE Z 1094 29.18 -43.30 20.37
CA ILE Z 1094 28.87 -42.83 19.01
C ILE Z 1094 27.44 -43.19 18.62
N ASN Z 1095 26.98 -44.38 19.02
CA ASN Z 1095 25.69 -44.89 18.60
C ASN Z 1095 24.51 -44.16 19.23
N GLY Z 1096 24.75 -43.25 20.16
CA GLY Z 1096 23.69 -42.59 20.88
C GLY Z 1096 22.82 -41.74 19.99
N ARG Z 1097 21.90 -41.01 20.63
CA ARG Z 1097 21.00 -40.13 19.89
C ARG Z 1097 21.58 -38.73 19.70
N THR Z 1098 22.26 -38.20 20.71
CA THR Z 1098 22.75 -36.82 20.63
C THR Z 1098 23.77 -36.66 19.51
N MET Z 1099 24.73 -37.59 19.40
CA MET Z 1099 25.75 -37.47 18.38
C MET Z 1099 25.14 -37.61 16.99
N ARG Z 1100 24.19 -38.52 16.83
CA ARG Z 1100 23.55 -38.70 15.53
C ARG Z 1100 22.79 -37.46 15.11
N THR Z 1101 22.02 -36.87 16.03
CA THR Z 1101 21.28 -35.66 15.69
C THR Z 1101 22.23 -34.50 15.37
N PHE Z 1102 23.32 -34.36 16.14
CA PHE Z 1102 24.26 -33.29 15.86
C PHE Z 1102 24.91 -33.47 14.50
N TYR Z 1103 25.29 -34.69 14.14
CA TYR Z 1103 25.91 -34.90 12.84
C TYR Z 1103 24.93 -34.67 11.70
N ASN Z 1104 23.67 -35.08 11.87
CA ASN Z 1104 22.68 -34.84 10.83
C ASN Z 1104 22.43 -33.35 10.62
N ALA Z 1105 22.37 -32.58 11.70
CA ALA Z 1105 22.08 -31.15 11.56
C ALA Z 1105 23.20 -30.44 10.81
N THR Z 1106 24.44 -30.61 11.26
CA THR Z 1106 25.61 -30.00 10.63
C THR Z 1106 26.68 -31.07 10.46
N LYS Z 1107 27.23 -31.17 9.24
CA LYS Z 1107 28.17 -32.25 8.93
C LYS Z 1107 29.58 -31.91 9.41
N ASN Z 1108 29.69 -31.67 10.71
CA ASN Z 1108 30.94 -31.24 11.34
C ASN Z 1108 31.46 -32.36 12.23
N ASN Z 1109 32.45 -33.09 11.74
CA ASN Z 1109 33.04 -34.20 12.47
C ASN Z 1109 34.29 -33.81 13.25
N ARG Z 1110 34.70 -32.54 13.21
CA ARG Z 1110 35.90 -32.13 13.92
C ARG Z 1110 35.65 -31.96 15.40
N ALA Z 1111 34.40 -31.68 15.80
CA ALA Z 1111 34.11 -31.42 17.21
C ALA Z 1111 34.09 -32.71 18.02
N MET Z 1112 33.61 -33.81 17.43
CA MET Z 1112 33.50 -35.05 18.19
C MET Z 1112 34.85 -35.56 18.64
N ASP Z 1113 35.85 -35.50 17.77
CA ASP Z 1113 37.18 -35.97 18.13
C ASP Z 1113 37.77 -35.14 19.28
N ALA Z 1114 37.62 -33.81 19.20
CA ALA Z 1114 38.13 -32.95 20.27
C ALA Z 1114 37.41 -33.23 21.58
N ALA Z 1115 36.09 -33.46 21.52
CA ALA Z 1115 35.34 -33.75 22.74
C ALA Z 1115 35.77 -35.06 23.36
N LEU Z 1116 36.04 -36.08 22.54
CA LEU Z 1116 36.31 -37.40 23.06
C LEU Z 1116 37.78 -37.67 23.36
N SER Z 1117 38.69 -36.77 23.02
CA SER Z 1117 40.09 -37.03 23.36
C SER Z 1117 40.40 -36.85 24.86
N THR Z 1118 39.67 -35.95 25.54
CA THR Z 1118 40.02 -35.61 26.92
C THR Z 1118 39.85 -36.79 27.87
N VAL Z 1119 38.80 -37.59 27.68
CA VAL Z 1119 38.54 -38.68 28.61
C VAL Z 1119 39.66 -39.72 28.58
N MET Z 1120 40.17 -40.03 27.38
CA MET Z 1120 41.36 -40.87 27.29
C MET Z 1120 42.54 -40.21 27.98
N SER Z 1121 42.76 -38.93 27.66
CA SER Z 1121 43.93 -38.23 28.19
C SER Z 1121 43.98 -38.27 29.71
N MET Z 1122 42.82 -38.28 30.37
CA MET Z 1122 42.81 -38.28 31.82
C MET Z 1122 42.79 -39.69 32.43
N GLY Z 1123 41.96 -40.59 31.91
CA GLY Z 1123 41.91 -41.93 32.47
C GLY Z 1123 43.25 -42.64 32.40
N LEU Z 1124 43.98 -42.45 31.30
CA LEU Z 1124 45.26 -43.15 31.18
C LEU Z 1124 46.23 -42.72 32.27
N ALA Z 1125 46.28 -41.42 32.59
CA ALA Z 1125 47.15 -40.96 33.67
C ALA Z 1125 46.71 -41.52 35.03
N GLY Z 1126 45.39 -41.57 35.27
CA GLY Z 1126 44.92 -42.14 36.52
C GLY Z 1126 45.41 -43.56 36.73
N MET Z 1127 45.40 -44.37 35.67
CA MET Z 1127 45.82 -45.76 35.80
C MET Z 1127 47.26 -45.87 36.28
N TYR Z 1128 48.17 -45.10 35.70
CA TYR Z 1128 49.58 -45.17 36.11
C TYR Z 1128 49.76 -44.69 37.54
N TYR Z 1129 49.02 -43.66 37.95
CA TYR Z 1129 49.15 -43.25 39.35
C TYR Z 1129 48.79 -44.40 40.29
N MET Z 1130 47.67 -45.07 40.03
CA MET Z 1130 47.25 -46.17 40.89
C MET Z 1130 48.28 -47.29 40.91
N ALA Z 1131 48.82 -47.65 39.75
CA ALA Z 1131 49.81 -48.73 39.70
C ALA Z 1131 51.05 -48.38 40.50
N GLN Z 1132 51.52 -47.14 40.39
CA GLN Z 1132 52.70 -46.74 41.15
C GLN Z 1132 52.44 -46.82 42.65
N ALA Z 1133 51.26 -46.38 43.09
CA ALA Z 1133 50.94 -46.46 44.52
C ALA Z 1133 50.96 -47.90 45.01
N HIS Z 1134 50.35 -48.82 44.25
CA HIS Z 1134 50.33 -50.22 44.68
C HIS Z 1134 51.73 -50.81 44.73
N ILE Z 1135 52.59 -50.47 43.77
CA ILE Z 1135 53.96 -50.97 43.82
C ILE Z 1135 54.67 -50.47 45.07
N LYS Z 1136 54.48 -49.18 45.39
CA LYS Z 1136 55.20 -48.61 46.53
C LYS Z 1136 54.73 -49.19 47.85
N ALA Z 1137 53.43 -49.47 47.98
CA ALA Z 1137 52.89 -49.93 49.27
C ALA Z 1137 53.24 -51.36 49.59
N TYR Z 1138 53.97 -52.08 48.73
CA TYR Z 1138 54.24 -53.48 48.95
C TYR Z 1138 55.34 -53.72 49.97
N ALA Z 1139 56.27 -52.76 50.12
CA ALA Z 1139 57.49 -52.98 50.89
C ALA Z 1139 57.32 -52.69 52.38
N MET Z 1140 56.19 -52.17 52.81
CA MET Z 1140 55.98 -51.90 54.24
C MET Z 1140 55.74 -53.19 54.99
N GLN Z 1141 56.64 -53.55 55.90
CA GLN Z 1141 56.59 -54.86 56.54
C GLN Z 1141 55.47 -54.94 57.57
N ASP Z 1142 55.28 -53.88 58.34
CA ASP Z 1142 54.29 -53.89 59.42
C ASP Z 1142 52.90 -53.68 58.83
N GLY Z 1143 51.93 -53.39 59.71
CA GLY Z 1143 50.58 -53.10 59.29
C GLY Z 1143 50.35 -51.68 58.83
N ARG Z 1144 51.42 -50.91 58.61
CA ARG Z 1144 51.28 -49.53 58.18
C ARG Z 1144 50.71 -49.40 56.78
N ASP Z 1145 50.71 -50.48 56.00
CA ASP Z 1145 50.19 -50.42 54.64
C ASP Z 1145 48.71 -50.06 54.63
N ARG Z 1146 47.97 -50.47 55.65
CA ARG Z 1146 46.54 -50.15 55.69
C ARG Z 1146 46.33 -48.64 55.80
N GLU Z 1147 47.05 -47.99 56.72
CA GLU Z 1147 46.94 -46.54 56.84
C GLU Z 1147 47.44 -45.84 55.59
N TYR Z 1148 48.54 -46.32 55.01
CA TYR Z 1148 49.08 -45.70 53.81
C TYR Z 1148 48.07 -45.77 52.67
N LEU Z 1149 47.45 -46.93 52.48
CA LEU Z 1149 46.47 -47.07 51.41
C LEU Z 1149 45.21 -46.28 51.70
N LYS Z 1150 44.84 -46.14 52.97
CA LYS Z 1150 43.70 -45.29 53.29
C LYS Z 1150 43.97 -43.84 52.93
N GLN Z 1151 45.20 -43.38 53.16
CA GLN Z 1151 45.52 -41.99 52.82
C GLN Z 1151 45.72 -41.77 51.33
N ALA Z 1152 46.25 -42.76 50.61
CA ALA Z 1152 46.68 -42.52 49.25
C ALA Z 1152 45.59 -42.74 48.21
N LEU Z 1153 44.55 -43.52 48.52
CA LEU Z 1153 43.56 -43.91 47.53
C LEU Z 1153 42.21 -43.25 47.74
N ASN Z 1154 42.21 -42.01 48.18
CA ASN Z 1154 40.97 -41.25 48.22
C ASN Z 1154 40.67 -40.69 46.82
N PRO Z 1155 39.41 -40.64 46.42
CA PRO Z 1155 39.09 -40.15 45.07
C PRO Z 1155 39.56 -38.73 44.78
N THR Z 1156 39.58 -37.84 45.78
CA THR Z 1156 40.05 -36.48 45.52
C THR Z 1156 41.53 -36.46 45.17
N MET Z 1157 42.32 -37.32 45.82
CA MET Z 1157 43.74 -37.42 45.48
C MET Z 1157 43.93 -37.92 44.06
N ILE Z 1158 43.12 -38.89 43.65
CA ILE Z 1158 43.17 -39.41 42.28
C ILE Z 1158 42.85 -38.29 41.30
N GLY Z 1159 41.81 -37.49 41.60
CA GLY Z 1159 41.47 -36.39 40.71
C GLY Z 1159 42.57 -35.36 40.60
N TYR Z 1160 43.19 -35.00 41.73
CA TYR Z 1160 44.29 -34.03 41.69
C TYR Z 1160 45.45 -34.56 40.85
N ALA Z 1161 45.85 -35.80 41.08
CA ALA Z 1161 46.98 -36.35 40.34
C ALA Z 1161 46.64 -36.56 38.86
N ALA Z 1162 45.37 -36.74 38.52
CA ALA Z 1162 45.01 -36.85 37.11
C ALA Z 1162 45.02 -35.50 36.42
N LEU Z 1163 44.59 -34.44 37.11
CA LEU Z 1163 44.60 -33.12 36.49
C LEU Z 1163 46.01 -32.55 36.38
N SER Z 1164 46.81 -32.64 37.45
CA SER Z 1164 48.15 -32.07 37.41
C SER Z 1164 49.00 -32.76 36.35
N ARG Z 1165 48.88 -34.08 36.23
CA ARG Z 1165 49.57 -34.84 35.20
C ARG Z 1165 48.84 -34.69 33.87
N SER Z 1166 49.12 -35.59 32.93
CA SER Z 1166 48.50 -35.60 31.61
C SER Z 1166 49.09 -34.51 30.75
N SER Z 1167 48.47 -34.23 29.61
CA SER Z 1167 49.03 -33.34 28.61
C SER Z 1167 48.13 -32.14 28.33
N HIS Z 1168 47.65 -31.48 29.39
CA HIS Z 1168 47.02 -30.18 29.17
C HIS Z 1168 48.11 -29.11 29.06
N LEU Z 1169 49.06 -29.13 30.00
CA LEU Z 1169 50.24 -28.27 30.03
C LEU Z 1169 49.93 -26.90 29.43
N GLY Z 1170 50.65 -26.56 28.37
CA GLY Z 1170 50.28 -25.42 27.55
C GLY Z 1170 50.29 -25.86 26.11
N GLY Z 1171 50.43 -27.16 25.90
CA GLY Z 1171 50.65 -27.70 24.59
C GLY Z 1171 52.07 -28.24 24.50
N PRO Z 1172 52.64 -28.23 23.29
CA PRO Z 1172 54.02 -28.67 23.14
C PRO Z 1172 55.04 -27.83 23.89
N LEU Z 1173 54.73 -26.56 24.19
CA LEU Z 1173 55.71 -25.70 24.83
C LEU Z 1173 55.93 -26.08 26.28
N GLY Z 1174 54.89 -25.99 27.11
CA GLY Z 1174 54.98 -26.41 28.48
C GLY Z 1174 54.69 -25.35 29.53
N VAL Z 1175 54.24 -25.79 30.70
CA VAL Z 1175 53.98 -24.86 31.80
C VAL Z 1175 55.26 -24.23 32.29
N ALA Z 1176 56.37 -24.97 32.27
CA ALA Z 1176 57.65 -24.39 32.71
C ALA Z 1176 58.05 -23.19 31.87
N ASN Z 1177 57.55 -23.08 30.64
CA ASN Z 1177 57.87 -21.96 29.76
C ASN Z 1177 56.77 -20.91 29.72
N ILE Z 1178 55.50 -21.31 29.74
CA ILE Z 1178 54.41 -20.34 29.66
C ILE Z 1178 54.29 -19.54 30.94
N LEU Z 1179 54.34 -20.21 32.09
CA LEU Z 1179 54.16 -19.56 33.40
C LEU Z 1179 55.47 -19.37 34.16
N GLY Z 1180 56.60 -19.41 33.49
CA GLY Z 1180 57.87 -19.32 34.18
C GLY Z 1180 58.40 -17.92 34.35
N GLY Z 1181 57.62 -16.89 34.04
CA GLY Z 1181 58.11 -15.53 34.08
C GLY Z 1181 57.78 -14.74 35.32
N ILE Z 1182 57.11 -15.34 36.30
CA ILE Z 1182 56.68 -14.63 37.49
C ILE Z 1182 57.75 -14.76 38.57
N ALA Z 1183 58.84 -15.47 38.25
CA ALA Z 1183 59.94 -15.58 39.20
C ALA Z 1183 60.64 -14.24 39.44
N GLY Z 1184 60.51 -13.29 38.51
CA GLY Z 1184 61.17 -12.01 38.68
C GLY Z 1184 60.66 -11.23 39.87
N TYR Z 1185 59.35 -11.31 40.13
CA TYR Z 1185 58.78 -10.62 41.28
C TYR Z 1185 59.37 -11.13 42.58
N GLU Z 1186 59.45 -12.45 42.74
CA GLU Z 1186 60.04 -13.02 43.93
C GLU Z 1186 61.52 -12.68 44.03
N ASP Z 1187 62.23 -12.69 42.90
CA ASP Z 1187 63.65 -12.37 42.92
C ASP Z 1187 63.89 -10.93 43.34
N THR Z 1188 62.99 -10.02 42.97
CA THR Z 1188 63.18 -8.62 43.33
C THR Z 1188 62.66 -8.27 44.72
N LYS Z 1189 61.72 -9.05 45.27
CA LYS Z 1189 61.30 -8.82 46.64
C LYS Z 1189 62.42 -9.11 47.63
N MET Z 1190 63.06 -10.27 47.49
CA MET Z 1190 64.01 -10.74 48.50
C MET Z 1190 65.30 -9.94 48.51
N LEU Z 1191 65.57 -9.17 47.46
CA LEU Z 1191 66.83 -8.42 47.41
C LEU Z 1191 66.89 -7.36 48.51
N ARG Z 1192 65.84 -6.54 48.62
CA ARG Z 1192 65.89 -5.42 49.56
C ARG Z 1192 65.50 -5.82 50.98
N SER Z 1193 64.65 -6.83 51.14
CA SER Z 1193 64.15 -7.17 52.47
C SER Z 1193 65.25 -7.69 53.37
N SER Z 1194 66.06 -8.62 52.88
CA SER Z 1194 67.09 -9.26 53.69
C SER Z 1194 68.24 -8.30 54.01
N VAL Z 1222 64.17 8.09 51.16
CA VAL Z 1222 65.57 7.70 51.11
C VAL Z 1222 65.76 6.28 50.60
N GLY Z 1223 64.68 5.68 50.09
CA GLY Z 1223 64.78 4.33 49.57
C GLY Z 1223 64.34 4.08 48.14
N ASN Z 1224 65.28 3.80 47.23
CA ASN Z 1224 64.98 3.46 45.83
C ASN Z 1224 64.68 4.56 44.79
N PHE Z 1225 64.48 5.83 45.19
CA PHE Z 1225 64.28 6.90 44.19
C PHE Z 1225 63.34 6.43 43.11
N LEU Z 1226 62.08 6.13 43.41
CA LEU Z 1226 61.23 5.47 42.41
C LEU Z 1226 61.22 6.15 41.05
N GLU Z 1227 61.36 5.37 39.98
CA GLU Z 1227 61.51 5.95 38.64
C GLU Z 1227 60.26 6.11 37.80
N GLN Z 1228 60.31 6.94 36.76
CA GLN Z 1228 59.17 7.08 35.86
C GLN Z 1228 59.40 6.30 34.57
N VAL Z 1229 58.30 5.88 33.95
CA VAL Z 1229 58.36 5.17 32.67
C VAL Z 1229 58.79 6.17 31.60
N PRO Z 1230 59.34 5.71 30.47
CA PRO Z 1230 59.64 6.63 29.37
C PRO Z 1230 58.38 7.28 28.84
N ALA Z 1231 58.58 8.20 27.88
CA ALA Z 1231 57.44 8.93 27.31
C ALA Z 1231 56.44 7.99 26.67
N PHE Z 1232 56.90 6.89 26.08
CA PHE Z 1232 56.02 5.89 25.50
C PHE Z 1232 55.67 4.88 26.58
N GLY Z 1233 54.38 4.76 26.90
CA GLY Z 1233 53.94 4.11 28.12
C GLY Z 1233 54.03 2.59 28.13
N TYR Z 1234 54.53 1.99 27.04
CA TYR Z 1234 54.68 0.54 26.89
C TYR Z 1234 53.32 -0.14 26.73
N ALA Z 1235 52.24 0.60 26.95
CA ALA Z 1235 50.94 0.08 26.56
C ALA Z 1235 50.79 0.03 25.05
N ALA Z 1236 51.55 0.86 24.34
CA ALA Z 1236 51.54 0.88 22.89
C ALA Z 1236 52.78 0.16 22.39
N ASN Z 1237 52.58 -1.02 21.81
CA ASN Z 1237 53.66 -1.77 21.17
C ASN Z 1237 53.06 -2.48 19.97
N VAL Z 1238 53.39 -2.01 18.77
CA VAL Z 1238 52.96 -2.72 17.57
C VAL Z 1238 53.66 -4.08 17.53
N GLY Z 1239 52.89 -5.13 17.27
CA GLY Z 1239 53.44 -6.46 17.32
C GLY Z 1239 54.51 -6.68 16.26
N ALA Z 1240 55.42 -7.61 16.56
CA ALA Z 1240 56.48 -8.04 15.66
C ALA Z 1240 57.55 -6.98 15.48
N THR Z 1241 57.33 -5.79 16.03
CA THR Z 1241 58.34 -4.74 16.05
C THR Z 1241 58.82 -4.43 17.46
N ALA Z 1242 58.33 -5.16 18.44
CA ALA Z 1242 58.81 -5.07 19.81
C ALA Z 1242 59.91 -6.07 20.11
N TYR Z 1243 60.36 -6.84 19.12
CA TYR Z 1243 61.33 -7.90 19.34
C TYR Z 1243 62.64 -7.73 18.59
N ASN Z 1244 62.78 -6.71 17.77
CA ASN Z 1244 64.05 -6.48 17.08
C ASN Z 1244 65.04 -5.90 18.07
N LEU Z 1245 66.17 -5.40 17.57
CA LEU Z 1245 67.21 -4.93 18.49
C LEU Z 1245 66.73 -3.76 19.32
N ALA Z 1246 65.98 -2.83 18.71
CA ALA Z 1246 65.53 -1.66 19.46
C ALA Z 1246 64.56 -2.03 20.57
N GLY Z 1247 63.73 -3.06 20.36
CA GLY Z 1247 62.74 -3.42 21.36
C GLY Z 1247 63.31 -4.10 22.59
N TYR Z 1248 64.49 -4.70 22.46
CA TYR Z 1248 65.11 -5.36 23.61
C TYR Z 1248 65.75 -4.36 24.55
N LEU Z 1249 66.34 -3.28 24.02
CA LEU Z 1249 67.18 -2.41 24.84
C LEU Z 1249 66.41 -1.32 25.58
N LYS Z 1250 65.16 -1.07 25.22
CA LYS Z 1250 64.41 0.04 25.79
C LYS Z 1250 62.99 -0.39 26.18
N ALA Z 1251 62.88 -1.51 26.88
CA ALA Z 1251 61.60 -2.05 27.30
C ALA Z 1251 61.45 -1.95 28.81
N ASP Z 1252 60.26 -2.29 29.30
CA ASP Z 1252 59.94 -2.31 30.71
C ASP Z 1252 59.90 -3.75 31.20
N THR Z 1253 60.60 -4.05 32.28
CA THR Z 1253 60.80 -5.41 32.74
C THR Z 1253 60.24 -5.65 34.13
N ARG Z 1254 59.03 -5.18 34.38
CA ARG Z 1254 58.32 -5.47 35.61
C ARG Z 1254 57.01 -6.18 35.30
N VAL Z 1255 56.39 -6.74 36.33
CA VAL Z 1255 55.23 -7.61 36.19
C VAL Z 1255 53.97 -6.78 36.40
N ASN Z 1256 52.99 -6.95 35.52
CA ASN Z 1256 51.67 -6.35 35.66
C ASN Z 1256 50.61 -7.44 35.50
N GLU Z 1257 49.35 -7.05 35.69
CA GLU Z 1257 48.25 -8.02 35.68
C GLU Z 1257 48.09 -8.73 34.34
N ARG Z 1258 48.54 -8.11 33.25
CA ARG Z 1258 48.35 -8.71 31.94
C ARG Z 1258 49.10 -10.03 31.83
N ASP Z 1259 50.29 -10.11 32.42
CA ASP Z 1259 51.04 -11.35 32.40
C ASP Z 1259 50.29 -12.46 33.11
N TYR Z 1260 49.73 -12.17 34.29
CA TYR Z 1260 48.96 -13.16 35.01
C TYR Z 1260 47.81 -13.67 34.16
N MET Z 1261 47.00 -12.74 33.62
CA MET Z 1261 45.82 -13.16 32.88
C MET Z 1261 46.17 -13.96 31.64
N THR Z 1262 47.17 -13.50 30.88
CA THR Z 1262 47.53 -14.18 29.64
C THR Z 1262 48.11 -15.56 29.91
N GLY Z 1263 49.02 -15.69 30.86
CA GLY Z 1263 49.58 -17.00 31.16
C GLY Z 1263 48.53 -17.98 31.66
N MET Z 1264 47.66 -17.52 32.57
CA MET Z 1264 46.62 -18.41 33.07
C MET Z 1264 45.65 -18.84 31.98
N TYR Z 1265 45.30 -17.94 31.06
CA TYR Z 1265 44.42 -18.36 29.98
C TYR Z 1265 45.11 -19.34 29.04
N ASN Z 1266 46.39 -19.12 28.74
CA ASN Z 1266 47.08 -20.01 27.82
C ASN Z 1266 47.24 -21.41 28.40
N THR Z 1267 47.43 -21.52 29.72
CA THR Z 1267 47.67 -22.85 30.30
C THR Z 1267 46.44 -23.74 30.21
N PHE Z 1268 45.24 -23.18 30.22
CA PHE Z 1268 43.98 -23.93 30.27
C PHE Z 1268 43.17 -23.74 28.99
N ARG Z 1269 43.83 -23.80 27.84
CA ARG Z 1269 43.16 -23.41 26.60
C ARG Z 1269 42.25 -24.52 26.07
N GLU Z 1270 42.80 -25.71 25.82
CA GLU Z 1270 42.02 -26.77 25.17
C GLU Z 1270 41.01 -27.40 26.10
N LEU Z 1271 41.21 -27.32 27.42
CA LEU Z 1271 40.23 -27.88 28.34
C LEU Z 1271 38.97 -27.03 28.42
N VAL Z 1272 39.13 -25.70 28.42
CA VAL Z 1272 37.99 -24.80 28.57
C VAL Z 1272 38.00 -23.83 27.40
N PRO Z 1273 37.45 -24.21 26.25
CA PRO Z 1273 37.42 -23.31 25.09
C PRO Z 1273 36.35 -22.24 25.29
N ASN Z 1274 36.23 -21.35 24.30
CA ASN Z 1274 35.25 -20.28 24.33
C ASN Z 1274 34.03 -20.57 23.48
N ASP Z 1275 33.68 -21.85 23.33
CA ASP Z 1275 32.44 -22.26 22.66
C ASP Z 1275 31.76 -23.35 23.48
N PRO Z 1276 30.44 -23.41 23.45
CA PRO Z 1276 29.70 -24.33 24.33
C PRO Z 1276 29.33 -25.68 23.76
N ILE Z 1277 29.71 -26.03 22.53
CA ILE Z 1277 29.22 -27.28 21.93
C ILE Z 1277 29.85 -28.48 22.61
N THR Z 1278 31.15 -28.42 22.92
CA THR Z 1278 31.83 -29.56 23.50
C THR Z 1278 31.24 -29.92 24.86
N GLN Z 1279 30.93 -28.92 25.67
CA GLN Z 1279 30.32 -29.18 26.97
C GLN Z 1279 28.96 -29.84 26.81
N LYS Z 1280 28.17 -29.41 25.82
CA LYS Z 1280 26.88 -30.04 25.59
C LYS Z 1280 27.02 -31.49 25.18
N LEU Z 1281 28.00 -31.81 24.33
CA LEU Z 1281 28.20 -33.20 23.93
C LEU Z 1281 28.58 -34.07 25.12
N LEU Z 1282 29.51 -33.60 25.95
CA LEU Z 1282 29.90 -34.36 27.13
C LEU Z 1282 28.71 -34.54 28.07
N LEU Z 1283 27.91 -33.49 28.26
CA LEU Z 1283 26.77 -33.56 29.15
C LEU Z 1283 25.76 -34.59 28.67
N GLY Z 1284 25.49 -34.61 27.36
CA GLY Z 1284 24.56 -35.61 26.83
C GLY Z 1284 25.05 -37.03 27.02
N THR Z 1285 26.34 -37.27 26.75
CA THR Z 1285 26.89 -38.61 26.94
C THR Z 1285 26.77 -39.06 28.38
N PHE Z 1286 27.16 -38.19 29.32
CA PHE Z 1286 27.11 -38.58 30.72
C PHE Z 1286 25.67 -38.75 31.21
N GLU Z 1287 24.72 -38.02 30.63
CA GLU Z 1287 23.31 -38.28 30.94
C GLU Z 1287 22.91 -39.68 30.51
N GLU Z 1288 23.27 -40.06 29.28
CA GLU Z 1288 22.79 -41.33 28.75
C GLU Z 1288 23.43 -42.52 29.43
N GLN Z 1289 24.69 -42.41 29.88
CA GLN Z 1289 25.37 -43.57 30.43
C GLN Z 1289 25.37 -43.66 31.95
N GLY Z 1290 25.33 -42.56 32.66
CA GLY Z 1290 25.22 -42.58 34.11
C GLY Z 1290 26.58 -42.57 34.81
N ILE Z 1291 26.56 -42.10 36.06
CA ILE Z 1291 27.77 -41.93 36.86
C ILE Z 1291 27.58 -42.61 38.20
N HIS Z 1292 28.71 -42.83 38.89
CA HIS Z 1292 28.69 -43.49 40.18
C HIS Z 1292 28.33 -42.49 41.28
N ILE Z 1293 27.33 -42.85 42.09
CA ILE Z 1293 26.74 -41.91 43.05
C ILE Z 1293 27.37 -42.00 44.43
N LYS Z 1294 28.31 -42.92 44.63
CA LYS Z 1294 28.97 -43.14 45.92
C LYS Z 1294 27.87 -43.51 46.93
N ASP Z 1295 28.06 -43.18 48.20
CA ASP Z 1295 27.08 -43.42 49.26
C ASP Z 1295 26.63 -44.88 49.30
N MET AA 1 -52.16 -18.85 34.37
CA MET AA 1 -53.11 -17.79 34.65
C MET AA 1 -54.52 -18.34 34.76
N CYS AA 2 -54.63 -19.61 35.14
CA CYS AA 2 -55.93 -20.24 35.28
C CYS AA 2 -56.08 -21.08 36.54
N GLU AA 3 -55.01 -21.33 37.28
CA GLU AA 3 -55.10 -22.11 38.51
C GLU AA 3 -55.95 -21.38 39.53
N PRO AA 4 -56.85 -22.07 40.24
CA PRO AA 4 -57.73 -21.37 41.19
C PRO AA 4 -56.97 -20.63 42.28
N VAL AA 5 -55.84 -21.19 42.71
CA VAL AA 5 -55.06 -20.57 43.77
C VAL AA 5 -54.03 -19.57 43.22
N SER AA 6 -53.68 -19.69 41.95
CA SER AA 6 -52.71 -18.77 41.36
C SER AA 6 -53.34 -17.44 40.96
N ILE AA 7 -54.65 -17.30 41.05
CA ILE AA 7 -55.31 -16.03 40.78
C ILE AA 7 -55.71 -15.40 42.11
N GLY AA 8 -55.91 -16.23 43.14
CA GLY AA 8 -56.24 -15.71 44.43
C GLY AA 8 -55.15 -14.83 45.01
N LEU AA 9 -53.90 -15.29 44.93
CA LEU AA 9 -52.79 -14.49 45.43
C LEU AA 9 -52.66 -13.19 44.65
N GLY AA 10 -52.85 -13.24 43.33
CA GLY AA 10 -52.76 -12.03 42.54
C GLY AA 10 -53.85 -11.02 42.88
N ILE AA 11 -55.09 -11.50 43.03
CA ILE AA 11 -56.18 -10.60 43.37
C ILE AA 11 -56.05 -10.05 44.78
N MET AA 12 -55.49 -10.82 45.71
CA MET AA 12 -55.19 -10.28 47.04
C MET AA 12 -54.08 -9.23 46.99
N SER AA 13 -53.07 -9.46 46.17
CA SER AA 13 -51.99 -8.48 46.04
C SER AA 13 -52.51 -7.17 45.44
N VAL AA 14 -53.39 -7.26 44.45
CA VAL AA 14 -53.88 -6.06 43.78
C VAL AA 14 -54.93 -5.36 44.63
N ALA AA 15 -56.05 -6.03 44.90
CA ALA AA 15 -57.15 -5.38 45.62
C ALA AA 15 -56.77 -5.01 47.04
N GLY AA 16 -55.99 -5.87 47.71
CA GLY AA 16 -55.60 -5.61 49.08
C GLY AA 16 -56.63 -6.06 50.08
N ALA AA 17 -56.70 -5.39 51.23
CA ALA AA 17 -57.64 -5.73 52.29
C ALA AA 17 -58.93 -4.94 52.21
N THR AA 18 -59.33 -4.51 51.02
CA THR AA 18 -60.53 -3.69 50.87
C THR AA 18 -61.81 -4.48 51.10
N MET AA 19 -61.74 -5.81 51.13
CA MET AA 19 -62.92 -6.62 51.37
C MET AA 19 -62.98 -7.06 52.82
N SER AA 20 -63.96 -7.90 53.15
CA SER AA 20 -64.15 -8.36 54.51
C SER AA 20 -63.12 -9.44 54.85
N ALA AA 21 -63.26 -10.01 56.05
CA ALA AA 21 -62.24 -10.93 56.55
C ALA AA 21 -62.33 -12.31 55.92
N SER AA 22 -63.55 -12.78 55.64
CA SER AA 22 -63.73 -14.17 55.21
C SER AA 22 -63.06 -14.45 53.87
N GLN AA 23 -63.17 -13.51 52.93
CA GLN AA 23 -62.54 -13.71 51.62
C GLN AA 23 -61.04 -13.83 51.75
N GLN AA 24 -60.42 -12.96 52.55
CA GLN AA 24 -58.99 -13.06 52.79
C GLN AA 24 -58.65 -14.38 53.48
N ALA AA 25 -59.51 -14.83 54.39
CA ALA AA 25 -59.27 -16.10 55.06
C ALA AA 25 -59.18 -17.25 54.07
N LYS AA 26 -60.19 -17.36 53.19
CA LYS AA 26 -60.17 -18.45 52.21
C LYS AA 26 -58.99 -18.33 51.26
N ALA AA 27 -58.73 -17.11 50.78
CA ALA AA 27 -57.67 -16.90 49.81
C ALA AA 27 -56.31 -17.28 50.39
N GLU AA 28 -56.11 -17.00 51.68
CA GLU AA 28 -54.85 -17.40 52.30
C GLU AA 28 -54.81 -18.89 52.63
N GLY AA 29 -55.96 -19.48 52.99
CA GLY AA 29 -55.97 -20.87 53.42
C GLY AA 29 -55.83 -21.89 52.31
N ALA AA 30 -56.20 -21.53 51.09
CA ALA AA 30 -56.10 -22.50 50.00
C ALA AA 30 -54.67 -23.01 49.81
N ALA AA 31 -53.71 -22.09 49.69
CA ALA AA 31 -52.32 -22.50 49.48
C ALA AA 31 -51.76 -23.24 50.69
N ILE AA 32 -52.19 -22.86 51.89
CA ILE AA 32 -51.74 -23.56 53.09
C ILE AA 32 -52.18 -25.01 53.05
N ASP AA 33 -53.44 -25.26 52.70
CA ASP AA 33 -53.93 -26.63 52.60
C ASP AA 33 -53.15 -27.41 51.54
N ALA AA 34 -52.91 -26.78 50.38
CA ALA AA 34 -52.17 -27.47 49.32
C ALA AA 34 -50.79 -27.89 49.80
N GLN AA 35 -50.07 -26.95 50.44
CA GLN AA 35 -48.72 -27.25 50.90
C GLN AA 35 -48.73 -28.34 51.96
N ASN AA 36 -49.70 -28.30 52.88
CA ASN AA 36 -49.75 -29.29 53.94
C ASN AA 36 -49.96 -30.69 53.37
N ARG AA 37 -50.90 -30.82 52.43
CA ARG AA 37 -51.14 -32.13 51.84
C ARG AA 37 -49.93 -32.63 51.08
N GLN AA 38 -49.26 -31.74 50.34
CA GLN AA 38 -48.07 -32.17 49.59
C GLN AA 38 -46.98 -32.66 50.53
N ALA AA 39 -46.75 -31.94 51.64
CA ALA AA 39 -45.73 -32.34 52.59
C ALA AA 39 -46.07 -33.68 53.24
N GLN AA 40 -47.34 -33.87 53.61
CA GLN AA 40 -47.74 -35.14 54.21
C GLN AA 40 -47.50 -36.31 53.26
N GLU AA 41 -47.88 -36.14 51.99
CA GLU AA 41 -47.69 -37.22 51.03
C GLU AA 41 -46.22 -37.50 50.78
N MET AA 42 -45.38 -36.46 50.78
CA MET AA 42 -43.94 -36.70 50.66
C MET AA 42 -43.38 -37.46 51.85
N ILE AA 43 -43.84 -37.14 53.07
CA ILE AA 43 -43.32 -37.81 54.25
C ILE AA 43 -43.77 -39.27 54.29
N LYS AA 44 -45.00 -39.55 53.86
CA LYS AA 44 -45.55 -40.90 54.02
C LYS AA 44 -44.85 -41.95 53.18
N GLN AA 45 -43.75 -41.61 52.51
CA GLN AA 45 -43.14 -42.54 51.56
C GLN AA 45 -42.05 -43.37 52.23
N MET AA 46 -41.05 -42.72 52.81
CA MET AA 46 -39.81 -43.38 53.22
C MET AA 46 -39.99 -44.11 54.56
N ASN AA 47 -38.88 -44.54 55.13
CA ASN AA 47 -38.86 -45.25 56.40
C ASN AA 47 -38.87 -44.25 57.56
N TYR AA 48 -38.71 -44.77 58.77
CA TYR AA 48 -38.69 -43.94 59.98
C TYR AA 48 -37.27 -43.55 60.39
N SER AA 49 -36.42 -44.55 60.65
CA SER AA 49 -35.07 -44.28 61.11
C SER AA 49 -34.21 -43.74 59.99
N ASP AA 50 -33.22 -42.93 60.36
CA ASP AA 50 -32.29 -42.34 59.42
C ASP AA 50 -31.12 -43.24 59.08
N ALA AA 51 -31.06 -44.43 59.68
CA ALA AA 51 -29.97 -45.36 59.43
C ALA AA 51 -30.27 -46.31 58.28
N ASN AA 52 -31.46 -46.22 57.68
CA ASN AA 52 -31.85 -47.11 56.60
C ASN AA 52 -32.05 -46.38 55.28
N LEU AA 53 -31.80 -45.08 55.23
CA LEU AA 53 -32.12 -44.28 54.06
C LEU AA 53 -30.84 -43.90 53.30
N LYS AA 54 -31.04 -43.49 52.05
CA LYS AA 54 -29.94 -43.04 51.21
C LYS AA 54 -29.58 -41.61 51.58
N MET AA 55 -28.78 -40.93 50.75
CA MET AA 55 -28.40 -39.56 51.06
C MET AA 55 -29.48 -38.58 50.63
N GLN AA 56 -29.95 -38.70 49.38
CA GLN AA 56 -30.92 -37.74 48.84
C GLN AA 56 -32.23 -37.78 49.62
N GLU AA 57 -32.69 -38.98 49.98
CA GLU AA 57 -33.93 -39.08 50.73
C GLU AA 57 -33.79 -38.44 52.10
N ARG AA 58 -32.64 -38.63 52.75
CA ARG AA 58 -32.40 -38.00 54.04
C ARG AA 58 -32.44 -36.48 53.92
N ASP AA 59 -31.78 -35.94 52.91
CA ASP AA 59 -31.76 -34.49 52.74
C ASP AA 59 -33.15 -33.96 52.47
N LEU AA 60 -33.90 -34.63 51.60
CA LEU AA 60 -35.27 -34.17 51.29
C LEU AA 60 -36.15 -34.21 52.54
N LYS AA 61 -36.05 -35.28 53.32
CA LYS AA 61 -36.87 -35.38 54.53
C LYS AA 61 -36.50 -34.30 55.54
N GLU AA 62 -35.20 -34.05 55.74
CA GLU AA 62 -34.83 -33.05 56.73
C GLU AA 62 -35.24 -31.65 56.28
N GLN AA 63 -35.23 -31.40 54.97
CA GLN AA 63 -35.72 -30.11 54.48
C GLN AA 63 -37.23 -30.00 54.65
N GLN AA 64 -37.95 -31.10 54.43
CA GLN AA 64 -39.41 -31.05 54.42
C GLN AA 64 -40.01 -31.07 55.82
N MET AA 65 -39.31 -31.60 56.82
CA MET AA 65 -39.96 -31.89 58.08
C MET AA 65 -40.32 -30.63 58.86
N ALA AA 66 -39.60 -29.53 58.65
CA ALA AA 66 -39.79 -28.32 59.44
C ALA AA 66 -41.13 -27.64 59.19
N GLU AA 67 -41.86 -28.04 58.14
CA GLU AA 67 -43.12 -27.37 57.82
C GLU AA 67 -44.21 -27.63 58.86
N LEU AA 68 -44.05 -28.66 59.69
CA LEU AA 68 -45.09 -29.05 60.62
C LEU AA 68 -44.80 -28.63 62.06
N THR AA 69 -43.78 -27.78 62.28
CA THR AA 69 -43.42 -27.41 63.64
C THR AA 69 -44.40 -26.42 64.24
N GLU AA 70 -44.63 -26.54 65.54
CA GLU AA 70 -45.45 -25.61 66.31
C GLU AA 70 -44.73 -25.29 67.61
N THR AA 71 -44.93 -24.07 68.11
CA THR AA 71 -44.14 -23.60 69.24
C THR AA 71 -44.97 -23.08 70.41
N THR AA 72 -46.10 -22.44 70.11
CA THR AA 72 -46.78 -21.63 71.11
C THR AA 72 -47.57 -22.45 72.13
N LEU AA 73 -48.24 -23.53 71.72
CA LEU AA 73 -49.13 -24.28 72.60
C LEU AA 73 -48.59 -25.67 72.96
N ASN AA 74 -47.29 -25.78 73.22
CA ASN AA 74 -46.73 -27.08 73.57
C ASN AA 74 -47.13 -27.52 74.98
N GLY AA 75 -47.20 -26.58 75.92
CA GLY AA 75 -47.52 -26.95 77.29
C GLY AA 75 -48.90 -27.56 77.42
N ILE AA 76 -49.89 -26.98 76.73
CA ILE AA 76 -51.23 -27.55 76.73
C ILE AA 76 -51.23 -28.92 76.07
N ARG AA 77 -50.39 -29.10 75.04
CA ARG AA 77 -50.25 -30.42 74.44
C ARG AA 77 -49.80 -31.44 75.48
N ASN AA 78 -48.73 -31.12 76.20
CA ASN AA 78 -48.03 -32.11 77.01
C ASN AA 78 -48.55 -32.23 78.44
N GLN AA 79 -49.47 -31.37 78.88
CA GLN AA 79 -49.94 -31.49 80.25
C GLN AA 79 -50.67 -32.81 80.50
N GLY AA 80 -51.17 -33.45 79.44
CA GLY AA 80 -51.88 -34.70 79.62
C GLY AA 80 -50.98 -35.84 80.07
N MET AA 81 -49.78 -35.93 79.51
CA MET AA 81 -48.92 -37.08 79.78
C MET AA 81 -48.26 -37.00 81.15
N VAL AA 82 -47.89 -35.79 81.59
CA VAL AA 82 -47.18 -35.66 82.85
C VAL AA 82 -48.06 -36.05 84.03
N ARG AA 83 -49.36 -35.77 83.95
CA ARG AA 83 -50.27 -36.14 85.03
C ARG AA 83 -50.26 -37.65 85.25
N ALA AA 84 -50.36 -38.42 84.17
CA ALA AA 84 -50.34 -39.88 84.30
C ALA AA 84 -48.95 -40.39 84.64
N ALA AA 85 -47.90 -39.69 84.20
CA ALA AA 85 -46.55 -40.16 84.49
C ALA AA 85 -46.15 -39.91 85.93
N VAL AA 86 -46.73 -38.90 86.57
CA VAL AA 86 -46.37 -38.53 87.94
C VAL AA 86 -47.33 -39.12 88.97
N ALA AA 87 -48.63 -39.11 88.67
CA ALA AA 87 -49.61 -39.58 89.65
C ALA AA 87 -49.38 -41.04 90.00
N GLU AA 88 -49.10 -41.87 89.00
CA GLU AA 88 -48.82 -43.28 89.24
C GLU AA 88 -47.32 -43.54 89.30
N ASP AA 106 -65.20 -28.25 84.97
CA ASP AA 106 -64.46 -27.04 84.59
C ASP AA 106 -65.17 -26.29 83.48
N THR AA 107 -66.06 -25.38 83.85
CA THR AA 107 -66.78 -24.57 82.87
C THR AA 107 -66.52 -23.09 83.12
N VAL AA 108 -65.24 -22.74 83.35
CA VAL AA 108 -64.77 -21.37 83.54
C VAL AA 108 -65.24 -20.82 84.88
N LYS AA 109 -66.51 -21.07 85.23
CA LYS AA 109 -67.04 -20.53 86.49
C LYS AA 109 -66.27 -21.07 87.69
N GLU AA 110 -65.93 -22.36 87.67
CA GLU AA 110 -65.18 -22.93 88.79
C GLU AA 110 -63.77 -22.35 88.89
N ARG AA 111 -63.25 -21.75 87.82
CA ARG AA 111 -61.94 -21.14 87.86
C ARG AA 111 -61.99 -19.82 88.64
N ALA AA 112 -60.86 -19.45 89.21
CA ALA AA 112 -60.73 -18.21 89.96
C ALA AA 112 -59.85 -17.23 89.19
N GLY AA 113 -60.34 -16.00 89.06
CA GLY AA 113 -59.65 -14.98 88.29
C GLY AA 113 -60.12 -14.81 86.87
N ILE AA 114 -61.10 -15.61 86.43
CA ILE AA 114 -61.64 -15.52 85.07
C ILE AA 114 -63.15 -15.41 85.17
N THR AA 115 -63.72 -14.45 84.45
CA THR AA 115 -65.17 -14.28 84.40
C THR AA 115 -65.77 -15.18 83.33
N GLU AA 116 -67.09 -15.17 83.22
CA GLU AA 116 -67.77 -16.00 82.23
C GLU AA 116 -67.44 -15.55 80.81
N SER AA 117 -67.17 -14.27 80.60
CA SER AA 117 -66.83 -13.75 79.29
C SER AA 117 -65.32 -13.77 79.04
N TYR AA 118 -64.59 -14.64 79.73
CA TYR AA 118 -63.14 -14.77 79.56
C TYR AA 118 -62.42 -13.45 79.81
N ASN AA 119 -62.90 -12.69 80.79
CA ASN AA 119 -62.29 -11.44 81.22
C ASN AA 119 -61.86 -11.56 82.67
N ARG AA 120 -60.92 -10.70 83.07
CA ARG AA 120 -60.40 -10.74 84.43
C ARG AA 120 -61.48 -10.29 85.43
N ASP AA 121 -61.49 -10.94 86.59
CA ASP AA 121 -62.40 -10.58 87.68
C ASP AA 121 -61.62 -9.83 88.74
N TYR AA 122 -61.81 -8.52 88.81
CA TYR AA 122 -61.05 -7.69 89.74
C TYR AA 122 -61.54 -7.81 91.18
N ALA AA 123 -62.82 -8.15 91.39
CA ALA AA 123 -63.35 -8.21 92.74
C ALA AA 123 -62.56 -9.17 93.61
N ALA AA 124 -62.39 -10.41 93.12
CA ALA AA 124 -61.67 -11.41 93.91
C ALA AA 124 -60.20 -11.06 94.06
N ILE AA 125 -59.55 -10.68 92.95
CA ILE AA 125 -58.11 -10.45 92.99
C ILE AA 125 -57.76 -9.23 93.82
N PHE AA 126 -58.71 -8.34 94.06
CA PHE AA 126 -58.47 -7.17 94.90
C PHE AA 126 -58.97 -7.34 96.33
N GLY AA 127 -59.95 -8.22 96.58
CA GLY AA 127 -60.44 -8.41 97.93
C GLY AA 127 -59.87 -9.60 98.65
N ASN AA 128 -59.88 -10.77 98.01
CA ASN AA 128 -59.53 -12.02 98.68
C ASN AA 128 -58.04 -12.34 98.60
N ARG AA 129 -57.24 -11.51 97.91
CA ARG AA 129 -55.80 -11.72 97.78
C ARG AA 129 -55.50 -13.07 97.12
N ILE AA 130 -55.97 -13.22 95.89
CA ILE AA 130 -55.75 -14.46 95.15
C ILE AA 130 -54.28 -14.58 94.79
N ALA AA 131 -53.71 -15.75 95.08
CA ALA AA 131 -52.28 -15.94 94.89
C ALA AA 131 -51.90 -15.93 93.41
N ASN AA 132 -52.62 -16.68 92.59
CA ASN AA 132 -52.30 -16.82 91.18
C ASN AA 132 -53.56 -17.16 90.39
N ILE AA 133 -53.47 -17.02 89.08
CA ILE AA 133 -54.59 -17.27 88.17
C ILE AA 133 -54.34 -18.58 87.43
N GLU AA 134 -55.32 -19.48 87.45
CA GLU AA 134 -55.20 -20.76 86.74
C GLU AA 134 -55.69 -20.58 85.31
N ASN AA 135 -54.74 -20.26 84.42
CA ASN AA 135 -55.06 -20.18 83.00
C ASN AA 135 -55.51 -21.53 82.47
N THR AA 136 -54.83 -22.60 82.87
CA THR AA 136 -55.13 -23.95 82.43
C THR AA 136 -55.40 -24.81 83.65
N GLN AA 137 -55.66 -26.09 83.39
CA GLN AA 137 -55.84 -27.06 84.46
C GLN AA 137 -54.51 -27.36 85.13
N SER AA 138 -54.49 -28.29 86.08
CA SER AA 138 -53.29 -28.73 86.78
C SER AA 138 -52.78 -27.66 87.73
N ALA AA 139 -53.37 -26.46 87.68
CA ALA AA 139 -53.05 -25.44 88.67
C ALA AA 139 -53.78 -25.69 89.98
N ILE AA 140 -54.97 -26.29 89.91
CA ILE AA 140 -55.59 -26.85 91.11
C ILE AA 140 -54.63 -27.87 91.70
N ARG AA 141 -54.53 -27.88 93.03
CA ARG AA 141 -53.49 -28.62 93.77
C ARG AA 141 -52.15 -28.52 93.05
N GLY AA 142 -51.53 -29.65 92.71
CA GLY AA 142 -50.36 -29.62 91.88
C GLY AA 142 -49.10 -30.15 92.53
N GLN AA 143 -48.55 -31.22 91.95
CA GLN AA 143 -47.27 -31.77 92.39
C GLN AA 143 -46.29 -31.95 91.22
N GLY AA 144 -46.64 -31.47 90.04
CA GLY AA 144 -45.81 -31.59 88.85
C GLY AA 144 -44.72 -30.56 88.71
N LYS AA 145 -44.63 -29.60 89.64
CA LYS AA 145 -43.58 -28.59 89.63
C LYS AA 145 -43.55 -27.82 88.32
N ILE AA 146 -42.61 -28.17 87.44
CA ILE AA 146 -42.38 -27.47 86.18
C ILE AA 146 -42.03 -26.02 86.48
N ILE AA 147 -40.79 -25.79 86.86
CA ILE AA 147 -40.31 -24.47 87.24
C ILE AA 147 -39.69 -23.81 86.01
N LYS AA 148 -40.09 -22.56 85.74
CA LYS AA 148 -39.60 -21.85 84.58
C LYS AA 148 -38.11 -21.59 84.69
N THR AA 149 -37.41 -21.69 83.57
CA THR AA 149 -35.96 -21.55 83.50
C THR AA 149 -35.60 -20.63 82.33
N SER AA 150 -34.28 -20.41 82.17
CA SER AA 150 -33.76 -19.58 81.09
C SER AA 150 -32.65 -20.33 80.39
N PRO AA 151 -32.63 -20.35 79.05
CA PRO AA 151 -31.60 -21.14 78.34
C PRO AA 151 -30.18 -20.72 78.65
N LEU AA 152 -29.93 -19.43 78.80
CA LEU AA 152 -28.56 -18.96 78.93
C LEU AA 152 -27.97 -19.30 80.29
N ALA AA 153 -28.78 -19.25 81.35
CA ALA AA 153 -28.29 -19.67 82.66
C ALA AA 153 -27.89 -21.13 82.64
N HIS AA 154 -28.71 -21.99 82.01
CA HIS AA 154 -28.37 -23.40 81.90
C HIS AA 154 -27.10 -23.60 81.09
N ALA AA 155 -26.95 -22.87 79.99
CA ALA AA 155 -25.76 -23.01 79.16
C ALA AA 155 -24.51 -22.63 79.92
N LEU AA 156 -24.55 -21.53 80.68
CA LEU AA 156 -23.41 -21.19 81.53
C LEU AA 156 -23.17 -22.24 82.60
N ASN AA 157 -24.25 -22.81 83.15
CA ASN AA 157 -24.08 -23.81 84.21
C ASN AA 157 -23.34 -25.03 83.69
N VAL AA 158 -23.72 -25.53 82.51
CA VAL AA 158 -23.06 -26.73 81.99
C VAL AA 158 -21.61 -26.44 81.64
N ALA AA 159 -21.35 -25.32 80.98
CA ALA AA 159 -19.98 -24.96 80.61
C ALA AA 159 -19.32 -24.09 81.68
N MET BA 1 -55.26 -32.68 -11.86
CA MET BA 1 -55.98 -32.98 -10.63
C MET BA 1 -57.48 -33.06 -10.89
N CYS BA 2 -57.84 -33.41 -12.12
CA CYS BA 2 -59.25 -33.54 -12.47
C CYS BA 2 -59.56 -34.79 -13.29
N GLU BA 3 -58.56 -35.58 -13.67
CA GLU BA 3 -58.80 -36.80 -14.43
C GLU BA 3 -59.59 -37.79 -13.58
N PRO BA 4 -60.61 -38.46 -14.14
CA PRO BA 4 -61.41 -39.38 -13.33
C PRO BA 4 -60.60 -40.49 -12.69
N VAL BA 5 -59.57 -40.96 -13.39
CA VAL BA 5 -58.75 -42.05 -12.86
C VAL BA 5 -57.59 -41.53 -12.02
N SER BA 6 -57.20 -40.27 -12.19
CA SER BA 6 -56.11 -39.71 -11.40
C SER BA 6 -56.54 -39.29 -10.01
N ILE BA 7 -57.83 -39.31 -9.70
CA ILE BA 7 -58.30 -39.03 -8.36
C ILE BA 7 -58.66 -40.34 -7.67
N GLY BA 8 -58.99 -41.35 -8.47
CA GLY BA 8 -59.31 -42.65 -7.89
C GLY BA 8 -58.14 -43.26 -7.16
N LEU BA 9 -56.95 -43.21 -7.77
CA LEU BA 9 -55.77 -43.74 -7.11
C LEU BA 9 -55.44 -42.96 -5.85
N GLY BA 10 -55.59 -41.63 -5.89
CA GLY BA 10 -55.31 -40.84 -4.72
C GLY BA 10 -56.24 -41.14 -3.56
N ILE BA 11 -57.55 -41.22 -3.86
CA ILE BA 11 -58.52 -41.53 -2.82
C ILE BA 11 -58.36 -42.96 -2.32
N MET BA 12 -57.91 -43.89 -3.17
CA MET BA 12 -57.63 -45.24 -2.71
C MET BA 12 -56.42 -45.27 -1.78
N SER BA 13 -55.38 -44.50 -2.11
CA SER BA 13 -54.22 -44.43 -1.23
C SER BA 13 -54.57 -43.81 0.12
N VAL BA 14 -55.39 -42.77 0.10
CA VAL BA 14 -55.71 -42.06 1.35
C VAL BA 14 -56.68 -42.86 2.19
N ALA BA 15 -57.89 -43.10 1.68
CA ALA BA 15 -58.92 -43.77 2.46
C ALA BA 15 -58.52 -45.20 2.80
N GLY BA 16 -57.92 -45.91 1.85
CA GLY BA 16 -57.52 -47.28 2.07
C GLY BA 16 -58.61 -48.29 1.73
N ALA BA 17 -58.71 -49.35 2.53
CA ALA BA 17 -59.68 -50.40 2.29
C ALA BA 17 -60.87 -50.32 3.24
N THR BA 18 -61.16 -49.13 3.78
CA THR BA 18 -62.25 -49.00 4.74
C THR BA 18 -63.62 -49.19 4.10
N MET BA 19 -63.72 -49.09 2.78
CA MET BA 19 -64.99 -49.29 2.09
C MET BA 19 -65.14 -50.75 1.65
N SER BA 20 -66.22 -51.03 0.93
CA SER BA 20 -66.51 -52.38 0.48
C SER BA 20 -65.64 -52.76 -0.70
N ALA BA 21 -65.87 -53.96 -1.23
CA ALA BA 21 -64.99 -54.50 -2.27
C ALA BA 21 -65.24 -53.88 -3.63
N SER BA 22 -66.51 -53.57 -3.95
CA SER BA 22 -66.85 -53.15 -5.31
C SER BA 22 -66.19 -51.84 -5.69
N GLN BA 23 -66.15 -50.88 -4.76
CA GLN BA 23 -65.51 -49.60 -5.05
C GLN BA 23 -64.03 -49.79 -5.36
N GLN BA 24 -63.34 -50.61 -4.57
CA GLN BA 24 -61.94 -50.91 -4.85
C GLN BA 24 -61.80 -51.60 -6.20
N ALA BA 25 -62.74 -52.48 -6.53
CA ALA BA 25 -62.69 -53.17 -7.81
C ALA BA 25 -62.73 -52.17 -8.97
N LYS BA 26 -63.69 -51.27 -8.97
CA LYS BA 26 -63.80 -50.29 -10.05
C LYS BA 26 -62.58 -49.37 -10.09
N ALA BA 27 -62.15 -48.90 -8.91
CA ALA BA 27 -61.02 -47.97 -8.85
C ALA BA 27 -59.75 -48.60 -9.40
N GLU BA 28 -59.55 -49.90 -9.14
CA GLU BA 28 -58.38 -50.57 -9.68
C GLU BA 28 -58.55 -50.91 -11.16
N GLY BA 29 -59.77 -51.22 -11.60
CA GLY BA 29 -59.96 -51.68 -12.97
C GLY BA 29 -59.93 -50.57 -14.02
N ALA BA 30 -60.21 -49.33 -13.62
CA ALA BA 30 -60.20 -48.24 -14.60
C ALA BA 30 -58.84 -48.12 -15.29
N ALA BA 31 -57.76 -48.04 -14.50
CA ALA BA 31 -56.43 -47.89 -15.09
C ALA BA 31 -56.03 -49.11 -15.90
N ILE BA 32 -56.44 -50.30 -15.47
CA ILE BA 32 -56.12 -51.51 -16.22
C ILE BA 32 -56.75 -51.45 -17.61
N ASP BA 33 -58.03 -51.05 -17.68
CA ASP BA 33 -58.69 -50.92 -18.97
C ASP BA 33 -57.99 -49.88 -19.84
N ALA BA 34 -57.62 -48.74 -19.25
CA ALA BA 34 -56.95 -47.70 -20.03
C ALA BA 34 -55.65 -48.22 -20.63
N GLN BA 35 -54.84 -48.89 -19.81
CA GLN BA 35 -53.56 -49.39 -20.30
C GLN BA 35 -53.75 -50.44 -21.38
N ASN BA 36 -54.72 -51.33 -21.21
CA ASN BA 36 -54.93 -52.38 -22.20
C ASN BA 36 -55.32 -51.77 -23.54
N ARG BA 37 -56.25 -50.81 -23.52
CA ARG BA 37 -56.68 -50.19 -24.77
C ARG BA 37 -55.52 -49.47 -25.45
N GLN BA 38 -54.72 -48.73 -24.67
CA GLN BA 38 -53.61 -48.00 -25.27
C GLN BA 38 -52.60 -48.95 -25.92
N ALA BA 39 -52.22 -50.02 -25.21
CA ALA BA 39 -51.24 -50.95 -25.76
C ALA BA 39 -51.76 -51.65 -27.00
N GLN BA 40 -53.01 -52.10 -26.96
CA GLN BA 40 -53.59 -52.78 -28.11
C GLN BA 40 -53.66 -51.86 -29.32
N GLU BA 41 -54.05 -50.60 -29.10
CA GLU BA 41 -54.11 -49.64 -30.20
C GLU BA 41 -52.74 -49.41 -30.81
N MET BA 42 -51.69 -49.32 -29.98
CA MET BA 42 -50.37 -49.13 -30.56
C MET BA 42 -49.94 -50.37 -31.34
N ILE BA 43 -50.24 -51.56 -30.81
CA ILE BA 43 -49.80 -52.80 -31.46
C ILE BA 43 -50.45 -52.96 -32.82
N LYS BA 44 -51.72 -52.54 -32.96
CA LYS BA 44 -52.43 -52.77 -34.21
C LYS BA 44 -51.74 -52.11 -35.39
N GLN BA 45 -51.24 -50.89 -35.23
CA GLN BA 45 -50.67 -50.18 -36.37
C GLN BA 45 -49.38 -50.79 -36.89
N MET BA 46 -48.86 -51.83 -36.24
CA MET BA 46 -47.54 -52.37 -36.53
C MET BA 46 -47.59 -53.35 -37.71
N ASN BA 47 -46.45 -53.97 -37.97
CA ASN BA 47 -46.35 -55.11 -38.87
C ASN BA 47 -46.24 -56.38 -38.02
N TYR BA 48 -46.19 -57.54 -38.69
CA TYR BA 48 -46.09 -58.81 -37.98
C TYR BA 48 -44.65 -59.28 -37.85
N SER BA 49 -43.97 -59.52 -38.97
CA SER BA 49 -42.62 -60.04 -38.92
C SER BA 49 -41.64 -58.97 -38.47
N ASP BA 50 -40.60 -59.40 -37.76
CA ASP BA 50 -39.59 -58.50 -37.23
C ASP BA 50 -38.50 -58.17 -38.23
N ALA BA 51 -38.53 -58.77 -39.43
CA ALA BA 51 -37.53 -58.50 -40.45
C ALA BA 51 -37.90 -57.35 -41.37
N ASN BA 52 -39.09 -56.78 -41.22
CA ASN BA 52 -39.57 -55.70 -42.07
C ASN BA 52 -39.63 -54.37 -41.34
N LEU BA 53 -39.17 -54.30 -40.10
CA LEU BA 53 -39.34 -53.12 -39.27
C LEU BA 53 -38.01 -52.40 -39.08
N LYS BA 54 -38.12 -51.14 -38.65
CA LYS BA 54 -36.95 -50.32 -38.34
C LYS BA 54 -36.41 -50.73 -36.97
N MET BA 55 -35.49 -49.94 -36.42
CA MET BA 55 -34.94 -50.26 -35.12
C MET BA 55 -35.86 -49.80 -34.00
N GLN BA 56 -36.29 -48.54 -34.03
CA GLN BA 56 -37.10 -48.00 -32.96
C GLN BA 56 -38.43 -48.72 -32.84
N GLU BA 57 -39.04 -49.06 -33.97
CA GLU BA 57 -40.32 -49.77 -33.93
C GLU BA 57 -40.17 -51.14 -33.29
N ARG BA 58 -39.10 -51.87 -33.64
CA ARG BA 58 -38.87 -53.16 -33.00
C ARG BA 58 -38.67 -53.02 -31.50
N ASP BA 59 -37.88 -52.03 -31.08
CA ASP BA 59 -37.66 -51.85 -29.65
C ASP BA 59 -38.95 -51.52 -28.93
N LEU BA 60 -39.78 -50.64 -29.50
CA LEU BA 60 -41.05 -50.28 -28.88
C LEU BA 60 -41.95 -51.50 -28.74
N LYS BA 61 -42.11 -52.27 -29.82
CA LYS BA 61 -42.99 -53.44 -29.77
C LYS BA 61 -42.47 -54.48 -28.79
N GLU BA 62 -41.16 -54.71 -28.78
CA GLU BA 62 -40.57 -55.67 -27.86
C GLU BA 62 -40.80 -55.27 -26.42
N GLN BA 63 -40.64 -53.97 -26.11
CA GLN BA 63 -40.87 -53.52 -24.75
C GLN BA 63 -42.34 -53.64 -24.35
N GLN BA 64 -43.25 -53.32 -25.26
CA GLN BA 64 -44.67 -53.19 -24.89
C GLN BA 64 -45.48 -54.46 -25.11
N MET BA 65 -44.90 -55.50 -25.72
CA MET BA 65 -45.74 -56.65 -26.06
C MET BA 65 -46.10 -57.45 -24.80
N ALA BA 66 -45.17 -57.55 -23.85
CA ALA BA 66 -45.24 -58.52 -22.77
C ALA BA 66 -46.37 -58.27 -21.77
N GLU BA 67 -47.04 -57.12 -21.80
CA GLU BA 67 -48.10 -56.86 -20.83
C GLU BA 67 -49.34 -57.70 -21.07
N LEU BA 68 -49.42 -58.39 -22.21
CA LEU BA 68 -50.51 -59.32 -22.50
C LEU BA 68 -50.23 -60.76 -22.07
N THR BA 69 -49.09 -61.03 -21.45
CA THR BA 69 -48.75 -62.40 -21.09
C THR BA 69 -49.59 -62.89 -19.90
N GLU BA 70 -49.93 -64.17 -19.94
CA GLU BA 70 -50.62 -64.87 -18.85
C GLU BA 70 -49.93 -66.20 -18.63
N THR BA 71 -49.99 -66.69 -17.39
CA THR BA 71 -49.17 -67.85 -17.04
C THR BA 71 -49.96 -68.99 -16.40
N THR BA 72 -51.01 -68.65 -15.65
CA THR BA 72 -51.62 -69.63 -14.75
C THR BA 72 -52.54 -70.63 -15.44
N LEU BA 73 -53.30 -70.22 -16.46
CA LEU BA 73 -54.27 -71.12 -17.10
C LEU BA 73 -53.93 -71.41 -18.56
N ASN BA 74 -52.66 -71.69 -18.87
CA ASN BA 74 -52.31 -72.02 -20.24
C ASN BA 74 -52.78 -73.42 -20.62
N GLY BA 75 -52.76 -74.36 -19.67
CA GLY BA 75 -53.16 -75.72 -19.99
C GLY BA 75 -54.61 -75.82 -20.42
N ILE BA 76 -55.49 -75.10 -19.73
CA ILE BA 76 -56.91 -75.10 -20.10
C ILE BA 76 -57.08 -74.48 -21.48
N ARG BA 77 -56.28 -73.46 -21.80
CA ARG BA 77 -56.31 -72.89 -23.15
C ARG BA 77 -55.96 -73.94 -24.19
N ASN BA 78 -54.83 -74.62 -24.01
CA ASN BA 78 -54.30 -75.51 -25.03
C ASN BA 78 -54.98 -76.87 -25.04
N GLN BA 79 -55.86 -77.15 -24.07
CA GLN BA 79 -56.55 -78.44 -24.04
C GLN BA 79 -57.30 -78.73 -25.33
N GLY BA 80 -57.87 -77.70 -25.96
CA GLY BA 80 -58.71 -77.93 -27.13
C GLY BA 80 -57.94 -78.46 -28.33
N MET BA 81 -56.74 -77.92 -28.57
CA MET BA 81 -56.03 -78.22 -29.81
C MET BA 81 -55.44 -79.63 -29.79
N VAL BA 82 -54.94 -80.07 -28.64
CA VAL BA 82 -54.27 -81.36 -28.57
C VAL BA 82 -55.24 -82.50 -28.84
N ARG BA 83 -56.48 -82.37 -28.40
CA ARG BA 83 -57.47 -83.43 -28.65
C ARG BA 83 -57.66 -83.67 -30.14
N ALA BA 84 -57.83 -82.59 -30.91
CA ALA BA 84 -57.99 -82.73 -32.35
C ALA BA 84 -56.68 -83.13 -33.03
N ALA BA 85 -55.54 -82.71 -32.47
CA ALA BA 85 -54.27 -83.04 -33.10
C ALA BA 85 -53.89 -84.50 -32.89
N VAL BA 86 -54.36 -85.12 -31.81
CA VAL BA 86 -54.00 -86.48 -31.47
C VAL BA 86 -55.05 -87.48 -31.93
N ALA BA 87 -56.34 -87.15 -31.78
CA ALA BA 87 -57.40 -88.09 -32.12
C ALA BA 87 -57.35 -88.45 -33.60
N GLU BA 88 -57.14 -87.46 -34.46
CA GLU BA 88 -57.05 -87.71 -35.90
C GLU BA 88 -55.59 -87.77 -36.33
N ASP BA 106 -71.19 -82.86 -18.95
CA ASP BA 106 -70.33 -82.55 -17.83
C ASP BA 106 -70.91 -81.41 -16.99
N THR BA 107 -71.69 -81.77 -15.97
CA THR BA 107 -72.27 -80.77 -15.08
C THR BA 107 -71.82 -81.03 -13.65
N VAL BA 108 -70.53 -81.30 -13.47
CA VAL BA 108 -69.88 -81.48 -12.17
C VAL BA 108 -70.33 -82.79 -11.50
N LYS BA 109 -71.63 -83.08 -11.57
CA LYS BA 109 -72.14 -84.31 -10.95
C LYS BA 109 -71.50 -85.54 -11.58
N GLU BA 110 -71.32 -85.55 -12.91
CA GLU BA 110 -70.69 -86.68 -13.56
C GLU BA 110 -69.22 -86.83 -13.17
N ARG BA 111 -68.60 -85.77 -12.65
CA ARG BA 111 -67.21 -85.86 -12.21
C ARG BA 111 -67.10 -86.62 -10.90
N ALA BA 112 -65.93 -87.21 -10.69
CA ALA BA 112 -65.63 -87.99 -9.49
C ALA BA 112 -64.65 -87.23 -8.62
N GLY BA 113 -64.96 -87.16 -7.32
CA GLY BA 113 -64.14 -86.42 -6.39
C GLY BA 113 -64.53 -84.98 -6.16
N ILE BA 114 -65.56 -84.49 -6.84
CA ILE BA 114 -66.02 -83.12 -6.71
C ILE BA 114 -67.51 -83.14 -6.42
N THR BA 115 -67.93 -82.39 -5.39
CA THR BA 115 -69.34 -82.29 -5.04
C THR BA 115 -70.01 -81.22 -5.87
N GLU BA 116 -71.32 -81.05 -5.66
CA GLU BA 116 -72.07 -80.05 -6.41
C GLU BA 116 -71.65 -78.63 -6.04
N SER BA 117 -71.20 -78.43 -4.80
CA SER BA 117 -70.76 -77.12 -4.35
C SER BA 117 -69.27 -76.90 -4.55
N TYR BA 118 -68.66 -77.60 -5.51
CA TYR BA 118 -67.24 -77.47 -5.82
C TYR BA 118 -66.36 -77.74 -4.60
N ASN BA 119 -66.76 -78.70 -3.77
CA ASN BA 119 -65.99 -79.15 -2.62
C ASN BA 119 -65.63 -80.62 -2.79
N ARG BA 120 -64.61 -81.05 -2.05
CA ARG BA 120 -64.16 -82.43 -2.14
C ARG BA 120 -65.19 -83.38 -1.55
N ASP BA 121 -65.31 -84.55 -2.16
CA ASP BA 121 -66.21 -85.60 -1.69
C ASP BA 121 -65.36 -86.69 -1.04
N TYR BA 122 -65.39 -86.75 0.29
CA TYR BA 122 -64.56 -87.70 1.01
C TYR BA 122 -65.10 -89.13 0.96
N ALA BA 123 -66.42 -89.29 0.81
CA ALA BA 123 -67.00 -90.63 0.83
C ALA BA 123 -66.37 -91.52 -0.23
N ALA BA 124 -66.34 -91.06 -1.47
CA ALA BA 124 -65.80 -91.88 -2.56
C ALA BA 124 -64.30 -92.07 -2.41
N ILE BA 125 -63.57 -90.99 -2.13
CA ILE BA 125 -62.11 -91.08 -2.08
C ILE BA 125 -61.63 -91.92 -0.91
N PHE BA 126 -62.47 -92.12 0.11
CA PHE BA 126 -62.11 -92.96 1.23
C PHE BA 126 -62.68 -94.37 1.14
N GLY BA 127 -63.77 -94.58 0.41
CA GLY BA 127 -64.32 -95.92 0.31
C GLY BA 127 -63.95 -96.68 -0.96
N ASN BA 128 -64.10 -96.05 -2.11
CA ASN BA 128 -63.94 -96.73 -3.39
C ASN BA 128 -62.52 -96.71 -3.91
N ARG BA 129 -61.58 -96.07 -3.20
CA ARG BA 129 -60.18 -95.98 -3.61
C ARG BA 129 -60.05 -95.33 -4.99
N ILE BA 130 -60.49 -94.09 -5.08
CA ILE BA 130 -60.44 -93.36 -6.34
C ILE BA 130 -58.99 -93.06 -6.68
N ALA BA 131 -58.59 -93.39 -7.91
CA ALA BA 131 -57.18 -93.28 -8.30
C ALA BA 131 -56.74 -91.82 -8.36
N ASN BA 132 -57.52 -90.97 -9.02
CA ASN BA 132 -57.14 -89.59 -9.23
C ASN BA 132 -58.39 -88.72 -9.30
N ILE BA 133 -58.17 -87.41 -9.31
CA ILE BA 133 -59.25 -86.42 -9.36
C ILE BA 133 -59.19 -85.71 -10.70
N GLU BA 134 -60.31 -85.71 -11.42
CA GLU BA 134 -60.38 -85.04 -12.72
C GLU BA 134 -60.82 -83.59 -12.54
N ASN BA 135 -59.82 -82.72 -12.36
CA ASN BA 135 -60.09 -81.29 -12.27
C ASN BA 135 -60.71 -80.77 -13.55
N THR BA 136 -60.18 -81.19 -14.69
CA THR BA 136 -60.63 -80.76 -16.00
C THR BA 136 -61.05 -81.97 -16.82
N GLN BA 137 -61.51 -81.69 -18.04
CA GLN BA 137 -61.84 -82.74 -18.99
C GLN BA 137 -60.57 -83.44 -19.45
N SER BA 138 -60.71 -84.41 -20.36
CA SER BA 138 -59.58 -85.15 -20.93
C SER BA 138 -58.96 -86.10 -19.92
N ALA BA 139 -59.37 -86.00 -18.66
CA ALA BA 139 -58.95 -86.98 -17.67
C ALA BA 139 -59.76 -88.27 -17.79
N ILE BA 140 -61.02 -88.16 -18.22
CA ILE BA 140 -61.74 -89.34 -18.68
C ILE BA 140 -60.95 -89.96 -19.82
N ARG BA 141 -60.89 -91.30 -19.83
CA ARG BA 141 -59.99 -92.07 -20.68
C ARG BA 141 -58.62 -91.39 -20.76
N GLY BA 142 -58.15 -91.10 -21.97
CA GLY BA 142 -56.95 -90.29 -22.11
C GLY BA 142 -55.80 -90.97 -22.82
N GLN BA 143 -55.34 -90.35 -23.91
CA GLN BA 143 -54.16 -90.83 -24.62
C GLN BA 143 -53.17 -89.71 -24.93
N GLY BA 144 -53.41 -88.49 -24.43
CA GLY BA 144 -52.53 -87.36 -24.67
C GLY BA 144 -51.34 -87.28 -23.75
N LYS BA 145 -51.24 -88.18 -22.76
CA LYS BA 145 -50.09 -88.23 -21.86
C LYS BA 145 -49.88 -86.90 -21.15
N ILE BA 146 -48.94 -86.11 -21.66
CA ILE BA 146 -48.53 -84.85 -21.05
C ILE BA 146 -47.99 -85.15 -19.65
N ILE BA 147 -46.76 -85.64 -19.59
CA ILE BA 147 -46.12 -86.01 -18.34
C ILE BA 147 -45.37 -84.80 -17.78
N LYS BA 148 -45.61 -84.49 -16.51
CA LYS BA 148 -45.01 -83.32 -15.91
C LYS BA 148 -43.49 -83.50 -15.81
N THR BA 149 -42.76 -82.40 -16.06
CA THR BA 149 -41.31 -82.40 -16.08
C THR BA 149 -40.79 -81.25 -15.22
N SER BA 150 -39.47 -81.13 -15.16
CA SER BA 150 -38.80 -80.08 -14.41
C SER BA 150 -37.76 -79.41 -15.30
N PRO BA 151 -37.71 -78.07 -15.33
CA PRO BA 151 -36.77 -77.41 -16.25
C PRO BA 151 -35.31 -77.76 -16.03
N LEU BA 152 -34.90 -77.91 -14.77
CA LEU BA 152 -33.48 -78.10 -14.49
C LEU BA 152 -32.99 -79.47 -14.90
N ALA BA 153 -33.82 -80.50 -14.72
CA ALA BA 153 -33.45 -81.82 -15.20
C ALA BA 153 -33.23 -81.83 -16.71
N HIS BA 154 -34.13 -81.17 -17.45
CA HIS BA 154 -33.98 -81.08 -18.89
C HIS BA 154 -32.73 -80.30 -19.27
N ALA BA 155 -32.45 -79.21 -18.56
CA ALA BA 155 -31.26 -78.43 -18.87
C ALA BA 155 -29.99 -79.24 -18.65
N LEU BA 156 -29.91 -79.99 -17.55
CA LEU BA 156 -28.77 -80.88 -17.36
C LEU BA 156 -28.72 -81.96 -18.44
N ASN BA 157 -29.88 -82.46 -18.86
CA ASN BA 157 -29.91 -83.51 -19.86
C ASN BA 157 -29.31 -83.04 -21.19
N VAL BA 158 -29.69 -81.84 -21.62
CA VAL BA 158 -29.17 -81.34 -22.90
C VAL BA 158 -27.68 -81.07 -22.81
N ALA BA 159 -27.24 -80.42 -21.74
CA ALA BA 159 -25.82 -80.10 -21.56
C ALA BA 159 -25.10 -81.19 -20.77
N MET CA 1 -57.19 30.47 -6.18
CA MET CA 1 -58.18 30.23 -7.22
C MET CA 1 -59.60 30.40 -6.67
N CYS CA 2 -59.72 30.28 -5.34
CA CYS CA 2 -61.04 30.41 -4.72
C CYS CA 2 -61.55 31.84 -4.78
N GLU CA 3 -60.68 32.81 -5.09
CA GLU CA 3 -61.04 34.22 -5.11
C GLU CA 3 -62.13 34.47 -6.13
N PRO CA 4 -63.14 35.28 -5.78
CA PRO CA 4 -64.29 35.45 -6.68
C PRO CA 4 -63.94 35.98 -8.06
N VAL CA 5 -62.96 36.89 -8.16
CA VAL CA 5 -62.60 37.47 -9.45
C VAL CA 5 -61.45 36.75 -10.12
N SER CA 6 -60.89 35.72 -9.48
CA SER CA 6 -59.83 34.93 -10.11
C SER CA 6 -60.38 33.75 -10.89
N ILE CA 7 -61.54 33.22 -10.49
CA ILE CA 7 -62.12 32.08 -11.19
C ILE CA 7 -62.61 32.49 -12.58
N GLY CA 8 -62.85 33.79 -12.78
CA GLY CA 8 -63.25 34.25 -14.09
C GLY CA 8 -62.22 33.98 -15.16
N LEU CA 9 -60.94 34.16 -14.81
CA LEU CA 9 -59.87 33.84 -15.76
C LEU CA 9 -59.88 32.35 -16.10
N GLY CA 10 -60.10 31.50 -15.11
CA GLY CA 10 -60.15 30.07 -15.37
C GLY CA 10 -61.30 29.68 -16.29
N ILE CA 11 -62.49 30.21 -16.03
CA ILE CA 11 -63.63 29.86 -16.89
C ILE CA 11 -63.44 30.44 -18.29
N MET CA 12 -62.79 31.61 -18.40
CA MET CA 12 -62.46 32.15 -19.70
C MET CA 12 -61.51 31.21 -20.44
N SER CA 13 -60.50 30.69 -19.75
CA SER CA 13 -59.53 29.81 -20.38
C SER CA 13 -60.18 28.50 -20.84
N VAL CA 14 -61.09 27.97 -20.03
CA VAL CA 14 -61.65 26.65 -20.33
C VAL CA 14 -62.79 26.74 -21.33
N ALA CA 15 -63.83 27.49 -21.00
CA ALA CA 15 -65.02 27.53 -21.86
C ALA CA 15 -64.74 28.27 -23.16
N GLY CA 16 -64.43 29.55 -23.09
CA GLY CA 16 -63.99 30.29 -24.25
C GLY CA 16 -65.09 30.90 -25.09
N ALA CA 17 -64.88 30.92 -26.42
CA ALA CA 17 -65.71 31.70 -27.32
C ALA CA 17 -67.13 31.16 -27.47
N THR CA 18 -67.43 29.97 -26.95
CA THR CA 18 -68.80 29.47 -26.99
C THR CA 18 -69.74 30.30 -26.13
N MET CA 19 -69.21 31.13 -25.24
CA MET CA 19 -70.04 31.93 -24.35
C MET CA 19 -70.61 33.12 -25.11
N SER CA 20 -71.68 33.70 -24.57
CA SER CA 20 -72.30 34.84 -25.22
C SER CA 20 -71.57 36.12 -24.81
N ALA CA 21 -72.12 37.26 -25.22
CA ALA CA 21 -71.43 38.53 -25.02
C ALA CA 21 -71.49 39.00 -23.57
N SER CA 22 -72.63 38.83 -22.92
CA SER CA 22 -72.81 39.38 -21.58
C SER CA 22 -71.85 38.74 -20.58
N GLN CA 23 -71.68 37.43 -20.66
CA GLN CA 23 -70.82 36.71 -19.73
C GLN CA 23 -69.36 37.13 -19.92
N GLN CA 24 -68.91 37.27 -21.17
CA GLN CA 24 -67.57 37.78 -21.40
C GLN CA 24 -67.43 39.20 -20.86
N ALA CA 25 -68.47 40.01 -21.02
CA ALA CA 25 -68.42 41.38 -20.51
C ALA CA 25 -68.20 41.40 -19.00
N LYS CA 26 -68.96 40.59 -18.26
CA LYS CA 26 -68.77 40.54 -16.81
C LYS CA 26 -67.38 40.04 -16.45
N ALA CA 27 -67.00 38.88 -17.00
CA ALA CA 27 -65.75 38.25 -16.62
C ALA CA 27 -64.53 39.09 -16.99
N GLU CA 28 -64.66 39.98 -17.97
CA GLU CA 28 -63.54 40.84 -18.32
C GLU CA 28 -63.61 42.20 -17.64
N GLY CA 29 -64.80 42.66 -17.24
CA GLY CA 29 -64.90 43.95 -16.59
C GLY CA 29 -64.60 43.93 -15.12
N ALA CA 30 -64.75 42.78 -14.46
CA ALA CA 30 -64.48 42.73 -13.02
C ALA CA 30 -63.05 43.17 -12.71
N ALA CA 31 -62.06 42.58 -13.40
CA ALA CA 31 -60.67 42.88 -13.11
C ALA CA 31 -60.34 44.34 -13.42
N ILE CA 32 -60.85 44.85 -14.53
CA ILE CA 32 -60.57 46.23 -14.90
C ILE CA 32 -61.13 47.19 -13.87
N ASP CA 33 -62.36 46.94 -13.41
CA ASP CA 33 -62.95 47.81 -12.39
C ASP CA 33 -62.12 47.78 -11.11
N ALA CA 34 -61.69 46.58 -10.69
CA ALA CA 34 -60.89 46.49 -9.47
C ALA CA 34 -59.58 47.26 -9.61
N GLN CA 35 -58.91 47.10 -10.75
CA GLN CA 35 -57.64 47.80 -10.96
C GLN CA 35 -57.84 49.31 -10.97
N ASN CA 36 -58.90 49.79 -11.61
CA ASN CA 36 -59.15 51.22 -11.66
C ASN CA 36 -59.42 51.78 -10.26
N ARG CA 37 -60.24 51.07 -9.47
CA ARG CA 37 -60.53 51.53 -8.12
C ARG CA 37 -59.28 51.60 -7.27
N GLN CA 38 -58.44 50.56 -7.34
CA GLN CA 38 -57.18 50.58 -6.60
C GLN CA 38 -56.30 51.75 -7.03
N ALA CA 39 -56.22 52.00 -8.34
CA ALA CA 39 -55.37 53.08 -8.83
C ALA CA 39 -55.83 54.42 -8.31
N GLN CA 40 -57.15 54.68 -8.37
CA GLN CA 40 -57.66 55.96 -7.88
C GLN CA 40 -57.36 56.12 -6.39
N GLU CA 41 -57.65 55.09 -5.60
CA GLU CA 41 -57.43 55.19 -4.16
C GLU CA 41 -55.97 55.45 -3.84
N MET CA 42 -55.06 54.85 -4.60
CA MET CA 42 -53.65 55.01 -4.30
C MET CA 42 -53.12 56.37 -4.75
N ILE CA 43 -53.63 56.90 -5.86
CA ILE CA 43 -53.21 58.23 -6.31
C ILE CA 43 -53.75 59.32 -5.39
N LYS CA 44 -54.94 59.12 -4.82
CA LYS CA 44 -55.60 60.20 -4.11
C LYS CA 44 -54.86 60.62 -2.84
N GLN CA 45 -53.87 59.87 -2.39
CA GLN CA 45 -53.26 60.14 -1.09
C GLN CA 45 -52.12 61.15 -1.16
N MET CA 46 -51.29 61.09 -2.20
CA MET CA 46 -50.06 61.88 -2.24
C MET CA 46 -50.36 63.34 -2.55
N ASN CA 47 -49.30 64.13 -2.77
CA ASN CA 47 -49.43 65.54 -3.09
C ASN CA 47 -49.53 65.72 -4.60
N TYR CA 48 -49.51 66.97 -5.08
CA TYR CA 48 -49.63 67.25 -6.50
C TYR CA 48 -48.29 67.57 -7.15
N SER CA 49 -47.59 68.59 -6.64
CA SER CA 49 -46.33 69.00 -7.25
C SER CA 49 -45.23 67.98 -6.97
N ASP CA 50 -44.53 67.56 -8.00
CA ASP CA 50 -43.53 66.51 -7.90
C ASP CA 50 -42.21 67.00 -7.31
N ALA CA 51 -42.12 68.27 -6.91
CA ALA CA 51 -40.95 68.75 -6.19
C ALA CA 51 -41.11 68.65 -4.68
N ASN CA 52 -42.21 68.08 -4.20
CA ASN CA 52 -42.50 68.00 -2.78
C ASN CA 52 -42.62 66.57 -2.28
N LEU CA 53 -42.13 65.60 -3.05
CA LEU CA 53 -42.27 64.19 -2.70
C LEU CA 53 -40.89 63.52 -2.64
N LYS CA 54 -40.88 62.34 -2.03
CA LYS CA 54 -39.69 61.51 -2.00
C LYS CA 54 -39.58 60.71 -3.31
N MET CA 55 -38.39 60.16 -3.55
CA MET CA 55 -38.13 59.53 -4.84
C MET CA 55 -38.98 58.27 -5.02
N GLN CA 56 -39.19 57.51 -3.94
CA GLN CA 56 -40.03 56.32 -4.03
C GLN CA 56 -41.44 56.67 -4.48
N GLU CA 57 -42.03 57.70 -3.88
CA GLU CA 57 -43.37 58.12 -4.28
C GLU CA 57 -43.37 58.65 -5.71
N ARG CA 58 -42.32 59.34 -6.12
CA ARG CA 58 -42.24 59.82 -7.50
C ARG CA 58 -42.29 58.66 -8.49
N ASP CA 59 -41.43 57.66 -8.28
CA ASP CA 59 -41.40 56.52 -9.19
C ASP CA 59 -42.72 55.75 -9.14
N LEU CA 60 -43.28 55.59 -7.94
CA LEU CA 60 -44.54 54.89 -7.81
C LEU CA 60 -45.66 55.59 -8.56
N LYS CA 61 -45.75 56.91 -8.43
CA LYS CA 61 -46.78 57.66 -9.14
C LYS CA 61 -46.57 57.59 -10.65
N GLU CA 62 -45.32 57.71 -11.10
CA GLU CA 62 -45.04 57.63 -12.53
C GLU CA 62 -45.47 56.28 -13.09
N GLN CA 63 -45.16 55.20 -12.38
CA GLN CA 63 -45.55 53.88 -12.85
C GLN CA 63 -47.06 53.69 -12.81
N GLN CA 64 -47.71 54.21 -11.78
CA GLN CA 64 -49.13 53.91 -11.55
C GLN CA 64 -50.05 54.79 -12.38
N MET CA 65 -49.56 55.93 -12.89
CA MET CA 65 -50.45 56.89 -13.54
C MET CA 65 -50.97 56.36 -14.86
N ALA CA 66 -50.16 55.58 -15.58
CA ALA CA 66 -50.46 55.23 -16.97
C ALA CA 66 -51.76 54.47 -17.12
N GLU CA 67 -52.27 53.88 -16.05
CA GLU CA 67 -53.50 53.08 -16.12
C GLU CA 67 -54.73 53.94 -16.42
N LEU CA 68 -54.62 55.27 -16.33
CA LEU CA 68 -55.78 56.14 -16.50
C LEU CA 68 -55.71 56.98 -17.78
N THR CA 69 -54.77 56.70 -18.67
CA THR CA 69 -54.62 57.52 -19.86
C THR CA 69 -55.72 57.26 -20.87
N GLU CA 70 -56.02 58.27 -21.68
CA GLU CA 70 -56.98 58.18 -22.77
C GLU CA 70 -56.35 58.76 -24.02
N THR CA 71 -56.55 58.09 -25.16
CA THR CA 71 -55.83 58.43 -26.37
C THR CA 71 -56.69 58.71 -27.59
N THR CA 72 -57.93 58.24 -27.63
CA THR CA 72 -58.70 58.31 -28.88
C THR CA 72 -59.61 59.53 -28.95
N LEU CA 73 -60.50 59.70 -27.97
CA LEU CA 73 -61.57 60.70 -28.07
C LEU CA 73 -61.22 62.02 -27.38
N ASN CA 74 -59.95 62.42 -27.42
CA ASN CA 74 -59.56 63.66 -26.74
C ASN CA 74 -60.22 64.88 -27.38
N GLY CA 75 -60.37 64.87 -28.70
CA GLY CA 75 -60.91 66.04 -29.38
C GLY CA 75 -62.30 66.40 -28.91
N ILE CA 76 -63.16 65.38 -28.73
CA ILE CA 76 -64.52 65.64 -28.29
C ILE CA 76 -64.53 66.27 -26.90
N ARG CA 77 -63.66 65.79 -26.02
CA ARG CA 77 -63.57 66.37 -24.68
C ARG CA 77 -63.11 67.82 -24.74
N ASN CA 78 -62.01 68.07 -25.46
CA ASN CA 78 -61.42 69.40 -25.46
C ASN CA 78 -62.20 70.42 -26.28
N GLN CA 79 -63.18 69.97 -27.07
CA GLN CA 79 -63.94 70.90 -27.89
C GLN CA 79 -64.61 72.00 -27.07
N GLY CA 80 -65.00 71.69 -25.83
CA GLY CA 80 -65.75 72.67 -25.05
C GLY CA 80 -64.94 73.91 -24.67
N MET CA 81 -63.69 73.72 -24.25
CA MET CA 81 -62.92 74.84 -23.72
C MET CA 81 -62.50 75.80 -24.81
N VAL CA 82 -62.19 75.30 -26.01
CA VAL CA 82 -61.77 76.16 -27.10
C VAL CA 82 -62.87 77.13 -27.48
N ARG CA 83 -64.13 76.73 -27.33
CA ARG CA 83 -65.25 77.61 -27.64
C ARG CA 83 -65.18 78.89 -26.82
N ALA CA 84 -65.04 78.76 -25.50
CA ALA CA 84 -64.92 79.94 -24.66
C ALA CA 84 -63.59 80.65 -24.86
N ALA CA 85 -62.54 79.91 -25.19
CA ALA CA 85 -61.24 80.54 -25.43
C ALA CA 85 -61.30 81.49 -26.61
N VAL CA 86 -62.00 81.09 -27.67
CA VAL CA 86 -62.07 81.91 -28.89
C VAL CA 86 -63.16 82.97 -28.80
N ALA CA 87 -64.32 82.62 -28.26
CA ALA CA 87 -65.45 83.56 -28.25
C ALA CA 87 -65.14 84.79 -27.43
N GLU CA 88 -64.49 84.63 -26.27
CA GLU CA 88 -64.20 85.75 -25.39
C GLU CA 88 -62.73 86.14 -25.45
N ASP CA 106 -78.18 69.16 -31.33
CA ASP CA 106 -79.07 68.72 -32.39
C ASP CA 106 -79.53 67.28 -32.13
N THR CA 107 -80.26 66.71 -33.09
CA THR CA 107 -80.80 65.37 -32.95
C THR CA 107 -80.54 64.56 -34.23
N VAL CA 108 -79.30 64.62 -34.72
CA VAL CA 108 -78.82 63.82 -35.85
C VAL CA 108 -79.53 64.19 -37.14
N LYS CA 109 -80.86 64.34 -37.10
CA LYS CA 109 -81.60 64.72 -38.30
C LYS CA 109 -81.15 66.07 -38.83
N GLU CA 110 -80.83 67.00 -37.93
CA GLU CA 110 -80.37 68.32 -38.35
C GLU CA 110 -79.01 68.25 -39.05
N ARG CA 111 -78.26 67.18 -38.87
CA ARG CA 111 -76.99 66.99 -39.56
C ARG CA 111 -77.22 66.61 -41.01
N ALA CA 112 -76.21 66.87 -41.83
CA ALA CA 112 -76.27 66.58 -43.27
C ALA CA 112 -75.31 65.44 -43.60
N GLY CA 113 -75.77 64.52 -44.45
CA GLY CA 113 -75.00 63.38 -44.84
C GLY CA 113 -75.19 62.14 -43.99
N ILE CA 114 -75.98 62.23 -42.92
CA ILE CA 114 -76.23 61.10 -42.02
C ILE CA 114 -77.72 60.93 -41.87
N THR CA 115 -78.21 59.70 -42.04
CA THR CA 115 -79.62 59.42 -41.87
C THR CA 115 -79.93 59.21 -40.38
N GLU CA 116 -81.22 59.00 -40.08
CA GLU CA 116 -81.62 58.74 -38.70
C GLU CA 116 -81.04 57.44 -38.17
N SER CA 117 -80.74 56.48 -39.05
CA SER CA 117 -80.15 55.22 -38.67
C SER CA 117 -78.63 55.27 -38.56
N TYR CA 118 -78.07 56.47 -38.46
CA TYR CA 118 -76.63 56.69 -38.31
C TYR CA 118 -75.84 56.12 -39.49
N ASN CA 119 -76.39 56.16 -40.69
CA ASN CA 119 -75.71 55.71 -41.90
C ASN CA 119 -75.65 56.83 -42.92
N ARG CA 120 -74.67 56.76 -43.80
CA ARG CA 120 -74.43 57.82 -44.77
C ARG CA 120 -75.58 57.93 -45.76
N ASP CA 121 -75.86 59.16 -46.18
CA ASP CA 121 -76.94 59.48 -47.09
C ASP CA 121 -76.33 59.85 -48.44
N TYR CA 122 -76.18 58.85 -49.31
CA TYR CA 122 -75.53 59.06 -50.59
C TYR CA 122 -76.31 60.01 -51.49
N ALA CA 123 -77.64 60.06 -51.33
CA ALA CA 123 -78.45 60.91 -52.20
C ALA CA 123 -78.06 62.37 -52.05
N ALA CA 124 -78.03 62.87 -50.81
CA ALA CA 124 -77.64 64.26 -50.58
C ALA CA 124 -76.18 64.49 -50.97
N ILE CA 125 -75.31 63.53 -50.67
CA ILE CA 125 -73.88 63.68 -50.97
C ILE CA 125 -73.68 63.88 -52.47
N PHE CA 126 -74.36 63.09 -53.29
CA PHE CA 126 -74.15 63.12 -54.72
C PHE CA 126 -74.99 64.16 -55.44
N GLY CA 127 -76.11 64.60 -54.86
CA GLY CA 127 -76.94 65.59 -55.52
C GLY CA 127 -76.68 67.01 -55.08
N ASN CA 128 -76.68 67.24 -53.76
CA ASN CA 128 -76.55 68.60 -53.24
C ASN CA 128 -75.10 69.07 -53.16
N ARG CA 129 -74.14 68.21 -53.48
CA ARG CA 129 -72.72 68.55 -53.49
C ARG CA 129 -72.27 69.06 -52.13
N ILE CA 130 -72.37 68.17 -51.15
CA ILE CA 130 -72.03 68.48 -49.77
C ILE CA 130 -70.51 68.39 -49.60
N ALA CA 131 -69.89 69.50 -49.18
CA ALA CA 131 -68.44 69.54 -49.11
C ALA CA 131 -67.90 68.71 -47.95
N ASN CA 132 -68.53 68.83 -46.78
CA ASN CA 132 -68.03 68.20 -45.57
C ASN CA 132 -69.14 67.46 -44.84
N ILE CA 133 -68.78 66.35 -44.21
CA ILE CA 133 -69.71 65.56 -43.41
C ILE CA 133 -69.56 65.95 -41.95
N GLU CA 134 -70.68 66.22 -41.29
CA GLU CA 134 -70.70 66.79 -39.95
C GLU CA 134 -70.63 65.67 -38.91
N ASN CA 135 -69.42 65.41 -38.41
CA ASN CA 135 -69.27 64.48 -37.29
C ASN CA 135 -69.73 65.11 -36.00
N THR CA 136 -69.11 66.22 -35.61
CA THR CA 136 -69.32 66.86 -34.31
C THR CA 136 -69.86 68.26 -34.53
N GLN CA 137 -70.02 68.98 -33.43
CA GLN CA 137 -70.33 70.40 -33.51
C GLN CA 137 -69.10 71.17 -33.98
N SER CA 138 -69.32 72.44 -34.33
CA SER CA 138 -68.35 73.35 -34.93
C SER CA 138 -68.03 72.97 -36.37
N ALA CA 139 -68.57 71.86 -36.88
CA ALA CA 139 -68.53 71.62 -38.32
C ALA CA 139 -69.38 72.66 -39.05
N ILE CA 140 -70.51 73.03 -38.47
CA ILE CA 140 -71.26 74.19 -38.93
C ILE CA 140 -70.44 75.44 -38.62
N ARG CA 141 -70.23 76.27 -39.65
CA ARG CA 141 -69.34 77.44 -39.60
C ARG CA 141 -68.06 77.14 -38.84
N GLY CA 142 -67.55 78.11 -38.07
CA GLY CA 142 -66.39 77.87 -37.25
C GLY CA 142 -65.08 78.28 -37.91
N GLN CA 143 -64.45 79.32 -37.39
CA GLN CA 143 -63.19 79.83 -37.92
C GLN CA 143 -61.99 79.41 -37.08
N GLY CA 144 -62.16 78.48 -36.14
CA GLY CA 144 -61.07 78.05 -35.29
C GLY CA 144 -60.05 77.18 -35.98
N LYS CA 145 -60.42 76.54 -37.10
CA LYS CA 145 -59.54 75.69 -37.88
C LYS CA 145 -59.15 74.43 -37.11
N ILE CA 146 -57.93 74.43 -36.55
CA ILE CA 146 -57.30 73.23 -36.01
C ILE CA 146 -57.19 72.23 -37.15
N ILE CA 147 -56.19 72.40 -38.00
CA ILE CA 147 -55.99 71.58 -39.18
C ILE CA 147 -54.94 70.51 -38.89
N LYS CA 148 -55.18 69.30 -39.40
CA LYS CA 148 -54.31 68.19 -39.09
C LYS CA 148 -52.91 68.40 -39.68
N THR CA 149 -51.89 68.01 -38.91
CA THR CA 149 -50.50 68.09 -39.33
C THR CA 149 -49.84 66.75 -39.09
N SER CA 150 -48.54 66.67 -39.42
CA SER CA 150 -47.79 65.44 -39.31
C SER CA 150 -46.65 65.60 -38.32
N PRO CA 151 -46.51 64.70 -37.34
CA PRO CA 151 -45.45 64.87 -36.33
C PRO CA 151 -44.04 64.89 -36.90
N LEU CA 152 -43.76 64.09 -37.94
CA LEU CA 152 -42.38 63.98 -38.41
C LEU CA 152 -41.93 65.23 -39.13
N ALA CA 153 -42.78 65.80 -39.98
CA ALA CA 153 -42.42 67.06 -40.63
C ALA CA 153 -42.27 68.18 -39.61
N HIS CA 154 -43.14 68.19 -38.59
CA HIS CA 154 -43.02 69.19 -37.54
C HIS CA 154 -41.69 69.07 -36.82
N ALA CA 155 -41.28 67.83 -36.51
CA ALA CA 155 -40.00 67.62 -35.84
C ALA CA 155 -38.84 68.06 -36.73
N LEU CA 156 -38.93 67.78 -38.04
CA LEU CA 156 -37.87 68.21 -38.94
C LEU CA 156 -37.81 69.72 -39.08
N ASN CA 157 -38.93 70.42 -38.84
CA ASN CA 157 -38.94 71.87 -38.94
C ASN CA 157 -38.01 72.51 -37.90
N VAL CA 158 -38.11 72.08 -36.64
CA VAL CA 158 -37.35 72.74 -35.57
C VAL CA 158 -35.86 72.44 -35.68
N ALA CA 159 -35.50 71.21 -36.01
CA ALA CA 159 -34.10 70.80 -36.01
C ALA CA 159 -33.32 71.46 -37.14
N THR DA 66 -86.23 73.01 4.70
CA THR DA 66 -86.49 71.74 5.39
C THR DA 66 -85.37 71.40 6.35
N ARG DA 67 -84.13 71.65 5.93
CA ARG DA 67 -82.98 71.34 6.76
C ARG DA 67 -82.97 72.23 8.00
N ALA DA 68 -82.47 71.67 9.11
CA ALA DA 68 -82.48 72.40 10.37
C ALA DA 68 -81.65 73.68 10.29
N ASP DA 69 -80.43 73.58 9.75
CA ASP DA 69 -79.55 74.72 9.61
C ASP DA 69 -79.70 75.42 8.28
N GLU DA 70 -80.89 75.91 7.98
CA GLU DA 70 -81.18 76.54 6.69
C GLU DA 70 -80.82 78.00 6.65
N ARG DA 71 -80.20 78.57 7.69
CA ARG DA 71 -79.87 79.99 7.68
C ARG DA 71 -78.41 80.22 7.33
N SER DA 72 -77.52 79.30 7.72
CA SER DA 72 -76.10 79.49 7.50
C SER DA 72 -75.77 79.50 6.01
N ASN DA 73 -76.34 78.56 5.25
CA ASN DA 73 -76.09 78.51 3.82
C ASN DA 73 -76.62 79.76 3.12
N GLU DA 74 -77.66 80.39 3.67
CA GLU DA 74 -78.17 81.63 3.10
C GLU DA 74 -77.17 82.77 3.24
N ILE DA 75 -76.50 82.87 4.38
CA ILE DA 75 -75.47 83.90 4.56
C ILE DA 75 -74.25 83.57 3.71
N ILE DA 76 -73.86 82.30 3.64
CA ILE DA 76 -72.71 81.91 2.83
C ILE DA 76 -73.01 82.10 1.35
N ARG DA 77 -74.28 81.99 0.96
CA ARG DA 77 -74.64 82.07 -0.45
C ARG DA 77 -74.28 83.43 -1.03
N LYS DA 78 -74.50 84.51 -0.28
CA LYS DA 78 -74.22 85.87 -0.77
C LYS DA 78 -72.81 86.27 -0.35
N LEU DA 79 -71.84 85.82 -1.13
CA LEU DA 79 -70.44 86.14 -0.88
C LEU DA 79 -69.69 86.25 -2.19
N THR DA 80 -68.75 87.19 -2.24
CA THR DA 80 -67.81 87.29 -3.35
C THR DA 80 -66.88 86.07 -3.34
N PRO DA 81 -66.67 85.45 -4.51
CA PRO DA 81 -65.83 84.24 -4.53
C PRO DA 81 -64.41 84.47 -4.03
N GLN DA 82 -63.88 85.67 -4.19
CA GLN DA 82 -62.58 85.98 -3.60
C GLN DA 82 -62.63 85.86 -2.08
N GLN DA 83 -63.66 86.46 -1.47
CA GLN DA 83 -63.81 86.36 -0.02
C GLN DA 83 -64.07 84.92 0.41
N ARG DA 84 -64.87 84.19 -0.35
CA ARG DA 84 -65.20 82.82 -0.02
C ARG DA 84 -64.01 81.88 -0.17
N ARG DA 85 -63.04 82.22 -1.02
CA ARG DA 85 -61.82 81.44 -1.17
C ARG DA 85 -60.78 81.78 -0.13
N GLU DA 86 -60.65 83.06 0.23
CA GLU DA 86 -59.70 83.42 1.26
C GLU DA 86 -60.07 82.78 2.60
N ALA DA 87 -61.37 82.75 2.91
CA ALA DA 87 -61.81 82.12 4.15
C ALA DA 87 -61.48 80.63 4.17
N ILE DA 88 -61.72 79.93 3.05
CA ILE DA 88 -61.40 78.51 2.96
C ILE DA 88 -59.90 78.29 3.14
N GLN DA 89 -59.08 79.14 2.53
CA GLN DA 89 -57.64 79.02 2.73
C GLN DA 89 -57.26 79.24 4.19
N ASN DA 90 -57.91 80.20 4.84
CA ASN DA 90 -57.58 80.50 6.24
C ASN DA 90 -58.02 79.37 7.17
N GLY DA 91 -59.25 78.89 7.00
CA GLY DA 91 -59.74 77.80 7.82
C GLY DA 91 -61.12 78.05 8.40
N THR DA 92 -61.69 79.23 8.12
CA THR DA 92 -63.00 79.56 8.68
C THR DA 92 -64.11 78.70 8.05
N LEU DA 93 -64.12 78.61 6.72
CA LEU DA 93 -65.11 77.84 5.99
C LEU DA 93 -64.49 76.50 5.61
N LEU DA 94 -65.16 75.40 5.96
CA LEU DA 94 -64.41 74.15 5.96
C LEU DA 94 -64.23 73.56 4.57
N TYR DA 95 -65.22 72.83 4.03
CA TYR DA 95 -65.34 72.71 2.59
C TYR DA 95 -66.76 72.39 2.15
N GLN DA 96 -67.54 71.76 3.03
CA GLN DA 96 -68.71 71.01 2.58
C GLN DA 96 -69.91 71.89 2.25
N ASP DA 97 -70.07 73.02 2.92
CA ASP DA 97 -71.25 73.85 2.74
C ASP DA 97 -71.12 74.82 1.57
N ASP DA 98 -70.01 74.77 0.84
CA ASP DA 98 -69.87 75.53 -0.40
C ASP DA 98 -70.96 75.10 -1.37
N PRO DA 99 -71.89 75.97 -1.71
CA PRO DA 99 -73.00 75.55 -2.58
C PRO DA 99 -72.57 75.08 -3.96
N TYR DA 100 -71.47 75.62 -4.49
CA TYR DA 100 -71.16 75.43 -5.90
C TYR DA 100 -70.16 74.31 -6.16
N ALA DA 101 -69.20 74.10 -5.25
CA ALA DA 101 -68.17 73.10 -5.46
C ALA DA 101 -68.75 71.71 -5.59
N MET DA 102 -69.83 71.44 -4.84
CA MET DA 102 -70.43 70.11 -4.84
C MET DA 102 -70.98 69.74 -6.21
N GLU DA 103 -71.59 70.70 -6.92
CA GLU DA 103 -72.13 70.39 -8.23
C GLU DA 103 -71.05 69.94 -9.20
N ALA DA 104 -69.92 70.65 -9.21
CA ALA DA 104 -68.80 70.23 -10.05
C ALA DA 104 -68.28 68.87 -9.61
N LEU DA 105 -68.17 68.66 -8.29
CA LEU DA 105 -67.69 67.37 -7.79
C LEU DA 105 -68.59 66.24 -8.26
N ARG DA 106 -69.89 66.49 -8.38
CA ARG DA 106 -70.80 65.47 -8.88
C ARG DA 106 -70.64 65.25 -10.38
N VAL DA 107 -70.56 66.33 -11.16
CA VAL DA 107 -70.64 66.18 -12.62
C VAL DA 107 -69.35 65.58 -13.18
N LYS DA 108 -68.19 65.94 -12.61
CA LYS DA 108 -66.93 65.52 -13.21
C LYS DA 108 -66.79 64.00 -13.19
N THR DA 109 -67.22 63.36 -12.09
CA THR DA 109 -67.08 61.92 -11.97
C THR DA 109 -67.90 61.19 -13.03
N GLY DA 110 -69.15 61.62 -13.24
CA GLY DA 110 -69.97 61.01 -14.27
C GLY DA 110 -69.38 61.20 -15.65
N ARG DA 111 -68.85 62.38 -15.93
CA ARG DA 111 -68.23 62.62 -17.23
C ARG DA 111 -67.07 61.64 -17.46
N ASN DA 112 -66.19 61.50 -16.46
CA ASN DA 112 -65.06 60.58 -16.60
C ASN DA 112 -65.54 59.14 -16.77
N ALA DA 113 -66.56 58.74 -16.01
CA ALA DA 113 -67.05 57.37 -16.07
C ALA DA 113 -67.57 57.04 -17.45
N ALA DA 114 -68.31 57.95 -18.07
CA ALA DA 114 -68.81 57.70 -19.42
C ALA DA 114 -67.67 57.62 -20.43
N PHE DA 115 -66.76 58.59 -20.37
CA PHE DA 115 -65.75 58.67 -21.43
C PHE DA 115 -64.78 57.50 -21.40
N ALA DA 116 -64.45 56.98 -20.21
CA ALA DA 116 -63.52 55.85 -20.15
C ALA DA 116 -64.04 54.63 -20.88
N VAL DA 117 -65.29 54.24 -20.59
CA VAL DA 117 -65.85 53.05 -21.23
C VAL DA 117 -66.05 53.29 -22.72
N ASP DA 118 -66.45 54.50 -23.11
CA ASP DA 118 -66.61 54.76 -24.54
C ASP DA 118 -65.29 54.62 -25.28
N ASP DA 119 -64.20 55.12 -24.70
CA ASP DA 119 -62.88 54.92 -25.31
C ASP DA 119 -62.53 53.44 -25.42
N GLU DA 120 -62.79 52.68 -24.36
CA GLU DA 120 -62.44 51.26 -24.38
C GLU DA 120 -63.18 50.53 -25.50
N ILE DA 121 -64.48 50.78 -25.61
CA ILE DA 121 -65.27 50.18 -26.69
C ILE DA 121 -64.73 50.60 -28.05
N ASN DA 122 -64.38 51.88 -28.20
CA ASN DA 122 -63.91 52.36 -29.50
C ASN DA 122 -62.65 51.64 -29.94
N VAL DA 123 -61.66 51.53 -29.04
CA VAL DA 123 -60.43 50.87 -29.45
C VAL DA 123 -60.67 49.38 -29.69
N LYS DA 124 -61.56 48.75 -28.91
CA LYS DA 124 -61.86 47.35 -29.16
C LYS DA 124 -62.47 47.15 -30.54
N ILE DA 125 -63.39 48.03 -30.94
CA ILE DA 125 -63.96 47.95 -32.29
C ILE DA 125 -62.88 48.12 -33.34
N GLN DA 126 -62.03 49.14 -33.17
CA GLN DA 126 -61.05 49.45 -34.20
C GLN DA 126 -60.04 48.32 -34.37
N ASN DA 127 -59.70 47.60 -33.30
CA ASN DA 127 -58.79 46.48 -33.49
C ASN DA 127 -59.52 45.29 -34.12
N GLY DA 128 -60.78 45.06 -33.75
CA GLY DA 128 -61.58 44.03 -34.35
C GLY DA 128 -61.73 42.79 -33.49
N GLU DA 129 -62.85 42.69 -32.78
CA GLU DA 129 -63.14 41.59 -31.87
C GLU DA 129 -64.51 41.01 -32.13
N PHE DA 130 -65.44 41.84 -32.62
CA PHE DA 130 -66.81 41.41 -32.84
C PHE DA 130 -67.04 41.11 -34.31
N ARG DA 131 -68.18 40.47 -34.59
CA ARG DA 131 -68.56 40.11 -35.94
C ARG DA 131 -69.94 40.60 -36.34
N THR DA 132 -70.71 41.16 -35.42
CA THR DA 132 -72.06 41.60 -35.72
C THR DA 132 -72.38 42.81 -34.85
N ARG DA 133 -73.29 43.65 -35.35
CA ARG DA 133 -73.64 44.88 -34.64
C ARG DA 133 -74.28 44.59 -33.28
N GLN DA 134 -75.14 43.57 -33.22
CA GLN DA 134 -75.87 43.29 -31.98
C GLN DA 134 -74.93 42.92 -30.84
N ASP DA 135 -73.85 42.19 -31.14
CA ASP DA 135 -72.89 41.84 -30.11
C ASP DA 135 -72.24 43.08 -29.51
N MET DA 136 -71.86 44.03 -30.36
CA MET DA 136 -71.29 45.27 -29.87
C MET DA 136 -72.31 46.04 -29.03
N GLU DA 137 -73.57 46.05 -29.46
CA GLU DA 137 -74.61 46.72 -28.69
C GLU DA 137 -74.69 46.16 -27.27
N GLU DA 138 -74.79 44.83 -27.16
CA GLU DA 138 -74.93 44.21 -25.85
C GLU DA 138 -73.69 44.42 -24.99
N TYR DA 139 -72.50 44.27 -25.58
CA TYR DA 139 -71.26 44.44 -24.83
C TYR DA 139 -71.17 45.86 -24.27
N ARG DA 140 -71.46 46.85 -25.10
CA ARG DA 140 -71.40 48.24 -24.66
C ARG DA 140 -72.41 48.49 -23.55
N HIS DA 141 -73.63 47.95 -23.68
CA HIS DA 141 -74.65 48.18 -22.66
C HIS DA 141 -74.21 47.61 -21.31
N GLN DA 142 -73.69 46.38 -21.32
CA GLN DA 142 -73.27 45.76 -20.07
C GLN DA 142 -72.10 46.50 -19.43
N ARG DA 143 -71.11 46.90 -20.23
CA ARG DA 143 -69.98 47.64 -19.67
C ARG DA 143 -70.43 48.96 -19.07
N LEU DA 144 -71.36 49.65 -19.74
CA LEU DA 144 -71.91 50.88 -19.18
C LEU DA 144 -72.57 50.64 -17.83
N GLN DA 145 -73.40 49.60 -17.75
CA GLN DA 145 -74.12 49.33 -16.52
C GLN DA 145 -73.18 49.01 -15.37
N ASP DA 146 -72.12 48.24 -15.64
CA ASP DA 146 -71.14 47.96 -14.58
C ASP DA 146 -70.40 49.22 -14.18
N ALA DA 147 -69.91 49.99 -15.15
CA ALA DA 147 -69.06 51.14 -14.85
C ALA DA 147 -69.80 52.19 -14.06
N ALA DA 148 -71.10 52.36 -14.31
CA ALA DA 148 -71.86 53.38 -13.58
C ALA DA 148 -71.78 53.15 -12.08
N LYS DA 149 -72.11 51.94 -11.63
CA LYS DA 149 -72.06 51.64 -10.21
C LYS DA 149 -70.62 51.61 -9.69
N SER DA 150 -69.70 51.07 -10.49
CA SER DA 150 -68.31 50.97 -10.04
C SER DA 150 -67.72 52.35 -9.76
N TYR DA 151 -68.14 53.36 -10.52
CA TYR DA 151 -67.65 54.71 -10.29
C TYR DA 151 -68.48 55.45 -9.25
N ALA DA 152 -69.77 55.17 -9.15
CA ALA DA 152 -70.60 55.85 -8.16
C ALA DA 152 -70.26 55.41 -6.75
N GLU DA 153 -69.78 54.17 -6.58
CA GLU DA 153 -69.50 53.66 -5.25
C GLU DA 153 -68.35 54.44 -4.58
N GLU DA 154 -67.34 54.82 -5.36
CA GLU DA 154 -66.12 55.37 -4.77
C GLU DA 154 -66.40 56.69 -4.05
N ALA DA 155 -67.13 57.60 -4.70
CA ALA DA 155 -67.34 58.93 -4.13
C ALA DA 155 -68.34 58.94 -2.99
N GLY DA 156 -69.01 57.83 -2.71
CA GLY DA 156 -70.08 57.83 -1.74
C GLY DA 156 -71.38 58.40 -2.25
N ILE DA 157 -71.49 58.64 -3.54
CA ILE DA 157 -72.69 59.23 -4.13
C ILE DA 157 -73.65 58.12 -4.52
N ASN DA 158 -74.93 58.32 -4.20
CA ASN DA 158 -75.94 57.36 -4.62
C ASN DA 158 -76.08 57.40 -6.14
N PRO DA 159 -76.04 56.25 -6.82
CA PRO DA 159 -76.13 56.27 -8.29
C PRO DA 159 -77.36 56.98 -8.83
N THR DA 160 -78.50 56.86 -8.16
CA THR DA 160 -79.69 57.59 -8.57
C THR DA 160 -79.60 59.01 -8.00
N ASP DA 161 -79.32 59.97 -8.87
CA ASP DA 161 -79.06 61.34 -8.45
C ASP DA 161 -79.49 62.29 -9.57
N PHE DA 168 -73.27 61.93 -17.17
CA PHE DA 168 -73.19 60.61 -17.74
C PHE DA 168 -73.86 60.52 -19.11
N ASN DA 169 -74.57 61.58 -19.52
CA ASN DA 169 -75.23 61.70 -20.81
C ASN DA 169 -74.95 63.06 -21.44
N ASP DA 170 -73.67 63.44 -21.48
CA ASP DA 170 -73.29 64.78 -21.89
C ASP DA 170 -73.16 64.94 -23.40
N ASN DA 171 -72.44 64.05 -24.06
CA ASN DA 171 -72.16 64.14 -25.50
C ASN DA 171 -72.45 62.82 -26.18
N ILE DA 172 -73.64 62.26 -25.92
CA ILE DA 172 -73.95 60.92 -26.36
C ILE DA 172 -73.93 60.83 -27.89
N THR DA 173 -74.41 61.88 -28.57
CA THR DA 173 -74.47 61.86 -30.03
C THR DA 173 -73.07 61.80 -30.64
N ASP DA 174 -72.16 62.62 -30.13
CA ASP DA 174 -70.82 62.73 -30.71
C ASP DA 174 -69.98 61.49 -30.43
N ARG DA 175 -70.43 60.60 -29.56
CA ARG DA 175 -69.77 59.31 -29.35
C ARG DA 175 -70.43 58.19 -30.13
N ASN DA 176 -71.77 58.23 -30.25
CA ASN DA 176 -72.46 57.27 -31.11
C ASN DA 176 -71.96 57.37 -32.55
N ILE DA 177 -71.80 58.61 -33.04
CA ILE DA 177 -71.37 58.79 -34.42
C ILE DA 177 -69.99 58.15 -34.64
N ALA DA 178 -69.07 58.40 -33.72
CA ALA DA 178 -67.73 57.86 -33.86
C ALA DA 178 -67.75 56.33 -33.84
N ILE DA 179 -68.52 55.75 -32.91
CA ILE DA 179 -68.56 54.30 -32.82
C ILE DA 179 -69.10 53.68 -34.11
N TYR DA 180 -70.20 54.24 -34.62
CA TYR DA 180 -70.81 53.65 -35.81
C TYR DA 180 -69.90 53.78 -37.03
N GLY DA 181 -69.23 54.92 -37.20
CA GLY DA 181 -68.27 55.02 -38.29
C GLY DA 181 -67.15 54.01 -38.18
N SER DA 182 -66.63 53.83 -36.95
CA SER DA 182 -65.54 52.89 -36.74
C SER DA 182 -65.97 51.47 -37.09
N PHE DA 183 -67.22 51.12 -36.81
CA PHE DA 183 -67.70 49.78 -37.16
C PHE DA 183 -67.86 49.62 -38.67
N ASN DA 184 -68.45 50.62 -39.33
CA ASN DA 184 -68.76 50.49 -40.75
C ASN DA 184 -67.48 50.34 -41.58
N LYS DA 185 -66.43 51.08 -41.23
CA LYS DA 185 -65.19 50.96 -42.00
C LYS DA 185 -64.64 49.53 -41.96
N TYR DA 186 -64.62 48.93 -40.77
CA TYR DA 186 -64.11 47.57 -40.62
C TYR DA 186 -64.93 46.57 -41.42
N PHE DA 187 -66.27 46.72 -41.38
CA PHE DA 187 -67.12 45.79 -42.14
C PHE DA 187 -66.81 45.87 -43.63
N SER DA 188 -66.65 47.09 -44.16
CA SER DA 188 -66.33 47.24 -45.58
C SER DA 188 -65.01 46.57 -45.93
N LYS DA 189 -63.98 46.75 -45.08
CA LYS DA 189 -62.69 46.13 -45.36
C LYS DA 189 -62.81 44.61 -45.42
N GLN DA 190 -63.57 44.02 -44.48
CA GLN DA 190 -63.74 42.57 -44.47
C GLN DA 190 -64.38 42.08 -45.76
N SER DA 191 -65.43 42.76 -46.22
CA SER DA 191 -66.11 42.32 -47.43
C SER DA 191 -65.18 42.34 -48.64
N GLU DA 192 -64.41 43.43 -48.80
CA GLU DA 192 -63.56 43.48 -50.00
C GLU DA 192 -62.49 42.40 -49.95
N GLU DA 193 -61.98 42.09 -48.75
CA GLU DA 193 -60.98 41.03 -48.67
C GLU DA 193 -61.56 39.68 -49.06
N THR DA 194 -62.81 39.40 -48.66
CA THR DA 194 -63.44 38.16 -49.08
C THR DA 194 -63.54 38.07 -50.60
N ALA DA 195 -63.90 39.19 -51.24
CA ALA DA 195 -63.95 39.19 -52.70
C ALA DA 195 -62.60 38.84 -53.30
N MET DA 196 -61.52 39.39 -52.74
CA MET DA 196 -60.18 39.06 -53.24
C MET DA 196 -59.88 37.58 -53.10
N LEU DA 197 -60.30 36.97 -51.99
CA LEU DA 197 -60.07 35.52 -51.85
C LEU DA 197 -60.77 34.74 -52.95
N ASN DA 198 -62.02 35.11 -53.26
CA ASN DA 198 -62.74 34.43 -54.33
C ASN DA 198 -61.97 34.53 -55.65
N THR DA 199 -61.49 35.73 -55.97
CA THR DA 199 -60.76 35.91 -57.22
C THR DA 199 -59.48 35.07 -57.24
N ARG DA 200 -58.79 34.99 -56.10
CA ARG DA 200 -57.57 34.19 -56.04
C ARG DA 200 -57.85 32.72 -56.32
N ILE DA 201 -58.91 32.18 -55.73
CA ILE DA 201 -59.25 30.79 -55.97
C ILE DA 201 -59.57 30.56 -57.44
N GLU DA 202 -60.34 31.46 -58.05
CA GLU DA 202 -60.69 31.28 -59.46
C GLU DA 202 -59.45 31.31 -60.35
N MET DA 203 -58.53 32.25 -60.08
CA MET DA 203 -57.31 32.31 -60.88
C MET DA 203 -56.50 31.03 -60.74
N ASN DA 204 -56.37 30.51 -59.52
CA ASN DA 204 -55.59 29.29 -59.33
C ASN DA 204 -56.23 28.12 -60.07
N SER DA 205 -57.57 28.02 -60.02
CA SER DA 205 -58.25 26.96 -60.75
C SER DA 205 -58.00 27.08 -62.25
N PHE DA 206 -58.04 28.30 -62.79
CA PHE DA 206 -57.80 28.47 -64.22
C PHE DA 206 -56.39 28.07 -64.60
N LEU DA 207 -55.41 28.41 -63.77
CA LEU DA 207 -54.01 28.33 -64.18
C LEU DA 207 -53.48 26.91 -64.26
N ASN DA 208 -54.19 25.91 -63.74
CA ASN DA 208 -53.65 24.56 -63.66
C ASN DA 208 -54.01 23.65 -64.83
N ASP DA 209 -54.95 24.06 -65.69
CA ASP DA 209 -55.27 23.26 -66.87
C ASP DA 209 -54.08 23.24 -67.83
N GLY DA 210 -53.76 22.06 -68.35
CA GLY DA 210 -52.56 21.90 -69.15
C GLY DA 210 -52.70 22.25 -70.62
N ASP DA 211 -53.64 21.60 -71.30
CA ASP DA 211 -53.73 21.76 -72.75
C ASP DA 211 -54.16 23.17 -73.14
N LEU DA 212 -54.96 23.82 -72.31
CA LEU DA 212 -55.36 25.20 -72.62
C LEU DA 212 -54.14 26.11 -72.66
N MET DA 213 -53.22 25.94 -71.71
CA MET DA 213 -51.96 26.69 -71.76
C MET DA 213 -51.11 26.27 -72.94
N ARG DA 214 -51.06 24.97 -73.23
CA ARG DA 214 -50.29 24.52 -74.38
C ARG DA 214 -50.96 24.90 -75.70
N SER DA 215 -52.27 25.14 -75.68
CA SER DA 215 -52.98 25.54 -76.88
C SER DA 215 -52.56 26.96 -77.30
N PRO DA 216 -52.62 27.27 -78.60
CA PRO DA 216 -52.16 28.58 -79.06
C PRO DA 216 -53.17 29.70 -78.80
N GLU DA 217 -54.17 29.46 -77.95
CA GLU DA 217 -55.14 30.48 -77.58
C GLU DA 217 -55.23 30.50 -76.05
N SER DA 218 -54.34 31.26 -75.42
CA SER DA 218 -54.27 31.34 -73.96
C SER DA 218 -54.42 32.75 -73.42
N GLY DA 219 -53.67 33.71 -73.96
CA GLY DA 219 -53.71 35.06 -73.41
C GLY DA 219 -55.05 35.74 -73.60
N LYS DA 220 -55.71 35.48 -74.73
CA LYS DA 220 -56.98 36.14 -75.01
C LYS DA 220 -58.02 35.80 -73.97
N THR DA 221 -58.05 34.54 -73.51
CA THR DA 221 -58.99 34.15 -72.47
C THR DA 221 -58.72 34.91 -71.18
N PHE DA 222 -57.45 35.05 -70.79
CA PHE DA 222 -57.12 35.78 -69.58
C PHE DA 222 -57.55 37.24 -69.68
N MET DA 223 -57.30 37.88 -70.83
CA MET DA 223 -57.69 39.27 -70.98
C MET DA 223 -59.20 39.43 -70.95
N ALA DA 224 -59.94 38.51 -71.58
CA ALA DA 224 -61.38 38.58 -71.55
C ALA DA 224 -61.92 38.42 -70.14
N TYR DA 225 -61.34 37.48 -69.38
CA TYR DA 225 -61.76 37.29 -68.00
C TYR DA 225 -61.50 38.54 -67.16
N LEU DA 226 -60.33 39.16 -67.36
CA LEU DA 226 -60.00 40.37 -66.61
C LEU DA 226 -60.97 41.51 -66.94
N ARG DA 227 -61.27 41.70 -68.22
CA ARG DA 227 -62.19 42.77 -68.61
C ARG DA 227 -63.58 42.54 -68.06
N ASP DA 228 -64.06 41.29 -68.13
CA ASP DA 228 -65.38 40.98 -67.58
C ASP DA 228 -65.42 41.22 -66.08
N GLY DA 229 -64.34 40.83 -65.37
CA GLY DA 229 -64.31 41.07 -63.94
C GLY DA 229 -64.33 42.55 -63.59
N LEU DA 230 -63.55 43.35 -64.32
CA LEU DA 230 -63.51 44.78 -64.03
C LEU DA 230 -64.86 45.45 -64.30
N THR DA 231 -65.53 45.08 -65.40
CA THR DA 231 -66.72 45.81 -65.82
C THR DA 231 -68.00 45.39 -65.08
N THR DA 232 -67.89 44.76 -63.92
CA THR DA 232 -69.07 44.37 -63.13
C THR DA 232 -68.83 44.63 -61.65
N ALA DA 233 -68.25 45.79 -61.33
CA ALA DA 233 -67.74 46.07 -59.99
C ALA DA 233 -66.74 44.99 -59.60
N ALA DA 234 -67.18 44.00 -58.82
CA ALA DA 234 -66.35 42.84 -58.50
C ALA DA 234 -64.99 43.27 -57.96
N ILE DA 235 -63.98 43.29 -58.83
CA ILE DA 235 -62.67 43.80 -58.48
C ILE DA 235 -62.82 45.28 -58.14
N PRO DA 236 -62.58 45.68 -56.89
CA PRO DA 236 -62.96 47.03 -56.45
C PRO DA 236 -62.31 48.17 -57.20
N SER DA 237 -60.99 48.23 -57.19
CA SER DA 237 -60.25 49.35 -57.78
C SER DA 237 -59.30 48.83 -58.85
N ASP DA 238 -58.47 49.73 -59.35
CA ASP DA 238 -57.47 49.36 -60.34
C ASP DA 238 -56.14 48.97 -59.71
N GLN DA 239 -55.89 49.35 -58.45
CA GLN DA 239 -54.69 48.89 -57.77
C GLN DA 239 -54.70 47.37 -57.63
N ARG DA 240 -55.86 46.80 -57.31
CA ARG DA 240 -55.98 45.35 -57.22
C ARG DA 240 -55.72 44.70 -58.57
N ALA DA 241 -56.20 45.32 -59.66
CA ALA DA 241 -55.93 44.78 -60.98
C ALA DA 241 -54.44 44.81 -61.30
N ARG DA 242 -53.76 45.90 -60.95
CA ARG DA 242 -52.31 45.95 -61.15
C ARG DA 242 -51.62 44.85 -60.35
N GLU DA 243 -52.05 44.64 -59.11
CA GLU DA 243 -51.43 43.63 -58.28
C GLU DA 243 -51.61 42.24 -58.86
N VAL DA 244 -52.82 41.91 -59.32
CA VAL DA 244 -53.06 40.56 -59.84
C VAL DA 244 -52.30 40.36 -61.15
N ILE DA 245 -52.23 41.39 -61.99
CA ILE DA 245 -51.46 41.28 -63.22
C ILE DA 245 -49.99 41.04 -62.91
N THR DA 246 -49.46 41.73 -61.91
CA THR DA 246 -48.06 41.53 -61.57
C THR DA 246 -47.81 40.15 -60.97
N GLN DA 247 -48.78 39.60 -60.24
CA GLN DA 247 -48.56 38.31 -59.59
C GLN DA 247 -48.67 37.14 -60.57
N THR DA 248 -49.57 37.23 -61.56
CA THR DA 248 -49.80 36.10 -62.45
C THR DA 248 -48.54 35.74 -63.24
N VAL DA 249 -47.73 36.75 -63.62
CA VAL DA 249 -46.48 36.47 -64.32
C VAL DA 249 -45.57 35.63 -63.45
N ARG DA 250 -45.47 35.96 -62.16
CA ARG DA 250 -44.63 35.17 -61.26
C ARG DA 250 -45.19 33.77 -61.06
N ASP DA 251 -46.51 33.62 -61.00
CA ASP DA 251 -47.09 32.29 -60.84
C ASP DA 251 -46.81 31.41 -62.05
N ALA DA 252 -46.93 31.95 -63.26
CA ALA DA 252 -46.81 31.12 -64.44
C ALA DA 252 -45.35 30.84 -64.78
N ILE DA 253 -44.59 30.35 -63.79
CA ILE DA 253 -43.21 29.96 -63.99
C ILE DA 253 -42.92 28.55 -63.54
N GLN DA 254 -43.66 28.00 -62.58
CA GLN DA 254 -43.46 26.63 -62.13
C GLN DA 254 -44.42 25.65 -62.80
N LYS DA 255 -45.23 26.12 -63.75
CA LYS DA 255 -46.19 25.26 -64.43
C LYS DA 255 -45.55 24.59 -65.64
N SER DA 256 -46.29 23.63 -66.20
CA SER DA 256 -45.80 22.85 -67.34
C SER DA 256 -45.56 23.74 -68.55
N GLY DA 257 -46.63 24.33 -69.09
CA GLY DA 257 -46.49 25.24 -70.20
C GLY DA 257 -46.72 26.69 -69.80
N GLY DA 258 -45.63 27.44 -69.68
CA GLY DA 258 -45.74 28.85 -69.32
C GLY DA 258 -45.05 29.75 -70.31
N SER DA 259 -44.01 29.24 -70.98
CA SER DA 259 -43.29 30.05 -71.94
C SER DA 259 -44.19 30.48 -73.10
N ASN DA 260 -45.04 29.58 -73.58
CA ASN DA 260 -45.99 29.93 -74.63
C ASN DA 260 -46.94 31.03 -74.16
N PHE DA 261 -47.47 30.88 -72.95
CA PHE DA 261 -48.42 31.86 -72.42
C PHE DA 261 -47.77 33.23 -72.32
N LEU DA 262 -46.55 33.28 -71.78
CA LEU DA 262 -45.85 34.55 -71.63
C LEU DA 262 -45.47 35.14 -72.98
N GLN DA 263 -45.22 34.30 -73.98
CA GLN DA 263 -44.88 34.83 -75.30
C GLN DA 263 -46.10 35.38 -76.02
N GLN DA 264 -47.29 34.84 -75.75
CA GLN DA 264 -48.48 35.39 -76.40
C GLN DA 264 -49.14 36.53 -75.63
N VAL DA 265 -48.88 36.67 -74.33
CA VAL DA 265 -49.56 37.70 -73.56
C VAL DA 265 -48.82 39.02 -73.58
N ARG DA 266 -47.71 39.10 -74.33
CA ARG DA 266 -46.84 40.28 -74.27
C ARG DA 266 -47.55 41.53 -74.76
N GLY DA 267 -48.29 41.43 -75.86
CA GLY DA 267 -48.81 42.62 -76.51
C GLY DA 267 -50.29 42.89 -76.32
N GLU DA 268 -50.80 42.63 -75.12
CA GLU DA 268 -52.19 42.90 -74.80
C GLU DA 268 -52.31 44.29 -74.19
N ARG DA 269 -53.17 45.12 -74.78
CA ARG DA 269 -53.29 46.52 -74.41
C ARG DA 269 -54.50 46.73 -73.51
N ILE DA 270 -54.30 47.48 -72.42
CA ILE DA 270 -55.36 47.76 -71.46
C ILE DA 270 -55.14 49.16 -70.90
N THR DA 271 -56.24 49.83 -70.59
CA THR DA 271 -56.22 51.18 -70.03
C THR DA 271 -56.45 51.11 -68.53
N LEU DA 272 -55.58 51.74 -67.76
CA LEU DA 272 -55.69 51.77 -66.30
C LEU DA 272 -55.33 53.15 -65.80
N ASN DA 273 -56.28 53.79 -65.11
CA ASN DA 273 -56.07 55.12 -64.53
C ASN DA 273 -55.63 56.13 -65.56
N GLY DA 274 -56.24 56.09 -66.75
CA GLY DA 274 -55.99 57.04 -67.80
C GLY DA 274 -54.92 56.68 -68.81
N VAL DA 275 -53.83 56.06 -68.36
CA VAL DA 275 -52.73 55.72 -69.24
C VAL DA 275 -53.05 54.44 -70.01
N ASP DA 276 -52.58 54.36 -71.25
CA ASP DA 276 -52.75 53.18 -72.10
C ASP DA 276 -51.39 52.54 -72.29
N ALA DA 277 -51.29 51.25 -71.93
CA ALA DA 277 -50.03 50.53 -72.08
C ALA DA 277 -50.32 49.05 -72.18
N THR DA 278 -49.34 48.33 -72.71
CA THR DA 278 -49.43 46.88 -72.81
C THR DA 278 -49.06 46.26 -71.47
N VAL DA 279 -48.94 44.93 -71.43
CA VAL DA 279 -48.62 44.26 -70.17
C VAL DA 279 -47.19 44.57 -69.75
N GLU DA 280 -46.25 44.62 -70.70
CA GLU DA 280 -44.84 44.69 -70.33
C GLU DA 280 -44.46 46.02 -69.68
N GLU DA 281 -45.11 47.13 -70.04
CA GLU DA 281 -44.76 48.40 -69.41
C GLU DA 281 -45.13 48.40 -67.93
N ILE DA 282 -46.17 47.65 -67.56
CA ILE DA 282 -46.52 47.49 -66.15
C ILE DA 282 -45.41 46.75 -65.40
N VAL DA 283 -44.59 45.98 -66.10
CA VAL DA 283 -43.52 45.21 -65.49
C VAL DA 283 -42.15 45.81 -65.81
N GLY DA 284 -41.87 46.05 -67.09
CA GLY DA 284 -40.65 46.72 -67.50
C GLY DA 284 -39.59 45.79 -68.03
N ASN DA 289 -38.05 40.16 -69.15
CA ASN DA 289 -37.08 39.28 -69.79
C ASN DA 289 -36.59 38.19 -68.87
N ALA DA 290 -36.73 38.35 -67.55
CA ALA DA 290 -36.34 37.33 -66.59
C ALA DA 290 -37.48 36.41 -66.22
N ALA DA 291 -38.43 36.19 -67.13
CA ALA DA 291 -39.56 35.31 -66.89
C ALA DA 291 -39.73 34.26 -67.97
N ILE DA 292 -38.77 34.13 -68.89
CA ILE DA 292 -38.82 33.15 -69.96
C ILE DA 292 -37.75 32.08 -69.78
N VAL DA 293 -36.55 32.50 -69.37
CA VAL DA 293 -35.46 31.56 -69.14
C VAL DA 293 -35.84 30.55 -68.07
N GLU DA 294 -36.72 30.95 -67.15
CA GLU DA 294 -37.16 30.03 -66.11
C GLU DA 294 -37.99 28.90 -66.68
N ALA DA 295 -38.94 29.22 -67.56
CA ALA DA 295 -39.72 28.17 -68.22
C ALA DA 295 -38.84 27.25 -69.05
N GLN DA 296 -37.88 27.85 -69.76
CA GLN DA 296 -36.94 27.02 -70.51
C GLN DA 296 -36.17 26.09 -69.56
N GLY DA 297 -35.81 26.57 -68.38
CA GLY DA 297 -35.16 25.72 -67.41
C GLY DA 297 -36.04 24.57 -66.95
N THR DA 298 -37.33 24.84 -66.78
CA THR DA 298 -38.26 23.76 -66.42
C THR DA 298 -38.25 22.66 -67.49
N GLU DA 299 -38.30 23.06 -68.76
CA GLU DA 299 -38.26 22.07 -69.82
C GLU DA 299 -36.96 21.27 -69.79
N TYR DA 300 -35.84 21.96 -69.55
CA TYR DA 300 -34.55 21.25 -69.49
C TYR DA 300 -34.53 20.24 -68.35
N LYS DA 301 -35.12 20.60 -67.20
CA LYS DA 301 -35.19 19.67 -66.09
C LYS DA 301 -35.96 18.41 -66.48
N LEU DA 302 -37.08 18.59 -67.17
CA LEU DA 302 -37.85 17.42 -67.61
C LEU DA 302 -37.01 16.51 -68.51
N VAL DA 303 -36.30 17.10 -69.46
CA VAL DA 303 -35.50 16.29 -70.38
C VAL DA 303 -34.42 15.52 -69.62
N ALA DA 304 -33.74 16.19 -68.69
CA ALA DA 304 -32.69 15.51 -67.93
C ALA DA 304 -33.25 14.35 -67.12
N LYS DA 305 -34.42 14.54 -66.52
CA LYS DA 305 -35.04 13.45 -65.77
C LYS DA 305 -35.31 12.25 -66.67
N TYR DA 306 -35.82 12.50 -67.88
CA TYR DA 306 -36.09 11.40 -68.80
C TYR DA 306 -34.81 10.63 -69.13
N GLN DA 307 -33.73 11.36 -69.42
CA GLN DA 307 -32.47 10.68 -69.75
C GLN DA 307 -31.98 9.81 -68.60
N GLU DA 308 -32.03 10.35 -67.38
CA GLU DA 308 -31.54 9.58 -66.24
C GLU DA 308 -32.36 8.31 -66.02
N ASP DA 309 -33.68 8.41 -66.14
CA ASP DA 309 -34.51 7.23 -65.96
C ASP DA 309 -34.20 6.17 -67.02
N LEU DA 310 -34.02 6.59 -68.27
CA LEU DA 310 -33.70 5.64 -69.32
C LEU DA 310 -32.40 4.91 -69.03
N ALA DA 311 -31.37 5.66 -68.61
CA ALA DA 311 -30.09 5.03 -68.31
C ALA DA 311 -30.21 4.02 -67.16
N LEU DA 312 -30.96 4.38 -66.12
CA LEU DA 312 -31.15 3.47 -65.00
C LEU DA 312 -31.79 2.17 -65.45
N GLY DA 313 -32.87 2.26 -66.24
CA GLY DA 313 -33.54 1.06 -66.69
C GLY DA 313 -32.65 0.18 -67.55
N VAL DA 314 -31.90 0.79 -68.48
CA VAL DA 314 -31.02 0.01 -69.34
C VAL DA 314 -29.96 -0.71 -68.52
N GLN DA 315 -29.36 -0.02 -67.54
CA GLN DA 315 -28.33 -0.66 -66.74
C GLN DA 315 -28.90 -1.79 -65.90
N SER DA 316 -30.10 -1.60 -65.35
CA SER DA 316 -30.67 -2.62 -64.47
C SER DA 316 -31.08 -3.87 -65.24
N ALA DA 317 -31.56 -3.72 -66.47
CA ALA DA 317 -32.08 -4.86 -67.21
C ALA DA 317 -30.99 -5.70 -67.87
N ILE DA 318 -29.74 -5.57 -67.45
CA ILE DA 318 -28.65 -6.36 -68.01
C ILE DA 318 -27.96 -7.23 -66.98
N LEU DA 319 -28.22 -7.03 -65.68
CA LEU DA 319 -27.66 -7.86 -64.63
C LEU DA 319 -28.63 -8.93 -64.15
N GLN DA 320 -29.75 -9.12 -64.84
CA GLN DA 320 -30.72 -10.13 -64.43
C GLN DA 320 -30.11 -11.52 -64.54
N ASP DA 321 -30.55 -12.40 -63.65
CA ASP DA 321 -30.00 -13.75 -63.62
C ASP DA 321 -30.50 -14.60 -64.79
N ASP DA 322 -31.76 -14.42 -65.18
CA ASP DA 322 -32.34 -15.18 -66.28
C ASP DA 322 -32.30 -14.34 -67.54
N PRO DA 323 -31.49 -14.68 -68.53
CA PRO DA 323 -31.41 -13.83 -69.74
C PRO DA 323 -32.70 -13.74 -70.52
N THR DA 324 -33.63 -14.66 -70.33
CA THR DA 324 -34.90 -14.61 -71.04
C THR DA 324 -35.81 -13.49 -70.56
N ILE DA 325 -35.57 -12.94 -69.37
CA ILE DA 325 -36.40 -11.85 -68.87
C ILE DA 325 -35.91 -10.49 -69.36
N GLY DA 326 -34.59 -10.27 -69.37
CA GLY DA 326 -34.08 -8.96 -69.75
C GLY DA 326 -34.38 -8.59 -71.18
N LEU DA 327 -34.53 -9.59 -72.06
CA LEU DA 327 -34.82 -9.31 -73.46
C LEU DA 327 -36.14 -8.58 -73.61
N ALA DA 328 -37.16 -9.00 -72.86
CA ALA DA 328 -38.47 -8.34 -72.96
C ALA DA 328 -38.39 -6.89 -72.52
N GLN DA 329 -37.68 -6.62 -71.43
CA GLN DA 329 -37.58 -5.24 -70.94
C GLN DA 329 -36.83 -4.36 -71.93
N ILE DA 330 -35.73 -4.86 -72.50
CA ILE DA 330 -35.01 -4.08 -73.49
C ILE DA 330 -35.89 -3.81 -74.71
N GLN DA 331 -36.66 -4.81 -75.14
CA GLN DA 331 -37.53 -4.60 -76.29
C GLN DA 331 -38.59 -3.54 -76.01
N LYS DA 332 -39.17 -3.57 -74.81
CA LYS DA 332 -40.16 -2.56 -74.46
C LYS DA 332 -39.56 -1.16 -74.46
N LEU DA 333 -38.36 -1.02 -73.88
CA LEU DA 333 -37.72 0.30 -73.87
C LEU DA 333 -37.41 0.77 -75.28
N LYS DA 334 -36.96 -0.14 -76.15
CA LYS DA 334 -36.69 0.23 -77.53
C LYS DA 334 -37.94 0.73 -78.23
N GLU DA 335 -39.07 0.03 -78.05
CA GLU DA 335 -40.32 0.47 -78.66
C GLU DA 335 -40.73 1.84 -78.14
N GLN DA 336 -40.63 2.05 -76.84
CA GLN DA 336 -41.01 3.34 -76.28
C GLN DA 336 -40.15 4.46 -76.86
N ASN DA 337 -38.84 4.24 -76.92
CA ASN DA 337 -37.95 5.29 -77.43
C ASN DA 337 -38.23 5.58 -78.89
N ASN DA 338 -38.49 4.54 -79.70
CA ASN DA 338 -38.81 4.78 -81.10
C ASN DA 338 -40.15 5.49 -81.27
N LEU DA 339 -41.07 5.34 -80.33
CA LEU DA 339 -42.36 6.00 -80.47
C LEU DA 339 -42.25 7.52 -80.34
N LEU DA 340 -41.39 7.98 -79.42
CA LEU DA 340 -41.34 9.41 -79.11
C LEU DA 340 -40.76 10.25 -80.24
N GLN DA 341 -40.00 9.65 -81.15
CA GLN DA 341 -39.33 10.35 -82.23
C GLN DA 341 -38.50 11.50 -81.66
N PRO DA 342 -37.38 11.20 -81.02
CA PRO DA 342 -36.60 12.25 -80.34
C PRO DA 342 -35.73 13.02 -81.31
N GLY DA 343 -35.28 14.19 -80.86
CA GLY DA 343 -34.41 15.03 -81.64
C GLY DA 343 -32.96 14.59 -81.55
N GLU DA 344 -32.09 15.39 -82.17
CA GLU DA 344 -30.66 15.09 -82.22
C GLU DA 344 -29.96 15.62 -80.97
N GLU DA 345 -30.52 15.23 -79.81
CA GLU DA 345 -29.94 15.55 -78.52
C GLU DA 345 -29.87 14.33 -77.62
N LEU DA 346 -30.57 13.24 -77.95
CA LEU DA 346 -30.55 12.00 -77.21
C LEU DA 346 -30.05 10.85 -78.07
N THR DA 347 -29.06 11.12 -78.93
CA THR DA 347 -28.46 10.09 -79.76
C THR DA 347 -27.51 9.16 -78.99
N PRO DA 348 -26.76 9.64 -77.97
CA PRO DA 348 -25.93 8.69 -77.21
C PRO DA 348 -26.73 7.64 -76.45
N GLN DA 349 -28.04 7.67 -76.58
CA GLN DA 349 -28.89 6.62 -75.99
C GLN DA 349 -29.14 5.49 -76.96
N ARG DA 350 -29.35 5.81 -78.24
CA ARG DA 350 -29.67 4.80 -79.24
C ARG DA 350 -28.55 3.77 -79.37
N GLN DA 351 -27.31 4.24 -79.40
CA GLN DA 351 -26.18 3.33 -79.54
C GLN DA 351 -26.09 2.37 -78.37
N MET DA 352 -26.25 2.88 -77.14
CA MET DA 352 -26.14 2.00 -75.99
C MET DA 352 -27.30 1.00 -75.96
N LEU DA 353 -28.49 1.43 -76.39
CA LEU DA 353 -29.61 0.50 -76.44
C LEU DA 353 -29.33 -0.63 -77.44
N ILE DA 354 -28.80 -0.29 -78.61
CA ILE DA 354 -28.49 -1.30 -79.61
C ILE DA 354 -27.43 -2.27 -79.10
N ASN DA 355 -26.38 -1.74 -78.47
CA ASN DA 355 -25.31 -2.61 -77.97
C ASN DA 355 -25.84 -3.55 -76.89
N ALA DA 356 -26.68 -3.02 -76.00
CA ALA DA 356 -27.27 -3.86 -74.96
C ALA DA 356 -28.08 -5.00 -75.57
N GLU DA 357 -28.87 -4.69 -76.59
CA GLU DA 357 -29.69 -5.75 -77.19
C GLU DA 357 -28.81 -6.83 -77.84
N ALA DA 358 -27.75 -6.42 -78.53
CA ALA DA 358 -26.85 -7.42 -79.12
C ALA DA 358 -26.23 -8.32 -78.05
N SER DA 359 -25.75 -7.72 -76.96
CA SER DA 359 -25.14 -8.53 -75.90
C SER DA 359 -26.15 -9.49 -75.29
N LEU DA 360 -27.39 -9.04 -75.08
CA LEU DA 360 -28.41 -9.94 -74.53
C LEU DA 360 -28.67 -11.11 -75.46
N LEU DA 361 -28.72 -10.85 -76.77
CA LEU DA 361 -28.93 -11.96 -77.71
C LEU DA 361 -27.79 -12.97 -77.62
N GLU DA 362 -26.55 -12.51 -77.53
CA GLU DA 362 -25.44 -13.44 -77.43
C GLU DA 362 -25.52 -14.28 -76.16
N ALA DA 363 -25.86 -13.65 -75.04
CA ALA DA 363 -25.96 -14.40 -73.78
C ALA DA 363 -27.05 -15.46 -73.85
N VAL DA 364 -28.21 -15.11 -74.41
CA VAL DA 364 -29.28 -16.09 -74.56
C VAL DA 364 -28.81 -17.24 -75.44
N LYS DA 365 -28.01 -16.95 -76.46
CA LYS DA 365 -27.48 -18.01 -77.31
C LYS DA 365 -26.59 -18.97 -76.53
N ARG DA 366 -25.70 -18.43 -75.68
CA ARG DA 366 -24.74 -19.30 -75.00
C ARG DA 366 -25.32 -20.11 -73.84
N LYS DA 367 -26.41 -19.62 -73.24
CA LYS DA 367 -26.97 -20.29 -72.06
C LYS DA 367 -27.31 -21.75 -72.33
N SER DA 368 -27.74 -22.09 -73.55
CA SER DA 368 -28.17 -23.45 -73.83
C SER DA 368 -27.03 -24.46 -73.68
N ALA DA 369 -25.90 -24.20 -74.32
CA ALA DA 369 -24.76 -25.10 -74.18
C ALA DA 369 -24.24 -25.12 -72.75
N GLU DA 370 -24.23 -23.95 -72.09
CA GLU DA 370 -23.77 -23.95 -70.70
C GLU DA 370 -24.62 -24.87 -69.83
N GLN DA 371 -25.94 -24.78 -69.97
CA GLN DA 371 -26.81 -25.64 -69.18
C GLN DA 371 -26.70 -27.10 -69.60
N ALA DA 372 -26.38 -27.37 -70.87
CA ALA DA 372 -26.18 -28.76 -71.27
C ALA DA 372 -25.01 -29.38 -70.50
N LYS DA 373 -23.89 -28.66 -70.42
CA LYS DA 373 -22.75 -29.22 -69.68
C LYS DA 373 -23.06 -29.38 -68.20
N GLU DA 374 -23.69 -28.34 -67.60
CA GLU DA 374 -24.07 -28.44 -66.20
C GLU DA 374 -25.03 -29.61 -65.95
N ASN DA 375 -25.87 -29.91 -66.94
CA ASN DA 375 -26.76 -31.05 -66.85
C ASN DA 375 -25.99 -32.36 -66.88
N THR DA 376 -24.95 -32.43 -67.72
CA THR DA 376 -24.21 -33.69 -67.86
C THR DA 376 -23.46 -34.05 -66.58
N LYS DA 377 -22.86 -33.07 -65.89
CA LYS DA 377 -21.96 -33.41 -64.77
C LYS DA 377 -22.64 -34.21 -63.65
N LEU DA 378 -23.97 -34.15 -63.55
CA LEU DA 378 -24.66 -34.66 -62.37
C LEU DA 378 -24.46 -36.17 -62.21
N ILE DA 379 -24.56 -36.93 -63.30
CA ILE DA 379 -24.40 -38.37 -63.17
C ILE DA 379 -22.96 -38.73 -62.85
N GLN DA 380 -22.00 -38.00 -63.43
CA GLN DA 380 -20.60 -38.34 -63.24
C GLN DA 380 -20.13 -38.11 -61.81
N THR DA 381 -20.79 -37.22 -61.07
CA THR DA 381 -20.30 -36.99 -59.69
C THR DA 381 -20.35 -38.27 -58.85
N GLN DA 382 -21.37 -39.12 -59.03
CA GLN DA 382 -21.49 -40.31 -58.20
C GLN DA 382 -20.43 -41.34 -58.52
N ASN DA 383 -20.17 -41.56 -59.81
CA ASN DA 383 -19.11 -42.46 -60.21
C ASN DA 383 -17.76 -41.94 -59.75
N LYS DA 384 -17.61 -40.62 -59.65
CA LYS DA 384 -16.38 -40.09 -59.07
C LYS DA 384 -16.29 -40.39 -57.58
N GLN DA 385 -17.42 -40.39 -56.88
CA GLN DA 385 -17.39 -40.64 -55.43
C GLN DA 385 -17.14 -42.11 -55.08
N LEU DA 386 -17.61 -43.04 -55.90
CA LEU DA 386 -17.49 -44.46 -55.53
C LEU DA 386 -16.03 -44.90 -55.42
N VAL DA 387 -15.18 -44.47 -56.35
CA VAL DA 387 -13.78 -44.90 -56.33
C VAL DA 387 -13.06 -44.33 -55.11
N ILE DA 388 -13.32 -43.06 -54.79
CA ILE DA 388 -12.73 -42.46 -53.60
C ILE DA 388 -13.16 -43.21 -52.36
N ASP DA 389 -14.42 -43.65 -52.31
CA ASP DA 389 -14.87 -44.44 -51.17
C ASP DA 389 -14.15 -45.79 -51.10
N GLN DA 390 -13.96 -46.44 -52.25
CA GLN DA 390 -13.30 -47.74 -52.25
C GLN DA 390 -11.86 -47.65 -51.78
N VAL DA 391 -11.18 -46.55 -52.11
CA VAL DA 391 -9.80 -46.39 -51.66
C VAL DA 391 -9.73 -46.40 -50.13
N TYR DA 392 -10.62 -45.66 -49.47
CA TYR DA 392 -10.60 -45.62 -48.01
C TYR DA 392 -11.08 -46.93 -47.41
N GLN DA 393 -12.05 -47.61 -48.04
CA GLN DA 393 -12.46 -48.91 -47.54
C GLN DA 393 -11.31 -49.90 -47.57
N ARG DA 394 -10.49 -49.84 -48.61
CA ARG DA 394 -9.30 -50.71 -48.65
C ARG DA 394 -8.27 -50.29 -47.61
N ARG DA 395 -8.02 -48.98 -47.48
CA ARG DA 395 -7.00 -48.52 -46.55
C ARG DA 395 -7.37 -48.78 -45.11
N LEU DA 396 -8.67 -48.85 -44.80
CA LEU DA 396 -9.11 -49.01 -43.42
C LEU DA 396 -8.70 -50.36 -42.83
N ALA DA 397 -8.37 -51.34 -43.67
CA ALA DA 397 -8.04 -52.68 -43.23
C ALA DA 397 -6.54 -52.93 -43.11
N GLY DA 398 -5.73 -51.88 -43.15
CA GLY DA 398 -4.30 -52.02 -42.95
C GLY DA 398 -3.53 -52.24 -44.23
N ASP DA 399 -3.69 -51.33 -45.20
CA ASP DA 399 -3.01 -51.45 -46.48
C ASP DA 399 -2.76 -50.04 -47.03
N ASN DA 400 -1.51 -49.77 -47.41
CA ASN DA 400 -1.16 -48.45 -47.93
C ASN DA 400 -1.67 -48.29 -49.36
N VAL DA 401 -2.30 -47.14 -49.63
CA VAL DA 401 -2.93 -46.93 -50.93
C VAL DA 401 -2.53 -45.58 -51.51
N SER DA 402 -1.93 -44.70 -50.70
CA SER DA 402 -1.37 -43.43 -51.19
C SER DA 402 -2.45 -42.56 -51.84
N THR DA 403 -3.29 -42.01 -50.98
CA THR DA 403 -4.54 -41.35 -51.35
C THR DA 403 -4.36 -39.99 -52.06
N ASN DA 404 -3.18 -39.61 -52.53
CA ASN DA 404 -3.06 -38.36 -53.27
C ASN DA 404 -3.79 -38.45 -54.60
N TYR DA 405 -4.51 -37.39 -54.95
CA TYR DA 405 -5.43 -37.41 -56.08
C TYR DA 405 -4.74 -37.42 -57.43
N GLU DA 406 -3.41 -37.31 -57.47
CA GLU DA 406 -2.71 -37.19 -58.74
C GLU DA 406 -2.85 -38.47 -59.57
N ASP DA 407 -2.80 -39.63 -58.93
CA ASP DA 407 -2.69 -40.93 -59.61
C ASP DA 407 -3.81 -41.88 -59.18
N LEU DA 408 -4.93 -41.84 -59.88
CA LEU DA 408 -6.09 -42.70 -59.65
C LEU DA 408 -6.56 -43.28 -60.97
N PRO DA 409 -7.27 -44.42 -60.94
CA PRO DA 409 -7.67 -45.06 -62.21
C PRO DA 409 -8.84 -44.34 -62.89
N VAL DA 410 -8.49 -43.30 -63.63
CA VAL DA 410 -9.50 -42.53 -64.35
C VAL DA 410 -10.08 -43.37 -65.49
N SER DA 411 -11.34 -43.10 -65.80
CA SER DA 411 -12.04 -43.81 -66.86
C SER DA 411 -12.94 -42.82 -67.58
N GLU DA 412 -13.74 -43.31 -68.53
CA GLU DA 412 -14.61 -42.44 -69.30
C GLU DA 412 -15.79 -41.94 -68.49
N ALA DA 413 -16.30 -42.75 -67.56
CA ALA DA 413 -17.48 -42.36 -66.79
C ALA DA 413 -17.17 -41.23 -65.82
N THR DA 414 -15.95 -41.19 -65.27
CA THR DA 414 -15.63 -40.20 -64.25
C THR DA 414 -15.29 -38.85 -64.87
N GLY DA 415 -14.20 -38.79 -65.62
CA GLY DA 415 -13.73 -37.53 -66.18
C GLY DA 415 -12.35 -37.13 -65.72
N GLU DA 416 -12.26 -36.04 -64.97
CA GLU DA 416 -10.99 -35.54 -64.48
C GLU DA 416 -11.10 -35.23 -62.98
N PHE DA 417 -9.94 -35.23 -62.32
CA PHE DA 417 -9.86 -35.08 -60.87
C PHE DA 417 -9.16 -33.77 -60.51
N LYS DA 418 -9.68 -33.08 -59.49
CA LYS DA 418 -9.12 -31.85 -58.95
C LYS DA 418 -8.99 -31.98 -57.44
N ARG DA 419 -8.41 -30.95 -56.81
CA ARG DA 419 -8.20 -31.02 -55.38
C ARG DA 419 -9.48 -30.88 -54.58
N SER DA 420 -10.51 -30.23 -55.13
CA SER DA 420 -11.74 -30.02 -54.40
C SER DA 420 -12.52 -31.31 -54.17
N ASP DA 421 -12.23 -32.36 -54.94
CA ASP DA 421 -13.01 -33.59 -54.82
C ASP DA 421 -12.80 -34.27 -53.47
N MET DA 422 -11.57 -34.25 -52.94
CA MET DA 422 -11.34 -34.78 -51.61
C MET DA 422 -12.18 -34.06 -50.57
N ASN DA 423 -12.21 -32.73 -50.64
CA ASN DA 423 -12.95 -31.93 -49.68
C ASN DA 423 -14.46 -32.06 -49.86
N ASN DA 424 -14.94 -32.43 -51.04
CA ASN DA 424 -16.35 -32.75 -51.17
C ASN DA 424 -16.66 -34.11 -50.57
N TYR DA 425 -15.79 -35.09 -50.83
CA TYR DA 425 -16.02 -36.44 -50.34
C TYR DA 425 -16.02 -36.49 -48.82
N ALA DA 426 -15.13 -35.74 -48.18
CA ALA DA 426 -15.09 -35.73 -46.73
C ALA DA 426 -16.45 -35.32 -46.14
N SER DA 427 -17.00 -34.21 -46.62
CA SER DA 427 -18.28 -33.73 -46.11
C SER DA 427 -19.41 -34.68 -46.46
N ALA DA 428 -19.40 -35.23 -47.69
CA ALA DA 428 -20.46 -36.15 -48.07
C ALA DA 428 -20.47 -37.39 -47.20
N LYS DA 429 -19.29 -37.97 -46.93
CA LYS DA 429 -19.22 -39.15 -46.07
C LYS DA 429 -19.65 -38.82 -44.65
N LEU DA 430 -19.21 -37.69 -44.12
CA LEU DA 430 -19.57 -37.35 -42.74
C LEU DA 430 -21.07 -37.15 -42.60
N GLN DA 431 -21.71 -36.52 -43.60
CA GLN DA 431 -23.15 -36.37 -43.54
C GLN DA 431 -23.89 -37.66 -43.84
N GLN DA 432 -23.26 -38.60 -44.55
CA GLN DA 432 -23.92 -39.88 -44.82
C GLN DA 432 -23.92 -40.77 -43.58
N ILE DA 433 -22.83 -40.76 -42.82
CA ILE DA 433 -22.73 -41.65 -41.66
C ILE DA 433 -23.84 -41.36 -40.66
N ASP DA 434 -24.26 -40.11 -40.53
CA ASP DA 434 -25.24 -39.70 -39.53
C ASP DA 434 -26.67 -39.86 -40.02
N GLN DA 435 -26.92 -40.76 -40.97
CA GLN DA 435 -28.27 -40.97 -41.48
C GLN DA 435 -28.65 -42.44 -41.58
N MET DA 436 -27.84 -43.34 -41.04
CA MET DA 436 -28.14 -44.77 -41.16
C MET DA 436 -29.20 -45.20 -40.15
N ASP DA 437 -29.33 -46.51 -39.96
CA ASP DA 437 -30.32 -47.08 -39.06
C ASP DA 437 -29.68 -47.87 -37.91
N ILE DA 438 -28.43 -47.57 -37.57
CA ILE DA 438 -27.69 -48.31 -36.56
C ILE DA 438 -27.81 -47.58 -35.22
N PRO DA 439 -27.50 -48.22 -34.08
CA PRO DA 439 -27.59 -47.53 -32.79
C PRO DA 439 -26.59 -46.40 -32.67
N GLU DA 440 -26.70 -45.68 -31.55
CA GLU DA 440 -26.04 -44.38 -31.40
C GLU DA 440 -24.53 -44.49 -31.28
N ALA DA 441 -24.03 -45.54 -30.61
CA ALA DA 441 -22.59 -45.62 -30.37
C ALA DA 441 -21.83 -46.00 -31.64
N ALA DA 442 -22.44 -46.77 -32.53
CA ALA DA 442 -21.73 -47.18 -33.75
C ALA DA 442 -21.41 -45.99 -34.64
N LYS DA 443 -22.35 -45.05 -34.76
CA LYS DA 443 -22.11 -43.86 -35.57
C LYS DA 443 -20.90 -43.10 -35.07
N ASP DA 444 -20.76 -42.99 -33.75
CA ASP DA 444 -19.65 -42.25 -33.17
C ASP DA 444 -18.35 -43.05 -33.23
N ALA DA 445 -18.42 -44.37 -33.23
CA ALA DA 445 -17.21 -45.17 -33.38
C ALA DA 445 -16.66 -45.08 -34.79
N GLN DA 446 -17.56 -45.03 -35.78
CA GLN DA 446 -17.11 -45.04 -37.18
C GLN DA 446 -16.30 -43.80 -37.52
N LYS DA 447 -16.72 -42.62 -37.04
CA LYS DA 447 -16.01 -41.40 -37.36
C LYS DA 447 -14.59 -41.42 -36.80
N VAL DA 448 -14.44 -41.87 -35.55
CA VAL DA 448 -13.11 -41.94 -34.95
C VAL DA 448 -12.26 -42.96 -35.70
N ALA DA 449 -12.85 -44.09 -36.08
CA ALA DA 449 -12.10 -45.07 -36.86
C ALA DA 449 -11.59 -44.48 -38.16
N LEU DA 450 -12.44 -43.71 -38.86
CA LEU DA 450 -12.02 -43.08 -40.10
C LEU DA 450 -10.91 -42.06 -39.88
N LEU DA 451 -11.03 -41.25 -38.83
CA LEU DA 451 -10.03 -40.23 -38.57
C LEU DA 451 -8.68 -40.85 -38.23
N ARG DA 452 -8.69 -41.96 -37.49
CA ARG DA 452 -7.44 -42.56 -37.03
C ARG DA 452 -6.63 -43.19 -38.15
N ALA DA 453 -7.18 -43.31 -39.35
CA ALA DA 453 -6.53 -44.03 -40.45
C ALA DA 453 -6.21 -43.16 -41.66
N ASP DA 454 -5.96 -41.86 -41.46
CA ASP DA 454 -5.57 -41.00 -42.57
C ASP DA 454 -4.07 -40.74 -42.55
N THR DA 455 -3.63 -39.89 -43.47
CA THR DA 455 -2.28 -39.38 -43.47
C THR DA 455 -2.24 -38.13 -42.61
N ASN DA 456 -1.16 -37.37 -42.69
CA ASN DA 456 -1.07 -36.09 -42.00
C ASN DA 456 -1.65 -34.95 -42.83
N ASN DA 457 -2.18 -35.24 -44.02
CA ASN DA 457 -2.83 -34.24 -44.84
C ASN DA 457 -4.11 -34.77 -45.46
N GLY DA 458 -4.79 -35.68 -44.77
CA GLY DA 458 -6.04 -36.22 -45.25
C GLY DA 458 -7.17 -35.23 -45.08
N PRO DA 459 -8.23 -35.40 -45.88
CA PRO DA 459 -9.34 -34.44 -45.84
C PRO DA 459 -10.20 -34.50 -44.59
N PHE DA 460 -9.90 -35.38 -43.62
CA PHE DA 460 -10.71 -35.46 -42.41
C PHE DA 460 -10.10 -34.68 -41.24
N ARG DA 461 -8.76 -34.64 -41.15
CA ARG DA 461 -8.12 -33.92 -40.07
C ARG DA 461 -8.45 -32.44 -40.12
N ASN DA 462 -8.51 -31.86 -41.33
CA ASN DA 462 -8.86 -30.45 -41.46
C ASN DA 462 -10.27 -30.19 -40.92
N ALA DA 463 -11.22 -31.05 -41.27
CA ALA DA 463 -12.59 -30.84 -40.82
C ALA DA 463 -12.67 -30.91 -39.30
N PHE DA 464 -11.99 -31.89 -38.70
CA PHE DA 464 -12.03 -31.98 -37.24
C PHE DA 464 -11.34 -30.78 -36.58
N GLN DA 465 -10.27 -30.26 -37.19
CA GLN DA 465 -9.61 -29.07 -36.66
C GLN DA 465 -10.56 -27.88 -36.63
N THR DA 466 -11.26 -27.66 -37.76
CA THR DA 466 -12.21 -26.56 -37.82
C THR DA 466 -13.30 -26.72 -36.76
N LEU DA 467 -13.81 -27.94 -36.59
CA LEU DA 467 -14.85 -28.18 -35.61
C LEU DA 467 -14.36 -27.85 -34.20
N THR DA 468 -13.13 -28.25 -33.88
CA THR DA 468 -12.61 -28.00 -32.55
C THR DA 468 -12.48 -26.50 -32.28
N GLN DA 469 -11.97 -25.75 -33.27
CA GLN DA 469 -11.84 -24.30 -33.07
C GLN DA 469 -13.20 -23.63 -32.87
N ASP DA 470 -14.21 -24.06 -33.64
CA ASP DA 470 -15.54 -23.51 -33.46
C ASP DA 470 -16.09 -23.81 -32.06
N ALA DA 471 -15.82 -25.02 -31.55
CA ALA DA 471 -16.28 -25.36 -30.20
C ALA DA 471 -15.64 -24.45 -29.16
N ALA DA 472 -14.34 -24.18 -29.31
CA ALA DA 472 -13.68 -23.28 -28.36
C ALA DA 472 -14.31 -21.88 -28.39
N GLY DA 473 -14.58 -21.37 -29.60
CA GLY DA 473 -15.24 -20.07 -29.69
C GLY DA 473 -16.60 -20.06 -29.01
N GLU DA 474 -17.37 -21.13 -29.18
CA GLU DA 474 -18.68 -21.21 -28.53
C GLU DA 474 -18.55 -21.17 -27.01
N TRP DA 475 -17.56 -21.89 -26.46
CA TRP DA 475 -17.38 -21.86 -25.01
C TRP DA 475 -17.04 -20.46 -24.52
N GLN DA 476 -16.17 -19.76 -25.23
CA GLN DA 476 -15.81 -18.40 -24.82
C GLN DA 476 -17.04 -17.48 -24.84
N ALA DA 477 -17.87 -17.61 -25.87
CA ALA DA 477 -19.11 -16.83 -25.91
C ALA DA 477 -19.99 -17.13 -24.71
N ALA DA 478 -20.10 -18.41 -24.35
CA ALA DA 478 -20.94 -18.78 -23.22
C ALA DA 478 -20.43 -18.15 -21.92
N VAL DA 479 -19.11 -18.12 -21.74
CA VAL DA 479 -18.56 -17.48 -20.54
C VAL DA 479 -18.88 -16.00 -20.54
N ILE DA 480 -18.70 -15.32 -21.68
CA ILE DA 480 -18.91 -13.87 -21.71
C ILE DA 480 -20.37 -13.53 -21.43
N ARG DA 481 -21.29 -14.22 -22.08
CA ARG DA 481 -22.71 -13.92 -21.87
C ARG DA 481 -23.15 -14.22 -20.44
N GLY DA 482 -22.68 -15.33 -19.89
CA GLY DA 482 -22.99 -15.68 -18.52
C GLY DA 482 -24.19 -16.58 -18.35
N GLN DA 483 -24.34 -17.57 -19.23
CA GLN DA 483 -25.47 -18.49 -19.19
C GLN DA 483 -25.18 -19.63 -20.15
N TYR DA 484 -25.86 -20.75 -19.93
CA TYR DA 484 -25.80 -21.91 -20.83
C TYR DA 484 -27.14 -22.05 -21.53
N ASP DA 485 -27.16 -21.80 -22.84
CA ASP DA 485 -28.36 -21.93 -23.64
C ASP DA 485 -28.20 -23.07 -24.64
N PRO DA 486 -28.99 -24.15 -24.54
CA PRO DA 486 -28.79 -25.27 -25.46
C PRO DA 486 -29.02 -24.94 -26.92
N ASP DA 487 -29.77 -23.88 -27.22
CA ASP DA 487 -30.06 -23.53 -28.62
C ASP DA 487 -28.82 -23.00 -29.32
N LYS DA 488 -28.05 -22.14 -28.66
CA LYS DA 488 -26.89 -21.55 -29.29
C LYS DA 488 -25.72 -22.53 -29.37
N MET DA 489 -25.59 -23.41 -28.37
CA MET DA 489 -24.47 -24.34 -28.29
C MET DA 489 -24.84 -25.63 -29.00
N GLN DA 490 -24.55 -25.70 -30.30
CA GLN DA 490 -24.82 -26.89 -31.09
C GLN DA 490 -23.57 -27.56 -31.63
N ARG DA 491 -22.52 -26.82 -31.92
CA ARG DA 491 -21.26 -27.43 -32.33
C ARG DA 491 -20.38 -27.77 -31.14
N PHE DA 492 -20.72 -27.29 -29.95
CA PHE DA 492 -20.05 -27.70 -28.72
C PHE DA 492 -20.52 -29.07 -28.25
N GLU DA 493 -21.77 -29.42 -28.52
CA GLU DA 493 -22.37 -30.65 -28.04
C GLU DA 493 -22.30 -31.79 -29.05
N SER DA 494 -21.65 -31.58 -30.19
CA SER DA 494 -21.44 -32.66 -31.15
C SER DA 494 -20.04 -33.27 -31.06
N LEU DA 495 -19.04 -32.46 -30.72
CA LEU DA 495 -17.70 -33.00 -30.48
C LEU DA 495 -17.65 -33.84 -29.21
N ARG DA 496 -18.51 -33.52 -28.24
CA ARG DA 496 -18.51 -34.25 -26.98
C ARG DA 496 -18.88 -35.71 -27.19
N ARG DA 497 -19.85 -35.98 -28.07
CA ARG DA 497 -20.29 -37.35 -28.32
C ARG DA 497 -19.22 -38.20 -28.99
N ALA DA 498 -18.27 -37.59 -29.68
CA ALA DA 498 -17.21 -38.32 -30.35
C ALA DA 498 -15.90 -38.30 -29.58
N TYR DA 499 -15.77 -37.43 -28.58
CA TYR DA 499 -14.57 -37.44 -27.73
C TYR DA 499 -14.58 -38.62 -26.78
N THR DA 500 -15.75 -39.13 -26.42
CA THR DA 500 -15.83 -40.19 -25.41
C THR DA 500 -15.23 -41.50 -25.91
N GLN DA 501 -15.49 -41.86 -27.16
CA GLN DA 501 -15.08 -43.17 -27.67
C GLN DA 501 -13.57 -43.33 -27.81
N ASP DA 502 -12.82 -42.25 -27.81
CA ASP DA 502 -11.37 -42.32 -27.90
C ASP DA 502 -10.73 -41.05 -27.37
N PRO DA 503 -10.45 -40.96 -26.08
CA PRO DA 503 -9.90 -39.72 -25.52
C PRO DA 503 -8.39 -39.60 -25.56
N SER DA 504 -7.66 -40.63 -25.96
CA SER DA 504 -6.20 -40.58 -25.93
C SER DA 504 -5.57 -40.04 -27.21
N SER DA 505 -6.33 -39.94 -28.30
CA SER DA 505 -5.76 -39.44 -29.54
C SER DA 505 -6.04 -37.97 -29.75
N PHE DA 506 -7.19 -37.50 -29.26
CA PHE DA 506 -7.51 -36.08 -29.32
C PHE DA 506 -6.49 -35.27 -28.54
N ALA DA 507 -6.04 -35.79 -27.40
CA ALA DA 507 -5.08 -35.08 -26.56
C ALA DA 507 -3.68 -35.05 -27.18
N ALA DA 508 -3.42 -35.85 -28.21
CA ALA DA 508 -2.13 -35.84 -28.87
C ALA DA 508 -2.13 -35.15 -30.22
N LEU DA 509 -3.26 -35.15 -30.93
CA LEU DA 509 -3.30 -34.52 -32.23
C LEU DA 509 -3.40 -33.00 -32.13
N TYR DA 510 -4.17 -32.48 -31.18
CA TYR DA 510 -4.42 -31.05 -31.04
C TYR DA 510 -4.09 -30.62 -29.62
N PRO DA 511 -2.80 -30.51 -29.29
CA PRO DA 511 -2.37 -30.20 -27.92
C PRO DA 511 -2.21 -28.72 -27.64
N ASP DA 512 -3.21 -27.92 -27.99
CA ASP DA 512 -3.17 -26.49 -27.74
C ASP DA 512 -4.44 -25.96 -27.10
N GLN DA 513 -5.46 -26.78 -26.94
CA GLN DA 513 -6.72 -26.38 -26.32
C GLN DA 513 -7.23 -27.50 -25.41
N ALA DA 514 -6.32 -28.03 -24.59
CA ALA DA 514 -6.62 -29.13 -23.70
C ALA DA 514 -7.54 -28.74 -22.55
N GLN DA 515 -7.80 -27.46 -22.34
CA GLN DA 515 -8.73 -27.06 -21.30
C GLN DA 515 -10.14 -27.52 -21.62
N LEU DA 516 -10.49 -27.59 -22.90
CA LEU DA 516 -11.79 -28.09 -23.30
C LEU DA 516 -11.97 -29.55 -22.90
N PHE DA 517 -10.92 -30.35 -23.04
CA PHE DA 517 -11.00 -31.75 -22.63
C PHE DA 517 -11.18 -31.88 -21.13
N SER DA 518 -10.52 -31.02 -20.36
CA SER DA 518 -10.76 -30.97 -18.92
C SER DA 518 -12.20 -30.62 -18.61
N THR DA 519 -12.79 -29.69 -19.37
CA THR DA 519 -14.21 -29.38 -19.18
C THR DA 519 -15.07 -30.60 -19.51
N PHE DA 520 -14.73 -31.32 -20.58
CA PHE DA 520 -15.55 -32.45 -21.01
C PHE DA 520 -15.52 -33.57 -19.98
N ASP DA 521 -14.35 -33.83 -19.37
CA ASP DA 521 -14.18 -35.03 -18.56
C ASP DA 521 -15.08 -35.01 -17.32
N GLN DA 522 -15.04 -33.91 -16.56
CA GLN DA 522 -15.79 -33.82 -15.32
C GLN DA 522 -17.28 -33.64 -15.56
N MET DA 523 -17.67 -33.20 -16.75
CA MET DA 523 -19.08 -33.06 -17.09
C MET DA 523 -19.75 -34.41 -17.31
N ASP DA 524 -18.98 -35.44 -17.60
CA ASP DA 524 -19.51 -36.77 -17.89
C ASP DA 524 -19.14 -37.83 -16.87
N LYS DA 525 -18.02 -37.70 -16.18
CA LYS DA 525 -17.62 -38.73 -15.23
C LYS DA 525 -18.18 -38.44 -13.83
N ILE DA 526 -17.83 -37.30 -13.25
CA ILE DA 526 -18.27 -36.98 -11.91
C ILE DA 526 -19.77 -36.70 -11.88
N GLY DA 527 -20.23 -35.82 -12.76
CA GLY DA 527 -21.65 -35.51 -12.83
C GLY DA 527 -22.02 -34.06 -12.55
N LEU DA 528 -21.09 -33.14 -12.76
CA LEU DA 528 -21.40 -31.72 -12.64
C LEU DA 528 -22.35 -31.28 -13.73
N ASP DA 529 -23.35 -30.49 -13.35
CA ASP DA 529 -24.19 -29.83 -14.33
C ASP DA 529 -23.40 -28.74 -15.02
N PRO DA 530 -23.65 -28.50 -16.31
CA PRO DA 530 -22.84 -27.53 -17.06
C PRO DA 530 -23.11 -26.08 -16.73
N GLN DA 531 -24.25 -25.75 -16.12
CA GLN DA 531 -24.50 -24.39 -15.68
C GLN DA 531 -23.51 -23.95 -14.63
N THR DA 532 -23.06 -24.86 -13.78
CA THR DA 532 -22.00 -24.56 -12.84
C THR DA 532 -20.69 -24.46 -13.62
N MET DA 533 -19.66 -23.93 -12.97
CA MET DA 533 -18.34 -23.61 -13.51
C MET DA 533 -18.39 -22.41 -14.44
N ILE DA 534 -19.59 -22.05 -14.91
CA ILE DA 534 -19.76 -20.76 -15.55
C ILE DA 534 -19.76 -19.67 -14.50
N GLU DA 535 -20.46 -19.91 -13.39
CA GLU DA 535 -20.37 -19.01 -12.25
C GLU DA 535 -18.94 -18.95 -11.71
N ALA DA 536 -18.25 -20.09 -11.67
CA ALA DA 536 -16.88 -20.11 -11.21
C ALA DA 536 -15.94 -19.29 -12.09
N ASP DA 537 -16.01 -19.45 -13.41
CA ASP DA 537 -15.21 -18.64 -14.32
C ASP DA 537 -15.57 -17.17 -14.24
N LYS DA 538 -16.86 -16.85 -14.15
CA LYS DA 538 -17.28 -15.45 -14.05
C LYS DA 538 -16.75 -14.81 -12.78
N GLN DA 539 -16.84 -15.52 -11.65
CA GLN DA 539 -16.38 -14.98 -10.38
C GLN DA 539 -14.87 -14.93 -10.27
N ALA DA 540 -14.17 -15.84 -10.92
CA ALA DA 540 -12.71 -15.86 -10.85
C ALA DA 540 -12.06 -14.85 -11.78
N ALA DA 541 -12.85 -14.08 -12.52
CA ALA DA 541 -12.30 -13.09 -13.43
C ALA DA 541 -11.67 -11.90 -12.70
N SER DA 542 -12.32 -11.42 -11.64
CA SER DA 542 -11.85 -10.25 -10.91
C SER DA 542 -10.48 -10.49 -10.30
N GLN DA 543 -10.40 -11.42 -9.35
CA GLN DA 543 -9.15 -11.71 -8.68
C GLN DA 543 -8.34 -12.74 -9.47
N SER DA 544 -7.03 -12.50 -9.55
CA SER DA 544 -6.12 -13.40 -10.24
C SER DA 544 -5.40 -14.27 -9.22
N ARG DA 545 -5.66 -15.58 -9.24
CA ARG DA 545 -5.03 -16.49 -8.31
C ARG DA 545 -3.56 -16.72 -8.63
N GLU DA 546 -3.08 -16.25 -9.77
CA GLU DA 546 -1.73 -16.56 -10.24
C GLU DA 546 -0.76 -15.50 -9.71
N MET DA 547 -0.08 -15.80 -8.62
CA MET DA 547 1.05 -15.02 -8.16
C MET DA 547 2.32 -15.83 -8.39
N ARG DA 548 3.24 -15.26 -9.18
CA ARG DA 548 4.42 -15.97 -9.65
C ARG DA 548 4.04 -17.36 -10.14
N MET DA 549 4.50 -18.39 -9.42
CA MET DA 549 4.09 -19.76 -9.67
C MET DA 549 4.35 -20.17 -11.11
N GLU DA 550 3.33 -20.06 -11.97
CA GLU DA 550 3.43 -20.50 -13.36
C GLU DA 550 4.64 -19.90 -14.05
N SER DA 551 5.58 -20.75 -14.42
CA SER DA 551 6.83 -20.35 -15.06
C SER DA 551 7.47 -21.62 -15.60
N ASP DA 552 8.72 -21.50 -16.04
CA ASP DA 552 9.48 -22.67 -16.48
C ASP DA 552 10.30 -23.29 -15.36
N LYS DA 553 10.30 -22.68 -14.17
CA LYS DA 553 11.01 -23.21 -13.02
C LYS DA 553 10.10 -23.97 -12.06
N ALA DA 554 8.89 -23.48 -11.83
CA ALA DA 554 7.97 -24.19 -10.94
C ALA DA 554 7.61 -25.56 -11.51
N TRP DA 555 7.42 -25.64 -12.83
CA TRP DA 555 7.10 -26.92 -13.44
C TRP DA 555 8.23 -27.92 -13.24
N GLN DA 556 9.47 -27.50 -13.47
CA GLN DA 556 10.59 -28.43 -13.42
C GLN DA 556 10.82 -28.97 -12.00
N GLU DA 557 10.76 -28.09 -10.99
CA GLU DA 557 10.96 -28.55 -9.62
C GLU DA 557 9.79 -29.37 -9.12
N LEU DA 558 8.59 -29.17 -9.68
CA LEU DA 558 7.45 -30.00 -9.32
C LEU DA 558 7.54 -31.38 -9.96
N LYS DA 559 8.14 -31.46 -11.14
CA LYS DA 559 8.24 -32.72 -11.87
C LYS DA 559 9.45 -33.56 -11.46
N ASN DA 560 10.27 -33.09 -10.52
CA ASN DA 560 11.43 -33.86 -10.09
C ASN DA 560 11.37 -34.18 -8.61
N ASP DA 561 10.20 -34.61 -8.13
CA ASP DA 561 10.03 -35.01 -6.75
C ASP DA 561 9.56 -36.45 -6.70
N SER DA 562 10.19 -37.26 -5.84
CA SER DA 562 9.79 -38.65 -5.71
C SER DA 562 8.41 -38.80 -5.09
N ARG DA 563 7.89 -37.75 -4.45
CA ARG DA 563 6.57 -37.83 -3.84
C ARG DA 563 5.48 -38.04 -4.90
N ASN DA 564 5.59 -37.34 -6.03
CA ASN DA 564 4.62 -37.44 -7.11
C ASN DA 564 5.00 -38.63 -7.97
N LYS DA 565 4.38 -39.78 -7.69
CA LYS DA 565 4.77 -41.01 -8.38
C LYS DA 565 4.33 -41.02 -9.84
N ASP DA 566 3.22 -40.36 -10.16
CA ASP DA 566 2.70 -40.39 -11.53
C ASP DA 566 3.30 -39.29 -12.41
N LEU DA 567 3.51 -38.09 -11.86
CA LEU DA 567 4.08 -37.01 -12.65
C LEU DA 567 5.57 -37.21 -12.92
N SER DA 568 6.25 -38.02 -12.12
CA SER DA 568 7.69 -38.22 -12.31
C SER DA 568 7.97 -38.86 -13.66
N ARG DA 569 7.19 -39.87 -14.02
CA ARG DA 569 7.30 -40.51 -15.34
C ARG DA 569 6.22 -39.97 -16.25
N LEU DA 570 6.60 -39.63 -17.47
CA LEU DA 570 5.67 -38.99 -18.38
C LEU DA 570 6.16 -39.15 -19.82
N PRO DA 571 5.34 -39.67 -20.72
CA PRO DA 571 5.74 -39.71 -22.13
C PRO DA 571 6.00 -38.31 -22.65
N THR DA 572 7.01 -38.17 -23.49
CA THR DA 572 7.35 -36.84 -23.99
C THR DA 572 6.27 -36.26 -24.89
N SER DA 573 5.29 -37.06 -25.28
CA SER DA 573 4.20 -36.62 -26.13
C SER DA 573 3.00 -36.10 -25.34
N LEU DA 574 3.09 -36.06 -24.01
CA LEU DA 574 1.96 -35.63 -23.19
C LEU DA 574 2.32 -34.47 -22.27
N ASP DA 575 3.49 -33.86 -22.43
CA ASP DA 575 3.83 -32.70 -21.62
C ASP DA 575 2.97 -31.49 -21.95
N ALA DA 576 2.59 -31.34 -23.22
CA ALA DA 576 1.91 -30.12 -23.64
C ALA DA 576 0.57 -29.94 -22.93
N SER DA 577 -0.21 -31.01 -22.80
CA SER DA 577 -1.55 -30.89 -22.24
C SER DA 577 -1.57 -30.96 -20.72
N ALA DA 578 -0.61 -31.66 -20.10
CA ALA DA 578 -0.60 -31.76 -18.65
C ALA DA 578 -0.43 -30.39 -18.00
N ARG DA 579 0.47 -29.56 -18.55
CA ARG DA 579 0.65 -28.21 -18.05
C ARG DA 579 -0.65 -27.42 -18.13
N LYS DA 580 -1.37 -27.55 -19.24
CA LYS DA 580 -2.59 -26.77 -19.41
C LYS DA 580 -3.69 -27.22 -18.47
N VAL DA 581 -3.79 -28.53 -18.23
CA VAL DA 581 -4.77 -29.01 -17.25
C VAL DA 581 -4.43 -28.50 -15.86
N TRP DA 582 -3.15 -28.56 -15.49
CA TRP DA 582 -2.74 -28.07 -14.18
C TRP DA 582 -3.06 -26.59 -14.02
N ASP DA 583 -2.75 -25.79 -15.04
CA ASP DA 583 -3.00 -24.36 -14.98
C ASP DA 583 -4.49 -24.07 -14.87
N SER DA 584 -5.31 -24.78 -15.64
CA SER DA 584 -6.75 -24.56 -15.58
C SER DA 584 -7.29 -24.86 -14.20
N TRP DA 585 -6.86 -25.95 -13.58
CA TRP DA 585 -7.38 -26.28 -12.26
C TRP DA 585 -6.91 -25.28 -11.21
N TYR DA 586 -5.64 -24.87 -11.26
CA TYR DA 586 -5.14 -23.88 -10.32
C TYR DA 586 -5.87 -22.55 -10.47
N TYR DA 587 -6.18 -22.14 -11.70
CA TYR DA 587 -6.95 -20.93 -11.91
C TYR DA 587 -8.37 -21.08 -11.37
N ARG DA 588 -9.00 -22.23 -11.62
CA ARG DA 588 -10.40 -22.41 -11.26
C ARG DA 588 -10.61 -22.52 -9.75
N THR DA 589 -9.60 -23.00 -9.02
CA THR DA 589 -9.72 -23.11 -7.56
C THR DA 589 -8.57 -22.34 -6.93
N GLY DA 590 -8.33 -22.57 -5.65
CA GLY DA 590 -7.26 -21.86 -4.97
C GLY DA 590 -6.13 -22.76 -4.49
N ASN DA 591 -6.42 -24.05 -4.31
CA ASN DA 591 -5.43 -24.97 -3.77
C ASN DA 591 -4.26 -25.14 -4.73
N ALA DA 592 -3.06 -25.19 -4.18
CA ALA DA 592 -1.88 -25.60 -4.94
C ALA DA 592 -1.58 -27.07 -4.76
N ASP DA 593 -2.39 -27.78 -3.98
CA ASP DA 593 -2.20 -29.21 -3.77
C ASP DA 593 -3.44 -30.03 -4.12
N ALA DA 594 -4.54 -29.39 -4.47
CA ALA DA 594 -5.65 -30.08 -5.13
C ALA DA 594 -5.56 -29.98 -6.64
N ALA DA 595 -4.58 -29.24 -7.16
CA ALA DA 595 -4.33 -29.20 -8.59
C ALA DA 595 -3.28 -30.20 -9.03
N THR DA 596 -2.48 -30.73 -8.10
CA THR DA 596 -1.51 -31.77 -8.39
C THR DA 596 -2.12 -33.16 -8.33
N GLN DA 597 -3.38 -33.28 -7.92
CA GLN DA 597 -4.04 -34.57 -7.79
C GLN DA 597 -4.99 -34.88 -8.94
N GLN DA 598 -5.76 -33.89 -9.39
CA GLN DA 598 -6.62 -34.11 -10.55
C GLN DA 598 -5.82 -34.37 -11.81
N THR DA 599 -4.66 -33.72 -11.94
CA THR DA 599 -3.77 -34.02 -13.05
C THR DA 599 -3.35 -35.48 -13.03
N GLN DA 600 -2.98 -35.99 -11.85
CA GLN DA 600 -2.58 -37.39 -11.74
C GLN DA 600 -3.74 -38.31 -12.07
N ARG DA 601 -4.95 -37.96 -11.66
CA ARG DA 601 -6.10 -38.79 -11.98
C ARG DA 601 -6.32 -38.88 -13.48
N TRP DA 602 -6.29 -37.73 -14.16
CA TRP DA 602 -6.47 -37.71 -15.61
C TRP DA 602 -5.39 -38.53 -16.30
N LEU DA 603 -4.13 -38.31 -15.90
CA LEU DA 603 -3.02 -39.02 -16.52
C LEU DA 603 -3.13 -40.52 -16.32
N ASN DA 604 -3.45 -40.95 -15.10
CA ASN DA 604 -3.56 -42.37 -14.80
C ASN DA 604 -4.80 -43.01 -15.40
N GLU DA 605 -5.80 -42.21 -15.77
CA GLU DA 605 -6.94 -42.74 -16.51
C GLU DA 605 -6.74 -42.74 -18.01
N ASN DA 606 -5.69 -42.11 -18.53
CA ASN DA 606 -5.45 -42.15 -19.96
C ASN DA 606 -4.33 -43.09 -20.39
N THR DA 607 -3.60 -43.72 -19.47
CA THR DA 607 -2.40 -44.46 -19.83
C THR DA 607 -2.39 -45.84 -19.16
N VAL DA 608 -1.32 -46.59 -19.40
CA VAL DA 608 -1.16 -47.97 -18.95
C VAL DA 608 0.23 -48.15 -18.38
N THR DA 609 0.34 -48.89 -17.27
CA THR DA 609 1.58 -49.07 -16.55
C THR DA 609 1.97 -50.55 -16.49
N PHE DA 610 3.26 -50.82 -16.58
CA PHE DA 610 3.82 -52.16 -16.49
C PHE DA 610 4.66 -52.29 -15.23
N GLN DA 611 4.77 -53.50 -14.71
CA GLN DA 611 5.48 -53.74 -13.46
C GLN DA 611 6.42 -54.94 -13.60
N SER DA 612 7.45 -54.95 -12.76
CA SER DA 612 8.43 -56.02 -12.75
C SER DA 612 7.94 -57.23 -11.95
N GLU DA 613 8.61 -58.36 -12.14
CA GLU DA 613 8.16 -59.64 -11.62
C GLU DA 613 8.65 -59.94 -10.21
N GLY DA 614 9.53 -59.12 -9.65
CA GLY DA 614 9.99 -59.34 -8.30
C GLY DA 614 8.92 -58.98 -7.28
N SER DA 615 9.26 -59.20 -6.01
CA SER DA 615 8.35 -58.82 -4.94
C SER DA 615 8.07 -57.33 -4.97
N ASP DA 616 9.13 -56.52 -5.09
CA ASP DA 616 8.97 -55.09 -5.22
C ASP DA 616 8.34 -54.72 -6.56
N GLY DA 617 7.47 -53.72 -6.54
CA GLY DA 617 6.67 -53.41 -7.71
C GLY DA 617 6.99 -52.09 -8.38
N LYS DA 618 8.27 -51.77 -8.52
CA LYS DA 618 8.65 -50.55 -9.22
C LYS DA 618 8.19 -50.61 -10.67
N SER DA 619 7.62 -49.51 -11.14
CA SER DA 619 7.15 -49.44 -12.52
C SER DA 619 8.33 -49.32 -13.47
N ILE DA 620 8.17 -49.88 -14.67
CA ILE DA 620 9.25 -49.88 -15.65
C ILE DA 620 8.78 -49.34 -16.99
N GLY DA 621 7.62 -48.71 -17.03
CA GLY DA 621 7.16 -48.17 -18.30
C GLY DA 621 5.84 -47.45 -18.17
N MET DA 622 5.46 -46.79 -19.26
CA MET DA 622 4.21 -46.05 -19.36
C MET DA 622 3.94 -45.73 -20.82
N VAL DA 623 2.77 -46.10 -21.34
CA VAL DA 623 2.40 -45.90 -22.72
C VAL DA 623 0.97 -45.35 -22.76
N SER DA 624 0.45 -45.15 -23.97
CA SER DA 624 -0.85 -44.53 -24.16
C SER DA 624 -1.82 -45.52 -24.80
N LYS DA 625 -3.11 -45.34 -24.51
CA LYS DA 625 -4.12 -46.29 -25.00
C LYS DA 625 -4.60 -45.96 -26.41
N HIS DA 626 -3.69 -45.67 -27.34
CA HIS DA 626 -4.03 -45.81 -28.75
C HIS DA 626 -2.87 -46.37 -29.53
N GLN DA 627 -1.69 -46.52 -28.92
CA GLN DA 627 -0.59 -47.24 -29.49
C GLN DA 627 -0.74 -48.74 -29.32
N LEU DA 628 -1.84 -49.18 -28.68
CA LEU DA 628 -2.05 -50.59 -28.40
C LEU DA 628 -3.33 -51.15 -29.02
N MET DA 629 -4.20 -50.33 -29.59
CA MET DA 629 -5.42 -50.85 -30.20
C MET DA 629 -5.09 -51.72 -31.41
N VAL DA 630 -5.94 -52.72 -31.64
CA VAL DA 630 -5.69 -53.72 -32.66
C VAL DA 630 -6.74 -53.64 -33.76
N GLY DA 631 -7.96 -53.24 -33.40
CA GLY DA 631 -9.05 -53.16 -34.35
C GLY DA 631 -9.79 -51.85 -34.20
N ASP DA 632 -11.08 -51.87 -34.55
CA ASP DA 632 -11.94 -50.71 -34.39
C ASP DA 632 -12.86 -50.80 -33.18
N ASN DA 633 -12.86 -51.92 -32.47
CA ASN DA 633 -13.58 -52.00 -31.22
C ASN DA 633 -12.95 -51.05 -30.21
N PRO DA 634 -13.74 -50.23 -29.51
CA PRO DA 634 -13.15 -49.27 -28.56
C PRO DA 634 -12.65 -49.94 -27.29
N GLU DA 635 -12.63 -51.27 -27.28
CA GLU DA 635 -12.19 -52.04 -26.12
C GLU DA 635 -11.13 -53.05 -26.52
N SER DA 636 -10.32 -52.72 -27.52
CA SER DA 636 -9.33 -53.63 -28.07
C SER DA 636 -7.93 -53.41 -27.53
N TRP DA 637 -7.77 -52.52 -26.56
CA TRP DA 637 -6.44 -52.23 -26.03
C TRP DA 637 -5.96 -53.25 -25.00
N GLN DA 638 -6.80 -54.22 -24.65
CA GLN DA 638 -6.46 -55.21 -23.65
C GLN DA 638 -5.76 -56.42 -24.23
N VAL DA 639 -5.46 -56.42 -25.53
CA VAL DA 639 -4.75 -57.51 -26.17
C VAL DA 639 -3.27 -57.19 -26.34
N GLY DA 640 -2.96 -55.95 -26.72
CA GLY DA 640 -1.56 -55.56 -26.85
C GLY DA 640 -0.82 -55.67 -25.54
N ARG DA 641 -1.49 -55.39 -24.42
CA ARG DA 641 -0.85 -55.53 -23.12
C ARG DA 641 -0.43 -56.97 -22.86
N ASP DA 642 -1.31 -57.93 -23.16
CA ASP DA 642 -0.97 -59.33 -22.97
C ASP DA 642 0.15 -59.76 -23.90
N ILE DA 643 0.12 -59.30 -25.15
CA ILE DA 643 1.19 -59.65 -26.09
C ILE DA 643 2.53 -59.12 -25.59
N ILE DA 644 2.56 -57.89 -25.10
CA ILE DA 644 3.81 -57.31 -24.62
C ILE DA 644 4.32 -58.06 -23.39
N ASP DA 645 3.42 -58.41 -22.47
CA ASP DA 645 3.83 -59.15 -21.28
C ASP DA 645 4.44 -60.49 -21.65
N THR DA 646 3.78 -61.23 -22.56
CA THR DA 646 4.32 -62.51 -23.00
C THR DA 646 5.66 -62.34 -23.69
N ALA DA 647 5.80 -61.30 -24.51
CA ALA DA 647 7.07 -61.08 -25.20
C ALA DA 647 8.19 -60.82 -24.22
N ARG DA 648 7.94 -59.98 -23.21
CA ARG DA 648 8.99 -59.69 -22.23
C ARG DA 648 9.39 -60.94 -21.47
N LYS DA 649 8.39 -61.72 -21.03
CA LYS DA 649 8.72 -62.92 -20.25
C LYS DA 649 9.45 -63.96 -21.08
N GLN DA 650 9.10 -64.12 -22.35
CA GLN DA 650 9.82 -65.06 -23.19
C GLN DA 650 11.17 -64.55 -23.65
N LEU DA 651 11.40 -63.23 -23.59
CA LEU DA 651 12.69 -62.69 -24.00
C LEU DA 651 13.70 -62.69 -22.86
N ILE DA 652 13.26 -62.52 -21.61
CA ILE DA 652 14.21 -62.62 -20.49
C ILE DA 652 14.78 -64.03 -20.41
N LYS DA 653 13.95 -65.05 -20.61
CA LYS DA 653 14.42 -66.42 -20.47
C LYS DA 653 15.39 -66.82 -21.57
N ALA DA 654 15.30 -66.19 -22.74
CA ALA DA 654 16.20 -66.54 -23.84
C ALA DA 654 17.63 -66.13 -23.53
N ASN DA 655 17.82 -64.98 -22.91
CA ASN DA 655 19.15 -64.48 -22.56
C ASN DA 655 19.27 -64.34 -21.05
N PRO DA 656 19.96 -65.24 -20.38
CA PRO DA 656 20.05 -65.23 -18.92
C PRO DA 656 21.11 -64.27 -18.38
N TRP DA 657 21.16 -63.05 -18.94
CA TRP DA 657 21.99 -61.99 -18.41
C TRP DA 657 21.30 -60.64 -18.42
N VAL DA 658 20.07 -60.55 -18.94
CA VAL DA 658 19.36 -59.29 -19.02
C VAL DA 658 19.01 -58.76 -17.64
N VAL DA 659 18.91 -59.63 -16.64
CA VAL DA 659 18.54 -59.19 -15.30
C VAL DA 659 19.58 -58.25 -14.69
N ASN DA 660 20.80 -58.23 -15.23
CA ASN DA 660 21.86 -57.37 -14.72
C ASN DA 660 21.82 -55.97 -15.33
N SER DA 661 20.92 -55.72 -16.27
CA SER DA 661 20.67 -54.37 -16.78
C SER DA 661 19.17 -54.09 -16.64
N GLN DA 662 18.68 -53.02 -17.27
CA GLN DA 662 17.30 -52.60 -17.09
C GLN DA 662 16.53 -52.79 -18.39
N LEU DA 663 15.65 -53.78 -18.40
CA LEU DA 663 14.68 -53.92 -19.48
C LEU DA 663 13.49 -53.02 -19.21
N SER DA 664 13.09 -52.23 -20.21
CA SER DA 664 12.04 -51.26 -20.03
C SER DA 664 11.16 -51.21 -21.27
N VAL DA 665 10.07 -50.47 -21.17
CA VAL DA 665 9.10 -50.29 -22.26
C VAL DA 665 8.91 -48.80 -22.43
N VAL DA 666 9.68 -48.19 -23.34
CA VAL DA 666 9.73 -46.74 -23.50
C VAL DA 666 8.94 -46.33 -24.73
N GLU DA 667 8.24 -45.20 -24.63
CA GLU DA 667 7.52 -44.62 -25.77
C GLU DA 667 8.41 -43.57 -26.41
N SER DA 671 6.36 -44.45 -31.30
CA SER DA 671 6.43 -45.90 -31.38
C SER DA 671 6.81 -46.44 -30.02
N ILE DA 672 6.67 -47.75 -29.85
CA ILE DA 672 6.92 -48.43 -28.58
C ILE DA 672 8.06 -49.41 -28.79
N PHE DA 673 9.11 -49.29 -27.98
CA PHE DA 673 10.31 -50.09 -28.11
C PHE DA 673 10.59 -50.89 -26.84
N LEU DA 674 11.42 -51.91 -27.00
CA LEU DA 674 12.00 -52.65 -25.88
C LEU DA 674 13.51 -52.58 -26.01
N GLN DA 675 14.19 -52.12 -24.95
CA GLN DA 675 15.63 -51.89 -25.06
C GLN DA 675 16.28 -52.08 -23.72
N ASP DA 676 17.59 -52.35 -23.76
CA ASP DA 676 18.41 -52.50 -22.56
C ASP DA 676 19.00 -51.15 -22.19
N ALA DA 677 19.98 -51.18 -21.28
CA ALA DA 677 20.84 -50.03 -21.01
C ALA DA 677 22.14 -50.11 -21.79
N THR DA 678 22.31 -51.13 -22.62
CA THR DA 678 23.52 -51.30 -23.41
C THR DA 678 23.29 -51.03 -24.90
N GLY DA 679 22.05 -50.86 -25.33
CA GLY DA 679 21.77 -50.57 -26.72
C GLY DA 679 21.88 -51.76 -27.65
N THR DA 680 22.10 -52.96 -27.13
CA THR DA 680 22.26 -54.12 -27.99
C THR DA 680 20.92 -54.69 -28.42
N ILE DA 681 19.98 -54.82 -27.50
CA ILE DA 681 18.67 -55.40 -27.78
C ILE DA 681 17.68 -54.27 -28.05
N ARG DA 682 17.10 -54.27 -29.24
CA ARG DA 682 16.09 -53.28 -29.61
C ARG DA 682 15.01 -53.95 -30.44
N ILE DA 683 13.76 -53.79 -30.02
CA ILE DA 683 12.61 -54.39 -30.69
C ILE DA 683 11.59 -53.29 -30.95
N ARG DA 684 10.76 -53.49 -31.98
CA ARG DA 684 9.71 -52.55 -32.32
C ARG DA 684 8.39 -53.28 -32.43
N TYR DA 685 7.31 -52.57 -32.10
CA TYR DA 685 5.96 -53.14 -32.05
C TYR DA 685 5.14 -52.58 -33.21
N ASP DA 686 4.80 -53.44 -34.16
CA ASP DA 686 4.07 -53.06 -35.37
C ASP DA 686 2.63 -53.55 -35.27
N LYS DA 687 1.68 -52.63 -35.50
CA LYS DA 687 0.28 -52.96 -35.31
C LYS DA 687 -0.29 -53.81 -36.45
N GLU DA 688 0.13 -53.54 -37.68
CA GLU DA 688 -0.49 -54.19 -38.84
C GLU DA 688 -0.25 -55.69 -38.82
N LEU DA 689 1.00 -56.11 -38.57
CA LEU DA 689 1.32 -57.53 -38.52
C LEU DA 689 0.55 -58.23 -37.41
N VAL DA 690 0.43 -57.58 -36.26
CA VAL DA 690 -0.30 -58.17 -35.15
C VAL DA 690 -1.76 -58.39 -35.52
N GLY DA 691 -2.37 -57.38 -36.16
CA GLY DA 691 -3.76 -57.56 -36.58
C GLY DA 691 -3.93 -58.66 -37.61
N LYS DA 692 -3.03 -58.70 -38.60
CA LYS DA 692 -3.13 -59.71 -39.65
C LYS DA 692 -2.98 -61.11 -39.09
N LEU DA 693 -2.03 -61.32 -38.18
CA LEU DA 693 -1.85 -62.64 -37.59
C LEU DA 693 -3.01 -63.00 -36.68
N TYR DA 694 -3.52 -62.04 -35.92
CA TYR DA 694 -4.62 -62.33 -35.00
C TYR DA 694 -5.87 -62.76 -35.74
N ARG DA 695 -6.17 -62.12 -36.87
CA ARG DA 695 -7.35 -62.52 -37.63
C ARG DA 695 -7.26 -63.97 -38.07
N GLU DA 696 -6.10 -64.37 -38.60
CA GLU DA 696 -5.91 -65.75 -39.04
C GLU DA 696 -6.01 -66.72 -37.87
N GLN DA 697 -5.38 -66.38 -36.74
CA GLN DA 697 -5.39 -67.29 -35.60
C GLN DA 697 -6.80 -67.49 -35.07
N GLN DA 698 -7.60 -66.41 -35.01
CA GLN DA 698 -8.99 -66.56 -34.61
C GLN DA 698 -9.78 -67.38 -35.62
N GLN DA 699 -9.49 -67.20 -36.92
CA GLN DA 699 -10.21 -67.93 -37.95
C GLN DA 699 -9.93 -69.43 -37.87
N LYS DA 700 -8.68 -69.82 -37.59
CA LYS DA 700 -8.28 -71.22 -37.69
C LYS DA 700 -9.12 -72.12 -36.80
N ALA DA 701 -9.52 -71.64 -35.63
CA ALA DA 701 -10.28 -72.45 -34.68
C ALA DA 701 -11.75 -72.54 -35.07
N GLN DA 702 -11.98 -73.07 -36.28
CA GLN DA 702 -13.32 -73.27 -36.81
C GLN DA 702 -13.35 -74.63 -37.50
N ASP DA 703 -14.41 -74.86 -38.29
CA ASP DA 703 -14.58 -76.12 -39.00
C ASP DA 703 -13.41 -76.38 -39.94
N THR EA 66 -81.08 51.40 59.03
CA THR EA 66 -81.25 49.96 59.15
C THR EA 66 -80.17 49.37 60.05
N ARG EA 67 -78.92 49.48 59.61
CA ARG EA 67 -77.80 48.93 60.37
C ARG EA 67 -77.63 49.68 61.68
N ALA EA 68 -77.36 48.93 62.75
CA ALA EA 68 -77.03 49.50 64.04
C ALA EA 68 -75.58 49.96 64.12
N ASP EA 69 -74.78 49.68 63.09
CA ASP EA 69 -73.38 50.11 63.05
C ASP EA 69 -73.23 51.62 62.95
N GLU EA 70 -74.33 52.34 62.67
CA GLU EA 70 -74.25 53.79 62.55
C GLU EA 70 -73.76 54.43 63.85
N ARG EA 71 -74.20 53.87 64.99
CA ARG EA 71 -73.88 54.36 66.33
C ARG EA 71 -72.38 54.55 66.54
N SER EA 72 -71.58 53.98 65.65
CA SER EA 72 -70.16 54.30 65.61
C SER EA 72 -69.87 55.46 64.66
N ASN EA 73 -70.55 55.52 63.51
CA ASN EA 73 -70.13 56.48 62.51
C ASN EA 73 -70.59 57.90 62.80
N GLU EA 74 -71.60 58.13 63.64
CA GLU EA 74 -71.87 59.53 63.98
C GLU EA 74 -70.69 60.11 64.76
N ILE EA 75 -70.14 59.33 65.71
CA ILE EA 75 -68.96 59.78 66.43
C ILE EA 75 -67.75 59.83 65.51
N ILE EA 76 -67.66 58.89 64.56
CA ILE EA 76 -66.56 58.94 63.59
C ILE EA 76 -66.59 60.25 62.83
N ARG EA 77 -67.78 60.73 62.46
CA ARG EA 77 -67.89 61.97 61.71
C ARG EA 77 -67.33 63.15 62.50
N LYS EA 78 -67.63 63.23 63.79
CA LYS EA 78 -67.20 64.36 64.62
C LYS EA 78 -65.73 64.20 64.96
N LEU EA 79 -64.88 64.52 63.99
CA LEU EA 79 -63.44 64.46 64.18
C LEU EA 79 -62.77 65.50 63.30
N THR EA 80 -61.82 66.21 63.88
CA THR EA 80 -60.99 67.12 63.09
C THR EA 80 -60.13 66.31 62.12
N PRO EA 81 -59.97 66.77 60.88
CA PRO EA 81 -59.22 65.96 59.89
C PRO EA 81 -57.82 65.56 60.34
N GLN EA 82 -57.10 66.42 61.06
CA GLN EA 82 -55.80 66.03 61.56
C GLN EA 82 -55.92 64.88 62.57
N GLN EA 83 -57.00 64.86 63.35
CA GLN EA 83 -57.22 63.76 64.28
C GLN EA 83 -57.41 62.45 63.54
N ARG EA 84 -58.18 62.47 62.45
CA ARG EA 84 -58.34 61.26 61.64
C ARG EA 84 -57.03 60.85 61.01
N ARG EA 85 -56.23 61.81 60.55
CA ARG EA 85 -54.95 61.49 59.92
C ARG EA 85 -54.02 60.81 60.91
N GLU EA 86 -53.92 61.35 62.13
CA GLU EA 86 -53.05 60.73 63.12
C GLU EA 86 -53.60 59.39 63.59
N ALA EA 87 -54.92 59.22 63.61
CA ALA EA 87 -55.49 57.92 63.94
C ALA EA 87 -55.13 56.88 62.90
N ILE EA 88 -55.19 57.25 61.62
CA ILE EA 88 -54.77 56.33 60.56
C ILE EA 88 -53.29 56.00 60.71
N GLN EA 89 -52.47 57.03 60.93
CA GLN EA 89 -51.02 56.82 60.96
C GLN EA 89 -50.62 55.93 62.12
N ASN EA 90 -51.25 56.11 63.28
CA ASN EA 90 -50.87 55.36 64.48
C ASN EA 90 -51.44 53.95 64.49
N GLY EA 91 -52.21 53.57 63.48
CA GLY EA 91 -52.89 52.30 63.50
C GLY EA 91 -54.07 52.25 64.43
N THR EA 92 -54.69 53.39 64.73
CA THR EA 92 -55.78 53.49 65.68
C THR EA 92 -57.08 52.91 65.13
N LEU EA 93 -56.99 51.89 64.26
CA LEU EA 93 -58.18 51.16 63.83
C LEU EA 93 -59.18 51.97 63.02
N LEU EA 94 -58.88 52.27 61.76
CA LEU EA 94 -59.81 53.01 60.92
C LEU EA 94 -59.50 52.69 59.45
N TYR EA 95 -60.12 53.46 58.55
CA TYR EA 95 -60.07 53.40 57.06
C TYR EA 95 -60.92 52.31 56.43
N GLN EA 96 -61.96 51.82 57.11
CA GLN EA 96 -62.99 51.08 56.43
C GLN EA 96 -64.39 51.48 56.88
N ASP EA 97 -64.49 52.43 57.81
CA ASP EA 97 -65.78 52.97 58.24
C ASP EA 97 -65.83 54.49 58.09
N ASP EA 98 -64.86 55.10 57.41
CA ASP EA 98 -64.84 56.54 57.21
C ASP EA 98 -65.58 56.89 55.93
N PRO EA 99 -66.66 57.64 55.99
CA PRO EA 99 -67.48 57.87 54.78
C PRO EA 99 -66.96 58.99 53.89
N TYR EA 100 -65.66 59.04 53.65
CA TYR EA 100 -65.13 59.96 52.65
C TYR EA 100 -64.19 59.29 51.66
N ALA EA 101 -63.36 58.36 52.13
CA ALA EA 101 -62.45 57.65 51.23
C ALA EA 101 -63.21 56.81 50.23
N MET EA 102 -64.34 56.21 50.66
CA MET EA 102 -65.15 55.42 49.74
C MET EA 102 -65.67 56.28 48.60
N GLU EA 103 -66.23 57.45 48.92
CA GLU EA 103 -66.74 58.36 47.91
C GLU EA 103 -65.64 58.81 46.97
N ALA EA 104 -64.48 59.17 47.52
CA ALA EA 104 -63.36 59.57 46.67
C ALA EA 104 -62.99 58.45 45.71
N LEU EA 105 -62.94 57.21 46.22
CA LEU EA 105 -62.58 56.07 45.39
C LEU EA 105 -63.56 55.91 44.23
N ARG EA 106 -64.86 55.89 44.52
CA ARG EA 106 -65.85 55.71 43.46
C ARG EA 106 -65.76 56.83 42.44
N VAL EA 107 -65.69 58.08 42.89
CA VAL EA 107 -65.73 59.20 41.97
C VAL EA 107 -64.52 59.17 41.04
N LYS EA 108 -63.33 58.98 41.60
CA LYS EA 108 -62.13 59.02 40.75
C LYS EA 108 -62.06 57.81 39.83
N THR EA 109 -62.52 56.64 40.30
CA THR EA 109 -62.55 55.48 39.42
C THR EA 109 -63.49 55.71 38.24
N GLY EA 110 -64.68 56.26 38.50
CA GLY EA 110 -65.59 56.56 37.41
C GLY EA 110 -65.00 57.56 36.43
N ARG EA 111 -64.32 58.58 36.95
CA ARG EA 111 -63.71 59.58 36.08
C ARG EA 111 -62.67 58.94 35.16
N ASN EA 112 -61.78 58.13 35.71
CA ASN EA 112 -60.76 57.49 34.88
C ASN EA 112 -61.40 56.57 33.84
N ALA EA 113 -62.41 55.80 34.26
CA ALA EA 113 -63.06 54.88 33.34
C ALA EA 113 -63.71 55.62 32.18
N ALA EA 114 -64.35 56.75 32.47
CA ALA EA 114 -64.94 57.53 31.39
C ALA EA 114 -63.88 58.13 30.48
N PHE EA 115 -62.77 58.59 31.04
CA PHE EA 115 -61.84 59.40 30.27
C PHE EA 115 -60.77 58.62 29.53
N ALA EA 116 -60.66 57.30 29.72
CA ALA EA 116 -59.70 56.57 28.90
C ALA EA 116 -60.22 56.27 27.49
N VAL EA 117 -61.46 55.78 27.41
CA VAL EA 117 -62.01 55.28 26.15
C VAL EA 117 -62.11 56.40 25.12
N ASP EA 118 -62.59 57.56 25.54
CA ASP EA 118 -62.79 58.65 24.59
C ASP EA 118 -61.48 59.14 24.01
N ASP EA 119 -60.42 59.18 24.82
CA ASP EA 119 -59.11 59.53 24.30
C ASP EA 119 -58.64 58.51 23.28
N GLU EA 120 -58.87 57.22 23.56
CA GLU EA 120 -58.49 56.21 22.58
C GLU EA 120 -59.22 56.42 21.26
N ILE EA 121 -60.53 56.70 21.33
CA ILE EA 121 -61.31 56.90 20.12
C ILE EA 121 -60.82 58.13 19.36
N ASN EA 122 -60.51 59.21 20.08
CA ASN EA 122 -60.06 60.43 19.42
C ASN EA 122 -58.74 60.21 18.69
N VAL EA 123 -57.79 59.54 19.33
CA VAL EA 123 -56.52 59.31 18.64
C VAL EA 123 -56.72 58.38 17.44
N LYS EA 124 -57.63 57.40 17.56
CA LYS EA 124 -57.89 56.54 16.41
C LYS EA 124 -58.48 57.34 15.24
N ILE EA 125 -59.43 58.24 15.52
CA ILE EA 125 -60.02 59.05 14.45
C ILE EA 125 -58.96 59.94 13.82
N GLN EA 126 -58.12 60.58 14.63
CA GLN EA 126 -57.07 61.41 14.06
C GLN EA 126 -56.10 60.60 13.22
N ASN EA 127 -55.89 59.32 13.58
CA ASN EA 127 -55.15 58.44 12.69
C ASN EA 127 -55.89 58.25 11.37
N GLY EA 128 -57.21 58.08 11.43
CA GLY EA 128 -58.05 58.01 10.26
C GLY EA 128 -58.45 56.60 9.90
N GLU EA 129 -59.63 56.18 10.33
CA GLU EA 129 -60.21 54.90 9.90
C GLU EA 129 -61.65 55.02 9.43
N PHE EA 130 -62.45 55.87 10.08
CA PHE EA 130 -63.88 55.88 9.83
C PHE EA 130 -64.21 56.67 8.58
N ARG EA 131 -65.45 56.50 8.11
CA ARG EA 131 -65.93 57.27 6.97
C ARG EA 131 -67.33 57.82 7.14
N THR EA 132 -68.10 57.37 8.13
CA THR EA 132 -69.44 57.89 8.38
C THR EA 132 -69.60 58.18 9.87
N ARG EA 133 -70.57 59.03 10.18
CA ARG EA 133 -70.88 59.31 11.58
C ARG EA 133 -71.41 58.08 12.28
N GLN EA 134 -72.22 57.27 11.58
CA GLN EA 134 -72.88 56.15 12.22
C GLN EA 134 -71.88 55.12 12.74
N ASP EA 135 -70.84 54.85 11.96
CA ASP EA 135 -69.83 53.89 12.39
C ASP EA 135 -69.13 54.35 13.66
N MET EA 136 -68.77 55.64 13.70
CA MET EA 136 -68.12 56.19 14.90
C MET EA 136 -69.04 56.10 16.10
N GLU EA 137 -70.32 56.43 15.92
CA GLU EA 137 -71.26 56.38 17.04
C GLU EA 137 -71.41 54.96 17.57
N GLU EA 138 -71.53 53.98 16.68
CA GLU EA 138 -71.67 52.60 17.14
C GLU EA 138 -70.40 52.12 17.85
N TYR EA 139 -69.23 52.46 17.31
CA TYR EA 139 -67.98 52.10 17.97
C TYR EA 139 -67.91 52.68 19.38
N ARG EA 140 -68.26 53.96 19.52
CA ARG EA 140 -68.20 54.61 20.83
C ARG EA 140 -69.17 53.96 21.81
N HIS EA 141 -70.40 53.70 21.35
CA HIS EA 141 -71.40 53.07 22.21
C HIS EA 141 -70.90 51.72 22.73
N GLN EA 142 -70.41 50.88 21.83
CA GLN EA 142 -69.96 49.56 22.23
C GLN EA 142 -68.77 49.64 23.18
N ARG EA 143 -67.81 50.51 22.90
CA ARG EA 143 -66.63 50.59 23.76
C ARG EA 143 -67.00 51.08 25.16
N LEU EA 144 -67.89 52.06 25.26
CA LEU EA 144 -68.31 52.53 26.58
C LEU EA 144 -68.99 51.42 27.36
N GLN EA 145 -69.97 50.76 26.73
CA GLN EA 145 -70.70 49.71 27.43
C GLN EA 145 -69.81 48.52 27.77
N ASP EA 146 -68.69 48.36 27.06
CA ASP EA 146 -67.77 47.27 27.37
C ASP EA 146 -66.84 47.62 28.52
N ALA EA 147 -66.26 48.82 28.48
CA ALA EA 147 -65.26 49.19 29.49
C ALA EA 147 -65.87 49.53 30.84
N ALA EA 148 -67.13 49.98 30.87
CA ALA EA 148 -67.75 50.36 32.14
C ALA EA 148 -67.66 49.23 33.17
N LYS EA 149 -68.27 48.09 32.85
CA LYS EA 149 -68.29 46.97 33.79
C LYS EA 149 -66.88 46.42 34.05
N SER EA 150 -66.01 46.45 33.04
CA SER EA 150 -64.67 45.90 33.21
C SER EA 150 -63.88 46.67 34.26
N TYR EA 151 -63.94 48.02 34.22
CA TYR EA 151 -63.28 48.77 35.28
C TYR EA 151 -64.05 48.72 36.59
N ALA EA 152 -65.38 48.63 36.55
CA ALA EA 152 -66.13 48.61 37.80
C ALA EA 152 -65.86 47.34 38.60
N GLU EA 153 -65.80 46.19 37.94
CA GLU EA 153 -65.69 44.92 38.66
C GLU EA 153 -64.30 44.67 39.20
N GLU EA 154 -63.27 45.31 38.64
CA GLU EA 154 -61.91 45.03 39.07
C GLU EA 154 -61.70 45.40 40.53
N ALA EA 155 -62.24 46.53 40.96
CA ALA EA 155 -62.13 46.97 42.35
C ALA EA 155 -63.32 46.54 43.19
N GLY EA 156 -64.26 45.77 42.63
CA GLY EA 156 -65.35 45.22 43.39
C GLY EA 156 -66.57 46.10 43.52
N ILE EA 157 -66.54 47.33 43.01
CA ILE EA 157 -67.68 48.22 43.11
C ILE EA 157 -68.68 47.89 42.02
N ASN EA 158 -69.93 47.67 42.42
CA ASN EA 158 -70.97 47.34 41.47
C ASN EA 158 -71.27 48.57 40.61
N PRO EA 159 -71.39 48.42 39.30
CA PRO EA 159 -71.50 49.59 38.43
C PRO EA 159 -72.74 50.45 38.67
N THR EA 160 -73.77 49.90 39.32
CA THR EA 160 -75.06 50.59 39.41
C THR EA 160 -75.18 51.51 40.60
N ASP EA 161 -74.15 51.63 41.45
CA ASP EA 161 -74.28 52.51 42.60
C ASP EA 161 -74.35 53.97 42.19
N PHE EA 168 -68.47 58.74 35.79
CA PHE EA 168 -68.62 58.39 34.39
C PHE EA 168 -69.30 59.48 33.57
N ASN EA 169 -69.91 60.47 34.22
CA ASN EA 169 -70.72 61.48 33.55
C ASN EA 169 -70.37 62.88 34.05
N ASP EA 170 -69.08 63.17 34.13
CA ASP EA 170 -68.61 64.43 34.69
C ASP EA 170 -68.54 65.56 33.65
N ASN EA 171 -68.08 65.24 32.45
CA ASN EA 171 -67.96 66.23 31.37
C ASN EA 171 -68.25 65.51 30.06
N ILE EA 172 -69.37 65.87 29.42
CA ILE EA 172 -69.76 65.27 28.16
C ILE EA 172 -69.74 66.27 27.01
N THR EA 173 -70.19 67.50 27.26
CA THR EA 173 -70.21 68.51 26.21
C THR EA 173 -68.79 68.84 25.75
N ASP EA 174 -67.89 69.10 26.69
CA ASP EA 174 -66.52 69.49 26.40
C ASP EA 174 -65.73 68.38 25.75
N ARG EA 175 -66.34 67.23 25.49
CA ARG EA 175 -65.67 66.11 24.86
C ARG EA 175 -66.32 65.73 23.54
N ASN EA 176 -67.66 65.73 23.50
CA ASN EA 176 -68.37 65.62 22.23
C ASN EA 176 -67.93 66.73 21.27
N ILE EA 177 -67.67 67.93 21.79
CA ILE EA 177 -67.28 69.04 20.93
C ILE EA 177 -65.97 68.72 20.22
N ALA EA 178 -64.96 68.26 20.96
CA ALA EA 178 -63.68 67.92 20.36
C ALA EA 178 -63.82 66.79 19.35
N ILE EA 179 -64.59 65.76 19.70
CA ILE EA 179 -64.76 64.62 18.79
C ILE EA 179 -65.33 65.08 17.46
N TYR EA 180 -66.42 65.85 17.52
CA TYR EA 180 -67.10 66.25 16.29
C TYR EA 180 -66.26 67.23 15.48
N GLY EA 181 -65.52 68.11 16.15
CA GLY EA 181 -64.62 68.98 15.42
C GLY EA 181 -63.58 68.22 14.63
N SER EA 182 -62.97 67.21 15.28
CA SER EA 182 -61.94 66.43 14.58
C SER EA 182 -62.53 65.70 13.38
N PHE EA 183 -63.72 65.11 13.55
CA PHE EA 183 -64.34 64.41 12.43
C PHE EA 183 -64.60 65.35 11.26
N ASN EA 184 -65.13 66.55 11.54
CA ASN EA 184 -65.42 67.48 10.46
C ASN EA 184 -64.16 67.88 9.72
N LYS EA 185 -63.07 68.14 10.46
CA LYS EA 185 -61.84 68.55 9.80
C LYS EA 185 -61.30 67.46 8.88
N TYR EA 186 -61.33 66.21 9.35
CA TYR EA 186 -60.87 65.12 8.50
C TYR EA 186 -61.70 64.99 7.23
N PHE EA 187 -63.02 65.09 7.35
CA PHE EA 187 -63.86 64.91 6.18
C PHE EA 187 -63.64 66.02 5.16
N SER EA 188 -63.41 67.25 5.64
CA SER EA 188 -63.08 68.33 4.71
C SER EA 188 -61.78 68.05 3.96
N LYS EA 189 -60.76 67.55 4.66
CA LYS EA 189 -59.53 67.20 3.98
C LYS EA 189 -59.78 66.18 2.86
N GLN EA 190 -60.60 65.16 3.15
CA GLN EA 190 -60.86 64.13 2.15
C GLN EA 190 -61.53 64.71 0.91
N SER EA 191 -62.53 65.57 1.10
CA SER EA 191 -63.22 66.16 -0.05
C SER EA 191 -62.27 66.99 -0.90
N GLU EA 192 -61.39 67.77 -0.26
CA GLU EA 192 -60.42 68.55 -1.01
C GLU EA 192 -59.51 67.66 -1.86
N GLU EA 193 -59.07 66.53 -1.30
CA GLU EA 193 -58.25 65.60 -2.08
C GLU EA 193 -58.99 65.08 -3.32
N THR EA 194 -60.26 64.74 -3.15
CA THR EA 194 -61.03 64.25 -4.31
C THR EA 194 -61.08 65.30 -5.42
N ALA EA 195 -61.31 66.56 -5.04
CA ALA EA 195 -61.36 67.61 -6.05
C ALA EA 195 -60.03 67.71 -6.80
N MET EA 196 -58.91 67.63 -6.08
CA MET EA 196 -57.61 67.72 -6.75
C MET EA 196 -57.41 66.57 -7.73
N LEU EA 197 -57.84 65.36 -7.37
CA LEU EA 197 -57.71 64.24 -8.29
C LEU EA 197 -58.50 64.48 -9.59
N ASN EA 198 -59.73 64.99 -9.47
CA ASN EA 198 -60.51 65.27 -10.67
C ASN EA 198 -59.81 66.31 -11.56
N THR EA 199 -59.22 67.33 -10.94
CA THR EA 199 -58.48 68.33 -11.71
C THR EA 199 -57.34 67.69 -12.48
N ARG EA 200 -56.59 66.79 -11.85
CA ARG EA 200 -55.49 66.14 -12.55
C ARG EA 200 -56.00 65.32 -13.74
N ILE EA 201 -57.11 64.59 -13.55
CA ILE EA 201 -57.60 63.79 -14.67
C ILE EA 201 -57.95 64.69 -15.87
N GLU EA 202 -58.63 65.81 -15.61
CA GLU EA 202 -58.99 66.70 -16.72
C GLU EA 202 -57.75 67.28 -17.40
N MET EA 203 -56.76 67.72 -16.62
CA MET EA 203 -55.56 68.28 -17.21
C MET EA 203 -54.82 67.26 -18.05
N ASN EA 204 -54.73 66.01 -17.57
CA ASN EA 204 -54.03 65.00 -18.33
C ASN EA 204 -54.75 64.69 -19.63
N SER EA 205 -56.10 64.66 -19.60
CA SER EA 205 -56.84 64.48 -20.83
C SER EA 205 -56.55 65.60 -21.82
N PHE EA 206 -56.39 66.83 -21.33
CA PHE EA 206 -55.97 67.91 -22.22
C PHE EA 206 -54.57 67.67 -22.78
N LEU EA 207 -53.64 67.21 -21.95
CA LEU EA 207 -52.22 67.19 -22.29
C LEU EA 207 -51.86 66.16 -23.34
N ASN EA 208 -52.77 65.26 -23.71
CA ASN EA 208 -52.45 64.17 -24.61
C ASN EA 208 -52.72 64.51 -26.07
N ASP EA 209 -53.68 65.40 -26.34
CA ASP EA 209 -54.03 65.77 -27.70
C ASP EA 209 -52.86 66.42 -28.42
N GLY EA 210 -52.75 66.15 -29.72
CA GLY EA 210 -51.62 66.61 -30.51
C GLY EA 210 -51.81 67.88 -31.31
N ASP EA 211 -52.90 67.96 -32.08
CA ASP EA 211 -53.08 69.10 -32.96
C ASP EA 211 -53.52 70.37 -32.24
N LEU EA 212 -53.89 70.28 -30.96
CA LEU EA 212 -54.05 71.49 -30.17
C LEU EA 212 -52.71 72.10 -29.79
N MET EA 213 -51.76 71.26 -29.38
CA MET EA 213 -50.43 71.77 -29.05
C MET EA 213 -49.70 72.25 -30.29
N ARG EA 214 -49.75 71.47 -31.38
CA ARG EA 214 -49.12 71.90 -32.61
C ARG EA 214 -49.78 73.16 -33.17
N SER EA 215 -51.02 73.45 -32.77
CA SER EA 215 -51.70 74.64 -33.23
C SER EA 215 -51.05 75.90 -32.65
N PRO EA 216 -51.14 77.03 -33.34
CA PRO EA 216 -50.60 78.29 -32.80
C PRO EA 216 -51.50 78.96 -31.78
N GLU EA 217 -52.58 78.34 -31.33
CA GLU EA 217 -53.44 78.88 -30.27
C GLU EA 217 -53.58 77.82 -29.19
N SER EA 218 -52.64 77.81 -28.24
CA SER EA 218 -52.64 76.86 -27.14
C SER EA 218 -52.72 77.50 -25.78
N GLY EA 219 -51.96 78.56 -25.53
CA GLY EA 219 -51.97 79.17 -24.21
C GLY EA 219 -53.31 79.78 -23.85
N LYS EA 220 -54.03 80.30 -24.84
CA LYS EA 220 -55.30 80.96 -24.56
C LYS EA 220 -56.30 79.99 -23.92
N THR EA 221 -56.38 78.77 -24.45
CA THR EA 221 -57.29 77.78 -23.89
C THR EA 221 -56.92 77.44 -22.45
N PHE EA 222 -55.63 77.28 -22.18
CA PHE EA 222 -55.18 76.93 -20.85
C PHE EA 222 -55.54 78.03 -19.84
N MET EA 223 -55.28 79.28 -20.20
CA MET EA 223 -55.61 80.37 -19.28
C MET EA 223 -57.11 80.51 -19.10
N ALA EA 224 -57.89 80.29 -20.17
CA ALA EA 224 -59.34 80.35 -20.02
C ALA EA 224 -59.83 79.27 -19.05
N TYR EA 225 -59.29 78.07 -19.17
CA TYR EA 225 -59.69 77.00 -18.26
C TYR EA 225 -59.32 77.34 -16.82
N LEU EA 226 -58.12 77.90 -16.61
CA LEU EA 226 -57.71 78.27 -15.26
C LEU EA 226 -58.64 79.34 -14.68
N ARG EA 227 -58.98 80.35 -15.49
CA ARG EA 227 -59.85 81.41 -15.01
C ARG EA 227 -61.22 80.86 -14.64
N ASP EA 228 -61.78 80.00 -15.48
CA ASP EA 228 -63.09 79.43 -15.18
C ASP EA 228 -63.05 78.61 -13.90
N GLY EA 229 -62.01 77.78 -13.74
CA GLY EA 229 -61.89 76.97 -12.53
C GLY EA 229 -61.78 77.82 -11.28
N LEU EA 230 -60.98 78.89 -11.34
CA LEU EA 230 -60.82 79.74 -10.16
C LEU EA 230 -62.09 80.52 -9.85
N THR EA 231 -62.82 80.96 -10.87
CA THR EA 231 -64.04 81.72 -10.60
C THR EA 231 -65.22 80.83 -10.21
N THR EA 232 -65.15 79.52 -10.46
CA THR EA 232 -66.18 78.61 -9.96
C THR EA 232 -65.77 77.94 -8.65
N ALA EA 233 -64.65 78.35 -8.06
CA ALA EA 233 -64.13 77.82 -6.81
C ALA EA 233 -63.75 76.35 -6.90
N ALA EA 234 -63.55 75.84 -8.12
CA ALA EA 234 -63.14 74.44 -8.27
C ALA EA 234 -61.76 74.21 -7.66
N ILE EA 235 -60.83 75.13 -7.90
CA ILE EA 235 -59.54 75.08 -7.21
C ILE EA 235 -59.74 75.69 -5.84
N PRO EA 236 -59.46 74.96 -4.76
CA PRO EA 236 -59.81 75.47 -3.43
C PRO EA 236 -59.18 76.81 -3.06
N SER EA 237 -57.94 77.05 -3.44
CA SER EA 237 -57.23 78.19 -2.89
C SER EA 237 -56.26 78.72 -3.94
N ASP EA 238 -55.28 79.52 -3.50
CA ASP EA 238 -54.28 80.14 -4.37
C ASP EA 238 -52.99 79.32 -4.46
N GLN EA 239 -52.54 78.74 -3.35
CA GLN EA 239 -51.37 77.87 -3.41
C GLN EA 239 -51.64 76.64 -4.27
N ARG EA 240 -52.89 76.17 -4.26
CA ARG EA 240 -53.28 75.07 -5.14
C ARG EA 240 -53.11 75.44 -6.61
N ALA EA 241 -53.35 76.71 -6.96
CA ALA EA 241 -53.08 77.15 -8.33
C ALA EA 241 -51.59 77.31 -8.58
N ARG EA 242 -50.85 77.83 -7.59
CA ARG EA 242 -49.42 78.02 -7.77
C ARG EA 242 -48.70 76.70 -8.01
N GLU EA 243 -49.17 75.62 -7.38
CA GLU EA 243 -48.52 74.33 -7.61
C GLU EA 243 -48.89 73.71 -8.94
N VAL EA 244 -50.15 73.85 -9.38
CA VAL EA 244 -50.53 73.24 -10.66
C VAL EA 244 -49.86 73.97 -11.82
N ILE EA 245 -49.71 75.30 -11.72
CA ILE EA 245 -49.03 76.01 -12.78
C ILE EA 245 -47.58 75.57 -12.93
N THR EA 246 -46.86 75.37 -11.84
CA THR EA 246 -45.49 74.89 -11.95
C THR EA 246 -45.38 73.42 -12.28
N GLN EA 247 -46.44 72.63 -12.04
CA GLN EA 247 -46.40 71.23 -12.45
C GLN EA 247 -46.65 71.06 -13.94
N THR EA 248 -47.50 71.89 -14.53
CA THR EA 248 -47.82 71.74 -15.96
C THR EA 248 -46.58 71.95 -16.82
N VAL EA 249 -45.74 72.93 -16.46
CA VAL EA 249 -44.50 73.17 -17.21
C VAL EA 249 -43.61 71.94 -17.18
N ARG EA 250 -43.47 71.31 -16.01
CA ARG EA 250 -42.66 70.10 -15.93
C ARG EA 250 -43.27 68.99 -16.77
N ASP EA 251 -44.60 68.84 -16.73
CA ASP EA 251 -45.24 67.73 -17.45
C ASP EA 251 -45.14 67.89 -18.97
N ALA EA 252 -45.14 69.12 -19.47
CA ALA EA 252 -45.20 69.35 -20.91
C ALA EA 252 -43.85 69.28 -21.60
N ILE EA 253 -42.86 68.60 -21.02
CA ILE EA 253 -41.57 68.42 -21.68
C ILE EA 253 -41.51 67.13 -22.49
N GLN EA 254 -42.20 66.08 -22.04
CA GLN EA 254 -42.15 64.78 -22.69
C GLN EA 254 -43.24 64.60 -23.75
N LYS EA 255 -43.72 65.69 -24.33
CA LYS EA 255 -44.80 65.65 -25.31
C LYS EA 255 -44.24 66.01 -26.69
N SER EA 256 -45.14 66.11 -27.67
CA SER EA 256 -44.76 66.46 -29.04
C SER EA 256 -44.76 67.98 -29.25
N GLY EA 257 -45.92 68.61 -29.07
CA GLY EA 257 -46.01 70.05 -29.18
C GLY EA 257 -45.66 70.75 -27.88
N GLY EA 258 -44.42 70.59 -27.43
CA GLY EA 258 -43.99 71.16 -26.18
C GLY EA 258 -43.38 72.54 -26.31
N SER EA 259 -42.41 72.68 -27.22
CA SER EA 259 -41.74 73.97 -27.38
C SER EA 259 -42.73 75.05 -27.82
N ASN EA 260 -43.65 74.70 -28.71
CA ASN EA 260 -44.65 75.66 -29.17
C ASN EA 260 -45.50 76.16 -28.01
N PHE EA 261 -46.02 75.24 -27.20
CA PHE EA 261 -46.86 75.62 -26.08
C PHE EA 261 -46.08 76.47 -25.08
N LEU EA 262 -44.87 76.04 -24.73
CA LEU EA 262 -44.08 76.79 -23.76
C LEU EA 262 -43.78 78.20 -24.26
N GLN EA 263 -43.45 78.33 -25.55
CA GLN EA 263 -43.13 79.65 -26.07
C GLN EA 263 -44.36 80.53 -26.22
N GLN EA 264 -45.54 79.95 -26.38
CA GLN EA 264 -46.73 80.77 -26.48
C GLN EA 264 -47.43 81.04 -25.15
N VAL EA 265 -47.01 80.39 -24.07
CA VAL EA 265 -47.60 80.69 -22.75
C VAL EA 265 -46.64 81.51 -21.90
N ARG EA 266 -45.59 82.06 -22.51
CA ARG EA 266 -44.52 82.68 -21.73
C ARG EA 266 -44.91 84.03 -21.14
N GLY EA 267 -45.70 84.83 -21.85
CA GLY EA 267 -45.85 86.22 -21.44
C GLY EA 267 -47.24 86.66 -21.04
N GLU EA 268 -47.96 85.86 -20.26
CA GLU EA 268 -49.30 86.20 -19.84
C GLU EA 268 -49.37 86.29 -18.32
N ARG EA 269 -50.24 87.18 -17.83
CA ARG EA 269 -50.25 87.57 -16.43
C ARG EA 269 -51.58 87.23 -15.77
N ILE EA 270 -51.49 86.89 -14.48
CA ILE EA 270 -52.66 86.68 -13.62
C ILE EA 270 -52.38 87.31 -12.27
N THR EA 271 -53.44 87.52 -11.50
CA THR EA 271 -53.37 88.14 -10.19
C THR EA 271 -53.54 87.07 -9.12
N LEU EA 272 -52.47 86.80 -8.37
CA LEU EA 272 -52.47 85.81 -7.30
C LEU EA 272 -52.06 86.49 -6.00
N ASN EA 273 -52.91 86.38 -4.98
CA ASN EA 273 -52.64 86.93 -3.65
C ASN EA 273 -52.31 88.43 -3.72
N GLY EA 274 -53.11 89.14 -4.51
CA GLY EA 274 -52.92 90.57 -4.67
C GLY EA 274 -51.89 90.94 -5.71
N VAL EA 275 -50.68 90.40 -5.59
CA VAL EA 275 -49.61 90.76 -6.51
C VAL EA 275 -49.88 90.16 -7.88
N ASP EA 276 -49.61 90.94 -8.92
CA ASP EA 276 -49.80 90.54 -10.31
C ASP EA 276 -48.44 90.27 -10.94
N ALA EA 277 -48.25 89.06 -11.46
CA ALA EA 277 -46.97 88.66 -12.03
C ALA EA 277 -47.20 87.76 -13.24
N THR EA 278 -46.17 87.68 -14.08
CA THR EA 278 -46.19 86.84 -15.26
C THR EA 278 -45.91 85.39 -14.89
N VAL EA 279 -46.21 84.49 -15.84
CA VAL EA 279 -45.91 83.08 -15.63
C VAL EA 279 -44.41 82.85 -15.58
N GLU EA 280 -43.65 83.53 -16.44
CA GLU EA 280 -42.19 83.47 -16.38
C GLU EA 280 -41.65 83.99 -15.07
N GLU EA 281 -42.43 84.76 -14.31
CA GLU EA 281 -42.04 85.20 -12.97
C GLU EA 281 -42.59 84.32 -11.85
N ILE EA 282 -43.79 83.75 -12.01
CA ILE EA 282 -44.28 82.80 -11.02
C ILE EA 282 -43.38 81.58 -10.97
N VAL EA 283 -43.01 81.06 -12.13
CA VAL EA 283 -41.95 80.07 -12.21
C VAL EA 283 -40.63 80.82 -12.25
N GLY EA 284 -39.58 80.20 -11.74
CA GLY EA 284 -38.26 80.82 -11.75
C GLY EA 284 -37.82 81.16 -13.17
N ASN EA 289 -35.65 78.31 -19.35
CA ASN EA 289 -34.71 78.04 -20.44
C ASN EA 289 -34.37 76.56 -20.51
N ALA EA 290 -34.14 75.92 -19.35
CA ALA EA 290 -33.88 74.49 -19.34
C ALA EA 290 -35.04 73.70 -19.89
N ALA EA 291 -36.27 74.10 -19.56
CA ALA EA 291 -37.43 73.45 -20.16
C ALA EA 291 -37.40 73.58 -21.68
N ILE EA 292 -37.06 74.78 -22.19
CA ILE EA 292 -36.99 74.98 -23.64
C ILE EA 292 -35.97 74.03 -24.26
N VAL EA 293 -34.80 73.94 -23.65
CA VAL EA 293 -33.71 73.14 -24.20
C VAL EA 293 -34.13 71.67 -24.29
N GLU EA 294 -34.76 71.17 -23.22
CA GLU EA 294 -35.21 69.77 -23.26
C GLU EA 294 -36.30 69.56 -24.31
N ALA EA 295 -37.20 70.52 -24.46
CA ALA EA 295 -38.25 70.41 -25.47
C ALA EA 295 -37.64 70.28 -26.86
N GLN EA 296 -36.53 70.96 -27.11
CA GLN EA 296 -35.85 70.77 -28.40
C GLN EA 296 -35.14 69.41 -28.47
N GLY EA 297 -34.59 68.97 -27.34
CA GLY EA 297 -33.85 67.71 -27.33
C GLY EA 297 -34.70 66.53 -27.75
N THR EA 298 -35.99 66.54 -27.36
CA THR EA 298 -36.83 65.39 -27.69
C THR EA 298 -37.00 65.25 -29.21
N GLU EA 299 -37.13 66.37 -29.93
CA GLU EA 299 -37.28 66.30 -31.38
C GLU EA 299 -35.99 65.85 -32.04
N TYR EA 300 -34.85 66.33 -31.54
CA TYR EA 300 -33.58 65.81 -32.05
C TYR EA 300 -33.52 64.30 -31.91
N LYS EA 301 -33.94 63.80 -30.75
CA LYS EA 301 -33.99 62.37 -30.45
C LYS EA 301 -34.83 61.59 -31.45
N LEU EA 302 -36.00 62.11 -31.82
CA LEU EA 302 -36.84 61.42 -32.81
C LEU EA 302 -36.20 61.38 -34.20
N VAL EA 303 -35.60 62.50 -34.64
CA VAL EA 303 -35.01 62.53 -35.99
C VAL EA 303 -33.87 61.51 -36.10
N ALA EA 304 -33.07 61.37 -35.04
CA ALA EA 304 -31.98 60.39 -35.09
C ALA EA 304 -32.51 58.97 -35.34
N LYS EA 305 -33.60 58.61 -34.67
CA LYS EA 305 -34.17 57.28 -34.85
C LYS EA 305 -34.68 57.08 -36.28
N TYR EA 306 -35.31 58.11 -36.86
CA TYR EA 306 -35.72 57.99 -38.26
C TYR EA 306 -34.53 57.69 -39.16
N GLN EA 307 -33.43 58.41 -38.95
CA GLN EA 307 -32.24 58.19 -39.77
C GLN EA 307 -31.71 56.76 -39.63
N GLU EA 308 -31.65 56.27 -38.39
CA GLU EA 308 -31.17 54.90 -38.16
C GLU EA 308 -32.04 53.87 -38.87
N ASP EA 309 -33.36 54.05 -38.80
CA ASP EA 309 -34.26 53.10 -39.44
C ASP EA 309 -34.07 53.08 -40.94
N LEU EA 310 -33.90 54.26 -41.56
CA LEU EA 310 -33.66 54.29 -43.00
C LEU EA 310 -32.38 53.55 -43.36
N ALA EA 311 -31.32 53.76 -42.58
CA ALA EA 311 -30.08 53.04 -42.86
C ALA EA 311 -30.26 51.53 -42.78
N LEU EA 312 -30.97 51.07 -41.76
CA LEU EA 312 -31.20 49.63 -41.62
C LEU EA 312 -31.95 49.07 -42.83
N GLY EA 313 -33.03 49.73 -43.24
CA GLY EA 313 -33.80 49.22 -44.36
C GLY EA 313 -32.99 49.13 -45.63
N VAL EA 314 -32.24 50.19 -45.94
CA VAL EA 314 -31.44 50.17 -47.16
C VAL EA 314 -30.37 49.09 -47.10
N GLN EA 315 -29.72 48.92 -45.95
CA GLN EA 315 -28.70 47.88 -45.85
C GLN EA 315 -29.30 46.48 -45.99
N SER EA 316 -30.51 46.27 -45.49
CA SER EA 316 -31.12 44.95 -45.59
C SER EA 316 -31.53 44.63 -47.02
N ALA EA 317 -32.00 45.62 -47.77
CA ALA EA 317 -32.54 45.33 -49.10
C ALA EA 317 -31.49 44.86 -50.08
N ILE EA 318 -30.20 44.98 -49.75
CA ILE EA 318 -29.14 44.58 -50.67
C ILE EA 318 -28.89 43.09 -50.59
N LEU EA 319 -28.72 42.56 -49.38
CA LEU EA 319 -28.44 41.14 -49.19
C LEU EA 319 -29.69 40.31 -49.44
N GLN EA 320 -30.10 40.20 -50.69
CA GLN EA 320 -31.30 39.47 -51.06
C GLN EA 320 -30.96 38.43 -52.12
N ASP EA 321 -31.55 37.24 -51.98
CA ASP EA 321 -31.28 36.15 -52.89
C ASP EA 321 -31.98 36.32 -54.24
N ASP EA 322 -33.07 37.08 -54.28
CA ASP EA 322 -33.81 37.32 -55.52
C ASP EA 322 -33.75 38.79 -55.86
N PRO EA 323 -32.89 39.21 -56.79
CA PRO EA 323 -32.76 40.63 -57.10
C PRO EA 323 -34.03 41.27 -57.62
N THR EA 324 -34.99 40.47 -58.10
CA THR EA 324 -36.27 41.00 -58.54
C THR EA 324 -37.13 41.47 -57.37
N ILE EA 325 -36.80 41.08 -56.14
CA ILE EA 325 -37.64 41.37 -54.99
C ILE EA 325 -37.07 42.47 -54.09
N GLY EA 326 -35.82 42.88 -54.27
CA GLY EA 326 -35.30 44.00 -53.52
C GLY EA 326 -35.47 45.31 -54.24
N LEU EA 327 -35.61 45.23 -55.56
CA LEU EA 327 -35.78 46.42 -56.37
C LEU EA 327 -37.08 47.13 -56.02
N ALA EA 328 -38.14 46.37 -55.75
CA ALA EA 328 -39.41 46.98 -55.37
C ALA EA 328 -39.30 47.74 -54.06
N GLN EA 329 -38.62 47.15 -53.07
CA GLN EA 329 -38.46 47.82 -51.79
C GLN EA 329 -37.64 49.09 -51.91
N ILE EA 330 -36.56 49.04 -52.70
CA ILE EA 330 -35.76 50.26 -52.90
C ILE EA 330 -36.57 51.34 -53.59
N GLN EA 331 -37.38 50.96 -54.60
CA GLN EA 331 -38.23 51.96 -55.24
C GLN EA 331 -39.23 52.57 -54.26
N LYS EA 332 -39.79 51.74 -53.38
CA LYS EA 332 -40.74 52.25 -52.38
C LYS EA 332 -40.06 53.24 -51.43
N LEU EA 333 -38.86 52.92 -50.96
CA LEU EA 333 -38.15 53.84 -50.08
C LEU EA 333 -37.81 55.14 -50.78
N LYS EA 334 -37.37 55.04 -52.04
CA LYS EA 334 -37.08 56.24 -52.82
C LYS EA 334 -38.31 57.11 -52.97
N GLU EA 335 -39.47 56.50 -53.25
CA GLU EA 335 -40.69 57.28 -53.38
C GLU EA 335 -41.07 57.92 -52.05
N GLN EA 336 -40.93 57.20 -50.95
CA GLN EA 336 -41.33 57.74 -49.65
C GLN EA 336 -40.43 58.90 -49.23
N ASN EA 337 -39.16 58.85 -49.58
CA ASN EA 337 -38.22 59.89 -49.14
C ASN EA 337 -38.43 61.21 -49.87
N ASN EA 338 -39.35 61.27 -50.83
CA ASN EA 338 -39.62 62.49 -51.57
C ASN EA 338 -40.84 63.25 -51.06
N LEU EA 339 -41.68 62.61 -50.25
CA LEU EA 339 -42.87 63.28 -49.72
C LEU EA 339 -42.53 64.23 -48.58
N LEU EA 340 -41.47 63.94 -47.83
CA LEU EA 340 -41.09 64.80 -46.70
C LEU EA 340 -40.48 66.12 -47.16
N GLN EA 341 -39.67 66.08 -48.23
CA GLN EA 341 -38.88 67.22 -48.67
C GLN EA 341 -38.08 67.76 -47.49
N PRO EA 342 -37.06 67.03 -47.04
CA PRO EA 342 -36.26 67.51 -45.91
C PRO EA 342 -35.29 68.60 -46.33
N GLY EA 343 -34.59 69.14 -45.34
CA GLY EA 343 -33.65 70.21 -45.59
C GLY EA 343 -32.22 69.75 -45.73
N GLU EA 344 -31.40 70.01 -44.71
CA GLU EA 344 -30.00 69.65 -44.70
C GLU EA 344 -29.74 68.69 -43.55
N GLU EA 345 -28.46 68.38 -43.32
CA GLU EA 345 -28.02 67.36 -42.38
C GLU EA 345 -28.63 65.99 -42.67
N LEU EA 346 -29.20 65.82 -43.87
CA LEU EA 346 -29.67 64.53 -44.34
C LEU EA 346 -29.14 64.19 -45.71
N THR EA 347 -28.35 65.07 -46.32
CA THR EA 347 -27.73 64.75 -47.61
C THR EA 347 -26.92 63.47 -47.63
N PRO EA 348 -26.13 63.11 -46.58
CA PRO EA 348 -25.33 61.87 -46.65
C PRO EA 348 -26.16 60.60 -46.85
N GLN EA 349 -27.49 60.73 -46.92
CA GLN EA 349 -28.36 59.61 -47.26
C GLN EA 349 -28.72 59.55 -48.73
N ARG EA 350 -28.80 60.71 -49.39
CA ARG EA 350 -29.20 60.71 -50.79
C ARG EA 350 -28.19 60.00 -51.67
N GLN EA 351 -26.90 60.10 -51.36
CA GLN EA 351 -25.91 59.41 -52.18
C GLN EA 351 -26.13 57.90 -52.16
N MET EA 352 -26.33 57.34 -50.97
CA MET EA 352 -26.49 55.89 -50.91
C MET EA 352 -27.85 55.46 -51.47
N LEU EA 353 -28.89 56.27 -51.24
CA LEU EA 353 -30.18 55.94 -51.83
C LEU EA 353 -30.15 56.01 -53.35
N ILE EA 354 -29.29 56.87 -53.92
CA ILE EA 354 -29.13 56.90 -55.36
C ILE EA 354 -28.33 55.70 -55.86
N ASN EA 355 -27.25 55.36 -55.16
CA ASN EA 355 -26.37 54.30 -55.64
C ASN EA 355 -27.03 52.94 -55.58
N ALA EA 356 -27.87 52.70 -54.56
CA ALA EA 356 -28.48 51.39 -54.39
C ALA EA 356 -29.34 51.00 -55.59
N GLU EA 357 -30.14 51.94 -56.08
CA GLU EA 357 -31.03 51.62 -57.19
C GLU EA 357 -30.24 51.24 -58.44
N ALA EA 358 -29.17 51.99 -58.73
CA ALA EA 358 -28.34 51.65 -59.90
C ALA EA 358 -27.73 50.26 -59.75
N SER EA 359 -27.23 49.94 -58.56
CA SER EA 359 -26.61 48.63 -58.36
C SER EA 359 -27.62 47.51 -58.57
N LEU EA 360 -28.83 47.64 -58.00
CA LEU EA 360 -29.81 46.58 -58.15
C LEU EA 360 -30.29 46.46 -59.59
N LEU EA 361 -30.45 47.58 -60.29
CA LEU EA 361 -30.84 47.51 -61.70
C LEU EA 361 -29.78 46.76 -62.50
N GLU EA 362 -28.50 47.01 -62.22
CA GLU EA 362 -27.44 46.30 -62.92
C GLU EA 362 -27.50 44.80 -62.62
N ALA EA 363 -27.77 44.42 -61.37
CA ALA EA 363 -27.84 43.01 -61.04
C ALA EA 363 -28.99 42.32 -61.77
N VAL EA 364 -30.17 42.94 -61.76
CA VAL EA 364 -31.30 42.35 -62.46
C VAL EA 364 -31.01 42.24 -63.95
N LYS EA 365 -30.31 43.21 -64.51
CA LYS EA 365 -29.93 43.10 -65.91
C LYS EA 365 -28.99 41.94 -66.15
N ARG EA 366 -27.89 41.87 -65.39
CA ARG EA 366 -26.91 40.80 -65.59
C ARG EA 366 -27.19 39.63 -64.64
N LYS EA 367 -28.47 39.25 -64.58
CA LYS EA 367 -28.86 37.94 -64.07
C LYS EA 367 -29.13 36.92 -65.18
N SER EA 368 -29.71 37.37 -66.30
CA SER EA 368 -30.26 36.45 -67.29
C SER EA 368 -29.17 35.64 -67.99
N ALA EA 369 -28.04 36.27 -68.30
CA ALA EA 369 -26.98 35.56 -69.02
C ALA EA 369 -26.44 34.41 -68.18
N GLU EA 370 -26.18 34.66 -66.90
CA GLU EA 370 -25.72 33.59 -66.02
C GLU EA 370 -26.80 32.53 -65.84
N GLN EA 371 -28.06 32.96 -65.81
CA GLN EA 371 -29.15 31.99 -65.71
C GLN EA 371 -29.13 31.04 -66.90
N ALA EA 372 -29.00 31.57 -68.11
CA ALA EA 372 -28.99 30.72 -69.30
C ALA EA 372 -27.74 29.85 -69.35
N LYS EA 373 -26.59 30.39 -68.93
CA LYS EA 373 -25.37 29.58 -68.91
C LYS EA 373 -25.53 28.38 -67.98
N GLU EA 374 -26.11 28.60 -66.81
CA GLU EA 374 -26.40 27.47 -65.92
C GLU EA 374 -27.42 26.55 -66.55
N ASN EA 375 -28.40 27.10 -67.27
CA ASN EA 375 -29.47 26.29 -67.85
C ASN EA 375 -28.92 25.29 -68.86
N THR EA 376 -27.97 25.71 -69.68
CA THR EA 376 -27.40 24.83 -70.70
C THR EA 376 -26.57 23.69 -70.08
N LYS EA 377 -26.22 23.78 -68.80
CA LYS EA 377 -25.33 22.80 -68.17
C LYS EA 377 -26.04 21.55 -67.67
N LEU EA 378 -27.37 21.49 -67.74
CA LEU EA 378 -28.07 20.31 -67.24
C LEU EA 378 -27.90 19.10 -68.13
N ILE EA 379 -27.41 19.24 -69.35
CA ILE EA 379 -27.31 18.13 -70.28
C ILE EA 379 -25.87 17.64 -70.35
N GLN EA 380 -24.93 18.56 -70.10
CA GLN EA 380 -23.53 18.20 -70.22
C GLN EA 380 -23.12 17.18 -69.18
N THR EA 381 -23.63 17.29 -67.95
CA THR EA 381 -23.28 16.30 -66.93
C THR EA 381 -23.75 14.91 -67.32
N GLN EA 382 -24.98 14.79 -67.84
CA GLN EA 382 -25.48 13.49 -68.24
C GLN EA 382 -24.70 12.93 -69.42
N ASN EA 383 -24.42 13.76 -70.42
CA ASN EA 383 -23.66 13.26 -71.57
C ASN EA 383 -22.18 13.09 -71.26
N LYS EA 384 -21.72 13.57 -70.10
CA LYS EA 384 -20.32 13.45 -69.72
C LYS EA 384 -20.04 12.30 -68.78
N GLN EA 385 -21.03 11.83 -68.03
CA GLN EA 385 -20.79 10.70 -67.14
C GLN EA 385 -20.51 9.41 -67.90
N LEU EA 386 -21.05 9.27 -69.11
CA LEU EA 386 -20.90 8.01 -69.85
C LEU EA 386 -19.46 7.79 -70.30
N VAL EA 387 -18.76 8.87 -70.66
CA VAL EA 387 -17.36 8.77 -71.05
C VAL EA 387 -16.52 8.21 -69.91
N ILE EA 388 -16.80 8.65 -68.69
CA ILE EA 388 -16.10 8.10 -67.53
C ILE EA 388 -16.53 6.67 -67.28
N ASP EA 389 -17.82 6.37 -67.50
CA ASP EA 389 -18.32 5.03 -67.22
C ASP EA 389 -17.65 3.97 -68.10
N GLN EA 390 -17.39 4.30 -69.37
CA GLN EA 390 -16.81 3.32 -70.28
C GLN EA 390 -15.44 2.85 -69.80
N VAL EA 391 -14.64 3.78 -69.26
CA VAL EA 391 -13.29 3.43 -68.83
C VAL EA 391 -13.35 2.36 -67.74
N TYR EA 392 -14.22 2.54 -66.76
CA TYR EA 392 -14.30 1.57 -65.67
C TYR EA 392 -14.94 0.28 -66.12
N GLN EA 393 -15.89 0.33 -67.05
CA GLN EA 393 -16.45 -0.91 -67.58
C GLN EA 393 -15.38 -1.73 -68.29
N ARG EA 394 -14.46 -1.07 -68.99
CA ARG EA 394 -13.36 -1.81 -69.61
C ARG EA 394 -12.36 -2.29 -68.57
N ARG EA 395 -12.11 -1.49 -67.54
CA ARG EA 395 -11.12 -1.85 -66.53
C ARG EA 395 -11.57 -3.03 -65.68
N LEU EA 396 -12.88 -3.19 -65.49
CA LEU EA 396 -13.41 -4.26 -64.64
C LEU EA 396 -13.31 -5.63 -65.28
N ALA EA 397 -12.57 -5.78 -66.39
CA ALA EA 397 -12.41 -7.07 -67.06
C ALA EA 397 -10.97 -7.28 -67.52
N GLY EA 398 -10.02 -6.90 -66.68
CA GLY EA 398 -8.62 -7.16 -66.97
C GLY EA 398 -8.00 -6.29 -68.04
N ASP EA 399 -7.87 -4.99 -67.77
CA ASP EA 399 -7.26 -4.07 -68.72
C ASP EA 399 -6.64 -2.91 -67.95
N ASN EA 400 -5.61 -2.31 -68.55
CA ASN EA 400 -4.98 -1.11 -68.02
C ASN EA 400 -5.38 0.07 -68.90
N VAL EA 401 -6.03 1.07 -68.31
CA VAL EA 401 -6.57 2.18 -69.07
C VAL EA 401 -6.02 3.54 -68.62
N SER EA 402 -5.30 3.60 -67.49
CA SER EA 402 -4.66 4.83 -67.04
C SER EA 402 -5.67 5.93 -66.77
N THR EA 403 -6.43 5.79 -65.67
CA THR EA 403 -7.56 6.66 -65.38
C THR EA 403 -7.14 8.02 -64.82
N ASN EA 404 -6.31 8.75 -65.57
CA ASN EA 404 -6.13 10.16 -65.30
C ASN EA 404 -7.36 10.93 -65.78
N TYR EA 405 -7.59 12.10 -65.21
CA TYR EA 405 -8.73 12.91 -65.62
C TYR EA 405 -8.37 13.95 -66.68
N GLU EA 406 -7.11 13.99 -67.11
CA GLU EA 406 -6.71 14.80 -68.25
C GLU EA 406 -6.48 13.97 -69.50
N ASP EA 407 -6.82 12.68 -69.46
CA ASP EA 407 -6.59 11.76 -70.56
C ASP EA 407 -7.91 11.19 -71.09
N LEU EA 408 -8.93 12.03 -71.18
CA LEU EA 408 -10.21 11.58 -71.72
C LEU EA 408 -10.49 12.26 -73.04
N PRO EA 409 -11.27 11.63 -73.92
CA PRO EA 409 -11.55 12.23 -75.23
C PRO EA 409 -12.44 13.47 -75.08
N VAL EA 410 -12.01 14.57 -75.69
CA VAL EA 410 -12.76 15.81 -75.64
C VAL EA 410 -13.65 15.93 -76.87
N SER EA 411 -14.73 16.68 -76.72
CA SER EA 411 -15.71 16.85 -77.78
C SER EA 411 -16.47 18.15 -77.54
N GLU EA 412 -17.56 18.34 -78.27
CA GLU EA 412 -18.39 19.53 -78.12
C GLU EA 412 -19.67 19.24 -77.33
N ALA EA 413 -20.02 17.99 -77.13
CA ALA EA 413 -21.17 17.64 -76.30
C ALA EA 413 -20.80 17.45 -74.84
N THR EA 414 -19.51 17.53 -74.50
CA THR EA 414 -19.08 17.39 -73.12
C THR EA 414 -18.42 18.66 -72.58
N GLY EA 415 -17.36 19.15 -73.21
CA GLY EA 415 -16.66 20.31 -72.69
C GLY EA 415 -15.26 20.01 -72.20
N GLU EA 416 -14.97 20.37 -70.96
CA GLU EA 416 -13.66 20.13 -70.34
C GLU EA 416 -13.84 19.34 -69.05
N PHE EA 417 -12.71 18.94 -68.47
CA PHE EA 417 -12.72 18.05 -67.31
C PHE EA 417 -11.89 18.64 -66.18
N LYS EA 418 -12.44 18.63 -64.98
CA LYS EA 418 -11.77 19.08 -63.76
C LYS EA 418 -11.74 17.93 -62.75
N ARG EA 419 -11.25 18.22 -61.55
CA ARG EA 419 -11.10 17.17 -60.55
C ARG EA 419 -12.43 16.76 -59.95
N SER EA 420 -13.39 17.68 -59.84
CA SER EA 420 -14.66 17.36 -59.21
C SER EA 420 -15.52 16.42 -60.04
N ASP EA 421 -15.29 16.38 -61.36
CA ASP EA 421 -16.04 15.46 -62.21
C ASP EA 421 -15.69 14.01 -61.90
N MET EA 422 -14.48 13.78 -61.40
CA MET EA 422 -14.07 12.45 -60.96
C MET EA 422 -14.46 12.15 -59.53
N ASN EA 423 -15.13 13.10 -58.85
CA ASN EA 423 -15.62 12.88 -57.50
C ASN EA 423 -17.13 12.79 -57.42
N ASN EA 424 -17.86 13.45 -58.31
CA ASN EA 424 -19.30 13.27 -58.36
C ASN EA 424 -19.69 11.94 -58.99
N TYR EA 425 -18.83 11.38 -59.84
CA TYR EA 425 -19.17 10.12 -60.50
C TYR EA 425 -19.31 8.98 -59.51
N ALA EA 426 -18.44 8.93 -58.50
CA ALA EA 426 -18.52 7.86 -57.51
C ALA EA 426 -19.83 7.89 -56.75
N SER EA 427 -20.24 9.08 -56.32
CA SER EA 427 -21.52 9.21 -55.62
C SER EA 427 -22.67 8.84 -56.53
N ALA EA 428 -22.62 9.27 -57.80
CA ALA EA 428 -23.68 8.92 -58.74
C ALA EA 428 -23.79 7.40 -58.91
N LYS EA 429 -22.64 6.73 -59.05
CA LYS EA 429 -22.66 5.28 -59.24
C LYS EA 429 -23.18 4.57 -58.00
N LEU EA 430 -22.73 4.98 -56.82
CA LEU EA 430 -23.18 4.30 -55.60
C LEU EA 430 -24.66 4.56 -55.34
N GLN EA 431 -25.18 5.70 -55.78
CA GLN EA 431 -26.62 5.92 -55.68
C GLN EA 431 -27.40 5.13 -56.72
N GLN EA 432 -26.83 4.95 -57.91
CA GLN EA 432 -27.51 4.17 -58.93
C GLN EA 432 -27.62 2.71 -58.52
N ILE EA 433 -26.55 2.15 -57.94
CA ILE EA 433 -26.52 0.71 -57.64
C ILE EA 433 -27.64 0.34 -56.68
N ASP EA 434 -27.91 1.19 -55.69
CA ASP EA 434 -28.95 0.93 -54.70
C ASP EA 434 -30.35 1.20 -55.21
N GLN EA 435 -30.52 1.29 -56.53
CA GLN EA 435 -31.85 1.44 -57.13
C GLN EA 435 -32.20 0.30 -58.08
N MET EA 436 -31.30 -0.62 -58.34
CA MET EA 436 -31.57 -1.71 -59.26
C MET EA 436 -32.59 -2.67 -58.66
N ASP EA 437 -33.06 -3.60 -59.49
CA ASP EA 437 -34.14 -4.51 -59.15
C ASP EA 437 -33.62 -5.92 -58.89
N ILE EA 438 -32.48 -6.02 -58.21
CA ILE EA 438 -31.83 -7.31 -57.95
C ILE EA 438 -31.76 -7.50 -56.45
N PRO EA 439 -31.60 -8.74 -55.99
CA PRO EA 439 -31.52 -8.98 -54.54
C PRO EA 439 -30.31 -8.31 -53.90
N GLU EA 440 -30.28 -8.38 -52.56
CA GLU EA 440 -29.27 -7.65 -51.79
C GLU EA 440 -27.87 -8.22 -51.98
N ALA EA 441 -27.75 -9.53 -52.23
CA ALA EA 441 -26.43 -10.12 -52.36
C ALA EA 441 -25.66 -9.53 -53.54
N ALA EA 442 -26.34 -9.36 -54.68
CA ALA EA 442 -25.67 -8.74 -55.83
C ALA EA 442 -25.29 -7.30 -55.55
N LYS EA 443 -26.16 -6.57 -54.85
CA LYS EA 443 -25.84 -5.19 -54.49
C LYS EA 443 -24.59 -5.12 -53.62
N ASP EA 444 -24.43 -6.06 -52.69
CA ASP EA 444 -23.23 -6.07 -51.87
C ASP EA 444 -22.01 -6.53 -52.64
N ALA EA 445 -22.19 -7.41 -53.62
CA ALA EA 445 -21.04 -7.91 -54.36
C ALA EA 445 -20.50 -6.86 -55.33
N GLN EA 446 -21.38 -6.12 -55.99
CA GLN EA 446 -20.93 -5.23 -57.06
C GLN EA 446 -20.12 -4.06 -56.52
N LYS EA 447 -20.49 -3.52 -55.35
CA LYS EA 447 -19.75 -2.38 -54.80
C LYS EA 447 -18.31 -2.75 -54.49
N VAL EA 448 -18.10 -3.90 -53.84
CA VAL EA 448 -16.75 -4.35 -53.57
C VAL EA 448 -16.02 -4.70 -54.85
N ALA EA 449 -16.74 -5.23 -55.84
CA ALA EA 449 -16.10 -5.48 -57.14
C ALA EA 449 -15.56 -4.20 -57.74
N LEU EA 450 -16.34 -3.11 -57.66
CA LEU EA 450 -15.87 -1.83 -58.17
C LEU EA 450 -14.70 -1.30 -57.36
N LEU EA 451 -14.74 -1.45 -56.04
CA LEU EA 451 -13.63 -0.97 -55.22
C LEU EA 451 -12.34 -1.72 -55.56
N ARG EA 452 -12.43 -3.02 -55.78
CA ARG EA 452 -11.24 -3.85 -55.98
C ARG EA 452 -10.55 -3.60 -57.31
N ALA EA 453 -11.21 -2.91 -58.25
CA ALA EA 453 -10.62 -2.65 -59.56
C ALA EA 453 -10.02 -1.26 -59.68
N ASP EA 454 -10.07 -0.46 -58.62
CA ASP EA 454 -9.61 0.92 -58.66
C ASP EA 454 -8.11 1.01 -58.39
N THR EA 455 -7.50 2.08 -58.88
CA THR EA 455 -6.11 2.34 -58.61
C THR EA 455 -5.95 3.04 -57.27
N ASN EA 456 -4.70 3.30 -56.89
CA ASN EA 456 -4.45 4.02 -55.65
C ASN EA 456 -4.94 5.46 -55.70
N ASN EA 457 -5.16 5.99 -56.89
CA ASN EA 457 -5.63 7.37 -57.09
C ASN EA 457 -7.02 7.29 -57.71
N GLY EA 458 -8.03 7.19 -56.87
CA GLY EA 458 -9.39 7.06 -57.34
C GLY EA 458 -10.41 7.53 -56.32
N PRO EA 459 -11.63 7.78 -56.77
CA PRO EA 459 -12.66 8.28 -55.85
C PRO EA 459 -13.20 7.23 -54.90
N PHE EA 460 -13.23 5.95 -55.30
CA PHE EA 460 -13.89 4.94 -54.47
C PHE EA 460 -13.17 4.73 -53.15
N ARG EA 461 -11.84 4.79 -53.16
CA ARG EA 461 -11.09 4.60 -51.92
C ARG EA 461 -11.42 5.68 -50.90
N ASN EA 462 -11.50 6.94 -51.33
CA ASN EA 462 -11.91 8.00 -50.42
C ASN EA 462 -13.35 7.82 -49.96
N ALA EA 463 -14.23 7.45 -50.89
CA ALA EA 463 -15.64 7.28 -50.55
C ALA EA 463 -15.82 6.19 -49.51
N PHE EA 464 -14.92 5.22 -49.46
CA PHE EA 464 -15.00 4.20 -48.42
C PHE EA 464 -14.24 4.58 -47.15
N GLN EA 465 -13.18 5.38 -47.27
CA GLN EA 465 -12.47 5.84 -46.08
C GLN EA 465 -13.40 6.67 -45.20
N THR EA 466 -14.17 7.57 -45.81
CA THR EA 466 -15.09 8.38 -45.04
C THR EA 466 -16.10 7.53 -44.28
N LEU EA 467 -16.65 6.52 -44.95
CA LEU EA 467 -17.63 5.64 -44.32
C LEU EA 467 -17.02 4.87 -43.16
N THR EA 468 -15.78 4.39 -43.35
CA THR EA 468 -15.10 3.68 -42.27
C THR EA 468 -14.97 4.55 -41.03
N GLN EA 469 -14.52 5.79 -41.22
CA GLN EA 469 -14.32 6.68 -40.08
C GLN EA 469 -15.65 7.00 -39.38
N ASP EA 470 -16.71 7.22 -40.17
CA ASP EA 470 -18.01 7.52 -39.56
C ASP EA 470 -18.50 6.36 -38.71
N ALA EA 471 -18.39 5.12 -39.22
CA ALA EA 471 -18.83 3.97 -38.43
C ALA EA 471 -18.02 3.84 -37.14
N ALA EA 472 -16.70 4.04 -37.24
CA ALA EA 472 -15.87 3.95 -36.06
C ALA EA 472 -16.31 4.96 -35.00
N GLY EA 473 -16.63 6.18 -35.41
CA GLY EA 473 -17.11 7.17 -34.45
C GLY EA 473 -18.44 6.80 -33.82
N GLU EA 474 -19.37 6.29 -34.63
CA GLU EA 474 -20.68 5.95 -34.10
C GLU EA 474 -20.60 4.85 -33.04
N TRP EA 475 -19.69 3.89 -33.20
CA TRP EA 475 -19.57 2.84 -32.19
C TRP EA 475 -19.16 3.43 -30.83
N GLN EA 476 -18.19 4.34 -30.81
CA GLN EA 476 -17.76 4.93 -29.55
C GLN EA 476 -18.86 5.77 -28.92
N ALA EA 477 -19.61 6.50 -29.75
CA ALA EA 477 -20.76 7.23 -29.19
C ALA EA 477 -21.74 6.28 -28.52
N ALA EA 478 -22.00 5.13 -29.14
CA ALA EA 478 -22.91 4.15 -28.56
C ALA EA 478 -22.38 3.60 -27.24
N VAL EA 479 -21.06 3.37 -27.15
CA VAL EA 479 -20.49 2.91 -25.89
C VAL EA 479 -20.70 3.96 -24.80
N ILE EA 480 -20.40 5.22 -25.11
CA ILE EA 480 -20.49 6.28 -24.10
C ILE EA 480 -21.92 6.46 -23.62
N ARG EA 481 -22.88 6.46 -24.54
CA ARG EA 481 -24.28 6.64 -24.15
C ARG EA 481 -24.76 5.51 -23.26
N GLY EA 482 -24.34 4.27 -23.54
CA GLY EA 482 -24.70 3.13 -22.74
C GLY EA 482 -25.90 2.34 -23.23
N GLN EA 483 -26.48 2.71 -24.35
CA GLN EA 483 -27.66 2.04 -24.88
C GLN EA 483 -27.51 1.85 -26.38
N TYR EA 484 -28.24 0.90 -26.93
CA TYR EA 484 -28.23 0.60 -28.36
C TYR EA 484 -29.53 1.12 -28.97
N ASP EA 485 -29.42 2.18 -29.77
CA ASP EA 485 -30.58 2.82 -30.39
C ASP EA 485 -30.60 2.51 -31.87
N PRO EA 486 -31.61 1.82 -32.40
CA PRO EA 486 -31.58 1.39 -33.79
C PRO EA 486 -31.87 2.49 -34.81
N ASP EA 487 -32.20 3.70 -34.37
CA ASP EA 487 -32.49 4.79 -35.29
C ASP EA 487 -31.34 5.75 -35.47
N LYS EA 488 -30.31 5.68 -34.63
CA LYS EA 488 -29.14 6.53 -34.77
C LYS EA 488 -27.91 5.78 -35.25
N MET EA 489 -27.92 4.44 -35.18
CA MET EA 489 -26.83 3.61 -35.66
C MET EA 489 -27.20 3.18 -37.07
N GLN EA 490 -26.89 4.04 -38.05
CA GLN EA 490 -27.29 3.77 -39.43
C GLN EA 490 -26.13 3.63 -40.41
N ARG EA 491 -24.99 4.28 -40.15
CA ARG EA 491 -23.80 4.04 -40.96
C ARG EA 491 -22.97 2.88 -40.44
N PHE EA 492 -23.29 2.36 -39.27
CA PHE EA 492 -22.64 1.17 -38.75
C PHE EA 492 -23.21 -0.09 -39.34
N GLU EA 493 -24.44 -0.06 -39.82
CA GLU EA 493 -25.11 -1.24 -40.37
C GLU EA 493 -25.06 -1.28 -41.89
N SER EA 494 -24.38 -0.34 -42.53
CA SER EA 494 -24.20 -0.37 -43.97
C SER EA 494 -22.83 -0.84 -44.41
N LEU EA 495 -21.80 -0.61 -43.59
CA LEU EA 495 -20.50 -1.18 -43.86
C LEU EA 495 -20.45 -2.66 -43.51
N ARG EA 496 -21.27 -3.09 -42.55
CA ARG EA 496 -21.29 -4.49 -42.14
C ARG EA 496 -21.74 -5.38 -43.28
N ARG EA 497 -22.71 -4.92 -44.08
CA ARG EA 497 -23.19 -5.72 -45.20
C ARG EA 497 -22.12 -5.92 -46.26
N ALA EA 498 -21.33 -4.89 -46.54
CA ALA EA 498 -20.26 -5.02 -47.52
C ALA EA 498 -19.02 -5.69 -46.96
N TYR EA 499 -18.89 -5.79 -45.64
CA TYR EA 499 -17.73 -6.48 -45.07
C TYR EA 499 -17.87 -7.99 -45.18
N THR EA 500 -19.09 -8.52 -45.20
CA THR EA 500 -19.28 -9.96 -45.17
C THR EA 500 -18.72 -10.63 -46.42
N GLN EA 501 -18.94 -10.03 -47.59
CA GLN EA 501 -18.59 -10.69 -48.85
C GLN EA 501 -17.08 -10.88 -48.99
N ASP EA 502 -16.28 -9.89 -48.62
CA ASP EA 502 -14.83 -10.00 -48.69
C ASP EA 502 -14.18 -9.42 -47.45
N PRO EA 503 -13.89 -10.26 -46.46
CA PRO EA 503 -13.28 -9.77 -45.20
C PRO EA 503 -11.76 -9.80 -45.16
N SER EA 504 -11.08 -10.03 -46.27
CA SER EA 504 -9.62 -10.04 -46.27
C SER EA 504 -8.99 -8.86 -46.99
N SER EA 505 -9.68 -8.25 -47.97
CA SER EA 505 -9.16 -7.05 -48.59
C SER EA 505 -9.35 -5.82 -47.71
N PHE EA 506 -10.42 -5.81 -46.92
CA PHE EA 506 -10.64 -4.71 -45.98
C PHE EA 506 -9.51 -4.63 -44.96
N ALA EA 507 -9.02 -5.77 -44.50
CA ALA EA 507 -7.96 -5.82 -43.51
C ALA EA 507 -6.58 -5.60 -44.10
N ALA EA 508 -6.46 -5.49 -45.42
CA ALA EA 508 -5.21 -5.15 -46.06
C ALA EA 508 -5.18 -3.73 -46.62
N LEU EA 509 -6.35 -3.13 -46.84
CA LEU EA 509 -6.40 -1.77 -47.36
C LEU EA 509 -6.43 -0.72 -46.25
N TYR EA 510 -7.10 -1.01 -45.14
CA TYR EA 510 -7.25 -0.07 -44.03
C TYR EA 510 -6.78 -0.75 -42.75
N PRO EA 511 -5.48 -0.80 -42.52
CA PRO EA 511 -4.96 -1.55 -41.37
C PRO EA 511 -5.05 -0.79 -40.06
N ASP EA 512 -5.70 0.37 -40.06
CA ASP EA 512 -5.79 1.19 -38.87
C ASP EA 512 -7.15 1.12 -38.20
N GLN EA 513 -8.02 0.21 -38.62
CA GLN EA 513 -9.37 0.09 -38.06
C GLN EA 513 -9.66 -1.37 -37.73
N ALA EA 514 -8.66 -2.06 -37.20
CA ALA EA 514 -8.80 -3.49 -36.93
C ALA EA 514 -9.70 -3.79 -35.74
N GLN EA 515 -10.01 -2.79 -34.90
CA GLN EA 515 -10.93 -3.02 -33.80
C GLN EA 515 -12.36 -3.23 -34.30
N LEU EA 516 -12.81 -2.36 -35.20
CA LEU EA 516 -14.17 -2.46 -35.71
C LEU EA 516 -14.40 -3.75 -36.46
N PHE EA 517 -13.37 -4.27 -37.13
CA PHE EA 517 -13.50 -5.55 -37.81
C PHE EA 517 -13.69 -6.69 -36.81
N SER EA 518 -13.00 -6.64 -35.67
CA SER EA 518 -13.24 -7.61 -34.61
C SER EA 518 -14.66 -7.51 -34.08
N THR EA 519 -15.16 -6.28 -33.90
CA THR EA 519 -16.53 -6.10 -33.44
C THR EA 519 -17.52 -6.72 -34.42
N PHE EA 520 -17.29 -6.51 -35.72
CA PHE EA 520 -18.14 -7.15 -36.72
C PHE EA 520 -18.04 -8.68 -36.63
N ASP EA 521 -16.82 -9.20 -36.49
CA ASP EA 521 -16.62 -10.64 -36.56
C ASP EA 521 -17.30 -11.37 -35.42
N GLN EA 522 -17.29 -10.78 -34.22
CA GLN EA 522 -17.91 -11.38 -33.05
C GLN EA 522 -19.43 -11.42 -33.14
N MET EA 523 -20.03 -10.72 -34.10
CA MET EA 523 -21.48 -10.66 -34.20
C MET EA 523 -21.97 -11.62 -35.27
N ASP EA 524 -21.07 -12.01 -36.17
CA ASP EA 524 -21.42 -12.88 -37.29
C ASP EA 524 -20.97 -14.33 -37.09
N LYS EA 525 -19.81 -14.56 -36.49
CA LYS EA 525 -19.35 -15.94 -36.39
C LYS EA 525 -19.66 -16.54 -35.03
N ILE EA 526 -19.21 -15.89 -33.96
CA ILE EA 526 -19.36 -16.44 -32.62
C ILE EA 526 -20.84 -16.51 -32.24
N GLY EA 527 -21.55 -15.40 -32.36
CA GLY EA 527 -22.99 -15.43 -32.19
C GLY EA 527 -23.60 -14.48 -31.18
N LEU EA 528 -22.83 -13.53 -30.65
CA LEU EA 528 -23.36 -12.63 -29.64
C LEU EA 528 -24.34 -11.64 -30.27
N ASP EA 529 -25.04 -10.93 -29.41
CA ASP EA 529 -26.00 -9.91 -29.77
C ASP EA 529 -25.39 -8.51 -29.64
N PRO EA 530 -25.99 -7.50 -30.27
CA PRO EA 530 -25.42 -6.14 -30.15
C PRO EA 530 -25.34 -5.64 -28.73
N GLN EA 531 -26.28 -6.01 -27.87
CA GLN EA 531 -26.21 -5.68 -26.45
C GLN EA 531 -25.26 -6.68 -25.79
N THR EA 532 -25.00 -6.53 -24.49
CA THR EA 532 -24.08 -7.38 -23.74
C THR EA 532 -22.66 -7.27 -24.27
N MET EA 533 -22.43 -6.31 -25.17
CA MET EA 533 -21.08 -5.82 -25.45
C MET EA 533 -20.93 -4.34 -25.19
N ILE EA 534 -22.02 -3.59 -25.12
CA ILE EA 534 -22.00 -2.19 -24.73
C ILE EA 534 -21.99 -2.14 -23.21
N GLU EA 535 -22.07 -3.30 -22.58
CA GLU EA 535 -21.96 -3.41 -21.14
C GLU EA 535 -20.65 -4.01 -20.65
N ALA EA 536 -20.00 -4.89 -21.42
CA ALA EA 536 -18.69 -5.38 -21.03
C ALA EA 536 -17.62 -4.33 -21.26
N ASP EA 537 -17.71 -3.55 -22.33
CA ASP EA 537 -16.74 -2.50 -22.60
C ASP EA 537 -16.77 -1.44 -21.52
N LYS EA 538 -17.97 -1.08 -21.05
CA LYS EA 538 -18.09 -0.07 -20.01
C LYS EA 538 -17.41 -0.52 -18.72
N GLN EA 539 -17.61 -1.78 -18.34
CA GLN EA 539 -17.01 -2.30 -17.12
C GLN EA 539 -15.54 -2.64 -17.29
N ALA EA 540 -15.04 -2.74 -18.51
CA ALA EA 540 -13.61 -2.95 -18.71
C ALA EA 540 -12.82 -1.68 -18.44
N ALA EA 541 -13.44 -0.52 -18.60
CA ALA EA 541 -12.77 0.76 -18.48
C ALA EA 541 -12.23 1.00 -17.08
N SER EA 542 -13.01 0.62 -16.06
CA SER EA 542 -12.65 0.85 -14.68
C SER EA 542 -11.32 0.18 -14.33
N GLN EA 543 -11.14 -1.07 -14.74
CA GLN EA 543 -9.87 -1.76 -14.56
C GLN EA 543 -8.96 -1.58 -15.76
N SER EA 544 -8.47 -0.36 -16.01
CA SER EA 544 -7.60 -0.11 -17.15
C SER EA 544 -6.42 -1.06 -17.14
N ARG EA 545 -6.34 -1.96 -18.13
CA ARG EA 545 -5.44 -3.09 -17.98
C ARG EA 545 -3.99 -2.66 -18.15
N GLU EA 546 -3.59 -2.32 -19.38
CA GLU EA 546 -2.25 -1.85 -19.72
C GLU EA 546 -1.17 -2.61 -18.96
N MET EA 547 -1.42 -3.90 -18.68
CA MET EA 547 -0.57 -4.68 -17.78
C MET EA 547 0.67 -5.18 -18.51
N ARG EA 548 1.54 -4.22 -18.83
CA ARG EA 548 2.85 -4.49 -19.42
C ARG EA 548 2.73 -5.21 -20.76
N MET EA 549 3.86 -5.74 -21.23
CA MET EA 549 3.99 -6.51 -22.48
C MET EA 549 3.23 -5.87 -23.65
N GLU EA 550 3.19 -4.54 -23.70
CA GLU EA 550 2.73 -3.82 -24.88
C GLU EA 550 3.90 -2.96 -25.36
N SER EA 551 4.77 -3.55 -26.18
CA SER EA 551 5.96 -2.86 -26.65
C SER EA 551 6.25 -3.30 -28.08
N ASP EA 552 7.39 -2.85 -28.61
CA ASP EA 552 7.76 -3.16 -29.98
C ASP EA 552 8.55 -4.46 -30.09
N LYS EA 553 9.33 -4.81 -29.07
CA LYS EA 553 10.06 -6.07 -29.06
C LYS EA 553 9.26 -7.20 -28.45
N ALA EA 554 8.10 -6.92 -27.85
CA ALA EA 554 7.28 -7.99 -27.30
C ALA EA 554 6.61 -8.79 -28.40
N TRP EA 555 6.36 -8.18 -29.55
CA TRP EA 555 5.76 -8.91 -30.67
C TRP EA 555 6.74 -9.91 -31.27
N GLN EA 556 8.01 -9.51 -31.41
CA GLN EA 556 8.99 -10.39 -32.03
C GLN EA 556 9.21 -11.65 -31.20
N GLU EA 557 9.27 -11.51 -29.88
CA GLU EA 557 9.39 -12.69 -29.03
C GLU EA 557 8.15 -13.58 -29.15
N LEU EA 558 6.97 -12.97 -29.19
CA LEU EA 558 5.73 -13.74 -29.27
C LEU EA 558 5.58 -14.48 -30.60
N LYS EA 559 6.22 -13.98 -31.66
CA LYS EA 559 6.13 -14.64 -32.95
C LYS EA 559 7.20 -15.70 -33.16
N ASN EA 560 8.09 -15.91 -32.19
CA ASN EA 560 9.18 -16.86 -32.36
C ASN EA 560 9.10 -18.06 -31.44
N ASP EA 561 8.09 -18.15 -30.59
CA ASP EA 561 7.97 -19.30 -29.71
C ASP EA 561 7.75 -20.58 -30.52
N SER EA 562 8.34 -21.67 -30.04
CA SER EA 562 8.12 -22.98 -30.65
C SER EA 562 6.73 -23.51 -30.36
N ARG EA 563 6.10 -23.03 -29.28
CA ARG EA 563 4.74 -23.45 -28.96
C ARG EA 563 3.75 -23.01 -30.04
N ASN EA 564 3.91 -21.79 -30.54
CA ASN EA 564 3.02 -21.23 -31.55
C ASN EA 564 3.65 -21.42 -32.93
N LYS EA 565 3.04 -22.27 -33.76
CA LYS EA 565 3.54 -22.54 -35.09
C LYS EA 565 2.68 -21.97 -36.20
N ASP EA 566 1.47 -21.52 -35.89
CA ASP EA 566 0.67 -20.81 -36.89
C ASP EA 566 1.07 -19.35 -37.02
N LEU EA 567 1.85 -18.82 -36.08
CA LEU EA 567 2.30 -17.45 -36.12
C LEU EA 567 3.72 -17.29 -36.66
N SER EA 568 4.49 -18.39 -36.78
CA SER EA 568 5.81 -18.29 -37.38
C SER EA 568 5.72 -18.09 -38.88
N ARG EA 569 4.77 -18.77 -39.53
CA ARG EA 569 4.52 -18.63 -40.96
C ARG EA 569 3.41 -17.60 -41.13
N LEU EA 570 3.78 -16.40 -41.59
CA LEU EA 570 2.81 -15.33 -41.66
C LEU EA 570 3.14 -14.38 -42.81
N PRO EA 571 2.16 -14.05 -43.67
CA PRO EA 571 2.43 -13.11 -44.74
C PRO EA 571 2.71 -11.71 -44.20
N THR EA 572 3.58 -10.99 -44.89
CA THR EA 572 3.95 -9.65 -44.44
C THR EA 572 2.82 -8.64 -44.65
N SER EA 573 1.84 -8.95 -45.50
CA SER EA 573 0.75 -8.01 -45.74
C SER EA 573 -0.19 -7.93 -44.55
N LEU EA 574 -0.47 -9.05 -43.90
CA LEU EA 574 -1.41 -9.11 -42.80
C LEU EA 574 -0.74 -8.94 -41.45
N ASP EA 575 0.55 -8.62 -41.41
CA ASP EA 575 1.27 -8.51 -40.14
C ASP EA 575 0.84 -7.29 -39.33
N ALA EA 576 0.22 -6.30 -39.95
CA ALA EA 576 -0.15 -5.07 -39.27
C ALA EA 576 -1.53 -5.12 -38.62
N SER EA 577 -2.30 -6.17 -38.84
CA SER EA 577 -3.60 -6.33 -38.20
C SER EA 577 -3.57 -7.30 -37.03
N ALA EA 578 -2.62 -8.23 -37.02
CA ALA EA 578 -2.49 -9.15 -35.91
C ALA EA 578 -2.26 -8.40 -34.60
N ARG EA 579 -1.43 -7.36 -34.63
CA ARG EA 579 -1.14 -6.60 -33.41
C ARG EA 579 -2.41 -6.00 -32.83
N LYS EA 580 -3.19 -5.33 -33.66
CA LYS EA 580 -4.38 -4.67 -33.13
C LYS EA 580 -5.43 -5.67 -32.69
N VAL EA 581 -5.58 -6.80 -33.40
CA VAL EA 581 -6.53 -7.80 -32.94
C VAL EA 581 -6.12 -8.36 -31.59
N TRP EA 582 -4.82 -8.68 -31.42
CA TRP EA 582 -4.35 -9.18 -30.14
C TRP EA 582 -4.57 -8.16 -29.04
N ASP EA 583 -4.27 -6.89 -29.31
CA ASP EA 583 -4.45 -5.85 -28.30
C ASP EA 583 -5.91 -5.72 -27.90
N SER EA 584 -6.82 -5.75 -28.88
CA SER EA 584 -8.24 -5.63 -28.54
C SER EA 584 -8.69 -6.80 -27.69
N TRP EA 585 -8.28 -8.02 -28.05
CA TRP EA 585 -8.70 -9.18 -27.27
C TRP EA 585 -8.17 -9.10 -25.85
N TYR EA 586 -6.89 -8.77 -25.70
CA TYR EA 586 -6.29 -8.68 -24.38
C TYR EA 586 -7.00 -7.62 -23.53
N TYR EA 587 -7.23 -6.45 -24.12
CA TYR EA 587 -7.90 -5.37 -23.38
C TYR EA 587 -9.30 -5.80 -22.95
N ARG EA 588 -10.04 -6.46 -23.84
CA ARG EA 588 -11.44 -6.73 -23.52
C ARG EA 588 -11.59 -7.86 -22.51
N THR EA 589 -10.79 -8.91 -22.61
CA THR EA 589 -11.01 -10.07 -21.75
C THR EA 589 -10.15 -10.10 -20.50
N GLY EA 590 -8.95 -9.53 -20.54
CA GLY EA 590 -8.09 -9.53 -19.38
C GLY EA 590 -6.98 -10.57 -19.41
N ASN EA 591 -7.30 -11.79 -19.84
CA ASN EA 591 -6.30 -12.84 -19.90
C ASN EA 591 -5.26 -12.53 -20.97
N ALA EA 592 -4.04 -13.03 -20.74
CA ALA EA 592 -2.97 -12.93 -21.71
C ALA EA 592 -2.77 -14.22 -22.48
N ASP EA 593 -3.66 -15.19 -22.31
CA ASP EA 593 -3.53 -16.48 -22.97
C ASP EA 593 -4.67 -16.79 -23.93
N ALA EA 594 -5.87 -16.28 -23.67
CA ALA EA 594 -6.94 -16.43 -24.64
C ALA EA 594 -6.73 -15.57 -25.87
N ALA EA 595 -5.96 -14.49 -25.76
CA ALA EA 595 -5.70 -13.64 -26.92
C ALA EA 595 -4.90 -14.38 -27.98
N THR EA 596 -3.82 -15.04 -27.58
CA THR EA 596 -3.00 -15.77 -28.54
C THR EA 596 -3.70 -17.01 -29.06
N GLN EA 597 -4.83 -17.38 -28.49
CA GLN EA 597 -5.62 -18.49 -29.00
C GLN EA 597 -6.72 -18.02 -29.94
N GLN EA 598 -7.27 -16.84 -29.69
CA GLN EA 598 -8.29 -16.27 -30.57
C GLN EA 598 -7.71 -15.54 -31.76
N THR EA 599 -6.41 -15.21 -31.75
CA THR EA 599 -5.82 -14.65 -32.95
C THR EA 599 -5.59 -15.69 -34.04
N GLN EA 600 -5.20 -16.90 -33.66
CA GLN EA 600 -4.94 -17.94 -34.67
C GLN EA 600 -6.21 -18.36 -35.39
N ARG EA 601 -7.35 -18.38 -34.70
CA ARG EA 601 -8.60 -18.70 -35.37
C ARG EA 601 -8.94 -17.66 -36.42
N TRP EA 602 -8.73 -16.37 -36.12
CA TRP EA 602 -8.96 -15.33 -37.10
C TRP EA 602 -7.99 -15.46 -38.28
N LEU EA 603 -6.73 -15.77 -37.98
CA LEU EA 603 -5.75 -15.90 -39.05
C LEU EA 603 -6.07 -17.07 -39.97
N ASN EA 604 -6.53 -18.19 -39.41
CA ASN EA 604 -6.70 -19.42 -40.17
C ASN EA 604 -7.85 -19.38 -41.16
N GLU EA 605 -8.71 -18.38 -41.09
CA GLU EA 605 -9.85 -18.29 -42.00
C GLU EA 605 -9.60 -17.33 -43.16
N ASN EA 606 -8.43 -16.68 -43.21
CA ASN EA 606 -8.12 -15.73 -44.28
C ASN EA 606 -6.86 -16.10 -45.03
N THR EA 607 -6.42 -17.36 -44.97
CA THR EA 607 -5.24 -17.79 -45.68
C THR EA 607 -5.47 -19.15 -46.32
N VAL EA 608 -4.51 -19.58 -47.11
CA VAL EA 608 -4.54 -20.88 -47.80
C VAL EA 608 -3.17 -21.52 -47.65
N THR EA 609 -3.14 -22.77 -47.18
CA THR EA 609 -1.90 -23.48 -46.90
C THR EA 609 -1.68 -24.58 -47.93
N PHE EA 610 -0.47 -24.63 -48.48
CA PHE EA 610 -0.11 -25.65 -49.45
C PHE EA 610 0.76 -26.71 -48.79
N GLN EA 611 0.50 -27.97 -49.11
CA GLN EA 611 1.16 -29.11 -48.48
C GLN EA 611 2.11 -29.78 -49.45
N SER EA 612 3.10 -30.49 -48.91
CA SER EA 612 4.04 -31.24 -49.71
C SER EA 612 3.60 -32.69 -49.82
N GLU EA 613 3.68 -33.23 -51.03
CA GLU EA 613 3.28 -34.61 -51.29
C GLU EA 613 4.31 -35.55 -50.68
N GLY EA 614 3.90 -36.34 -49.69
CA GLY EA 614 4.83 -37.24 -49.04
C GLY EA 614 4.13 -38.03 -47.96
N SER EA 615 4.91 -38.89 -47.31
CA SER EA 615 4.38 -39.69 -46.21
C SER EA 615 3.95 -38.82 -45.04
N ASP EA 616 4.77 -37.83 -44.68
CA ASP EA 616 4.45 -36.86 -43.64
C ASP EA 616 4.34 -35.49 -44.29
N GLY EA 617 3.14 -34.91 -44.23
CA GLY EA 617 2.93 -33.62 -44.85
C GLY EA 617 3.68 -32.51 -44.12
N LYS EA 618 4.20 -31.56 -44.89
CA LYS EA 618 4.88 -30.39 -44.34
C LYS EA 618 4.46 -29.17 -45.14
N SER EA 619 4.18 -28.09 -44.42
CA SER EA 619 3.79 -26.84 -45.08
C SER EA 619 4.96 -26.28 -45.88
N ILE EA 620 4.65 -25.65 -47.00
CA ILE EA 620 5.65 -25.04 -47.86
C ILE EA 620 5.40 -23.56 -48.13
N GLY EA 621 4.24 -23.02 -47.76
CA GLY EA 621 3.96 -21.62 -48.00
C GLY EA 621 2.57 -21.21 -47.59
N MET EA 622 2.43 -19.97 -47.13
CA MET EA 622 1.15 -19.40 -46.74
C MET EA 622 0.89 -18.16 -47.57
N VAL EA 623 -0.29 -18.08 -48.18
CA VAL EA 623 -0.69 -16.93 -48.98
C VAL EA 623 -2.05 -16.45 -48.48
N SER EA 624 -2.51 -15.34 -49.01
CA SER EA 624 -3.76 -14.73 -48.59
C SER EA 624 -4.87 -15.03 -49.59
N LYS EA 625 -6.10 -15.09 -49.09
CA LYS EA 625 -7.25 -15.37 -49.95
C LYS EA 625 -7.48 -14.26 -50.96
N HIS EA 626 -6.92 -13.08 -50.74
CA HIS EA 626 -7.16 -11.96 -51.65
C HIS EA 626 -6.37 -12.09 -52.94
N GLN EA 627 -5.21 -12.74 -52.90
CA GLN EA 627 -4.37 -12.87 -54.08
C GLN EA 627 -4.82 -13.98 -55.02
N LEU EA 628 -5.98 -14.58 -54.78
CA LEU EA 628 -6.48 -15.65 -55.62
C LEU EA 628 -7.88 -15.39 -56.15
N MET EA 629 -8.53 -14.30 -55.75
CA MET EA 629 -9.92 -14.02 -56.13
C MET EA 629 -9.95 -13.53 -57.56
N VAL EA 630 -9.83 -14.47 -58.49
CA VAL EA 630 -9.88 -14.16 -59.92
C VAL EA 630 -11.33 -14.23 -60.38
N GLY EA 631 -11.92 -13.07 -60.61
CA GLY EA 631 -13.33 -12.94 -60.92
C GLY EA 631 -13.98 -12.00 -59.92
N ASP EA 632 -15.30 -12.11 -59.79
CA ASP EA 632 -16.03 -11.27 -58.85
C ASP EA 632 -16.98 -12.03 -57.93
N ASN EA 633 -17.39 -13.24 -58.28
CA ASN EA 633 -18.18 -14.04 -57.36
C ASN EA 633 -17.37 -14.27 -56.09
N PRO EA 634 -17.90 -13.93 -54.92
CA PRO EA 634 -17.07 -14.00 -53.70
C PRO EA 634 -16.88 -15.43 -53.19
N GLU EA 635 -16.68 -16.36 -54.13
CA GLU EA 635 -16.28 -17.71 -53.79
C GLU EA 635 -15.31 -18.25 -54.82
N SER EA 636 -14.59 -17.38 -55.52
CA SER EA 636 -13.76 -17.77 -56.65
C SER EA 636 -12.30 -17.97 -56.29
N TRP EA 637 -11.98 -18.02 -55.00
CA TRP EA 637 -10.60 -18.33 -54.64
C TRP EA 637 -10.28 -19.80 -54.76
N GLN EA 638 -11.19 -20.59 -55.32
CA GLN EA 638 -11.01 -22.02 -55.46
C GLN EA 638 -10.58 -22.43 -56.85
N VAL EA 639 -10.14 -21.49 -57.67
CA VAL EA 639 -9.61 -21.79 -58.99
C VAL EA 639 -8.12 -21.51 -59.08
N GLY EA 640 -7.67 -20.40 -58.50
CA GLY EA 640 -6.24 -20.15 -58.45
C GLY EA 640 -5.50 -21.22 -57.67
N ARG EA 641 -6.14 -21.77 -56.64
CA ARG EA 641 -5.53 -22.84 -55.85
C ARG EA 641 -5.25 -24.05 -56.73
N ASP EA 642 -6.24 -24.46 -57.53
CA ASP EA 642 -6.07 -25.60 -58.42
C ASP EA 642 -5.03 -25.30 -59.49
N ILE EA 643 -5.01 -24.08 -60.03
CA ILE EA 643 -4.03 -23.75 -61.05
C ILE EA 643 -2.62 -23.83 -60.47
N ILE EA 644 -2.42 -23.32 -59.26
CA ILE EA 644 -1.10 -23.34 -58.64
C ILE EA 644 -0.65 -24.77 -58.37
N ASP EA 645 -1.55 -25.60 -57.83
CA ASP EA 645 -1.19 -26.99 -57.57
C ASP EA 645 -0.81 -27.71 -58.85
N THR EA 646 -1.59 -27.53 -59.91
CA THR EA 646 -1.28 -28.18 -61.18
C THR EA 646 0.07 -27.71 -61.72
N ALA EA 647 0.34 -26.42 -61.63
CA ALA EA 647 1.62 -25.89 -62.10
C ALA EA 647 2.78 -26.50 -61.33
N ARG EA 648 2.64 -26.62 -60.01
CA ARG EA 648 3.70 -27.21 -59.19
C ARG EA 648 3.96 -28.65 -59.60
N LYS EA 649 2.90 -29.44 -59.75
CA LYS EA 649 3.07 -30.84 -60.12
C LYS EA 649 3.73 -30.98 -61.49
N GLN EA 650 3.31 -30.15 -62.45
CA GLN EA 650 3.91 -30.21 -63.78
C GLN EA 650 5.38 -29.82 -63.74
N LEU EA 651 5.72 -28.80 -62.95
CA LEU EA 651 7.11 -28.37 -62.89
C LEU EA 651 8.00 -29.46 -62.29
N ILE EA 652 7.51 -30.15 -61.27
CA ILE EA 652 8.27 -31.28 -60.73
C ILE EA 652 8.41 -32.39 -61.77
N LYS EA 653 7.32 -32.69 -62.48
CA LYS EA 653 7.33 -33.81 -63.42
C LYS EA 653 8.28 -33.56 -64.59
N ALA EA 654 8.28 -32.34 -65.12
CA ALA EA 654 9.04 -32.09 -66.34
C ALA EA 654 10.55 -32.05 -66.11
N ASN EA 655 10.99 -31.62 -64.93
CA ASN EA 655 12.40 -31.47 -64.64
C ASN EA 655 12.88 -32.57 -63.71
N PRO EA 656 14.02 -33.20 -64.01
CA PRO EA 656 14.50 -34.33 -63.22
C PRO EA 656 15.41 -33.97 -62.05
N TRP EA 657 15.97 -32.76 -62.03
CA TRP EA 657 17.00 -32.40 -61.08
C TRP EA 657 16.49 -31.58 -59.90
N VAL EA 658 15.19 -31.32 -59.83
CA VAL EA 658 14.64 -30.51 -58.74
C VAL EA 658 14.28 -31.40 -57.57
N VAL EA 659 14.64 -32.69 -57.65
CA VAL EA 659 14.30 -33.64 -56.60
C VAL EA 659 15.03 -33.28 -55.30
N ASN EA 660 16.32 -32.98 -55.40
CA ASN EA 660 17.08 -32.61 -54.21
C ASN EA 660 16.58 -31.30 -53.62
N SER EA 661 16.21 -30.34 -54.47
CA SER EA 661 15.64 -29.10 -53.99
C SER EA 661 14.16 -29.29 -53.63
N GLN EA 662 13.60 -28.31 -52.94
CA GLN EA 662 12.21 -28.35 -52.52
C GLN EA 662 11.53 -27.05 -52.93
N LEU EA 663 10.46 -27.15 -53.71
CA LEU EA 663 9.76 -25.98 -54.20
C LEU EA 663 8.99 -25.30 -53.07
N SER EA 664 8.78 -23.99 -53.22
CA SER EA 664 8.03 -23.22 -52.24
C SER EA 664 7.16 -22.17 -52.92
N VAL EA 665 6.25 -21.55 -52.17
CA VAL EA 665 5.36 -20.54 -52.72
C VAL EA 665 5.41 -19.30 -51.82
N VAL EA 666 6.24 -18.34 -52.16
CA VAL EA 666 6.38 -17.12 -51.36
C VAL EA 666 5.38 -16.08 -51.82
N GLU EA 667 5.18 -15.05 -51.01
CA GLU EA 667 4.28 -13.94 -51.33
C GLU EA 667 5.08 -12.65 -51.15
N SER EA 671 2.39 -10.17 -55.41
CA SER EA 671 2.68 -11.16 -56.45
C SER EA 671 2.90 -12.53 -55.83
N ILE EA 672 3.02 -13.55 -56.66
CA ILE EA 672 3.26 -14.93 -56.22
C ILE EA 672 4.39 -15.50 -57.06
N PHE EA 673 5.37 -16.12 -56.40
CA PHE EA 673 6.56 -16.64 -57.05
C PHE EA 673 6.75 -18.12 -56.74
N LEU EA 674 7.63 -18.76 -57.49
CA LEU EA 674 8.05 -20.13 -57.22
C LEU EA 674 9.56 -20.22 -57.32
N GLN EA 675 10.21 -20.73 -56.27
CA GLN EA 675 11.66 -20.79 -56.19
C GLN EA 675 12.08 -22.15 -55.65
N ASP EA 676 13.32 -22.56 -55.92
CA ASP EA 676 13.71 -23.87 -55.43
C ASP EA 676 14.45 -23.87 -54.10
N ALA EA 677 15.75 -23.58 -54.13
CA ALA EA 677 16.52 -23.41 -52.92
C ALA EA 677 17.53 -22.29 -53.12
N THR EA 678 18.11 -22.25 -54.31
CA THR EA 678 19.18 -21.35 -54.65
C THR EA 678 18.71 -20.16 -55.48
N GLY EA 679 17.40 -20.07 -55.74
CA GLY EA 679 16.88 -18.98 -56.52
C GLY EA 679 17.36 -18.97 -57.96
N THR EA 680 17.44 -20.14 -58.58
CA THR EA 680 17.72 -20.21 -60.01
C THR EA 680 16.45 -20.20 -60.85
N ILE EA 681 15.33 -20.63 -60.28
CA ILE EA 681 14.05 -20.69 -60.99
C ILE EA 681 13.09 -19.75 -60.29
N ARG EA 682 12.59 -18.75 -61.02
CA ARG EA 682 11.56 -17.86 -60.50
C ARG EA 682 10.53 -17.61 -61.59
N ILE EA 683 9.26 -17.72 -61.22
CA ILE EA 683 8.14 -17.55 -62.13
C ILE EA 683 7.07 -16.74 -61.42
N ARG EA 684 6.46 -15.78 -62.12
CA ARG EA 684 5.49 -14.89 -61.52
C ARG EA 684 4.09 -15.17 -62.04
N TYR EA 685 3.09 -15.03 -61.16
CA TYR EA 685 1.70 -15.22 -61.51
C TYR EA 685 0.90 -13.99 -61.12
N ASP EA 686 -0.16 -13.71 -61.88
CA ASP EA 686 -0.97 -12.52 -61.68
C ASP EA 686 -2.42 -12.85 -61.95
N LYS EA 687 -3.33 -12.06 -61.38
CA LYS EA 687 -4.75 -12.37 -61.45
C LYS EA 687 -5.34 -12.10 -62.82
N GLU EA 688 -4.93 -10.99 -63.46
CA GLU EA 688 -5.60 -10.55 -64.68
C GLU EA 688 -5.38 -11.53 -65.83
N LEU EA 689 -4.14 -11.93 -66.07
CA LEU EA 689 -3.86 -12.85 -67.16
C LEU EA 689 -4.56 -14.18 -66.93
N VAL EA 690 -4.54 -14.66 -65.69
CA VAL EA 690 -5.19 -15.93 -65.36
C VAL EA 690 -6.68 -15.84 -65.67
N GLY EA 691 -7.32 -14.74 -65.27
CA GLY EA 691 -8.74 -14.59 -65.53
C GLY EA 691 -9.06 -14.54 -67.00
N LYS EA 692 -8.29 -13.75 -67.77
CA LYS EA 692 -8.54 -13.64 -69.20
C LYS EA 692 -8.41 -14.99 -69.89
N LEU EA 693 -7.31 -15.71 -69.60
CA LEU EA 693 -7.09 -16.99 -70.25
C LEU EA 693 -8.18 -17.99 -69.86
N TYR EA 694 -8.55 -18.04 -68.58
CA TYR EA 694 -9.57 -18.97 -68.14
C TYR EA 694 -10.91 -18.68 -68.82
N ARG EA 695 -11.30 -17.40 -68.90
CA ARG EA 695 -12.56 -17.06 -69.53
C ARG EA 695 -12.56 -17.40 -71.01
N GLU EA 696 -11.45 -17.12 -71.69
CA GLU EA 696 -11.37 -17.43 -73.12
C GLU EA 696 -11.52 -18.93 -73.34
N GLN EA 697 -10.82 -19.73 -72.54
CA GLN EA 697 -10.91 -21.18 -72.70
C GLN EA 697 -12.32 -21.68 -72.40
N GLN EA 698 -12.99 -21.07 -71.42
CA GLN EA 698 -14.34 -21.52 -71.08
C GLN EA 698 -15.33 -21.19 -72.19
N GLN EA 699 -15.31 -19.94 -72.68
CA GLN EA 699 -16.31 -19.55 -73.67
C GLN EA 699 -15.93 -19.97 -75.08
N LYS EA 700 -14.75 -20.57 -75.27
CA LYS EA 700 -14.41 -21.17 -76.56
C LYS EA 700 -14.73 -22.65 -76.65
N ALA EA 701 -14.64 -23.38 -75.54
CA ALA EA 701 -14.79 -24.84 -75.54
C ALA EA 701 -16.26 -25.20 -75.68
N GLN EA 702 -16.77 -25.06 -76.90
CA GLN EA 702 -18.16 -25.35 -77.21
C GLN EA 702 -18.29 -25.52 -78.72
N ASP EA 703 -19.52 -25.52 -79.21
CA ASP EA 703 -19.79 -25.66 -80.64
C ASP EA 703 -19.07 -24.58 -81.46
N THR FA 66 -75.92 -1.59 83.27
CA THR FA 66 -76.36 -2.41 82.15
C THR FA 66 -75.30 -3.43 81.77
N ARG FA 67 -74.03 -3.03 81.88
CA ARG FA 67 -72.93 -3.92 81.55
C ARG FA 67 -72.81 -5.03 82.58
N ALA FA 68 -72.13 -6.12 82.19
CA ALA FA 68 -71.91 -7.26 83.06
C ALA FA 68 -70.64 -7.12 83.89
N ASP FA 69 -69.93 -6.00 83.79
CA ASP FA 69 -68.70 -5.77 84.54
C ASP FA 69 -68.88 -4.67 85.58
N GLU FA 70 -70.06 -4.60 86.20
CA GLU FA 70 -70.33 -3.57 87.19
C GLU FA 70 -69.44 -3.73 88.42
N ARG FA 71 -69.23 -4.97 88.86
CA ARG FA 71 -68.43 -5.21 90.05
C ARG FA 71 -67.00 -4.71 89.88
N SER FA 72 -66.40 -4.98 88.72
CA SER FA 72 -65.03 -4.56 88.48
C SER FA 72 -64.92 -3.03 88.51
N ASN FA 73 -65.85 -2.34 87.85
CA ASN FA 73 -65.83 -0.89 87.86
C ASN FA 73 -66.01 -0.34 89.26
N GLU FA 74 -66.92 -0.94 90.04
CA GLU FA 74 -67.15 -0.47 91.40
C GLU FA 74 -65.92 -0.64 92.27
N ILE FA 75 -65.22 -1.77 92.12
CA ILE FA 75 -64.04 -2.03 92.94
C ILE FA 75 -62.89 -1.12 92.52
N ILE FA 76 -62.67 -0.96 91.21
CA ILE FA 76 -61.58 -0.11 90.74
C ILE FA 76 -61.84 1.36 91.05
N ARG FA 77 -63.11 1.75 91.13
CA ARG FA 77 -63.45 3.16 91.32
C ARG FA 77 -62.84 3.71 92.61
N LYS FA 78 -62.88 2.92 93.68
CA LYS FA 78 -62.36 3.35 94.98
C LYS FA 78 -60.91 2.90 95.10
N LEU FA 79 -60.01 3.74 94.60
CA LEU FA 79 -58.58 3.42 94.63
C LEU FA 79 -57.76 4.70 94.67
N THR FA 80 -56.74 4.69 95.53
CA THR FA 80 -55.74 5.74 95.52
C THR FA 80 -54.92 5.66 94.23
N PRO FA 81 -54.79 6.75 93.47
CA PRO FA 81 -54.20 6.62 92.14
C PRO FA 81 -52.71 6.31 92.14
N GLN FA 82 -52.01 6.49 93.26
CA GLN FA 82 -50.66 5.95 93.37
C GLN FA 82 -50.69 4.42 93.28
N GLN FA 83 -51.62 3.80 94.02
CA GLN FA 83 -51.78 2.36 93.95
C GLN FA 83 -52.20 1.92 92.55
N ARG FA 84 -53.10 2.68 91.92
CA ARG FA 84 -53.53 2.34 90.57
C ARG FA 84 -52.37 2.39 89.59
N ARG FA 85 -51.53 3.43 89.68
CA ARG FA 85 -50.37 3.52 88.80
C ARG FA 85 -49.40 2.39 89.04
N GLU FA 86 -49.15 2.04 90.30
CA GLU FA 86 -48.26 0.93 90.59
C GLU FA 86 -48.80 -0.37 90.02
N ALA FA 87 -50.11 -0.60 90.16
CA ALA FA 87 -50.70 -1.82 89.63
C ALA FA 87 -50.60 -1.86 88.11
N ILE FA 88 -50.84 -0.73 87.44
CA ILE FA 88 -50.74 -0.69 85.98
C ILE FA 88 -49.31 -0.98 85.55
N GLN FA 89 -48.33 -0.40 86.24
CA GLN FA 89 -46.94 -0.66 85.89
C GLN FA 89 -46.58 -2.12 86.11
N ASN FA 90 -47.06 -2.72 87.21
CA ASN FA 90 -46.71 -4.10 87.51
C ASN FA 90 -47.26 -5.07 86.47
N GLY FA 91 -48.52 -4.89 86.07
CA GLY FA 91 -49.15 -5.76 85.11
C GLY FA 91 -50.49 -6.27 85.56
N THR FA 92 -50.84 -6.02 86.82
CA THR FA 92 -52.11 -6.49 87.35
C THR FA 92 -53.28 -5.83 86.64
N LEU FA 93 -53.23 -4.52 86.47
CA LEU FA 93 -54.27 -3.75 85.80
C LEU FA 93 -53.80 -3.44 84.39
N LEU FA 94 -54.66 -3.67 83.39
CA LEU FA 94 -54.20 -3.61 82.01
C LEU FA 94 -54.06 -2.17 81.53
N TYR FA 95 -55.19 -1.46 81.41
CA TYR FA 95 -55.30 -0.07 80.97
C TYR FA 95 -56.69 0.17 80.39
N GLN FA 96 -57.22 -0.84 79.71
CA GLN FA 96 -58.46 -0.70 78.94
C GLN FA 96 -59.62 -0.19 79.78
N ASP FA 97 -59.67 -0.58 81.05
CA ASP FA 97 -60.78 -0.27 81.93
C ASP FA 97 -60.51 0.89 82.87
N ASP FA 98 -59.39 1.58 82.71
CA ASP FA 98 -59.12 2.75 83.53
C ASP FA 98 -60.16 3.81 83.25
N PRO FA 99 -60.92 4.27 84.25
CA PRO FA 99 -62.01 5.21 83.96
C PRO FA 99 -61.55 6.54 83.38
N TYR FA 100 -60.58 7.21 84.03
CA TYR FA 100 -60.29 8.59 83.71
C TYR FA 100 -59.48 8.75 82.43
N ALA FA 101 -58.57 7.80 82.16
CA ALA FA 101 -57.70 7.92 81.00
C ALA FA 101 -58.49 7.94 79.70
N MET FA 102 -59.61 7.24 79.66
CA MET FA 102 -60.42 7.24 78.43
C MET FA 102 -60.93 8.63 78.12
N GLU FA 103 -61.58 9.30 79.07
CA GLU FA 103 -62.10 10.64 78.82
C GLU FA 103 -60.97 11.60 78.51
N ALA FA 104 -59.83 11.45 79.19
CA ALA FA 104 -58.67 12.27 78.85
C ALA FA 104 -58.31 12.12 77.37
N LEU FA 105 -58.25 10.88 76.91
CA LEU FA 105 -57.91 10.64 75.50
C LEU FA 105 -58.94 11.27 74.57
N ARG FA 106 -60.23 11.12 74.88
CA ARG FA 106 -61.27 11.66 74.03
C ARG FA 106 -61.17 13.17 73.90
N VAL FA 107 -60.94 13.86 75.02
CA VAL FA 107 -60.90 15.32 74.96
C VAL FA 107 -59.64 15.79 74.24
N LYS FA 108 -58.50 15.12 74.47
CA LYS FA 108 -57.27 15.56 73.80
C LYS FA 108 -57.40 15.44 72.29
N THR FA 109 -58.01 14.36 71.81
CA THR FA 109 -58.15 14.17 70.37
C THR FA 109 -58.92 15.32 69.72
N GLY FA 110 -60.08 15.66 70.28
CA GLY FA 110 -60.88 16.73 69.71
C GLY FA 110 -60.19 18.08 69.78
N ARG FA 111 -59.49 18.35 70.89
CA ARG FA 111 -58.76 19.60 71.01
C ARG FA 111 -57.75 19.75 69.87
N ASN FA 112 -56.94 18.71 69.66
CA ASN FA 112 -55.96 18.78 68.57
C ASN FA 112 -56.65 18.94 67.21
N ALA FA 113 -57.74 18.21 67.01
CA ALA FA 113 -58.44 18.26 65.73
C ALA FA 113 -58.91 19.67 65.40
N ALA FA 114 -59.48 20.36 66.39
CA ALA FA 114 -59.95 21.73 66.13
C ALA FA 114 -58.79 22.69 65.89
N PHE FA 115 -57.76 22.62 66.74
CA PHE FA 115 -56.73 23.64 66.68
C PHE FA 115 -55.91 23.55 65.39
N ALA FA 116 -55.69 22.35 64.86
CA ALA FA 116 -54.91 22.24 63.62
C ALA FA 116 -55.57 23.00 62.47
N VAL FA 117 -56.86 22.75 62.23
CA VAL FA 117 -57.53 23.40 61.12
C VAL FA 117 -57.66 24.90 61.36
N ASP FA 118 -57.86 25.32 62.62
CA ASP FA 118 -57.95 26.75 62.87
C ASP FA 118 -56.64 27.46 62.56
N ASP FA 119 -55.51 26.84 62.93
CA ASP FA 119 -54.21 27.41 62.54
C ASP FA 119 -54.05 27.49 61.03
N GLU FA 120 -54.45 26.43 60.32
CA GLU FA 120 -54.28 26.43 58.86
C GLU FA 120 -55.08 27.57 58.23
N ILE FA 121 -56.33 27.74 58.65
CA ILE FA 121 -57.16 28.82 58.13
C ILE FA 121 -56.53 30.17 58.46
N ASN FA 122 -56.00 30.33 59.68
CA ASN FA 122 -55.43 31.61 60.07
C ASN FA 122 -54.25 32.00 59.19
N VAL FA 123 -53.32 31.07 58.96
CA VAL FA 123 -52.17 31.42 58.14
C VAL FA 123 -52.60 31.67 56.70
N LYS FA 124 -53.60 30.92 56.21
CA LYS FA 124 -54.09 31.17 54.85
C LYS FA 124 -54.66 32.58 54.72
N ILE FA 125 -55.41 33.03 55.74
CA ILE FA 125 -55.93 34.39 55.72
C ILE FA 125 -54.79 35.40 55.71
N GLN FA 126 -53.79 35.18 56.57
CA GLN FA 126 -52.70 36.15 56.69
C GLN FA 126 -51.95 36.29 55.37
N ASN FA 127 -51.71 35.18 54.67
CA ASN FA 127 -51.02 35.29 53.38
C ASN FA 127 -51.87 36.03 52.36
N GLY FA 128 -53.18 35.76 52.34
CA GLY FA 128 -54.09 36.43 51.42
C GLY FA 128 -54.47 35.59 50.23
N GLU FA 129 -55.59 34.89 50.33
CA GLU FA 129 -56.08 33.99 49.29
C GLU FA 129 -57.50 34.31 48.90
N PHE FA 130 -58.27 34.83 49.86
CA PHE FA 130 -59.69 35.10 49.63
C PHE FA 130 -59.91 36.59 49.37
N ARG FA 131 -61.08 36.91 48.84
CA ARG FA 131 -61.45 38.28 48.54
C ARG FA 131 -62.75 38.71 49.20
N THR FA 132 -63.46 37.80 49.87
CA THR FA 132 -64.73 38.14 50.49
C THR FA 132 -64.91 37.28 51.74
N ARG FA 133 -65.66 37.82 52.70
CA ARG FA 133 -65.89 37.12 53.96
C ARG FA 133 -66.61 35.79 53.75
N GLN FA 134 -67.59 35.76 52.84
CA GLN FA 134 -68.39 34.57 52.65
C GLN FA 134 -67.55 33.39 52.18
N ASP FA 135 -66.58 33.65 51.30
CA ASP FA 135 -65.71 32.58 50.84
C ASP FA 135 -64.91 31.98 51.99
N MET FA 136 -64.37 32.83 52.87
CA MET FA 136 -63.66 32.33 54.03
C MET FA 136 -64.57 31.50 54.91
N GLU FA 137 -65.80 31.95 55.13
CA GLU FA 137 -66.72 31.20 55.97
C GLU FA 137 -66.99 29.81 55.41
N GLU FA 138 -67.28 29.73 54.10
CA GLU FA 138 -67.56 28.44 53.50
C GLU FA 138 -66.34 27.52 53.55
N TYR FA 139 -65.16 28.06 53.22
CA TYR FA 139 -63.94 27.26 53.25
C TYR FA 139 -63.69 26.69 54.63
N ARG FA 140 -63.82 27.53 55.66
CA ARG FA 140 -63.59 27.10 57.03
C ARG FA 140 -64.60 26.03 57.43
N HIS FA 141 -65.87 26.21 57.07
CA HIS FA 141 -66.88 25.22 57.43
C HIS FA 141 -66.59 23.87 56.81
N GLN FA 142 -66.22 23.86 55.53
CA GLN FA 142 -65.93 22.59 54.86
C GLN FA 142 -64.70 21.91 55.46
N ARG FA 143 -63.64 22.68 55.73
CA ARG FA 143 -62.46 22.07 56.32
C ARG FA 143 -62.75 21.51 57.70
N LEU FA 144 -63.56 22.20 58.50
CA LEU FA 144 -63.95 21.68 59.80
C LEU FA 144 -64.68 20.36 59.67
N GLN FA 145 -65.68 20.31 58.78
CA GLN FA 145 -66.46 19.09 58.64
C GLN FA 145 -65.60 17.93 58.16
N ASP FA 146 -64.64 18.20 57.28
CA ASP FA 146 -63.73 17.14 56.84
C ASP FA 146 -62.84 16.65 57.97
N ALA FA 147 -62.19 17.59 58.67
CA ALA FA 147 -61.20 17.21 59.67
C ALA FA 147 -61.84 16.46 60.83
N ALA FA 148 -63.11 16.76 61.15
CA ALA FA 148 -63.76 16.05 62.25
C ALA FA 148 -63.76 14.55 62.02
N LYS FA 149 -64.24 14.11 60.85
CA LYS FA 149 -64.24 12.68 60.55
C LYS FA 149 -62.83 12.16 60.35
N SER FA 150 -61.95 12.96 59.73
CA SER FA 150 -60.60 12.50 59.46
C SER FA 150 -59.85 12.13 60.74
N TYR FA 151 -60.05 12.92 61.80
CA TYR FA 151 -59.44 12.59 63.09
C TYR FA 151 -60.26 11.62 63.92
N ALA FA 152 -61.59 11.58 63.72
CA ALA FA 152 -62.39 10.63 64.49
C ALA FA 152 -62.15 9.19 64.05
N GLU FA 153 -61.79 8.99 62.79
CA GLU FA 153 -61.61 7.62 62.29
C GLU FA 153 -60.41 6.95 62.93
N GLU FA 154 -59.34 7.70 63.20
CA GLU FA 154 -58.09 7.09 63.64
C GLU FA 154 -58.23 6.36 64.96
N ALA FA 155 -58.80 7.03 65.97
CA ALA FA 155 -58.86 6.46 67.31
C ALA FA 155 -59.90 5.35 67.43
N GLY FA 156 -60.72 5.13 66.41
CA GLY FA 156 -61.78 4.16 66.53
C GLY FA 156 -63.01 4.67 67.25
N ILE FA 157 -63.05 5.96 67.56
CA ILE FA 157 -64.18 6.55 68.28
C ILE FA 157 -65.24 6.98 67.28
N ASN FA 158 -66.49 6.77 67.62
CA ASN FA 158 -67.58 7.26 66.79
C ASN FA 158 -67.62 8.78 66.84
N PRO FA 159 -67.72 9.45 65.70
CA PRO FA 159 -67.76 10.93 65.72
C PRO FA 159 -68.86 11.50 66.60
N THR FA 160 -70.03 10.87 66.62
CA THR FA 160 -71.10 11.32 67.51
C THR FA 160 -70.83 10.76 68.91
N ASP FA 161 -70.40 11.62 69.82
CA ASP FA 161 -69.98 11.19 71.14
C ASP FA 161 -70.24 12.32 72.13
N PHE FA 168 -63.89 19.70 70.92
CA PHE FA 168 -63.95 20.26 69.57
C PHE FA 168 -64.58 21.65 69.56
N ASN FA 169 -65.14 22.09 70.69
CA ASN FA 169 -65.74 23.41 70.86
C ASN FA 169 -65.27 24.03 72.17
N ASP FA 170 -63.96 24.03 72.40
CA ASP FA 170 -63.39 24.44 73.67
C ASP FA 170 -63.19 25.94 73.80
N ASN FA 171 -62.52 26.56 72.82
CA ASN FA 171 -62.18 27.99 72.86
C ASN FA 171 -62.61 28.67 71.58
N ILE FA 172 -63.87 28.44 71.19
CA ILE FA 172 -64.35 28.91 69.89
C ILE FA 172 -64.28 30.43 69.80
N THR FA 173 -64.61 31.13 70.89
CA THR FA 173 -64.62 32.59 70.86
C THR FA 173 -63.22 33.16 70.62
N ASP FA 174 -62.22 32.61 71.32
CA ASP FA 174 -60.87 33.14 71.24
C ASP FA 174 -60.20 32.84 69.90
N ARG FA 175 -60.79 31.99 69.08
CA ARG FA 175 -60.31 31.76 67.72
C ARG FA 175 -61.10 32.56 66.69
N ASN FA 176 -62.42 32.71 66.89
CA ASN FA 176 -63.19 33.59 66.03
C ASN FA 176 -62.65 35.01 66.08
N ILE FA 177 -62.29 35.48 67.28
CA ILE FA 177 -61.80 36.85 67.41
C ILE FA 177 -60.52 37.03 66.58
N ALA FA 178 -59.59 36.09 66.69
CA ALA FA 178 -58.34 36.21 65.94
C ALA FA 178 -58.58 36.20 64.44
N ILE FA 179 -59.45 35.30 63.97
CA ILE FA 179 -59.70 35.20 62.52
C ILE FA 179 -60.29 36.51 62.01
N TYR FA 180 -61.30 37.04 62.70
CA TYR FA 180 -61.95 38.26 62.23
C TYR FA 180 -61.00 39.44 62.26
N GLY FA 181 -60.15 39.54 63.29
CA GLY FA 181 -59.17 40.61 63.32
C GLY FA 181 -58.23 40.55 62.13
N SER FA 182 -57.74 39.35 61.80
CA SER FA 182 -56.84 39.22 60.65
C SER FA 182 -57.52 39.64 59.36
N PHE FA 183 -58.76 39.21 59.16
CA PHE FA 183 -59.47 39.56 57.92
C PHE FA 183 -59.67 41.07 57.81
N ASN FA 184 -60.07 41.72 58.91
CA ASN FA 184 -60.30 43.16 58.86
C ASN FA 184 -59.01 43.91 58.54
N LYS FA 185 -57.89 43.49 59.13
CA LYS FA 185 -56.63 44.15 58.83
C LYS FA 185 -56.27 44.01 57.35
N TYR FA 186 -56.46 42.81 56.78
CA TYR FA 186 -56.15 42.63 55.37
C TYR FA 186 -56.99 43.55 54.48
N PHE FA 187 -58.30 43.62 54.76
CA PHE FA 187 -59.18 44.41 53.91
C PHE FA 187 -58.80 45.89 53.97
N SER FA 188 -58.47 46.39 55.16
CA SER FA 188 -58.01 47.77 55.29
C SER FA 188 -56.77 48.03 54.47
N LYS FA 189 -55.80 47.12 54.52
CA LYS FA 189 -54.58 47.31 53.73
C LYS FA 189 -54.88 47.38 52.24
N GLN FA 190 -55.79 46.52 51.77
CA GLN FA 190 -56.13 46.52 50.34
C GLN FA 190 -56.68 47.88 49.90
N SER FA 191 -57.67 48.40 50.64
CA SER FA 191 -58.24 49.69 50.26
C SER FA 191 -57.19 50.80 50.29
N GLU FA 192 -56.34 50.78 51.33
CA GLU FA 192 -55.28 51.78 51.42
C GLU FA 192 -54.42 51.79 50.18
N GLU FA 193 -54.08 50.61 49.64
CA GLU FA 193 -53.19 50.60 48.48
C GLU FA 193 -53.92 51.06 47.22
N THR FA 194 -55.20 50.68 47.08
CA THR FA 194 -55.96 51.12 45.89
C THR FA 194 -55.98 52.64 45.79
N ALA FA 195 -56.15 53.33 46.93
CA ALA FA 195 -56.16 54.79 46.89
C ALA FA 195 -54.87 55.35 46.28
N MET FA 196 -53.73 54.81 46.68
CA MET FA 196 -52.45 55.30 46.15
C MET FA 196 -52.30 55.01 44.67
N LEU FA 197 -52.75 53.85 44.20
CA LEU FA 197 -52.73 53.61 42.76
C LEU FA 197 -53.49 54.70 42.02
N ASN FA 198 -54.68 55.02 42.49
CA ASN FA 198 -55.53 55.99 41.80
C ASN FA 198 -54.87 57.38 41.79
N THR FA 199 -54.30 57.79 42.92
CA THR FA 199 -53.61 59.07 42.97
C THR FA 199 -52.41 59.11 42.03
N ARG FA 200 -51.69 57.98 41.92
CA ARG FA 200 -50.57 57.92 40.99
C ARG FA 200 -51.03 58.14 39.55
N ILE FA 201 -52.15 57.50 39.17
CA ILE FA 201 -52.67 57.71 37.82
C ILE FA 201 -52.97 59.19 37.59
N GLU FA 202 -53.66 59.81 38.54
CA GLU FA 202 -54.03 61.22 38.35
C GLU FA 202 -52.80 62.12 38.24
N MET FA 203 -51.78 61.89 39.07
CA MET FA 203 -50.58 62.71 38.99
C MET FA 203 -49.87 62.54 37.66
N ASN FA 204 -49.78 61.29 37.17
CA ASN FA 204 -49.15 61.07 35.88
C ASN FA 204 -49.92 61.78 34.77
N SER FA 205 -51.25 61.76 34.83
CA SER FA 205 -52.04 62.50 33.85
C SER FA 205 -51.74 63.99 33.92
N PHE FA 206 -51.60 64.53 35.14
CA PHE FA 206 -51.31 65.95 35.28
C PHE FA 206 -49.96 66.33 34.68
N LEU FA 207 -48.96 65.47 34.86
CA LEU FA 207 -47.58 65.84 34.55
C LEU FA 207 -47.25 65.83 33.06
N ASN FA 208 -48.22 65.72 32.17
CA ASN FA 208 -47.93 65.62 30.74
C ASN FA 208 -48.40 66.80 29.91
N ASP FA 209 -49.20 67.71 30.46
CA ASP FA 209 -49.59 68.91 29.73
C ASP FA 209 -48.39 69.83 29.59
N GLY FA 210 -48.03 70.17 28.35
CA GLY FA 210 -46.78 70.90 28.13
C GLY FA 210 -46.86 72.37 28.49
N ASP FA 211 -47.89 73.07 27.97
CA ASP FA 211 -47.94 74.51 28.13
C ASP FA 211 -48.12 74.90 29.60
N LEU FA 212 -48.87 74.11 30.37
CA LEU FA 212 -49.04 74.40 31.78
C LEU FA 212 -47.70 74.39 32.51
N MET FA 213 -46.85 73.42 32.19
CA MET FA 213 -45.50 73.41 32.77
C MET FA 213 -44.67 74.58 32.26
N ARG FA 214 -44.80 74.91 30.98
CA ARG FA 214 -44.06 76.05 30.44
C ARG FA 214 -44.63 77.38 30.93
N SER FA 215 -45.91 77.41 31.30
CA SER FA 215 -46.52 78.63 31.79
C SER FA 215 -45.94 79.01 33.14
N PRO FA 216 -45.89 80.31 33.45
CA PRO FA 216 -45.25 80.74 34.71
C PRO FA 216 -46.11 80.51 35.94
N GLU FA 217 -47.17 79.71 35.82
CA GLU FA 217 -48.01 79.35 36.96
C GLU FA 217 -48.13 77.83 36.99
N SER FA 218 -47.16 77.17 37.64
CA SER FA 218 -47.11 75.71 37.70
C SER FA 218 -47.09 75.19 39.12
N GLY FA 219 -46.21 75.71 39.98
CA GLY FA 219 -46.08 75.17 41.33
C GLY FA 219 -47.33 75.39 42.17
N LYS FA 220 -47.98 76.55 41.99
CA LYS FA 220 -49.14 76.86 42.80
C LYS FA 220 -50.26 75.85 42.59
N THR FA 221 -50.45 75.41 41.36
CA THR FA 221 -51.46 74.39 41.09
C THR FA 221 -51.14 73.09 41.82
N PHE FA 222 -49.87 72.67 41.80
CA PHE FA 222 -49.48 71.45 42.49
C PHE FA 222 -49.72 71.55 43.98
N MET FA 223 -49.37 72.70 44.58
CA MET FA 223 -49.58 72.87 46.01
C MET FA 223 -51.07 72.87 46.36
N ALA FA 224 -51.89 73.53 45.52
CA ALA FA 224 -53.33 73.52 45.77
C ALA FA 224 -53.89 72.11 45.69
N TYR FA 225 -53.44 71.34 44.71
CA TYR FA 225 -53.88 69.95 44.58
C TYR FA 225 -53.50 69.15 45.81
N LEU FA 226 -52.27 69.31 46.29
CA LEU FA 226 -51.82 68.57 47.46
C LEU FA 226 -52.64 68.93 48.70
N ARG FA 227 -52.86 70.23 48.92
CA ARG FA 227 -53.61 70.66 50.10
C ARG FA 227 -55.06 70.16 50.05
N ASP FA 228 -55.69 70.24 48.87
CA ASP FA 228 -57.05 69.75 48.74
C ASP FA 228 -57.11 68.25 48.99
N GLY FA 229 -56.12 67.50 48.47
CA GLY FA 229 -56.11 66.07 48.71
C GLY FA 229 -55.96 65.73 50.19
N LEU FA 230 -55.07 66.44 50.88
CA LEU FA 230 -54.86 66.15 52.30
C LEU FA 230 -56.09 66.48 53.14
N THR FA 231 -56.76 67.59 52.84
CA THR FA 231 -57.82 68.07 53.72
C THR FA 231 -59.18 67.39 53.48
N THR FA 232 -59.21 66.23 52.84
CA THR FA 232 -60.47 65.51 52.61
C THR FA 232 -60.28 64.02 52.84
N ALA FA 233 -59.58 63.66 53.92
CA ALA FA 233 -59.10 62.30 54.13
C ALA FA 233 -58.26 61.88 52.92
N ALA FA 234 -58.85 61.13 51.99
CA ALA FA 234 -58.18 60.78 50.74
C ALA FA 234 -56.80 60.19 51.00
N ILE FA 235 -55.77 61.01 50.91
CA ILE FA 235 -54.42 60.59 51.25
C ILE FA 235 -54.40 60.23 52.74
N PRO FA 236 -54.05 59.00 53.10
CA PRO FA 236 -54.25 58.55 54.48
C PRO FA 236 -53.43 59.29 55.53
N SER FA 237 -52.11 59.31 55.37
CA SER FA 237 -51.24 59.88 56.39
C SER FA 237 -50.27 60.88 55.79
N ASP FA 238 -49.31 61.35 56.58
CA ASP FA 238 -48.30 62.27 56.10
C ASP FA 238 -47.08 61.56 55.52
N GLN FA 239 -46.87 60.29 55.86
CA GLN FA 239 -45.80 59.53 55.24
C GLN FA 239 -46.01 59.42 53.74
N ARG FA 240 -47.25 59.17 53.32
CA ARG FA 240 -47.55 59.09 51.90
C ARG FA 240 -47.31 60.44 51.22
N ALA FA 241 -47.66 61.54 51.89
CA ALA FA 241 -47.41 62.86 51.32
C ALA FA 241 -45.91 63.10 51.15
N ARG FA 242 -45.12 62.73 52.15
CA ARG FA 242 -43.67 62.87 52.01
C ARG FA 242 -43.15 62.05 50.84
N GLU FA 243 -43.66 60.82 50.69
CA GLU FA 243 -43.22 59.96 49.61
C GLU FA 243 -43.55 60.56 48.24
N VAL FA 244 -44.77 61.05 48.07
CA VAL FA 244 -45.16 61.59 46.77
C VAL FA 244 -44.39 62.87 46.46
N ILE FA 245 -44.15 63.71 47.48
CA ILE FA 245 -43.36 64.92 47.25
C ILE FA 245 -41.95 64.55 46.83
N THR FA 246 -41.37 63.53 47.46
CA THR FA 246 -40.02 63.13 47.07
C THR FA 246 -39.97 62.53 45.68
N GLN FA 247 -41.04 61.83 45.26
CA GLN FA 247 -41.00 61.18 43.95
C GLN FA 247 -41.25 62.14 42.80
N THR FA 248 -42.07 63.18 43.02
CA THR FA 248 -42.40 64.09 41.92
C THR FA 248 -41.16 64.79 41.38
N VAL FA 249 -40.22 65.14 42.26
CA VAL FA 249 -38.99 65.79 41.80
C VAL FA 249 -38.23 64.87 40.85
N ARG FA 250 -38.15 63.58 41.18
CA ARG FA 250 -37.47 62.64 40.30
C ARG FA 250 -38.22 62.46 38.98
N ASP FA 251 -39.55 62.46 39.02
CA ASP FA 251 -40.31 62.33 37.78
C ASP FA 251 -40.10 63.52 36.86
N ALA FA 252 -40.11 64.74 37.40
CA ALA FA 252 -40.07 65.92 36.54
C ALA FA 252 -38.66 66.22 36.07
N ILE FA 253 -37.98 65.23 35.53
CA ILE FA 253 -36.67 65.41 34.92
C ILE FA 253 -36.60 64.93 33.48
N GLN FA 254 -37.43 63.98 33.07
CA GLN FA 254 -37.45 63.51 31.69
C GLN FA 254 -38.51 64.20 30.85
N LYS FA 255 -39.22 65.16 31.41
CA LYS FA 255 -40.27 65.87 30.70
C LYS FA 255 -39.69 67.05 29.93
N SER FA 256 -40.51 67.64 29.05
CA SER FA 256 -40.09 68.74 28.21
C SER FA 256 -39.70 69.96 29.03
N GLY FA 257 -40.65 70.54 29.75
CA GLY FA 257 -40.35 71.66 30.63
C GLY FA 257 -40.40 71.27 32.08
N GLY FA 258 -39.24 71.11 32.70
CA GLY FA 258 -39.18 70.75 34.10
C GLY FA 258 -38.33 71.70 34.91
N SER FA 259 -37.35 72.33 34.27
CA SER FA 259 -36.48 73.26 34.98
C SER FA 259 -37.27 74.45 35.52
N ASN FA 260 -38.21 74.96 34.73
CA ASN FA 260 -39.05 76.06 35.20
C ASN FA 260 -39.87 75.63 36.41
N PHE FA 261 -40.47 74.44 36.35
CA PHE FA 261 -41.29 73.95 37.46
C PHE FA 261 -40.46 73.82 38.72
N LEU FA 262 -39.26 73.23 38.60
CA LEU FA 262 -38.39 73.08 39.75
C LEU FA 262 -37.97 74.43 40.31
N GLN FA 263 -37.70 75.40 39.43
CA GLN FA 263 -37.27 76.71 39.92
C GLN FA 263 -38.39 77.46 40.63
N GLN FA 264 -39.64 77.25 40.22
CA GLN FA 264 -40.73 77.92 40.92
C GLN FA 264 -41.28 77.15 42.12
N VAL FA 265 -40.96 75.87 42.28
CA VAL FA 265 -41.55 75.11 43.38
C VAL FA 265 -40.54 75.09 44.52
N ARG FA 266 -39.54 75.97 44.45
CA ARG FA 266 -38.46 75.98 45.44
C ARG FA 266 -38.99 76.31 46.83
N GLY FA 267 -39.78 77.38 46.94
CA GLY FA 267 -40.09 77.96 48.23
C GLY FA 267 -41.54 77.83 48.69
N GLU FA 268 -42.16 76.70 48.42
CA GLU FA 268 -43.52 76.44 48.87
C GLU FA 268 -43.49 75.87 50.28
N ARG FA 269 -44.21 76.50 51.19
CA ARG FA 269 -44.15 76.16 52.62
C ARG FA 269 -45.36 75.30 52.99
N ILE FA 270 -45.10 74.21 53.71
CA ILE FA 270 -46.15 73.28 54.14
C ILE FA 270 -45.77 72.72 55.50
N THR FA 271 -46.78 72.45 56.32
CA THR FA 271 -46.59 71.89 57.65
C THR FA 271 -46.88 70.40 57.62
N LEU FA 272 -45.95 69.59 58.13
CA LEU FA 272 -46.09 68.15 58.18
C LEU FA 272 -45.58 67.64 59.51
N ASN FA 273 -46.45 66.98 60.27
CA ASN FA 273 -46.09 66.38 61.55
C ASN FA 273 -45.48 67.42 62.50
N GLY FA 274 -46.07 68.61 62.53
CA GLY FA 274 -45.66 69.66 63.44
C GLY FA 274 -44.61 70.65 62.92
N VAL FA 275 -43.63 70.16 62.18
CA VAL FA 275 -42.55 71.01 61.69
C VAL FA 275 -43.02 71.79 60.46
N ASP FA 276 -42.50 73.00 60.30
CA ASP FA 276 -42.79 73.84 59.16
C ASP FA 276 -41.52 73.98 58.34
N ALA FA 277 -41.59 73.61 57.06
CA ALA FA 277 -40.43 73.74 56.19
C ALA FA 277 -40.92 73.82 54.75
N THR FA 278 -40.02 74.29 53.88
CA THR FA 278 -40.31 74.39 52.46
C THR FA 278 -40.03 73.04 51.81
N VAL FA 279 -40.12 72.98 50.48
CA VAL FA 279 -39.90 71.73 49.76
C VAL FA 279 -38.44 71.28 49.83
N GLU FA 280 -37.49 72.19 49.77
CA GLU FA 280 -36.08 71.82 49.68
C GLU FA 280 -35.54 71.16 50.94
N GLU FA 281 -36.05 71.54 52.13
CA GLU FA 281 -35.60 70.88 53.35
C GLU FA 281 -36.00 69.42 53.41
N ILE FA 282 -37.13 69.06 52.80
CA ILE FA 282 -37.55 67.67 52.70
C ILE FA 282 -36.61 66.88 51.82
N VAL FA 283 -35.85 67.54 50.95
CA VAL FA 283 -34.97 66.84 50.02
C VAL FA 283 -33.50 67.10 50.37
N GLY FA 284 -33.08 68.37 50.34
CA GLY FA 284 -31.75 68.73 50.75
C GLY FA 284 -30.82 69.11 49.61
N ASN FA 289 -30.01 70.59 43.70
CA ASN FA 289 -29.02 71.03 42.73
C ASN FA 289 -28.71 69.92 41.73
N ALA FA 290 -28.58 68.68 42.21
CA ALA FA 290 -28.39 67.55 41.31
C ALA FA 290 -29.62 67.29 40.45
N ALA FA 291 -30.77 67.84 40.81
CA ALA FA 291 -31.96 67.70 39.97
C ALA FA 291 -32.05 68.75 38.86
N ILE FA 292 -31.56 69.97 39.10
CA ILE FA 292 -31.72 71.03 38.09
C ILE FA 292 -30.88 70.79 36.84
N VAL FA 293 -29.63 70.34 37.03
CA VAL FA 293 -28.70 70.27 35.91
C VAL FA 293 -29.17 69.24 34.88
N GLU FA 294 -29.80 68.16 35.35
CA GLU FA 294 -30.35 67.17 34.44
C GLU FA 294 -31.43 67.79 33.55
N ALA FA 295 -32.29 68.63 34.14
CA ALA FA 295 -33.31 69.31 33.34
C ALA FA 295 -32.67 70.18 32.27
N GLN FA 296 -31.57 70.85 32.60
CA GLN FA 296 -30.89 71.64 31.56
C GLN FA 296 -30.34 70.75 30.45
N GLY FA 297 -29.74 69.62 30.81
CA GLY FA 297 -29.24 68.71 29.79
C GLY FA 297 -30.33 68.20 28.87
N THR FA 298 -31.54 68.05 29.39
CA THR FA 298 -32.66 67.62 28.56
C THR FA 298 -32.88 68.56 27.38
N GLU FA 299 -32.74 69.87 27.59
CA GLU FA 299 -32.89 70.80 26.47
C GLU FA 299 -31.66 70.77 25.56
N TYR FA 300 -30.48 70.61 26.15
CA TYR FA 300 -29.28 70.52 25.32
C TYR FA 300 -29.40 69.41 24.28
N LYS FA 301 -30.03 68.29 24.67
CA LYS FA 301 -30.17 67.17 23.74
C LYS FA 301 -30.96 67.57 22.49
N LEU FA 302 -32.09 68.26 22.68
CA LEU FA 302 -32.89 68.68 21.52
C LEU FA 302 -32.13 69.65 20.64
N VAL FA 303 -31.38 70.57 21.25
CA VAL FA 303 -30.62 71.51 20.42
C VAL FA 303 -29.63 70.74 19.53
N ALA FA 304 -28.92 69.77 20.11
CA ALA FA 304 -27.96 69.01 19.32
C ALA FA 304 -28.63 68.24 18.21
N LYS FA 305 -29.79 67.63 18.50
CA LYS FA 305 -30.49 66.87 17.46
C LYS FA 305 -30.92 67.78 16.31
N TYR FA 306 -31.39 68.98 16.62
CA TYR FA 306 -31.78 69.90 15.55
C TYR FA 306 -30.59 70.24 14.66
N GLN FA 307 -29.43 70.51 15.26
CA GLN FA 307 -28.26 70.80 14.45
C GLN FA 307 -27.94 69.64 13.52
N GLU FA 308 -27.94 68.41 14.06
CA GLU FA 308 -27.58 67.26 13.24
C GLU FA 308 -28.56 67.06 12.08
N ASP FA 309 -29.86 67.19 12.34
CA ASP FA 309 -30.84 67.02 11.28
C ASP FA 309 -30.67 68.06 10.18
N LEU FA 310 -30.42 69.32 10.57
CA LEU FA 310 -30.21 70.35 9.55
C LEU FA 310 -29.01 70.02 8.69
N ALA FA 311 -27.91 69.58 9.30
CA ALA FA 311 -26.73 69.24 8.52
C ALA FA 311 -27.01 68.10 7.55
N LEU FA 312 -27.74 67.07 8.00
CA LEU FA 312 -28.07 65.95 7.13
C LEU FA 312 -28.88 66.40 5.92
N GLY FA 313 -29.90 67.22 6.16
CA GLY FA 313 -30.73 67.68 5.04
C GLY FA 313 -29.95 68.51 4.04
N VAL FA 314 -29.12 69.43 4.53
CA VAL FA 314 -28.33 70.27 3.63
C VAL FA 314 -27.38 69.41 2.80
N GLN FA 315 -26.73 68.44 3.43
CA GLN FA 315 -25.79 67.61 2.69
C GLN FA 315 -26.50 66.76 1.64
N SER FA 316 -27.68 66.22 1.98
CA SER FA 316 -28.39 65.36 1.04
C SER FA 316 -28.96 66.12 -0.14
N ALA FA 317 -29.41 67.36 0.06
CA ALA FA 317 -30.06 68.07 -1.03
C ALA FA 317 -29.09 68.69 -2.02
N ILE FA 318 -27.83 68.26 -2.05
CA ILE FA 318 -26.85 68.79 -2.99
C ILE FA 318 -26.33 67.74 -3.96
N LEU FA 319 -26.60 66.46 -3.71
CA LEU FA 319 -26.20 65.39 -4.61
C LEU FA 319 -27.32 64.93 -5.52
N GLN FA 320 -28.43 65.65 -5.56
CA GLN FA 320 -29.53 65.29 -6.43
C GLN FA 320 -29.11 65.36 -7.90
N ASP FA 321 -29.70 64.49 -8.71
CA ASP FA 321 -29.34 64.43 -10.12
C ASP FA 321 -29.90 65.61 -10.90
N ASP FA 322 -31.11 66.06 -10.57
CA ASP FA 322 -31.74 67.15 -11.27
C ASP FA 322 -31.55 68.42 -10.44
N PRO FA 323 -30.74 69.38 -10.90
CA PRO FA 323 -30.48 70.58 -10.08
C PRO FA 323 -31.72 71.42 -9.82
N THR FA 324 -32.78 71.28 -10.60
CA THR FA 324 -33.99 72.05 -10.37
C THR FA 324 -34.74 71.61 -9.12
N ILE FA 325 -34.53 70.40 -8.65
CA ILE FA 325 -35.25 69.92 -7.46
C ILE FA 325 -34.56 70.38 -6.18
N GLY FA 326 -33.23 70.35 -6.11
CA GLY FA 326 -32.55 70.70 -4.88
C GLY FA 326 -32.75 72.15 -4.48
N LEU FA 327 -32.99 73.03 -5.46
CA LEU FA 327 -33.18 74.44 -5.15
C LEU FA 327 -34.39 74.64 -4.25
N ALA FA 328 -35.49 73.93 -4.53
CA ALA FA 328 -36.69 74.07 -3.72
C ALA FA 328 -36.44 73.63 -2.28
N GLN FA 329 -35.74 72.52 -2.10
CA GLN FA 329 -35.47 72.03 -0.76
C GLN FA 329 -34.58 72.99 0.02
N ILE FA 330 -33.53 73.52 -0.62
CA ILE FA 330 -32.69 74.49 0.06
C ILE FA 330 -33.48 75.74 0.43
N GLN FA 331 -34.37 76.20 -0.47
CA GLN FA 331 -35.16 77.38 -0.15
C GLN FA 331 -36.07 77.14 1.04
N LYS FA 332 -36.69 75.96 1.10
CA LYS FA 332 -37.56 75.65 2.23
C LYS FA 332 -36.78 75.62 3.54
N LEU FA 333 -35.59 75.00 3.53
CA LEU FA 333 -34.78 74.96 4.74
C LEU FA 333 -34.37 76.37 5.16
N LYS FA 334 -34.00 77.21 4.20
CA LYS FA 334 -33.63 78.60 4.52
C LYS FA 334 -34.79 79.34 5.17
N GLU FA 335 -36.00 79.20 4.62
CA GLU FA 335 -37.14 79.87 5.21
C GLU FA 335 -37.41 79.37 6.63
N GLN FA 336 -37.34 78.06 6.83
CA GLN FA 336 -37.58 77.52 8.17
C GLN FA 336 -36.56 78.07 9.16
N ASN FA 337 -35.28 78.08 8.79
CA ASN FA 337 -34.25 78.57 9.70
C ASN FA 337 -34.43 80.04 10.02
N ASN FA 338 -34.78 80.84 9.01
CA ASN FA 338 -35.02 82.25 9.28
C ASN FA 338 -36.25 82.48 10.15
N LEU FA 339 -37.22 81.56 10.13
CA LEU FA 339 -38.41 81.75 10.96
C LEU FA 339 -38.10 81.62 12.44
N LEU FA 340 -37.22 80.68 12.82
CA LEU FA 340 -37.01 80.38 14.23
C LEU FA 340 -36.31 81.51 14.98
N GLN FA 341 -35.60 82.38 14.27
CA GLN FA 341 -34.82 83.46 14.87
C GLN FA 341 -33.87 82.87 15.92
N PRO FA 342 -32.82 82.19 15.49
CA PRO FA 342 -31.96 81.51 16.45
C PRO FA 342 -30.95 82.45 17.10
N GLY FA 343 -30.37 81.96 18.19
CA GLY FA 343 -29.34 82.70 18.90
C GLY FA 343 -27.99 82.50 18.25
N GLU FA 344 -26.96 83.03 18.91
CA GLU FA 344 -25.60 82.97 18.38
C GLU FA 344 -24.94 81.65 18.78
N GLU FA 345 -25.61 80.57 18.40
CA GLU FA 345 -25.08 79.22 18.51
C GLU FA 345 -25.28 78.40 17.24
N LEU FA 346 -26.01 78.93 16.26
CA LEU FA 346 -26.19 78.27 14.96
C LEU FA 346 -25.58 79.09 13.83
N THR FA 347 -24.62 79.95 14.14
CA THR FA 347 -23.93 80.72 13.12
C THR FA 347 -23.18 79.82 12.13
N PRO FA 348 -22.49 78.76 12.56
CA PRO FA 348 -21.83 77.89 11.57
C PRO FA 348 -22.79 77.15 10.64
N GLN FA 349 -24.09 77.37 10.76
CA GLN FA 349 -25.07 76.81 9.82
C GLN FA 349 -25.47 77.78 8.73
N ARG FA 350 -25.60 79.07 9.07
CA ARG FA 350 -26.04 80.06 8.10
C ARG FA 350 -25.07 80.16 6.93
N GLN FA 351 -23.77 80.16 7.22
CA GLN FA 351 -22.77 80.27 6.17
C GLN FA 351 -22.84 79.08 5.22
N MET FA 352 -22.97 77.87 5.76
CA MET FA 352 -23.02 76.70 4.90
C MET FA 352 -24.30 76.71 4.06
N LEU FA 353 -25.41 77.17 4.63
CA LEU FA 353 -26.64 77.26 3.85
C LEU FA 353 -26.48 78.23 2.69
N ILE FA 354 -25.87 79.39 2.95
CA ILE FA 354 -25.67 80.38 1.90
C ILE FA 354 -24.77 79.83 0.79
N ASN FA 355 -23.67 79.18 1.18
CA ASN FA 355 -22.76 78.64 0.18
C ASN FA 355 -23.44 77.57 -0.66
N ALA FA 356 -24.23 76.70 -0.02
CA ALA FA 356 -24.94 75.68 -0.77
C ALA FA 356 -25.88 76.31 -1.79
N GLU FA 357 -26.61 77.36 -1.39
CA GLU FA 357 -27.53 77.97 -2.33
C GLU FA 357 -26.81 78.59 -3.52
N ALA FA 358 -25.68 79.26 -3.27
CA ALA FA 358 -24.91 79.84 -4.38
C ALA FA 358 -24.45 78.75 -5.35
N SER FA 359 -23.91 77.65 -4.83
CA SER FA 359 -23.44 76.58 -5.69
C SER FA 359 -24.57 75.99 -6.52
N LEU FA 360 -25.74 75.80 -5.89
CA LEU FA 360 -26.88 75.27 -6.63
C LEU FA 360 -27.28 76.19 -7.77
N LEU FA 361 -27.28 77.50 -7.52
CA LEU FA 361 -27.62 78.43 -8.58
C LEU FA 361 -26.66 78.32 -9.76
N GLU FA 362 -25.36 78.24 -9.48
CA GLU FA 362 -24.40 78.12 -10.58
C GLU FA 362 -24.60 76.83 -11.37
N ALA FA 363 -24.86 75.72 -10.68
CA ALA FA 363 -25.07 74.46 -11.38
C ALA FA 363 -26.30 74.54 -12.29
N VAL FA 364 -27.39 75.11 -11.78
CA VAL FA 364 -28.59 75.26 -12.60
C VAL FA 364 -28.28 76.11 -13.83
N LYS FA 365 -27.43 77.12 -13.66
CA LYS FA 365 -27.08 77.95 -14.81
C LYS FA 365 -26.30 77.15 -15.87
N ARG FA 366 -25.37 76.29 -15.44
CA ARG FA 366 -24.52 75.59 -16.41
C ARG FA 366 -25.25 74.46 -17.15
N LYS FA 367 -26.28 73.89 -16.52
CA LYS FA 367 -26.96 72.74 -17.12
C LYS FA 367 -27.48 73.02 -18.52
N SER FA 368 -27.87 74.26 -18.81
CA SER FA 368 -28.48 74.56 -20.11
C SER FA 368 -27.48 74.37 -21.25
N ALA FA 369 -26.29 74.98 -21.13
CA ALA FA 369 -25.29 74.80 -22.16
C ALA FA 369 -24.86 73.34 -22.26
N GLU FA 370 -24.74 72.66 -21.12
CA GLU FA 370 -24.35 71.24 -21.20
C GLU FA 370 -25.37 70.43 -22.01
N GLN FA 371 -26.66 70.66 -21.76
CA GLN FA 371 -27.67 69.93 -22.50
C GLN FA 371 -27.70 70.34 -23.97
N ALA FA 372 -27.36 71.59 -24.28
CA ALA FA 372 -27.27 71.98 -25.68
C ALA FA 372 -26.23 71.16 -26.43
N LYS FA 373 -25.05 71.02 -25.84
CA LYS FA 373 -24.02 70.21 -26.48
C LYS FA 373 -24.45 68.75 -26.61
N GLU FA 374 -25.10 68.22 -25.55
CA GLU FA 374 -25.62 66.86 -25.61
C GLU FA 374 -26.61 66.70 -26.75
N ASN FA 375 -27.44 67.71 -26.99
CA ASN FA 375 -28.34 67.68 -28.13
C ASN FA 375 -27.57 67.62 -29.44
N THR FA 376 -26.51 68.41 -29.55
CA THR FA 376 -25.79 68.50 -30.82
C THR FA 376 -25.18 67.16 -31.23
N LYS FA 377 -24.58 66.43 -30.28
CA LYS FA 377 -23.82 65.24 -30.69
C LYS FA 377 -24.64 64.14 -31.38
N LEU FA 378 -25.96 64.13 -31.15
CA LEU FA 378 -26.77 62.98 -31.54
C LEU FA 378 -26.80 62.77 -33.05
N ILE FA 379 -26.94 63.86 -33.81
CA ILE FA 379 -26.99 63.72 -35.26
C ILE FA 379 -25.62 63.33 -35.80
N GLN FA 380 -24.55 63.87 -35.21
CA GLN FA 380 -23.21 63.62 -35.74
C GLN FA 380 -22.78 62.17 -35.56
N THR FA 381 -23.32 61.47 -34.58
CA THR FA 381 -22.88 60.08 -34.40
C THR FA 381 -23.12 59.23 -35.66
N GLN FA 382 -24.24 59.46 -36.37
CA GLN FA 382 -24.56 58.62 -37.52
C GLN FA 382 -23.61 58.90 -38.69
N ASN FA 383 -23.33 60.17 -38.95
CA ASN FA 383 -22.37 60.52 -39.98
C ASN FA 383 -20.99 60.00 -39.64
N LYS FA 384 -20.68 59.89 -38.34
CA LYS FA 384 -19.41 59.28 -37.97
C LYS FA 384 -19.41 57.78 -38.26
N GLN FA 385 -20.55 57.12 -38.11
CA GLN FA 385 -20.62 55.68 -38.37
C GLN FA 385 -20.55 55.33 -39.86
N LEU FA 386 -21.15 56.16 -40.71
CA LEU FA 386 -21.24 55.81 -42.13
C LEU FA 386 -19.86 55.68 -42.78
N VAL FA 387 -18.92 56.58 -42.43
CA VAL FA 387 -17.60 56.54 -43.05
C VAL FA 387 -16.85 55.27 -42.66
N ILE FA 388 -16.92 54.87 -41.39
CA ILE FA 388 -16.28 53.62 -40.97
C ILE FA 388 -16.89 52.44 -41.71
N ASP FA 389 -18.22 52.44 -41.86
CA ASP FA 389 -18.85 51.35 -42.59
C ASP FA 389 -18.36 51.29 -44.03
N GLN FA 390 -18.21 52.45 -44.67
CA GLN FA 390 -17.72 52.49 -46.04
C GLN FA 390 -16.29 51.96 -46.13
N VAL FA 391 -15.44 52.31 -45.17
CA VAL FA 391 -14.07 51.80 -45.17
C VAL FA 391 -14.06 50.28 -45.09
N TYR FA 392 -14.89 49.72 -44.20
CA TYR FA 392 -14.89 48.26 -44.07
C TYR FA 392 -15.49 47.58 -45.29
N GLN FA 393 -16.51 48.19 -45.90
CA GLN FA 393 -17.07 47.61 -47.13
C GLN FA 393 -16.03 47.60 -48.24
N ARG FA 394 -15.23 48.66 -48.35
CA ARG FA 394 -14.16 48.68 -49.33
C ARG FA 394 -13.11 47.61 -49.03
N ARG FA 395 -12.71 47.48 -47.76
CA ARG FA 395 -11.67 46.52 -47.41
C ARG FA 395 -12.13 45.09 -47.62
N LEU FA 396 -13.44 44.84 -47.49
CA LEU FA 396 -13.95 43.47 -47.58
C LEU FA 396 -13.72 42.85 -48.95
N ALA FA 397 -13.53 43.66 -49.99
CA ALA FA 397 -13.42 43.17 -51.36
C ALA FA 397 -11.98 43.03 -51.83
N GLY FA 398 -11.01 43.03 -50.93
CA GLY FA 398 -9.63 42.83 -51.32
C GLY FA 398 -8.87 44.11 -51.59
N ASP FA 399 -8.85 45.01 -50.61
CA ASP FA 399 -8.20 46.31 -50.78
C ASP FA 399 -7.66 46.76 -49.42
N ASN FA 400 -6.38 47.13 -49.38
CA ASN FA 400 -5.79 47.65 -48.14
C ASN FA 400 -6.24 49.09 -47.93
N VAL FA 401 -6.74 49.39 -46.74
CA VAL FA 401 -7.30 50.71 -46.46
C VAL FA 401 -6.72 51.28 -45.16
N SER FA 402 -6.00 50.46 -44.39
CA SER FA 402 -5.28 50.96 -43.22
C SER FA 402 -6.22 51.59 -42.20
N THR FA 403 -7.01 50.77 -41.51
CA THR FA 403 -8.15 51.21 -40.70
C THR FA 403 -7.77 51.90 -39.39
N ASN FA 404 -6.54 52.34 -39.18
CA ASN FA 404 -6.22 53.08 -37.96
C ASN FA 404 -6.92 54.44 -37.97
N TYR FA 405 -7.48 54.82 -36.82
CA TYR FA 405 -8.35 55.98 -36.72
C TYR FA 405 -7.61 57.30 -36.82
N GLU FA 406 -6.29 57.29 -36.89
CA GLU FA 406 -5.52 58.53 -36.88
C GLU FA 406 -5.81 59.38 -38.12
N ASP FA 407 -5.94 58.74 -39.29
CA ASP FA 407 -6.01 59.44 -40.57
C ASP FA 407 -7.25 59.02 -41.37
N LEU FA 408 -8.32 59.77 -41.23
CA LEU FA 408 -9.57 59.57 -41.94
C LEU FA 408 -10.08 60.89 -42.48
N PRO FA 409 -10.96 60.86 -43.51
CA PRO FA 409 -11.44 62.11 -44.10
C PRO FA 409 -12.39 62.86 -43.19
N VAL FA 410 -11.84 63.60 -42.23
CA VAL FA 410 -12.66 64.37 -41.32
C VAL FA 410 -13.31 65.52 -42.07
N SER FA 411 -14.53 65.87 -41.66
CA SER FA 411 -15.29 66.94 -42.28
C SER FA 411 -16.03 67.70 -41.19
N GLU FA 412 -16.86 68.66 -41.60
CA GLU FA 412 -17.59 69.47 -40.63
C GLU FA 412 -18.74 68.72 -39.99
N ALA FA 413 -19.38 67.81 -40.73
CA ALA FA 413 -20.54 67.11 -40.19
C ALA FA 413 -20.14 66.12 -39.09
N THR FA 414 -18.95 65.53 -39.19
CA THR FA 414 -18.56 64.50 -38.24
C THR FA 414 -18.03 65.11 -36.94
N GLY FA 415 -16.91 65.81 -37.01
CA GLY FA 415 -16.28 66.35 -35.82
C GLY FA 415 -14.86 65.86 -35.60
N GLU FA 416 -14.65 65.09 -34.53
CA GLU FA 416 -13.34 64.56 -34.20
C GLU FA 416 -13.45 63.08 -33.89
N PHE FA 417 -12.32 62.38 -34.00
CA PHE FA 417 -12.26 60.93 -33.87
C PHE FA 417 -11.41 60.55 -32.67
N LYS FA 418 -11.86 59.53 -31.93
CA LYS FA 418 -11.15 58.99 -30.77
C LYS FA 418 -11.09 57.47 -30.90
N ARG FA 419 -10.43 56.83 -29.94
CA ARG FA 419 -10.28 55.38 -30.00
C ARG FA 419 -11.58 54.63 -29.71
N SER FA 420 -12.48 55.24 -28.94
CA SER FA 420 -13.72 54.55 -28.57
C SER FA 420 -14.66 54.35 -29.74
N ASP FA 421 -14.48 55.10 -30.83
CA ASP FA 421 -15.41 55.00 -31.96
C ASP FA 421 -15.33 53.64 -32.63
N MET FA 422 -14.12 53.07 -32.75
CA MET FA 422 -13.99 51.74 -33.32
C MET FA 422 -14.77 50.73 -32.50
N ASN FA 423 -14.65 50.80 -31.18
CA ASN FA 423 -15.31 49.85 -30.30
C ASN FA 423 -16.81 50.07 -30.22
N ASN FA 424 -17.29 51.28 -30.52
CA ASN FA 424 -18.73 51.46 -30.66
C ASN FA 424 -19.23 50.88 -31.98
N TYR FA 425 -18.49 51.11 -33.06
CA TYR FA 425 -18.91 50.63 -34.37
C TYR FA 425 -18.97 49.10 -34.40
N ALA FA 426 -18.00 48.44 -33.76
CA ALA FA 426 -18.02 46.98 -33.75
C ALA FA 426 -19.33 46.45 -33.17
N SER FA 427 -19.71 46.94 -31.99
CA SER FA 427 -20.93 46.48 -31.35
C SER FA 427 -22.17 46.87 -32.15
N ALA FA 428 -22.19 48.08 -32.70
CA ALA FA 428 -23.35 48.51 -33.48
C ALA FA 428 -23.55 47.62 -34.71
N LYS FA 429 -22.47 47.32 -35.42
CA LYS FA 429 -22.57 46.46 -36.59
C LYS FA 429 -23.01 45.05 -36.20
N LEU FA 430 -22.44 44.50 -35.14
CA LEU FA 430 -22.80 43.14 -34.73
C LEU FA 430 -24.27 43.06 -34.34
N GLN FA 431 -24.77 44.08 -33.65
CA GLN FA 431 -26.19 44.07 -33.30
C GLN FA 431 -27.09 44.40 -34.49
N GLN FA 432 -26.57 45.07 -35.52
CA GLN FA 432 -27.37 45.36 -36.70
C GLN FA 432 -27.54 44.13 -37.57
N ILE FA 433 -26.48 43.32 -37.69
CA ILE FA 433 -26.54 42.16 -38.58
C ILE FA 433 -27.62 41.18 -38.15
N ASP FA 434 -27.85 41.04 -36.84
CA ASP FA 434 -28.79 40.06 -36.30
C ASP FA 434 -30.22 40.57 -36.26
N GLN FA 435 -30.57 41.52 -37.11
CA GLN FA 435 -31.93 42.07 -37.09
C GLN FA 435 -32.48 42.25 -38.50
N MET FA 436 -31.84 41.70 -39.52
CA MET FA 436 -32.31 41.85 -40.89
C MET FA 436 -33.46 40.90 -41.19
N ASP FA 437 -33.76 40.72 -42.48
CA ASP FA 437 -34.86 39.88 -42.92
C ASP FA 437 -34.37 38.77 -43.85
N ILE FA 438 -33.30 38.09 -43.48
CA ILE FA 438 -32.66 37.10 -44.35
C ILE FA 438 -32.63 35.78 -43.61
N PRO FA 439 -32.46 34.66 -44.33
CA PRO FA 439 -32.42 33.35 -43.67
C PRO FA 439 -31.27 33.21 -42.69
N GLU FA 440 -31.33 32.14 -41.91
CA GLU FA 440 -30.49 32.00 -40.73
C GLU FA 440 -29.01 31.84 -41.08
N ALA FA 441 -28.69 31.12 -42.14
CA ALA FA 441 -27.30 30.84 -42.44
C ALA FA 441 -26.55 32.09 -42.93
N ALA FA 442 -27.25 33.00 -43.60
CA ALA FA 442 -26.57 34.20 -44.12
C ALA FA 442 -26.05 35.08 -43.00
N LYS FA 443 -26.84 35.23 -41.93
CA LYS FA 443 -26.42 36.05 -40.80
C LYS FA 443 -25.14 35.50 -40.20
N ASP FA 444 -25.02 34.18 -40.10
CA ASP FA 444 -23.85 33.56 -39.52
C ASP FA 444 -22.66 33.58 -40.47
N ALA FA 445 -22.91 33.57 -41.78
CA ALA FA 445 -21.81 33.67 -42.73
C ALA FA 445 -21.22 35.07 -42.73
N GLN FA 446 -22.07 36.08 -42.57
CA GLN FA 446 -21.59 37.46 -42.64
C GLN FA 446 -20.60 37.79 -41.53
N LYS FA 447 -20.88 37.32 -40.31
CA LYS FA 447 -19.99 37.61 -39.18
C LYS FA 447 -18.61 37.00 -39.39
N VAL FA 448 -18.56 35.76 -39.84
CA VAL FA 448 -17.27 35.11 -40.09
C VAL FA 448 -16.52 35.82 -41.21
N ALA FA 449 -17.26 36.22 -42.27
CA ALA FA 449 -16.62 36.97 -43.34
C ALA FA 449 -16.00 38.26 -42.82
N LEU FA 450 -16.72 38.97 -41.95
CA LEU FA 450 -16.20 40.22 -41.40
C LEU FA 450 -14.97 39.98 -40.53
N LEU FA 451 -15.01 38.93 -39.70
CA LEU FA 451 -13.88 38.65 -38.82
C LEU FA 451 -12.64 38.26 -39.62
N ARG FA 452 -12.82 37.52 -40.70
CA ARG FA 452 -11.67 37.01 -41.45
C ARG FA 452 -10.91 38.10 -42.19
N ALA FA 453 -11.44 39.32 -42.25
CA ALA FA 453 -10.85 40.39 -43.06
C ALA FA 453 -10.38 41.58 -42.24
N ASP FA 454 -9.95 41.38 -41.00
CA ASP FA 454 -9.42 42.46 -40.19
C ASP FA 454 -7.89 42.41 -40.12
N THR FA 455 -7.32 43.31 -39.35
CA THR FA 455 -5.90 43.26 -39.03
C THR FA 455 -5.74 42.41 -37.77
N ASN FA 456 -4.56 42.45 -37.17
CA ASN FA 456 -4.33 41.76 -35.90
C ASN FA 456 -4.73 42.61 -34.69
N ASN FA 457 -5.26 43.82 -34.93
CA ASN FA 457 -5.74 44.66 -33.85
C ASN FA 457 -7.06 45.32 -34.22
N GLY FA 458 -7.87 44.65 -35.03
CA GLY FA 458 -9.16 45.18 -35.40
C GLY FA 458 -10.16 45.05 -34.28
N PRO FA 459 -11.20 45.88 -34.30
CA PRO FA 459 -12.18 45.88 -33.20
C PRO FA 459 -13.08 44.66 -33.14
N PHE FA 460 -12.94 43.70 -34.05
CA PHE FA 460 -13.79 42.50 -34.02
C PHE FA 460 -13.13 41.32 -33.32
N ARG FA 461 -11.81 41.18 -33.46
CA ARG FA 461 -11.11 40.08 -32.83
C ARG FA 461 -11.24 40.14 -31.30
N ASN FA 462 -11.18 41.35 -30.74
CA ASN FA 462 -11.34 41.49 -29.30
C ASN FA 462 -12.71 41.02 -28.84
N ALA FA 463 -13.76 41.40 -29.57
CA ALA FA 463 -15.10 40.98 -29.18
C ALA FA 463 -15.24 39.48 -29.23
N PHE FA 464 -14.72 38.85 -30.28
CA PHE FA 464 -14.82 37.39 -30.36
C PHE FA 464 -14.01 36.71 -29.27
N GLN FA 465 -12.86 37.28 -28.89
CA GLN FA 465 -12.06 36.73 -27.79
C GLN FA 465 -12.85 36.75 -26.49
N THR FA 466 -13.47 37.89 -26.19
CA THR FA 466 -14.28 37.99 -24.99
C THR FA 466 -15.41 36.97 -24.99
N LEU FA 467 -16.08 36.82 -26.13
CA LEU FA 467 -17.17 35.85 -26.23
C LEU FA 467 -16.68 34.43 -25.96
N THR FA 468 -15.52 34.08 -26.50
CA THR FA 468 -15.01 32.72 -26.30
C THR FA 468 -14.71 32.46 -24.83
N GLN FA 469 -14.07 33.42 -24.16
CA GLN FA 469 -13.76 33.23 -22.74
C GLN FA 469 -15.03 33.09 -21.90
N ASP FA 470 -16.06 33.89 -22.21
CA ASP FA 470 -17.32 33.75 -21.50
C ASP FA 470 -17.94 32.37 -21.70
N ALA FA 471 -17.86 31.86 -22.92
CA ALA FA 471 -18.41 30.52 -23.18
C ALA FA 471 -17.69 29.45 -22.37
N ALA FA 472 -16.36 29.56 -22.26
CA ALA FA 472 -15.62 28.59 -21.45
C ALA FA 472 -16.06 28.65 -19.99
N GLY FA 473 -16.23 29.87 -19.46
CA GLY FA 473 -16.72 29.99 -18.08
C GLY FA 473 -18.07 29.35 -17.89
N GLU FA 474 -18.98 29.55 -18.85
CA GLU FA 474 -20.31 28.94 -18.76
C GLU FA 474 -20.22 27.42 -18.72
N TRP FA 475 -19.35 26.84 -19.55
CA TRP FA 475 -19.21 25.39 -19.55
C TRP FA 475 -18.71 24.88 -18.19
N GLN FA 476 -17.73 25.57 -17.61
CA GLN FA 476 -17.23 25.15 -16.30
C GLN FA 476 -18.32 25.21 -15.25
N ALA FA 477 -19.13 26.27 -15.27
CA ALA FA 477 -20.25 26.34 -14.34
C ALA FA 477 -21.21 25.17 -14.53
N ALA FA 478 -21.49 24.81 -15.78
CA ALA FA 478 -22.40 23.70 -16.02
C ALA FA 478 -21.86 22.41 -15.46
N VAL FA 479 -20.55 22.17 -15.60
CA VAL FA 479 -19.95 20.96 -15.01
C VAL FA 479 -20.09 20.97 -13.50
N ILE FA 480 -19.78 22.11 -12.86
CA ILE FA 480 -19.81 22.16 -11.40
C ILE FA 480 -21.22 21.92 -10.86
N ARG FA 481 -22.20 22.60 -11.44
CA ARG FA 481 -23.57 22.45 -10.96
C ARG FA 481 -24.09 21.03 -11.19
N GLY FA 482 -23.78 20.46 -12.35
CA GLY FA 482 -24.19 19.09 -12.65
C GLY FA 482 -25.51 18.97 -13.38
N GLN FA 483 -25.76 19.85 -14.35
CA GLN FA 483 -27.00 19.86 -15.09
C GLN FA 483 -26.83 20.81 -16.28
N TYR FA 484 -27.65 20.61 -17.31
CA TYR FA 484 -27.71 21.49 -18.46
C TYR FA 484 -29.03 22.25 -18.44
N ASP FA 485 -28.97 23.56 -18.19
CA ASP FA 485 -30.16 24.40 -18.17
C ASP FA 485 -30.11 25.39 -19.32
N PRO FA 486 -31.03 25.32 -20.28
CA PRO FA 486 -30.96 26.23 -21.43
C PRO FA 486 -31.10 27.70 -21.08
N ASP FA 487 -31.69 28.03 -19.93
CA ASP FA 487 -31.87 29.43 -19.57
C ASP FA 487 -30.55 30.09 -19.20
N LYS FA 488 -29.71 29.39 -18.44
CA LYS FA 488 -28.44 30.00 -18.02
C LYS FA 488 -27.42 30.03 -19.15
N MET FA 489 -27.44 29.03 -20.02
CA MET FA 489 -26.46 28.90 -21.10
C MET FA 489 -26.98 29.63 -22.33
N GLN FA 490 -26.63 30.90 -22.46
CA GLN FA 490 -27.02 31.70 -23.61
C GLN FA 490 -25.86 32.20 -24.44
N ARG FA 491 -24.71 32.47 -23.84
CA ARG FA 491 -23.52 32.82 -24.61
C ARG FA 491 -22.74 31.60 -25.05
N PHE FA 492 -23.06 30.41 -24.51
CA PHE FA 492 -22.49 29.17 -25.00
C PHE FA 492 -23.13 28.71 -26.30
N GLU FA 493 -24.41 29.04 -26.49
CA GLU FA 493 -25.19 28.55 -27.62
C GLU FA 493 -25.26 29.56 -28.76
N SER FA 494 -24.54 30.68 -28.67
CA SER FA 494 -24.45 31.62 -29.77
C SER FA 494 -23.15 31.49 -30.54
N LEU FA 495 -22.05 31.12 -29.88
CA LEU FA 495 -20.81 30.83 -30.58
C LEU FA 495 -20.92 29.57 -31.42
N ARG FA 496 -21.76 28.63 -30.99
CA ARG FA 496 -21.89 27.37 -31.70
C ARG FA 496 -22.44 27.58 -33.11
N ARG FA 497 -23.39 28.50 -33.26
CA ARG FA 497 -24.01 28.75 -34.55
C ARG FA 497 -23.03 29.38 -35.54
N ALA FA 498 -21.99 30.05 -35.06
CA ALA FA 498 -21.01 30.69 -35.93
C ALA FA 498 -19.73 29.87 -36.06
N TYR FA 499 -19.53 28.86 -35.22
CA TYR FA 499 -18.37 27.99 -35.38
C TYR FA 499 -18.56 27.01 -36.53
N THR FA 500 -19.80 26.70 -36.90
CA THR FA 500 -20.05 25.69 -37.93
C THR FA 500 -19.58 26.16 -39.30
N GLN FA 501 -19.83 27.42 -39.64
CA GLN FA 501 -19.58 27.90 -41.00
C GLN FA 501 -18.11 28.00 -41.34
N ASP FA 502 -17.21 27.97 -40.36
CA ASP FA 502 -15.78 28.01 -40.63
C ASP FA 502 -15.00 27.46 -39.45
N PRO FA 503 -14.75 26.15 -39.39
CA PRO FA 503 -14.09 25.55 -38.23
C PRO FA 503 -12.57 25.55 -38.26
N SER FA 504 -11.93 26.00 -39.33
CA SER FA 504 -10.48 25.95 -39.41
C SER FA 504 -9.80 27.22 -38.94
N SER FA 505 -10.46 28.37 -39.06
CA SER FA 505 -9.86 29.62 -38.58
C SER FA 505 -9.92 29.75 -37.07
N PHE FA 506 -11.01 29.27 -36.47
CA PHE FA 506 -11.13 29.32 -35.02
C PHE FA 506 -10.04 28.50 -34.35
N ALA FA 507 -9.71 27.34 -34.91
CA ALA FA 507 -8.70 26.48 -34.34
C ALA FA 507 -7.29 27.04 -34.45
N ALA FA 508 -7.08 28.06 -35.28
CA ALA FA 508 -5.77 28.67 -35.43
C ALA FA 508 -5.66 30.02 -34.74
N LEU FA 509 -6.75 30.77 -34.63
CA LEU FA 509 -6.68 32.08 -33.99
C LEU FA 509 -6.57 31.99 -32.48
N TYR FA 510 -7.32 31.07 -31.85
CA TYR FA 510 -7.37 30.94 -30.40
C TYR FA 510 -7.05 29.52 -30.00
N PRO FA 511 -5.77 29.13 -30.05
CA PRO FA 511 -5.36 27.75 -29.79
C PRO FA 511 -4.99 27.48 -28.34
N ASP FA 512 -5.90 27.82 -27.42
CA ASP FA 512 -5.66 27.54 -26.01
C ASP FA 512 -6.88 26.97 -25.31
N GLN FA 513 -8.01 26.85 -25.99
CA GLN FA 513 -9.23 26.30 -25.43
C GLN FA 513 -9.93 25.43 -26.46
N ALA FA 514 -9.14 24.55 -27.09
CA ALA FA 514 -9.60 23.68 -28.15
C ALA FA 514 -10.49 22.54 -27.66
N GLN FA 515 -10.60 22.33 -26.35
CA GLN FA 515 -11.50 21.28 -25.86
C GLN FA 515 -12.95 21.62 -26.14
N LEU FA 516 -13.29 22.91 -26.13
CA LEU FA 516 -14.65 23.33 -26.43
C LEU FA 516 -15.03 23.01 -27.87
N PHE FA 517 -14.07 23.08 -28.79
CA PHE FA 517 -14.34 22.74 -30.18
C PHE FA 517 -14.67 21.26 -30.34
N SER FA 518 -13.93 20.41 -29.64
CA SER FA 518 -14.27 18.98 -29.64
C SER FA 518 -15.59 18.73 -28.92
N THR FA 519 -15.97 19.59 -27.98
CA THR FA 519 -17.32 19.48 -27.42
C THR FA 519 -18.39 19.79 -28.45
N PHE FA 520 -18.20 20.84 -29.26
CA PHE FA 520 -19.16 21.20 -30.30
C PHE FA 520 -19.28 20.14 -31.39
N ASP FA 521 -18.16 19.56 -31.81
CA ASP FA 521 -18.16 18.69 -32.98
C ASP FA 521 -19.03 17.46 -32.77
N GLN FA 522 -18.93 16.83 -31.60
CA GLN FA 522 -19.69 15.62 -31.35
C GLN FA 522 -21.15 15.87 -31.00
N MET FA 523 -21.54 17.11 -30.71
CA MET FA 523 -22.96 17.42 -30.68
C MET FA 523 -23.51 17.75 -32.04
N ASP FA 524 -22.69 18.27 -32.95
CA ASP FA 524 -23.20 18.68 -34.25
C ASP FA 524 -23.15 17.58 -35.31
N LYS FA 525 -22.26 16.59 -35.16
CA LYS FA 525 -22.13 15.59 -36.22
C LYS FA 525 -22.61 14.21 -35.78
N ILE FA 526 -22.03 13.67 -34.70
CA ILE FA 526 -22.32 12.32 -34.26
C ILE FA 526 -23.78 12.20 -33.82
N GLY FA 527 -24.24 13.15 -33.01
CA GLY FA 527 -25.61 13.13 -32.56
C GLY FA 527 -25.80 12.99 -31.06
N LEU FA 528 -24.73 13.14 -30.29
CA LEU FA 528 -24.85 13.11 -28.84
C LEU FA 528 -25.69 14.29 -28.34
N ASP FA 529 -26.50 14.01 -27.34
CA ASP FA 529 -27.27 15.03 -26.66
C ASP FA 529 -26.36 15.90 -25.81
N PRO FA 530 -26.77 17.14 -25.50
CA PRO FA 530 -25.88 18.01 -24.72
C PRO FA 530 -25.56 17.47 -23.34
N GLN FA 531 -26.45 16.67 -22.76
CA GLN FA 531 -26.14 16.00 -21.50
C GLN FA 531 -25.28 14.77 -21.79
N THR FA 532 -25.09 13.93 -20.78
CA THR FA 532 -24.35 12.68 -20.79
C THR FA 532 -22.85 12.94 -20.89
N MET FA 533 -22.48 14.14 -21.35
CA MET FA 533 -21.07 14.52 -21.27
C MET FA 533 -20.80 15.20 -19.93
N ILE FA 534 -21.79 15.92 -19.42
CA ILE FA 534 -21.73 16.38 -18.04
C ILE FA 534 -21.58 15.20 -17.11
N GLU FA 535 -22.36 14.13 -17.35
CA GLU FA 535 -22.24 12.93 -16.53
C GLU FA 535 -20.88 12.27 -16.69
N ALA FA 536 -20.39 12.14 -17.92
CA ALA FA 536 -19.08 11.52 -18.13
C ALA FA 536 -17.95 12.31 -17.50
N ASP FA 537 -18.04 13.64 -17.45
CA ASP FA 537 -17.04 14.45 -16.78
C ASP FA 537 -17.17 14.38 -15.26
N LYS FA 538 -18.40 14.42 -14.76
CA LYS FA 538 -18.62 14.38 -13.32
C LYS FA 538 -18.17 13.04 -12.73
N GLN FA 539 -18.44 11.95 -13.44
CA GLN FA 539 -18.07 10.62 -12.96
C GLN FA 539 -16.58 10.33 -13.05
N ALA FA 540 -15.80 11.17 -13.77
CA ALA FA 540 -14.37 10.96 -13.90
C ALA FA 540 -13.57 11.92 -13.03
N ALA FA 541 -14.23 12.69 -12.16
CA ALA FA 541 -13.50 13.60 -11.28
C ALA FA 541 -12.69 12.84 -10.24
N SER FA 542 -13.30 11.81 -9.63
CA SER FA 542 -12.66 11.07 -8.55
C SER FA 542 -11.39 10.37 -9.04
N GLN FA 543 -11.55 9.41 -9.94
CA GLN FA 543 -10.41 8.65 -10.44
C GLN FA 543 -9.76 9.38 -11.61
N SER FA 544 -8.44 9.48 -11.58
CA SER FA 544 -7.68 10.16 -12.62
C SER FA 544 -7.08 9.11 -13.56
N ARG FA 545 -7.41 9.22 -14.85
CA ARG FA 545 -6.86 8.31 -15.84
C ARG FA 545 -5.44 8.69 -16.26
N GLU FA 546 -4.90 9.77 -15.71
CA GLU FA 546 -3.59 10.27 -16.13
C GLU FA 546 -2.50 9.65 -15.25
N MET FA 547 -2.02 8.49 -15.66
CA MET FA 547 -0.82 7.90 -15.08
C MET FA 547 0.33 8.09 -16.08
N ARG FA 548 1.38 8.77 -15.65
CA ARG FA 548 2.52 9.09 -16.51
C ARG FA 548 2.04 9.67 -17.83
N MET FA 549 2.31 8.95 -18.92
CA MET FA 549 1.76 9.28 -20.24
C MET FA 549 2.05 10.73 -20.62
N GLU FA 550 1.07 11.61 -20.40
CA GLU FA 550 1.16 13.00 -20.83
C GLU FA 550 2.47 13.64 -20.40
N SER FA 551 3.30 14.01 -21.36
CA SER FA 551 4.60 14.61 -21.13
C SER FA 551 5.09 15.13 -22.48
N ASP FA 552 6.35 15.54 -22.53
CA ASP FA 552 6.97 15.93 -23.79
C ASP FA 552 7.63 14.77 -24.51
N LYS FA 553 7.67 13.59 -23.88
CA LYS FA 553 8.23 12.39 -24.47
C LYS FA 553 7.17 11.49 -25.11
N ALA FA 554 6.02 11.34 -24.46
CA ALA FA 554 4.96 10.52 -25.07
C ALA FA 554 4.52 11.09 -26.40
N TRP FA 555 4.46 12.41 -26.51
CA TRP FA 555 4.04 13.03 -27.76
C TRP FA 555 5.03 12.76 -28.88
N GLN FA 556 6.32 12.91 -28.60
CA GLN FA 556 7.32 12.81 -29.65
C GLN FA 556 7.43 11.40 -30.22
N GLU FA 557 7.54 10.39 -29.35
CA GLU FA 557 7.60 9.02 -29.83
C GLU FA 557 6.25 8.46 -30.25
N LEU FA 558 5.16 9.20 -30.06
CA LEU FA 558 3.90 8.84 -30.70
C LEU FA 558 3.78 9.46 -32.07
N LYS FA 559 4.45 10.58 -32.31
CA LYS FA 559 4.37 11.29 -33.58
C LYS FA 559 5.42 10.85 -34.58
N ASN FA 560 6.27 9.88 -34.25
CA ASN FA 560 7.29 9.37 -35.15
C ASN FA 560 7.10 7.90 -35.45
N ASP FA 561 5.87 7.50 -35.75
CA ASP FA 561 5.55 6.12 -36.10
C ASP FA 561 4.91 6.10 -37.48
N SER FA 562 5.39 5.20 -38.35
CA SER FA 562 4.79 5.07 -39.66
C SER FA 562 3.38 4.51 -39.60
N ARG FA 563 3.00 3.90 -38.48
CA ARG FA 563 1.65 3.34 -38.36
C ARG FA 563 0.60 4.43 -38.43
N ASN FA 564 0.84 5.56 -37.77
CA ASN FA 564 -0.09 6.68 -37.75
C ASN FA 564 0.17 7.53 -38.98
N LYS FA 565 -0.60 7.28 -40.04
CA LYS FA 565 -0.33 7.95 -41.31
C LYS FA 565 -0.71 9.43 -41.27
N ASP FA 566 -1.72 9.80 -40.48
CA ASP FA 566 -2.18 11.19 -40.44
C ASP FA 566 -1.42 12.04 -39.43
N LEU FA 567 -1.09 11.48 -38.26
CA LEU FA 567 -0.36 12.26 -37.27
C LEU FA 567 1.09 12.47 -37.66
N SER FA 568 1.64 11.64 -38.55
CA SER FA 568 3.03 11.79 -38.94
C SER FA 568 3.28 13.13 -39.62
N ARG FA 569 2.39 13.51 -40.54
CA ARG FA 569 2.47 14.81 -41.20
C ARG FA 569 1.50 15.77 -40.52
N LEU FA 570 1.97 16.98 -40.24
CA LEU FA 570 1.15 17.92 -39.50
C LEU FA 570 1.67 19.33 -39.73
N PRO FA 571 0.81 20.26 -40.15
CA PRO FA 571 1.25 21.65 -40.25
C PRO FA 571 1.70 22.16 -38.89
N THR FA 572 2.77 22.98 -38.89
CA THR FA 572 3.29 23.46 -37.62
C THR FA 572 2.33 24.40 -36.91
N SER FA 573 1.26 24.83 -37.58
CA SER FA 573 0.26 25.71 -37.00
C SER FA 573 -0.87 24.96 -36.33
N LEU FA 574 -0.84 23.63 -36.28
CA LEU FA 574 -1.91 22.85 -35.70
C LEU FA 574 -1.45 21.93 -34.58
N ASP FA 575 -0.20 22.04 -34.15
CA ASP FA 575 0.27 21.21 -33.05
C ASP FA 575 -0.41 21.58 -31.74
N ALA FA 576 -0.73 22.87 -31.56
CA ALA FA 576 -1.21 23.33 -30.27
C ALA FA 576 -2.54 22.67 -29.89
N SER FA 577 -3.46 22.56 -30.84
CA SER FA 577 -4.79 22.04 -30.53
C SER FA 577 -4.88 20.52 -30.60
N ALA FA 578 -4.05 19.87 -31.42
CA ALA FA 578 -4.10 18.42 -31.50
C ALA FA 578 -3.78 17.77 -30.16
N ARG FA 579 -2.76 18.28 -29.46
CA ARG FA 579 -2.42 17.77 -28.15
C ARG FA 579 -3.61 17.90 -27.20
N LYS FA 580 -4.30 19.04 -27.23
CA LYS FA 580 -5.40 19.25 -26.30
C LYS FA 580 -6.57 18.35 -26.61
N VAL FA 581 -6.86 18.11 -27.89
CA VAL FA 581 -7.93 17.17 -28.23
C VAL FA 581 -7.57 15.77 -27.76
N TRP FA 582 -6.32 15.35 -27.98
CA TRP FA 582 -5.89 14.03 -27.54
C TRP FA 582 -6.03 13.89 -26.03
N ASP FA 583 -5.57 14.90 -25.29
CA ASP FA 583 -5.64 14.85 -23.83
C ASP FA 583 -7.08 14.80 -23.35
N SER FA 584 -7.97 15.59 -23.95
CA SER FA 584 -9.36 15.58 -23.54
C SER FA 584 -9.98 14.22 -23.76
N TRP FA 585 -9.72 13.59 -24.91
CA TRP FA 585 -10.33 12.28 -25.15
C TRP FA 585 -9.77 11.21 -24.22
N TYR FA 586 -8.45 11.23 -23.98
CA TYR FA 586 -7.85 10.27 -23.04
C TYR FA 586 -8.41 10.45 -21.63
N TYR FA 587 -8.61 11.69 -21.20
CA TYR FA 587 -9.22 11.92 -19.89
C TYR FA 587 -10.66 11.43 -19.86
N ARG FA 588 -11.42 11.70 -20.92
CA ARG FA 588 -12.85 11.39 -20.91
C ARG FA 588 -13.12 9.90 -20.99
N THR FA 589 -12.21 9.12 -21.58
CA THR FA 589 -12.39 7.67 -21.66
C THR FA 589 -11.16 7.02 -21.04
N GLY FA 590 -10.99 5.72 -21.29
CA GLY FA 590 -9.86 5.01 -20.73
C GLY FA 590 -8.88 4.48 -21.76
N ASN FA 591 -9.34 4.32 -23.00
CA ASN FA 591 -8.50 3.74 -24.04
C ASN FA 591 -7.34 4.65 -24.37
N ALA FA 592 -6.17 4.06 -24.57
CA ALA FA 592 -5.04 4.77 -25.14
C ALA FA 592 -4.94 4.58 -26.64
N ASP FA 593 -5.87 3.84 -27.24
CA ASP FA 593 -5.88 3.61 -28.68
C ASP FA 593 -7.20 4.00 -29.33
N ALA FA 594 -8.20 4.39 -28.55
CA ALA FA 594 -9.36 5.09 -29.08
C ALA FA 594 -9.21 6.60 -29.00
N ALA FA 595 -8.13 7.09 -28.40
CA ALA FA 595 -7.81 8.49 -28.39
C ALA FA 595 -6.88 8.90 -29.52
N THR FA 596 -6.13 7.96 -30.07
CA THR FA 596 -5.31 8.20 -31.26
C THR FA 596 -6.13 8.10 -32.54
N GLN FA 597 -7.32 7.52 -32.48
CA GLN FA 597 -8.18 7.39 -33.65
C GLN FA 597 -9.16 8.54 -33.81
N GLN FA 598 -9.68 9.08 -32.71
CA GLN FA 598 -10.60 10.19 -32.82
C GLN FA 598 -9.90 11.50 -33.17
N THR FA 599 -8.63 11.63 -32.84
CA THR FA 599 -7.87 12.80 -33.27
C THR FA 599 -7.73 12.85 -34.78
N GLN FA 600 -7.47 11.71 -35.40
CA GLN FA 600 -7.23 11.68 -36.84
C GLN FA 600 -8.48 12.05 -37.62
N ARG FA 601 -9.67 11.72 -37.11
CA ARG FA 601 -10.89 12.10 -37.80
C ARG FA 601 -11.04 13.61 -37.86
N TRP FA 602 -10.83 14.28 -36.73
CA TRP FA 602 -10.88 15.74 -36.70
C TRP FA 602 -9.83 16.33 -37.63
N LEU FA 603 -8.60 15.81 -37.56
CA LEU FA 603 -7.52 16.35 -38.38
C LEU FA 603 -7.83 16.18 -39.87
N ASN FA 604 -8.31 15.02 -40.26
CA ASN FA 604 -8.59 14.73 -41.67
C ASN FA 604 -9.89 15.38 -42.14
N GLU FA 605 -10.74 15.83 -41.23
CA GLU FA 605 -11.91 16.60 -41.61
C GLU FA 605 -11.66 18.10 -41.64
N ASN FA 606 -10.51 18.56 -41.14
CA ASN FA 606 -10.20 19.99 -41.22
C ASN FA 606 -9.20 20.35 -42.32
N THR FA 607 -8.59 19.37 -43.00
CA THR FA 607 -7.48 19.65 -43.89
C THR FA 607 -7.68 18.99 -45.25
N VAL FA 608 -6.70 19.17 -46.13
CA VAL FA 608 -6.77 18.71 -47.51
C VAL FA 608 -5.42 18.08 -47.88
N THR FA 609 -5.46 16.97 -48.61
CA THR FA 609 -4.27 16.21 -48.95
C THR FA 609 -4.09 16.14 -50.46
N PHE FA 610 -2.84 16.19 -50.90
CA PHE FA 610 -2.48 16.08 -52.31
C PHE FA 610 -1.68 14.80 -52.52
N GLN FA 611 -1.77 14.23 -53.72
CA GLN FA 611 -1.12 12.97 -54.03
C GLN FA 611 -0.40 13.04 -55.37
N SER FA 612 0.61 12.18 -55.52
CA SER FA 612 1.44 12.14 -56.71
C SER FA 612 0.76 11.36 -57.83
N GLU FA 613 1.29 11.54 -59.03
CA GLU FA 613 0.66 11.02 -60.24
C GLU FA 613 1.06 9.60 -60.60
N GLY FA 614 2.04 9.02 -59.91
CA GLY FA 614 2.44 7.66 -60.17
C GLY FA 614 1.40 6.67 -59.68
N SER FA 615 1.67 5.40 -59.94
CA SER FA 615 0.77 4.34 -59.46
C SER FA 615 0.68 4.37 -57.95
N ASP FA 616 1.83 4.46 -57.28
CA ASP FA 616 1.85 4.59 -55.82
C ASP FA 616 1.32 5.96 -55.40
N GLY FA 617 0.63 6.00 -54.28
CA GLY FA 617 -0.08 7.20 -53.87
C GLY FA 617 0.43 7.86 -52.61
N LYS FA 618 1.74 7.96 -52.46
CA LYS FA 618 2.30 8.63 -51.29
C LYS FA 618 1.89 10.09 -51.29
N SER FA 619 1.47 10.58 -50.13
CA SER FA 619 1.06 11.97 -50.00
C SER FA 619 2.27 12.89 -50.05
N ILE FA 620 2.08 14.09 -50.59
CA ILE FA 620 3.18 15.03 -50.75
C ILE FA 620 2.84 16.39 -50.16
N GLY FA 621 1.78 16.47 -49.38
CA GLY FA 621 1.43 17.76 -48.79
C GLY FA 621 0.21 17.67 -47.91
N MET FA 622 -0.03 18.77 -47.20
CA MET FA 622 -1.18 18.93 -46.32
C MET FA 622 -1.36 20.40 -45.97
N VAL FA 623 -2.55 20.95 -46.20
CA VAL FA 623 -2.85 22.35 -45.96
C VAL FA 623 -4.18 22.43 -45.22
N SER FA 624 -4.65 23.65 -44.97
CA SER FA 624 -5.85 23.88 -44.20
C SER FA 624 -6.93 24.53 -45.06
N LYS FA 625 -8.19 24.27 -44.73
CA LYS FA 625 -9.29 24.80 -45.54
C LYS FA 625 -9.67 26.22 -45.18
N HIS FA 626 -8.71 27.11 -44.99
CA HIS FA 626 -9.01 28.53 -45.06
C HIS FA 626 -7.89 29.30 -45.72
N GLN FA 627 -6.79 28.65 -46.05
CA GLN FA 627 -5.76 29.21 -46.91
C GLN FA 627 -6.11 29.05 -48.37
N LEU FA 628 -7.27 28.44 -48.68
CA LEU FA 628 -7.68 28.17 -50.04
C LEU FA 628 -8.98 28.83 -50.44
N MET FA 629 -9.72 29.43 -49.51
CA MET FA 629 -10.98 30.08 -49.88
C MET FA 629 -10.73 31.26 -50.80
N VAL FA 630 -11.70 31.52 -51.67
CA VAL FA 630 -11.57 32.54 -52.71
C VAL FA 630 -12.58 33.66 -52.48
N GLY FA 631 -13.73 33.32 -51.92
CA GLY FA 631 -14.75 34.32 -51.68
C GLY FA 631 -15.38 34.20 -50.30
N ASP FA 632 -16.62 34.65 -50.16
CA ASP FA 632 -17.33 34.52 -48.90
C ASP FA 632 -18.28 33.32 -48.88
N ASN FA 633 -18.41 32.60 -49.98
CA ASN FA 633 -19.18 31.36 -49.97
C ASN FA 633 -18.48 30.34 -49.09
N PRO FA 634 -19.19 29.68 -48.19
CA PRO FA 634 -18.53 28.71 -47.30
C PRO FA 634 -18.13 27.43 -48.00
N GLU FA 635 -18.33 27.36 -49.31
CA GLU FA 635 -17.97 26.20 -50.10
C GLU FA 635 -17.07 26.58 -51.26
N SER FA 636 -16.18 27.57 -51.05
CA SER FA 636 -15.33 28.07 -52.11
C SER FA 636 -13.93 27.48 -52.08
N TRP FA 637 -13.66 26.53 -51.20
CA TRP FA 637 -12.33 25.96 -51.08
C TRP FA 637 -12.03 24.92 -52.16
N GLN FA 638 -12.99 24.59 -53.00
CA GLN FA 638 -12.82 23.56 -54.01
C GLN FA 638 -12.26 24.11 -55.31
N VAL FA 639 -11.93 25.40 -55.37
CA VAL FA 639 -11.34 26.01 -56.55
C VAL FA 639 -9.83 26.13 -56.42
N GLY FA 640 -9.34 26.50 -55.23
CA GLY FA 640 -7.91 26.58 -55.03
C GLY FA 640 -7.22 25.24 -55.23
N ARG FA 641 -7.88 24.16 -54.86
CA ARG FA 641 -7.33 22.83 -55.06
C ARG FA 641 -7.09 22.55 -56.55
N ASP FA 642 -8.08 22.88 -57.38
CA ASP FA 642 -7.94 22.68 -58.82
C ASP FA 642 -6.86 23.56 -59.40
N ILE FA 643 -6.78 24.82 -58.94
CA ILE FA 643 -5.74 25.72 -59.44
C ILE FA 643 -4.36 25.18 -59.10
N ILE FA 644 -4.18 24.69 -57.86
CA ILE FA 644 -2.88 24.16 -57.45
C ILE FA 644 -2.52 22.92 -58.26
N ASP FA 645 -3.49 22.03 -58.47
CA ASP FA 645 -3.22 20.82 -59.26
C ASP FA 645 -2.78 21.17 -60.67
N THR FA 646 -3.49 22.10 -61.32
CA THR FA 646 -3.12 22.51 -62.66
C THR FA 646 -1.74 23.16 -62.68
N ALA FA 647 -1.43 23.98 -61.67
CA ALA FA 647 -0.12 24.61 -61.62
C ALA FA 647 0.99 23.59 -61.50
N ARG FA 648 0.82 22.60 -60.63
CA ARG FA 648 1.86 21.58 -60.48
C ARG FA 648 2.05 20.79 -61.76
N LYS FA 649 0.95 20.40 -62.41
CA LYS FA 649 1.08 19.60 -63.62
C LYS FA 649 1.68 20.39 -64.77
N GLN FA 650 1.38 21.68 -64.87
CA GLN FA 650 1.99 22.49 -65.91
C GLN FA 650 3.41 22.92 -65.58
N LEU FA 651 3.82 22.83 -64.31
CA LEU FA 651 5.19 23.19 -63.96
C LEU FA 651 6.15 22.03 -64.08
N ILE FA 652 5.70 20.80 -63.82
CA ILE FA 652 6.58 19.65 -64.03
C ILE FA 652 6.96 19.54 -65.51
N LYS FA 653 6.01 19.77 -66.40
CA LYS FA 653 6.27 19.62 -67.83
C LYS FA 653 7.24 20.68 -68.37
N ALA FA 654 7.30 21.86 -67.76
CA ALA FA 654 8.19 22.90 -68.26
C ALA FA 654 9.65 22.54 -68.03
N ASN FA 655 9.96 21.93 -66.89
CA ASN FA 655 11.32 21.55 -66.54
C ASN FA 655 11.41 20.03 -66.44
N PRO FA 656 11.99 19.37 -67.43
CA PRO FA 656 12.02 17.90 -67.40
C PRO FA 656 13.16 17.33 -66.58
N TRP FA 657 13.38 17.87 -65.38
CA TRP FA 657 14.30 17.27 -64.43
C TRP FA 657 13.80 17.37 -63.00
N VAL FA 658 12.59 17.90 -62.78
CA VAL FA 658 12.06 18.03 -61.43
C VAL FA 658 11.75 16.67 -60.82
N VAL FA 659 11.50 15.66 -61.65
CA VAL FA 659 11.16 14.34 -61.13
C VAL FA 659 12.30 13.71 -60.35
N ASN FA 660 13.52 14.20 -60.52
CA ASN FA 660 14.68 13.67 -59.81
C ASN FA 660 14.84 14.26 -58.41
N SER FA 661 14.01 15.25 -58.06
CA SER FA 661 13.95 15.76 -56.69
C SER FA 661 12.50 15.69 -56.22
N GLN FA 662 12.19 16.31 -55.10
CA GLN FA 662 10.86 16.18 -54.51
C GLN FA 662 10.12 17.50 -54.61
N LEU FA 663 9.11 17.55 -55.47
CA LEU FA 663 8.18 18.67 -55.49
C LEU FA 663 7.10 18.44 -54.44
N SER FA 664 6.84 19.46 -53.63
CA SER FA 664 5.91 19.32 -52.53
C SER FA 664 5.08 20.60 -52.37
N VAL FA 665 4.10 20.52 -51.48
CA VAL FA 665 3.20 21.64 -51.18
C VAL FA 665 3.24 21.82 -49.66
N VAL FA 666 4.11 22.69 -49.19
CA VAL FA 666 4.36 22.87 -47.76
C VAL FA 666 3.68 24.13 -47.27
N GLU FA 667 3.11 24.06 -46.06
CA GLU FA 667 2.48 25.22 -45.42
C GLU FA 667 3.50 25.84 -44.47
N SER FA 671 1.56 30.79 -45.08
CA SER FA 671 1.44 30.87 -46.52
C SER FA 671 1.70 29.48 -47.11
N ILE FA 672 1.38 29.32 -48.38
CA ILE FA 672 1.50 28.05 -49.09
C ILE FA 672 2.51 28.23 -50.20
N PHE FA 673 3.53 27.37 -50.23
CA PHE FA 673 4.62 27.46 -51.19
C PHE FA 673 4.73 26.18 -52.00
N LEU FA 674 5.44 26.29 -53.12
CA LEU FA 674 5.87 25.16 -53.93
C LEU FA 674 7.38 25.23 -54.07
N GLN FA 675 8.08 24.17 -53.65
CA GLN FA 675 9.53 24.23 -53.62
C GLN FA 675 10.12 22.86 -53.88
N ASP FA 676 11.38 22.86 -54.32
CA ASP FA 676 12.14 21.64 -54.57
C ASP FA 676 12.89 21.24 -53.31
N ALA FA 677 13.82 20.30 -53.46
CA ALA FA 677 14.81 20.00 -52.44
C ALA FA 677 16.13 20.72 -52.70
N THR FA 678 16.19 21.54 -53.75
CA THR FA 678 17.39 22.30 -54.07
C THR FA 678 17.26 23.78 -53.78
N GLY FA 679 16.07 24.26 -53.45
CA GLY FA 679 15.88 25.66 -53.13
C GLY FA 679 15.86 26.59 -54.32
N THR FA 680 15.89 26.07 -55.53
CA THR FA 680 15.91 26.92 -56.72
C THR FA 680 14.53 27.38 -57.12
N ILE FA 681 13.53 26.49 -57.11
CA ILE FA 681 12.18 26.82 -57.52
C ILE FA 681 11.35 27.12 -56.28
N ARG FA 682 10.82 28.34 -56.21
CA ARG FA 682 9.97 28.74 -55.10
C ARG FA 682 8.84 29.62 -55.62
N ILE FA 683 7.60 29.25 -55.29
CA ILE FA 683 6.41 29.95 -55.74
C ILE FA 683 5.54 30.25 -54.52
N ARG FA 684 4.74 31.31 -54.62
CA ARG FA 684 3.83 31.70 -53.54
C ARG FA 684 2.42 31.82 -54.08
N TYR FA 685 1.44 31.54 -53.23
CA TYR FA 685 0.03 31.54 -53.61
C TYR FA 685 -0.67 32.73 -52.96
N ASP FA 686 -1.15 33.65 -53.79
CA ASP FA 686 -1.78 34.89 -53.33
C ASP FA 686 -3.27 34.83 -53.58
N LYS FA 687 -4.07 35.07 -52.53
CA LYS FA 687 -5.51 34.92 -52.64
C LYS FA 687 -6.15 36.05 -53.43
N GLU FA 688 -5.71 37.29 -53.19
CA GLU FA 688 -6.38 38.44 -53.78
C GLU FA 688 -6.25 38.43 -55.31
N LEU FA 689 -5.08 38.10 -55.83
CA LEU FA 689 -4.89 38.07 -57.28
C LEU FA 689 -5.78 37.01 -57.92
N VAL FA 690 -5.88 35.85 -57.27
CA VAL FA 690 -6.74 34.79 -57.80
C VAL FA 690 -8.19 35.25 -57.83
N GLY FA 691 -8.64 35.90 -56.76
CA GLY FA 691 -10.02 36.39 -56.75
C GLY FA 691 -10.28 37.42 -57.83
N LYS FA 692 -9.36 38.37 -57.99
CA LYS FA 692 -9.53 39.42 -58.99
C LYS FA 692 -9.56 38.84 -60.41
N LEU FA 693 -8.68 37.89 -60.71
CA LEU FA 693 -8.68 37.30 -62.03
C LEU FA 693 -9.93 36.45 -62.26
N TYR FA 694 -10.36 35.72 -61.23
CA TYR FA 694 -11.52 34.84 -61.39
C TYR FA 694 -12.79 35.65 -61.67
N ARG FA 695 -12.95 36.79 -60.99
CA ARG FA 695 -14.13 37.60 -61.25
C ARG FA 695 -14.21 38.03 -62.71
N GLU FA 696 -13.08 38.50 -63.26
CA GLU FA 696 -13.06 38.92 -64.66
C GLU FA 696 -13.33 37.75 -65.59
N GLN FA 697 -12.71 36.60 -65.32
CA GLN FA 697 -12.89 35.45 -66.21
C GLN FA 697 -14.33 34.99 -66.23
N GLN FA 698 -15.00 34.98 -65.07
CA GLN FA 698 -16.42 34.65 -65.05
C GLN FA 698 -17.23 35.73 -65.76
N GLN FA 699 -16.82 37.00 -65.64
CA GLN FA 699 -17.56 38.07 -66.30
C GLN FA 699 -17.48 37.97 -67.82
N LYS FA 700 -16.35 37.50 -68.34
CA LYS FA 700 -16.13 37.48 -69.78
C LYS FA 700 -17.20 36.70 -70.54
N ALA FA 701 -17.86 35.73 -69.88
CA ALA FA 701 -18.87 34.91 -70.54
C ALA FA 701 -20.14 35.66 -70.85
N GLN FA 702 -20.28 36.91 -70.38
CA GLN FA 702 -21.46 37.69 -70.65
C GLN FA 702 -21.54 38.07 -72.14
N ASP FA 703 -22.61 38.78 -72.49
CA ASP FA 703 -22.87 39.17 -73.88
C ASP FA 703 -21.72 39.99 -74.45
N THR GA 66 -75.27 -54.73 60.59
CA THR GA 66 -74.49 -54.39 59.41
C THR GA 66 -73.73 -55.60 58.88
N ARG GA 67 -72.44 -55.68 59.20
CA ARG GA 67 -71.62 -56.79 58.75
C ARG GA 67 -72.05 -58.09 59.44
N ALA GA 68 -72.09 -59.18 58.68
CA ALA GA 68 -72.46 -60.48 59.20
C ALA GA 68 -71.28 -61.28 59.71
N ASP GA 69 -70.06 -60.75 59.60
CA ASP GA 69 -68.85 -61.41 60.08
C ASP GA 69 -68.44 -60.92 61.46
N GLU GA 70 -69.41 -60.59 62.32
CA GLU GA 70 -69.08 -60.15 63.66
C GLU GA 70 -68.38 -61.23 64.47
N ARG GA 71 -68.62 -62.50 64.14
CA ARG GA 71 -67.97 -63.59 64.86
C ARG GA 71 -66.46 -63.40 64.90
N SER GA 72 -65.88 -62.99 63.77
CA SER GA 72 -64.46 -62.63 63.75
C SER GA 72 -64.18 -61.56 64.80
N ASN GA 73 -65.10 -60.62 64.99
CA ASN GA 73 -64.88 -59.56 65.98
C ASN GA 73 -64.83 -60.13 67.39
N GLU GA 74 -65.77 -61.02 67.74
CA GLU GA 74 -65.73 -61.57 69.10
C GLU GA 74 -64.47 -62.40 69.34
N ILE GA 75 -64.12 -63.28 68.39
CA ILE GA 75 -62.89 -64.05 68.64
C ILE GA 75 -61.64 -63.17 68.63
N ILE GA 76 -61.61 -62.11 67.82
CA ILE GA 76 -60.47 -61.19 67.86
C ILE GA 76 -60.37 -60.52 69.22
N ARG GA 77 -61.51 -60.09 69.78
CA ARG GA 77 -61.49 -59.35 71.03
C ARG GA 77 -60.87 -60.15 72.16
N LYS GA 78 -60.98 -61.48 72.12
CA LYS GA 78 -60.44 -62.34 73.18
C LYS GA 78 -59.00 -62.71 72.83
N LEU GA 79 -58.10 -61.76 73.00
CA LEU GA 79 -56.70 -61.97 72.72
C LEU GA 79 -55.86 -61.13 73.65
N THR GA 80 -54.82 -61.73 74.21
CA THR GA 80 -53.84 -60.99 75.00
C THR GA 80 -53.08 -60.03 74.08
N PRO GA 81 -52.80 -58.81 74.54
CA PRO GA 81 -52.15 -57.84 73.64
C PRO GA 81 -50.85 -58.32 73.03
N GLN GA 82 -50.04 -59.07 73.78
CA GLN GA 82 -48.81 -59.59 73.19
C GLN GA 82 -49.10 -60.60 72.08
N GLN GA 83 -50.19 -61.35 72.21
CA GLN GA 83 -50.59 -62.28 71.16
C GLN GA 83 -50.93 -61.53 69.87
N ARG GA 84 -51.68 -60.45 69.98
CA ARG GA 84 -51.97 -59.63 68.81
C ARG GA 84 -50.70 -59.02 68.25
N ARG GA 85 -49.79 -58.60 69.11
CA ARG GA 85 -48.54 -57.99 68.65
C ARG GA 85 -47.74 -58.98 67.82
N GLU GA 86 -47.58 -60.21 68.30
CA GLU GA 86 -46.81 -61.18 67.53
C GLU GA 86 -47.56 -61.62 66.27
N ALA GA 87 -48.89 -61.69 66.32
CA ALA GA 87 -49.66 -62.07 65.14
C ALA GA 87 -49.52 -61.02 64.05
N ILE GA 88 -49.44 -59.74 64.43
CA ILE GA 88 -49.14 -58.71 63.43
C ILE GA 88 -47.70 -58.81 62.98
N GLN GA 89 -46.77 -59.07 63.91
CA GLN GA 89 -45.35 -59.04 63.59
C GLN GA 89 -45.00 -60.08 62.55
N ASN GA 90 -45.45 -61.32 62.74
CA ASN GA 90 -45.15 -62.34 61.75
C ASN GA 90 -45.97 -62.18 60.48
N GLY GA 91 -46.96 -61.28 60.48
CA GLY GA 91 -47.71 -60.97 59.29
C GLY GA 91 -48.71 -62.02 58.86
N THR GA 92 -48.93 -63.04 59.68
CA THR GA 92 -49.83 -64.12 59.28
C THR GA 92 -51.26 -63.62 59.14
N LEU GA 93 -51.77 -62.94 60.15
CA LEU GA 93 -53.17 -62.56 60.19
C LEU GA 93 -53.32 -61.12 60.66
N LEU GA 94 -54.51 -60.57 60.42
CA LEU GA 94 -55.00 -59.36 61.08
C LEU GA 94 -54.39 -58.07 60.57
N TYR GA 95 -55.12 -56.97 60.82
CA TYR GA 95 -54.66 -55.59 61.02
C TYR GA 95 -55.69 -54.59 60.52
N GLN GA 96 -56.39 -54.91 59.43
CA GLN GA 96 -57.39 -54.01 58.90
C GLN GA 96 -58.68 -54.01 59.70
N ASP GA 97 -58.87 -55.01 60.57
CA ASP GA 97 -60.13 -55.16 61.29
C ASP GA 97 -59.95 -55.35 62.78
N ASP GA 98 -58.88 -54.79 63.35
CA ASP GA 98 -58.72 -54.75 64.80
C ASP GA 98 -59.32 -53.45 65.32
N PRO GA 99 -60.38 -53.49 66.15
CA PRO GA 99 -61.09 -52.25 66.50
C PRO GA 99 -60.42 -51.44 67.60
N TYR GA 100 -59.09 -51.29 67.52
CA TYR GA 100 -58.40 -50.37 68.42
C TYR GA 100 -57.57 -49.38 67.62
N ALA GA 101 -56.82 -49.89 66.65
CA ALA GA 101 -56.00 -49.02 65.81
C ALA GA 101 -56.85 -48.03 65.04
N MET GA 102 -58.06 -48.43 64.64
CA MET GA 102 -58.95 -47.50 63.95
C MET GA 102 -59.32 -46.32 64.84
N GLU GA 103 -59.71 -46.60 66.08
CA GLU GA 103 -60.04 -45.54 67.03
C GLU GA 103 -58.84 -44.63 67.27
N ALA GA 104 -57.66 -45.23 67.47
CA ALA GA 104 -56.47 -44.42 67.67
C ALA GA 104 -56.22 -43.50 66.48
N LEU GA 105 -56.38 -44.03 65.27
CA LEU GA 105 -56.17 -43.23 64.07
C LEU GA 105 -57.11 -42.04 64.02
N ARG GA 106 -58.41 -42.28 64.19
CA ARG GA 106 -59.38 -41.18 64.12
C ARG GA 106 -59.11 -40.14 65.20
N VAL GA 107 -58.86 -40.59 66.43
CA VAL GA 107 -58.69 -39.64 67.53
C VAL GA 107 -57.47 -38.76 67.30
N LYS GA 108 -56.33 -39.37 66.95
CA LYS GA 108 -55.13 -38.58 66.78
C LYS GA 108 -55.23 -37.65 65.57
N THR GA 109 -55.87 -38.11 64.49
CA THR GA 109 -56.06 -37.24 63.34
C THR GA 109 -56.90 -36.02 63.71
N GLY GA 110 -57.99 -36.23 64.43
CA GLY GA 110 -58.82 -35.11 64.85
C GLY GA 110 -58.06 -34.15 65.74
N ARG GA 111 -57.28 -34.69 66.67
CA ARG GA 111 -56.50 -33.84 67.57
C ARG GA 111 -55.52 -32.95 66.79
N ASN GA 112 -54.78 -33.55 65.86
CA ASN GA 112 -53.80 -32.77 65.10
C ASN GA 112 -54.50 -31.70 64.27
N ALA GA 113 -55.60 -32.07 63.61
CA ALA GA 113 -56.31 -31.12 62.76
C ALA GA 113 -56.84 -29.96 63.58
N ALA GA 114 -57.35 -30.23 64.78
CA ALA GA 114 -57.84 -29.15 65.62
C ALA GA 114 -56.71 -28.26 66.13
N PHE GA 115 -55.56 -28.86 66.45
CA PHE GA 115 -54.51 -28.10 67.13
C PHE GA 115 -53.53 -27.38 66.21
N ALA GA 116 -53.56 -27.61 64.91
CA ALA GA 116 -52.68 -26.81 64.04
C ALA GA 116 -53.21 -25.38 63.88
N VAL GA 117 -54.52 -25.24 63.61
CA VAL GA 117 -55.08 -23.96 63.22
C VAL GA 117 -54.97 -22.94 64.34
N ASP GA 118 -55.26 -23.35 65.57
CA ASP GA 118 -55.26 -22.42 66.69
C ASP GA 118 -53.86 -21.89 66.97
N ASP GA 119 -52.84 -22.74 66.85
CA ASP GA 119 -51.47 -22.25 66.99
C ASP GA 119 -51.14 -21.23 65.91
N GLU GA 120 -51.56 -21.51 64.68
CA GLU GA 120 -51.31 -20.54 63.61
C GLU GA 120 -51.96 -19.20 63.92
N ILE GA 121 -53.21 -19.22 64.37
CA ILE GA 121 -53.91 -17.98 64.67
C ILE GA 121 -53.23 -17.23 65.82
N ASN GA 122 -52.80 -17.96 66.86
CA ASN GA 122 -52.16 -17.31 67.99
C ASN GA 122 -50.86 -16.63 67.58
N VAL GA 123 -50.03 -17.31 66.79
CA VAL GA 123 -48.79 -16.67 66.36
C VAL GA 123 -49.09 -15.47 65.47
N LYS GA 124 -50.13 -15.56 64.63
CA LYS GA 124 -50.47 -14.40 63.81
C LYS GA 124 -50.91 -13.22 64.66
N ILE GA 125 -51.71 -13.46 65.71
CA ILE GA 125 -52.15 -12.37 66.56
C ILE GA 125 -50.97 -11.73 67.29
N GLN GA 126 -50.08 -12.55 67.85
CA GLN GA 126 -48.91 -11.97 68.51
C GLN GA 126 -48.02 -11.24 67.51
N ASN GA 127 -48.02 -11.64 66.25
CA ASN GA 127 -47.37 -10.83 65.22
C ASN GA 127 -48.04 -9.47 65.11
N GLY GA 128 -49.37 -9.45 65.16
CA GLY GA 128 -50.16 -8.24 65.18
C GLY GA 128 -50.76 -7.90 63.83
N GLU GA 129 -52.00 -8.30 63.62
CA GLU GA 129 -52.71 -7.93 62.40
C GLU GA 129 -54.11 -7.41 62.66
N PHE GA 130 -54.82 -7.97 63.64
CA PHE GA 130 -56.23 -7.68 63.84
C PHE GA 130 -56.42 -6.40 64.65
N ARG GA 131 -57.64 -5.88 64.61
CA ARG GA 131 -57.98 -4.71 65.41
C ARG GA 131 -59.32 -4.82 66.12
N THR GA 132 -60.11 -5.87 65.87
CA THR GA 132 -61.43 -6.01 66.48
C THR GA 132 -61.67 -7.49 66.75
N ARG GA 133 -62.51 -7.77 67.76
CA ARG GA 133 -62.83 -9.15 68.08
C ARG GA 133 -63.56 -9.84 66.94
N GLN GA 134 -64.43 -9.11 66.25
CA GLN GA 134 -65.27 -9.72 65.22
C GLN GA 134 -64.42 -10.29 64.08
N ASP GA 135 -63.40 -9.55 63.66
CA ASP GA 135 -62.53 -10.02 62.59
C ASP GA 135 -61.82 -11.31 62.98
N MET GA 136 -61.31 -11.36 64.21
CA MET GA 136 -60.64 -12.57 64.69
C MET GA 136 -61.60 -13.74 64.73
N GLU GA 137 -62.83 -13.51 65.21
CA GLU GA 137 -63.79 -14.61 65.29
C GLU GA 137 -64.13 -15.14 63.91
N GLU GA 138 -64.35 -14.25 62.94
CA GLU GA 138 -64.66 -14.72 61.58
C GLU GA 138 -63.50 -15.48 60.97
N TYR GA 139 -62.27 -14.98 61.15
CA TYR GA 139 -61.09 -15.68 60.66
C TYR GA 139 -61.02 -17.10 61.23
N ARG GA 140 -61.19 -17.21 62.55
CA ARG GA 140 -61.11 -18.51 63.21
C ARG GA 140 -62.20 -19.45 62.68
N HIS GA 141 -63.43 -18.95 62.57
CA HIS GA 141 -64.52 -19.77 62.07
C HIS GA 141 -64.21 -20.34 60.70
N GLN GA 142 -63.81 -19.47 59.77
CA GLN GA 142 -63.53 -19.93 58.41
C GLN GA 142 -62.38 -20.93 58.38
N ARG GA 143 -61.29 -20.65 59.09
CA ARG GA 143 -60.15 -21.55 59.06
C ARG GA 143 -60.51 -22.92 59.62
N LEU GA 144 -61.27 -22.96 60.72
CA LEU GA 144 -61.67 -24.25 61.27
C LEU GA 144 -62.52 -25.02 60.27
N GLN GA 145 -63.53 -24.36 59.70
CA GLN GA 145 -64.42 -25.06 58.77
C GLN GA 145 -63.71 -25.54 57.53
N ASP GA 146 -62.61 -24.90 57.14
CA ASP GA 146 -61.84 -25.38 55.99
C ASP GA 146 -60.93 -26.55 56.37
N ALA GA 147 -60.14 -26.37 57.43
CA ALA GA 147 -59.13 -27.36 57.77
C ALA GA 147 -59.75 -28.68 58.21
N ALA GA 148 -60.90 -28.65 58.90
CA ALA GA 148 -61.53 -29.89 59.30
C ALA GA 148 -61.84 -30.77 58.09
N LYS GA 149 -62.50 -30.19 57.10
CA LYS GA 149 -62.85 -30.95 55.90
C LYS GA 149 -61.60 -31.42 55.17
N SER GA 150 -60.59 -30.55 55.04
CA SER GA 150 -59.39 -30.94 54.30
C SER GA 150 -58.69 -32.12 54.97
N TYR GA 151 -58.46 -32.03 56.28
CA TYR GA 151 -57.76 -33.10 56.98
C TYR GA 151 -58.55 -34.40 56.96
N ALA GA 152 -59.88 -34.31 57.16
CA ALA GA 152 -60.69 -35.53 57.12
C ALA GA 152 -60.64 -36.18 55.74
N GLU GA 153 -60.72 -35.37 54.69
CA GLU GA 153 -60.79 -35.92 53.34
C GLU GA 153 -59.44 -36.46 52.88
N GLU GA 154 -58.33 -35.95 53.42
CA GLU GA 154 -57.02 -36.39 52.97
C GLU GA 154 -56.82 -37.88 53.18
N ALA GA 155 -57.17 -38.38 54.37
CA ALA GA 155 -56.93 -39.76 54.74
C ALA GA 155 -58.15 -40.64 54.52
N GLY GA 156 -59.23 -40.11 53.95
CA GLY GA 156 -60.38 -40.90 53.58
C GLY GA 156 -61.44 -41.05 54.67
N ILE GA 157 -61.18 -40.58 55.87
CA ILE GA 157 -62.17 -40.69 56.94
C ILE GA 157 -63.22 -39.62 56.78
N ASN GA 158 -64.48 -40.02 56.78
CA ASN GA 158 -65.56 -39.07 56.61
C ASN GA 158 -65.65 -38.16 57.84
N PRO GA 159 -65.77 -36.85 57.66
CA PRO GA 159 -65.74 -35.94 58.82
C PRO GA 159 -66.87 -36.15 59.81
N THR GA 160 -67.99 -36.76 59.42
CA THR GA 160 -69.16 -36.80 60.29
C THR GA 160 -69.17 -37.99 61.24
N ASP GA 161 -68.18 -38.87 61.19
CA ASP GA 161 -68.19 -40.02 62.08
C ASP GA 161 -68.05 -39.60 63.53
N PHE GA 168 -61.44 -33.34 67.52
CA PHE GA 168 -61.60 -31.92 67.20
C PHE GA 168 -62.11 -31.11 68.38
N ASN GA 169 -62.61 -31.76 69.44
CA ASN GA 169 -63.31 -31.07 70.51
C ASN GA 169 -62.85 -31.58 71.87
N ASP GA 170 -61.54 -31.69 72.08
CA ASP GA 170 -61.02 -32.22 73.33
C ASP GA 170 -60.81 -31.12 74.37
N ASN GA 171 -59.96 -30.15 74.06
CA ASN GA 171 -59.66 -29.02 74.96
C ASN GA 171 -59.99 -27.74 74.22
N ILE GA 172 -61.04 -27.04 74.65
CA ILE GA 172 -61.44 -25.78 74.05
C ILE GA 172 -61.31 -24.62 75.03
N THR GA 173 -61.62 -24.85 76.31
CA THR GA 173 -61.53 -23.78 77.30
C THR GA 173 -60.09 -23.31 77.46
N ASP GA 174 -59.17 -24.25 77.62
CA ASP GA 174 -57.77 -23.92 77.85
C ASP GA 174 -57.14 -23.20 76.68
N ARG GA 175 -57.77 -23.23 75.52
CA ARG GA 175 -57.26 -22.62 74.30
C ARG GA 175 -57.89 -21.25 74.05
N ASN GA 176 -59.21 -21.16 74.24
CA ASN GA 176 -59.88 -19.86 74.20
C ASN GA 176 -59.27 -18.91 75.21
N ILE GA 177 -58.90 -19.43 76.39
CA ILE GA 177 -58.34 -18.58 77.43
C ILE GA 177 -57.05 -17.90 76.94
N ALA GA 178 -56.14 -18.68 76.36
CA ALA GA 178 -54.89 -18.11 75.87
C ALA GA 178 -55.14 -17.10 74.75
N ILE GA 179 -56.03 -17.45 73.82
CA ILE GA 179 -56.31 -16.54 72.70
C ILE GA 179 -56.79 -15.19 73.23
N TYR GA 180 -57.79 -15.21 74.11
CA TYR GA 180 -58.38 -13.96 74.56
C TYR GA 180 -57.40 -13.17 75.43
N GLY GA 181 -56.59 -13.85 76.22
CA GLY GA 181 -55.56 -13.13 76.98
C GLY GA 181 -54.61 -12.38 76.08
N SER GA 182 -54.14 -13.04 75.02
CA SER GA 182 -53.20 -12.37 74.12
C SER GA 182 -53.84 -11.16 73.45
N PHE GA 183 -55.09 -11.30 73.01
CA PHE GA 183 -55.76 -10.17 72.37
C PHE GA 183 -55.88 -8.98 73.33
N ASN GA 184 -56.30 -9.25 74.57
CA ASN GA 184 -56.45 -8.16 75.53
C ASN GA 184 -55.13 -7.45 75.77
N LYS GA 185 -54.03 -8.21 75.91
CA LYS GA 185 -52.75 -7.57 76.16
C LYS GA 185 -52.33 -6.67 75.01
N TYR GA 186 -52.53 -7.13 73.77
CA TYR GA 186 -52.15 -6.29 72.63
C TYR GA 186 -52.97 -4.99 72.60
N PHE GA 187 -54.28 -5.10 72.85
CA PHE GA 187 -55.10 -3.89 72.81
C PHE GA 187 -54.69 -2.90 73.88
N SER GA 188 -54.32 -3.39 75.07
CA SER GA 188 -53.80 -2.50 76.10
C SER GA 188 -52.55 -1.77 75.64
N LYS GA 189 -51.65 -2.49 74.96
CA LYS GA 189 -50.43 -1.83 74.47
C LYS GA 189 -50.76 -0.69 73.51
N GLN GA 190 -51.70 -0.91 72.59
CA GLN GA 190 -52.06 0.18 71.67
C GLN GA 190 -52.65 1.38 72.40
N SER GA 191 -53.49 1.14 73.41
CA SER GA 191 -54.05 2.27 74.15
C SER GA 191 -52.94 3.10 74.79
N GLU GA 192 -51.96 2.44 75.41
CA GLU GA 192 -50.86 3.17 76.01
C GLU GA 192 -50.10 4.00 74.98
N GLU GA 193 -49.86 3.42 73.80
CA GLU GA 193 -49.11 4.16 72.78
C GLU GA 193 -49.85 5.41 72.32
N THR GA 194 -51.18 5.31 72.14
CA THR GA 194 -51.94 6.49 71.75
C THR GA 194 -51.83 7.59 72.80
N ALA GA 195 -51.92 7.22 74.08
CA ALA GA 195 -51.78 8.22 75.12
C ALA GA 195 -50.43 8.92 75.04
N MET GA 196 -49.36 8.16 74.81
CA MET GA 196 -48.03 8.76 74.73
C MET GA 196 -47.93 9.75 73.56
N LEU GA 197 -48.52 9.39 72.41
CA LEU GA 197 -48.48 10.32 71.28
C LEU GA 197 -49.19 11.63 71.58
N ASN GA 198 -50.37 11.56 72.23
CA ASN GA 198 -51.07 12.79 72.57
C ASN GA 198 -50.24 13.65 73.50
N THR GA 199 -49.59 13.02 74.48
CA THR GA 199 -48.68 13.77 75.37
C THR GA 199 -47.59 14.48 74.57
N ARG GA 200 -47.02 13.79 73.59
CA ARG GA 200 -45.96 14.40 72.79
C ARG GA 200 -46.46 15.64 72.04
N ILE GA 201 -47.64 15.55 71.43
CA ILE GA 201 -48.15 16.70 70.70
C ILE GA 201 -48.37 17.89 71.63
N GLU GA 202 -48.99 17.63 72.79
CA GLU GA 202 -49.27 18.76 73.68
C GLU GA 202 -48.02 19.31 74.35
N MET GA 203 -46.94 18.54 74.41
CA MET GA 203 -45.67 19.12 74.86
C MET GA 203 -45.01 19.95 73.75
N ASN GA 204 -45.11 19.47 72.50
CA ASN GA 204 -44.53 20.21 71.39
C ASN GA 204 -45.19 21.56 71.21
N SER GA 205 -46.51 21.63 71.43
CA SER GA 205 -47.18 22.92 71.33
C SER GA 205 -46.64 23.93 72.33
N PHE GA 206 -46.21 23.48 73.51
CA PHE GA 206 -45.56 24.31 74.51
C PHE GA 206 -44.13 24.68 74.13
N LEU GA 207 -43.39 23.74 73.56
CA LEU GA 207 -41.97 23.96 73.30
C LEU GA 207 -41.69 24.98 72.21
N ASN GA 208 -42.71 25.57 71.60
CA ASN GA 208 -42.52 26.47 70.48
C ASN GA 208 -42.80 27.93 70.79
N ASP GA 209 -43.54 28.21 71.86
CA ASP GA 209 -43.86 29.58 72.22
C ASP GA 209 -42.59 30.33 72.65
N GLY GA 210 -42.55 31.63 72.33
CA GLY GA 210 -41.37 32.43 72.58
C GLY GA 210 -41.36 33.21 73.87
N ASP GA 211 -42.41 33.99 74.13
CA ASP GA 211 -42.41 34.86 75.29
C ASP GA 211 -42.71 34.13 76.59
N LEU GA 212 -43.11 32.85 76.54
CA LEU GA 212 -43.14 32.05 77.75
C LEU GA 212 -41.75 31.61 78.17
N MET GA 213 -40.93 31.19 77.20
CA MET GA 213 -39.56 30.79 77.53
C MET GA 213 -38.73 32.01 77.92
N ARG GA 214 -38.84 33.09 77.16
CA ARG GA 214 -38.12 34.31 77.51
C ARG GA 214 -38.60 34.88 78.84
N SER GA 215 -39.80 34.52 79.28
CA SER GA 215 -40.32 35.01 80.54
C SER GA 215 -39.53 34.45 81.72
N PRO GA 216 -39.49 35.18 82.84
CA PRO GA 216 -38.86 34.65 84.05
C PRO GA 216 -39.71 33.66 84.83
N GLU GA 217 -40.85 33.21 84.29
CA GLU GA 217 -41.68 32.19 84.93
C GLU GA 217 -41.93 31.07 83.92
N SER GA 218 -41.04 30.08 83.89
CA SER GA 218 -41.15 28.97 82.97
C SER GA 218 -41.18 27.61 83.65
N GLY GA 219 -40.36 27.40 84.67
CA GLY GA 219 -40.32 26.09 85.33
C GLY GA 219 -41.62 25.75 86.04
N LYS GA 220 -42.27 26.78 86.62
CA LYS GA 220 -43.48 26.54 87.40
C LYS GA 220 -44.56 25.91 86.54
N THR GA 221 -44.75 26.42 85.32
CA THR GA 221 -45.78 25.87 84.44
C THR GA 221 -45.47 24.42 84.08
N PHE GA 222 -44.21 24.12 83.78
CA PHE GA 222 -43.83 22.77 83.42
C PHE GA 222 -44.11 21.79 84.55
N MET GA 223 -43.70 22.14 85.77
CA MET GA 223 -43.93 21.25 86.90
C MET GA 223 -45.41 21.11 87.21
N ALA GA 224 -46.18 22.20 87.08
CA ALA GA 224 -47.61 22.09 87.30
C ALA GA 224 -48.26 21.15 86.31
N TYR GA 225 -47.87 21.24 85.03
CA TYR GA 225 -48.42 20.33 84.04
C TYR GA 225 -48.06 18.89 84.34
N LEU GA 226 -46.80 18.65 84.74
CA LEU GA 226 -46.40 17.28 85.06
C LEU GA 226 -47.19 16.73 86.25
N ARG GA 227 -47.37 17.54 87.30
CA ARG GA 227 -48.12 17.09 88.46
C ARG GA 227 -49.56 16.78 88.11
N ASP GA 228 -50.20 17.64 87.31
CA ASP GA 228 -51.57 17.38 86.92
C ASP GA 228 -51.68 16.09 86.11
N GLY GA 229 -50.78 15.91 85.15
CA GLY GA 229 -50.80 14.69 84.35
C GLY GA 229 -50.62 13.43 85.19
N LEU GA 230 -49.69 13.47 86.14
CA LEU GA 230 -49.45 12.29 86.96
C LEU GA 230 -50.63 12.02 87.91
N THR GA 231 -51.26 13.06 88.45
CA THR GA 231 -52.38 12.84 89.35
C THR GA 231 -53.68 12.49 88.63
N THR GA 232 -53.77 12.73 87.32
CA THR GA 232 -54.91 12.27 86.55
C THR GA 232 -54.65 10.95 85.83
N ALA GA 233 -53.50 10.32 86.10
CA ALA GA 233 -53.10 9.05 85.49
C ALA GA 233 -52.92 9.15 83.99
N ALA GA 234 -52.74 10.37 83.46
CA ALA GA 234 -52.51 10.51 82.02
C ALA GA 234 -51.21 9.85 81.61
N ILE GA 235 -50.15 10.04 82.39
CA ILE GA 235 -48.91 9.30 82.17
C ILE GA 235 -49.09 7.94 82.84
N PRO GA 236 -48.93 6.84 82.09
CA PRO GA 236 -49.25 5.52 82.66
C PRO GA 236 -48.46 5.16 83.91
N SER GA 237 -47.19 5.53 83.98
CA SER GA 237 -46.33 4.99 85.03
C SER GA 237 -45.29 6.03 85.41
N ASP GA 238 -44.23 5.59 86.09
CA ASP GA 238 -43.14 6.45 86.53
C ASP GA 238 -41.95 6.42 85.57
N GLN GA 239 -41.67 5.28 84.95
CA GLN GA 239 -40.60 5.23 83.96
C GLN GA 239 -40.92 6.11 82.77
N ARG GA 240 -42.20 6.23 82.41
CA ARG GA 240 -42.57 7.15 81.34
C ARG GA 240 -42.30 8.59 81.73
N ALA GA 241 -42.54 8.93 83.00
CA ALA GA 241 -42.19 10.26 83.48
C ALA GA 241 -40.69 10.50 83.40
N ARG GA 242 -39.89 9.50 83.77
CA ARG GA 242 -38.44 9.65 83.64
C ARG GA 242 -38.05 9.88 82.18
N GLU GA 243 -38.69 9.16 81.26
CA GLU GA 243 -38.38 9.36 79.84
C GLU GA 243 -38.72 10.78 79.38
N VAL GA 244 -39.90 11.28 79.75
CA VAL GA 244 -40.30 12.60 79.29
C VAL GA 244 -39.39 13.68 79.87
N ILE GA 245 -39.02 13.53 81.15
CA ILE GA 245 -38.13 14.51 81.76
C ILE GA 245 -36.76 14.48 81.12
N THR GA 246 -36.22 13.30 80.83
CA THR GA 246 -34.91 13.27 80.21
C THR GA 246 -34.94 13.67 78.74
N GLN GA 247 -36.11 13.66 78.11
CA GLN GA 247 -36.19 14.08 76.71
C GLN GA 247 -36.44 15.58 76.54
N THR GA 248 -37.17 16.21 77.46
CA THR GA 248 -37.44 17.64 77.32
C THR GA 248 -36.16 18.45 77.38
N VAL GA 249 -35.20 18.06 78.23
CA VAL GA 249 -33.92 18.76 78.30
C VAL GA 249 -33.20 18.71 76.97
N ARG GA 250 -33.17 17.53 76.34
CA ARG GA 250 -32.54 17.42 75.04
C ARG GA 250 -33.25 18.26 74.00
N ASP GA 251 -34.59 18.27 74.03
CA ASP GA 251 -35.34 18.99 73.01
C ASP GA 251 -35.19 20.49 73.13
N ALA GA 252 -35.04 21.01 74.34
CA ALA GA 252 -35.02 22.46 74.54
C ALA GA 252 -33.67 23.09 74.29
N ILE GA 253 -32.81 22.47 73.50
CA ILE GA 253 -31.52 23.07 73.14
C ILE GA 253 -31.62 23.90 71.87
N GLN GA 254 -32.41 23.47 70.89
CA GLN GA 254 -32.49 24.13 69.59
C GLN GA 254 -33.55 25.22 69.55
N LYS GA 255 -33.89 25.80 70.69
CA LYS GA 255 -34.92 26.83 70.76
C LYS GA 255 -34.27 28.18 71.08
N SER GA 256 -35.12 29.20 71.27
CA SER GA 256 -34.65 30.55 71.57
C SER GA 256 -34.43 30.76 73.06
N GLY GA 257 -35.49 30.62 73.84
CA GLY GA 257 -35.38 30.74 75.29
C GLY GA 257 -34.95 29.44 75.94
N GLY GA 258 -33.75 28.98 75.61
CA GLY GA 258 -33.26 27.71 76.11
C GLY GA 258 -32.47 27.82 77.40
N SER GA 259 -31.48 28.72 77.41
CA SER GA 259 -30.64 28.86 78.59
C SER GA 259 -31.47 29.31 79.80
N ASN GA 260 -32.41 30.22 79.58
CA ASN GA 260 -33.27 30.68 80.67
C ASN GA 260 -34.07 29.53 81.26
N PHE GA 261 -34.71 28.74 80.41
CA PHE GA 261 -35.53 27.62 80.88
C PHE GA 261 -34.68 26.60 81.61
N LEU GA 262 -33.53 26.25 81.05
CA LEU GA 262 -32.67 25.25 81.69
C LEU GA 262 -32.18 25.74 83.04
N GLN GA 263 -31.74 27.01 83.12
CA GLN GA 263 -31.24 27.52 84.39
C GLN GA 263 -32.33 27.73 85.42
N GLN GA 264 -33.59 27.86 84.99
CA GLN GA 264 -34.66 28.02 85.97
C GLN GA 264 -35.25 26.71 86.44
N VAL GA 265 -35.28 25.68 85.58
CA VAL GA 265 -35.85 24.41 86.01
C VAL GA 265 -34.95 23.74 87.04
N ARG GA 266 -33.64 23.82 86.85
CA ARG GA 266 -32.68 23.17 87.73
C ARG GA 266 -32.84 23.61 89.18
N GLY GA 267 -33.09 22.66 90.07
CA GLY GA 267 -33.18 22.97 91.48
C GLY GA 267 -34.49 22.60 92.13
N GLU GA 268 -35.37 21.96 91.37
CA GLU GA 268 -36.70 21.60 91.86
C GLU GA 268 -36.81 20.08 92.01
N ARG GA 269 -37.61 19.66 92.98
CA ARG GA 269 -37.62 18.27 93.43
C ARG GA 269 -38.98 17.63 93.17
N ILE GA 270 -38.95 16.32 92.94
CA ILE GA 270 -40.15 15.53 92.70
C ILE GA 270 -39.91 14.13 93.22
N THR GA 271 -40.96 13.52 93.78
CA THR GA 271 -40.86 12.20 94.40
C THR GA 271 -41.23 11.14 93.36
N LEU GA 272 -40.25 10.33 92.97
CA LEU GA 272 -40.44 9.24 92.01
C LEU GA 272 -40.06 7.93 92.67
N ASN GA 273 -40.97 6.96 92.61
CA ASN GA 273 -40.75 5.63 93.19
C ASN GA 273 -40.35 5.71 94.66
N GLY GA 274 -41.02 6.57 95.39
CA GLY GA 274 -40.72 6.75 96.81
C GLY GA 274 -39.58 7.69 97.15
N VAL GA 275 -38.46 7.56 96.46
CA VAL GA 275 -37.29 8.37 96.75
C VAL GA 275 -37.45 9.75 96.13
N ASP GA 276 -37.11 10.78 96.89
CA ASP GA 276 -37.20 12.16 96.43
C ASP GA 276 -35.88 12.56 95.77
N ALA GA 277 -35.97 13.21 94.61
CA ALA GA 277 -34.79 13.61 93.87
C ALA GA 277 -35.06 14.92 93.13
N THR GA 278 -33.98 15.60 92.79
CA THR GA 278 -34.03 16.86 92.06
C THR GA 278 -33.90 16.60 90.56
N VAL GA 279 -34.36 17.59 89.78
CA VAL GA 279 -34.33 17.44 88.32
C VAL GA 279 -32.90 17.39 87.81
N GLU GA 280 -31.98 18.12 88.44
CA GLU GA 280 -30.58 18.00 88.07
C GLU GA 280 -30.05 16.61 88.37
N GLU GA 281 -30.50 16.01 89.48
CA GLU GA 281 -29.97 14.71 89.89
C GLU GA 281 -30.52 13.57 89.04
N ILE GA 282 -31.78 13.66 88.61
CA ILE GA 282 -32.36 12.60 87.79
C ILE GA 282 -31.61 12.49 86.47
N VAL GA 283 -31.41 13.62 85.79
CA VAL GA 283 -30.58 13.62 84.60
C VAL GA 283 -29.12 13.39 84.95
N GLY GA 284 -28.67 13.94 86.07
CA GLY GA 284 -27.31 13.76 86.51
C GLY GA 284 -26.40 14.85 85.99
N ASN GA 289 -24.59 20.50 82.32
CA ASN GA 289 -23.67 21.57 81.93
C ASN GA 289 -23.42 21.57 80.43
N ALA GA 290 -23.33 20.39 79.82
CA ALA GA 290 -23.19 20.35 78.37
C ALA GA 290 -24.37 21.00 77.67
N ALA GA 291 -25.58 20.72 78.15
CA ALA GA 291 -26.76 21.40 77.59
C ALA GA 291 -26.66 22.91 77.79
N ILE GA 292 -26.20 23.33 78.97
CA ILE GA 292 -26.01 24.76 79.22
C ILE GA 292 -25.09 25.36 78.17
N VAL GA 293 -24.01 24.66 77.85
CA VAL GA 293 -23.04 25.16 76.88
C VAL GA 293 -23.67 25.28 75.49
N GLU GA 294 -24.46 24.28 75.09
CA GLU GA 294 -25.15 24.36 73.79
C GLU GA 294 -26.07 25.57 73.67
N ALA GA 295 -26.79 25.87 74.76
CA ALA GA 295 -27.77 26.95 74.73
C ALA GA 295 -27.14 28.27 74.28
N GLN GA 296 -25.95 28.58 74.81
CA GLN GA 296 -25.28 29.83 74.44
C GLN GA 296 -24.71 29.77 73.03
N GLY GA 297 -24.26 28.59 72.62
CA GLY GA 297 -23.74 28.41 71.27
C GLY GA 297 -24.74 28.73 70.20
N THR GA 298 -26.03 28.54 70.48
CA THR GA 298 -27.04 29.01 69.52
C THR GA 298 -26.98 30.53 69.28
N GLU GA 299 -27.00 31.29 70.38
CA GLU GA 299 -27.08 32.74 70.30
C GLU GA 299 -25.85 33.32 69.63
N TYR GA 300 -24.69 32.72 69.90
CA TYR GA 300 -23.47 33.21 69.24
C TYR GA 300 -23.60 33.14 67.72
N LYS GA 301 -24.13 32.03 67.21
CA LYS GA 301 -24.32 31.89 65.78
C LYS GA 301 -25.27 32.95 65.24
N LEU GA 302 -26.36 33.21 65.98
CA LEU GA 302 -27.31 34.21 65.51
C LEU GA 302 -26.65 35.59 65.38
N VAL GA 303 -25.85 35.98 66.37
CA VAL GA 303 -25.18 37.28 66.31
C VAL GA 303 -24.20 37.33 65.15
N ALA GA 304 -23.46 36.25 64.91
CA ALA GA 304 -22.54 36.24 63.78
C ALA GA 304 -23.27 36.44 62.47
N LYS GA 305 -24.44 35.80 62.31
CA LYS GA 305 -25.21 35.99 61.08
C LYS GA 305 -25.63 37.45 60.91
N TYR GA 306 -26.06 38.09 62.00
CA TYR GA 306 -26.41 39.51 61.91
C TYR GA 306 -25.23 40.35 61.42
N GLN GA 307 -24.04 40.08 61.97
CA GLN GA 307 -22.86 40.83 61.54
C GLN GA 307 -22.58 40.64 60.05
N GLU GA 308 -22.67 39.40 59.58
CA GLU GA 308 -22.42 39.14 58.16
C GLU GA 308 -23.40 39.90 57.28
N ASP GA 309 -24.67 39.90 57.66
CA ASP GA 309 -25.69 40.59 56.87
C ASP GA 309 -25.40 42.09 56.79
N LEU GA 310 -25.03 42.69 57.93
CA LEU GA 310 -24.73 44.12 57.91
C LEU GA 310 -23.55 44.43 57.00
N ALA GA 311 -22.51 43.59 57.05
CA ALA GA 311 -21.36 43.82 56.17
C ALA GA 311 -21.76 43.74 54.70
N LEU GA 312 -22.59 42.76 54.35
CA LEU GA 312 -23.03 42.65 52.96
C LEU GA 312 -23.79 43.88 52.51
N GLY GA 313 -24.74 44.34 53.33
CA GLY GA 313 -25.53 45.50 52.93
C GLY GA 313 -24.68 46.74 52.72
N VAL GA 314 -23.78 47.00 53.66
CA VAL GA 314 -22.94 48.19 53.54
C VAL GA 314 -22.02 48.09 52.33
N GLN GA 315 -21.47 46.90 52.05
CA GLN GA 315 -20.61 46.79 50.89
C GLN GA 315 -21.38 46.93 49.58
N SER GA 316 -22.64 46.51 49.55
CA SER GA 316 -23.41 46.64 48.33
C SER GA 316 -23.81 48.09 48.06
N ALA GA 317 -24.11 48.85 49.12
CA ALA GA 317 -24.62 50.20 48.91
C ALA GA 317 -23.61 51.13 48.24
N ILE GA 318 -22.33 50.76 48.22
CA ILE GA 318 -21.32 51.63 47.63
C ILE GA 318 -21.34 51.55 46.11
N LEU GA 319 -21.35 50.33 45.57
CA LEU GA 319 -21.25 50.10 44.13
C LEU GA 319 -22.60 50.40 43.48
N GLN GA 320 -22.91 51.69 43.37
CA GLN GA 320 -24.13 52.15 42.74
C GLN GA 320 -23.82 53.21 41.72
N ASP GA 321 -24.52 53.17 40.59
CA ASP GA 321 -24.32 54.12 39.52
C ASP GA 321 -25.04 55.45 39.75
N ASP GA 322 -25.98 55.49 40.70
CA ASP GA 322 -26.72 56.70 41.05
C ASP GA 322 -26.45 57.01 42.52
N PRO GA 323 -25.52 57.90 42.82
CA PRO GA 323 -25.20 58.18 44.23
C PRO GA 323 -26.38 58.72 45.02
N THR GA 324 -27.41 59.23 44.36
CA THR GA 324 -28.61 59.66 45.06
C THR GA 324 -29.42 58.48 45.59
N ILE GA 325 -29.15 57.26 45.12
CA ILE GA 325 -29.94 56.10 45.52
C ILE GA 325 -29.26 55.23 46.57
N GLY GA 326 -27.97 55.45 46.84
CA GLY GA 326 -27.30 54.71 47.90
C GLY GA 326 -27.31 55.44 49.22
N LEU GA 327 -27.44 56.77 49.15
CA LEU GA 327 -27.45 57.58 50.35
C LEU GA 327 -28.64 57.23 51.23
N ALA GA 328 -29.81 57.02 50.62
CA ALA GA 328 -30.99 56.67 51.39
C ALA GA 328 -30.82 55.34 52.11
N GLN GA 329 -30.26 54.35 51.42
CA GLN GA 329 -30.04 53.05 52.05
C GLN GA 329 -29.05 53.14 53.20
N ILE GA 330 -27.97 53.90 53.02
CA ILE GA 330 -26.99 54.04 54.10
C ILE GA 330 -27.64 54.72 55.31
N GLN GA 331 -28.42 55.77 55.07
CA GLN GA 331 -29.09 56.45 56.18
C GLN GA 331 -30.04 55.51 56.91
N LYS GA 332 -30.80 54.71 56.16
CA LYS GA 332 -31.72 53.76 56.79
C LYS GA 332 -30.98 52.74 57.62
N LEU GA 333 -29.86 52.21 57.11
CA LEU GA 333 -29.08 51.24 57.87
C LEU GA 333 -28.54 51.84 59.16
N LYS GA 334 -28.02 53.07 59.10
CA LYS GA 334 -27.50 53.69 60.31
C LYS GA 334 -28.62 53.95 61.32
N GLU GA 335 -29.78 54.40 60.84
CA GLU GA 335 -30.89 54.63 61.75
C GLU GA 335 -31.34 53.33 62.43
N GLN GA 336 -31.41 52.24 61.67
CA GLN GA 336 -31.79 50.96 62.28
C GLN GA 336 -30.75 50.50 63.28
N ASN GA 337 -29.46 50.66 62.96
CA ASN GA 337 -28.41 50.24 63.88
C ASN GA 337 -28.46 51.02 65.19
N ASN GA 338 -28.77 52.31 65.13
CA ASN GA 338 -28.83 53.09 66.36
C ASN GA 338 -29.92 52.63 67.33
N LEU GA 339 -30.90 51.85 66.85
CA LEU GA 339 -32.01 51.46 67.71
C LEU GA 339 -31.65 50.34 68.68
N LEU GA 340 -30.77 49.42 68.27
CA LEU GA 340 -30.47 48.26 69.10
C LEU GA 340 -29.72 48.66 70.37
N GLN GA 341 -28.83 49.66 70.26
CA GLN GA 341 -27.91 50.02 71.34
C GLN GA 341 -27.15 48.77 71.78
N PRO GA 342 -26.23 48.26 70.97
CA PRO GA 342 -25.50 47.05 71.33
C PRO GA 342 -24.39 47.37 72.32
N GLY GA 343 -23.65 46.33 72.69
CA GLY GA 343 -22.58 46.47 73.67
C GLY GA 343 -21.22 46.66 73.06
N GLU GA 344 -20.36 45.66 73.21
CA GLU GA 344 -18.99 45.69 72.72
C GLU GA 344 -18.80 44.59 71.68
N GLU GA 345 -17.55 44.41 71.25
CA GLU GA 345 -17.18 43.46 70.20
C GLU GA 345 -17.91 43.76 68.89
N LEU GA 346 -18.56 44.91 68.81
CA LEU GA 346 -19.18 45.38 67.57
C LEU GA 346 -18.66 46.74 67.14
N THR GA 347 -17.74 47.34 67.90
CA THR GA 347 -17.21 48.64 67.53
C THR GA 347 -16.54 48.68 66.15
N PRO GA 348 -15.92 47.62 65.64
CA PRO GA 348 -15.38 47.69 64.26
C PRO GA 348 -16.43 48.03 63.21
N GLN GA 349 -17.70 47.71 63.44
CA GLN GA 349 -18.73 48.06 62.47
C GLN GA 349 -19.03 49.56 62.48
N ARG GA 350 -19.02 50.18 63.66
CA ARG GA 350 -19.40 51.58 63.76
C ARG GA 350 -18.50 52.46 62.90
N GLN GA 351 -17.21 52.11 62.79
CA GLN GA 351 -16.32 52.92 61.98
C GLN GA 351 -16.72 52.93 60.52
N MET GA 352 -17.08 51.77 59.97
CA MET GA 352 -17.46 51.74 58.56
C MET GA 352 -18.84 52.36 58.35
N LEU GA 353 -19.77 52.16 59.30
CA LEU GA 353 -21.04 52.85 59.22
C LEU GA 353 -20.88 54.36 59.29
N ILE GA 354 -19.82 54.84 59.92
CA ILE GA 354 -19.55 56.28 59.95
C ILE GA 354 -18.92 56.76 58.66
N ASN GA 355 -17.93 56.01 58.15
CA ASN GA 355 -17.18 56.47 56.98
C ASN GA 355 -18.01 56.43 55.70
N ALA GA 356 -18.92 55.45 55.59
CA ALA GA 356 -19.68 55.31 54.35
C ALA GA 356 -20.54 56.53 54.07
N GLU GA 357 -21.18 57.08 55.11
CA GLU GA 357 -22.05 58.23 54.89
C GLU GA 357 -21.26 59.44 54.40
N ALA GA 358 -20.08 59.68 54.98
CA ALA GA 358 -19.26 60.79 54.52
C ALA GA 358 -18.86 60.61 53.07
N SER GA 359 -18.44 59.40 52.69
CA SER GA 359 -18.03 59.18 51.31
C SER GA 359 -19.19 59.40 50.34
N LEU GA 360 -20.37 58.87 50.67
CA LEU GA 360 -21.52 59.04 49.78
C LEU GA 360 -21.92 60.51 49.66
N LEU GA 361 -21.90 61.24 50.77
CA LEU GA 361 -22.23 62.66 50.72
C LEU GA 361 -21.25 63.41 49.82
N GLU GA 362 -19.96 63.08 49.92
CA GLU GA 362 -18.98 63.74 49.06
C GLU GA 362 -19.25 63.44 47.58
N ALA GA 363 -19.61 62.20 47.26
CA ALA GA 363 -19.89 61.87 45.86
C ALA GA 363 -21.10 62.65 45.33
N VAL GA 364 -22.18 62.68 46.12
CA VAL GA 364 -23.36 63.41 45.69
C VAL GA 364 -23.03 64.90 45.51
N LYS GA 365 -22.17 65.44 46.38
CA LYS GA 365 -21.76 66.83 46.21
C LYS GA 365 -20.97 67.02 44.92
N ARG GA 366 -19.93 66.22 44.71
CA ARG GA 366 -19.10 66.38 43.52
C ARG GA 366 -19.55 65.45 42.39
N LYS GA 367 -20.86 65.41 42.14
CA LYS GA 367 -21.39 64.94 40.86
C LYS GA 367 -21.80 66.07 39.92
N SER GA 368 -22.27 67.20 40.47
CA SER GA 368 -22.92 68.23 39.67
C SER GA 368 -21.96 68.89 38.69
N ALA GA 369 -20.73 69.19 39.12
CA ALA GA 369 -19.77 69.83 38.24
C ALA GA 369 -19.44 68.96 37.04
N GLU GA 370 -19.24 67.66 37.27
CA GLU GA 370 -18.99 66.75 36.16
C GLU GA 370 -20.20 66.66 35.24
N GLN GA 371 -21.40 66.69 35.81
CA GLN GA 371 -22.60 66.66 34.98
C GLN GA 371 -22.66 67.89 34.06
N ALA GA 372 -22.36 69.07 34.61
CA ALA GA 372 -22.39 70.28 33.81
C ALA GA 372 -21.30 70.25 32.72
N LYS GA 373 -20.12 69.77 33.07
CA LYS GA 373 -19.06 69.64 32.07
C LYS GA 373 -19.48 68.72 30.94
N GLU GA 374 -20.17 67.63 31.27
CA GLU GA 374 -20.67 66.75 30.22
C GLU GA 374 -21.75 67.44 29.39
N ASN GA 375 -22.61 68.25 30.03
CA ASN GA 375 -23.64 68.96 29.28
C ASN GA 375 -23.03 69.90 28.24
N THR GA 376 -21.96 70.61 28.61
CA THR GA 376 -21.34 71.55 27.69
C THR GA 376 -20.76 70.87 26.45
N LYS GA 377 -20.41 69.59 26.53
CA LYS GA 377 -19.71 68.89 25.45
C LYS GA 377 -20.63 68.42 24.32
N LEU GA 378 -21.95 68.55 24.46
CA LEU GA 378 -22.84 68.07 23.41
C LEU GA 378 -22.83 68.95 22.17
N ILE GA 379 -22.22 70.14 22.22
CA ILE GA 379 -22.25 71.06 21.10
C ILE GA 379 -20.89 71.08 20.43
N GLN GA 380 -19.84 70.80 21.20
CA GLN GA 380 -18.49 70.87 20.66
C GLN GA 380 -18.26 69.81 19.60
N THR GA 381 -18.80 68.61 19.79
CA THR GA 381 -18.62 67.57 18.77
C THR GA 381 -19.25 67.97 17.44
N GLN GA 382 -20.46 68.53 17.49
CA GLN GA 382 -21.13 68.95 16.25
C GLN GA 382 -20.38 70.09 15.59
N ASN GA 383 -19.97 71.10 16.37
CA ASN GA 383 -19.24 72.22 15.79
C ASN GA 383 -17.81 71.86 15.42
N LYS GA 384 -17.33 70.68 15.82
CA LYS GA 384 -15.98 70.26 15.53
C LYS GA 384 -15.88 69.31 14.36
N GLN GA 385 -16.95 68.59 14.03
CA GLN GA 385 -16.88 67.68 12.89
C GLN GA 385 -16.75 68.43 11.57
N LEU GA 386 -17.27 69.66 11.48
CA LEU GA 386 -17.25 70.39 10.22
C LEU GA 386 -15.84 70.79 9.81
N VAL GA 387 -15.00 71.12 10.79
CA VAL GA 387 -13.61 71.47 10.50
C VAL GA 387 -12.88 70.30 9.85
N ILE GA 388 -13.14 69.09 10.33
CA ILE GA 388 -12.56 67.91 9.69
C ILE GA 388 -13.19 67.67 8.33
N ASP GA 389 -14.49 67.93 8.20
CA ASP GA 389 -15.18 67.67 6.94
C ASP GA 389 -14.61 68.51 5.80
N GLN GA 390 -14.30 69.78 6.08
CA GLN GA 390 -13.82 70.67 5.03
C GLN GA 390 -12.54 70.14 4.39
N VAL GA 391 -11.64 69.58 5.20
CA VAL GA 391 -10.36 69.10 4.68
C VAL GA 391 -10.59 68.02 3.64
N TYR GA 392 -11.45 67.05 3.95
CA TYR GA 392 -11.69 65.97 3.00
C TYR GA 392 -12.48 66.44 1.80
N GLN GA 393 -13.39 67.39 1.98
CA GLN GA 393 -14.10 67.93 0.81
C GLN GA 393 -13.12 68.60 -0.15
N ARG GA 394 -12.11 69.29 0.37
CA ARG GA 394 -11.08 69.86 -0.49
C ARG GA 394 -10.19 68.79 -1.10
N ARG GA 395 -9.87 67.74 -0.33
CA ARG GA 395 -8.97 66.70 -0.82
C ARG GA 395 -9.60 65.87 -1.92
N LEU GA 396 -10.91 65.71 -1.90
CA LEU GA 396 -11.61 64.90 -2.88
C LEU GA 396 -11.65 65.54 -4.27
N ALA GA 397 -10.92 66.62 -4.54
CA ALA GA 397 -10.93 67.26 -5.85
C ALA GA 397 -9.52 67.69 -6.25
N GLY GA 398 -8.54 66.83 -6.00
CA GLY GA 398 -7.19 67.08 -6.46
C GLY GA 398 -6.42 68.13 -5.67
N ASP GA 399 -6.13 67.84 -4.41
CA ASP GA 399 -5.36 68.75 -3.57
C ASP GA 399 -4.62 67.95 -2.51
N ASN GA 400 -3.55 68.54 -1.99
CA ASN GA 400 -2.80 67.98 -0.87
C ASN GA 400 -2.99 68.89 0.33
N VAL GA 401 -3.53 68.34 1.42
CA VAL GA 401 -3.87 69.11 2.61
C VAL GA 401 -3.16 68.59 3.86
N SER GA 402 -2.50 67.43 3.78
CA SER GA 402 -1.70 66.89 4.89
C SER GA 402 -2.57 66.66 6.13
N THR GA 403 -3.45 65.68 6.00
CA THR GA 403 -4.45 65.40 7.03
C THR GA 403 -3.86 64.84 8.31
N ASN GA 404 -3.09 65.65 9.04
CA ASN GA 404 -2.72 65.32 10.41
C ASN GA 404 -3.90 65.65 11.32
N TYR GA 405 -3.67 65.57 12.64
CA TYR GA 405 -4.67 66.07 13.57
C TYR GA 405 -4.11 67.12 14.52
N GLU GA 406 -2.81 67.36 14.47
CA GLU GA 406 -2.21 68.49 15.18
C GLU GA 406 -2.02 69.69 14.27
N ASP GA 407 -2.48 69.60 13.03
CA ASP GA 407 -2.37 70.66 12.02
C ASP GA 407 -3.74 71.21 11.65
N LEU GA 408 -4.62 71.31 12.64
CA LEU GA 408 -5.97 71.81 12.38
C LEU GA 408 -6.17 73.15 13.06
N PRO GA 409 -7.05 74.01 12.52
CA PRO GA 409 -7.24 75.34 13.10
C PRO GA 409 -7.98 75.26 14.43
N VAL GA 410 -7.38 75.83 15.47
CA VAL GA 410 -7.97 75.81 16.80
C VAL GA 410 -8.83 77.06 16.99
N SER GA 411 -9.78 76.98 17.91
CA SER GA 411 -10.71 78.05 18.17
C SER GA 411 -11.28 77.88 19.58
N GLU GA 412 -12.28 78.68 19.91
CA GLU GA 412 -12.93 78.59 21.22
C GLU GA 412 -14.27 77.85 21.15
N ALA GA 413 -14.82 77.64 19.96
CA ALA GA 413 -16.03 76.85 19.81
C ALA GA 413 -15.74 75.38 19.57
N THR GA 414 -14.47 74.99 19.47
CA THR GA 414 -14.10 73.59 19.27
C THR GA 414 -13.30 73.04 20.44
N GLY GA 415 -12.15 73.62 20.78
CA GLY GA 415 -11.33 73.07 21.84
C GLY GA 415 -10.00 72.53 21.35
N GLU GA 416 -9.67 71.30 21.73
CA GLU GA 416 -8.44 70.64 21.32
C GLU GA 416 -8.76 69.36 20.56
N PHE GA 417 -7.72 68.74 20.01
CA PHE GA 417 -7.87 67.59 19.13
C PHE GA 417 -7.00 66.44 19.60
N LYS GA 418 -7.59 65.26 19.68
CA LYS GA 418 -6.89 64.02 20.00
C LYS GA 418 -7.15 63.00 18.90
N ARG GA 419 -6.65 61.77 19.12
CA ARG GA 419 -6.68 60.76 18.07
C ARG GA 419 -8.08 60.20 17.85
N SER GA 420 -8.91 60.14 18.88
CA SER GA 420 -10.24 59.57 18.73
C SER GA 420 -11.16 60.43 17.90
N ASP GA 421 -10.91 61.74 17.83
CA ASP GA 421 -11.73 62.61 16.99
C ASP GA 421 -11.54 62.29 15.53
N MET GA 422 -10.39 61.73 15.16
CA MET GA 422 -10.14 61.26 13.81
C MET GA 422 -10.63 59.85 13.57
N ASN GA 423 -11.24 59.22 14.57
CA ASN GA 423 -11.79 57.88 14.44
C ASN GA 423 -13.31 57.83 14.53
N ASN GA 424 -13.92 58.75 15.28
CA ASN GA 424 -15.37 58.84 15.27
C ASN GA 424 -15.92 59.49 14.02
N TYR GA 425 -15.10 60.31 13.34
CA TYR GA 425 -15.58 60.99 12.14
C TYR GA 425 -15.91 60.00 11.03
N ALA GA 426 -15.10 58.95 10.87
CA ALA GA 426 -15.35 57.98 9.82
C ALA GA 426 -16.68 57.26 10.04
N SER GA 427 -16.93 56.84 11.29
CA SER GA 427 -18.20 56.20 11.60
C SER GA 427 -19.37 57.14 11.37
N ALA GA 428 -19.22 58.41 11.78
CA ALA GA 428 -20.29 59.38 11.56
C ALA GA 428 -20.58 59.56 10.07
N LYS GA 429 -19.53 59.66 9.25
CA LYS GA 429 -19.73 59.84 7.81
C LYS GA 429 -20.40 58.62 7.18
N LEU GA 430 -19.93 57.43 7.54
CA LEU GA 430 -20.50 56.22 6.94
C LEU GA 430 -21.94 56.01 7.39
N GLN GA 431 -22.30 56.47 8.59
CA GLN GA 431 -23.70 56.42 8.99
C GLN GA 431 -24.54 57.48 8.30
N GLN GA 432 -23.95 58.66 8.05
CA GLN GA 432 -24.70 59.70 7.36
C GLN GA 432 -25.02 59.30 5.92
N ILE GA 433 -24.05 58.68 5.24
CA ILE GA 433 -24.23 58.38 3.82
C ILE GA 433 -25.42 57.45 3.61
N ASP GA 434 -25.60 56.48 4.48
CA ASP GA 434 -26.70 55.52 4.35
C ASP GA 434 -28.04 56.09 4.79
N GLN GA 435 -28.16 57.41 4.90
CA GLN GA 435 -29.42 58.04 5.21
C GLN GA 435 -29.91 58.98 4.12
N MET GA 436 -29.13 59.21 3.08
CA MET GA 436 -29.51 60.13 2.03
C MET GA 436 -30.65 59.54 1.19
N ASP GA 437 -31.19 60.38 0.31
CA ASP GA 437 -32.37 60.04 -0.48
C ASP GA 437 -32.01 59.74 -1.94
N ILE GA 438 -30.91 59.04 -2.15
CA ILE GA 438 -30.42 58.74 -3.50
C ILE GA 438 -30.37 57.23 -3.64
N PRO GA 439 -30.38 56.72 -4.88
CA PRO GA 439 -30.36 55.26 -5.08
C PRO GA 439 -29.11 54.56 -4.56
N GLU GA 440 -29.08 53.23 -4.67
CA GLU GA 440 -28.01 52.45 -4.08
C GLU GA 440 -26.67 52.66 -4.79
N ALA GA 441 -26.71 52.84 -6.11
CA ALA GA 441 -25.47 52.96 -6.87
C ALA GA 441 -24.66 54.16 -6.42
N ALA GA 442 -25.31 55.30 -6.21
CA ALA GA 442 -24.60 56.48 -5.72
C ALA GA 442 -24.05 56.25 -4.33
N LYS GA 443 -24.80 55.53 -3.49
CA LYS GA 443 -24.35 55.23 -2.14
C LYS GA 443 -23.06 54.41 -2.17
N ASP GA 444 -22.94 53.47 -3.10
CA ASP GA 444 -21.71 52.70 -3.21
C ASP GA 444 -20.57 53.53 -3.79
N ALA GA 445 -20.89 54.31 -4.83
CA ALA GA 445 -19.86 55.10 -5.50
C ALA GA 445 -19.22 56.09 -4.55
N GLN GA 446 -20.03 56.76 -3.73
CA GLN GA 446 -19.47 57.77 -2.82
C GLN GA 446 -18.58 57.13 -1.77
N LYS GA 447 -18.97 55.98 -1.22
CA LYS GA 447 -18.14 55.31 -0.21
C LYS GA 447 -16.80 54.90 -0.80
N VAL GA 448 -16.81 54.31 -2.00
CA VAL GA 448 -15.54 53.91 -2.59
C VAL GA 448 -14.70 55.12 -2.93
N ALA GA 449 -15.33 56.22 -3.37
CA ALA GA 449 -14.59 57.43 -3.67
C ALA GA 449 -13.91 57.97 -2.43
N LEU GA 450 -14.61 57.96 -1.29
CA LEU GA 450 -14.02 58.42 -0.04
C LEU GA 450 -12.85 57.54 0.37
N LEU GA 451 -12.98 56.22 0.17
CA LEU GA 451 -11.85 55.35 0.47
C LEU GA 451 -10.64 55.68 -0.43
N ARG GA 452 -10.89 55.95 -1.70
CA ARG GA 452 -9.81 56.12 -2.67
C ARG GA 452 -9.04 57.42 -2.52
N ALA GA 453 -9.55 58.38 -1.74
CA ALA GA 453 -8.90 59.68 -1.58
C ALA GA 453 -8.09 59.78 -0.31
N ASP GA 454 -8.03 58.74 0.49
CA ASP GA 454 -7.38 58.78 1.80
C ASP GA 454 -5.89 58.51 1.67
N THR GA 455 -5.14 58.98 2.66
CA THR GA 455 -3.72 58.67 2.75
C THR GA 455 -3.53 57.31 3.40
N ASN GA 456 -2.28 56.91 3.60
CA ASN GA 456 -2.01 55.63 4.24
C ASN GA 456 -2.35 55.64 5.73
N ASN GA 457 -2.50 56.81 6.32
CA ASN GA 457 -2.83 56.97 7.74
C ASN GA 457 -4.21 57.61 7.82
N GLY GA 458 -5.26 56.81 7.76
CA GLY GA 458 -6.60 57.32 7.77
C GLY GA 458 -7.59 56.34 8.37
N PRO GA 459 -8.67 56.86 8.95
CA PRO GA 459 -9.68 55.98 9.54
C PRO GA 459 -10.38 55.06 8.55
N PHE GA 460 -10.57 55.49 7.31
CA PHE GA 460 -11.35 54.71 6.36
C PHE GA 460 -10.70 53.37 6.07
N ARG GA 461 -9.38 53.36 5.93
CA ARG GA 461 -8.69 52.11 5.66
C ARG GA 461 -8.85 51.13 6.81
N ASN GA 462 -8.77 51.60 8.05
CA ASN GA 462 -8.99 50.72 9.18
C ASN GA 462 -10.41 50.17 9.19
N ALA GA 463 -11.40 51.03 8.92
CA ALA GA 463 -12.78 50.55 8.92
C ALA GA 463 -12.98 49.46 7.89
N PHE GA 464 -12.44 49.65 6.69
CA PHE GA 464 -12.63 48.64 5.66
C PHE GA 464 -11.83 47.37 5.97
N GLN GA 465 -10.69 47.49 6.64
CA GLN GA 465 -9.94 46.32 7.07
C GLN GA 465 -10.78 45.47 8.02
N THR GA 466 -11.39 46.12 9.02
CA THR GA 466 -12.24 45.39 9.96
C THR GA 466 -13.40 44.72 9.24
N LEU GA 467 -14.04 45.44 8.31
CA LEU GA 467 -15.16 44.87 7.58
C LEU GA 467 -14.73 43.63 6.79
N THR GA 468 -13.56 43.70 6.14
CA THR GA 468 -13.06 42.58 5.35
C THR GA 468 -12.87 41.34 6.22
N GLN GA 469 -12.22 41.52 7.38
CA GLN GA 469 -11.96 40.38 8.24
C GLN GA 469 -13.25 39.75 8.75
N ASP GA 470 -14.24 40.59 9.13
CA ASP GA 470 -15.51 40.05 9.58
C ASP GA 470 -16.19 39.24 8.49
N ALA GA 471 -16.17 39.74 7.24
CA ALA GA 471 -16.82 39.01 6.16
C ALA GA 471 -16.17 37.64 5.95
N ALA GA 472 -14.83 37.60 5.97
CA ALA GA 472 -14.15 36.32 5.78
C ALA GA 472 -14.53 35.32 6.87
N GLY GA 473 -14.57 35.79 8.13
CA GLY GA 473 -14.96 34.91 9.22
C GLY GA 473 -16.36 34.36 9.05
N GLU GA 474 -17.30 35.22 8.64
CA GLU GA 474 -18.67 34.76 8.46
C GLU GA 474 -18.76 33.68 7.38
N TRP GA 475 -18.02 33.86 6.28
CA TRP GA 475 -18.04 32.84 5.23
C TRP GA 475 -17.50 31.50 5.74
N GLN GA 476 -16.42 31.53 6.51
CA GLN GA 476 -15.86 30.27 7.01
C GLN GA 476 -16.84 29.56 7.95
N ALA GA 477 -17.50 30.32 8.83
CA ALA GA 477 -18.49 29.71 9.70
C ALA GA 477 -19.64 29.11 8.90
N ALA GA 478 -20.05 29.79 7.82
CA ALA GA 478 -21.11 29.24 6.98
C ALA GA 478 -20.70 27.94 6.32
N VAL GA 479 -19.43 27.82 5.92
CA VAL GA 479 -18.96 26.55 5.38
C VAL GA 479 -19.05 25.46 6.43
N ILE GA 480 -18.57 25.74 7.64
CA ILE GA 480 -18.54 24.72 8.69
C ILE GA 480 -19.95 24.25 9.05
N ARG GA 481 -20.89 25.19 9.19
CA ARG GA 481 -22.25 24.81 9.57
C ARG GA 481 -22.90 23.92 8.52
N GLY GA 482 -22.71 24.24 7.24
CA GLY GA 482 -23.27 23.45 6.16
C GLY GA 482 -24.54 23.98 5.54
N GLN GA 483 -25.03 25.13 5.98
CA GLN GA 483 -26.27 25.70 5.47
C GLN GA 483 -26.09 27.20 5.26
N TYR GA 484 -26.85 27.76 4.33
CA TYR GA 484 -26.84 29.20 4.05
C TYR GA 484 -28.05 29.83 4.71
N ASP GA 485 -27.81 30.56 5.81
CA ASP GA 485 -28.88 31.18 6.58
C ASP GA 485 -28.86 32.67 6.34
N PRO GA 486 -29.90 33.26 5.73
CA PRO GA 486 -29.82 34.66 5.30
C PRO GA 486 -29.93 35.69 6.41
N ASP GA 487 -30.23 35.29 7.65
CA ASP GA 487 -30.33 36.25 8.74
C ASP GA 487 -29.06 36.36 9.57
N LYS GA 488 -28.08 35.50 9.34
CA LYS GA 488 -26.79 35.59 10.00
C LYS GA 488 -25.67 36.04 9.08
N MET GA 489 -25.86 35.94 7.77
CA MET GA 489 -24.89 36.40 6.78
C MET GA 489 -25.26 37.83 6.41
N GLN GA 490 -24.82 38.77 7.24
CA GLN GA 490 -25.20 40.17 7.07
C GLN GA 490 -24.04 41.10 6.78
N ARG GA 491 -22.84 40.81 7.27
CA ARG GA 491 -21.67 41.57 6.87
C ARG GA 491 -21.01 41.02 5.62
N PHE GA 492 -21.40 39.84 5.18
CA PHE GA 492 -20.93 39.29 3.91
C PHE GA 492 -21.63 39.92 2.72
N GLU GA 493 -22.83 40.47 2.91
CA GLU GA 493 -23.62 41.03 1.83
C GLU GA 493 -23.52 42.54 1.75
N SER GA 494 -22.72 43.17 2.60
CA SER GA 494 -22.52 44.61 2.53
C SER GA 494 -21.19 44.98 1.88
N LEU GA 495 -20.18 44.12 1.99
CA LEU GA 495 -18.94 44.34 1.25
C LEU GA 495 -19.09 43.94 -0.21
N ARG GA 496 -19.92 42.94 -0.50
CA ARG GA 496 -20.12 42.51 -1.87
C ARG GA 496 -20.74 43.63 -2.70
N ARG GA 497 -21.66 44.38 -2.11
CA ARG GA 497 -22.32 45.45 -2.84
C ARG GA 497 -21.35 46.57 -3.21
N ALA GA 498 -20.40 46.89 -2.34
CA ALA GA 498 -19.41 47.91 -2.64
C ALA GA 498 -18.22 47.39 -3.42
N TYR GA 499 -18.07 46.07 -3.55
CA TYR GA 499 -16.99 45.52 -4.35
C TYR GA 499 -17.26 45.61 -5.85
N THR GA 500 -18.53 45.67 -6.26
CA THR GA 500 -18.86 45.65 -7.68
C THR GA 500 -18.32 46.87 -8.40
N GLN GA 501 -18.43 48.05 -7.79
CA GLN GA 501 -18.12 49.29 -8.49
C GLN GA 501 -16.64 49.37 -8.87
N ASP GA 502 -15.74 48.97 -7.98
CA ASP GA 502 -14.30 48.99 -8.27
C ASP GA 502 -13.64 47.72 -7.78
N PRO GA 503 -13.50 46.71 -8.64
CA PRO GA 503 -12.88 45.45 -8.24
C PRO GA 503 -11.37 45.35 -8.46
N SER GA 504 -10.68 46.44 -8.79
CA SER GA 504 -9.25 46.38 -8.98
C SER GA 504 -8.44 47.08 -7.90
N SER GA 505 -9.01 48.09 -7.22
CA SER GA 505 -8.32 48.69 -6.10
C SER GA 505 -8.38 47.83 -4.85
N PHE GA 506 -9.47 47.07 -4.69
CA PHE GA 506 -9.58 46.14 -3.56
C PHE GA 506 -8.48 45.09 -3.63
N ALA GA 507 -8.16 44.61 -4.82
CA ALA GA 507 -7.15 43.58 -5.01
C ALA GA 507 -5.73 44.11 -4.97
N ALA GA 508 -5.55 45.44 -4.88
CA ALA GA 508 -4.24 46.03 -4.70
C ALA GA 508 -4.02 46.60 -3.32
N LEU GA 509 -5.09 46.87 -2.56
CA LEU GA 509 -4.94 47.39 -1.21
C LEU GA 509 -4.88 46.29 -0.16
N TYR GA 510 -5.62 45.19 -0.35
CA TYR GA 510 -5.69 44.09 0.61
C TYR GA 510 -5.37 42.80 -0.11
N PRO GA 511 -4.08 42.54 -0.37
CA PRO GA 511 -3.71 41.37 -1.18
C PRO GA 511 -3.75 40.06 -0.42
N ASP GA 512 -4.05 40.07 0.87
CA ASP GA 512 -3.97 38.85 1.69
C ASP GA 512 -5.30 38.10 1.78
N GLN GA 513 -6.34 38.57 1.11
CA GLN GA 513 -7.66 37.93 1.17
C GLN GA 513 -8.25 37.79 -0.22
N ALA GA 514 -7.47 37.24 -1.15
CA ALA GA 514 -7.93 37.05 -2.52
C ALA GA 514 -8.94 35.92 -2.68
N GLN GA 515 -9.16 35.11 -1.64
CA GLN GA 515 -10.15 34.04 -1.74
C GLN GA 515 -11.57 34.60 -1.77
N LEU GA 516 -11.87 35.52 -0.85
CA LEU GA 516 -13.20 36.11 -0.79
C LEU GA 516 -13.54 36.84 -2.08
N PHE GA 517 -12.56 37.50 -2.69
CA PHE GA 517 -12.79 38.14 -3.97
C PHE GA 517 -13.08 37.13 -5.07
N SER GA 518 -12.45 35.96 -5.04
CA SER GA 518 -12.79 34.91 -5.98
C SER GA 518 -14.23 34.45 -5.82
N THR GA 519 -14.67 34.26 -4.57
CA THR GA 519 -16.06 33.88 -4.32
C THR GA 519 -17.02 34.93 -4.86
N PHE GA 520 -16.74 36.20 -4.57
CA PHE GA 520 -17.57 37.28 -5.08
C PHE GA 520 -17.64 37.25 -6.60
N ASP GA 521 -16.49 37.14 -7.25
CA ASP GA 521 -16.44 37.24 -8.70
C ASP GA 521 -17.20 36.10 -9.36
N GLN GA 522 -17.05 34.89 -8.84
CA GLN GA 522 -17.82 33.82 -9.47
C GLN GA 522 -19.28 33.83 -9.06
N MET GA 523 -19.72 34.52 -8.00
CA MET GA 523 -21.16 34.66 -7.78
C MET GA 523 -21.82 35.69 -8.68
N ASP GA 524 -21.06 36.57 -9.31
CA ASP GA 524 -21.64 37.62 -10.15
C ASP GA 524 -21.41 37.42 -11.64
N LYS GA 525 -20.26 36.91 -12.05
CA LYS GA 525 -19.98 36.82 -13.48
C LYS GA 525 -20.42 35.48 -14.05
N ILE GA 526 -20.01 34.39 -13.41
CA ILE GA 526 -20.32 33.06 -13.91
C ILE GA 526 -21.82 32.78 -13.77
N GLY GA 527 -22.32 32.82 -12.53
CA GLY GA 527 -23.74 32.76 -12.30
C GLY GA 527 -24.24 31.69 -11.34
N LEU GA 528 -23.37 31.14 -10.50
CA LEU GA 528 -23.79 30.08 -9.59
C LEU GA 528 -24.65 30.63 -8.47
N ASP GA 529 -25.49 29.76 -7.92
CA ASP GA 529 -26.28 30.08 -6.72
C ASP GA 529 -25.45 29.85 -5.47
N PRO GA 530 -25.72 30.57 -4.38
CA PRO GA 530 -24.80 30.53 -3.23
C PRO GA 530 -24.93 29.31 -2.34
N GLN GA 531 -25.71 28.31 -2.79
CA GLN GA 531 -25.93 27.11 -1.99
C GLN GA 531 -25.09 25.93 -2.46
N THR GA 532 -24.44 26.04 -3.60
CA THR GA 532 -23.69 24.94 -4.17
C THR GA 532 -22.21 24.97 -3.84
N MET GA 533 -21.58 26.15 -3.75
CA MET GA 533 -20.19 26.17 -3.36
C MET GA 533 -20.00 25.68 -1.93
N ILE GA 534 -21.02 25.81 -1.09
CA ILE GA 534 -20.94 25.29 0.27
C ILE GA 534 -20.72 23.77 0.24
N GLU GA 535 -21.57 23.07 -0.52
CA GLU GA 535 -21.41 21.62 -0.63
C GLU GA 535 -20.12 21.25 -1.33
N ALA GA 536 -19.74 22.00 -2.37
CA ALA GA 536 -18.50 21.68 -3.06
C ALA GA 536 -17.29 21.80 -2.13
N ASP GA 537 -17.23 22.88 -1.35
CA ASP GA 537 -16.14 23.06 -0.40
C ASP GA 537 -16.17 21.99 0.69
N LYS GA 538 -17.36 21.63 1.17
CA LYS GA 538 -17.42 20.60 2.19
C LYS GA 538 -16.92 19.27 1.67
N GLN GA 539 -17.29 18.91 0.45
CA GLN GA 539 -16.87 17.63 -0.12
C GLN GA 539 -15.45 17.66 -0.67
N ALA GA 540 -14.82 18.82 -0.80
CA ALA GA 540 -13.43 18.86 -1.22
C ALA GA 540 -12.46 18.70 -0.07
N ALA GA 541 -12.92 18.76 1.17
CA ALA GA 541 -12.01 18.71 2.31
C ALA GA 541 -11.49 17.29 2.54
N SER GA 542 -12.34 16.28 2.34
CA SER GA 542 -11.97 14.89 2.57
C SER GA 542 -10.74 14.51 1.76
N GLN GA 543 -10.79 14.74 0.45
CA GLN GA 543 -9.64 14.54 -0.42
C GLN GA 543 -8.83 15.85 -0.52
N SER GA 544 -8.03 16.08 0.52
CA SER GA 544 -7.13 17.23 0.52
C SER GA 544 -6.11 17.10 -0.59
N ARG GA 545 -6.02 18.14 -1.43
CA ARG GA 545 -5.22 17.99 -2.66
C ARG GA 545 -3.74 18.14 -2.37
N GLU GA 546 -3.29 19.37 -2.07
CA GLU GA 546 -1.91 19.70 -1.76
C GLU GA 546 -0.92 18.91 -2.63
N MET GA 547 -1.27 18.69 -3.89
CA MET GA 547 -0.57 17.72 -4.75
C MET GA 547 0.65 18.36 -5.38
N ARG GA 548 1.67 18.58 -4.55
CA ARG GA 548 3.00 18.99 -4.99
C ARG GA 548 3.01 20.31 -5.75
N MET GA 549 4.05 20.53 -6.55
CA MET GA 549 4.28 21.73 -7.35
C MET GA 549 4.43 22.99 -6.49
N GLU GA 550 3.37 23.41 -5.80
CA GLU GA 550 3.39 24.71 -5.14
C GLU GA 550 4.48 24.80 -4.08
N SER GA 551 5.58 25.51 -4.44
CA SER GA 551 6.70 25.63 -3.51
C SER GA 551 7.40 26.98 -3.57
N ASP GA 552 6.71 28.06 -3.97
CA ASP GA 552 7.26 29.41 -4.05
C ASP GA 552 8.32 29.53 -5.15
N LYS GA 553 8.65 28.41 -5.79
CA LYS GA 553 9.53 28.40 -6.94
C LYS GA 553 8.83 27.93 -8.21
N ALA GA 554 7.81 27.09 -8.09
CA ALA GA 554 7.03 26.68 -9.24
C ALA GA 554 6.33 27.86 -9.90
N TRP GA 555 6.17 28.97 -9.19
CA TRP GA 555 5.61 30.17 -9.81
C TRP GA 555 6.54 30.73 -10.87
N GLN GA 556 7.85 30.61 -10.65
CA GLN GA 556 8.81 31.23 -11.57
C GLN GA 556 8.69 30.64 -12.97
N GLU GA 557 8.75 29.31 -13.09
CA GLU GA 557 8.68 28.70 -14.41
C GLU GA 557 7.25 28.54 -14.91
N LEU GA 558 6.25 28.65 -14.04
CA LEU GA 558 4.87 28.69 -14.52
C LEU GA 558 4.55 30.04 -15.14
N LYS GA 559 5.16 31.11 -14.63
CA LYS GA 559 4.93 32.44 -15.15
C LYS GA 559 5.74 32.65 -16.43
N ASN GA 560 7.06 32.48 -16.34
CA ASN GA 560 7.88 32.50 -17.54
C ASN GA 560 7.71 31.19 -18.31
N ASP GA 561 6.99 31.26 -19.43
CA ASP GA 561 6.70 30.07 -20.22
C ASP GA 561 6.42 30.49 -21.66
N SER GA 562 6.44 29.50 -22.56
CA SER GA 562 6.25 29.77 -23.97
C SER GA 562 4.77 29.84 -24.34
N ARG GA 563 4.01 28.81 -23.95
CA ARG GA 563 2.60 28.76 -24.30
C ARG GA 563 1.82 29.88 -23.60
N ASN GA 564 2.09 30.11 -22.32
CA ASN GA 564 1.39 31.14 -21.57
C ASN GA 564 2.03 32.50 -21.87
N LYS GA 565 1.32 33.32 -22.65
CA LYS GA 565 1.83 34.62 -23.05
C LYS GA 565 1.06 35.78 -22.45
N ASP GA 566 -0.05 35.53 -21.76
CA ASP GA 566 -0.73 36.57 -21.01
C ASP GA 566 -0.15 36.76 -19.61
N LEU GA 567 0.73 35.86 -19.17
CA LEU GA 567 1.35 35.95 -17.85
C LEU GA 567 2.80 36.38 -17.91
N SER GA 568 3.41 36.42 -19.09
CA SER GA 568 4.77 36.95 -19.19
C SER GA 568 4.79 38.45 -18.94
N ARG GA 569 3.79 39.18 -19.44
CA ARG GA 569 3.67 40.62 -19.23
C ARG GA 569 2.65 40.84 -18.13
N LEU GA 570 3.12 41.22 -16.94
CA LEU GA 570 2.26 41.32 -15.78
C LEU GA 570 2.72 42.47 -14.89
N PRO GA 571 1.80 43.34 -14.47
CA PRO GA 571 2.18 44.44 -13.56
C PRO GA 571 2.66 43.89 -12.22
N THR GA 572 3.66 44.56 -11.64
CA THR GA 572 4.21 44.10 -10.38
C THR GA 572 3.21 44.29 -9.24
N SER GA 573 2.30 45.24 -9.39
CA SER GA 573 1.33 45.50 -8.33
C SER GA 573 0.38 44.33 -8.12
N LEU GA 574 -0.08 43.71 -9.20
CA LEU GA 574 -1.04 42.63 -9.14
C LEU GA 574 -0.40 41.26 -9.06
N ASP GA 575 0.93 41.20 -8.97
CA ASP GA 575 1.61 39.90 -8.98
C ASP GA 575 1.29 39.07 -7.74
N ALA GA 576 1.08 39.71 -6.59
CA ALA GA 576 0.85 38.98 -5.36
C ALA GA 576 -0.60 38.54 -5.19
N SER GA 577 -1.49 38.89 -6.11
CA SER GA 577 -2.87 38.45 -6.05
C SER GA 577 -3.17 37.29 -6.98
N ALA GA 578 -2.32 37.04 -7.99
CA ALA GA 578 -2.52 35.90 -8.86
C ALA GA 578 -2.28 34.59 -8.12
N ARG GA 579 -1.35 34.58 -7.16
CA ARG GA 579 -1.00 33.37 -6.45
C ARG GA 579 -2.21 32.76 -5.75
N LYS GA 580 -2.92 33.56 -4.96
CA LYS GA 580 -4.01 33.02 -4.17
C LYS GA 580 -5.18 32.60 -5.04
N VAL GA 581 -5.42 33.31 -6.14
CA VAL GA 581 -6.48 32.89 -7.06
C VAL GA 581 -6.15 31.55 -7.69
N TRP GA 582 -4.90 31.38 -8.14
CA TRP GA 582 -4.51 30.09 -8.70
C TRP GA 582 -4.64 28.99 -7.67
N ASP GA 583 -4.18 29.24 -6.44
CA ASP GA 583 -4.26 28.23 -5.40
C ASP GA 583 -5.70 27.86 -5.08
N SER GA 584 -6.59 28.86 -5.00
CA SER GA 584 -7.99 28.57 -4.71
C SER GA 584 -8.63 27.74 -5.81
N TRP GA 585 -8.34 28.07 -7.07
CA TRP GA 585 -8.91 27.30 -8.17
C TRP GA 585 -8.41 25.86 -8.12
N TYR GA 586 -7.11 25.69 -7.91
CA TYR GA 586 -6.54 24.34 -7.82
C TYR GA 586 -7.20 23.56 -6.68
N TYR GA 587 -7.32 24.17 -5.52
CA TYR GA 587 -7.91 23.48 -4.38
C TYR GA 587 -9.35 23.08 -4.66
N ARG GA 588 -10.12 23.98 -5.27
CA ARG GA 588 -11.55 23.70 -5.47
C ARG GA 588 -11.78 22.62 -6.51
N THR GA 589 -11.10 22.71 -7.67
CA THR GA 589 -11.49 21.83 -8.76
C THR GA 589 -10.66 20.56 -8.85
N GLY GA 590 -9.40 20.59 -8.40
CA GLY GA 590 -8.57 19.41 -8.48
C GLY GA 590 -7.62 19.40 -9.66
N ASN GA 591 -8.10 19.85 -10.82
CA ASN GA 591 -7.26 19.89 -12.01
C ASN GA 591 -6.15 20.91 -11.85
N ALA GA 592 -5.03 20.66 -12.52
CA ALA GA 592 -3.92 21.61 -12.57
C ALA GA 592 -3.86 22.35 -13.89
N ASP GA 593 -4.88 22.21 -14.73
CA ASP GA 593 -4.91 22.86 -16.03
C ASP GA 593 -6.05 23.84 -16.20
N ALA GA 594 -7.16 23.67 -15.46
CA ALA GA 594 -8.20 24.67 -15.46
C ALA GA 594 -7.81 25.92 -14.67
N ALA GA 595 -6.90 25.77 -13.71
CA ALA GA 595 -6.48 26.93 -12.92
C ALA GA 595 -5.75 27.94 -13.77
N THR GA 596 -4.79 27.50 -14.58
CA THR GA 596 -4.04 28.41 -15.43
C THR GA 596 -4.88 28.97 -16.56
N GLN GA 597 -6.08 28.44 -16.77
CA GLN GA 597 -7.00 28.98 -17.77
C GLN GA 597 -7.99 29.96 -17.16
N GLN GA 598 -8.39 29.73 -15.91
CA GLN GA 598 -9.29 30.64 -15.22
C GLN GA 598 -8.58 31.82 -14.58
N THR GA 599 -7.25 31.76 -14.44
CA THR GA 599 -6.53 32.95 -13.97
C THR GA 599 -6.42 34.02 -15.05
N GLN GA 600 -6.22 33.62 -16.30
CA GLN GA 600 -6.09 34.60 -17.39
C GLN GA 600 -7.37 35.37 -17.62
N ARG GA 601 -8.54 34.73 -17.49
CA ARG GA 601 -9.79 35.46 -17.62
C ARG GA 601 -9.94 36.52 -16.55
N TRP GA 602 -9.55 36.21 -15.31
CA TRP GA 602 -9.59 37.20 -14.25
C TRP GA 602 -8.61 38.33 -14.52
N LEU GA 603 -7.42 38.00 -15.01
CA LEU GA 603 -6.43 39.04 -15.28
C LEU GA 603 -6.87 39.96 -16.41
N ASN GA 604 -7.50 39.40 -17.45
CA ASN GA 604 -7.80 40.17 -18.65
C ASN GA 604 -8.89 41.20 -18.47
N GLU GA 605 -9.64 41.15 -17.36
CA GLU GA 605 -10.70 42.11 -17.12
C GLU GA 605 -10.27 43.26 -16.22
N ASN GA 606 -9.05 43.24 -15.70
CA ASN GA 606 -8.57 44.29 -14.81
C ASN GA 606 -7.34 45.00 -15.35
N THR GA 607 -7.13 44.97 -16.66
CA THR GA 607 -5.96 45.60 -17.27
C THR GA 607 -6.35 46.25 -18.59
N VAL GA 608 -5.42 47.03 -19.13
CA VAL GA 608 -5.59 47.70 -20.41
C VAL GA 608 -4.32 47.50 -21.22
N THR GA 609 -4.47 47.04 -22.46
CA THR GA 609 -3.33 46.71 -23.32
C THR GA 609 -3.22 47.73 -24.44
N PHE GA 610 -2.01 48.24 -24.66
CA PHE GA 610 -1.76 49.21 -25.71
C PHE GA 610 -1.05 48.53 -26.88
N GLN GA 611 -1.52 48.80 -28.09
CA GLN GA 611 -1.02 48.16 -29.30
C GLN GA 611 -0.11 49.11 -30.06
N SER GA 612 0.68 48.54 -30.96
CA SER GA 612 1.59 49.30 -31.80
C SER GA 612 1.01 49.43 -33.20
N GLU GA 613 1.06 50.66 -33.74
CA GLU GA 613 0.55 50.92 -35.08
C GLU GA 613 1.46 50.27 -36.11
N GLY GA 614 0.95 49.29 -36.84
CA GLY GA 614 1.76 48.60 -37.82
C GLY GA 614 0.97 47.56 -38.56
N SER GA 615 1.66 46.85 -39.46
CA SER GA 615 1.03 45.79 -40.23
C SER GA 615 0.55 44.66 -39.32
N ASP GA 616 1.38 44.26 -38.36
CA ASP GA 616 1.03 43.26 -37.37
C ASP GA 616 1.08 43.88 -35.99
N GLY GA 617 -0.01 43.76 -35.23
CA GLY GA 617 -0.06 44.35 -33.92
C GLY GA 617 0.89 43.64 -32.95
N LYS GA 618 1.53 44.42 -32.09
CA LYS GA 618 2.42 43.90 -31.07
C LYS GA 618 2.23 44.71 -29.80
N SER GA 619 2.02 44.02 -28.68
CA SER GA 619 1.83 44.69 -27.41
C SER GA 619 3.09 45.45 -27.01
N ILE GA 620 2.90 46.59 -26.34
CA ILE GA 620 4.00 47.41 -25.87
C ILE GA 620 3.95 47.68 -24.39
N GLY GA 621 2.85 47.38 -23.71
CA GLY GA 621 2.77 47.62 -22.28
C GLY GA 621 1.43 47.25 -21.68
N MET GA 622 1.43 46.81 -20.43
CA MET GA 622 0.23 46.47 -19.70
C MET GA 622 0.17 47.32 -18.45
N VAL GA 623 -0.99 47.96 -18.22
CA VAL GA 623 -1.22 48.77 -17.04
C VAL GA 623 -2.50 48.28 -16.37
N SER GA 624 -2.81 48.86 -15.22
CA SER GA 624 -3.99 48.46 -14.46
C SER GA 624 -5.08 49.51 -14.59
N LYS GA 625 -6.34 49.06 -14.49
CA LYS GA 625 -7.48 49.96 -14.60
C LYS GA 625 -7.52 50.99 -13.49
N HIS GA 626 -6.79 50.78 -12.40
CA HIS GA 626 -6.85 51.70 -11.27
C HIS GA 626 -6.09 53.00 -11.53
N GLN GA 627 -5.02 52.95 -12.33
CA GLN GA 627 -4.19 54.12 -12.58
C GLN GA 627 -4.76 55.02 -13.66
N LEU GA 628 -6.03 54.87 -14.02
CA LEU GA 628 -6.63 55.70 -15.06
C LEU GA 628 -7.99 56.25 -14.67
N MET GA 629 -8.33 56.24 -13.38
CA MET GA 629 -9.66 56.65 -12.94
C MET GA 629 -9.64 58.10 -12.48
N VAL GA 630 -9.56 59.01 -13.45
CA VAL GA 630 -9.62 60.44 -13.15
C VAL GA 630 -11.09 60.84 -13.01
N GLY GA 631 -11.54 60.94 -11.77
CA GLY GA 631 -12.93 61.19 -11.45
C GLY GA 631 -13.47 60.13 -10.50
N ASP GA 632 -14.79 60.12 -10.33
CA ASP GA 632 -15.42 59.17 -9.43
C ASP GA 632 -16.46 58.27 -10.09
N ASN GA 633 -17.00 58.66 -11.23
CA ASN GA 633 -17.91 57.76 -11.95
C ASN GA 633 -17.15 56.50 -12.32
N PRO GA 634 -17.64 55.32 -11.95
CA PRO GA 634 -16.86 54.10 -12.20
C PRO GA 634 -16.87 53.65 -13.65
N GLU GA 635 -16.72 54.62 -14.57
CA GLU GA 635 -16.52 54.35 -15.98
C GLU GA 635 -15.54 55.36 -16.57
N SER GA 636 -14.69 55.95 -15.74
CA SER GA 636 -13.83 57.03 -16.17
C SER GA 636 -12.46 56.55 -16.61
N TRP GA 637 -12.22 55.25 -16.67
CA TRP GA 637 -10.93 54.80 -17.18
C TRP GA 637 -10.85 54.87 -18.67
N GLN GA 638 -11.85 55.46 -19.32
CA GLN GA 638 -11.89 55.60 -20.76
C GLN GA 638 -11.46 56.99 -21.23
N VAL GA 639 -10.86 57.79 -20.35
CA VAL GA 639 -10.33 59.09 -20.72
C VAL GA 639 -8.81 59.11 -20.65
N GLY GA 640 -8.23 58.52 -19.62
CA GLY GA 640 -6.78 58.40 -19.57
C GLY GA 640 -6.23 57.59 -20.72
N ARG GA 641 -6.97 56.58 -21.16
CA ARG GA 641 -6.54 55.79 -22.31
C ARG GA 641 -6.39 56.66 -23.55
N ASP GA 642 -7.40 57.50 -23.82
CA ASP GA 642 -7.34 58.39 -24.98
C ASP GA 642 -6.23 59.40 -24.83
N ILE GA 643 -6.04 59.94 -23.62
CA ILE GA 643 -4.98 60.93 -23.42
C ILE GA 643 -3.61 60.31 -23.69
N ILE GA 644 -3.39 59.09 -23.19
CA ILE GA 644 -2.11 58.42 -23.39
C ILE GA 644 -1.87 58.12 -24.86
N ASP GA 645 -2.89 57.63 -25.57
CA ASP GA 645 -2.73 57.36 -26.99
C ASP GA 645 -2.38 58.62 -27.76
N THR GA 646 -3.09 59.73 -27.48
CA THR GA 646 -2.81 60.98 -28.16
C THR GA 646 -1.40 61.47 -27.87
N ALA GA 647 -0.95 61.35 -26.63
CA ALA GA 647 0.40 61.76 -26.28
C ALA GA 647 1.44 60.94 -27.04
N ARG GA 648 1.24 59.63 -27.13
CA ARG GA 648 2.17 58.79 -27.87
C ARG GA 648 2.23 59.18 -29.34
N LYS GA 649 1.06 59.41 -29.96
CA LYS GA 649 1.04 59.80 -31.36
C LYS GA 649 1.78 61.11 -31.58
N GLN GA 650 1.54 62.09 -30.71
CA GLN GA 650 2.23 63.37 -30.86
C GLN GA 650 3.73 63.24 -30.68
N LEU GA 651 4.15 62.41 -29.72
CA LEU GA 651 5.59 62.23 -29.49
C LEU GA 651 6.26 61.61 -30.71
N ILE GA 652 5.62 60.62 -31.33
CA ILE GA 652 6.19 60.06 -32.55
C ILE GA 652 6.22 61.10 -33.66
N LYS GA 653 5.14 61.87 -33.79
CA LYS GA 653 5.04 62.81 -34.91
C LYS GA 653 6.08 63.92 -34.81
N ALA GA 654 6.32 64.46 -33.62
CA ALA GA 654 7.12 65.66 -33.49
C ALA GA 654 8.62 65.43 -33.62
N ASN GA 655 9.11 64.22 -33.40
CA ASN GA 655 10.55 63.96 -33.39
C ASN GA 655 10.91 62.97 -34.50
N PRO GA 656 11.77 63.34 -35.44
CA PRO GA 656 12.15 62.40 -36.51
C PRO GA 656 13.31 61.51 -36.09
N TRP GA 657 13.25 60.99 -34.86
CA TRP GA 657 14.36 60.24 -34.30
C TRP GA 657 13.95 58.96 -33.59
N VAL GA 658 12.72 58.85 -33.09
CA VAL GA 658 12.31 57.69 -32.30
C VAL GA 658 11.86 56.57 -33.24
N VAL GA 659 12.04 56.77 -34.55
CA VAL GA 659 11.62 55.76 -35.51
C VAL GA 659 12.41 54.47 -35.32
N ASN GA 660 13.73 54.59 -35.16
CA ASN GA 660 14.55 53.41 -34.91
C ASN GA 660 14.28 52.82 -33.54
N SER GA 661 13.80 53.62 -32.60
CA SER GA 661 13.45 53.12 -31.28
C SER GA 661 11.98 52.71 -31.25
N GLN GA 662 11.53 52.22 -30.10
CA GLN GA 662 10.14 51.78 -29.92
C GLN GA 662 9.64 52.23 -28.55
N LEU GA 663 8.65 53.10 -28.54
CA LEU GA 663 8.11 53.60 -27.29
C LEU GA 663 7.36 52.51 -26.53
N SER GA 664 7.34 52.63 -25.20
CA SER GA 664 6.67 51.67 -24.35
C SER GA 664 6.00 52.40 -23.19
N VAL GA 665 5.18 51.67 -22.44
CA VAL GA 665 4.45 52.24 -21.30
C VAL GA 665 4.64 51.36 -20.08
N VAL GA 666 5.62 51.68 -19.25
CA VAL GA 666 5.87 50.94 -18.01
C VAL GA 666 5.05 51.52 -16.88
N GLU GA 667 4.96 50.80 -15.76
CA GLU GA 667 4.19 51.22 -14.59
C GLU GA 667 5.01 50.90 -13.35
N SER GA 671 2.85 54.99 -10.87
CA SER GA 671 2.93 56.05 -11.86
C SER GA 671 3.12 55.46 -13.26
N ILE GA 672 3.11 56.31 -14.28
CA ILE GA 672 3.21 55.87 -15.67
C ILE GA 672 4.31 56.68 -16.35
N PHE GA 673 5.16 55.98 -17.11
CA PHE GA 673 6.32 56.59 -17.75
C PHE GA 673 6.31 56.27 -19.24
N LEU GA 674 7.17 56.95 -19.99
CA LEU GA 674 7.37 56.68 -21.41
C LEU GA 674 8.86 56.74 -21.71
N GLN GA 675 9.41 55.67 -22.28
CA GLN GA 675 10.84 55.56 -22.55
C GLN GA 675 11.03 54.97 -23.94
N ASP GA 676 12.16 55.31 -24.58
CA ASP GA 676 12.36 54.76 -25.92
C ASP GA 676 13.02 53.39 -25.94
N ALA GA 677 14.35 53.35 -25.84
CA ALA GA 677 15.07 52.09 -25.71
C ALA GA 677 16.21 52.25 -24.73
N THR GA 678 16.87 53.40 -24.80
CA THR GA 678 18.06 53.70 -24.02
C THR GA 678 17.75 54.56 -22.80
N GLY GA 679 16.48 54.84 -22.55
CA GLY GA 679 16.11 55.67 -21.42
C GLY GA 679 16.66 57.09 -21.51
N THR GA 680 16.61 57.68 -22.69
CA THR GA 680 17.02 59.07 -22.82
C THR GA 680 15.90 60.05 -22.52
N ILE GA 681 14.65 59.69 -22.83
CA ILE GA 681 13.51 60.54 -22.54
C ILE GA 681 12.57 59.80 -21.61
N ARG GA 682 12.17 60.46 -20.52
CA ARG GA 682 11.18 59.91 -19.59
C ARG GA 682 10.21 61.01 -19.20
N ILE GA 683 8.93 60.68 -19.20
CA ILE GA 683 7.87 61.62 -18.87
C ILE GA 683 6.89 60.93 -17.92
N ARG GA 684 6.44 61.66 -16.90
CA ARG GA 684 5.58 61.08 -15.87
C ARG GA 684 4.17 61.65 -15.96
N TYR GA 685 3.19 60.80 -15.66
CA TYR GA 685 1.79 61.18 -15.65
C TYR GA 685 1.16 60.80 -14.32
N ASP GA 686 0.13 61.54 -13.92
CA ASP GA 686 -0.50 61.36 -12.62
C ASP GA 686 -2.01 61.53 -12.74
N LYS GA 687 -2.74 61.04 -11.75
CA LYS GA 687 -4.20 61.05 -11.81
C LYS GA 687 -4.83 62.36 -11.38
N GLU GA 688 -4.06 63.30 -10.82
CA GLU GA 688 -4.63 64.53 -10.29
C GLU GA 688 -4.55 65.69 -11.27
N LEU GA 689 -3.36 65.96 -11.81
CA LEU GA 689 -3.22 67.04 -12.77
C LEU GA 689 -4.08 66.79 -13.99
N VAL GA 690 -4.12 65.55 -14.46
CA VAL GA 690 -4.93 65.20 -15.63
C VAL GA 690 -6.39 65.56 -15.39
N GLY GA 691 -6.93 65.13 -14.25
CA GLY GA 691 -8.31 65.41 -13.95
C GLY GA 691 -8.59 66.89 -13.80
N LYS GA 692 -7.72 67.61 -13.10
CA LYS GA 692 -7.92 69.05 -12.92
C LYS GA 692 -7.94 69.77 -14.25
N LEU GA 693 -6.95 69.51 -15.11
CA LEU GA 693 -6.89 70.19 -16.39
C LEU GA 693 -8.09 69.83 -17.26
N TYR GA 694 -8.48 68.56 -17.26
CA TYR GA 694 -9.64 68.16 -18.04
C TYR GA 694 -10.90 68.87 -17.58
N ARG GA 695 -11.12 68.94 -16.26
CA ARG GA 695 -12.31 69.61 -15.75
C ARG GA 695 -12.30 71.09 -16.07
N GLU GA 696 -11.14 71.74 -15.95
CA GLU GA 696 -11.05 73.17 -16.26
C GLU GA 696 -11.40 73.43 -17.72
N GLN GA 697 -10.83 72.62 -18.62
CA GLN GA 697 -11.13 72.79 -20.03
C GLN GA 697 -12.60 72.52 -20.33
N GLN GA 698 -13.20 71.56 -19.63
CA GLN GA 698 -14.62 71.27 -19.88
C GLN GA 698 -15.51 72.41 -19.43
N GLN GA 699 -15.29 72.92 -18.21
CA GLN GA 699 -16.18 73.95 -17.69
C GLN GA 699 -15.82 75.36 -18.15
N LYS GA 700 -14.73 75.50 -18.92
CA LYS GA 700 -14.42 76.79 -19.54
C LYS GA 700 -14.96 76.92 -20.95
N ALA GA 701 -14.96 75.84 -21.74
CA ALA GA 701 -15.33 75.91 -23.16
C ALA GA 701 -16.85 76.02 -23.28
N GLN GA 702 -17.34 77.24 -23.15
CA GLN GA 702 -18.77 77.52 -23.25
C GLN GA 702 -18.94 79.00 -23.58
N ASP GA 703 -20.15 79.52 -23.42
CA ASP GA 703 -20.43 80.92 -23.67
C ASP GA 703 -19.64 81.84 -22.74
N THR HA 66 -78.28 -80.73 8.96
CA THR HA 66 -78.78 -79.60 8.20
C THR HA 66 -77.85 -79.26 7.04
N ARG HA 67 -76.55 -79.42 7.27
CA ARG HA 67 -75.56 -79.13 6.24
C ARG HA 67 -75.62 -80.17 5.13
N ALA HA 68 -75.08 -79.80 3.97
CA ALA HA 68 -75.04 -80.69 2.82
C ALA HA 68 -73.79 -81.57 2.79
N ASP HA 69 -72.94 -81.48 3.81
CA ASP HA 69 -71.72 -82.28 3.89
C ASP HA 69 -71.80 -83.31 5.01
N GLU HA 70 -72.97 -83.89 5.23
CA GLU HA 70 -73.14 -84.86 6.30
C GLU HA 70 -72.33 -86.12 6.04
N ARG HA 71 -72.29 -86.58 4.78
CA ARG HA 71 -71.57 -87.80 4.45
C ARG HA 71 -70.09 -87.67 4.76
N SER HA 72 -69.49 -86.53 4.40
CA SER HA 72 -68.06 -86.35 4.64
C SER HA 72 -67.76 -86.37 6.13
N ASN HA 73 -68.58 -85.68 6.94
CA ASN HA 73 -68.36 -85.67 8.38
C ASN HA 73 -68.52 -87.07 8.96
N GLU HA 74 -69.52 -87.81 8.49
CA GLU HA 74 -69.74 -89.16 9.01
C GLU HA 74 -68.57 -90.08 8.67
N ILE HA 75 -68.02 -89.96 7.46
CA ILE HA 75 -66.91 -90.82 7.07
C ILE HA 75 -65.64 -90.44 7.82
N ILE HA 76 -65.37 -89.13 7.95
CA ILE HA 76 -64.16 -88.68 8.64
C ILE HA 76 -64.22 -88.99 10.12
N ARG HA 77 -65.43 -89.00 10.70
CA ARG HA 77 -65.56 -89.17 12.15
C ARG HA 77 -64.93 -90.46 12.62
N LYS HA 78 -65.14 -91.55 11.89
CA LYS HA 78 -64.62 -92.87 12.27
C LYS HA 78 -63.27 -93.08 11.59
N LEU HA 79 -62.22 -92.58 12.26
CA LEU HA 79 -60.87 -92.68 11.73
C LEU HA 79 -59.86 -92.71 12.87
N THR HA 80 -58.85 -93.56 12.73
CA THR HA 80 -57.74 -93.57 13.66
C THR HA 80 -56.94 -92.27 13.53
N PRO HA 81 -56.62 -91.60 14.64
CA PRO HA 81 -55.92 -90.31 14.52
C PRO HA 81 -54.56 -90.41 13.86
N GLN HA 82 -53.89 -91.56 13.93
CA GLN HA 82 -52.64 -91.73 13.20
C GLN HA 82 -52.87 -91.62 11.70
N GLN HA 83 -53.89 -92.32 11.20
CA GLN HA 83 -54.23 -92.25 9.79
C GLN HA 83 -54.66 -90.84 9.39
N ARG HA 84 -55.42 -90.17 10.25
CA ARG HA 84 -55.85 -88.81 9.96
C ARG HA 84 -54.65 -87.87 9.86
N ARG HA 85 -53.70 -88.00 10.78
CA ARG HA 85 -52.50 -87.16 10.73
C ARG HA 85 -51.69 -87.44 9.47
N GLU HA 86 -51.53 -88.70 9.11
CA GLU HA 86 -50.79 -89.03 7.89
C GLU HA 86 -51.48 -88.44 6.66
N ALA HA 87 -52.80 -88.53 6.60
CA ALA HA 87 -53.53 -87.98 5.46
C ALA HA 87 -53.39 -86.46 5.40
N ILE HA 88 -53.46 -85.79 6.54
CA ILE HA 88 -53.31 -84.34 6.57
C ILE HA 88 -51.91 -83.95 6.09
N GLN HA 89 -50.89 -84.67 6.56
CA GLN HA 89 -49.53 -84.36 6.14
C GLN HA 89 -49.35 -84.60 4.64
N ASN HA 90 -49.94 -85.68 4.12
CA ASN HA 90 -49.79 -86.00 2.70
C ASN HA 90 -50.41 -84.94 1.81
N GLY HA 91 -51.63 -84.51 2.14
CA GLY HA 91 -52.32 -83.51 1.34
C GLY HA 91 -53.75 -83.91 1.01
N THR HA 92 -54.13 -85.14 1.35
CA THR HA 92 -55.47 -85.61 1.03
C THR HA 92 -56.52 -84.86 1.84
N LEU HA 93 -56.32 -84.75 3.14
CA LEU HA 93 -57.22 -84.04 4.03
C LEU HA 93 -56.69 -82.63 4.26
N LEU HA 94 -57.57 -81.64 4.10
CA LEU HA 94 -57.07 -80.26 4.09
C LEU HA 94 -56.67 -79.78 5.48
N TYR HA 95 -57.65 -79.66 6.37
CA TYR HA 95 -57.51 -79.27 7.78
C TYR HA 95 -58.81 -78.64 8.24
N GLN HA 96 -59.44 -77.88 7.34
CA GLN HA 96 -60.61 -77.07 7.65
C GLN HA 96 -61.74 -77.86 8.27
N ASP HA 97 -61.87 -79.14 7.92
CA ASP HA 97 -62.99 -79.96 8.34
C ASP HA 97 -62.68 -80.87 9.51
N ASP HA 98 -61.53 -80.71 10.15
CA ASP HA 98 -61.19 -81.54 11.29
C ASP HA 98 -62.18 -81.29 12.43
N PRO HA 99 -62.70 -82.34 13.06
CA PRO HA 99 -63.72 -82.14 14.10
C PRO HA 99 -63.19 -81.53 15.39
N TYR HA 100 -62.03 -82.00 15.87
CA TYR HA 100 -61.54 -81.59 17.18
C TYR HA 100 -60.53 -80.45 17.11
N ALA HA 101 -59.82 -80.32 15.99
CA ALA HA 101 -58.90 -79.20 15.84
C ALA HA 101 -59.63 -77.87 15.94
N MET HA 102 -60.84 -77.81 15.37
CA MET HA 102 -61.62 -76.58 15.43
C MET HA 102 -61.99 -76.23 16.87
N GLU HA 103 -62.44 -77.23 17.64
CA GLU HA 103 -62.81 -76.98 19.03
C GLU HA 103 -61.62 -76.51 19.85
N ALA HA 104 -60.46 -77.16 19.66
CA ALA HA 104 -59.26 -76.71 20.36
C ALA HA 104 -58.91 -75.27 19.97
N LEU HA 105 -59.01 -74.97 18.68
CA LEU HA 105 -58.71 -73.61 18.20
C LEU HA 105 -59.64 -72.59 18.83
N ARG HA 106 -60.90 -72.97 19.07
CA ARG HA 106 -61.83 -72.07 19.75
C ARG HA 106 -61.45 -71.86 21.20
N VAL HA 107 -61.15 -72.93 21.93
CA VAL HA 107 -60.99 -72.81 23.39
C VAL HA 107 -59.69 -72.09 23.74
N LYS HA 108 -58.61 -72.33 22.99
CA LYS HA 108 -57.32 -71.80 23.40
C LYS HA 108 -57.30 -70.28 23.38
N THR HA 109 -57.94 -69.67 22.37
CA THR HA 109 -57.93 -68.23 22.25
C THR HA 109 -58.64 -67.56 23.43
N GLY HA 110 -59.79 -68.09 23.82
CA GLY HA 110 -60.49 -67.55 24.98
C GLY HA 110 -59.67 -67.68 26.25
N ARG HA 111 -59.01 -68.82 26.44
CA ARG HA 111 -58.15 -68.99 27.60
C ARG HA 111 -57.08 -67.90 27.65
N ASN HA 112 -56.38 -67.69 26.53
CA ASN HA 112 -55.32 -66.69 26.51
C ASN HA 112 -55.88 -65.29 26.76
N ALA HA 113 -57.04 -64.99 26.16
CA ALA HA 113 -57.62 -63.66 26.30
C ALA HA 113 -57.95 -63.36 27.76
N ALA HA 114 -58.51 -64.33 28.48
CA ALA HA 114 -58.81 -64.10 29.88
C ALA HA 114 -57.53 -63.92 30.70
N PHE HA 115 -56.55 -64.80 30.50
CA PHE HA 115 -55.39 -64.77 31.38
C PHE HA 115 -54.55 -63.52 31.20
N ALA HA 116 -54.45 -62.99 29.98
CA ALA HA 116 -53.64 -61.80 29.77
C ALA HA 116 -54.15 -60.61 30.58
N VAL HA 117 -55.46 -60.33 30.48
CA VAL HA 117 -56.01 -59.20 31.19
C VAL HA 117 -55.98 -59.42 32.70
N ASP HA 118 -56.18 -60.66 33.15
CA ASP HA 118 -56.10 -60.90 34.59
C ASP HA 118 -54.69 -60.63 35.12
N ASP HA 119 -53.66 -61.04 34.37
CA ASP HA 119 -52.29 -60.71 34.76
C ASP HA 119 -52.08 -59.20 34.81
N GLU HA 120 -52.57 -58.48 33.80
CA GLU HA 120 -52.35 -57.04 33.77
C GLU HA 120 -52.97 -56.36 34.98
N ILE HA 121 -54.21 -56.73 35.31
CA ILE HA 121 -54.88 -56.18 36.48
C ILE HA 121 -54.10 -56.51 37.74
N ASN HA 122 -53.62 -57.75 37.86
CA ASN HA 122 -52.92 -58.16 39.06
C ASN HA 122 -51.66 -57.33 39.29
N VAL HA 123 -50.84 -57.16 38.26
CA VAL HA 123 -49.61 -56.39 38.46
C VAL HA 123 -49.93 -54.92 38.72
N LYS HA 124 -50.97 -54.38 38.06
CA LYS HA 124 -51.34 -52.99 38.32
C LYS HA 124 -51.74 -52.79 39.77
N ILE HA 125 -52.53 -53.72 40.32
CA ILE HA 125 -52.92 -53.60 41.73
C ILE HA 125 -51.71 -53.70 42.63
N GLN HA 126 -50.84 -54.69 42.37
CA GLN HA 126 -49.70 -54.90 43.25
C GLN HA 126 -48.75 -53.71 43.26
N ASN HA 127 -48.62 -53.01 42.13
CA ASN HA 127 -47.79 -51.80 42.16
C ASN HA 127 -48.48 -50.68 42.93
N GLY HA 128 -49.79 -50.57 42.81
CA GLY HA 128 -50.56 -49.59 43.55
C GLY HA 128 -50.99 -48.39 42.73
N GLU HA 129 -52.21 -48.46 42.20
CA GLU HA 129 -52.77 -47.41 41.35
C GLU HA 129 -54.15 -47.00 41.84
N PHE HA 130 -54.84 -47.91 42.50
CA PHE HA 130 -56.20 -47.66 42.97
C PHE HA 130 -56.19 -47.28 44.44
N ARG HA 131 -57.35 -46.82 44.91
CA ARG HA 131 -57.53 -46.45 46.30
C ARG HA 131 -58.78 -47.05 46.93
N THR HA 132 -59.64 -47.69 46.15
CA THR HA 132 -60.87 -48.27 46.68
C THR HA 132 -61.20 -49.51 45.85
N ARG HA 133 -61.92 -50.44 46.49
CA ARG HA 133 -62.28 -51.69 45.83
C ARG HA 133 -63.16 -51.46 44.60
N GLN HA 134 -64.10 -50.52 44.69
CA GLN HA 134 -65.04 -50.31 43.60
C GLN HA 134 -64.34 -49.87 42.32
N ASP HA 135 -63.33 -49.02 42.43
CA ASP HA 135 -62.59 -48.57 41.26
C ASP HA 135 -61.92 -49.74 40.56
N MET HA 136 -61.28 -50.62 41.33
CA MET HA 136 -60.66 -51.80 40.75
C MET HA 136 -61.69 -52.69 40.07
N GLU HA 137 -62.85 -52.86 40.69
CA GLU HA 137 -63.89 -53.71 40.09
C GLU HA 137 -64.34 -53.15 38.75
N GLU HA 138 -64.60 -51.84 38.68
CA GLU HA 138 -65.04 -51.25 37.43
C GLU HA 138 -63.96 -51.33 36.36
N TYR HA 139 -62.71 -51.04 36.73
CA TYR HA 139 -61.61 -51.10 35.77
C TYR HA 139 -61.47 -52.50 35.19
N ARG HA 140 -61.52 -53.52 36.07
CA ARG HA 140 -61.39 -54.90 35.61
C ARG HA 140 -62.54 -55.28 34.69
N HIS HA 141 -63.77 -54.89 35.04
CA HIS HA 141 -64.92 -55.23 34.21
C HIS HA 141 -64.78 -54.63 32.81
N GLN HA 142 -64.38 -53.35 32.76
CA GLN HA 142 -64.23 -52.70 31.45
C GLN HA 142 -63.14 -53.36 30.63
N ARG HA 143 -62.00 -53.68 31.25
CA ARG HA 143 -60.92 -54.29 30.49
C ARG HA 143 -61.33 -55.66 29.96
N LEU HA 144 -62.06 -56.44 30.77
CA LEU HA 144 -62.57 -57.72 30.28
C LEU HA 144 -63.46 -57.54 29.06
N GLN HA 145 -64.43 -56.61 29.16
CA GLN HA 145 -65.36 -56.42 28.06
C GLN HA 145 -64.65 -55.98 26.79
N ASP HA 146 -63.63 -55.14 26.93
CA ASP HA 146 -62.86 -54.71 25.76
C ASP HA 146 -62.08 -55.88 25.16
N ALA HA 147 -61.33 -56.60 26.00
CA ALA HA 147 -60.44 -57.64 25.49
C ALA HA 147 -61.21 -58.77 24.83
N ALA HA 148 -62.43 -59.05 25.30
CA ALA HA 148 -63.20 -60.13 24.68
C ALA HA 148 -63.39 -59.89 23.19
N LYS HA 149 -63.90 -58.71 22.82
CA LYS HA 149 -64.09 -58.40 21.41
C LYS HA 149 -62.75 -58.24 20.70
N SER HA 150 -61.77 -57.60 21.36
CA SER HA 150 -60.48 -57.37 20.71
C SER HA 150 -59.80 -58.68 20.30
N TYR HA 151 -60.03 -59.75 21.07
CA TYR HA 151 -59.45 -61.04 20.70
C TYR HA 151 -60.38 -61.87 19.82
N ALA HA 152 -61.69 -61.70 19.95
CA ALA HA 152 -62.60 -62.45 19.09
C ALA HA 152 -62.54 -61.95 17.64
N GLU HA 153 -62.13 -60.70 17.45
CA GLU HA 153 -62.06 -60.16 16.09
C GLU HA 153 -61.02 -60.90 15.25
N GLU HA 154 -59.88 -61.24 15.84
CA GLU HA 154 -58.75 -61.74 15.04
C GLU HA 154 -59.08 -63.07 14.37
N ALA HA 155 -59.58 -64.03 15.14
CA ALA HA 155 -59.78 -65.38 14.61
C ALA HA 155 -60.95 -65.47 13.64
N GLY HA 156 -61.76 -64.42 13.51
CA GLY HA 156 -62.94 -64.50 12.70
C GLY HA 156 -64.12 -65.17 13.38
N ILE HA 157 -64.01 -65.45 14.65
CA ILE HA 157 -65.06 -66.12 15.41
C ILE HA 157 -66.02 -65.07 15.95
N ASN HA 158 -67.32 -65.38 15.90
CA ASN HA 158 -68.30 -64.51 16.52
C ASN HA 158 -68.14 -64.57 18.04
N PRO HA 159 -68.12 -63.42 18.72
CA PRO HA 159 -67.97 -63.44 20.19
C PRO HA 159 -69.00 -64.29 20.90
N THR HA 160 -70.25 -64.31 20.43
CA THR HA 160 -71.27 -65.17 21.01
C THR HA 160 -71.12 -66.57 20.43
N ASP HA 161 -70.62 -67.49 21.24
CA ASP HA 161 -70.30 -68.84 20.77
C ASP HA 161 -70.45 -69.81 21.93
N PHE HA 168 -63.11 -68.76 28.35
CA PHE HA 168 -63.05 -67.42 28.93
C PHE HA 168 -63.51 -67.41 30.38
N ASN HA 169 -64.07 -68.52 30.88
CA ASN HA 169 -64.55 -68.69 32.24
C ASN HA 169 -64.02 -70.00 32.83
N ASP HA 170 -62.71 -70.23 32.70
CA ASP HA 170 -62.12 -71.52 33.04
C ASP HA 170 -61.74 -71.65 34.52
N ASN HA 171 -60.97 -70.70 35.05
CA ASN HA 171 -60.46 -70.76 36.41
C ASN HA 171 -60.76 -69.45 37.14
N ILE HA 172 -62.02 -69.03 37.08
CA ILE HA 172 -62.39 -67.72 37.59
C ILE HA 172 -62.12 -67.62 39.09
N THR HA 173 -62.38 -68.71 39.83
CA THR HA 173 -62.20 -68.68 41.28
C THR HA 173 -60.73 -68.48 41.65
N ASP HA 174 -59.83 -69.22 40.99
CA ASP HA 174 -58.42 -69.18 41.33
C ASP HA 174 -57.75 -67.88 40.92
N ARG HA 175 -58.42 -67.04 40.15
CA ARG HA 175 -57.94 -65.69 39.85
C ARG HA 175 -58.58 -64.64 40.74
N ASN HA 176 -59.86 -64.80 41.08
CA ASN HA 176 -60.49 -63.91 42.05
C ASN HA 176 -59.76 -63.96 43.39
N ILE HA 177 -59.39 -65.16 43.83
CA ILE HA 177 -58.73 -65.29 45.13
C ILE HA 177 -57.41 -64.52 45.12
N ALA HA 178 -56.62 -64.69 44.06
CA ALA HA 178 -55.33 -64.02 43.97
C ALA HA 178 -55.50 -62.50 43.97
N ILE HA 179 -56.46 -62.00 43.20
CA ILE HA 179 -56.67 -60.55 43.12
C ILE HA 179 -57.04 -60.00 44.49
N TYR HA 180 -57.97 -60.65 45.18
CA TYR HA 180 -58.43 -60.12 46.45
C TYR HA 180 -57.32 -60.15 47.50
N GLY HA 181 -56.53 -61.21 47.55
CA GLY HA 181 -55.39 -61.23 48.46
C GLY HA 181 -54.41 -60.11 48.16
N SER HA 182 -54.13 -59.88 46.88
CA SER HA 182 -53.19 -58.84 46.49
C SER HA 182 -53.68 -57.47 46.93
N PHE HA 183 -55.00 -57.24 46.87
CA PHE HA 183 -55.53 -55.96 47.30
C PHE HA 183 -55.45 -55.79 48.83
N ASN HA 184 -55.82 -56.85 49.57
CA ASN HA 184 -55.89 -56.74 51.03
C ASN HA 184 -54.51 -56.46 51.62
N LYS HA 185 -53.47 -57.10 51.08
CA LYS HA 185 -52.13 -56.85 51.62
C LYS HA 185 -51.74 -55.37 51.49
N TYR HA 186 -52.01 -54.77 50.33
CA TYR HA 186 -51.66 -53.38 50.11
C TYR HA 186 -52.43 -52.46 51.06
N PHE HA 187 -53.73 -52.74 51.26
CA PHE HA 187 -54.51 -51.92 52.19
C PHE HA 187 -53.90 -51.94 53.58
N SER HA 188 -53.52 -53.12 54.06
CA SER HA 188 -52.92 -53.23 55.39
C SER HA 188 -51.63 -52.43 55.49
N LYS HA 189 -50.78 -52.52 54.46
CA LYS HA 189 -49.53 -51.78 54.50
C LYS HA 189 -49.77 -50.27 54.58
N GLN HA 190 -50.75 -49.78 53.81
CA GLN HA 190 -51.05 -48.35 53.82
C GLN HA 190 -51.49 -47.88 55.21
N SER HA 191 -52.39 -48.65 55.85
CA SER HA 191 -52.85 -48.24 57.17
C SER HA 191 -51.71 -48.19 58.17
N GLU HA 192 -50.82 -49.18 58.14
CA GLU HA 192 -49.69 -49.19 59.07
C GLU HA 192 -48.83 -47.94 58.88
N GLU HA 193 -48.54 -47.57 57.63
CA GLU HA 193 -47.68 -46.41 57.42
C GLU HA 193 -48.34 -45.14 57.93
N THR HA 194 -49.66 -45.03 57.75
CA THR HA 194 -50.36 -43.86 58.29
C THR HA 194 -50.21 -43.77 59.81
N ALA HA 195 -50.34 -44.91 60.49
CA ALA HA 195 -50.14 -44.88 61.95
C ALA HA 195 -48.75 -44.40 62.32
N MET HA 196 -47.74 -44.86 61.58
CA MET HA 196 -46.37 -44.39 61.85
C MET HA 196 -46.25 -42.88 61.66
N LEU HA 197 -46.87 -42.33 60.63
CA LEU HA 197 -46.84 -40.87 60.46
C LEU HA 197 -47.42 -40.16 61.67
N ASN HA 198 -48.56 -40.65 62.16
CA ASN HA 198 -49.23 -39.99 63.29
C ASN HA 198 -48.34 -40.00 64.52
N THR HA 199 -47.71 -41.14 64.81
CA THR HA 199 -46.81 -41.22 65.96
C THR HA 199 -45.62 -40.29 65.79
N ARG HA 200 -45.08 -40.19 64.56
CA ARG HA 200 -43.95 -39.29 64.34
C ARG HA 200 -44.32 -37.85 64.65
N ILE HA 201 -45.50 -37.41 64.19
CA ILE HA 201 -45.93 -36.04 64.48
C ILE HA 201 -46.05 -35.81 65.98
N GLU HA 202 -46.66 -36.77 66.69
CA GLU HA 202 -46.83 -36.59 68.13
C GLU HA 202 -45.48 -36.51 68.85
N MET HA 203 -44.53 -37.36 68.46
CA MET HA 203 -43.21 -37.32 69.10
C MET HA 203 -42.51 -36.00 68.83
N ASN HA 204 -42.58 -35.51 67.59
CA ASN HA 204 -41.95 -34.23 67.28
C ASN HA 204 -42.56 -33.10 68.09
N SER HA 205 -43.89 -33.12 68.25
CA SER HA 205 -44.54 -32.11 69.10
C SER HA 205 -44.04 -32.20 70.54
N PHE HA 206 -43.85 -33.42 71.05
CA PHE HA 206 -43.35 -33.57 72.41
C PHE HA 206 -41.94 -33.01 72.55
N LEU HA 207 -41.11 -33.19 71.53
CA LEU HA 207 -39.68 -32.94 71.66
C LEU HA 207 -39.32 -31.46 71.73
N ASN HA 208 -40.26 -30.54 71.47
CA ASN HA 208 -39.92 -29.13 71.33
C ASN HA 208 -40.10 -28.30 72.60
N ASP HA 209 -40.86 -28.79 73.58
CA ASP HA 209 -41.02 -28.05 74.82
C ASP HA 209 -39.69 -27.96 75.56
N GLY HA 210 -39.36 -26.77 76.05
CA GLY HA 210 -38.06 -26.54 76.64
C GLY HA 210 -37.93 -26.87 78.12
N ASP HA 211 -38.82 -26.30 78.93
CA ASP HA 211 -38.68 -26.46 80.38
C ASP HA 211 -38.88 -27.91 80.80
N LEU HA 212 -39.74 -28.66 80.11
CA LEU HA 212 -39.90 -30.07 80.44
C LEU HA 212 -38.59 -30.83 80.25
N MET HA 213 -37.85 -30.52 79.18
CA MET HA 213 -36.53 -31.10 79.01
C MET HA 213 -35.58 -30.64 80.10
N ARG HA 214 -35.60 -29.34 80.42
CA ARG HA 214 -34.70 -28.84 81.46
C ARG HA 214 -35.12 -29.30 82.85
N SER HA 215 -36.40 -29.63 83.03
CA SER HA 215 -36.88 -30.11 84.33
C SER HA 215 -36.29 -31.48 84.62
N PRO HA 216 -36.08 -31.81 85.90
CA PRO HA 216 -35.44 -33.08 86.25
C PRO HA 216 -36.36 -34.28 86.13
N GLU HA 217 -37.51 -34.13 85.48
CA GLU HA 217 -38.43 -35.24 85.23
C GLU HA 217 -38.75 -35.27 83.74
N SER HA 218 -37.89 -35.95 82.98
CA SER HA 218 -38.03 -36.02 81.53
C SER HA 218 -38.13 -37.45 81.00
N GLY HA 219 -37.22 -38.33 81.42
CA GLY HA 219 -37.21 -39.68 80.89
C GLY HA 219 -38.44 -40.49 81.27
N LYS HA 220 -38.94 -40.27 82.50
CA LYS HA 220 -40.08 -41.04 82.97
C LYS HA 220 -41.31 -40.80 82.10
N THR HA 221 -41.52 -39.56 81.67
CA THR HA 221 -42.64 -39.26 80.79
C THR HA 221 -42.51 -40.00 79.46
N PHE HA 222 -41.30 -40.04 78.89
CA PHE HA 222 -41.10 -40.75 77.64
C PHE HA 222 -41.38 -42.24 77.81
N MET HA 223 -40.90 -42.84 78.90
CA MET HA 223 -41.14 -44.25 79.12
C MET HA 223 -42.63 -44.55 79.30
N ALA HA 224 -43.33 -43.69 80.04
CA ALA HA 224 -44.76 -43.88 80.23
C ALA HA 224 -45.50 -43.78 78.90
N TYR HA 225 -45.12 -42.80 78.07
CA TYR HA 225 -45.73 -42.67 76.75
C TYR HA 225 -45.51 -43.92 75.91
N LEU HA 226 -44.28 -44.44 75.92
CA LEU HA 226 -43.98 -45.62 75.12
C LEU HA 226 -44.77 -46.83 75.59
N ARG HA 227 -44.83 -47.04 76.91
CA ARG HA 227 -45.57 -48.19 77.43
C ARG HA 227 -47.06 -48.09 77.13
N ASP HA 228 -47.63 -46.90 77.30
CA ASP HA 228 -49.04 -46.72 76.97
C ASP HA 228 -49.31 -46.96 75.50
N GLY HA 229 -48.41 -46.49 74.63
CA GLY HA 229 -48.58 -46.74 73.21
C GLY HA 229 -48.53 -48.21 72.87
N LEU HA 230 -47.58 -48.94 73.45
CA LEU HA 230 -47.45 -50.36 73.15
C LEU HA 230 -48.65 -51.16 73.64
N THR HA 231 -49.17 -50.84 74.82
CA THR HA 231 -50.20 -51.67 75.45
C THR HA 231 -51.62 -51.38 74.97
N THR HA 232 -51.80 -50.75 73.81
CA THR HA 232 -53.12 -50.47 73.26
C THR HA 232 -53.15 -50.74 71.77
N ALA HA 233 -52.56 -51.85 71.34
CA ALA HA 233 -52.29 -52.10 69.94
C ALA HA 233 -51.46 -50.95 69.37
N ALA HA 234 -52.12 -49.98 68.73
CA ALA HA 234 -51.45 -48.77 68.28
C ALA HA 234 -50.21 -49.07 67.46
N ILE HA 235 -49.05 -49.05 68.10
CA ILE HA 235 -47.80 -49.42 67.46
C ILE HA 235 -47.88 -50.90 67.09
N PRO HA 236 -47.73 -51.26 65.82
CA PRO HA 236 -47.98 -52.64 65.40
C PRO HA 236 -47.11 -53.69 66.09
N SER HA 237 -45.79 -53.57 65.95
CA SER HA 237 -44.90 -54.61 66.45
C SER HA 237 -43.79 -54.02 67.30
N ASP HA 238 -42.81 -54.83 67.66
CA ASP HA 238 -41.68 -54.37 68.44
C ASP HA 238 -40.53 -53.85 67.59
N GLN HA 239 -40.50 -54.20 66.31
CA GLN HA 239 -39.50 -53.62 65.41
C GLN HA 239 -39.67 -52.12 65.33
N ARG HA 240 -40.90 -51.65 65.21
CA ARG HA 240 -41.17 -50.22 65.18
C ARG HA 240 -40.74 -49.55 66.48
N ALA HA 241 -40.97 -50.20 67.62
CA ALA HA 241 -40.53 -49.64 68.89
C ALA HA 241 -39.01 -49.52 68.94
N ARG HA 242 -38.29 -50.55 68.48
CA ARG HA 242 -36.85 -50.46 68.43
C ARG HA 242 -36.39 -49.31 67.54
N GLU HA 243 -37.05 -49.15 66.39
CA GLU HA 243 -36.68 -48.09 65.47
C GLU HA 243 -36.88 -46.71 66.09
N VAL HA 244 -38.02 -46.50 66.75
CA VAL HA 244 -38.30 -45.18 67.31
C VAL HA 244 -37.35 -44.89 68.49
N ILE HA 245 -37.05 -45.91 69.29
CA ILE HA 245 -36.10 -45.72 70.38
C ILE HA 245 -34.74 -45.34 69.83
N THR HA 246 -34.31 -45.99 68.75
CA THR HA 246 -33.01 -45.66 68.18
C THR HA 246 -33.00 -44.27 67.57
N GLN HA 247 -34.12 -43.82 67.00
CA GLN HA 247 -34.13 -42.51 66.34
C GLN HA 247 -34.20 -41.36 67.33
N THR HA 248 -34.91 -41.53 68.45
CA THR HA 248 -35.08 -40.42 69.38
C THR HA 248 -33.75 -39.93 69.94
N VAL HA 249 -32.82 -40.84 70.18
CA VAL HA 249 -31.49 -40.45 70.66
C VAL HA 249 -30.81 -39.53 69.66
N ARG HA 250 -30.90 -39.86 68.38
CA ARG HA 250 -30.30 -39.02 67.35
C ARG HA 250 -31.00 -37.67 67.24
N ASP HA 251 -32.33 -37.65 67.41
CA ASP HA 251 -33.04 -36.37 67.35
C ASP HA 251 -32.64 -35.46 68.51
N ALA HA 252 -32.52 -36.00 69.71
CA ALA HA 252 -32.28 -35.15 70.87
C ALA HA 252 -30.83 -34.73 70.99
N ILE HA 253 -30.27 -34.20 69.90
CA ILE HA 253 -28.92 -33.68 69.89
C ILE HA 253 -28.84 -32.24 69.40
N GLN HA 254 -29.76 -31.79 68.56
CA GLN HA 254 -29.80 -30.41 68.11
C GLN HA 254 -30.73 -29.55 68.95
N LYS HA 255 -31.34 -30.12 69.97
CA LYS HA 255 -32.27 -29.39 70.81
C LYS HA 255 -31.53 -28.60 71.88
N SER HA 256 -32.26 -27.69 72.55
CA SER HA 256 -31.68 -26.83 73.56
C SER HA 256 -31.15 -27.64 74.73
N GLY HA 257 -32.04 -28.31 75.46
CA GLY HA 257 -31.62 -29.18 76.54
C GLY HA 257 -31.77 -30.64 76.20
N GLY HA 258 -30.66 -31.31 75.88
CA GLY HA 258 -30.71 -32.71 75.54
C GLY HA 258 -29.78 -33.57 76.38
N SER HA 259 -28.69 -32.95 76.87
CA SER HA 259 -27.75 -33.71 77.68
C SER HA 259 -28.39 -34.20 78.95
N ASN HA 260 -29.23 -33.39 79.58
CA ASN HA 260 -29.94 -33.83 80.78
C ASN HA 260 -30.84 -35.02 80.47
N PHE HA 261 -31.59 -34.94 79.37
CA PHE HA 261 -32.50 -36.02 79.00
C PHE HA 261 -31.73 -37.31 78.76
N LEU HA 262 -30.62 -37.21 78.03
CA LEU HA 262 -29.80 -38.40 77.77
C LEU HA 262 -29.24 -38.98 79.06
N GLN HA 263 -28.83 -38.11 79.98
CA GLN HA 263 -28.25 -38.60 81.23
C GLN HA 263 -29.29 -39.27 82.11
N GLN HA 264 -30.55 -38.83 82.07
CA GLN HA 264 -31.56 -39.47 82.89
C GLN HA 264 -32.25 -40.65 82.22
N VAL HA 265 -32.11 -40.83 80.91
CA VAL HA 265 -32.84 -41.90 80.24
C VAL HA 265 -31.94 -43.13 80.16
N ARG HA 266 -30.79 -43.08 80.84
CA ARG HA 266 -29.80 -44.13 80.70
C ARG HA 266 -30.30 -45.47 81.23
N GLY HA 267 -30.85 -45.48 82.44
CA GLY HA 267 -31.13 -46.73 83.12
C GLY HA 267 -32.58 -47.15 83.12
N GLU HA 268 -33.27 -46.93 82.01
CA GLU HA 268 -34.66 -47.34 81.87
C GLU HA 268 -34.72 -48.77 81.35
N ARG HA 269 -35.51 -49.61 81.99
CA ARG HA 269 -35.56 -51.03 81.68
C ARG HA 269 -36.88 -51.36 80.98
N ILE HA 270 -36.79 -52.11 79.88
CA ILE HA 270 -37.96 -52.49 79.10
C ILE HA 270 -37.71 -53.87 78.50
N THR HA 271 -38.78 -54.65 78.37
CA THR HA 271 -38.71 -55.98 77.79
C THR HA 271 -39.18 -55.95 76.35
N LEU HA 272 -38.39 -56.50 75.45
CA LEU HA 272 -38.73 -56.54 74.02
C LEU HA 272 -38.34 -57.90 73.46
N ASN HA 273 -39.32 -58.62 72.93
CA ASN HA 273 -39.10 -59.92 72.31
C ASN HA 273 -38.40 -60.89 73.26
N GLY HA 274 -38.82 -60.88 74.53
CA GLY HA 274 -38.31 -61.79 75.53
C GLY HA 274 -37.13 -61.32 76.34
N VAL HA 275 -36.19 -60.62 75.73
CA VAL HA 275 -34.99 -60.17 76.42
C VAL HA 275 -35.28 -58.91 77.22
N ASP HA 276 -34.59 -58.75 78.35
CA ASP HA 276 -34.70 -57.57 79.19
C ASP HA 276 -33.38 -56.82 79.12
N ALA HA 277 -33.43 -55.55 78.73
CA ALA HA 277 -32.21 -54.77 78.61
C ALA HA 277 -32.54 -53.30 78.80
N THR HA 278 -31.50 -52.53 79.10
CA THR HA 278 -31.62 -51.10 79.29
C THR HA 278 -31.56 -50.39 77.93
N VAL HA 279 -31.84 -49.09 77.93
CA VAL HA 279 -31.85 -48.32 76.69
C VAL HA 279 -30.47 -48.18 76.08
N GLU HA 280 -29.41 -48.32 76.86
CA GLU HA 280 -28.06 -48.25 76.30
C GLU HA 280 -27.64 -49.56 75.64
N GLU HA 281 -28.19 -50.70 76.08
CA GLU HA 281 -27.83 -51.97 75.45
C GLU HA 281 -28.38 -52.08 74.05
N ILE HA 282 -29.54 -51.47 73.79
CA ILE HA 282 -30.09 -51.41 72.44
C ILE HA 282 -29.21 -50.58 71.51
N VAL HA 283 -28.38 -49.69 72.05
CA VAL HA 283 -27.58 -48.80 71.23
C VAL HA 283 -26.11 -49.19 71.31
N GLY HA 284 -25.53 -49.13 72.52
CA GLY HA 284 -24.17 -49.58 72.74
C GLY HA 284 -23.17 -48.46 72.93
N ASN HA 289 -21.90 -42.64 74.23
CA ASN HA 289 -20.83 -41.70 74.52
C ASN HA 289 -20.65 -40.71 73.37
N ALA HA 290 -20.72 -41.19 72.13
CA ALA HA 290 -20.67 -40.30 70.99
C ALA HA 290 -21.89 -39.41 70.89
N ALA HA 291 -22.97 -39.73 71.62
CA ALA HA 291 -24.13 -38.86 71.61
C ALA HA 291 -24.06 -37.75 72.65
N ILE HA 292 -23.41 -37.98 73.80
CA ILE HA 292 -23.41 -36.98 74.86
C ILE HA 292 -22.57 -35.74 74.50
N VAL HA 293 -21.39 -35.96 73.91
CA VAL HA 293 -20.44 -34.88 73.70
C VAL HA 293 -21.02 -33.85 72.74
N GLU HA 294 -21.81 -34.31 71.76
CA GLU HA 294 -22.46 -33.39 70.84
C GLU HA 294 -23.40 -32.46 71.59
N ALA HA 295 -24.17 -33.00 72.54
CA ALA HA 295 -25.06 -32.16 73.34
C ALA HA 295 -24.27 -31.11 74.10
N GLN HA 296 -23.09 -31.48 74.63
CA GLN HA 296 -22.28 -30.47 75.31
C GLN HA 296 -21.80 -29.37 74.35
N GLY HA 297 -21.37 -29.76 73.15
CA GLY HA 297 -20.96 -28.77 72.17
C GLY HA 297 -22.08 -27.81 71.80
N THR HA 298 -23.32 -28.29 71.82
CA THR HA 298 -24.45 -27.44 71.52
C THR HA 298 -24.51 -26.23 72.47
N GLU HA 299 -24.23 -26.45 73.76
CA GLU HA 299 -24.22 -25.33 74.70
C GLU HA 299 -22.98 -24.46 74.50
N TYR HA 300 -21.84 -25.08 74.19
CA TYR HA 300 -20.64 -24.29 73.95
C TYR HA 300 -20.88 -23.26 72.85
N LYS HA 301 -21.66 -23.62 71.83
CA LYS HA 301 -21.92 -22.70 70.72
C LYS HA 301 -22.61 -21.43 71.21
N LEU HA 302 -23.65 -21.57 72.03
CA LEU HA 302 -24.36 -20.39 72.54
C LEU HA 302 -23.45 -19.54 73.41
N VAL HA 303 -22.61 -20.16 74.23
CA VAL HA 303 -21.71 -19.35 75.06
C VAL HA 303 -20.81 -18.50 74.18
N ALA HA 304 -20.24 -19.11 73.13
CA ALA HA 304 -19.36 -18.35 72.24
C ALA HA 304 -20.10 -17.21 71.55
N LYS HA 305 -21.33 -17.46 71.11
CA LYS HA 305 -22.08 -16.41 70.42
C LYS HA 305 -22.36 -15.23 71.35
N TYR HA 306 -22.71 -15.53 72.61
CA TYR HA 306 -22.95 -14.43 73.56
C TYR HA 306 -21.68 -13.60 73.75
N GLN HA 307 -20.54 -14.26 73.88
CA GLN HA 307 -19.27 -13.53 74.01
C GLN HA 307 -19.07 -12.58 72.84
N GLU HA 308 -19.23 -13.11 71.62
CA GLU HA 308 -18.97 -12.30 70.43
C GLU HA 308 -19.92 -11.11 70.33
N ASP HA 309 -21.21 -11.33 70.63
CA ASP HA 309 -22.17 -10.24 70.53
C ASP HA 309 -21.85 -9.13 71.53
N LEU HA 310 -21.49 -9.51 72.76
CA LEU HA 310 -21.16 -8.48 73.74
C LEU HA 310 -19.94 -7.68 73.30
N ALA HA 311 -18.93 -8.35 72.75
CA ALA HA 311 -17.76 -7.63 72.27
C ALA HA 311 -18.13 -6.64 71.17
N LEU HA 312 -18.98 -7.07 70.24
CA LEU HA 312 -19.40 -6.18 69.15
C LEU HA 312 -20.10 -4.94 69.69
N GLY HA 313 -21.04 -5.12 70.62
CA GLY HA 313 -21.75 -3.98 71.17
C GLY HA 313 -20.84 -3.01 71.90
N VAL HA 314 -19.93 -3.53 72.71
CA VAL HA 314 -19.01 -2.66 73.44
C VAL HA 314 -18.14 -1.88 72.46
N GLN HA 315 -17.63 -2.53 71.41
CA GLN HA 315 -16.77 -1.84 70.47
C GLN HA 315 -17.54 -0.76 69.71
N SER HA 316 -18.79 -1.04 69.34
CA SER HA 316 -19.56 -0.07 68.56
C SER HA 316 -19.98 1.14 69.38
N ALA HA 317 -20.31 0.96 70.66
CA ALA HA 317 -20.82 2.07 71.44
C ALA HA 317 -19.74 3.05 71.89
N ILE HA 318 -18.54 3.00 71.32
CA ILE HA 318 -17.48 3.91 71.71
C ILE HA 318 -17.07 4.86 70.60
N LEU HA 319 -17.50 4.64 69.36
CA LEU HA 319 -17.22 5.53 68.24
C LEU HA 319 -18.37 6.47 67.94
N GLN HA 320 -19.37 6.54 68.81
CA GLN HA 320 -20.49 7.44 68.58
C GLN HA 320 -20.03 8.89 68.60
N ASP HA 321 -20.68 9.71 67.80
CA ASP HA 321 -20.29 11.12 67.69
C ASP HA 321 -20.68 11.91 68.93
N ASP HA 322 -21.82 11.58 69.53
CA ASP HA 322 -22.30 12.28 70.72
C ASP HA 322 -21.94 11.46 71.95
N PRO HA 323 -21.01 11.92 72.79
CA PRO HA 323 -20.64 11.12 73.97
C PRO HA 323 -21.78 10.93 74.96
N THR HA 324 -22.82 11.76 74.90
CA THR HA 324 -23.96 11.61 75.79
C THR HA 324 -24.81 10.38 75.47
N ILE HA 325 -24.70 9.83 74.26
CA ILE HA 325 -25.49 8.66 73.91
C ILE HA 325 -24.79 7.36 74.30
N GLY HA 326 -23.48 7.26 74.08
CA GLY HA 326 -22.79 6.01 74.35
C GLY HA 326 -22.82 5.62 75.81
N LEU HA 327 -22.91 6.61 76.70
CA LEU HA 327 -22.94 6.32 78.13
C LEU HA 327 -24.14 5.46 78.50
N ALA HA 328 -25.31 5.77 77.93
CA ALA HA 328 -26.50 5.01 78.24
C ALA HA 328 -26.37 3.55 77.79
N GLN HA 329 -25.82 3.34 76.59
CA GLN HA 329 -25.67 1.99 76.08
C GLN HA 329 -24.69 1.18 76.92
N ILE HA 330 -23.56 1.79 77.30
CA ILE HA 330 -22.61 1.09 78.17
C ILE HA 330 -23.25 0.76 79.50
N GLN HA 331 -24.03 1.68 80.07
CA GLN HA 331 -24.67 1.40 81.34
C GLN HA 331 -25.66 0.24 81.23
N LYS HA 332 -26.43 0.19 80.15
CA LYS HA 332 -27.37 -0.91 79.96
C LYS HA 332 -26.64 -2.24 79.84
N LEU HA 333 -25.55 -2.28 79.07
CA LEU HA 333 -24.79 -3.52 78.94
C LEU HA 333 -24.22 -3.95 80.28
N LYS HA 334 -23.71 -3.00 81.07
CA LYS HA 334 -23.18 -3.33 82.38
C LYS HA 334 -24.24 -3.94 83.29
N GLU HA 335 -25.43 -3.35 83.30
CA GLU HA 335 -26.51 -3.89 84.12
C GLU HA 335 -26.89 -5.29 83.68
N GLN HA 336 -27.00 -5.51 82.36
CA GLN HA 336 -27.35 -6.84 81.88
C GLN HA 336 -26.30 -7.86 82.29
N ASN HA 337 -25.03 -7.53 82.12
CA ASN HA 337 -23.97 -8.48 82.46
C ASN HA 337 -23.97 -8.79 83.95
N ASN HA 338 -24.18 -7.79 84.80
CA ASN HA 338 -24.24 -8.05 86.22
C ASN HA 338 -25.46 -8.88 86.60
N LEU HA 339 -26.54 -8.81 85.83
CA LEU HA 339 -27.72 -9.60 86.16
C LEU HA 339 -27.48 -11.10 86.00
N LEU HA 340 -26.75 -11.50 84.96
CA LEU HA 340 -26.61 -12.92 84.64
C LEU HA 340 -25.78 -13.68 85.66
N GLN HA 341 -24.94 -13.00 86.43
CA GLN HA 341 -24.03 -13.62 87.40
C GLN HA 341 -23.21 -14.70 86.69
N PRO HA 342 -22.25 -14.31 85.86
CA PRO HA 342 -21.51 -15.29 85.07
C PRO HA 342 -20.42 -15.97 85.88
N GLY HA 343 -19.96 -17.10 85.33
CA GLY HA 343 -18.86 -17.83 85.93
C GLY HA 343 -17.52 -17.24 85.55
N GLU HA 344 -16.46 -17.93 85.97
CA GLU HA 344 -15.09 -17.46 85.72
C GLU HA 344 -14.62 -17.91 84.33
N GLU HA 345 -15.42 -17.52 83.34
CA GLU HA 345 -15.07 -17.66 81.93
C GLU HA 345 -15.34 -16.41 81.13
N LEU HA 346 -15.96 -15.39 81.73
CA LEU HA 346 -16.22 -14.12 81.07
C LEU HA 346 -15.53 -12.97 81.82
N THR HA 347 -14.43 -13.28 82.51
CA THR HA 347 -13.67 -12.26 83.21
C THR HA 347 -12.94 -11.31 82.26
N PRO HA 348 -12.41 -11.76 81.11
CA PRO HA 348 -11.83 -10.79 80.17
C PRO HA 348 -12.83 -9.82 79.56
N GLN HA 349 -14.11 -9.89 79.94
CA GLN HA 349 -15.10 -8.92 79.50
C GLN HA 349 -15.33 -7.80 80.52
N ARG HA 350 -15.31 -8.14 81.82
CA ARG HA 350 -15.58 -7.15 82.84
C ARG HA 350 -14.55 -6.02 82.81
N GLN HA 351 -13.28 -6.36 82.65
CA GLN HA 351 -12.24 -5.35 82.62
C GLN HA 351 -12.43 -4.39 81.45
N MET HA 352 -12.73 -4.93 80.26
CA MET HA 352 -12.89 -4.05 79.11
C MET HA 352 -14.12 -3.18 79.27
N LEU HA 353 -15.19 -3.71 79.87
CA LEU HA 353 -16.37 -2.89 80.11
C LEU HA 353 -16.04 -1.73 81.05
N ILE HA 354 -15.30 -2.01 82.12
CA ILE HA 354 -14.93 -0.96 83.08
C ILE HA 354 -14.07 0.11 82.40
N ASN HA 355 -13.08 -0.33 81.61
CA ASN HA 355 -12.21 0.64 80.94
C ASN HA 355 -13.00 1.50 79.96
N ALA HA 356 -13.92 0.89 79.22
CA ALA HA 356 -14.75 1.67 78.31
C ALA HA 356 -15.55 2.72 79.04
N GLU HA 357 -16.13 2.36 80.18
CA GLU HA 357 -16.93 3.33 80.92
C GLU HA 357 -16.06 4.49 81.42
N ALA HA 358 -14.86 4.21 81.91
CA ALA HA 358 -13.98 5.28 82.35
C ALA HA 358 -13.63 6.23 81.21
N SER HA 359 -13.30 5.67 80.04
CA SER HA 359 -12.96 6.52 78.89
C SER HA 359 -14.14 7.39 78.49
N LEU HA 360 -15.35 6.82 78.49
CA LEU HA 360 -16.52 7.60 78.13
C LEU HA 360 -16.73 8.76 79.10
N LEU HA 361 -16.54 8.51 80.39
CA LEU HA 361 -16.67 9.59 81.36
C LEU HA 361 -15.68 10.72 81.07
N GLU HA 362 -14.43 10.37 80.78
CA GLU HA 362 -13.44 11.42 80.49
C GLU HA 362 -13.83 12.23 79.25
N ALA HA 363 -14.29 11.55 78.20
CA ALA HA 363 -14.67 12.28 76.99
C ALA HA 363 -15.83 13.23 77.26
N VAL HA 364 -16.84 12.77 78.00
CA VAL HA 364 -17.96 13.64 78.34
C VAL HA 364 -17.47 14.85 79.13
N LYS HA 365 -16.47 14.64 79.99
CA LYS HA 365 -15.92 15.77 80.74
C LYS HA 365 -15.28 16.79 79.82
N ARG HA 366 -14.49 16.35 78.83
CA ARG HA 366 -13.73 17.28 78.01
C ARG HA 366 -14.57 18.04 76.98
N LYS HA 367 -15.70 17.46 76.55
CA LYS HA 367 -16.49 18.08 75.50
C LYS HA 367 -16.89 19.52 75.83
N SER HA 368 -17.12 19.83 77.10
CA SER HA 368 -17.60 21.15 77.47
C SER HA 368 -16.59 22.24 77.14
N ALA HA 369 -15.34 22.07 77.58
CA ALA HA 369 -14.32 23.06 77.26
C ALA HA 369 -14.06 23.13 75.76
N GLU HA 370 -14.08 21.97 75.08
CA GLU HA 370 -13.89 22.00 73.63
C GLU HA 370 -14.94 22.87 72.96
N GLN HA 371 -16.20 22.70 73.34
CA GLN HA 371 -17.23 23.52 72.72
C GLN HA 371 -17.16 24.98 73.18
N ALA HA 372 -16.60 25.25 74.36
CA ALA HA 372 -16.41 26.63 74.75
C ALA HA 372 -15.49 27.36 73.78
N LYS HA 373 -14.36 26.73 73.44
CA LYS HA 373 -13.48 27.35 72.44
C LYS HA 373 -14.17 27.45 71.08
N GLU HA 374 -14.93 26.42 70.70
CA GLU HA 374 -15.66 26.46 69.44
C GLU HA 374 -16.62 27.64 69.39
N ASN HA 375 -17.28 27.93 70.52
CA ASN HA 375 -18.14 29.10 70.60
C ASN HA 375 -17.35 30.39 70.44
N THR HA 376 -16.18 30.47 71.08
CA THR HA 376 -15.43 31.72 71.07
C THR HA 376 -14.99 32.11 69.66
N LYS HA 377 -14.54 31.14 68.85
CA LYS HA 377 -13.94 31.50 67.56
C LYS HA 377 -14.91 32.21 66.59
N LEU HA 378 -16.22 32.02 66.77
CA LEU HA 378 -17.17 32.44 65.75
C LEU HA 378 -17.18 33.94 65.55
N ILE HA 379 -17.16 34.71 66.63
CA ILE HA 379 -17.18 36.17 66.49
C ILE HA 379 -15.85 36.66 65.92
N GLN HA 380 -14.74 36.04 66.33
CA GLN HA 380 -13.43 36.52 65.91
C GLN HA 380 -13.19 36.33 64.42
N THR HA 381 -13.87 35.37 63.78
CA THR HA 381 -13.61 35.17 62.35
C THR HA 381 -13.92 36.44 61.53
N GLN HA 382 -14.97 37.18 61.90
CA GLN HA 382 -15.34 38.36 61.11
C GLN HA 382 -14.34 39.48 61.27
N ASN HA 383 -13.90 39.74 62.50
CA ASN HA 383 -12.87 40.74 62.72
C ASN HA 383 -11.57 40.35 62.04
N LYS HA 384 -11.32 39.04 61.90
CA LYS HA 384 -10.16 38.63 61.12
C LYS HA 384 -10.35 38.93 59.64
N GLN HA 385 -11.58 38.81 59.13
CA GLN HA 385 -11.81 39.04 57.71
C GLN HA 385 -11.75 40.52 57.33
N LEU HA 386 -12.18 41.42 58.23
CA LEU HA 386 -12.24 42.83 57.85
C LEU HA 386 -10.87 43.41 57.50
N VAL HA 387 -9.85 43.07 58.29
CA VAL HA 387 -8.52 43.63 58.04
C VAL HA 387 -7.96 43.11 56.70
N ILE HA 388 -8.15 41.82 56.43
CA ILE HA 388 -7.71 41.27 55.14
C ILE HA 388 -8.40 41.97 54.00
N ASP HA 389 -9.69 42.29 54.16
CA ASP HA 389 -10.40 43.02 53.12
C ASP HA 389 -9.83 44.43 52.94
N GLN HA 390 -9.51 45.10 54.04
CA GLN HA 390 -8.99 46.47 53.95
C GLN HA 390 -7.64 46.51 53.25
N VAL HA 391 -6.81 45.49 53.46
CA VAL HA 391 -5.52 45.45 52.78
C VAL HA 391 -5.70 45.46 51.26
N TYR HA 392 -6.61 44.63 50.75
CA TYR HA 392 -6.83 44.59 49.31
C TYR HA 392 -7.54 45.84 48.81
N GLN HA 393 -8.43 46.42 49.60
CA GLN HA 393 -9.06 47.67 49.19
C GLN HA 393 -8.02 48.78 49.03
N ARG HA 394 -7.03 48.81 49.92
CA ARG HA 394 -5.93 49.76 49.76
C ARG HA 394 -5.07 49.44 48.55
N ARG HA 395 -4.72 48.16 48.37
CA ARG HA 395 -3.83 47.79 47.28
C ARG HA 395 -4.47 48.00 45.92
N LEU HA 396 -5.80 47.95 45.84
CA LEU HA 396 -6.48 48.06 44.56
C LEU HA 396 -6.31 49.44 43.93
N ALA HA 397 -5.94 50.45 44.71
CA ALA HA 397 -5.84 51.82 44.23
C ALA HA 397 -4.42 52.24 43.87
N GLY HA 398 -3.50 51.27 43.76
CA GLY HA 398 -2.14 51.60 43.37
C GLY HA 398 -1.21 51.85 44.53
N ASP HA 399 -1.12 50.89 45.45
CA ASP HA 399 -0.30 51.03 46.64
C ASP HA 399 0.23 49.67 47.05
N ASN HA 400 1.54 49.57 47.23
CA ASN HA 400 2.16 48.33 47.70
C ASN HA 400 1.90 48.14 49.19
N VAL HA 401 1.43 46.95 49.56
CA VAL HA 401 1.05 46.71 50.95
C VAL HA 401 1.72 45.42 51.46
N SER HA 402 2.34 44.66 50.57
CA SER HA 402 3.12 43.48 50.99
C SER HA 402 2.24 42.48 51.74
N THR HA 403 1.34 41.82 51.02
CA THR HA 403 0.21 41.11 51.59
C THR HA 403 0.55 39.73 52.18
N ASN HA 404 1.80 39.42 52.50
CA ASN HA 404 2.11 38.17 53.17
C ASN HA 404 1.58 38.20 54.61
N TYR HA 405 1.05 37.06 55.06
CA TYR HA 405 0.33 36.97 56.32
C TYR HA 405 1.23 37.03 57.54
N GLU HA 406 2.55 37.07 57.35
CA GLU HA 406 3.45 37.03 58.49
C GLU HA 406 3.32 38.26 59.37
N ASP HA 407 3.15 39.44 58.76
CA ASP HA 407 3.22 40.73 59.47
C ASP HA 407 1.98 41.58 59.21
N LEU HA 408 1.00 41.46 60.09
CA LEU HA 408 -0.23 42.21 60.05
C LEU HA 408 -0.55 42.79 61.43
N PRO HA 409 -1.39 43.83 61.50
CA PRO HA 409 -1.68 44.45 62.80
C PRO HA 409 -2.55 43.57 63.68
N VAL HA 410 -1.94 42.59 64.35
CA VAL HA 410 -2.68 41.71 65.22
C VAL HA 410 -3.17 42.50 66.44
N SER HA 411 -4.35 42.14 66.93
CA SER HA 411 -4.96 42.79 68.08
C SER HA 411 -5.60 41.72 68.95
N GLU HA 412 -6.29 42.16 69.99
CA GLU HA 412 -6.93 41.21 70.91
C GLU HA 412 -8.19 40.59 70.31
N ALA HA 413 -8.93 41.35 69.51
CA ALA HA 413 -10.18 40.84 68.96
C ALA HA 413 -9.95 39.74 67.93
N THR HA 414 -8.82 39.80 67.20
CA THR HA 414 -8.60 38.84 66.13
C THR HA 414 -8.04 37.53 66.66
N GLY HA 415 -6.83 37.56 67.23
CA GLY HA 415 -6.18 36.35 67.70
C GLY HA 415 -4.86 36.08 67.02
N GLU HA 416 -4.78 35.01 66.24
CA GLU HA 416 -3.57 34.63 65.54
C GLU HA 416 -3.89 34.32 64.08
N PHE HA 417 -2.85 34.38 63.24
CA PHE HA 417 -2.99 34.24 61.80
C PHE HA 417 -2.23 33.01 61.32
N LYS HA 418 -2.84 32.29 60.38
CA LYS HA 418 -2.26 31.11 59.76
C LYS HA 418 -2.39 31.23 58.24
N ARG HA 419 -1.85 30.26 57.51
CA ARG HA 419 -1.88 30.32 56.06
C ARG HA 419 -3.27 30.05 55.49
N SER HA 420 -4.12 29.33 56.22
CA SER HA 420 -5.43 29.00 55.69
C SER HA 420 -6.37 30.20 55.61
N ASP HA 421 -6.06 31.29 56.33
CA ASP HA 421 -6.95 32.44 56.34
C ASP HA 421 -7.03 33.11 54.98
N MET HA 422 -5.91 33.20 54.26
CA MET HA 422 -5.91 33.75 52.91
C MET HA 422 -6.87 32.95 52.02
N ASN HA 423 -6.77 31.63 52.08
CA ASN HA 423 -7.58 30.77 51.23
C ASN HA 423 -9.04 30.75 51.65
N ASN HA 424 -9.35 31.06 52.92
CA ASN HA 424 -10.76 31.25 53.27
C ASN HA 424 -11.28 32.59 52.76
N TYR HA 425 -10.47 33.64 52.89
CA TYR HA 425 -10.91 34.96 52.45
C TYR HA 425 -11.17 34.99 50.95
N ALA HA 426 -10.32 34.32 50.17
CA ALA HA 426 -10.53 34.30 48.73
C ALA HA 426 -11.92 33.76 48.39
N SER HA 427 -12.27 32.60 48.92
CA SER HA 427 -13.57 32.00 48.63
C SER HA 427 -14.71 32.85 49.18
N ALA HA 428 -14.55 33.40 50.38
CA ALA HA 428 -15.62 34.22 50.95
C ALA HA 428 -15.89 35.44 50.09
N LYS HA 429 -14.83 36.13 49.64
CA LYS HA 429 -15.01 37.30 48.79
C LYS HA 429 -15.65 36.92 47.46
N LEU HA 430 -15.19 35.83 46.84
CA LEU HA 430 -15.73 35.45 45.55
C LEU HA 430 -17.21 35.09 45.66
N GLN HA 431 -17.61 34.43 46.74
CA GLN HA 431 -19.02 34.13 46.93
C GLN HA 431 -19.83 35.35 47.35
N GLN HA 432 -19.18 36.35 47.96
CA GLN HA 432 -19.90 37.55 48.34
C GLN HA 432 -20.21 38.44 47.13
N ILE HA 433 -19.27 38.53 46.19
CA ILE HA 433 -19.44 39.41 45.03
C ILE HA 433 -20.67 39.01 44.22
N ASP HA 434 -20.94 37.71 44.13
CA ASP HA 434 -22.03 37.19 43.30
C ASP HA 434 -23.38 37.23 44.00
N GLN HA 435 -23.55 38.10 45.00
CA GLN HA 435 -24.81 38.16 45.73
C GLN HA 435 -25.31 39.59 45.92
N MET HA 436 -24.71 40.57 45.25
CA MET HA 436 -25.11 41.96 45.44
C MET HA 436 -26.36 42.30 44.64
N ASP HA 437 -26.65 43.58 44.50
CA ASP HA 437 -27.84 44.08 43.82
C ASP HA 437 -27.47 45.00 42.66
N ILE HA 438 -26.51 44.58 41.84
CA ILE HA 438 -25.98 45.42 40.77
C ILE HA 438 -26.13 44.67 39.45
N PRO HA 439 -26.10 45.38 38.33
CA PRO HA 439 -26.27 44.71 37.03
C PRO HA 439 -25.18 43.68 36.74
N GLU HA 440 -25.41 42.91 35.69
CA GLU HA 440 -24.65 41.70 35.43
C GLU HA 440 -23.18 41.99 35.13
N ALA HA 441 -22.90 43.04 34.36
CA ALA HA 441 -21.53 43.26 33.89
C ALA HA 441 -20.61 43.72 35.02
N ALA HA 442 -21.14 44.44 36.01
CA ALA HA 442 -20.29 44.94 37.09
C ALA HA 442 -19.72 43.80 37.92
N LYS HA 443 -20.53 42.77 38.19
CA LYS HA 443 -20.04 41.62 38.94
C LYS HA 443 -18.86 40.97 38.25
N ASP HA 444 -18.93 40.85 36.92
CA ASP HA 444 -17.85 40.23 36.15
C ASP HA 444 -16.64 41.15 36.01
N ALA HA 445 -16.86 42.47 36.03
CA ALA HA 445 -15.72 43.38 35.98
C ALA HA 445 -14.94 43.36 37.28
N GLN HA 446 -15.65 43.23 38.40
CA GLN HA 446 -14.99 43.29 39.71
C GLN HA 446 -14.02 42.13 39.90
N LYS HA 447 -14.39 40.93 39.49
CA LYS HA 447 -13.52 39.78 39.67
C LYS HA 447 -12.23 39.92 38.89
N VAL HA 448 -12.32 40.37 37.64
CA VAL HA 448 -11.12 40.57 36.83
C VAL HA 448 -10.26 41.67 37.43
N ALA HA 449 -10.89 42.75 37.92
CA ALA HA 449 -10.12 43.80 38.57
C ALA HA 449 -9.35 43.27 39.76
N LEU HA 450 -10.00 42.42 40.58
CA LEU HA 450 -9.32 41.85 41.74
C LEU HA 450 -8.17 40.94 41.32
N LEU HA 451 -8.38 40.12 40.30
CA LEU HA 451 -7.34 39.19 39.87
C LEU HA 451 -6.13 39.94 39.32
N ARG HA 452 -6.37 41.04 38.60
CA ARG HA 452 -5.28 41.75 37.95
C ARG HA 452 -4.35 42.46 38.92
N ALA HA 453 -4.71 42.54 40.21
CA ALA HA 453 -3.96 43.32 41.18
C ALA HA 453 -3.37 42.50 42.31
N ASP HA 454 -3.02 41.23 42.07
CA ASP HA 454 -2.38 40.41 43.08
C ASP HA 454 -0.89 40.30 42.82
N THR HA 455 -0.22 39.51 43.65
CA THR HA 455 1.17 39.14 43.42
C THR HA 455 1.18 37.88 42.56
N ASN HA 456 2.34 37.23 42.45
CA ASN HA 456 2.43 35.96 41.75
C ASN HA 456 2.11 34.78 42.65
N ASN HA 457 1.75 35.03 43.91
CA ASN HA 457 1.35 33.97 44.82
C ASN HA 457 0.13 34.38 45.64
N GLY HA 458 -0.73 35.21 45.08
CA GLY HA 458 -1.93 35.63 45.77
C GLY HA 458 -2.97 34.54 45.78
N PRO HA 459 -3.90 34.60 46.75
CA PRO HA 459 -4.90 33.53 46.88
C PRO HA 459 -5.95 33.50 45.78
N PHE HA 460 -5.93 34.42 44.81
CA PHE HA 460 -6.92 34.41 43.73
C PHE HA 460 -6.44 33.68 42.49
N ARG HA 461 -5.14 33.78 42.18
CA ARG HA 461 -4.62 33.11 40.99
C ARG HA 461 -4.79 31.61 41.08
N ASN HA 462 -4.59 31.04 42.28
CA ASN HA 462 -4.78 29.60 42.46
C ASN HA 462 -6.22 29.19 42.16
N ALA HA 463 -7.18 29.95 42.67
CA ALA HA 463 -8.58 29.62 42.44
C ALA HA 463 -8.91 29.67 40.95
N PHE HA 464 -8.44 30.70 40.26
CA PHE HA 464 -8.73 30.77 38.84
C PHE HA 464 -8.05 29.65 38.06
N GLN HA 465 -6.85 29.25 38.48
CA GLN HA 465 -6.18 28.12 37.83
C GLN HA 465 -7.00 26.84 37.96
N THR HA 466 -7.48 26.56 39.18
CA THR HA 466 -8.29 25.38 39.39
C THR HA 466 -9.54 25.42 38.54
N LEU HA 467 -10.20 26.58 38.47
CA LEU HA 467 -11.41 26.71 37.66
C LEU HA 467 -11.12 26.43 36.19
N THR HA 468 -10.01 26.93 35.68
CA THR HA 468 -9.68 26.73 34.27
C THR HA 468 -9.46 25.24 33.96
N GLN HA 469 -8.73 24.55 34.85
CA GLN HA 469 -8.50 23.12 34.62
C GLN HA 469 -9.81 22.33 34.65
N ASP HA 470 -10.70 22.67 35.58
CA ASP HA 470 -12.00 22.00 35.62
C ASP HA 470 -12.78 22.22 34.33
N ALA HA 471 -12.74 23.45 33.80
CA ALA HA 471 -13.44 23.72 32.54
C ALA HA 471 -12.89 22.87 31.40
N ALA HA 472 -11.56 22.73 31.33
CA ALA HA 472 -10.98 21.89 30.28
C ALA HA 472 -11.46 20.45 30.40
N GLY HA 473 -11.49 19.91 31.63
CA GLY HA 473 -12.00 18.57 31.82
C GLY HA 473 -13.45 18.42 31.37
N GLU HA 474 -14.27 19.41 31.68
CA GLU HA 474 -15.67 19.35 31.24
C GLU HA 474 -15.79 19.32 29.73
N TRP HA 475 -14.97 20.12 29.03
CA TRP HA 475 -15.02 20.10 27.57
C TRP HA 475 -14.64 18.73 27.03
N GLN HA 476 -13.59 18.12 27.58
CA GLN HA 476 -13.19 16.79 27.10
C GLN HA 476 -14.30 15.76 27.32
N ALA HA 477 -14.97 15.83 28.48
CA ALA HA 477 -16.09 14.93 28.71
C ALA HA 477 -17.19 15.14 27.67
N ALA HA 478 -17.48 16.40 27.35
CA ALA HA 478 -18.52 16.68 26.37
C ALA HA 478 -18.17 16.09 25.01
N VAL HA 479 -16.91 16.19 24.60
CA VAL HA 479 -16.50 15.60 23.33
C VAL HA 479 -16.69 14.07 23.37
N ILE HA 480 -16.24 13.44 24.45
CA ILE HA 480 -16.31 11.97 24.51
C ILE HA 480 -17.76 11.48 24.47
N ARG HA 481 -18.62 12.10 25.27
CA ARG HA 481 -20.02 11.66 25.31
C ARG HA 481 -20.71 11.91 23.97
N GLY HA 482 -20.45 13.05 23.35
CA GLY HA 482 -21.01 13.35 22.04
C GLY HA 482 -22.31 14.13 22.08
N GLN HA 483 -22.41 15.10 22.98
CA GLN HA 483 -23.61 15.91 23.15
C GLN HA 483 -23.28 17.08 24.05
N TYR HA 484 -24.09 18.14 23.95
CA TYR HA 484 -23.98 19.30 24.83
C TYR HA 484 -25.20 19.32 25.75
N ASP HA 485 -24.98 19.08 27.04
CA ASP HA 485 -26.05 19.10 28.03
C ASP HA 485 -25.83 20.24 29.00
N PRO HA 486 -26.72 21.23 29.05
CA PRO HA 486 -26.48 22.39 29.94
C PRO HA 486 -26.44 22.04 31.41
N ASP HA 487 -27.01 20.91 31.82
CA ASP HA 487 -27.03 20.55 33.24
C ASP HA 487 -25.65 20.15 33.73
N LYS HA 488 -24.92 19.35 32.96
CA LYS HA 488 -23.60 18.91 33.40
C LYS HA 488 -22.56 20.01 33.26
N MET HA 489 -22.70 20.87 32.26
CA MET HA 489 -21.72 21.91 31.96
C MET HA 489 -22.07 23.17 32.74
N GLN HA 490 -21.54 23.28 33.96
CA GLN HA 490 -21.79 24.44 34.80
C GLN HA 490 -20.55 25.23 35.15
N ARG HA 491 -19.40 24.59 35.27
CA ARG HA 491 -18.15 25.31 35.46
C ARG HA 491 -17.51 25.74 34.15
N PHE HA 492 -17.99 25.21 33.02
CA PHE HA 492 -17.57 25.67 31.72
C PHE HA 492 -18.24 26.98 31.34
N GLU HA 493 -19.46 27.21 31.80
CA GLU HA 493 -20.26 28.37 31.41
C GLU HA 493 -20.15 29.51 32.41
N SER HA 494 -19.31 29.39 33.43
CA SER HA 494 -19.06 30.49 34.35
C SER HA 494 -17.76 31.22 34.05
N LEU HA 495 -16.76 30.52 33.54
CA LEU HA 495 -15.53 31.18 33.10
C LEU HA 495 -15.77 32.03 31.86
N ARG HA 496 -16.74 31.63 31.03
CA ARG HA 496 -17.01 32.35 29.80
C ARG HA 496 -17.46 33.77 30.08
N ARG HA 497 -18.29 33.94 31.10
CA ARG HA 497 -18.82 35.27 31.42
C ARG HA 497 -17.74 36.23 31.91
N ALA HA 498 -16.64 35.71 32.44
CA ALA HA 498 -15.55 36.54 32.93
C ALA HA 498 -14.38 36.63 31.96
N TYR HA 499 -14.34 35.78 30.94
CA TYR HA 499 -13.31 35.89 29.92
C TYR HA 499 -13.58 37.05 28.97
N THR HA 500 -14.83 37.46 28.84
CA THR HA 500 -15.18 38.49 27.87
C THR HA 500 -14.62 39.85 28.25
N GLN HA 501 -14.69 40.21 29.54
CA GLN HA 501 -14.32 41.56 29.97
C GLN HA 501 -12.84 41.86 29.86
N ASP HA 502 -11.99 40.84 29.73
CA ASP HA 502 -10.56 41.07 29.57
C ASP HA 502 -9.89 39.87 28.95
N PRO HA 503 -9.82 39.79 27.62
CA PRO HA 503 -9.29 38.60 26.96
C PRO HA 503 -7.78 38.58 26.74
N SER HA 504 -7.06 39.63 27.09
CA SER HA 504 -5.62 39.65 26.85
C SER HA 504 -4.80 39.17 28.02
N SER HA 505 -5.30 39.29 29.25
CA SER HA 505 -4.57 38.81 30.42
C SER HA 505 -4.66 37.30 30.55
N PHE HA 506 -5.81 36.73 30.23
CA PHE HA 506 -5.98 35.28 30.30
C PHE HA 506 -5.02 34.57 29.36
N ALA HA 507 -4.82 35.13 28.16
CA ALA HA 507 -3.95 34.52 27.17
C ALA HA 507 -2.48 34.58 27.55
N ALA HA 508 -2.11 35.41 28.52
CA ALA HA 508 -0.73 35.52 28.97
C ALA HA 508 -0.47 34.82 30.30
N LEU HA 509 -1.47 34.75 31.18
CA LEU HA 509 -1.25 34.12 32.47
C LEU HA 509 -1.19 32.60 32.38
N TYR HA 510 -2.07 32.00 31.57
CA TYR HA 510 -2.20 30.55 31.47
C TYR HA 510 -2.07 30.13 30.02
N PRO HA 511 -0.85 30.14 29.47
CA PRO HA 511 -0.64 29.87 28.04
C PRO HA 511 -0.35 28.39 27.74
N ASP HA 512 -1.22 27.51 28.21
CA ASP HA 512 -1.07 26.08 27.94
C ASP HA 512 -2.37 25.42 27.51
N GLN HA 513 -3.47 26.14 27.53
CA GLN HA 513 -4.78 25.62 27.13
C GLN HA 513 -5.53 26.68 26.33
N ALA HA 514 -4.82 27.30 25.37
CA ALA HA 514 -5.38 28.36 24.56
C ALA HA 514 -6.44 27.87 23.58
N GLN HA 515 -6.60 26.56 23.40
CA GLN HA 515 -7.65 26.07 22.53
C GLN HA 515 -9.03 26.39 23.08
N LEU HA 516 -9.15 26.46 24.41
CA LEU HA 516 -10.43 26.82 25.02
C LEU HA 516 -10.83 28.24 24.67
N PHE HA 517 -9.85 29.15 24.61
CA PHE HA 517 -10.15 30.53 24.25
C PHE HA 517 -10.60 30.63 22.79
N SER HA 518 -9.99 29.82 21.92
CA SER HA 518 -10.46 29.73 20.54
C SER HA 518 -11.89 29.21 20.49
N THR HA 519 -12.24 28.24 21.34
CA THR HA 519 -13.62 27.80 21.40
C THR HA 519 -14.55 28.91 21.88
N PHE HA 520 -14.11 29.68 22.87
CA PHE HA 520 -14.96 30.73 23.44
C PHE HA 520 -15.24 31.84 22.43
N ASP HA 521 -14.23 32.20 21.63
CA ASP HA 521 -14.33 33.40 20.81
C ASP HA 521 -15.47 33.32 19.80
N GLN HA 522 -15.60 32.19 19.11
CA GLN HA 522 -16.59 32.03 18.05
C GLN HA 522 -18.00 31.82 18.57
N MET HA 523 -18.17 31.40 19.82
CA MET HA 523 -19.52 31.29 20.37
C MET HA 523 -20.15 32.64 20.62
N ASP HA 524 -19.34 33.71 20.65
CA ASP HA 524 -19.83 35.04 20.98
C ASP HA 524 -19.63 36.08 19.89
N LYS HA 525 -18.61 35.94 19.04
CA LYS HA 525 -18.37 36.94 18.00
C LYS HA 525 -19.06 36.56 16.68
N ILE HA 526 -18.90 35.31 16.25
CA ILE HA 526 -19.49 34.91 14.96
C ILE HA 526 -20.96 34.55 15.15
N GLY HA 527 -21.24 33.55 15.99
CA GLY HA 527 -22.61 33.13 16.20
C GLY HA 527 -22.84 31.63 16.11
N LEU HA 528 -21.76 30.85 16.12
CA LEU HA 528 -21.91 29.41 16.09
C LEU HA 528 -22.54 28.88 17.37
N ASP HA 529 -23.37 27.86 17.22
CA ASP HA 529 -23.91 27.10 18.34
C ASP HA 529 -22.98 25.95 18.68
N PRO HA 530 -22.96 25.47 19.93
CA PRO HA 530 -21.93 24.51 20.33
C PRO HA 530 -22.08 23.13 19.72
N GLN HA 531 -23.31 22.74 19.36
CA GLN HA 531 -23.54 21.39 18.90
C GLN HA 531 -22.77 21.07 17.61
N THR HA 532 -22.73 22.02 16.68
CA THR HA 532 -22.05 21.77 15.41
C THR HA 532 -20.55 21.59 15.61
N MET HA 533 -19.95 22.41 16.48
CA MET HA 533 -18.50 22.26 16.70
C MET HA 533 -18.20 21.04 17.56
N ILE HA 534 -19.18 20.58 18.34
CA ILE HA 534 -19.04 19.29 19.01
C ILE HA 534 -18.97 18.18 17.96
N GLU HA 535 -19.89 18.21 17.00
CA GLU HA 535 -19.91 17.18 15.96
C GLU HA 535 -18.68 17.24 15.06
N ALA HA 536 -18.15 18.43 14.80
CA ALA HA 536 -16.99 18.56 13.92
C ALA HA 536 -15.72 17.94 14.52
N ASP HA 537 -15.58 17.94 15.85
CA ASP HA 537 -14.44 17.28 16.47
C ASP HA 537 -14.61 15.77 16.46
N LYS HA 538 -15.82 15.29 16.76
CA LYS HA 538 -16.07 13.86 16.77
C LYS HA 538 -15.91 13.25 15.39
N GLN HA 539 -16.34 13.96 14.35
CA GLN HA 539 -16.21 13.43 12.99
C GLN HA 539 -14.76 13.32 12.57
N ALA HA 540 -13.90 14.21 13.04
CA ALA HA 540 -12.50 14.24 12.63
C ALA HA 540 -11.61 13.37 13.49
N ALA HA 541 -12.20 12.62 14.44
CA ALA HA 541 -11.40 11.75 15.29
C ALA HA 541 -10.76 10.62 14.47
N SER HA 542 -11.50 10.08 13.51
CA SER HA 542 -11.03 8.93 12.74
C SER HA 542 -9.76 9.24 11.96
N GLN HA 543 -9.77 10.32 11.19
CA GLN HA 543 -8.67 10.66 10.30
C GLN HA 543 -7.88 11.82 10.88
N SER HA 544 -6.56 11.66 10.95
CA SER HA 544 -5.65 12.70 11.36
C SER HA 544 -4.83 13.13 10.15
N ARG HA 545 -4.85 14.44 9.86
CA ARG HA 545 -4.13 14.94 8.70
C ARG HA 545 -2.64 14.69 8.84
N GLU HA 546 -2.00 15.33 9.83
CA GLU HA 546 -0.58 15.17 10.13
C GLU HA 546 0.29 15.03 8.89
N MET HA 547 0.05 15.85 7.88
CA MET HA 547 0.92 15.84 6.71
C MET HA 547 2.24 16.51 7.05
N ARG HA 548 3.03 15.85 7.90
CA ARG HA 548 4.24 16.43 8.46
C ARG HA 548 3.89 17.76 9.13
N MET HA 549 4.15 18.86 8.43
CA MET HA 549 3.67 20.18 8.83
C MET HA 549 4.12 20.53 10.25
N GLU HA 550 3.26 20.27 11.24
CA GLU HA 550 3.53 20.66 12.62
C GLU HA 550 4.88 20.16 13.08
N SER HA 551 5.78 21.10 13.35
CA SER HA 551 7.15 20.82 13.77
C SER HA 551 7.75 22.16 14.19
N ASP HA 552 9.05 22.14 14.48
CA ASP HA 552 9.77 23.38 14.77
C ASP HA 552 10.34 24.02 13.51
N LYS HA 553 10.23 23.35 12.37
CA LYS HA 553 10.71 23.86 11.09
C LYS HA 553 9.64 24.62 10.33
N ALA HA 554 8.43 24.09 10.25
CA ALA HA 554 7.36 24.77 9.53
C ALA HA 554 7.01 26.10 10.17
N TRP HA 555 7.07 26.19 11.50
CA TRP HA 555 6.72 27.44 12.17
C TRP HA 555 7.65 28.58 11.77
N GLN HA 556 8.96 28.33 11.73
CA GLN HA 556 9.91 29.39 11.43
C GLN HA 556 9.77 29.86 9.98
N GLU HA 557 9.74 28.93 9.04
CA GLU HA 557 9.59 29.32 7.63
C GLU HA 557 8.21 29.88 7.32
N LEU HA 558 7.25 29.77 8.22
CA LEU HA 558 5.98 30.46 8.07
C LEU HA 558 6.01 31.83 8.72
N LYS HA 559 6.82 32.02 9.73
CA LYS HA 559 6.90 33.29 10.45
C LYS HA 559 7.94 34.25 9.87
N ASN HA 560 8.65 33.86 8.81
CA ASN HA 560 9.64 34.74 8.21
C ASN HA 560 9.31 35.04 6.75
N ASP HA 561 8.05 35.36 6.47
CA ASP HA 561 7.61 35.72 5.14
C ASP HA 561 6.99 37.11 5.17
N SER HA 562 7.38 37.96 4.23
CA SER HA 562 6.82 39.30 4.16
C SER HA 562 5.34 39.29 3.79
N ARG HA 563 4.84 38.18 3.25
CA ARG HA 563 3.43 38.12 2.86
C ARG HA 563 2.53 38.23 4.09
N ASN HA 564 2.89 37.57 5.18
CA ASN HA 564 2.10 37.57 6.41
C ASN HA 564 2.51 38.81 7.21
N LYS HA 565 1.75 39.89 7.04
CA LYS HA 565 2.13 41.15 7.66
C LYS HA 565 1.94 41.13 9.17
N ASP HA 566 0.96 40.38 9.68
CA ASP HA 566 0.70 40.36 11.11
C ASP HA 566 1.52 39.33 11.87
N LEU HA 567 1.73 38.15 11.28
CA LEU HA 567 2.53 37.14 11.96
C LEU HA 567 4.01 37.48 11.98
N SER HA 568 4.48 38.34 11.08
CA SER HA 568 5.90 38.67 11.04
C SER HA 568 6.33 39.35 12.33
N ARG HA 569 5.54 40.30 12.82
CA ARG HA 569 5.80 40.95 14.10
C ARG HA 569 4.95 40.31 15.18
N LEU HA 570 5.56 40.02 16.31
CA LEU HA 570 4.85 39.31 17.36
C LEU HA 570 5.56 39.53 18.70
N PRO HA 571 4.85 39.97 19.73
CA PRO HA 571 5.47 40.06 21.05
C PRO HA 571 5.95 38.69 21.51
N THR HA 572 7.10 38.66 22.17
CA THR HA 572 7.65 37.37 22.59
C THR HA 572 6.78 36.70 23.66
N SER HA 573 5.81 37.41 24.21
CA SER HA 573 4.92 36.86 25.22
C SER HA 573 3.66 36.23 24.64
N LEU HA 574 3.53 36.19 23.31
CA LEU HA 574 2.33 35.64 22.69
C LEU HA 574 2.64 34.51 21.72
N ASP HA 575 3.87 34.02 21.67
CA ASP HA 575 4.19 32.89 20.80
C ASP HA 575 3.53 31.61 21.27
N ALA HA 576 3.36 31.43 22.58
CA ALA HA 576 2.89 30.16 23.10
C ALA HA 576 1.47 29.84 22.62
N SER HA 577 0.58 30.83 22.63
CA SER HA 577 -0.82 30.58 22.29
C SER HA 577 -1.10 30.64 20.79
N ALA HA 578 -0.32 31.42 20.04
CA ALA HA 578 -0.56 31.51 18.60
C ALA HA 578 -0.37 30.16 17.93
N ARG HA 579 0.68 29.43 18.31
CA ARG HA 579 0.90 28.09 17.77
C ARG HA 579 -0.28 27.19 18.06
N LYS HA 580 -0.82 27.25 19.28
CA LYS HA 580 -1.90 26.36 19.64
C LYS HA 580 -3.18 26.70 18.90
N VAL HA 581 -3.46 27.99 18.69
CA VAL HA 581 -4.63 28.36 17.89
C VAL HA 581 -4.47 27.88 16.46
N TRP HA 582 -3.28 28.05 15.88
CA TRP HA 582 -3.04 27.59 14.52
C TRP HA 582 -3.24 26.09 14.41
N ASP HA 583 -2.69 25.33 15.35
CA ASP HA 583 -2.81 23.89 15.33
C ASP HA 583 -4.27 23.46 15.47
N SER HA 584 -5.01 24.09 16.36
CA SER HA 584 -6.41 23.74 16.53
C SER HA 584 -7.20 23.97 15.26
N TRP HA 585 -6.98 25.10 14.59
CA TRP HA 585 -7.75 25.36 13.37
C TRP HA 585 -7.37 24.40 12.25
N TYR HA 586 -6.07 24.12 12.09
CA TYR HA 586 -5.63 23.16 11.08
C TYR HA 586 -6.21 21.78 11.33
N TYR HA 587 -6.25 21.35 12.59
CA TYR HA 587 -6.86 20.06 12.92
C TYR HA 587 -8.36 20.08 12.61
N ARG HA 588 -9.05 21.16 12.98
CA ARG HA 588 -10.49 21.20 12.86
C ARG HA 588 -10.96 21.28 11.41
N THR HA 589 -10.14 21.83 10.52
CA THR HA 589 -10.50 21.93 9.10
C THR HA 589 -9.40 21.26 8.28
N GLY HA 590 -9.41 21.50 6.97
CA GLY HA 590 -8.41 20.91 6.12
C GLY HA 590 -7.47 21.90 5.48
N ASN HA 591 -7.90 23.15 5.37
CA ASN HA 591 -7.11 24.16 4.67
C ASN HA 591 -5.82 24.45 5.42
N ALA HA 592 -4.73 24.61 4.68
CA ALA HA 592 -3.50 25.13 5.24
C ALA HA 592 -3.36 26.63 5.03
N ASP HA 593 -4.36 27.27 4.41
CA ASP HA 593 -4.35 28.69 4.18
C ASP HA 593 -5.58 29.40 4.72
N ALA HA 594 -6.56 28.67 5.25
CA ALA HA 594 -7.59 29.24 6.09
C ALA HA 594 -7.24 29.18 7.57
N ALA HA 595 -6.13 28.53 7.91
CA ALA HA 595 -5.64 28.53 9.28
C ALA HA 595 -4.63 29.63 9.55
N THR HA 596 -4.06 30.23 8.50
CA THR HA 596 -3.16 31.36 8.64
C THR HA 596 -3.90 32.69 8.70
N GLN HA 597 -5.22 32.69 8.47
CA GLN HA 597 -6.01 33.90 8.47
C GLN HA 597 -6.78 34.12 9.77
N GLN HA 598 -7.36 33.06 10.33
CA GLN HA 598 -8.05 33.20 11.61
C GLN HA 598 -7.07 33.56 12.72
N THR HA 599 -5.85 33.02 12.67
CA THR HA 599 -4.83 33.42 13.62
C THR HA 599 -4.54 34.91 13.54
N GLN HA 600 -4.43 35.43 12.32
CA GLN HA 600 -4.19 36.86 12.16
C GLN HA 600 -5.36 37.68 12.68
N ARG HA 601 -6.58 37.21 12.47
CA ARG HA 601 -7.74 37.94 12.98
C ARG HA 601 -7.72 38.00 14.50
N TRP HA 602 -7.47 36.87 15.16
CA TRP HA 602 -7.39 36.84 16.62
C TRP HA 602 -6.30 37.77 17.13
N LEU HA 603 -5.11 37.66 16.53
CA LEU HA 603 -3.99 38.48 16.96
C LEU HA 603 -4.28 39.97 16.79
N ASN HA 604 -4.82 40.35 15.64
CA ASN HA 604 -5.11 41.75 15.37
C ASN HA 604 -6.29 42.27 16.19
N GLU HA 605 -7.13 41.39 16.71
CA GLU HA 605 -8.18 41.80 17.62
C GLU HA 605 -7.74 41.84 19.07
N ASN HA 606 -6.57 41.31 19.40
CA ASN HA 606 -6.09 41.39 20.78
C ASN HA 606 -5.02 42.45 21.03
N THR HA 607 -4.52 43.13 20.00
CA THR HA 607 -3.36 43.99 20.16
C THR HA 607 -3.59 45.35 19.52
N VAL HA 608 -2.57 46.21 19.58
CA VAL HA 608 -2.62 47.59 19.12
C VAL HA 608 -1.37 47.90 18.33
N THR HA 609 -1.51 48.64 17.23
CA THR HA 609 -0.43 48.93 16.31
C THR HA 609 -0.20 50.44 16.20
N PHE HA 610 1.07 50.83 16.08
CA PHE HA 610 1.47 52.23 15.91
C PHE HA 610 2.09 52.41 14.53
N GLN HA 611 2.00 53.62 14.00
CA GLN HA 611 2.50 53.91 12.66
C GLN HA 611 3.28 55.22 12.64
N SER HA 612 4.17 55.33 11.66
CA SER HA 612 5.02 56.50 11.49
C SER HA 612 4.26 57.64 10.80
N GLU HA 613 4.85 58.83 10.89
CA GLU HA 613 4.19 60.06 10.45
C GLU HA 613 4.40 60.39 8.99
N GLY HA 614 5.27 59.67 8.28
CA GLY HA 614 5.49 59.92 6.87
C GLY HA 614 4.31 59.45 6.04
N SER HA 615 4.42 59.68 4.74
CA SER HA 615 3.39 59.21 3.82
C SER HA 615 3.26 57.70 3.89
N ASP HA 616 4.40 57.00 3.82
CA ASP HA 616 4.40 55.55 3.97
C ASP HA 616 4.05 55.15 5.40
N GLY HA 617 3.29 54.06 5.53
CA GLY HA 617 2.73 53.69 6.81
C GLY HA 617 3.26 52.40 7.41
N LYS HA 618 4.58 52.20 7.32
CA LYS HA 618 5.18 51.02 7.94
C LYS HA 618 4.96 51.04 9.44
N SER HA 619 4.56 49.90 9.99
CA SER HA 619 4.33 49.80 11.42
C SER HA 619 5.66 49.80 12.17
N ILE HA 620 5.65 50.35 13.37
CA ILE HA 620 6.87 50.47 14.17
C ILE HA 620 6.68 49.90 15.56
N GLY HA 621 5.61 49.15 15.79
CA GLY HA 621 5.42 48.58 17.11
C GLY HA 621 4.17 47.74 17.19
N MET HA 622 4.05 47.05 18.32
CA MET HA 622 2.90 46.20 18.62
C MET HA 622 2.91 45.87 20.11
N VAL HA 623 1.81 46.13 20.81
CA VAL HA 623 1.69 45.90 22.24
C VAL HA 623 0.36 45.22 22.50
N SER HA 624 0.05 44.98 23.79
CA SER HA 624 -1.13 44.24 24.18
C SER HA 624 -2.08 45.14 24.97
N LYS HA 625 -3.37 44.85 24.89
CA LYS HA 625 -4.37 45.69 25.56
C LYS HA 625 -4.57 45.32 27.01
N HIS HA 626 -3.51 45.12 27.79
CA HIS HA 626 -3.61 45.24 29.23
C HIS HA 626 -2.39 45.91 29.82
N GLN HA 627 -1.36 46.14 29.02
CA GLN HA 627 -0.24 46.98 29.42
C GLN HA 627 -0.55 48.46 29.27
N LEU HA 628 -1.76 48.79 28.81
CA LEU HA 628 -2.16 50.17 28.59
C LEU HA 628 -3.36 50.61 29.42
N MET HA 629 -4.02 49.71 30.13
CA MET HA 629 -5.18 50.10 30.93
C MET HA 629 -4.77 51.04 32.05
N VAL HA 630 -5.69 51.92 32.43
CA VAL HA 630 -5.40 52.97 33.40
C VAL HA 630 -6.24 52.79 34.66
N GLY HA 631 -7.44 52.23 34.50
CA GLY HA 631 -8.32 52.03 35.64
C GLY HA 631 -8.99 50.67 35.62
N ASP HA 632 -10.18 50.57 36.19
CA ASP HA 632 -10.96 49.34 36.16
C ASP HA 632 -12.06 49.34 35.12
N ASN HA 633 -12.31 50.48 34.48
CA ASN HA 633 -13.29 50.54 33.41
C ASN HA 633 -12.74 49.75 32.22
N PRO HA 634 -13.48 48.76 31.70
CA PRO HA 634 -12.89 47.88 30.67
C PRO HA 634 -12.73 48.53 29.30
N GLU HA 635 -12.90 49.84 29.23
CA GLU HA 635 -12.69 50.59 28.00
C GLU HA 635 -11.71 51.73 28.24
N SER HA 636 -10.72 51.49 29.10
CA SER HA 636 -9.76 52.52 29.49
C SER HA 636 -8.44 52.41 28.76
N TRP HA 637 -8.33 51.55 27.75
CA TRP HA 637 -7.08 51.38 27.03
C TRP HA 637 -6.87 52.43 25.95
N GLN HA 638 -7.83 53.33 25.74
CA GLN HA 638 -7.75 54.33 24.70
C GLN HA 638 -7.07 55.60 25.16
N VAL HA 639 -6.58 55.65 26.39
CA VAL HA 639 -5.87 56.81 26.91
C VAL HA 639 -4.36 56.62 26.84
N GLY HA 640 -3.88 55.42 27.13
CA GLY HA 640 -2.45 55.16 27.03
C GLY HA 640 -1.94 55.34 25.61
N ARG HA 641 -2.75 54.98 24.62
CA ARG HA 641 -2.37 55.17 23.23
C ARG HA 641 -2.12 56.64 22.92
N ASP HA 642 -3.03 57.52 23.37
CA ASP HA 642 -2.87 58.94 23.14
C ASP HA 642 -1.65 59.49 23.89
N ILE HA 643 -1.43 59.02 25.12
CA ILE HA 643 -0.27 59.49 25.86
C ILE HA 643 1.02 59.10 25.16
N ILE HA 644 1.10 57.86 24.66
CA ILE HA 644 2.30 57.40 23.97
C ILE HA 644 2.52 58.19 22.68
N ASP HA 645 1.45 58.44 21.91
CA ASP HA 645 1.59 59.21 20.68
C ASP HA 645 2.11 60.60 20.97
N THR HA 646 1.55 61.28 21.97
CA THR HA 646 2.02 62.61 22.33
C THR HA 646 3.47 62.58 22.78
N ALA HA 647 3.85 61.57 23.56
CA ALA HA 647 5.23 61.47 24.03
C ALA HA 647 6.20 61.32 22.86
N ARG HA 648 5.87 60.45 21.91
CA ARG HA 648 6.76 60.26 20.76
C ARG HA 648 6.89 61.53 19.95
N LYS HA 649 5.76 62.21 19.69
CA LYS HA 649 5.81 63.41 18.86
C LYS HA 649 6.54 64.54 19.55
N GLN HA 650 6.43 64.64 20.88
CA GLN HA 650 7.17 65.68 21.60
C GLN HA 650 8.62 65.32 21.83
N LEU HA 651 8.98 64.04 21.72
CA LEU HA 651 10.37 63.64 21.91
C LEU HA 651 11.19 63.71 20.62
N ILE HA 652 10.57 63.48 19.47
CA ILE HA 652 11.30 63.66 18.22
C ILE HA 652 11.73 65.10 18.05
N LYS HA 653 10.85 66.05 18.37
CA LYS HA 653 11.15 67.47 18.18
C LYS HA 653 12.24 67.97 19.12
N ALA HA 654 12.45 67.31 20.27
CA ALA HA 654 13.47 67.78 21.20
C ALA HA 654 14.87 67.51 20.67
N ASN HA 655 15.06 66.37 20.01
CA ASN HA 655 16.36 65.98 19.45
C ASN HA 655 16.24 65.87 17.94
N PRO HA 656 16.76 66.85 17.19
CA PRO HA 656 16.58 66.82 15.74
C PRO HA 656 17.62 65.95 15.02
N TRP HA 657 17.87 64.76 15.55
CA TRP HA 657 18.66 63.76 14.83
C TRP HA 657 18.12 62.36 15.01
N VAL HA 658 16.99 62.17 15.69
CA VAL HA 658 16.44 60.85 15.89
C VAL HA 658 15.93 60.25 14.59
N VAL HA 659 15.57 61.09 13.61
CA VAL HA 659 15.04 60.58 12.35
C VAL HA 659 16.06 59.75 11.58
N ASN HA 660 17.35 59.88 11.90
CA ASN HA 660 18.40 59.13 11.24
C ASN HA 660 18.59 57.74 11.82
N SER HA 661 17.89 57.41 12.90
CA SER HA 661 17.85 56.05 13.43
C SER HA 661 16.40 55.63 13.55
N GLN HA 662 16.11 54.53 14.24
CA GLN HA 662 14.77 53.98 14.28
C GLN HA 662 14.22 54.13 15.69
N LEU HA 663 13.21 54.99 15.84
CA LEU HA 663 12.44 55.06 17.08
C LEU HA 663 11.32 54.04 17.01
N SER HA 664 11.18 53.21 18.05
CA SER HA 664 10.19 52.14 18.04
C SER HA 664 9.55 52.02 19.42
N VAL HA 665 8.55 51.16 19.51
CA VAL HA 665 7.82 50.89 20.74
C VAL HA 665 7.89 49.39 20.97
N VAL HA 666 8.82 48.96 21.83
CA VAL HA 666 9.12 47.55 22.02
C VAL HA 666 8.50 47.06 23.31
N GLU HA 667 7.83 45.92 23.26
CA GLU HA 667 7.31 45.26 24.44
C GLU HA 667 8.31 44.19 24.88
N SER HA 671 7.24 44.99 30.15
CA SER HA 671 6.98 46.42 30.14
C SER HA 671 7.09 46.95 28.71
N ILE HA 672 6.82 48.24 28.56
CA ILE HA 672 6.81 48.90 27.27
C ILE HA 672 7.88 49.99 27.28
N PHE HA 673 8.75 49.99 26.28
CA PHE HA 673 9.90 50.87 26.24
C PHE HA 673 9.90 51.69 24.95
N LEU HA 674 10.64 52.80 25.00
CA LEU HA 674 10.96 53.61 23.83
C LEU HA 674 12.48 53.68 23.72
N GLN HA 675 13.01 53.28 22.57
CA GLN HA 675 14.45 53.16 22.44
C GLN HA 675 14.88 53.36 20.99
N ASP HA 676 16.14 53.74 20.83
CA ASP HA 676 16.74 53.96 19.52
C ASP HA 676 17.40 52.68 19.03
N ALA HA 677 18.20 52.79 17.97
CA ALA HA 677 19.11 51.75 17.56
C ALA HA 677 20.52 51.97 18.09
N THR HA 678 20.73 53.02 18.90
CA THR HA 678 22.02 53.31 19.48
C THR HA 678 22.07 53.03 20.97
N GLY HA 679 20.94 52.75 21.60
CA GLY HA 679 20.93 52.45 23.02
C GLY HA 679 21.08 53.64 23.94
N THR HA 680 21.07 54.86 23.39
CA THR HA 680 21.25 56.03 24.23
C THR HA 680 19.95 56.48 24.88
N ILE HA 681 18.86 56.51 24.13
CA ILE HA 681 17.57 56.98 24.61
C ILE HA 681 16.75 55.76 25.04
N ARG HA 682 16.38 55.71 26.32
CA ARG HA 682 15.54 54.64 26.84
C ARG HA 682 14.55 55.21 27.84
N ILE HA 683 13.28 54.91 27.64
CA ILE HA 683 12.19 55.40 28.49
C ILE HA 683 11.33 54.21 28.90
N ARG HA 684 10.68 54.33 30.05
CA ARG HA 684 9.80 53.29 30.56
C ARG HA 684 8.44 53.88 30.88
N TYR HA 685 7.39 53.06 30.73
CA TYR HA 685 6.01 53.50 30.91
C TYR HA 685 5.46 52.87 32.19
N ASP HA 686 5.11 53.71 33.16
CA ASP HA 686 4.65 53.27 34.47
C ASP HA 686 3.16 53.57 34.61
N LYS HA 687 2.38 52.55 34.96
CA LYS HA 687 0.93 52.71 35.00
C LYS HA 687 0.47 53.53 36.20
N GLU HA 688 1.07 53.27 37.37
CA GLU HA 688 0.58 53.89 38.60
C GLU HA 688 0.75 55.40 38.57
N LEU HA 689 1.90 55.88 38.08
CA LEU HA 689 2.13 57.33 38.01
C LEU HA 689 1.12 57.99 37.08
N VAL HA 690 0.85 57.36 35.94
CA VAL HA 690 -0.11 57.90 34.99
C VAL HA 690 -1.49 57.99 35.64
N GLY HA 691 -1.91 56.94 36.35
CA GLY HA 691 -3.20 56.99 37.01
C GLY HA 691 -3.28 58.08 38.06
N LYS HA 692 -2.23 58.20 38.88
CA LYS HA 692 -2.23 59.19 39.94
C LYS HA 692 -2.29 60.61 39.37
N LEU HA 693 -1.53 60.88 38.31
CA LEU HA 693 -1.57 62.21 37.72
C LEU HA 693 -2.91 62.48 37.04
N TYR HA 694 -3.47 61.47 36.37
CA TYR HA 694 -4.72 61.66 35.66
C TYR HA 694 -5.86 61.99 36.61
N ARG HA 695 -5.90 61.33 37.78
CA ARG HA 695 -6.96 61.63 38.73
C ARG HA 695 -6.92 63.10 39.15
N GLU HA 696 -5.73 63.60 39.47
CA GLU HA 696 -5.60 64.99 39.87
C GLU HA 696 -5.97 65.94 38.74
N GLN HA 697 -5.53 65.64 37.53
CA GLN HA 697 -5.82 66.53 36.41
C GLN HA 697 -7.31 66.60 36.13
N GLN HA 698 -8.01 65.47 36.22
CA GLN HA 698 -9.45 65.51 36.07
C GLN HA 698 -10.12 66.22 37.23
N GLN HA 699 -9.54 66.13 38.43
CA GLN HA 699 -10.11 66.82 39.59
C GLN HA 699 -9.98 68.33 39.48
N LYS HA 700 -8.90 68.81 38.86
CA LYS HA 700 -8.63 70.26 38.82
C LYS HA 700 -9.76 71.02 38.14
N ALA HA 701 -10.53 70.37 37.28
CA ALA HA 701 -11.62 71.03 36.57
C ALA HA 701 -12.79 71.38 37.47
N GLN HA 702 -12.80 70.91 38.73
CA GLN HA 702 -13.88 71.21 39.65
C GLN HA 702 -13.86 72.68 40.04
N ASP HA 703 -14.82 73.07 40.87
CA ASP HA 703 -14.96 74.46 41.30
C ASP HA 703 -13.71 74.98 41.99
N THR IA 66 -83.50 -58.22 -43.22
CA THR IA 66 -82.47 -57.18 -43.31
C THR IA 66 -82.22 -56.78 -44.76
N ARG IA 67 -80.97 -56.82 -45.18
CA ARG IA 67 -80.62 -56.42 -46.55
C ARG IA 67 -81.20 -57.40 -47.56
N ALA IA 68 -81.59 -56.88 -48.72
CA ALA IA 68 -82.11 -57.68 -49.81
C ALA IA 68 -81.02 -58.18 -50.74
N ASP IA 69 -79.75 -57.90 -50.43
CA ASP IA 69 -78.62 -58.35 -51.24
C ASP IA 69 -78.14 -59.75 -50.85
N GLU IA 70 -79.01 -60.57 -50.27
CA GLU IA 70 -78.62 -61.92 -49.86
C GLU IA 70 -78.24 -62.78 -51.05
N ARG IA 71 -78.60 -62.36 -52.27
CA ARG IA 71 -78.15 -63.09 -53.47
C ARG IA 71 -76.64 -63.09 -53.57
N SER IA 72 -76.01 -61.94 -53.30
CA SER IA 72 -74.55 -61.89 -53.32
C SER IA 72 -73.97 -62.87 -52.31
N ASN IA 73 -74.58 -62.96 -51.13
CA ASN IA 73 -74.15 -63.95 -50.15
C ASN IA 73 -74.30 -65.37 -50.71
N GLU IA 74 -75.38 -65.62 -51.44
CA GLU IA 74 -75.59 -66.96 -52.00
C GLU IA 74 -74.48 -67.33 -52.96
N ILE IA 75 -74.12 -66.42 -53.88
CA ILE IA 75 -73.03 -66.73 -54.80
C ILE IA 75 -71.69 -66.82 -54.07
N ILE IA 76 -71.46 -65.96 -53.07
CA ILE IA 76 -70.19 -66.01 -52.34
C ILE IA 76 -70.04 -67.36 -51.64
N ARG IA 77 -71.13 -67.91 -51.10
CA ARG IA 77 -71.04 -69.16 -50.37
C ARG IA 77 -70.54 -70.30 -51.25
N LYS IA 78 -70.94 -70.31 -52.52
CA LYS IA 78 -70.55 -71.37 -53.45
C LYS IA 78 -69.16 -71.06 -54.01
N LEU IA 79 -68.16 -71.28 -53.17
CA LEU IA 79 -66.77 -71.05 -53.56
C LEU IA 79 -65.87 -72.00 -52.78
N THR IA 80 -64.93 -72.63 -53.49
CA THR IA 80 -63.93 -73.44 -52.81
C THR IA 80 -63.02 -72.53 -51.99
N PRO IA 81 -62.61 -72.96 -50.79
CA PRO IA 81 -61.79 -72.07 -49.94
C PRO IA 81 -60.55 -71.55 -50.62
N GLN IA 82 -59.87 -72.36 -51.44
CA GLN IA 82 -58.69 -71.87 -52.12
C GLN IA 82 -59.04 -70.80 -53.15
N GLN IA 83 -60.22 -70.90 -53.78
CA GLN IA 83 -60.68 -69.84 -54.67
C GLN IA 83 -60.82 -68.52 -53.93
N ARG IA 84 -61.44 -68.56 -52.74
CA ARG IA 84 -61.60 -67.35 -51.94
C ARG IA 84 -60.24 -66.80 -51.51
N ARG IA 85 -59.31 -67.68 -51.15
CA ARG IA 85 -57.98 -67.23 -50.74
C ARG IA 85 -57.28 -66.52 -51.90
N GLU IA 86 -57.35 -67.10 -53.10
CA GLU IA 86 -56.74 -66.45 -54.26
C GLU IA 86 -57.40 -65.11 -54.56
N ALA IA 87 -58.73 -65.06 -54.47
CA ALA IA 87 -59.43 -63.81 -54.75
C ALA IA 87 -59.05 -62.71 -53.76
N ILE IA 88 -58.93 -63.07 -52.48
CA ILE IA 88 -58.53 -62.09 -51.48
C ILE IA 88 -57.09 -61.65 -51.71
N GLN IA 89 -56.21 -62.61 -52.03
CA GLN IA 89 -54.81 -62.26 -52.26
C GLN IA 89 -54.67 -61.30 -53.43
N ASN IA 90 -55.45 -61.51 -54.50
CA ASN IA 90 -55.46 -60.56 -55.60
C ASN IA 90 -55.96 -59.20 -55.16
N GLY IA 91 -56.72 -59.12 -54.08
CA GLY IA 91 -57.24 -57.86 -53.60
C GLY IA 91 -58.41 -57.33 -54.40
N THR IA 92 -58.93 -58.11 -55.33
CA THR IA 92 -60.00 -57.61 -56.19
C THR IA 92 -61.30 -57.43 -55.43
N LEU IA 93 -61.66 -58.40 -54.58
CA LEU IA 93 -63.02 -58.48 -54.07
C LEU IA 93 -63.03 -59.06 -52.66
N LEU IA 94 -64.17 -58.88 -52.00
CA LEU IA 94 -64.55 -59.57 -50.77
C LEU IA 94 -63.87 -59.07 -49.49
N TYR IA 95 -64.06 -59.85 -48.43
CA TYR IA 95 -63.55 -59.76 -47.05
C TYR IA 95 -64.40 -58.82 -46.21
N GLN IA 96 -65.45 -58.24 -46.77
CA GLN IA 96 -66.44 -57.55 -45.97
C GLN IA 96 -67.83 -58.19 -46.05
N ASP IA 97 -68.04 -59.09 -47.00
CA ASP IA 97 -69.28 -59.86 -47.09
C ASP IA 97 -69.05 -61.34 -46.85
N ASP IA 98 -67.88 -61.72 -46.33
CA ASP IA 98 -67.58 -63.12 -46.05
C ASP IA 98 -68.25 -63.55 -44.75
N PRO IA 99 -69.10 -64.56 -44.78
CA PRO IA 99 -69.87 -64.92 -43.58
C PRO IA 99 -69.11 -65.79 -42.58
N TYR IA 100 -67.78 -65.84 -42.67
CA TYR IA 100 -67.00 -66.65 -41.75
C TYR IA 100 -65.96 -65.86 -40.96
N ALA IA 101 -65.27 -64.92 -41.61
CA ALA IA 101 -64.24 -64.16 -40.92
C ALA IA 101 -64.84 -63.33 -39.79
N MET IA 102 -66.02 -62.75 -40.02
CA MET IA 102 -66.67 -61.98 -38.99
C MET IA 102 -66.97 -62.82 -37.76
N GLU IA 103 -67.52 -64.02 -37.98
CA GLU IA 103 -67.85 -64.91 -36.88
C GLU IA 103 -66.61 -65.34 -36.12
N ALA IA 104 -65.53 -65.66 -36.84
CA ALA IA 104 -64.29 -66.01 -36.17
C ALA IA 104 -63.80 -64.85 -35.31
N LEU IA 105 -63.88 -63.63 -35.84
CA LEU IA 105 -63.44 -62.46 -35.09
C LEU IA 105 -64.22 -62.32 -33.79
N ARG IA 106 -65.56 -62.39 -33.87
CA ARG IA 106 -66.37 -62.24 -32.66
C ARG IA 106 -66.06 -63.33 -31.65
N VAL IA 107 -65.98 -64.58 -32.09
CA VAL IA 107 -65.79 -65.69 -31.16
C VAL IA 107 -64.45 -65.55 -30.44
N LYS IA 108 -63.38 -65.27 -31.19
CA LYS IA 108 -62.07 -65.21 -30.56
C LYS IA 108 -61.94 -63.99 -29.66
N THR IA 109 -62.57 -62.87 -30.04
CA THR IA 109 -62.56 -61.71 -29.16
C THR IA 109 -63.25 -62.02 -27.84
N GLY IA 110 -64.41 -62.68 -27.91
CA GLY IA 110 -65.09 -63.06 -26.67
C GLY IA 110 -64.26 -63.99 -25.82
N ARG IA 111 -63.57 -64.95 -26.45
CA ARG IA 111 -62.72 -65.86 -25.71
C ARG IA 111 -61.62 -65.10 -24.96
N ASN IA 112 -60.92 -64.20 -25.65
CA ASN IA 112 -59.83 -63.46 -25.02
C ASN IA 112 -60.35 -62.60 -23.86
N ALA IA 113 -61.47 -61.92 -24.09
CA ALA IA 113 -62.02 -61.05 -23.05
C ALA IA 113 -62.44 -61.86 -21.83
N ALA IA 114 -63.01 -63.04 -22.04
CA ALA IA 114 -63.36 -63.88 -20.90
C ALA IA 114 -62.13 -64.37 -20.16
N PHE IA 115 -61.08 -64.76 -20.88
CA PHE IA 115 -59.99 -65.46 -20.22
C PHE IA 115 -58.89 -64.56 -19.67
N ALA IA 116 -58.92 -63.24 -19.91
CA ALA IA 116 -57.94 -62.38 -19.23
C ALA IA 116 -58.27 -62.22 -17.74
N VAL IA 117 -59.53 -61.94 -17.42
CA VAL IA 117 -59.91 -61.54 -16.06
C VAL IA 117 -59.70 -62.68 -15.08
N ASP IA 118 -60.07 -63.90 -15.47
CA ASP IA 118 -59.96 -65.02 -14.56
C ASP IA 118 -58.51 -65.31 -14.19
N ASP IA 119 -57.60 -65.21 -15.16
CA ASP IA 119 -56.19 -65.37 -14.84
C ASP IA 119 -55.72 -64.28 -13.89
N GLU IA 120 -56.15 -63.04 -14.11
CA GLU IA 120 -55.74 -61.98 -13.19
C GLU IA 120 -56.22 -62.27 -11.77
N ILE IA 121 -57.47 -62.69 -11.62
CA ILE IA 121 -58.01 -62.97 -10.29
C ILE IA 121 -57.28 -64.13 -9.65
N ASN IA 122 -56.98 -65.18 -10.43
CA ASN IA 122 -56.30 -66.34 -9.87
C ASN IA 122 -54.91 -65.98 -9.37
N VAL IA 123 -54.16 -65.19 -10.14
CA VAL IA 123 -52.83 -64.83 -9.66
C VAL IA 123 -52.93 -63.92 -8.44
N LYS IA 124 -53.93 -63.05 -8.39
CA LYS IA 124 -54.10 -62.21 -7.21
C LYS IA 124 -54.40 -63.04 -5.97
N ILE IA 125 -55.28 -64.03 -6.10
CA ILE IA 125 -55.61 -64.88 -4.95
C ILE IA 125 -54.38 -65.67 -4.50
N GLN IA 126 -53.63 -66.22 -5.46
CA GLN IA 126 -52.42 -66.94 -5.07
C GLN IA 126 -51.40 -66.02 -4.40
N ASN IA 127 -51.39 -64.73 -4.78
CA ASN IA 127 -50.60 -63.77 -4.02
C ASN IA 127 -51.11 -63.66 -2.59
N GLY IA 128 -52.43 -63.64 -2.42
CA GLY IA 128 -53.06 -63.63 -1.12
C GLY IA 128 -53.55 -62.27 -0.71
N GLU IA 129 -54.82 -61.98 -0.95
CA GLU IA 129 -55.42 -60.74 -0.48
C GLU IA 129 -56.75 -60.94 0.23
N PHE IA 130 -57.57 -61.89 -0.22
CA PHE IA 130 -58.94 -62.00 0.27
C PHE IA 130 -58.97 -62.83 1.55
N ARG IA 131 -60.12 -62.76 2.24
CA ARG IA 131 -60.34 -63.58 3.42
C ARG IA 131 -61.70 -64.25 3.48
N THR IA 132 -62.65 -63.88 2.63
CA THR IA 132 -63.96 -64.51 2.59
C THR IA 132 -64.34 -64.81 1.15
N ARG IA 133 -65.29 -65.74 0.98
CA ARG IA 133 -65.78 -66.06 -0.34
C ARG IA 133 -66.54 -64.87 -0.96
N GLN IA 134 -67.30 -64.15 -0.13
CA GLN IA 134 -68.15 -63.09 -0.65
C GLN IA 134 -67.35 -61.99 -1.32
N ASP IA 135 -66.23 -61.60 -0.71
CA ASP IA 135 -65.40 -60.56 -1.30
C ASP IA 135 -64.88 -60.98 -2.66
N MET IA 136 -64.41 -62.22 -2.78
CA MET IA 136 -63.92 -62.72 -4.06
C MET IA 136 -65.04 -62.73 -5.10
N GLU IA 137 -66.23 -63.17 -4.70
CA GLU IA 137 -67.34 -63.22 -5.65
C GLU IA 137 -67.71 -61.83 -6.16
N GLU IA 138 -67.76 -60.84 -5.26
CA GLU IA 138 -68.10 -59.48 -5.69
C GLU IA 138 -67.01 -58.91 -6.60
N TYR IA 139 -65.75 -59.14 -6.26
CA TYR IA 139 -64.66 -58.69 -7.13
C TYR IA 139 -64.78 -59.28 -8.52
N ARG IA 140 -65.02 -60.59 -8.60
CA ARG IA 140 -65.15 -61.25 -9.90
C ARG IA 140 -66.32 -60.68 -10.70
N HIS IA 141 -67.46 -60.51 -10.03
CA HIS IA 141 -68.65 -59.98 -10.71
C HIS IA 141 -68.36 -58.62 -11.32
N GLN IA 142 -67.80 -57.71 -10.53
CA GLN IA 142 -67.55 -56.36 -11.03
C GLN IA 142 -66.54 -56.37 -12.17
N ARG IA 143 -65.45 -57.14 -12.02
CA ARG IA 143 -64.43 -57.14 -13.06
C ARG IA 143 -64.98 -57.69 -14.37
N LEU IA 144 -65.79 -58.75 -14.31
CA LEU IA 144 -66.38 -59.29 -15.54
C LEU IA 144 -67.28 -58.26 -16.19
N GLN IA 145 -68.15 -57.62 -15.39
CA GLN IA 145 -69.10 -56.68 -15.97
C GLN IA 145 -68.39 -55.48 -16.58
N ASP IA 146 -67.21 -55.13 -16.08
CA ASP IA 146 -66.46 -54.01 -16.67
C ASP IA 146 -65.75 -54.45 -17.94
N ALA IA 147 -64.99 -55.54 -17.87
CA ALA IA 147 -64.14 -55.94 -18.98
C ALA IA 147 -64.97 -56.34 -20.20
N ALA IA 148 -66.14 -56.93 -20.00
CA ALA IA 148 -66.97 -57.28 -21.15
C ALA IA 148 -67.28 -56.06 -22.00
N LYS IA 149 -67.79 -55.00 -21.36
CA LYS IA 149 -68.13 -53.79 -22.09
C LYS IA 149 -66.90 -53.15 -22.71
N SER IA 150 -65.79 -53.10 -21.96
CA SER IA 150 -64.59 -52.44 -22.49
C SER IA 150 -64.08 -53.14 -23.75
N TYR IA 151 -63.93 -54.47 -23.68
CA TYR IA 151 -63.42 -55.19 -24.83
C TYR IA 151 -64.39 -55.15 -26.01
N ALA IA 152 -65.70 -55.21 -25.73
CA ALA IA 152 -66.67 -55.13 -26.81
C ALA IA 152 -66.59 -53.79 -27.53
N GLU IA 153 -66.49 -52.69 -26.78
CA GLU IA 153 -66.48 -51.37 -27.41
C GLU IA 153 -65.12 -50.95 -27.94
N GLU IA 154 -64.05 -51.67 -27.61
CA GLU IA 154 -62.75 -51.34 -28.17
C GLU IA 154 -62.80 -51.35 -29.69
N ALA IA 155 -63.40 -52.38 -30.27
CA ALA IA 155 -63.64 -52.44 -31.71
C ALA IA 155 -65.12 -52.32 -32.05
N GLY IA 156 -65.93 -51.92 -31.07
CA GLY IA 156 -67.34 -51.66 -31.27
C GLY IA 156 -68.24 -52.88 -31.24
N ILE IA 157 -68.27 -53.62 -32.34
CA ILE IA 157 -69.15 -54.78 -32.54
C ILE IA 157 -70.49 -54.50 -31.87
N ASN IA 158 -70.82 -55.27 -30.84
CA ASN IA 158 -72.05 -55.12 -30.05
C ASN IA 158 -71.90 -55.98 -28.80
N PRO IA 159 -72.10 -55.42 -27.61
CA PRO IA 159 -72.01 -56.26 -26.39
C PRO IA 159 -73.15 -57.25 -26.24
N THR IA 160 -74.27 -57.06 -26.96
CA THR IA 160 -75.40 -57.96 -26.88
C THR IA 160 -75.51 -58.87 -28.09
N ASP IA 161 -74.46 -58.97 -28.90
CA ASP IA 161 -74.50 -59.80 -30.09
C ASP IA 161 -74.63 -61.27 -29.72
N PHE IA 168 -67.46 -65.56 -24.59
CA PHE IA 168 -67.42 -65.21 -23.19
C PHE IA 168 -67.86 -66.35 -22.28
N ASN IA 169 -68.50 -67.38 -22.82
CA ASN IA 169 -69.11 -68.43 -22.02
C ASN IA 169 -68.77 -69.81 -22.56
N ASP IA 170 -67.49 -70.04 -22.87
CA ASP IA 170 -67.09 -71.32 -23.47
C ASP IA 170 -66.78 -72.37 -22.41
N ASN IA 171 -65.85 -72.07 -21.51
CA ASN IA 171 -65.47 -72.96 -20.42
C ASN IA 171 -65.62 -72.21 -19.11
N ILE IA 172 -66.56 -72.65 -18.28
CA ILE IA 172 -66.80 -72.03 -16.98
C ILE IA 172 -66.50 -72.99 -15.83
N THR IA 173 -66.86 -74.26 -15.98
CA THR IA 173 -66.62 -75.24 -14.93
C THR IA 173 -65.12 -75.39 -14.67
N ASP IA 174 -64.33 -75.48 -15.74
CA ASP IA 174 -62.90 -75.70 -15.61
C ASP IA 174 -62.18 -74.52 -14.97
N ARG IA 175 -62.79 -73.33 -14.96
CA ARG IA 175 -62.22 -72.18 -14.28
C ARG IA 175 -62.69 -72.08 -12.84
N ASN IA 176 -63.98 -72.30 -12.61
CA ASN IA 176 -64.50 -72.30 -11.24
C ASN IA 176 -63.78 -73.32 -10.38
N ILE IA 177 -63.48 -74.49 -10.95
CA ILE IA 177 -62.83 -75.55 -10.18
C ILE IA 177 -61.46 -75.10 -9.69
N ALA IA 178 -60.65 -74.54 -10.59
CA ALA IA 178 -59.32 -74.08 -10.21
C ALA IA 178 -59.39 -72.96 -9.17
N ILE IA 179 -60.29 -72.00 -9.38
CA ILE IA 179 -60.41 -70.88 -8.45
C ILE IA 179 -60.73 -71.39 -7.05
N TYR IA 180 -61.74 -72.24 -6.94
CA TYR IA 180 -62.18 -72.68 -5.62
C TYR IA 180 -61.14 -73.59 -4.97
N GLY IA 181 -60.45 -74.39 -5.75
CA GLY IA 181 -59.37 -75.19 -5.18
C GLY IA 181 -58.28 -74.34 -4.56
N SER IA 182 -57.87 -73.29 -5.28
CA SER IA 182 -56.82 -72.41 -4.75
C SER IA 182 -57.29 -71.73 -3.46
N PHE IA 183 -58.53 -71.24 -3.44
CA PHE IA 183 -59.03 -70.58 -2.25
C PHE IA 183 -59.04 -71.53 -1.05
N ASN IA 184 -59.52 -72.76 -1.25
CA ASN IA 184 -59.57 -73.71 -0.16
C ASN IA 184 -58.18 -74.00 0.38
N LYS IA 185 -57.20 -74.17 -0.51
CA LYS IA 185 -55.84 -74.47 -0.05
C LYS IA 185 -55.27 -73.32 0.78
N TYR IA 186 -55.49 -72.08 0.35
CA TYR IA 186 -54.98 -70.95 1.12
C TYR IA 186 -55.62 -70.88 2.51
N PHE IA 187 -56.94 -71.10 2.59
CA PHE IA 187 -57.61 -71.06 3.88
C PHE IA 187 -57.07 -72.13 4.83
N SER IA 188 -56.83 -73.33 4.29
CA SER IA 188 -56.25 -74.39 5.11
C SER IA 188 -54.89 -73.97 5.68
N LYS IA 189 -54.04 -73.38 4.83
CA LYS IA 189 -52.73 -72.94 5.31
C LYS IA 189 -52.87 -71.94 6.46
N GLN IA 190 -53.79 -70.99 6.33
CA GLN IA 190 -53.94 -69.98 7.39
C GLN IA 190 -54.38 -70.61 8.71
N SER IA 191 -55.33 -71.55 8.65
CA SER IA 191 -55.77 -72.20 9.89
C SER IA 191 -54.63 -72.93 10.57
N GLU IA 192 -53.81 -73.63 9.78
CA GLU IA 192 -52.66 -74.33 10.34
C GLU IA 192 -51.71 -73.35 11.05
N GLU IA 193 -51.46 -72.19 10.43
CA GLU IA 193 -50.56 -71.22 11.05
C GLU IA 193 -51.11 -70.71 12.39
N THR IA 194 -52.42 -70.46 12.46
CA THR IA 194 -53.00 -70.00 13.72
C THR IA 194 -52.81 -71.03 14.82
N ALA IA 195 -53.01 -72.32 14.49
CA ALA IA 195 -52.80 -73.36 15.49
C ALA IA 195 -51.36 -73.35 16.00
N MET IA 196 -50.40 -73.20 15.09
CA MET IA 196 -49.00 -73.16 15.52
C MET IA 196 -48.72 -71.99 16.47
N LEU IA 197 -49.33 -70.84 16.19
CA LEU IA 197 -49.13 -69.69 17.09
C LEU IA 197 -49.65 -69.98 18.48
N ASN IA 198 -50.84 -70.58 18.58
CA ASN IA 198 -51.37 -70.89 19.91
C ASN IA 198 -50.45 -71.83 20.67
N THR IA 199 -49.93 -72.85 19.98
CA THR IA 199 -48.97 -73.76 20.60
C THR IA 199 -47.76 -73.00 21.14
N ARG IA 200 -47.25 -72.05 20.36
CA ARG IA 200 -46.09 -71.29 20.81
C ARG IA 200 -46.39 -70.50 22.08
N ILE IA 201 -47.56 -69.86 22.15
CA ILE IA 201 -47.88 -69.07 23.34
C ILE IA 201 -47.93 -69.96 24.57
N GLU IA 202 -48.58 -71.12 24.48
CA GLU IA 202 -48.64 -71.98 25.67
C GLU IA 202 -47.27 -72.51 26.07
N MET IA 203 -46.44 -72.87 25.09
CA MET IA 203 -45.09 -73.32 25.44
C MET IA 203 -44.29 -72.22 26.13
N ASN IA 204 -44.41 -70.98 25.65
CA ASN IA 204 -43.69 -69.90 26.30
C ASN IA 204 -44.19 -69.68 27.72
N SER IA 205 -45.51 -69.77 27.93
CA SER IA 205 -46.03 -69.65 29.28
C SER IA 205 -45.47 -70.72 30.20
N PHE IA 206 -45.32 -71.95 29.70
CA PHE IA 206 -44.68 -72.99 30.49
C PHE IA 206 -43.23 -72.65 30.78
N LEU IA 207 -42.51 -72.11 29.80
CA LEU IA 207 -41.06 -71.94 29.88
C LEU IA 207 -40.62 -70.87 30.86
N ASN IA 208 -41.54 -70.10 31.43
CA ASN IA 208 -41.17 -68.96 32.27
C ASN IA 208 -41.20 -69.31 33.76
N ASP IA 209 -42.00 -70.30 34.15
CA ASP IA 209 -42.12 -70.68 35.55
C ASP IA 209 -40.79 -71.18 36.11
N GLY IA 210 -40.55 -70.87 37.38
CA GLY IA 210 -39.27 -71.16 38.01
C GLY IA 210 -39.18 -72.45 38.80
N ASP IA 211 -40.13 -72.67 39.73
CA ASP IA 211 -40.03 -73.82 40.61
C ASP IA 211 -40.45 -75.12 39.94
N LEU IA 212 -41.03 -75.08 38.74
CA LEU IA 212 -41.21 -76.30 37.96
C LEU IA 212 -39.89 -76.76 37.35
N MET IA 213 -39.11 -75.83 36.81
CA MET IA 213 -37.80 -76.20 36.26
C MET IA 213 -36.82 -76.58 37.37
N ARG IA 214 -36.79 -75.79 38.45
CA ARG IA 214 -35.92 -76.14 39.56
C ARG IA 214 -36.34 -77.45 40.22
N SER IA 215 -37.59 -77.86 40.04
CA SER IA 215 -38.05 -79.14 40.54
C SER IA 215 -37.35 -80.28 39.82
N PRO IA 216 -37.17 -81.43 40.48
CA PRO IA 216 -36.55 -82.58 39.82
C PRO IA 216 -37.47 -83.32 38.85
N GLU IA 217 -38.74 -82.95 38.75
CA GLU IA 217 -39.70 -83.60 37.85
C GLU IA 217 -40.22 -82.57 36.87
N SER IA 218 -39.56 -82.45 35.73
CA SER IA 218 -39.95 -81.52 34.68
C SER IA 218 -40.11 -82.17 33.32
N GLY IA 219 -39.28 -83.15 32.99
CA GLY IA 219 -39.40 -83.79 31.69
C GLY IA 219 -40.71 -84.54 31.52
N LYS IA 220 -41.21 -85.13 32.61
CA LYS IA 220 -42.43 -85.91 32.53
C LYS IA 220 -43.60 -85.05 32.09
N THR IA 221 -43.72 -83.84 32.65
CA THR IA 221 -44.81 -82.95 32.25
C THR IA 221 -44.72 -82.57 30.78
N PHE IA 222 -43.50 -82.30 30.30
CA PHE IA 222 -43.32 -81.91 28.90
C PHE IA 222 -43.73 -83.04 27.97
N MET IA 223 -43.29 -84.27 28.26
CA MET IA 223 -43.67 -85.39 27.41
C MET IA 223 -45.16 -85.66 27.47
N ALA IA 224 -45.78 -85.52 28.66
CA ALA IA 224 -47.22 -85.72 28.76
C ALA IA 224 -47.96 -84.71 27.90
N TYR IA 225 -47.53 -83.44 27.93
CA TYR IA 225 -48.17 -82.43 27.11
C TYR IA 225 -48.02 -82.74 25.63
N LEU IA 226 -46.83 -83.17 25.23
CA LEU IA 226 -46.62 -83.51 23.82
C LEU IA 226 -47.51 -84.67 23.39
N ARG IA 227 -47.61 -85.71 24.22
CA ARG IA 227 -48.46 -86.85 23.89
C ARG IA 227 -49.92 -86.45 23.76
N ASP IA 228 -50.41 -85.63 24.69
CA ASP IA 228 -51.79 -85.19 24.63
C ASP IA 228 -52.05 -84.38 23.36
N GLY IA 229 -51.14 -83.46 23.04
CA GLY IA 229 -51.30 -82.67 21.84
C GLY IA 229 -51.32 -83.50 20.58
N LEU IA 230 -50.42 -84.48 20.49
CA LEU IA 230 -50.37 -85.32 19.29
C LEU IA 230 -51.62 -86.20 19.18
N THR IA 231 -52.11 -86.73 20.31
CA THR IA 231 -53.28 -87.60 20.24
C THR IA 231 -54.58 -86.83 20.05
N THR IA 232 -54.60 -85.53 20.32
CA THR IA 232 -55.77 -84.72 20.03
C THR IA 232 -55.67 -84.02 18.68
N ALA IA 233 -54.63 -84.31 17.90
CA ALA IA 233 -54.38 -83.73 16.58
C ALA IA 233 -54.16 -82.23 16.63
N ALA IA 234 -53.81 -81.69 17.80
CA ALA IA 234 -53.51 -80.27 17.90
C ALA IA 234 -52.29 -79.91 17.05
N ILE IA 235 -51.21 -80.65 17.20
CA ILE IA 235 -50.10 -80.52 16.27
C ILE IA 235 -50.49 -81.17 14.95
N PRO IA 236 -50.43 -80.47 13.82
CA PRO IA 236 -50.98 -81.04 12.58
C PRO IA 236 -50.24 -82.26 12.05
N SER IA 237 -48.95 -82.40 12.27
CA SER IA 237 -48.20 -83.47 11.62
C SER IA 237 -47.06 -83.90 12.53
N ASP IA 238 -46.07 -84.58 11.95
CA ASP IA 238 -44.90 -85.07 12.66
C ASP IA 238 -43.69 -84.17 12.49
N GLN IA 239 -43.51 -83.58 11.31
CA GLN IA 239 -42.42 -82.64 11.12
C GLN IA 239 -42.57 -81.42 12.02
N ARG IA 240 -43.80 -81.02 12.31
CA ARG IA 240 -44.02 -79.94 13.26
C ARG IA 240 -43.56 -80.35 14.65
N ALA IA 241 -43.80 -81.60 15.03
CA ALA IA 241 -43.30 -82.10 16.30
C ALA IA 241 -41.77 -82.07 16.33
N ARG IA 242 -41.13 -82.44 15.23
CA ARG IA 242 -39.67 -82.36 15.18
C ARG IA 242 -39.20 -80.93 15.36
N GLU IA 243 -39.89 -79.97 14.73
CA GLU IA 243 -39.52 -78.57 14.87
C GLU IA 243 -39.65 -78.09 16.32
N VAL IA 244 -40.77 -78.42 16.97
CA VAL IA 244 -40.97 -77.93 18.34
C VAL IA 244 -39.96 -78.56 19.29
N ILE IA 245 -39.66 -79.85 19.10
CA ILE IA 245 -38.67 -80.49 19.96
C ILE IA 245 -37.29 -79.90 19.74
N THR IA 246 -36.89 -79.63 18.50
CA THR IA 246 -35.58 -79.05 18.30
C THR IA 246 -35.52 -77.57 18.69
N GLN IA 247 -36.65 -76.90 18.85
CA GLN IA 247 -36.64 -75.51 19.27
C GLN IA 247 -36.68 -75.33 20.78
N THR IA 248 -37.35 -76.23 21.50
CA THR IA 248 -37.43 -76.09 22.96
C THR IA 248 -36.04 -76.18 23.60
N VAL IA 249 -35.19 -77.07 23.08
CA VAL IA 249 -33.82 -77.18 23.61
C VAL IA 249 -33.07 -75.88 23.44
N ARG IA 250 -33.18 -75.25 22.27
CA ARG IA 250 -32.52 -73.97 22.07
C ARG IA 250 -33.08 -72.90 23.00
N ASP IA 251 -34.40 -72.88 23.18
CA ASP IA 251 -35.01 -71.84 23.99
C ASP IA 251 -34.66 -71.97 25.48
N ALA IA 252 -34.47 -73.19 25.97
CA ALA IA 252 -34.27 -73.40 27.40
C ALA IA 252 -32.84 -73.20 27.85
N ILE IA 253 -32.02 -72.45 27.12
CA ILE IA 253 -30.66 -72.16 27.57
C ILE IA 253 -30.60 -70.86 28.37
N GLN IA 254 -31.39 -69.85 28.01
CA GLN IA 254 -31.35 -68.55 28.65
C GLN IA 254 -32.24 -68.47 29.89
N LYS IA 255 -32.60 -69.60 30.47
CA LYS IA 255 -33.49 -69.65 31.63
C LYS IA 255 -32.68 -69.93 32.89
N SER IA 256 -33.38 -70.09 34.01
CA SER IA 256 -32.75 -70.36 35.29
C SER IA 256 -32.55 -71.87 35.52
N GLY IA 257 -33.66 -72.61 35.56
CA GLY IA 257 -33.59 -74.05 35.71
C GLY IA 257 -33.42 -74.74 34.37
N GLY IA 258 -32.28 -74.52 33.72
CA GLY IA 258 -32.05 -75.07 32.40
C GLY IA 258 -31.26 -76.37 32.42
N SER IA 259 -30.14 -76.39 33.14
CA SER IA 259 -29.31 -77.59 33.16
C SER IA 259 -30.07 -78.77 33.77
N ASN IA 260 -30.84 -78.51 34.83
CA ASN IA 260 -31.62 -79.57 35.45
C ASN IA 260 -32.61 -80.17 34.45
N PHE IA 261 -33.36 -79.32 33.77
CA PHE IA 261 -34.36 -79.78 32.80
C PHE IA 261 -33.70 -80.56 31.68
N LEU IA 262 -32.63 -80.03 31.10
CA LEU IA 262 -31.96 -80.70 30.00
C LEU IA 262 -31.42 -82.06 30.43
N GLN IA 263 -30.82 -82.12 31.62
CA GLN IA 263 -30.24 -83.38 32.06
C GLN IA 263 -31.29 -84.42 32.41
N GLN IA 264 -32.47 -84.00 32.86
CA GLN IA 264 -33.51 -84.96 33.20
C GLN IA 264 -34.51 -85.21 32.08
N VAL IA 265 -34.33 -84.61 30.91
CA VAL IA 265 -35.15 -84.94 29.74
C VAL IA 265 -34.32 -85.67 28.69
N ARG IA 266 -33.13 -86.15 29.05
CA ARG IA 266 -32.18 -86.61 28.05
C ARG IA 266 -32.53 -87.98 27.49
N GLY IA 267 -33.09 -88.87 28.30
CA GLY IA 267 -33.17 -90.26 27.90
C GLY IA 267 -34.55 -90.84 27.72
N GLU IA 268 -35.48 -90.10 27.11
CA GLU IA 268 -36.83 -90.58 26.92
C GLU IA 268 -37.14 -90.72 25.43
N ARG IA 269 -38.01 -91.68 25.11
CA ARG IA 269 -38.21 -92.13 23.74
C ARG IA 269 -39.64 -91.88 23.28
N ILE IA 270 -39.78 -91.57 21.98
CA ILE IA 270 -41.07 -91.45 21.33
C ILE IA 270 -40.97 -92.08 19.96
N THR IA 271 -42.13 -92.38 19.36
CA THR IA 271 -42.23 -93.01 18.06
C THR IA 271 -42.66 -91.97 17.05
N LEU IA 272 -41.77 -91.63 16.12
CA LEU IA 272 -42.05 -90.67 15.06
C LEU IA 272 -41.85 -91.34 13.71
N ASN IA 273 -42.87 -91.26 12.85
CA ASN IA 273 -42.84 -91.85 11.51
C ASN IA 273 -42.49 -93.33 11.56
N GLY IA 274 -43.06 -94.04 12.52
CA GLY IA 274 -42.82 -95.46 12.68
C GLY IA 274 -41.59 -95.84 13.48
N VAL IA 275 -40.46 -95.19 13.20
CA VAL IA 275 -39.19 -95.53 13.84
C VAL IA 275 -39.13 -94.88 15.22
N ASP IA 276 -38.70 -95.65 16.21
CA ASP IA 276 -38.56 -95.17 17.58
C ASP IA 276 -37.16 -94.58 17.78
N ALA IA 277 -37.10 -93.46 18.49
CA ALA IA 277 -35.83 -92.78 18.73
C ALA IA 277 -35.88 -92.02 20.04
N THR IA 278 -34.70 -91.72 20.56
CA THR IA 278 -34.54 -90.96 21.80
C THR IA 278 -34.42 -89.48 21.50
N VAL IA 279 -34.67 -88.66 22.52
CA VAL IA 279 -34.59 -87.22 22.35
C VAL IA 279 -33.14 -86.79 22.08
N GLU IA 280 -32.17 -87.45 22.72
CA GLU IA 280 -30.77 -87.14 22.44
C GLU IA 280 -30.41 -87.49 21.01
N GLU IA 281 -30.90 -88.62 20.50
CA GLU IA 281 -30.52 -89.04 19.16
C GLU IA 281 -31.11 -88.15 18.07
N ILE IA 282 -32.27 -87.54 18.33
CA ILE IA 282 -32.88 -86.67 17.32
C ILE IA 282 -32.00 -85.45 17.06
N VAL IA 283 -31.26 -85.02 18.07
CA VAL IA 283 -30.38 -83.89 17.90
C VAL IA 283 -28.88 -84.25 17.74
N GLY IA 284 -28.32 -85.20 18.50
CA GLY IA 284 -26.91 -85.57 18.35
C GLY IA 284 -25.83 -85.04 19.30
N ASN IA 289 -24.16 -81.88 23.80
CA ASN IA 289 -23.06 -81.53 24.73
C ASN IA 289 -22.52 -80.11 24.54
N ALA IA 290 -23.02 -79.34 23.60
CA ALA IA 290 -22.71 -77.94 23.34
C ALA IA 290 -23.73 -76.98 23.93
N ALA IA 291 -24.84 -77.50 24.45
CA ALA IA 291 -25.81 -76.68 25.18
C ALA IA 291 -25.64 -76.77 26.69
N ILE IA 292 -25.15 -77.91 27.19
CA ILE IA 292 -24.91 -78.04 28.62
C ILE IA 292 -23.97 -76.96 29.13
N VAL IA 293 -22.90 -76.68 28.37
CA VAL IA 293 -21.89 -75.74 28.82
C VAL IA 293 -22.49 -74.34 28.99
N GLU IA 294 -23.30 -73.90 28.04
CA GLU IA 294 -23.95 -72.60 28.15
C GLU IA 294 -24.92 -72.57 29.33
N ALA IA 295 -25.68 -73.66 29.51
CA ALA IA 295 -26.58 -73.74 30.65
C ALA IA 295 -25.84 -73.48 31.95
N GLN IA 296 -24.60 -73.98 32.07
CA GLN IA 296 -23.81 -73.69 33.27
C GLN IA 296 -23.24 -72.28 33.27
N GLY IA 297 -22.86 -71.76 32.10
CA GLY IA 297 -22.28 -70.43 32.04
C GLY IA 297 -23.23 -69.36 32.55
N THR IA 298 -24.54 -69.58 32.41
CA THR IA 298 -25.49 -68.61 32.95
C THR IA 298 -25.28 -68.38 34.45
N GLU IA 299 -25.26 -69.46 35.24
CA GLU IA 299 -25.10 -69.29 36.68
C GLU IA 299 -23.71 -68.81 37.03
N TYR IA 300 -22.69 -69.18 36.24
CA TYR IA 300 -21.38 -68.58 36.49
C TYR IA 300 -21.44 -67.06 36.42
N LYS IA 301 -22.11 -66.53 35.39
CA LYS IA 301 -22.24 -65.08 35.25
C LYS IA 301 -22.98 -64.48 36.44
N LEU IA 302 -24.06 -65.14 36.88
CA LEU IA 302 -24.83 -64.60 37.99
C LEU IA 302 -23.99 -64.50 39.27
N VAL IA 303 -23.20 -65.53 39.57
CA VAL IA 303 -22.36 -65.50 40.76
C VAL IA 303 -21.33 -64.38 40.66
N ALA IA 304 -20.73 -64.19 39.48
CA ALA IA 304 -19.77 -63.09 39.33
C ALA IA 304 -20.43 -61.74 39.62
N LYS IA 305 -21.66 -61.55 39.14
CA LYS IA 305 -22.35 -60.28 39.41
C LYS IA 305 -22.56 -60.08 40.90
N TYR IA 306 -22.97 -61.12 41.62
CA TYR IA 306 -23.15 -60.99 43.07
C TYR IA 306 -21.86 -60.57 43.74
N GLN IA 307 -20.75 -61.19 43.35
CA GLN IA 307 -19.46 -60.85 43.97
C GLN IA 307 -19.09 -59.38 43.74
N GLU IA 308 -19.28 -58.90 42.50
CA GLU IA 308 -18.98 -57.51 42.22
C GLU IA 308 -19.84 -56.56 43.06
N ASP IA 309 -21.13 -56.89 43.20
CA ASP IA 309 -22.02 -56.04 43.97
C ASP IA 309 -21.57 -55.95 45.43
N LEU IA 310 -21.17 -57.09 46.01
CA LEU IA 310 -20.70 -57.06 47.39
C LEU IA 310 -19.47 -56.17 47.55
N ALA IA 311 -18.53 -56.28 46.61
CA ALA IA 311 -17.34 -55.43 46.70
C ALA IA 311 -17.71 -53.95 46.65
N LEU IA 312 -18.61 -53.58 45.74
CA LEU IA 312 -19.03 -52.18 45.66
C LEU IA 312 -19.66 -51.70 46.96
N GLY IA 313 -20.54 -52.52 47.54
CA GLY IA 313 -21.22 -52.11 48.76
C GLY IA 313 -20.25 -51.84 49.89
N VAL IA 314 -19.29 -52.75 50.09
CA VAL IA 314 -18.32 -52.55 51.17
C VAL IA 314 -17.48 -51.31 50.93
N GLN IA 315 -16.98 -51.15 49.70
CA GLN IA 315 -16.12 -50.00 49.44
C GLN IA 315 -16.86 -48.69 49.62
N SER IA 316 -18.15 -48.64 49.27
CA SER IA 316 -18.93 -47.43 49.55
C SER IA 316 -19.07 -47.21 51.04
N ALA IA 317 -19.35 -48.26 51.80
CA ALA IA 317 -19.58 -48.08 53.24
C ALA IA 317 -18.33 -47.63 53.98
N ILE IA 318 -17.13 -47.89 53.44
CA ILE IA 318 -15.92 -47.46 54.14
C ILE IA 318 -15.82 -45.93 54.19
N LEU IA 319 -16.20 -45.24 53.12
CA LEU IA 319 -15.92 -43.82 52.98
C LEU IA 319 -17.09 -42.93 53.40
N GLN IA 320 -17.84 -43.31 54.41
CA GLN IA 320 -18.90 -42.45 54.90
C GLN IA 320 -18.34 -41.38 55.83
N ASP IA 321 -18.99 -40.22 55.82
CA ASP IA 321 -18.54 -39.08 56.59
C ASP IA 321 -18.85 -39.20 58.08
N ASP IA 322 -19.87 -39.96 58.45
CA ASP IA 322 -20.28 -40.12 59.84
C ASP IA 322 -20.07 -41.58 60.21
N PRO IA 323 -19.07 -41.92 61.02
CA PRO IA 323 -18.79 -43.34 61.30
C PRO IA 323 -19.93 -44.07 61.96
N THR IA 324 -20.88 -43.38 62.59
CA THR IA 324 -22.01 -44.07 63.19
C THR IA 324 -23.02 -44.55 62.15
N ILE IA 325 -22.93 -44.08 60.90
CA ILE IA 325 -23.91 -44.46 59.90
C ILE IA 325 -23.41 -45.56 58.98
N GLY IA 326 -22.12 -45.85 58.97
CA GLY IA 326 -21.60 -46.94 58.15
C GLY IA 326 -21.51 -48.25 58.89
N LEU IA 327 -21.45 -48.17 60.22
CA LEU IA 327 -21.38 -49.38 61.03
C LEU IA 327 -22.64 -50.22 60.85
N ALA IA 328 -23.80 -49.58 60.79
CA ALA IA 328 -25.05 -50.31 60.61
C ALA IA 328 -25.06 -51.05 59.27
N GLN IA 329 -24.62 -50.38 58.21
CA GLN IA 329 -24.59 -51.01 56.89
C GLN IA 329 -23.64 -52.20 56.87
N ILE IA 330 -22.46 -52.05 57.47
CA ILE IA 330 -21.51 -53.17 57.51
C ILE IA 330 -22.09 -54.35 58.27
N GLN IA 331 -22.73 -54.08 59.41
CA GLN IA 331 -23.34 -55.17 60.18
C GLN IA 331 -24.44 -55.87 59.39
N LYS IA 332 -25.26 -55.09 58.66
CA LYS IA 332 -26.31 -55.70 57.86
C LYS IA 332 -25.73 -56.56 56.75
N LEU IA 333 -24.67 -56.09 56.08
CA LEU IA 333 -24.07 -56.88 55.03
C LEU IA 333 -23.49 -58.18 55.55
N LYS IA 334 -22.81 -58.13 56.71
CA LYS IA 334 -22.26 -59.36 57.28
C LYS IA 334 -23.37 -60.32 57.68
N GLU IA 335 -24.45 -59.81 58.28
CA GLU IA 335 -25.55 -60.69 58.65
C GLU IA 335 -26.18 -61.34 57.43
N GLN IA 336 -26.36 -60.59 56.35
CA GLN IA 336 -26.92 -61.18 55.14
C GLN IA 336 -25.98 -62.22 54.54
N ASN IA 337 -24.68 -61.94 54.53
CA ASN IA 337 -23.73 -62.91 53.99
C ASN IA 337 -23.73 -64.21 54.77
N ASN IA 338 -23.86 -64.14 56.10
CA ASN IA 338 -23.85 -65.36 56.89
C ASN IA 338 -25.05 -66.28 56.59
N LEU IA 339 -26.10 -65.76 55.96
CA LEU IA 339 -27.30 -66.57 55.72
C LEU IA 339 -27.13 -67.55 54.57
N LEU IA 340 -26.38 -67.17 53.53
CA LEU IA 340 -26.26 -68.03 52.35
C LEU IA 340 -25.50 -69.31 52.63
N GLN IA 341 -24.49 -69.24 53.51
CA GLN IA 341 -23.57 -70.34 53.75
C GLN IA 341 -23.00 -70.82 52.43
N PRO IA 342 -22.12 -70.05 51.78
CA PRO IA 342 -21.52 -70.51 50.53
C PRO IA 342 -20.42 -71.52 50.79
N GLY IA 343 -19.79 -72.01 49.73
CA GLY IA 343 -18.74 -73.01 49.88
C GLY IA 343 -17.36 -72.40 49.92
N GLU IA 344 -16.59 -72.62 48.87
CA GLU IA 344 -15.25 -72.07 48.74
C GLU IA 344 -15.21 -71.15 47.52
N GLU IA 345 -14.01 -70.71 47.16
CA GLU IA 345 -13.78 -69.74 46.09
C GLU IA 345 -14.43 -68.39 46.38
N LEU IA 346 -15.03 -68.23 47.56
CA LEU IA 346 -15.53 -66.95 48.04
C LEU IA 346 -14.80 -66.48 49.28
N THR IA 347 -13.79 -67.23 49.74
CA THR IA 347 -13.07 -66.85 50.95
C THR IA 347 -12.44 -65.46 50.90
N PRO IA 348 -11.89 -64.97 49.80
CA PRO IA 348 -11.29 -63.62 49.84
C PRO IA 348 -12.24 -62.52 50.28
N GLN IA 349 -13.54 -62.66 49.99
CA GLN IA 349 -14.49 -61.64 50.45
C GLN IA 349 -14.70 -61.72 51.96
N ARG IA 350 -14.63 -62.93 52.52
CA ARG IA 350 -14.86 -63.07 53.96
C ARG IA 350 -13.81 -62.31 54.75
N GLN IA 351 -12.56 -62.30 54.29
CA GLN IA 351 -11.52 -61.59 55.02
C GLN IA 351 -11.80 -60.08 55.06
N MET IA 352 -12.23 -59.50 53.95
CA MET IA 352 -12.49 -58.08 53.96
C MET IA 352 -13.73 -57.75 54.76
N LEU IA 353 -14.75 -58.61 54.72
CA LEU IA 353 -15.90 -58.41 55.60
C LEU IA 353 -15.52 -58.49 57.06
N ILE IA 354 -14.54 -59.33 57.40
CA ILE IA 354 -14.08 -59.42 58.79
C ILE IA 354 -13.31 -58.17 59.17
N ASN IA 355 -12.44 -57.68 58.29
CA ASN IA 355 -11.58 -56.55 58.64
C ASN IA 355 -12.36 -55.24 58.72
N ALA IA 356 -13.37 -55.07 57.87
CA ALA IA 356 -14.07 -53.79 57.81
C ALA IA 356 -14.75 -53.46 59.12
N GLU IA 357 -15.35 -54.45 59.79
CA GLU IA 357 -16.07 -54.17 61.02
C GLU IA 357 -15.12 -53.65 62.10
N ALA IA 358 -13.96 -54.29 62.26
CA ALA IA 358 -13.00 -53.81 63.24
C ALA IA 358 -12.52 -52.40 62.89
N SER IA 359 -12.26 -52.15 61.61
CA SER IA 359 -11.79 -50.81 61.21
C SER IA 359 -12.83 -49.75 61.54
N LEU IA 360 -14.11 -50.03 61.28
CA LEU IA 360 -15.14 -49.04 61.58
C LEU IA 360 -15.32 -48.84 63.09
N LEU IA 361 -15.25 -49.94 63.85
CA LEU IA 361 -15.42 -49.84 65.29
C LEU IA 361 -14.33 -48.98 65.91
N GLU IA 362 -13.11 -49.06 65.37
CA GLU IA 362 -12.03 -48.25 65.90
C GLU IA 362 -12.33 -46.76 65.77
N ALA IA 363 -12.87 -46.34 64.62
CA ALA IA 363 -13.18 -44.91 64.43
C ALA IA 363 -14.36 -44.48 65.29
N VAL IA 364 -15.40 -45.31 65.37
CA VAL IA 364 -16.53 -44.95 66.23
C VAL IA 364 -16.08 -44.80 67.67
N LYS IA 365 -15.07 -45.58 68.08
CA LYS IA 365 -14.51 -45.40 69.41
C LYS IA 365 -13.72 -44.10 69.50
N ARG IA 366 -12.72 -43.93 68.63
CA ARG IA 366 -11.84 -42.76 68.72
C ARG IA 366 -12.35 -41.61 67.84
N LYS IA 367 -13.64 -41.34 67.98
CA LYS IA 367 -14.17 -40.03 67.59
C LYS IA 367 -14.36 -39.08 68.77
N SER IA 368 -14.66 -39.61 69.96
CA SER IA 368 -15.09 -38.78 71.07
C SER IA 368 -13.98 -37.85 71.55
N ALA IA 369 -12.74 -38.33 71.61
CA ALA IA 369 -11.64 -37.49 72.07
C ALA IA 369 -11.46 -36.28 71.16
N GLU IA 370 -11.48 -36.50 69.84
CA GLU IA 370 -11.36 -35.39 68.91
C GLU IA 370 -12.55 -34.45 69.03
N GLN IA 371 -13.74 -35.00 69.25
CA GLN IA 371 -14.90 -34.13 69.41
C GLN IA 371 -14.75 -33.22 70.63
N ALA IA 372 -14.29 -33.77 71.75
CA ALA IA 372 -14.09 -32.97 72.94
C ALA IA 372 -12.99 -31.92 72.73
N LYS IA 373 -11.92 -32.30 72.04
CA LYS IA 373 -10.85 -31.34 71.76
C LYS IA 373 -11.38 -30.19 70.91
N GLU IA 374 -12.25 -30.49 69.95
CA GLU IA 374 -12.84 -29.43 69.14
C GLU IA 374 -13.78 -28.56 69.99
N ASN IA 375 -14.53 -29.18 70.91
CA ASN IA 375 -15.42 -28.39 71.77
C ASN IA 375 -14.63 -27.40 72.62
N THR IA 376 -13.47 -27.82 73.13
CA THR IA 376 -12.70 -26.95 74.01
C THR IA 376 -12.01 -25.79 73.25
N LYS IA 377 -12.14 -25.74 71.92
CA LYS IA 377 -11.47 -24.73 71.12
C LYS IA 377 -12.35 -23.55 70.75
N LEU IA 378 -13.66 -23.63 70.99
CA LEU IA 378 -14.55 -22.53 70.64
C LEU IA 378 -14.36 -21.30 71.52
N ILE IA 379 -13.63 -21.41 72.63
CA ILE IA 379 -13.47 -20.30 73.55
C ILE IA 379 -12.10 -19.67 73.38
N GLN IA 380 -11.13 -20.48 72.98
CA GLN IA 380 -9.75 -20.00 72.86
C GLN IA 380 -9.62 -18.95 71.77
N THR IA 381 -10.32 -19.12 70.65
CA THR IA 381 -10.23 -18.12 69.59
C THR IA 381 -10.77 -16.77 70.06
N GLN IA 382 -11.89 -16.76 70.76
CA GLN IA 382 -12.46 -15.51 71.26
C GLN IA 382 -11.54 -14.87 72.29
N ASN IA 383 -11.03 -15.66 73.23
CA ASN IA 383 -10.15 -15.10 74.25
C ASN IA 383 -8.76 -14.79 73.70
N LYS IA 384 -8.45 -15.21 72.49
CA LYS IA 384 -7.14 -14.97 71.89
C LYS IA 384 -7.13 -13.81 70.92
N GLN IA 385 -8.27 -13.45 70.33
CA GLN IA 385 -8.29 -12.31 69.42
C GLN IA 385 -8.02 -10.99 70.14
N LEU IA 386 -8.36 -10.89 71.41
CA LEU IA 386 -8.21 -9.62 72.13
C LEU IA 386 -6.74 -9.26 72.34
N VAL IA 387 -5.89 -10.26 72.57
CA VAL IA 387 -4.46 -10.02 72.72
C VAL IA 387 -3.88 -9.39 71.46
N ILE IA 388 -4.31 -9.88 70.30
CA ILE IA 388 -3.86 -9.27 69.05
C ILE IA 388 -4.47 -7.89 68.89
N ASP IA 389 -5.72 -7.71 69.32
CA ASP IA 389 -6.38 -6.42 69.14
C ASP IA 389 -5.67 -5.31 69.89
N GLN IA 390 -5.18 -5.60 71.10
CA GLN IA 390 -4.55 -4.56 71.91
C GLN IA 390 -3.33 -3.97 71.23
N VAL IA 391 -2.54 -4.81 70.55
CA VAL IA 391 -1.34 -4.33 69.90
C VAL IA 391 -1.68 -3.28 68.85
N TYR IA 392 -2.68 -3.56 68.02
CA TYR IA 392 -3.03 -2.61 66.97
C TYR IA 392 -3.71 -1.37 67.53
N GLN IA 393 -4.48 -1.51 68.61
CA GLN IA 393 -5.06 -0.33 69.23
C GLN IA 393 -3.98 0.60 69.76
N ARG IA 394 -2.89 0.04 70.30
CA ARG IA 394 -1.78 0.88 70.73
C ARG IA 394 -1.02 1.45 69.53
N ARG IA 395 -0.87 0.67 68.46
CA ARG IA 395 -0.11 1.11 67.31
C ARG IA 395 -0.81 2.24 66.56
N LEU IA 396 -2.12 2.28 66.61
CA LEU IA 396 -2.89 3.29 65.90
C LEU IA 396 -2.82 4.68 66.54
N ALA IA 397 -1.91 4.92 67.49
CA ALA IA 397 -1.78 6.22 68.14
C ALA IA 397 -0.32 6.59 68.33
N GLY IA 398 0.52 6.23 67.38
CA GLY IA 398 1.91 6.63 67.41
C GLY IA 398 2.80 5.85 68.34
N ASP IA 399 2.97 4.55 68.07
CA ASP IA 399 3.85 3.71 68.89
C ASP IA 399 4.43 2.61 68.02
N ASN IA 400 5.58 2.10 68.43
CA ASN IA 400 6.23 0.97 67.78
C ASN IA 400 6.09 -0.24 68.71
N VAL IA 401 5.49 -1.31 68.20
CA VAL IA 401 5.19 -2.48 69.02
C VAL IA 401 5.80 -3.77 68.46
N SER IA 402 6.29 -3.76 67.21
CA SER IA 402 6.97 -4.90 66.60
C SER IA 402 6.02 -6.11 66.53
N THR IA 403 5.00 -5.97 65.68
CA THR IA 403 3.93 -6.95 65.57
C THR IA 403 4.40 -8.23 64.87
N ASN IA 404 5.27 -8.97 65.56
CA ASN IA 404 5.52 -10.36 65.19
C ASN IA 404 4.39 -11.22 65.72
N TYR IA 405 4.49 -12.54 65.52
CA TYR IA 405 3.54 -13.44 66.13
C TYR IA 405 4.19 -14.40 67.11
N GLU IA 406 5.52 -14.37 67.23
CA GLU IA 406 6.22 -15.09 68.28
C GLU IA 406 6.58 -14.18 69.46
N ASP IA 407 6.10 -12.95 69.45
CA ASP IA 407 6.41 -11.96 70.49
C ASP IA 407 5.16 -11.52 71.24
N LEU IA 408 4.21 -12.43 71.43
CA LEU IA 408 3.00 -12.11 72.16
C LEU IA 408 2.98 -12.80 73.52
N PRO IA 409 2.30 -12.24 74.51
CA PRO IA 409 2.29 -12.84 75.85
C PRO IA 409 1.50 -14.15 75.85
N VAL IA 410 2.15 -15.22 76.31
CA VAL IA 410 1.51 -16.52 76.38
C VAL IA 410 0.84 -16.68 77.73
N SER IA 411 -0.14 -17.59 77.78
CA SER IA 411 -0.91 -17.83 79.00
C SER IA 411 -1.56 -19.20 78.87
N GLU IA 412 -2.47 -19.51 79.80
CA GLU IA 412 -3.19 -20.77 79.78
C GLU IA 412 -4.59 -20.64 79.20
N ALA IA 413 -5.13 -19.43 79.11
CA ALA IA 413 -6.43 -19.21 78.51
C ALA IA 413 -6.35 -19.00 77.00
N THR IA 414 -5.15 -18.95 76.43
CA THR IA 414 -4.98 -18.77 74.99
C THR IA 414 -4.31 -19.97 74.33
N GLY IA 415 -3.10 -20.34 74.76
CA GLY IA 415 -2.40 -21.43 74.12
C GLY IA 415 -1.12 -21.02 73.42
N GLU IA 416 -1.00 -21.36 72.13
CA GLU IA 416 0.16 -21.02 71.33
C GLU IA 416 -0.29 -20.26 70.09
N PHE IA 417 0.69 -19.77 69.32
CA PHE IA 417 0.41 -18.91 68.17
C PHE IA 417 1.12 -19.44 66.93
N LYS IA 418 0.38 -19.50 65.83
CA LYS IA 418 0.93 -19.85 64.52
C LYS IA 418 0.60 -18.72 63.54
N ARG IA 419 0.90 -18.96 62.26
CA ARG IA 419 0.75 -17.90 61.27
C ARG IA 419 -0.70 -17.60 60.94
N SER IA 420 -1.58 -18.60 61.01
CA SER IA 420 -2.97 -18.40 60.60
C SER IA 420 -3.75 -17.51 61.55
N ASP IA 421 -3.35 -17.42 62.81
CA ASP IA 421 -4.04 -16.53 63.74
C ASP IA 421 -3.82 -15.07 63.37
N MET IA 422 -2.73 -14.77 62.68
CA MET IA 422 -2.48 -13.43 62.17
C MET IA 422 -3.14 -13.19 60.81
N ASN IA 423 -3.86 -14.18 60.28
CA ASN IA 423 -4.58 -14.04 59.03
C ASN IA 423 -6.10 -14.08 59.20
N ASN IA 424 -6.60 -14.81 60.20
CA ASN IA 424 -8.04 -14.75 60.48
C ASN IA 424 -8.44 -13.47 61.19
N TYR IA 425 -7.51 -12.82 61.89
CA TYR IA 425 -7.84 -11.60 62.61
C TYR IA 425 -8.26 -10.50 61.66
N ALA IA 426 -7.59 -10.37 60.52
CA ALA IA 426 -7.94 -9.31 59.57
C ALA IA 426 -9.36 -9.50 59.03
N SER IA 427 -9.72 -10.73 58.67
CA SER IA 427 -11.07 -11.00 58.20
C SER IA 427 -12.09 -10.73 59.30
N ALA IA 428 -11.78 -11.13 60.53
CA ALA IA 428 -12.70 -10.87 61.63
C ALA IA 428 -12.92 -9.38 61.84
N LYS IA 429 -11.84 -8.60 61.79
CA LYS IA 429 -11.97 -7.15 61.99
C LYS IA 429 -12.75 -6.50 60.87
N LEU IA 430 -12.47 -6.87 59.62
CA LEU IA 430 -13.17 -6.26 58.50
C LEU IA 430 -14.64 -6.66 58.47
N GLN IA 431 -14.98 -7.84 58.99
CA GLN IA 431 -16.38 -8.19 59.12
C GLN IA 431 -17.04 -7.48 60.29
N GLN IA 432 -16.31 -7.25 61.38
CA GLN IA 432 -16.89 -6.53 62.50
C GLN IA 432 -17.20 -5.08 62.14
N ILE IA 433 -16.31 -4.43 61.38
CA ILE IA 433 -16.47 -3.00 61.10
C ILE IA 433 -17.77 -2.75 60.34
N ASP IA 434 -18.10 -3.62 59.39
CA ASP IA 434 -19.31 -3.45 58.59
C ASP IA 434 -20.58 -3.86 59.32
N GLN IA 435 -20.53 -3.97 60.65
CA GLN IA 435 -21.72 -4.23 61.44
C GLN IA 435 -22.04 -3.13 62.44
N MET IA 436 -21.19 -2.12 62.56
CA MET IA 436 -21.42 -1.05 63.51
C MET IA 436 -22.60 -0.18 63.08
N ASP IA 437 -22.99 0.73 63.96
CA ASP IA 437 -24.17 1.57 63.78
C ASP IA 437 -23.81 3.01 63.42
N ILE IA 438 -22.81 3.20 62.58
CA ILE IA 438 -22.32 4.52 62.21
C ILE IA 438 -22.46 4.67 60.71
N PRO IA 439 -22.49 5.91 60.19
CA PRO IA 439 -22.64 6.12 58.74
C PRO IA 439 -21.50 5.56 57.91
N GLU IA 440 -21.64 5.67 56.58
CA GLU IA 440 -20.69 5.05 55.67
C GLU IA 440 -19.32 5.72 55.71
N ALA IA 441 -19.30 7.04 55.91
CA ALA IA 441 -18.03 7.77 55.88
C ALA IA 441 -17.07 7.26 56.95
N ALA IA 442 -17.58 7.04 58.17
CA ALA IA 442 -16.74 6.49 59.23
C ALA IA 442 -16.30 5.06 58.89
N LYS IA 443 -17.20 4.27 58.30
CA LYS IA 443 -16.86 2.90 57.93
C LYS IA 443 -15.73 2.86 56.92
N ASP IA 444 -15.60 3.88 56.08
CA ASP IA 444 -14.47 3.93 55.15
C ASP IA 444 -13.21 4.50 55.80
N ALA IA 445 -13.37 5.55 56.61
CA ALA IA 445 -12.21 6.17 57.24
C ALA IA 445 -11.50 5.20 58.14
N GLN IA 446 -12.24 4.40 58.91
CA GLN IA 446 -11.61 3.47 59.83
C GLN IA 446 -10.83 2.39 59.08
N LYS IA 447 -11.40 1.86 58.01
CA LYS IA 447 -10.71 0.82 57.23
C LYS IA 447 -9.41 1.35 56.65
N VAL IA 448 -9.46 2.55 56.05
CA VAL IA 448 -8.22 3.09 55.48
C VAL IA 448 -7.21 3.40 56.58
N ALA IA 449 -7.68 3.87 57.74
CA ALA IA 449 -6.78 4.13 58.86
C ALA IA 449 -6.07 2.87 59.30
N LEU IA 450 -6.83 1.76 59.40
CA LEU IA 450 -6.21 0.49 59.78
C LEU IA 450 -5.19 0.03 58.75
N LEU IA 451 -5.49 0.24 57.46
CA LEU IA 451 -4.49 -0.09 56.45
C LEU IA 451 -3.22 0.74 56.61
N ARG IA 452 -3.38 2.03 56.92
CA ARG IA 452 -2.26 2.96 56.93
C ARG IA 452 -1.32 2.77 58.12
N ALA IA 453 -1.74 2.05 59.16
CA ALA IA 453 -0.92 1.85 60.34
C ALA IA 453 -0.13 0.54 60.32
N ASP IA 454 -0.33 -0.29 59.30
CA ASP IA 454 0.29 -1.60 59.26
C ASP IA 454 1.73 -1.51 58.78
N THR IA 455 2.51 -2.52 59.14
CA THR IA 455 3.88 -2.63 58.66
C THR IA 455 3.88 -3.32 57.30
N ASN IA 456 5.08 -3.53 56.74
CA ASN IA 456 5.17 -4.21 55.45
C ASN IA 456 4.80 -5.68 55.54
N ASN IA 457 4.81 -6.25 56.74
CA ASN IA 457 4.47 -7.65 56.96
C ASN IA 457 3.20 -7.69 57.80
N GLY IA 458 2.05 -7.75 57.15
CA GLY IA 458 0.79 -7.77 57.85
C GLY IA 458 -0.33 -8.29 56.99
N PRO IA 459 -1.46 -8.64 57.62
CA PRO IA 459 -2.56 -9.23 56.85
C PRO IA 459 -3.36 -8.23 56.03
N PHE IA 460 -3.45 -6.97 56.48
CA PHE IA 460 -4.30 -6.00 55.79
C PHE IA 460 -3.82 -5.74 54.38
N ARG IA 461 -2.50 -5.64 54.19
CA ARG IA 461 -1.97 -5.40 52.86
C ARG IA 461 -2.31 -6.54 51.92
N ASN IA 462 -2.21 -7.78 52.40
CA ASN IA 462 -2.57 -8.92 51.55
C ASN IA 462 -4.05 -8.88 51.19
N ALA IA 463 -4.91 -8.56 52.17
CA ALA IA 463 -6.34 -8.52 51.89
C ALA IA 463 -6.65 -7.48 50.82
N PHE IA 464 -6.04 -6.30 50.92
CA PHE IA 464 -6.32 -5.27 49.93
C PHE IA 464 -5.71 -5.61 48.57
N GLN IA 465 -4.60 -6.33 48.56
CA GLN IA 465 -4.03 -6.78 47.29
C GLN IA 465 -5.00 -7.71 46.56
N THR IA 466 -5.54 -8.69 47.30
CA THR IA 466 -6.51 -9.60 46.70
C THR IA 466 -7.74 -8.85 46.18
N LEU IA 467 -8.24 -7.89 46.97
CA LEU IA 467 -9.41 -7.13 46.54
C LEU IA 467 -9.11 -6.35 45.26
N THR IA 468 -7.93 -5.73 45.18
CA THR IA 468 -7.55 -4.96 44.00
C THR IA 468 -7.56 -5.84 42.75
N GLN IA 469 -6.92 -7.01 42.84
CA GLN IA 469 -6.84 -7.89 41.68
C GLN IA 469 -8.22 -8.35 41.24
N ASP IA 470 -9.09 -8.69 42.20
CA ASP IA 470 -10.45 -9.10 41.82
C ASP IA 470 -11.20 -7.99 41.10
N ALA IA 471 -11.06 -6.75 41.59
CA ALA IA 471 -11.76 -5.64 40.93
C ALA IA 471 -11.28 -5.45 39.50
N ALA IA 472 -9.96 -5.52 39.28
CA ALA IA 472 -9.45 -5.37 37.92
C ALA IA 472 -10.00 -6.45 36.99
N GLY IA 473 -10.02 -7.70 37.47
CA GLY IA 473 -10.55 -8.77 36.66
C GLY IA 473 -12.01 -8.56 36.29
N GLU IA 474 -12.82 -8.11 37.25
CA GLU IA 474 -14.23 -7.88 36.97
C GLU IA 474 -14.41 -6.80 35.91
N TRP IA 475 -13.61 -5.73 35.99
CA TRP IA 475 -13.74 -4.68 34.97
C TRP IA 475 -13.39 -5.22 33.58
N GLN IA 476 -12.34 -6.02 33.47
CA GLN IA 476 -11.97 -6.55 32.15
C GLN IA 476 -13.07 -7.44 31.58
N ALA IA 477 -13.65 -8.31 32.43
CA ALA IA 477 -14.75 -9.14 31.95
C ALA IA 477 -15.93 -8.30 31.50
N ALA IA 478 -16.21 -7.20 32.22
CA ALA IA 478 -17.30 -6.33 31.82
C ALA IA 478 -17.05 -5.69 30.46
N VAL IA 479 -15.79 -5.33 30.18
CA VAL IA 479 -15.48 -4.81 28.85
C VAL IA 479 -15.74 -5.87 27.79
N ILE IA 480 -15.27 -7.10 28.03
CA ILE IA 480 -15.41 -8.15 27.01
C ILE IA 480 -16.87 -8.46 26.73
N ARG IA 481 -17.69 -8.57 27.78
CA ARG IA 481 -19.10 -8.91 27.59
C ARG IA 481 -19.83 -7.83 26.79
N GLY IA 482 -19.55 -6.56 27.07
CA GLY IA 482 -20.15 -5.46 26.34
C GLY IA 482 -21.33 -4.80 27.03
N GLN IA 483 -21.67 -5.21 28.25
CA GLN IA 483 -22.82 -4.66 28.96
C GLN IA 483 -22.44 -4.45 30.42
N TYR IA 484 -23.18 -3.55 31.08
CA TYR IA 484 -22.97 -3.26 32.50
C TYR IA 484 -24.11 -3.89 33.30
N ASP IA 485 -23.81 -4.98 34.01
CA ASP IA 485 -24.80 -5.70 34.78
C ASP IA 485 -24.56 -5.44 36.26
N PRO IA 486 -25.48 -4.78 36.97
CA PRO IA 486 -25.20 -4.35 38.34
C PRO IA 486 -25.24 -5.45 39.39
N ASP IA 487 -25.53 -6.69 39.02
CA ASP IA 487 -25.56 -7.78 39.97
C ASP IA 487 -24.31 -8.65 39.94
N LYS IA 488 -23.45 -8.49 38.93
CA LYS IA 488 -22.21 -9.23 38.87
C LYS IA 488 -20.99 -8.40 39.21
N MET IA 489 -21.13 -7.07 39.23
CA MET IA 489 -20.06 -6.16 39.61
C MET IA 489 -20.30 -5.78 41.06
N GLN IA 490 -19.65 -6.51 41.98
CA GLN IA 490 -19.82 -6.24 43.40
C GLN IA 490 -18.52 -6.01 44.15
N ARG IA 491 -17.40 -6.53 43.67
CA ARG IA 491 -16.11 -6.15 44.22
C ARG IA 491 -15.52 -4.92 43.56
N PHE IA 492 -16.08 -4.51 42.42
CA PHE IA 492 -15.67 -3.26 41.78
C PHE IA 492 -16.25 -2.04 42.49
N GLU IA 493 -17.40 -2.20 43.13
CA GLU IA 493 -18.08 -1.08 43.79
C GLU IA 493 -17.79 -1.00 45.28
N SER IA 494 -16.95 -1.88 45.82
CA SER IA 494 -16.54 -1.80 47.22
C SER IA 494 -15.17 -1.19 47.40
N LEU IA 495 -14.28 -1.34 46.43
CA LEU IA 495 -13.00 -0.65 46.46
C LEU IA 495 -13.14 0.82 46.09
N ARG IA 496 -14.08 1.14 45.20
CA ARG IA 496 -14.30 2.52 44.81
C ARG IA 496 -14.74 3.36 45.99
N ARG IA 497 -15.58 2.78 46.86
CA ARG IA 497 -16.09 3.52 48.01
C ARG IA 497 -14.97 3.88 48.98
N ALA IA 498 -14.00 3.00 49.17
CA ALA IA 498 -12.87 3.28 50.05
C ALA IA 498 -11.73 4.01 49.37
N TYR IA 499 -11.77 4.13 48.04
CA TYR IA 499 -10.73 4.88 47.35
C TYR IA 499 -10.92 6.38 47.49
N THR IA 500 -12.15 6.84 47.70
CA THR IA 500 -12.42 8.27 47.72
C THR IA 500 -11.71 8.96 48.88
N GLN IA 501 -11.71 8.33 50.07
CA GLN IA 501 -11.21 8.99 51.26
C GLN IA 501 -9.71 9.21 51.25
N ASP IA 502 -8.96 8.47 50.44
CA ASP IA 502 -7.53 8.70 50.32
C ASP IA 502 -6.99 8.21 48.98
N PRO IA 503 -6.91 9.06 47.97
CA PRO IA 503 -6.43 8.63 46.65
C PRO IA 503 -4.95 8.80 46.39
N SER IA 504 -4.14 9.12 47.39
CA SER IA 504 -2.71 9.27 47.17
C SER IA 504 -1.87 8.15 47.79
N SER IA 505 -2.36 7.47 48.83
CA SER IA 505 -1.65 6.32 49.35
C SER IA 505 -1.86 5.09 48.50
N PHE IA 506 -3.04 4.96 47.89
CA PHE IA 506 -3.31 3.84 47.01
C PHE IA 506 -2.36 3.86 45.81
N ALA IA 507 -2.06 5.05 45.29
CA ALA IA 507 -1.19 5.19 44.13
C ALA IA 507 0.29 5.10 44.47
N ALA IA 508 0.63 5.01 45.76
CA ALA IA 508 2.00 4.79 46.18
C ALA IA 508 2.25 3.40 46.72
N LEU IA 509 1.20 2.68 47.14
CA LEU IA 509 1.36 1.32 47.64
C LEU IA 509 1.24 0.26 46.56
N TYR IA 510 0.37 0.48 45.57
CA TYR IA 510 0.13 -0.48 44.50
C TYR IA 510 0.30 0.23 43.16
N PRO IA 511 1.55 0.45 42.74
CA PRO IA 511 1.79 1.23 41.52
C PRO IA 511 1.56 0.47 40.22
N ASP IA 512 1.24 -0.81 40.28
CA ASP IA 512 1.13 -1.62 39.08
C ASP IA 512 -0.28 -1.67 38.50
N GLN IA 513 -1.23 -0.97 39.09
CA GLN IA 513 -2.62 -0.98 38.63
C GLN IA 513 -3.18 0.43 38.57
N ALA IA 514 -2.43 1.33 37.91
CA ALA IA 514 -2.87 2.71 37.78
C ALA IA 514 -4.01 2.90 36.79
N GLN IA 515 -4.36 1.87 36.02
CA GLN IA 515 -5.48 1.98 35.08
C GLN IA 515 -6.81 2.07 35.83
N LEU IA 516 -7.01 1.19 36.80
CA LEU IA 516 -8.26 1.16 37.55
C LEU IA 516 -8.49 2.47 38.30
N PHE IA 517 -7.42 3.07 38.81
CA PHE IA 517 -7.57 4.35 39.49
C PHE IA 517 -8.00 5.46 38.53
N SER IA 518 -7.49 5.43 37.29
CA SER IA 518 -7.97 6.36 36.28
C SER IA 518 -9.44 6.15 35.98
N THR IA 519 -9.86 4.89 35.87
CA THR IA 519 -11.28 4.60 35.63
C THR IA 519 -12.15 5.13 36.76
N PHE IA 520 -11.71 4.95 38.01
CA PHE IA 520 -12.44 5.52 39.14
C PHE IA 520 -12.50 7.05 39.05
N ASP IA 521 -11.36 7.66 38.72
CA ASP IA 521 -11.24 9.11 38.80
C ASP IA 521 -12.13 9.80 37.78
N GLN IA 522 -12.18 9.26 36.56
CA GLN IA 522 -13.07 9.84 35.54
C GLN IA 522 -14.53 9.78 35.95
N MET IA 523 -14.94 8.74 36.65
CA MET IA 523 -16.32 8.64 37.13
C MET IA 523 -16.59 9.58 38.28
N ASP IA 524 -15.63 9.74 39.20
CA ASP IA 524 -15.87 10.55 40.38
C ASP IA 524 -15.86 12.05 40.07
N LYS IA 525 -14.89 12.52 39.28
CA LYS IA 525 -14.68 13.96 39.14
C LYS IA 525 -15.24 14.54 37.85
N ILE IA 526 -14.85 13.98 36.70
CA ILE IA 526 -15.27 14.53 35.42
C ILE IA 526 -16.79 14.42 35.26
N GLY IA 527 -17.33 13.23 35.54
CA GLY IA 527 -18.77 13.06 35.61
C GLY IA 527 -19.41 12.23 34.53
N LEU IA 528 -18.70 11.24 34.00
CA LEU IA 528 -19.26 10.38 32.96
C LEU IA 528 -20.18 9.35 33.62
N ASP IA 529 -20.65 8.39 32.83
CA ASP IA 529 -21.51 7.32 33.28
C ASP IA 529 -20.91 5.98 32.89
N PRO IA 530 -21.16 4.93 33.67
CA PRO IA 530 -20.43 3.67 33.46
C PRO IA 530 -20.70 3.00 32.13
N GLN IA 531 -21.78 3.37 31.44
CA GLN IA 531 -22.19 2.65 30.24
C GLN IA 531 -21.49 3.14 28.98
N THR IA 532 -20.80 4.28 29.04
CA THR IA 532 -20.15 4.83 27.85
C THR IA 532 -18.69 4.45 27.72
N MET IA 533 -17.97 4.25 28.81
CA MET IA 533 -16.60 3.78 28.67
C MET IA 533 -16.57 2.34 28.13
N ILE IA 534 -17.58 1.54 28.45
CA ILE IA 534 -17.67 0.15 28.00
C ILE IA 534 -17.75 0.11 26.48
N GLU IA 535 -18.27 1.17 25.87
CA GLU IA 535 -18.33 1.27 24.43
C GLU IA 535 -17.13 1.98 23.82
N ALA IA 536 -16.63 3.03 24.47
CA ALA IA 536 -15.44 3.71 23.97
C ALA IA 536 -14.23 2.81 23.97
N ASP IA 537 -14.05 2.00 25.02
CA ASP IA 537 -12.94 1.04 25.05
C ASP IA 537 -13.11 -0.04 24.00
N LYS IA 538 -14.33 -0.53 23.82
CA LYS IA 538 -14.57 -1.58 22.83
C LYS IA 538 -14.25 -1.09 21.43
N GLN IA 539 -14.67 0.12 21.09
CA GLN IA 539 -14.35 0.64 19.77
C GLN IA 539 -12.99 1.33 19.78
N ALA IA 540 -11.99 0.65 20.32
CA ALA IA 540 -10.61 1.14 20.26
C ALA IA 540 -9.59 0.05 19.98
N ALA IA 541 -9.91 -1.22 20.23
CA ALA IA 541 -8.96 -2.30 19.96
C ALA IA 541 -8.71 -2.47 18.49
N SER IA 542 -9.66 -2.07 17.63
CA SER IA 542 -9.47 -2.18 16.19
C SER IA 542 -8.30 -1.33 15.72
N GLN IA 543 -8.19 -0.10 16.22
CA GLN IA 543 -7.05 0.76 15.89
C GLN IA 543 -6.03 0.67 17.02
N SER IA 544 -5.32 -0.45 17.07
CA SER IA 544 -4.25 -0.62 18.06
C SER IA 544 -3.18 0.43 17.82
N ARG IA 545 -3.01 1.36 18.77
CA ARG IA 545 -2.25 2.56 18.45
C ARG IA 545 -0.75 2.29 18.37
N GLU IA 546 -0.13 2.04 19.53
CA GLU IA 546 1.32 1.80 19.64
C GLU IA 546 2.12 2.67 18.68
N MET IA 547 1.73 3.93 18.53
CA MET IA 547 2.21 4.79 17.44
C MET IA 547 3.50 5.49 17.85
N ARG IA 548 4.59 4.72 17.86
CA ARG IA 548 5.94 5.23 18.07
C ARG IA 548 6.03 6.03 19.37
N MET IA 549 5.77 5.34 20.47
CA MET IA 549 5.59 5.98 21.78
C MET IA 549 6.54 5.33 22.78
N GLU IA 550 6.30 5.61 24.07
CA GLU IA 550 7.20 5.33 25.18
C GLU IA 550 8.01 4.05 25.04
N SER IA 551 9.33 4.18 25.19
CA SER IA 551 10.26 3.06 25.15
C SER IA 551 11.31 3.20 26.22
N ASP IA 552 10.89 3.58 27.43
CA ASP IA 552 11.76 3.71 28.60
C ASP IA 552 12.78 4.83 28.44
N LYS IA 553 12.77 5.48 27.27
CA LYS IA 553 13.64 6.62 27.00
C LYS IA 553 12.89 7.87 26.55
N ALA IA 554 11.73 7.72 25.92
CA ALA IA 554 10.93 8.88 25.59
C ALA IA 554 10.38 9.59 26.83
N TRP IA 555 10.31 8.88 27.96
CA TRP IA 555 9.86 9.53 29.19
C TRP IA 555 10.84 10.59 29.65
N GLN IA 556 12.14 10.31 29.56
CA GLN IA 556 13.14 11.28 30.01
C GLN IA 556 13.08 12.56 29.19
N GLU IA 557 12.90 12.43 27.88
CA GLU IA 557 12.76 13.63 27.05
C GLU IA 557 11.48 14.38 27.41
N LEU IA 558 10.39 13.65 27.65
CA LEU IA 558 9.11 14.29 27.94
C LEU IA 558 9.14 15.02 29.28
N LYS IA 559 9.96 14.58 30.21
CA LYS IA 559 10.07 15.24 31.50
C LYS IA 559 11.07 16.39 31.51
N ASN IA 560 11.79 16.62 30.42
CA ASN IA 560 12.81 17.65 30.39
C ASN IA 560 12.46 18.81 29.47
N ASP IA 561 11.31 18.77 28.80
CA ASP IA 561 10.91 19.89 27.96
C ASP IA 561 10.69 21.14 28.80
N SER IA 562 11.10 22.27 28.24
CA SER IA 562 10.90 23.56 28.89
C SER IA 562 9.45 24.02 28.84
N ARG IA 563 8.67 23.48 27.90
CA ARG IA 563 7.26 23.82 27.80
C ARG IA 563 6.49 23.31 29.02
N ASN IA 564 6.81 22.10 29.48
CA ASN IA 564 6.13 21.49 30.62
C ASN IA 564 6.95 21.75 31.87
N LYS IA 565 6.39 22.53 32.81
CA LYS IA 565 7.09 22.85 34.05
C LYS IA 565 6.48 22.20 35.27
N ASP IA 566 5.27 21.64 35.18
CA ASP IA 566 4.73 20.87 36.28
C ASP IA 566 5.29 19.46 36.32
N LEU IA 567 5.91 19.00 35.24
CA LEU IA 567 6.53 17.68 35.18
C LEU IA 567 8.03 17.71 35.39
N SER IA 568 8.65 18.89 35.38
CA SER IA 568 10.09 18.95 35.62
C SER IA 568 10.44 18.55 37.05
N ARG IA 569 9.62 18.96 38.02
CA ARG IA 569 9.81 18.61 39.42
C ARG IA 569 8.69 17.66 39.83
N LEU IA 570 9.08 16.51 40.41
CA LEU IA 570 8.14 15.47 40.70
C LEU IA 570 8.74 14.58 41.79
N PRO IA 571 7.98 14.22 42.82
CA PRO IA 571 8.51 13.31 43.82
C PRO IA 571 8.80 11.95 43.21
N THR IA 572 9.87 11.32 43.68
CA THR IA 572 10.26 10.01 43.14
C THR IA 572 9.28 8.92 43.52
N SER IA 573 8.45 9.15 44.53
CA SER IA 573 7.48 8.14 44.93
C SER IA 573 6.38 7.98 43.90
N LEU IA 574 5.92 9.09 43.31
CA LEU IA 574 4.82 9.08 42.37
C LEU IA 574 5.28 8.99 40.92
N ASP IA 575 6.54 8.67 40.68
CA ASP IA 575 7.05 8.61 39.31
C ASP IA 575 6.66 7.33 38.58
N ALA IA 576 6.15 6.32 39.27
CA ALA IA 576 5.79 5.06 38.64
C ALA IA 576 4.32 5.00 38.24
N SER IA 577 3.53 6.01 38.56
CA SER IA 577 2.12 6.06 38.15
C SER IA 577 1.87 7.03 37.02
N ALA IA 578 2.73 8.05 36.86
CA ALA IA 578 2.59 8.97 35.75
C ALA IA 578 2.66 8.24 34.42
N ARG IA 579 3.58 7.28 34.30
CA ARG IA 579 3.73 6.54 33.04
C ARG IA 579 2.45 5.81 32.67
N LYS IA 580 1.87 5.08 33.62
CA LYS IA 580 0.69 4.30 33.30
C LYS IA 580 -0.51 5.20 33.04
N VAL IA 581 -0.64 6.31 33.77
CA VAL IA 581 -1.75 7.22 33.49
C VAL IA 581 -1.62 7.81 32.09
N TRP IA 582 -0.41 8.24 31.72
CA TRP IA 582 -0.19 8.77 30.38
C TRP IA 582 -0.51 7.73 29.32
N ASP IA 583 -0.05 6.50 29.53
CA ASP IA 583 -0.30 5.44 28.55
C ASP IA 583 -1.78 5.17 28.39
N SER IA 584 -2.52 5.11 29.50
CA SER IA 584 -3.95 4.86 29.41
C SER IA 584 -4.66 5.98 28.68
N TRP IA 585 -4.30 7.22 28.97
CA TRP IA 585 -4.96 8.35 28.30
C TRP IA 585 -4.68 8.32 26.81
N TYR IA 586 -3.41 8.09 26.43
CA TYR IA 586 -3.05 8.02 25.03
C TYR IA 586 -3.80 6.90 24.32
N TYR IA 587 -3.85 5.72 24.93
CA TYR IA 587 -4.52 4.59 24.30
C TYR IA 587 -6.00 4.87 24.10
N ARG IA 588 -6.64 5.49 25.10
CA ARG IA 588 -8.08 5.67 25.02
C ARG IA 588 -8.47 6.77 24.03
N THR IA 589 -7.73 7.89 24.02
CA THR IA 589 -8.20 9.03 23.24
C THR IA 589 -7.56 9.12 21.85
N GLY IA 590 -6.37 8.58 21.66
CA GLY IA 590 -5.71 8.66 20.36
C GLY IA 590 -4.76 9.82 20.22
N ASN IA 591 -5.12 10.99 20.73
CA ASN IA 591 -4.26 12.16 20.64
C ASN IA 591 -3.03 11.98 21.51
N ALA IA 592 -1.92 12.54 21.07
CA ALA IA 592 -0.69 12.54 21.84
C ALA IA 592 -0.46 13.85 22.57
N ASP IA 593 -1.45 14.75 22.57
CA ASP IA 593 -1.32 16.04 23.23
C ASP IA 593 -2.30 16.25 24.36
N ALA IA 594 -3.45 15.56 24.35
CA ALA IA 594 -4.34 15.62 25.50
C ALA IA 594 -3.81 14.84 26.69
N ALA IA 595 -2.97 13.83 26.45
CA ALA IA 595 -2.42 13.04 27.55
C ALA IA 595 -1.53 13.88 28.45
N THR IA 596 -0.60 14.63 27.85
CA THR IA 596 0.29 15.47 28.63
C THR IA 596 -0.42 16.64 29.28
N GLN IA 597 -1.67 16.90 28.91
CA GLN IA 597 -2.49 17.90 29.55
C GLN IA 597 -3.34 17.33 30.67
N GLN IA 598 -3.80 16.09 30.55
CA GLN IA 598 -4.58 15.44 31.59
C GLN IA 598 -3.73 14.80 32.67
N THR IA 599 -2.42 14.62 32.45
CA THR IA 599 -1.58 14.13 33.53
C THR IA 599 -1.24 15.23 34.54
N GLN IA 600 -1.06 16.46 34.07
CA GLN IA 600 -0.77 17.56 34.98
C GLN IA 600 -1.95 17.91 35.87
N ARG IA 601 -3.17 17.71 35.41
CA ARG IA 601 -4.32 17.87 36.27
C ARG IA 601 -4.40 16.76 37.31
N TRP IA 602 -3.94 15.55 36.98
CA TRP IA 602 -3.95 14.47 37.95
C TRP IA 602 -2.93 14.73 39.05
N LEU IA 603 -1.70 15.06 38.69
CA LEU IA 603 -0.71 15.29 39.74
C LEU IA 603 -0.69 16.75 40.19
N ASN IA 604 -1.89 17.28 40.44
CA ASN IA 604 -2.05 18.59 41.04
C ASN IA 604 -3.04 18.59 42.18
N GLU IA 605 -3.90 17.58 42.29
CA GLU IA 605 -4.73 17.37 43.46
C GLU IA 605 -4.11 16.40 44.45
N ASN IA 606 -2.90 15.93 44.19
CA ASN IA 606 -2.21 14.99 45.08
C ASN IA 606 -0.86 15.52 45.56
N THR IA 607 -0.60 16.82 45.45
CA THR IA 607 0.65 17.38 45.91
C THR IA 607 0.41 18.71 46.60
N VAL IA 608 1.46 19.24 47.20
CA VAL IA 608 1.43 20.52 47.89
C VAL IA 608 2.69 21.30 47.52
N THR IA 609 2.52 22.54 47.09
CA THR IA 609 3.63 23.36 46.61
C THR IA 609 3.91 24.48 47.59
N PHE IA 610 5.18 24.65 47.94
CA PHE IA 610 5.60 25.71 48.85
C PHE IA 610 6.25 26.84 48.08
N GLN IA 611 5.87 28.08 48.42
CA GLN IA 611 6.33 29.27 47.71
C GLN IA 611 7.35 30.02 48.54
N SER IA 612 8.15 30.84 47.86
CA SER IA 612 9.14 31.68 48.52
C SER IA 612 8.59 33.10 48.67
N GLU IA 613 8.69 33.64 49.87
CA GLU IA 613 8.20 34.98 50.16
C GLU IA 613 9.09 36.00 49.47
N GLY IA 614 8.55 36.71 48.48
CA GLY IA 614 9.35 37.67 47.75
C GLY IA 614 8.49 38.45 46.77
N SER IA 615 9.18 39.28 45.98
CA SER IA 615 8.49 40.06 44.96
C SER IA 615 7.85 39.16 43.91
N ASP IA 616 8.57 38.15 43.46
CA ASP IA 616 8.06 37.17 42.50
C ASP IA 616 8.10 35.79 43.13
N GLY IA 617 6.96 35.12 43.14
CA GLY IA 617 6.88 33.80 43.76
C GLY IA 617 7.67 32.78 42.95
N LYS IA 618 8.47 31.98 43.64
CA LYS IA 618 9.22 30.90 43.04
C LYS IA 618 9.06 29.64 43.88
N SER IA 619 8.80 28.52 43.22
CA SER IA 619 8.66 27.26 43.93
C SER IA 619 10.00 26.83 44.53
N ILE IA 620 9.91 26.10 45.64
CA ILE IA 620 11.13 25.64 46.32
C ILE IA 620 11.05 24.14 46.61
N GLY IA 621 9.87 23.55 46.49
CA GLY IA 621 9.74 22.12 46.74
C GLY IA 621 8.35 21.58 46.53
N MET IA 622 8.27 20.30 46.16
CA MET IA 622 7.02 19.61 45.96
C MET IA 622 7.01 18.36 46.82
N VAL IA 623 5.93 18.15 47.56
CA VAL IA 623 5.77 16.98 48.42
C VAL IA 623 4.42 16.35 48.12
N SER IA 624 4.18 15.19 48.72
CA SER IA 624 2.94 14.46 48.51
C SER IA 624 1.98 14.72 49.66
N LYS IA 625 0.68 14.63 49.35
CA LYS IA 625 -0.34 14.83 50.37
C LYS IA 625 -0.36 13.72 51.41
N HIS IA 626 0.35 12.62 51.17
CA HIS IA 626 0.35 11.50 52.10
C HIS IA 626 1.37 11.68 53.22
N GLN IA 627 2.43 12.45 52.97
CA GLN IA 627 3.46 12.65 53.97
C GLN IA 627 3.08 13.69 55.02
N LEU IA 628 1.93 14.34 54.88
CA LEU IA 628 1.50 15.35 55.83
C LEU IA 628 0.26 14.96 56.60
N MET IA 629 -0.37 13.83 56.27
CA MET IA 629 -1.66 13.45 56.83
C MET IA 629 -1.46 12.84 58.21
N VAL IA 630 -1.37 13.71 59.22
CA VAL IA 630 -1.22 13.28 60.60
C VAL IA 630 -2.59 13.25 61.26
N GLY IA 631 -2.94 12.09 61.80
CA GLY IA 631 -4.28 11.86 62.30
C GLY IA 631 -5.02 10.89 61.40
N ASP IA 632 -6.35 10.85 61.47
CA ASP IA 632 -7.12 9.96 60.63
C ASP IA 632 -8.26 10.63 59.88
N ASN IA 633 -8.75 11.78 60.32
CA ASN IA 633 -9.75 12.50 59.55
C ASN IA 633 -9.16 12.83 58.18
N PRO IA 634 -9.85 12.48 57.08
CA PRO IA 634 -9.25 12.70 55.77
C PRO IA 634 -9.27 14.16 55.32
N GLU IA 635 -8.95 15.05 56.26
CA GLU IA 635 -8.71 16.45 55.93
C GLU IA 635 -7.57 17.03 56.77
N SER IA 636 -6.68 16.19 57.28
CA SER IA 636 -5.68 16.63 58.23
C SER IA 636 -4.36 17.01 57.59
N TRP IA 637 -4.28 17.04 56.27
CA TRP IA 637 -3.05 17.50 55.64
C TRP IA 637 -2.90 18.99 55.71
N GLN IA 638 -3.78 19.69 56.43
CA GLN IA 638 -3.73 21.13 56.56
C GLN IA 638 -3.12 21.58 57.87
N VAL IA 639 -2.45 20.70 58.60
CA VAL IA 639 -1.74 21.05 59.81
C VAL IA 639 -0.23 20.92 59.65
N GLY IA 640 0.22 19.85 58.98
CA GLY IA 640 1.64 19.73 58.69
C GLY IA 640 2.13 20.87 57.82
N ARG IA 641 1.28 21.34 56.91
CA ARG IA 641 1.63 22.48 56.05
C ARG IA 641 1.93 23.71 56.89
N ASP IA 642 1.05 24.00 57.86
CA ASP IA 642 1.25 25.15 58.74
C ASP IA 642 2.49 24.98 59.60
N ILE IA 643 2.72 23.77 60.11
CA ILE IA 643 3.91 23.55 60.93
C ILE IA 643 5.18 23.78 60.13
N ILE IA 644 5.21 23.27 58.89
CA ILE IA 644 6.40 23.42 58.05
C ILE IA 644 6.65 24.89 57.73
N ASP IA 645 5.59 25.63 57.37
CA ASP IA 645 5.77 27.04 57.06
C ASP IA 645 6.28 27.81 58.28
N THR IA 646 5.72 27.54 59.46
CA THR IA 646 6.17 28.23 60.67
C THR IA 646 7.63 27.92 60.96
N ALA IA 647 8.03 26.66 60.84
CA ALA IA 647 9.42 26.30 61.09
C ALA IA 647 10.35 26.99 60.10
N ARG IA 648 9.93 27.09 58.84
CA ARG IA 648 10.76 27.68 57.81
C ARG IA 648 11.00 29.16 58.11
N LYS IA 649 9.93 29.88 58.46
CA LYS IA 649 10.06 31.29 58.83
C LYS IA 649 10.94 31.47 60.06
N GLN IA 650 10.75 30.63 61.08
CA GLN IA 650 11.57 30.76 62.28
C GLN IA 650 13.03 30.51 61.98
N LEU IA 651 13.33 29.54 61.11
CA LEU IA 651 14.71 29.25 60.78
C LEU IA 651 15.36 30.42 60.05
N ILE IA 652 14.60 31.11 59.19
CA ILE IA 652 15.10 32.37 58.64
C ILE IA 652 15.38 33.36 59.77
N LYS IA 653 14.43 33.51 60.68
CA LYS IA 653 14.51 34.59 61.67
C LYS IA 653 15.61 34.39 62.69
N ALA IA 654 16.07 33.15 62.88
CA ALA IA 654 17.06 32.90 63.93
C ALA IA 654 18.49 33.16 63.49
N ASN IA 655 18.89 32.70 62.30
CA ASN IA 655 20.28 32.73 61.87
C ASN IA 655 20.51 33.85 60.87
N PRO IA 656 21.33 34.85 61.18
CA PRO IA 656 21.53 35.96 60.25
C PRO IA 656 22.58 35.69 59.19
N TRP IA 657 22.58 34.50 58.61
CA TRP IA 657 23.48 34.20 57.50
C TRP IA 657 22.84 33.29 56.47
N VAL IA 658 21.57 32.92 56.63
CA VAL IA 658 20.86 32.09 55.67
C VAL IA 658 20.46 32.88 54.43
N VAL IA 659 20.51 34.20 54.49
CA VAL IA 659 19.98 35.04 53.43
C VAL IA 659 20.65 34.75 52.09
N ASN IA 660 21.98 34.59 52.10
CA ASN IA 660 22.68 34.28 50.86
C ASN IA 660 22.32 32.89 50.34
N SER IA 661 21.84 32.01 51.21
CA SER IA 661 21.39 30.70 50.81
C SER IA 661 19.87 30.69 50.60
N GLN IA 662 19.37 29.59 50.06
CA GLN IA 662 17.96 29.46 49.72
C GLN IA 662 17.43 28.12 50.22
N LEU IA 663 16.56 28.16 51.23
CA LEU IA 663 16.01 26.94 51.81
C LEU IA 663 15.13 26.19 50.82
N SER IA 664 15.01 24.88 51.03
CA SER IA 664 14.20 24.03 50.17
C SER IA 664 13.57 22.93 51.02
N VAL IA 665 12.64 22.19 50.41
CA VAL IA 665 11.93 21.10 51.07
C VAL IA 665 12.03 19.85 50.22
N VAL IA 666 12.85 18.89 50.63
CA VAL IA 666 13.04 17.68 49.85
C VAL IA 666 12.39 16.49 50.57
N GLU IA 667 11.97 15.50 49.79
CA GLU IA 667 11.37 14.27 50.31
C GLU IA 667 12.16 13.10 49.75
N SER IA 671 10.27 10.73 54.25
CA SER IA 671 10.58 11.75 55.24
C SER IA 671 10.72 13.12 54.57
N ILE IA 672 10.92 14.16 55.37
CA ILE IA 672 11.03 15.53 54.88
C ILE IA 672 12.24 16.18 55.52
N PHE IA 673 13.04 16.87 54.72
CA PHE IA 673 14.28 17.49 55.16
C PHE IA 673 14.28 18.98 54.83
N LEU IA 674 15.24 19.70 55.41
CA LEU IA 674 15.44 21.11 55.09
C LEU IA 674 16.94 21.37 54.96
N GLN IA 675 17.37 21.88 53.81
CA GLN IA 675 18.78 22.12 53.52
C GLN IA 675 18.94 23.50 52.92
N ASP IA 676 20.14 24.09 53.08
CA ASP IA 676 20.32 25.41 52.49
C ASP IA 676 20.78 25.41 51.05
N ALA IA 677 22.08 25.25 50.83
CA ALA IA 677 22.62 25.09 49.50
C ALA IA 677 23.76 24.08 49.52
N THR IA 678 24.56 24.15 50.58
CA THR IA 678 25.77 23.37 50.73
C THR IA 678 25.57 22.15 51.61
N GLY IA 679 24.35 21.92 52.09
CA GLY IA 679 24.08 20.78 52.93
C GLY IA 679 24.79 20.83 54.27
N THR IA 680 24.86 22.00 54.90
CA THR IA 680 25.37 22.10 56.26
C THR IA 680 24.27 21.98 57.29
N ILE IA 681 23.03 22.30 56.93
CA ILE IA 681 21.89 22.24 57.83
C ILE IA 681 20.92 21.21 57.30
N ARG IA 682 20.63 20.19 58.11
CA ARG IA 682 19.63 19.18 57.76
C ARG IA 682 18.82 18.86 59.01
N ILE IA 683 17.50 18.84 58.86
CA ILE IA 683 16.58 18.55 59.94
C ILE IA 683 15.48 17.64 59.40
N ARG IA 684 15.10 16.64 60.19
CA ARG IA 684 14.13 15.64 59.74
C ARG IA 684 12.82 15.80 60.50
N TYR IA 685 11.72 15.54 59.80
CA TYR IA 685 10.37 15.61 60.37
C TYR IA 685 9.64 14.29 60.10
N ASP IA 686 8.74 13.94 61.01
CA ASP IA 686 8.02 12.67 60.93
C ASP IA 686 6.61 12.87 61.44
N LYS IA 687 5.70 11.98 61.04
CA LYS IA 687 4.28 12.15 61.35
C LYS IA 687 3.96 11.83 62.80
N GLU IA 688 4.58 10.78 63.36
CA GLU IA 688 4.16 10.29 64.67
C GLU IA 688 4.46 11.29 65.78
N LEU IA 689 5.70 11.81 65.81
CA LEU IA 689 6.06 12.76 66.85
C LEU IA 689 5.21 14.03 66.74
N VAL IA 690 4.99 14.50 65.52
CA VAL IA 690 4.17 15.69 65.31
C VAL IA 690 2.77 15.47 65.85
N GLY IA 691 2.18 14.31 65.54
CA GLY IA 691 0.84 14.04 66.03
C GLY IA 691 0.76 13.97 67.54
N LYS IA 692 1.70 13.27 68.16
CA LYS IA 692 1.68 13.14 69.61
C LYS IA 692 1.82 14.50 70.28
N LEU IA 693 2.79 15.30 69.83
CA LEU IA 693 2.99 16.61 70.44
C LEU IA 693 1.77 17.51 70.25
N TYR IA 694 1.20 17.49 69.04
CA TYR IA 694 0.02 18.32 68.78
C TYR IA 694 -1.14 17.92 69.67
N ARG IA 695 -1.39 16.62 69.80
CA ARG IA 695 -2.50 16.17 70.64
C ARG IA 695 -2.29 16.54 72.09
N GLU IA 696 -1.07 16.34 72.60
CA GLU IA 696 -0.79 16.68 73.99
C GLU IA 696 -1.01 18.16 74.25
N GLN IA 697 -0.51 19.01 73.35
CA GLN IA 697 -0.70 20.45 73.52
C GLN IA 697 -2.17 20.84 73.45
N GLN IA 698 -2.94 20.18 72.58
CA GLN IA 698 -4.36 20.51 72.47
C GLN IA 698 -5.13 20.10 73.72
N GLN IA 699 -4.90 18.89 74.22
CA GLN IA 699 -5.67 18.44 75.37
C GLN IA 699 -5.11 18.94 76.69
N LYS IA 700 -3.99 19.64 76.69
CA LYS IA 700 -3.54 20.31 77.91
C LYS IA 700 -4.20 21.67 78.10
N ALA IA 701 -4.44 22.42 77.02
CA ALA IA 701 -4.90 23.80 77.12
C ALA IA 701 -6.36 23.82 77.54
N GLN IA 702 -6.58 23.68 78.85
CA GLN IA 702 -7.92 23.64 79.42
C GLN IA 702 -7.82 24.18 80.85
N ASP IA 703 -8.84 23.89 81.66
CA ASP IA 703 -8.85 24.26 83.07
C ASP IA 703 -7.59 23.76 83.78
N THR JA 66 -88.45 -6.57 -69.71
CA THR JA 66 -88.76 -5.79 -68.51
C THR JA 66 -87.75 -4.66 -68.32
N ARG JA 67 -86.49 -4.95 -68.64
CA ARG JA 67 -85.44 -3.96 -68.48
C ARG JA 67 -85.60 -2.84 -69.52
N ALA JA 68 -84.96 -1.72 -69.24
CA ALA JA 68 -84.99 -0.56 -70.13
C ALA JA 68 -83.87 -0.59 -71.16
N ASP JA 69 -83.05 -1.64 -71.18
CA ASP JA 69 -81.95 -1.76 -72.12
C ASP JA 69 -82.19 -2.88 -73.13
N GLU JA 70 -83.45 -3.06 -73.55
CA GLU JA 70 -83.78 -4.12 -74.50
C GLU JA 70 -83.12 -3.87 -75.85
N ARG JA 71 -83.11 -2.62 -76.31
CA ARG JA 71 -82.54 -2.32 -77.62
C ARG JA 71 -81.06 -2.67 -77.68
N SER JA 72 -80.31 -2.34 -76.63
CA SER JA 72 -78.88 -2.63 -76.62
C SER JA 72 -78.63 -4.14 -76.68
N ASN JA 73 -79.38 -4.91 -75.89
CA ASN JA 73 -79.21 -6.36 -75.92
C ASN JA 73 -79.57 -6.93 -77.29
N GLU JA 74 -80.65 -6.43 -77.89
CA GLU JA 74 -81.05 -6.92 -79.20
C GLU JA 74 -80.00 -6.63 -80.26
N ILE JA 75 -79.41 -5.43 -80.22
CA ILE JA 75 -78.41 -5.07 -81.22
C ILE JA 75 -77.12 -5.87 -81.01
N ILE JA 76 -76.69 -6.01 -79.75
CA ILE JA 76 -75.45 -6.74 -79.47
C ILE JA 76 -75.61 -8.22 -79.75
N ARG JA 77 -76.83 -8.76 -79.61
CA ARG JA 77 -77.04 -10.19 -79.77
C ARG JA 77 -76.60 -10.68 -81.14
N LYS JA 78 -76.92 -9.92 -82.20
CA LYS JA 78 -76.57 -10.31 -83.57
C LYS JA 78 -75.21 -9.71 -83.92
N LEU JA 79 -74.16 -10.43 -83.54
CA LEU JA 79 -72.80 -9.97 -83.80
C LEU JA 79 -71.86 -11.16 -83.98
N THR JA 80 -71.00 -11.06 -84.98
CA THR JA 80 -69.92 -12.02 -85.13
C THR JA 80 -68.93 -11.87 -83.97
N PRO JA 81 -68.58 -12.96 -83.29
CA PRO JA 81 -67.78 -12.79 -82.07
C PRO JA 81 -66.37 -12.29 -82.33
N GLN JA 82 -65.86 -12.41 -83.55
CA GLN JA 82 -64.60 -11.75 -83.89
C GLN JA 82 -64.76 -10.23 -83.79
N GLN JA 83 -65.86 -9.70 -84.35
CA GLN JA 83 -66.12 -8.27 -84.25
C GLN JA 83 -66.34 -7.85 -82.81
N ARG JA 84 -67.04 -8.68 -82.04
CA ARG JA 84 -67.27 -8.37 -80.62
C ARG JA 84 -65.95 -8.30 -79.85
N ARG JA 85 -65.06 -9.26 -80.10
CA ARG JA 85 -63.77 -9.25 -79.42
C ARG JA 85 -62.96 -8.02 -79.81
N GLU JA 86 -62.96 -7.67 -81.11
CA GLU JA 86 -62.23 -6.48 -81.53
C GLU JA 86 -62.79 -5.23 -80.87
N ALA JA 87 -64.11 -5.12 -80.78
CA ALA JA 87 -64.73 -3.96 -80.14
C ALA JA 87 -64.37 -3.90 -78.66
N ILE JA 88 -64.38 -5.04 -77.97
CA ILE JA 88 -64.04 -5.05 -76.55
C ILE JA 88 -62.58 -4.63 -76.36
N GLN JA 89 -61.69 -5.13 -77.21
CA GLN JA 89 -60.29 -4.72 -77.11
C GLN JA 89 -60.11 -3.24 -77.37
N ASN JA 90 -60.83 -2.70 -78.36
CA ASN JA 90 -60.69 -1.29 -78.71
C ASN JA 90 -61.15 -0.38 -77.57
N GLY JA 91 -62.29 -0.70 -76.97
CA GLY JA 91 -62.83 0.12 -75.90
C GLY JA 91 -64.27 0.51 -76.13
N THR JA 92 -64.80 0.19 -77.30
CA THR JA 92 -66.18 0.55 -77.60
C THR JA 92 -67.16 -0.23 -76.73
N LEU JA 93 -66.95 -1.54 -76.62
CA LEU JA 93 -67.80 -2.39 -75.80
C LEU JA 93 -67.10 -2.64 -74.47
N LEU JA 94 -67.84 -2.47 -73.38
CA LEU JA 94 -67.21 -2.50 -72.07
C LEU JA 94 -66.84 -3.92 -71.67
N TYR JA 95 -67.85 -4.76 -71.43
CA TYR JA 95 -67.72 -6.17 -71.02
C TYR JA 95 -69.01 -6.62 -70.34
N GLN JA 96 -69.55 -5.74 -69.50
CA GLN JA 96 -70.58 -6.10 -68.55
C GLN JA 96 -71.88 -6.54 -69.22
N ASP JA 97 -72.09 -6.17 -70.47
CA ASP JA 97 -73.31 -6.49 -71.19
C ASP JA 97 -73.16 -7.67 -72.14
N ASP JA 98 -72.00 -8.30 -72.18
CA ASP JA 98 -71.84 -9.50 -73.00
C ASP JA 98 -72.61 -10.64 -72.35
N PRO JA 99 -73.59 -11.23 -73.02
CA PRO JA 99 -74.41 -12.27 -72.36
C PRO JA 99 -73.63 -13.53 -72.01
N TYR JA 100 -72.82 -14.05 -72.94
CA TYR JA 100 -72.19 -15.35 -72.73
C TYR JA 100 -71.12 -15.30 -71.64
N ALA JA 101 -70.39 -14.19 -71.55
CA ALA JA 101 -69.33 -14.10 -70.55
C ALA JA 101 -69.88 -14.22 -69.14
N MET JA 102 -71.03 -13.58 -68.88
CA MET JA 102 -71.62 -13.66 -67.55
C MET JA 102 -71.99 -15.09 -67.20
N GLU JA 103 -72.58 -15.83 -68.14
CA GLU JA 103 -72.92 -17.22 -67.87
C GLU JA 103 -71.68 -18.04 -67.58
N ALA JA 104 -70.61 -17.82 -68.35
CA ALA JA 104 -69.38 -18.56 -68.09
C ALA JA 104 -68.83 -18.26 -66.70
N LEU JA 105 -68.81 -16.98 -66.31
CA LEU JA 105 -68.34 -16.62 -64.98
C LEU JA 105 -69.23 -17.18 -63.88
N ARG JA 106 -70.52 -17.36 -64.15
CA ARG JA 106 -71.37 -18.04 -63.16
C ARG JA 106 -71.02 -19.51 -63.02
N VAL JA 107 -70.84 -20.22 -64.13
CA VAL JA 107 -70.68 -21.67 -64.05
C VAL JA 107 -69.30 -22.04 -63.48
N LYS JA 108 -68.26 -21.30 -63.86
CA LYS JA 108 -66.91 -21.72 -63.47
C LYS JA 108 -66.72 -21.70 -61.95
N THR JA 109 -67.27 -20.68 -61.29
CA THR JA 109 -67.10 -20.55 -59.84
C THR JA 109 -67.75 -21.71 -59.11
N GLY JA 110 -68.97 -22.08 -59.50
CA GLY JA 110 -69.62 -23.22 -58.87
C GLY JA 110 -68.86 -24.51 -59.09
N ARG JA 111 -68.34 -24.71 -60.30
CA ARG JA 111 -67.54 -25.91 -60.56
C ARG JA 111 -66.34 -25.98 -59.61
N ASN JA 112 -65.59 -24.88 -59.49
CA ASN JA 112 -64.42 -24.88 -58.62
C ASN JA 112 -64.82 -25.11 -57.17
N ALA JA 113 -65.92 -24.47 -56.74
CA ALA JA 113 -66.35 -24.60 -55.36
C ALA JA 113 -66.68 -26.04 -55.00
N ALA JA 114 -67.37 -26.75 -55.89
CA ALA JA 114 -67.67 -28.15 -55.62
C ALA JA 114 -66.40 -29.00 -55.57
N PHE JA 115 -65.54 -28.83 -56.58
CA PHE JA 115 -64.41 -29.75 -56.70
C PHE JA 115 -63.41 -29.59 -55.56
N ALA JA 116 -63.21 -28.37 -55.05
CA ALA JA 116 -62.25 -28.19 -53.97
C ALA JA 116 -62.64 -28.98 -52.73
N VAL JA 117 -63.89 -28.84 -52.29
CA VAL JA 117 -64.32 -29.54 -51.08
C VAL JA 117 -64.35 -31.05 -51.31
N ASP JA 118 -64.71 -31.49 -52.53
CA ASP JA 118 -64.71 -32.93 -52.76
C ASP JA 118 -63.30 -33.51 -52.67
N ASP JA 119 -62.30 -32.78 -53.20
CA ASP JA 119 -60.92 -33.22 -53.04
C ASP JA 119 -60.50 -33.28 -51.58
N GLU JA 120 -60.87 -32.26 -50.80
CA GLU JA 120 -60.48 -32.26 -49.39
C GLU JA 120 -61.07 -33.46 -48.65
N ILE JA 121 -62.35 -33.74 -48.88
CA ILE JA 121 -62.97 -34.90 -48.26
C ILE JA 121 -62.27 -36.17 -48.68
N ASN JA 122 -61.94 -36.30 -49.97
CA ASN JA 122 -61.32 -37.52 -50.47
C ASN JA 122 -59.99 -37.78 -49.79
N VAL JA 123 -59.12 -36.77 -49.72
CA VAL JA 123 -57.82 -37.00 -49.10
C VAL JA 123 -57.97 -37.27 -47.61
N LYS JA 124 -58.93 -36.62 -46.95
CA LYS JA 124 -59.16 -36.90 -45.54
C LYS JA 124 -59.59 -38.35 -45.33
N ILE JA 125 -60.46 -38.87 -46.19
CA ILE JA 125 -60.85 -40.28 -46.10
C ILE JA 125 -59.65 -41.19 -46.28
N GLN JA 126 -58.84 -40.92 -47.31
CA GLN JA 126 -57.74 -41.82 -47.59
C GLN JA 126 -56.71 -41.84 -46.46
N ASN JA 127 -56.46 -40.69 -45.82
CA ASN JA 127 -55.55 -40.71 -44.68
C ASN JA 127 -56.12 -41.50 -43.52
N GLY JA 128 -57.42 -41.36 -43.26
CA GLY JA 128 -58.07 -42.09 -42.18
C GLY JA 128 -58.31 -41.22 -40.96
N GLU JA 129 -59.52 -40.69 -40.85
CA GLU JA 129 -59.90 -39.79 -39.76
C GLU JA 129 -61.22 -40.20 -39.15
N PHE JA 130 -62.08 -40.84 -39.94
CA PHE JA 130 -63.40 -41.25 -39.49
C PHE JA 130 -63.43 -42.74 -39.19
N ARG JA 131 -64.48 -43.15 -38.50
CA ARG JA 131 -64.66 -44.55 -38.14
C ARG JA 131 -66.00 -45.13 -38.59
N THR JA 132 -66.91 -44.31 -39.10
CA THR JA 132 -68.22 -44.78 -39.51
C THR JA 132 -68.68 -43.96 -40.70
N ARG JA 133 -69.55 -44.57 -41.52
CA ARG JA 133 -70.03 -43.91 -42.73
C ARG JA 133 -70.83 -42.65 -42.40
N GLN JA 134 -71.65 -42.70 -41.36
CA GLN JA 134 -72.53 -41.58 -41.03
C GLN JA 134 -71.73 -40.32 -40.70
N ASP JA 135 -70.60 -40.49 -40.02
CA ASP JA 135 -69.77 -39.33 -39.69
C ASP JA 135 -69.26 -38.65 -40.95
N MET JA 136 -68.80 -39.43 -41.93
CA MET JA 136 -68.35 -38.85 -43.19
C MET JA 136 -69.50 -38.17 -43.92
N GLU JA 137 -70.70 -38.78 -43.87
CA GLU JA 137 -71.87 -38.14 -44.47
C GLU JA 137 -72.08 -36.74 -43.90
N GLU JA 138 -72.13 -36.64 -42.57
CA GLU JA 138 -72.41 -35.34 -41.94
C GLU JA 138 -71.29 -34.34 -42.20
N TYR JA 139 -70.04 -34.78 -42.10
CA TYR JA 139 -68.92 -33.87 -42.32
C TYR JA 139 -68.95 -33.30 -43.73
N ARG JA 140 -69.17 -34.17 -44.72
CA ARG JA 140 -69.23 -33.71 -46.10
C ARG JA 140 -70.38 -32.74 -46.31
N HIS JA 141 -71.54 -33.04 -45.73
CA HIS JA 141 -72.69 -32.15 -45.91
C HIS JA 141 -72.41 -30.77 -45.35
N GLN JA 142 -71.84 -30.71 -44.14
CA GLN JA 142 -71.57 -29.42 -43.52
C GLN JA 142 -70.52 -28.62 -44.30
N ARG JA 143 -69.45 -29.30 -44.75
CA ARG JA 143 -68.43 -28.59 -45.52
C ARG JA 143 -69.01 -28.04 -46.82
N LEU JA 144 -69.87 -28.83 -47.48
CA LEU JA 144 -70.54 -28.34 -48.68
C LEU JA 144 -71.35 -27.09 -48.40
N GLN JA 145 -72.14 -27.12 -47.33
CA GLN JA 145 -73.02 -25.99 -47.03
C GLN JA 145 -72.21 -24.74 -46.74
N ASP JA 146 -71.10 -24.86 -46.01
CA ASP JA 146 -70.26 -23.69 -45.75
C ASP JA 146 -69.62 -23.18 -47.03
N ALA JA 147 -69.04 -24.09 -47.83
CA ALA JA 147 -68.28 -23.66 -49.01
C ALA JA 147 -69.17 -22.97 -50.03
N ALA JA 148 -70.44 -23.39 -50.13
CA ALA JA 148 -71.32 -22.77 -51.11
C ALA JA 148 -71.42 -21.26 -50.89
N LYS JA 149 -71.76 -20.85 -49.65
CA LYS JA 149 -71.86 -19.43 -49.36
C LYS JA 149 -70.50 -18.75 -49.39
N SER JA 150 -69.46 -19.42 -48.87
CA SER JA 150 -68.13 -18.80 -48.84
C SER JA 150 -67.63 -18.48 -50.23
N TYR JA 151 -68.02 -19.26 -51.24
CA TYR JA 151 -67.62 -18.98 -52.61
C TYR JA 151 -68.60 -18.06 -53.32
N ALA JA 152 -69.89 -18.11 -52.98
CA ALA JA 152 -70.86 -17.23 -53.62
C ALA JA 152 -70.69 -15.78 -53.18
N GLU JA 153 -70.16 -15.56 -51.98
CA GLU JA 153 -70.04 -14.20 -51.47
C GLU JA 153 -69.02 -13.39 -52.27
N GLU JA 154 -67.98 -14.05 -52.79
CA GLU JA 154 -66.88 -13.32 -53.40
C GLU JA 154 -67.32 -12.59 -54.67
N ALA JA 155 -67.99 -13.29 -55.58
CA ALA JA 155 -68.31 -12.72 -56.88
C ALA JA 155 -69.50 -11.77 -56.82
N GLY JA 156 -70.16 -11.65 -55.68
CA GLY JA 156 -71.35 -10.83 -55.61
C GLY JA 156 -72.60 -11.48 -56.16
N ILE JA 157 -72.53 -12.76 -56.51
CA ILE JA 157 -73.68 -13.47 -57.05
C ILE JA 157 -74.50 -14.03 -55.89
N ASN JA 158 -75.81 -13.90 -55.97
CA ASN JA 158 -76.68 -14.46 -54.95
C ASN JA 158 -76.60 -15.98 -54.99
N PRO JA 159 -76.44 -16.65 -53.85
CA PRO JA 159 -76.35 -18.12 -53.85
C PRO JA 159 -77.51 -18.81 -54.54
N THR JA 160 -78.73 -18.29 -54.40
CA THR JA 160 -79.87 -18.83 -55.11
C THR JA 160 -79.89 -18.26 -56.52
N ASP JA 161 -79.53 -19.07 -57.50
CA ASP JA 161 -79.37 -18.62 -58.88
C ASP JA 161 -79.66 -19.77 -59.82
N PHE JA 168 -72.56 -26.50 -59.66
CA PHE JA 168 -72.33 -27.07 -58.34
C PHE JA 168 -72.80 -28.51 -58.25
N ASN JA 169 -73.50 -29.01 -59.28
CA ASN JA 169 -73.98 -30.38 -59.38
C ASN JA 169 -73.67 -30.95 -60.76
N ASP JA 170 -72.42 -30.81 -61.19
CA ASP JA 170 -72.02 -31.15 -62.55
C ASP JA 170 -71.70 -32.64 -62.74
N ASN JA 171 -70.87 -33.21 -61.87
CA ASN JA 171 -70.42 -34.60 -61.98
C ASN JA 171 -70.57 -35.31 -60.65
N ILE JA 172 -71.76 -35.20 -60.07
CA ILE JA 172 -71.97 -35.70 -58.71
C ILE JA 172 -71.75 -37.21 -58.63
N THR JA 173 -72.17 -37.94 -59.67
CA THR JA 173 -72.04 -39.40 -59.65
C THR JA 173 -70.57 -39.83 -59.64
N ASP JA 174 -69.76 -39.20 -60.50
CA ASP JA 174 -68.36 -39.59 -60.64
C ASP JA 174 -67.51 -39.20 -59.44
N ARG JA 175 -68.06 -38.40 -58.52
CA ARG JA 175 -67.39 -38.12 -57.25
C ARG JA 175 -67.92 -38.98 -56.11
N ASN JA 176 -69.22 -39.26 -56.10
CA ASN JA 176 -69.76 -40.21 -55.14
C ASN JA 176 -69.09 -41.57 -55.27
N ILE JA 177 -68.90 -42.04 -56.50
CA ILE JA 177 -68.30 -43.35 -56.71
C ILE JA 177 -66.90 -43.39 -56.12
N ALA JA 178 -66.10 -42.36 -56.40
CA ALA JA 178 -64.73 -42.32 -55.89
C ALA JA 178 -64.71 -42.30 -54.37
N ILE JA 179 -65.57 -41.49 -53.75
CA ILE JA 179 -65.58 -41.40 -52.29
C ILE JA 179 -65.93 -42.75 -51.68
N TYR JA 180 -66.97 -43.40 -52.20
CA TYR JA 180 -67.40 -44.66 -51.60
C TYR JA 180 -66.35 -45.75 -51.77
N GLY JA 181 -65.71 -45.82 -52.94
CA GLY JA 181 -64.62 -46.78 -53.09
C GLY JA 181 -63.48 -46.52 -52.12
N SER JA 182 -63.13 -45.25 -51.93
CA SER JA 182 -62.04 -44.91 -51.01
C SER JA 182 -62.38 -45.33 -49.58
N PHE JA 183 -63.63 -45.18 -49.18
CA PHE JA 183 -64.02 -45.61 -47.83
C PHE JA 183 -63.99 -47.13 -47.68
N ASN JA 184 -64.52 -47.85 -48.68
CA ASN JA 184 -64.61 -49.30 -48.56
C ASN JA 184 -63.23 -49.94 -48.46
N LYS JA 185 -62.27 -49.44 -49.22
CA LYS JA 185 -60.92 -50.01 -49.16
C LYS JA 185 -60.34 -49.89 -47.74
N TYR JA 186 -60.51 -48.72 -47.12
CA TYR JA 186 -59.98 -48.52 -45.76
C TYR JA 186 -60.65 -49.45 -44.76
N PHE JA 187 -61.96 -49.63 -44.86
CA PHE JA 187 -62.65 -50.53 -43.95
C PHE JA 187 -62.11 -51.95 -44.06
N SER JA 188 -61.92 -52.42 -45.30
CA SER JA 188 -61.37 -53.75 -45.50
C SER JA 188 -59.99 -53.89 -44.87
N LYS JA 189 -59.13 -52.89 -45.06
CA LYS JA 189 -57.78 -52.97 -44.49
C LYS JA 189 -57.82 -53.04 -42.96
N GLN JA 190 -58.71 -52.26 -42.33
CA GLN JA 190 -58.81 -52.27 -40.88
C GLN JA 190 -59.18 -53.65 -40.35
N SER JA 191 -60.22 -54.27 -40.94
CA SER JA 191 -60.60 -55.61 -40.48
C SER JA 191 -59.47 -56.60 -40.69
N GLU JA 192 -58.78 -56.50 -41.83
CA GLU JA 192 -57.65 -57.38 -42.10
C GLU JA 192 -56.62 -57.32 -40.99
N GLU JA 193 -56.31 -56.11 -40.52
CA GLU JA 193 -55.29 -56.01 -39.47
C GLU JA 193 -55.78 -56.56 -38.14
N THR JA 194 -57.06 -56.32 -37.81
CA THR JA 194 -57.59 -56.82 -36.55
C THR JA 194 -57.45 -58.34 -36.46
N ALA JA 195 -57.72 -59.05 -37.57
CA ALA JA 195 -57.57 -60.50 -37.55
C ALA JA 195 -56.16 -60.93 -37.16
N MET JA 196 -55.15 -60.28 -37.73
CA MET JA 196 -53.76 -60.64 -37.43
C MET JA 196 -53.40 -60.34 -35.98
N LEU JA 197 -53.88 -59.23 -35.43
CA LEU JA 197 -53.63 -58.99 -34.01
C LEU JA 197 -54.17 -60.14 -33.15
N ASN JA 198 -55.39 -60.56 -33.45
CA ASN JA 198 -56.03 -61.61 -32.66
C ASN JA 198 -55.25 -62.92 -32.75
N THR JA 199 -54.82 -63.28 -33.97
CA THR JA 199 -54.03 -64.50 -34.14
C THR JA 199 -52.69 -64.40 -33.42
N ARG JA 200 -52.08 -63.21 -33.40
CA ARG JA 200 -50.83 -63.04 -32.66
C ARG JA 200 -51.03 -63.31 -31.17
N ILE JA 201 -52.12 -62.79 -30.61
CA ILE JA 201 -52.39 -63.05 -29.19
C ILE JA 201 -52.54 -64.55 -28.93
N GLU JA 202 -53.30 -65.23 -29.79
CA GLU JA 202 -53.51 -66.67 -29.59
C GLU JA 202 -52.19 -67.44 -29.68
N MET JA 203 -51.34 -67.10 -30.66
CA MET JA 203 -50.08 -67.81 -30.80
C MET JA 203 -49.17 -67.58 -29.59
N ASN JA 204 -49.11 -66.35 -29.09
CA ASN JA 204 -48.28 -66.10 -27.92
C ASN JA 204 -48.80 -66.86 -26.71
N SER JA 205 -50.12 -66.93 -26.55
CA SER JA 205 -50.68 -67.75 -25.48
C SER JA 205 -50.27 -69.21 -25.62
N PHE JA 206 -50.26 -69.72 -26.84
CA PHE JA 206 -49.84 -71.10 -27.06
C PHE JA 206 -48.39 -71.31 -26.67
N LEU JA 207 -47.52 -70.37 -27.00
CA LEU JA 207 -46.08 -70.57 -26.92
C LEU JA 207 -45.54 -70.59 -25.49
N ASN JA 208 -46.34 -70.24 -24.48
CA ASN JA 208 -45.81 -70.09 -23.12
C ASN JA 208 -45.94 -71.33 -22.25
N ASP JA 209 -46.77 -72.31 -22.64
CA ASP JA 209 -46.86 -73.55 -21.87
C ASP JA 209 -45.55 -74.31 -21.95
N GLY JA 210 -45.10 -74.83 -20.80
CA GLY JA 210 -43.80 -75.46 -20.72
C GLY JA 210 -43.77 -76.93 -21.08
N ASP JA 211 -44.60 -77.73 -20.39
CA ASP JA 211 -44.53 -79.18 -20.57
C ASP JA 211 -44.93 -79.60 -21.97
N LEU JA 212 -45.86 -78.89 -22.60
CA LEU JA 212 -46.24 -79.22 -23.97
C LEU JA 212 -45.05 -79.09 -24.91
N MET JA 213 -44.25 -78.03 -24.74
CA MET JA 213 -43.03 -77.89 -25.53
C MET JA 213 -42.01 -78.96 -25.16
N ARG JA 214 -41.89 -79.29 -23.87
CA ARG JA 214 -40.96 -80.32 -23.47
C ARG JA 214 -41.45 -81.72 -23.87
N SER JA 215 -42.76 -81.89 -24.00
CA SER JA 215 -43.31 -83.18 -24.39
C SER JA 215 -42.93 -83.51 -25.84
N PRO JA 216 -42.81 -84.78 -26.18
CA PRO JA 216 -42.39 -85.16 -27.53
C PRO JA 216 -43.47 -85.03 -28.60
N GLU JA 217 -44.58 -84.34 -28.32
CA GLU JA 217 -45.62 -84.08 -29.33
C GLU JA 217 -45.89 -82.58 -29.33
N SER JA 218 -45.11 -81.84 -30.10
CA SER JA 218 -45.21 -80.39 -30.16
C SER JA 218 -45.47 -79.87 -31.57
N GLY JA 219 -44.68 -80.32 -32.55
CA GLY JA 219 -44.84 -79.78 -33.89
C GLY JA 219 -46.17 -80.14 -34.53
N LYS JA 220 -46.67 -81.34 -34.24
CA LYS JA 220 -47.92 -81.77 -34.86
C LYS JA 220 -49.07 -80.87 -34.46
N THR JA 221 -49.10 -80.43 -33.20
CA THR JA 221 -50.15 -79.51 -32.76
C THR JA 221 -50.08 -78.20 -33.53
N PHE JA 222 -48.88 -77.67 -33.71
CA PHE JA 222 -48.72 -76.41 -34.46
C PHE JA 222 -49.19 -76.56 -35.89
N MET JA 223 -48.83 -77.66 -36.54
CA MET JA 223 -49.26 -77.88 -37.92
C MET JA 223 -50.77 -78.02 -38.02
N ALA JA 224 -51.37 -78.74 -37.07
CA ALA JA 224 -52.83 -78.88 -37.08
C ALA JA 224 -53.51 -77.53 -36.88
N TYR JA 225 -52.98 -76.70 -35.97
CA TYR JA 225 -53.53 -75.37 -35.76
C TYR JA 225 -53.44 -74.54 -37.04
N LEU JA 226 -52.29 -74.59 -37.72
CA LEU JA 226 -52.12 -73.81 -38.93
C LEU JA 226 -53.08 -74.26 -40.02
N ARG JA 227 -53.23 -75.57 -40.22
CA ARG JA 227 -54.11 -76.07 -41.26
C ARG JA 227 -55.56 -75.73 -40.97
N ASP JA 228 -55.98 -75.87 -39.71
CA ASP JA 228 -57.35 -75.50 -39.34
C ASP JA 228 -57.59 -74.02 -39.57
N GLY JA 229 -56.62 -73.18 -39.22
CA GLY JA 229 -56.77 -71.75 -39.45
C GLY JA 229 -56.90 -71.41 -40.92
N LEU JA 230 -56.07 -72.03 -41.76
CA LEU JA 230 -56.13 -71.73 -43.19
C LEU JA 230 -57.45 -72.18 -43.81
N THR JA 231 -57.94 -73.36 -43.42
CA THR JA 231 -59.09 -73.94 -44.12
C THR JA 231 -60.44 -73.41 -43.66
N THR JA 232 -60.49 -72.25 -43.00
CA THR JA 232 -61.76 -71.66 -42.57
C THR JA 232 -61.75 -70.16 -42.82
N ALA JA 233 -61.28 -69.74 -43.99
CA ALA JA 233 -60.97 -68.34 -44.26
C ALA JA 233 -59.99 -67.85 -43.21
N ALA JA 234 -60.48 -67.15 -42.19
CA ALA JA 234 -59.65 -66.74 -41.06
C ALA JA 234 -58.40 -66.02 -41.52
N ILE JA 235 -57.29 -66.74 -41.61
CA ILE JA 235 -56.05 -66.19 -42.17
C ILE JA 235 -56.31 -65.86 -43.63
N PRO JA 236 -56.19 -64.60 -44.03
CA PRO JA 236 -56.67 -64.18 -45.36
C PRO JA 236 -55.95 -64.82 -46.53
N SER JA 237 -54.63 -64.67 -46.61
CA SER JA 237 -53.89 -65.16 -47.76
C SER JA 237 -52.74 -66.07 -47.33
N ASP JA 238 -51.88 -66.43 -48.28
CA ASP JA 238 -50.72 -67.25 -47.96
C ASP JA 238 -49.49 -66.44 -47.60
N GLN JA 239 -49.47 -65.15 -47.97
CA GLN JA 239 -48.37 -64.29 -47.52
C GLN JA 239 -48.34 -64.19 -46.00
N ARG JA 240 -49.52 -64.05 -45.39
CA ARG JA 240 -49.59 -63.99 -43.94
C ARG JA 240 -49.12 -65.30 -43.31
N ALA JA 241 -49.47 -66.44 -43.92
CA ALA JA 241 -49.00 -67.72 -43.42
C ALA JA 241 -47.49 -67.83 -43.50
N ARG JA 242 -46.90 -67.39 -44.61
CA ARG JA 242 -45.44 -67.39 -44.70
C ARG JA 242 -44.82 -66.51 -43.63
N GLU JA 243 -45.41 -65.34 -43.39
CA GLU JA 243 -44.87 -64.43 -42.40
C GLU JA 243 -44.92 -65.04 -41.00
N VAL JA 244 -46.05 -65.66 -40.64
CA VAL JA 244 -46.16 -66.21 -39.29
C VAL JA 244 -45.23 -67.41 -39.12
N ILE JA 245 -45.09 -68.23 -40.17
CA ILE JA 245 -44.15 -69.35 -40.09
C ILE JA 245 -42.74 -68.86 -39.89
N THR JA 246 -42.36 -67.79 -40.60
CA THR JA 246 -41.01 -67.26 -40.44
C THR JA 246 -40.79 -66.64 -39.06
N GLN JA 247 -41.84 -66.04 -38.48
CA GLN JA 247 -41.65 -65.38 -37.19
C GLN JA 247 -41.61 -66.36 -36.03
N THR JA 248 -42.37 -67.46 -36.10
CA THR JA 248 -42.44 -68.39 -34.97
C THR JA 248 -41.07 -68.98 -34.65
N VAL JA 249 -40.27 -69.26 -35.69
CA VAL JA 249 -38.93 -69.78 -35.47
C VAL JA 249 -38.09 -68.80 -34.65
N ARG JA 250 -38.19 -67.52 -34.98
CA ARG JA 250 -37.44 -66.52 -34.23
C ARG JA 250 -37.95 -66.38 -32.80
N ASP JA 251 -39.27 -66.49 -32.59
CA ASP JA 251 -39.80 -66.41 -31.23
C ASP JA 251 -39.33 -67.58 -30.38
N ALA JA 252 -39.32 -68.80 -30.93
CA ALA JA 252 -39.01 -69.96 -30.10
C ALA JA 252 -37.51 -70.11 -29.88
N ILE JA 253 -36.86 -69.04 -29.44
CA ILE JA 253 -35.44 -69.08 -29.09
C ILE JA 253 -35.17 -68.59 -27.68
N GLN JA 254 -36.00 -67.72 -27.13
CA GLN JA 254 -35.84 -67.26 -25.75
C GLN JA 254 -36.68 -68.07 -24.77
N LYS JA 255 -37.39 -69.07 -25.25
CA LYS JA 255 -38.25 -69.88 -24.39
C LYS JA 255 -37.43 -70.98 -23.70
N SER JA 256 -38.06 -71.61 -22.71
CA SER JA 256 -37.42 -72.64 -21.92
C SER JA 256 -37.03 -73.84 -22.79
N GLY JA 257 -38.03 -74.53 -23.33
CA GLY JA 257 -37.77 -75.62 -24.24
C GLY JA 257 -38.09 -75.28 -25.67
N GLY JA 258 -37.08 -75.00 -26.48
CA GLY JA 258 -37.29 -74.67 -27.87
C GLY JA 258 -36.51 -75.54 -28.83
N SER JA 259 -35.38 -76.07 -28.36
CA SER JA 259 -34.55 -76.91 -29.22
C SER JA 259 -35.31 -78.17 -29.63
N ASN JA 260 -36.06 -78.77 -28.71
CA ASN JA 260 -36.86 -79.94 -29.04
C ASN JA 260 -37.90 -79.60 -30.10
N PHE JA 261 -38.59 -78.47 -29.93
CA PHE JA 261 -39.62 -78.06 -30.88
C PHE JA 261 -39.01 -77.86 -32.27
N LEU JA 262 -37.87 -77.16 -32.33
CA LEU JA 262 -37.22 -76.94 -33.60
C LEU JA 262 -36.78 -78.24 -34.24
N GLN JA 263 -36.28 -79.19 -33.43
CA GLN JA 263 -35.81 -80.45 -33.98
C GLN JA 263 -36.96 -81.31 -34.49
N GLN JA 264 -38.14 -81.19 -33.92
CA GLN JA 264 -39.26 -81.99 -34.41
C GLN JA 264 -40.08 -81.30 -35.50
N VAL JA 265 -39.94 -79.99 -35.69
CA VAL JA 265 -40.79 -79.30 -36.66
C VAL JA 265 -40.09 -79.24 -38.01
N ARG JA 266 -38.96 -79.94 -38.12
CA ARG JA 266 -38.13 -79.83 -39.32
C ARG JA 266 -38.85 -80.36 -40.55
N GLY JA 267 -39.45 -81.54 -40.45
CA GLY JA 267 -39.94 -82.24 -41.62
C GLY JA 267 -41.43 -82.19 -41.85
N GLU JA 268 -42.06 -81.07 -41.55
CA GLU JA 268 -43.49 -80.92 -41.77
C GLU JA 268 -43.73 -80.33 -43.15
N ARG JA 269 -44.54 -81.01 -43.94
CA ARG JA 269 -44.75 -80.66 -45.35
C ARG JA 269 -46.06 -79.92 -45.53
N ILE JA 270 -46.03 -78.82 -46.27
CA ILE JA 270 -47.21 -78.00 -46.50
C ILE JA 270 -47.12 -77.41 -47.90
N THR JA 271 -48.26 -77.24 -48.55
CA THR JA 271 -48.35 -76.68 -49.89
C THR JA 271 -48.79 -75.22 -49.80
N LEU JA 272 -48.02 -74.34 -50.43
CA LEU JA 272 -48.31 -72.91 -50.45
C LEU JA 272 -48.07 -72.37 -51.84
N ASN JA 273 -49.12 -71.81 -52.45
CA ASN JA 273 -49.03 -71.20 -53.77
C ASN JA 273 -48.50 -72.18 -54.81
N GLY JA 274 -48.95 -73.43 -54.75
CA GLY JA 274 -48.59 -74.46 -55.71
C GLY JA 274 -47.39 -75.32 -55.38
N VAL JA 275 -46.35 -74.72 -54.81
CA VAL JA 275 -45.12 -75.45 -54.52
C VAL JA 275 -45.30 -76.26 -53.24
N ASP JA 276 -44.64 -77.43 -53.20
CA ASP JA 276 -44.66 -78.31 -52.05
C ASP JA 276 -43.27 -78.29 -51.42
N ALA JA 277 -43.19 -77.92 -50.15
CA ALA JA 277 -41.91 -77.88 -49.47
C ALA JA 277 -42.14 -78.01 -47.97
N THR JA 278 -41.09 -78.38 -47.26
CA THR JA 278 -41.13 -78.50 -45.82
C THR JA 278 -40.93 -77.13 -45.19
N VAL JA 279 -40.74 -77.08 -43.88
CA VAL JA 279 -40.50 -75.81 -43.19
C VAL JA 279 -39.14 -75.21 -43.51
N GLU JA 280 -38.10 -76.04 -43.64
CA GLU JA 280 -36.74 -75.53 -43.77
C GLU JA 280 -36.46 -74.83 -45.09
N GLU JA 281 -37.08 -75.25 -46.21
CA GLU JA 281 -36.86 -74.55 -47.46
C GLU JA 281 -37.46 -73.15 -47.45
N ILE JA 282 -38.52 -72.93 -46.66
CA ILE JA 282 -39.05 -71.59 -46.46
C ILE JA 282 -38.08 -70.69 -45.72
N VAL JA 283 -37.11 -71.27 -45.03
CA VAL JA 283 -36.16 -70.48 -44.25
C VAL JA 283 -34.75 -70.61 -44.83
N GLY JA 284 -34.23 -71.83 -44.89
CA GLY JA 284 -32.94 -72.08 -45.51
C GLY JA 284 -31.82 -72.35 -44.54
N ASN JA 289 -29.81 -73.67 -38.86
CA ASN JA 289 -28.63 -73.98 -38.06
C ASN JA 289 -28.29 -72.85 -37.12
N ALA JA 290 -28.38 -71.60 -37.58
CA ALA JA 290 -28.19 -70.46 -36.71
C ALA JA 290 -29.28 -70.33 -35.67
N ALA JA 291 -30.41 -71.02 -35.85
CA ALA JA 291 -31.45 -70.98 -34.83
C ALA JA 291 -31.28 -72.03 -33.74
N ILE JA 292 -30.70 -73.18 -34.05
CA ILE JA 292 -30.60 -74.26 -33.05
C ILE JA 292 -29.60 -73.92 -31.93
N VAL JA 293 -28.44 -73.38 -32.31
CA VAL JA 293 -27.36 -73.19 -31.35
C VAL JA 293 -27.76 -72.20 -30.28
N GLU JA 294 -28.57 -71.20 -30.63
CA GLU JA 294 -29.07 -70.25 -29.64
C GLU JA 294 -29.92 -70.96 -28.59
N ALA JA 295 -30.76 -71.91 -29.02
CA ALA JA 295 -31.56 -72.68 -28.08
C ALA JA 295 -30.67 -73.46 -27.13
N GLN JA 296 -29.58 -74.03 -27.65
CA GLN JA 296 -28.66 -74.73 -26.74
C GLN JA 296 -28.01 -73.78 -25.73
N GLY JA 297 -27.62 -72.58 -26.18
CA GLY JA 297 -27.06 -71.61 -25.26
C GLY JA 297 -28.02 -71.22 -24.15
N THR JA 298 -29.32 -71.21 -24.47
CA THR JA 298 -30.32 -70.89 -23.46
C THR JA 298 -30.23 -71.84 -22.26
N GLU JA 299 -29.99 -73.11 -22.50
CA GLU JA 299 -29.85 -74.06 -21.39
C GLU JA 299 -28.50 -73.89 -20.69
N TYR JA 300 -27.45 -73.61 -21.46
CA TYR JA 300 -26.15 -73.38 -20.82
C TYR JA 300 -26.23 -72.26 -19.79
N LYS JA 301 -27.03 -71.24 -20.08
CA LYS JA 301 -27.19 -70.14 -19.13
C LYS JA 301 -27.69 -70.62 -17.77
N LEU JA 302 -28.74 -71.45 -17.78
CA LEU JA 302 -29.30 -71.96 -16.52
C LEU JA 302 -28.30 -72.81 -15.77
N VAL JA 303 -27.53 -73.63 -16.49
CA VAL JA 303 -26.55 -74.46 -15.81
C VAL JA 303 -25.53 -73.58 -15.07
N ALA JA 304 -25.02 -72.55 -15.76
CA ALA JA 304 -24.06 -71.67 -15.11
C ALA JA 304 -24.65 -70.96 -13.90
N LYS JA 305 -25.91 -70.52 -14.02
CA LYS JA 305 -26.56 -69.85 -12.90
C LYS JA 305 -26.65 -70.76 -11.69
N TYR JA 306 -27.02 -72.02 -11.90
CA TYR JA 306 -27.11 -72.95 -10.79
C TYR JA 306 -25.76 -73.14 -10.11
N GLN JA 307 -24.69 -73.29 -10.91
CA GLN JA 307 -23.37 -73.45 -10.31
C GLN JA 307 -23.01 -72.26 -9.43
N GLU JA 308 -23.23 -71.05 -9.94
CA GLU JA 308 -22.86 -69.85 -9.18
C GLU JA 308 -23.65 -69.75 -7.88
N ASP JA 309 -24.95 -70.03 -7.93
CA ASP JA 309 -25.76 -69.96 -6.72
C ASP JA 309 -25.29 -70.96 -5.68
N LEU JA 310 -24.99 -72.18 -6.10
CA LEU JA 310 -24.52 -73.18 -5.15
C LEU JA 310 -23.22 -72.73 -4.48
N ALA JA 311 -22.29 -72.18 -5.27
CA ALA JA 311 -21.03 -71.73 -4.69
C ALA JA 311 -21.26 -70.61 -3.67
N LEU JA 312 -22.14 -69.66 -4.00
CA LEU JA 312 -22.43 -68.58 -3.08
C LEU JA 312 -22.98 -69.10 -1.75
N GLY JA 313 -23.94 -70.02 -1.82
CA GLY JA 313 -24.52 -70.55 -0.59
C GLY JA 313 -23.51 -71.29 0.26
N VAL JA 314 -22.69 -72.14 -0.37
CA VAL JA 314 -21.69 -72.89 0.38
C VAL JA 314 -20.70 -71.94 1.05
N GLN JA 315 -20.25 -70.92 0.32
CA GLN JA 315 -19.28 -70.00 0.90
C GLN JA 315 -19.87 -69.21 2.06
N SER JA 316 -21.14 -68.79 1.94
CA SER JA 316 -21.75 -67.99 3.00
C SER JA 316 -22.04 -68.81 4.25
N ALA JA 317 -22.42 -70.07 4.11
CA ALA JA 317 -22.82 -70.84 5.29
C ALA JA 317 -21.63 -71.32 6.13
N ILE JA 318 -20.43 -70.79 5.92
CA ILE JA 318 -19.26 -71.22 6.69
C ILE JA 318 -18.69 -70.11 7.57
N LEU JA 319 -19.10 -68.86 7.37
CA LEU JA 319 -18.67 -67.75 8.21
C LEU JA 319 -19.68 -67.40 9.29
N GLN JA 320 -20.69 -68.24 9.50
CA GLN JA 320 -21.68 -67.98 10.53
C GLN JA 320 -21.01 -68.02 11.91
N ASP JA 321 -21.52 -67.18 12.81
CA ASP JA 321 -20.92 -67.06 14.13
C ASP JA 321 -21.21 -68.27 15.00
N ASP JA 322 -22.42 -68.83 14.91
CA ASP JA 322 -22.79 -69.97 15.72
C ASP JA 322 -22.66 -71.23 14.86
N PRO JA 323 -21.71 -72.12 15.14
CA PRO JA 323 -21.50 -73.28 14.26
C PRO JA 323 -22.68 -74.23 14.18
N THR JA 324 -23.61 -74.20 15.13
CA THR JA 324 -24.76 -75.09 15.09
C THR JA 324 -25.74 -74.73 13.99
N ILE JA 325 -25.74 -73.49 13.51
CA ILE JA 325 -26.67 -73.10 12.45
C ILE JA 325 -26.15 -73.51 11.08
N GLY JA 326 -24.86 -73.36 10.81
CA GLY JA 326 -24.34 -73.66 9.49
C GLY JA 326 -24.47 -75.12 9.11
N LEU JA 327 -24.47 -76.01 10.10
CA LEU JA 327 -24.57 -77.43 9.83
C LEU JA 327 -25.89 -77.75 9.14
N ALA JA 328 -26.98 -77.15 9.60
CA ALA JA 328 -28.29 -77.41 8.99
C ALA JA 328 -28.32 -76.97 7.54
N GLN JA 329 -27.77 -75.79 7.25
CA GLN JA 329 -27.78 -75.28 5.88
C GLN JA 329 -26.94 -76.17 4.97
N ILE JA 330 -25.75 -76.59 5.42
CA ILE JA 330 -24.94 -77.48 4.60
C ILE JA 330 -25.66 -78.80 4.36
N GLN JA 331 -26.34 -79.33 5.38
CA GLN JA 331 -27.05 -80.59 5.19
C GLN JA 331 -28.18 -80.44 4.18
N LYS JA 332 -28.91 -79.33 4.23
CA LYS JA 332 -29.98 -79.11 3.26
C LYS JA 332 -29.43 -79.02 1.84
N LEU JA 333 -28.32 -78.30 1.66
CA LEU JA 333 -27.74 -78.19 0.33
C LEU JA 333 -27.26 -79.54 -0.18
N LYS JA 334 -26.67 -80.35 0.72
CA LYS JA 334 -26.22 -81.68 0.33
C LYS JA 334 -27.39 -82.54 -0.13
N GLU JA 335 -28.50 -82.51 0.62
CA GLU JA 335 -29.67 -83.29 0.21
C GLU JA 335 -30.21 -82.84 -1.13
N GLN JA 336 -30.29 -81.53 -1.34
CA GLN JA 336 -30.78 -81.02 -2.62
C GLN JA 336 -29.89 -81.50 -3.77
N ASN JA 337 -28.56 -81.39 -3.60
CA ASN JA 337 -27.66 -81.81 -4.66
C ASN JA 337 -27.79 -83.30 -4.95
N ASN JA 338 -27.90 -84.12 -3.91
CA ASN JA 338 -28.05 -85.54 -4.13
C ASN JA 338 -29.38 -85.89 -4.80
N LEU JA 339 -30.41 -85.04 -4.62
CA LEU JA 339 -31.69 -85.34 -5.26
C LEU JA 339 -31.65 -85.19 -6.77
N LEU JA 340 -30.92 -84.18 -7.27
CA LEU JA 340 -30.97 -83.87 -8.69
C LEU JA 340 -30.29 -84.93 -9.55
N GLN JA 341 -29.39 -85.73 -8.98
CA GLN JA 341 -28.62 -86.73 -9.72
C GLN JA 341 -27.93 -86.06 -10.89
N PRO JA 342 -26.88 -85.27 -10.65
CA PRO JA 342 -26.27 -84.51 -11.72
C PRO JA 342 -25.30 -85.35 -12.54
N GLY JA 343 -24.95 -84.82 -13.71
CA GLY JA 343 -23.99 -85.46 -14.58
C GLY JA 343 -22.57 -85.14 -14.16
N GLU JA 344 -21.62 -85.57 -14.99
CA GLU JA 344 -20.20 -85.39 -14.69
C GLU JA 344 -19.75 -84.01 -15.18
N GLU JA 345 -20.45 -83.00 -14.68
CA GLU JA 345 -20.07 -81.60 -14.86
C GLU JA 345 -20.14 -80.81 -13.57
N LEU JA 346 -20.64 -81.40 -12.49
CA LEU JA 346 -20.71 -80.76 -11.18
C LEU JA 346 -19.87 -81.53 -10.16
N THR JA 347 -18.82 -82.20 -10.61
CA THR JA 347 -17.93 -82.91 -9.71
C THR JA 347 -17.08 -81.97 -8.86
N PRO JA 348 -16.62 -80.80 -9.38
CA PRO JA 348 -15.88 -79.89 -8.49
C PRO JA 348 -16.75 -79.26 -7.40
N GLN JA 349 -18.02 -79.66 -7.33
CA GLN JA 349 -18.91 -79.21 -6.26
C GLN JA 349 -19.02 -80.22 -5.12
N ARG JA 350 -19.06 -81.51 -5.45
CA ARG JA 350 -19.20 -82.54 -4.43
C ARG JA 350 -18.04 -82.52 -3.45
N GLN JA 351 -16.82 -82.35 -3.96
CA GLN JA 351 -15.66 -82.31 -3.09
C GLN JA 351 -15.71 -81.13 -2.13
N MET JA 352 -16.11 -79.95 -2.62
CA MET JA 352 -16.16 -78.80 -1.74
C MET JA 352 -17.26 -78.96 -0.69
N LEU JA 353 -18.38 -79.57 -1.07
CA LEU JA 353 -19.42 -79.83 -0.08
C LEU JA 353 -18.91 -80.75 1.03
N ILE JA 354 -18.19 -81.82 0.64
CA ILE JA 354 -17.66 -82.76 1.62
C ILE JA 354 -16.68 -82.07 2.56
N ASN JA 355 -15.77 -81.28 1.99
CA ASN JA 355 -14.77 -80.61 2.82
C ASN JA 355 -15.43 -79.62 3.77
N ALA JA 356 -16.43 -78.87 3.29
CA ALA JA 356 -17.12 -77.93 4.16
C ALA JA 356 -17.78 -78.66 5.32
N GLU JA 357 -18.42 -79.79 5.06
CA GLU JA 357 -19.09 -80.51 6.14
C GLU JA 357 -18.10 -81.02 7.16
N ALA JA 358 -16.95 -81.54 6.71
CA ALA JA 358 -15.94 -82.00 7.67
C ALA JA 358 -15.45 -80.86 8.56
N SER JA 359 -15.17 -79.70 7.95
CA SER JA 359 -14.70 -78.56 8.74
C SER JA 359 -15.74 -78.11 9.75
N LEU JA 360 -17.01 -78.09 9.35
CA LEU JA 360 -18.06 -77.69 10.27
C LEU JA 360 -18.15 -78.64 11.45
N LEU JA 361 -18.03 -79.94 11.19
CA LEU JA 361 -18.06 -80.90 12.29
C LEU JA 361 -16.92 -80.65 13.27
N GLU JA 362 -15.71 -80.39 12.76
CA GLU JA 362 -14.60 -80.13 13.66
C GLU JA 362 -14.83 -78.89 14.51
N ALA JA 363 -15.35 -77.82 13.90
CA ALA JA 363 -15.60 -76.60 14.66
C ALA JA 363 -16.63 -76.81 15.76
N VAL JA 364 -17.71 -77.53 15.43
CA VAL JA 364 -18.73 -77.83 16.45
C VAL JA 364 -18.11 -78.64 17.58
N LYS JA 365 -17.18 -79.54 17.25
CA LYS JA 365 -16.52 -80.31 18.30
C LYS JA 365 -15.71 -79.41 19.22
N ARG JA 366 -14.97 -78.44 18.67
CA ARG JA 366 -14.07 -77.64 19.50
C ARG JA 366 -14.77 -76.58 20.35
N LYS JA 367 -15.96 -76.12 19.91
CA LYS JA 367 -16.61 -75.02 20.62
C LYS JA 367 -16.86 -75.35 22.10
N SER JA 368 -17.10 -76.62 22.43
CA SER JA 368 -17.43 -76.98 23.81
C SER JA 368 -16.28 -76.69 24.76
N ALA JA 369 -15.08 -77.18 24.44
CA ALA JA 369 -13.93 -76.88 25.29
C ALA JA 369 -13.63 -75.39 25.33
N GLU JA 370 -13.77 -74.71 24.18
CA GLU JA 370 -13.51 -73.27 24.20
C GLU JA 370 -14.44 -72.55 25.17
N GLN JA 371 -15.73 -72.90 25.15
CA GLN JA 371 -16.66 -72.26 26.07
C GLN JA 371 -16.43 -72.67 27.52
N ALA JA 372 -15.92 -73.88 27.75
CA ALA JA 372 -15.57 -74.26 29.12
C ALA JA 372 -14.49 -73.34 29.69
N LYS JA 373 -13.45 -73.08 28.91
CA LYS JA 373 -12.41 -72.17 29.38
C LYS JA 373 -12.95 -70.76 29.59
N GLU JA 374 -13.79 -70.30 28.65
CA GLU JA 374 -14.42 -69.00 28.79
C GLU JA 374 -15.23 -68.91 30.08
N ASN JA 375 -15.92 -69.99 30.44
CA ASN JA 375 -16.65 -70.03 31.71
C ASN JA 375 -15.69 -69.91 32.89
N THR JA 376 -14.56 -70.60 32.82
CA THR JA 376 -13.66 -70.61 33.97
C THR JA 376 -13.09 -69.22 34.28
N LYS JA 377 -12.74 -68.45 33.25
CA LYS JA 377 -12.03 -67.18 33.54
C LYS JA 377 -12.84 -66.17 34.36
N LEU JA 378 -14.18 -66.28 34.34
CA LEU JA 378 -15.03 -65.22 34.87
C LEU JA 378 -14.81 -65.01 36.36
N ILE JA 379 -14.76 -66.09 37.14
CA ILE JA 379 -14.56 -65.93 38.58
C ILE JA 379 -13.17 -65.42 38.88
N GLN JA 380 -12.16 -65.88 38.13
CA GLN JA 380 -10.79 -65.50 38.43
C GLN JA 380 -10.52 -64.03 38.20
N THR JA 381 -11.30 -63.37 37.33
CA THR JA 381 -11.01 -61.95 37.08
C THR JA 381 -11.12 -61.12 38.37
N GLN JA 382 -12.07 -61.43 39.25
CA GLN JA 382 -12.27 -60.63 40.45
C GLN JA 382 -11.14 -60.81 41.44
N ASN JA 383 -10.71 -62.06 41.65
CA ASN JA 383 -9.57 -62.32 42.51
C ASN JA 383 -8.31 -61.68 41.95
N LYS JA 384 -8.23 -61.56 40.63
CA LYS JA 384 -7.10 -60.83 40.06
C LYS JA 384 -7.19 -59.33 40.37
N GLN JA 385 -8.41 -58.78 40.39
CA GLN JA 385 -8.56 -57.35 40.65
C GLN JA 385 -8.29 -56.97 42.11
N LEU JA 386 -8.64 -57.84 43.06
CA LEU JA 386 -8.51 -57.47 44.46
C LEU JA 386 -7.06 -57.17 44.87
N VAL JA 387 -6.11 -57.99 44.41
CA VAL JA 387 -4.72 -57.78 44.78
C VAL JA 387 -4.19 -56.47 44.20
N ILE JA 388 -4.53 -56.19 42.93
CA ILE JA 388 -4.12 -54.94 42.32
C ILE JA 388 -4.68 -53.76 43.11
N ASP JA 389 -5.92 -53.87 43.58
CA ASP JA 389 -6.48 -52.80 44.39
C ASP JA 389 -5.73 -52.64 45.72
N GLN JA 390 -5.36 -53.75 46.35
CA GLN JA 390 -4.67 -53.67 47.63
C GLN JA 390 -3.31 -53.02 47.49
N VAL JA 391 -2.62 -53.25 46.37
CA VAL JA 391 -1.33 -52.62 46.14
C VAL JA 391 -1.47 -51.10 46.18
N TYR JA 392 -2.46 -50.55 45.48
CA TYR JA 392 -2.63 -49.11 45.46
C TYR JA 392 -3.14 -48.57 46.79
N GLN JA 393 -3.98 -49.34 47.48
CA GLN JA 393 -4.42 -48.91 48.81
C GLN JA 393 -3.24 -48.78 49.76
N ARG JA 394 -2.28 -49.71 49.67
CA ARG JA 394 -1.07 -49.58 50.47
C ARG JA 394 -0.21 -48.41 50.03
N ARG JA 395 -0.03 -48.24 48.72
CA ARG JA 395 0.84 -47.19 48.23
C ARG JA 395 0.29 -45.80 48.52
N LEU JA 396 -1.03 -45.67 48.63
CA LEU JA 396 -1.64 -44.37 48.83
C LEU JA 396 -1.26 -43.73 50.16
N ALA JA 397 -0.81 -44.53 51.13
CA ALA JA 397 -0.51 -44.05 52.47
C ALA JA 397 0.97 -43.73 52.68
N GLY JA 398 1.76 -43.67 51.61
CA GLY JA 398 3.15 -43.31 51.74
C GLY JA 398 4.08 -44.50 51.88
N ASP JA 399 4.02 -45.42 50.93
CA ASP JA 399 4.82 -46.64 50.97
C ASP JA 399 5.16 -47.07 49.55
N ASN JA 400 6.44 -47.30 49.29
CA ASN JA 400 6.87 -47.79 47.98
C ASN JA 400 6.54 -49.26 47.86
N VAL JA 401 5.94 -49.65 46.72
CA VAL JA 401 5.48 -51.02 46.55
C VAL JA 401 5.98 -51.57 45.20
N SER JA 402 6.45 -50.68 44.32
CA SER JA 402 7.04 -51.10 43.04
C SER JA 402 6.02 -51.86 42.20
N THR JA 403 5.04 -51.11 41.71
CA THR JA 403 3.79 -51.63 41.16
C THR JA 403 3.92 -52.22 39.75
N ASN JA 404 5.12 -52.57 39.27
CA ASN JA 404 5.22 -53.25 37.99
C ASN JA 404 4.66 -54.67 38.10
N TYR JA 405 4.05 -55.14 37.01
CA TYR JA 405 3.28 -56.38 37.04
C TYR JA 405 4.14 -57.63 36.98
N GLU JA 406 5.45 -57.49 36.86
CA GLU JA 406 6.30 -58.66 36.69
C GLU JA 406 6.30 -59.54 37.94
N ASP JA 407 6.28 -58.93 39.13
CA ASP JA 407 6.48 -59.64 40.39
C ASP JA 407 5.37 -59.33 41.40
N LEU JA 408 4.35 -60.18 41.44
CA LEU JA 408 3.23 -60.08 42.34
C LEU JA 408 2.95 -61.45 42.96
N PRO JA 409 2.26 -61.48 44.11
CA PRO JA 409 2.00 -62.76 44.78
C PRO JA 409 1.00 -63.61 44.02
N VAL JA 410 1.46 -64.29 42.98
CA VAL JA 410 0.58 -65.14 42.19
C VAL JA 410 0.15 -66.35 43.02
N SER JA 411 -1.07 -66.82 42.78
CA SER JA 411 -1.63 -67.96 43.49
C SER JA 411 -2.43 -68.79 42.51
N GLU JA 412 -3.01 -69.88 43.00
CA GLU JA 412 -3.79 -70.76 42.13
C GLU JA 412 -5.06 -70.09 41.65
N ALA JA 413 -5.72 -69.33 42.52
CA ALA JA 413 -6.99 -68.69 42.15
C ALA JA 413 -6.79 -67.66 41.05
N THR JA 414 -5.75 -66.84 41.16
CA THR JA 414 -5.52 -65.77 40.20
C THR JA 414 -5.23 -66.30 38.80
N GLY JA 415 -4.11 -67.00 38.64
CA GLY JA 415 -3.70 -67.48 37.33
C GLY JA 415 -2.39 -66.89 36.86
N GLU JA 416 -2.43 -66.08 35.80
CA GLU JA 416 -1.25 -65.44 35.24
C GLU JA 416 -1.55 -63.97 34.97
N PHE JA 417 -0.49 -63.18 34.92
CA PHE JA 417 -0.59 -61.73 34.79
C PHE JA 417 0.02 -61.27 33.47
N LYS JA 418 -0.65 -60.33 32.80
CA LYS JA 418 -0.20 -59.74 31.56
C LYS JA 418 -0.26 -58.21 31.68
N ARG JA 419 0.18 -57.53 30.62
CA ARG JA 419 0.21 -56.07 30.66
C ARG JA 419 -1.17 -55.44 30.58
N SER JA 420 -2.16 -56.14 30.04
CA SER JA 420 -3.49 -55.55 29.88
C SER JA 420 -4.25 -55.45 31.20
N ASP JA 421 -3.83 -56.18 32.24
CA ASP JA 421 -4.56 -56.16 33.50
C ASP JA 421 -4.50 -54.79 34.17
N MET JA 422 -3.35 -54.12 34.09
CA MET JA 422 -3.25 -52.77 34.63
C MET JA 422 -4.26 -51.84 33.96
N ASN JA 423 -4.34 -51.91 32.63
CA ASN JA 423 -5.24 -51.05 31.88
C ASN JA 423 -6.69 -51.41 32.06
N ASN JA 424 -7.00 -52.66 32.41
CA ASN JA 424 -8.38 -52.96 32.79
C ASN JA 424 -8.70 -52.43 34.17
N TYR JA 425 -7.77 -52.58 35.12
CA TYR JA 425 -8.02 -52.12 36.48
C TYR JA 425 -8.22 -50.62 36.52
N ALA JA 426 -7.44 -49.87 35.74
CA ALA JA 426 -7.60 -48.42 35.74
C ALA JA 426 -9.03 -48.02 35.40
N SER JA 427 -9.56 -48.55 34.29
CA SER JA 427 -10.90 -48.22 33.86
C SER JA 427 -11.95 -48.72 34.85
N ALA JA 428 -11.76 -49.93 35.39
CA ALA JA 428 -12.73 -50.46 36.34
C ALA JA 428 -12.81 -49.58 37.59
N LYS JA 429 -11.66 -49.17 38.13
CA LYS JA 429 -11.65 -48.31 39.30
C LYS JA 429 -12.28 -46.96 39.01
N LEU JA 430 -11.95 -46.37 37.86
CA LEU JA 430 -12.50 -45.05 37.53
C LEU JA 430 -14.02 -45.12 37.38
N GLN JA 431 -14.53 -46.18 36.78
CA GLN JA 431 -15.98 -46.31 36.67
C GLN JA 431 -16.63 -46.71 37.99
N GLN JA 432 -15.88 -47.33 38.91
CA GLN JA 432 -16.44 -47.68 40.20
C GLN JA 432 -16.58 -46.47 41.10
N ILE JA 433 -15.60 -45.56 41.07
CA ILE JA 433 -15.62 -44.39 41.95
C ILE JA 433 -16.86 -43.54 41.70
N ASP JA 434 -17.32 -43.47 40.45
CA ASP JA 434 -18.42 -42.60 40.08
C ASP JA 434 -19.78 -43.25 40.28
N GLN JA 435 -19.88 -44.22 41.19
CA GLN JA 435 -21.14 -44.90 41.42
C GLN JA 435 -21.45 -45.08 42.90
N MET JA 436 -20.71 -44.44 43.80
CA MET JA 436 -20.92 -44.61 45.23
C MET JA 436 -22.09 -43.77 45.72
N ASP JA 437 -22.20 -43.61 47.03
CA ASP JA 437 -23.29 -42.89 47.66
C ASP JA 437 -22.76 -41.74 48.52
N ILE JA 438 -21.82 -40.97 47.98
CA ILE JA 438 -21.16 -39.91 48.74
C ILE JA 438 -21.37 -38.58 48.03
N PRO JA 439 -21.18 -37.44 48.70
CA PRO JA 439 -21.41 -36.14 48.05
C PRO JA 439 -20.45 -35.91 46.89
N GLU JA 440 -20.75 -34.85 46.13
CA GLU JA 440 -20.14 -34.65 44.82
C GLU JA 440 -18.64 -34.35 44.90
N ALA JA 441 -18.22 -33.59 45.91
CA ALA JA 441 -16.82 -33.18 45.97
C ALA JA 441 -15.89 -34.34 46.31
N ALA JA 442 -16.37 -35.31 47.10
CA ALA JA 442 -15.51 -36.42 47.49
C ALA JA 442 -15.10 -37.26 46.28
N LYS JA 443 -16.04 -37.51 45.37
CA LYS JA 443 -15.73 -38.29 44.17
C LYS JA 443 -14.62 -37.63 43.37
N ASP JA 444 -14.67 -36.30 43.26
CA ASP JA 444 -13.66 -35.57 42.50
C ASP JA 444 -12.34 -35.47 43.24
N ALA JA 445 -12.37 -35.46 44.57
CA ALA JA 445 -11.12 -35.46 45.33
C ALA JA 445 -10.40 -36.79 45.22
N GLN JA 446 -11.16 -37.89 45.19
CA GLN JA 446 -10.55 -39.22 45.19
C GLN JA 446 -9.74 -39.45 43.91
N LYS JA 447 -10.25 -39.03 42.77
CA LYS JA 447 -9.55 -39.24 41.51
C LYS JA 447 -8.22 -38.51 41.49
N VAL JA 448 -8.21 -37.25 41.93
CA VAL JA 448 -6.97 -36.49 41.96
C VAL JA 448 -5.98 -37.11 42.94
N ALA JA 449 -6.48 -37.57 44.09
CA ALA JA 449 -5.60 -38.24 45.05
C ALA JA 449 -4.96 -39.47 44.43
N LEU JA 450 -5.74 -40.26 43.68
CA LEU JA 450 -5.20 -41.45 43.05
C LEU JA 450 -4.17 -41.10 41.99
N LEU JA 451 -4.44 -40.07 41.17
CA LEU JA 451 -3.50 -39.69 40.13
C LEU JA 451 -2.19 -39.18 40.70
N ARG JA 452 -2.26 -38.45 41.82
CA ARG JA 452 -1.06 -37.82 42.37
C ARG JA 452 -0.08 -38.83 42.96
N ALA JA 453 -0.47 -40.10 43.09
CA ALA JA 453 0.35 -41.09 43.79
C ALA JA 453 0.79 -42.24 42.88
N ASP JA 454 0.97 -42.01 41.59
CA ASP JA 454 1.46 -43.05 40.70
C ASP JA 454 2.94 -42.84 40.39
N THR JA 455 3.46 -43.70 39.51
CA THR JA 455 4.80 -43.51 38.97
C THR JA 455 4.68 -42.66 37.71
N ASN JA 456 5.74 -42.60 36.92
CA ASN JA 456 5.69 -41.91 35.63
C ASN JA 456 5.19 -42.80 34.51
N ASN JA 457 4.87 -44.06 34.81
CA ASN JA 457 4.30 -44.98 33.83
C ASN JA 457 3.14 -45.74 34.45
N GLY JA 458 2.34 -45.07 35.27
CA GLY JA 458 1.20 -45.69 35.88
C GLY JA 458 0.01 -45.69 34.95
N PRO JA 459 -0.91 -46.65 35.15
CA PRO JA 459 -2.06 -46.78 34.24
C PRO JA 459 -3.08 -45.65 34.35
N PHE JA 460 -2.89 -44.66 35.23
CA PHE JA 460 -3.84 -43.56 35.34
C PHE JA 460 -3.42 -42.32 34.55
N ARG JA 461 -2.11 -42.06 34.47
CA ARG JA 461 -1.63 -40.90 33.74
C ARG JA 461 -2.00 -40.98 32.26
N ASN JA 462 -1.93 -42.19 31.69
CA ASN JA 462 -2.31 -42.36 30.29
C ASN JA 462 -3.77 -42.02 30.07
N ALA JA 463 -4.65 -42.49 30.95
CA ALA JA 463 -6.08 -42.21 30.80
C ALA JA 463 -6.34 -40.72 30.89
N PHE JA 464 -5.71 -40.04 31.84
CA PHE JA 464 -5.94 -38.60 31.95
C PHE JA 464 -5.39 -37.85 30.73
N GLN JA 465 -4.27 -38.31 30.18
CA GLN JA 465 -3.72 -37.69 28.97
C GLN JA 465 -4.71 -37.80 27.82
N THR JA 466 -5.26 -38.99 27.61
CA THR JA 466 -6.25 -39.17 26.55
C THR JA 466 -7.45 -38.27 26.75
N LEU JA 467 -7.93 -38.18 27.99
CA LEU JA 467 -9.07 -37.32 28.28
C LEU JA 467 -8.78 -35.86 27.94
N THR JA 468 -7.58 -35.38 28.29
CA THR JA 468 -7.25 -34.00 28.02
C THR JA 468 -7.21 -33.71 26.52
N GLN JA 469 -6.61 -34.62 25.74
CA GLN JA 469 -6.55 -34.41 24.30
C GLN JA 469 -7.95 -34.39 23.68
N ASP JA 470 -8.83 -35.28 24.14
CA ASP JA 470 -10.20 -35.28 23.63
C ASP JA 470 -10.90 -33.97 23.95
N ALA JA 471 -10.68 -33.44 25.16
CA ALA JA 471 -11.30 -32.15 25.52
C ALA JA 471 -10.83 -31.03 24.60
N ALA JA 472 -9.53 -31.01 24.29
CA ALA JA 472 -9.02 -29.99 23.37
C ALA JA 472 -9.69 -30.09 22.00
N GLY JA 473 -9.83 -31.32 21.49
CA GLY JA 473 -10.51 -31.49 20.22
C GLY JA 473 -11.95 -31.00 20.25
N GLU JA 474 -12.67 -31.28 21.35
CA GLU JA 474 -14.04 -30.79 21.45
C GLU JA 474 -14.10 -29.28 21.43
N TRP JA 475 -13.16 -28.61 22.12
CA TRP JA 475 -13.18 -27.15 22.10
C TRP JA 475 -12.95 -26.60 20.70
N GLN JA 476 -12.01 -27.19 19.96
CA GLN JA 476 -11.75 -26.73 18.59
C GLN JA 476 -12.99 -26.90 17.72
N ALA JA 477 -13.68 -28.03 17.86
CA ALA JA 477 -14.92 -28.23 17.10
C ALA JA 477 -15.95 -27.17 17.45
N ALA JA 478 -16.07 -26.84 18.73
CA ALA JA 478 -17.04 -25.83 19.15
C ALA JA 478 -16.73 -24.48 18.51
N VAL JA 479 -15.45 -24.12 18.45
CA VAL JA 479 -15.08 -22.86 17.79
C VAL JA 479 -15.45 -22.89 16.32
N ILE JA 480 -15.14 -23.99 15.63
CA ILE JA 480 -15.39 -24.06 14.19
C ILE JA 480 -16.89 -23.96 13.90
N ARG JA 481 -17.71 -24.72 14.62
CA ARG JA 481 -19.13 -24.70 14.36
C ARG JA 481 -19.74 -23.35 14.70
N GLY JA 482 -19.32 -22.74 15.80
CA GLY JA 482 -19.80 -21.42 16.17
C GLY JA 482 -20.98 -21.42 17.10
N GLN JA 483 -20.99 -22.32 18.08
CA GLN JA 483 -22.08 -22.44 19.03
C GLN JA 483 -21.63 -23.35 20.17
N TYR JA 484 -22.30 -23.24 21.31
CA TYR JA 484 -22.09 -24.11 22.45
C TYR JA 484 -23.32 -24.98 22.63
N ASP JA 485 -23.18 -26.29 22.39
CA ASP JA 485 -24.27 -27.24 22.56
C ASP JA 485 -23.92 -28.21 23.68
N PRO JA 486 -24.69 -28.23 24.78
CA PRO JA 486 -24.33 -29.11 25.91
C PRO JA 486 -24.39 -30.59 25.56
N ASP JA 487 -25.11 -30.98 24.52
CA ASP JA 487 -25.21 -32.39 24.18
C ASP JA 487 -23.91 -32.93 23.58
N LYS JA 488 -23.28 -32.17 22.70
CA LYS JA 488 -22.05 -32.65 22.08
C LYS JA 488 -20.87 -32.56 23.01
N MET JA 489 -20.83 -31.56 23.89
CA MET JA 489 -19.70 -31.34 24.79
C MET JA 489 -19.95 -32.09 26.09
N GLN JA 490 -19.46 -33.34 26.15
CA GLN JA 490 -19.58 -34.15 27.34
C GLN JA 490 -18.26 -34.55 27.97
N ARG JA 491 -17.20 -34.69 27.19
CA ARG JA 491 -15.87 -34.92 27.76
C ARG JA 491 -15.15 -33.63 28.08
N PHE JA 492 -15.66 -32.48 27.61
CA PHE JA 492 -15.14 -31.18 28.01
C PHE JA 492 -15.62 -30.79 29.39
N GLU JA 493 -16.82 -31.23 29.79
CA GLU JA 493 -17.43 -30.82 31.04
C GLU JA 493 -17.19 -31.82 32.17
N SER JA 494 -16.41 -32.86 31.93
CA SER JA 494 -16.04 -33.79 33.00
C SER JA 494 -14.65 -33.52 33.55
N LEU JA 495 -13.72 -33.05 32.72
CA LEU JA 495 -12.41 -32.64 33.21
C LEU JA 495 -12.50 -31.38 34.05
N ARG JA 496 -13.49 -30.53 33.78
CA ARG JA 496 -13.62 -29.28 34.51
C ARG JA 496 -13.90 -29.54 35.98
N ARG JA 497 -14.73 -30.54 36.28
CA ARG JA 497 -15.10 -30.84 37.66
C ARG JA 497 -13.93 -31.36 38.48
N ALA JA 498 -12.91 -31.93 37.82
CA ALA JA 498 -11.74 -32.45 38.51
C ALA JA 498 -10.55 -31.52 38.45
N TYR JA 499 -10.59 -30.51 37.58
CA TYR JA 499 -9.51 -29.52 37.56
C TYR JA 499 -9.59 -28.57 38.74
N THR JA 500 -10.79 -28.38 39.30
CA THR JA 500 -10.97 -27.39 40.35
C THR JA 500 -10.24 -27.79 41.64
N GLN JA 501 -10.32 -29.08 42.01
CA GLN JA 501 -9.80 -29.52 43.30
C GLN JA 501 -8.27 -29.47 43.40
N ASP JA 502 -7.57 -29.36 42.28
CA ASP JA 502 -6.11 -29.26 42.32
C ASP JA 502 -5.59 -28.66 41.02
N PRO JA 503 -5.47 -27.33 40.94
CA PRO JA 503 -5.06 -26.69 39.68
C PRO JA 503 -3.56 -26.54 39.48
N SER JA 504 -2.72 -26.91 40.44
CA SER JA 504 -1.28 -26.72 40.27
C SER JA 504 -0.58 -27.90 39.66
N SER JA 505 -1.08 -29.12 39.87
CA SER JA 505 -0.45 -30.30 39.31
C SER JA 505 -0.75 -30.45 37.82
N PHE JA 506 -1.96 -30.09 37.41
CA PHE JA 506 -2.33 -30.16 36.00
C PHE JA 506 -1.44 -29.26 35.16
N ALA JA 507 -1.12 -28.06 35.67
CA ALA JA 507 -0.30 -27.11 34.94
C ALA JA 507 1.14 -27.54 34.81
N ALA JA 508 1.58 -28.53 35.60
CA ALA JA 508 2.95 -29.02 35.53
C ALA JA 508 3.08 -30.36 34.82
N LEU JA 509 2.05 -31.21 34.88
CA LEU JA 509 2.15 -32.51 34.24
C LEU JA 509 2.00 -32.43 32.73
N TYR JA 510 1.09 -31.58 32.24
CA TYR JA 510 0.79 -31.47 30.81
C TYR JA 510 0.92 -30.02 30.38
N PRO JA 511 2.17 -29.52 30.26
CA PRO JA 511 2.39 -28.11 29.96
C PRO JA 511 2.50 -27.80 28.47
N ASP JA 512 1.54 -28.30 27.70
CA ASP JA 512 1.52 -28.05 26.27
C ASP JA 512 0.17 -27.61 25.75
N GLN JA 513 -0.87 -27.60 26.59
CA GLN JA 513 -2.19 -27.16 26.21
C GLN JA 513 -2.79 -26.34 27.35
N ALA JA 514 -2.00 -25.42 27.87
CA ALA JA 514 -2.42 -24.56 28.96
C ALA JA 514 -3.46 -23.53 28.55
N GLN JA 515 -3.73 -23.38 27.25
CA GLN JA 515 -4.77 -22.46 26.82
C GLN JA 515 -6.15 -22.91 27.27
N LEU JA 516 -6.31 -24.18 27.61
CA LEU JA 516 -7.59 -24.67 28.12
C LEU JA 516 -7.81 -24.29 29.57
N PHE JA 517 -6.75 -24.24 30.38
CA PHE JA 517 -6.90 -23.87 31.77
C PHE JA 517 -7.28 -22.41 31.92
N SER JA 518 -6.81 -21.56 31.02
CA SER JA 518 -7.26 -20.17 30.99
C SER JA 518 -8.74 -20.07 30.70
N THR JA 519 -9.26 -20.93 29.81
CA THR JA 519 -10.69 -20.97 29.58
C THR JA 519 -11.44 -21.45 30.82
N PHE JA 520 -10.89 -22.46 31.50
CA PHE JA 520 -11.57 -23.03 32.66
C PHE JA 520 -11.68 -22.02 33.80
N ASP JA 521 -10.62 -21.24 34.02
CA ASP JA 521 -10.54 -20.43 35.24
C ASP JA 521 -11.63 -19.35 35.27
N GLN JA 522 -11.86 -18.68 34.14
CA GLN JA 522 -12.79 -17.57 34.06
C GLN JA 522 -14.24 -18.01 33.91
N MET JA 523 -14.51 -19.29 33.67
CA MET JA 523 -15.89 -19.77 33.73
C MET JA 523 -16.36 -19.99 35.14
N ASP JA 524 -15.46 -20.01 36.11
CA ASP JA 524 -15.80 -20.33 37.49
C ASP JA 524 -15.42 -19.26 38.49
N LYS JA 525 -14.40 -18.43 38.23
CA LYS JA 525 -14.04 -17.39 39.18
C LYS JA 525 -14.72 -16.07 38.88
N ILE JA 526 -14.48 -15.50 37.69
CA ILE JA 526 -15.09 -14.23 37.36
C ILE JA 526 -16.59 -14.38 37.15
N GLY JA 527 -17.00 -15.36 36.38
CA GLY JA 527 -18.40 -15.61 36.10
C GLY JA 527 -18.88 -15.40 34.67
N LEU JA 528 -17.98 -15.45 33.69
CA LEU JA 528 -18.40 -15.39 32.30
C LEU JA 528 -19.25 -16.60 31.93
N ASP JA 529 -20.27 -16.37 31.13
CA ASP JA 529 -21.06 -17.46 30.59
C ASP JA 529 -20.23 -18.26 29.59
N PRO JA 530 -20.59 -19.52 29.34
CA PRO JA 530 -19.76 -20.35 28.45
C PRO JA 530 -19.60 -19.77 27.06
N GLN JA 531 -20.59 -19.02 26.58
CA GLN JA 531 -20.47 -18.39 25.27
C GLN JA 531 -19.77 -17.05 25.39
N THR JA 532 -19.82 -16.28 24.30
CA THR JA 532 -19.22 -14.96 24.11
C THR JA 532 -17.69 -15.07 24.01
N MET JA 533 -17.13 -16.18 24.48
CA MET JA 533 -15.72 -16.44 24.18
C MET JA 533 -15.60 -17.12 22.82
N ILE JA 534 -16.58 -17.96 22.50
CA ILE JA 534 -16.72 -18.45 21.13
C ILE JA 534 -16.87 -17.27 20.18
N GLU JA 535 -17.70 -16.30 20.55
CA GLU JA 535 -17.88 -15.11 19.72
C GLU JA 535 -16.60 -14.30 19.58
N ALA JA 536 -15.88 -14.09 20.67
CA ALA JA 536 -14.61 -13.37 20.59
C ALA JA 536 -13.59 -14.08 19.71
N ASP JA 537 -13.45 -15.40 19.85
CA ASP JA 537 -12.54 -16.16 19.01
C ASP JA 537 -12.95 -16.13 17.55
N LYS JA 538 -14.24 -16.28 17.26
CA LYS JA 538 -14.70 -16.24 15.88
C LYS JA 538 -14.46 -14.88 15.25
N GLN JA 539 -14.72 -13.80 16.00
CA GLN JA 539 -14.52 -12.46 15.48
C GLN JA 539 -13.04 -12.11 15.34
N ALA JA 540 -12.18 -12.70 16.16
CA ALA JA 540 -10.76 -12.41 16.08
C ALA JA 540 -10.03 -13.26 15.07
N ALA JA 541 -10.75 -14.06 14.28
CA ALA JA 541 -10.09 -14.93 13.30
C ALA JA 541 -9.58 -14.14 12.11
N SER JA 542 -10.37 -13.17 11.62
CA SER JA 542 -9.99 -12.42 10.43
C SER JA 542 -8.71 -11.62 10.66
N GLN JA 543 -8.76 -10.66 11.57
CA GLN JA 543 -7.60 -9.83 11.85
C GLN JA 543 -6.68 -10.52 12.85
N SER JA 544 -5.38 -10.40 12.61
CA SER JA 544 -4.36 -10.98 13.49
C SER JA 544 -3.70 -9.86 14.27
N ARG JA 545 -3.86 -9.90 15.60
CA ARG JA 545 -3.22 -8.90 16.45
C ARG JA 545 -1.71 -9.11 16.56
N GLU JA 546 -1.20 -10.22 16.05
CA GLU JA 546 0.21 -10.57 16.22
C GLU JA 546 1.06 -9.77 15.24
N MET JA 547 1.43 -8.55 15.63
CA MET JA 547 2.38 -7.74 14.89
C MET JA 547 3.74 -7.91 15.58
N ARG JA 548 4.59 -8.75 14.98
CA ARG JA 548 5.85 -9.16 15.58
C ARG JA 548 5.62 -9.64 17.00
N MET JA 549 6.09 -8.87 17.98
CA MET JA 549 5.85 -9.16 19.39
C MET JA 549 6.34 -10.55 19.76
N GLU JA 550 5.44 -11.53 19.74
CA GLU JA 550 5.75 -12.90 20.13
C GLU JA 550 7.02 -13.40 19.47
N SER JA 551 8.04 -13.65 20.28
CA SER JA 551 9.35 -14.12 19.83
C SER JA 551 10.12 -14.57 21.06
N ASP JA 552 11.39 -14.86 20.89
CA ASP JA 552 12.26 -15.17 22.01
C ASP JA 552 12.93 -13.92 22.59
N LYS JA 553 12.76 -12.77 21.95
CA LYS JA 553 13.30 -11.52 22.44
C LYS JA 553 12.29 -10.75 23.28
N ALA JA 554 11.03 -10.69 22.85
CA ALA JA 554 10.03 -9.96 23.63
C ALA JA 554 9.88 -10.56 25.01
N TRP JA 555 9.93 -11.88 25.13
CA TRP JA 555 9.76 -12.52 26.43
C TRP JA 555 10.90 -12.16 27.38
N GLN JA 556 12.15 -12.21 26.90
CA GLN JA 556 13.29 -12.06 27.79
C GLN JA 556 13.38 -10.65 28.35
N GLU JA 557 13.31 -9.63 27.49
CA GLU JA 557 13.33 -8.25 27.97
C GLU JA 557 11.99 -7.76 28.50
N LEU JA 558 10.98 -8.63 28.56
CA LEU JA 558 9.82 -8.37 29.40
C LEU JA 558 9.95 -8.98 30.78
N LYS JA 559 10.72 -10.06 30.91
CA LYS JA 559 10.90 -10.75 32.17
C LYS JA 559 12.06 -10.20 33.00
N ASN JA 560 12.76 -9.18 32.51
CA ASN JA 560 13.88 -8.58 33.24
C ASN JA 560 13.59 -7.12 33.58
N ASP JA 561 12.38 -6.84 34.06
CA ASP JA 561 12.00 -5.51 34.49
C ASP JA 561 11.59 -5.53 35.95
N SER JA 562 12.12 -4.58 36.72
CA SER JA 562 11.74 -4.48 38.13
C SER JA 562 10.29 -4.05 38.31
N ARG JA 563 9.68 -3.49 37.28
CA ARG JA 563 8.29 -3.06 37.38
C ARG JA 563 7.36 -4.25 37.62
N ASN JA 564 7.61 -5.35 36.92
CA ASN JA 564 6.78 -6.55 37.04
C ASN JA 564 7.31 -7.36 38.22
N LYS JA 565 6.71 -7.17 39.39
CA LYS JA 565 7.24 -7.81 40.60
C LYS JA 565 7.00 -9.31 40.61
N ASP JA 566 5.92 -9.79 39.99
CA ASP JA 566 5.60 -11.21 40.02
C ASP JA 566 6.25 -11.99 38.89
N LEU JA 567 6.33 -11.42 37.69
CA LEU JA 567 6.96 -12.12 36.57
C LEU JA 567 8.48 -12.20 36.72
N SER JA 568 9.07 -11.31 37.51
CA SER JA 568 10.53 -11.32 37.66
C SER JA 568 11.01 -12.62 38.28
N ARG JA 569 10.33 -13.09 39.33
CA ARG JA 569 10.64 -14.36 39.95
C ARG JA 569 9.67 -15.42 39.44
N LEU JA 570 10.20 -16.57 39.09
CA LEU JA 570 9.38 -17.60 38.48
C LEU JA 570 10.05 -18.95 38.60
N PRO JA 571 9.38 -19.96 39.15
CA PRO JA 571 9.96 -21.30 39.17
C PRO JA 571 10.23 -21.78 37.75
N THR JA 572 11.35 -22.48 37.57
CA THR JA 572 11.71 -22.93 36.23
C THR JA 572 10.73 -23.96 35.68
N SER JA 573 9.84 -24.48 36.52
CA SER JA 573 8.85 -25.46 36.10
C SER JA 573 7.54 -24.83 35.63
N LEU JA 574 7.45 -23.51 35.58
CA LEU JA 574 6.22 -22.84 35.19
C LEU JA 574 6.41 -21.89 34.01
N ASP JA 575 7.58 -21.88 33.38
CA ASP JA 575 7.77 -21.02 32.22
C ASP JA 575 6.93 -21.48 31.04
N ALA JA 576 6.70 -22.78 30.92
CA ALA JA 576 6.05 -23.31 29.73
C ALA JA 576 4.62 -22.78 29.57
N SER JA 577 3.87 -22.73 30.67
CA SER JA 577 2.47 -22.33 30.58
C SER JA 577 2.23 -20.83 30.68
N ALA JA 578 3.13 -20.10 31.34
CA ALA JA 578 2.95 -18.66 31.46
C ALA JA 578 2.99 -18.00 30.09
N ARG JA 579 3.92 -18.42 29.22
CA ARG JA 579 3.97 -17.89 27.87
C ARG JA 579 2.67 -18.14 27.13
N LYS JA 580 2.12 -19.34 27.27
CA LYS JA 580 0.91 -19.67 26.54
C LYS JA 580 -0.30 -18.88 27.03
N VAL JA 581 -0.39 -18.66 28.35
CA VAL JA 581 -1.47 -17.83 28.86
C VAL JA 581 -1.33 -16.39 28.36
N TRP JA 582 -0.11 -15.86 28.37
CA TRP JA 582 0.11 -14.51 27.88
C TRP JA 582 -0.28 -14.39 26.42
N ASP JA 583 0.14 -15.36 25.60
CA ASP JA 583 -0.18 -15.33 24.17
C ASP JA 583 -1.68 -15.42 23.94
N SER JA 584 -2.36 -16.29 24.67
CA SER JA 584 -3.80 -16.41 24.50
C SER JA 584 -4.51 -15.12 24.83
N TRP JA 585 -4.12 -14.45 25.92
CA TRP JA 585 -4.80 -13.21 26.28
C TRP JA 585 -4.51 -12.10 25.27
N TYR JA 586 -3.27 -12.00 24.81
CA TYR JA 586 -2.93 -10.99 23.81
C TYR JA 586 -3.69 -11.23 22.50
N TYR JA 587 -3.83 -12.48 22.09
CA TYR JA 587 -4.62 -12.79 20.90
C TYR JA 587 -6.09 -12.44 21.11
N ARG JA 588 -6.63 -12.78 22.29
CA ARG JA 588 -8.06 -12.60 22.51
C ARG JA 588 -8.45 -11.14 22.64
N THR JA 589 -7.53 -10.28 23.07
CA THR JA 589 -7.82 -8.85 23.20
C THR JA 589 -6.80 -8.08 22.38
N GLY JA 590 -6.72 -6.77 22.61
CA GLY JA 590 -5.76 -5.96 21.87
C GLY JA 590 -4.69 -5.34 22.74
N ASN JA 591 -4.96 -5.21 24.02
CA ASN JA 591 -4.02 -4.54 24.92
C ASN JA 591 -2.74 -5.34 25.06
N ALA JA 592 -1.61 -4.63 25.07
CA ALA JA 592 -0.34 -5.23 25.44
C ALA JA 592 -0.01 -5.02 26.91
N ASP JA 593 -0.89 -4.35 27.65
CA ASP JA 593 -0.69 -4.12 29.08
C ASP JA 593 -1.84 -4.63 29.93
N ALA JA 594 -2.91 -5.12 29.33
CA ALA JA 594 -3.91 -5.92 30.03
C ALA JA 594 -3.63 -7.40 29.91
N ALA JA 595 -2.60 -7.79 29.16
CA ALA JA 595 -2.16 -9.18 29.10
C ALA JA 595 -1.02 -9.47 30.05
N THR JA 596 -0.27 -8.46 30.47
CA THR JA 596 0.73 -8.61 31.52
C THR JA 596 0.14 -8.57 32.91
N GLN JA 597 -1.10 -8.12 33.05
CA GLN JA 597 -1.76 -8.05 34.34
C GLN JA 597 -2.60 -9.27 34.66
N GLN JA 598 -3.21 -9.88 33.66
CA GLN JA 598 -4.00 -11.09 33.90
C GLN JA 598 -3.13 -12.32 34.12
N THR JA 599 -1.91 -12.34 33.58
CA THR JA 599 -1.00 -13.44 33.87
C THR JA 599 -0.60 -13.45 35.33
N GLN JA 600 -0.35 -12.29 35.92
CA GLN JA 600 0.11 -12.24 37.30
C GLN JA 600 -0.96 -12.70 38.27
N ARG JA 601 -2.24 -12.49 37.96
CA ARG JA 601 -3.29 -12.98 38.84
C ARG JA 601 -3.28 -14.50 38.92
N TRP JA 602 -3.19 -15.16 37.76
CA TRP JA 602 -3.10 -16.61 37.72
C TRP JA 602 -1.86 -17.10 38.47
N LEU JA 603 -0.73 -16.46 38.20
CA LEU JA 603 0.53 -16.88 38.82
C LEU JA 603 0.46 -16.74 40.34
N ASN JA 604 -0.07 -15.62 40.83
CA ASN JA 604 -0.14 -15.36 42.26
C ASN JA 604 -1.26 -16.12 42.94
N GLU JA 605 -2.21 -16.66 42.18
CA GLU JA 605 -3.22 -17.53 42.74
C GLU JA 605 -2.83 -18.99 42.71
N ASN JA 606 -1.74 -19.36 42.03
CA ASN JA 606 -1.28 -20.74 42.05
C ASN JA 606 -0.08 -20.99 42.96
N THR JA 607 0.54 -19.96 43.53
CA THR JA 607 1.81 -20.12 44.22
C THR JA 607 1.76 -19.48 45.60
N VAL JA 608 2.89 -19.55 46.32
CA VAL JA 608 3.01 -19.08 47.68
C VAL JA 608 4.32 -18.32 47.83
N THR JA 609 4.29 -17.21 48.57
CA THR JA 609 5.44 -16.32 48.70
C THR JA 609 5.86 -16.21 50.17
N PHE JA 610 7.17 -16.17 50.41
CA PHE JA 610 7.75 -16.00 51.73
C PHE JA 610 8.43 -14.65 51.82
N GLN JA 611 8.51 -14.11 53.05
CA GLN JA 611 9.06 -12.79 53.27
C GLN JA 611 10.05 -12.80 54.42
N SER JA 612 10.96 -11.82 54.40
CA SER JA 612 11.97 -11.69 55.44
C SER JA 612 11.42 -10.98 56.67
N GLU JA 613 12.15 -11.09 57.78
CA GLU JA 613 11.68 -10.63 59.07
C GLU JA 613 11.99 -9.17 59.37
N GLY JA 614 12.78 -8.50 58.54
CA GLY JA 614 13.07 -7.11 58.75
C GLY JA 614 11.86 -6.23 58.43
N SER JA 615 12.05 -4.93 58.65
CA SER JA 615 10.98 -3.98 58.31
C SER JA 615 10.66 -4.04 56.82
N ASP JA 616 11.69 -4.01 55.98
CA ASP JA 616 11.50 -4.16 54.55
C ASP JA 616 11.04 -5.57 54.19
N GLY JA 617 10.14 -5.67 53.23
CA GLY JA 617 9.49 -6.94 52.93
C GLY JA 617 9.84 -7.56 51.60
N LYS JA 618 11.12 -7.52 51.23
CA LYS JA 618 11.55 -8.15 49.99
C LYS JA 618 11.28 -9.65 50.05
N SER JA 619 10.73 -10.19 48.98
CA SER JA 619 10.45 -11.61 48.91
C SER JA 619 11.74 -12.40 48.74
N ILE JA 620 11.75 -13.62 49.30
CA ILE JA 620 12.95 -14.45 49.26
C ILE JA 620 12.65 -15.83 48.72
N GLY JA 621 11.48 -16.02 48.13
CA GLY JA 621 11.17 -17.34 47.60
C GLY JA 621 9.82 -17.38 46.93
N MET JA 622 9.57 -18.50 46.26
CA MET JA 622 8.31 -18.78 45.58
C MET JA 622 8.22 -20.26 45.25
N VAL JA 623 7.14 -20.92 45.68
CA VAL JA 623 6.94 -22.35 45.47
C VAL JA 623 5.53 -22.56 44.98
N SER JA 624 5.15 -23.83 44.78
CA SER JA 624 3.86 -24.19 44.21
C SER JA 624 3.02 -24.94 45.22
N LYS JA 625 1.70 -24.82 45.10
CA LYS JA 625 0.79 -25.46 46.06
C LYS JA 625 0.50 -26.90 45.74
N HIS JA 626 1.49 -27.72 45.40
CA HIS JA 626 1.35 -29.16 45.54
C HIS JA 626 2.63 -29.78 46.04
N GLN JA 627 3.71 -29.02 46.17
CA GLN JA 627 4.91 -29.45 46.85
C GLN JA 627 4.79 -29.31 48.36
N LEU JA 628 3.65 -28.80 48.84
CA LEU JA 628 3.45 -28.56 50.26
C LEU JA 628 2.30 -29.35 50.87
N MET JA 629 1.47 -30.02 50.07
CA MET JA 629 0.37 -30.78 50.62
C MET JA 629 0.87 -31.94 51.49
N VAL JA 630 0.10 -32.28 52.51
CA VAL JA 630 0.50 -33.27 53.49
C VAL JA 630 -0.43 -34.48 53.43
N GLY JA 631 -1.69 -34.25 53.07
CA GLY JA 631 -2.65 -35.34 53.00
C GLY JA 631 -3.52 -35.25 51.76
N ASP JA 632 -4.67 -35.91 51.78
CA ASP JA 632 -5.61 -35.85 50.67
C ASP JA 632 -6.65 -34.76 50.81
N ASN JA 633 -6.67 -34.04 51.93
CA ASN JA 633 -7.55 -32.89 52.06
C ASN JA 633 -7.10 -31.81 51.08
N PRO JA 634 -8.00 -31.23 50.31
CA PRO JA 634 -7.58 -30.20 49.33
C PRO JA 634 -7.23 -28.87 49.98
N GLU JA 635 -7.17 -28.86 51.31
CA GLU JA 635 -6.86 -27.65 52.07
C GLU JA 635 -5.73 -27.90 53.05
N SER JA 636 -4.80 -28.79 52.68
CA SER JA 636 -3.72 -29.19 53.57
C SER JA 636 -2.41 -28.47 53.30
N TRP JA 637 -2.41 -27.49 52.39
CA TRP JA 637 -1.17 -26.79 52.06
C TRP JA 637 -0.80 -25.72 53.07
N GLN JA 638 -1.64 -25.48 54.07
CA GLN JA 638 -1.40 -24.44 55.06
C GLN JA 638 -0.58 -24.93 56.24
N VAL JA 639 -0.12 -26.17 56.22
CA VAL JA 639 0.71 -26.72 57.28
C VAL JA 639 2.18 -26.70 56.91
N GLY JA 640 2.49 -27.01 55.65
CA GLY JA 640 3.88 -26.95 55.21
C GLY JA 640 4.45 -25.56 55.31
N ARG JA 641 3.64 -24.53 55.06
CA ARG JA 641 4.11 -23.17 55.20
C ARG JA 641 4.54 -22.86 56.62
N ASP JA 642 3.74 -23.27 57.61
CA ASP JA 642 4.10 -23.06 59.00
C ASP JA 642 5.34 -23.85 59.38
N ILE JA 643 5.46 -25.08 58.90
CA ILE JA 643 6.64 -25.88 59.21
C ILE JA 643 7.89 -25.21 58.65
N ILE JA 644 7.82 -24.71 57.42
CA ILE JA 644 8.98 -24.07 56.81
C ILE JA 644 9.35 -22.79 57.56
N ASP JA 645 8.35 -21.99 57.93
CA ASP JA 645 8.63 -20.76 58.68
C ASP JA 645 9.33 -21.06 60.00
N THR JA 646 8.82 -22.04 60.74
CA THR JA 646 9.45 -22.41 62.00
C THR JA 646 10.86 -22.93 61.78
N ALA JA 647 11.08 -23.71 60.73
CA ALA JA 647 12.41 -24.23 60.46
C ALA JA 647 13.39 -23.11 60.17
N ARG JA 648 12.99 -22.14 59.34
CA ARG JA 648 13.88 -21.03 59.02
C ARG JA 648 14.22 -20.24 60.26
N LYS JA 649 13.21 -19.93 61.08
CA LYS JA 649 13.47 -19.12 62.26
C LYS JA 649 14.34 -19.84 63.28
N GLN JA 650 14.16 -21.15 63.44
CA GLN JA 650 15.01 -21.90 64.36
C GLN JA 650 16.39 -22.18 63.80
N LEU JA 651 16.57 -22.10 62.48
CA LEU JA 651 17.89 -22.33 61.90
C LEU JA 651 18.74 -21.08 61.86
N ILE JA 652 18.13 -19.90 61.69
CA ILE JA 652 18.91 -18.67 61.76
C ILE JA 652 19.53 -18.49 63.13
N LYS JA 653 18.76 -18.78 64.18
CA LYS JA 653 19.25 -18.59 65.55
C LYS JA 653 20.38 -19.53 65.92
N ALA JA 654 20.46 -20.70 65.28
CA ALA JA 654 21.51 -21.65 65.63
C ALA JA 654 22.88 -21.15 65.18
N ASN JA 655 22.94 -20.53 63.99
CA ASN JA 655 24.18 -20.02 63.44
C ASN JA 655 24.11 -18.50 63.34
N PRO JA 656 24.77 -17.77 64.22
CA PRO JA 656 24.65 -16.30 64.21
C PRO JA 656 25.59 -15.64 63.21
N TRP JA 657 25.65 -16.17 61.99
CA TRP JA 657 26.34 -15.50 60.90
C TRP JA 657 25.62 -15.66 59.58
N VAL JA 658 24.45 -16.29 59.55
CA VAL JA 658 23.72 -16.48 58.31
C VAL JA 658 23.19 -15.17 57.77
N VAL JA 659 22.99 -14.17 58.64
CA VAL JA 659 22.43 -12.90 58.20
C VAL JA 659 23.36 -12.17 57.24
N ASN JA 660 24.65 -12.53 57.20
CA ASN JA 660 25.60 -11.91 56.30
C ASN JA 660 25.59 -12.50 54.90
N SER JA 661 24.81 -13.56 54.68
CA SER JA 661 24.57 -14.10 53.35
C SER JA 661 23.07 -14.16 53.12
N GLN JA 662 22.62 -14.83 52.07
CA GLN JA 662 21.21 -14.82 51.70
C GLN JA 662 20.63 -16.21 51.92
N LEU JA 663 19.78 -16.35 52.94
CA LEU JA 663 18.97 -17.54 53.10
C LEU JA 663 17.74 -17.42 52.22
N SER JA 664 17.43 -18.47 51.45
CA SER JA 664 16.33 -18.43 50.51
C SER JA 664 15.63 -19.77 50.48
N VAL JA 665 14.49 -19.81 49.78
CA VAL JA 665 13.69 -21.02 49.62
C VAL JA 665 13.50 -21.23 48.13
N VAL JA 666 14.38 -22.02 47.52
CA VAL JA 666 14.41 -22.18 46.07
C VAL JA 666 13.76 -23.50 45.70
N GLU JA 667 13.11 -23.52 44.53
CA GLU JA 667 12.50 -24.72 43.98
C GLU JA 667 13.37 -25.17 42.80
N SER JA 671 12.08 -30.43 43.89
CA SER JA 671 12.02 -30.41 45.34
C SER JA 671 12.23 -28.99 45.84
N ILE JA 672 12.09 -28.82 47.15
CA ILE JA 672 12.20 -27.53 47.82
C ILE JA 672 13.41 -27.58 48.74
N PHE JA 673 14.32 -26.64 48.59
CA PHE JA 673 15.58 -26.63 49.32
C PHE JA 673 15.74 -25.35 50.13
N LEU JA 674 16.63 -25.41 51.11
CA LEU JA 674 17.08 -24.25 51.86
C LEU JA 674 18.61 -24.17 51.75
N GLN JA 675 19.11 -23.04 51.26
CA GLN JA 675 20.54 -22.97 50.98
C GLN JA 675 21.03 -21.54 51.15
N ASP JA 676 22.34 -21.41 51.36
CA ASP JA 676 23.01 -20.13 51.49
C ASP JA 676 23.50 -19.66 50.13
N ALA JA 677 24.34 -18.64 50.13
CA ALA JA 677 25.12 -18.26 48.97
C ALA JA 677 26.53 -18.84 49.00
N THR JA 678 26.84 -19.65 50.01
CA THR JA 678 28.14 -20.28 50.13
C THR JA 678 28.11 -21.77 49.85
N GLY JA 679 26.93 -22.37 49.71
CA GLY JA 679 26.82 -23.78 49.43
C GLY JA 679 27.11 -24.70 50.59
N THR JA 680 27.28 -24.16 51.80
CA THR JA 680 27.59 -24.99 52.95
C THR JA 680 26.33 -25.59 53.58
N ILE JA 681 25.28 -24.80 53.74
CA ILE JA 681 24.04 -25.25 54.37
C ILE JA 681 23.06 -25.64 53.27
N ARG JA 682 22.65 -26.91 53.29
CA ARG JA 682 21.66 -27.40 52.33
C ARG JA 682 20.72 -28.37 53.05
N ILE JA 683 19.42 -28.12 52.92
CA ILE JA 683 18.39 -28.92 53.57
C ILE JA 683 17.36 -29.34 52.52
N ARG JA 684 16.70 -30.45 52.76
CA ARG JA 684 15.66 -30.96 51.86
C ARG JA 684 14.38 -31.18 52.63
N TYR JA 685 13.25 -31.04 51.93
CA TYR JA 685 11.93 -31.15 52.52
C TYR JA 685 11.26 -32.42 52.00
N ASP JA 686 11.07 -33.40 52.88
CA ASP JA 686 10.50 -34.70 52.52
C ASP JA 686 9.07 -34.81 53.05
N LYS JA 687 8.15 -35.19 52.18
CA LYS JA 687 6.73 -35.17 52.55
C LYS JA 687 6.34 -36.36 53.43
N GLU JA 688 6.92 -37.53 53.18
CA GLU JA 688 6.47 -38.75 53.85
C GLU JA 688 6.75 -38.70 55.35
N LEU JA 689 7.97 -38.30 55.72
CA LEU JA 689 8.31 -38.21 57.14
C LEU JA 689 7.43 -37.20 57.86
N VAL JA 690 7.17 -36.07 57.22
CA VAL JA 690 6.30 -35.07 57.81
C VAL JA 690 4.91 -35.64 58.04
N GLY JA 691 4.37 -36.36 57.05
CA GLY JA 691 3.06 -36.96 57.22
C GLY JA 691 3.01 -37.94 58.37
N LYS JA 692 4.00 -38.84 58.43
CA LYS JA 692 4.02 -39.85 59.49
C LYS JA 692 4.10 -39.21 60.87
N LEU JA 693 5.02 -38.25 61.03
CA LEU JA 693 5.20 -37.62 62.33
C LEU JA 693 3.96 -36.84 62.73
N TYR JA 694 3.32 -36.16 61.78
CA TYR JA 694 2.10 -35.42 62.10
C TYR JA 694 0.98 -36.35 62.52
N ARG JA 695 0.83 -37.49 61.85
CA ARG JA 695 -0.19 -38.44 62.25
C ARG JA 695 0.05 -38.92 63.68
N GLU JA 696 1.30 -39.26 63.99
CA GLU JA 696 1.61 -39.70 65.35
C GLU JA 696 1.33 -38.60 66.38
N GLN JA 697 1.69 -37.36 66.05
CA GLN JA 697 1.52 -36.26 67.00
C GLN JA 697 0.05 -36.02 67.32
N GLN JA 698 -0.82 -36.07 66.30
CA GLN JA 698 -2.25 -36.05 66.63
C GLN JA 698 -2.69 -37.29 67.39
N GLN JA 699 -2.07 -38.44 67.13
CA GLN JA 699 -2.48 -39.65 67.85
C GLN JA 699 -2.16 -39.53 69.33
N LYS JA 700 -1.06 -38.86 69.67
CA LYS JA 700 -0.63 -38.74 71.06
C LYS JA 700 -1.65 -38.03 71.94
N ALA JA 701 -2.52 -37.21 71.35
CA ALA JA 701 -3.49 -36.45 72.13
C ALA JA 701 -4.61 -37.31 72.71
N GLN JA 702 -4.68 -38.58 72.34
CA GLN JA 702 -5.72 -39.46 72.85
C GLN JA 702 -5.50 -39.74 74.34
N ASP JA 703 -6.40 -40.53 74.91
CA ASP JA 703 -6.36 -40.87 76.34
C ASP JA 703 -5.01 -41.42 76.77
#